data_9AY4
#
_entry.id   9AY4
#
_cell.length_a   1.00
_cell.length_b   1.00
_cell.length_c   1.00
_cell.angle_alpha   90.00
_cell.angle_beta   90.00
_cell.angle_gamma   90.00
#
_symmetry.space_group_name_H-M   'P 1'
#
_entity_poly.entity_id   1
_entity_poly.type   'polypeptide(L)'
_entity_poly.pdbx_seq_one_letter_code
;MSQYSIQQSLGNASGVAVSPINADATLSTGVALNSSLWAGIGVFARGKPFTVLAVTESNYEDVLGEPLKPSSGSQFEPIR
HVYEAIQQTSGYVVRAVPDDAKFPIIMFDESGEPAYSALPYGSEIELDSGEAFAIYVDDGDPCISPTRELTIETATADSA
GNERFLLKLTQTTSLGVVTTLETHTVSLAEEAKDDMGRLCYLPTALEARSKYLRAVVNEELISTAKVTNKKSLAFTGGTN
GDQSKISTAAYLRAVKVLNNAPYMYTAVLGLGCYDNAAITALGKICADRLIDGFFDVKPTLTYAEALPAVEDTGLLGTDY
VSCSVYHYPFSCKDKWTQSRVVFGLSGVAYAAKARGVKKNSDVGGWHYSPAGEERAVIARASIQPLYPEDTPDEEAMVKG
RLNKVSVGTSGQMIIDDALTCCTQDNYLHFQHVPSLMNAISRFFVQLARQMKHSPDGITAAGLTKGMTKLLDRFVASGAL
VAPRDPDADGTEPYVLKVTQAEFDKWEVVWACCPTGVARRIQGVPLLIK
;
_entity_poly.pdbx_strand_id   A,B,C,D,E,F,G,H,I,J,K,L,M,N,O,P,Q,R,S,T,U,V,W,X,Y,Z,0,1,2,3
#
# COMPACT_ATOMS: atom_id res chain seq x y z
N SER A 2 -33.63 68.79 48.89
CA SER A 2 -34.60 68.03 49.68
C SER A 2 -34.55 66.56 49.33
N GLN A 3 -35.69 65.88 49.49
CA GLN A 3 -35.80 64.51 49.07
C GLN A 3 -36.12 64.44 47.58
N TYR A 4 -36.06 63.22 47.03
CA TYR A 4 -36.29 62.95 45.62
C TYR A 4 -35.27 63.64 44.72
N SER A 5 -34.37 64.41 45.31
CA SER A 5 -33.33 65.06 44.52
C SER A 5 -32.26 64.05 44.13
N ILE A 6 -31.61 64.31 42.99
CA ILE A 6 -30.59 63.42 42.46
C ILE A 6 -29.31 64.22 42.30
N GLN A 7 -28.24 63.76 42.93
CA GLN A 7 -26.94 64.40 42.78
C GLN A 7 -26.20 63.81 41.59
N GLN A 8 -25.03 64.35 41.30
CA GLN A 8 -24.23 63.92 40.16
C GLN A 8 -22.77 63.65 40.46
N SER A 9 -22.22 64.15 41.57
CA SER A 9 -20.80 63.98 41.84
C SER A 9 -20.52 62.72 42.66
N LEU A 10 -21.06 62.66 43.88
CA LEU A 10 -20.86 61.52 44.77
C LEU A 10 -19.37 61.29 45.03
N GLY A 11 -18.80 62.24 45.76
CA GLY A 11 -17.40 62.18 46.11
C GLY A 11 -17.12 61.84 47.56
N ASN A 12 -16.64 60.62 47.81
CA ASN A 12 -16.16 60.20 49.12
C ASN A 12 -17.24 60.31 50.20
N ALA A 13 -18.47 59.98 49.84
CA ALA A 13 -19.56 59.98 50.79
C ALA A 13 -20.62 59.00 50.32
N SER A 14 -21.31 58.37 51.26
CA SER A 14 -22.34 57.41 50.91
C SER A 14 -23.46 58.10 50.15
N GLY A 15 -23.99 57.42 49.14
CA GLY A 15 -25.08 57.97 48.37
C GLY A 15 -25.18 57.28 47.02
N VAL A 16 -26.12 57.77 46.22
CA VAL A 16 -26.34 57.28 44.87
C VAL A 16 -26.51 58.48 43.96
N ALA A 17 -25.84 58.45 42.81
CA ALA A 17 -25.89 59.55 41.86
C ALA A 17 -25.86 59.02 40.45
N VAL A 18 -26.49 59.76 39.53
CA VAL A 18 -26.49 59.42 38.12
C VAL A 18 -25.84 60.55 37.34
N SER A 19 -24.93 60.19 36.45
CA SER A 19 -24.23 61.19 35.67
C SER A 19 -25.14 61.74 34.58
N PRO A 20 -24.93 62.98 34.15
CA PRO A 20 -25.74 63.51 33.05
C PRO A 20 -25.51 62.73 31.77
N ILE A 21 -26.54 62.69 30.93
CA ILE A 21 -26.51 61.84 29.74
C ILE A 21 -25.36 62.26 28.85
N ASN A 22 -24.64 61.27 28.32
CA ASN A 22 -23.43 61.57 27.55
C ASN A 22 -23.78 62.08 26.16
N ALA A 23 -24.39 61.23 25.34
CA ALA A 23 -24.90 61.62 24.02
C ALA A 23 -23.85 62.34 23.19
N ASP A 24 -22.64 61.80 23.17
CA ASP A 24 -21.57 62.37 22.36
C ASP A 24 -21.18 61.51 21.16
N ALA A 25 -21.54 60.24 21.17
CA ALA A 25 -21.29 59.37 20.03
C ALA A 25 -22.40 59.43 18.99
N THR A 26 -23.41 60.26 19.22
CA THR A 26 -24.54 60.39 18.30
C THR A 26 -24.68 61.81 17.79
N LEU A 27 -23.57 62.50 17.60
CA LEU A 27 -23.60 63.89 17.16
C LEU A 27 -23.80 63.95 15.65
N SER A 28 -24.95 64.48 15.25
CA SER A 28 -25.27 64.70 13.84
C SER A 28 -25.01 66.16 13.49
N THR A 29 -25.38 66.53 12.27
CA THR A 29 -25.25 67.91 11.83
C THR A 29 -26.42 68.25 10.91
N GLY A 30 -27.17 69.29 11.25
CA GLY A 30 -28.28 69.72 10.44
C GLY A 30 -27.97 70.95 9.62
N VAL A 31 -27.73 70.75 8.32
CA VAL A 31 -27.40 71.88 7.44
C VAL A 31 -28.46 72.00 6.35
N ALA A 32 -29.11 70.89 6.02
CA ALA A 32 -30.15 70.85 4.98
C ALA A 32 -29.58 71.35 3.65
N LEU A 33 -28.66 70.55 3.11
CA LEU A 33 -27.94 70.95 1.91
C LEU A 33 -28.88 71.16 0.73
N ASN A 34 -29.98 70.41 0.66
CA ASN A 34 -30.88 70.49 -0.47
C ASN A 34 -31.83 71.68 -0.37
N SER A 35 -31.27 72.88 -0.14
CA SER A 35 -32.07 74.09 -0.04
C SER A 35 -31.29 75.24 -0.65
N SER A 36 -31.95 76.00 -1.52
CA SER A 36 -31.29 77.08 -2.25
C SER A 36 -32.17 78.33 -2.20
N LEU A 37 -31.54 79.47 -1.92
CA LEU A 37 -32.21 80.76 -1.94
C LEU A 37 -31.36 81.75 -2.72
N TRP A 38 -32.01 82.73 -3.32
CA TRP A 38 -31.35 83.70 -4.19
C TRP A 38 -31.42 85.09 -3.58
N ALA A 39 -30.31 85.81 -3.66
CA ALA A 39 -30.21 87.15 -3.11
C ALA A 39 -29.80 88.12 -4.21
N GLY A 40 -30.46 89.28 -4.25
CA GLY A 40 -30.16 90.24 -5.29
C GLY A 40 -30.51 91.66 -4.89
N ILE A 41 -29.94 92.60 -5.63
CA ILE A 41 -30.24 94.01 -5.45
C ILE A 41 -30.99 94.49 -6.68
N GLY A 42 -31.70 95.61 -6.51
CA GLY A 42 -32.45 96.12 -7.64
C GLY A 42 -33.13 97.43 -7.31
N VAL A 43 -33.88 97.93 -8.29
CA VAL A 43 -34.66 99.16 -8.16
C VAL A 43 -36.12 98.80 -8.40
N PHE A 44 -36.98 99.17 -7.48
CA PHE A 44 -38.39 98.80 -7.54
C PHE A 44 -39.22 100.03 -7.24
N ALA A 45 -40.53 99.83 -7.06
CA ALA A 45 -41.46 100.91 -6.79
C ALA A 45 -41.81 101.04 -5.31
N ARG A 46 -41.97 99.93 -4.60
CA ARG A 46 -42.34 99.94 -3.20
C ARG A 46 -41.42 99.00 -2.42
N GLY A 47 -41.03 99.43 -1.23
CA GLY A 47 -40.16 98.66 -0.36
C GLY A 47 -39.29 99.58 0.47
N LYS A 48 -38.79 99.04 1.58
CA LYS A 48 -37.95 99.81 2.47
C LYS A 48 -36.54 99.89 1.91
N PRO A 49 -36.01 101.08 1.64
CA PRO A 49 -34.69 101.17 1.01
C PRO A 49 -33.57 100.72 1.93
N PHE A 50 -32.55 100.12 1.32
CA PHE A 50 -31.33 99.72 2.02
C PHE A 50 -31.62 98.79 3.19
N THR A 51 -32.60 97.92 3.03
CA THR A 51 -32.95 96.94 4.06
C THR A 51 -33.30 95.63 3.39
N VAL A 52 -32.74 94.54 3.90
CA VAL A 52 -32.97 93.23 3.31
C VAL A 52 -34.44 92.86 3.43
N LEU A 53 -35.03 92.41 2.33
CA LEU A 53 -36.43 92.00 2.31
C LEU A 53 -36.50 90.48 2.18
N ALA A 54 -37.72 89.99 2.07
CA ALA A 54 -37.96 88.57 1.84
C ALA A 54 -39.16 88.43 0.93
N VAL A 55 -38.97 87.76 -0.20
CA VAL A 55 -40.01 87.62 -1.21
C VAL A 55 -40.30 86.14 -1.41
N THR A 56 -41.58 85.79 -1.37
CA THR A 56 -42.06 84.46 -1.64
C THR A 56 -42.96 84.49 -2.88
N GLU A 57 -43.52 83.34 -3.23
CA GLU A 57 -44.37 83.24 -4.41
C GLU A 57 -45.73 83.88 -4.22
N SER A 58 -46.09 84.29 -3.00
CA SER A 58 -47.44 84.74 -2.71
C SER A 58 -47.53 86.15 -2.16
N ASN A 59 -46.43 86.89 -2.06
CA ASN A 59 -46.48 88.24 -1.52
C ASN A 59 -45.65 89.26 -2.29
N TYR A 60 -44.83 88.84 -3.26
CA TYR A 60 -43.93 89.78 -3.93
C TYR A 60 -44.69 90.94 -4.54
N GLU A 61 -45.89 90.69 -5.06
CA GLU A 61 -46.68 91.74 -5.69
C GLU A 61 -46.94 92.90 -4.74
N ASP A 62 -47.20 92.61 -3.47
CA ASP A 62 -47.51 93.67 -2.53
C ASP A 62 -46.31 94.17 -1.75
N VAL A 63 -45.36 93.29 -1.41
CA VAL A 63 -44.19 93.78 -0.67
C VAL A 63 -43.32 94.64 -1.57
N LEU A 64 -43.15 94.24 -2.83
CA LEU A 64 -42.30 94.98 -3.76
C LEU A 64 -43.08 95.96 -4.63
N GLY A 65 -44.40 96.02 -4.48
CA GLY A 65 -45.20 96.93 -5.27
C GLY A 65 -45.55 96.37 -6.63
N GLU A 66 -46.48 97.05 -7.30
CA GLU A 66 -46.91 96.63 -8.62
C GLU A 66 -45.78 96.80 -9.63
N PRO A 67 -45.78 96.01 -10.70
CA PRO A 67 -44.72 96.12 -11.70
C PRO A 67 -44.70 97.49 -12.35
N LEU A 68 -43.50 97.93 -12.72
CA LEU A 68 -43.30 99.23 -13.34
C LEU A 68 -43.70 99.18 -14.81
N LYS A 69 -43.41 100.24 -15.56
CA LYS A 69 -43.77 100.34 -16.96
C LYS A 69 -42.51 100.47 -17.80
N PRO A 70 -42.38 99.70 -18.89
CA PRO A 70 -41.17 99.81 -19.72
C PRO A 70 -40.97 101.18 -20.32
N SER A 71 -42.05 101.89 -20.65
CA SER A 71 -41.91 103.22 -21.24
C SER A 71 -41.34 104.23 -20.26
N SER A 72 -41.38 103.94 -18.96
CA SER A 72 -40.82 104.87 -17.97
C SER A 72 -39.32 105.01 -18.15
N GLY A 73 -38.63 103.90 -18.40
CA GLY A 73 -37.18 103.93 -18.55
C GLY A 73 -36.57 102.54 -18.48
N SER A 74 -35.44 102.43 -17.78
CA SER A 74 -34.74 101.15 -17.65
C SER A 74 -34.99 100.49 -16.31
N GLN A 75 -35.98 100.96 -15.55
CA GLN A 75 -36.25 100.43 -14.23
C GLN A 75 -37.19 99.22 -14.25
N PHE A 76 -37.62 98.77 -15.41
CA PHE A 76 -38.56 97.66 -15.52
C PHE A 76 -37.87 96.30 -15.50
N GLU A 77 -36.55 96.26 -15.41
CA GLU A 77 -35.85 94.97 -15.51
C GLU A 77 -35.94 94.16 -14.23
N PRO A 78 -35.58 94.68 -13.05
CA PRO A 78 -35.50 93.80 -11.87
C PRO A 78 -36.80 93.14 -11.48
N ILE A 79 -37.94 93.80 -11.71
CA ILE A 79 -39.21 93.16 -11.36
C ILE A 79 -39.43 91.93 -12.21
N ARG A 80 -39.14 92.02 -13.51
CA ARG A 80 -39.29 90.85 -14.38
C ARG A 80 -38.30 89.75 -14.01
N HIS A 81 -37.06 90.14 -13.66
CA HIS A 81 -36.09 89.14 -13.21
C HIS A 81 -36.58 88.42 -11.96
N VAL A 82 -37.14 89.17 -11.01
CA VAL A 82 -37.68 88.58 -9.79
C VAL A 82 -38.83 87.64 -10.13
N TYR A 83 -39.71 88.06 -11.05
CA TYR A 83 -40.85 87.23 -11.40
C TYR A 83 -40.40 85.92 -12.03
N GLU A 84 -39.36 85.97 -12.85
CA GLU A 84 -38.87 84.75 -13.48
C GLU A 84 -38.08 83.88 -12.53
N ALA A 85 -37.47 84.45 -11.49
CA ALA A 85 -36.67 83.66 -10.57
C ALA A 85 -37.48 83.10 -9.40
N ILE A 86 -38.56 83.76 -9.01
CA ILE A 86 -39.37 83.30 -7.89
C ILE A 86 -40.01 81.95 -8.17
N GLN A 87 -40.24 81.63 -9.44
CA GLN A 87 -40.96 80.45 -9.87
C GLN A 87 -40.57 79.20 -9.09
N GLN A 88 -39.32 79.15 -8.63
CA GLN A 88 -38.80 77.98 -7.94
C GLN A 88 -38.74 78.17 -6.43
N THR A 89 -38.07 79.21 -5.94
CA THR A 89 -37.80 79.35 -4.52
C THR A 89 -37.90 80.80 -4.10
N SER A 90 -38.10 81.01 -2.81
CA SER A 90 -38.15 82.36 -2.25
C SER A 90 -36.76 82.97 -2.24
N GLY A 91 -36.68 84.24 -1.88
CA GLY A 91 -35.40 84.91 -1.92
C GLY A 91 -35.37 86.20 -1.14
N TYR A 92 -34.23 86.88 -1.21
CA TYR A 92 -34.00 88.13 -0.51
C TYR A 92 -33.54 89.20 -1.50
N VAL A 93 -34.14 90.39 -1.40
CA VAL A 93 -33.84 91.49 -2.30
C VAL A 93 -33.47 92.71 -1.48
N VAL A 94 -32.74 93.62 -2.12
CA VAL A 94 -32.37 94.89 -1.52
C VAL A 94 -32.70 95.99 -2.52
N ARG A 95 -33.54 96.94 -2.11
CA ARG A 95 -33.95 98.03 -2.98
C ARG A 95 -33.02 99.22 -2.79
N ALA A 96 -32.56 99.78 -3.90
CA ALA A 96 -31.71 100.97 -3.88
C ALA A 96 -32.46 102.13 -4.52
N VAL A 97 -32.48 103.27 -3.84
CA VAL A 97 -33.26 104.42 -4.29
C VAL A 97 -32.33 105.56 -4.70
N PRO A 98 -32.77 106.48 -5.56
CA PRO A 98 -31.92 107.62 -5.91
C PRO A 98 -31.74 108.57 -4.74
N ASP A 99 -31.03 109.68 -4.98
CA ASP A 99 -30.67 110.57 -3.88
C ASP A 99 -31.87 111.38 -3.39
N ASP A 100 -32.72 111.84 -4.30
CA ASP A 100 -33.76 112.80 -3.97
C ASP A 100 -35.09 112.17 -3.61
N ALA A 101 -35.13 110.86 -3.35
CA ALA A 101 -36.37 110.22 -2.94
C ALA A 101 -36.76 110.68 -1.54
N LYS A 102 -38.02 111.04 -1.36
CA LYS A 102 -38.51 111.58 -0.10
C LYS A 102 -39.77 110.85 0.34
N PHE A 103 -39.92 110.70 1.66
CA PHE A 103 -41.09 110.06 2.25
C PHE A 103 -41.86 111.09 3.08
N PRO A 104 -43.17 110.92 3.21
CA PRO A 104 -43.99 111.90 3.91
C PRO A 104 -43.85 111.81 5.42
N ILE A 105 -44.21 112.91 6.08
CA ILE A 105 -44.14 113.03 7.53
C ILE A 105 -45.28 113.92 7.99
N ILE A 106 -45.99 113.50 9.03
CA ILE A 106 -47.05 114.30 9.65
C ILE A 106 -46.62 114.60 11.08
N MET A 107 -46.50 115.88 11.40
CA MET A 107 -46.07 116.34 12.71
C MET A 107 -47.25 117.01 13.42
N PHE A 108 -47.46 116.64 14.68
CA PHE A 108 -48.56 117.20 15.46
C PHE A 108 -48.03 118.29 16.40
N ASP A 109 -48.93 118.77 17.26
CA ASP A 109 -48.58 119.81 18.22
C ASP A 109 -49.41 119.58 19.49
N GLU A 110 -49.26 120.48 20.46
CA GLU A 110 -50.00 120.34 21.71
C GLU A 110 -51.49 120.44 21.49
N SER A 111 -51.94 121.40 20.69
CA SER A 111 -53.37 121.55 20.44
C SER A 111 -53.90 120.39 19.61
N GLY A 112 -53.11 119.87 18.68
CA GLY A 112 -53.52 118.77 17.83
C GLY A 112 -53.67 119.12 16.36
N GLU A 113 -53.34 120.33 15.94
CA GLU A 113 -53.46 120.69 14.53
C GLU A 113 -52.28 120.12 13.75
N PRO A 114 -52.51 119.25 12.78
CA PRO A 114 -51.40 118.59 12.10
C PRO A 114 -50.71 119.50 11.10
N ALA A 115 -49.48 119.12 10.75
CA ALA A 115 -48.72 119.76 9.68
C ALA A 115 -48.03 118.66 8.88
N TYR A 116 -47.75 118.94 7.62
CA TYR A 116 -47.19 117.95 6.71
C TYR A 116 -45.83 118.40 6.23
N SER A 117 -44.98 117.43 5.88
CA SER A 117 -43.68 117.70 5.29
C SER A 117 -43.18 116.43 4.63
N ALA A 118 -42.01 116.52 4.02
CA ALA A 118 -41.37 115.37 3.39
C ALA A 118 -39.88 115.39 3.70
N LEU A 119 -39.30 114.21 3.90
CA LEU A 119 -37.88 114.12 4.23
C LEU A 119 -37.20 113.07 3.36
N PRO A 120 -35.96 113.32 2.96
CA PRO A 120 -35.24 112.31 2.15
C PRO A 120 -34.99 111.04 2.93
N TYR A 121 -34.90 109.93 2.21
CA TYR A 121 -34.74 108.62 2.83
C TYR A 121 -33.42 108.52 3.57
N GLY A 122 -33.42 107.71 4.64
CA GLY A 122 -32.22 107.49 5.41
C GLY A 122 -31.87 108.58 6.39
N SER A 123 -32.79 109.50 6.68
CA SER A 123 -32.53 110.60 7.59
C SER A 123 -33.54 110.58 8.73
N GLU A 124 -33.05 110.85 9.94
CA GLU A 124 -33.95 110.94 11.09
C GLU A 124 -34.64 112.31 11.09
N ILE A 125 -35.44 112.55 12.12
CA ILE A 125 -36.31 113.71 12.18
C ILE A 125 -35.94 114.54 13.39
N GLU A 126 -35.85 115.85 13.20
CA GLU A 126 -35.67 116.80 14.29
C GLU A 126 -37.00 117.49 14.55
N LEU A 127 -37.42 117.49 15.81
CA LEU A 127 -38.72 118.04 16.18
C LEU A 127 -38.57 119.50 16.58
N ASP A 128 -39.47 120.34 16.08
CA ASP A 128 -39.47 121.74 16.47
C ASP A 128 -39.99 121.89 17.89
N SER A 129 -39.94 123.11 18.41
CA SER A 129 -40.36 123.36 19.79
C SER A 129 -41.83 123.01 19.99
N GLY A 130 -42.68 123.39 19.04
CA GLY A 130 -44.10 123.15 19.17
C GLY A 130 -44.57 121.78 18.76
N GLU A 131 -43.68 120.93 18.26
CA GLU A 131 -44.07 119.61 17.77
C GLU A 131 -44.07 118.60 18.91
N ALA A 132 -45.18 117.87 19.04
CA ALA A 132 -45.30 116.86 20.07
C ALA A 132 -44.82 115.50 19.60
N PHE A 133 -45.31 115.04 18.44
CA PHE A 133 -44.89 113.76 17.91
C PHE A 133 -45.13 113.72 16.42
N ALA A 134 -44.33 112.91 15.73
CA ALA A 134 -44.36 112.80 14.28
C ALA A 134 -44.58 111.35 13.88
N ILE A 135 -45.37 111.16 12.82
CA ILE A 135 -45.66 109.85 12.26
C ILE A 135 -45.25 109.86 10.80
N TYR A 136 -44.53 108.83 10.37
CA TYR A 136 -44.13 108.72 8.98
C TYR A 136 -44.27 107.27 8.54
N VAL A 137 -44.10 107.05 7.23
CA VAL A 137 -44.34 105.76 6.60
C VAL A 137 -43.00 105.15 6.21
N ASP A 138 -42.77 103.91 6.62
CA ASP A 138 -41.54 103.20 6.29
C ASP A 138 -41.76 102.04 5.34
N ASP A 139 -42.93 101.96 4.71
CA ASP A 139 -43.12 100.96 3.66
C ASP A 139 -42.34 101.31 2.41
N GLY A 140 -41.91 102.56 2.27
CA GLY A 140 -41.20 103.00 1.09
C GLY A 140 -42.07 103.62 0.03
N ASP A 141 -43.37 103.38 0.05
CA ASP A 141 -44.26 103.93 -0.95
C ASP A 141 -44.27 105.45 -0.85
N PRO A 142 -44.19 106.18 -1.97
CA PRO A 142 -44.23 107.64 -1.92
C PRO A 142 -45.63 108.23 -1.73
N CYS A 143 -46.64 107.38 -1.53
CA CYS A 143 -47.99 107.83 -1.18
C CYS A 143 -48.55 108.81 -2.21
N ILE A 144 -48.39 108.47 -3.49
CA ILE A 144 -48.92 109.28 -4.57
C ILE A 144 -50.05 108.56 -5.30
N SER A 145 -49.94 107.25 -5.47
CA SER A 145 -51.02 106.45 -6.02
C SER A 145 -50.84 104.99 -5.62
N PRO A 146 -51.73 104.42 -4.80
CA PRO A 146 -52.92 105.04 -4.20
C PRO A 146 -52.56 105.92 -3.01
N THR A 147 -53.40 106.90 -2.69
CA THR A 147 -53.14 107.76 -1.55
C THR A 147 -53.39 106.98 -0.25
N ARG A 148 -52.78 107.47 0.83
CA ARG A 148 -52.94 106.85 2.14
C ARG A 148 -53.38 107.90 3.15
N GLU A 149 -54.40 107.57 3.94
CA GLU A 149 -55.00 108.48 4.89
C GLU A 149 -54.92 107.90 6.29
N LEU A 150 -54.72 108.78 7.28
CA LEU A 150 -54.57 108.40 8.67
C LEU A 150 -55.65 109.09 9.49
N THR A 151 -56.28 108.33 10.39
CA THR A 151 -57.41 108.81 11.17
C THR A 151 -57.19 108.50 12.65
N ILE A 152 -57.56 109.46 13.50
CA ILE A 152 -57.41 109.36 14.94
C ILE A 152 -58.81 109.39 15.55
N GLU A 153 -59.10 108.42 16.42
CA GLU A 153 -60.41 108.31 17.05
C GLU A 153 -60.24 108.19 18.56
N THR A 154 -61.10 108.87 19.30
CA THR A 154 -61.07 108.77 20.76
C THR A 154 -61.59 107.41 21.21
N ALA A 155 -60.97 106.87 22.25
CA ALA A 155 -61.35 105.57 22.80
C ALA A 155 -61.40 105.65 24.32
N THR A 156 -61.88 104.58 24.93
CA THR A 156 -62.00 104.52 26.38
C THR A 156 -60.63 104.42 27.04
N ALA A 157 -60.46 105.12 28.15
CA ALA A 157 -59.20 105.08 28.87
C ALA A 157 -58.99 103.72 29.54
N ASP A 158 -57.75 103.44 29.90
CA ASP A 158 -57.41 102.18 30.52
C ASP A 158 -57.83 102.17 31.98
N SER A 159 -57.54 101.06 32.67
CA SER A 159 -57.86 100.95 34.09
C SER A 159 -57.06 101.97 34.91
N ALA A 160 -55.78 102.15 34.58
CA ALA A 160 -54.96 103.11 35.31
C ALA A 160 -55.48 104.53 35.14
N GLY A 161 -55.88 104.90 33.92
CA GLY A 161 -56.42 106.22 33.69
C GLY A 161 -55.87 106.92 32.46
N ASN A 162 -54.81 106.36 31.87
CA ASN A 162 -54.21 106.97 30.70
C ASN A 162 -55.16 106.90 29.50
N GLU A 163 -55.09 107.90 28.65
CA GLU A 163 -55.98 108.01 27.50
C GLU A 163 -55.36 107.32 26.29
N ARG A 164 -56.05 106.32 25.77
CA ARG A 164 -55.62 105.58 24.58
C ARG A 164 -56.53 105.93 23.42
N PHE A 165 -55.92 106.26 22.28
CA PHE A 165 -56.67 106.60 21.08
C PHE A 165 -56.41 105.55 20.00
N LEU A 166 -57.39 105.41 19.10
CA LEU A 166 -57.33 104.43 18.04
C LEU A 166 -56.81 105.09 16.77
N LEU A 167 -55.80 104.45 16.16
CA LEU A 167 -55.21 104.91 14.91
C LEU A 167 -55.65 103.99 13.79
N LYS A 168 -56.14 104.57 12.70
CA LYS A 168 -56.62 103.79 11.56
C LYS A 168 -56.02 104.35 10.28
N LEU A 169 -55.22 103.55 9.59
CA LEU A 169 -54.66 103.95 8.31
C LEU A 169 -55.35 103.17 7.21
N THR A 170 -55.85 103.89 6.20
CA THR A 170 -56.59 103.30 5.10
C THR A 170 -56.10 103.86 3.78
N GLN A 171 -56.06 103.01 2.76
CA GLN A 171 -55.62 103.40 1.43
C GLN A 171 -56.82 103.70 0.55
N THR A 172 -56.68 104.71 -0.30
CA THR A 172 -57.71 105.09 -1.25
C THR A 172 -57.09 105.14 -2.64
N THR A 173 -57.67 104.40 -3.57
CA THR A 173 -57.18 104.41 -4.94
C THR A 173 -57.72 105.63 -5.69
N SER A 174 -57.12 105.90 -6.85
CA SER A 174 -57.53 107.05 -7.64
C SER A 174 -58.97 106.89 -8.16
N LEU A 175 -59.39 105.66 -8.44
CA LEU A 175 -60.74 105.44 -8.93
C LEU A 175 -61.78 105.83 -7.88
N GLY A 176 -61.55 105.45 -6.62
CA GLY A 176 -62.48 105.77 -5.57
C GLY A 176 -62.67 104.66 -4.55
N VAL A 177 -61.98 103.54 -4.75
CA VAL A 177 -62.08 102.42 -3.82
C VAL A 177 -61.32 102.77 -2.55
N VAL A 178 -62.00 102.72 -1.41
CA VAL A 178 -61.42 103.05 -0.11
C VAL A 178 -61.55 101.83 0.78
N THR A 179 -60.42 101.24 1.16
CA THR A 179 -60.39 100.07 2.02
C THR A 179 -59.50 100.36 3.23
N THR A 180 -59.90 99.85 4.39
CA THR A 180 -59.05 99.97 5.56
C THR A 180 -57.80 99.12 5.39
N LEU A 181 -56.71 99.56 6.01
CA LEU A 181 -55.43 98.89 5.86
C LEU A 181 -54.87 98.39 7.17
N GLU A 182 -54.87 99.21 8.22
CA GLU A 182 -54.40 98.75 9.52
C GLU A 182 -55.01 99.61 10.62
N THR A 183 -55.10 99.02 11.81
CA THR A 183 -55.67 99.71 12.96
C THR A 183 -54.90 99.33 14.22
N HIS A 184 -54.86 100.25 15.18
CA HIS A 184 -54.14 100.06 16.42
C HIS A 184 -54.79 100.89 17.52
N THR A 185 -54.45 100.57 18.76
CA THR A 185 -54.87 101.33 19.93
C THR A 185 -53.62 101.73 20.70
N VAL A 186 -53.23 103.00 20.60
CA VAL A 186 -51.96 103.45 21.15
C VAL A 186 -52.20 104.68 22.03
N SER A 187 -51.24 104.94 22.91
CA SER A 187 -51.32 106.08 23.80
C SER A 187 -49.92 106.64 24.03
N LEU A 188 -49.88 107.89 24.49
CA LEU A 188 -48.63 108.59 24.74
C LEU A 188 -48.04 108.29 26.12
N ALA A 189 -48.78 107.62 26.99
CA ALA A 189 -48.25 107.28 28.30
C ALA A 189 -47.14 106.24 28.17
N GLU A 190 -46.11 106.37 29.00
CA GLU A 190 -44.95 105.50 28.92
C GLU A 190 -45.22 104.08 29.43
N GLU A 191 -46.36 103.85 30.08
CA GLU A 191 -46.63 102.55 30.69
C GLU A 191 -48.04 102.03 30.45
N ALA A 192 -48.87 102.76 29.72
CA ALA A 192 -50.24 102.33 29.51
C ALA A 192 -50.29 101.04 28.70
N LYS A 193 -51.31 100.22 28.97
CA LYS A 193 -51.49 98.96 28.28
C LYS A 193 -52.87 98.91 27.63
N ASP A 194 -52.95 98.20 26.52
CA ASP A 194 -54.20 98.05 25.79
C ASP A 194 -55.09 97.00 26.46
N ASP A 195 -56.17 96.62 25.79
CA ASP A 195 -57.08 95.62 26.35
C ASP A 195 -56.41 94.25 26.45
N MET A 196 -55.63 93.89 25.44
CA MET A 196 -55.00 92.57 25.43
C MET A 196 -53.78 92.47 26.34
N GLY A 197 -53.32 93.59 26.91
CA GLY A 197 -52.22 93.58 27.85
C GLY A 197 -50.89 93.97 27.26
N ARG A 198 -50.78 94.12 25.95
CA ARG A 198 -49.52 94.51 25.34
C ARG A 198 -49.23 95.98 25.61
N LEU A 199 -47.96 96.35 25.49
CA LEU A 199 -47.56 97.74 25.65
C LEU A 199 -48.17 98.60 24.55
N CYS A 200 -48.68 99.76 24.95
CA CYS A 200 -49.38 100.65 24.01
C CYS A 200 -48.71 102.00 23.86
N TYR A 201 -47.49 102.17 24.37
CA TYR A 201 -46.73 103.37 24.09
C TYR A 201 -46.53 103.52 22.59
N LEU A 202 -46.69 104.74 22.10
CA LEU A 202 -46.79 104.94 20.65
C LEU A 202 -45.53 104.52 19.89
N PRO A 203 -44.32 104.97 20.24
CA PRO A 203 -43.16 104.59 19.41
C PRO A 203 -42.91 103.09 19.38
N THR A 204 -42.80 102.45 20.55
CA THR A 204 -42.51 101.01 20.57
C THR A 204 -43.66 100.21 19.97
N ALA A 205 -44.90 100.62 20.23
CA ALA A 205 -46.04 99.90 19.67
C ALA A 205 -46.02 99.92 18.15
N LEU A 206 -45.83 101.11 17.57
CA LEU A 206 -45.79 101.20 16.11
C LEU A 206 -44.58 100.48 15.55
N GLU A 207 -43.43 100.54 16.23
CA GLU A 207 -42.24 99.87 15.73
C GLU A 207 -42.40 98.35 15.73
N ALA A 208 -43.07 97.81 16.76
CA ALA A 208 -43.14 96.37 16.92
C ALA A 208 -44.30 95.76 16.14
N ARG A 209 -45.52 96.24 16.39
CA ARG A 209 -46.70 95.54 15.87
C ARG A 209 -47.16 96.05 14.51
N SER A 210 -46.53 97.07 13.95
CA SER A 210 -46.92 97.64 12.67
C SER A 210 -45.72 97.65 11.73
N LYS A 211 -45.93 97.17 10.50
CA LYS A 211 -44.89 97.15 9.49
C LYS A 211 -45.05 98.24 8.44
N TYR A 212 -45.94 99.21 8.67
CA TYR A 212 -46.18 100.30 7.74
C TYR A 212 -45.70 101.64 8.27
N LEU A 213 -45.93 101.93 9.54
CA LEU A 213 -45.68 103.24 10.11
C LEU A 213 -44.55 103.19 11.12
N ARG A 214 -44.00 104.38 11.39
CA ARG A 214 -43.08 104.59 12.50
C ARG A 214 -43.39 105.96 13.08
N ALA A 215 -42.96 106.18 14.32
CA ALA A 215 -43.26 107.43 14.99
C ALA A 215 -42.10 107.84 15.89
N VAL A 216 -42.02 109.13 16.15
CA VAL A 216 -41.08 109.69 17.13
C VAL A 216 -41.83 110.69 17.99
N VAL A 217 -41.30 110.94 19.18
CA VAL A 217 -41.93 111.80 20.16
C VAL A 217 -40.92 112.80 20.69
N ASN A 218 -41.44 113.91 21.23
CA ASN A 218 -40.63 114.91 21.89
C ASN A 218 -40.79 114.75 23.40
N GLU A 219 -39.67 114.45 24.08
CA GLU A 219 -39.74 114.13 25.50
C GLU A 219 -40.25 115.30 26.33
N GLU A 220 -39.81 116.52 25.99
CA GLU A 220 -40.18 117.68 26.80
C GLU A 220 -41.69 117.92 26.76
N LEU A 221 -42.29 117.82 25.57
CA LEU A 221 -43.70 118.15 25.39
C LEU A 221 -44.62 116.94 25.49
N ILE A 222 -44.08 115.73 25.69
CA ILE A 222 -44.93 114.56 25.71
C ILE A 222 -45.80 114.48 26.95
N SER A 223 -45.43 115.20 28.02
CA SER A 223 -46.20 115.12 29.26
C SER A 223 -47.54 115.85 29.12
N THR A 224 -47.53 117.05 28.55
CA THR A 224 -48.74 117.86 28.42
C THR A 224 -49.42 117.67 27.08
N ALA A 225 -48.91 116.79 26.23
CA ALA A 225 -49.49 116.59 24.90
C ALA A 225 -50.90 116.02 24.99
N LYS A 226 -51.80 116.56 24.18
CA LYS A 226 -53.16 116.06 24.07
C LYS A 226 -53.52 115.94 22.61
N VAL A 227 -54.35 114.94 22.29
CA VAL A 227 -54.74 114.66 20.93
C VAL A 227 -56.24 114.85 20.78
N THR A 228 -56.66 115.49 19.69
CA THR A 228 -58.06 115.71 19.39
C THR A 228 -58.55 114.63 18.42
N ASN A 229 -59.74 114.82 17.88
CA ASN A 229 -60.33 113.91 16.92
C ASN A 229 -60.10 114.46 15.51
N LYS A 230 -59.16 113.87 14.78
CA LYS A 230 -58.85 114.24 13.42
C LYS A 230 -59.31 113.15 12.48
N LYS A 231 -60.10 113.52 11.48
CA LYS A 231 -60.71 112.57 10.56
C LYS A 231 -60.19 112.83 9.15
N SER A 232 -59.75 111.76 8.48
CA SER A 232 -59.34 111.79 7.07
C SER A 232 -58.21 112.78 6.83
N LEU A 233 -57.06 112.48 7.44
CA LEU A 233 -55.85 113.21 7.13
C LEU A 233 -55.30 112.75 5.78
N ALA A 234 -54.16 113.29 5.38
CA ALA A 234 -53.60 112.97 4.07
C ALA A 234 -52.09 113.13 4.11
N PHE A 235 -51.37 112.04 3.83
CA PHE A 235 -49.94 112.13 3.60
C PHE A 235 -49.68 112.85 2.29
N THR A 236 -48.60 113.63 2.25
CA THR A 236 -48.28 114.36 1.03
C THR A 236 -46.78 114.64 0.99
N GLY A 237 -46.29 114.94 -0.21
CA GLY A 237 -44.89 115.25 -0.42
C GLY A 237 -44.02 114.07 -0.80
N GLY A 238 -44.52 112.85 -0.67
CA GLY A 238 -43.72 111.69 -1.02
C GLY A 238 -43.39 111.66 -2.50
N THR A 239 -42.18 111.21 -2.82
CA THR A 239 -41.71 111.24 -4.20
C THR A 239 -40.62 110.18 -4.36
N ASN A 240 -40.81 109.26 -5.31
CA ASN A 240 -39.81 108.25 -5.58
C ASN A 240 -38.64 108.78 -6.38
N GLY A 241 -38.73 109.99 -6.92
CA GLY A 241 -37.65 110.58 -7.66
C GLY A 241 -37.48 109.95 -9.04
N ASP A 242 -36.34 110.25 -9.64
CA ASP A 242 -35.96 109.68 -10.93
C ASP A 242 -35.17 108.40 -10.69
N GLN A 243 -35.70 107.28 -11.18
CA GLN A 243 -35.02 106.00 -11.03
C GLN A 243 -34.29 105.57 -12.29
N SER A 244 -34.32 106.39 -13.34
CA SER A 244 -33.58 106.06 -14.56
C SER A 244 -32.09 106.02 -14.30
N LYS A 245 -31.57 107.01 -13.58
CA LYS A 245 -30.15 107.10 -13.28
C LYS A 245 -29.93 106.96 -11.78
N ILE A 246 -28.89 106.23 -11.42
CA ILE A 246 -28.54 105.98 -10.02
C ILE A 246 -27.03 105.97 -9.91
N SER A 247 -26.49 106.76 -8.98
CA SER A 247 -25.05 106.81 -8.78
C SER A 247 -24.53 105.47 -8.30
N THR A 248 -23.28 105.17 -8.63
CA THR A 248 -22.67 103.92 -8.21
C THR A 248 -22.54 103.82 -6.70
N ALA A 249 -22.58 104.96 -5.99
CA ALA A 249 -22.52 104.92 -4.54
C ALA A 249 -23.71 104.19 -3.95
N ALA A 250 -24.91 104.44 -4.50
CA ALA A 250 -26.09 103.76 -4.01
C ALA A 250 -25.99 102.25 -4.21
N TYR A 251 -25.52 101.82 -5.38
CA TYR A 251 -25.37 100.39 -5.63
C TYR A 251 -24.34 99.78 -4.70
N LEU A 252 -23.23 100.50 -4.44
CA LEU A 252 -22.23 99.98 -3.53
C LEU A 252 -22.78 99.85 -2.11
N ARG A 253 -23.55 100.84 -1.66
CA ARG A 253 -24.16 100.74 -0.34
C ARG A 253 -25.13 99.57 -0.26
N ALA A 254 -25.93 99.36 -1.31
CA ALA A 254 -26.88 98.26 -1.31
C ALA A 254 -26.15 96.92 -1.26
N VAL A 255 -25.07 96.77 -2.04
CA VAL A 255 -24.39 95.47 -2.03
C VAL A 255 -23.66 95.27 -0.70
N LYS A 256 -23.18 96.34 -0.07
CA LYS A 256 -22.60 96.20 1.27
C LYS A 256 -23.64 95.73 2.28
N VAL A 257 -24.85 96.28 2.22
CA VAL A 257 -25.91 95.85 3.10
C VAL A 257 -26.23 94.38 2.86
N LEU A 258 -26.30 93.97 1.58
CA LEU A 258 -26.55 92.57 1.26
C LEU A 258 -25.44 91.67 1.79
N ASN A 259 -24.21 92.16 1.76
CA ASN A 259 -23.10 91.41 2.33
C ASN A 259 -23.28 91.20 3.81
N ASN A 260 -23.67 92.25 4.53
CA ASN A 260 -23.81 92.17 5.98
C ASN A 260 -25.14 91.59 6.42
N ALA A 261 -26.00 91.22 5.48
CA ALA A 261 -27.29 90.63 5.84
C ALA A 261 -27.09 89.35 6.62
N PRO A 262 -27.83 89.14 7.71
CA PRO A 262 -27.71 87.91 8.51
C PRO A 262 -28.70 86.83 8.06
N TYR A 263 -28.53 86.36 6.83
CA TYR A 263 -29.39 85.32 6.28
C TYR A 263 -28.53 84.29 5.56
N MET A 264 -29.18 83.29 4.99
CA MET A 264 -28.52 82.22 4.26
C MET A 264 -29.05 82.16 2.83
N TYR A 265 -28.15 82.21 1.86
CA TYR A 265 -28.55 82.05 0.47
C TYR A 265 -27.40 81.44 -0.31
N THR A 266 -27.76 80.78 -1.42
CA THR A 266 -26.79 80.04 -2.23
C THR A 266 -26.76 80.53 -3.67
N ALA A 267 -27.18 81.76 -3.95
CA ALA A 267 -27.11 82.31 -5.28
C ALA A 267 -27.22 83.83 -5.18
N VAL A 268 -26.37 84.53 -5.92
CA VAL A 268 -26.21 85.97 -5.74
C VAL A 268 -26.67 86.72 -6.99
N LEU A 269 -27.74 86.23 -7.61
CA LEU A 269 -28.26 86.70 -8.89
C LEU A 269 -28.07 88.21 -9.07
N GLY A 270 -27.48 88.58 -10.20
CA GLY A 270 -27.31 89.98 -10.56
C GLY A 270 -28.53 90.54 -11.26
N LEU A 271 -29.56 90.88 -10.48
CA LEU A 271 -30.84 91.31 -11.03
C LEU A 271 -30.67 92.62 -11.79
N GLY A 272 -30.67 92.53 -13.12
CA GLY A 272 -30.72 93.68 -14.00
C GLY A 272 -29.91 94.89 -13.59
N CYS A 273 -28.71 94.66 -13.07
CA CYS A 273 -27.82 95.74 -12.63
C CYS A 273 -26.55 95.65 -13.47
N TYR A 274 -26.46 96.49 -14.49
CA TYR A 274 -25.32 96.48 -15.40
C TYR A 274 -24.34 97.57 -15.02
N ASP A 275 -23.69 97.37 -13.86
CA ASP A 275 -22.67 98.27 -13.37
C ASP A 275 -21.44 97.45 -13.00
N ASN A 276 -20.27 97.88 -13.49
CA ASN A 276 -19.06 97.11 -13.28
C ASN A 276 -18.70 97.00 -11.81
N ALA A 277 -18.82 98.10 -11.07
CA ALA A 277 -18.48 98.07 -9.65
C ALA A 277 -19.41 97.15 -8.88
N ALA A 278 -20.70 97.22 -9.15
CA ALA A 278 -21.65 96.36 -8.47
C ALA A 278 -21.41 94.89 -8.81
N ILE A 279 -21.11 94.59 -10.07
CA ILE A 279 -20.86 93.21 -10.45
C ILE A 279 -19.61 92.70 -9.76
N THR A 280 -18.56 93.52 -9.68
CA THR A 280 -17.36 93.10 -8.97
C THR A 280 -17.65 92.86 -7.49
N ALA A 281 -18.46 93.72 -6.87
CA ALA A 281 -18.81 93.51 -5.46
C ALA A 281 -19.57 92.22 -5.27
N LEU A 282 -20.50 91.91 -6.18
CA LEU A 282 -21.25 90.66 -6.05
C LEU A 282 -20.35 89.45 -6.26
N GLY A 283 -19.37 89.56 -7.16
CA GLY A 283 -18.38 88.51 -7.28
C GLY A 283 -17.59 88.32 -6.01
N LYS A 284 -17.26 89.43 -5.33
CA LYS A 284 -16.61 89.32 -4.04
C LYS A 284 -17.51 88.60 -3.03
N ILE A 285 -18.81 88.85 -3.09
CA ILE A 285 -19.74 88.17 -2.20
C ILE A 285 -19.68 86.66 -2.46
N CYS A 286 -19.70 86.28 -3.74
CA CYS A 286 -19.58 84.86 -4.08
C CYS A 286 -18.30 84.27 -3.50
N ALA A 287 -17.17 84.94 -3.73
CA ALA A 287 -15.90 84.40 -3.28
C ALA A 287 -15.84 84.28 -1.76
N ASP A 288 -16.43 85.24 -1.06
CA ASP A 288 -16.37 85.25 0.40
C ASP A 288 -17.27 84.16 0.98
N ARG A 289 -18.50 84.07 0.51
CA ARG A 289 -19.47 83.16 1.14
C ARG A 289 -19.46 81.76 0.54
N LEU A 290 -18.69 81.51 -0.52
CA LEU A 290 -18.65 80.21 -1.18
C LEU A 290 -20.02 79.83 -1.72
N ILE A 291 -20.53 80.64 -2.63
CA ILE A 291 -21.81 80.42 -3.29
C ILE A 291 -21.65 80.68 -4.78
N ASP A 292 -22.77 80.65 -5.49
CA ASP A 292 -22.81 80.73 -6.95
C ASP A 292 -23.41 82.07 -7.38
N GLY A 293 -22.92 82.57 -8.50
CA GLY A 293 -23.42 83.81 -9.06
C GLY A 293 -23.74 83.71 -10.54
N PHE A 294 -24.82 84.36 -10.97
CA PHE A 294 -25.28 84.30 -12.36
C PHE A 294 -25.49 85.73 -12.86
N PHE A 295 -24.42 86.37 -13.32
CA PHE A 295 -24.50 87.73 -13.82
C PHE A 295 -24.64 87.71 -15.33
N ASP A 296 -24.94 88.88 -15.89
CA ASP A 296 -25.26 88.90 -17.31
C ASP A 296 -24.95 90.29 -17.85
N VAL A 297 -24.32 90.33 -19.03
CA VAL A 297 -23.90 91.58 -19.64
C VAL A 297 -25.09 92.27 -20.29
N LYS A 298 -24.91 93.51 -20.71
CA LYS A 298 -26.03 94.25 -21.29
C LYS A 298 -26.58 93.50 -22.50
N PRO A 299 -27.85 93.11 -22.50
CA PRO A 299 -28.37 92.31 -23.61
C PRO A 299 -28.83 93.17 -24.77
N THR A 300 -28.04 94.18 -25.12
CA THR A 300 -28.27 94.99 -26.31
C THR A 300 -26.97 95.24 -27.05
N LEU A 301 -25.92 94.47 -26.76
CA LEU A 301 -24.64 94.60 -27.42
C LEU A 301 -24.53 93.57 -28.54
N THR A 302 -23.88 93.97 -29.63
CA THR A 302 -23.64 93.04 -30.71
C THR A 302 -22.63 91.98 -30.29
N TYR A 303 -22.61 90.88 -31.04
CA TYR A 303 -21.70 89.78 -30.73
C TYR A 303 -20.24 90.21 -30.78
N ALA A 304 -19.93 91.28 -31.52
CA ALA A 304 -18.56 91.76 -31.56
C ALA A 304 -18.18 92.45 -30.26
N GLU A 305 -19.06 93.27 -29.72
CA GLU A 305 -18.76 94.00 -28.49
C GLU A 305 -19.05 93.20 -27.24
N ALA A 306 -19.72 92.05 -27.36
CA ALA A 306 -20.00 91.25 -26.16
C ALA A 306 -18.73 90.74 -25.51
N LEU A 307 -17.76 90.30 -26.31
CA LEU A 307 -16.54 89.73 -25.76
C LEU A 307 -15.72 90.72 -24.93
N PRO A 308 -15.41 91.93 -25.40
CA PRO A 308 -14.68 92.86 -24.52
C PRO A 308 -15.46 93.27 -23.30
N ALA A 309 -16.79 93.27 -23.34
CA ALA A 309 -17.57 93.64 -22.16
C ALA A 309 -17.40 92.62 -21.04
N VAL A 310 -17.20 91.35 -21.39
CA VAL A 310 -16.98 90.33 -20.36
C VAL A 310 -15.66 90.57 -19.64
N GLU A 311 -14.63 90.97 -20.37
CA GLU A 311 -13.38 91.36 -19.72
C GLU A 311 -13.57 92.63 -18.90
N ASP A 312 -14.39 93.56 -19.40
CA ASP A 312 -14.62 94.81 -18.69
C ASP A 312 -15.28 94.56 -17.35
N THR A 313 -16.27 93.67 -17.30
CA THR A 313 -17.10 93.54 -16.10
C THR A 313 -16.29 93.07 -14.90
N GLY A 314 -15.10 92.52 -15.10
CA GLY A 314 -14.11 92.42 -14.05
C GLY A 314 -13.94 91.05 -13.40
N LEU A 315 -14.87 90.12 -13.58
CA LEU A 315 -14.71 88.84 -12.90
C LEU A 315 -13.72 87.91 -13.58
N LEU A 316 -13.22 88.26 -14.76
CA LEU A 316 -12.30 87.37 -15.46
C LEU A 316 -10.97 87.29 -14.70
N GLY A 317 -10.70 86.14 -14.11
CA GLY A 317 -9.48 85.94 -13.36
C GLY A 317 -9.41 84.55 -12.76
N THR A 318 -8.88 84.45 -11.55
CA THR A 318 -8.79 83.19 -10.84
C THR A 318 -9.47 83.23 -9.48
N ASP A 319 -9.82 84.40 -8.97
CA ASP A 319 -10.46 84.48 -7.67
C ASP A 319 -11.92 84.05 -7.74
N TYR A 320 -12.63 84.43 -8.80
CA TYR A 320 -14.06 84.13 -8.94
C TYR A 320 -14.20 82.93 -9.87
N VAL A 321 -14.25 81.74 -9.29
CA VAL A 321 -14.33 80.51 -10.07
C VAL A 321 -15.74 79.95 -10.15
N SER A 322 -16.72 80.61 -9.54
CA SER A 322 -18.08 80.08 -9.51
C SER A 322 -19.10 81.03 -10.10
N CYS A 323 -18.67 82.14 -10.71
CA CYS A 323 -19.59 83.13 -11.25
C CYS A 323 -19.69 83.00 -12.75
N SER A 324 -20.90 82.82 -13.25
CA SER A 324 -21.17 82.67 -14.68
C SER A 324 -21.67 83.99 -15.25
N VAL A 325 -21.36 84.23 -16.52
CA VAL A 325 -21.75 85.45 -17.21
C VAL A 325 -22.55 85.06 -18.45
N TYR A 326 -23.71 85.68 -18.63
CA TYR A 326 -24.60 85.36 -19.72
C TYR A 326 -24.81 86.56 -20.63
N HIS A 327 -25.49 86.31 -21.74
CA HIS A 327 -25.74 87.33 -22.77
C HIS A 327 -26.90 86.84 -23.63
N TYR A 328 -27.98 87.61 -23.69
CA TYR A 328 -29.20 87.22 -24.37
C TYR A 328 -29.68 88.35 -25.27
N PRO A 329 -29.09 88.50 -26.46
CA PRO A 329 -29.49 89.59 -27.37
C PRO A 329 -30.72 89.22 -28.20
N PHE A 330 -31.88 89.20 -27.56
CA PHE A 330 -33.13 88.88 -28.22
C PHE A 330 -34.24 89.75 -27.65
N SER A 331 -35.29 89.92 -28.44
CA SER A 331 -36.46 90.67 -28.01
C SER A 331 -37.56 89.72 -27.59
N CYS A 332 -38.55 90.26 -26.88
CA CYS A 332 -39.64 89.45 -26.37
C CYS A 332 -40.86 90.33 -26.12
N LYS A 333 -42.01 89.68 -25.99
CA LYS A 333 -43.26 90.36 -25.72
C LYS A 333 -43.57 90.23 -24.23
N ASP A 334 -43.76 91.36 -23.56
CA ASP A 334 -43.90 91.37 -22.12
C ASP A 334 -45.20 90.71 -21.68
N LYS A 335 -45.17 90.12 -20.48
CA LYS A 335 -46.33 89.39 -19.98
C LYS A 335 -47.43 90.35 -19.53
N TRP A 336 -47.06 91.47 -18.93
CA TRP A 336 -48.05 92.35 -18.31
C TRP A 336 -48.50 93.47 -19.25
N THR A 337 -47.55 94.30 -19.70
CA THR A 337 -47.92 95.49 -20.46
C THR A 337 -48.13 95.23 -21.94
N GLN A 338 -47.76 94.05 -22.44
CA GLN A 338 -47.93 93.68 -23.84
C GLN A 338 -47.20 94.66 -24.76
N SER A 339 -45.87 94.68 -24.65
CA SER A 339 -45.03 95.56 -25.44
C SER A 339 -43.75 94.83 -25.80
N ARG A 340 -42.88 95.52 -26.55
CA ARG A 340 -41.60 94.95 -27.00
C ARG A 340 -40.51 95.39 -26.03
N VAL A 341 -40.03 94.45 -25.21
CA VAL A 341 -39.03 94.73 -24.21
C VAL A 341 -37.89 93.72 -24.35
N VAL A 342 -36.75 94.08 -23.78
CA VAL A 342 -35.58 93.21 -23.74
C VAL A 342 -35.03 93.21 -22.32
N PHE A 343 -34.71 92.02 -21.81
CA PHE A 343 -34.06 91.92 -20.51
C PHE A 343 -33.17 90.69 -20.52
N GLY A 344 -32.56 90.40 -19.37
CA GLY A 344 -31.46 89.47 -19.29
C GLY A 344 -31.87 88.03 -19.06
N LEU A 345 -30.90 87.24 -18.60
CA LEU A 345 -31.07 85.79 -18.47
C LEU A 345 -30.70 85.27 -17.09
N SER A 346 -30.42 86.15 -16.12
CA SER A 346 -30.03 85.68 -14.80
C SER A 346 -31.14 84.88 -14.14
N GLY A 347 -32.38 85.35 -14.26
CA GLY A 347 -33.48 84.63 -13.66
C GLY A 347 -33.65 83.23 -14.23
N VAL A 348 -33.56 83.09 -15.55
CA VAL A 348 -33.72 81.78 -16.16
C VAL A 348 -32.55 80.88 -15.81
N ALA A 349 -31.34 81.44 -15.74
CA ALA A 349 -30.18 80.64 -15.33
C ALA A 349 -30.38 80.10 -13.92
N TYR A 350 -30.86 80.94 -13.00
CA TYR A 350 -31.09 80.45 -11.64
C TYR A 350 -32.23 79.45 -11.61
N ALA A 351 -33.26 79.63 -12.43
CA ALA A 351 -34.33 78.64 -12.48
C ALA A 351 -33.81 77.30 -12.94
N ALA A 352 -32.91 77.29 -13.92
CA ALA A 352 -32.29 76.05 -14.35
C ALA A 352 -31.49 75.42 -13.22
N LYS A 353 -30.72 76.23 -12.48
CA LYS A 353 -29.93 75.69 -11.39
C LYS A 353 -30.83 75.10 -10.31
N ALA A 354 -31.95 75.75 -10.01
CA ALA A 354 -32.85 75.23 -9.00
C ALA A 354 -33.53 73.95 -9.45
N ARG A 355 -33.94 73.89 -10.72
CA ARG A 355 -34.49 72.64 -11.25
C ARG A 355 -33.48 71.51 -11.13
N GLY A 356 -32.20 71.82 -11.37
CA GLY A 356 -31.18 70.81 -11.20
C GLY A 356 -31.01 70.39 -9.75
N VAL A 357 -31.01 71.36 -8.83
CA VAL A 357 -30.75 71.04 -7.43
C VAL A 357 -31.93 70.35 -6.77
N LYS A 358 -33.12 70.42 -7.36
CA LYS A 358 -34.28 69.75 -6.77
C LYS A 358 -34.46 68.31 -7.26
N LYS A 359 -33.54 67.79 -8.06
CA LYS A 359 -33.70 66.43 -8.57
C LYS A 359 -33.48 65.40 -7.46
N ASN A 360 -32.28 65.38 -6.88
CA ASN A 360 -32.02 64.51 -5.75
C ASN A 360 -32.64 65.09 -4.49
N SER A 361 -33.15 64.21 -3.63
CA SER A 361 -33.87 64.63 -2.44
C SER A 361 -33.06 64.50 -1.16
N ASP A 362 -32.20 63.49 -1.05
CA ASP A 362 -31.46 63.28 0.19
C ASP A 362 -30.49 64.43 0.42
N VAL A 363 -29.58 64.65 -0.52
CA VAL A 363 -28.58 65.70 -0.40
C VAL A 363 -28.74 66.77 -1.47
N GLY A 364 -29.62 66.57 -2.44
CA GLY A 364 -29.81 67.54 -3.49
C GLY A 364 -28.78 67.38 -4.59
N GLY A 365 -29.20 67.45 -5.84
CA GLY A 365 -28.28 67.26 -6.94
C GLY A 365 -27.59 68.54 -7.34
N TRP A 366 -26.36 68.72 -6.89
CA TRP A 366 -25.56 69.87 -7.26
C TRP A 366 -24.70 69.61 -8.49
N HIS A 367 -24.67 68.38 -8.98
CA HIS A 367 -23.80 68.02 -10.10
C HIS A 367 -24.48 68.19 -11.45
N TYR A 368 -25.71 68.66 -11.49
CA TYR A 368 -26.42 68.87 -12.75
C TYR A 368 -26.06 70.26 -13.29
N SER A 369 -25.57 70.31 -14.52
CA SER A 369 -25.23 71.59 -15.12
C SER A 369 -26.50 72.38 -15.44
N PRO A 370 -26.46 73.69 -15.35
CA PRO A 370 -27.61 74.54 -15.69
C PRO A 370 -27.77 74.78 -17.20
N ALA A 371 -27.85 73.69 -17.96
CA ALA A 371 -28.01 73.80 -19.40
C ALA A 371 -28.62 72.50 -19.91
N GLY A 372 -29.14 72.56 -21.13
CA GLY A 372 -29.76 71.43 -21.77
C GLY A 372 -31.13 71.77 -22.28
N GLU A 373 -31.89 70.75 -22.65
CA GLU A 373 -33.25 70.94 -23.12
C GLU A 373 -34.29 70.39 -22.17
N GLU A 374 -33.87 69.78 -21.06
CA GLU A 374 -34.80 69.31 -20.05
C GLU A 374 -34.75 70.11 -18.76
N ARG A 375 -33.81 71.05 -18.64
CA ARG A 375 -33.69 71.81 -17.41
C ARG A 375 -33.46 73.30 -17.62
N ALA A 376 -33.37 73.79 -18.85
CA ALA A 376 -33.00 75.18 -19.05
C ALA A 376 -33.79 75.84 -20.17
N VAL A 377 -35.00 75.36 -20.44
CA VAL A 377 -35.80 75.96 -21.50
C VAL A 377 -36.17 77.38 -21.11
N ILE A 378 -36.25 78.26 -22.12
CA ILE A 378 -36.57 79.66 -21.92
C ILE A 378 -38.01 79.87 -22.37
N ALA A 379 -38.85 80.38 -21.47
CA ALA A 379 -40.26 80.60 -21.75
C ALA A 379 -40.48 82.10 -21.94
N ARG A 380 -40.72 82.51 -23.18
CA ARG A 380 -41.02 83.89 -23.50
C ARG A 380 -42.19 83.90 -24.49
N ALA A 381 -42.46 85.06 -25.07
CA ALA A 381 -43.55 85.22 -26.01
C ALA A 381 -43.04 85.94 -27.25
N SER A 382 -43.15 85.27 -28.41
CA SER A 382 -42.81 85.87 -29.70
C SER A 382 -41.37 86.38 -29.71
N ILE A 383 -40.43 85.47 -29.45
CA ILE A 383 -39.02 85.82 -29.46
C ILE A 383 -38.63 86.23 -30.87
N GLN A 384 -38.14 87.45 -31.03
CA GLN A 384 -37.71 87.98 -32.32
C GLN A 384 -36.27 88.46 -32.20
N PRO A 385 -35.33 87.86 -32.92
CA PRO A 385 -33.91 88.20 -32.72
C PRO A 385 -33.65 89.68 -32.99
N LEU A 386 -32.75 90.24 -32.20
CA LEU A 386 -32.42 91.66 -32.33
C LEU A 386 -31.56 91.92 -33.56
N TYR A 387 -30.59 91.05 -33.82
CA TYR A 387 -29.66 91.20 -34.93
C TYR A 387 -29.67 89.92 -35.76
N PRO A 388 -30.70 89.73 -36.58
CA PRO A 388 -30.75 88.52 -37.42
C PRO A 388 -29.62 88.42 -38.42
N GLU A 389 -29.00 89.55 -38.81
CA GLU A 389 -27.96 89.50 -39.83
C GLU A 389 -26.60 89.07 -39.28
N ASP A 390 -26.46 88.96 -37.96
CA ASP A 390 -25.18 88.59 -37.38
C ASP A 390 -25.13 87.10 -37.08
N THR A 391 -23.98 86.64 -36.58
CA THR A 391 -23.77 85.23 -36.30
C THR A 391 -22.86 85.10 -35.09
N PRO A 392 -23.05 84.06 -34.27
CA PRO A 392 -22.18 83.88 -33.11
C PRO A 392 -20.76 83.51 -33.52
N ASP A 393 -19.89 83.50 -32.51
CA ASP A 393 -18.44 83.32 -32.68
C ASP A 393 -17.96 82.18 -31.79
N GLU A 394 -18.61 81.02 -31.90
CA GLU A 394 -18.49 79.92 -30.93
C GLU A 394 -17.11 79.76 -30.32
N GLU A 395 -16.06 79.69 -31.14
CA GLU A 395 -14.72 79.51 -30.62
C GLU A 395 -14.29 80.69 -29.76
N ALA A 396 -14.53 81.91 -30.26
CA ALA A 396 -14.17 83.10 -29.50
C ALA A 396 -14.97 83.18 -28.21
N MET A 397 -16.24 82.82 -28.25
CA MET A 397 -17.06 82.83 -27.04
C MET A 397 -16.54 81.84 -26.01
N VAL A 398 -16.19 80.64 -26.44
CA VAL A 398 -15.69 79.64 -25.49
C VAL A 398 -14.35 80.08 -24.91
N LYS A 399 -13.50 80.70 -25.73
CA LYS A 399 -12.23 81.18 -25.20
C LYS A 399 -12.44 82.34 -24.24
N GLY A 400 -13.45 83.16 -24.48
CA GLY A 400 -13.75 84.30 -23.64
C GLY A 400 -14.71 84.03 -22.50
N ARG A 401 -15.12 82.78 -22.31
CA ARG A 401 -15.97 82.39 -21.18
C ARG A 401 -17.30 83.15 -21.18
N LEU A 402 -18.08 82.90 -22.23
CA LEU A 402 -19.39 83.53 -22.40
C LEU A 402 -20.38 82.45 -22.83
N ASN A 403 -21.34 82.15 -21.96
CA ASN A 403 -22.36 81.17 -22.32
C ASN A 403 -23.28 81.73 -23.38
N LYS A 404 -23.71 80.86 -24.29
CA LYS A 404 -24.48 81.27 -25.46
C LYS A 404 -25.81 80.52 -25.52
N VAL A 405 -26.81 81.18 -26.06
CA VAL A 405 -28.11 80.57 -26.27
C VAL A 405 -28.14 79.92 -27.64
N SER A 406 -29.11 79.04 -27.84
CA SER A 406 -29.26 78.34 -29.10
C SER A 406 -30.73 77.94 -29.26
N VAL A 407 -30.99 77.14 -30.28
CA VAL A 407 -32.32 76.58 -30.52
C VAL A 407 -32.19 75.07 -30.45
N GLY A 408 -32.76 74.48 -29.42
CA GLY A 408 -32.72 73.03 -29.25
C GLY A 408 -33.82 72.36 -30.06
N THR A 409 -34.07 71.10 -29.71
CA THR A 409 -35.15 70.37 -30.37
C THR A 409 -36.50 70.98 -30.04
N SER A 410 -37.44 70.80 -30.97
CA SER A 410 -38.82 71.26 -30.86
C SER A 410 -38.94 72.77 -31.02
N GLY A 411 -37.81 73.48 -31.07
CA GLY A 411 -37.80 74.88 -31.42
C GLY A 411 -37.88 75.88 -30.29
N GLN A 412 -37.72 75.45 -29.03
CA GLN A 412 -37.64 76.39 -27.92
C GLN A 412 -36.19 76.74 -27.63
N MET A 413 -35.93 78.03 -27.41
CA MET A 413 -34.59 78.47 -27.07
C MET A 413 -34.14 77.86 -25.76
N ILE A 414 -32.85 77.49 -25.69
CA ILE A 414 -32.27 76.91 -24.50
C ILE A 414 -30.92 77.54 -24.25
N ILE A 415 -30.41 77.32 -23.04
CA ILE A 415 -29.03 77.68 -22.69
C ILE A 415 -28.16 76.47 -22.99
N ASP A 416 -27.07 76.68 -23.73
CA ASP A 416 -26.26 75.57 -24.20
C ASP A 416 -24.80 75.71 -23.82
N ASP A 417 -24.53 76.17 -22.59
CA ASP A 417 -23.18 76.17 -22.07
C ASP A 417 -23.22 76.26 -20.55
N ALA A 418 -22.14 75.80 -19.93
CA ALA A 418 -22.00 75.80 -18.48
C ALA A 418 -20.59 76.24 -18.10
N LEU A 419 -20.12 77.32 -18.71
CA LEU A 419 -18.76 77.79 -18.49
C LEU A 419 -18.75 78.93 -17.49
N THR A 420 -17.81 78.87 -16.55
CA THR A 420 -17.66 79.88 -15.53
C THR A 420 -16.69 80.96 -16.00
N CYS A 421 -16.26 81.82 -15.08
CA CYS A 421 -15.35 82.90 -15.40
C CYS A 421 -13.89 82.53 -15.17
N CYS A 422 -13.59 81.30 -14.79
CA CYS A 422 -12.21 80.89 -14.61
C CYS A 422 -11.49 80.86 -15.95
N THR A 423 -10.27 81.41 -15.97
CA THR A 423 -9.49 81.42 -17.20
C THR A 423 -8.60 80.20 -17.36
N GLN A 424 -8.18 79.60 -16.26
CA GLN A 424 -7.34 78.41 -16.34
C GLN A 424 -8.09 77.26 -16.99
N ASP A 425 -7.38 76.48 -17.80
CA ASP A 425 -7.99 75.38 -18.54
C ASP A 425 -7.81 74.09 -17.74
N ASN A 426 -8.68 73.90 -16.76
CA ASN A 426 -8.70 72.70 -15.95
C ASN A 426 -10.16 72.35 -15.65
N TYR A 427 -10.38 71.47 -14.68
CA TYR A 427 -11.73 71.07 -14.34
C TYR A 427 -12.55 72.19 -13.73
N LEU A 428 -11.93 73.30 -13.35
CA LEU A 428 -12.63 74.32 -12.60
C LEU A 428 -13.48 75.24 -13.45
N HIS A 429 -13.30 75.25 -14.77
CA HIS A 429 -14.08 76.19 -15.57
C HIS A 429 -15.46 75.65 -15.95
N PHE A 430 -15.74 74.37 -15.71
CA PHE A 430 -17.10 73.89 -15.87
C PHE A 430 -17.95 74.37 -14.69
N GLN A 431 -19.26 74.45 -14.91
CA GLN A 431 -20.11 75.06 -13.91
C GLN A 431 -20.33 74.16 -12.70
N HIS A 432 -20.55 72.86 -12.92
CA HIS A 432 -21.03 72.02 -11.83
C HIS A 432 -19.95 71.71 -10.81
N VAL A 433 -18.69 71.63 -11.22
CA VAL A 433 -17.62 71.25 -10.29
C VAL A 433 -17.48 72.24 -9.13
N PRO A 434 -17.35 73.55 -9.37
CA PRO A 434 -17.26 74.48 -8.23
C PRO A 434 -18.48 74.43 -7.33
N SER A 435 -19.68 74.24 -7.88
CA SER A 435 -20.87 74.19 -7.04
C SER A 435 -20.82 73.00 -6.10
N LEU A 436 -20.45 71.83 -6.61
CA LEU A 436 -20.37 70.64 -5.78
C LEU A 436 -19.29 70.78 -4.72
N MET A 437 -18.11 71.29 -5.11
CA MET A 437 -17.04 71.47 -4.14
C MET A 437 -17.44 72.48 -3.07
N ASN A 438 -18.16 73.53 -3.46
CA ASN A 438 -18.59 74.53 -2.48
C ASN A 438 -19.63 73.96 -1.52
N ALA A 439 -20.50 73.07 -2.01
CA ALA A 439 -21.43 72.40 -1.11
C ALA A 439 -20.68 71.59 -0.06
N ILE A 440 -19.67 70.84 -0.50
CA ILE A 440 -18.87 70.08 0.45
C ILE A 440 -18.20 71.01 1.45
N SER A 441 -17.63 72.12 0.97
CA SER A 441 -16.91 73.02 1.85
C SER A 441 -17.83 73.66 2.88
N ARG A 442 -19.05 74.03 2.47
CA ARG A 442 -19.98 74.62 3.43
C ARG A 442 -20.37 73.60 4.50
N PHE A 443 -20.62 72.36 4.10
CA PHE A 443 -20.92 71.35 5.10
C PHE A 443 -19.75 71.15 6.05
N PHE A 444 -18.52 71.16 5.52
CA PHE A 444 -17.35 71.00 6.39
C PHE A 444 -17.25 72.14 7.38
N VAL A 445 -17.49 73.37 6.92
CA VAL A 445 -17.40 74.51 7.83
C VAL A 445 -18.41 74.35 8.95
N GLN A 446 -19.64 73.95 8.62
CA GLN A 446 -20.63 73.73 9.67
C GLN A 446 -20.15 72.68 10.67
N LEU A 447 -19.65 71.54 10.17
CA LEU A 447 -19.26 70.46 11.07
C LEU A 447 -18.10 70.87 11.96
N ALA A 448 -17.07 71.51 11.40
CA ALA A 448 -15.92 71.89 12.19
C ALA A 448 -16.26 72.99 13.19
N ARG A 449 -17.14 73.92 12.80
CA ARG A 449 -17.58 74.93 13.76
C ARG A 449 -18.29 74.29 14.93
N GLN A 450 -19.14 73.29 14.66
CA GLN A 450 -19.80 72.59 15.77
C GLN A 450 -18.81 71.82 16.63
N MET A 451 -17.75 71.30 16.02
CA MET A 451 -16.86 70.36 16.70
C MET A 451 -15.58 71.01 17.21
N LYS A 452 -15.46 72.33 17.14
CA LYS A 452 -14.28 73.01 17.64
C LYS A 452 -14.18 72.88 19.15
N HIS A 453 -12.93 72.98 19.65
CA HIS A 453 -12.59 73.06 21.07
C HIS A 453 -12.80 71.75 21.82
N SER A 454 -12.80 70.63 21.14
CA SER A 454 -12.92 69.34 21.80
C SER A 454 -11.57 68.65 21.89
N PRO A 455 -11.40 67.72 22.83
CA PRO A 455 -10.15 66.96 22.89
C PRO A 455 -9.96 66.09 21.66
N ASP A 456 -8.70 65.72 21.42
CA ASP A 456 -8.36 65.06 20.17
C ASP A 456 -9.05 63.70 20.03
N GLY A 457 -9.23 63.00 21.15
CA GLY A 457 -9.85 61.68 21.08
C GLY A 457 -11.25 61.73 20.50
N ILE A 458 -12.06 62.67 20.95
CA ILE A 458 -13.38 62.86 20.36
C ILE A 458 -13.27 63.47 18.97
N THR A 459 -12.35 64.42 18.79
CA THR A 459 -12.31 65.20 17.56
C THR A 459 -11.99 64.35 16.35
N ALA A 460 -10.96 63.50 16.46
CA ALA A 460 -10.55 62.70 15.31
C ALA A 460 -11.68 61.78 14.86
N ALA A 461 -12.25 61.04 15.80
CA ALA A 461 -13.31 60.10 15.46
C ALA A 461 -14.52 60.82 14.89
N GLY A 462 -14.90 61.95 15.50
CA GLY A 462 -16.06 62.67 15.01
C GLY A 462 -15.86 63.20 13.60
N LEU A 463 -14.70 63.83 13.34
CA LEU A 463 -14.43 64.36 12.02
C LEU A 463 -14.42 63.26 10.98
N THR A 464 -13.74 62.15 11.27
CA THR A 464 -13.69 61.05 10.31
C THR A 464 -15.10 60.52 10.04
N LYS A 465 -15.90 60.32 11.08
CA LYS A 465 -17.24 59.78 10.88
C LYS A 465 -18.10 60.72 10.05
N GLY A 466 -18.08 62.01 10.38
CA GLY A 466 -18.91 62.96 9.65
C GLY A 466 -18.53 63.06 8.19
N MET A 467 -17.23 63.20 7.90
CA MET A 467 -16.80 63.30 6.52
C MET A 467 -17.07 62.01 5.75
N THR A 468 -16.81 60.85 6.36
CA THR A 468 -17.08 59.60 5.66
C THR A 468 -18.56 59.47 5.33
N LYS A 469 -19.43 59.83 6.27
CA LYS A 469 -20.87 59.73 6.00
C LYS A 469 -21.28 60.67 4.88
N LEU A 470 -20.81 61.92 4.91
CA LEU A 470 -21.23 62.88 3.89
C LEU A 470 -20.74 62.47 2.51
N LEU A 471 -19.47 62.07 2.41
CA LEU A 471 -18.95 61.70 1.10
C LEU A 471 -19.58 60.40 0.60
N ASP A 472 -19.92 59.48 1.50
CA ASP A 472 -20.66 58.30 1.07
C ASP A 472 -22.04 58.68 0.54
N ARG A 473 -22.69 59.65 1.18
CA ARG A 473 -23.97 60.12 0.67
C ARG A 473 -23.83 60.70 -0.73
N PHE A 474 -22.77 61.48 -0.97
CA PHE A 474 -22.54 62.01 -2.31
C PHE A 474 -22.29 60.90 -3.32
N VAL A 475 -21.46 59.92 -2.98
CA VAL A 475 -21.15 58.85 -3.92
C VAL A 475 -22.41 58.07 -4.26
N ALA A 476 -23.23 57.77 -3.26
CA ALA A 476 -24.50 57.10 -3.52
C ALA A 476 -25.42 57.96 -4.39
N SER A 477 -25.38 59.27 -4.19
CA SER A 477 -26.16 60.17 -5.03
C SER A 477 -25.71 60.07 -6.49
N GLY A 478 -24.41 59.99 -6.71
CA GLY A 478 -23.86 59.87 -8.05
C GLY A 478 -23.04 61.04 -8.52
N ALA A 479 -22.65 61.95 -7.63
CA ALA A 479 -21.85 63.10 -8.03
C ALA A 479 -20.35 62.80 -8.10
N LEU A 480 -19.91 61.68 -7.57
CA LEU A 480 -18.51 61.27 -7.65
C LEU A 480 -18.42 59.89 -8.26
N VAL A 481 -17.44 59.68 -9.12
CA VAL A 481 -17.24 58.43 -9.81
C VAL A 481 -15.79 58.00 -9.66
N ALA A 482 -15.49 56.78 -10.11
CA ALA A 482 -14.16 56.24 -10.00
C ALA A 482 -13.18 57.09 -10.83
N PRO A 483 -11.92 57.15 -10.42
CA PRO A 483 -10.95 58.00 -11.14
C PRO A 483 -10.77 57.54 -12.57
N ARG A 484 -10.40 58.50 -13.43
CA ARG A 484 -10.26 58.20 -14.85
C ARG A 484 -9.16 57.17 -15.10
N ASP A 485 -8.03 57.29 -14.41
CA ASP A 485 -6.93 56.36 -14.59
C ASP A 485 -6.72 55.56 -13.31
N PRO A 486 -7.27 54.36 -13.20
CA PRO A 486 -7.18 53.57 -11.96
C PRO A 486 -5.86 52.80 -11.85
N ASP A 487 -4.76 53.48 -12.13
CA ASP A 487 -3.43 52.90 -12.01
C ASP A 487 -2.54 53.64 -11.03
N ALA A 488 -2.58 54.97 -11.03
CA ALA A 488 -1.77 55.78 -10.13
C ALA A 488 -2.56 56.25 -8.92
N ASP A 489 -3.67 56.95 -9.15
CA ASP A 489 -4.46 57.53 -8.07
C ASP A 489 -5.58 56.59 -7.62
N GLY A 490 -5.22 55.35 -7.28
CA GLY A 490 -6.13 54.38 -6.70
C GLY A 490 -7.38 54.15 -7.52
N THR A 491 -8.40 53.62 -6.84
CA THR A 491 -9.68 53.35 -7.49
C THR A 491 -10.87 53.73 -6.60
N GLU A 492 -10.67 54.63 -5.65
CA GLU A 492 -11.81 55.04 -4.84
C GLU A 492 -12.26 56.44 -5.23
N PRO A 493 -13.58 56.70 -5.22
CA PRO A 493 -14.06 58.03 -5.62
C PRO A 493 -13.49 59.17 -4.79
N TYR A 494 -13.31 58.94 -3.48
CA TYR A 494 -12.82 59.96 -2.58
C TYR A 494 -11.78 59.37 -1.64
N VAL A 495 -10.82 60.20 -1.28
CA VAL A 495 -9.78 59.84 -0.31
C VAL A 495 -9.76 60.90 0.77
N LEU A 496 -9.91 60.48 2.03
CA LEU A 496 -10.00 61.38 3.16
C LEU A 496 -8.83 61.14 4.09
N LYS A 497 -8.26 62.22 4.62
CA LYS A 497 -7.12 62.12 5.52
C LYS A 497 -7.24 63.20 6.58
N VAL A 498 -7.42 62.79 7.84
CA VAL A 498 -7.50 63.70 8.97
C VAL A 498 -6.23 63.51 9.79
N THR A 499 -5.51 64.61 10.02
CA THR A 499 -4.21 64.52 10.66
C THR A 499 -4.04 65.66 11.65
N GLN A 500 -3.02 65.53 12.49
CA GLN A 500 -2.64 66.56 13.45
C GLN A 500 -1.29 67.12 13.06
N ALA A 501 -1.19 68.44 12.98
CA ALA A 501 0.06 69.09 12.60
C ALA A 501 0.86 69.57 13.81
N GLU A 502 0.19 70.04 14.85
CA GLU A 502 0.82 70.40 16.11
C GLU A 502 -0.20 70.16 17.22
N PHE A 503 -0.01 70.82 18.36
CA PHE A 503 -0.95 70.66 19.46
C PHE A 503 -2.38 70.90 19.03
N ASP A 504 -2.62 71.93 18.20
CA ASP A 504 -3.97 72.16 17.68
C ASP A 504 -3.85 72.73 16.26
N LYS A 505 -3.81 71.85 15.27
CA LYS A 505 -3.86 72.26 13.88
C LYS A 505 -4.60 71.23 13.05
N TRP A 506 -5.64 70.61 13.62
CA TRP A 506 -6.32 69.51 12.96
C TRP A 506 -6.61 69.81 11.50
N GLU A 507 -5.99 69.06 10.60
CA GLU A 507 -6.01 69.33 9.17
C GLU A 507 -6.73 68.20 8.46
N VAL A 508 -7.74 68.55 7.67
CA VAL A 508 -8.55 67.59 6.93
C VAL A 508 -8.30 67.82 5.45
N VAL A 509 -7.90 66.77 4.75
CA VAL A 509 -7.66 66.83 3.32
C VAL A 509 -8.52 65.77 2.65
N TRP A 510 -9.44 66.19 1.80
CA TRP A 510 -10.30 65.28 1.07
C TRP A 510 -10.12 65.54 -0.42
N ALA A 511 -9.95 64.45 -1.18
CA ALA A 511 -9.79 64.53 -2.62
C ALA A 511 -10.91 63.72 -3.26
N CYS A 512 -11.63 64.33 -4.19
CA CYS A 512 -12.79 63.72 -4.81
C CYS A 512 -12.64 63.72 -6.32
N CYS A 513 -13.24 62.72 -6.97
CA CYS A 513 -13.25 62.71 -8.43
C CYS A 513 -14.64 63.09 -8.91
N PRO A 514 -14.84 64.29 -9.46
CA PRO A 514 -16.18 64.70 -9.86
C PRO A 514 -16.63 64.03 -11.15
N THR A 515 -17.94 64.05 -11.38
CA THR A 515 -18.50 63.44 -12.57
C THR A 515 -18.12 64.23 -13.81
N GLY A 516 -18.27 63.59 -14.97
CA GLY A 516 -17.98 64.22 -16.24
C GLY A 516 -19.23 64.59 -16.97
N VAL A 517 -19.40 65.89 -17.23
CA VAL A 517 -20.50 66.34 -18.06
C VAL A 517 -20.31 65.82 -19.48
N ALA A 518 -21.41 65.79 -20.23
CA ALA A 518 -21.41 65.32 -21.62
C ALA A 518 -21.72 66.51 -22.50
N ARG A 519 -20.68 67.26 -22.87
CA ARG A 519 -20.83 68.46 -23.68
C ARG A 519 -20.62 68.21 -25.16
N ARG A 520 -19.61 67.43 -25.52
CA ARG A 520 -19.32 67.10 -26.92
C ARG A 520 -19.49 65.61 -27.12
N ILE A 521 -20.34 65.24 -28.07
CA ILE A 521 -20.60 63.84 -28.40
C ILE A 521 -20.27 63.63 -29.86
N GLN A 522 -19.43 62.63 -30.15
CA GLN A 522 -18.98 62.35 -31.50
C GLN A 522 -19.25 60.89 -31.84
N GLY A 523 -19.79 60.66 -33.02
CA GLY A 523 -20.06 59.32 -33.52
C GLY A 523 -19.20 59.02 -34.73
N VAL A 524 -18.61 57.83 -34.75
CA VAL A 524 -17.73 57.39 -35.82
C VAL A 524 -18.27 56.08 -36.38
N PRO A 525 -19.06 56.15 -37.45
CA PRO A 525 -19.56 54.90 -38.05
C PRO A 525 -18.44 54.14 -38.73
N LEU A 526 -18.62 52.83 -38.82
CA LEU A 526 -17.63 51.95 -39.41
C LEU A 526 -18.32 50.90 -40.27
N LEU A 527 -17.56 50.27 -41.14
CA LEU A 527 -18.02 49.16 -41.95
C LEU A 527 -17.10 47.97 -41.74
N ILE A 528 -17.69 46.78 -41.66
CA ILE A 528 -16.96 45.55 -41.37
C ILE A 528 -16.92 44.71 -42.63
N LYS A 529 -15.71 44.29 -43.02
CA LYS A 529 -15.53 43.44 -44.18
C LYS A 529 -16.16 42.07 -43.95
N SER B 2 -28.10 75.81 -41.45
CA SER B 2 -29.37 75.98 -40.76
C SER B 2 -29.59 74.85 -39.75
N GLN B 3 -30.85 74.52 -39.52
CA GLN B 3 -31.18 73.40 -38.66
C GLN B 3 -31.11 72.09 -39.46
N TYR B 4 -31.19 70.98 -38.74
CA TYR B 4 -31.12 69.64 -39.31
C TYR B 4 -29.77 69.36 -39.98
N SER B 5 -28.89 70.35 -40.02
CA SER B 5 -27.57 70.14 -40.58
C SER B 5 -26.69 69.37 -39.61
N ILE B 6 -25.74 68.63 -40.17
CA ILE B 6 -24.85 67.78 -39.38
C ILE B 6 -23.42 68.21 -39.66
N GLN B 7 -22.67 68.53 -38.61
CA GLN B 7 -21.27 68.88 -38.78
C GLN B 7 -20.41 67.63 -38.65
N GLN B 8 -19.10 67.82 -38.84
CA GLN B 8 -18.17 66.71 -38.81
C GLN B 8 -16.93 66.93 -37.95
N SER B 9 -16.59 68.18 -37.61
CA SER B 9 -15.36 68.44 -36.87
C SER B 9 -15.59 68.44 -35.37
N LEU B 10 -16.43 69.35 -34.88
CA LEU B 10 -16.75 69.46 -33.46
C LEU B 10 -15.47 69.68 -32.63
N GLY B 11 -14.90 70.87 -32.83
CA GLY B 11 -13.69 71.25 -32.13
C GLY B 11 -13.89 72.28 -31.05
N ASN B 12 -13.77 71.85 -29.79
CA ASN B 12 -13.75 72.75 -28.63
C ASN B 12 -15.02 73.60 -28.54
N ALA B 13 -16.16 73.00 -28.85
CA ALA B 13 -17.44 73.69 -28.74
C ALA B 13 -18.53 72.66 -28.56
N SER B 14 -19.57 73.02 -27.81
CA SER B 14 -20.66 72.11 -27.57
C SER B 14 -21.38 71.78 -28.87
N GLY B 15 -21.75 70.52 -29.03
CA GLY B 15 -22.45 70.09 -30.22
C GLY B 15 -22.36 68.59 -30.38
N VAL B 16 -22.91 68.11 -31.49
CA VAL B 16 -22.89 66.70 -31.85
C VAL B 16 -22.54 66.59 -33.33
N ALA B 17 -21.60 65.70 -33.65
CA ALA B 17 -21.15 65.53 -35.02
C ALA B 17 -20.90 64.05 -35.30
N VAL B 18 -21.07 63.67 -36.55
CA VAL B 18 -20.80 62.32 -37.01
C VAL B 18 -19.73 62.36 -38.08
N SER B 19 -18.72 61.52 -37.94
CA SER B 19 -17.64 61.49 -38.90
C SER B 19 -18.09 60.80 -40.19
N PRO B 20 -17.50 61.16 -41.32
CA PRO B 20 -17.85 60.48 -42.57
C PRO B 20 -17.48 59.00 -42.51
N ILE B 21 -18.25 58.19 -43.23
CA ILE B 21 -18.10 56.74 -43.15
C ILE B 21 -16.70 56.34 -43.54
N ASN B 22 -16.13 55.39 -42.81
CA ASN B 22 -14.73 55.01 -43.04
C ASN B 22 -14.60 54.15 -44.28
N ALA B 23 -15.17 52.94 -44.24
CA ALA B 23 -15.22 52.05 -45.41
C ALA B 23 -13.85 51.85 -46.03
N ASP B 24 -12.84 51.63 -45.19
CA ASP B 24 -11.49 51.38 -45.67
C ASP B 24 -11.01 49.96 -45.45
N ALA B 25 -11.64 49.22 -44.53
CA ALA B 25 -11.32 47.82 -44.32
C ALA B 25 -12.06 46.90 -45.27
N THR B 26 -12.88 47.45 -46.16
CA THR B 26 -13.67 46.68 -47.10
C THR B 26 -13.35 47.04 -48.54
N LEU B 27 -12.09 47.35 -48.82
CA LEU B 27 -11.69 47.77 -50.15
C LEU B 27 -11.49 46.54 -51.03
N SER B 28 -12.34 46.38 -52.03
CA SER B 28 -12.23 45.33 -53.02
C SER B 28 -11.56 45.87 -54.27
N THR B 29 -11.52 45.05 -55.32
CA THR B 29 -10.95 45.45 -56.60
C THR B 29 -11.75 44.79 -57.71
N GLY B 30 -12.29 45.60 -58.61
CA GLY B 30 -13.03 45.06 -59.74
C GLY B 30 -12.23 45.10 -61.03
N VAL B 31 -11.72 43.94 -61.46
CA VAL B 31 -10.92 43.88 -62.68
C VAL B 31 -11.61 42.96 -63.68
N ALA B 32 -12.41 42.00 -63.18
CA ALA B 32 -13.11 41.04 -64.02
C ALA B 32 -12.12 40.27 -64.91
N LEU B 33 -11.30 39.47 -64.23
CA LEU B 33 -10.23 38.74 -64.92
C LEU B 33 -10.76 37.79 -65.98
N ASN B 34 -11.96 37.24 -65.78
CA ASN B 34 -12.50 36.27 -66.73
C ASN B 34 -13.12 36.92 -67.96
N SER B 35 -12.40 37.86 -68.57
CA SER B 35 -12.88 38.54 -69.77
C SER B 35 -11.72 38.72 -70.72
N SER B 36 -11.94 38.40 -72.00
CA SER B 36 -10.90 38.46 -73.01
C SER B 36 -11.43 39.11 -74.27
N LEU B 37 -10.64 40.03 -74.84
CA LEU B 37 -10.96 40.67 -76.10
C LEU B 37 -9.74 40.66 -76.99
N TRP B 38 -9.97 40.65 -78.30
CA TRP B 38 -8.90 40.53 -79.28
C TRP B 38 -8.79 41.80 -80.11
N ALA B 39 -7.56 42.23 -80.35
CA ALA B 39 -7.30 43.45 -81.10
C ALA B 39 -6.41 43.13 -82.29
N GLY B 40 -6.75 43.68 -83.45
CA GLY B 40 -5.97 43.39 -84.64
C GLY B 40 -6.08 44.48 -85.68
N ILE B 41 -5.15 44.44 -86.63
CA ILE B 41 -5.16 45.35 -87.75
C ILE B 41 -5.44 44.55 -89.02
N GLY B 42 -5.87 45.24 -90.06
CA GLY B 42 -6.16 44.54 -91.30
C GLY B 42 -6.55 45.49 -92.39
N VAL B 43 -6.89 44.90 -93.55
CA VAL B 43 -7.35 45.62 -94.72
C VAL B 43 -8.73 45.10 -95.07
N PHE B 44 -9.71 45.98 -95.15
CA PHE B 44 -11.09 45.58 -95.35
C PHE B 44 -11.69 46.43 -96.45
N ALA B 45 -13.01 46.32 -96.63
CA ALA B 45 -13.72 47.07 -97.67
C ALA B 45 -14.38 48.33 -97.14
N ARG B 46 -14.96 48.29 -95.95
CA ARG B 46 -15.67 49.44 -95.37
C ARG B 46 -15.23 49.64 -93.94
N GLY B 47 -15.07 50.90 -93.56
CA GLY B 47 -14.65 51.27 -92.22
C GLY B 47 -13.84 52.55 -92.24
N LYS B 48 -13.78 53.20 -91.08
CA LYS B 48 -13.04 54.44 -90.96
C LYS B 48 -11.55 54.15 -90.84
N PRO B 49 -10.71 54.65 -91.74
CA PRO B 49 -9.29 54.29 -91.70
C PRO B 49 -8.58 54.91 -90.50
N PHE B 50 -7.60 54.16 -90.00
CA PHE B 50 -6.71 54.62 -88.92
C PHE B 50 -7.50 55.05 -87.68
N THR B 51 -8.58 54.33 -87.38
CA THR B 51 -9.38 54.59 -86.20
C THR B 51 -9.82 53.27 -85.61
N VAL B 52 -9.73 53.15 -84.29
CA VAL B 52 -10.12 51.91 -83.62
C VAL B 52 -11.62 51.69 -83.79
N LEU B 53 -12.01 50.48 -84.19
CA LEU B 53 -13.42 50.12 -84.31
C LEU B 53 -13.77 49.12 -83.22
N ALA B 54 -15.01 48.64 -83.28
CA ALA B 54 -15.48 47.62 -82.35
C ALA B 54 -16.41 46.69 -83.12
N VAL B 55 -16.08 45.40 -83.14
CA VAL B 55 -16.84 44.40 -83.87
C VAL B 55 -17.40 43.39 -82.88
N THR B 56 -18.70 43.14 -82.98
CA THR B 56 -19.39 42.13 -82.19
C THR B 56 -19.93 41.07 -83.14
N GLU B 57 -20.65 40.10 -82.58
CA GLU B 57 -21.17 39.00 -83.37
C GLU B 57 -22.35 39.39 -84.25
N SER B 58 -22.90 40.60 -84.08
CA SER B 58 -24.13 40.96 -84.74
C SER B 58 -24.03 42.20 -85.62
N ASN B 59 -22.85 42.79 -85.79
CA ASN B 59 -22.73 43.97 -86.62
C ASN B 59 -21.52 43.96 -87.54
N TYR B 60 -20.60 43.01 -87.41
CA TYR B 60 -19.36 43.06 -88.19
C TYR B 60 -19.65 43.13 -89.69
N GLU B 61 -20.71 42.46 -90.14
CA GLU B 61 -21.03 42.46 -91.57
C GLU B 61 -21.26 43.87 -92.10
N ASP B 62 -21.93 44.72 -91.33
CA ASP B 62 -22.23 46.05 -91.81
C ASP B 62 -21.19 47.09 -91.43
N VAL B 63 -20.60 46.99 -90.23
CA VAL B 63 -19.59 47.98 -89.86
C VAL B 63 -18.32 47.78 -90.69
N LEU B 64 -17.95 46.52 -90.94
CA LEU B 64 -16.71 46.22 -91.64
C LEU B 64 -16.92 45.95 -93.11
N GLY B 65 -18.14 46.03 -93.61
CA GLY B 65 -18.42 45.82 -95.01
C GLY B 65 -18.61 44.35 -95.35
N GLU B 66 -19.15 44.12 -96.55
CA GLU B 66 -19.35 42.76 -97.01
C GLU B 66 -17.99 42.11 -97.30
N PRO B 67 -17.91 40.77 -97.20
CA PRO B 67 -16.63 40.10 -97.44
C PRO B 67 -16.13 40.32 -98.85
N LEU B 68 -14.80 40.38 -98.98
CA LEU B 68 -14.16 40.62 -100.25
C LEU B 68 -14.17 39.33 -101.08
N LYS B 69 -13.46 39.34 -102.21
CA LYS B 69 -13.42 38.21 -103.11
C LYS B 69 -11.99 37.70 -103.22
N PRO B 70 -11.77 36.38 -103.11
CA PRO B 70 -10.41 35.86 -103.21
C PRO B 70 -9.74 36.14 -104.54
N SER B 71 -10.49 36.17 -105.64
CA SER B 71 -9.92 36.44 -106.94
C SER B 71 -9.38 37.86 -107.06
N SER B 72 -9.82 38.77 -106.18
CA SER B 72 -9.33 40.14 -106.25
C SER B 72 -7.84 40.21 -105.93
N GLY B 73 -7.39 39.44 -104.94
CA GLY B 73 -5.99 39.46 -104.56
C GLY B 73 -5.76 38.80 -103.22
N SER B 74 -4.90 39.40 -102.40
CA SER B 74 -4.57 38.87 -101.08
C SER B 74 -5.32 39.59 -99.96
N GLN B 75 -6.32 40.38 -100.28
CA GLN B 75 -7.06 41.15 -99.28
C GLN B 75 -8.20 40.38 -98.65
N PHE B 76 -8.40 39.12 -99.02
CA PHE B 76 -9.51 38.33 -98.52
C PHE B 76 -9.20 37.65 -97.19
N GLU B 77 -7.99 37.82 -96.67
CA GLU B 77 -7.61 37.08 -95.45
C GLU B 77 -8.22 37.68 -94.19
N PRO B 78 -8.06 38.98 -93.89
CA PRO B 78 -8.48 39.48 -92.57
C PRO B 78 -9.96 39.31 -92.28
N ILE B 79 -10.83 39.39 -93.30
CA ILE B 79 -12.25 39.21 -93.05
C ILE B 79 -12.53 37.80 -92.56
N ARG B 80 -11.90 36.80 -93.19
CA ARG B 80 -12.09 35.43 -92.75
C ARG B 80 -11.50 35.21 -91.36
N HIS B 81 -10.35 35.82 -91.07
CA HIS B 81 -9.79 35.71 -89.72
C HIS B 81 -10.75 36.30 -88.68
N VAL B 82 -11.33 37.45 -89.00
CA VAL B 82 -12.31 38.07 -88.12
C VAL B 82 -13.51 37.15 -87.91
N TYR B 83 -14.00 36.55 -89.00
CA TYR B 83 -15.17 35.69 -88.89
C TYR B 83 -14.88 34.48 -88.02
N GLU B 84 -13.68 33.92 -88.13
CA GLU B 84 -13.34 32.77 -87.29
C GLU B 84 -13.05 33.15 -85.85
N ALA B 85 -12.63 34.39 -85.59
CA ALA B 85 -12.31 34.79 -84.23
C ALA B 85 -13.51 35.35 -83.47
N ILE B 86 -14.49 35.94 -84.17
CA ILE B 86 -15.65 36.52 -83.52
C ILE B 86 -16.49 35.46 -82.80
N GLN B 87 -16.44 34.22 -83.27
CA GLN B 87 -17.26 33.12 -82.77
C GLN B 87 -17.37 33.10 -81.25
N GLN B 88 -16.34 33.60 -80.57
CA GLN B 88 -16.28 33.57 -79.12
C GLN B 88 -16.57 34.93 -78.48
N THR B 89 -15.80 35.96 -78.84
CA THR B 89 -15.89 37.25 -78.15
C THR B 89 -15.73 38.39 -79.14
N SER B 90 -16.22 39.56 -78.75
CA SER B 90 -16.09 40.74 -79.56
C SER B 90 -14.65 41.27 -79.51
N GLY B 91 -14.35 42.26 -80.33
CA GLY B 91 -12.99 42.73 -80.41
C GLY B 91 -12.87 44.09 -81.06
N TYR B 92 -11.63 44.50 -81.26
CA TYR B 92 -11.30 45.80 -81.83
C TYR B 92 -10.37 45.62 -83.03
N VAL B 93 -10.68 46.33 -84.12
CA VAL B 93 -9.91 46.23 -85.34
C VAL B 93 -9.49 47.62 -85.79
N VAL B 94 -8.43 47.67 -86.60
CA VAL B 94 -7.94 48.89 -87.18
C VAL B 94 -7.74 48.66 -88.68
N ARG B 95 -8.42 49.45 -89.50
CA ARG B 95 -8.33 49.31 -90.94
C ARG B 95 -7.23 50.21 -91.49
N ALA B 96 -6.37 49.65 -92.32
CA ALA B 96 -5.29 50.40 -92.98
C ALA B 96 -5.56 50.44 -94.47
N VAL B 97 -5.49 51.64 -95.05
CA VAL B 97 -5.84 51.84 -96.45
C VAL B 97 -4.60 52.22 -97.25
N PRO B 98 -4.58 51.99 -98.57
CA PRO B 98 -3.44 52.42 -99.37
C PRO B 98 -3.35 53.93 -99.47
N ASP B 99 -2.36 54.41 -100.25
CA ASP B 99 -2.12 55.85 -100.29
C ASP B 99 -3.18 56.58 -101.09
N ASP B 100 -3.62 56.02 -102.22
CA ASP B 100 -4.45 56.74 -103.16
C ASP B 100 -5.95 56.57 -102.92
N ALA B 101 -6.34 56.06 -101.76
CA ALA B 101 -7.77 55.94 -101.45
C ALA B 101 -8.37 57.32 -101.24
N LYS B 102 -9.52 57.55 -101.86
CA LYS B 102 -10.18 58.85 -101.82
C LYS B 102 -11.64 58.69 -101.44
N PHE B 103 -12.16 59.67 -100.71
CA PHE B 103 -13.55 59.73 -100.30
C PHE B 103 -14.24 60.91 -100.96
N PRO B 104 -15.55 60.81 -101.19
CA PRO B 104 -16.27 61.87 -101.89
C PRO B 104 -16.54 63.07 -101.00
N ILE B 105 -16.79 64.21 -101.67
CA ILE B 105 -17.06 65.48 -101.00
C ILE B 105 -18.05 66.25 -101.87
N ILE B 106 -19.07 66.83 -101.24
CA ILE B 106 -20.03 67.69 -101.93
C ILE B 106 -19.93 69.07 -101.30
N MET B 107 -19.59 70.07 -102.12
CA MET B 107 -19.44 71.45 -101.66
C MET B 107 -20.55 72.29 -102.24
N PHE B 108 -21.18 73.12 -101.40
CA PHE B 108 -22.28 73.97 -101.83
C PHE B 108 -21.77 75.40 -102.05
N ASP B 109 -22.71 76.30 -102.31
CA ASP B 109 -22.39 77.70 -102.53
C ASP B 109 -23.54 78.54 -101.99
N GLU B 110 -23.44 79.86 -102.18
CA GLU B 110 -24.47 80.76 -101.67
C GLU B 110 -25.80 80.50 -102.36
N SER B 111 -25.80 80.34 -103.69
CA SER B 111 -27.04 80.10 -104.41
C SER B 111 -27.61 78.73 -104.08
N GLY B 112 -26.74 77.73 -103.88
CA GLY B 112 -27.16 76.38 -103.57
C GLY B 112 -26.85 75.34 -104.62
N GLU B 113 -26.14 75.70 -105.69
CA GLU B 113 -25.81 74.72 -106.73
C GLU B 113 -24.64 73.86 -106.26
N PRO B 114 -24.80 72.55 -106.12
CA PRO B 114 -23.74 71.72 -105.57
C PRO B 114 -22.63 71.46 -106.58
N ALA B 115 -21.47 71.07 -106.03
CA ALA B 115 -20.35 70.60 -106.82
C ALA B 115 -19.74 69.41 -106.11
N TYR B 116 -19.10 68.54 -106.87
CA TYR B 116 -18.57 67.29 -106.35
C TYR B 116 -17.05 67.25 -106.50
N SER B 117 -16.41 66.49 -105.61
CA SER B 117 -14.97 66.27 -105.70
C SER B 117 -14.63 65.05 -104.86
N ALA B 118 -13.35 64.70 -104.84
CA ALA B 118 -12.86 63.60 -104.03
C ALA B 118 -11.54 63.98 -103.40
N LEU B 119 -11.32 63.55 -102.16
CA LEU B 119 -10.10 63.89 -101.45
C LEU B 119 -9.48 62.64 -100.82
N PRO B 120 -8.15 62.55 -100.80
CA PRO B 120 -7.51 61.40 -100.17
C PRO B 120 -7.77 61.35 -98.67
N TYR B 121 -7.77 60.14 -98.12
CA TYR B 121 -8.09 59.94 -96.72
C TYR B 121 -7.05 60.60 -95.82
N GLY B 122 -7.52 61.03 -94.65
CA GLY B 122 -6.65 61.65 -93.68
C GLY B 122 -6.31 63.10 -93.94
N SER B 123 -7.02 63.77 -94.83
CA SER B 123 -6.76 65.16 -95.17
C SER B 123 -7.99 65.99 -94.91
N GLU B 124 -7.80 67.19 -94.36
CA GLU B 124 -8.90 68.11 -94.15
C GLU B 124 -9.23 68.82 -95.47
N ILE B 125 -10.18 69.74 -95.40
CA ILE B 125 -10.77 70.36 -96.59
C ILE B 125 -10.54 71.86 -96.51
N GLU B 126 -10.09 72.44 -97.62
CA GLU B 126 -9.98 73.88 -97.76
C GLU B 126 -11.13 74.36 -98.63
N LEU B 127 -11.83 75.38 -98.17
CA LEU B 127 -13.02 75.88 -98.86
C LEU B 127 -12.64 77.04 -99.77
N ASP B 128 -13.15 77.01 -101.00
CA ASP B 128 -12.94 78.11 -101.91
C ASP B 128 -13.77 79.33 -101.48
N SER B 129 -13.56 80.45 -102.17
CA SER B 129 -14.25 81.68 -101.80
C SER B 129 -15.76 81.52 -101.92
N GLY B 130 -16.23 80.89 -102.98
CA GLY B 130 -17.65 80.74 -103.21
C GLY B 130 -18.31 79.59 -102.48
N GLU B 131 -17.54 78.78 -101.75
CA GLU B 131 -18.09 77.60 -101.08
C GLU B 131 -18.62 77.98 -99.71
N ALA B 132 -19.86 77.59 -99.43
CA ALA B 132 -20.48 77.86 -98.15
C ALA B 132 -20.22 76.76 -97.13
N PHE B 133 -20.50 75.50 -97.52
CA PHE B 133 -20.26 74.40 -96.62
C PHE B 133 -20.11 73.11 -97.42
N ALA B 134 -19.39 72.17 -96.85
CA ALA B 134 -19.07 70.90 -97.50
C ALA B 134 -19.51 69.74 -96.63
N ILE B 135 -20.02 68.69 -97.26
CA ILE B 135 -20.44 67.47 -96.60
C ILE B 135 -19.67 66.31 -97.21
N TYR B 136 -19.15 65.43 -96.36
CA TYR B 136 -18.44 64.25 -96.83
C TYR B 136 -18.80 63.06 -95.96
N VAL B 137 -18.39 61.88 -96.40
CA VAL B 137 -18.75 60.62 -95.76
C VAL B 137 -17.52 60.09 -95.03
N ASP B 138 -17.69 59.75 -93.76
CA ASP B 138 -16.62 59.20 -92.94
C ASP B 138 -16.83 57.74 -92.58
N ASP B 139 -17.79 57.07 -93.20
CA ASP B 139 -17.93 55.64 -93.00
C ASP B 139 -16.80 54.86 -93.66
N GLY B 140 -16.08 55.48 -94.58
CA GLY B 140 -15.01 54.83 -95.29
C GLY B 140 -15.41 54.21 -96.61
N ASP B 141 -16.69 54.00 -96.84
CA ASP B 141 -17.14 53.39 -98.09
C ASP B 141 -16.81 54.30 -99.26
N PRO B 142 -16.28 53.78 -100.37
CA PRO B 142 -15.98 54.62 -101.53
C PRO B 142 -17.20 54.99 -102.36
N CYS B 143 -18.40 54.62 -101.92
CA CYS B 143 -19.64 55.07 -102.55
C CYS B 143 -19.70 54.70 -104.04
N ILE B 144 -19.28 53.48 -104.36
CA ILE B 144 -19.32 52.98 -105.72
C ILE B 144 -20.37 51.88 -105.89
N SER B 145 -20.53 51.02 -104.90
CA SER B 145 -21.59 50.02 -104.89
C SER B 145 -21.86 49.55 -103.47
N PRO B 146 -23.03 49.83 -102.90
CA PRO B 146 -24.16 50.57 -103.48
C PRO B 146 -23.93 52.08 -103.48
N THR B 147 -24.57 52.81 -104.38
CA THR B 147 -24.43 54.26 -104.40
C THR B 147 -25.17 54.87 -103.21
N ARG B 148 -24.77 56.09 -102.84
CA ARG B 148 -25.40 56.81 -101.75
C ARG B 148 -25.82 58.19 -102.23
N GLU B 149 -27.06 58.56 -101.90
CA GLU B 149 -27.64 59.82 -102.36
C GLU B 149 -28.07 60.65 -101.16
N LEU B 150 -27.93 61.97 -101.31
CA LEU B 150 -28.23 62.93 -100.26
C LEU B 150 -29.29 63.89 -100.74
N THR B 151 -30.29 64.16 -99.90
CA THR B 151 -31.43 64.98 -100.26
C THR B 151 -31.67 66.04 -99.20
N ILE B 152 -32.01 67.24 -99.66
CA ILE B 152 -32.28 68.39 -98.79
C ILE B 152 -33.73 68.78 -98.99
N GLU B 153 -34.45 68.94 -97.88
CA GLU B 153 -35.87 69.29 -97.91
C GLU B 153 -36.12 70.48 -97.01
N THR B 154 -36.95 71.41 -97.47
CA THR B 154 -37.32 72.55 -96.64
C THR B 154 -38.24 72.12 -95.50
N ALA B 155 -38.06 72.73 -94.34
CA ALA B 155 -38.85 72.42 -93.16
C ALA B 155 -39.27 73.72 -92.48
N THR B 156 -40.13 73.57 -91.47
CA THR B 156 -40.63 74.73 -90.73
C THR B 156 -39.53 75.33 -89.87
N ALA B 157 -39.50 76.66 -89.81
CA ALA B 157 -38.51 77.36 -89.00
C ALA B 157 -38.81 77.17 -87.52
N ASP B 158 -37.80 77.42 -86.70
CA ASP B 158 -37.92 77.25 -85.26
C ASP B 158 -38.70 78.42 -84.66
N SER B 159 -38.87 78.40 -83.34
CA SER B 159 -39.55 79.49 -82.66
C SER B 159 -38.78 80.80 -82.78
N ALA B 160 -37.45 80.74 -82.66
CA ALA B 160 -36.64 81.95 -82.78
C ALA B 160 -36.76 82.55 -84.17
N GLY B 161 -36.72 81.72 -85.21
CA GLY B 161 -36.87 82.20 -86.57
C GLY B 161 -35.87 81.63 -87.55
N ASN B 162 -34.86 80.93 -87.05
CA ASN B 162 -33.85 80.34 -87.91
C ASN B 162 -34.46 79.23 -88.77
N GLU B 163 -33.93 79.09 -89.98
CA GLU B 163 -34.45 78.13 -90.94
C GLU B 163 -33.73 76.80 -90.78
N ARG B 164 -34.47 75.74 -90.48
CA ARG B 164 -33.93 74.40 -90.35
C ARG B 164 -34.41 73.55 -91.52
N PHE B 165 -33.48 72.85 -92.15
CA PHE B 165 -33.81 71.97 -93.27
C PHE B 165 -33.53 70.53 -92.90
N LEU B 166 -34.24 69.62 -93.55
CA LEU B 166 -34.14 68.19 -93.29
C LEU B 166 -33.17 67.56 -94.28
N LEU B 167 -32.23 66.79 -93.74
CA LEU B 167 -31.23 66.08 -94.53
C LEU B 167 -31.57 64.59 -94.51
N LYS B 168 -31.63 63.98 -95.68
CA LYS B 168 -31.97 62.56 -95.80
C LYS B 168 -30.94 61.87 -96.69
N LEU B 169 -30.21 60.92 -96.14
CA LEU B 169 -29.26 60.13 -96.91
C LEU B 169 -29.81 58.72 -97.08
N THR B 170 -29.84 58.25 -98.32
CA THR B 170 -30.41 56.96 -98.66
C THR B 170 -29.47 56.21 -99.61
N GLN B 171 -29.38 54.90 -99.43
CA GLN B 171 -28.53 54.07 -100.26
C GLN B 171 -29.36 53.40 -101.35
N THR B 172 -28.79 53.28 -102.54
CA THR B 172 -29.41 52.62 -103.67
C THR B 172 -28.47 51.55 -104.19
N THR B 173 -28.94 50.31 -104.27
CA THR B 173 -28.13 49.24 -104.80
C THR B 173 -28.16 49.26 -106.33
N SER B 174 -27.23 48.49 -106.93
CA SER B 174 -27.15 48.44 -108.38
C SER B 174 -28.39 47.81 -108.99
N LEU B 175 -29.02 46.86 -108.30
CA LEU B 175 -30.22 46.22 -108.83
C LEU B 175 -31.36 47.21 -108.95
N GLY B 176 -31.55 48.05 -107.94
CA GLY B 176 -32.62 49.03 -107.98
C GLY B 176 -33.31 49.24 -106.64
N VAL B 177 -32.88 48.51 -105.62
CA VAL B 177 -33.47 48.64 -104.29
C VAL B 177 -33.00 49.94 -103.67
N VAL B 178 -33.95 50.79 -103.30
CA VAL B 178 -33.67 52.10 -102.71
C VAL B 178 -34.30 52.16 -101.33
N THR B 179 -33.48 52.22 -100.30
CA THR B 179 -33.95 52.29 -98.92
C THR B 179 -33.35 53.52 -98.25
N THR B 180 -34.13 54.16 -97.38
CA THR B 180 -33.61 55.26 -96.60
C THR B 180 -32.58 54.75 -95.60
N LEU B 181 -31.63 55.61 -95.26
CA LEU B 181 -30.53 55.22 -94.38
C LEU B 181 -30.48 56.07 -93.12
N GLU B 182 -30.55 57.39 -93.25
CA GLU B 182 -30.55 58.25 -92.07
C GLU B 182 -31.20 59.58 -92.41
N THR B 183 -31.70 60.25 -91.38
CA THR B 183 -32.38 61.52 -91.53
C THR B 183 -32.06 62.42 -90.33
N HIS B 184 -32.07 63.72 -90.58
CA HIS B 184 -31.75 64.71 -89.56
C HIS B 184 -32.45 66.02 -89.88
N THR B 185 -32.52 66.90 -88.89
CA THR B 185 -33.04 68.25 -89.05
C THR B 185 -31.97 69.21 -88.56
N VAL B 186 -31.29 69.88 -89.48
CA VAL B 186 -30.13 70.71 -89.14
C VAL B 186 -30.29 72.09 -89.76
N SER B 187 -29.57 73.05 -89.20
CA SER B 187 -29.60 74.41 -89.68
C SER B 187 -28.21 75.04 -89.54
N LEU B 188 -28.00 76.10 -90.29
CA LEU B 188 -26.71 76.80 -90.30
C LEU B 188 -26.57 77.81 -89.19
N ALA B 189 -27.65 78.11 -88.47
CA ALA B 189 -27.57 79.06 -87.36
C ALA B 189 -26.76 78.46 -86.21
N GLU B 190 -25.94 79.30 -85.57
CA GLU B 190 -25.05 78.83 -84.53
C GLU B 190 -25.76 78.45 -83.24
N GLU B 191 -27.04 78.77 -83.10
CA GLU B 191 -27.75 78.54 -81.85
C GLU B 191 -29.14 77.92 -82.02
N ALA B 192 -29.58 77.67 -83.25
CA ALA B 192 -30.91 77.13 -83.47
C ALA B 192 -31.04 75.74 -82.87
N LYS B 193 -32.25 75.42 -82.43
CA LYS B 193 -32.54 74.13 -81.83
C LYS B 193 -33.66 73.44 -82.58
N ASP B 194 -33.63 72.12 -82.59
CA ASP B 194 -34.65 71.32 -83.27
C ASP B 194 -35.89 71.20 -82.38
N ASP B 195 -36.83 70.34 -82.79
CA ASP B 195 -38.06 70.18 -82.02
C ASP B 195 -37.79 69.55 -80.66
N MET B 196 -36.89 68.57 -80.60
CA MET B 196 -36.62 67.88 -79.35
C MET B 196 -35.74 68.68 -78.40
N GLY B 197 -35.18 69.79 -78.85
CA GLY B 197 -34.39 70.66 -77.99
C GLY B 197 -32.89 70.52 -78.15
N ARG B 198 -32.42 69.52 -78.89
CA ARG B 198 -30.98 69.36 -79.09
C ARG B 198 -30.45 70.43 -80.03
N LEU B 199 -29.13 70.64 -79.96
CA LEU B 199 -28.49 71.58 -80.86
C LEU B 199 -28.59 71.11 -82.30
N CYS B 200 -28.88 72.04 -83.21
CA CYS B 200 -29.09 71.71 -84.61
C CYS B 200 -28.11 72.40 -85.54
N TYR B 201 -27.05 73.02 -84.99
CA TYR B 201 -25.99 73.52 -85.85
C TYR B 201 -25.38 72.38 -86.65
N LEU B 202 -25.13 72.64 -87.93
CA LEU B 202 -24.79 71.55 -88.86
C LEU B 202 -23.52 70.79 -88.47
N PRO B 203 -22.36 71.44 -88.26
CA PRO B 203 -21.16 70.63 -87.98
C PRO B 203 -21.26 69.80 -86.72
N THR B 204 -21.60 70.41 -85.59
CA THR B 204 -21.67 69.66 -84.34
C THR B 204 -22.79 68.62 -84.37
N ALA B 205 -23.92 68.95 -84.99
CA ALA B 205 -25.02 68.00 -85.07
C ALA B 205 -24.60 66.76 -85.85
N LEU B 206 -24.01 66.95 -87.03
CA LEU B 206 -23.57 65.81 -87.81
C LEU B 206 -22.46 65.03 -87.12
N GLU B 207 -21.54 65.73 -86.45
CA GLU B 207 -20.45 65.04 -85.77
C GLU B 207 -20.96 64.20 -84.62
N ALA B 208 -21.97 64.68 -83.90
CA ALA B 208 -22.42 64.00 -82.70
C ALA B 208 -23.45 62.92 -82.98
N ARG B 209 -24.55 63.28 -83.65
CA ARG B 209 -25.68 62.37 -83.75
C ARG B 209 -25.65 61.48 -84.99
N SER B 210 -24.67 61.66 -85.88
CA SER B 210 -24.59 60.88 -87.10
C SER B 210 -23.21 60.21 -87.19
N LYS B 211 -23.21 58.92 -87.49
CA LYS B 211 -21.98 58.16 -87.62
C LYS B 211 -21.61 57.88 -89.08
N TYR B 212 -22.28 58.54 -90.02
CA TYR B 212 -22.01 58.37 -91.44
C TYR B 212 -21.38 59.59 -92.09
N LEU B 213 -21.85 60.79 -91.74
CA LEU B 213 -21.45 62.01 -92.43
C LEU B 213 -20.66 62.92 -91.50
N ARG B 214 -19.94 63.85 -92.12
CA ARG B 214 -19.30 64.96 -91.43
C ARG B 214 -19.43 66.18 -92.33
N ALA B 215 -19.29 67.35 -91.74
CA ALA B 215 -19.46 68.59 -92.49
C ALA B 215 -18.50 69.65 -91.98
N VAL B 216 -18.20 70.60 -92.85
CA VAL B 216 -17.44 71.79 -92.49
C VAL B 216 -18.13 73.00 -93.11
N VAL B 217 -17.87 74.17 -92.53
CA VAL B 217 -18.52 75.41 -92.94
C VAL B 217 -17.47 76.49 -93.14
N ASN B 218 -17.83 77.50 -93.92
CA ASN B 218 -17.01 78.68 -94.12
C ASN B 218 -17.57 79.81 -93.28
N GLU B 219 -16.78 80.31 -92.33
CA GLU B 219 -17.28 81.30 -91.38
C GLU B 219 -17.69 82.59 -92.07
N GLU B 220 -16.91 83.03 -93.05
CA GLU B 220 -17.20 84.31 -93.71
C GLU B 220 -18.54 84.28 -94.43
N LEU B 221 -18.83 83.20 -95.14
CA LEU B 221 -20.03 83.10 -95.97
C LEU B 221 -21.21 82.44 -95.27
N ILE B 222 -21.03 81.98 -94.03
CA ILE B 222 -22.10 81.26 -93.36
C ILE B 222 -23.25 82.18 -92.97
N SER B 223 -23.00 83.49 -92.87
CA SER B 223 -24.05 84.41 -92.45
C SER B 223 -25.11 84.58 -93.53
N THR B 224 -24.69 84.78 -94.78
CA THR B 224 -25.60 85.01 -95.88
C THR B 224 -25.93 83.74 -96.65
N ALA B 225 -25.46 82.59 -96.19
CA ALA B 225 -25.70 81.34 -96.91
C ALA B 225 -27.17 80.98 -96.88
N LYS B 226 -27.68 80.50 -98.00
CA LYS B 226 -29.05 80.02 -98.12
C LYS B 226 -29.05 78.71 -98.88
N VAL B 227 -29.98 77.83 -98.53
CA VAL B 227 -30.07 76.50 -99.12
C VAL B 227 -31.39 76.38 -99.85
N THR B 228 -31.34 75.81 -101.05
CA THR B 228 -32.53 75.55 -101.85
C THR B 228 -32.99 74.11 -101.64
N ASN B 229 -33.93 73.67 -102.46
CA ASN B 229 -34.45 72.30 -102.41
C ASN B 229 -33.75 71.48 -103.48
N LYS B 230 -32.82 70.63 -103.06
CA LYS B 230 -32.09 69.74 -103.95
C LYS B 230 -32.54 68.31 -103.71
N LYS B 231 -32.94 67.62 -104.78
CA LYS B 231 -33.49 66.28 -104.69
C LYS B 231 -32.58 65.31 -105.42
N SER B 232 -32.26 64.20 -104.76
CA SER B 232 -31.51 63.09 -105.36
C SER B 232 -30.14 63.54 -105.88
N LEU B 233 -29.29 63.97 -104.95
CA LEU B 233 -27.90 64.22 -105.30
C LEU B 233 -27.16 62.89 -105.40
N ALA B 234 -25.86 62.97 -105.66
CA ALA B 234 -25.07 61.75 -105.87
C ALA B 234 -23.62 62.01 -105.48
N PHE B 235 -23.13 61.24 -104.52
CA PHE B 235 -21.71 61.22 -104.23
C PHE B 235 -20.96 60.57 -105.38
N THR B 236 -19.76 61.06 -105.67
CA THR B 236 -18.96 60.49 -106.75
C THR B 236 -17.49 60.74 -106.49
N GLY B 237 -16.65 59.96 -107.16
CA GLY B 237 -15.22 60.08 -107.04
C GLY B 237 -14.58 59.18 -106.01
N GLY B 238 -15.36 58.57 -105.14
CA GLY B 238 -14.80 57.70 -104.11
C GLY B 238 -14.13 56.49 -104.73
N THR B 239 -13.01 56.08 -104.13
CA THR B 239 -12.21 54.99 -104.68
C THR B 239 -11.39 54.37 -103.57
N ASN B 240 -11.55 53.06 -103.37
CA ASN B 240 -10.78 52.36 -102.37
C ASN B 240 -9.34 52.10 -102.81
N GLY B 241 -9.03 52.33 -104.07
CA GLY B 241 -7.68 52.13 -104.55
C GLY B 241 -7.32 50.66 -104.68
N ASP B 242 -6.02 50.42 -104.84
CA ASP B 242 -5.48 49.07 -104.91
C ASP B 242 -5.09 48.63 -103.50
N GLN B 243 -5.70 47.53 -103.04
CA GLN B 243 -5.40 47.00 -101.72
C GLN B 243 -4.50 45.78 -101.77
N SER B 244 -4.06 45.38 -102.96
CA SER B 244 -3.14 44.25 -103.05
C SER B 244 -1.80 44.57 -102.39
N LYS B 245 -1.27 45.77 -102.64
CA LYS B 245 0.00 46.20 -102.08
C LYS B 245 -0.21 47.37 -101.15
N ILE B 246 0.49 47.36 -100.02
CA ILE B 246 0.41 48.40 -99.01
C ILE B 246 1.80 48.61 -98.44
N SER B 247 2.24 49.87 -98.42
CA SER B 247 3.55 50.18 -97.88
C SER B 247 3.61 49.87 -96.38
N THR B 248 4.81 49.54 -95.91
CA THR B 248 4.98 49.24 -94.49
C THR B 248 4.70 50.45 -93.60
N ALA B 249 4.74 51.66 -94.17
CA ALA B 249 4.42 52.84 -93.39
C ALA B 249 2.98 52.82 -92.92
N ALA B 250 2.06 52.41 -93.79
CA ALA B 250 0.65 52.33 -93.40
C ALA B 250 0.45 51.34 -92.26
N TYR B 251 1.09 50.17 -92.35
CA TYR B 251 0.96 49.19 -91.29
C TYR B 251 1.56 49.70 -89.98
N LEU B 252 2.69 50.40 -90.06
CA LEU B 252 3.27 50.95 -88.85
C LEU B 252 2.37 52.00 -88.23
N ARG B 253 1.75 52.86 -89.04
CA ARG B 253 0.82 53.85 -88.51
C ARG B 253 -0.38 53.17 -87.85
N ALA B 254 -0.90 52.12 -88.50
CA ALA B 254 -2.05 51.43 -87.92
C ALA B 254 -1.70 50.78 -86.59
N VAL B 255 -0.53 50.15 -86.50
CA VAL B 255 -0.20 49.50 -85.24
C VAL B 255 0.10 50.53 -84.16
N LYS B 256 0.65 51.70 -84.53
CA LYS B 256 0.82 52.77 -83.55
C LYS B 256 -0.53 53.24 -83.02
N VAL B 257 -1.51 53.41 -83.91
CA VAL B 257 -2.85 53.80 -83.47
C VAL B 257 -3.42 52.75 -82.52
N LEU B 258 -3.25 51.47 -82.86
CA LEU B 258 -3.74 50.41 -82.00
C LEU B 258 -3.04 50.43 -80.65
N ASN B 259 -1.77 50.80 -80.63
CA ASN B 259 -1.04 50.94 -79.37
C ASN B 259 -1.66 52.03 -78.51
N ASN B 260 -1.94 53.18 -79.13
CA ASN B 260 -2.45 54.32 -78.39
C ASN B 260 -3.96 54.24 -78.14
N ALA B 261 -4.61 53.18 -78.61
CA ALA B 261 -6.04 53.05 -78.39
C ALA B 261 -6.36 52.99 -76.90
N PRO B 262 -7.38 53.70 -76.44
CA PRO B 262 -7.76 53.69 -75.01
C PRO B 262 -8.81 52.62 -74.71
N TYR B 263 -8.46 51.36 -74.91
CA TYR B 263 -9.36 50.25 -74.64
C TYR B 263 -8.61 49.15 -73.91
N MET B 264 -9.31 48.08 -73.59
CA MET B 264 -8.75 46.92 -72.89
C MET B 264 -8.90 45.68 -73.74
N TYR B 265 -7.79 44.99 -73.97
CA TYR B 265 -7.85 43.71 -74.67
C TYR B 265 -6.73 42.82 -74.19
N THR B 266 -6.92 41.50 -74.35
CA THR B 266 -5.97 40.51 -73.84
C THR B 266 -5.46 39.59 -74.94
N ALA B 267 -5.50 40.03 -76.20
CA ALA B 267 -4.96 39.23 -77.30
C ALA B 267 -4.73 40.15 -78.49
N VAL B 268 -3.58 40.00 -79.14
CA VAL B 268 -3.15 40.96 -80.13
C VAL B 268 -3.08 40.31 -81.52
N LEU B 269 -4.04 39.43 -81.79
CA LEU B 269 -4.08 38.60 -82.99
C LEU B 269 -3.49 39.28 -84.22
N GLY B 270 -2.56 38.59 -84.87
CA GLY B 270 -1.97 39.08 -86.11
C GLY B 270 -2.81 38.74 -87.31
N LEU B 271 -3.88 39.50 -87.52
CA LEU B 271 -4.86 39.19 -88.56
C LEU B 271 -4.23 39.31 -89.94
N GLY B 272 -3.92 38.17 -90.54
CA GLY B 272 -3.51 38.07 -91.93
C GLY B 272 -2.55 39.13 -92.43
N CYS B 273 -1.62 39.56 -91.59
CA CYS B 273 -0.64 40.58 -91.95
C CYS B 273 0.74 39.95 -91.87
N TYR B 274 1.29 39.58 -93.02
CA TYR B 274 2.59 38.93 -93.09
C TYR B 274 3.67 39.95 -93.43
N ASP B 275 3.93 40.83 -92.48
CA ASP B 275 4.98 41.83 -92.60
C ASP B 275 5.85 41.79 -91.36
N ASN B 276 7.17 41.73 -91.55
CA ASN B 276 8.08 41.57 -90.42
C ASN B 276 8.00 42.76 -89.46
N ALA B 277 7.96 43.97 -90.01
CA ALA B 277 7.91 45.15 -89.15
C ALA B 277 6.61 45.19 -88.35
N ALA B 278 5.49 44.88 -88.98
CA ALA B 278 4.22 44.89 -88.26
C ALA B 278 4.19 43.82 -87.19
N ILE B 279 4.73 42.62 -87.49
CA ILE B 279 4.74 41.57 -86.48
C ILE B 279 5.63 41.95 -85.31
N THR B 280 6.77 42.59 -85.57
CA THR B 280 7.62 43.06 -84.48
C THR B 280 6.90 44.09 -83.64
N ALA B 281 6.18 45.02 -84.28
CA ALA B 281 5.45 46.03 -83.53
C ALA B 281 4.36 45.40 -82.66
N LEU B 282 3.68 44.40 -83.19
CA LEU B 282 2.65 43.73 -82.38
C LEU B 282 3.25 42.96 -81.22
N GLY B 283 4.44 42.37 -81.44
CA GLY B 283 5.14 41.77 -80.32
C GLY B 283 5.51 42.78 -79.26
N LYS B 284 5.88 43.99 -79.71
CA LYS B 284 6.12 45.09 -78.78
C LYS B 284 4.86 45.42 -77.98
N ILE B 285 3.71 45.40 -78.65
CA ILE B 285 2.45 45.65 -77.95
C ILE B 285 2.24 44.59 -76.86
N CYS B 286 2.47 43.32 -77.21
CA CYS B 286 2.37 42.25 -76.21
C CYS B 286 3.29 42.53 -75.02
N ALA B 287 4.56 42.81 -75.30
CA ALA B 287 5.51 42.99 -74.21
C ALA B 287 5.15 44.19 -73.33
N ASP B 288 4.64 45.25 -73.95
CA ASP B 288 4.33 46.46 -73.19
C ASP B 288 3.09 46.26 -72.33
N ARG B 289 2.02 45.73 -72.90
CA ARG B 289 0.75 45.64 -72.19
C ARG B 289 0.59 44.37 -71.36
N LEU B 290 1.53 43.44 -71.44
CA LEU B 290 1.43 42.16 -70.73
C LEU B 290 0.20 41.38 -71.15
N ILE B 291 0.14 41.05 -72.44
CA ILE B 291 -0.95 40.28 -73.02
C ILE B 291 -0.36 39.19 -73.91
N ASP B 292 -1.24 38.49 -74.62
CA ASP B 292 -0.88 37.35 -75.44
C ASP B 292 -1.02 37.67 -76.92
N GLY B 293 -0.14 37.07 -77.72
CA GLY B 293 -0.20 37.26 -79.16
C GLY B 293 -0.15 35.95 -79.92
N PHE B 294 -0.89 35.86 -81.02
CA PHE B 294 -0.98 34.65 -81.83
C PHE B 294 -0.71 35.02 -83.29
N PHE B 295 0.56 35.09 -83.66
CA PHE B 295 0.93 35.42 -85.03
C PHE B 295 1.17 34.16 -85.83
N ASP B 296 1.31 34.31 -87.14
CA ASP B 296 1.38 33.13 -87.98
C ASP B 296 2.13 33.48 -89.26
N VAL B 297 3.03 32.59 -89.67
CA VAL B 297 3.87 32.82 -90.84
C VAL B 297 3.09 32.57 -92.11
N LYS B 298 3.64 32.93 -93.25
CA LYS B 298 2.92 32.77 -94.51
C LYS B 298 2.53 31.30 -94.69
N PRO B 299 1.25 30.98 -94.82
CA PRO B 299 0.86 29.58 -94.91
C PRO B 299 0.92 29.05 -96.33
N THR B 300 2.00 29.39 -97.04
CA THR B 300 2.28 28.83 -98.36
C THR B 300 3.74 28.45 -98.50
N LEU B 301 4.48 28.41 -97.40
CA LEU B 301 5.89 28.03 -97.41
C LEU B 301 6.03 26.54 -97.11
N THR B 302 7.00 25.92 -97.76
CA THR B 302 7.28 24.53 -97.49
C THR B 302 7.87 24.36 -96.09
N TYR B 303 7.83 23.13 -95.59
CA TYR B 303 8.34 22.86 -94.25
C TYR B 303 9.82 23.18 -94.13
N ALA B 304 10.55 23.18 -95.25
CA ALA B 304 11.97 23.54 -95.19
C ALA B 304 12.16 25.04 -94.95
N GLU B 305 11.37 25.87 -95.63
CA GLU B 305 11.51 27.32 -95.48
C GLU B 305 10.73 27.87 -94.30
N ALA B 306 9.86 27.07 -93.67
CA ALA B 306 9.11 27.57 -92.53
C ALA B 306 10.03 27.93 -91.38
N LEU B 307 11.05 27.11 -91.12
CA LEU B 307 11.93 27.35 -89.98
C LEU B 307 12.71 28.66 -90.08
N PRO B 308 13.39 28.98 -91.18
CA PRO B 308 14.07 30.29 -91.23
C PRO B 308 13.12 31.47 -91.19
N ALA B 309 11.89 31.31 -91.67
CA ALA B 309 10.94 32.43 -91.63
C ALA B 309 10.57 32.80 -90.19
N VAL B 310 10.55 31.82 -89.29
CA VAL B 310 10.24 32.11 -87.90
C VAL B 310 11.35 32.96 -87.28
N GLU B 311 12.61 32.66 -87.61
CA GLU B 311 13.70 33.53 -87.17
C GLU B 311 13.60 34.89 -87.83
N ASP B 312 13.19 34.93 -89.09
CA ASP B 312 13.09 36.20 -89.82
C ASP B 312 12.06 37.12 -89.16
N THR B 313 10.91 36.57 -88.78
CA THR B 313 9.81 37.41 -88.33
C THR B 313 10.14 38.21 -87.07
N GLY B 314 11.19 37.84 -86.34
CA GLY B 314 11.82 38.74 -85.40
C GLY B 314 11.50 38.53 -83.93
N LEU B 315 10.47 37.77 -83.59
CA LEU B 315 10.14 37.64 -82.18
C LEU B 315 11.03 36.64 -81.45
N LEU B 316 11.89 35.91 -82.15
CA LEU B 316 12.74 34.93 -81.49
C LEU B 316 13.75 35.64 -80.60
N GLY B 317 13.57 35.51 -79.29
CA GLY B 317 14.47 36.12 -78.34
C GLY B 317 14.05 35.84 -76.91
N THR B 318 14.25 36.82 -76.03
CA THR B 318 13.85 36.70 -74.64
C THR B 318 12.86 37.78 -74.21
N ASP B 319 12.69 38.84 -75.01
CA ASP B 319 11.77 39.90 -74.64
C ASP B 319 10.32 39.48 -74.82
N TYR B 320 10.02 38.74 -75.89
CA TYR B 320 8.65 38.34 -76.21
C TYR B 320 8.47 36.89 -75.77
N VAL B 321 7.98 36.70 -74.54
CA VAL B 321 7.82 35.37 -73.97
C VAL B 321 6.38 34.89 -74.03
N SER B 322 5.46 35.66 -74.61
CA SER B 322 4.06 35.29 -74.63
C SER B 322 3.48 35.22 -76.03
N CYS B 323 4.30 35.39 -77.08
CA CYS B 323 3.81 35.42 -78.44
C CYS B 323 4.07 34.07 -79.12
N SER B 324 3.01 33.47 -79.64
CA SER B 324 3.10 32.18 -80.33
C SER B 324 3.08 32.41 -81.83
N VAL B 325 3.75 31.52 -82.55
CA VAL B 325 3.86 31.58 -84.01
C VAL B 325 3.33 30.29 -84.59
N TYR B 326 2.42 30.39 -85.56
CA TYR B 326 1.78 29.22 -86.14
C TYR B 326 2.10 29.14 -87.64
N HIS B 327 1.68 28.01 -88.22
CA HIS B 327 1.95 27.72 -89.63
C HIS B 327 0.97 26.63 -90.05
N TYR B 328 0.16 26.92 -91.07
CA TYR B 328 -0.92 26.02 -91.51
C TYR B 328 -0.87 25.88 -93.02
N PRO B 329 0.03 25.04 -93.54
CA PRO B 329 0.13 24.85 -95.00
C PRO B 329 -0.89 23.85 -95.53
N PHE B 330 -2.15 24.27 -95.59
CA PHE B 330 -3.21 23.43 -96.09
C PHE B 330 -4.21 24.29 -96.86
N SER B 331 -4.94 23.65 -97.77
CA SER B 331 -5.98 24.32 -98.53
C SER B 331 -7.34 24.06 -97.92
N CYS B 332 -8.32 24.85 -98.35
CA CYS B 332 -9.67 24.73 -97.79
C CYS B 332 -10.67 25.30 -98.78
N LYS B 333 -11.93 24.95 -98.57
CA LYS B 333 -13.03 25.45 -99.40
C LYS B 333 -13.72 26.58 -98.65
N ASP B 334 -13.80 27.74 -99.29
CA ASP B 334 -14.30 28.93 -98.60
C ASP B 334 -15.79 28.81 -98.30
N LYS B 335 -16.20 29.47 -97.23
CA LYS B 335 -17.60 29.37 -96.78
C LYS B 335 -18.53 30.18 -97.68
N TRP B 336 -18.07 31.34 -98.15
CA TRP B 336 -18.95 32.26 -98.86
C TRP B 336 -18.86 32.08 -100.39
N THR B 337 -17.68 32.24 -100.96
CA THR B 337 -17.55 32.24 -102.40
C THR B 337 -17.43 30.86 -103.01
N GLN B 338 -17.24 29.82 -102.19
CA GLN B 338 -17.11 28.44 -102.67
C GLN B 338 -15.96 28.30 -103.67
N SER B 339 -14.75 28.52 -103.16
CA SER B 339 -13.55 28.42 -103.99
C SER B 339 -12.41 27.83 -103.15
N ARG B 340 -11.25 27.67 -103.78
CA ARG B 340 -10.07 27.11 -103.13
C ARG B 340 -9.21 28.25 -102.61
N VAL B 341 -9.16 28.40 -101.29
CA VAL B 341 -8.42 29.49 -100.66
C VAL B 341 -7.55 28.91 -99.56
N VAL B 342 -6.52 29.67 -99.20
CA VAL B 342 -5.63 29.33 -98.09
C VAL B 342 -5.47 30.55 -97.20
N PHE B 343 -5.61 30.36 -95.90
CA PHE B 343 -5.36 31.43 -94.94
C PHE B 343 -4.82 30.82 -93.66
N GLY B 344 -4.62 31.66 -92.65
CA GLY B 344 -3.82 31.31 -91.50
C GLY B 344 -4.59 30.65 -90.38
N LEU B 345 -3.98 30.66 -89.19
CA LEU B 345 -4.50 29.95 -88.04
C LEU B 345 -4.63 30.82 -86.80
N SER B 346 -4.41 32.14 -86.91
CA SER B 346 -4.49 33.00 -85.74
C SER B 346 -5.90 33.00 -85.14
N GLY B 347 -6.92 33.04 -86.00
CA GLY B 347 -8.28 33.03 -85.51
C GLY B 347 -8.61 31.78 -84.73
N VAL B 348 -8.23 30.62 -85.25
CA VAL B 348 -8.52 29.37 -84.57
C VAL B 348 -7.70 29.26 -83.28
N ALA B 349 -6.46 29.75 -83.28
CA ALA B 349 -5.68 29.74 -82.06
C ALA B 349 -6.35 30.57 -80.98
N TYR B 350 -6.84 31.76 -81.34
CA TYR B 350 -7.52 32.57 -80.34
C TYR B 350 -8.84 31.94 -79.92
N ALA B 351 -9.54 31.28 -80.83
CA ALA B 351 -10.76 30.58 -80.43
C ALA B 351 -10.47 29.50 -79.42
N ALA B 352 -9.37 28.77 -79.60
CA ALA B 352 -8.96 27.79 -78.61
C ALA B 352 -8.65 28.45 -77.28
N LYS B 353 -7.94 29.57 -77.30
CA LYS B 353 -7.60 30.24 -76.05
C LYS B 353 -8.86 30.72 -75.34
N ALA B 354 -9.84 31.23 -76.08
CA ALA B 354 -11.08 31.69 -75.46
C ALA B 354 -11.89 30.54 -74.89
N ARG B 355 -11.96 29.42 -75.62
CA ARG B 355 -12.63 28.25 -75.08
C ARG B 355 -11.96 27.81 -73.78
N GLY B 356 -10.64 27.89 -73.72
CA GLY B 356 -9.95 27.56 -72.49
C GLY B 356 -10.25 28.54 -71.36
N VAL B 357 -10.28 29.83 -71.68
CA VAL B 357 -10.45 30.84 -70.63
C VAL B 357 -11.89 30.90 -70.13
N LYS B 358 -12.85 30.35 -70.88
CA LYS B 358 -14.24 30.36 -70.44
C LYS B 358 -14.62 29.14 -69.60
N LYS B 359 -13.67 28.26 -69.29
CA LYS B 359 -14.00 27.07 -68.51
C LYS B 359 -14.31 27.44 -67.06
N ASN B 360 -13.34 28.01 -66.36
CA ASN B 360 -13.57 28.49 -65.00
C ASN B 360 -14.34 29.80 -65.03
N SER B 361 -15.23 29.99 -64.07
CA SER B 361 -16.09 31.16 -64.01
C SER B 361 -15.64 32.21 -63.01
N ASP B 362 -15.04 31.81 -61.89
CA ASP B 362 -14.69 32.78 -60.86
C ASP B 362 -13.54 33.67 -61.33
N VAL B 363 -12.39 33.07 -61.60
CA VAL B 363 -11.22 33.81 -62.08
C VAL B 363 -10.91 33.52 -63.54
N GLY B 364 -11.60 32.57 -64.16
CA GLY B 364 -11.32 32.23 -65.53
C GLY B 364 -10.12 31.32 -65.64
N GLY B 365 -10.22 30.28 -66.47
CA GLY B 365 -9.13 29.34 -66.57
C GLY B 365 -8.08 29.77 -67.56
N TRP B 366 -7.00 30.37 -67.06
CA TRP B 366 -5.89 30.76 -67.89
C TRP B 366 -4.83 29.69 -68.02
N HIS B 367 -4.95 28.60 -67.26
CA HIS B 367 -3.94 27.55 -67.26
C HIS B 367 -4.20 26.47 -68.30
N TYR B 368 -5.24 26.59 -69.10
CA TYR B 368 -5.53 25.61 -70.14
C TYR B 368 -4.75 25.98 -71.39
N SER B 369 -3.95 25.04 -71.88
CA SER B 369 -3.17 25.29 -73.09
C SER B 369 -4.10 25.34 -74.30
N PRO B 370 -3.78 26.16 -75.29
CA PRO B 370 -4.58 26.25 -76.52
C PRO B 370 -4.30 25.13 -77.51
N ALA B 371 -4.42 23.89 -77.07
CA ALA B 371 -4.19 22.74 -77.92
C ALA B 371 -4.92 21.54 -77.34
N GLY B 372 -5.08 20.52 -78.17
CA GLY B 372 -5.74 19.30 -77.78
C GLY B 372 -6.82 18.93 -78.76
N GLU B 373 -7.67 17.99 -78.36
CA GLU B 373 -8.78 17.55 -79.19
C GLU B 373 -10.13 17.97 -78.67
N GLU B 374 -10.18 18.61 -77.49
CA GLU B 374 -11.43 19.10 -76.94
C GLU B 374 -11.52 20.62 -76.92
N ARG B 375 -10.46 21.32 -77.29
CA ARG B 375 -10.47 22.78 -77.26
C ARG B 375 -9.86 23.44 -78.47
N ALA B 376 -9.34 22.70 -79.44
CA ALA B 376 -8.61 23.34 -80.52
C ALA B 376 -8.92 22.71 -81.88
N VAL B 377 -10.10 22.12 -82.04
CA VAL B 377 -10.45 21.53 -83.31
C VAL B 377 -10.56 22.61 -84.37
N ILE B 378 -10.20 22.26 -85.61
CA ILE B 378 -10.23 23.19 -86.73
C ILE B 378 -11.40 22.82 -87.62
N ALA B 379 -12.32 23.75 -87.83
CA ALA B 379 -13.52 23.54 -88.63
C ALA B 379 -13.31 24.19 -89.99
N ARG B 380 -13.12 23.38 -91.03
CA ARG B 380 -13.00 23.87 -92.39
C ARG B 380 -13.84 22.96 -93.28
N ALA B 381 -13.66 23.10 -94.59
CA ALA B 381 -14.42 22.33 -95.56
C ALA B 381 -13.46 21.75 -96.58
N SER B 382 -13.42 20.41 -96.67
CA SER B 382 -12.63 19.70 -97.66
C SER B 382 -11.16 20.09 -97.60
N ILE B 383 -10.55 19.88 -96.44
CA ILE B 383 -9.14 20.19 -96.26
C ILE B 383 -8.32 19.28 -97.15
N GLN B 384 -7.54 19.88 -98.05
CA GLN B 384 -6.70 19.15 -98.98
C GLN B 384 -5.26 19.63 -98.83
N PRO B 385 -4.32 18.80 -98.39
CA PRO B 385 -2.97 19.27 -98.09
C PRO B 385 -2.30 19.89 -99.31
N LEU B 386 -1.52 20.94 -99.05
CA LEU B 386 -0.86 21.65 -100.14
C LEU B 386 0.32 20.85 -100.68
N TYR B 387 1.10 20.24 -99.79
CA TYR B 387 2.30 19.48 -100.16
C TYR B 387 2.20 18.09 -99.56
N PRO B 388 1.40 17.21 -100.17
CA PRO B 388 1.30 15.83 -99.64
C PRO B 388 2.60 15.06 -99.68
N GLU B 389 3.54 15.41 -100.54
CA GLU B 389 4.77 14.65 -100.66
C GLU B 389 5.80 14.98 -99.58
N ASP B 390 5.57 16.02 -98.79
CA ASP B 390 6.53 16.41 -97.77
C ASP B 390 6.13 15.82 -96.41
N THR B 391 6.94 16.09 -95.39
CA THR B 391 6.72 15.55 -94.07
C THR B 391 7.25 16.53 -93.04
N PRO B 392 6.61 16.64 -91.88
CA PRO B 392 7.09 17.56 -90.84
C PRO B 392 8.46 17.15 -90.33
N ASP B 393 9.04 18.04 -89.52
CA ASP B 393 10.39 17.93 -88.98
C ASP B 393 10.36 18.07 -87.46
N GLU B 394 9.51 17.27 -86.82
CA GLU B 394 9.11 17.47 -85.41
C GLU B 394 10.22 18.00 -84.52
N GLU B 395 11.39 17.37 -84.53
CA GLU B 395 12.48 17.82 -83.66
C GLU B 395 12.95 19.22 -84.03
N ALA B 396 13.14 19.46 -85.33
CA ALA B 396 13.55 20.79 -85.77
C ALA B 396 12.49 21.83 -85.45
N MET B 397 11.22 21.48 -85.62
CA MET B 397 10.14 22.41 -85.30
C MET B 397 10.14 22.76 -83.82
N VAL B 398 10.29 21.77 -82.95
CA VAL B 398 10.29 22.04 -81.52
C VAL B 398 11.49 22.88 -81.13
N LYS B 399 12.65 22.62 -81.74
CA LYS B 399 13.82 23.45 -81.43
C LYS B 399 13.65 24.87 -81.94
N GLY B 400 12.95 25.04 -83.06
CA GLY B 400 12.72 26.34 -83.65
C GLY B 400 11.47 27.05 -83.19
N ARG B 401 10.74 26.48 -82.23
CA ARG B 401 9.56 27.12 -81.64
C ARG B 401 8.50 27.41 -82.69
N LEU B 402 7.98 26.34 -83.28
CA LEU B 402 6.94 26.43 -84.30
C LEU B 402 5.87 25.40 -83.99
N ASN B 403 4.67 25.86 -83.65
CA ASN B 403 3.57 24.93 -83.39
C ASN B 403 3.12 24.27 -84.68
N LYS B 404 2.75 23.00 -84.59
CA LYS B 404 2.42 22.20 -85.75
C LYS B 404 1.02 21.62 -85.62
N VAL B 405 0.36 21.46 -86.76
CA VAL B 405 -0.95 20.84 -86.80
C VAL B 405 -0.77 19.34 -87.00
N SER B 406 -1.84 18.59 -86.72
CA SER B 406 -1.83 17.15 -86.86
C SER B 406 -3.24 16.67 -87.10
N VAL B 407 -3.43 15.36 -87.07
CA VAL B 407 -4.74 14.74 -87.19
C VAL B 407 -4.99 13.97 -85.90
N GLY B 408 -5.93 14.44 -85.10
CA GLY B 408 -6.28 13.79 -83.86
C GLY B 408 -7.24 12.65 -84.08
N THR B 409 -7.88 12.23 -83.00
CA THR B 409 -8.88 11.17 -83.09
C THR B 409 -10.09 11.67 -83.86
N SER B 410 -10.77 10.73 -84.51
CA SER B 410 -11.99 10.95 -85.28
C SER B 410 -11.71 11.64 -86.61
N GLY B 411 -10.47 12.09 -86.82
CA GLY B 411 -10.06 12.58 -88.11
C GLY B 411 -10.17 14.07 -88.35
N GLN B 412 -10.48 14.87 -87.33
CA GLN B 412 -10.47 16.31 -87.48
C GLN B 412 -9.10 16.87 -87.13
N MET B 413 -8.62 17.81 -87.95
CA MET B 413 -7.34 18.45 -87.69
C MET B 413 -7.38 19.21 -86.37
N ILE B 414 -6.28 19.17 -85.63
CA ILE B 414 -6.16 19.89 -84.37
C ILE B 414 -4.80 20.56 -84.31
N ILE B 415 -4.68 21.49 -83.37
CA ILE B 415 -3.39 22.08 -83.02
C ILE B 415 -2.77 21.25 -81.91
N ASP B 416 -1.52 20.84 -82.08
CA ASP B 416 -0.89 19.90 -81.18
C ASP B 416 0.41 20.44 -80.60
N ASP B 417 0.44 21.72 -80.26
CA ASP B 417 1.58 22.26 -79.54
C ASP B 417 1.18 23.56 -78.86
N ALA B 418 1.93 23.92 -77.82
CA ALA B 418 1.69 25.11 -77.04
C ALA B 418 3.01 25.81 -76.72
N LEU B 419 3.85 25.94 -77.74
CA LEU B 419 5.19 26.50 -77.55
C LEU B 419 5.21 27.97 -77.95
N THR B 420 5.84 28.79 -77.10
CA THR B 420 5.94 30.22 -77.34
C THR B 420 7.21 30.52 -78.12
N CYS B 421 7.57 31.80 -78.19
CA CYS B 421 8.75 32.23 -78.91
C CYS B 421 9.99 32.34 -78.05
N CYS B 422 9.90 31.98 -76.77
CA CYS B 422 11.06 32.03 -75.90
C CYS B 422 12.07 30.97 -76.31
N THR B 423 13.35 31.35 -76.33
CA THR B 423 14.40 30.42 -76.70
C THR B 423 14.99 29.68 -75.52
N GLN B 424 14.98 30.28 -74.34
CA GLN B 424 15.50 29.63 -73.16
C GLN B 424 14.69 28.39 -72.81
N ASP B 425 15.38 27.34 -72.38
CA ASP B 425 14.73 26.07 -72.06
C ASP B 425 14.40 26.02 -70.58
N ASN B 426 13.28 26.64 -70.23
CA ASN B 426 12.78 26.63 -68.86
C ASN B 426 11.26 26.57 -68.92
N TYR B 427 10.60 26.85 -67.79
CA TYR B 427 9.15 26.79 -67.75
C TYR B 427 8.48 27.86 -68.60
N LEU B 428 9.24 28.84 -69.09
CA LEU B 428 8.63 29.98 -69.76
C LEU B 428 8.26 29.71 -71.22
N HIS B 429 8.77 28.64 -71.83
CA HIS B 429 8.46 28.44 -73.23
C HIS B 429 7.15 27.72 -73.46
N PHE B 430 6.52 27.17 -72.42
CA PHE B 430 5.16 26.67 -72.57
C PHE B 430 4.18 27.82 -72.65
N GLN B 431 3.02 27.58 -73.25
CA GLN B 431 2.11 28.68 -73.52
C GLN B 431 1.38 29.14 -72.27
N HIS B 432 0.94 28.21 -71.42
CA HIS B 432 0.01 28.60 -70.37
C HIS B 432 0.69 29.37 -69.24
N VAL B 433 1.97 29.10 -68.96
CA VAL B 433 2.63 29.75 -67.83
C VAL B 433 2.72 31.27 -68.00
N PRO B 434 3.20 31.81 -69.13
CA PRO B 434 3.20 33.27 -69.26
C PRO B 434 1.82 33.88 -69.17
N SER B 435 0.79 33.21 -69.69
CA SER B 435 -0.56 33.77 -69.64
C SER B 435 -1.04 33.89 -68.20
N LEU B 436 -0.84 32.85 -67.40
CA LEU B 436 -1.24 32.88 -66.00
C LEU B 436 -0.46 33.94 -65.23
N MET B 437 0.85 33.99 -65.42
CA MET B 437 1.66 34.99 -64.73
C MET B 437 1.25 36.40 -65.12
N ASN B 438 0.93 36.61 -66.40
CA ASN B 438 0.51 37.94 -66.84
C ASN B 438 -0.84 38.31 -66.28
N ALA B 439 -1.76 37.36 -66.14
CA ALA B 439 -3.03 37.66 -65.49
C ALA B 439 -2.79 38.12 -64.05
N ILE B 440 -1.94 37.40 -63.31
CA ILE B 440 -1.65 37.80 -61.95
C ILE B 440 -1.01 39.19 -61.92
N SER B 441 -0.08 39.46 -62.84
CA SER B 441 0.59 40.75 -62.86
C SER B 441 -0.38 41.89 -63.16
N ARG B 442 -1.31 41.68 -64.09
CA ARG B 442 -2.29 42.72 -64.38
C ARG B 442 -3.17 43.01 -63.18
N PHE B 443 -3.61 41.96 -62.48
CA PHE B 443 -4.38 42.20 -61.26
C PHE B 443 -3.56 42.98 -60.24
N PHE B 444 -2.28 42.64 -60.10
CA PHE B 444 -1.45 43.37 -59.14
C PHE B 444 -1.33 44.84 -59.53
N VAL B 445 -1.14 45.12 -60.81
CA VAL B 445 -1.02 46.51 -61.23
C VAL B 445 -2.29 47.27 -60.87
N GLN B 446 -3.46 46.66 -61.13
CA GLN B 446 -4.70 47.32 -60.76
C GLN B 446 -4.75 47.61 -59.27
N LEU B 447 -4.44 46.61 -58.45
CA LEU B 447 -4.53 46.78 -56.99
C LEU B 447 -3.57 47.86 -56.49
N ALA B 448 -2.32 47.82 -56.94
CA ALA B 448 -1.35 48.79 -56.46
C ALA B 448 -1.68 50.20 -56.95
N ARG B 449 -2.18 50.32 -58.18
CA ARG B 449 -2.59 51.63 -58.65
C ARG B 449 -3.73 52.19 -57.79
N GLN B 450 -4.68 51.34 -57.40
CA GLN B 450 -5.74 51.81 -56.53
C GLN B 450 -5.21 52.19 -55.15
N MET B 451 -4.19 51.48 -54.68
CA MET B 451 -3.76 51.60 -53.29
C MET B 451 -2.53 52.50 -53.12
N LYS B 452 -2.09 53.15 -54.18
CA LYS B 452 -0.94 54.05 -54.07
C LYS B 452 -1.26 55.25 -53.17
N HIS B 453 -0.21 55.81 -52.58
CA HIS B 453 -0.24 57.05 -51.81
C HIS B 453 -0.92 56.93 -50.46
N SER B 454 -1.00 55.74 -49.90
CA SER B 454 -1.59 55.57 -48.58
C SER B 454 -0.50 55.37 -47.53
N PRO B 455 -0.80 55.64 -46.26
CA PRO B 455 0.18 55.38 -45.21
C PRO B 455 0.46 53.90 -45.07
N ASP B 456 1.62 53.59 -44.48
CA ASP B 456 2.10 52.21 -44.47
C ASP B 456 1.17 51.30 -43.68
N GLY B 457 0.56 51.81 -42.62
CA GLY B 457 -0.31 50.97 -41.81
C GLY B 457 -1.46 50.39 -42.61
N ILE B 458 -2.13 51.22 -43.41
CA ILE B 458 -3.17 50.73 -44.30
C ILE B 458 -2.56 49.93 -45.44
N THR B 459 -1.44 50.39 -45.98
CA THR B 459 -0.90 49.82 -47.21
C THR B 459 -0.49 48.37 -47.03
N ALA B 460 0.25 48.07 -45.97
CA ALA B 460 0.74 46.71 -45.77
C ALA B 460 -0.41 45.73 -45.63
N ALA B 461 -1.37 46.05 -44.76
CA ALA B 461 -2.50 45.15 -44.54
C ALA B 461 -3.32 44.98 -45.81
N GLY B 462 -3.56 46.07 -46.53
CA GLY B 462 -4.35 45.96 -47.75
C GLY B 462 -3.68 45.12 -48.81
N LEU B 463 -2.38 45.36 -49.04
CA LEU B 463 -1.66 44.59 -50.04
C LEU B 463 -1.64 43.11 -49.69
N THR B 464 -1.35 42.79 -48.43
CA THR B 464 -1.32 41.40 -48.02
C THR B 464 -2.68 40.75 -48.20
N LYS B 465 -3.76 41.43 -47.79
CA LYS B 465 -5.09 40.86 -47.90
C LYS B 465 -5.47 40.62 -49.36
N GLY B 466 -5.23 41.61 -50.22
CA GLY B 466 -5.60 41.46 -51.62
C GLY B 466 -4.84 40.35 -52.31
N MET B 467 -3.52 40.32 -52.12
CA MET B 467 -2.74 39.26 -52.75
C MET B 467 -3.10 37.88 -52.21
N THR B 468 -3.27 37.76 -50.90
CA THR B 468 -3.64 36.47 -50.34
C THR B 468 -4.97 35.99 -50.91
N LYS B 469 -5.96 36.89 -50.99
CA LYS B 469 -7.25 36.49 -51.53
C LYS B 469 -7.14 36.06 -52.99
N LEU B 470 -6.41 36.82 -53.80
CA LEU B 470 -6.32 36.48 -55.22
C LEU B 470 -5.61 35.15 -55.43
N LEU B 471 -4.49 34.95 -54.74
CA LEU B 471 -3.75 33.70 -54.92
C LEU B 471 -4.52 32.51 -54.37
N ASP B 472 -5.28 32.71 -53.28
CA ASP B 472 -6.14 31.62 -52.80
C ASP B 472 -7.20 31.28 -53.82
N ARG B 473 -7.77 32.30 -54.48
CA ARG B 473 -8.73 32.04 -55.54
C ARG B 473 -8.11 31.22 -56.66
N PHE B 474 -6.89 31.57 -57.06
CA PHE B 474 -6.23 30.80 -58.11
C PHE B 474 -5.95 29.36 -57.69
N VAL B 475 -5.48 29.16 -56.46
CA VAL B 475 -5.19 27.81 -56.00
C VAL B 475 -6.46 26.98 -55.96
N ALA B 476 -7.56 27.56 -55.47
CA ALA B 476 -8.83 26.84 -55.47
C ALA B 476 -9.28 26.55 -56.88
N SER B 477 -9.00 27.45 -57.83
CA SER B 477 -9.30 27.17 -59.22
C SER B 477 -8.52 25.97 -59.73
N GLY B 478 -7.26 25.86 -59.34
CA GLY B 478 -6.43 24.74 -59.72
C GLY B 478 -5.26 25.07 -60.62
N ALA B 479 -4.93 26.34 -60.79
CA ALA B 479 -3.81 26.73 -61.65
C ALA B 479 -2.46 26.61 -60.94
N LEU B 480 -2.44 26.46 -59.63
CA LEU B 480 -1.19 26.29 -58.88
C LEU B 480 -1.28 25.01 -58.06
N VAL B 481 -0.18 24.27 -57.99
CA VAL B 481 -0.11 23.01 -57.28
C VAL B 481 1.11 23.02 -56.37
N ALA B 482 1.21 21.99 -55.53
CA ALA B 482 2.31 21.89 -54.60
C ALA B 482 3.64 21.77 -55.35
N PRO B 483 4.73 22.25 -54.78
CA PRO B 483 6.02 22.22 -55.50
C PRO B 483 6.46 20.79 -55.79
N ARG B 484 7.26 20.64 -56.85
CA ARG B 484 7.68 19.32 -57.28
C ARG B 484 8.52 18.63 -56.21
N ASP B 485 9.42 19.36 -55.57
CA ASP B 485 10.29 18.79 -54.55
C ASP B 485 9.97 19.42 -53.20
N PRO B 486 9.13 18.81 -52.37
CA PRO B 486 8.72 19.39 -51.10
C PRO B 486 9.73 19.17 -49.98
N ASP B 487 11.00 19.40 -50.28
CA ASP B 487 12.07 19.29 -49.31
C ASP B 487 12.83 20.58 -49.10
N ALA B 488 13.12 21.32 -50.18
CA ALA B 488 13.83 22.58 -50.09
C ALA B 488 12.90 23.78 -50.12
N ASP B 489 12.09 23.89 -51.17
CA ASP B 489 11.20 25.05 -51.34
C ASP B 489 9.82 24.80 -50.76
N GLY B 490 9.78 24.41 -49.48
CA GLY B 490 8.55 24.26 -48.72
C GLY B 490 7.53 23.34 -49.38
N THR B 491 6.28 23.52 -48.96
CA THR B 491 5.18 22.73 -49.51
C THR B 491 3.93 23.59 -49.76
N GLU B 492 4.09 24.89 -49.96
CA GLU B 492 2.92 25.68 -50.26
C GLU B 492 2.92 26.10 -51.72
N PRO B 493 1.75 26.16 -52.36
CA PRO B 493 1.71 26.52 -53.78
C PRO B 493 2.31 27.90 -54.07
N TYR B 494 2.09 28.86 -53.18
CA TYR B 494 2.55 30.22 -53.36
C TYR B 494 3.15 30.76 -52.07
N VAL B 495 4.16 31.60 -52.22
CA VAL B 495 4.80 32.29 -51.11
C VAL B 495 4.77 33.78 -51.40
N LEU B 496 4.22 34.55 -50.48
CA LEU B 496 4.05 35.99 -50.65
C LEU B 496 4.86 36.73 -49.60
N LYS B 497 5.51 37.83 -50.02
CA LYS B 497 6.33 38.60 -49.10
C LYS B 497 6.19 40.08 -49.46
N VAL B 498 5.60 40.85 -48.56
CA VAL B 498 5.44 42.29 -48.74
C VAL B 498 6.38 42.97 -47.76
N THR B 499 7.24 43.85 -48.27
CA THR B 499 8.27 44.45 -47.44
C THR B 499 8.44 45.91 -47.78
N GLN B 500 9.14 46.62 -46.89
CA GLN B 500 9.48 48.02 -47.09
C GLN B 500 10.98 48.13 -47.27
N ALA B 501 11.42 48.79 -48.35
CA ALA B 501 12.83 48.93 -48.64
C ALA B 501 13.41 50.25 -48.17
N GLU B 502 12.66 51.34 -48.31
CA GLU B 502 13.02 52.64 -47.73
C GLU B 502 11.72 53.32 -47.31
N PHE B 503 11.76 54.64 -47.18
CA PHE B 503 10.56 55.40 -46.81
C PHE B 503 9.37 55.04 -47.70
N ASP B 504 9.60 54.92 -49.01
CA ASP B 504 8.52 54.52 -49.91
C ASP B 504 9.14 53.67 -51.04
N LYS B 505 9.21 52.36 -50.81
CA LYS B 505 9.63 51.44 -51.86
C LYS B 505 8.90 50.11 -51.70
N TRP B 506 7.64 50.16 -51.27
CA TRP B 506 6.90 48.95 -50.95
C TRP B 506 7.07 47.88 -52.03
N GLU B 507 7.71 46.78 -51.67
CA GLU B 507 8.11 45.74 -52.61
C GLU B 507 7.35 44.47 -52.32
N VAL B 508 6.70 43.92 -53.34
CA VAL B 508 5.90 42.71 -53.22
C VAL B 508 6.57 41.63 -54.07
N VAL B 509 6.87 40.50 -53.45
CA VAL B 509 7.48 39.37 -54.14
C VAL B 509 6.60 38.16 -53.92
N TRP B 510 6.05 37.61 -54.99
CA TRP B 510 5.22 36.41 -54.92
C TRP B 510 5.82 35.34 -55.81
N ALA B 511 5.93 34.14 -55.28
CA ALA B 511 6.47 32.99 -56.01
C ALA B 511 5.40 31.91 -56.05
N CYS B 512 5.10 31.44 -57.25
CA CYS B 512 4.02 30.47 -57.46
C CYS B 512 4.56 29.24 -58.17
N CYS B 513 3.93 28.09 -57.91
CA CYS B 513 4.29 26.89 -58.64
C CYS B 513 3.20 26.58 -59.65
N PRO B 514 3.43 26.77 -60.94
CA PRO B 514 2.37 26.56 -61.93
C PRO B 514 2.13 25.08 -62.19
N THR B 515 0.96 24.79 -62.75
CA THR B 515 0.59 23.42 -63.05
C THR B 515 1.43 22.87 -64.20
N GLY B 516 1.44 21.55 -64.30
CA GLY B 516 2.20 20.86 -65.32
C GLY B 516 1.29 20.35 -66.43
N VAL B 517 1.52 20.86 -67.64
CA VAL B 517 0.81 20.33 -68.79
C VAL B 517 1.22 18.88 -69.04
N ALA B 518 0.37 18.15 -69.74
CA ALA B 518 0.62 16.75 -70.07
C ALA B 518 0.82 16.66 -71.57
N ARG B 519 2.07 16.86 -72.01
CA ARG B 519 2.41 16.85 -73.42
C ARG B 519 2.93 15.52 -73.91
N ARG B 520 3.78 14.85 -73.12
CA ARG B 520 4.34 13.56 -73.47
C ARG B 520 3.89 12.54 -72.45
N ILE B 521 3.25 11.47 -72.91
CA ILE B 521 2.76 10.40 -72.06
C ILE B 521 3.40 9.09 -72.52
N GLN B 522 4.02 8.38 -71.59
CA GLN B 522 4.73 7.15 -71.88
C GLN B 522 4.23 6.03 -70.98
N GLY B 523 3.97 4.87 -71.57
CA GLY B 523 3.53 3.69 -70.83
C GLY B 523 4.57 2.60 -70.92
N VAL B 524 4.86 1.97 -69.78
CA VAL B 524 5.85 0.92 -69.69
C VAL B 524 5.18 -0.32 -69.12
N PRO B 525 4.72 -1.24 -69.97
CA PRO B 525 4.12 -2.47 -69.46
C PRO B 525 5.17 -3.36 -68.79
N LEU B 526 4.71 -4.18 -67.85
CA LEU B 526 5.59 -5.07 -67.12
C LEU B 526 4.91 -6.41 -66.94
N LEU B 527 5.71 -7.43 -66.63
CA LEU B 527 5.21 -8.76 -66.31
C LEU B 527 5.76 -9.17 -64.94
N ILE B 528 4.90 -9.79 -64.14
CA ILE B 528 5.23 -10.19 -62.78
C ILE B 528 5.40 -11.70 -62.73
N LYS B 529 6.53 -12.15 -62.21
CA LYS B 529 6.79 -13.57 -62.05
C LYS B 529 5.82 -14.19 -61.05
N SER C 2 1.87 5.61 -90.68
CA SER C 2 0.55 6.20 -90.90
C SER C 2 -0.16 6.41 -89.58
N GLN C 3 -1.49 6.32 -89.63
CA GLN C 3 -2.28 6.38 -88.40
C GLN C 3 -2.32 5.00 -87.75
N TYR C 4 -2.85 4.97 -86.52
CA TYR C 4 -2.97 3.76 -85.71
C TYR C 4 -1.61 3.18 -85.36
N SER C 5 -0.54 3.77 -85.86
CA SER C 5 0.80 3.30 -85.54
C SER C 5 1.18 3.72 -84.12
N ILE C 6 2.05 2.94 -83.51
CA ILE C 6 2.49 3.18 -82.14
C ILE C 6 4.00 3.31 -82.14
N GLN C 7 4.51 4.42 -81.62
CA GLN C 7 5.95 4.61 -81.51
C GLN C 7 6.44 4.07 -80.18
N GLN C 8 7.76 4.14 -79.99
CA GLN C 8 8.38 3.61 -78.77
C GLN C 8 9.38 4.56 -78.12
N SER C 9 9.91 5.54 -78.83
CA SER C 9 10.95 6.41 -78.27
C SER C 9 10.36 7.61 -77.55
N LEU C 10 9.63 8.46 -78.26
CA LEU C 10 8.99 9.65 -77.69
C LEU C 10 10.04 10.57 -77.07
N GLY C 11 10.87 11.14 -77.94
CA GLY C 11 11.92 12.03 -77.50
C GLY C 11 11.68 13.49 -77.85
N ASN C 12 11.38 14.30 -76.83
CA ASN C 12 11.31 15.76 -76.97
C ASN C 12 10.29 16.20 -78.02
N ALA C 13 9.16 15.51 -78.09
CA ALA C 13 8.10 15.87 -79.01
C ALA C 13 6.78 15.35 -78.46
N SER C 14 5.70 16.08 -78.71
CA SER C 14 4.39 15.68 -78.23
C SER C 14 3.98 14.35 -78.85
N GLY C 15 3.35 13.51 -78.06
CA GLY C 15 2.89 12.23 -78.55
C GLY C 15 2.66 11.27 -77.40
N VAL C 16 2.34 10.03 -77.78
CA VAL C 16 2.13 8.95 -76.83
C VAL C 16 2.81 7.71 -77.37
N ALA C 17 3.58 7.03 -76.51
CA ALA C 17 4.32 5.85 -76.92
C ALA C 17 4.29 4.82 -75.81
N VAL C 18 4.36 3.54 -76.19
CA VAL C 18 4.42 2.44 -75.24
C VAL C 18 5.72 1.68 -75.46
N SER C 19 6.42 1.40 -74.38
CA SER C 19 7.67 0.69 -74.47
C SER C 19 7.42 -0.80 -74.73
N PRO C 20 8.34 -1.49 -75.39
CA PRO C 20 8.17 -2.92 -75.60
C PRO C 20 8.15 -3.67 -74.27
N ILE C 21 7.43 -4.79 -74.27
CA ILE C 21 7.20 -5.52 -73.02
C ILE C 21 8.52 -5.94 -72.42
N ASN C 22 8.65 -5.78 -71.10
CA ASN C 22 9.94 -6.04 -70.46
C ASN C 22 10.18 -7.54 -70.32
N ALA C 23 9.37 -8.21 -69.50
CA ALA C 23 9.39 -9.67 -69.37
C ALA C 23 10.80 -10.19 -69.08
N ASP C 24 11.50 -9.54 -68.16
CA ASP C 24 12.82 -9.99 -67.77
C ASP C 24 12.88 -10.58 -66.37
N ALA C 25 11.89 -10.30 -65.52
CA ALA C 25 11.81 -10.89 -64.19
C ALA C 25 11.14 -12.25 -64.20
N THR C 26 10.74 -12.74 -65.37
CA THR C 26 10.04 -14.02 -65.50
C THR C 26 10.81 -14.99 -66.38
N LEU C 27 12.13 -14.90 -66.38
CA LEU C 27 12.95 -15.73 -67.25
C LEU C 27 13.08 -17.13 -66.64
N SER C 28 12.50 -18.11 -67.30
CA SER C 28 12.60 -19.51 -66.90
C SER C 28 13.69 -20.19 -67.73
N THR C 29 13.79 -21.51 -67.59
CA THR C 29 14.73 -22.29 -68.37
C THR C 29 14.12 -23.66 -68.65
N GLY C 30 14.04 -24.00 -69.94
CA GLY C 30 13.51 -25.29 -70.33
C GLY C 30 14.60 -26.26 -70.74
N VAL C 31 14.92 -27.22 -69.87
CA VAL C 31 15.96 -28.20 -70.15
C VAL C 31 15.36 -29.59 -70.16
N ALA C 32 14.28 -29.79 -69.42
CA ALA C 32 13.60 -31.07 -69.31
C ALA C 32 14.58 -32.15 -68.81
N LEU C 33 14.98 -31.98 -67.55
CA LEU C 33 16.00 -32.85 -66.97
C LEU C 33 15.55 -34.30 -66.92
N ASN C 34 14.26 -34.55 -66.80
CA ASN C 34 13.76 -35.91 -66.68
C ASN C 34 13.64 -36.61 -68.03
N SER C 35 14.69 -36.55 -68.84
CA SER C 35 14.70 -37.18 -70.15
C SER C 35 16.08 -37.77 -70.40
N SER C 36 16.12 -39.04 -70.83
CA SER C 36 17.37 -39.75 -71.03
C SER C 36 17.35 -40.46 -72.38
N LEU C 37 18.44 -40.35 -73.12
CA LEU C 37 18.60 -41.05 -74.39
C LEU C 37 19.99 -41.70 -74.41
N TRP C 38 20.10 -42.80 -75.14
CA TRP C 38 21.32 -43.59 -75.17
C TRP C 38 21.93 -43.55 -76.57
N ALA C 39 23.25 -43.40 -76.64
CA ALA C 39 23.96 -43.34 -77.90
C ALA C 39 25.04 -44.40 -77.93
N GLY C 40 25.16 -45.07 -79.07
CA GLY C 40 26.13 -46.15 -79.18
C GLY C 40 26.54 -46.42 -80.61
N ILE C 41 27.66 -47.12 -80.75
CA ILE C 41 28.14 -47.56 -82.05
C ILE C 41 27.98 -49.06 -82.13
N GLY C 42 28.01 -49.57 -83.35
CA GLY C 42 27.86 -51.01 -83.50
C GLY C 42 27.99 -51.43 -84.96
N VAL C 43 27.84 -52.74 -85.17
CA VAL C 43 27.86 -53.34 -86.49
C VAL C 43 26.53 -54.04 -86.70
N PHE C 44 25.85 -53.69 -87.79
CA PHE C 44 24.51 -54.20 -88.04
C PHE C 44 24.43 -54.69 -89.48
N ALA C 45 23.23 -55.00 -89.93
CA ALA C 45 23.00 -55.50 -91.28
C ALA C 45 22.55 -54.43 -92.25
N ARG C 46 21.67 -53.52 -91.81
CA ARG C 46 21.13 -52.47 -92.67
C ARG C 46 21.22 -51.12 -91.97
N GLY C 47 21.59 -50.10 -92.72
CA GLY C 47 21.72 -48.76 -92.20
C GLY C 47 22.78 -47.99 -92.96
N LYS C 48 22.70 -46.67 -92.87
CA LYS C 48 23.66 -45.82 -93.56
C LYS C 48 24.96 -45.75 -92.76
N PRO C 49 26.08 -46.16 -93.31
CA PRO C 49 27.32 -46.19 -92.53
C PRO C 49 27.83 -44.80 -92.17
N PHE C 50 28.42 -44.71 -90.98
CA PHE C 50 29.08 -43.49 -90.51
C PHE C 50 28.12 -42.30 -90.48
N THR C 51 26.86 -42.57 -90.14
CA THR C 51 25.87 -41.50 -90.04
C THR C 51 24.97 -41.80 -88.86
N VAL C 52 24.72 -40.78 -88.03
CA VAL C 52 23.91 -40.95 -86.84
C VAL C 52 22.49 -41.33 -87.24
N LEU C 53 21.96 -42.37 -86.60
CA LEU C 53 20.60 -42.81 -86.84
C LEU C 53 19.73 -42.48 -85.64
N ALA C 54 18.48 -42.91 -85.69
CA ALA C 54 17.55 -42.73 -84.58
C ALA C 54 16.66 -43.96 -84.52
N VAL C 55 16.69 -44.65 -83.39
CA VAL C 55 15.94 -45.90 -83.20
C VAL C 55 14.91 -45.68 -82.12
N THR C 56 13.67 -46.04 -82.41
CA THR C 56 12.57 -46.04 -81.46
C THR C 56 12.08 -47.46 -81.24
N GLU C 57 11.03 -47.61 -80.43
CA GLU C 57 10.48 -48.92 -80.14
C GLU C 57 9.70 -49.51 -81.30
N SER C 58 9.43 -48.75 -82.35
CA SER C 58 8.54 -49.19 -83.40
C SER C 58 9.14 -49.21 -84.79
N ASN C 59 10.43 -48.92 -84.94
CA ASN C 59 11.04 -48.92 -86.26
C ASN C 59 12.42 -49.57 -86.32
N TYR C 60 13.02 -49.93 -85.19
CA TYR C 60 14.38 -50.44 -85.19
C TYR C 60 14.52 -51.66 -86.10
N GLU C 61 13.48 -52.49 -86.16
CA GLU C 61 13.54 -53.70 -86.97
C GLU C 61 13.79 -53.38 -88.43
N ASP C 62 13.20 -52.30 -88.94
CA ASP C 62 13.37 -51.98 -90.36
C ASP C 62 14.50 -51.00 -90.62
N VAL C 63 14.73 -50.03 -89.74
CA VAL C 63 15.82 -49.09 -90.01
C VAL C 63 17.17 -49.78 -89.83
N LEU C 64 17.29 -50.64 -88.82
CA LEU C 64 18.55 -51.34 -88.57
C LEU C 64 18.58 -52.74 -89.15
N GLY C 65 17.53 -53.15 -89.85
CA GLY C 65 17.51 -54.44 -90.51
C GLY C 65 17.15 -55.57 -89.57
N GLU C 66 16.92 -56.74 -90.16
CA GLU C 66 16.56 -57.91 -89.39
C GLU C 66 17.76 -58.38 -88.56
N PRO C 67 17.50 -59.04 -87.43
CA PRO C 67 18.61 -59.49 -86.58
C PRO C 67 19.50 -60.48 -87.30
N LEU C 68 20.79 -60.44 -86.97
CA LEU C 68 21.78 -61.31 -87.59
C LEU C 68 21.68 -62.70 -86.98
N LYS C 69 22.64 -63.57 -87.32
CA LYS C 69 22.65 -64.94 -86.85
C LYS C 69 23.89 -65.19 -86.02
N PRO C 70 23.76 -65.82 -84.84
CA PRO C 70 24.94 -66.08 -84.02
C PRO C 70 25.98 -66.95 -84.69
N SER C 71 25.55 -67.91 -85.53
CA SER C 71 26.50 -68.78 -86.20
C SER C 71 27.35 -68.04 -87.22
N SER C 72 26.93 -66.85 -87.65
CA SER C 72 27.73 -66.09 -88.60
C SER C 72 29.06 -65.66 -87.99
N GLY C 73 29.06 -65.24 -86.74
CA GLY C 73 30.27 -64.79 -86.09
C GLY C 73 29.98 -64.03 -84.81
N SER C 74 30.72 -62.95 -84.59
CA SER C 74 30.56 -62.13 -83.39
C SER C 74 29.75 -60.86 -83.65
N GLN C 75 29.07 -60.77 -84.79
CA GLN C 75 28.31 -59.58 -85.14
C GLN C 75 26.89 -59.59 -84.58
N PHE C 76 26.50 -60.63 -83.85
CA PHE C 76 25.15 -60.74 -83.33
C PHE C 76 24.95 -60.00 -82.01
N GLU C 77 25.99 -59.38 -81.47
CA GLU C 77 25.88 -58.75 -80.15
C GLU C 77 25.13 -57.43 -80.19
N PRO C 78 25.50 -56.45 -81.02
CA PRO C 78 24.87 -55.12 -80.89
C PRO C 78 23.38 -55.11 -81.11
N ILE C 79 22.85 -55.98 -81.98
CA ILE C 79 21.41 -55.99 -82.19
C ILE C 79 20.68 -56.40 -80.91
N ARG C 80 21.20 -57.41 -80.22
CA ARG C 80 20.59 -57.83 -78.96
C ARG C 80 20.74 -56.76 -77.88
N HIS C 81 21.90 -56.09 -77.84
CA HIS C 81 22.05 -55.00 -76.89
C HIS C 81 21.04 -53.89 -77.16
N VAL C 82 20.83 -53.55 -78.44
CA VAL C 82 19.85 -52.54 -78.81
C VAL C 82 18.46 -52.99 -78.39
N TYR C 83 18.13 -54.26 -78.62
CA TYR C 83 16.79 -54.75 -78.28
C TYR C 83 16.55 -54.67 -76.78
N GLU C 84 17.57 -54.99 -75.98
CA GLU C 84 17.40 -54.91 -74.54
C GLU C 84 17.40 -53.49 -74.02
N ALA C 85 18.02 -52.55 -74.74
CA ALA C 85 18.08 -51.17 -74.25
C ALA C 85 16.91 -50.32 -74.72
N ILE C 86 16.30 -50.65 -75.87
CA ILE C 86 15.18 -49.88 -76.38
C ILE C 86 13.98 -49.92 -75.45
N GLN C 87 13.83 -51.00 -74.69
CA GLN C 87 12.66 -51.27 -73.85
C GLN C 87 12.18 -50.03 -73.11
N GLN C 88 13.08 -49.10 -72.81
CA GLN C 88 12.76 -47.91 -72.04
C GLN C 88 12.64 -46.66 -72.91
N THR C 89 13.68 -46.32 -73.66
CA THR C 89 13.73 -45.03 -74.35
C THR C 89 14.37 -45.19 -75.73
N SER C 90 14.10 -44.21 -76.59
CA SER C 90 14.68 -44.17 -77.91
C SER C 90 16.18 -43.84 -77.81
N GLY C 91 16.87 -43.92 -78.94
CA GLY C 91 18.30 -43.70 -78.90
C GLY C 91 18.90 -43.42 -80.26
N TYR C 92 20.21 -43.24 -80.27
CA TYR C 92 20.97 -42.96 -81.47
C TYR C 92 22.11 -43.95 -81.63
N VAL C 93 22.25 -44.51 -82.83
CA VAL C 93 23.26 -45.51 -83.11
C VAL C 93 24.09 -45.06 -84.30
N VAL C 94 25.29 -45.60 -84.40
CA VAL C 94 26.20 -45.36 -85.51
C VAL C 94 26.71 -46.69 -86.01
N ARG C 95 26.46 -46.99 -87.28
CA ARG C 95 26.88 -48.26 -87.86
C ARG C 95 28.26 -48.11 -88.48
N ALA C 96 29.15 -49.04 -88.20
CA ALA C 96 30.49 -49.07 -88.75
C ALA C 96 30.65 -50.30 -89.63
N VAL C 97 31.15 -50.12 -90.85
CA VAL C 97 31.22 -51.19 -91.83
C VAL C 97 32.67 -51.52 -92.12
N PRO C 98 32.98 -52.73 -92.59
CA PRO C 98 34.36 -53.06 -92.95
C PRO C 98 34.82 -52.30 -94.18
N ASP C 99 36.04 -52.57 -94.64
CA ASP C 99 36.61 -51.79 -95.73
C ASP C 99 35.99 -52.14 -97.07
N ASP C 100 35.75 -53.42 -97.33
CA ASP C 100 35.36 -53.88 -98.65
C ASP C 100 33.85 -53.90 -98.88
N ALA C 101 33.07 -53.26 -98.02
CA ALA C 101 31.63 -53.18 -98.24
C ALA C 101 31.33 -52.29 -99.44
N LYS C 102 30.46 -52.77 -100.32
CA LYS C 102 30.14 -52.07 -101.56
C LYS C 102 28.64 -51.97 -101.73
N PHE C 103 28.19 -50.87 -102.31
CA PHE C 103 26.79 -50.62 -102.61
C PHE C 103 26.59 -50.56 -104.13
N PRO C 104 25.39 -50.93 -104.59
CA PRO C 104 25.15 -50.98 -106.04
C PRO C 104 24.95 -49.60 -106.64
N ILE C 105 25.15 -49.53 -107.96
CA ILE C 105 25.00 -48.30 -108.73
C ILE C 105 24.49 -48.66 -110.11
N ILE C 106 23.50 -47.92 -110.59
CA ILE C 106 22.97 -48.09 -111.95
C ILE C 106 23.22 -46.78 -112.70
N MET C 107 23.98 -46.87 -113.78
CA MET C 107 24.32 -45.70 -114.59
C MET C 107 23.62 -45.81 -115.94
N PHE C 108 23.01 -44.72 -116.38
CA PHE C 108 22.30 -44.69 -117.65
C PHE C 108 23.16 -44.04 -118.73
N ASP C 109 22.56 -43.82 -119.90
CA ASP C 109 23.24 -43.19 -121.01
C ASP C 109 22.22 -42.38 -121.80
N GLU C 110 22.67 -41.79 -122.91
CA GLU C 110 21.78 -40.97 -123.72
C GLU C 110 20.65 -41.80 -124.30
N SER C 111 20.96 -42.98 -124.84
CA SER C 111 19.92 -43.82 -125.42
C SER C 111 18.98 -44.36 -124.36
N GLY C 112 19.51 -44.67 -123.18
CA GLY C 112 18.72 -45.21 -122.09
C GLY C 112 19.04 -46.63 -121.69
N GLU C 113 20.07 -47.25 -122.27
CA GLU C 113 20.43 -48.62 -121.89
C GLU C 113 21.20 -48.61 -120.59
N PRO C 114 20.70 -49.25 -119.53
CA PRO C 114 21.36 -49.16 -118.23
C PRO C 114 22.61 -50.03 -118.15
N ALA C 115 23.46 -49.70 -117.18
CA ALA C 115 24.61 -50.51 -116.83
C ALA C 115 24.72 -50.54 -115.32
N TYR C 116 25.31 -51.61 -114.80
CA TYR C 116 25.39 -51.83 -113.36
C TYR C 116 26.84 -51.84 -112.90
N SER C 117 27.04 -51.49 -111.63
CA SER C 117 28.36 -51.56 -111.02
C SER C 117 28.18 -51.51 -109.51
N ALA C 118 29.30 -51.59 -108.79
CA ALA C 118 29.29 -51.49 -107.34
C ALA C 118 30.46 -50.64 -106.89
N LEU C 119 30.25 -49.84 -105.85
CA LEU C 119 31.29 -48.95 -105.36
C LEU C 119 31.42 -49.07 -103.85
N PRO C 120 32.64 -49.00 -103.31
CA PRO C 120 32.81 -49.06 -101.86
C PRO C 120 32.17 -47.87 -101.16
N TYR C 121 31.76 -48.10 -99.92
CA TYR C 121 31.05 -47.07 -99.16
C TYR C 121 31.95 -45.87 -98.89
N GLY C 122 31.32 -44.70 -98.78
CA GLY C 122 32.04 -43.48 -98.50
C GLY C 122 32.76 -42.86 -99.67
N SER C 123 32.46 -43.29 -100.90
CA SER C 123 33.11 -42.77 -102.08
C SER C 123 32.08 -42.19 -103.04
N GLU C 124 32.41 -41.06 -103.64
CA GLU C 124 31.54 -40.47 -104.65
C GLU C 124 31.73 -41.20 -105.98
N ILE C 125 31.03 -40.72 -107.00
CA ILE C 125 30.93 -41.40 -108.29
C ILE C 125 31.50 -40.49 -109.36
N GLU C 126 32.32 -41.04 -110.23
CA GLU C 126 32.79 -40.34 -111.41
C GLU C 126 32.04 -40.89 -112.63
N LEU C 127 31.51 -39.98 -113.44
CA LEU C 127 30.68 -40.37 -114.57
C LEU C 127 31.54 -40.45 -115.83
N ASP C 128 31.36 -41.51 -116.60
CA ASP C 128 32.06 -41.64 -117.87
C ASP C 128 31.46 -40.68 -118.89
N SER C 129 32.09 -40.61 -120.07
CA SER C 129 31.63 -39.69 -121.10
C SER C 129 30.21 -39.99 -121.54
N GLY C 130 29.88 -41.27 -121.73
CA GLY C 130 28.57 -41.66 -122.19
C GLY C 130 27.50 -41.75 -121.12
N GLU C 131 27.85 -41.54 -119.86
CA GLU C 131 26.90 -41.69 -118.76
C GLU C 131 26.13 -40.40 -118.55
N ALA C 132 24.80 -40.50 -118.52
CA ALA C 132 23.95 -39.33 -118.31
C ALA C 132 23.68 -39.10 -116.83
N PHE C 133 23.24 -40.13 -116.12
CA PHE C 133 22.97 -39.98 -114.69
C PHE C 133 23.01 -41.35 -114.03
N ALA C 134 23.33 -41.34 -112.74
CA ALA C 134 23.49 -42.56 -111.96
C ALA C 134 22.59 -42.51 -110.74
N ILE C 135 22.03 -43.67 -110.39
CA ILE C 135 21.18 -43.84 -109.22
C ILE C 135 21.79 -44.92 -108.35
N TYR C 136 21.85 -44.67 -107.04
CA TYR C 136 22.37 -45.67 -106.12
C TYR C 136 21.54 -45.64 -104.84
N VAL C 137 21.76 -46.63 -104.00
CA VAL C 137 20.97 -46.84 -102.78
C VAL C 137 21.81 -46.42 -101.58
N ASP C 138 21.24 -45.57 -100.73
CA ASP C 138 21.91 -45.10 -99.53
C ASP C 138 21.29 -45.64 -98.26
N ASP C 139 20.39 -46.62 -98.35
CA ASP C 139 19.88 -47.26 -97.16
C ASP C 139 20.93 -48.14 -96.49
N GLY C 140 21.99 -48.50 -97.20
CA GLY C 140 23.02 -49.35 -96.68
C GLY C 140 22.83 -50.82 -96.98
N ASP C 141 21.63 -51.24 -97.35
CA ASP C 141 21.39 -52.65 -97.65
C ASP C 141 22.22 -53.07 -98.87
N PRO C 142 22.87 -54.23 -98.82
CA PRO C 142 23.64 -54.69 -99.98
C PRO C 142 22.80 -55.28 -101.11
N CYS C 143 21.47 -55.24 -100.99
CA CYS C 143 20.56 -55.62 -102.07
C CYS C 143 20.82 -57.05 -102.54
N ILE C 144 21.00 -57.97 -101.60
CA ILE C 144 21.20 -59.38 -101.90
C ILE C 144 19.99 -60.21 -101.47
N SER C 145 19.39 -59.89 -100.32
CA SER C 145 18.16 -60.53 -99.88
C SER C 145 17.44 -59.63 -98.89
N PRO C 146 16.26 -59.12 -99.21
CA PRO C 146 15.51 -59.28 -100.47
C PRO C 146 16.08 -58.42 -101.59
N THR C 147 15.88 -58.80 -102.85
CA THR C 147 16.35 -58.00 -103.96
C THR C 147 15.49 -56.75 -104.10
N ARG C 148 16.06 -55.74 -104.76
CA ARG C 148 15.37 -54.48 -104.99
C ARG C 148 15.40 -54.14 -106.48
N GLU C 149 14.25 -53.77 -107.02
CA GLU C 149 14.10 -53.50 -108.44
C GLU C 149 13.59 -52.08 -108.65
N LEU C 150 14.09 -51.45 -109.70
CA LEU C 150 13.76 -50.08 -110.05
C LEU C 150 13.11 -50.03 -111.42
N THR C 151 12.03 -49.26 -111.53
CA THR C 151 11.24 -49.21 -112.75
C THR C 151 10.99 -47.76 -113.14
N ILE C 152 11.06 -47.50 -114.45
CA ILE C 152 10.86 -46.17 -115.01
C ILE C 152 9.64 -46.23 -115.92
N GLU C 153 8.70 -45.30 -115.72
CA GLU C 153 7.47 -45.26 -116.49
C GLU C 153 7.28 -43.87 -117.07
N THR C 154 6.83 -43.80 -118.32
CA THR C 154 6.54 -42.52 -118.94
C THR C 154 5.28 -41.90 -118.33
N ALA C 155 5.29 -40.58 -118.16
CA ALA C 155 4.18 -39.85 -117.59
C ALA C 155 3.91 -38.60 -118.42
N THR C 156 2.81 -37.93 -118.09
CA THR C 156 2.43 -36.71 -118.81
C THR C 156 3.37 -35.57 -118.48
N ALA C 157 3.70 -34.78 -119.50
CA ALA C 157 4.58 -33.64 -119.31
C ALA C 157 3.88 -32.54 -118.51
N ASP C 158 4.67 -31.62 -117.97
CA ASP C 158 4.15 -30.55 -117.16
C ASP C 158 3.54 -29.46 -118.06
N SER C 159 3.05 -28.39 -117.41
CA SER C 159 2.48 -27.28 -118.16
C SER C 159 3.54 -26.59 -119.01
N ALA C 160 4.75 -26.41 -118.47
CA ALA C 160 5.82 -25.77 -119.22
C ALA C 160 6.21 -26.59 -120.45
N GLY C 161 6.30 -27.91 -120.30
CA GLY C 161 6.63 -28.77 -121.41
C GLY C 161 7.68 -29.82 -121.11
N ASN C 162 8.33 -29.71 -119.95
CA ASN C 162 9.36 -30.66 -119.58
C ASN C 162 8.75 -32.04 -119.34
N GLU C 163 9.52 -33.08 -119.66
CA GLU C 163 9.05 -34.45 -119.55
C GLU C 163 9.40 -35.00 -118.18
N ARG C 164 8.37 -35.39 -117.43
CA ARG C 164 8.53 -35.98 -116.11
C ARG C 164 8.19 -37.46 -116.18
N PHE C 165 9.06 -38.30 -115.63
CA PHE C 165 8.84 -39.74 -115.61
C PHE C 165 8.68 -40.21 -114.17
N LEU C 166 7.96 -41.32 -114.02
CA LEU C 166 7.65 -41.90 -112.73
C LEU C 166 8.67 -42.98 -112.39
N LEU C 167 9.24 -42.88 -111.19
CA LEU C 167 10.20 -43.84 -110.67
C LEU C 167 9.52 -44.68 -109.60
N LYS C 168 9.64 -46.01 -109.72
CA LYS C 168 9.02 -46.92 -108.76
C LYS C 168 10.04 -47.96 -108.34
N LEU C 169 10.38 -47.98 -107.06
CA LEU C 169 11.27 -49.00 -106.53
C LEU C 169 10.48 -49.95 -105.65
N THR C 170 10.64 -51.25 -105.90
CA THR C 170 9.91 -52.29 -105.21
C THR C 170 10.85 -53.41 -104.78
N GLN C 171 10.59 -53.98 -103.62
CA GLN C 171 11.41 -55.05 -103.09
C GLN C 171 10.75 -56.39 -103.38
N THR C 172 11.57 -57.40 -103.70
CA THR C 172 11.11 -58.75 -103.94
C THR C 172 11.89 -59.70 -103.05
N THR C 173 11.17 -60.49 -102.26
CA THR C 173 11.82 -61.46 -101.39
C THR C 173 12.19 -62.71 -102.18
N SER C 174 13.03 -63.55 -101.56
CA SER C 174 13.47 -64.77 -102.22
C SER C 174 12.31 -65.73 -102.46
N LEU C 175 11.33 -65.74 -101.56
CA LEU C 175 10.20 -66.64 -101.71
C LEU C 175 9.38 -66.30 -102.95
N GLY C 176 9.15 -65.01 -103.20
CA GLY C 176 8.38 -64.60 -104.36
C GLY C 176 7.44 -63.45 -104.08
N VAL C 177 7.42 -62.97 -102.85
CA VAL C 177 6.55 -61.85 -102.49
C VAL C 177 7.14 -60.57 -103.06
N VAL C 178 6.33 -59.84 -103.84
CA VAL C 178 6.76 -58.60 -104.48
C VAL C 178 5.82 -57.49 -104.03
N THR C 179 6.34 -56.53 -103.29
CA THR C 179 5.56 -55.39 -102.81
C THR C 179 6.23 -54.10 -103.24
N THR C 180 5.41 -53.11 -103.61
CA THR C 180 5.96 -51.80 -103.92
C THR C 180 6.53 -51.16 -102.67
N LEU C 181 7.55 -50.33 -102.86
CA LEU C 181 8.25 -49.72 -101.74
C LEU C 181 8.21 -48.20 -101.77
N GLU C 182 8.50 -47.58 -102.91
CA GLU C 182 8.40 -46.14 -103.00
C GLU C 182 8.19 -45.72 -104.44
N THR C 183 7.59 -44.54 -104.62
CA THR C 183 7.30 -44.00 -105.94
C THR C 183 7.50 -42.50 -105.94
N HIS C 184 7.86 -41.97 -107.10
CA HIS C 184 8.13 -40.54 -107.26
C HIS C 184 7.86 -40.15 -108.70
N THR C 185 7.76 -38.84 -108.92
CA THR C 185 7.63 -38.26 -110.26
C THR C 185 8.73 -37.23 -110.42
N VAL C 186 9.77 -37.57 -111.19
CA VAL C 186 10.94 -36.73 -111.29
C VAL C 186 11.27 -36.49 -112.75
N SER C 187 12.04 -35.42 -112.99
CA SER C 187 12.46 -35.07 -114.33
C SER C 187 13.86 -34.48 -114.30
N LEU C 188 14.51 -34.48 -115.47
CA LEU C 188 15.87 -33.98 -115.58
C LEU C 188 15.93 -32.47 -115.80
N ALA C 189 14.80 -31.82 -116.02
CA ALA C 189 14.81 -30.37 -116.19
C ALA C 189 15.14 -29.69 -114.87
N GLU C 190 15.93 -28.62 -114.95
CA GLU C 190 16.40 -27.94 -113.75
C GLU C 190 15.31 -27.14 -113.03
N GLU C 191 14.15 -26.96 -113.65
CA GLU C 191 13.11 -26.13 -113.06
C GLU C 191 11.71 -26.74 -113.12
N ALA C 192 11.56 -27.94 -113.68
CA ALA C 192 10.24 -28.52 -113.81
C ALA C 192 9.64 -28.82 -112.44
N LYS C 193 8.31 -28.74 -112.36
CA LYS C 193 7.58 -28.99 -111.13
C LYS C 193 6.56 -30.10 -111.34
N ASP C 194 6.29 -30.84 -110.28
CA ASP C 194 5.32 -31.93 -110.34
C ASP C 194 3.90 -31.38 -110.22
N ASP C 195 2.93 -32.27 -110.05
CA ASP C 195 1.54 -31.84 -109.94
C ASP C 195 1.30 -31.05 -108.66
N MET C 196 1.92 -31.46 -107.55
CA MET C 196 1.70 -30.80 -106.27
C MET C 196 2.48 -29.50 -106.14
N GLY C 197 3.36 -29.18 -107.09
CA GLY C 197 4.08 -27.93 -107.07
C GLY C 197 5.50 -28.01 -106.54
N ARG C 198 5.90 -29.13 -105.96
CA ARG C 198 7.25 -29.26 -105.45
C ARG C 198 8.25 -29.39 -106.59
N LEU C 199 9.51 -29.12 -106.28
CA LEU C 199 10.57 -29.27 -107.27
C LEU C 199 10.73 -30.73 -107.66
N CYS C 200 10.90 -30.99 -108.95
CA CYS C 200 10.99 -32.34 -109.47
C CYS C 200 12.31 -32.64 -110.15
N TYR C 201 13.30 -31.76 -110.01
CA TYR C 201 14.64 -32.08 -110.48
C TYR C 201 15.15 -33.34 -109.78
N LEU C 202 15.77 -34.22 -110.55
CA LEU C 202 16.07 -35.56 -110.04
C LEU C 202 16.99 -35.55 -108.82
N PRO C 203 18.17 -34.91 -108.83
CA PRO C 203 19.04 -35.02 -107.65
C PRO C 203 18.42 -34.46 -106.38
N THR C 204 17.95 -33.21 -106.42
CA THR C 204 17.39 -32.61 -105.22
C THR C 204 16.11 -33.33 -104.77
N ALA C 205 15.29 -33.75 -105.73
CA ALA C 205 14.06 -34.45 -105.38
C ALA C 205 14.37 -35.75 -104.64
N LEU C 206 15.26 -36.55 -105.20
CA LEU C 206 15.62 -37.81 -104.53
C LEU C 206 16.30 -37.56 -103.19
N GLU C 207 17.15 -36.54 -103.10
CA GLU C 207 17.84 -36.26 -101.86
C GLU C 207 16.88 -35.82 -100.76
N ALA C 208 15.85 -35.05 -101.13
CA ALA C 208 14.96 -34.48 -100.12
C ALA C 208 13.82 -35.42 -99.76
N ARG C 209 13.04 -35.85 -100.74
CA ARG C 209 11.79 -36.55 -100.45
C ARG C 209 11.93 -38.06 -100.36
N SER C 210 13.12 -38.61 -100.62
CA SER C 210 13.33 -40.04 -100.59
C SER C 210 14.48 -40.37 -99.63
N LYS C 211 14.26 -41.34 -98.76
CA LYS C 211 15.26 -41.77 -97.80
C LYS C 211 15.93 -43.09 -98.20
N TYR C 212 15.70 -43.56 -99.42
CA TYR C 212 16.28 -44.80 -99.91
C TYR C 212 17.32 -44.59 -101.01
N LEU C 213 17.06 -43.68 -101.93
CA LEU C 213 17.89 -43.52 -103.12
C LEU C 213 18.62 -42.19 -103.11
N ARG C 214 19.67 -42.12 -103.90
CA ARG C 214 20.35 -40.88 -104.24
C ARG C 214 20.75 -40.95 -105.70
N ALA C 215 21.00 -39.79 -106.30
CA ALA C 215 21.32 -39.76 -107.72
C ALA C 215 22.33 -38.65 -107.98
N VAL C 216 23.06 -38.81 -109.09
CA VAL C 216 23.96 -37.78 -109.60
C VAL C 216 23.74 -37.68 -111.10
N VAL C 217 24.11 -36.52 -111.66
CA VAL C 217 23.90 -36.23 -113.07
C VAL C 217 25.17 -35.69 -113.68
N ASN C 218 25.28 -35.83 -114.99
CA ASN C 218 26.38 -35.26 -115.76
C ASN C 218 25.89 -33.98 -116.43
N GLU C 219 26.50 -32.85 -116.08
CA GLU C 219 26.02 -31.56 -116.55
C GLU C 219 26.09 -31.46 -118.07
N GLU C 220 27.18 -31.93 -118.66
CA GLU C 220 27.37 -31.78 -120.10
C GLU C 220 26.30 -32.51 -120.89
N LEU C 221 25.96 -33.73 -120.48
CA LEU C 221 25.03 -34.57 -121.23
C LEU C 221 23.59 -34.47 -120.74
N ILE C 222 23.34 -33.69 -119.70
CA ILE C 222 21.99 -33.62 -119.15
C ILE C 222 21.04 -32.87 -120.06
N SER C 223 21.55 -32.05 -120.99
CA SER C 223 20.68 -31.28 -121.86
C SER C 223 20.00 -32.17 -122.90
N THR C 224 20.76 -33.06 -123.53
CA THR C 224 20.24 -33.92 -124.58
C THR C 224 19.81 -35.28 -124.07
N ALA C 225 19.88 -35.51 -122.75
CA ALA C 225 19.55 -36.81 -122.20
C ALA C 225 18.06 -37.12 -122.38
N LYS C 226 17.77 -38.36 -122.74
CA LYS C 226 16.40 -38.84 -122.87
C LYS C 226 16.30 -40.20 -122.20
N VAL C 227 15.13 -40.48 -121.64
CA VAL C 227 14.88 -41.72 -120.91
C VAL C 227 13.80 -42.51 -121.62
N THR C 228 14.02 -43.81 -121.75
CA THR C 228 13.06 -44.72 -122.35
C THR C 228 12.23 -45.39 -121.25
N ASN C 229 11.46 -46.40 -121.63
CA ASN C 229 10.64 -47.17 -120.69
C ASN C 229 11.39 -48.45 -120.34
N LYS C 230 11.95 -48.49 -119.14
CA LYS C 230 12.66 -49.67 -118.63
C LYS C 230 11.85 -50.30 -117.52
N LYS C 231 11.58 -51.59 -117.64
CA LYS C 231 10.74 -52.32 -116.71
C LYS C 231 11.54 -53.39 -116.02
N SER C 232 11.43 -53.44 -114.68
CA SER C 232 12.02 -54.49 -113.86
C SER C 232 13.54 -54.55 -114.03
N LEU C 233 14.20 -53.47 -113.61
CA LEU C 233 15.65 -53.48 -113.51
C LEU C 233 16.07 -54.25 -112.25
N ALA C 234 17.37 -54.31 -112.01
CA ALA C 234 17.88 -55.09 -110.90
C ALA C 234 19.20 -54.51 -110.41
N PHE C 235 19.23 -54.08 -109.15
CA PHE C 235 20.50 -53.73 -108.53
C PHE C 235 21.34 -54.99 -108.33
N THR C 236 22.65 -54.85 -108.46
CA THR C 236 23.54 -55.99 -108.29
C THR C 236 24.91 -55.50 -107.86
N GLY C 237 25.69 -56.42 -107.29
CA GLY C 237 27.03 -56.14 -106.86
C GLY C 237 27.16 -55.73 -105.40
N GLY C 238 26.06 -55.42 -104.73
CA GLY C 238 26.12 -55.01 -103.35
C GLY C 238 26.63 -56.14 -102.46
N THR C 239 27.43 -55.77 -101.46
CA THR C 239 28.07 -56.77 -100.61
C THR C 239 28.41 -56.13 -99.27
N ASN C 240 27.90 -56.70 -98.18
CA ASN C 240 28.22 -56.20 -96.85
C ASN C 240 29.61 -56.57 -96.40
N GLY C 241 30.28 -57.49 -97.10
CA GLY C 241 31.63 -57.88 -96.74
C GLY C 241 31.66 -58.77 -95.51
N ASP C 242 32.86 -58.92 -94.97
CA ASP C 242 33.07 -59.68 -93.75
C ASP C 242 32.97 -58.74 -92.56
N GLN C 243 32.03 -59.02 -91.66
CA GLN C 243 31.84 -58.20 -90.48
C GLN C 243 32.43 -58.83 -89.23
N SER C 244 33.04 -60.01 -89.35
CA SER C 244 33.66 -60.63 -88.19
C SER C 244 34.83 -59.80 -87.67
N LYS C 245 35.66 -59.28 -88.57
CA LYS C 245 36.81 -58.48 -88.20
C LYS C 245 36.64 -57.06 -88.73
N ILE C 246 37.01 -56.08 -87.92
CA ILE C 246 36.92 -54.67 -88.26
C ILE C 246 38.13 -53.96 -87.70
N SER C 247 38.83 -53.21 -88.54
CA SER C 247 40.00 -52.48 -88.08
C SER C 247 39.61 -51.41 -87.06
N THR C 248 40.53 -51.10 -86.16
CA THR C 248 40.26 -50.09 -85.15
C THR C 248 40.05 -48.70 -85.76
N ALA C 249 40.52 -48.48 -86.99
CA ALA C 249 40.30 -47.21 -87.65
C ALA C 249 38.81 -46.95 -87.88
N ALA C 250 38.07 -47.99 -88.28
CA ALA C 250 36.64 -47.83 -88.50
C ALA C 250 35.92 -47.47 -87.20
N TYR C 251 36.28 -48.14 -86.10
CA TYR C 251 35.66 -47.82 -84.82
C TYR C 251 36.00 -46.40 -84.38
N LEU C 252 37.25 -45.97 -84.60
CA LEU C 252 37.62 -44.62 -84.24
C LEU C 252 36.85 -43.59 -85.07
N ARG C 253 36.68 -43.84 -86.36
CA ARG C 253 35.90 -42.93 -87.19
C ARG C 253 34.45 -42.88 -86.72
N ALA C 254 33.87 -44.04 -86.38
CA ALA C 254 32.49 -44.05 -85.92
C ALA C 254 32.33 -43.28 -84.62
N VAL C 255 33.27 -43.45 -83.67
CA VAL C 255 33.11 -42.74 -82.41
C VAL C 255 33.35 -41.25 -82.60
N LYS C 256 34.22 -40.87 -83.53
CA LYS C 256 34.37 -39.44 -83.84
C LYS C 256 33.09 -38.85 -84.40
N VAL C 257 32.43 -39.59 -85.30
CA VAL C 257 31.16 -39.11 -85.83
C VAL C 257 30.13 -38.97 -84.72
N LEU C 258 30.08 -39.96 -83.82
CA LEU C 258 29.15 -39.88 -82.69
C LEU C 258 29.47 -38.69 -81.80
N ASN C 259 30.75 -38.36 -81.65
CA ASN C 259 31.14 -37.18 -80.90
C ASN C 259 30.60 -35.91 -81.54
N ASN C 260 30.76 -35.81 -82.86
CA ASN C 260 30.35 -34.60 -83.57
C ASN C 260 28.85 -34.57 -83.88
N ALA C 261 28.11 -35.61 -83.49
CA ALA C 261 26.68 -35.64 -83.74
C ALA C 261 25.99 -34.46 -83.05
N PRO C 262 25.09 -33.76 -83.73
CA PRO C 262 24.37 -32.63 -83.13
C PRO C 262 23.05 -33.05 -82.48
N TYR C 263 23.14 -33.89 -81.45
CA TYR C 263 21.96 -34.35 -80.74
C TYR C 263 22.22 -34.29 -79.25
N MET C 264 21.24 -34.71 -78.46
CA MET C 264 21.31 -34.72 -77.01
C MET C 264 21.11 -36.14 -76.50
N TYR C 265 22.05 -36.62 -75.69
CA TYR C 265 21.87 -37.92 -75.06
C TYR C 265 22.61 -37.92 -73.72
N THR C 266 22.15 -38.80 -72.82
CA THR C 266 22.68 -38.86 -71.46
C THR C 266 23.24 -40.24 -71.11
N ALA C 267 23.62 -41.04 -72.10
CA ALA C 267 24.21 -42.34 -71.84
C ALA C 267 24.95 -42.79 -73.09
N VAL C 268 26.16 -43.30 -72.91
CA VAL C 268 27.05 -43.56 -74.05
C VAL C 268 27.30 -45.05 -74.20
N LEU C 269 26.27 -45.86 -73.96
CA LEU C 269 26.35 -47.31 -73.92
C LEU C 269 27.37 -47.88 -74.89
N GLY C 270 28.26 -48.72 -74.37
CA GLY C 270 29.24 -49.41 -75.18
C GLY C 270 28.68 -50.67 -75.80
N LEU C 271 27.91 -50.51 -76.87
CA LEU C 271 27.16 -51.62 -77.45
C LEU C 271 28.12 -52.64 -78.03
N GLY C 272 28.30 -53.74 -77.33
CA GLY C 272 29.03 -54.91 -77.80
C GLY C 272 30.30 -54.63 -78.58
N CYS C 273 31.07 -53.64 -78.16
CA CYS C 273 32.31 -53.27 -78.83
C CYS C 273 33.45 -53.45 -77.82
N TYR C 274 34.17 -54.56 -77.94
CA TYR C 274 35.25 -54.88 -77.02
C TYR C 274 36.60 -54.51 -77.66
N ASP C 275 36.81 -53.21 -77.79
CA ASP C 275 38.06 -52.66 -78.30
C ASP C 275 38.55 -51.57 -77.37
N ASN C 276 39.81 -51.66 -76.97
CA ASN C 276 40.34 -50.74 -75.96
C ASN C 276 40.31 -49.30 -76.46
N ALA C 277 40.70 -49.07 -77.72
CA ALA C 277 40.71 -47.71 -78.25
C ALA C 277 39.31 -47.12 -78.30
N ALA C 278 38.34 -47.91 -78.76
CA ALA C 278 36.97 -47.41 -78.84
C ALA C 278 36.40 -47.13 -77.45
N ILE C 279 36.69 -48.00 -76.49
CA ILE C 279 36.19 -47.78 -75.13
C ILE C 279 36.81 -46.53 -74.54
N THR C 280 38.11 -46.31 -74.78
CA THR C 280 38.73 -45.09 -74.30
C THR C 280 38.11 -43.85 -74.94
N ALA C 281 37.82 -43.92 -76.24
CA ALA C 281 37.19 -42.78 -76.91
C ALA C 281 35.81 -42.50 -76.33
N LEU C 282 35.04 -43.55 -76.04
CA LEU C 282 33.73 -43.34 -75.44
C LEU C 282 33.83 -42.77 -74.04
N GLY C 283 34.86 -43.17 -73.29
CA GLY C 283 35.11 -42.53 -72.01
C GLY C 283 35.43 -41.05 -72.18
N LYS C 284 36.18 -40.71 -73.22
CA LYS C 284 36.43 -39.31 -73.54
C LYS C 284 35.12 -38.58 -73.80
N ILE C 285 34.20 -39.23 -74.50
CA ILE C 285 32.90 -38.62 -74.78
C ILE C 285 32.17 -38.34 -73.48
N CYS C 286 32.16 -39.31 -72.57
CA CYS C 286 31.55 -39.10 -71.25
C CYS C 286 32.17 -37.90 -70.55
N ALA C 287 33.49 -37.85 -70.48
CA ALA C 287 34.16 -36.78 -69.76
C ALA C 287 33.87 -35.42 -70.39
N ASP C 288 33.78 -35.38 -71.72
CA ASP C 288 33.58 -34.10 -72.40
C ASP C 288 32.15 -33.61 -72.23
N ARG C 289 31.16 -34.48 -72.46
CA ARG C 289 29.77 -34.04 -72.46
C ARG C 289 29.11 -34.08 -71.09
N LEU C 290 29.80 -34.60 -70.06
CA LEU C 290 29.23 -34.72 -68.72
C LEU C 290 27.98 -35.62 -68.73
N ILE C 291 28.19 -36.87 -69.14
CA ILE C 291 27.14 -37.88 -69.18
C ILE C 291 27.66 -39.17 -68.56
N ASP C 292 26.85 -40.22 -68.66
CA ASP C 292 27.13 -41.49 -68.04
C ASP C 292 27.46 -42.55 -69.08
N GLY C 293 28.34 -43.48 -68.72
CA GLY C 293 28.71 -44.56 -69.60
C GLY C 293 28.64 -45.91 -68.93
N PHE C 294 28.20 -46.93 -69.66
CA PHE C 294 28.05 -48.29 -69.14
C PHE C 294 28.75 -49.26 -70.07
N PHE C 295 30.06 -49.43 -69.89
CA PHE C 295 30.83 -50.33 -70.73
C PHE C 295 30.97 -51.67 -70.04
N ASP C 296 31.46 -52.66 -70.78
CA ASP C 296 31.46 -54.00 -70.24
C ASP C 296 32.58 -54.79 -70.90
N VAL C 297 33.33 -55.55 -70.10
CA VAL C 297 34.47 -56.32 -70.59
C VAL C 297 34.00 -57.57 -71.30
N LYS C 298 34.90 -58.27 -71.98
CA LYS C 298 34.51 -59.46 -72.72
C LYS C 298 33.86 -60.47 -71.77
N PRO C 299 32.61 -60.85 -72.00
CA PRO C 299 31.93 -61.75 -71.06
C PRO C 299 32.23 -63.21 -71.33
N THR C 300 33.50 -63.52 -71.62
CA THR C 300 33.97 -64.89 -71.74
C THR C 300 35.30 -65.08 -71.02
N LEU C 301 35.69 -64.15 -70.18
CA LEU C 301 36.92 -64.24 -69.42
C LEU C 301 36.63 -64.81 -68.04
N THR C 302 37.57 -65.61 -67.53
CA THR C 302 37.44 -66.14 -66.19
C THR C 302 37.59 -65.03 -65.17
N TYR C 303 37.15 -65.31 -63.95
CA TYR C 303 37.21 -64.31 -62.88
C TYR C 303 38.65 -63.90 -62.58
N ALA C 304 39.63 -64.76 -62.90
CA ALA C 304 41.02 -64.39 -62.68
C ALA C 304 41.48 -63.34 -63.68
N GLU C 305 41.12 -63.50 -64.96
CA GLU C 305 41.55 -62.57 -65.99
C GLU C 305 40.64 -61.36 -66.10
N ALA C 306 39.48 -61.36 -65.45
CA ALA C 306 38.61 -60.20 -65.53
C ALA C 306 39.26 -58.95 -64.92
N LEU C 307 39.96 -59.12 -63.80
CA LEU C 307 40.54 -57.97 -63.12
C LEU C 307 41.60 -57.25 -63.94
N PRO C 308 42.61 -57.93 -64.52
CA PRO C 308 43.57 -57.18 -65.37
C PRO C 308 42.94 -56.58 -66.61
N ALA C 309 41.85 -57.17 -67.14
CA ALA C 309 41.22 -56.61 -68.32
C ALA C 309 40.59 -55.25 -68.03
N VAL C 310 40.11 -55.04 -66.81
CA VAL C 310 39.54 -53.74 -66.46
C VAL C 310 40.62 -52.67 -66.47
N GLU C 311 41.81 -52.99 -65.95
CA GLU C 311 42.92 -52.04 -66.05
C GLU C 311 43.34 -51.84 -67.49
N ASP C 312 43.30 -52.91 -68.29
CA ASP C 312 43.67 -52.80 -69.70
C ASP C 312 42.74 -51.85 -70.43
N THR C 313 41.43 -51.92 -70.15
CA THR C 313 40.45 -51.18 -70.94
C THR C 313 40.64 -49.68 -70.85
N GLY C 314 41.38 -49.18 -69.84
CA GLY C 314 41.96 -47.85 -69.90
C GLY C 314 41.26 -46.77 -69.09
N LEU C 315 40.03 -46.99 -68.64
CA LEU C 315 39.34 -45.93 -67.92
C LEU C 315 39.75 -45.80 -66.46
N LEU C 316 40.54 -46.73 -65.94
CA LEU C 316 40.94 -46.66 -64.53
C LEU C 316 41.83 -45.45 -64.30
N GLY C 317 41.29 -44.44 -63.64
CA GLY C 317 42.03 -43.23 -63.34
C GLY C 317 41.19 -42.25 -62.56
N THR C 318 41.35 -40.96 -62.85
CA THR C 318 40.57 -39.92 -62.21
C THR C 318 39.81 -39.05 -63.19
N ASP C 319 40.08 -39.16 -64.48
CA ASP C 319 39.37 -38.34 -65.47
C ASP C 319 37.97 -38.86 -65.71
N TYR C 320 37.78 -40.17 -65.73
CA TYR C 320 36.49 -40.78 -66.03
C TYR C 320 35.86 -41.25 -64.72
N VAL C 321 35.07 -40.37 -64.10
CA VAL C 321 34.47 -40.66 -62.81
C VAL C 321 33.02 -41.08 -62.92
N SER C 322 32.48 -41.19 -64.13
CA SER C 322 31.07 -41.52 -64.31
C SER C 322 30.85 -42.77 -65.14
N CYS C 323 31.91 -43.47 -65.54
CA CYS C 323 31.79 -44.63 -66.42
C CYS C 323 31.93 -45.91 -65.62
N SER C 324 30.93 -46.78 -65.74
CA SER C 324 30.91 -48.06 -65.04
C SER C 324 31.33 -49.18 -65.99
N VAL C 325 31.94 -50.21 -65.42
CA VAL C 325 32.41 -51.37 -66.17
C VAL C 325 31.76 -52.62 -65.61
N TYR C 326 31.19 -53.44 -66.48
CA TYR C 326 30.49 -54.64 -66.05
C TYR C 326 31.13 -55.89 -66.63
N HIS C 327 30.64 -57.03 -66.17
CA HIS C 327 31.17 -58.34 -66.56
C HIS C 327 30.11 -59.38 -66.24
N TYR C 328 29.67 -60.13 -67.25
CA TYR C 328 28.58 -61.09 -67.12
C TYR C 328 28.97 -62.42 -67.74
N PRO C 329 29.75 -63.23 -67.03
CA PRO C 329 30.18 -64.53 -67.59
C PRO C 329 29.12 -65.62 -67.40
N PHE C 330 28.05 -65.53 -68.19
CA PHE C 330 26.97 -66.50 -68.13
C PHE C 330 26.45 -66.75 -69.53
N SER C 331 25.82 -67.90 -69.72
CA SER C 331 25.22 -68.26 -70.99
C SER C 331 23.71 -68.03 -70.93
N CYS C 332 23.08 -68.02 -72.09
CA CYS C 332 21.65 -67.75 -72.17
C CYS C 332 21.10 -68.32 -73.47
N LYS C 333 19.78 -68.46 -73.51
CA LYS C 333 19.09 -68.96 -74.68
C LYS C 333 18.51 -67.78 -75.44
N ASP C 334 18.87 -67.65 -76.71
CA ASP C 334 18.50 -66.47 -77.49
C ASP C 334 17.00 -66.42 -77.74
N LYS C 335 16.48 -65.20 -77.87
CA LYS C 335 15.04 -65.01 -78.03
C LYS C 335 14.59 -65.38 -79.43
N TRP C 336 15.41 -65.08 -80.44
CA TRP C 336 14.97 -65.24 -81.84
C TRP C 336 15.39 -66.59 -82.42
N THR C 337 16.70 -66.86 -82.44
CA THR C 337 17.19 -68.04 -83.13
C THR C 337 17.14 -69.30 -82.29
N GLN C 338 16.87 -69.20 -80.98
CA GLN C 338 16.79 -70.34 -80.08
C GLN C 338 18.09 -71.15 -80.08
N SER C 339 19.16 -70.50 -79.61
CA SER C 339 20.47 -71.13 -79.55
C SER C 339 21.18 -70.68 -78.27
N ARG C 340 22.39 -71.18 -78.07
CA ARG C 340 23.20 -70.86 -76.91
C ARG C 340 24.14 -69.71 -77.26
N VAL C 341 23.88 -68.53 -76.70
CA VAL C 341 24.67 -67.34 -77.00
C VAL C 341 25.08 -66.68 -75.69
N VAL C 342 26.12 -65.88 -75.76
CA VAL C 342 26.60 -65.08 -74.64
C VAL C 342 26.80 -63.65 -75.10
N PHE C 343 26.29 -62.70 -74.33
CA PHE C 343 26.53 -61.29 -74.62
C PHE C 343 26.57 -60.52 -73.31
N GLY C 344 26.70 -59.20 -73.40
CA GLY C 344 27.08 -58.38 -72.28
C GLY C 344 25.91 -57.89 -71.45
N LEU C 345 26.18 -56.84 -70.66
CA LEU C 345 25.22 -56.33 -69.68
C LEU C 345 25.00 -54.83 -69.79
N SER C 346 25.54 -54.18 -70.83
CA SER C 346 25.36 -52.73 -70.96
C SER C 346 23.90 -52.36 -71.13
N GLY C 347 23.17 -53.12 -71.95
CA GLY C 347 21.77 -52.82 -72.14
C GLY C 347 20.96 -52.92 -70.87
N VAL C 348 21.20 -53.97 -70.07
CA VAL C 348 20.45 -54.13 -68.83
C VAL C 348 20.84 -53.06 -67.83
N ALA C 349 22.13 -52.69 -67.79
CA ALA C 349 22.54 -51.61 -66.91
C ALA C 349 21.83 -50.31 -67.25
N TYR C 350 21.75 -49.98 -68.55
CA TYR C 350 21.05 -48.76 -68.91
C TYR C 350 19.55 -48.88 -68.65
N ALA C 351 18.97 -50.07 -68.80
CA ALA C 351 17.57 -50.23 -68.47
C ALA C 351 17.33 -49.96 -66.99
N ALA C 352 18.24 -50.44 -66.14
CA ALA C 352 18.14 -50.14 -64.71
C ALA C 352 18.23 -48.64 -64.46
N LYS C 353 19.18 -47.97 -65.13
CA LYS C 353 19.32 -46.54 -64.92
C LYS C 353 18.08 -45.78 -65.36
N ALA C 354 17.47 -46.19 -66.47
CA ALA C 354 16.26 -45.53 -66.95
C ALA C 354 15.09 -45.78 -66.01
N ARG C 355 14.95 -47.01 -65.51
CA ARG C 355 13.91 -47.28 -64.53
C ARG C 355 14.09 -46.39 -63.30
N GLY C 356 15.35 -46.18 -62.89
CA GLY C 356 15.59 -45.28 -61.78
C GLY C 356 15.25 -43.84 -62.10
N VAL C 357 15.60 -43.38 -63.30
CA VAL C 357 15.40 -41.97 -63.64
C VAL C 357 13.94 -41.66 -63.92
N LYS C 358 13.10 -42.67 -64.16
CA LYS C 358 11.69 -42.43 -64.42
C LYS C 358 10.84 -42.44 -63.16
N LYS C 359 11.44 -42.59 -61.98
CA LYS C 359 10.65 -42.64 -60.75
C LYS C 359 10.07 -41.27 -60.41
N ASN C 360 10.94 -40.28 -60.20
CA ASN C 360 10.49 -38.92 -59.97
C ASN C 360 10.08 -38.27 -61.29
N SER C 361 9.04 -37.45 -61.24
CA SER C 361 8.51 -36.83 -62.44
C SER C 361 8.91 -35.37 -62.63
N ASP C 362 9.09 -34.62 -61.54
CA ASP C 362 9.38 -33.19 -61.67
C ASP C 362 10.79 -33.00 -62.23
N VAL C 363 11.80 -33.45 -61.51
CA VAL C 363 13.19 -33.34 -61.94
C VAL C 363 13.79 -34.67 -62.34
N GLY C 364 13.07 -35.77 -62.14
CA GLY C 364 13.61 -37.08 -62.47
C GLY C 364 14.55 -37.57 -61.39
N GLY C 365 14.43 -38.84 -61.02
CA GLY C 365 15.25 -39.36 -59.95
C GLY C 365 16.60 -39.84 -60.45
N TRP C 366 17.62 -39.00 -60.30
CA TRP C 366 18.97 -39.37 -60.66
C TRP C 366 19.74 -39.99 -59.51
N HIS C 367 19.17 -39.99 -58.31
CA HIS C 367 19.88 -40.47 -57.13
C HIS C 367 19.66 -41.96 -56.87
N TYR C 368 18.93 -42.64 -57.73
CA TYR C 368 18.70 -44.08 -57.57
C TYR C 368 19.83 -44.84 -58.23
N SER C 369 20.48 -45.70 -57.46
CA SER C 369 21.58 -46.49 -58.01
C SER C 369 21.04 -47.55 -58.97
N PRO C 370 21.77 -47.87 -60.03
CA PRO C 370 21.35 -48.91 -60.98
C PRO C 370 21.62 -50.32 -60.49
N ALA C 371 21.10 -50.66 -59.32
CA ALA C 371 21.27 -51.99 -58.75
C ALA C 371 20.15 -52.24 -57.75
N GLY C 372 19.97 -53.51 -57.41
CA GLY C 372 18.97 -53.92 -56.47
C GLY C 372 18.13 -55.03 -57.03
N GLU C 373 17.01 -55.30 -56.37
CA GLU C 373 16.08 -56.35 -56.80
C GLU C 373 14.77 -55.78 -57.32
N GLU C 374 14.58 -54.47 -57.26
CA GLU C 374 13.38 -53.84 -57.79
C GLU C 374 13.64 -52.99 -59.02
N ARG C 375 14.89 -52.81 -59.41
CA ARG C 375 15.21 -51.95 -60.55
C ARG C 375 16.25 -52.52 -61.49
N ALA C 376 16.82 -53.69 -61.22
CA ALA C 376 17.91 -54.17 -62.05
C ALA C 376 17.83 -55.67 -62.33
N VAL C 377 16.62 -56.22 -62.34
CA VAL C 377 16.48 -57.65 -62.62
C VAL C 377 16.89 -57.93 -64.05
N ILE C 378 17.49 -59.10 -64.26
CA ILE C 378 17.96 -59.53 -65.57
C ILE C 378 16.99 -60.57 -66.10
N ALA C 379 16.42 -60.30 -67.27
CA ALA C 379 15.45 -61.19 -67.89
C ALA C 379 16.13 -61.92 -69.04
N ARG C 380 16.37 -63.21 -68.84
CA ARG C 380 16.95 -64.06 -69.89
C ARG C 380 16.18 -65.38 -69.89
N ALA C 381 16.71 -66.37 -70.60
CA ALA C 381 16.07 -67.66 -70.72
C ALA C 381 17.10 -68.75 -70.46
N SER C 382 16.85 -69.56 -69.43
CA SER C 382 17.69 -70.72 -69.10
C SER C 382 19.15 -70.32 -68.89
N ILE C 383 19.35 -69.42 -67.93
CA ILE C 383 20.71 -68.97 -67.62
C ILE C 383 21.50 -70.14 -67.07
N GLN C 384 22.60 -70.47 -67.73
CA GLN C 384 23.46 -71.57 -67.34
C GLN C 384 24.87 -71.06 -67.17
N PRO C 385 25.44 -71.07 -65.96
CA PRO C 385 26.74 -70.44 -65.74
C PRO C 385 27.84 -71.05 -66.62
N LEU C 386 28.75 -70.19 -67.07
CA LEU C 386 29.81 -70.64 -67.95
C LEU C 386 30.87 -71.42 -67.20
N TYR C 387 31.22 -70.98 -66.00
CA TYR C 387 32.27 -71.60 -65.18
C TYR C 387 31.70 -71.90 -63.81
N PRO C 388 30.90 -72.95 -63.68
CA PRO C 388 30.34 -73.29 -62.36
C PRO C 388 31.38 -73.65 -61.32
N GLU C 389 32.57 -74.09 -61.72
CA GLU C 389 33.57 -74.50 -60.75
C GLU C 389 34.33 -73.35 -60.13
N ASP C 390 34.16 -72.13 -60.64
CA ASP C 390 34.91 -70.99 -60.12
C ASP C 390 34.05 -70.21 -59.11
N THR C 391 34.64 -69.19 -58.51
CA THR C 391 33.98 -68.40 -57.49
C THR C 391 34.44 -66.95 -57.61
N PRO C 392 33.58 -65.99 -57.28
CA PRO C 392 33.98 -64.58 -57.35
C PRO C 392 35.01 -64.24 -56.30
N ASP C 393 35.56 -63.03 -56.41
CA ASP C 393 36.66 -62.53 -55.60
C ASP C 393 36.28 -61.20 -54.96
N GLU C 394 35.12 -61.18 -54.28
CA GLU C 394 34.44 -59.94 -53.88
C GLU C 394 35.37 -58.81 -53.48
N GLU C 395 36.33 -59.08 -52.59
CA GLU C 395 37.22 -58.02 -52.14
C GLU C 395 38.09 -57.51 -53.28
N ALA C 396 38.67 -58.42 -54.07
CA ALA C 396 39.48 -58.01 -55.21
C ALA C 396 38.65 -57.25 -56.22
N MET C 397 37.41 -57.70 -56.47
CA MET C 397 36.54 -57.02 -57.41
C MET C 397 36.23 -55.60 -56.94
N VAL C 398 35.92 -55.42 -55.66
CA VAL C 398 35.61 -54.10 -55.16
C VAL C 398 36.84 -53.20 -55.23
N LYS C 399 38.01 -53.74 -54.94
CA LYS C 399 39.22 -52.93 -55.05
C LYS C 399 39.54 -52.58 -56.50
N GLY C 400 39.20 -53.46 -57.43
CA GLY C 400 39.44 -53.24 -58.84
C GLY C 400 38.31 -52.57 -59.60
N ARG C 401 37.24 -52.16 -58.90
CA ARG C 401 36.14 -51.42 -59.49
C ARG C 401 35.48 -52.21 -60.62
N LEU C 402 34.88 -53.34 -60.23
CA LEU C 402 34.20 -54.22 -61.17
C LEU C 402 32.87 -54.64 -60.56
N ASN C 403 31.76 -54.20 -61.13
CA ASN C 403 30.45 -54.59 -60.65
C ASN C 403 30.21 -56.06 -60.93
N LYS C 404 29.54 -56.73 -60.00
CA LYS C 404 29.35 -58.18 -60.07
C LYS C 404 27.86 -58.51 -60.01
N VAL C 405 27.49 -59.60 -60.68
CA VAL C 405 26.13 -60.09 -60.63
C VAL C 405 26.00 -61.07 -59.47
N SER C 406 24.75 -61.34 -59.09
CA SER C 406 24.46 -62.27 -58.01
C SER C 406 23.08 -62.85 -58.22
N VAL C 407 22.60 -63.58 -57.23
CA VAL C 407 21.25 -64.14 -57.23
C VAL C 407 20.51 -63.54 -56.04
N GLY C 408 19.53 -62.69 -56.33
CA GLY C 408 18.74 -62.07 -55.30
C GLY C 408 17.63 -62.97 -54.84
N THR C 409 16.65 -62.36 -54.16
CA THR C 409 15.49 -63.11 -53.71
C THR C 409 14.67 -63.57 -54.91
N SER C 410 13.95 -64.69 -54.71
CA SER C 410 13.07 -65.31 -55.70
C SER C 410 13.86 -66.00 -56.81
N GLY C 411 15.18 -65.82 -56.83
CA GLY C 411 16.02 -66.58 -57.74
C GLY C 411 16.35 -65.93 -59.07
N GLN C 412 15.94 -64.69 -59.30
CA GLN C 412 16.32 -64.00 -60.52
C GLN C 412 17.66 -63.29 -60.34
N MET C 413 18.52 -63.41 -61.34
CA MET C 413 19.80 -62.73 -61.29
C MET C 413 19.61 -61.22 -61.28
N ILE C 414 20.45 -60.53 -60.52
CA ILE C 414 20.39 -59.08 -60.41
C ILE C 414 21.81 -58.52 -60.48
N ILE C 415 21.89 -57.21 -60.65
CA ILE C 415 23.15 -56.48 -60.53
C ILE C 415 23.26 -55.98 -59.09
N ASP C 416 24.38 -56.24 -58.45
CA ASP C 416 24.53 -55.96 -57.03
C ASP C 416 25.73 -55.08 -56.73
N ASP C 417 25.97 -54.07 -57.56
CA ASP C 417 26.99 -53.08 -57.25
C ASP C 417 26.73 -51.83 -58.08
N ALA C 418 27.25 -50.71 -57.59
CA ALA C 418 27.10 -49.41 -58.24
C ALA C 418 28.43 -48.66 -58.19
N LEU C 419 29.52 -49.34 -58.52
CA LEU C 419 30.85 -48.76 -58.42
C LEU C 419 31.31 -48.27 -59.79
N THR C 420 31.88 -47.06 -59.81
CA THR C 420 32.38 -46.46 -61.02
C THR C 420 33.84 -46.82 -61.23
N CYS C 421 34.50 -46.14 -62.16
CA CYS C 421 35.90 -46.39 -62.46
C CYS C 421 36.85 -45.50 -61.69
N CYS C 422 36.35 -44.63 -60.81
CA CYS C 422 37.22 -43.79 -60.01
C CYS C 422 38.03 -44.64 -59.03
N THR C 423 39.32 -44.34 -58.93
CA THR C 423 40.19 -45.07 -58.02
C THR C 423 40.26 -44.46 -56.64
N GLN C 424 40.08 -43.15 -56.53
CA GLN C 424 40.13 -42.49 -55.24
C GLN C 424 38.99 -42.97 -54.35
N ASP C 425 39.29 -43.14 -53.06
CA ASP C 425 38.30 -43.66 -52.11
C ASP C 425 37.60 -42.48 -51.44
N ASN C 426 36.60 -41.95 -52.14
CA ASN C 426 35.78 -40.87 -51.61
C ASN C 426 34.35 -41.08 -52.11
N TYR C 427 33.52 -40.06 -51.99
CA TYR C 427 32.13 -40.17 -52.41
C TYR C 427 31.98 -40.34 -53.91
N LEU C 428 33.04 -40.14 -54.68
CA LEU C 428 32.90 -40.10 -56.13
C LEU C 428 32.87 -41.48 -56.77
N HIS C 429 33.24 -42.54 -56.06
CA HIS C 429 33.27 -43.85 -56.71
C HIS C 429 31.92 -44.55 -56.69
N PHE C 430 30.94 -44.04 -55.94
CA PHE C 430 29.60 -44.56 -56.06
C PHE C 430 28.96 -44.06 -57.35
N GLN C 431 27.96 -44.80 -57.83
CA GLN C 431 27.43 -44.49 -59.16
C GLN C 431 26.53 -43.26 -59.14
N HIS C 432 25.69 -43.12 -58.12
CA HIS C 432 24.64 -42.11 -58.21
C HIS C 432 25.17 -40.69 -58.03
N VAL C 433 26.23 -40.51 -57.24
CA VAL C 433 26.73 -39.16 -56.98
C VAL C 433 27.20 -38.45 -58.24
N PRO C 434 28.06 -39.03 -59.08
CA PRO C 434 28.43 -38.32 -60.31
C PRO C 434 27.26 -38.03 -61.22
N SER C 435 26.26 -38.93 -61.29
CA SER C 435 25.12 -38.68 -62.16
C SER C 435 24.33 -37.46 -61.69
N LEU C 436 24.07 -37.38 -60.38
CA LEU C 436 23.34 -36.24 -59.85
C LEU C 436 24.13 -34.94 -60.04
N MET C 437 25.42 -34.97 -59.74
CA MET C 437 26.23 -33.76 -59.92
C MET C 437 26.28 -33.34 -61.39
N ASN C 438 26.34 -34.30 -62.30
CA ASN C 438 26.38 -33.96 -63.72
C ASN C 438 25.05 -33.40 -64.18
N ALA C 439 23.93 -33.89 -63.65
CA ALA C 439 22.64 -33.29 -63.99
C ALA C 439 22.61 -31.83 -63.55
N ILE C 440 23.06 -31.56 -62.32
CA ILE C 440 23.07 -30.18 -61.85
C ILE C 440 23.98 -29.32 -62.74
N SER C 441 25.15 -29.85 -63.10
CA SER C 441 26.09 -29.09 -63.92
C SER C 441 25.52 -28.79 -65.30
N ARG C 442 24.83 -29.75 -65.91
CA ARG C 442 24.24 -29.50 -67.22
C ARG C 442 23.16 -28.42 -67.14
N PHE C 443 22.33 -28.47 -66.10
CA PHE C 443 21.36 -27.40 -65.93
C PHE C 443 22.05 -26.05 -65.75
N PHE C 444 23.14 -26.01 -64.99
CA PHE C 444 23.86 -24.75 -64.82
C PHE C 444 24.40 -24.23 -66.14
N VAL C 445 24.96 -25.12 -66.95
CA VAL C 445 25.50 -24.67 -68.23
C VAL C 445 24.39 -24.06 -69.07
N GLN C 446 23.22 -24.71 -69.11
CA GLN C 446 22.11 -24.13 -69.87
C GLN C 446 21.75 -22.75 -69.35
N LEU C 447 21.60 -22.62 -68.02
CA LEU C 447 21.17 -21.34 -67.45
C LEU C 447 22.19 -20.24 -67.72
N ALA C 448 23.47 -20.52 -67.51
CA ALA C 448 24.48 -19.49 -67.70
C ALA C 448 24.62 -19.13 -69.17
N ARG C 449 24.49 -20.10 -70.07
CA ARG C 449 24.51 -19.78 -71.49
C ARG C 449 23.38 -18.86 -71.86
N GLN C 450 22.19 -19.10 -71.30
CA GLN C 450 21.08 -18.19 -71.58
C GLN C 450 21.30 -16.81 -70.98
N MET C 451 21.97 -16.74 -69.83
CA MET C 451 22.07 -15.50 -69.07
C MET C 451 23.37 -14.74 -69.32
N LYS C 452 24.20 -15.21 -70.25
CA LYS C 452 25.45 -14.54 -70.55
C LYS C 452 25.20 -13.16 -71.16
N HIS C 453 26.19 -12.28 -70.98
CA HIS C 453 26.27 -10.95 -71.61
C HIS C 453 25.25 -9.96 -71.06
N SER C 454 24.75 -10.18 -69.86
CA SER C 454 23.83 -9.23 -69.25
C SER C 454 24.54 -8.38 -68.21
N PRO C 455 24.00 -7.20 -67.89
CA PRO C 455 24.60 -6.39 -66.83
C PRO C 455 24.49 -7.08 -65.48
N ASP C 456 25.35 -6.66 -64.55
CA ASP C 456 25.48 -7.37 -63.28
C ASP C 456 24.19 -7.32 -62.48
N GLY C 457 23.45 -6.22 -62.56
CA GLY C 457 22.23 -6.10 -61.77
C GLY C 457 21.22 -7.19 -62.11
N ILE C 458 21.01 -7.43 -63.39
CA ILE C 458 20.13 -8.53 -63.81
C ILE C 458 20.80 -9.87 -63.55
N THR C 459 22.12 -9.96 -63.80
CA THR C 459 22.80 -11.24 -63.79
C THR C 459 22.80 -11.88 -62.41
N ALA C 460 23.14 -11.09 -61.38
CA ALA C 460 23.22 -11.65 -60.04
C ALA C 460 21.87 -12.19 -59.59
N ALA C 461 20.81 -11.40 -59.73
CA ALA C 461 19.49 -11.83 -59.32
C ALA C 461 19.03 -13.04 -60.11
N GLY C 462 19.27 -13.04 -61.43
CA GLY C 462 18.82 -14.17 -62.23
C GLY C 462 19.52 -15.45 -61.87
N LEU C 463 20.85 -15.41 -61.72
CA LEU C 463 21.60 -16.60 -61.35
C LEU C 463 21.15 -17.12 -60.00
N THR C 464 21.04 -16.22 -59.00
CA THR C 464 20.65 -16.66 -57.67
C THR C 464 19.26 -17.29 -57.69
N LYS C 465 18.31 -16.65 -58.38
CA LYS C 465 16.95 -17.18 -58.40
C LYS C 465 16.89 -18.54 -59.08
N GLY C 466 17.54 -18.66 -60.24
CA GLY C 466 17.49 -19.94 -60.95
C GLY C 466 18.13 -21.07 -60.16
N MET C 467 19.32 -20.82 -59.62
CA MET C 467 19.98 -21.87 -58.86
C MET C 467 19.23 -22.23 -57.58
N THR C 468 18.70 -21.23 -56.87
CA THR C 468 17.95 -21.53 -55.66
C THR C 468 16.72 -22.36 -55.99
N LYS C 469 16.01 -22.02 -57.07
CA LYS C 469 14.84 -22.79 -57.44
C LYS C 469 15.21 -24.23 -57.79
N LEU C 470 16.27 -24.42 -58.58
CA LEU C 470 16.65 -25.76 -58.99
C LEU C 470 17.06 -26.61 -57.80
N LEU C 471 17.89 -26.05 -56.92
CA LEU C 471 18.34 -26.84 -55.77
C LEU C 471 17.21 -27.11 -54.79
N ASP C 472 16.26 -26.18 -54.65
CA ASP C 472 15.09 -26.45 -53.83
C ASP C 472 14.26 -27.59 -54.44
N ARG C 473 14.14 -27.62 -55.76
CA ARG C 473 13.44 -28.72 -56.41
C ARG C 473 14.12 -30.04 -56.12
N PHE C 474 15.45 -30.07 -56.18
CA PHE C 474 16.16 -31.31 -55.88
C PHE C 474 15.98 -31.73 -54.43
N VAL C 475 16.07 -30.78 -53.49
CA VAL C 475 15.91 -31.14 -52.09
C VAL C 475 14.51 -31.68 -51.82
N ALA C 476 13.49 -31.05 -52.41
CA ALA C 476 12.13 -31.56 -52.26
C ALA C 476 12.00 -32.94 -52.89
N SER C 477 12.71 -33.19 -53.99
CA SER C 477 12.72 -34.52 -54.59
C SER C 477 13.30 -35.54 -53.61
N GLY C 478 14.37 -35.17 -52.92
CA GLY C 478 14.98 -36.05 -51.94
C GLY C 478 16.38 -36.50 -52.26
N ALA C 479 17.04 -35.90 -53.24
CA ALA C 479 18.40 -36.28 -53.60
C ALA C 479 19.46 -35.65 -52.71
N LEU C 480 19.10 -34.65 -51.92
CA LEU C 480 20.03 -34.02 -50.99
C LEU C 480 19.45 -34.07 -49.58
N VAL C 481 20.30 -34.33 -48.60
CA VAL C 481 19.89 -34.46 -47.22
C VAL C 481 20.82 -33.60 -46.35
N ALA C 482 20.43 -33.45 -45.08
CA ALA C 482 21.21 -32.65 -44.16
C ALA C 482 22.61 -33.22 -44.00
N PRO C 483 23.61 -32.39 -43.72
CA PRO C 483 24.99 -32.89 -43.63
C PRO C 483 25.14 -33.88 -42.49
N ARG C 484 26.13 -34.77 -42.64
CA ARG C 484 26.33 -35.83 -41.66
C ARG C 484 26.68 -35.26 -40.29
N ASP C 485 27.54 -34.24 -40.25
CA ASP C 485 27.96 -33.64 -38.99
C ASP C 485 27.46 -32.21 -38.93
N PRO C 486 26.32 -31.94 -38.29
CA PRO C 486 25.75 -30.60 -38.26
C PRO C 486 26.36 -29.71 -37.17
N ASP C 487 27.68 -29.71 -37.09
CA ASP C 487 28.42 -28.89 -36.15
C ASP C 487 29.39 -27.94 -36.83
N ALA C 488 30.08 -28.38 -37.87
CA ALA C 488 31.03 -27.56 -38.59
C ALA C 488 30.44 -26.99 -39.87
N ASP C 489 29.97 -27.86 -40.76
CA ASP C 489 29.46 -27.43 -42.07
C ASP C 489 27.95 -27.20 -42.03
N GLY C 490 27.49 -26.37 -41.09
CA GLY C 490 26.11 -25.93 -41.00
C GLY C 490 25.11 -27.08 -40.94
N THR C 491 23.87 -26.74 -41.29
CA THR C 491 22.80 -27.72 -41.32
C THR C 491 21.89 -27.56 -42.53
N GLU C 492 22.39 -26.98 -43.62
CA GLU C 492 21.55 -26.88 -44.80
C GLU C 492 22.02 -27.86 -45.87
N PRO C 493 21.10 -28.46 -46.63
CA PRO C 493 21.52 -29.43 -47.65
C PRO C 493 22.46 -28.85 -48.69
N TYR C 494 22.25 -27.59 -49.08
CA TYR C 494 23.07 -26.94 -50.09
C TYR C 494 23.42 -25.53 -49.65
N VAL C 495 24.62 -25.10 -50.05
CA VAL C 495 25.11 -23.76 -49.79
C VAL C 495 25.48 -23.13 -51.13
N LEU C 496 24.96 -21.94 -51.39
CA LEU C 496 25.12 -21.26 -52.66
C LEU C 496 25.90 -19.97 -52.46
N LYS C 497 26.77 -19.65 -53.42
CA LYS C 497 27.53 -18.40 -53.34
C LYS C 497 27.81 -17.91 -54.75
N VAL C 498 27.19 -16.79 -55.12
CA VAL C 498 27.40 -16.15 -56.42
C VAL C 498 28.18 -14.88 -56.16
N THR C 499 29.32 -14.73 -56.82
CA THR C 499 30.22 -13.62 -56.54
C THR C 499 30.81 -13.07 -57.82
N GLN C 500 31.40 -11.89 -57.71
CA GLN C 500 32.10 -11.24 -58.80
C GLN C 500 33.58 -11.20 -58.48
N ALA C 501 34.40 -11.68 -59.40
CA ALA C 501 35.84 -11.73 -59.19
C ALA C 501 36.59 -10.56 -59.82
N GLU C 502 36.17 -10.13 -61.00
CA GLU C 502 36.65 -8.90 -61.63
C GLU C 502 35.48 -8.29 -62.39
N PHE C 503 35.79 -7.43 -63.36
CA PHE C 503 34.75 -6.81 -64.17
C PHE C 503 33.78 -7.85 -64.74
N ASP C 504 34.29 -8.97 -65.22
CA ASP C 504 33.42 -10.04 -65.72
C ASP C 504 34.08 -11.38 -65.41
N LYS C 505 33.79 -11.92 -64.23
CA LYS C 505 34.24 -13.26 -63.87
C LYS C 505 33.21 -13.94 -62.98
N TRP C 506 31.92 -13.66 -63.21
CA TRP C 506 30.86 -14.14 -62.33
C TRP C 506 31.05 -15.60 -61.98
N GLU C 507 31.32 -15.88 -60.69
CA GLU C 507 31.69 -17.20 -60.23
C GLU C 507 30.61 -17.73 -59.30
N VAL C 508 30.12 -18.94 -59.61
CA VAL C 508 29.07 -19.57 -58.84
C VAL C 508 29.65 -20.82 -58.19
N VAL C 509 29.52 -20.92 -56.88
CA VAL C 509 30.00 -22.07 -56.12
C VAL C 509 28.82 -22.62 -55.33
N TRP C 510 28.46 -23.87 -55.61
CA TRP C 510 27.39 -24.54 -54.89
C TRP C 510 27.93 -25.82 -54.29
N ALA C 511 27.63 -26.04 -53.02
CA ALA C 511 28.05 -27.23 -52.29
C ALA C 511 26.81 -27.98 -51.84
N CYS C 512 26.73 -29.27 -52.17
CA CYS C 512 25.55 -30.07 -51.87
C CYS C 512 25.94 -31.29 -51.07
N CYS C 513 25.02 -31.77 -50.23
CA CYS C 513 25.26 -33.01 -49.51
C CYS C 513 24.42 -34.12 -50.14
N PRO C 514 25.01 -35.05 -50.88
CA PRO C 514 24.22 -36.08 -51.54
C PRO C 514 23.71 -37.14 -50.58
N THR C 515 22.69 -37.87 -51.02
CA THR C 515 22.11 -38.91 -50.20
C THR C 515 23.06 -40.09 -50.07
N GLY C 516 22.81 -40.93 -49.06
CA GLY C 516 23.62 -42.09 -48.81
C GLY C 516 22.93 -43.36 -49.25
N VAL C 517 23.56 -44.06 -50.20
CA VAL C 517 23.05 -45.37 -50.60
C VAL C 517 23.18 -46.33 -49.42
N ALA C 518 22.39 -47.40 -49.47
CA ALA C 518 22.39 -48.42 -48.43
C ALA C 518 22.95 -49.71 -49.04
N ARG C 519 24.27 -49.84 -49.00
CA ARG C 519 24.96 -50.99 -49.60
C ARG C 519 25.26 -52.09 -48.59
N ARG C 520 25.68 -51.73 -47.39
CA ARG C 520 25.99 -52.70 -46.34
C ARG C 520 25.06 -52.46 -45.17
N ILE C 521 24.33 -53.50 -44.76
CA ILE C 521 23.41 -53.44 -43.64
C ILE C 521 23.83 -54.48 -42.62
N GLN C 522 24.01 -54.06 -41.38
CA GLN C 522 24.47 -54.93 -40.30
C GLN C 522 23.50 -54.86 -39.13
N GLY C 523 23.14 -56.01 -38.59
CA GLY C 523 22.27 -56.10 -37.43
C GLY C 523 23.03 -56.69 -36.24
N VAL C 524 22.85 -56.07 -35.08
CA VAL C 524 23.51 -56.49 -33.86
C VAL C 524 22.44 -56.77 -32.81
N PRO C 525 22.03 -58.02 -32.66
CA PRO C 525 21.04 -58.35 -31.62
C PRO C 525 21.64 -58.21 -30.23
N LEU C 526 20.79 -57.92 -29.27
CA LEU C 526 21.22 -57.73 -27.89
C LEU C 526 20.22 -58.39 -26.95
N LEU C 527 20.65 -58.63 -25.72
CA LEU C 527 19.80 -59.15 -24.66
C LEU C 527 19.86 -58.21 -23.47
N ILE C 528 18.71 -57.98 -22.86
CA ILE C 528 18.58 -57.04 -21.74
C ILE C 528 18.38 -57.83 -20.46
N LYS C 529 19.20 -57.55 -19.45
CA LYS C 529 19.08 -58.21 -18.16
C LYS C 529 17.77 -57.81 -17.49
N SER D 2 26.20 -71.53 -49.53
CA SER D 2 25.14 -71.50 -50.54
C SER D 2 24.17 -70.35 -50.28
N GLN D 3 22.92 -70.55 -50.66
CA GLN D 3 21.88 -69.60 -50.35
C GLN D 3 21.37 -69.82 -48.93
N TYR D 4 20.55 -68.88 -48.45
CA TYR D 4 19.97 -68.92 -47.12
C TYR D 4 21.03 -68.83 -46.02
N SER D 5 22.30 -68.81 -46.40
CA SER D 5 23.37 -68.70 -45.43
C SER D 5 23.47 -67.25 -44.93
N ILE D 6 23.94 -67.11 -43.69
CA ILE D 6 24.06 -65.80 -43.06
C ILE D 6 25.52 -65.61 -42.65
N GLN D 7 26.12 -64.52 -43.11
CA GLN D 7 27.48 -64.21 -42.72
C GLN D 7 27.48 -63.33 -41.47
N GLN D 8 28.68 -63.03 -40.97
CA GLN D 8 28.82 -62.26 -39.74
C GLN D 8 29.80 -61.10 -39.83
N SER D 9 30.70 -61.07 -40.81
CA SER D 9 31.72 -60.02 -40.86
C SER D 9 31.25 -58.83 -41.69
N LEU D 10 31.00 -59.05 -42.98
CA LEU D 10 30.55 -58.00 -43.90
C LEU D 10 31.57 -56.86 -43.94
N GLY D 11 32.73 -57.18 -44.50
CA GLY D 11 33.80 -56.21 -44.63
C GLY D 11 34.01 -55.71 -46.04
N ASN D 12 33.65 -54.45 -46.28
CA ASN D 12 33.95 -53.74 -47.52
C ASN D 12 33.38 -54.45 -48.75
N ALA D 13 32.18 -54.99 -48.61
CA ALA D 13 31.49 -55.64 -49.72
C ALA D 13 30.00 -55.59 -49.48
N SER D 14 29.23 -55.49 -50.56
CA SER D 14 27.79 -55.43 -50.43
C SER D 14 27.25 -56.72 -49.83
N GLY D 15 26.28 -56.59 -48.94
CA GLY D 15 25.68 -57.76 -48.32
C GLY D 15 24.96 -57.37 -47.04
N VAL D 16 24.43 -58.39 -46.38
CA VAL D 16 23.74 -58.23 -45.10
C VAL D 16 24.24 -59.31 -44.15
N ALA D 17 24.56 -58.92 -42.92
CA ALA D 17 25.08 -59.85 -41.93
C ALA D 17 24.52 -59.50 -40.57
N VAL D 18 24.39 -60.52 -39.73
CA VAL D 18 23.93 -60.35 -38.35
C VAL D 18 25.02 -60.85 -37.41
N SER D 19 25.36 -60.05 -36.42
CA SER D 19 26.39 -60.41 -35.47
C SER D 19 25.86 -61.47 -34.51
N PRO D 20 26.75 -62.33 -33.98
CA PRO D 20 26.30 -63.32 -33.00
C PRO D 20 25.77 -62.64 -31.74
N ILE D 21 24.83 -63.32 -31.09
CA ILE D 21 24.13 -62.72 -29.95
C ILE D 21 25.12 -62.35 -28.87
N ASN D 22 24.95 -61.16 -28.29
CA ASN D 22 25.92 -60.67 -27.33
C ASN D 22 25.77 -61.36 -25.99
N ALA D 23 24.64 -61.14 -25.31
CA ALA D 23 24.30 -61.85 -24.08
C ALA D 23 25.43 -61.78 -23.05
N ASP D 24 25.99 -60.59 -22.87
CA ASP D 24 27.04 -60.39 -21.88
C ASP D 24 26.59 -59.56 -20.69
N ALA D 25 25.52 -58.79 -20.82
CA ALA D 25 24.97 -58.03 -19.71
C ALA D 25 24.03 -58.85 -18.85
N THR D 26 23.83 -60.13 -19.18
CA THR D 26 22.92 -61.00 -18.47
C THR D 26 23.63 -62.21 -17.87
N LEU D 27 24.89 -62.03 -17.48
CA LEU D 27 25.68 -63.15 -16.98
C LEU D 27 25.32 -63.41 -15.53
N SER D 28 24.70 -64.56 -15.27
CA SER D 28 24.37 -65.01 -13.93
C SER D 28 25.45 -65.99 -13.46
N THR D 29 25.21 -66.60 -12.30
CA THR D 29 26.12 -67.60 -11.76
C THR D 29 25.31 -68.65 -11.02
N GLY D 30 25.47 -69.91 -11.41
CA GLY D 30 24.78 -70.99 -10.76
C GLY D 30 25.67 -71.78 -9.83
N VAL D 31 25.53 -71.55 -8.52
CA VAL D 31 26.36 -72.25 -7.54
C VAL D 31 25.47 -73.09 -6.62
N ALA D 32 24.21 -72.67 -6.46
CA ALA D 32 23.24 -73.36 -5.60
C ALA D 32 23.78 -73.47 -4.18
N LEU D 33 23.89 -72.30 -3.54
CA LEU D 33 24.48 -72.21 -2.22
C LEU D 33 23.72 -73.03 -1.19
N ASN D 34 22.40 -73.16 -1.34
CA ASN D 34 21.60 -73.87 -0.36
C ASN D 34 21.66 -75.38 -0.54
N SER D 35 22.87 -75.93 -0.61
CA SER D 35 23.07 -77.36 -0.77
C SER D 35 24.29 -77.78 0.02
N SER D 36 24.15 -78.83 0.82
CA SER D 36 25.22 -79.30 1.70
C SER D 36 25.37 -80.80 1.59
N LEU D 37 26.60 -81.27 1.48
CA LEU D 37 26.93 -82.68 1.47
C LEU D 37 28.08 -82.95 2.42
N TRP D 38 28.11 -84.15 2.97
CA TRP D 38 29.10 -84.52 3.99
C TRP D 38 30.03 -85.59 3.46
N ALA D 39 31.31 -85.44 3.75
CA ALA D 39 32.33 -86.39 3.30
C ALA D 39 33.09 -86.93 4.51
N GLY D 40 33.32 -88.24 4.51
CA GLY D 40 33.99 -88.85 5.64
C GLY D 40 34.70 -90.13 5.27
N ILE D 41 35.60 -90.54 6.14
CA ILE D 41 36.30 -91.81 5.99
C ILE D 41 35.86 -92.73 7.12
N GLY D 42 36.06 -94.02 6.91
CA GLY D 42 35.66 -94.97 7.94
C GLY D 42 36.03 -96.38 7.57
N VAL D 43 35.64 -97.30 8.44
CA VAL D 43 35.85 -98.73 8.26
C VAL D 43 34.48 -99.40 8.26
N PHE D 44 34.20 -100.18 7.22
CA PHE D 44 32.90 -100.80 7.05
C PHE D 44 33.10 -102.26 6.69
N ALA D 45 32.02 -102.92 6.30
CA ALA D 45 32.04 -104.33 5.94
C ALA D 45 32.10 -104.57 4.44
N ARG D 46 31.38 -103.78 3.65
CA ARG D 46 31.32 -103.94 2.21
C ARG D 46 31.55 -102.60 1.53
N GLY D 47 32.30 -102.62 0.45
CA GLY D 47 32.61 -101.42 -0.31
C GLY D 47 33.97 -101.52 -0.95
N LYS D 48 34.18 -100.72 -1.99
CA LYS D 48 35.45 -100.72 -2.70
C LYS D 48 36.48 -99.91 -1.91
N PRO D 49 37.59 -100.50 -1.50
CA PRO D 49 38.54 -99.77 -0.67
C PRO D 49 39.24 -98.66 -1.42
N PHE D 50 39.53 -97.58 -0.69
CA PHE D 50 40.31 -96.45 -1.21
C PHE D 50 39.68 -95.85 -2.46
N THR D 51 38.36 -95.82 -2.51
CA THR D 51 37.64 -95.23 -3.63
C THR D 51 36.43 -94.50 -3.11
N VAL D 52 36.24 -93.26 -3.58
CA VAL D 52 35.13 -92.44 -3.12
C VAL D 52 33.81 -93.09 -3.48
N LEU D 53 32.91 -93.18 -2.52
CA LEU D 53 31.59 -93.76 -2.74
C LEU D 53 30.54 -92.65 -2.72
N ALA D 54 29.28 -93.06 -2.83
CA ALA D 54 28.17 -92.13 -2.72
C ALA D 54 27.03 -92.84 -2.02
N VAL D 55 26.56 -92.28 -0.91
CA VAL D 55 25.54 -92.90 -0.09
C VAL D 55 24.34 -91.95 -0.02
N THR D 56 23.16 -92.50 -0.29
CA THR D 56 21.90 -91.79 -0.16
C THR D 56 21.06 -92.48 0.91
N GLU D 57 19.84 -91.97 1.11
CA GLU D 57 18.95 -92.51 2.13
C GLU D 57 18.37 -93.87 1.76
N SER D 58 18.55 -94.33 0.52
CA SER D 58 17.86 -95.51 0.05
C SER D 58 18.79 -96.62 -0.44
N ASN D 59 20.10 -96.48 -0.31
CA ASN D 59 21.01 -97.51 -0.76
C ASN D 59 22.16 -97.81 0.18
N TYR D 60 22.35 -97.03 1.25
CA TYR D 60 23.52 -97.20 2.09
C TYR D 60 23.60 -98.62 2.65
N GLU D 61 22.45 -99.23 2.95
CA GLU D 61 22.45 -100.56 3.52
C GLU D 61 23.13 -101.57 2.61
N ASP D 62 22.95 -101.44 1.29
CA ASP D 62 23.54 -102.41 0.39
C ASP D 62 24.88 -101.97 -0.17
N VAL D 63 25.10 -100.68 -0.41
CA VAL D 63 26.40 -100.26 -0.92
C VAL D 63 27.47 -100.41 0.16
N LEU D 64 27.13 -100.07 1.40
CA LEU D 64 28.11 -100.16 2.49
C LEU D 64 28.00 -101.44 3.29
N GLY D 65 27.07 -102.33 2.93
CA GLY D 65 26.92 -103.59 3.63
C GLY D 65 26.09 -103.45 4.88
N GLU D 66 25.72 -104.61 5.43
CA GLU D 66 24.92 -104.63 6.64
C GLU D 66 25.72 -104.10 7.83
N PRO D 67 25.05 -103.56 8.84
CA PRO D 67 25.76 -103.02 10.00
C PRO D 67 26.55 -104.10 10.73
N LEU D 68 27.67 -103.70 11.30
CA LEU D 68 28.56 -104.60 12.02
C LEU D 68 27.99 -104.90 13.40
N LYS D 69 28.77 -105.57 14.25
CA LYS D 69 28.35 -105.95 15.58
C LYS D 69 29.25 -105.29 16.62
N PRO D 70 28.68 -104.68 17.66
CA PRO D 70 29.53 -104.04 18.69
C PRO D 70 30.46 -105.00 19.39
N SER D 71 30.05 -106.26 19.58
CA SER D 71 30.91 -107.23 20.26
C SER D 71 32.14 -107.57 19.44
N SER D 72 32.13 -107.31 18.13
CA SER D 72 33.30 -107.59 17.31
C SER D 72 34.50 -106.75 17.71
N GLY D 73 34.26 -105.48 18.02
CA GLY D 73 35.34 -104.58 18.40
C GLY D 73 34.94 -103.13 18.34
N SER D 74 35.82 -102.28 17.82
CA SER D 74 35.56 -100.85 17.72
C SER D 74 35.16 -100.43 16.31
N GLN D 75 34.83 -101.38 15.44
CA GLN D 75 34.48 -101.07 14.07
C GLN D 75 33.01 -100.74 13.87
N PHE D 76 32.22 -100.73 14.94
CA PHE D 76 30.78 -100.49 14.82
C PHE D 76 30.43 -99.01 14.83
N GLU D 77 31.43 -98.13 14.96
CA GLU D 77 31.11 -96.70 15.09
C GLU D 77 30.73 -96.05 13.76
N PRO D 78 31.51 -96.16 12.68
CA PRO D 78 31.20 -95.36 11.49
C PRO D 78 29.87 -95.67 10.86
N ILE D 79 29.38 -96.91 10.94
CA ILE D 79 28.08 -97.22 10.36
C ILE D 79 26.99 -96.45 11.10
N ARG D 80 27.06 -96.41 12.43
CA ARG D 80 26.06 -95.66 13.18
C ARG D 80 26.17 -94.16 12.92
N HIS D 81 27.41 -93.65 12.80
CA HIS D 81 27.57 -92.24 12.45
C HIS D 81 26.94 -91.94 11.10
N VAL D 82 27.15 -92.81 10.11
CA VAL D 82 26.55 -92.63 8.79
C VAL D 82 25.04 -92.67 8.89
N TYR D 83 24.50 -93.60 9.67
CA TYR D 83 23.05 -93.71 9.79
C TYR D 83 22.46 -92.45 10.41
N GLU D 84 23.14 -91.88 11.40
CA GLU D 84 22.63 -90.67 12.03
C GLU D 84 22.83 -89.43 11.17
N ALA D 85 23.81 -89.43 10.26
CA ALA D 85 24.05 -88.26 9.43
C ALA D 85 23.28 -88.27 8.12
N ILE D 86 22.94 -89.45 7.59
CA ILE D 86 22.21 -89.54 6.34
C ILE D 86 20.83 -88.93 6.44
N GLN D 87 20.25 -88.91 7.64
CA GLN D 87 18.88 -88.48 7.89
C GLN D 87 18.50 -87.23 7.11
N GLN D 88 19.48 -86.38 6.83
CA GLN D 88 19.24 -85.10 6.17
C GLN D 88 19.65 -85.11 4.70
N THR D 89 20.89 -85.46 4.40
CA THR D 89 21.41 -85.32 3.04
C THR D 89 22.33 -86.47 2.70
N SER D 90 22.52 -86.69 1.40
CA SER D 90 23.42 -87.71 0.92
C SER D 90 24.86 -87.30 1.17
N GLY D 91 25.79 -88.21 0.90
CA GLY D 91 27.18 -87.91 1.19
C GLY D 91 28.14 -88.84 0.49
N TYR D 92 29.43 -88.62 0.78
CA TYR D 92 30.51 -89.40 0.20
C TYR D 92 31.38 -89.98 1.30
N VAL D 93 31.70 -91.27 1.18
CA VAL D 93 32.48 -91.98 2.18
C VAL D 93 33.67 -92.64 1.50
N VAL D 94 34.70 -92.91 2.30
CA VAL D 94 35.89 -93.62 1.84
C VAL D 94 36.18 -94.74 2.84
N ARG D 95 36.21 -95.96 2.36
CA ARG D 95 36.47 -97.12 3.21
C ARG D 95 37.96 -97.43 3.23
N ALA D 96 38.50 -97.62 4.43
CA ALA D 96 39.89 -98.00 4.62
C ALA D 96 39.96 -99.40 5.20
N VAL D 97 40.79 -100.25 4.59
CA VAL D 97 40.86 -101.66 4.97
C VAL D 97 42.23 -101.96 5.59
N PRO D 98 42.35 -102.99 6.42
CA PRO D 98 43.66 -103.35 6.97
C PRO D 98 44.59 -103.90 5.90
N ASP D 99 45.79 -104.31 6.30
CA ASP D 99 46.81 -104.71 5.32
C ASP D 99 46.50 -106.06 4.71
N ASP D 100 45.99 -107.01 5.49
CA ASP D 100 45.88 -108.39 5.07
C ASP D 100 44.53 -108.73 4.46
N ALA D 101 43.70 -107.74 4.13
CA ALA D 101 42.43 -108.02 3.48
C ALA D 101 42.66 -108.53 2.07
N LYS D 102 41.96 -109.61 1.72
CA LYS D 102 42.13 -110.26 0.42
C LYS D 102 40.79 -110.48 -0.24
N PHE D 103 40.79 -110.38 -1.57
CA PHE D 103 39.60 -110.62 -2.38
C PHE D 103 39.80 -111.84 -3.26
N PRO D 104 38.72 -112.53 -3.61
CA PRO D 104 38.84 -113.77 -4.37
C PRO D 104 39.13 -113.53 -5.84
N ILE D 105 39.67 -114.56 -6.49
CA ILE D 105 40.02 -114.52 -7.90
C ILE D 105 39.80 -115.92 -8.48
N ILE D 106 39.17 -115.99 -9.65
CA ILE D 106 38.99 -117.23 -10.38
C ILE D 106 39.73 -117.12 -11.70
N MET D 107 40.69 -118.01 -11.92
CA MET D 107 41.51 -118.01 -13.12
C MET D 107 41.17 -119.23 -13.96
N PHE D 108 40.95 -119.01 -15.26
CA PHE D 108 40.60 -120.10 -16.16
C PHE D 108 41.84 -120.55 -16.94
N ASP D 109 41.62 -121.44 -17.90
CA ASP D 109 42.70 -121.96 -18.74
C ASP D 109 42.12 -122.24 -20.12
N GLU D 110 42.96 -122.78 -21.00
CA GLU D 110 42.53 -123.07 -22.37
C GLU D 110 41.42 -124.11 -22.38
N SER D 111 41.57 -125.18 -21.61
CA SER D 111 40.57 -126.23 -21.59
C SER D 111 39.28 -125.73 -20.92
N GLY D 112 39.40 -124.89 -19.90
CA GLY D 112 38.25 -124.36 -19.20
C GLY D 112 38.13 -124.81 -17.75
N GLU D 113 39.10 -125.53 -17.20
CA GLU D 113 39.01 -125.97 -15.81
C GLU D 113 39.42 -124.82 -14.89
N PRO D 114 38.53 -124.34 -14.03
CA PRO D 114 38.84 -123.17 -13.22
C PRO D 114 39.78 -123.49 -12.07
N ALA D 115 40.41 -122.43 -11.55
CA ALA D 115 41.21 -122.49 -10.35
C ALA D 115 40.91 -121.25 -9.52
N TYR D 116 41.09 -121.36 -8.22
CA TYR D 116 40.74 -120.30 -7.29
C TYR D 116 41.98 -119.80 -6.57
N SER D 117 41.93 -118.53 -6.15
CA SER D 117 43.00 -117.95 -5.35
C SER D 117 42.45 -116.69 -4.68
N ALA D 118 43.31 -116.03 -3.90
CA ALA D 118 42.95 -114.78 -3.25
C ALA D 118 44.13 -113.83 -3.31
N LEU D 119 43.85 -112.54 -3.48
CA LEU D 119 44.91 -111.56 -3.59
C LEU D 119 44.63 -110.37 -2.68
N PRO D 120 45.65 -109.78 -2.08
CA PRO D 120 45.42 -108.60 -1.23
C PRO D 120 44.93 -107.41 -2.04
N TYR D 121 44.17 -106.54 -1.36
CA TYR D 121 43.55 -105.41 -2.04
C TYR D 121 44.59 -104.45 -2.56
N GLY D 122 44.24 -103.78 -3.66
CA GLY D 122 45.12 -102.79 -4.25
C GLY D 122 46.25 -103.35 -5.09
N SER D 123 46.18 -104.63 -5.48
CA SER D 123 47.22 -105.25 -6.26
C SER D 123 46.64 -105.81 -7.55
N GLU D 124 47.36 -105.65 -8.65
CA GLU D 124 46.93 -106.22 -9.91
C GLU D 124 47.28 -107.71 -9.95
N ILE D 125 47.00 -108.35 -11.08
CA ILE D 125 47.08 -109.79 -11.21
C ILE D 125 48.09 -110.12 -12.30
N GLU D 126 48.96 -111.08 -12.01
CA GLU D 126 49.88 -111.62 -13.00
C GLU D 126 49.37 -112.99 -13.43
N LEU D 127 49.25 -113.20 -14.74
CA LEU D 127 48.68 -114.42 -15.27
C LEU D 127 49.78 -115.43 -15.56
N ASP D 128 49.57 -116.67 -15.16
CA ASP D 128 50.52 -117.73 -15.46
C ASP D 128 50.44 -118.09 -16.95
N SER D 129 51.35 -118.96 -17.38
CA SER D 129 51.40 -119.34 -18.78
C SER D 129 50.11 -120.00 -19.23
N GLY D 130 49.57 -120.90 -18.42
CA GLY D 130 48.36 -121.61 -18.79
C GLY D 130 47.06 -120.88 -18.53
N GLU D 131 47.11 -119.69 -17.94
CA GLU D 131 45.90 -118.96 -17.60
C GLU D 131 45.42 -118.12 -18.77
N ALA D 132 44.16 -118.27 -19.13
CA ALA D 132 43.57 -117.51 -20.23
C ALA D 132 42.99 -116.18 -19.76
N PHE D 133 42.16 -116.21 -18.72
CA PHE D 133 41.59 -114.98 -18.21
C PHE D 133 41.14 -115.19 -16.77
N ALA D 134 41.10 -114.09 -16.02
CA ALA D 134 40.77 -114.11 -14.61
C ALA D 134 39.62 -113.16 -14.33
N ILE D 135 38.73 -113.58 -13.42
CA ILE D 135 37.59 -112.79 -12.99
C ILE D 135 37.68 -112.61 -11.48
N TYR D 136 37.48 -111.40 -11.00
CA TYR D 136 37.49 -111.13 -9.57
C TYR D 136 36.39 -110.13 -9.24
N VAL D 137 36.17 -109.94 -7.94
CA VAL D 137 35.07 -109.13 -7.43
C VAL D 137 35.64 -107.84 -6.87
N ASP D 138 35.08 -106.70 -7.31
CA ASP D 138 35.52 -105.39 -6.84
C ASP D 138 34.45 -104.69 -6.00
N ASP D 139 33.43 -105.42 -5.55
CA ASP D 139 32.49 -104.84 -4.62
C ASP D 139 33.09 -104.68 -3.23
N GLY D 140 34.19 -105.37 -2.95
CA GLY D 140 34.82 -105.33 -1.65
C GLY D 140 34.39 -106.42 -0.71
N ASP D 141 33.27 -107.07 -0.95
CA ASP D 141 32.79 -108.11 -0.07
C ASP D 141 33.77 -109.29 -0.09
N PRO D 142 34.11 -109.86 1.07
CA PRO D 142 35.02 -111.01 1.09
C PRO D 142 34.38 -112.33 0.71
N CYS D 143 33.11 -112.31 0.31
CA CYS D 143 32.43 -113.50 -0.22
C CYS D 143 32.47 -114.67 0.76
N ILE D 144 32.18 -114.38 2.03
CA ILE D 144 32.12 -115.40 3.07
C ILE D 144 30.70 -115.62 3.57
N SER D 145 29.91 -114.55 3.68
CA SER D 145 28.50 -114.65 4.01
C SER D 145 27.77 -113.39 3.56
N PRO D 146 26.87 -113.48 2.58
CA PRO D 146 26.46 -114.67 1.82
C PRO D 146 27.48 -115.05 0.76
N THR D 147 27.52 -116.32 0.37
CA THR D 147 28.45 -116.75 -0.68
C THR D 147 27.96 -116.24 -2.03
N ARG D 148 28.91 -116.16 -2.97
CA ARG D 148 28.60 -115.71 -4.33
C ARG D 148 29.10 -116.75 -5.33
N GLU D 149 28.24 -117.09 -6.29
CA GLU D 149 28.52 -118.11 -7.27
C GLU D 149 28.43 -117.54 -8.67
N LEU D 150 29.29 -118.03 -9.55
CA LEU D 150 29.39 -117.56 -10.92
C LEU D 150 29.14 -118.72 -11.87
N THR D 151 28.33 -118.50 -12.89
CA THR D 151 27.92 -119.54 -13.82
C THR D 151 28.12 -119.08 -15.25
N ILE D 152 28.59 -120.00 -16.09
CA ILE D 152 28.85 -119.74 -17.50
C ILE D 152 27.92 -120.63 -18.32
N GLU D 153 27.21 -120.03 -19.27
CA GLU D 153 26.27 -120.75 -20.10
C GLU D 153 26.55 -120.46 -21.57
N THR D 154 26.46 -121.51 -22.40
CA THR D 154 26.65 -121.32 -23.83
C THR D 154 25.45 -120.58 -24.44
N ALA D 155 25.74 -119.72 -25.41
CA ALA D 155 24.71 -118.92 -26.08
C ALA D 155 24.95 -118.94 -27.57
N THR D 156 24.01 -118.38 -28.31
CA THR D 156 24.11 -118.33 -29.77
C THR D 156 25.18 -117.34 -30.20
N ALA D 157 25.93 -117.71 -31.23
CA ALA D 157 26.97 -116.84 -31.75
C ALA D 157 26.36 -115.63 -32.45
N ASP D 158 27.18 -114.60 -32.63
CA ASP D 158 26.73 -113.38 -33.27
C ASP D 158 26.64 -113.56 -34.78
N SER D 159 26.25 -112.49 -35.47
CA SER D 159 26.18 -112.53 -36.93
C SER D 159 27.55 -112.75 -37.56
N ALA D 160 28.58 -112.10 -37.02
CA ALA D 160 29.93 -112.26 -37.55
C ALA D 160 30.41 -113.69 -37.39
N GLY D 161 30.16 -114.30 -36.22
CA GLY D 161 30.56 -115.68 -36.00
C GLY D 161 31.22 -115.92 -34.66
N ASN D 162 31.57 -114.85 -33.95
CA ASN D 162 32.22 -114.99 -32.66
C ASN D 162 31.28 -115.61 -31.64
N GLU D 163 31.83 -116.38 -30.72
CA GLU D 163 31.05 -117.10 -29.72
C GLU D 163 30.88 -116.24 -28.48
N ARG D 164 29.64 -115.94 -28.13
CA ARG D 164 29.31 -115.17 -26.95
C ARG D 164 28.67 -116.08 -25.92
N PHE D 165 29.15 -116.02 -24.68
CA PHE D 165 28.61 -116.82 -23.60
C PHE D 165 27.97 -115.92 -22.55
N LEU D 166 27.00 -116.47 -21.83
CA LEU D 166 26.24 -115.76 -20.82
C LEU D 166 26.87 -115.99 -19.45
N LEU D 167 27.11 -114.90 -18.74
CA LEU D 167 27.66 -114.93 -17.39
C LEU D 167 26.56 -114.57 -16.40
N LYS D 168 26.39 -115.39 -15.36
CA LYS D 168 25.35 -115.17 -14.37
C LYS D 168 25.97 -115.29 -12.99
N LEU D 169 25.94 -114.21 -12.22
CA LEU D 169 26.41 -114.23 -10.84
C LEU D 169 25.22 -114.14 -9.92
N THR D 170 25.16 -115.05 -8.95
CA THR D 170 24.04 -115.15 -8.02
C THR D 170 24.57 -115.34 -6.60
N GLN D 171 23.88 -114.72 -5.64
CA GLN D 171 24.26 -114.82 -4.25
C GLN D 171 23.41 -115.86 -3.55
N THR D 172 24.03 -116.60 -2.62
CA THR D 172 23.35 -117.60 -1.83
C THR D 172 23.63 -117.32 -0.36
N THR D 173 22.57 -117.18 0.42
CA THR D 173 22.73 -116.96 1.85
C THR D 173 22.99 -118.28 2.58
N SER D 174 23.43 -118.16 3.83
CA SER D 174 23.72 -119.35 4.61
C SER D 174 22.46 -120.18 4.88
N LEU D 175 21.32 -119.52 5.02
CA LEU D 175 20.07 -120.25 5.29
C LEU D 175 19.70 -121.15 4.12
N GLY D 176 19.83 -120.64 2.89
CA GLY D 176 19.50 -121.43 1.72
C GLY D 176 18.82 -120.64 0.63
N VAL D 177 18.60 -119.35 0.86
CA VAL D 177 17.95 -118.50 -0.13
C VAL D 177 18.94 -118.20 -1.25
N VAL D 178 18.58 -118.54 -2.48
CA VAL D 178 19.43 -118.34 -3.65
C VAL D 178 18.68 -117.44 -4.63
N THR D 179 19.22 -116.25 -4.85
CA THR D 179 18.63 -115.29 -5.78
C THR D 179 19.68 -114.86 -6.80
N THR D 180 19.24 -114.66 -8.03
CA THR D 180 20.13 -114.13 -9.05
C THR D 180 20.51 -112.70 -8.73
N LEU D 181 21.71 -112.30 -9.16
CA LEU D 181 22.22 -110.98 -8.84
C LEU D 181 22.52 -110.16 -10.08
N GLU D 182 23.21 -110.73 -11.06
CA GLU D 182 23.48 -110.01 -12.30
C GLU D 182 23.74 -110.99 -13.43
N THR D 183 23.49 -110.53 -14.66
CA THR D 183 23.68 -111.35 -15.84
C THR D 183 24.22 -110.49 -16.97
N HIS D 184 24.99 -111.13 -17.86
CA HIS D 184 25.61 -110.45 -18.98
C HIS D 184 25.82 -111.44 -20.11
N THR D 185 26.07 -110.90 -21.30
CA THR D 185 26.43 -111.69 -22.47
C THR D 185 27.75 -111.15 -23.02
N VAL D 186 28.83 -111.88 -22.79
CA VAL D 186 30.17 -111.38 -23.11
C VAL D 186 30.90 -112.43 -23.93
N SER D 187 31.94 -111.97 -24.64
CA SER D 187 32.75 -112.85 -25.46
C SER D 187 34.20 -112.38 -25.44
N LEU D 188 35.09 -113.28 -25.81
CA LEU D 188 36.52 -113.00 -25.82
C LEU D 188 37.00 -112.33 -27.10
N ALA D 189 36.15 -112.23 -28.12
CA ALA D 189 36.53 -111.57 -29.35
C ALA D 189 36.68 -110.06 -29.11
N GLU D 190 37.67 -109.47 -29.76
CA GLU D 190 37.98 -108.05 -29.54
C GLU D 190 36.96 -107.11 -30.16
N GLU D 191 36.04 -107.62 -31.00
CA GLU D 191 35.12 -106.76 -31.72
C GLU D 191 33.69 -107.27 -31.73
N ALA D 192 33.40 -108.41 -31.12
CA ALA D 192 32.06 -108.96 -31.15
C ALA D 192 31.07 -108.05 -30.43
N LYS D 193 29.84 -108.05 -30.89
CA LYS D 193 28.77 -107.24 -30.32
C LYS D 193 27.61 -108.12 -29.89
N ASP D 194 26.91 -107.68 -28.86
CA ASP D 194 25.77 -108.42 -28.35
C ASP D 194 24.54 -108.14 -29.21
N ASP D 195 23.36 -108.58 -28.74
CA ASP D 195 22.13 -108.36 -29.49
C ASP D 195 21.78 -106.89 -29.56
N MET D 196 21.95 -106.15 -28.46
CA MET D 196 21.59 -104.74 -28.42
C MET D 196 22.58 -103.85 -29.15
N GLY D 197 23.73 -104.37 -29.55
CA GLY D 197 24.71 -103.61 -30.31
C GLY D 197 25.87 -103.08 -29.51
N ARG D 198 25.84 -103.21 -28.18
CA ARG D 198 26.95 -102.73 -27.38
C ARG D 198 28.15 -103.66 -27.52
N LEU D 199 29.32 -103.14 -27.15
CA LEU D 199 30.54 -103.94 -27.17
C LEU D 199 30.44 -105.06 -26.14
N CYS D 200 30.87 -106.26 -26.54
CA CYS D 200 30.77 -107.44 -25.68
C CYS D 200 32.11 -108.05 -25.34
N TYR D 201 33.22 -107.37 -25.65
CA TYR D 201 34.52 -107.83 -25.19
C TYR D 201 34.52 -107.89 -23.67
N LEU D 202 35.10 -108.97 -23.13
CA LEU D 202 34.94 -109.26 -21.71
C LEU D 202 35.49 -108.18 -20.79
N PRO D 203 36.74 -107.73 -20.91
CA PRO D 203 37.25 -106.74 -19.95
C PRO D 203 36.47 -105.44 -19.96
N THR D 204 36.33 -104.80 -21.12
CA THR D 204 35.64 -103.53 -21.18
C THR D 204 34.16 -103.67 -20.83
N ALA D 205 33.53 -104.77 -21.24
CA ALA D 205 32.12 -104.97 -20.92
C ALA D 205 31.91 -105.06 -19.42
N LEU D 206 32.71 -105.89 -18.75
CA LEU D 206 32.58 -106.02 -17.30
C LEU D 206 32.93 -104.71 -16.59
N GLU D 207 33.96 -104.00 -17.08
CA GLU D 207 34.34 -102.76 -16.43
C GLU D 207 33.26 -101.70 -16.56
N ALA D 208 32.58 -101.64 -17.70
CA ALA D 208 31.62 -100.57 -17.95
C ALA D 208 30.24 -100.89 -17.39
N ARG D 209 29.66 -102.02 -17.81
CA ARG D 209 28.25 -102.27 -17.53
C ARG D 209 28.00 -103.03 -16.23
N SER D 210 29.05 -103.45 -15.52
CA SER D 210 28.92 -104.20 -14.29
C SER D 210 29.67 -103.50 -13.17
N LYS D 211 29.02 -103.33 -12.02
CA LYS D 211 29.62 -102.70 -10.87
C LYS D 211 30.03 -103.70 -9.80
N TYR D 212 30.02 -105.00 -10.10
CA TYR D 212 30.40 -106.04 -9.17
C TYR D 212 31.70 -106.73 -9.53
N LEU D 213 31.91 -107.03 -10.81
CA LEU D 213 33.03 -107.85 -11.25
C LEU D 213 34.00 -107.04 -12.08
N ARG D 214 35.21 -107.58 -12.19
CA ARG D 214 36.22 -107.10 -13.12
C ARG D 214 36.95 -108.31 -13.67
N ALA D 215 37.60 -108.14 -14.80
CA ALA D 215 38.28 -109.25 -15.45
C ALA D 215 39.56 -108.76 -16.12
N VAL D 216 40.49 -109.69 -16.29
CA VAL D 216 41.70 -109.47 -17.07
C VAL D 216 41.92 -110.67 -17.98
N VAL D 217 42.67 -110.45 -19.06
CA VAL D 217 42.90 -111.46 -20.07
C VAL D 217 44.38 -111.56 -20.37
N ASN D 218 44.78 -112.70 -20.92
CA ASN D 218 46.14 -112.93 -21.38
C ASN D 218 46.16 -112.80 -22.91
N GLU D 219 46.91 -111.83 -23.42
CA GLU D 219 46.88 -111.55 -24.85
C GLU D 219 47.37 -112.73 -25.67
N GLU D 220 48.43 -113.40 -25.21
CA GLU D 220 49.01 -114.48 -25.99
C GLU D 220 48.04 -115.63 -26.18
N LEU D 221 47.32 -116.00 -25.11
CA LEU D 221 46.45 -117.17 -25.13
C LEU D 221 45.00 -116.83 -25.45
N ILE D 222 44.67 -115.55 -25.63
CA ILE D 222 43.27 -115.18 -25.85
C ILE D 222 42.77 -115.61 -27.23
N SER D 223 43.68 -115.86 -28.17
CA SER D 223 43.25 -116.23 -29.52
C SER D 223 42.68 -117.65 -29.56
N THR D 224 43.36 -118.59 -28.91
CA THR D 224 42.95 -119.99 -28.92
C THR D 224 42.09 -120.37 -27.72
N ALA D 225 41.77 -119.40 -26.86
CA ALA D 225 41.01 -119.71 -25.65
C ALA D 225 39.60 -120.15 -26.00
N LYS D 226 39.14 -121.18 -25.31
CA LYS D 226 37.77 -121.68 -25.45
C LYS D 226 37.18 -121.90 -24.06
N VAL D 227 35.88 -121.68 -23.95
CA VAL D 227 35.18 -121.78 -22.67
C VAL D 227 34.16 -122.91 -22.76
N THR D 228 34.09 -123.72 -21.72
CA THR D 228 33.13 -124.80 -21.62
C THR D 228 31.92 -124.33 -20.81
N ASN D 229 31.05 -125.29 -20.45
CA ASN D 229 29.87 -125.00 -19.63
C ASN D 229 30.18 -125.36 -18.19
N LYS D 230 30.39 -124.34 -17.36
CA LYS D 230 30.66 -124.52 -15.95
C LYS D 230 29.45 -124.02 -15.15
N LYS D 231 28.94 -124.88 -14.27
CA LYS D 231 27.74 -124.58 -13.50
C LYS D 231 28.08 -124.53 -12.02
N SER D 232 27.61 -123.47 -11.35
CA SER D 232 27.71 -123.32 -9.90
C SER D 232 29.17 -123.36 -9.43
N LEU D 233 29.93 -122.35 -9.86
CA LEU D 233 31.27 -122.16 -9.33
C LEU D 233 31.16 -121.51 -7.94
N ALA D 234 32.32 -121.26 -7.33
CA ALA D 234 32.32 -120.73 -5.97
C ALA D 234 33.57 -119.88 -5.75
N PHE D 235 33.37 -118.60 -5.44
CA PHE D 235 34.47 -117.77 -4.98
C PHE D 235 34.92 -118.23 -3.60
N THR D 236 36.22 -118.15 -3.34
CA THR D 236 36.75 -118.56 -2.05
C THR D 236 38.03 -117.83 -1.77
N GLY D 237 38.40 -117.81 -0.48
CA GLY D 237 39.62 -117.17 -0.04
C GLY D 237 39.47 -115.73 0.40
N GLY D 238 38.34 -115.10 0.13
CA GLY D 238 38.15 -113.72 0.52
C GLY D 238 38.13 -113.58 2.04
N THR D 239 38.70 -112.47 2.52
CA THR D 239 38.85 -112.28 3.96
C THR D 239 38.98 -110.78 4.23
N ASN D 240 38.10 -110.26 5.08
CA ASN D 240 38.17 -108.85 5.44
C ASN D 240 39.27 -108.55 6.45
N GLY D 241 39.88 -109.57 7.03
CA GLY D 241 40.95 -109.39 7.98
C GLY D 241 40.47 -108.86 9.32
N ASP D 242 41.43 -108.39 10.12
CA ASP D 242 41.13 -107.79 11.41
C ASP D 242 40.96 -106.30 11.23
N GLN D 243 39.78 -105.80 11.55
CA GLN D 243 39.48 -104.38 11.45
C GLN D 243 39.56 -103.66 12.78
N SER D 244 39.90 -104.36 13.86
CA SER D 244 40.05 -103.71 15.15
C SER D 244 41.19 -102.71 15.13
N LYS D 245 42.33 -103.09 14.56
CA LYS D 245 43.50 -102.23 14.48
C LYS D 245 43.81 -101.90 13.03
N ILE D 246 44.18 -100.65 12.79
CA ILE D 246 44.50 -100.16 11.46
C ILE D 246 45.66 -99.18 11.59
N SER D 247 46.71 -99.39 10.80
CA SER D 247 47.86 -98.50 10.83
C SER D 247 47.47 -97.11 10.36
N THR D 248 48.18 -96.11 10.87
CA THR D 248 47.90 -94.73 10.48
C THR D 248 48.18 -94.48 9.01
N ALA D 249 48.99 -95.34 8.36
CA ALA D 249 49.24 -95.19 6.94
C ALA D 249 47.96 -95.36 6.13
N ALA D 250 47.13 -96.34 6.50
CA ALA D 250 45.88 -96.55 5.79
C ALA D 250 44.96 -95.35 5.91
N TYR D 251 44.87 -94.77 7.12
CA TYR D 251 44.03 -93.60 7.30
C TYR D 251 44.57 -92.41 6.51
N LEU D 252 45.89 -92.24 6.47
CA LEU D 252 46.46 -91.16 5.70
C LEU D 252 46.19 -91.34 4.20
N ARG D 253 46.30 -92.57 3.71
CA ARG D 253 45.99 -92.81 2.30
C ARG D 253 44.53 -92.52 2.00
N ALA D 254 43.63 -92.95 2.89
CA ALA D 254 42.21 -92.69 2.66
C ALA D 254 41.91 -91.20 2.67
N VAL D 255 42.50 -90.45 3.58
CA VAL D 255 42.21 -89.02 3.62
C VAL D 255 42.83 -88.31 2.42
N LYS D 256 43.97 -88.79 1.92
CA LYS D 256 44.52 -88.23 0.69
C LYS D 256 43.59 -88.47 -0.49
N VAL D 257 43.03 -89.68 -0.59
CA VAL D 257 42.07 -89.97 -1.65
C VAL D 257 40.86 -89.05 -1.53
N LEU D 258 40.36 -88.87 -0.32
CA LEU D 258 39.22 -87.97 -0.11
C LEU D 258 39.56 -86.55 -0.50
N ASN D 259 40.80 -86.12 -0.25
CA ASN D 259 41.24 -84.80 -0.68
C ASN D 259 41.19 -84.68 -2.18
N ASN D 260 41.70 -85.68 -2.89
CA ASN D 260 41.77 -85.62 -4.34
C ASN D 260 40.46 -85.99 -5.02
N ALA D 261 39.43 -86.33 -4.26
CA ALA D 261 38.15 -86.68 -4.85
C ALA D 261 37.60 -85.52 -5.67
N PRO D 262 37.09 -85.77 -6.87
CA PRO D 262 36.51 -84.70 -7.71
C PRO D 262 35.02 -84.52 -7.49
N TYR D 263 34.64 -84.14 -6.27
CA TYR D 263 33.25 -83.92 -5.93
C TYR D 263 33.13 -82.62 -5.13
N MET D 264 31.90 -82.30 -4.75
CA MET D 264 31.61 -81.09 -3.98
C MET D 264 30.95 -81.47 -2.66
N TYR D 265 31.51 -80.99 -1.56
CA TYR D 265 30.89 -81.21 -0.26
C TYR D 265 31.23 -80.05 0.65
N THR D 266 30.38 -79.82 1.65
CA THR D 266 30.51 -78.69 2.56
C THR D 266 30.61 -79.12 4.02
N ALA D 267 31.04 -80.35 4.28
CA ALA D 267 31.22 -80.81 5.65
C ALA D 267 32.12 -82.03 5.63
N VAL D 268 33.10 -82.07 6.53
CA VAL D 268 34.16 -83.07 6.45
C VAL D 268 34.10 -84.00 7.65
N LEU D 269 32.88 -84.34 8.07
CA LEU D 269 32.60 -85.12 9.28
C LEU D 269 33.67 -86.17 9.57
N GLY D 270 34.19 -86.15 10.79
CA GLY D 270 35.15 -87.13 11.24
C GLY D 270 34.48 -88.37 11.77
N LEU D 271 34.03 -89.25 10.87
CA LEU D 271 33.25 -90.42 11.25
C LEU D 271 34.10 -91.36 12.09
N GLY D 272 33.84 -91.39 13.40
CA GLY D 272 34.38 -92.36 14.32
C GLY D 272 35.84 -92.73 14.14
N CYS D 273 36.67 -91.76 13.78
CA CYS D 273 38.09 -91.99 13.56
C CYS D 273 38.86 -91.16 14.58
N TYR D 274 39.31 -91.80 15.65
CA TYR D 274 40.02 -91.12 16.72
C TYR D 274 41.52 -91.32 16.56
N ASP D 275 42.05 -90.69 15.52
CA ASP D 275 43.49 -90.70 15.24
C ASP D 275 43.95 -89.27 15.03
N ASN D 276 45.03 -88.88 15.72
CA ASN D 276 45.48 -87.49 15.66
C ASN D 276 45.90 -87.10 14.25
N ALA D 277 46.64 -87.97 13.57
CA ALA D 277 47.11 -87.66 12.22
C ALA D 277 45.94 -87.50 11.26
N ALA D 278 44.96 -88.40 11.33
CA ALA D 278 43.80 -88.29 10.45
C ALA D 278 42.99 -87.04 10.75
N ILE D 279 42.82 -86.70 12.02
CA ILE D 279 42.08 -85.49 12.36
C ILE D 279 42.80 -84.25 11.85
N THR D 280 44.13 -84.22 11.98
CA THR D 280 44.89 -83.09 11.44
C THR D 280 44.73 -82.99 9.92
N ALA D 281 44.77 -84.14 9.23
CA ALA D 281 44.60 -84.12 7.78
C ALA D 281 43.22 -83.60 7.40
N LEU D 282 42.19 -84.02 8.13
CA LEU D 282 40.85 -83.53 7.82
C LEU D 282 40.72 -82.04 8.09
N GLY D 283 41.39 -81.56 9.14
CA GLY D 283 41.42 -80.13 9.35
C GLY D 283 42.10 -79.39 8.22
N LYS D 284 43.17 -79.99 7.67
CA LYS D 284 43.80 -79.43 6.49
C LYS D 284 42.83 -79.38 5.32
N ILE D 285 42.00 -80.42 5.18
CA ILE D 285 41.01 -80.43 4.11
C ILE D 285 40.04 -79.27 4.27
N CYS D 286 39.57 -79.05 5.51
CA CYS D 286 38.71 -77.90 5.79
C CYS D 286 39.40 -76.61 5.39
N ALA D 287 40.63 -76.41 5.84
CA ALA D 287 41.32 -75.14 5.57
C ALA D 287 41.53 -74.93 4.07
N ASP D 288 41.80 -76.01 3.34
CA ASP D 288 42.09 -75.88 1.91
C ASP D 288 40.81 -75.59 1.13
N ARG D 289 39.74 -76.35 1.39
CA ARG D 289 38.53 -76.23 0.57
C ARG D 289 37.56 -75.17 1.08
N LEU D 290 37.82 -74.55 2.23
CA LEU D 290 36.92 -73.56 2.81
C LEU D 290 35.55 -74.17 3.11
N ILE D 291 35.55 -75.18 3.98
CA ILE D 291 34.34 -75.87 4.41
C ILE D 291 34.37 -76.04 5.93
N ASP D 292 33.39 -76.77 6.44
CA ASP D 292 33.20 -76.95 7.87
C ASP D 292 33.53 -78.37 8.29
N GLY D 293 34.05 -78.51 9.51
CA GLY D 293 34.37 -79.82 10.05
C GLY D 293 33.82 -80.03 11.45
N PHE D 294 33.36 -81.25 11.73
CA PHE D 294 32.77 -81.58 13.03
C PHE D 294 33.43 -82.83 13.58
N PHE D 295 34.57 -82.66 14.23
CA PHE D 295 35.31 -83.78 14.79
C PHE D 295 34.95 -83.96 16.26
N ASP D 296 35.38 -85.09 16.83
CA ASP D 296 34.93 -85.39 18.18
C ASP D 296 35.97 -86.28 18.84
N VAL D 297 36.28 -85.97 20.11
CA VAL D 297 37.30 -86.71 20.85
C VAL D 297 36.75 -88.03 21.34
N LYS D 298 37.59 -88.90 21.85
CA LYS D 298 37.14 -90.21 22.29
C LYS D 298 36.05 -90.05 23.35
N PRO D 299 34.85 -90.56 23.12
CA PRO D 299 33.78 -90.35 24.10
C PRO D 299 33.79 -91.37 25.22
N THR D 300 34.98 -91.66 25.74
CA THR D 300 35.14 -92.49 26.93
C THR D 300 36.16 -91.89 27.89
N LEU D 301 36.51 -90.62 27.71
CA LEU D 301 37.44 -89.94 28.58
C LEU D 301 36.70 -89.14 29.63
N THR D 302 37.26 -89.09 30.84
CA THR D 302 36.67 -88.28 31.89
C THR D 302 36.83 -86.81 31.57
N TYR D 303 36.02 -85.99 32.25
CA TYR D 303 36.05 -84.55 32.02
C TYR D 303 37.42 -83.96 32.32
N ALA D 304 38.21 -84.61 33.17
CA ALA D 304 39.55 -84.11 33.45
C ALA D 304 40.49 -84.31 32.27
N GLU D 305 40.43 -85.49 31.64
CA GLU D 305 41.31 -85.79 30.52
C GLU D 305 40.77 -85.27 29.18
N ALA D 306 39.53 -84.82 29.13
CA ALA D 306 38.99 -84.33 27.87
C ALA D 306 39.73 -83.09 27.40
N LEU D 307 40.05 -82.17 28.33
CA LEU D 307 40.69 -80.92 27.94
C LEU D 307 42.07 -81.11 27.31
N PRO D 308 43.01 -81.87 27.89
CA PRO D 308 44.29 -82.07 27.20
C PRO D 308 44.16 -82.81 25.88
N ALA D 309 43.15 -83.66 25.72
CA ALA D 309 42.99 -84.37 24.45
C ALA D 309 42.64 -83.42 23.31
N VAL D 310 41.92 -82.33 23.61
CA VAL D 310 41.60 -81.35 22.57
C VAL D 310 42.85 -80.66 22.09
N GLU D 311 43.78 -80.35 22.99
CA GLU D 311 45.07 -79.82 22.57
C GLU D 311 45.86 -80.87 21.80
N ASP D 312 45.76 -82.13 22.22
CA ASP D 312 46.49 -83.21 21.57
C ASP D 312 46.04 -83.36 20.11
N THR D 313 44.74 -83.31 19.87
CA THR D 313 44.22 -83.65 18.54
C THR D 313 44.72 -82.71 17.46
N GLY D 314 45.24 -81.54 17.81
CA GLY D 314 46.08 -80.78 16.91
C GLY D 314 45.46 -79.59 16.22
N LEU D 315 44.14 -79.47 16.21
CA LEU D 315 43.53 -78.35 15.48
C LEU D 315 43.59 -77.03 16.26
N LEU D 316 44.00 -77.05 17.52
CA LEU D 316 44.03 -75.82 18.30
C LEU D 316 45.09 -74.87 17.76
N GLY D 317 44.65 -73.79 17.15
CA GLY D 317 45.55 -72.81 16.60
C GLY D 317 44.81 -71.67 15.93
N THR D 318 45.36 -71.16 14.82
CA THR D 318 44.73 -70.10 14.07
C THR D 318 44.44 -70.49 12.63
N ASP D 319 45.02 -71.58 12.13
CA ASP D 319 44.78 -71.99 10.75
C ASP D 319 43.39 -72.59 10.57
N TYR D 320 42.93 -73.40 11.53
CA TYR D 320 41.65 -74.09 11.43
C TYR D 320 40.64 -73.31 12.26
N VAL D 321 39.91 -72.39 11.61
CA VAL D 321 38.96 -71.54 12.28
C VAL D 321 37.52 -72.01 12.10
N SER D 322 37.30 -73.12 11.39
CA SER D 322 35.95 -73.58 11.11
C SER D 322 35.68 -75.00 11.60
N CYS D 323 36.62 -75.61 12.32
CA CYS D 323 36.48 -76.99 12.77
C CYS D 323 36.08 -77.02 14.23
N SER D 324 34.97 -77.70 14.52
CA SER D 324 34.46 -77.84 15.88
C SER D 324 34.83 -79.20 16.43
N VAL D 325 35.02 -79.26 17.74
CA VAL D 325 35.39 -80.48 18.44
C VAL D 325 34.35 -80.76 19.50
N TYR D 326 33.84 -82.00 19.53
CA TYR D 326 32.78 -82.37 20.46
C TYR D 326 33.26 -83.49 21.39
N HIS D 327 32.40 -83.79 22.37
CA HIS D 327 32.71 -84.79 23.39
C HIS D 327 31.39 -85.20 24.03
N TYR D 328 31.06 -86.49 23.97
CA TYR D 328 29.77 -87.01 24.42
C TYR D 328 30.00 -88.24 25.30
N PRO D 329 30.35 -88.04 26.57
CA PRO D 329 30.60 -89.19 27.46
C PRO D 329 29.31 -89.73 28.08
N PHE D 330 28.52 -90.42 27.26
CA PHE D 330 27.27 -91.01 27.69
C PHE D 330 27.08 -92.35 27.01
N SER D 331 26.27 -93.20 27.63
CA SER D 331 25.93 -94.50 27.06
C SER D 331 24.56 -94.45 26.42
N CYS D 332 24.28 -95.46 25.60
CA CYS D 332 23.02 -95.49 24.88
C CYS D 332 22.70 -96.93 24.50
N LYS D 333 21.44 -97.16 24.14
CA LYS D 333 20.97 -98.47 23.71
C LYS D 333 20.89 -98.48 22.19
N ASP D 334 21.58 -99.44 21.57
CA ASP D 334 21.70 -99.44 20.12
C ASP D 334 20.37 -99.74 19.46
N LYS D 335 20.20 -99.20 18.24
CA LYS D 335 18.95 -99.36 17.53
C LYS D 335 18.80 -100.77 16.96
N TRP D 336 19.88 -101.36 16.49
CA TRP D 336 19.80 -102.63 15.78
C TRP D 336 20.04 -103.83 16.69
N THR D 337 21.20 -103.90 17.34
CA THR D 337 21.57 -105.08 18.10
C THR D 337 21.01 -105.10 19.51
N GLN D 338 20.45 -103.98 19.99
CA GLN D 338 19.87 -103.90 21.33
C GLN D 338 20.91 -104.23 22.40
N SER D 339 21.94 -103.38 22.50
CA SER D 339 23.00 -103.57 23.47
C SER D 339 23.45 -102.21 23.99
N ARG D 340 24.42 -102.23 24.90
CA ARG D 340 24.95 -101.01 25.50
C ARG D 340 26.20 -100.60 24.74
N VAL D 341 26.09 -99.52 23.96
CA VAL D 341 27.20 -99.03 23.15
C VAL D 341 27.38 -97.55 23.40
N VAL D 342 28.57 -97.05 23.05
CA VAL D 342 28.89 -95.64 23.14
C VAL D 342 29.53 -95.21 21.83
N PHE D 343 29.09 -94.07 21.30
CA PHE D 343 29.73 -93.50 20.12
C PHE D 343 29.61 -91.99 20.20
N GLY D 344 30.07 -91.31 19.15
CA GLY D 344 30.31 -89.89 19.18
C GLY D 344 29.12 -89.03 18.81
N LEU D 345 29.42 -87.78 18.47
CA LEU D 345 28.39 -86.77 18.23
C LEU D 345 28.56 -86.05 16.89
N SER D 346 29.48 -86.49 16.04
CA SER D 346 29.68 -85.80 14.76
C SER D 346 28.44 -85.86 13.90
N GLY D 347 27.79 -87.02 13.85
CA GLY D 347 26.58 -87.14 13.04
C GLY D 347 25.48 -86.20 13.50
N VAL D 348 25.26 -86.12 14.80
CA VAL D 348 24.20 -85.24 15.30
C VAL D 348 24.56 -83.79 15.09
N ALA D 349 25.84 -83.44 15.24
CA ALA D 349 26.26 -82.08 14.97
C ALA D 349 25.99 -81.70 13.52
N TYR D 350 26.32 -82.59 12.59
CA TYR D 350 26.03 -82.28 11.19
C TYR D 350 24.55 -82.24 10.91
N ALA D 351 23.76 -83.08 11.58
CA ALA D 351 22.31 -83.02 11.40
C ALA D 351 21.77 -81.67 11.86
N ALA D 352 22.30 -81.16 12.97
CA ALA D 352 21.91 -79.83 13.42
C ALA D 352 22.29 -78.77 12.39
N LYS D 353 23.50 -78.87 11.84
CA LYS D 353 23.92 -77.87 10.85
C LYS D 353 23.04 -77.93 9.61
N ALA D 354 22.65 -79.13 9.17
CA ALA D 354 21.79 -79.25 7.99
C ALA D 354 20.39 -78.72 8.27
N ARG D 355 19.84 -79.02 9.45
CA ARG D 355 18.55 -78.44 9.82
C ARG D 355 18.63 -76.92 9.79
N GLY D 356 19.73 -76.36 10.25
CA GLY D 356 19.90 -74.91 10.19
C GLY D 356 19.99 -74.40 8.76
N VAL D 357 20.74 -75.09 7.91
CA VAL D 357 20.96 -74.61 6.55
C VAL D 357 19.74 -74.79 5.67
N LYS D 358 18.79 -75.63 6.07
CA LYS D 358 17.58 -75.83 5.27
C LYS D 358 16.46 -74.86 5.64
N LYS D 359 16.68 -73.92 6.56
CA LYS D 359 15.62 -73.00 6.95
C LYS D 359 15.30 -72.01 5.84
N ASN D 360 16.29 -71.19 5.46
CA ASN D 360 16.12 -70.28 4.34
C ASN D 360 16.21 -71.05 3.04
N SER D 361 15.40 -70.66 2.07
CA SER D 361 15.30 -71.38 0.81
C SER D 361 16.02 -70.70 -0.35
N ASP D 362 16.04 -69.37 -0.39
CA ASP D 362 16.65 -68.68 -1.51
C ASP D 362 18.16 -68.93 -1.52
N VAL D 363 18.85 -68.57 -0.45
CA VAL D 363 20.29 -68.74 -0.35
C VAL D 363 20.69 -69.70 0.76
N GLY D 364 19.74 -70.18 1.55
CA GLY D 364 20.07 -71.10 2.63
C GLY D 364 20.56 -70.37 3.85
N GLY D 365 20.08 -70.77 5.02
CA GLY D 365 20.49 -70.09 6.23
C GLY D 365 21.76 -70.66 6.82
N TRP D 366 22.88 -69.99 6.57
CA TRP D 366 24.15 -70.38 7.14
C TRP D 366 24.44 -69.70 8.47
N HIS D 367 23.60 -68.76 8.89
CA HIS D 367 23.84 -68.01 10.10
C HIS D 367 23.23 -68.64 11.34
N TYR D 368 22.59 -69.80 11.20
CA TYR D 368 22.00 -70.49 12.34
C TYR D 368 23.06 -71.35 13.01
N SER D 369 23.29 -71.14 14.31
CA SER D 369 24.26 -71.94 15.02
C SER D 369 23.75 -73.37 15.19
N PRO D 370 24.63 -74.36 15.19
CA PRO D 370 24.24 -75.76 15.40
C PRO D 370 24.05 -76.12 16.86
N ALA D 371 23.18 -75.38 17.55
CA ALA D 371 22.89 -75.64 18.94
C ALA D 371 21.52 -75.08 19.27
N GLY D 372 20.98 -75.52 20.40
CA GLY D 372 19.69 -75.07 20.87
C GLY D 372 18.81 -76.27 21.16
N GLU D 373 17.52 -76.00 21.34
CA GLU D 373 16.55 -77.06 21.59
C GLU D 373 15.56 -77.23 20.45
N GLU D 374 15.64 -76.41 19.41
CA GLU D 374 14.80 -76.58 18.23
C GLU D 374 15.57 -77.08 17.02
N ARG D 375 16.89 -77.21 17.11
CA ARG D 375 17.67 -77.64 15.96
C ARG D 375 18.76 -78.66 16.29
N ALA D 376 18.93 -79.04 17.56
CA ALA D 376 20.07 -79.88 17.90
C ALA D 376 19.72 -80.96 18.91
N VAL D 377 18.46 -81.37 18.96
CA VAL D 377 18.08 -82.41 19.91
C VAL D 377 18.76 -83.72 19.55
N ILE D 378 19.11 -84.49 20.58
CA ILE D 378 19.78 -85.77 20.41
C ILE D 378 18.77 -86.87 20.64
N ALA D 379 18.59 -87.74 19.66
CA ALA D 379 17.63 -88.83 19.72
C ALA D 379 18.38 -90.13 19.96
N ARG D 380 18.27 -90.67 21.16
CA ARG D 380 18.87 -91.95 21.51
C ARG D 380 17.84 -92.75 22.30
N ALA D 381 18.29 -93.85 22.90
CA ALA D 381 17.41 -94.72 23.67
C ALA D 381 18.06 -95.02 25.01
N SER D 382 17.39 -94.65 26.09
CA SER D 382 17.82 -94.96 27.45
C SER D 382 19.23 -94.43 27.72
N ILE D 383 19.39 -93.13 27.56
CA ILE D 383 20.69 -92.50 27.81
C ILE D 383 21.02 -92.63 29.29
N GLN D 384 22.14 -93.27 29.59
CA GLN D 384 22.58 -93.48 30.96
C GLN D 384 23.99 -92.92 31.11
N PRO D 385 24.21 -91.90 31.93
CA PRO D 385 25.53 -91.25 31.97
C PRO D 385 26.63 -92.22 32.36
N LEU D 386 27.80 -92.04 31.76
CA LEU D 386 28.93 -92.92 32.02
C LEU D 386 29.55 -92.64 33.38
N TYR D 387 29.68 -91.36 33.75
CA TYR D 387 30.30 -90.95 35.00
C TYR D 387 29.35 -90.04 35.74
N PRO D 388 28.32 -90.60 36.38
CA PRO D 388 27.37 -89.74 37.13
C PRO D 388 28.02 -88.99 38.28
N GLU D 389 29.13 -89.48 38.84
CA GLU D 389 29.72 -88.82 39.99
C GLU D 389 30.56 -87.60 39.63
N ASP D 390 30.81 -87.35 38.35
CA ASP D 390 31.63 -86.22 37.95
C ASP D 390 30.75 -85.03 37.57
N THR D 391 31.40 -83.92 37.24
CA THR D 391 30.69 -82.69 36.92
C THR D 391 31.48 -81.93 35.85
N PRO D 392 30.82 -81.21 34.96
CA PRO D 392 31.55 -80.45 33.94
C PRO D 392 32.32 -79.29 34.55
N ASP D 393 33.13 -78.67 33.70
CA ASP D 393 34.08 -77.62 34.07
C ASP D 393 33.86 -76.39 33.22
N GLU D 394 32.61 -75.91 33.16
CA GLU D 394 32.15 -74.94 32.16
C GLU D 394 33.18 -73.90 31.76
N GLU D 395 33.80 -73.23 32.74
CA GLU D 395 34.78 -72.20 32.42
C GLU D 395 36.00 -72.79 31.72
N ALA D 396 36.51 -73.90 32.24
CA ALA D 396 37.66 -74.53 31.62
C ALA D 396 37.32 -75.03 30.22
N MET D 397 36.12 -75.58 30.04
CA MET D 397 35.71 -76.04 28.72
C MET D 397 35.62 -74.89 27.73
N VAL D 398 35.05 -73.77 28.14
CA VAL D 398 34.94 -72.62 27.23
C VAL D 398 36.31 -72.09 26.89
N LYS D 399 37.23 -72.05 27.86
CA LYS D 399 38.58 -71.58 27.57
C LYS D 399 39.31 -72.55 26.66
N GLY D 400 39.03 -73.85 26.78
CA GLY D 400 39.67 -74.87 25.97
C GLY D 400 38.96 -75.21 24.68
N ARG D 401 37.88 -74.50 24.34
CA ARG D 401 37.17 -74.68 23.09
C ARG D 401 36.66 -76.10 22.93
N LEU D 402 35.74 -76.48 23.82
CA LEU D 402 35.12 -77.80 23.82
C LEU D 402 33.63 -77.63 24.02
N ASN D 403 32.84 -77.96 23.00
CA ASN D 403 31.39 -77.88 23.13
C ASN D 403 30.89 -78.95 24.08
N LYS D 404 29.86 -78.62 24.84
CA LYS D 404 29.37 -79.49 25.90
C LYS D 404 27.88 -79.76 25.71
N VAL D 405 27.45 -80.95 26.11
CA VAL D 405 26.05 -81.32 26.08
C VAL D 405 25.40 -80.91 27.39
N SER D 406 24.07 -80.86 27.39
CA SER D 406 23.31 -80.50 28.58
C SER D 406 21.93 -81.13 28.47
N VAL D 407 21.05 -80.74 29.39
CA VAL D 407 19.66 -81.17 29.38
C VAL D 407 18.80 -79.93 29.24
N GLY D 408 18.15 -79.78 28.09
CA GLY D 408 17.29 -78.65 27.85
C GLY D 408 15.91 -78.86 28.45
N THR D 409 14.97 -78.05 27.99
CA THR D 409 13.59 -78.21 28.45
C THR D 409 13.01 -79.53 27.93
N SER D 410 12.04 -80.04 28.69
CA SER D 410 11.32 -81.28 28.38
C SER D 410 12.17 -82.52 28.61
N GLY D 411 13.45 -82.34 28.88
CA GLY D 411 14.30 -83.44 29.30
C GLY D 411 15.06 -84.19 28.24
N GLN D 412 15.12 -83.69 27.00
CA GLN D 412 15.95 -84.30 25.98
C GLN D 412 17.30 -83.62 25.92
N MET D 413 18.36 -84.42 25.83
CA MET D 413 19.70 -83.89 25.74
C MET D 413 19.86 -83.05 24.48
N ILE D 414 20.61 -81.95 24.59
CA ILE D 414 20.85 -81.06 23.48
C ILE D 414 22.32 -80.67 23.48
N ILE D 415 22.76 -80.10 22.35
CA ILE D 415 24.07 -79.48 22.25
C ILE D 415 23.92 -78.01 22.61
N ASP D 416 24.75 -77.52 23.52
CA ASP D 416 24.58 -76.17 24.05
C ASP D 416 25.84 -75.33 23.91
N ASP D 417 26.52 -75.44 22.77
CA ASP D 417 27.63 -74.55 22.47
C ASP D 417 27.88 -74.55 20.97
N ALA D 418 28.52 -73.47 20.50
CA ALA D 418 28.84 -73.30 19.10
C ALA D 418 30.24 -72.73 18.97
N LEU D 419 31.19 -73.29 19.71
CA LEU D 419 32.55 -72.77 19.73
C LEU D 419 33.45 -73.58 18.81
N THR D 420 34.27 -72.88 18.03
CA THR D 420 35.19 -73.51 17.10
C THR D 420 36.53 -73.75 17.78
N CYS D 421 37.55 -74.07 17.00
CA CYS D 421 38.88 -74.33 17.51
C CYS D 421 39.78 -73.11 17.50
N CYS D 422 39.28 -71.95 17.10
CA CYS D 422 40.09 -70.75 17.12
C CYS D 422 40.40 -70.34 18.55
N THR D 423 41.65 -69.97 18.79
CA THR D 423 42.07 -69.55 20.13
C THR D 423 41.92 -68.06 20.36
N GLN D 424 42.03 -67.26 19.31
CA GLN D 424 41.90 -65.82 19.44
C GLN D 424 40.49 -65.46 19.90
N ASP D 425 40.40 -64.46 20.78
CA ASP D 425 39.12 -64.04 21.34
C ASP D 425 38.56 -62.89 20.51
N ASN D 426 37.93 -63.25 19.39
CA ASN D 426 37.28 -62.30 18.52
C ASN D 426 36.01 -62.94 17.98
N TYR D 427 35.44 -62.34 16.94
CA TYR D 427 34.21 -62.88 16.36
C TYR D 427 34.41 -64.23 15.69
N LEU D 428 35.65 -64.66 15.48
CA LEU D 428 35.90 -65.86 14.69
C LEU D 428 35.70 -67.16 15.45
N HIS D 429 35.63 -67.12 16.77
CA HIS D 429 35.53 -68.39 17.49
C HIS D 429 34.09 -68.88 17.61
N PHE D 430 33.10 -68.06 17.28
CA PHE D 430 31.74 -68.56 17.18
C PHE D 430 31.60 -69.42 15.92
N GLN D 431 30.62 -70.31 15.93
CA GLN D 431 30.52 -71.28 14.83
C GLN D 431 29.96 -70.65 13.56
N HIS D 432 28.95 -69.80 13.68
CA HIS D 432 28.21 -69.41 12.48
C HIS D 432 28.98 -68.41 11.62
N VAL D 433 29.83 -67.58 12.23
CA VAL D 433 30.53 -66.55 11.44
C VAL D 433 31.46 -67.15 10.39
N PRO D 434 32.35 -68.09 10.72
CA PRO D 434 33.19 -68.69 9.66
C PRO D 434 32.38 -69.37 8.58
N SER D 435 31.27 -70.02 8.92
CA SER D 435 30.48 -70.69 7.89
C SER D 435 29.90 -69.69 6.90
N LEU D 436 29.35 -68.59 7.41
CA LEU D 436 28.79 -67.57 6.53
C LEU D 436 29.87 -66.93 5.66
N MET D 437 31.01 -66.60 6.26
CA MET D 437 32.09 -66.00 5.49
C MET D 437 32.60 -66.96 4.43
N ASN D 438 32.66 -68.26 4.75
CA ASN D 438 33.13 -69.24 3.78
C ASN D 438 32.13 -69.41 2.65
N ALA D 439 30.83 -69.32 2.94
CA ALA D 439 29.86 -69.34 1.86
C ALA D 439 30.07 -68.18 0.90
N ILE D 440 30.27 -66.98 1.46
CA ILE D 440 30.55 -65.83 0.60
C ILE D 440 31.80 -66.05 -0.23
N SER D 441 32.86 -66.58 0.40
CA SER D 441 34.12 -66.76 -0.30
C SER D 441 33.98 -67.78 -1.43
N ARG D 442 33.25 -68.87 -1.19
CA ARG D 442 33.06 -69.86 -2.25
C ARG D 442 32.29 -69.27 -3.43
N PHE D 443 31.25 -68.50 -3.15
CA PHE D 443 30.53 -67.85 -4.24
C PHE D 443 31.45 -66.89 -5.00
N PHE D 444 32.29 -66.15 -4.28
CA PHE D 444 33.20 -65.23 -4.97
C PHE D 444 34.17 -65.99 -5.86
N VAL D 445 34.69 -67.11 -5.38
CA VAL D 445 35.63 -67.88 -6.20
C VAL D 445 34.95 -68.34 -7.47
N GLN D 446 33.71 -68.83 -7.36
CA GLN D 446 32.99 -69.23 -8.57
C GLN D 446 32.84 -68.06 -9.53
N LEU D 447 32.40 -66.91 -9.02
CA LEU D 447 32.17 -65.77 -9.91
C LEU D 447 33.44 -65.29 -10.58
N ALA D 448 34.53 -65.15 -9.83
CA ALA D 448 35.77 -64.67 -10.42
C ALA D 448 36.36 -65.68 -11.39
N ARG D 449 36.24 -66.98 -11.10
CA ARG D 449 36.70 -67.96 -12.05
C ARG D 449 35.93 -67.88 -13.36
N GLN D 450 34.62 -67.65 -13.28
CA GLN D 450 33.86 -67.48 -14.52
C GLN D 450 34.24 -66.21 -15.25
N MET D 451 34.61 -65.16 -14.52
CA MET D 451 34.78 -63.83 -15.09
C MET D 451 36.25 -63.49 -15.36
N LYS D 452 37.16 -64.43 -15.19
CA LYS D 452 38.57 -64.16 -15.46
C LYS D 452 38.81 -63.92 -16.94
N HIS D 453 39.88 -63.17 -17.23
CA HIS D 453 40.41 -62.93 -18.56
C HIS D 453 39.56 -62.01 -19.42
N SER D 454 38.72 -61.19 -18.82
CA SER D 454 37.91 -60.25 -19.56
C SER D 454 38.51 -58.85 -19.47
N PRO D 455 38.20 -57.97 -20.43
CA PRO D 455 38.67 -56.59 -20.33
C PRO D 455 38.06 -55.87 -19.13
N ASP D 456 38.73 -54.80 -18.72
CA ASP D 456 38.37 -54.14 -17.47
C ASP D 456 36.95 -53.56 -17.52
N GLY D 457 36.55 -53.06 -18.70
CA GLY D 457 35.23 -52.46 -18.81
C GLY D 457 34.11 -53.42 -18.44
N ILE D 458 34.18 -54.65 -18.97
CA ILE D 458 33.21 -55.66 -18.59
C ILE D 458 33.46 -56.13 -17.16
N THR D 459 34.74 -56.28 -16.79
CA THR D 459 35.08 -56.93 -15.53
C THR D 459 34.57 -56.14 -14.33
N ALA D 460 34.82 -54.83 -14.31
CA ALA D 460 34.43 -54.02 -13.17
C ALA D 460 32.93 -54.06 -12.96
N ALA D 461 32.17 -53.80 -14.02
CA ALA D 461 30.72 -53.78 -13.90
C ALA D 461 30.19 -55.15 -13.49
N GLY D 462 30.71 -56.22 -14.08
CA GLY D 462 30.23 -57.54 -13.72
C GLY D 462 30.51 -57.90 -12.27
N LEU D 463 31.73 -57.64 -11.81
CA LEU D 463 32.07 -57.95 -10.43
C LEU D 463 31.21 -57.16 -9.46
N THR D 464 31.05 -55.86 -9.72
CA THR D 464 30.23 -55.03 -8.84
C THR D 464 28.78 -55.54 -8.82
N LYS D 465 28.22 -55.85 -9.98
CA LYS D 465 26.83 -56.30 -10.03
C LYS D 465 26.66 -57.62 -9.29
N GLY D 466 27.55 -58.59 -9.53
CA GLY D 466 27.42 -59.87 -8.88
C GLY D 466 27.54 -59.79 -7.37
N MET D 467 28.56 -59.07 -6.88
CA MET D 467 28.73 -58.96 -5.44
C MET D 467 27.58 -58.18 -4.80
N THR D 468 27.14 -57.10 -5.43
CA THR D 468 26.03 -56.36 -4.86
C THR D 468 24.77 -57.22 -4.77
N LYS D 469 24.48 -57.99 -5.83
CA LYS D 469 23.31 -58.84 -5.79
C LYS D 469 23.42 -59.90 -4.69
N LEU D 470 24.58 -60.55 -4.57
CA LEU D 470 24.71 -61.61 -3.58
C LEU D 470 24.60 -61.07 -2.16
N LEU D 471 25.28 -59.95 -1.88
CA LEU D 471 25.23 -59.41 -0.53
C LEU D 471 23.85 -58.85 -0.22
N ASP D 472 23.14 -58.31 -1.21
CA ASP D 472 21.76 -57.90 -0.97
C ASP D 472 20.89 -59.10 -0.65
N ARG D 473 21.13 -60.23 -1.32
CA ARG D 473 20.38 -61.44 -0.99
C ARG D 473 20.63 -61.86 0.44
N PHE D 474 21.89 -61.82 0.89
CA PHE D 474 22.18 -62.14 2.28
C PHE D 474 21.50 -61.19 3.26
N VAL D 475 21.56 -59.88 2.98
CA VAL D 475 20.96 -58.92 3.90
C VAL D 475 19.46 -59.14 3.99
N ALA D 476 18.81 -59.39 2.85
CA ALA D 476 17.38 -59.69 2.88
C ALA D 476 17.11 -60.98 3.63
N SER D 477 18.01 -61.96 3.53
CA SER D 477 17.86 -63.19 4.28
C SER D 477 17.91 -62.92 5.78
N GLY D 478 18.80 -62.03 6.21
CA GLY D 478 18.91 -61.67 7.60
C GLY D 478 20.21 -62.06 8.26
N ALA D 479 21.23 -62.48 7.51
CA ALA D 479 22.49 -62.88 8.07
C ALA D 479 23.42 -61.71 8.36
N LEU D 480 23.12 -60.52 7.85
CA LEU D 480 23.91 -59.32 8.13
C LEU D 480 22.98 -58.24 8.67
N VAL D 481 23.47 -57.50 9.65
CA VAL D 481 22.71 -56.45 10.30
C VAL D 481 23.55 -55.17 10.35
N ALA D 482 22.92 -54.08 10.77
CA ALA D 482 23.60 -52.81 10.84
C ALA D 482 24.74 -52.88 11.86
N PRO D 483 25.80 -52.09 11.66
CA PRO D 483 26.95 -52.18 12.56
C PRO D 483 26.58 -51.79 13.98
N ARG D 484 27.34 -52.32 14.94
CA ARG D 484 27.03 -52.09 16.35
C ARG D 484 27.15 -50.62 16.71
N ASP D 485 28.17 -49.94 16.21
CA ASP D 485 28.38 -48.53 16.51
C ASP D 485 28.23 -47.71 15.23
N PRO D 486 27.06 -47.15 14.97
CA PRO D 486 26.82 -46.41 13.72
C PRO D 486 27.33 -44.98 13.77
N ASP D 487 28.55 -44.80 14.25
CA ASP D 487 29.19 -43.50 14.32
C ASP D 487 30.49 -43.44 13.53
N ALA D 488 31.31 -44.48 13.60
CA ALA D 488 32.58 -44.53 12.89
C ALA D 488 32.48 -45.32 11.59
N ASP D 489 32.07 -46.58 11.68
CA ASP D 489 32.01 -47.46 10.52
C ASP D 489 30.65 -47.45 9.85
N GLY D 490 30.18 -46.25 9.50
CA GLY D 490 28.96 -46.05 8.74
C GLY D 490 27.74 -46.72 9.34
N THR D 491 26.74 -46.93 8.48
CA THR D 491 25.51 -47.60 8.90
C THR D 491 25.01 -48.60 7.87
N GLU D 492 25.88 -49.10 7.00
CA GLU D 492 25.42 -50.10 6.05
C GLU D 492 25.90 -51.48 6.45
N PRO D 493 25.09 -52.52 6.25
CA PRO D 493 25.53 -53.87 6.65
C PRO D 493 26.81 -54.33 5.99
N TYR D 494 27.00 -53.97 4.72
CA TYR D 494 28.16 -54.39 3.95
C TYR D 494 28.72 -53.22 3.16
N VAL D 495 30.04 -53.21 3.00
CA VAL D 495 30.73 -52.22 2.20
C VAL D 495 31.60 -52.97 1.19
N LEU D 496 31.42 -52.66 -0.09
CA LEU D 496 32.10 -53.35 -1.17
C LEU D 496 32.98 -52.36 -1.92
N LYS D 497 34.17 -52.80 -2.29
CA LYS D 497 35.11 -51.93 -3.00
C LYS D 497 35.88 -52.78 -4.01
N VAL D 498 35.67 -52.51 -5.30
CA VAL D 498 36.37 -53.19 -6.37
C VAL D 498 37.34 -52.20 -6.99
N THR D 499 38.62 -52.57 -7.05
CA THR D 499 39.64 -51.64 -7.48
C THR D 499 40.65 -52.34 -8.36
N GLN D 500 41.47 -51.54 -9.04
CA GLN D 500 42.56 -52.03 -9.87
C GLN D 500 43.88 -51.62 -9.24
N ALA D 501 44.78 -52.58 -9.06
CA ALA D 501 46.08 -52.29 -8.46
C ALA D 501 47.17 -52.08 -9.50
N GLU D 502 47.13 -52.81 -10.60
CA GLU D 502 48.05 -52.61 -11.73
C GLU D 502 47.29 -53.02 -12.99
N PHE D 503 48.04 -53.34 -14.05
CA PHE D 503 47.42 -53.76 -15.30
C PHE D 503 46.42 -54.89 -15.08
N ASP D 504 46.77 -55.87 -14.24
CA ASP D 504 45.83 -56.94 -13.92
C ASP D 504 46.06 -57.37 -12.48
N LYS D 505 45.35 -56.73 -11.55
CA LYS D 505 45.37 -57.16 -10.15
C LYS D 505 44.01 -56.89 -9.51
N TRP D 506 42.94 -57.04 -10.27
CA TRP D 506 41.61 -56.66 -9.80
C TRP D 506 41.35 -57.17 -8.39
N GLU D 507 41.21 -56.24 -7.45
CA GLU D 507 41.13 -56.56 -6.02
C GLU D 507 39.76 -56.19 -5.50
N VAL D 508 39.10 -57.15 -4.86
CA VAL D 508 37.76 -56.98 -4.32
C VAL D 508 37.86 -57.07 -2.80
N VAL D 509 37.38 -56.05 -2.10
CA VAL D 509 37.38 -56.02 -0.65
C VAL D 509 35.95 -55.79 -0.19
N TRP D 510 35.39 -56.76 0.53
CA TRP D 510 34.04 -56.65 1.07
C TRP D 510 34.10 -56.81 2.58
N ALA D 511 33.43 -55.91 3.29
CA ALA D 511 33.36 -55.95 4.74
C ALA D 511 31.90 -56.08 5.15
N CYS D 512 31.60 -57.07 5.98
CA CYS D 512 30.23 -57.38 6.37
C CYS D 512 30.11 -57.36 7.89
N CYS D 513 28.92 -57.01 8.38
CA CYS D 513 28.67 -57.10 9.81
C CYS D 513 27.79 -58.31 10.10
N PRO D 514 28.32 -59.38 10.67
CA PRO D 514 27.51 -60.58 10.88
C PRO D 514 26.55 -60.42 12.04
N THR D 515 25.54 -61.28 12.06
CA THR D 515 24.53 -61.24 13.11
C THR D 515 25.13 -61.69 14.44
N GLY D 516 24.43 -61.35 15.52
CA GLY D 516 24.85 -61.70 16.85
C GLY D 516 24.02 -62.85 17.41
N VAL D 517 24.69 -63.96 17.70
CA VAL D 517 24.03 -65.06 18.38
C VAL D 517 23.60 -64.63 19.78
N ALA D 518 22.64 -65.33 20.33
CA ALA D 518 22.12 -65.05 21.67
C ALA D 518 22.50 -66.22 22.57
N ARG D 519 23.71 -66.15 23.14
CA ARG D 519 24.23 -67.21 23.97
C ARG D 519 23.99 -66.99 25.45
N ARG D 520 24.19 -65.75 25.92
CA ARG D 520 23.99 -65.40 27.33
C ARG D 520 22.87 -64.38 27.42
N ILE D 521 21.84 -64.69 28.21
CA ILE D 521 20.70 -63.81 28.40
C ILE D 521 20.59 -63.51 29.89
N GLN D 522 20.54 -62.23 30.24
CA GLN D 522 20.48 -61.80 31.62
C GLN D 522 19.31 -60.87 31.85
N GLY D 523 18.57 -61.11 32.91
CA GLY D 523 17.42 -60.27 33.29
C GLY D 523 17.69 -59.56 34.60
N VAL D 524 17.38 -58.27 34.64
CA VAL D 524 17.59 -57.43 35.80
C VAL D 524 16.25 -56.82 36.20
N PRO D 525 15.53 -57.43 37.13
CA PRO D 525 14.26 -56.83 37.59
C PRO D 525 14.52 -55.56 38.38
N LEU D 526 13.53 -54.67 38.36
CA LEU D 526 13.62 -53.40 39.05
C LEU D 526 12.30 -53.09 39.72
N LEU D 527 12.34 -52.15 40.67
CA LEU D 527 11.15 -51.64 41.32
C LEU D 527 11.11 -50.14 41.20
N ILE D 528 9.92 -49.59 40.94
CA ILE D 528 9.73 -48.16 40.70
C ILE D 528 9.03 -47.56 41.91
N LYS D 529 9.62 -46.52 42.47
CA LYS D 529 9.01 -45.82 43.60
C LYS D 529 7.71 -45.15 43.18
N SER E 2 20.65 -78.52 40.78
CA SER E 2 19.89 -79.41 39.92
C SER E 2 19.17 -78.64 38.82
N GLN E 3 18.04 -79.18 38.36
CA GLN E 3 17.22 -78.47 37.40
C GLN E 3 16.31 -77.48 38.12
N TYR E 4 15.66 -76.63 37.34
CA TYR E 4 14.76 -75.58 37.84
C TYR E 4 15.50 -74.56 38.69
N SER E 5 16.79 -74.76 38.91
CA SER E 5 17.57 -73.80 39.67
C SER E 5 17.89 -72.58 38.81
N ILE E 6 18.04 -71.44 39.47
CA ILE E 6 18.30 -70.17 38.79
C ILE E 6 19.60 -69.60 39.32
N GLN E 7 20.53 -69.31 38.42
CA GLN E 7 21.79 -68.69 38.83
C GLN E 7 21.67 -67.18 38.77
N GLN E 8 22.74 -66.51 39.17
CA GLN E 8 22.74 -65.04 39.23
C GLN E 8 23.95 -64.39 38.59
N SER E 9 25.06 -65.11 38.39
CA SER E 9 26.27 -64.48 37.87
C SER E 9 26.33 -64.52 36.35
N LEU E 10 26.35 -65.72 35.78
CA LEU E 10 26.40 -65.91 34.32
C LEU E 10 27.64 -65.22 33.74
N GLY E 11 28.79 -65.79 34.07
CA GLY E 11 30.05 -65.27 33.60
C GLY E 11 30.73 -66.14 32.55
N ASN E 12 30.75 -65.66 31.31
CA ASN E 12 31.52 -66.29 30.23
C ASN E 12 31.12 -67.74 29.98
N ALA E 13 29.83 -68.03 30.08
CA ALA E 13 29.33 -69.37 29.81
C ALA E 13 27.86 -69.26 29.40
N SER E 14 27.44 -70.16 28.53
CA SER E 14 26.06 -70.13 28.06
C SER E 14 25.11 -70.41 29.21
N GLY E 15 24.00 -69.68 29.24
CA GLY E 15 23.01 -69.87 30.27
C GLY E 15 22.09 -68.67 30.36
N VAL E 16 21.19 -68.74 31.33
CA VAL E 16 20.24 -67.66 31.61
C VAL E 16 20.21 -67.43 33.11
N ALA E 17 20.30 -66.17 33.52
CA ALA E 17 20.32 -65.83 34.94
C ALA E 17 19.53 -64.56 35.17
N VAL E 18 18.96 -64.44 36.36
CA VAL E 18 18.23 -63.25 36.78
C VAL E 18 18.90 -62.66 38.01
N SER E 19 19.15 -61.37 37.98
CA SER E 19 19.79 -60.70 39.09
C SER E 19 18.81 -60.53 40.25
N PRO E 20 19.31 -60.50 41.49
CA PRO E 20 18.41 -60.27 42.62
C PRO E 20 17.76 -58.90 42.53
N ILE E 21 16.54 -58.81 43.08
CA ILE E 21 15.74 -57.60 42.93
C ILE E 21 16.49 -56.42 43.52
N ASN E 22 16.42 -55.28 42.83
CA ASN E 22 17.20 -54.11 43.26
C ASN E 22 16.55 -53.44 44.46
N ALA E 23 15.35 -52.87 44.26
CA ALA E 23 14.56 -52.29 45.35
C ALA E 23 15.38 -51.29 46.17
N ASP E 24 16.13 -50.43 45.48
CA ASP E 24 16.91 -49.40 46.16
C ASP E 24 16.40 -48.00 45.92
N ALA E 25 15.60 -47.78 44.89
CA ALA E 25 14.98 -46.48 44.64
C ALA E 25 13.68 -46.31 45.42
N THR E 26 13.27 -47.31 46.20
CA THR E 26 12.04 -47.27 46.95
C THR E 26 12.28 -47.43 48.44
N LEU E 27 13.39 -46.87 48.94
CA LEU E 27 13.75 -47.02 50.34
C LEU E 27 12.98 -46.00 51.17
N SER E 28 12.08 -46.48 52.01
CA SER E 28 11.32 -45.66 52.94
C SER E 28 11.98 -45.71 54.31
N THR E 29 11.33 -45.12 55.30
CA THR E 29 11.81 -45.14 56.68
C THR E 29 10.62 -45.20 57.61
N GLY E 30 10.58 -46.22 58.46
CA GLY E 30 9.50 -46.34 59.42
C GLY E 30 9.92 -45.94 60.82
N VAL E 31 9.51 -44.76 61.26
CA VAL E 31 9.87 -44.26 62.58
C VAL E 31 8.61 -44.05 63.41
N ALA E 32 7.48 -43.80 62.74
CA ALA E 32 6.20 -43.55 63.40
C ALA E 32 6.32 -42.39 64.38
N LEU E 33 6.52 -41.20 63.80
CA LEU E 33 6.76 -40.00 64.61
C LEU E 33 5.59 -39.68 65.52
N ASN E 34 4.37 -40.00 65.10
CA ASN E 34 3.19 -39.66 65.89
C ASN E 34 2.94 -40.62 67.05
N SER E 35 3.99 -40.92 67.81
CA SER E 35 3.87 -41.81 68.96
C SER E 35 4.71 -41.27 70.09
N SER E 36 4.14 -41.24 71.30
CA SER E 36 4.80 -40.67 72.46
C SER E 36 4.62 -41.58 73.66
N LEU E 37 5.71 -41.82 74.40
CA LEU E 37 5.68 -42.59 75.63
C LEU E 37 6.46 -41.85 76.70
N TRP E 38 6.07 -42.07 77.95
CA TRP E 38 6.64 -41.35 79.07
C TRP E 38 7.40 -42.31 79.98
N ALA E 39 8.57 -41.88 80.44
CA ALA E 39 9.42 -42.68 81.29
C ALA E 39 9.70 -41.93 82.59
N GLY E 40 9.61 -42.64 83.71
CA GLY E 40 9.82 -41.99 84.99
C GLY E 40 10.27 -42.95 86.06
N ILE E 41 10.80 -42.39 87.14
CA ILE E 41 11.20 -43.16 88.30
C ILE E 41 10.28 -42.79 89.45
N GLY E 42 10.23 -43.65 90.46
CA GLY E 42 9.37 -43.37 91.58
C GLY E 42 9.51 -44.41 92.66
N VAL E 43 8.70 -44.24 93.71
CA VAL E 43 8.62 -45.16 94.83
C VAL E 43 7.19 -45.66 94.93
N PHE E 44 7.01 -46.97 94.90
CA PHE E 44 5.67 -47.55 94.86
C PHE E 44 5.60 -48.65 95.91
N ALA E 45 4.50 -49.42 95.86
CA ALA E 45 4.28 -50.50 96.82
C ALA E 45 4.67 -51.86 96.27
N ARG E 46 4.40 -52.14 95.00
CA ARG E 46 4.69 -53.43 94.39
C ARG E 46 5.37 -53.23 93.05
N GLY E 47 6.35 -54.07 92.78
CA GLY E 47 7.12 -54.01 91.54
C GLY E 47 8.53 -54.48 91.76
N LYS E 48 9.19 -54.87 90.67
CA LYS E 48 10.55 -55.35 90.74
C LYS E 48 11.51 -54.17 90.83
N PRO E 49 12.32 -54.06 91.88
CA PRO E 49 13.16 -52.88 92.05
C PRO E 49 14.29 -52.84 91.02
N PHE E 50 14.62 -51.60 90.62
CA PHE E 50 15.76 -51.33 89.73
C PHE E 50 15.64 -52.09 88.41
N THR E 51 14.41 -52.21 87.91
CA THR E 51 14.16 -52.86 86.63
C THR E 51 13.08 -52.09 85.90
N VAL E 52 13.27 -51.86 84.61
CA VAL E 52 12.29 -51.12 83.82
C VAL E 52 11.00 -51.92 83.74
N LEU E 53 9.87 -51.26 84.00
CA LEU E 53 8.57 -51.88 83.88
C LEU E 53 7.83 -51.28 82.68
N ALA E 54 6.58 -51.70 82.51
CA ALA E 54 5.72 -51.17 81.48
C ALA E 54 4.30 -51.09 82.03
N VAL E 55 3.73 -49.89 82.03
CA VAL E 55 2.40 -49.66 82.58
C VAL E 55 1.49 -49.18 81.45
N THR E 56 0.34 -49.82 81.33
CA THR E 56 -0.71 -49.44 80.39
C THR E 56 -1.93 -49.02 81.18
N GLU E 57 -3.01 -48.70 80.45
CA GLU E 57 -4.23 -48.24 81.08
C GLU E 57 -5.00 -49.34 81.79
N SER E 58 -4.62 -50.61 81.60
CA SER E 58 -5.43 -51.71 82.08
C SER E 58 -4.70 -52.65 83.03
N ASN E 59 -3.46 -52.36 83.42
CA ASN E 59 -2.75 -53.24 84.33
C ASN E 59 -1.99 -52.51 85.43
N TYR E 60 -1.88 -51.19 85.39
CA TYR E 60 -1.04 -50.48 86.36
C TYR E 60 -1.44 -50.80 87.79
N GLU E 61 -2.74 -50.99 88.04
CA GLU E 61 -3.21 -51.28 89.39
C GLU E 61 -2.57 -52.54 89.96
N ASP E 62 -2.41 -53.57 89.14
CA ASP E 62 -1.86 -54.82 89.64
C ASP E 62 -0.36 -54.92 89.49
N VAL E 63 0.22 -54.40 88.40
CA VAL E 63 1.66 -54.50 88.25
C VAL E 63 2.36 -53.59 89.25
N LEU E 64 1.80 -52.39 89.49
CA LEU E 64 2.43 -51.41 90.35
C LEU E 64 1.87 -51.42 91.76
N GLY E 65 0.92 -52.29 92.06
CA GLY E 65 0.36 -52.38 93.38
C GLY E 65 -0.78 -51.40 93.61
N GLU E 66 -1.52 -51.63 94.69
CA GLU E 66 -2.61 -50.74 95.04
C GLU E 66 -2.05 -49.39 95.50
N PRO E 67 -2.82 -48.32 95.34
CA PRO E 67 -2.33 -46.99 95.73
C PRO E 67 -2.03 -46.92 97.22
N LEU E 68 -1.01 -46.13 97.56
CA LEU E 68 -0.57 -45.98 98.93
C LEU E 68 -1.53 -45.04 99.67
N LYS E 69 -1.17 -44.67 100.89
CA LYS E 69 -2.00 -43.82 101.72
C LYS E 69 -1.27 -42.52 102.03
N PRO E 70 -1.92 -41.36 101.88
CA PRO E 70 -1.25 -40.09 102.16
C PRO E 70 -0.77 -39.96 103.60
N SER E 71 -1.50 -40.53 104.55
CA SER E 71 -1.09 -40.44 105.95
C SER E 71 0.20 -41.20 106.23
N SER E 72 0.58 -42.13 105.35
CA SER E 72 1.82 -42.87 105.57
C SER E 72 3.04 -41.95 105.50
N GLY E 73 3.04 -41.02 104.55
CA GLY E 73 4.17 -40.12 104.39
C GLY E 73 4.13 -39.40 103.07
N SER E 74 5.29 -39.26 102.44
CA SER E 74 5.41 -38.56 101.15
C SER E 74 5.48 -39.53 99.98
N GLN E 75 5.18 -40.80 100.18
CA GLN E 75 5.27 -41.80 99.12
C GLN E 75 4.02 -41.90 98.27
N PHE E 76 3.00 -41.08 98.54
CA PHE E 76 1.75 -41.15 97.82
C PHE E 76 1.76 -40.35 96.52
N GLU E 77 2.85 -39.68 96.20
CA GLU E 77 2.87 -38.81 95.03
C GLU E 77 2.99 -39.58 93.72
N PRO E 78 3.98 -40.46 93.52
CA PRO E 78 4.19 -41.04 92.18
C PRO E 78 3.01 -41.84 91.66
N ILE E 79 2.25 -42.51 92.53
CA ILE E 79 1.10 -43.27 92.05
C ILE E 79 0.07 -42.33 91.44
N ARG E 80 -0.20 -41.20 92.10
CA ARG E 80 -1.14 -40.24 91.56
C ARG E 80 -0.62 -39.61 90.27
N HIS E 81 0.68 -39.33 90.20
CA HIS E 81 1.25 -38.81 88.95
C HIS E 81 1.07 -39.83 87.81
N VAL E 82 1.31 -41.10 88.10
CA VAL E 82 1.11 -42.15 87.11
C VAL E 82 -0.35 -42.19 86.67
N TYR E 83 -1.27 -42.10 87.63
CA TYR E 83 -2.69 -42.18 87.29
C TYR E 83 -3.10 -41.02 86.40
N GLU E 84 -2.58 -39.83 86.67
CA GLU E 84 -2.92 -38.69 85.83
C GLU E 84 -2.23 -38.71 84.48
N ALA E 85 -1.08 -39.38 84.36
CA ALA E 85 -0.37 -39.40 83.09
C ALA E 85 -0.80 -40.55 82.18
N ILE E 86 -1.27 -41.67 82.76
CA ILE E 86 -1.68 -42.82 81.96
C ILE E 86 -2.87 -42.50 81.06
N GLN E 87 -3.70 -41.54 81.46
CA GLN E 87 -4.94 -41.19 80.78
C GLN E 87 -4.79 -41.16 79.26
N GLN E 88 -3.59 -40.85 78.78
CA GLN E 88 -3.33 -40.71 77.35
C GLN E 88 -2.58 -41.90 76.76
N THR E 89 -1.40 -42.22 77.30
CA THR E 89 -0.54 -43.22 76.67
C THR E 89 0.14 -44.05 77.74
N SER E 90 0.58 -45.24 77.34
CA SER E 90 1.31 -46.12 78.24
C SER E 90 2.74 -45.60 78.43
N GLY E 91 3.47 -46.22 79.35
CA GLY E 91 4.79 -45.72 79.65
C GLY E 91 5.64 -46.72 80.41
N TYR E 92 6.81 -46.26 80.83
CA TYR E 92 7.79 -47.07 81.53
C TYR E 92 8.18 -46.42 82.84
N VAL E 93 8.24 -47.21 83.90
CA VAL E 93 8.56 -46.72 85.23
C VAL E 93 9.70 -47.56 85.81
N VAL E 94 10.39 -46.95 86.77
CA VAL E 94 11.46 -47.62 87.50
C VAL E 94 11.22 -47.40 88.99
N ARG E 95 11.08 -48.48 89.74
CA ARG E 95 10.83 -48.40 91.17
C ARG E 95 12.15 -48.42 91.93
N ALA E 96 12.32 -47.49 92.85
CA ALA E 96 13.49 -47.41 93.72
C ALA E 96 13.09 -47.71 95.15
N VAL E 97 13.82 -48.61 95.80
CA VAL E 97 13.46 -49.07 97.13
C VAL E 97 14.50 -48.62 98.14
N PRO E 98 14.17 -48.50 99.43
CA PRO E 98 15.17 -48.15 100.42
C PRO E 98 16.19 -49.25 100.63
N ASP E 99 17.12 -49.05 101.57
CA ASP E 99 18.21 -50.00 101.73
C ASP E 99 17.75 -51.30 102.40
N ASP E 100 16.89 -51.19 103.41
CA ASP E 100 16.57 -52.33 104.25
C ASP E 100 15.37 -53.15 103.77
N ALA E 101 14.93 -52.93 102.53
CA ALA E 101 13.83 -53.73 101.99
C ALA E 101 14.29 -55.17 101.77
N LYS E 102 13.47 -56.12 102.22
CA LYS E 102 13.81 -57.53 102.15
C LYS E 102 12.67 -58.32 101.54
N PHE E 103 13.02 -59.36 100.78
CA PHE E 103 12.07 -60.27 100.17
C PHE E 103 12.19 -61.65 100.77
N PRO E 104 11.11 -62.43 100.79
CA PRO E 104 11.13 -63.74 101.43
C PRO E 104 11.84 -64.79 100.58
N ILE E 105 12.27 -65.85 101.26
CA ILE E 105 12.98 -66.96 100.63
C ILE E 105 12.59 -68.23 101.38
N ILE E 106 12.29 -69.30 100.63
CA ILE E 106 12.01 -70.61 101.21
C ILE E 106 13.06 -71.58 100.68
N MET E 107 13.82 -72.17 101.60
CA MET E 107 14.89 -73.10 101.25
C MET E 107 14.50 -74.49 101.70
N PHE E 108 14.68 -75.48 100.81
CA PHE E 108 14.33 -76.86 101.12
C PHE E 108 15.59 -77.64 101.50
N ASP E 109 15.42 -78.95 101.65
CA ASP E 109 16.52 -79.83 102.01
C ASP E 109 16.27 -81.19 101.34
N GLU E 110 17.16 -82.15 101.60
CA GLU E 110 17.03 -83.47 101.00
C GLU E 110 15.76 -84.16 101.46
N SER E 111 15.45 -84.10 102.76
CA SER E 111 14.24 -84.75 103.26
C SER E 111 12.99 -84.04 102.77
N GLY E 112 13.04 -82.71 102.65
CA GLY E 112 11.91 -81.93 102.20
C GLY E 112 11.32 -81.00 103.23
N GLU E 113 11.91 -80.87 104.41
CA GLU E 113 11.38 -79.97 105.42
C GLU E 113 11.79 -78.54 105.10
N PRO E 114 10.85 -77.63 104.87
CA PRO E 114 11.20 -76.28 104.44
C PRO E 114 11.72 -75.43 105.59
N ALA E 115 12.43 -74.37 105.21
CA ALA E 115 12.85 -73.33 106.14
C ALA E 115 12.66 -71.98 105.47
N TYR E 116 12.46 -70.95 106.28
CA TYR E 116 12.15 -69.62 105.77
C TYR E 116 13.25 -68.63 106.15
N SER E 117 13.39 -67.59 105.34
CA SER E 117 14.31 -66.51 105.64
C SER E 117 13.93 -65.30 104.80
N ALA E 118 14.67 -64.21 104.96
CA ALA E 118 14.46 -63.01 104.17
C ALA E 118 15.81 -62.43 103.79
N LEU E 119 15.89 -61.88 102.57
CA LEU E 119 17.15 -61.33 102.09
C LEU E 119 16.92 -59.94 101.50
N PRO E 120 17.86 -59.02 101.67
CA PRO E 120 17.71 -57.69 101.08
C PRO E 120 17.72 -57.74 99.56
N TYR E 121 17.04 -56.76 98.96
CA TYR E 121 16.88 -56.74 97.51
C TYR E 121 18.23 -56.53 96.82
N GLY E 122 18.34 -57.09 95.62
CA GLY E 122 19.55 -56.96 94.84
C GLY E 122 20.68 -57.87 95.24
N SER E 123 20.43 -58.89 96.04
CA SER E 123 21.46 -59.81 96.50
C SER E 123 21.10 -61.23 96.09
N GLU E 124 22.10 -61.98 95.65
CA GLU E 124 21.89 -63.39 95.32
C GLU E 124 21.88 -64.21 96.60
N ILE E 125 21.77 -65.52 96.44
CA ILE E 125 21.53 -66.45 97.56
C ILE E 125 22.67 -67.45 97.60
N GLU E 126 23.21 -67.66 98.80
CA GLU E 126 24.19 -68.71 99.04
C GLU E 126 23.49 -69.87 99.74
N LEU E 127 23.69 -71.08 99.24
CA LEU E 127 23.00 -72.25 99.76
C LEU E 127 23.88 -72.95 100.78
N ASP E 128 23.28 -73.33 101.91
CA ASP E 128 24.00 -74.09 102.91
C ASP E 128 24.22 -75.53 102.42
N SER E 129 24.98 -76.29 103.20
CA SER E 129 25.31 -77.66 102.80
C SER E 129 24.05 -78.51 102.67
N GLY E 130 23.12 -78.39 103.60
CA GLY E 130 21.92 -79.19 103.59
C GLY E 130 20.81 -78.68 102.69
N GLU E 131 20.98 -77.53 102.06
CA GLU E 131 19.92 -76.94 101.25
C GLU E 131 19.98 -77.48 99.83
N ALA E 132 18.84 -77.96 99.34
CA ALA E 132 18.75 -78.49 97.99
C ALA E 132 18.39 -77.41 96.97
N PHE E 133 17.33 -76.65 97.24
CA PHE E 133 16.94 -75.59 96.32
C PHE E 133 16.11 -74.57 97.06
N ALA E 134 16.14 -73.34 96.56
CA ALA E 134 15.48 -72.21 97.18
C ALA E 134 14.55 -71.54 96.18
N ILE E 135 13.39 -71.10 96.66
CA ILE E 135 12.39 -70.40 95.87
C ILE E 135 12.14 -69.05 96.53
N TYR E 136 12.09 -68.00 95.72
CA TYR E 136 11.80 -66.67 96.24
C TYR E 136 10.92 -65.93 95.25
N VAL E 137 10.41 -64.78 95.69
CA VAL E 137 9.43 -64.00 94.93
C VAL E 137 10.14 -62.77 94.37
N ASP E 138 9.99 -62.55 93.06
CA ASP E 138 10.58 -61.40 92.39
C ASP E 138 9.54 -60.40 91.92
N ASP E 139 8.29 -60.53 92.35
CA ASP E 139 7.31 -59.51 92.05
C ASP E 139 7.56 -58.22 92.83
N GLY E 140 8.36 -58.29 93.88
CA GLY E 140 8.63 -57.14 94.72
C GLY E 140 7.73 -57.00 95.92
N ASP E 141 6.59 -57.67 95.94
CA ASP E 141 5.67 -57.56 97.06
C ASP E 141 6.31 -58.12 98.31
N PRO E 142 6.20 -57.44 99.46
CA PRO E 142 6.78 -57.96 100.70
C PRO E 142 5.97 -59.07 101.35
N CYS E 143 4.89 -59.53 100.71
CA CYS E 143 4.15 -60.70 101.16
C CYS E 143 3.64 -60.54 102.59
N ILE E 144 3.12 -59.35 102.90
CA ILE E 144 2.56 -59.08 104.22
C ILE E 144 1.04 -58.91 104.15
N SER E 145 0.52 -58.29 103.10
CA SER E 145 -0.91 -58.20 102.87
C SER E 145 -1.18 -57.93 101.40
N PRO E 146 -1.80 -58.87 100.67
CA PRO E 146 -2.27 -60.18 101.11
C PRO E 146 -1.14 -61.19 101.23
N THR E 147 -1.30 -62.22 102.05
CA THR E 147 -0.27 -63.24 102.18
C THR E 147 -0.25 -64.12 100.93
N ARG E 148 0.89 -64.77 100.70
CA ARG E 148 1.05 -65.66 99.56
C ARG E 148 1.53 -67.03 100.04
N GLU E 149 0.89 -68.08 99.55
CA GLU E 149 1.17 -69.44 99.98
C GLU E 149 1.58 -70.29 98.78
N LEU E 150 2.49 -71.22 99.02
CA LEU E 150 3.05 -72.08 98.00
C LEU E 150 2.79 -73.53 98.36
N THR E 151 2.34 -74.32 97.38
CA THR E 151 1.94 -75.70 97.60
C THR E 151 2.60 -76.61 96.59
N ILE E 152 3.05 -77.77 97.05
CA ILE E 152 3.71 -78.78 96.23
C ILE E 152 2.84 -80.02 96.21
N GLU E 153 2.57 -80.53 95.01
CA GLU E 153 1.72 -81.70 94.84
C GLU E 153 2.44 -82.73 93.98
N THR E 154 2.32 -84.00 94.35
CA THR E 154 2.91 -85.06 93.55
C THR E 154 2.11 -85.26 92.26
N ALA E 155 2.83 -85.54 91.18
CA ALA E 155 2.22 -85.75 89.87
C ALA E 155 2.83 -86.97 89.20
N THR E 156 2.26 -87.35 88.06
CA THR E 156 2.73 -88.51 87.33
C THR E 156 4.09 -88.22 86.68
N ALA E 157 4.96 -89.22 86.71
CA ALA E 157 6.28 -89.08 86.10
C ALA E 157 6.16 -89.04 84.58
N ASP E 158 7.21 -88.54 83.95
CA ASP E 158 7.24 -88.41 82.50
C ASP E 158 7.50 -89.77 81.86
N SER E 159 7.57 -89.78 80.53
CA SER E 159 7.86 -91.01 79.81
C SER E 159 9.25 -91.53 80.12
N ALA E 160 10.23 -90.64 80.21
CA ALA E 160 11.60 -91.05 80.53
C ALA E 160 11.67 -91.67 81.92
N GLY E 161 11.01 -91.07 82.90
CA GLY E 161 10.99 -91.62 84.24
C GLY E 161 11.22 -90.59 85.33
N ASN E 162 11.61 -89.38 84.96
CA ASN E 162 11.86 -88.33 85.93
C ASN E 162 10.56 -87.93 86.62
N GLU E 163 10.67 -87.54 87.89
CA GLU E 163 9.51 -87.20 88.70
C GLU E 163 9.25 -85.70 88.58
N ARG E 164 8.06 -85.35 88.10
CA ARG E 164 7.63 -83.96 87.98
C ARG E 164 6.54 -83.69 89.01
N PHE E 165 6.70 -82.59 89.75
CA PHE E 165 5.71 -82.19 90.75
C PHE E 165 5.06 -80.88 90.34
N LEU E 166 3.84 -80.68 90.82
CA LEU E 166 3.05 -79.50 90.50
C LEU E 166 3.22 -78.45 91.59
N LEU E 167 3.53 -77.23 91.16
CA LEU E 167 3.70 -76.09 92.05
C LEU E 167 2.50 -75.17 91.90
N LYS E 168 1.88 -74.79 93.01
CA LYS E 168 0.70 -73.93 92.99
C LYS E 168 0.90 -72.80 93.99
N LEU E 169 0.94 -71.57 93.51
CA LEU E 169 1.02 -70.41 94.37
C LEU E 169 -0.33 -69.69 94.37
N THR E 170 -0.84 -69.41 95.56
CA THR E 170 -2.15 -68.80 95.73
C THR E 170 -2.07 -67.69 96.77
N GLN E 171 -2.80 -66.61 96.53
CA GLN E 171 -2.83 -65.47 97.45
C GLN E 171 -4.05 -65.56 98.35
N THR E 172 -3.88 -65.16 99.60
CA THR E 172 -4.96 -65.12 100.58
C THR E 172 -5.01 -63.72 101.18
N THR E 173 -6.16 -63.08 101.12
CA THR E 173 -6.32 -61.77 101.70
C THR E 173 -6.57 -61.89 103.21
N SER E 174 -6.46 -60.74 103.90
CA SER E 174 -6.66 -60.74 105.34
C SER E 174 -8.09 -61.09 105.71
N LEU E 175 -9.06 -60.71 104.88
CA LEU E 175 -10.46 -61.01 105.17
C LEU E 175 -10.71 -62.51 105.16
N GLY E 176 -10.15 -63.23 104.19
CA GLY E 176 -10.34 -64.66 104.10
C GLY E 176 -10.52 -65.18 102.69
N VAL E 177 -10.50 -64.29 101.72
CA VAL E 177 -10.66 -64.69 100.32
C VAL E 177 -9.37 -65.36 99.87
N VAL E 178 -9.48 -66.59 99.38
CA VAL E 178 -8.33 -67.38 98.93
C VAL E 178 -8.57 -67.75 97.48
N THR E 179 -7.74 -67.21 96.58
CA THR E 179 -7.83 -67.50 95.16
C THR E 179 -6.49 -68.00 94.65
N THR E 180 -6.54 -68.95 93.73
CA THR E 180 -5.32 -69.41 93.10
C THR E 180 -4.71 -68.31 92.24
N LEU E 181 -3.40 -68.35 92.11
CA LEU E 181 -2.67 -67.30 91.39
C LEU E 181 -1.89 -67.84 90.21
N GLU E 182 -1.13 -68.91 90.40
CA GLU E 182 -0.39 -69.51 89.29
C GLU E 182 -0.07 -70.96 89.60
N THR E 183 0.10 -71.74 88.53
CA THR E 183 0.39 -73.16 88.64
C THR E 183 1.39 -73.57 87.57
N HIS E 184 2.18 -74.59 87.89
CA HIS E 184 3.22 -75.09 86.99
C HIS E 184 3.47 -76.55 87.28
N THR E 185 4.14 -77.22 86.34
CA THR E 185 4.59 -78.60 86.49
C THR E 185 6.08 -78.63 86.23
N VAL E 186 6.88 -78.76 87.29
CA VAL E 186 8.33 -78.63 87.18
C VAL E 186 8.99 -79.83 87.84
N SER E 187 10.24 -80.08 87.46
CA SER E 187 11.01 -81.17 88.00
C SER E 187 12.48 -80.76 88.12
N LEU E 188 13.20 -81.49 88.96
CA LEU E 188 14.61 -81.20 89.22
C LEU E 188 15.54 -81.83 88.20
N ALA E 189 15.03 -82.70 87.33
CA ALA E 189 15.86 -83.31 86.31
C ALA E 189 16.28 -82.27 85.27
N GLU E 190 17.53 -82.36 84.82
CA GLU E 190 18.08 -81.37 83.90
C GLU E 190 17.51 -81.46 82.50
N GLU E 191 16.76 -82.51 82.17
CA GLU E 191 16.27 -82.72 80.81
C GLU E 191 14.82 -83.14 80.73
N ALA E 192 14.13 -83.29 81.86
CA ALA E 192 12.75 -83.75 81.84
C ALA E 192 11.85 -82.72 81.15
N LYS E 193 10.80 -83.22 80.51
CA LYS E 193 9.85 -82.38 79.80
C LYS E 193 8.45 -82.61 80.34
N ASP E 194 7.62 -81.57 80.24
CA ASP E 194 6.24 -81.65 80.70
C ASP E 194 5.37 -82.30 79.63
N ASP E 195 4.05 -82.27 79.83
CA ASP E 195 3.13 -82.88 78.88
C ASP E 195 3.14 -82.14 77.54
N MET E 196 3.22 -80.82 77.57
CA MET E 196 3.18 -80.03 76.34
C MET E 196 4.50 -80.03 75.58
N GLY E 197 5.57 -80.56 76.17
CA GLY E 197 6.85 -80.66 75.51
C GLY E 197 7.86 -79.62 75.90
N ARG E 198 7.47 -78.59 76.65
CA ARG E 198 8.41 -77.57 77.06
C ARG E 198 9.36 -78.11 78.13
N LEU E 199 10.49 -77.42 78.29
CA LEU E 199 11.44 -77.78 79.32
C LEU E 199 10.83 -77.56 80.70
N CYS E 200 11.06 -78.52 81.61
CA CYS E 200 10.47 -78.49 82.93
C CYS E 200 11.51 -78.44 84.04
N TYR E 201 12.78 -78.21 83.71
CA TYR E 201 13.77 -77.96 84.75
C TYR E 201 13.37 -76.75 85.58
N LEU E 202 13.53 -76.86 86.89
CA LEU E 202 12.95 -75.86 87.78
C LEU E 202 13.48 -74.44 87.57
N PRO E 203 14.79 -74.19 87.58
CA PRO E 203 15.23 -72.79 87.45
C PRO E 203 14.82 -72.14 86.14
N THR E 204 15.13 -72.76 85.01
CA THR E 204 14.79 -72.16 83.72
C THR E 204 13.29 -72.08 83.52
N ALA E 205 12.55 -73.09 83.97
CA ALA E 205 11.10 -73.06 83.82
C ALA E 205 10.50 -71.89 84.58
N LEU E 206 10.88 -71.72 85.85
CA LEU E 206 10.36 -70.62 86.63
C LEU E 206 10.81 -69.27 86.07
N GLU E 207 12.06 -69.18 85.60
CA GLU E 207 12.54 -67.92 85.06
C GLU E 207 11.80 -67.53 83.80
N ALA E 208 11.46 -68.50 82.96
CA ALA E 208 10.88 -68.20 81.66
C ALA E 208 9.37 -68.04 81.72
N ARG E 209 8.66 -69.06 82.22
CA ARG E 209 7.21 -69.08 82.09
C ARG E 209 6.48 -68.45 83.27
N SER E 210 7.19 -68.01 84.31
CA SER E 210 6.56 -67.43 85.48
C SER E 210 7.16 -66.05 85.75
N LYS E 211 6.29 -65.07 85.96
CA LYS E 211 6.71 -63.71 86.25
C LYS E 211 6.58 -63.35 87.73
N TYR E 212 6.35 -64.34 88.58
CA TYR E 212 6.22 -64.11 90.02
C TYR E 212 7.37 -64.70 90.83
N LEU E 213 7.84 -65.89 90.48
CA LEU E 213 8.81 -66.62 91.29
C LEU E 213 10.13 -66.75 90.56
N ARG E 214 11.17 -67.04 91.33
CA ARG E 214 12.46 -67.45 90.82
C ARG E 214 13.00 -68.52 91.75
N ALA E 215 13.96 -69.30 91.26
CA ALA E 215 14.50 -70.40 92.04
C ALA E 215 15.97 -70.57 91.75
N VAL E 216 16.68 -71.15 92.71
CA VAL E 216 18.07 -71.57 92.55
C VAL E 216 18.22 -72.96 93.12
N VAL E 217 19.25 -73.67 92.66
CA VAL E 217 19.49 -75.06 93.03
C VAL E 217 20.93 -75.23 93.45
N ASN E 218 21.18 -76.28 94.22
CA ASN E 218 22.53 -76.67 94.62
C ASN E 218 22.96 -77.85 93.77
N GLU E 219 24.02 -77.68 92.98
CA GLU E 219 24.43 -78.70 92.02
C GLU E 219 24.81 -80.00 92.71
N GLU E 220 25.54 -79.89 93.84
CA GLU E 220 26.04 -81.10 94.50
C GLU E 220 24.89 -81.98 95.00
N LEU E 221 23.87 -81.36 95.59
CA LEU E 221 22.78 -82.11 96.22
C LEU E 221 21.58 -82.30 95.30
N ILE E 222 21.61 -81.77 94.08
CA ILE E 222 20.45 -81.86 93.21
C ILE E 222 20.23 -83.28 92.70
N SER E 223 21.27 -84.11 92.71
CA SER E 223 21.13 -85.47 92.18
C SER E 223 20.27 -86.33 93.10
N THR E 224 20.52 -86.29 94.41
CA THR E 224 19.81 -87.12 95.36
C THR E 224 18.63 -86.40 95.99
N ALA E 225 18.32 -85.19 95.55
CA ALA E 225 17.23 -84.42 96.14
C ALA E 225 15.90 -85.08 95.85
N LYS E 226 15.03 -85.11 96.86
CA LYS E 226 13.67 -85.61 96.74
C LYS E 226 12.71 -84.65 97.41
N VAL E 227 11.51 -84.55 96.87
CA VAL E 227 10.50 -83.62 97.36
C VAL E 227 9.31 -84.41 97.87
N THR E 228 8.79 -84.01 99.03
CA THR E 228 7.61 -84.61 99.61
C THR E 228 6.37 -83.79 99.25
N ASN E 229 5.25 -84.10 99.89
CA ASN E 229 4.00 -83.38 99.67
C ASN E 229 3.84 -82.36 100.79
N LYS E 230 4.06 -81.09 100.48
CA LYS E 230 3.90 -79.99 101.42
C LYS E 230 2.69 -79.17 101.02
N LYS E 231 1.79 -78.95 101.97
CA LYS E 231 0.52 -78.27 101.72
C LYS E 231 0.47 -76.99 102.54
N SER E 232 0.11 -75.89 101.87
CA SER E 232 -0.12 -74.60 102.51
C SER E 232 1.11 -74.10 103.27
N LEU E 233 2.17 -73.83 102.52
CA LEU E 233 3.33 -73.16 103.09
C LEU E 233 3.02 -71.67 103.23
N ALA E 234 4.01 -70.91 103.70
CA ALA E 234 3.79 -69.49 103.96
C ALA E 234 5.11 -68.74 103.81
N PHE E 235 5.14 -67.78 102.90
CA PHE E 235 6.25 -66.85 102.84
C PHE E 235 6.22 -65.93 104.06
N THR E 236 7.39 -65.55 104.55
CA THR E 236 7.46 -64.67 105.72
C THR E 236 8.77 -63.91 105.70
N GLY E 237 8.80 -62.82 106.46
CA GLY E 237 9.97 -61.99 106.57
C GLY E 237 10.04 -60.83 105.61
N GLY E 238 9.20 -60.81 104.58
CA GLY E 238 9.23 -59.72 103.61
C GLY E 238 8.86 -58.40 104.26
N THR E 239 9.54 -57.34 103.82
CA THR E 239 9.36 -56.03 104.43
C THR E 239 9.76 -54.96 103.43
N ASN E 240 8.83 -54.04 103.13
CA ASN E 240 9.13 -52.96 102.22
C ASN E 240 9.98 -51.87 102.86
N GLY E 241 10.16 -51.91 104.17
CA GLY E 241 10.97 -50.93 104.85
C GLY E 241 10.29 -49.58 104.95
N ASP E 242 11.09 -48.57 105.30
CA ASP E 242 10.63 -47.20 105.37
C ASP E 242 10.86 -46.53 104.02
N GLN E 243 9.78 -46.05 103.41
CA GLN E 243 9.87 -45.38 102.13
C GLN E 243 9.76 -43.87 102.25
N SER E 244 9.65 -43.34 103.46
CA SER E 244 9.61 -41.90 103.64
C SER E 244 10.93 -41.25 103.22
N LYS E 245 12.05 -41.85 103.61
CA LYS E 245 13.37 -41.33 103.29
C LYS E 245 14.11 -42.32 102.40
N ILE E 246 14.80 -41.79 101.40
CA ILE E 246 15.57 -42.59 100.44
C ILE E 246 16.85 -41.83 100.11
N SER E 247 17.98 -42.51 100.23
CA SER E 247 19.25 -41.89 99.93
C SER E 247 19.33 -41.52 98.45
N THR E 248 20.10 -40.48 98.15
CA THR E 248 20.26 -40.05 96.76
C THR E 248 20.96 -41.12 95.91
N ALA E 249 21.68 -42.05 96.54
CA ALA E 249 22.32 -43.13 95.79
C ALA E 249 21.29 -44.00 95.10
N ALA E 250 20.19 -44.31 95.79
CA ALA E 250 19.14 -45.13 95.17
C ALA E 250 18.54 -44.43 93.97
N TYR E 251 18.25 -43.13 94.09
CA TYR E 251 17.70 -42.39 92.97
C TYR E 251 18.69 -42.34 91.81
N LEU E 252 19.97 -42.16 92.10
CA LEU E 252 20.96 -42.14 91.03
C LEU E 252 21.04 -43.49 90.32
N ARG E 253 21.00 -44.58 91.09
CA ARG E 253 21.01 -45.90 90.47
C ARG E 253 19.78 -46.12 89.60
N ALA E 254 18.61 -45.68 90.08
CA ALA E 254 17.39 -45.85 89.30
C ALA E 254 17.45 -45.05 88.01
N VAL E 255 17.95 -43.82 88.06
CA VAL E 255 17.98 -43.03 86.84
C VAL E 255 19.04 -43.57 85.88
N LYS E 256 20.14 -44.14 86.40
CA LYS E 256 21.10 -44.80 85.53
C LYS E 256 20.48 -46.00 84.81
N VAL E 257 19.70 -46.80 85.54
CA VAL E 257 19.01 -47.92 84.92
C VAL E 257 18.06 -47.43 83.84
N LEU E 258 17.31 -46.36 84.13
CA LEU E 258 16.40 -45.80 83.14
C LEU E 258 17.16 -45.31 81.92
N ASN E 259 18.36 -44.77 82.13
CA ASN E 259 19.19 -44.34 81.00
C ASN E 259 19.56 -45.53 80.12
N ASN E 260 19.99 -46.62 80.75
CA ASN E 260 20.44 -47.78 80.00
C ASN E 260 19.29 -48.67 79.52
N ALA E 261 18.05 -48.29 79.82
CA ALA E 261 16.92 -49.09 79.37
C ALA E 261 16.88 -49.17 77.85
N PRO E 262 16.64 -50.33 77.27
CA PRO E 262 16.56 -50.49 75.81
C PRO E 262 15.14 -50.33 75.27
N TYR E 263 14.58 -49.14 75.46
CA TYR E 263 13.23 -48.84 74.99
C TYR E 263 13.21 -47.47 74.32
N MET E 264 12.04 -47.08 73.84
CA MET E 264 11.84 -45.81 73.17
C MET E 264 10.80 -44.99 73.91
N TYR E 265 11.16 -43.76 74.27
CA TYR E 265 10.19 -42.86 74.88
C TYR E 265 10.54 -41.43 74.54
N THR E 266 9.53 -40.55 74.58
CA THR E 266 9.69 -39.15 74.18
C THR E 266 9.32 -38.18 75.29
N ALA E 267 9.37 -38.62 76.55
CA ALA E 267 9.10 -37.73 77.67
C ALA E 267 9.67 -38.36 78.93
N VAL E 268 10.34 -37.54 79.74
CA VAL E 268 11.12 -38.06 80.85
C VAL E 268 10.53 -37.60 82.19
N LEU E 269 9.21 -37.55 82.26
CA LEU E 269 8.46 -37.00 83.38
C LEU E 269 9.14 -37.23 84.73
N GLY E 270 9.30 -36.14 85.48
CA GLY E 270 9.87 -36.21 86.82
C GLY E 270 8.82 -36.56 87.85
N LEU E 271 8.47 -37.83 87.93
CA LEU E 271 7.37 -38.28 88.79
C LEU E 271 7.70 -38.04 90.25
N GLY E 272 7.12 -37.00 90.83
CA GLY E 272 7.14 -36.75 92.26
C GLY E 272 8.46 -36.98 92.97
N CYS E 273 9.57 -36.66 92.30
CA CYS E 273 10.90 -36.85 92.87
C CYS E 273 11.56 -35.49 92.97
N TYR E 274 11.55 -34.91 94.18
CA TYR E 274 12.11 -33.58 94.41
C TYR E 274 13.52 -33.70 94.97
N ASP E 275 14.42 -34.16 94.13
CA ASP E 275 15.84 -34.27 94.47
C ASP E 275 16.66 -33.60 93.38
N ASN E 276 17.59 -32.73 93.78
CA ASN E 276 18.35 -31.96 92.80
C ASN E 276 19.19 -32.87 91.91
N ALA E 277 19.85 -33.86 92.51
CA ALA E 277 20.70 -34.75 91.73
C ALA E 277 19.88 -35.56 90.73
N ALA E 278 18.74 -36.07 91.16
CA ALA E 278 17.90 -36.84 90.25
C ALA E 278 17.36 -35.98 89.13
N ILE E 279 16.96 -34.74 89.44
CA ILE E 279 16.45 -33.86 88.39
C ILE E 279 17.55 -33.52 87.39
N THR E 280 18.77 -33.30 87.87
CA THR E 280 19.89 -33.05 86.95
C THR E 280 20.14 -34.27 86.07
N ALA E 281 20.09 -35.46 86.64
CA ALA E 281 20.30 -36.67 85.85
C ALA E 281 19.21 -36.82 84.78
N LEU E 282 17.97 -36.52 85.13
CA LEU E 282 16.90 -36.62 84.14
C LEU E 282 17.04 -35.57 83.05
N GLY E 283 17.53 -34.38 83.41
CA GLY E 283 17.85 -33.40 82.38
C GLY E 283 18.95 -33.90 81.46
N LYS E 284 19.92 -34.60 82.03
CA LYS E 284 20.95 -35.24 81.20
C LYS E 284 20.34 -36.25 80.25
N ILE E 285 19.36 -37.01 80.72
CA ILE E 285 18.67 -37.96 79.84
C ILE E 285 18.02 -37.22 78.68
N CYS E 286 17.32 -36.12 78.98
CA CYS E 286 16.73 -35.32 77.93
C CYS E 286 17.77 -34.86 76.92
N ALA E 287 18.87 -34.29 77.40
CA ALA E 287 19.89 -33.75 76.49
C ALA E 287 20.50 -34.86 75.64
N ASP E 288 20.70 -36.03 76.23
CA ASP E 288 21.36 -37.11 75.50
C ASP E 288 20.43 -37.70 74.45
N ARG E 289 19.19 -38.01 74.81
CA ARG E 289 18.30 -38.72 73.90
C ARG E 289 17.50 -37.79 72.99
N LEU E 290 17.59 -36.48 73.16
CA LEU E 290 16.82 -35.52 72.37
C LEU E 290 15.32 -35.74 72.54
N ILE E 291 14.86 -35.59 73.79
CA ILE E 291 13.46 -35.73 74.15
C ILE E 291 13.07 -34.57 75.05
N ASP E 292 11.85 -34.63 75.58
CA ASP E 292 11.26 -33.57 76.37
C ASP E 292 11.13 -33.99 77.83
N GLY E 293 11.28 -33.02 78.72
CA GLY E 293 11.13 -33.28 80.14
C GLY E 293 10.22 -32.29 80.83
N PHE E 294 9.43 -32.75 81.79
CA PHE E 294 8.46 -31.93 82.51
C PHE E 294 8.67 -32.12 84.00
N PHE E 295 9.61 -31.39 84.58
CA PHE E 295 9.89 -31.49 86.00
C PHE E 295 9.14 -30.41 86.76
N ASP E 296 9.13 -30.51 88.08
CA ASP E 296 8.30 -29.61 88.85
C ASP E 296 8.88 -29.48 90.25
N VAL E 297 8.93 -28.24 90.75
CA VAL E 297 9.53 -27.94 92.04
C VAL E 297 8.58 -28.33 93.16
N LYS E 298 9.05 -28.32 94.40
CA LYS E 298 8.20 -28.72 95.51
C LYS E 298 6.94 -27.86 95.55
N PRO E 299 5.75 -28.44 95.45
CA PRO E 299 4.55 -27.61 95.40
C PRO E 299 4.04 -27.25 96.78
N THR E 300 4.95 -26.86 97.67
CA THR E 300 4.59 -26.33 98.98
C THR E 300 5.43 -25.12 99.33
N LEU E 301 6.14 -24.54 98.35
CA LEU E 301 6.96 -23.36 98.56
C LEU E 301 6.15 -22.11 98.21
N THR E 302 6.39 -21.05 98.96
CA THR E 302 5.75 -19.79 98.66
C THR E 302 6.32 -19.20 97.37
N TYR E 303 5.58 -18.25 96.79
CA TYR E 303 6.00 -17.64 95.54
C TYR E 303 7.35 -16.93 95.68
N ALA E 304 7.72 -16.54 96.89
CA ALA E 304 9.02 -15.90 97.08
C ALA E 304 10.16 -16.92 96.96
N GLU E 305 9.99 -18.10 97.55
CA GLU E 305 11.04 -19.11 97.51
C GLU E 305 10.99 -19.96 96.25
N ALA E 306 9.93 -19.87 95.45
CA ALA E 306 9.86 -20.67 94.24
C ALA E 306 10.96 -20.29 93.26
N LEU E 307 11.25 -19.00 93.12
CA LEU E 307 12.25 -18.56 92.15
C LEU E 307 13.66 -19.07 92.44
N PRO E 308 14.21 -18.94 93.66
CA PRO E 308 15.54 -19.52 93.89
C PRO E 308 15.58 -21.03 93.77
N ALA E 309 14.48 -21.72 94.04
CA ALA E 309 14.49 -23.18 93.91
C ALA E 309 14.67 -23.62 92.46
N VAL E 310 14.17 -22.83 91.51
CA VAL E 310 14.35 -23.18 90.11
C VAL E 310 15.82 -23.07 89.72
N GLU E 311 16.53 -22.07 90.23
CA GLU E 311 17.97 -22.01 90.02
C GLU E 311 18.67 -23.15 90.74
N ASP E 312 18.18 -23.52 91.91
CA ASP E 312 18.80 -24.60 92.69
C ASP E 312 18.71 -25.93 91.93
N THR E 313 17.55 -26.21 91.34
CA THR E 313 17.33 -27.55 90.77
C THR E 313 18.29 -27.87 89.63
N GLY E 314 18.96 -26.88 89.05
CA GLY E 314 20.15 -27.11 88.27
C GLY E 314 20.01 -27.07 86.77
N LEU E 315 18.80 -27.12 86.23
CA LEU E 315 18.69 -27.15 84.77
C LEU E 315 18.84 -25.77 84.14
N LEU E 316 18.91 -24.70 84.92
CA LEU E 316 19.03 -23.37 84.35
C LEU E 316 20.39 -23.22 83.67
N GLY E 317 20.38 -23.16 82.35
CA GLY E 317 21.60 -23.00 81.58
C GLY E 317 21.33 -22.98 80.09
N THR E 318 22.23 -23.55 79.31
CA THR E 318 22.08 -23.63 77.87
C THR E 318 22.09 -25.07 77.35
N ASP E 319 22.51 -26.04 78.17
CA ASP E 319 22.55 -27.42 77.73
C ASP E 319 21.16 -28.03 77.65
N TYR E 320 20.30 -27.72 78.62
CA TYR E 320 18.96 -28.30 78.69
C TYR E 320 17.97 -27.28 78.14
N VAL E 321 17.67 -27.37 76.84
CA VAL E 321 16.79 -26.42 76.19
C VAL E 321 15.39 -26.97 75.98
N SER E 322 15.10 -28.18 76.45
CA SER E 322 13.80 -28.79 76.23
C SER E 322 13.10 -29.20 77.52
N CYS E 323 13.66 -28.86 78.69
CA CYS E 323 13.10 -29.27 79.96
C CYS E 323 12.33 -28.12 80.59
N SER E 324 11.06 -28.35 80.90
CA SER E 324 10.20 -27.35 81.52
C SER E 324 10.09 -27.62 83.01
N VAL E 325 9.91 -26.54 83.78
CA VAL E 325 9.81 -26.61 85.24
C VAL E 325 8.49 -25.99 85.65
N TYR E 326 7.72 -26.70 86.47
CA TYR E 326 6.40 -26.24 86.88
C TYR E 326 6.35 -26.07 88.39
N HIS E 327 5.22 -25.50 88.84
CA HIS E 327 5.02 -25.19 90.26
C HIS E 327 3.52 -24.99 90.46
N TYR E 328 2.93 -25.79 91.35
CA TYR E 328 1.48 -25.82 91.56
C TYR E 328 1.18 -25.76 93.05
N PRO E 329 1.24 -24.57 93.65
CA PRO E 329 0.97 -24.45 95.10
C PRO E 329 -0.52 -24.36 95.40
N PHE E 330 -1.21 -25.49 95.29
CA PHE E 330 -2.63 -25.55 95.57
C PHE E 330 -2.95 -26.89 96.22
N SER E 331 -4.05 -26.92 96.95
CA SER E 331 -4.53 -28.14 97.59
C SER E 331 -5.63 -28.77 96.75
N CYS E 332 -5.93 -30.03 97.07
CA CYS E 332 -6.93 -30.76 96.30
C CYS E 332 -7.47 -31.90 97.15
N LYS E 333 -8.62 -32.42 96.73
CA LYS E 333 -9.26 -33.55 97.39
C LYS E 333 -8.95 -34.82 96.61
N ASP E 334 -8.36 -35.80 97.29
CA ASP E 334 -7.88 -37.00 96.61
C ASP E 334 -9.03 -37.83 96.07
N LYS E 335 -8.75 -38.54 94.98
CA LYS E 335 -9.79 -39.33 94.32
C LYS E 335 -10.11 -40.60 95.10
N TRP E 336 -9.11 -41.23 95.70
CA TRP E 336 -9.30 -42.54 96.33
C TRP E 336 -9.59 -42.42 97.82
N THR E 337 -8.68 -41.83 98.59
CA THR E 337 -8.81 -41.83 100.03
C THR E 337 -9.70 -40.72 100.57
N GLN E 338 -10.09 -39.75 99.74
CA GLN E 338 -10.95 -38.65 100.15
C GLN E 338 -10.32 -37.86 101.31
N SER E 339 -9.19 -37.22 101.01
CA SER E 339 -8.48 -36.43 102.01
C SER E 339 -7.87 -35.21 101.33
N ARG E 340 -7.20 -34.38 102.13
CA ARG E 340 -6.56 -33.17 101.63
C ARG E 340 -5.10 -33.46 101.32
N VAL E 341 -4.76 -33.48 100.04
CA VAL E 341 -3.41 -33.79 99.60
C VAL E 341 -2.95 -32.73 98.62
N VAL E 342 -1.62 -32.63 98.47
CA VAL E 342 -1.01 -31.74 97.49
C VAL E 342 0.04 -32.53 96.71
N PHE E 343 0.01 -32.39 95.39
CA PHE E 343 1.03 -33.00 94.55
C PHE E 343 1.26 -32.11 93.34
N GLY E 344 2.10 -32.57 92.42
CA GLY E 344 2.67 -31.73 91.39
C GLY E 344 1.84 -31.65 90.13
N LEU E 345 2.49 -31.20 89.06
CA LEU E 345 1.83 -30.92 87.80
C LEU E 345 2.49 -31.60 86.60
N SER E 346 3.47 -32.48 86.83
CA SER E 346 4.15 -33.13 85.71
C SER E 346 3.18 -33.99 84.90
N GLY E 347 2.30 -34.72 85.58
CA GLY E 347 1.35 -35.56 84.89
C GLY E 347 0.42 -34.76 83.99
N VAL E 348 -0.11 -33.65 84.50
CA VAL E 348 -1.02 -32.84 83.71
C VAL E 348 -0.28 -32.16 82.56
N ALA E 349 0.97 -31.75 82.79
CA ALA E 349 1.74 -31.17 81.70
C ALA E 349 1.94 -32.17 80.59
N TYR E 350 2.28 -33.42 80.93
CA TYR E 350 2.44 -34.42 79.88
C TYR E 350 1.11 -34.76 79.22
N ALA E 351 0.01 -34.74 79.97
CA ALA E 351 -1.29 -34.96 79.35
C ALA E 351 -1.60 -33.89 78.32
N ALA E 352 -1.27 -32.64 78.64
CA ALA E 352 -1.42 -31.56 77.68
C ALA E 352 -0.56 -31.80 76.44
N LYS E 353 0.69 -32.20 76.65
CA LYS E 353 1.57 -32.44 75.51
C LYS E 353 1.04 -33.56 74.63
N ALA E 354 0.51 -34.62 75.24
CA ALA E 354 -0.03 -35.74 74.46
C ALA E 354 -1.29 -35.33 73.70
N ARG E 355 -2.17 -34.56 74.35
CA ARG E 355 -3.34 -34.06 73.64
C ARG E 355 -2.91 -33.22 72.45
N GLY E 356 -1.86 -32.44 72.60
CA GLY E 356 -1.35 -31.67 71.47
C GLY E 356 -0.78 -32.55 70.37
N VAL E 357 -0.02 -33.58 70.75
CA VAL E 357 0.66 -34.41 69.75
C VAL E 357 -0.31 -35.35 69.04
N LYS E 358 -1.50 -35.56 69.59
CA LYS E 358 -2.48 -36.43 68.94
C LYS E 358 -3.41 -35.70 67.98
N LYS E 359 -3.21 -34.39 67.77
CA LYS E 359 -4.09 -33.65 66.88
C LYS E 359 -3.86 -34.04 65.43
N ASN E 360 -2.66 -33.83 64.92
CA ASN E 360 -2.31 -34.26 63.57
C ASN E 360 -2.05 -35.76 63.56
N SER E 361 -2.45 -36.42 62.48
CA SER E 361 -2.35 -37.86 62.36
C SER E 361 -1.18 -38.33 61.49
N ASP E 362 -0.81 -37.58 60.46
CA ASP E 362 0.24 -38.03 59.56
C ASP E 362 1.60 -38.01 60.25
N VAL E 363 2.04 -36.83 60.67
CA VAL E 363 3.31 -36.68 61.37
C VAL E 363 3.14 -36.35 62.84
N GLY E 364 1.91 -36.09 63.29
CA GLY E 364 1.69 -35.74 64.67
C GLY E 364 1.99 -34.27 64.90
N GLY E 365 1.13 -33.59 65.66
CA GLY E 365 1.33 -32.17 65.87
C GLY E 365 2.25 -31.89 67.04
N TRP E 366 3.52 -31.64 66.75
CA TRP E 366 4.48 -31.28 67.77
C TRP E 366 4.57 -29.78 67.99
N HIS E 367 3.90 -28.98 67.17
CA HIS E 367 3.99 -27.53 67.27
C HIS E 367 2.94 -26.92 68.18
N TYR E 368 2.11 -27.74 68.82
CA TYR E 368 1.11 -27.22 69.74
C TYR E 368 1.73 -27.08 71.12
N SER E 369 1.66 -25.87 71.67
CA SER E 369 2.21 -25.64 73.00
C SER E 369 1.36 -26.34 74.06
N PRO E 370 1.96 -26.82 75.13
CA PRO E 370 1.22 -27.47 76.21
C PRO E 370 0.57 -26.49 77.18
N ALA E 371 -0.25 -25.58 76.65
CA ALA E 371 -0.94 -24.61 77.46
C ALA E 371 -2.16 -24.12 76.71
N GLY E 372 -3.07 -23.49 77.44
CA GLY E 372 -4.29 -22.95 76.87
C GLY E 372 -5.49 -23.41 77.65
N GLU E 373 -6.66 -23.20 77.07
CA GLU E 373 -7.91 -23.62 77.69
C GLU E 373 -8.58 -24.77 76.98
N GLU E 374 -8.03 -25.23 75.86
CA GLU E 374 -8.56 -26.37 75.14
C GLU E 374 -7.66 -27.60 75.20
N ARG E 375 -6.47 -27.48 75.77
CA ARG E 375 -5.55 -28.60 75.82
C ARG E 375 -4.85 -28.79 77.15
N ALA E 376 -5.09 -27.95 78.15
CA ALA E 376 -4.30 -28.04 79.36
C ALA E 376 -5.15 -27.83 80.61
N VAL E 377 -6.44 -28.14 80.55
CA VAL E 377 -7.29 -27.98 81.72
C VAL E 377 -6.84 -28.94 82.81
N ILE E 378 -6.99 -28.51 84.06
CA ILE E 378 -6.60 -29.30 85.22
C ILE E 378 -7.86 -29.82 85.89
N ALA E 379 -7.99 -31.14 86.00
CA ALA E 379 -9.15 -31.78 86.59
C ALA E 379 -8.79 -32.23 88.00
N ARG E 380 -9.34 -31.54 89.01
CA ARG E 380 -9.14 -31.92 90.40
C ARG E 380 -10.50 -31.80 91.09
N ALA E 381 -10.48 -31.88 92.42
CA ALA E 381 -11.70 -31.82 93.21
C ALA E 381 -11.51 -30.83 94.34
N SER E 382 -12.34 -29.78 94.34
CA SER E 382 -12.36 -28.78 95.41
C SER E 382 -10.98 -28.15 95.61
N ILE E 383 -10.48 -27.53 94.55
CA ILE E 383 -9.19 -26.85 94.61
C ILE E 383 -9.29 -25.68 95.57
N GLN E 384 -8.46 -25.70 96.61
CA GLN E 384 -8.44 -24.66 97.62
C GLN E 384 -7.03 -24.10 97.72
N PRO E 385 -6.79 -22.84 97.39
CA PRO E 385 -5.42 -22.32 97.34
C PRO E 385 -4.71 -22.44 98.68
N LEU E 386 -3.41 -22.74 98.61
CA LEU E 386 -2.63 -22.92 99.82
C LEU E 386 -2.33 -21.58 100.50
N TYR E 387 -2.00 -20.57 99.71
CA TYR E 387 -1.63 -19.24 100.22
C TYR E 387 -2.50 -18.20 99.53
N PRO E 388 -3.77 -18.06 99.95
CA PRO E 388 -4.63 -17.05 99.33
C PRO E 388 -4.16 -15.63 99.54
N GLU E 389 -3.35 -15.34 100.56
CA GLU E 389 -2.93 -13.97 100.82
C GLU E 389 -1.78 -13.51 99.94
N ASP E 390 -1.16 -14.41 99.19
CA ASP E 390 -0.03 -14.05 98.35
C ASP E 390 -0.49 -13.77 96.92
N THR E 391 0.45 -13.40 96.06
CA THR E 391 0.15 -13.05 94.68
C THR E 391 1.34 -13.41 93.80
N PRO E 392 1.11 -13.84 92.57
CA PRO E 392 2.22 -14.18 91.67
C PRO E 392 3.07 -12.95 91.37
N ASP E 393 4.20 -13.22 90.71
CA ASP E 393 5.24 -12.24 90.38
C ASP E 393 5.55 -12.28 88.89
N GLU E 394 4.50 -12.18 88.07
CA GLU E 394 4.55 -12.50 86.64
C GLU E 394 5.86 -12.15 85.95
N GLU E 395 6.34 -10.92 86.13
CA GLU E 395 7.58 -10.52 85.46
C GLU E 395 8.77 -11.32 85.99
N ALA E 396 8.86 -11.46 87.31
CA ALA E 396 9.95 -12.24 87.88
C ALA E 396 9.87 -13.70 87.46
N MET E 397 8.65 -14.25 87.41
CA MET E 397 8.49 -15.63 86.98
C MET E 397 8.94 -15.82 85.53
N VAL E 398 8.57 -14.91 84.65
CA VAL E 398 8.96 -15.04 83.25
C VAL E 398 10.47 -14.89 83.10
N LYS E 399 11.08 -13.99 83.87
CA LYS E 399 12.53 -13.85 83.80
C LYS E 399 13.23 -15.09 84.36
N GLY E 400 12.63 -15.73 85.36
CA GLY E 400 13.20 -16.91 85.98
C GLY E 400 12.78 -18.22 85.37
N ARG E 401 12.01 -18.20 84.28
CA ARG E 401 11.63 -19.41 83.54
C ARG E 401 10.85 -20.37 84.43
N LEU E 402 9.68 -19.92 84.86
CA LEU E 402 8.79 -20.71 85.72
C LEU E 402 7.38 -20.58 85.18
N ASN E 403 6.82 -21.68 84.68
CA ASN E 403 5.45 -21.65 84.20
C ASN E 403 4.48 -21.51 85.37
N LYS E 404 3.41 -20.76 85.14
CA LYS E 404 2.46 -20.42 86.19
C LYS E 404 1.06 -20.86 85.81
N VAL E 405 0.28 -21.23 86.82
CA VAL E 405 -1.11 -21.59 86.62
C VAL E 405 -1.97 -20.33 86.75
N SER E 406 -3.20 -20.42 86.27
CA SER E 406 -4.13 -19.32 86.32
C SER E 406 -5.55 -19.87 86.31
N VAL E 407 -6.52 -18.98 86.18
CA VAL E 407 -7.92 -19.34 86.06
C VAL E 407 -8.40 -18.84 84.70
N GLY E 408 -8.68 -19.76 83.79
CA GLY E 408 -9.16 -19.40 82.47
C GLY E 408 -10.65 -19.16 82.47
N THR E 409 -11.23 -19.18 81.28
CA THR E 409 -12.67 -19.01 81.15
C THR E 409 -13.38 -20.21 81.75
N SER E 410 -14.62 -19.96 82.22
CA SER E 410 -15.51 -20.95 82.81
C SER E 410 -15.06 -21.38 84.20
N GLY E 411 -13.88 -20.94 84.63
CA GLY E 411 -13.45 -21.13 85.99
C GLY E 411 -12.62 -22.36 86.30
N GLN E 412 -12.19 -23.11 85.29
CA GLN E 412 -11.28 -24.22 85.52
C GLN E 412 -9.84 -23.77 85.43
N MET E 413 -9.01 -24.22 86.35
CA MET E 413 -7.59 -23.88 86.35
C MET E 413 -6.93 -24.43 85.09
N ILE E 414 -6.01 -23.65 84.53
CA ILE E 414 -5.27 -24.04 83.35
C ILE E 414 -3.79 -23.70 83.53
N ILE E 415 -2.97 -24.27 82.68
CA ILE E 415 -1.56 -23.88 82.57
C ILE E 415 -1.45 -22.79 81.53
N ASP E 416 -0.79 -21.69 81.88
CA ASP E 416 -0.78 -20.51 81.03
C ASP E 416 0.63 -20.05 80.69
N ASP E 417 1.53 -20.99 80.44
CA ASP E 417 2.86 -20.65 79.94
C ASP E 417 3.48 -21.86 79.28
N ALA E 418 4.44 -21.60 78.40
CA ALA E 418 5.14 -22.63 77.65
C ALA E 418 6.63 -22.30 77.59
N LEU E 419 7.19 -21.92 78.73
CA LEU E 419 8.59 -21.48 78.78
C LEU E 419 9.47 -22.63 79.27
N THR E 420 10.60 -22.81 78.58
CA THR E 420 11.55 -23.85 78.91
C THR E 420 12.58 -23.32 79.90
N CYS E 421 13.66 -24.08 80.10
CA CYS E 421 14.71 -23.70 81.02
C CYS E 421 15.85 -22.94 80.37
N CYS E 422 15.76 -22.66 79.07
CA CYS E 422 16.80 -21.89 78.40
C CYS E 422 16.82 -20.46 78.91
N THR E 423 18.02 -19.94 79.15
CA THR E 423 18.16 -18.58 79.63
C THR E 423 18.32 -17.56 78.51
N GLN E 424 18.89 -17.98 77.39
CA GLN E 424 19.05 -17.07 76.26
C GLN E 424 17.70 -16.61 75.73
N ASP E 425 17.62 -15.34 75.34
CA ASP E 425 16.37 -14.76 74.86
C ASP E 425 16.33 -14.84 73.34
N ASN E 426 15.93 -16.02 72.85
CA ASN E 426 15.76 -16.25 71.43
C ASN E 426 14.56 -17.18 71.24
N TYR E 427 14.43 -17.75 70.05
CA TYR E 427 13.31 -18.62 69.77
C TYR E 427 13.35 -19.92 70.57
N LEU E 428 14.47 -20.22 71.23
CA LEU E 428 14.63 -21.53 71.86
C LEU E 428 13.95 -21.63 73.21
N HIS E 429 13.55 -20.52 73.83
CA HIS E 429 12.98 -20.64 75.16
C HIS E 429 11.48 -20.94 75.14
N PHE E 430 10.83 -20.87 73.98
CA PHE E 430 9.46 -21.35 73.89
C PHE E 430 9.44 -22.86 73.88
N GLN E 431 8.32 -23.45 74.27
CA GLN E 431 8.28 -24.89 74.46
C GLN E 431 8.23 -25.64 73.13
N HIS E 432 7.44 -25.16 72.17
CA HIS E 432 7.16 -25.99 71.01
C HIS E 432 8.33 -26.09 70.05
N VAL E 433 9.17 -25.05 69.96
CA VAL E 433 10.27 -25.06 68.99
C VAL E 433 11.27 -26.18 69.26
N PRO E 434 11.80 -26.36 70.47
CA PRO E 434 12.71 -27.48 70.69
C PRO E 434 12.07 -28.82 70.42
N SER E 435 10.79 -29.00 70.73
CA SER E 435 10.14 -30.29 70.50
C SER E 435 10.08 -30.60 69.02
N LEU E 436 9.69 -29.62 68.20
CA LEU E 436 9.63 -29.83 66.76
C LEU E 436 11.02 -30.10 66.18
N MET E 437 12.01 -29.31 66.58
CA MET E 437 13.36 -29.53 66.08
C MET E 437 13.90 -30.89 66.49
N ASN E 438 13.58 -31.34 67.71
CA ASN E 438 14.04 -32.64 68.15
C ASN E 438 13.35 -33.76 67.40
N ALA E 439 12.07 -33.60 67.07
CA ALA E 439 11.41 -34.61 66.24
C ALA E 439 12.11 -34.73 64.88
N ILE E 440 12.41 -33.60 64.25
CA ILE E 440 13.10 -33.64 62.98
C ILE E 440 14.47 -34.30 63.13
N SER E 441 15.19 -33.96 64.20
CA SER E 441 16.53 -34.53 64.40
C SER E 441 16.47 -36.04 64.60
N ARG E 442 15.49 -36.52 65.37
CA ARG E 442 15.37 -37.96 65.56
C ARG E 442 15.08 -38.68 64.25
N PHE E 443 14.19 -38.11 63.43
CA PHE E 443 13.96 -38.72 62.13
C PHE E 443 15.23 -38.73 61.29
N PHE E 444 16.01 -37.65 61.33
CA PHE E 444 17.25 -37.63 60.56
C PHE E 444 18.21 -38.70 61.04
N VAL E 445 18.33 -38.86 62.36
CA VAL E 445 19.24 -39.89 62.86
C VAL E 445 18.83 -41.26 62.36
N GLN E 446 17.52 -41.55 62.40
CA GLN E 446 17.06 -42.83 61.87
C GLN E 446 17.45 -43.00 60.41
N LEU E 447 17.17 -41.97 59.59
CA LEU E 447 17.43 -42.09 58.16
C LEU E 447 18.92 -42.27 57.87
N ALA E 448 19.77 -41.48 58.51
CA ALA E 448 21.20 -41.58 58.25
C ALA E 448 21.77 -42.89 58.76
N ARG E 449 21.28 -43.37 59.89
CA ARG E 449 21.73 -44.67 60.37
C ARG E 449 21.37 -45.77 59.37
N GLN E 450 20.17 -45.70 58.79
CA GLN E 450 19.80 -46.70 57.79
C GLN E 450 20.66 -46.57 56.54
N MET E 451 21.06 -45.34 56.20
CA MET E 451 21.68 -45.08 54.90
C MET E 451 23.20 -44.98 54.98
N LYS E 452 23.79 -45.26 56.12
CA LYS E 452 25.25 -45.22 56.25
C LYS E 452 25.91 -46.29 55.38
N HIS E 453 27.15 -46.01 55.00
CA HIS E 453 28.04 -46.94 54.32
C HIS E 453 27.66 -47.21 52.86
N SER E 454 26.93 -46.31 52.23
CA SER E 454 26.59 -46.47 50.83
C SER E 454 27.44 -45.56 49.96
N PRO E 455 27.60 -45.90 48.67
CA PRO E 455 28.34 -45.01 47.77
C PRO E 455 27.62 -43.68 47.60
N ASP E 456 28.39 -42.68 47.18
CA ASP E 456 27.88 -41.31 47.15
C ASP E 456 26.71 -41.16 46.19
N GLY E 457 26.75 -41.88 45.07
CA GLY E 457 25.68 -41.75 44.09
C GLY E 457 24.32 -42.07 44.67
N ILE E 458 24.22 -43.19 45.40
CA ILE E 458 22.98 -43.52 46.08
C ILE E 458 22.75 -42.58 47.26
N THR E 459 23.81 -42.25 47.99
CA THR E 459 23.65 -41.54 49.26
C THR E 459 23.07 -40.16 49.07
N ALA E 460 23.60 -39.39 48.11
CA ALA E 460 23.13 -38.02 47.92
C ALA E 460 21.66 -38.00 47.54
N ALA E 461 21.28 -38.81 46.55
CA ALA E 461 19.89 -38.82 46.11
C ALA E 461 18.97 -39.29 47.22
N GLY E 462 19.37 -40.32 47.95
CA GLY E 462 18.51 -40.82 49.03
C GLY E 462 18.32 -39.80 50.12
N LEU E 463 19.40 -39.17 50.57
CA LEU E 463 19.30 -38.17 51.63
C LEU E 463 18.42 -37.00 51.20
N THR E 464 18.64 -36.51 49.98
CA THR E 464 17.84 -35.39 49.51
C THR E 464 16.37 -35.77 49.43
N LYS E 465 16.06 -36.96 48.90
CA LYS E 465 14.67 -37.37 48.76
C LYS E 465 14.00 -37.51 50.13
N GLY E 466 14.68 -38.17 51.07
CA GLY E 466 14.08 -38.37 52.38
C GLY E 466 13.84 -37.07 53.12
N MET E 467 14.84 -36.20 53.14
CA MET E 467 14.66 -34.92 53.83
C MET E 467 13.60 -34.06 53.15
N THR E 468 13.59 -34.01 51.83
CA THR E 468 12.58 -33.22 51.15
C THR E 468 11.18 -33.73 51.46
N LYS E 469 11.00 -35.06 51.44
CA LYS E 469 9.68 -35.60 51.75
C LYS E 469 9.26 -35.29 53.18
N LEU E 470 10.17 -35.45 54.14
CA LEU E 470 9.80 -35.21 55.54
C LEU E 470 9.45 -33.75 55.78
N LEU E 471 10.27 -32.84 55.26
CA LEU E 471 10.00 -31.43 55.49
C LEU E 471 8.76 -30.97 54.75
N ASP E 472 8.48 -31.54 53.57
CA ASP E 472 7.22 -31.23 52.90
C ASP E 472 6.04 -31.70 53.72
N ARG E 473 6.16 -32.89 54.34
CA ARG E 473 5.09 -33.36 55.21
C ARG E 473 4.87 -32.40 56.37
N PHE E 474 5.95 -31.91 56.98
CA PHE E 474 5.79 -30.96 58.08
C PHE E 474 5.15 -29.66 57.62
N VAL E 475 5.57 -29.13 56.47
CA VAL E 475 5.00 -27.88 55.98
C VAL E 475 3.52 -28.05 55.69
N ALA E 476 3.13 -29.17 55.07
CA ALA E 476 1.72 -29.43 54.83
C ALA E 476 0.96 -29.57 56.14
N SER E 477 1.60 -30.14 57.16
CA SER E 477 0.98 -30.20 58.47
C SER E 477 0.72 -28.81 59.03
N GLY E 478 1.67 -27.89 58.84
CA GLY E 478 1.52 -26.53 59.28
C GLY E 478 2.47 -26.09 60.37
N ALA E 479 3.51 -26.85 60.66
CA ALA E 479 4.46 -26.49 61.70
C ALA E 479 5.51 -25.50 61.22
N LEU E 480 5.64 -25.29 59.92
CA LEU E 480 6.58 -24.33 59.36
C LEU E 480 5.83 -23.35 58.47
N VAL E 481 6.20 -22.08 58.53
CA VAL E 481 5.56 -21.02 57.77
C VAL E 481 6.64 -20.21 57.07
N ALA E 482 6.19 -19.31 56.19
CA ALA E 482 7.10 -18.47 55.44
C ALA E 482 7.90 -17.57 56.39
N PRO E 483 9.12 -17.21 56.03
CA PRO E 483 9.95 -16.41 56.93
C PRO E 483 9.33 -15.05 57.21
N ARG E 484 9.67 -14.49 58.37
CA ARG E 484 9.08 -13.23 58.79
C ARG E 484 9.44 -12.10 57.83
N ASP E 485 10.69 -12.05 57.38
CA ASP E 485 11.14 -10.99 56.46
C ASP E 485 11.51 -11.61 55.13
N PRO E 486 10.62 -11.62 54.15
CA PRO E 486 10.88 -12.26 52.87
C PRO E 486 11.68 -11.38 51.90
N ASP E 487 12.74 -10.77 52.42
CA ASP E 487 13.62 -9.94 51.62
C ASP E 487 15.05 -10.44 51.61
N ALA E 488 15.57 -10.88 52.76
CA ALA E 488 16.93 -11.39 52.85
C ALA E 488 16.99 -12.91 52.81
N ASP E 489 16.28 -13.57 53.72
CA ASP E 489 16.32 -15.03 53.82
C ASP E 489 15.22 -15.69 53.01
N GLY E 490 15.14 -15.35 51.72
CA GLY E 490 14.24 -15.97 50.77
C GLY E 490 12.78 -15.95 51.21
N THR E 491 12.02 -16.87 50.60
CA THR E 491 10.60 -17.00 50.92
C THR E 491 10.16 -18.46 51.03
N GLU E 492 11.08 -19.37 51.32
CA GLU E 492 10.66 -20.75 51.48
C GLU E 492 10.69 -21.15 52.94
N PRO E 493 9.75 -21.98 53.40
CA PRO E 493 9.73 -22.36 54.81
C PRO E 493 11.01 -23.05 55.27
N TYR E 494 11.60 -23.88 54.41
CA TYR E 494 12.78 -24.64 54.74
C TYR E 494 13.78 -24.60 53.59
N VAL E 495 15.05 -24.61 53.95
CA VAL E 495 16.16 -24.67 52.98
C VAL E 495 17.04 -25.84 53.37
N LEU E 496 17.26 -26.74 52.41
CA LEU E 496 18.03 -27.96 52.63
C LEU E 496 19.27 -27.95 51.77
N LYS E 497 20.39 -28.41 52.35
CA LYS E 497 21.65 -28.43 51.61
C LYS E 497 22.43 -29.67 52.03
N VAL E 498 22.62 -30.59 51.10
CA VAL E 498 23.39 -31.81 51.33
C VAL E 498 24.69 -31.68 50.56
N THR E 499 25.82 -31.84 51.24
CA THR E 499 27.11 -31.58 50.62
C THR E 499 28.12 -32.63 51.06
N GLN E 500 29.24 -32.68 50.34
CA GLN E 500 30.36 -33.54 50.67
C GLN E 500 31.53 -32.67 51.09
N ALA E 501 32.11 -32.97 52.25
CA ALA E 501 33.22 -32.18 52.77
C ALA E 501 34.57 -32.80 52.49
N GLU E 502 34.69 -34.12 52.57
CA GLU E 502 35.86 -34.86 52.12
C GLU E 502 35.38 -36.19 51.56
N PHE E 503 36.28 -37.17 51.50
CA PHE E 503 35.91 -38.48 50.99
C PHE E 503 34.65 -39.03 51.66
N ASP E 504 34.54 -38.86 52.98
CA ASP E 504 33.33 -39.29 53.68
C ASP E 504 33.07 -38.32 54.84
N LYS E 505 32.33 -37.25 54.55
CA LYS E 505 31.89 -36.34 55.59
C LYS E 505 30.52 -35.77 55.25
N TRP E 506 29.67 -36.59 54.63
CA TRP E 506 28.38 -36.11 54.12
C TRP E 506 27.67 -35.25 55.15
N GLU E 507 27.50 -33.97 54.84
CA GLU E 507 27.00 -32.98 55.77
C GLU E 507 25.66 -32.46 55.29
N VAL E 508 24.65 -32.52 56.16
CA VAL E 508 23.30 -32.09 55.84
C VAL E 508 22.98 -30.89 56.72
N VAL E 509 22.58 -29.78 56.10
CA VAL E 509 22.22 -28.57 56.81
C VAL E 509 20.81 -28.19 56.38
N TRP E 510 19.88 -28.17 57.32
CA TRP E 510 18.50 -27.78 57.05
C TRP E 510 18.13 -26.63 57.97
N ALA E 511 17.53 -25.60 57.39
CA ALA E 511 17.09 -24.42 58.12
C ALA E 511 15.59 -24.29 57.94
N CYS E 512 14.87 -24.18 59.05
CA CYS E 512 13.41 -24.13 59.03
C CYS E 512 12.91 -22.89 59.74
N CYS E 513 11.76 -22.39 59.32
CA CYS E 513 11.14 -21.28 60.03
C CYS E 513 9.96 -21.79 60.84
N PRO E 514 10.05 -21.87 62.16
CA PRO E 514 8.96 -22.44 62.96
C PRO E 514 7.80 -21.47 63.08
N THR E 515 6.64 -22.03 63.44
CA THR E 515 5.44 -21.23 63.60
C THR E 515 5.55 -20.33 64.82
N GLY E 516 4.69 -19.31 64.85
CA GLY E 516 4.67 -18.37 65.95
C GLY E 516 3.49 -18.61 66.86
N VAL E 517 3.78 -18.93 68.13
CA VAL E 517 2.73 -19.04 69.11
C VAL E 517 2.07 -17.68 69.33
N ALA E 518 0.85 -17.71 69.85
CA ALA E 518 0.09 -16.49 70.14
C ALA E 518 -0.04 -16.37 71.64
N ARG E 519 0.95 -15.76 72.28
CA ARG E 519 0.99 -15.61 73.73
C ARG E 519 0.45 -14.28 74.20
N ARG E 520 0.79 -13.19 73.53
CA ARG E 520 0.34 -11.86 73.89
C ARG E 520 -0.50 -11.30 72.75
N ILE E 521 -1.73 -10.92 73.05
CA ILE E 521 -2.65 -10.36 72.07
C ILE E 521 -3.07 -8.97 72.55
N GLN E 522 -2.92 -7.98 71.68
CA GLN E 522 -3.21 -6.59 72.02
C GLN E 522 -4.16 -6.00 70.99
N GLY E 523 -5.19 -5.32 71.46
CA GLY E 523 -6.16 -4.65 70.60
C GLY E 523 -6.08 -3.15 70.78
N VAL E 524 -6.08 -2.42 69.67
CA VAL E 524 -5.99 -0.97 69.68
C VAL E 524 -7.20 -0.42 68.94
N PRO E 525 -8.27 -0.05 69.65
CA PRO E 525 -9.43 0.54 68.98
C PRO E 525 -9.09 1.94 68.44
N LEU E 526 -9.81 2.32 67.40
CA LEU E 526 -9.60 3.62 66.76
C LEU E 526 -10.95 4.22 66.40
N LEU E 527 -10.94 5.53 66.16
CA LEU E 527 -12.11 6.25 65.69
C LEU E 527 -11.75 6.98 64.40
N ILE E 528 -12.67 6.97 63.44
CA ILE E 528 -12.46 7.56 62.13
C ILE E 528 -13.29 8.83 62.02
N LYS E 529 -12.64 9.93 61.66
CA LYS E 529 -13.33 11.20 61.46
C LYS E 529 -14.29 11.11 60.29
N SER F 2 -9.31 -8.31 90.02
CA SER F 2 -9.96 -9.62 90.06
C SER F 2 -10.16 -10.17 88.66
N GLN F 3 -11.23 -10.95 88.48
CA GLN F 3 -11.59 -11.42 87.16
C GLN F 3 -12.40 -10.36 86.43
N TYR F 4 -12.62 -10.60 85.13
CA TYR F 4 -13.36 -9.71 84.24
C TYR F 4 -12.65 -8.36 84.08
N SER F 5 -11.53 -8.16 84.78
CA SER F 5 -10.79 -6.93 84.64
C SER F 5 -10.00 -6.93 83.33
N ILE F 6 -9.75 -5.74 82.81
CA ILE F 6 -9.05 -5.56 81.55
C ILE F 6 -7.83 -4.70 81.80
N GLN F 7 -6.65 -5.20 81.42
CA GLN F 7 -5.43 -4.42 81.56
C GLN F 7 -5.19 -3.62 80.29
N GLN F 8 -4.13 -2.81 80.31
CA GLN F 8 -3.80 -1.94 79.18
C GLN F 8 -2.34 -2.00 78.75
N SER F 9 -1.43 -2.46 79.59
CA SER F 9 0.00 -2.42 79.26
C SER F 9 0.44 -3.68 78.52
N LEU F 10 0.31 -4.84 79.16
CA LEU F 10 0.68 -6.13 78.56
C LEU F 10 2.16 -6.13 78.16
N GLY F 11 3.01 -6.09 79.19
CA GLY F 11 4.44 -6.08 78.98
C GLY F 11 5.14 -7.38 79.36
N ASN F 12 5.58 -8.13 78.36
CA ASN F 12 6.44 -9.31 78.57
C ASN F 12 5.79 -10.35 79.47
N ALA F 13 4.48 -10.54 79.31
CA ALA F 13 3.77 -11.55 80.07
C ALA F 13 2.53 -11.96 79.30
N SER F 14 2.15 -13.23 79.42
CA SER F 14 0.98 -13.72 78.71
C SER F 14 -0.28 -13.01 79.19
N GLY F 15 -1.17 -12.72 78.26
CA GLY F 15 -2.41 -12.06 78.60
C GLY F 15 -3.01 -11.40 77.38
N VAL F 16 -4.10 -10.67 77.62
CA VAL F 16 -4.80 -9.93 76.59
C VAL F 16 -5.16 -8.56 77.16
N ALA F 17 -4.88 -7.50 76.40
CA ALA F 17 -5.15 -6.15 76.84
C ALA F 17 -5.65 -5.31 75.68
N VAL F 18 -6.47 -4.31 76.00
CA VAL F 18 -6.98 -3.36 75.01
C VAL F 18 -6.51 -1.97 75.39
N SER F 19 -5.99 -1.25 74.42
CA SER F 19 -5.51 0.10 74.67
C SER F 19 -6.70 1.06 74.80
N PRO F 20 -6.55 2.14 75.55
CA PRO F 20 -7.63 3.12 75.65
C PRO F 20 -7.91 3.76 74.30
N ILE F 21 -9.17 4.15 74.11
CA ILE F 21 -9.62 4.65 72.81
C ILE F 21 -8.79 5.85 72.40
N ASN F 22 -8.38 5.88 71.13
CA ASN F 22 -7.47 6.94 70.68
C ASN F 22 -8.22 8.25 70.48
N ALA F 23 -9.13 8.30 69.52
CA ALA F 23 -10.03 9.44 69.31
C ALA F 23 -9.25 10.76 69.22
N ASP F 24 -8.17 10.75 68.46
CA ASP F 24 -7.39 11.96 68.25
C ASP F 24 -7.50 12.53 66.85
N ALA F 25 -7.94 11.74 65.88
CA ALA F 25 -8.17 12.22 64.52
C ALA F 25 -9.54 12.84 64.35
N THR F 26 -10.34 12.89 65.41
CA THR F 26 -11.70 13.41 65.36
C THR F 26 -11.88 14.60 66.29
N LEU F 27 -10.82 15.37 66.50
CA LEU F 27 -10.88 16.49 67.44
C LEU F 27 -11.57 17.68 66.77
N SER F 28 -12.75 18.02 67.27
CA SER F 28 -13.50 19.18 66.82
C SER F 28 -13.24 20.35 67.77
N THR F 29 -13.98 21.44 67.57
CA THR F 29 -13.89 22.60 68.44
C THR F 29 -15.26 23.24 68.55
N GLY F 30 -15.75 23.38 69.79
CA GLY F 30 -17.04 24.01 70.01
C GLY F 30 -16.90 25.42 70.53
N VAL F 31 -17.13 26.42 69.67
CA VAL F 31 -17.02 27.81 70.06
C VAL F 31 -18.36 28.50 69.89
N ALA F 32 -19.19 28.00 68.98
CA ALA F 32 -20.50 28.57 68.69
C ALA F 32 -20.37 30.05 68.29
N LEU F 33 -19.76 30.23 67.12
CA LEU F 33 -19.45 31.59 66.66
C LEU F 33 -20.71 32.42 66.46
N ASN F 34 -21.82 31.79 66.12
CA ASN F 34 -23.05 32.54 65.84
C ASN F 34 -23.80 32.92 67.12
N SER F 35 -23.09 33.49 68.09
CA SER F 35 -23.70 33.91 69.34
C SER F 35 -23.07 35.23 69.77
N SER F 36 -23.92 36.20 70.13
CA SER F 36 -23.46 37.53 70.48
C SER F 36 -24.15 37.99 71.76
N LEU F 37 -23.37 38.56 72.68
CA LEU F 37 -23.89 39.13 73.91
C LEU F 37 -23.27 40.50 74.12
N TRP F 38 -24.00 41.38 74.79
CA TRP F 38 -23.59 42.76 74.97
C TRP F 38 -23.32 43.03 76.44
N ALA F 39 -22.24 43.76 76.73
CA ALA F 39 -21.86 44.09 78.09
C ALA F 39 -21.73 45.61 78.23
N GLY F 40 -22.26 46.13 79.33
CA GLY F 40 -22.22 47.57 79.53
C GLY F 40 -22.31 47.96 80.99
N ILE F 41 -21.94 49.20 81.26
CA ILE F 41 -22.06 49.77 82.60
C ILE F 41 -23.15 50.82 82.57
N GLY F 42 -23.65 51.16 83.75
CA GLY F 42 -24.70 52.16 83.79
C GLY F 42 -25.11 52.48 85.22
N VAL F 43 -26.08 53.37 85.32
CA VAL F 43 -26.67 53.78 86.60
C VAL F 43 -28.15 53.46 86.56
N PHE F 44 -28.61 52.69 87.54
CA PHE F 44 -29.98 52.21 87.55
C PHE F 44 -30.58 52.46 88.92
N ALA F 45 -31.75 51.90 89.16
CA ALA F 45 -32.46 52.06 90.43
C ALA F 45 -32.27 50.88 91.38
N ARG F 46 -32.28 49.66 90.86
CA ARG F 46 -32.15 48.46 91.68
C ARG F 46 -31.11 47.52 91.08
N GLY F 47 -30.31 46.93 91.93
CA GLY F 47 -29.27 46.01 91.52
C GLY F 47 -28.10 46.06 92.48
N LYS F 48 -27.31 44.99 92.46
CA LYS F 48 -26.14 44.92 93.34
C LYS F 48 -25.00 45.74 92.75
N PRO F 49 -24.50 46.74 93.46
CA PRO F 49 -23.46 47.59 92.88
C PRO F 49 -22.14 46.87 92.68
N PHE F 50 -21.44 47.25 91.61
CA PHE F 50 -20.09 46.76 91.31
C PHE F 50 -20.05 45.24 91.21
N THR F 51 -21.11 44.65 90.66
CA THR F 51 -21.17 43.21 90.46
C THR F 51 -21.85 42.93 89.14
N VAL F 52 -21.26 42.04 88.35
CA VAL F 52 -21.79 41.71 87.03
C VAL F 52 -23.17 41.08 87.18
N LEU F 53 -24.13 41.58 86.40
CA LEU F 53 -25.47 41.04 86.40
C LEU F 53 -25.73 40.30 85.10
N ALA F 54 -26.95 39.83 84.93
CA ALA F 54 -27.37 39.16 83.70
C ALA F 54 -28.81 39.53 83.43
N VAL F 55 -29.05 40.15 82.27
CA VAL F 55 -30.38 40.65 81.90
C VAL F 55 -30.85 39.88 80.68
N THR F 56 -32.06 39.35 80.75
CA THR F 56 -32.73 38.70 79.64
C THR F 56 -33.98 39.49 79.27
N GLU F 57 -34.73 38.98 78.30
CA GLU F 57 -35.94 39.66 77.85
C GLU F 57 -37.09 39.55 78.84
N SER F 58 -36.97 38.74 79.87
CA SER F 58 -38.10 38.44 80.74
C SER F 58 -37.87 38.76 82.21
N ASN F 59 -36.73 39.35 82.58
CA ASN F 59 -36.48 39.67 83.97
C ASN F 59 -35.87 41.04 84.20
N TYR F 60 -35.46 41.76 83.16
CA TYR F 60 -34.77 43.03 83.36
C TYR F 60 -35.58 44.00 84.21
N GLU F 61 -36.90 43.98 84.06
CA GLU F 61 -37.76 44.89 84.79
C GLU F 61 -37.60 44.73 86.29
N ASP F 62 -37.43 43.48 86.76
CA ASP F 62 -37.33 43.26 88.20
C ASP F 62 -35.89 43.21 88.70
N VAL F 63 -34.96 42.67 87.92
CA VAL F 63 -33.58 42.63 88.41
C VAL F 63 -32.98 44.03 88.41
N LEU F 64 -33.27 44.83 87.38
CA LEU F 64 -32.73 46.17 87.29
C LEU F 64 -33.70 47.24 87.79
N GLY F 65 -34.86 46.85 88.29
CA GLY F 65 -35.80 47.79 88.87
C GLY F 65 -36.65 48.48 87.82
N GLU F 66 -37.66 49.20 88.30
CA GLU F 66 -38.55 49.91 87.41
C GLU F 66 -37.82 51.09 86.75
N PRO F 67 -38.25 51.49 85.56
CA PRO F 67 -37.57 52.59 84.88
C PRO F 67 -37.65 53.88 85.67
N LEU F 68 -36.60 54.69 85.55
CA LEU F 68 -36.50 55.95 86.27
C LEU F 68 -37.36 56.99 85.57
N LYS F 69 -37.26 58.25 86.01
CA LYS F 69 -38.05 59.34 85.47
C LYS F 69 -37.14 60.38 84.82
N PRO F 70 -37.46 60.84 83.61
CA PRO F 70 -36.60 61.84 82.97
C PRO F 70 -36.48 63.14 83.75
N SER F 71 -37.54 63.55 84.45
CA SER F 71 -37.49 64.78 85.21
C SER F 71 -36.53 64.70 86.38
N SER F 72 -36.17 63.50 86.82
CA SER F 72 -35.22 63.36 87.93
C SER F 72 -33.86 63.92 87.56
N GLY F 73 -33.39 63.67 86.35
CA GLY F 73 -32.09 64.13 85.93
C GLY F 73 -31.61 63.43 84.67
N SER F 74 -30.33 63.08 84.62
CA SER F 74 -29.74 62.42 83.47
C SER F 74 -29.59 60.92 83.66
N GLN F 75 -30.22 60.35 84.68
CA GLN F 75 -30.09 58.93 84.98
C GLN F 75 -31.07 58.07 84.21
N PHE F 76 -31.92 58.66 83.37
CA PHE F 76 -32.93 57.91 82.64
C PHE F 76 -32.39 57.29 81.34
N GLU F 77 -31.13 57.51 81.01
CA GLU F 77 -30.60 57.03 79.73
C GLU F 77 -30.34 55.53 79.72
N PRO F 78 -29.56 54.96 80.66
CA PRO F 78 -29.17 53.56 80.50
C PRO F 78 -30.31 52.58 80.49
N ILE F 79 -31.41 52.86 81.21
CA ILE F 79 -32.54 51.94 81.19
C ILE F 79 -33.14 51.87 79.78
N ARG F 80 -33.29 53.02 79.13
CA ARG F 80 -33.82 53.02 77.77
C ARG F 80 -32.86 52.35 76.79
N HIS F 81 -31.55 52.58 76.98
CA HIS F 81 -30.58 51.89 76.12
C HIS F 81 -30.69 50.38 76.29
N VAL F 82 -30.81 49.92 77.54
CA VAL F 82 -30.98 48.49 77.80
C VAL F 82 -32.25 47.97 77.15
N TYR F 83 -33.34 48.72 77.26
CA TYR F 83 -34.60 48.27 76.68
C TYR F 83 -34.50 48.14 75.17
N GLU F 84 -33.81 49.09 74.52
CA GLU F 84 -33.66 49.00 73.08
C GLU F 84 -32.66 47.94 72.65
N ALA F 85 -31.72 47.57 73.50
CA ALA F 85 -30.72 46.58 73.12
C ALA F 85 -31.13 45.14 73.45
N ILE F 86 -31.98 44.95 74.46
CA ILE F 86 -32.42 43.61 74.84
C ILE F 86 -33.20 42.93 73.72
N GLN F 87 -33.88 43.71 72.89
CA GLN F 87 -34.80 43.21 71.86
C GLN F 87 -34.26 41.99 71.13
N GLN F 88 -32.94 41.88 71.03
CA GLN F 88 -32.31 40.80 70.28
C GLN F 88 -31.73 39.72 71.19
N THR F 89 -30.84 40.07 72.12
CA THR F 89 -30.10 39.08 72.88
C THR F 89 -29.93 39.52 74.33
N SER F 90 -29.65 38.55 75.19
CA SER F 90 -29.38 38.82 76.59
C SER F 90 -28.04 39.53 76.75
N GLY F 91 -27.75 39.96 77.96
CA GLY F 91 -26.52 40.71 78.16
C GLY F 91 -26.11 40.80 79.61
N TYR F 92 -25.01 41.50 79.84
CA TYR F 92 -24.44 41.70 81.16
C TYR F 92 -24.25 43.18 81.44
N VAL F 93 -24.69 43.63 82.61
CA VAL F 93 -24.60 45.02 82.99
C VAL F 93 -23.87 45.14 84.32
N VAL F 94 -23.33 46.32 84.57
CA VAL F 94 -22.66 46.64 85.83
C VAL F 94 -23.21 47.97 86.32
N ARG F 95 -23.79 47.96 87.52
CA ARG F 95 -24.37 49.17 88.08
C ARG F 95 -23.34 49.90 88.93
N ALA F 96 -23.22 51.20 88.72
CA ALA F 96 -22.31 52.05 89.48
C ALA F 96 -23.12 53.04 90.31
N VAL F 97 -22.82 53.15 91.60
CA VAL F 97 -23.60 53.96 92.52
C VAL F 97 -22.77 55.13 93.01
N PRO F 98 -23.39 56.22 93.45
CA PRO F 98 -22.60 57.33 94.01
C PRO F 98 -21.96 56.98 95.34
N ASP F 99 -21.29 57.94 95.97
CA ASP F 99 -20.53 57.64 97.18
C ASP F 99 -21.44 57.43 98.38
N ASP F 100 -22.48 58.25 98.52
CA ASP F 100 -23.27 58.28 99.74
C ASP F 100 -24.46 57.32 99.73
N ALA F 101 -24.50 56.38 98.79
CA ALA F 101 -25.57 55.38 98.78
C ALA F 101 -25.42 54.44 99.97
N LYS F 102 -26.52 54.21 100.68
CA LYS F 102 -26.51 53.39 101.89
C LYS F 102 -27.61 52.35 101.83
N PHE F 103 -27.33 51.18 102.39
CA PHE F 103 -28.28 50.08 102.48
C PHE F 103 -28.63 49.82 103.94
N PRO F 104 -29.84 49.31 104.19
CA PRO F 104 -30.28 49.11 105.58
C PRO F 104 -29.65 47.89 106.22
N ILE F 105 -29.66 47.89 107.55
CA ILE F 105 -29.11 46.81 108.36
C ILE F 105 -29.94 46.68 109.62
N ILE F 106 -30.30 45.45 109.98
CA ILE F 106 -31.01 45.15 111.22
C ILE F 106 -30.11 44.27 112.08
N MET F 107 -29.75 44.76 113.27
CA MET F 107 -28.89 44.04 114.18
C MET F 107 -29.70 43.60 115.40
N PHE F 108 -29.54 42.34 115.80
CA PHE F 108 -30.26 41.80 116.93
C PHE F 108 -29.36 41.78 118.16
N ASP F 109 -29.87 41.19 119.24
CA ASP F 109 -29.12 41.08 120.48
C ASP F 109 -29.49 39.75 121.14
N GLU F 110 -28.94 39.51 122.34
CA GLU F 110 -29.22 38.27 123.04
C GLU F 110 -30.69 38.14 123.39
N SER F 111 -31.30 39.22 123.91
CA SER F 111 -32.71 39.17 124.27
C SER F 111 -33.60 39.05 123.03
N GLY F 112 -33.21 39.69 121.94
CA GLY F 112 -33.98 39.66 120.71
C GLY F 112 -34.58 40.98 120.29
N GLU F 113 -34.29 42.08 120.99
CA GLU F 113 -34.83 43.38 120.60
C GLU F 113 -34.04 43.94 119.43
N PRO F 114 -34.65 44.18 118.28
CA PRO F 114 -33.89 44.60 117.11
C PRO F 114 -33.50 46.07 117.18
N ALA F 115 -32.49 46.42 116.37
CA ALA F 115 -32.09 47.78 116.16
C ALA F 115 -31.79 47.97 114.68
N TYR F 116 -31.94 49.20 114.19
CA TYR F 116 -31.80 49.50 112.79
C TYR F 116 -30.64 50.46 112.56
N SER F 117 -30.06 50.38 111.36
CA SER F 117 -29.02 51.32 110.96
C SER F 117 -28.88 51.26 109.45
N ALA F 118 -27.97 52.07 108.91
CA ALA F 118 -27.69 52.07 107.49
C ALA F 118 -26.20 52.20 107.27
N LEU F 119 -25.68 51.50 106.26
CA LEU F 119 -24.25 51.51 105.99
C LEU F 119 -23.99 51.77 104.51
N PRO F 120 -22.94 52.52 104.18
CA PRO F 120 -22.62 52.76 102.78
C PRO F 120 -22.23 51.48 102.06
N TYR F 121 -22.49 51.47 100.75
CA TYR F 121 -22.25 50.27 99.95
C TYR F 121 -20.77 49.94 99.90
N GLY F 122 -20.48 48.65 99.76
CA GLY F 122 -19.12 48.17 99.66
C GLY F 122 -18.36 48.10 100.97
N SER F 123 -19.06 48.17 102.10
CA SER F 123 -18.42 48.11 103.41
C SER F 123 -18.98 46.96 104.22
N GLU F 124 -18.11 46.27 104.93
CA GLU F 124 -18.54 45.20 105.81
C GLU F 124 -19.07 45.80 107.12
N ILE F 125 -19.46 44.93 108.04
CA ILE F 125 -20.17 45.32 109.25
C ILE F 125 -19.33 44.90 110.45
N GLU F 126 -19.20 45.81 111.41
CA GLU F 126 -18.58 45.51 112.69
C GLU F 126 -19.67 45.38 113.73
N LEU F 127 -19.64 44.30 114.51
CA LEU F 127 -20.69 44.01 115.47
C LEU F 127 -20.29 44.54 116.85
N ASP F 128 -21.23 45.19 117.51
CA ASP F 128 -20.98 45.67 118.87
C ASP F 128 -20.98 44.49 119.83
N SER F 129 -20.65 44.77 121.10
CA SER F 129 -20.57 43.72 122.10
C SER F 129 -21.90 43.01 122.28
N GLY F 130 -22.99 43.78 122.34
CA GLY F 130 -24.30 43.21 122.57
C GLY F 130 -25.00 42.66 121.35
N GLU F 131 -24.41 42.79 120.17
CA GLU F 131 -25.06 42.36 118.93
C GLU F 131 -24.77 40.89 118.67
N ALA F 132 -25.83 40.12 118.43
CA ALA F 132 -25.69 38.70 118.15
C ALA F 132 -25.51 38.43 116.66
N PHE F 133 -26.39 38.99 115.83
CA PHE F 133 -26.27 38.78 114.39
C PHE F 133 -27.01 39.90 113.67
N ALA F 134 -26.56 40.16 112.45
CA ALA F 134 -27.09 41.25 111.63
C ALA F 134 -27.55 40.71 110.29
N ILE F 135 -28.65 41.27 109.80
CA ILE F 135 -29.22 40.92 108.50
C ILE F 135 -29.32 42.19 107.67
N TYR F 136 -28.90 42.11 106.41
CA TYR F 136 -29.00 43.26 105.51
C TYR F 136 -29.41 42.77 104.13
N VAL F 137 -29.74 43.73 103.27
CA VAL F 137 -30.28 43.45 101.95
C VAL F 137 -29.20 43.74 100.92
N ASP F 138 -28.94 42.76 100.05
CA ASP F 138 -27.93 42.90 99.00
C ASP F 138 -28.55 43.00 97.62
N ASP F 139 -29.88 43.17 97.52
CA ASP F 139 -30.48 43.40 96.22
C ASP F 139 -30.14 44.78 95.67
N GLY F 140 -29.69 45.70 96.52
CA GLY F 140 -29.37 47.04 96.11
C GLY F 140 -30.50 48.04 96.31
N ASP F 141 -31.73 47.57 96.45
CA ASP F 141 -32.86 48.47 96.62
C ASP F 141 -32.69 49.26 97.92
N PRO F 142 -32.94 50.58 97.92
CA PRO F 142 -32.84 51.35 99.16
C PRO F 142 -34.02 51.20 100.10
N CYS F 143 -34.98 50.32 99.77
CA CYS F 143 -36.07 49.98 100.68
C CYS F 143 -36.87 51.21 101.10
N ILE F 144 -37.17 52.09 100.15
CA ILE F 144 -37.96 53.27 100.39
C ILE F 144 -39.33 53.18 99.73
N SER F 145 -39.40 52.61 98.53
CA SER F 145 -40.67 52.34 97.85
C SER F 145 -40.48 51.25 96.81
N PRO F 146 -41.10 50.08 96.98
CA PRO F 146 -41.96 49.66 98.10
C PRO F 146 -41.16 49.30 99.34
N THR F 147 -41.75 49.39 100.53
CA THR F 147 -41.06 49.01 101.74
C THR F 147 -40.93 47.49 101.81
N ARG F 148 -39.96 47.05 102.61
CA ARG F 148 -39.73 45.62 102.80
C ARG F 148 -39.72 45.30 104.29
N GLU F 149 -40.43 44.25 104.66
CA GLU F 149 -40.60 43.86 106.06
C GLU F 149 -40.11 42.44 106.27
N LEU F 150 -39.50 42.21 107.42
CA LEU F 150 -38.92 40.93 107.79
C LEU F 150 -39.60 40.40 109.03
N THR F 151 -39.95 39.11 109.02
CA THR F 151 -40.70 38.50 110.10
C THR F 151 -40.03 37.20 110.53
N ILE F 152 -40.00 36.97 111.84
CA ILE F 152 -39.40 35.79 112.44
C ILE F 152 -40.50 35.00 113.14
N GLU F 153 -40.58 33.70 112.86
CA GLU F 153 -41.60 32.85 113.42
C GLU F 153 -40.96 31.62 114.04
N THR F 154 -41.46 31.21 115.21
CA THR F 154 -40.95 30.00 115.85
C THR F 154 -41.41 28.76 115.08
N ALA F 155 -40.53 27.76 115.00
CA ALA F 155 -40.81 26.52 114.31
C ALA F 155 -40.35 25.34 115.15
N THR F 156 -40.70 24.14 114.68
CA THR F 156 -40.32 22.93 115.40
C THR F 156 -38.83 22.67 115.29
N ALA F 157 -38.24 22.22 116.39
CA ALA F 157 -36.82 21.91 116.41
C ALA F 157 -36.52 20.67 115.57
N ASP F 158 -35.25 20.51 115.22
CA ASP F 158 -34.83 19.39 114.40
C ASP F 158 -34.74 18.12 115.24
N SER F 159 -34.33 17.03 114.60
CA SER F 159 -34.17 15.76 115.31
C SER F 159 -33.06 15.86 116.36
N ALA F 160 -31.96 16.52 116.02
CA ALA F 160 -30.86 16.66 116.97
C ALA F 160 -31.28 17.47 118.20
N GLY F 161 -32.02 18.56 117.98
CA GLY F 161 -32.50 19.37 119.08
C GLY F 161 -32.33 20.85 118.90
N ASN F 162 -31.58 21.25 117.86
CA ASN F 162 -31.36 22.66 117.61
C ASN F 162 -32.65 23.35 117.19
N GLU F 163 -32.79 24.62 117.57
CA GLU F 163 -34.00 25.38 117.31
C GLU F 163 -33.88 26.10 115.98
N ARG F 164 -34.78 25.78 115.05
CA ARG F 164 -34.83 26.41 113.74
C ARG F 164 -36.04 27.32 113.67
N PHE F 165 -35.83 28.56 113.22
CA PHE F 165 -36.91 29.52 113.08
C PHE F 165 -37.11 29.87 111.62
N LEU F 166 -38.34 30.27 111.29
CA LEU F 166 -38.73 30.59 109.93
C LEU F 166 -38.60 32.09 109.70
N LEU F 167 -37.92 32.45 108.61
CA LEU F 167 -37.73 33.83 108.20
C LEU F 167 -38.61 34.11 106.99
N LYS F 168 -39.38 35.19 107.04
CA LYS F 168 -40.28 35.55 105.95
C LYS F 168 -40.11 37.03 105.64
N LEU F 169 -39.66 37.33 104.42
CA LEU F 169 -39.56 38.71 103.99
C LEU F 169 -40.62 38.99 102.94
N THR F 170 -41.36 40.08 103.14
CA THR F 170 -42.48 40.45 102.28
C THR F 170 -42.41 41.93 101.95
N GLN F 171 -42.79 42.27 100.73
CA GLN F 171 -42.77 43.65 100.27
C GLN F 171 -44.17 44.24 100.38
N THR F 172 -44.24 45.52 100.76
CA THR F 172 -45.49 46.25 100.85
C THR F 172 -45.37 47.53 100.04
N THR F 173 -46.29 47.71 99.11
CA THR F 173 -46.28 48.92 98.30
C THR F 173 -46.92 50.08 99.06
N SER F 174 -46.73 51.29 98.54
CA SER F 174 -47.28 52.47 99.18
C SER F 174 -48.80 52.46 99.18
N LEU F 175 -49.41 51.89 98.13
CA LEU F 175 -50.86 51.85 98.05
C LEU F 175 -51.45 51.00 99.17
N GLY F 176 -50.85 49.85 99.45
CA GLY F 176 -51.35 48.98 100.50
C GLY F 176 -51.28 47.51 100.14
N VAL F 177 -50.79 47.18 98.95
CA VAL F 177 -50.68 45.80 98.52
C VAL F 177 -49.50 45.15 99.25
N VAL F 178 -49.77 44.04 99.93
CA VAL F 178 -48.76 43.32 100.70
C VAL F 178 -48.69 41.90 100.18
N THR F 179 -47.57 41.53 99.58
CA THR F 179 -47.35 40.19 99.05
C THR F 179 -46.09 39.60 99.66
N THR F 180 -46.13 38.30 99.95
CA THR F 180 -44.94 37.62 100.42
C THR F 180 -43.90 37.56 99.31
N LEU F 181 -42.63 37.57 99.71
CA LEU F 181 -41.54 37.61 98.74
C LEU F 181 -40.61 36.42 98.86
N GLU F 182 -40.17 36.06 100.06
CA GLU F 182 -39.34 34.87 100.22
C GLU F 182 -39.46 34.35 101.63
N THR F 183 -39.19 33.05 101.78
CA THR F 183 -39.27 32.38 103.07
C THR F 183 -38.16 31.34 103.18
N HIS F 184 -37.73 31.10 104.41
CA HIS F 184 -36.64 30.18 104.70
C HIS F 184 -36.82 29.62 106.10
N THR F 185 -36.10 28.53 106.37
CA THR F 185 -36.04 27.93 107.70
C THR F 185 -34.58 27.82 108.09
N VAL F 186 -34.14 28.71 109.00
CA VAL F 186 -32.73 28.81 109.33
C VAL F 186 -32.56 28.75 110.84
N SER F 187 -31.34 28.41 111.26
CA SER F 187 -31.01 28.33 112.67
C SER F 187 -29.57 28.77 112.88
N LEU F 188 -29.27 29.11 114.14
CA LEU F 188 -27.94 29.59 114.50
C LEU F 188 -26.97 28.46 114.81
N ALA F 189 -27.43 27.23 114.89
CA ALA F 189 -26.53 26.11 115.13
C ALA F 189 -25.64 25.88 113.93
N GLU F 190 -24.38 25.55 114.19
CA GLU F 190 -23.39 25.39 113.12
C GLU F 190 -23.59 24.13 112.29
N GLU F 191 -24.46 23.22 112.72
CA GLU F 191 -24.61 21.94 112.03
C GLU F 191 -26.06 21.52 111.83
N ALA F 192 -27.03 22.31 112.29
CA ALA F 192 -28.43 21.91 112.17
C ALA F 192 -28.85 21.84 110.71
N LYS F 193 -29.78 20.93 110.43
CA LYS F 193 -30.29 20.73 109.09
C LYS F 193 -31.81 20.91 109.07
N ASP F 194 -32.32 21.37 107.94
CA ASP F 194 -33.76 21.59 107.78
C ASP F 194 -34.45 20.27 107.48
N ASP F 195 -35.73 20.34 107.10
CA ASP F 195 -36.49 19.13 106.80
C ASP F 195 -35.96 18.45 105.54
N MET F 196 -35.58 19.22 104.52
CA MET F 196 -35.12 18.65 103.27
C MET F 196 -33.68 18.14 103.34
N GLY F 197 -32.97 18.41 104.42
CA GLY F 197 -31.62 17.91 104.60
C GLY F 197 -30.52 18.90 104.29
N ARG F 198 -30.85 20.06 103.72
CA ARG F 198 -29.83 21.05 103.42
C ARG F 198 -29.34 21.72 104.70
N LEU F 199 -28.17 22.34 104.61
CA LEU F 199 -27.62 23.07 105.74
C LEU F 199 -28.49 24.28 106.06
N CYS F 200 -28.73 24.50 107.35
CA CYS F 200 -29.61 25.57 107.79
C CYS F 200 -28.91 26.60 108.66
N TYR F 201 -27.58 26.57 108.73
CA TYR F 201 -26.85 27.64 109.38
C TYR F 201 -27.16 28.97 108.70
N LEU F 202 -27.37 30.01 109.51
CA LEU F 202 -27.92 31.25 108.97
C LEU F 202 -27.03 31.90 107.92
N PRO F 203 -25.74 32.16 108.15
CA PRO F 203 -24.96 32.87 107.12
C PRO F 203 -24.87 32.12 105.80
N THR F 204 -24.43 30.85 105.83
CA THR F 204 -24.29 30.11 104.59
C THR F 204 -25.63 29.86 103.92
N ALA F 205 -26.68 29.61 104.71
CA ALA F 205 -28.00 29.38 104.12
C ALA F 205 -28.47 30.62 103.38
N LEU F 206 -28.40 31.79 104.02
CA LEU F 206 -28.83 33.01 103.34
C LEU F 206 -27.95 33.32 102.15
N GLU F 207 -26.64 33.09 102.25
CA GLU F 207 -25.75 33.39 101.15
C GLU F 207 -26.03 32.50 99.94
N ALA F 208 -26.36 31.23 100.18
CA ALA F 208 -26.50 30.28 99.08
C ALA F 208 -27.90 30.29 98.49
N ARG F 209 -28.93 30.08 99.31
CA ARG F 209 -30.26 29.83 98.79
C ARG F 209 -31.10 31.09 98.64
N SER F 210 -30.60 32.25 99.05
CA SER F 210 -31.36 33.50 98.97
C SER F 210 -30.55 34.53 98.19
N LYS F 211 -31.20 35.19 97.23
CA LYS F 211 -30.57 36.21 96.42
C LYS F 211 -30.96 37.62 96.84
N TYR F 212 -31.63 37.76 97.99
CA TYR F 212 -32.05 39.06 98.49
C TYR F 212 -31.32 39.50 99.75
N LEU F 213 -31.07 38.59 100.67
CA LEU F 213 -30.54 38.93 101.98
C LEU F 213 -29.13 38.36 102.16
N ARG F 214 -28.42 38.94 103.12
CA ARG F 214 -27.17 38.40 103.62
C ARG F 214 -27.14 38.63 105.12
N ALA F 215 -26.32 37.86 105.82
CA ALA F 215 -26.27 37.96 107.27
C ALA F 215 -24.85 37.73 107.76
N VAL F 216 -24.58 38.26 108.95
CA VAL F 216 -23.32 38.01 109.66
C VAL F 216 -23.66 37.71 111.11
N VAL F 217 -22.73 37.02 111.78
CA VAL F 217 -22.93 36.58 113.15
C VAL F 217 -21.71 36.95 113.99
N ASN F 218 -21.93 37.04 115.29
CA ASN F 218 -20.86 37.27 116.26
C ASN F 218 -20.52 35.94 116.91
N GLU F 219 -19.28 35.48 116.73
CA GLU F 219 -18.90 34.15 117.19
C GLU F 219 -19.02 34.03 118.70
N GLU F 220 -18.59 35.06 119.44
CA GLU F 220 -18.58 34.98 120.89
C GLU F 220 -19.97 34.81 121.46
N LEU F 221 -20.94 35.55 120.94
CA LEU F 221 -22.30 35.56 121.48
C LEU F 221 -23.23 34.60 120.78
N ILE F 222 -22.77 33.90 119.75
CA ILE F 222 -23.66 33.01 119.00
C ILE F 222 -24.04 31.77 119.79
N SER F 223 -23.28 31.42 120.83
CA SER F 223 -23.58 30.23 121.60
C SER F 223 -24.82 30.41 122.46
N THR F 224 -24.92 31.55 123.16
CA THR F 224 -26.03 31.81 124.06
C THR F 224 -27.14 32.62 123.41
N ALA F 225 -27.02 32.91 122.11
CA ALA F 225 -28.02 33.73 121.44
C ALA F 225 -29.36 33.01 121.36
N LYS F 226 -30.43 33.75 121.60
CA LYS F 226 -31.79 33.25 121.49
C LYS F 226 -32.63 34.26 120.73
N VAL F 227 -33.60 33.77 119.98
CA VAL F 227 -34.46 34.60 119.15
C VAL F 227 -35.89 34.48 119.64
N THR F 228 -36.58 35.61 119.72
CA THR F 228 -37.97 35.66 120.11
C THR F 228 -38.85 35.71 118.86
N ASN F 229 -40.14 35.97 119.05
CA ASN F 229 -41.10 36.09 117.95
C ASN F 229 -41.30 37.58 117.65
N LYS F 230 -40.71 38.03 116.55
CA LYS F 230 -40.85 39.41 116.10
C LYS F 230 -41.69 39.45 114.83
N LYS F 231 -42.73 40.26 114.84
CA LYS F 231 -43.69 40.34 113.75
C LYS F 231 -43.65 41.72 113.13
N SER F 232 -43.56 41.76 111.79
CA SER F 232 -43.66 42.99 111.02
C SER F 232 -42.57 43.99 111.42
N LEU F 233 -41.32 43.60 111.17
CA LEU F 233 -40.22 44.55 111.30
C LEU F 233 -40.20 45.48 110.09
N ALA F 234 -39.21 46.37 110.04
CA ALA F 234 -39.15 47.36 108.98
C ALA F 234 -37.71 47.77 108.75
N PHE F 235 -37.21 47.54 107.53
CA PHE F 235 -35.94 48.12 107.14
C PHE F 235 -36.07 49.63 107.00
N THR F 236 -35.01 50.35 107.35
CA THR F 236 -35.04 51.81 107.25
C THR F 236 -33.63 52.33 107.08
N GLY F 237 -33.54 53.57 106.59
CA GLY F 237 -32.28 54.23 106.38
C GLY F 237 -31.70 54.08 104.99
N GLY F 238 -32.22 53.17 104.18
CA GLY F 238 -31.69 52.98 102.85
C GLY F 238 -31.89 54.22 101.99
N THR F 239 -30.90 54.51 101.14
CA THR F 239 -30.92 55.73 100.35
C THR F 239 -30.04 55.53 99.13
N ASN F 240 -30.62 55.71 97.94
CA ASN F 240 -29.85 55.61 96.71
C ASN F 240 -28.97 56.81 96.45
N GLY F 241 -29.16 57.90 97.20
CA GLY F 241 -28.33 59.08 97.03
C GLY F 241 -28.68 59.85 95.78
N ASP F 242 -27.79 60.77 95.43
CA ASP F 242 -27.92 61.55 94.21
C ASP F 242 -27.21 60.83 93.08
N GLN F 243 -27.95 60.50 92.03
CA GLN F 243 -27.39 59.82 90.88
C GLN F 243 -27.15 60.75 89.70
N SER F 244 -27.46 62.04 89.85
CA SER F 244 -27.21 62.98 88.77
C SER F 244 -25.71 63.10 88.48
N LYS F 245 -24.90 63.20 89.53
CA LYS F 245 -23.46 63.33 89.41
C LYS F 245 -22.77 62.10 89.98
N ILE F 246 -21.74 61.64 89.30
CA ILE F 246 -20.96 60.48 89.70
C ILE F 246 -19.50 60.74 89.37
N SER F 247 -18.63 60.56 90.35
CA SER F 247 -17.21 60.77 90.13
C SER F 247 -16.67 59.75 89.13
N THR F 248 -15.63 60.15 88.40
CA THR F 248 -15.02 59.26 87.42
C THR F 248 -14.40 58.03 88.07
N ALA F 249 -14.10 58.09 89.37
CA ALA F 249 -13.55 56.92 90.05
C ALA F 249 -14.56 55.77 90.06
N ALA F 250 -15.83 56.08 90.28
CA ALA F 250 -16.85 55.03 90.28
C ALA F 250 -16.95 54.37 88.91
N TYR F 251 -16.93 55.16 87.84
CA TYR F 251 -16.99 54.61 86.50
C TYR F 251 -15.76 53.76 86.20
N LEU F 252 -14.59 54.21 86.63
CA LEU F 252 -13.39 53.43 86.42
C LEU F 252 -13.44 52.10 87.16
N ARG F 253 -13.93 52.12 88.40
CA ARG F 253 -14.08 50.86 89.14
C ARG F 253 -15.05 49.93 88.46
N ALA F 254 -16.18 50.47 87.97
CA ALA F 254 -17.16 49.63 87.30
C ALA F 254 -16.58 49.01 86.03
N VAL F 255 -15.84 49.79 85.24
CA VAL F 255 -15.31 49.21 84.01
C VAL F 255 -14.20 48.21 84.32
N LYS F 256 -13.45 48.42 85.39
CA LYS F 256 -12.47 47.41 85.80
C LYS F 256 -13.15 46.10 86.19
N VAL F 257 -14.25 46.19 86.93
CA VAL F 257 -15.00 44.99 87.29
C VAL F 257 -15.51 44.30 86.03
N LEU F 258 -16.03 45.07 85.07
CA LEU F 258 -16.51 44.49 83.83
C LEU F 258 -15.38 43.82 83.07
N ASN F 259 -14.18 44.40 83.13
CA ASN F 259 -13.01 43.77 82.50
C ASN F 259 -12.73 42.42 83.13
N ASN F 260 -12.73 42.36 84.46
CA ASN F 260 -12.38 41.14 85.16
C ASN F 260 -13.54 40.16 85.25
N ALA F 261 -14.70 40.49 84.69
CA ALA F 261 -15.83 39.58 84.71
C ALA F 261 -15.49 38.28 84.00
N PRO F 262 -15.83 37.12 84.57
CA PRO F 262 -15.55 35.84 83.91
C PRO F 262 -16.71 35.35 83.05
N TYR F 263 -17.01 36.10 82.00
CA TYR F 263 -18.10 35.75 81.08
C TYR F 263 -17.62 35.97 79.66
N MET F 264 -18.52 35.70 78.71
CA MET F 264 -18.23 35.85 77.29
C MET F 264 -19.20 36.84 76.66
N TYR F 265 -18.68 37.85 75.99
CA TYR F 265 -19.54 38.77 75.27
C TYR F 265 -18.77 39.32 74.07
N THR F 266 -19.53 39.75 73.05
CA THR F 266 -18.96 40.21 71.79
C THR F 266 -19.36 41.65 71.45
N ALA F 267 -19.74 42.45 72.45
CA ALA F 267 -20.08 43.84 72.21
C ALA F 267 -20.01 44.57 73.53
N VAL F 268 -19.40 45.76 73.53
CA VAL F 268 -19.06 46.45 74.76
C VAL F 268 -19.85 47.76 74.87
N LEU F 269 -21.11 47.73 74.44
CA LEU F 269 -21.97 48.90 74.32
C LEU F 269 -21.72 49.94 75.40
N GLY F 270 -21.50 51.18 74.98
CA GLY F 270 -21.32 52.28 75.90
C GLY F 270 -22.65 52.86 76.34
N LEU F 271 -23.30 52.18 77.28
CA LEU F 271 -24.67 52.52 77.68
C LEU F 271 -24.68 53.89 78.34
N GLY F 272 -25.14 54.89 77.60
CA GLY F 272 -25.40 56.22 78.13
C GLY F 272 -24.40 56.78 79.11
N CYS F 273 -23.11 56.53 78.88
CA CYS F 273 -22.05 57.01 79.75
C CYS F 273 -21.15 57.92 78.93
N TYR F 274 -21.33 59.23 79.10
CA TYR F 274 -20.57 60.22 78.35
C TYR F 274 -19.43 60.76 79.20
N ASP F 275 -18.46 59.88 79.44
CA ASP F 275 -17.25 60.23 80.18
C ASP F 275 -16.04 59.76 79.39
N ASN F 276 -15.08 60.66 79.19
CA ASN F 276 -13.93 60.34 78.34
C ASN F 276 -13.12 59.17 78.89
N ALA F 277 -12.88 59.18 80.21
CA ALA F 277 -12.08 58.10 80.80
C ALA F 277 -12.78 56.76 80.67
N ALA F 278 -14.09 56.73 80.93
CA ALA F 278 -14.82 55.47 80.83
C ALA F 278 -14.86 54.97 79.39
N ILE F 279 -15.05 55.88 78.43
CA ILE F 279 -15.08 55.46 77.03
C ILE F 279 -13.71 54.93 76.60
N THR F 280 -12.64 55.57 77.06
CA THR F 280 -11.30 55.05 76.76
C THR F 280 -11.11 53.66 77.36
N ALA F 281 -11.58 53.45 78.59
CA ALA F 281 -11.44 52.14 79.21
C ALA F 281 -12.23 51.08 78.45
N LEU F 282 -13.42 51.44 77.97
CA LEU F 282 -14.20 50.46 77.20
C LEU F 282 -13.54 50.16 75.86
N GLY F 283 -12.94 51.17 75.23
CA GLY F 283 -12.14 50.89 74.05
C GLY F 283 -10.98 49.96 74.36
N LYS F 284 -10.37 50.12 75.53
CA LYS F 284 -9.35 49.19 75.98
C LYS F 284 -9.90 47.78 76.08
N ILE F 285 -11.11 47.63 76.60
CA ILE F 285 -11.72 46.31 76.69
C ILE F 285 -11.87 45.70 75.30
N CYS F 286 -12.36 46.51 74.36
CA CYS F 286 -12.44 46.05 72.98
C CYS F 286 -11.10 45.56 72.47
N ALA F 287 -10.07 46.39 72.61
CA ALA F 287 -8.76 46.04 72.05
C ALA F 287 -8.19 44.80 72.70
N ASP F 288 -8.46 44.61 73.99
CA ASP F 288 -7.90 43.47 74.71
C ASP F 288 -8.62 42.18 74.34
N ARG F 289 -9.95 42.19 74.36
CA ARG F 289 -10.71 40.96 74.18
C ARG F 289 -11.01 40.66 72.72
N LEU F 290 -10.66 41.54 71.79
CA LEU F 290 -10.96 41.36 70.37
C LEU F 290 -12.47 41.26 70.12
N ILE F 291 -13.18 42.33 70.48
CA ILE F 291 -14.62 42.42 70.31
C ILE F 291 -14.94 43.78 69.70
N ASP F 292 -16.25 44.08 69.61
CA ASP F 292 -16.75 45.27 68.96
C ASP F 292 -17.34 46.24 69.98
N GLY F 293 -17.21 47.53 69.71
CA GLY F 293 -17.77 48.54 70.59
C GLY F 293 -18.58 49.57 69.84
N PHE F 294 -19.67 50.03 70.43
CA PHE F 294 -20.57 51.01 69.80
C PHE F 294 -20.81 52.16 70.77
N PHE F 295 -19.90 53.13 70.80
CA PHE F 295 -20.02 54.26 71.69
C PHE F 295 -20.68 55.43 70.97
N ASP F 296 -21.05 56.45 71.73
CA ASP F 296 -21.82 57.52 71.11
C ASP F 296 -21.57 58.80 71.90
N VAL F 297 -21.37 59.91 71.18
CA VAL F 297 -21.07 61.19 71.80
C VAL F 297 -22.33 61.81 72.34
N LYS F 298 -22.22 62.88 73.11
CA LYS F 298 -23.39 63.51 73.71
C LYS F 298 -24.37 63.92 72.62
N PRO F 299 -25.60 63.40 72.62
CA PRO F 299 -26.52 63.72 71.55
C PRO F 299 -27.28 65.02 71.78
N THR F 300 -26.56 66.05 72.24
CA THR F 300 -27.10 67.39 72.36
C THR F 300 -26.11 68.43 71.85
N LEU F 301 -25.08 68.01 71.14
CA LEU F 301 -24.09 68.90 70.57
C LEU F 301 -24.46 69.24 69.13
N THR F 302 -24.18 70.48 68.74
CA THR F 302 -24.41 70.88 67.36
C THR F 302 -23.42 70.18 66.45
N TYR F 303 -23.74 70.18 65.15
CA TYR F 303 -22.89 69.52 64.17
C TYR F 303 -21.50 70.14 64.13
N ALA F 304 -21.35 71.39 64.54
CA ALA F 304 -20.03 72.02 64.57
C ALA F 304 -19.18 71.45 65.69
N GLU F 305 -19.75 71.27 66.88
CA GLU F 305 -19.00 70.77 68.02
C GLU F 305 -18.92 69.26 68.06
N ALA F 306 -19.69 68.56 67.23
CA ALA F 306 -19.62 67.09 67.23
C ALA F 306 -18.25 66.60 66.81
N LEU F 307 -17.65 67.24 65.80
CA LEU F 307 -16.37 66.76 65.29
C LEU F 307 -15.24 66.84 66.31
N PRO F 308 -15.00 67.96 67.00
CA PRO F 308 -13.94 67.96 68.03
C PRO F 308 -14.23 67.03 69.20
N ALA F 309 -15.51 66.76 69.51
CA ALA F 309 -15.81 65.85 70.61
C ALA F 309 -15.37 64.42 70.30
N VAL F 310 -15.41 64.02 69.03
CA VAL F 310 -14.94 62.69 68.67
C VAL F 310 -13.45 62.55 68.91
N GLU F 311 -12.68 63.58 68.57
CA GLU F 311 -11.26 63.56 68.89
C GLU F 311 -11.04 63.59 70.40
N ASP F 312 -11.89 64.33 71.12
CA ASP F 312 -11.76 64.41 72.57
C ASP F 312 -11.97 63.04 73.20
N THR F 313 -12.95 62.28 72.72
CA THR F 313 -13.34 61.03 73.38
C THR F 313 -12.21 60.02 73.40
N GLY F 314 -11.19 60.15 72.56
CA GLY F 314 -9.93 59.50 72.78
C GLY F 314 -9.63 58.28 71.94
N LEU F 315 -10.63 57.69 71.28
CA LEU F 315 -10.35 56.46 70.53
C LEU F 315 -9.73 56.72 69.16
N LEU F 316 -9.64 57.96 68.72
CA LEU F 316 -9.08 58.25 67.40
C LEU F 316 -7.60 57.90 67.38
N GLY F 317 -7.26 56.82 66.70
CA GLY F 317 -5.88 56.38 66.59
C GLY F 317 -5.76 55.14 65.75
N THR F 318 -4.87 54.23 66.13
CA THR F 318 -4.69 52.97 65.43
C THR F 318 -4.86 51.75 66.33
N ASP F 319 -4.93 51.95 67.65
CA ASP F 319 -5.10 50.81 68.55
C ASP F 319 -6.54 50.29 68.55
N TYR F 320 -7.51 51.18 68.46
CA TYR F 320 -8.92 50.81 68.51
C TYR F 320 -9.47 50.85 67.09
N VAL F 321 -9.42 49.70 66.41
CA VAL F 321 -9.85 49.61 65.02
C VAL F 321 -11.23 49.00 64.88
N SER F 322 -11.90 48.68 65.98
CA SER F 322 -13.21 48.02 65.92
C SER F 322 -14.30 48.78 66.63
N CYS F 323 -14.01 49.98 67.15
CA CYS F 323 -14.98 50.74 67.93
C CYS F 323 -15.56 51.86 67.09
N SER F 324 -16.89 51.89 67.00
CA SER F 324 -17.61 52.89 66.24
C SER F 324 -18.16 53.96 67.17
N VAL F 325 -18.27 55.18 66.65
CA VAL F 325 -18.77 56.33 67.40
C VAL F 325 -19.97 56.91 66.66
N TYR F 326 -21.06 57.13 67.39
CA TYR F 326 -22.30 57.62 66.79
C TYR F 326 -22.69 58.96 67.39
N HIS F 327 -23.71 59.55 66.79
CA HIS F 327 -24.21 60.87 67.18
C HIS F 327 -25.62 61.02 66.64
N TYR F 328 -26.59 61.25 67.53
CA TYR F 328 -28.00 61.30 67.17
C TYR F 328 -28.65 62.52 67.77
N PRO F 329 -28.48 63.70 67.15
CA PRO F 329 -29.08 64.93 67.69
C PRO F 329 -30.53 65.10 67.28
N PHE F 330 -31.41 64.30 67.89
CA PHE F 330 -32.83 64.37 67.60
C PHE F 330 -33.61 64.14 68.89
N SER F 331 -34.84 64.62 68.91
CA SER F 331 -35.73 64.44 70.04
C SER F 331 -36.71 63.30 69.76
N CYS F 332 -37.35 62.82 70.81
CA CYS F 332 -38.27 61.71 70.67
C CYS F 332 -39.26 61.72 71.83
N LYS F 333 -40.35 60.98 71.66
CA LYS F 333 -41.37 60.85 72.68
C LYS F 333 -41.17 59.52 73.40
N ASP F 334 -41.03 59.59 74.72
CA ASP F 334 -40.68 58.41 75.50
C ASP F 334 -41.82 57.40 75.50
N LYS F 335 -41.45 56.12 75.62
CA LYS F 335 -42.43 55.05 75.57
C LYS F 335 -43.23 54.96 76.86
N TRP F 336 -42.58 55.19 78.00
CA TRP F 336 -43.22 54.96 79.30
C TRP F 336 -43.86 56.24 79.86
N THR F 337 -43.06 57.27 80.07
CA THR F 337 -43.55 58.45 80.76
C THR F 337 -44.26 59.44 79.85
N GLN F 338 -44.20 59.26 78.52
CA GLN F 338 -44.85 60.14 77.55
C GLN F 338 -44.37 61.59 77.72
N SER F 339 -43.08 61.80 77.46
CA SER F 339 -42.48 63.12 77.57
C SER F 339 -41.46 63.30 76.45
N ARG F 340 -40.84 64.46 76.41
CA ARG F 340 -39.83 64.80 75.41
C ARG F 340 -38.45 64.51 75.97
N VAL F 341 -37.80 63.47 75.45
CA VAL F 341 -36.49 63.03 75.93
C VAL F 341 -35.56 62.86 74.74
N VAL F 342 -34.27 62.91 75.03
CA VAL F 342 -33.23 62.67 74.04
C VAL F 342 -32.24 61.67 74.61
N PHE F 343 -31.89 60.66 73.82
CA PHE F 343 -30.85 59.71 74.23
C PHE F 343 -30.12 59.23 72.98
N GLY F 344 -29.20 58.30 73.17
CA GLY F 344 -28.21 57.97 72.16
C GLY F 344 -28.65 56.89 71.20
N LEU F 345 -27.66 56.31 70.52
CA LEU F 345 -27.90 55.36 69.44
C LEU F 345 -27.14 54.05 69.60
N SER F 346 -26.48 53.84 70.75
CA SER F 346 -25.71 52.61 70.93
C SER F 346 -26.60 51.38 70.89
N GLY F 347 -27.76 51.45 71.54
CA GLY F 347 -28.66 50.32 71.52
C GLY F 347 -29.13 49.95 70.13
N VAL F 348 -29.50 50.95 69.33
CA VAL F 348 -29.97 50.67 67.98
C VAL F 348 -28.83 50.16 67.11
N ALA F 349 -27.62 50.69 67.30
CA ALA F 349 -26.48 50.18 66.55
C ALA F 349 -26.24 48.71 66.85
N TYR F 350 -26.29 48.33 68.14
CA TYR F 350 -26.11 46.92 68.46
C TYR F 350 -27.27 46.07 67.95
N ALA F 351 -28.49 46.61 67.94
CA ALA F 351 -29.60 45.86 67.38
C ALA F 351 -29.37 45.58 65.90
N ALA F 352 -28.86 46.57 65.18
CA ALA F 352 -28.51 46.36 63.78
C ALA F 352 -27.45 45.29 63.63
N LYS F 353 -26.41 45.34 64.48
CA LYS F 353 -25.36 44.34 64.38
C LYS F 353 -25.88 42.94 64.66
N ALA F 354 -26.78 42.81 65.63
CA ALA F 354 -27.34 41.50 65.95
C ALA F 354 -28.24 40.99 64.82
N ARG F 355 -29.05 41.88 64.24
CA ARG F 355 -29.85 41.48 63.09
C ARG F 355 -28.95 40.99 61.97
N GLY F 356 -27.81 41.65 61.77
CA GLY F 356 -26.87 41.18 60.77
C GLY F 356 -26.26 39.83 61.11
N VAL F 357 -25.89 39.64 62.37
CA VAL F 357 -25.20 38.40 62.76
C VAL F 357 -26.14 37.21 62.83
N LYS F 358 -27.45 37.44 62.87
CA LYS F 358 -28.40 36.34 62.92
C LYS F 358 -28.86 35.88 61.54
N LYS F 359 -28.32 36.45 60.47
CA LYS F 359 -28.75 36.06 59.13
C LYS F 359 -28.25 34.66 58.78
N ASN F 360 -26.94 34.46 58.77
CA ASN F 360 -26.38 33.14 58.55
C ASN F 360 -26.48 32.31 59.82
N SER F 361 -26.73 31.02 59.65
CA SER F 361 -26.92 30.13 60.78
C SER F 361 -25.72 29.26 61.11
N ASP F 362 -24.94 28.85 60.12
CA ASP F 362 -23.83 27.94 60.37
C ASP F 362 -22.73 28.66 61.16
N VAL F 363 -22.14 29.69 60.58
CA VAL F 363 -21.08 30.47 61.23
C VAL F 363 -21.55 31.85 61.64
N GLY F 364 -22.76 32.25 61.26
CA GLY F 364 -23.24 33.57 61.60
C GLY F 364 -22.68 34.61 60.65
N GLY F 365 -23.52 35.54 60.20
CA GLY F 365 -23.07 36.52 59.25
C GLY F 365 -22.43 37.72 59.92
N TRP F 366 -21.10 37.73 59.98
CA TRP F 366 -20.38 38.86 60.54
C TRP F 366 -20.01 39.89 59.48
N HIS F 367 -20.25 39.60 58.21
CA HIS F 367 -19.84 40.49 57.13
C HIS F 367 -20.91 41.50 56.76
N TYR F 368 -22.04 41.51 57.45
CA TYR F 368 -23.10 42.48 57.17
C TYR F 368 -22.83 43.75 57.96
N SER F 369 -22.77 44.87 57.25
CA SER F 369 -22.54 46.15 57.92
C SER F 369 -23.77 46.56 58.73
N PRO F 370 -23.59 47.21 59.86
CA PRO F 370 -24.72 47.68 60.68
C PRO F 370 -25.34 48.97 60.16
N ALA F 371 -25.77 48.96 58.90
CA ALA F 371 -26.39 50.13 58.29
C ALA F 371 -27.24 49.67 57.12
N GLY F 372 -28.13 50.54 56.68
CA GLY F 372 -29.00 50.28 55.57
C GLY F 372 -30.43 50.56 55.92
N GLU F 373 -31.34 50.09 55.08
CA GLU F 373 -32.77 50.27 55.30
C GLU F 373 -33.48 48.97 55.64
N GLU F 374 -32.78 47.84 55.63
CA GLU F 374 -33.37 46.57 56.00
C GLU F 374 -32.82 46.00 57.29
N ARG F 375 -31.83 46.65 57.89
CA ARG F 375 -31.22 46.13 59.11
C ARG F 375 -30.95 47.17 60.17
N ALA F 376 -31.22 48.45 59.92
CA ALA F 376 -30.84 49.47 60.89
C ALA F 376 -31.89 50.54 61.06
N VAL F 377 -33.16 50.21 60.85
CA VAL F 377 -34.22 51.20 61.01
C VAL F 377 -34.32 51.59 62.48
N ILE F 378 -34.65 52.86 62.71
CA ILE F 378 -34.77 53.41 64.06
C ILE F 378 -36.25 53.56 64.37
N ALA F 379 -36.69 52.92 65.45
CA ALA F 379 -38.09 52.95 65.85
C ALA F 379 -38.23 53.88 67.05
N ARG F 380 -38.83 55.04 66.83
CA ARG F 380 -39.11 56.00 67.88
C ARG F 380 -40.53 56.51 67.70
N ALA F 381 -40.87 57.57 68.43
CA ALA F 381 -42.20 58.16 68.37
C ALA F 381 -42.07 59.66 68.21
N SER F 382 -42.61 60.19 67.10
CA SER F 382 -42.67 61.63 66.85
C SER F 382 -41.28 62.26 66.90
N ILE F 383 -40.41 61.76 66.04
CA ILE F 383 -39.05 62.30 65.97
C ILE F 383 -39.11 63.74 65.48
N GLN F 384 -38.60 64.66 66.30
CA GLN F 384 -38.58 66.07 65.98
C GLN F 384 -37.17 66.59 66.06
N PRO F 385 -36.56 67.03 64.97
CA PRO F 385 -35.14 67.39 64.99
C PRO F 385 -34.84 68.50 65.99
N LEU F 386 -33.68 68.40 66.63
CA LEU F 386 -33.30 69.37 67.64
C LEU F 386 -32.88 70.69 67.02
N TYR F 387 -32.14 70.64 65.91
CA TYR F 387 -31.62 71.83 65.24
C TYR F 387 -32.02 71.77 63.78
N PRO F 388 -33.28 72.08 63.47
CA PRO F 388 -33.71 72.06 62.06
C PRO F 388 -32.98 73.06 61.17
N GLU F 389 -32.43 74.14 61.73
CA GLU F 389 -31.80 75.15 60.90
C GLU F 389 -30.38 74.79 60.49
N ASP F 390 -29.81 73.71 61.03
CA ASP F 390 -28.45 73.33 60.70
C ASP F 390 -28.44 72.26 59.62
N THR F 391 -27.24 71.88 59.19
CA THR F 391 -27.07 70.91 58.11
C THR F 391 -25.83 70.08 58.39
N PRO F 392 -25.81 68.81 57.98
CA PRO F 392 -24.62 67.98 58.20
C PRO F 392 -23.46 68.44 57.33
N ASP F 393 -22.30 67.86 57.60
CA ASP F 393 -21.02 68.22 57.00
C ASP F 393 -20.36 66.99 56.39
N GLU F 394 -21.11 66.27 55.54
CA GLU F 394 -20.77 64.92 55.10
C GLU F 394 -19.28 64.66 54.92
N GLU F 395 -18.60 65.53 54.18
CA GLU F 395 -17.17 65.32 53.95
C GLU F 395 -16.37 65.41 55.24
N ALA F 396 -16.65 66.43 56.05
CA ALA F 396 -15.95 66.57 57.32
C ALA F 396 -16.25 65.40 58.24
N MET F 397 -17.51 64.94 58.26
CA MET F 397 -17.88 63.81 59.09
C MET F 397 -17.13 62.55 58.66
N VAL F 398 -17.05 62.29 57.36
CA VAL F 398 -16.36 61.09 56.89
C VAL F 398 -14.87 61.18 57.21
N LYS F 399 -14.29 62.37 57.08
CA LYS F 399 -12.88 62.52 57.42
C LYS F 399 -12.65 62.36 58.92
N GLY F 400 -13.60 62.77 59.73
CA GLY F 400 -13.51 62.67 61.17
C GLY F 400 -14.06 61.39 61.78
N ARG F 401 -14.49 60.44 60.94
CA ARG F 401 -14.94 59.12 61.40
C ARG F 401 -16.12 59.26 62.36
N LEU F 402 -17.23 59.76 61.82
CA LEU F 402 -18.45 59.94 62.59
C LEU F 402 -19.62 59.46 61.75
N ASN F 403 -20.26 58.38 62.17
CA ASN F 403 -21.43 57.87 61.46
C ASN F 403 -22.59 58.84 61.61
N LYS F 404 -23.38 58.97 60.55
CA LYS F 404 -24.46 59.95 60.51
C LYS F 404 -25.79 59.27 60.20
N VAL F 405 -26.86 59.83 60.73
CA VAL F 405 -28.20 59.34 60.44
C VAL F 405 -28.74 60.07 59.23
N SER F 406 -29.79 59.51 58.64
CA SER F 406 -30.42 60.10 57.47
C SER F 406 -31.87 59.66 57.43
N VAL F 407 -32.55 59.97 56.33
CA VAL F 407 -33.92 59.53 56.09
C VAL F 407 -33.91 58.67 54.85
N GLY F 408 -34.14 57.37 55.01
CA GLY F 408 -34.18 56.44 53.91
C GLY F 408 -35.52 56.46 53.23
N THR F 409 -35.76 55.41 52.44
CA THR F 409 -37.05 55.27 51.77
C THR F 409 -38.16 55.04 52.80
N SER F 410 -39.37 55.45 52.43
CA SER F 410 -40.59 55.30 53.23
C SER F 410 -40.61 56.28 54.41
N GLY F 411 -39.51 56.98 54.65
CA GLY F 411 -39.49 58.03 55.63
C GLY F 411 -39.06 57.67 57.03
N GLN F 412 -38.60 56.45 57.28
CA GLN F 412 -38.07 56.09 58.58
C GLN F 412 -36.57 56.40 58.64
N MET F 413 -36.15 56.99 59.76
CA MET F 413 -34.74 57.29 59.95
C MET F 413 -33.93 56.02 59.99
N ILE F 414 -32.74 56.06 59.41
CA ILE F 414 -31.84 54.92 59.38
C ILE F 414 -30.43 55.39 59.70
N ILE F 415 -29.55 54.42 59.97
CA ILE F 415 -28.12 54.68 60.08
C ILE F 415 -27.49 54.43 58.71
N ASP F 416 -26.71 55.39 58.24
CA ASP F 416 -26.20 55.35 56.88
C ASP F 416 -24.69 55.46 56.83
N ASP F 417 -23.99 54.79 57.73
CA ASP F 417 -22.54 54.70 57.66
C ASP F 417 -22.06 53.53 58.50
N ALA F 418 -20.89 53.02 58.16
CA ALA F 418 -20.27 51.89 58.85
C ALA F 418 -18.79 52.17 59.05
N LEU F 419 -18.45 53.37 59.51
CA LEU F 419 -17.07 53.78 59.66
C LEU F 419 -16.61 53.62 61.10
N THR F 420 -15.42 53.05 61.28
CA THR F 420 -14.85 52.84 62.60
C THR F 420 -14.01 54.03 63.01
N CYS F 421 -13.23 53.88 64.07
CA CYS F 421 -12.38 54.95 64.57
C CYS F 421 -10.97 54.90 64.01
N CYS F 422 -10.66 53.98 63.12
CA CYS F 422 -9.34 53.93 62.52
C CYS F 422 -9.11 55.15 61.63
N THR F 423 -7.93 55.75 61.75
CA THR F 423 -7.61 56.93 60.95
C THR F 423 -6.94 56.58 59.63
N GLN F 424 -6.22 55.45 59.57
CA GLN F 424 -5.56 55.06 58.34
C GLN F 424 -6.59 54.75 57.26
N ASP F 425 -6.27 55.15 56.03
CA ASP F 425 -7.20 54.98 54.91
C ASP F 425 -6.87 53.66 54.20
N ASN F 426 -7.39 52.57 54.76
CA ASN F 426 -7.24 51.24 54.18
C ASN F 426 -8.53 50.48 54.43
N TYR F 427 -8.48 49.16 54.25
CA TYR F 427 -9.66 48.34 54.43
C TYR F 427 -10.13 48.29 55.88
N LEU F 428 -9.32 48.77 56.82
CA LEU F 428 -9.63 48.57 58.22
C LEU F 428 -10.64 49.57 58.77
N HIS F 429 -10.92 50.66 58.07
CA HIS F 429 -11.83 51.63 58.64
C HIS F 429 -13.29 51.32 58.36
N PHE F 430 -13.59 50.36 57.50
CA PHE F 430 -14.96 49.89 57.38
C PHE F 430 -15.32 49.03 58.57
N GLN F 431 -16.62 48.93 58.86
CA GLN F 431 -17.03 48.28 60.09
C GLN F 431 -16.93 46.76 60.00
N HIS F 432 -17.30 46.17 58.88
CA HIS F 432 -17.47 44.72 58.85
C HIS F 432 -16.13 43.98 58.84
N VAL F 433 -15.09 44.56 58.25
CA VAL F 433 -13.81 43.86 58.14
C VAL F 433 -13.20 43.54 59.50
N PRO F 434 -13.06 44.48 60.43
CA PRO F 434 -12.52 44.11 61.74
C PRO F 434 -13.37 43.09 62.47
N SER F 435 -14.70 43.13 62.33
CA SER F 435 -15.54 42.17 63.02
C SER F 435 -15.29 40.75 62.50
N LEU F 436 -15.22 40.60 61.18
CA LEU F 436 -14.96 39.29 60.60
C LEU F 436 -13.57 38.78 60.99
N MET F 437 -12.56 39.65 60.90
CA MET F 437 -11.21 39.23 61.27
C MET F 437 -11.13 38.85 62.75
N ASN F 438 -11.84 39.58 63.61
CA ASN F 438 -11.83 39.26 65.03
C ASN F 438 -12.54 37.95 65.31
N ALA F 439 -13.62 37.65 64.58
CA ALA F 439 -14.26 36.34 64.74
C ALA F 439 -13.28 35.22 64.39
N ILE F 440 -12.58 35.37 63.27
CA ILE F 440 -11.61 34.34 62.89
C ILE F 440 -10.52 34.22 63.95
N SER F 441 -10.04 35.35 64.46
CA SER F 441 -8.97 35.31 65.46
C SER F 441 -9.42 34.65 66.74
N ARG F 442 -10.66 34.91 67.19
CA ARG F 442 -11.15 34.26 68.40
C ARG F 442 -11.26 32.75 68.20
N PHE F 443 -11.75 32.32 67.05
CA PHE F 443 -11.77 30.87 66.79
C PHE F 443 -10.36 30.30 66.80
N PHE F 444 -9.40 31.00 66.23
CA PHE F 444 -8.02 30.50 66.24
C PHE F 444 -7.50 30.38 67.66
N VAL F 445 -7.77 31.37 68.50
CA VAL F 445 -7.28 31.30 69.87
C VAL F 445 -7.86 30.08 70.56
N GLN F 446 -9.15 29.83 70.38
CA GLN F 446 -9.75 28.63 70.98
C GLN F 446 -9.05 27.37 70.49
N LEU F 447 -8.87 27.25 69.17
CA LEU F 447 -8.29 26.03 68.61
C LEU F 447 -6.87 25.81 69.10
N ALA F 448 -6.04 26.86 69.08
CA ALA F 448 -4.66 26.71 69.50
C ALA F 448 -4.55 26.43 70.99
N ARG F 449 -5.41 27.05 71.79
CA ARG F 449 -5.41 26.74 73.22
C ARG F 449 -5.74 25.27 73.44
N GLN F 450 -6.70 24.73 72.70
CA GLN F 450 -7.00 23.31 72.85
C GLN F 450 -5.85 22.43 72.37
N MET F 451 -5.12 22.87 71.34
CA MET F 451 -4.14 22.02 70.67
C MET F 451 -2.72 22.26 71.18
N LYS F 452 -2.54 23.09 72.19
CA LYS F 452 -1.22 23.35 72.72
C LYS F 452 -0.62 22.11 73.37
N HIS F 453 0.72 22.07 73.40
CA HIS F 453 1.52 21.06 74.11
C HIS F 453 1.47 19.68 73.46
N SER F 454 1.15 19.60 72.19
CA SER F 454 1.15 18.31 71.49
C SER F 454 2.39 18.18 70.63
N PRO F 455 2.79 16.95 70.30
CA PRO F 455 3.93 16.77 69.40
C PRO F 455 3.62 17.31 68.01
N ASP F 456 4.69 17.58 67.26
CA ASP F 456 4.52 18.28 65.98
C ASP F 456 3.71 17.47 64.99
N GLY F 457 3.85 16.15 65.01
CA GLY F 457 3.13 15.32 64.05
C GLY F 457 1.62 15.50 64.16
N ILE F 458 1.10 15.47 65.38
CA ILE F 458 -0.32 15.73 65.59
C ILE F 458 -0.64 17.20 65.36
N THR F 459 0.26 18.10 65.81
CA THR F 459 -0.05 19.52 65.84
C THR F 459 -0.23 20.08 64.44
N ALA F 460 0.68 19.76 63.52
CA ALA F 460 0.60 20.31 62.18
C ALA F 460 -0.69 19.90 61.50
N ALA F 461 -0.99 18.61 61.52
CA ALA F 461 -2.20 18.11 60.87
C ALA F 461 -3.45 18.70 61.51
N GLY F 462 -3.48 18.78 62.84
CA GLY F 462 -4.66 19.31 63.50
C GLY F 462 -4.90 20.77 63.18
N LEU F 463 -3.85 21.59 63.24
CA LEU F 463 -3.98 23.01 62.93
C LEU F 463 -4.43 23.20 61.50
N THR F 464 -3.79 22.50 60.56
CA THR F 464 -4.15 22.66 59.15
C THR F 464 -5.61 22.25 58.91
N LYS F 465 -6.02 21.11 59.47
CA LYS F 465 -7.39 20.66 59.26
C LYS F 465 -8.40 21.63 59.85
N GLY F 466 -8.18 22.07 61.09
CA GLY F 466 -9.14 22.97 61.71
C GLY F 466 -9.27 24.29 60.96
N MET F 467 -8.13 24.90 60.62
CA MET F 467 -8.17 26.18 59.92
C MET F 467 -8.77 26.03 58.52
N THR F 468 -8.41 24.97 57.80
CA THR F 468 -8.98 24.79 56.48
C THR F 468 -10.49 24.62 56.55
N LYS F 469 -10.98 23.85 57.53
CA LYS F 469 -12.41 23.67 57.66
C LYS F 469 -13.10 24.99 57.98
N LEU F 470 -12.54 25.76 58.92
CA LEU F 470 -13.20 27.02 59.30
C LEU F 470 -13.23 28.01 58.14
N LEU F 471 -12.11 28.16 57.44
CA LEU F 471 -12.09 29.11 56.33
C LEU F 471 -12.96 28.65 55.18
N ASP F 472 -13.06 27.34 54.94
CA ASP F 472 -13.99 26.85 53.93
C ASP F 472 -15.43 27.16 54.33
N ARG F 473 -15.74 27.03 55.62
CA ARG F 473 -17.08 27.39 56.08
C ARG F 473 -17.37 28.86 55.82
N PHE F 474 -16.39 29.73 56.10
CA PHE F 474 -16.60 31.15 55.85
C PHE F 474 -16.77 31.44 54.36
N VAL F 475 -15.96 30.82 53.50
CA VAL F 475 -16.08 31.07 52.07
C VAL F 475 -17.44 30.62 51.56
N ALA F 476 -17.90 29.45 52.01
CA ALA F 476 -19.23 28.98 51.62
C ALA F 476 -20.31 29.93 52.14
N SER F 477 -20.10 30.50 53.33
CA SER F 477 -21.04 31.50 53.84
C SER F 477 -21.10 32.71 52.91
N GLY F 478 -19.95 33.14 52.41
CA GLY F 478 -19.89 34.25 51.50
C GLY F 478 -19.18 35.48 52.01
N ALA F 479 -18.45 35.39 53.11
CA ALA F 479 -17.73 36.53 53.66
C ALA F 479 -16.39 36.77 52.99
N LEU F 480 -15.89 35.82 52.21
CA LEU F 480 -14.64 35.98 51.47
C LEU F 480 -14.89 35.73 49.99
N VAL F 481 -14.26 36.53 49.15
CA VAL F 481 -14.43 36.44 47.71
C VAL F 481 -13.05 36.42 47.05
N ALA F 482 -13.04 36.14 45.75
CA ALA F 482 -11.80 36.07 45.01
C ALA F 482 -11.08 37.42 45.03
N PRO F 483 -9.76 37.43 44.96
CA PRO F 483 -9.02 38.69 45.07
C PRO F 483 -9.36 39.62 43.91
N ARG F 484 -9.20 40.92 44.16
CA ARG F 484 -9.57 41.92 43.17
C ARG F 484 -8.73 41.79 41.91
N ASP F 485 -7.43 41.56 42.06
CA ASP F 485 -6.53 41.43 40.92
C ASP F 485 -5.98 40.02 40.86
N PRO F 486 -6.57 39.13 40.07
CA PRO F 486 -6.14 37.73 40.02
C PRO F 486 -4.94 37.50 39.10
N ASP F 487 -3.94 38.35 39.23
CA ASP F 487 -2.71 38.24 38.47
C ASP F 487 -1.47 38.09 39.34
N ALA F 488 -1.41 38.81 40.45
CA ALA F 488 -0.27 38.75 41.36
C ALA F 488 -0.55 37.86 42.56
N ASP F 489 -1.60 38.18 43.31
CA ASP F 489 -1.93 37.44 44.55
C ASP F 489 -2.91 36.30 44.28
N GLY F 490 -2.58 35.43 43.33
CA GLY F 490 -3.32 34.22 43.05
C GLY F 490 -4.79 34.46 42.77
N THR F 491 -5.57 33.39 42.93
CA THR F 491 -7.01 33.46 42.73
C THR F 491 -7.79 32.69 43.80
N GLU F 492 -7.21 32.50 44.99
CA GLU F 492 -7.97 31.82 46.02
C GLU F 492 -8.40 32.82 47.09
N PRO F 493 -9.60 32.64 47.66
CA PRO F 493 -10.06 33.60 48.68
C PRO F 493 -9.15 33.69 49.89
N TYR F 494 -8.56 32.57 50.31
CA TYR F 494 -7.69 32.52 51.47
C TYR F 494 -6.46 31.70 51.18
N VAL F 495 -5.35 32.11 51.78
CA VAL F 495 -4.08 31.41 51.68
C VAL F 495 -3.62 31.08 53.10
N LEU F 496 -3.28 29.83 53.34
CA LEU F 496 -2.93 29.33 54.66
C LEU F 496 -1.49 28.85 54.66
N LYS F 497 -0.78 29.10 55.75
CA LYS F 497 0.60 28.63 55.87
C LYS F 497 0.90 28.35 57.33
N VAL F 498 1.09 27.08 57.67
CA VAL F 498 1.46 26.65 59.01
C VAL F 498 2.90 26.18 58.95
N THR F 499 3.75 26.76 59.80
CA THR F 499 5.17 26.49 59.72
C THR F 499 5.77 26.37 61.11
N GLN F 500 6.99 25.85 61.16
CA GLN F 500 7.75 25.74 62.39
C GLN F 500 8.95 26.67 62.30
N ALA F 501 9.12 27.51 63.32
CA ALA F 501 10.21 28.48 63.33
C ALA F 501 11.41 28.02 64.14
N GLU F 502 11.19 27.35 65.26
CA GLU F 502 12.23 26.68 66.03
C GLU F 502 11.62 25.42 66.63
N PHE F 503 12.25 24.90 67.68
CA PHE F 503 11.73 23.71 68.35
C PHE F 503 10.25 23.86 68.70
N ASP F 504 9.84 25.03 69.19
CA ASP F 504 8.43 25.26 69.48
C ASP F 504 8.11 26.73 69.20
N LYS F 505 7.74 27.03 67.96
CA LYS F 505 7.28 28.36 67.61
C LYS F 505 6.21 28.27 66.52
N TRP F 506 5.38 27.23 66.57
CA TRP F 506 4.42 26.97 65.51
C TRP F 506 3.68 28.24 65.10
N GLU F 507 3.91 28.69 63.86
CA GLU F 507 3.42 29.97 63.38
C GLU F 507 2.41 29.74 62.27
N VAL F 508 1.23 30.34 62.43
CA VAL F 508 0.15 30.20 61.47
C VAL F 508 -0.10 31.56 60.84
N VAL F 509 -0.06 31.63 59.52
CA VAL F 509 -0.32 32.87 58.78
C VAL F 509 -1.43 32.59 57.79
N TRP F 510 -2.54 33.29 57.94
CA TRP F 510 -3.67 33.17 57.03
C TRP F 510 -3.98 34.53 56.45
N ALA F 511 -4.15 34.58 55.13
CA ALA F 511 -4.47 35.81 54.41
C ALA F 511 -5.81 35.61 53.72
N CYS F 512 -6.75 36.53 53.97
CA CYS F 512 -8.10 36.41 53.44
C CYS F 512 -8.46 37.65 52.64
N CYS F 513 -9.33 37.48 51.64
CA CYS F 513 -9.83 38.63 50.90
C CYS F 513 -11.26 38.91 51.32
N PRO F 514 -11.53 39.96 52.09
CA PRO F 514 -12.88 40.21 52.56
C PRO F 514 -13.79 40.75 51.48
N THR F 515 -15.09 40.63 51.71
CA THR F 515 -16.07 41.11 50.74
C THR F 515 -16.08 42.63 50.70
N GLY F 516 -16.65 43.17 49.62
CA GLY F 516 -16.74 44.59 49.43
C GLY F 516 -18.14 45.10 49.68
N VAL F 517 -18.26 45.99 50.67
CA VAL F 517 -19.54 46.65 50.91
C VAL F 517 -19.87 47.53 49.72
N ALA F 518 -21.16 47.85 49.59
CA ALA F 518 -21.65 48.70 48.50
C ALA F 518 -22.14 50.00 49.11
N ARG F 519 -21.22 50.95 49.28
CA ARG F 519 -21.53 52.23 49.91
C ARG F 519 -21.85 53.33 48.90
N ARG F 520 -21.11 53.39 47.80
CA ARG F 520 -21.33 54.40 46.76
C ARG F 520 -21.70 53.69 45.47
N ILE F 521 -22.84 54.04 44.90
CA ILE F 521 -23.32 53.47 43.65
C ILE F 521 -23.51 54.59 42.65
N GLN F 522 -22.91 54.45 41.48
CA GLN F 522 -22.96 55.47 40.44
C GLN F 522 -23.45 54.88 39.13
N GLY F 523 -24.37 55.57 38.48
CA GLY F 523 -24.90 55.15 37.19
C GLY F 523 -24.51 56.15 36.11
N VAL F 524 -24.07 55.63 34.97
CA VAL F 524 -23.65 56.44 33.85
C VAL F 524 -24.47 56.03 32.63
N PRO F 525 -25.56 56.74 32.34
CA PRO F 525 -26.35 56.42 31.14
C PRO F 525 -25.58 56.78 29.88
N LEU F 526 -25.89 56.07 28.81
CA LEU F 526 -25.23 56.27 27.53
C LEU F 526 -26.26 56.20 26.41
N LEU F 527 -25.88 56.73 25.25
CA LEU F 527 -26.69 56.64 24.04
C LEU F 527 -25.86 56.03 22.93
N ILE F 528 -26.49 55.15 22.16
CA ILE F 528 -25.81 54.41 21.09
C ILE F 528 -26.26 54.96 19.75
N LYS F 529 -25.31 55.33 18.91
CA LYS F 529 -25.61 55.83 17.57
C LYS F 529 -26.24 54.73 16.72
N SER G 2 -51.19 77.97 0.52
CA SER G 2 -52.27 77.71 1.45
C SER G 2 -52.30 76.25 1.87
N GLN G 3 -53.50 75.76 2.17
CA GLN G 3 -53.67 74.34 2.47
C GLN G 3 -53.76 73.54 1.17
N TYR G 4 -53.70 72.22 1.31
CA TYR G 4 -53.75 71.28 0.19
C TYR G 4 -52.55 71.42 -0.73
N SER G 5 -51.68 72.39 -0.47
CA SER G 5 -50.49 72.55 -1.28
C SER G 5 -49.46 71.50 -0.91
N ILE G 6 -48.61 71.16 -1.87
CA ILE G 6 -47.59 70.12 -1.70
C ILE G 6 -46.23 70.74 -1.97
N GLN G 7 -45.31 70.64 -1.02
CA GLN G 7 -43.97 71.13 -1.22
C GLN G 7 -43.09 70.03 -1.80
N GLN G 8 -41.84 70.39 -2.08
CA GLN G 8 -40.90 69.46 -2.70
C GLN G 8 -39.54 69.40 -2.04
N SER G 9 -39.15 70.39 -1.25
CA SER G 9 -37.80 70.43 -0.69
C SER G 9 -37.73 69.69 0.65
N LEU G 10 -38.48 70.15 1.65
CA LEU G 10 -38.53 69.55 2.98
C LEU G 10 -37.13 69.52 3.60
N GLY G 11 -36.64 70.71 3.91
CA GLY G 11 -35.34 70.86 4.51
C GLY G 11 -35.37 71.28 5.97
N ASN G 12 -35.02 70.35 6.87
CA ASN G 12 -34.81 70.63 8.28
C ASN G 12 -36.05 71.26 8.95
N ALA G 13 -37.22 70.77 8.58
CA ALA G 13 -38.46 71.23 9.18
C ALA G 13 -39.50 70.14 9.05
N SER G 14 -40.40 70.06 10.03
CA SER G 14 -41.43 69.05 10.00
C SER G 14 -42.36 69.27 8.82
N GLY G 15 -42.78 68.19 8.19
CA GLY G 15 -43.69 68.28 7.07
C GLY G 15 -43.63 67.02 6.23
N VAL G 16 -44.36 67.06 5.13
CA VAL G 16 -44.39 65.96 4.16
C VAL G 16 -44.29 66.56 2.76
N ALA G 17 -43.44 65.95 1.93
CA ALA G 17 -43.23 66.46 0.58
C ALA G 17 -43.01 65.30 -0.37
N VAL G 18 -43.38 65.50 -1.63
CA VAL G 18 -43.17 64.51 -2.67
C VAL G 18 -42.31 65.12 -3.77
N SER G 19 -41.30 64.39 -4.19
CA SER G 19 -40.41 64.87 -5.22
C SER G 19 -41.08 64.79 -6.59
N PRO G 20 -40.69 65.66 -7.52
CA PRO G 20 -41.25 65.58 -8.87
C PRO G 20 -40.89 64.27 -9.53
N ILE G 21 -41.76 63.81 -10.43
CA ILE G 21 -41.61 62.49 -11.03
C ILE G 21 -40.29 62.42 -11.78
N ASN G 22 -39.58 61.30 -11.60
CA ASN G 22 -38.23 61.18 -12.16
C ASN G 22 -38.30 60.95 -13.66
N ALA G 23 -38.86 59.81 -14.08
CA ALA G 23 -39.11 59.51 -15.48
C ALA G 23 -37.86 59.73 -16.34
N ASP G 24 -36.72 59.23 -15.87
CA ASP G 24 -35.49 59.34 -16.63
C ASP G 24 -34.98 58.01 -17.15
N ALA G 25 -35.43 56.89 -16.59
CA ALA G 25 -35.07 55.57 -17.09
C ALA G 25 -35.97 55.10 -18.20
N THR G 26 -36.93 55.92 -18.63
CA THR G 26 -37.89 55.56 -19.67
C THR G 26 -37.83 56.54 -20.83
N LEU G 27 -36.65 57.07 -21.12
CA LEU G 27 -36.50 58.05 -22.19
C LEU G 27 -36.46 57.36 -23.54
N SER G 28 -37.41 57.68 -24.40
CA SER G 28 -37.47 57.19 -25.77
C SER G 28 -37.03 58.29 -26.72
N THR G 29 -37.13 58.00 -28.01
CA THR G 29 -36.78 58.98 -29.04
C THR G 29 -37.77 58.84 -30.18
N GLY G 30 -38.47 59.94 -30.49
CA GLY G 30 -39.43 59.92 -31.59
C GLY G 30 -38.88 60.54 -32.85
N VAL G 31 -38.45 59.71 -33.80
CA VAL G 31 -37.90 60.19 -35.06
C VAL G 31 -38.73 59.76 -36.26
N ALA G 32 -39.45 58.63 -36.17
CA ALA G 32 -40.27 58.12 -37.26
C ALA G 32 -39.42 57.92 -38.52
N LEU G 33 -38.51 56.95 -38.41
CA LEU G 33 -37.56 56.69 -39.49
C LEU G 33 -38.27 56.27 -40.77
N ASN G 34 -39.42 55.63 -40.67
CA ASN G 34 -40.11 55.14 -41.86
C ASN G 34 -40.94 56.24 -42.53
N SER G 35 -40.33 57.39 -42.78
CA SER G 35 -40.99 58.50 -43.44
C SER G 35 -40.01 59.16 -44.39
N SER G 36 -40.45 59.43 -45.62
CA SER G 36 -39.60 60.00 -46.64
C SER G 36 -40.34 61.11 -47.37
N LEU G 37 -39.67 62.23 -47.58
CA LEU G 37 -40.20 63.35 -48.33
C LEU G 37 -39.15 63.84 -49.31
N TRP G 38 -39.60 64.38 -50.44
CA TRP G 38 -38.71 64.79 -51.51
C TRP G 38 -38.75 66.31 -51.68
N ALA G 39 -37.58 66.90 -51.88
CA ALA G 39 -37.46 68.35 -52.05
C ALA G 39 -36.78 68.65 -53.37
N GLY G 40 -37.32 69.63 -54.09
CA GLY G 40 -36.76 69.96 -55.39
C GLY G 40 -37.05 71.39 -55.80
N ILE G 41 -36.28 71.86 -56.78
CA ILE G 41 -36.50 73.17 -57.36
C ILE G 41 -37.01 72.97 -58.78
N GLY G 42 -37.61 74.02 -59.33
CA GLY G 42 -38.13 73.91 -60.68
C GLY G 42 -38.70 75.22 -61.16
N VAL G 43 -39.21 75.17 -62.39
CA VAL G 43 -39.87 76.31 -63.03
C VAL G 43 -41.30 75.88 -63.35
N PHE G 44 -42.27 76.66 -62.86
CA PHE G 44 -43.66 76.29 -63.04
C PHE G 44 -44.47 77.49 -63.52
N ALA G 45 -45.80 77.34 -63.52
CA ALA G 45 -46.69 78.40 -63.98
C ALA G 45 -47.25 79.25 -62.84
N ARG G 46 -47.59 78.64 -61.72
CA ARG G 46 -48.18 79.35 -60.59
C ARG G 46 -47.49 78.94 -59.30
N GLY G 47 -47.28 79.90 -58.42
CA GLY G 47 -46.64 79.66 -57.15
C GLY G 47 -45.85 80.88 -56.72
N LYS G 48 -45.59 80.96 -55.42
CA LYS G 48 -44.84 82.07 -54.86
C LYS G 48 -43.35 81.87 -55.11
N PRO G 49 -42.68 82.77 -55.81
CA PRO G 49 -41.27 82.55 -56.15
C PRO G 49 -40.36 82.62 -54.94
N PHE G 50 -39.31 81.81 -54.97
CA PHE G 50 -38.25 81.81 -53.96
C PHE G 50 -38.81 81.58 -52.57
N THR G 51 -39.81 80.71 -52.45
CA THR G 51 -40.40 80.36 -51.18
C THR G 51 -40.74 78.89 -51.20
N VAL G 52 -40.48 78.20 -50.09
CA VAL G 52 -40.74 76.76 -50.02
C VAL G 52 -42.25 76.52 -50.03
N LEU G 53 -42.70 75.64 -50.90
CA LEU G 53 -44.10 75.24 -50.94
C LEU G 53 -44.25 73.83 -50.39
N ALA G 54 -45.46 73.31 -50.45
CA ALA G 54 -45.74 71.95 -50.02
C ALA G 54 -46.79 71.37 -50.95
N VAL G 55 -46.45 70.28 -51.63
CA VAL G 55 -47.32 69.64 -52.61
C VAL G 55 -47.71 68.27 -52.09
N THR G 56 -49.01 67.99 -52.09
CA THR G 56 -49.55 66.69 -51.74
C THR G 56 -50.25 66.11 -52.97
N GLU G 57 -50.84 64.93 -52.80
CA GLU G 57 -51.50 64.26 -53.92
C GLU G 57 -52.82 64.92 -54.32
N SER G 58 -53.32 65.86 -53.53
CA SER G 58 -54.65 66.41 -53.76
C SER G 58 -54.68 67.92 -53.99
N ASN G 59 -53.54 68.59 -54.04
CA ASN G 59 -53.56 70.03 -54.25
C ASN G 59 -52.52 70.54 -55.24
N TYR G 60 -51.63 69.70 -55.75
CA TYR G 60 -50.56 70.19 -56.62
C TYR G 60 -51.11 70.90 -57.84
N GLU G 61 -52.24 70.42 -58.37
CA GLU G 61 -52.81 71.01 -59.58
C GLU G 61 -53.10 72.48 -59.42
N ASP G 62 -53.61 72.89 -58.25
CA ASP G 62 -53.96 74.29 -58.03
C ASP G 62 -52.86 75.09 -57.35
N VAL G 63 -52.09 74.48 -56.43
CA VAL G 63 -51.03 75.24 -55.79
C VAL G 63 -49.90 75.53 -56.76
N LEU G 64 -49.64 74.61 -57.70
CA LEU G 64 -48.56 74.78 -58.66
C LEU G 64 -49.05 75.14 -60.05
N GLY G 65 -50.36 75.33 -60.23
CA GLY G 65 -50.90 75.74 -61.51
C GLY G 65 -51.11 74.57 -62.44
N GLU G 66 -51.83 74.84 -63.53
CA GLU G 66 -52.09 73.82 -64.52
C GLU G 66 -50.80 73.47 -65.27
N PRO G 67 -50.70 72.24 -65.78
CA PRO G 67 -49.48 71.84 -66.49
C PRO G 67 -49.21 72.71 -67.71
N LEU G 68 -47.93 72.93 -67.99
CA LEU G 68 -47.51 73.76 -69.11
C LEU G 68 -47.67 72.97 -70.42
N LYS G 69 -47.17 73.54 -71.51
CA LYS G 69 -47.27 72.93 -72.82
C LYS G 69 -45.88 72.63 -73.37
N PRO G 70 -45.65 71.42 -73.90
CA PRO G 70 -44.31 71.12 -74.43
C PRO G 70 -43.89 72.01 -75.57
N SER G 71 -44.83 72.47 -76.40
CA SER G 71 -44.48 73.34 -77.52
C SER G 71 -43.98 74.70 -77.06
N SER G 72 -44.27 75.09 -75.81
CA SER G 72 -43.80 76.38 -75.32
C SER G 72 -42.27 76.42 -75.24
N GLY G 73 -41.65 75.33 -74.80
CA GLY G 73 -40.21 75.29 -74.67
C GLY G 73 -39.75 74.12 -73.82
N SER G 74 -38.78 74.36 -72.94
CA SER G 74 -38.23 73.34 -72.08
C SER G 74 -38.77 73.42 -70.65
N GLN G 75 -39.83 74.20 -70.43
CA GLN G 75 -40.38 74.40 -69.10
C GLN G 75 -41.41 73.35 -68.72
N PHE G 76 -41.68 72.38 -69.59
CA PHE G 76 -42.70 71.37 -69.32
C PHE G 76 -42.17 70.19 -68.51
N GLU G 77 -40.89 70.19 -68.16
CA GLU G 77 -40.30 69.01 -67.53
C GLU G 77 -40.61 68.91 -66.04
N PRO G 78 -40.43 69.96 -65.22
CA PRO G 78 -40.60 69.77 -63.77
C PRO G 78 -42.00 69.38 -63.36
N ILE G 79 -43.03 69.84 -64.07
CA ILE G 79 -44.38 69.45 -63.70
C ILE G 79 -44.57 67.96 -63.86
N ARG G 80 -44.05 67.39 -64.96
CA ARG G 80 -44.16 65.95 -65.16
C ARG G 80 -43.35 65.18 -64.13
N HIS G 81 -42.17 65.69 -63.78
CA HIS G 81 -41.39 65.05 -62.72
C HIS G 81 -42.16 65.05 -61.40
N VAL G 82 -42.79 66.18 -61.07
CA VAL G 82 -43.60 66.26 -59.85
C VAL G 82 -44.74 65.26 -59.90
N TYR G 83 -45.41 65.16 -61.06
CA TYR G 83 -46.53 64.24 -61.18
C TYR G 83 -46.09 62.80 -61.00
N GLU G 84 -44.93 62.45 -61.54
CA GLU G 84 -44.45 61.08 -61.40
C GLU G 84 -43.89 60.79 -60.01
N ALA G 85 -43.47 61.81 -59.26
CA ALA G 85 -42.91 61.58 -57.94
C ALA G 85 -43.96 61.66 -56.83
N ILE G 86 -45.05 62.41 -57.03
CA ILE G 86 -46.06 62.56 -56.00
C ILE G 86 -46.77 61.26 -55.69
N GLN G 87 -46.87 60.36 -56.67
CA GLN G 87 -47.62 59.11 -56.57
C GLN G 87 -47.45 58.43 -55.21
N GLN G 88 -46.26 58.57 -54.62
CA GLN G 88 -45.95 57.91 -53.36
C GLN G 88 -46.14 58.82 -52.15
N THR G 89 -45.42 59.95 -52.10
CA THR G 89 -45.39 60.79 -50.92
C THR G 89 -45.41 62.26 -51.32
N SER G 90 -45.82 63.10 -50.37
CA SER G 90 -45.85 64.53 -50.58
C SER G 90 -44.42 65.08 -50.50
N GLY G 91 -44.27 66.37 -50.82
CA GLY G 91 -42.95 66.93 -50.86
C GLY G 91 -42.94 68.44 -50.85
N TYR G 92 -41.75 69.00 -51.02
CA TYR G 92 -41.53 70.44 -51.00
C TYR G 92 -40.81 70.88 -52.26
N VAL G 93 -41.32 71.96 -52.87
CA VAL G 93 -40.75 72.48 -54.11
C VAL G 93 -40.43 73.96 -53.93
N VAL G 94 -39.53 74.43 -54.78
CA VAL G 94 -39.15 75.84 -54.82
C VAL G 94 -39.22 76.31 -56.27
N ARG G 95 -40.03 77.32 -56.53
CA ARG G 95 -40.19 77.85 -57.88
C ARG G 95 -39.20 78.98 -58.12
N ALA G 96 -38.49 78.92 -59.24
CA ALA G 96 -37.56 79.96 -59.65
C ALA G 96 -38.08 80.64 -60.90
N VAL G 97 -38.13 81.96 -60.88
CA VAL G 97 -38.71 82.74 -61.97
C VAL G 97 -37.63 83.52 -62.71
N PRO G 98 -37.84 83.88 -63.96
CA PRO G 98 -36.85 84.71 -64.67
C PRO G 98 -36.76 86.12 -64.10
N ASP G 99 -35.93 86.96 -64.72
CA ASP G 99 -35.67 88.28 -64.15
C ASP G 99 -36.85 89.23 -64.35
N ASP G 100 -37.48 89.19 -65.52
CA ASP G 100 -38.47 90.20 -65.88
C ASP G 100 -39.91 89.82 -65.50
N ALA G 101 -40.10 88.81 -64.66
CA ALA G 101 -41.44 88.46 -64.22
C ALA G 101 -42.01 89.55 -63.33
N LYS G 102 -43.25 89.95 -63.58
CA LYS G 102 -43.88 91.03 -62.85
C LYS G 102 -45.27 90.61 -62.37
N PHE G 103 -45.65 91.14 -61.21
CA PHE G 103 -46.96 90.88 -60.62
C PHE G 103 -47.75 92.18 -60.55
N PRO G 104 -49.08 92.09 -60.59
CA PRO G 104 -49.91 93.29 -60.63
C PRO G 104 -50.03 93.95 -59.26
N ILE G 105 -50.38 95.24 -59.29
CA ILE G 105 -50.55 96.05 -58.10
C ILE G 105 -51.67 97.05 -58.36
N ILE G 106 -52.58 97.20 -57.39
CA ILE G 106 -53.64 98.19 -57.46
C ILE G 106 -53.44 99.15 -56.30
N MET G 107 -53.25 100.43 -56.61
CA MET G 107 -53.02 101.47 -55.61
C MET G 107 -54.22 102.40 -55.57
N PHE G 108 -54.68 102.71 -54.37
CA PHE G 108 -55.84 103.58 -54.20
C PHE G 108 -55.38 104.99 -53.81
N ASP G 109 -56.36 105.84 -53.49
CA ASP G 109 -56.08 107.21 -53.10
C ASP G 109 -57.13 107.64 -52.08
N GLU G 110 -57.06 108.89 -51.65
CA GLU G 110 -58.00 109.39 -50.65
C GLU G 110 -59.43 109.36 -51.18
N SER G 111 -59.64 109.83 -52.42
CA SER G 111 -60.97 109.84 -52.99
C SER G 111 -61.47 108.42 -53.23
N GLY G 112 -60.59 107.51 -53.63
CA GLY G 112 -60.97 106.14 -53.92
C GLY G 112 -60.81 105.72 -55.37
N GLU G 113 -60.26 106.56 -56.24
CA GLU G 113 -60.10 106.19 -57.64
C GLU G 113 -58.88 105.29 -57.79
N PRO G 114 -59.05 104.04 -58.24
CA PRO G 114 -57.92 103.12 -58.29
C PRO G 114 -56.99 103.41 -59.46
N ALA G 115 -55.75 102.93 -59.32
CA ALA G 115 -54.77 102.95 -60.39
C ALA G 115 -54.06 101.61 -60.40
N TYR G 116 -53.57 101.22 -61.57
CA TYR G 116 -52.95 99.91 -61.76
C TYR G 116 -51.48 100.06 -62.13
N SER G 117 -50.70 99.05 -61.80
CA SER G 117 -49.30 99.00 -62.20
C SER G 117 -48.81 97.57 -62.06
N ALA G 118 -47.53 97.34 -62.40
CA ALA G 118 -46.92 96.04 -62.26
C ALA G 118 -45.51 96.21 -61.73
N LEU G 119 -45.08 95.29 -60.87
CA LEU G 119 -43.75 95.38 -60.28
C LEU G 119 -43.03 94.04 -60.38
N PRO G 120 -41.73 94.06 -60.61
CA PRO G 120 -40.98 92.79 -60.67
C PRO G 120 -40.99 92.06 -59.34
N TYR G 121 -40.88 90.74 -59.42
CA TYR G 121 -40.96 89.90 -58.23
C TYR G 121 -39.80 90.16 -57.29
N GLY G 122 -40.06 90.00 -56.00
CA GLY G 122 -39.03 90.19 -54.99
C GLY G 122 -38.74 91.63 -54.64
N SER G 123 -39.59 92.56 -55.02
CA SER G 123 -39.38 93.98 -54.74
C SER G 123 -40.54 94.52 -53.94
N GLU G 124 -40.23 95.35 -52.95
CA GLU G 124 -41.25 96.01 -52.16
C GLU G 124 -41.82 97.19 -52.94
N ILE G 125 -42.77 97.89 -52.32
CA ILE G 125 -43.55 98.92 -52.99
C ILE G 125 -43.31 100.24 -52.28
N GLU G 126 -43.07 101.29 -53.05
CA GLU G 126 -43.00 102.65 -52.55
C GLU G 126 -44.30 103.37 -52.91
N LEU G 127 -44.88 104.06 -51.94
CA LEU G 127 -46.18 104.70 -52.13
C LEU G 127 -45.98 106.18 -52.48
N ASP G 128 -46.70 106.65 -53.48
CA ASP G 128 -46.66 108.05 -53.82
C ASP G 128 -47.40 108.88 -52.77
N SER G 129 -47.32 110.20 -52.90
CA SER G 129 -47.93 111.08 -51.91
C SER G 129 -49.44 110.87 -51.86
N GLY G 130 -50.09 110.75 -53.01
CA GLY G 130 -51.53 110.59 -53.05
C GLY G 130 -52.05 109.20 -52.83
N GLU G 131 -51.17 108.22 -52.68
CA GLU G 131 -51.58 106.82 -52.54
C GLU G 131 -51.87 106.51 -51.07
N ALA G 132 -53.05 105.94 -50.82
CA ALA G 132 -53.43 105.57 -49.46
C ALA G 132 -53.00 104.14 -49.12
N PHE G 133 -53.34 103.18 -49.97
CA PHE G 133 -52.95 101.80 -49.72
C PHE G 133 -52.94 101.04 -51.04
N ALA G 134 -52.13 99.99 -51.07
CA ALA G 134 -51.93 99.18 -52.26
C ALA G 134 -52.21 97.72 -51.94
N ILE G 135 -52.82 97.03 -52.90
CA ILE G 135 -53.11 95.60 -52.81
C ILE G 135 -52.47 94.90 -53.99
N TYR G 136 -51.79 93.79 -53.72
CA TYR G 136 -51.18 93.01 -54.78
C TYR G 136 -51.38 91.52 -54.49
N VAL G 137 -51.03 90.70 -55.47
CA VAL G 137 -51.27 89.27 -55.43
C VAL G 137 -49.94 88.55 -55.20
N ASP G 138 -49.90 87.67 -54.20
CA ASP G 138 -48.70 86.91 -53.90
C ASP G 138 -48.85 85.42 -54.20
N ASP G 139 -49.89 85.03 -54.92
CA ASP G 139 -49.99 83.66 -55.37
C ASP G 139 -49.00 83.33 -56.48
N GLY G 140 -48.44 84.34 -57.13
CA GLY G 140 -47.51 84.14 -58.22
C GLY G 140 -48.14 84.17 -59.60
N ASP G 141 -49.44 83.97 -59.69
CA ASP G 141 -50.10 83.96 -60.99
C ASP G 141 -49.97 85.33 -61.65
N PRO G 142 -49.68 85.40 -62.94
CA PRO G 142 -49.59 86.70 -63.62
C PRO G 142 -50.93 87.31 -64.00
N CYS G 143 -52.03 86.69 -63.59
CA CYS G 143 -53.37 87.27 -63.76
C CYS G 143 -53.67 87.59 -65.22
N ILE G 144 -53.32 86.66 -66.12
CA ILE G 144 -53.59 86.81 -67.54
C ILE G 144 -54.64 85.83 -68.02
N SER G 145 -54.62 84.60 -67.52
CA SER G 145 -55.66 83.61 -67.80
C SER G 145 -55.67 82.55 -66.71
N PRO G 146 -56.73 82.45 -65.91
CA PRO G 146 -57.94 83.28 -65.91
C PRO G 146 -57.72 84.63 -65.27
N THR G 147 -58.50 85.64 -65.62
CA THR G 147 -58.37 86.95 -65.00
C THR G 147 -58.89 86.91 -63.57
N ARG G 148 -58.44 87.87 -62.76
CA ARG G 148 -58.87 87.98 -61.38
C ARG G 148 -59.37 89.38 -61.12
N GLU G 149 -60.53 89.49 -60.47
CA GLU G 149 -61.19 90.75 -60.22
C GLU G 149 -61.41 90.95 -58.73
N LEU G 150 -61.26 92.20 -58.28
CA LEU G 150 -61.38 92.56 -56.88
C LEU G 150 -62.51 93.56 -56.71
N THR G 151 -63.35 93.33 -55.70
CA THR G 151 -64.54 94.13 -55.47
C THR G 151 -64.61 94.59 -54.02
N ILE G 152 -65.01 95.84 -53.84
CA ILE G 152 -65.13 96.46 -52.53
C ILE G 152 -66.60 96.79 -52.29
N GLU G 153 -67.12 96.37 -51.14
CA GLU G 153 -68.51 96.58 -50.80
C GLU G 153 -68.62 97.22 -49.42
N THR G 154 -69.54 98.17 -49.28
CA THR G 154 -69.76 98.79 -47.98
C THR G 154 -70.47 97.83 -47.03
N ALA G 155 -70.11 97.90 -45.76
CA ALA G 155 -70.69 97.04 -44.74
C ALA G 155 -70.98 97.86 -43.49
N THR G 156 -71.63 97.22 -42.52
CA THR G 156 -71.99 97.89 -41.28
C THR G 156 -70.76 98.14 -40.42
N ALA G 157 -70.72 99.30 -39.78
CA ALA G 157 -69.61 99.64 -38.91
C ALA G 157 -69.65 98.78 -37.64
N ASP G 158 -68.51 98.71 -36.97
CA ASP G 158 -68.39 97.91 -35.76
C ASP G 158 -69.05 98.63 -34.58
N SER G 159 -68.99 97.99 -33.41
CA SER G 159 -69.55 98.61 -32.21
C SER G 159 -68.81 99.90 -31.84
N ALA G 160 -67.48 99.90 -31.96
CA ALA G 160 -66.71 101.09 -31.65
C ALA G 160 -67.06 102.24 -32.58
N GLY G 161 -67.21 101.96 -33.87
CA GLY G 161 -67.58 103.00 -34.83
C GLY G 161 -66.77 102.99 -36.11
N ASN G 162 -65.69 102.21 -36.13
CA ASN G 162 -64.85 102.16 -37.31
C ASN G 162 -65.59 101.51 -38.48
N GLU G 163 -65.28 101.96 -39.69
CA GLU G 163 -65.96 101.49 -40.89
C GLU G 163 -65.22 100.30 -41.46
N ARG G 164 -65.90 99.16 -41.55
CA ARG G 164 -65.34 97.95 -42.12
C ARG G 164 -66.00 97.67 -43.46
N PHE G 165 -65.19 97.40 -44.48
CA PHE G 165 -65.70 97.09 -45.81
C PHE G 165 -65.35 95.65 -46.18
N LEU G 166 -66.17 95.09 -47.06
CA LEU G 166 -66.04 93.71 -47.49
C LEU G 166 -65.24 93.65 -48.78
N LEU G 167 -64.22 92.80 -48.81
CA LEU G 167 -63.38 92.58 -49.97
C LEU G 167 -63.71 91.22 -50.57
N LYS G 168 -63.96 91.19 -51.88
CA LYS G 168 -64.31 89.96 -52.56
C LYS G 168 -63.46 89.82 -53.81
N LEU G 169 -62.64 88.79 -53.86
CA LEU G 169 -61.84 88.49 -55.04
C LEU G 169 -62.42 87.27 -55.74
N THR G 170 -62.66 87.40 -57.04
CA THR G 170 -63.28 86.35 -57.83
C THR G 170 -62.52 86.19 -59.14
N GLN G 171 -62.40 84.94 -59.60
CA GLN G 171 -61.70 84.62 -60.83
C GLN G 171 -62.71 84.45 -61.96
N THR G 172 -62.34 84.91 -63.14
CA THR G 172 -63.15 84.77 -64.35
C THR G 172 -62.30 84.12 -65.43
N THR G 173 -62.79 83.02 -65.99
CA THR G 173 -62.08 82.36 -67.07
C THR G 173 -62.36 83.05 -68.39
N SER G 174 -61.57 82.70 -69.41
CA SER G 174 -61.73 83.30 -70.71
C SER G 174 -63.07 82.93 -71.35
N LEU G 175 -63.56 81.72 -71.08
CA LEU G 175 -64.83 81.29 -71.66
C LEU G 175 -65.97 82.15 -71.14
N GLY G 176 -65.99 82.43 -69.84
CA GLY G 176 -67.05 83.23 -69.27
C GLY G 176 -67.51 82.77 -67.90
N VAL G 177 -66.91 81.70 -67.40
CA VAL G 177 -67.26 81.18 -66.08
C VAL G 177 -66.69 82.12 -65.02
N VAL G 178 -67.55 82.62 -64.14
CA VAL G 178 -67.17 83.55 -63.09
C VAL G 178 -67.56 82.93 -61.76
N THR G 179 -66.57 82.59 -60.94
CA THR G 179 -66.80 82.00 -59.64
C THR G 179 -66.08 82.84 -58.58
N THR G 180 -66.71 82.97 -57.41
CA THR G 180 -66.05 83.66 -56.31
C THR G 180 -64.87 82.84 -55.82
N LEU G 181 -63.88 83.54 -55.27
CA LEU G 181 -62.66 82.89 -54.82
C LEU G 181 -62.40 83.10 -53.34
N GLU G 182 -62.49 84.33 -52.85
CA GLU G 182 -62.29 84.58 -51.43
C GLU G 182 -62.99 85.87 -51.03
N THR G 183 -63.33 85.95 -49.75
CA THR G 183 -64.02 87.10 -49.19
C THR G 183 -63.49 87.40 -47.80
N HIS G 184 -63.54 88.67 -47.42
CA HIS G 184 -63.03 89.13 -46.13
C HIS G 184 -63.78 90.39 -45.72
N THR G 185 -63.68 90.71 -44.43
CA THR G 185 -64.22 91.96 -43.89
C THR G 185 -63.08 92.68 -43.18
N VAL G 186 -62.56 93.75 -43.81
CA VAL G 186 -61.37 94.41 -43.32
C VAL G 186 -61.64 95.91 -43.21
N SER G 187 -60.82 96.57 -42.40
CA SER G 187 -60.93 98.00 -42.20
C SER G 187 -59.55 98.61 -42.02
N LEU G 188 -59.47 99.92 -42.22
CA LEU G 188 -58.21 100.64 -42.11
C LEU G 188 -57.90 101.07 -40.68
N ALA G 189 -58.84 100.93 -39.74
CA ALA G 189 -58.58 101.27 -38.36
C ALA G 189 -57.56 100.30 -37.75
N GLU G 190 -56.66 100.83 -36.94
CA GLU G 190 -55.59 100.02 -36.36
C GLU G 190 -56.07 99.05 -35.29
N GLU G 191 -57.32 99.18 -34.83
CA GLU G 191 -57.79 98.35 -33.74
C GLU G 191 -59.18 97.77 -33.95
N ALA G 192 -59.83 98.04 -35.08
CA ALA G 192 -61.19 97.56 -35.31
C ALA G 192 -61.21 96.03 -35.38
N LYS G 193 -62.32 95.45 -34.94
CA LYS G 193 -62.51 94.01 -34.95
C LYS G 193 -63.75 93.66 -35.75
N ASP G 194 -63.72 92.49 -36.38
CA ASP G 194 -64.85 92.02 -37.17
C ASP G 194 -65.90 91.39 -36.25
N ASP G 195 -66.91 90.74 -36.85
CA ASP G 195 -67.97 90.15 -36.05
C ASP G 195 -67.46 89.01 -35.18
N MET G 196 -66.60 88.17 -35.72
CA MET G 196 -66.09 87.02 -34.98
C MET G 196 -65.08 87.39 -33.92
N GLY G 197 -64.59 88.63 -33.90
CA GLY G 197 -63.67 89.08 -32.89
C GLY G 197 -62.22 89.13 -33.31
N ARG G 198 -61.88 88.63 -34.48
CA ARG G 198 -60.50 88.67 -34.94
C ARG G 198 -60.13 90.09 -35.36
N LEU G 199 -58.82 90.34 -35.42
CA LEU G 199 -58.33 91.64 -35.88
C LEU G 199 -58.68 91.85 -37.35
N CYS G 200 -59.12 93.06 -37.68
CA CYS G 200 -59.58 93.37 -39.03
C CYS G 200 -58.76 94.48 -39.69
N TYR G 201 -57.63 94.86 -39.10
CA TYR G 201 -56.73 95.78 -39.78
C TYR G 201 -56.28 95.17 -41.10
N LEU G 202 -56.25 95.99 -42.14
CA LEU G 202 -56.08 95.46 -43.49
C LEU G 202 -54.75 94.72 -43.70
N PRO G 203 -53.59 95.28 -43.39
CA PRO G 203 -52.34 94.55 -43.68
C PRO G 203 -52.23 93.23 -42.95
N THR G 204 -52.37 93.24 -41.61
CA THR G 204 -52.22 92.02 -40.85
C THR G 204 -53.32 91.02 -41.18
N ALA G 205 -54.55 91.48 -41.41
CA ALA G 205 -55.64 90.59 -41.74
C ALA G 205 -55.36 89.85 -43.05
N LEU G 206 -54.98 90.61 -44.09
CA LEU G 206 -54.68 89.98 -45.36
C LEU G 206 -53.47 89.06 -45.27
N GLU G 207 -52.45 89.47 -44.51
CA GLU G 207 -51.26 88.63 -44.39
C GLU G 207 -51.56 87.32 -43.68
N ALA G 208 -52.41 87.35 -42.65
CA ALA G 208 -52.65 86.17 -41.84
C ALA G 208 -53.72 85.25 -42.44
N ARG G 209 -54.91 85.78 -42.69
CA ARG G 209 -56.05 84.92 -43.02
C ARG G 209 -56.24 84.70 -44.52
N SER G 210 -55.42 85.32 -45.36
CA SER G 210 -55.54 85.17 -46.81
C SER G 210 -54.22 84.72 -47.39
N LYS G 211 -54.28 83.71 -48.26
CA LYS G 211 -53.09 83.18 -48.91
C LYS G 211 -52.96 83.62 -50.36
N TYR G 212 -53.79 84.57 -50.79
CA TYR G 212 -53.75 85.08 -52.16
C TYR G 212 -53.25 86.52 -52.26
N LEU G 213 -53.67 87.39 -51.36
CA LEU G 213 -53.40 88.81 -51.45
C LEU G 213 -52.46 89.27 -50.35
N ARG G 214 -51.86 90.43 -50.59
CA ARG G 214 -51.11 91.15 -49.58
C ARG G 214 -51.39 92.64 -49.80
N ALA G 215 -51.16 93.43 -48.76
CA ALA G 215 -51.44 94.85 -48.85
C ALA G 215 -50.43 95.64 -48.06
N VAL G 216 -50.26 96.91 -48.44
CA VAL G 216 -49.46 97.87 -47.70
C VAL G 216 -50.25 99.17 -47.60
N VAL G 217 -49.90 99.98 -46.60
CA VAL G 217 -50.61 101.21 -46.30
C VAL G 217 -49.61 102.34 -46.15
N ASN G 218 -50.10 103.57 -46.33
CA ASN G 218 -49.32 104.77 -46.10
C ASN G 218 -49.73 105.37 -44.75
N GLU G 219 -48.79 105.45 -43.82
CA GLU G 219 -49.13 105.87 -42.47
C GLU G 219 -49.66 107.29 -42.43
N GLU G 220 -49.06 108.19 -43.21
CA GLU G 220 -49.45 109.60 -43.15
C GLU G 220 -50.90 109.79 -43.60
N LEU G 221 -51.30 109.11 -44.67
CA LEU G 221 -52.62 109.31 -45.27
C LEU G 221 -53.66 108.31 -44.77
N ILE G 222 -53.28 107.36 -43.91
CA ILE G 222 -54.21 106.34 -43.48
C ILE G 222 -55.27 106.90 -42.54
N SER G 223 -55.02 108.05 -41.91
CA SER G 223 -55.98 108.60 -40.97
C SER G 223 -57.21 109.16 -41.67
N THR G 224 -57.01 109.91 -42.75
CA THR G 224 -58.10 110.54 -43.48
C THR G 224 -58.57 109.70 -44.67
N ALA G 225 -58.02 108.51 -44.85
CA ALA G 225 -58.38 107.69 -46.00
C ALA G 225 -59.82 107.24 -45.91
N LYS G 226 -60.52 107.29 -47.04
CA LYS G 226 -61.88 106.80 -47.15
C LYS G 226 -62.01 105.97 -48.42
N VAL G 227 -62.86 104.96 -48.36
CA VAL G 227 -63.04 104.03 -49.47
C VAL G 227 -64.48 104.13 -49.98
N THR G 228 -64.62 104.15 -51.29
CA THR G 228 -65.93 104.19 -51.93
C THR G 228 -66.36 102.77 -52.31
N ASN G 229 -67.42 102.67 -53.10
CA ASN G 229 -67.93 101.38 -53.58
C ASN G 229 -67.44 101.17 -55.00
N LYS G 230 -66.42 100.33 -55.15
CA LYS G 230 -65.86 99.98 -56.45
C LYS G 230 -66.26 98.56 -56.81
N LYS G 231 -66.81 98.39 -58.01
CA LYS G 231 -67.34 97.10 -58.45
C LYS G 231 -66.58 96.63 -59.68
N SER G 232 -66.13 95.37 -59.64
CA SER G 232 -65.50 94.70 -60.79
C SER G 232 -64.26 95.46 -61.26
N LEU G 233 -63.26 95.50 -60.39
CA LEU G 233 -61.96 95.99 -60.77
C LEU G 233 -61.23 94.90 -61.58
N ALA G 234 -60.01 95.20 -61.99
CA ALA G 234 -59.27 94.26 -62.84
C ALA G 234 -57.77 94.43 -62.60
N PHE G 235 -57.13 93.34 -62.18
CA PHE G 235 -55.67 93.32 -62.15
C PHE G 235 -55.13 93.31 -63.57
N THR G 236 -54.00 93.96 -63.77
CA THR G 236 -53.40 94.00 -65.11
C THR G 236 -51.90 94.21 -64.99
N GLY G 237 -51.20 93.88 -66.06
CA GLY G 237 -49.76 94.05 -66.13
C GLY G 237 -48.95 92.84 -65.71
N GLY G 238 -49.58 91.83 -65.10
CA GLY G 238 -48.84 90.65 -64.68
C GLY G 238 -48.27 89.90 -65.88
N THR G 239 -47.08 89.37 -65.70
CA THR G 239 -46.38 88.70 -66.81
C THR G 239 -45.39 87.71 -66.22
N ASN G 240 -45.49 86.44 -66.65
CA ASN G 240 -44.57 85.42 -66.18
C ASN G 240 -43.22 85.51 -66.89
N GLY G 241 -43.13 86.27 -67.97
CA GLY G 241 -41.89 86.43 -68.69
C GLY G 241 -41.53 85.21 -69.51
N ASP G 242 -40.28 85.19 -69.95
CA ASP G 242 -39.75 84.07 -70.71
C ASP G 242 -39.11 83.06 -69.75
N GLN G 243 -39.69 81.87 -69.67
CA GLN G 243 -39.18 80.83 -68.82
C GLN G 243 -38.29 79.84 -69.56
N SER G 244 -38.04 80.07 -70.85
CA SER G 244 -37.17 79.17 -71.60
C SER G 244 -35.75 79.24 -71.07
N LYS G 245 -35.22 80.44 -70.86
CA LYS G 245 -33.87 80.64 -70.37
C LYS G 245 -33.90 81.29 -68.99
N ILE G 246 -33.08 80.77 -68.08
CA ILE G 246 -32.98 81.28 -66.72
C ILE G 246 -31.51 81.35 -66.35
N SER G 247 -31.09 82.48 -65.82
CA SER G 247 -29.70 82.64 -65.41
C SER G 247 -29.38 81.71 -64.25
N THR G 248 -28.12 81.30 -64.16
CA THR G 248 -27.70 80.41 -63.08
C THR G 248 -27.83 81.07 -61.71
N ALA G 249 -27.87 82.41 -61.67
CA ALA G 249 -28.05 83.09 -60.39
C ALA G 249 -29.40 82.75 -59.76
N ALA G 250 -30.46 82.68 -60.57
CA ALA G 250 -31.77 82.33 -60.05
C ALA G 250 -31.77 80.92 -59.47
N TYR G 251 -31.16 79.98 -60.18
CA TYR G 251 -31.09 78.61 -59.67
C TYR G 251 -30.29 78.54 -58.39
N LEU G 252 -29.18 79.29 -58.30
CA LEU G 252 -28.40 79.29 -57.09
C LEU G 252 -29.18 79.87 -55.91
N ARG G 253 -29.93 80.95 -56.16
CA ARG G 253 -30.75 81.51 -55.09
C ARG G 253 -31.82 80.52 -54.65
N ALA G 254 -32.45 79.83 -55.59
CA ALA G 254 -33.48 78.87 -55.24
C ALA G 254 -32.90 77.73 -54.42
N VAL G 255 -31.73 77.21 -54.79
CA VAL G 255 -31.19 76.09 -54.04
C VAL G 255 -30.72 76.56 -52.66
N LYS G 256 -30.23 77.80 -52.55
CA LYS G 256 -29.89 78.32 -51.24
C LYS G 256 -31.13 78.41 -50.34
N VAL G 257 -32.24 78.88 -50.89
CA VAL G 257 -33.48 78.94 -50.12
C VAL G 257 -33.90 77.53 -49.69
N LEU G 258 -33.81 76.57 -50.60
CA LEU G 258 -34.16 75.19 -50.27
C LEU G 258 -33.26 74.65 -49.16
N ASN G 259 -31.98 75.01 -49.17
CA ASN G 259 -31.08 74.59 -48.10
C ASN G 259 -31.51 75.18 -46.77
N ASN G 260 -31.85 76.47 -46.76
CA ASN G 260 -32.22 77.14 -45.52
C ASN G 260 -33.65 76.86 -45.09
N ALA G 261 -34.40 76.09 -45.87
CA ALA G 261 -35.78 75.78 -45.51
C ALA G 261 -35.83 75.05 -44.17
N PRO G 262 -36.75 75.40 -43.29
CA PRO G 262 -36.88 74.72 -41.99
C PRO G 262 -37.87 73.55 -42.03
N TYR G 263 -37.55 72.54 -42.84
CA TYR G 263 -38.39 71.36 -42.96
C TYR G 263 -37.51 70.12 -42.91
N MET G 264 -38.16 68.96 -43.05
CA MET G 264 -37.48 67.67 -43.01
C MET G 264 -37.77 66.91 -44.29
N TYR G 265 -36.72 66.48 -44.98
CA TYR G 265 -36.90 65.66 -46.17
C TYR G 265 -35.70 64.74 -46.33
N THR G 266 -35.92 63.63 -47.03
CA THR G 266 -34.90 62.59 -47.20
C THR G 266 -34.60 62.29 -48.66
N ALA G 267 -34.83 63.24 -49.56
CA ALA G 267 -34.49 63.06 -50.97
C ALA G 267 -34.47 64.43 -51.63
N VAL G 268 -33.45 64.68 -52.45
CA VAL G 268 -33.21 66.02 -52.96
C VAL G 268 -33.37 66.05 -54.48
N LEU G 269 -34.37 65.32 -54.97
CA LEU G 269 -34.62 65.11 -56.40
C LEU G 269 -34.26 66.31 -57.25
N GLY G 270 -33.45 66.07 -58.27
CA GLY G 270 -33.09 67.11 -59.22
C GLY G 270 -34.13 67.26 -60.31
N LEU G 271 -35.23 67.94 -60.00
CA LEU G 271 -36.37 68.04 -60.90
C LEU G 271 -35.98 68.80 -62.15
N GLY G 272 -35.76 68.06 -63.25
CA GLY G 272 -35.55 68.63 -64.57
C GLY G 272 -34.72 69.88 -64.64
N CYS G 273 -33.63 69.94 -63.89
CA CYS G 273 -32.75 71.10 -63.87
C CYS G 273 -31.37 70.62 -64.30
N TYR G 274 -31.02 70.87 -65.56
CA TYR G 274 -29.75 70.44 -66.12
C TYR G 274 -28.76 71.60 -66.13
N ASP G 275 -28.34 71.98 -64.93
CA ASP G 275 -27.32 73.01 -64.74
C ASP G 275 -26.27 72.48 -63.79
N ASN G 276 -25.00 72.59 -64.21
CA ASN G 276 -23.92 72.02 -63.42
C ASN G 276 -23.83 72.65 -62.04
N ALA G 277 -23.94 73.97 -61.97
CA ALA G 277 -23.85 74.64 -60.67
C ALA G 277 -24.98 74.21 -59.74
N ALA G 278 -26.20 74.14 -60.26
CA ALA G 278 -27.32 73.73 -59.44
C ALA G 278 -27.17 72.29 -58.97
N ILE G 279 -26.70 71.41 -59.86
CA ILE G 279 -26.52 70.01 -59.46
C ILE G 279 -25.44 69.90 -58.38
N THR G 280 -24.35 70.67 -58.51
CA THR G 280 -23.33 70.67 -57.47
C THR G 280 -23.88 71.17 -56.14
N ALA G 281 -24.70 72.23 -56.19
CA ALA G 281 -25.30 72.75 -54.96
C ALA G 281 -26.20 71.71 -54.30
N LEU G 282 -27.00 71.00 -55.10
CA LEU G 282 -27.86 69.97 -54.53
C LEU G 282 -27.05 68.82 -53.95
N GLY G 283 -25.94 68.48 -54.59
CA GLY G 283 -25.04 67.50 -53.99
C GLY G 283 -24.50 67.98 -52.66
N LYS G 284 -24.20 69.27 -52.55
CA LYS G 284 -23.79 69.82 -51.27
C LYS G 284 -24.89 69.68 -50.23
N ILE G 285 -26.14 69.90 -50.64
CA ILE G 285 -27.25 69.72 -49.72
C ILE G 285 -27.31 68.29 -49.21
N CYS G 286 -27.14 67.32 -50.11
CA CYS G 286 -27.07 65.93 -49.70
C CYS G 286 -25.96 65.69 -48.69
N ALA G 287 -24.74 66.12 -49.03
CA ALA G 287 -23.61 65.86 -48.14
C ALA G 287 -23.76 66.57 -46.81
N ASP G 288 -24.56 67.63 -46.76
CA ASP G 288 -24.75 68.38 -45.52
C ASP G 288 -25.80 67.70 -44.65
N ARG G 289 -26.98 67.44 -45.19
CA ARG G 289 -28.09 66.92 -44.40
C ARG G 289 -28.08 65.41 -44.25
N LEU G 290 -27.15 64.71 -44.89
CA LEU G 290 -27.09 63.24 -44.85
C LEU G 290 -28.38 62.64 -45.41
N ILE G 291 -28.65 62.95 -46.67
CA ILE G 291 -29.83 62.41 -47.36
C ILE G 291 -29.42 61.89 -48.73
N ASP G 292 -30.40 61.50 -49.53
CA ASP G 292 -30.16 60.87 -50.82
C ASP G 292 -30.54 61.81 -51.96
N GLY G 293 -29.80 61.71 -53.06
CA GLY G 293 -30.08 62.52 -54.23
C GLY G 293 -30.19 61.68 -55.49
N PHE G 294 -31.11 62.04 -56.38
CA PHE G 294 -31.34 61.30 -57.62
C PHE G 294 -31.32 62.30 -58.78
N PHE G 295 -30.13 62.62 -59.28
CA PHE G 295 -30.01 63.56 -60.37
C PHE G 295 -29.91 62.82 -61.69
N ASP G 296 -30.01 63.56 -62.79
CA ASP G 296 -30.11 62.88 -64.08
C ASP G 296 -29.56 63.81 -65.15
N VAL G 297 -28.75 63.27 -66.04
CA VAL G 297 -28.11 64.05 -67.10
C VAL G 297 -29.10 64.32 -68.22
N LYS G 298 -28.75 65.20 -69.15
CA LYS G 298 -29.68 65.55 -70.21
C LYS G 298 -30.10 64.31 -70.98
N PRO G 299 -31.38 63.97 -71.04
CA PRO G 299 -31.79 62.73 -71.70
C PRO G 299 -31.97 62.91 -73.19
N THR G 300 -31.03 63.60 -73.83
CA THR G 300 -30.97 63.71 -75.28
C THR G 300 -29.55 63.55 -75.79
N LEU G 301 -28.64 63.07 -74.96
CA LEU G 301 -27.26 62.85 -75.34
C LEU G 301 -27.07 61.40 -75.76
N THR G 302 -26.23 61.20 -76.77
CA THR G 302 -25.90 59.86 -77.21
C THR G 302 -25.08 59.15 -76.15
N TYR G 303 -25.03 57.81 -76.25
CA TYR G 303 -24.30 57.02 -75.28
C TYR G 303 -22.82 57.37 -75.26
N ALA G 304 -22.29 57.92 -76.35
CA ALA G 304 -20.89 58.33 -76.36
C ALA G 304 -20.66 59.57 -75.51
N GLU G 305 -21.54 60.56 -75.61
CA GLU G 305 -21.38 61.79 -74.86
C GLU G 305 -21.94 61.71 -73.45
N ALA G 306 -22.69 60.66 -73.12
CA ALA G 306 -23.24 60.54 -71.77
C ALA G 306 -22.13 60.42 -70.73
N LEU G 307 -21.09 59.65 -71.02
CA LEU G 307 -20.03 59.43 -70.04
C LEU G 307 -19.28 60.70 -69.65
N PRO G 308 -18.78 61.53 -70.58
CA PRO G 308 -18.13 62.77 -70.15
C PRO G 308 -19.05 63.74 -69.46
N ALA G 309 -20.35 63.72 -69.76
CA ALA G 309 -21.28 64.63 -69.10
C ALA G 309 -21.42 64.30 -67.61
N VAL G 310 -21.30 63.02 -67.25
CA VAL G 310 -21.37 62.65 -65.84
C VAL G 310 -20.19 63.21 -65.08
N GLU G 311 -18.99 63.16 -65.67
CA GLU G 311 -17.84 63.80 -65.05
C GLU G 311 -18.03 65.31 -64.98
N ASP G 312 -18.61 65.89 -66.03
CA ASP G 312 -18.83 67.33 -66.08
C ASP G 312 -19.75 67.78 -64.94
N THR G 313 -20.82 67.01 -64.69
CA THR G 313 -21.86 67.45 -63.77
C THR G 313 -21.33 67.67 -62.35
N GLY G 314 -20.18 67.10 -62.01
CA GLY G 314 -19.39 67.57 -60.88
C GLY G 314 -19.41 66.70 -59.63
N LEU G 315 -20.36 65.78 -59.50
CA LEU G 315 -20.41 65.02 -58.25
C LEU G 315 -19.41 63.86 -58.22
N LEU G 316 -18.70 63.58 -59.31
CA LEU G 316 -17.76 62.48 -59.32
C LEU G 316 -16.60 62.79 -58.38
N GLY G 317 -16.57 62.11 -57.24
CA GLY G 317 -15.53 62.29 -56.26
C GLY G 317 -15.69 61.37 -55.07
N THR G 318 -15.33 61.85 -53.89
CA THR G 318 -15.51 61.09 -52.66
C THR G 318 -16.37 61.80 -51.64
N ASP G 319 -16.78 63.04 -51.90
CA ASP G 319 -17.60 63.77 -50.94
C ASP G 319 -19.08 63.40 -51.06
N TYR G 320 -19.56 63.20 -52.28
CA TYR G 320 -20.97 62.88 -52.52
C TYR G 320 -21.06 61.38 -52.77
N VAL G 321 -21.26 60.62 -51.68
CA VAL G 321 -21.31 59.17 -51.77
C VAL G 321 -22.73 58.64 -51.77
N SER G 322 -23.74 59.51 -51.80
CA SER G 322 -25.13 59.06 -51.75
C SER G 322 -25.95 59.56 -52.94
N CYS G 323 -25.34 60.24 -53.90
CA CYS G 323 -26.06 60.83 -55.01
C CYS G 323 -25.91 59.97 -56.26
N SER G 324 -27.04 59.56 -56.83
CA SER G 324 -27.06 58.74 -58.03
C SER G 324 -27.34 59.61 -59.25
N VAL G 325 -26.81 59.18 -60.39
CA VAL G 325 -26.96 59.89 -61.65
C VAL G 325 -27.60 58.95 -62.67
N TYR G 326 -28.64 59.41 -63.34
CA TYR G 326 -29.37 58.58 -64.29
C TYR G 326 -29.33 59.19 -65.68
N HIS G 327 -29.82 58.41 -66.65
CA HIS G 327 -29.80 58.80 -68.05
C HIS G 327 -30.84 57.95 -68.78
N TYR G 328 -31.81 58.59 -69.41
CA TYR G 328 -32.95 57.90 -70.04
C TYR G 328 -33.16 58.44 -71.44
N PRO G 329 -32.36 57.99 -72.42
CA PRO G 329 -32.51 58.48 -73.79
C PRO G 329 -33.61 57.74 -74.56
N PHE G 330 -34.86 58.06 -74.24
CA PHE G 330 -36.00 57.45 -74.90
C PHE G 330 -37.11 58.48 -75.03
N SER G 331 -37.99 58.25 -75.99
CA SER G 331 -39.15 59.11 -76.21
C SER G 331 -40.39 58.49 -75.57
N CYS G 332 -41.43 59.30 -75.45
CA CYS G 332 -42.65 58.83 -74.81
C CYS G 332 -43.80 59.71 -75.26
N LYS G 333 -45.01 59.21 -75.04
CA LYS G 333 -46.24 59.93 -75.37
C LYS G 333 -46.79 60.55 -74.09
N ASP G 334 -46.98 61.86 -74.11
CA ASP G 334 -47.36 62.58 -72.90
C ASP G 334 -48.77 62.22 -72.46
N LYS G 335 -49.00 62.30 -71.15
CA LYS G 335 -50.30 61.92 -70.60
C LYS G 335 -51.37 62.97 -70.87
N TRP G 336 -51.00 64.25 -70.83
CA TRP G 336 -51.99 65.32 -70.91
C TRP G 336 -52.17 65.83 -72.34
N THR G 337 -51.09 66.34 -72.95
CA THR G 337 -51.19 66.99 -74.24
C THR G 337 -51.21 66.03 -75.41
N GLN G 338 -50.86 64.75 -75.19
CA GLN G 338 -50.82 63.75 -76.25
C GLN G 338 -49.86 64.16 -77.37
N SER G 339 -48.57 64.23 -77.02
CA SER G 339 -47.54 64.60 -77.97
C SER G 339 -46.28 63.78 -77.69
N ARG G 340 -45.25 64.02 -78.50
CA ARG G 340 -43.98 63.31 -78.37
C ARG G 340 -43.03 64.16 -77.54
N VAL G 341 -42.78 63.75 -76.29
CA VAL G 341 -41.93 64.49 -75.38
C VAL G 341 -40.89 63.56 -74.79
N VAL G 342 -39.82 64.15 -74.27
CA VAL G 342 -38.76 63.42 -73.58
C VAL G 342 -38.45 64.12 -72.27
N PHE G 343 -38.34 63.35 -71.19
CA PHE G 343 -37.91 63.89 -69.92
C PHE G 343 -37.14 62.82 -69.17
N GLY G 344 -36.76 63.13 -67.93
CA GLY G 344 -35.78 62.34 -67.21
C GLY G 344 -36.36 61.21 -66.39
N LEU G 345 -35.56 60.75 -65.43
CA LEU G 345 -35.87 59.56 -64.65
C LEU G 345 -35.78 59.79 -63.14
N SER G 346 -35.59 61.02 -62.69
CA SER G 346 -35.48 61.27 -61.26
C SER G 346 -36.76 60.90 -60.52
N GLY G 347 -37.91 61.24 -61.09
CA GLY G 347 -39.17 60.91 -60.45
C GLY G 347 -39.36 59.42 -60.28
N VAL G 348 -39.06 58.65 -61.33
CA VAL G 348 -39.23 57.21 -61.25
C VAL G 348 -38.22 56.60 -60.28
N ALA G 349 -37.00 57.13 -60.26
CA ALA G 349 -36.02 56.63 -59.31
C ALA G 349 -36.49 56.85 -57.88
N TYR G 350 -37.02 58.03 -57.58
CA TYR G 350 -37.52 58.26 -56.23
C TYR G 350 -38.76 57.41 -55.94
N ALA G 351 -39.60 57.15 -56.93
CA ALA G 351 -40.73 56.28 -56.71
C ALA G 351 -40.27 54.88 -56.35
N ALA G 352 -39.22 54.40 -57.02
CA ALA G 352 -38.65 53.11 -56.65
C ALA G 352 -38.11 53.12 -55.23
N LYS G 353 -37.41 54.19 -54.85
CA LYS G 353 -36.87 54.27 -53.50
C LYS G 353 -37.98 54.28 -52.46
N ALA G 354 -39.07 54.99 -52.74
CA ALA G 354 -40.18 55.04 -51.78
C ALA G 354 -40.89 53.69 -51.69
N ARG G 355 -41.08 53.01 -52.82
CA ARG G 355 -41.64 51.67 -52.77
C ARG G 355 -40.77 50.75 -51.92
N GLY G 356 -39.45 50.89 -52.04
CA GLY G 356 -38.57 50.10 -51.21
C GLY G 356 -38.67 50.45 -49.74
N VAL G 357 -38.76 51.74 -49.43
CA VAL G 357 -38.75 52.17 -48.04
C VAL G 357 -40.08 51.90 -47.35
N LYS G 358 -41.15 51.66 -48.11
CA LYS G 358 -42.45 51.37 -47.51
C LYS G 358 -42.68 49.89 -47.24
N LYS G 359 -41.69 49.03 -47.49
CA LYS G 359 -41.88 47.60 -47.28
C LYS G 359 -41.95 47.26 -45.80
N ASN G 360 -40.89 47.57 -45.06
CA ASN G 360 -40.89 47.37 -43.62
C ASN G 360 -41.67 48.49 -42.93
N SER G 361 -42.40 48.13 -41.87
CA SER G 361 -43.24 49.09 -41.18
C SER G 361 -42.64 49.62 -39.89
N ASP G 362 -41.84 48.81 -39.19
CA ASP G 362 -41.29 49.25 -37.92
C ASP G 362 -40.24 50.34 -38.12
N VAL G 363 -39.15 50.02 -38.80
CA VAL G 363 -38.08 50.97 -39.07
C VAL G 363 -38.03 51.38 -40.53
N GLY G 364 -38.79 50.74 -41.40
CA GLY G 364 -38.75 51.06 -42.81
C GLY G 364 -37.58 50.39 -43.49
N GLY G 365 -37.81 49.84 -44.67
CA GLY G 365 -36.74 49.13 -45.35
C GLY G 365 -35.88 50.05 -46.17
N TRP G 366 -34.74 50.44 -45.63
CA TRP G 366 -33.77 51.26 -46.36
C TRP G 366 -32.75 50.42 -47.11
N HIS G 367 -32.75 49.10 -46.92
CA HIS G 367 -31.76 48.24 -47.53
C HIS G 367 -32.18 47.71 -48.89
N TYR G 368 -33.34 48.11 -49.40
CA TYR G 368 -33.80 47.68 -50.71
C TYR G 368 -33.24 48.61 -51.77
N SER G 369 -32.55 48.06 -52.75
CA SER G 369 -31.99 48.88 -53.81
C SER G 369 -33.11 49.42 -54.70
N PRO G 370 -32.96 50.62 -55.24
CA PRO G 370 -33.96 51.21 -56.14
C PRO G 370 -33.88 50.69 -57.57
N ALA G 371 -33.88 49.37 -57.72
CA ALA G 371 -33.83 48.76 -59.04
C ALA G 371 -34.39 47.35 -58.95
N GLY G 372 -34.75 46.80 -60.09
CA GLY G 372 -35.29 45.47 -60.17
C GLY G 372 -36.51 45.43 -61.06
N GLU G 373 -37.22 44.31 -61.00
CA GLU G 373 -38.42 44.13 -61.79
C GLU G 373 -39.70 44.20 -60.97
N GLU G 374 -39.60 44.32 -59.66
CA GLU G 374 -40.76 44.42 -58.80
C GLU G 374 -40.86 45.76 -58.08
N ARG G 375 -39.88 46.64 -58.23
CA ARG G 375 -39.90 47.91 -57.53
C ARG G 375 -39.50 49.11 -58.36
N ALA G 376 -39.14 48.96 -59.63
CA ALA G 376 -38.62 50.08 -60.40
C ALA G 376 -39.15 50.06 -61.83
N VAL G 377 -40.34 49.52 -62.03
CA VAL G 377 -40.91 49.51 -63.37
C VAL G 377 -41.21 50.94 -63.80
N ILE G 378 -41.07 51.20 -65.10
CA ILE G 378 -41.29 52.52 -65.67
C ILE G 378 -42.60 52.47 -66.46
N ALA G 379 -43.53 53.34 -66.06
CA ALA G 379 -44.84 53.40 -66.70
C ALA G 379 -44.89 54.61 -67.62
N ARG G 380 -44.89 54.36 -68.93
CA ARG G 380 -45.00 55.42 -69.92
C ARG G 380 -45.98 54.95 -70.99
N ALA G 381 -46.02 55.67 -72.11
CA ALA G 381 -46.93 55.37 -73.19
C ALA G 381 -46.16 55.36 -74.50
N SER G 382 -46.12 54.20 -75.16
CA SER G 382 -45.52 54.05 -76.48
C SER G 382 -44.06 54.49 -76.48
N ILE G 383 -43.27 53.83 -75.65
CA ILE G 383 -41.84 54.15 -75.56
C ILE G 383 -41.19 53.81 -76.89
N GLN G 384 -40.58 54.80 -77.52
CA GLN G 384 -39.92 54.63 -78.82
C GLN G 384 -38.48 55.11 -78.68
N PRO G 385 -37.48 54.24 -78.81
CA PRO G 385 -36.10 54.65 -78.54
C PRO G 385 -35.65 55.79 -79.44
N LEU G 386 -34.85 56.68 -78.87
CA LEU G 386 -34.37 57.85 -79.61
C LEU G 386 -33.29 57.47 -80.61
N TYR G 387 -32.38 56.58 -80.23
CA TYR G 387 -31.25 56.17 -81.08
C TYR G 387 -31.25 54.65 -81.16
N PRO G 388 -32.15 54.06 -81.96
CA PRO G 388 -32.16 52.60 -82.09
C PRO G 388 -30.88 52.03 -82.68
N GLU G 389 -30.12 52.81 -83.45
CA GLU G 389 -28.92 52.25 -84.08
C GLU G 389 -27.73 52.14 -83.14
N ASP G 390 -27.81 52.72 -81.94
CA ASP G 390 -26.69 52.70 -81.02
C ASP G 390 -26.82 51.53 -80.05
N THR G 391 -25.86 51.42 -79.14
CA THR G 391 -25.80 50.32 -78.19
C THR G 391 -25.11 50.79 -76.93
N PRO G 392 -25.53 50.30 -75.76
CA PRO G 392 -24.89 50.73 -74.51
C PRO G 392 -23.47 50.19 -74.41
N ASP G 393 -22.76 50.69 -73.39
CA ASP G 393 -21.33 50.43 -73.18
C ASP G 393 -21.11 49.89 -71.78
N GLU G 394 -21.86 48.84 -71.43
CA GLU G 394 -22.01 48.36 -70.06
C GLU G 394 -20.76 48.51 -69.19
N GLU G 395 -19.61 48.05 -69.68
CA GLU G 395 -18.39 48.15 -68.89
C GLU G 395 -17.99 49.60 -68.65
N ALA G 396 -18.03 50.41 -69.72
CA ALA G 396 -17.69 51.83 -69.56
C ALA G 396 -18.68 52.53 -68.65
N MET G 397 -19.97 52.19 -68.76
CA MET G 397 -20.97 52.80 -67.90
C MET G 397 -20.72 52.45 -66.44
N VAL G 398 -20.42 51.19 -66.15
CA VAL G 398 -20.18 50.79 -64.76
C VAL G 398 -18.93 51.47 -64.22
N LYS G 399 -17.90 51.60 -65.06
CA LYS G 399 -16.69 52.28 -64.59
C LYS G 399 -16.94 53.77 -64.38
N GLY G 400 -17.83 54.38 -65.18
CA GLY G 400 -18.15 55.78 -65.07
C GLY G 400 -19.31 56.11 -64.15
N ARG G 401 -19.86 55.11 -63.46
CA ARG G 401 -20.91 55.32 -62.46
C ARG G 401 -22.15 55.96 -63.10
N LEU G 402 -22.76 55.23 -64.01
CA LEU G 402 -23.96 55.68 -64.71
C LEU G 402 -24.96 54.54 -64.73
N ASN G 403 -26.09 54.70 -64.06
CA ASN G 403 -27.12 53.68 -64.08
C ASN G 403 -27.80 53.63 -65.44
N LYS G 404 -28.14 52.43 -65.88
CA LYS G 404 -28.67 52.21 -67.21
C LYS G 404 -30.02 51.52 -67.15
N VAL G 405 -30.87 51.83 -68.11
CA VAL G 405 -32.17 51.19 -68.22
C VAL G 405 -32.03 49.94 -69.09
N SER G 406 -33.02 49.06 -69.01
CA SER G 406 -33.02 47.83 -69.77
C SER G 406 -34.46 47.41 -70.01
N VAL G 407 -34.63 46.20 -70.54
CA VAL G 407 -35.95 45.62 -70.74
C VAL G 407 -35.99 44.31 -69.97
N GLY G 408 -36.71 44.31 -68.85
CA GLY G 408 -36.83 43.12 -68.03
C GLY G 408 -37.87 42.17 -68.59
N THR G 409 -38.30 41.24 -67.74
CA THR G 409 -39.33 40.29 -68.13
C THR G 409 -40.65 41.02 -68.37
N SER G 410 -41.50 40.39 -69.20
CA SER G 410 -42.83 40.89 -69.54
C SER G 410 -42.76 42.09 -70.47
N GLY G 411 -41.55 42.59 -70.74
CA GLY G 411 -41.38 43.65 -71.72
C GLY G 411 -41.52 45.07 -71.23
N GLN G 412 -41.58 45.28 -69.91
CA GLN G 412 -41.64 46.63 -69.37
C GLN G 412 -40.24 47.11 -69.00
N MET G 413 -39.92 48.34 -69.39
CA MET G 413 -38.62 48.91 -69.09
C MET G 413 -38.43 49.03 -67.58
N ILE G 414 -37.22 48.75 -67.11
CA ILE G 414 -36.89 48.83 -65.71
C ILE G 414 -35.54 49.52 -65.56
N ILE G 415 -35.26 49.95 -64.33
CA ILE G 415 -33.93 50.42 -63.96
C ILE G 415 -33.13 49.23 -63.45
N ASP G 416 -31.92 49.07 -63.96
CA ASP G 416 -31.14 47.86 -63.69
C ASP G 416 -29.76 48.19 -63.15
N ASP G 417 -29.66 49.17 -62.26
CA ASP G 417 -28.41 49.43 -61.56
C ASP G 417 -28.69 50.24 -60.32
N ALA G 418 -27.77 50.16 -59.36
CA ALA G 418 -27.88 50.87 -58.10
C ALA G 418 -26.52 51.45 -57.73
N LEU G 419 -25.86 52.08 -58.68
CA LEU G 419 -24.52 52.61 -58.47
C LEU G 419 -24.57 54.09 -58.16
N THR G 420 -23.82 54.50 -57.16
CA THR G 420 -23.75 55.89 -56.74
C THR G 420 -22.63 56.61 -57.47
N CYS G 421 -22.29 57.81 -57.01
CA CYS G 421 -21.26 58.62 -57.63
C CYS G 421 -19.88 58.41 -57.01
N CYS G 422 -19.76 57.53 -56.02
CA CYS G 422 -18.46 57.28 -55.42
C CYS G 422 -17.54 56.59 -56.42
N THR G 423 -16.29 57.04 -56.46
CA THR G 423 -15.31 56.45 -57.37
C THR G 423 -14.53 55.30 -56.75
N GLN G 424 -14.35 55.32 -55.44
CA GLN G 424 -13.61 54.25 -54.77
C GLN G 424 -14.35 52.94 -54.91
N ASP G 425 -13.59 51.86 -55.11
CA ASP G 425 -14.18 50.53 -55.31
C ASP G 425 -14.24 49.81 -53.97
N ASN G 426 -15.28 50.12 -53.21
CA ASN G 426 -15.54 49.48 -51.92
C ASN G 426 -17.04 49.32 -51.78
N TYR G 427 -17.50 49.03 -50.57
CA TYR G 427 -18.92 48.84 -50.33
C TYR G 427 -19.72 50.12 -50.51
N LEU G 428 -19.08 51.27 -50.62
CA LEU G 428 -19.79 52.54 -50.59
C LEU G 428 -20.40 52.91 -51.94
N HIS G 429 -20.00 52.26 -53.03
CA HIS G 429 -20.54 52.69 -54.31
C HIS G 429 -21.88 52.04 -54.63
N PHE G 430 -22.31 51.04 -53.87
CA PHE G 430 -23.67 50.55 -54.01
C PHE G 430 -24.64 51.55 -53.41
N GLN G 431 -25.90 51.45 -53.80
CA GLN G 431 -26.86 52.49 -53.42
C GLN G 431 -27.40 52.29 -52.01
N HIS G 432 -27.68 51.05 -51.63
CA HIS G 432 -28.40 50.84 -50.39
C HIS G 432 -27.53 51.07 -49.15
N VAL G 433 -26.23 50.82 -49.24
CA VAL G 433 -25.37 50.97 -48.07
C VAL G 433 -25.31 52.40 -47.55
N PRO G 434 -25.05 53.42 -48.37
CA PRO G 434 -25.07 54.78 -47.84
C PRO G 434 -26.41 55.18 -47.27
N SER G 435 -27.52 54.74 -47.87
CA SER G 435 -28.83 55.11 -47.35
C SER G 435 -29.06 54.54 -45.96
N LEU G 436 -28.72 53.27 -45.77
CA LEU G 436 -28.88 52.65 -44.45
C LEU G 436 -27.97 53.32 -43.42
N MET G 437 -26.71 53.55 -43.78
CA MET G 437 -25.80 54.19 -42.84
C MET G 437 -26.27 55.60 -42.49
N ASN G 438 -26.82 56.32 -43.47
CA ASN G 438 -27.29 57.67 -43.19
C ASN G 438 -28.54 57.65 -42.32
N ALA G 439 -29.41 56.66 -42.48
CA ALA G 439 -30.54 56.54 -41.56
C ALA G 439 -30.06 56.34 -40.14
N ILE G 440 -29.09 55.44 -39.95
CA ILE G 440 -28.56 55.22 -38.60
C ILE G 440 -27.94 56.50 -38.06
N SER G 441 -27.19 57.21 -38.90
CA SER G 441 -26.53 58.43 -38.44
C SER G 441 -27.54 59.51 -38.04
N ARG G 442 -28.62 59.65 -38.81
CA ARG G 442 -29.63 60.64 -38.45
C ARG G 442 -30.30 60.29 -37.12
N PHE G 443 -30.61 59.01 -36.90
CA PHE G 443 -31.15 58.62 -35.61
C PHE G 443 -30.17 58.93 -34.49
N PHE G 444 -28.87 58.66 -34.72
CA PHE G 444 -27.89 58.95 -33.68
C PHE G 444 -27.82 60.44 -33.37
N VAL G 445 -27.88 61.28 -34.41
CA VAL G 445 -27.83 62.71 -34.16
C VAL G 445 -29.01 63.13 -33.31
N GLN G 446 -30.21 62.61 -33.62
CA GLN G 446 -31.37 62.94 -32.80
C GLN G 446 -31.15 62.53 -31.35
N LEU G 447 -30.70 61.29 -31.14
CA LEU G 447 -30.54 60.79 -29.77
C LEU G 447 -29.50 61.58 -28.99
N ALA G 448 -28.35 61.85 -29.62
CA ALA G 448 -27.28 62.57 -28.91
C ALA G 448 -27.69 64.01 -28.64
N ARG G 449 -28.40 64.65 -29.57
CA ARG G 449 -28.89 66.00 -29.31
C ARG G 449 -29.83 66.00 -28.11
N GLN G 450 -30.73 65.02 -28.05
CA GLN G 450 -31.62 64.94 -26.90
C GLN G 450 -30.86 64.70 -25.59
N MET G 451 -29.78 63.93 -25.65
CA MET G 451 -29.10 63.47 -24.46
C MET G 451 -27.89 64.31 -24.08
N LYS G 452 -27.65 65.40 -24.79
CA LYS G 452 -26.52 66.27 -24.47
C LYS G 452 -26.70 66.93 -23.11
N HIS G 453 -25.57 67.26 -22.48
CA HIS G 453 -25.48 68.02 -21.23
C HIS G 453 -25.97 67.24 -20.01
N SER G 454 -25.82 65.94 -19.99
CA SER G 454 -26.19 65.15 -18.84
C SER G 454 -24.96 64.57 -18.16
N PRO G 455 -25.04 64.23 -16.88
CA PRO G 455 -23.91 63.60 -16.21
C PRO G 455 -23.60 62.23 -16.81
N ASP G 456 -22.36 61.79 -16.64
CA ASP G 456 -21.88 60.60 -17.32
C ASP G 456 -22.67 59.36 -16.90
N GLY G 457 -23.09 59.30 -15.63
CA GLY G 457 -23.81 58.13 -15.16
C GLY G 457 -25.08 57.88 -15.95
N ILE G 458 -25.86 58.92 -16.18
CA ILE G 458 -27.04 58.79 -17.02
C ILE G 458 -26.65 58.63 -18.49
N THR G 459 -25.63 59.38 -18.92
CA THR G 459 -25.33 59.45 -20.35
C THR G 459 -24.87 58.11 -20.91
N ALA G 460 -23.97 57.42 -20.21
CA ALA G 460 -23.45 56.16 -20.74
C ALA G 460 -24.56 55.14 -20.89
N ALA G 461 -25.36 54.96 -19.84
CA ALA G 461 -26.43 53.97 -19.88
C ALA G 461 -27.46 54.33 -20.94
N GLY G 462 -27.82 55.62 -21.04
CA GLY G 462 -28.82 56.01 -22.03
C GLY G 462 -28.34 55.79 -23.45
N LEU G 463 -27.11 56.21 -23.75
CA LEU G 463 -26.58 56.01 -25.09
C LEU G 463 -26.50 54.54 -25.44
N THR G 464 -25.98 53.71 -24.52
CA THR G 464 -25.87 52.29 -24.80
C THR G 464 -27.24 51.66 -25.04
N LYS G 465 -28.22 52.01 -24.20
CA LYS G 465 -29.56 51.43 -24.37
C LYS G 465 -30.19 51.84 -25.68
N GLY G 466 -30.10 53.13 -26.02
CA GLY G 466 -30.70 53.59 -27.27
C GLY G 466 -30.08 52.95 -28.50
N MET G 467 -28.74 52.93 -28.55
CA MET G 467 -28.07 52.33 -29.70
C MET G 467 -28.34 50.84 -29.79
N THR G 468 -28.29 50.13 -28.66
CA THR G 468 -28.56 48.70 -28.70
C THR G 468 -29.96 48.42 -29.20
N LYS G 469 -30.94 49.19 -28.72
CA LYS G 469 -32.31 48.96 -29.18
C LYS G 469 -32.45 49.24 -30.67
N LEU G 470 -31.88 50.34 -31.15
CA LEU G 470 -32.04 50.67 -32.56
C LEU G 470 -31.37 49.63 -33.45
N LEU G 471 -30.15 49.23 -33.12
CA LEU G 471 -29.45 48.26 -33.95
C LEU G 471 -30.10 46.88 -33.87
N ASP G 472 -30.67 46.52 -32.72
CA ASP G 472 -31.43 45.28 -32.66
C ASP G 472 -32.67 45.34 -33.54
N ARG G 473 -33.33 46.50 -33.59
CA ARG G 473 -34.47 46.65 -34.48
C ARG G 473 -34.04 46.47 -35.93
N PHE G 474 -32.90 47.05 -36.31
CA PHE G 474 -32.43 46.90 -37.68
C PHE G 474 -32.07 45.46 -38.01
N VAL G 475 -31.40 44.77 -37.09
CA VAL G 475 -31.04 43.38 -37.34
C VAL G 475 -32.28 42.51 -37.49
N ALA G 476 -33.28 42.73 -36.62
CA ALA G 476 -34.52 41.99 -36.76
C ALA G 476 -35.22 42.31 -38.07
N SER G 477 -35.11 43.56 -38.53
CA SER G 477 -35.65 43.92 -39.84
C SER G 477 -34.96 43.13 -40.94
N GLY G 478 -33.65 42.97 -40.85
CA GLY G 478 -32.90 42.20 -41.80
C GLY G 478 -31.90 42.98 -42.63
N ALA G 479 -31.59 44.21 -42.26
CA ALA G 479 -30.63 45.02 -43.00
C ALA G 479 -29.19 44.71 -42.64
N LEU G 480 -28.93 43.99 -41.56
CA LEU G 480 -27.58 43.61 -41.16
C LEU G 480 -27.53 42.10 -41.00
N VAL G 481 -26.44 41.50 -41.47
CA VAL G 481 -26.25 40.06 -41.41
C VAL G 481 -24.89 39.77 -40.79
N ALA G 482 -24.64 38.49 -40.53
CA ALA G 482 -23.39 38.08 -39.92
C ALA G 482 -22.22 38.41 -40.84
N PRO G 483 -21.03 38.66 -40.28
CA PRO G 483 -19.89 39.05 -41.12
C PRO G 483 -19.51 37.94 -42.10
N ARG G 484 -18.92 38.35 -43.22
CA ARG G 484 -18.57 37.40 -44.26
C ARG G 484 -17.55 36.37 -43.77
N ASP G 485 -16.55 36.82 -43.01
CA ASP G 485 -15.51 35.92 -42.51
C ASP G 485 -15.60 35.86 -40.99
N PRO G 486 -16.28 34.88 -40.42
CA PRO G 486 -16.46 34.80 -38.96
C PRO G 486 -15.27 34.18 -38.25
N ASP G 487 -14.07 34.63 -38.60
CA ASP G 487 -12.84 34.17 -37.96
C ASP G 487 -12.07 35.30 -37.32
N ALA G 488 -11.99 36.46 -37.97
CA ALA G 488 -11.25 37.61 -37.43
C ALA G 488 -12.19 38.61 -36.77
N ASP G 489 -13.17 39.11 -37.52
CA ASP G 489 -14.08 40.15 -37.01
C ASP G 489 -15.33 39.55 -36.39
N GLY G 490 -15.16 38.63 -35.45
CA GLY G 490 -16.23 38.07 -34.66
C GLY G 490 -17.34 37.46 -35.49
N THR G 491 -18.51 37.33 -34.85
CA THR G 491 -19.68 36.79 -35.52
C THR G 491 -20.96 37.57 -35.17
N GLU G 492 -20.83 38.83 -34.77
CA GLU G 492 -22.05 39.57 -34.49
C GLU G 492 -22.30 40.60 -35.59
N PRO G 493 -23.56 40.84 -35.96
CA PRO G 493 -23.85 41.80 -37.03
C PRO G 493 -23.32 43.19 -36.75
N TYR G 494 -23.38 43.64 -35.51
CA TYR G 494 -22.95 44.97 -35.12
C TYR G 494 -22.14 44.92 -33.84
N VAL G 495 -21.17 45.81 -33.74
CA VAL G 495 -20.36 45.98 -32.55
C VAL G 495 -20.42 47.46 -32.14
N LEU G 496 -20.82 47.71 -30.91
CA LEU G 496 -21.02 49.06 -30.41
C LEU G 496 -20.06 49.32 -29.25
N LYS G 497 -19.47 50.51 -29.22
CA LYS G 497 -18.53 50.85 -28.17
C LYS G 497 -18.72 52.32 -27.81
N VAL G 498 -19.15 52.58 -26.58
CA VAL G 498 -19.33 53.93 -26.06
C VAL G 498 -18.24 54.17 -25.03
N THR G 499 -17.49 55.25 -25.21
CA THR G 499 -16.33 55.49 -24.36
C THR G 499 -16.22 56.97 -24.03
N GLN G 500 -15.41 57.27 -23.02
CA GLN G 500 -15.09 58.63 -22.63
C GLN G 500 -13.64 58.91 -22.98
N ALA G 501 -13.41 60.01 -23.71
CA ALA G 501 -12.06 60.36 -24.14
C ALA G 501 -11.38 61.37 -23.23
N GLU G 502 -12.10 62.42 -22.83
CA GLU G 502 -11.64 63.34 -21.79
C GLU G 502 -12.84 63.61 -20.90
N PHE G 503 -12.78 64.72 -20.15
CA PHE G 503 -13.88 65.08 -19.27
C PHE G 503 -15.21 65.06 -19.99
N ASP G 504 -15.30 65.70 -21.16
CA ASP G 504 -16.53 65.68 -21.97
C ASP G 504 -16.17 65.44 -23.43
N LYS G 505 -15.98 64.18 -23.80
CA LYS G 505 -15.80 63.82 -25.21
C LYS G 505 -16.44 62.47 -25.49
N TRP G 506 -17.66 62.26 -25.02
CA TRP G 506 -18.32 60.96 -25.20
C TRP G 506 -18.29 60.53 -26.66
N GLU G 507 -17.59 59.43 -26.94
CA GLU G 507 -17.36 58.97 -28.30
C GLU G 507 -18.05 57.63 -28.50
N VAL G 508 -18.86 57.54 -29.54
CA VAL G 508 -19.62 56.33 -29.87
C VAL G 508 -19.12 55.81 -31.19
N VAL G 509 -18.71 54.54 -31.22
CA VAL G 509 -18.24 53.89 -32.44
C VAL G 509 -19.05 52.64 -32.65
N TRP G 510 -19.78 52.57 -33.76
CA TRP G 510 -20.58 51.41 -34.11
C TRP G 510 -20.15 50.90 -35.47
N ALA G 511 -19.95 49.59 -35.57
CA ALA G 511 -19.55 48.93 -36.80
C ALA G 511 -20.62 47.91 -37.16
N CYS G 512 -21.13 47.99 -38.39
CA CYS G 512 -22.22 47.13 -38.83
C CYS G 512 -21.81 46.40 -40.10
N CYS G 513 -22.38 45.20 -40.29
CA CYS G 513 -22.15 44.48 -41.53
C CYS G 513 -23.41 44.56 -42.39
N PRO G 514 -23.40 45.33 -43.48
CA PRO G 514 -24.62 45.49 -44.27
C PRO G 514 -24.91 44.27 -45.13
N THR G 515 -26.16 44.19 -45.59
CA THR G 515 -26.57 43.08 -46.43
C THR G 515 -25.91 43.15 -47.80
N GLY G 516 -25.93 42.02 -48.49
CA GLY G 516 -25.36 41.94 -49.82
C GLY G 516 -26.44 41.90 -50.88
N VAL G 517 -26.44 42.90 -51.75
CA VAL G 517 -27.33 42.89 -52.89
C VAL G 517 -26.96 41.74 -53.82
N ALA G 518 -27.91 41.33 -54.64
CA ALA G 518 -27.72 40.24 -55.60
C ALA G 518 -27.78 40.85 -57.00
N ARG G 519 -26.63 41.32 -57.47
CA ARG G 519 -26.53 41.97 -58.77
C ARG G 519 -26.09 41.03 -59.88
N ARG G 520 -25.16 40.13 -59.60
CA ARG G 520 -24.67 39.17 -60.57
C ARG G 520 -24.94 37.77 -60.05
N ILE G 521 -25.69 36.99 -60.83
CA ILE G 521 -26.04 35.62 -60.49
C ILE G 521 -25.51 34.70 -61.59
N GLN G 522 -24.75 33.69 -61.20
CA GLN G 522 -24.12 32.79 -62.15
C GLN G 522 -24.41 31.35 -61.78
N GLY G 523 -24.74 30.53 -62.78
CA GLY G 523 -25.00 29.12 -62.57
C GLY G 523 -23.98 28.27 -63.31
N VAL G 524 -23.50 27.23 -62.65
CA VAL G 524 -22.49 26.34 -63.20
C VAL G 524 -23.05 24.92 -63.16
N PRO G 525 -23.64 24.43 -64.25
CA PRO G 525 -24.13 23.06 -64.26
C PRO G 525 -22.99 22.06 -64.24
N LEU G 526 -23.27 20.88 -63.70
CA LEU G 526 -22.28 19.82 -63.59
C LEU G 526 -22.91 18.49 -63.95
N LEU G 527 -22.07 17.51 -64.25
CA LEU G 527 -22.50 16.15 -64.49
C LEU G 527 -21.74 15.21 -63.56
N ILE G 528 -22.45 14.22 -63.01
CA ILE G 528 -21.89 13.30 -62.04
C ILE G 528 -21.71 11.94 -62.70
N LYS G 529 -20.51 11.40 -62.62
CA LYS G 529 -20.22 10.08 -63.18
C LYS G 529 -20.99 9.01 -62.42
N SER H 2 -30.06 39.51 -78.93
CA SER H 2 -31.38 40.04 -78.63
C SER H 2 -31.86 39.58 -77.26
N GLN H 3 -33.18 39.40 -77.14
CA GLN H 3 -33.73 38.85 -75.91
C GLN H 3 -33.67 37.33 -75.95
N TYR H 4 -33.96 36.71 -74.81
CA TYR H 4 -33.94 35.26 -74.63
C TYR H 4 -32.53 34.70 -74.80
N SER H 5 -31.57 35.54 -75.15
CA SER H 5 -30.20 35.08 -75.30
C SER H 5 -29.57 34.88 -73.92
N ILE H 6 -28.61 33.96 -73.85
CA ILE H 6 -27.93 33.62 -72.61
C ILE H 6 -26.44 33.85 -72.79
N GLN H 7 -25.85 34.65 -71.91
CA GLN H 7 -24.43 34.88 -71.95
C GLN H 7 -23.70 33.86 -71.09
N GLN H 8 -22.37 33.93 -71.10
CA GLN H 8 -21.55 32.98 -70.36
C GLN H 8 -20.46 33.61 -69.52
N SER H 9 -20.05 34.85 -69.79
CA SER H 9 -18.94 35.45 -69.08
C SER H 9 -19.38 36.15 -67.79
N LEU H 10 -20.23 37.17 -67.93
CA LEU H 10 -20.75 37.93 -66.79
C LEU H 10 -19.61 38.55 -65.98
N GLY H 11 -18.95 39.51 -66.62
CA GLY H 11 -17.86 40.21 -65.98
C GLY H 11 -18.15 41.64 -65.60
N ASN H 12 -18.28 41.89 -64.29
CA ASN H 12 -18.37 43.25 -63.74
C ASN H 12 -19.55 44.03 -64.32
N ALA H 13 -20.68 43.35 -64.51
CA ALA H 13 -21.88 43.99 -65.00
C ALA H 13 -23.08 43.19 -64.54
N SER H 14 -24.20 43.89 -64.27
CA SER H 14 -25.40 43.20 -63.83
C SER H 14 -25.91 42.28 -64.92
N GLY H 15 -26.40 41.11 -64.51
CA GLY H 15 -26.94 40.16 -65.45
C GLY H 15 -26.96 38.77 -64.85
N VAL H 16 -27.36 37.82 -65.68
CA VAL H 16 -27.40 36.40 -65.31
C VAL H 16 -26.80 35.59 -66.44
N ALA H 17 -25.93 34.64 -66.10
CA ALA H 17 -25.27 33.83 -67.10
C ALA H 17 -25.09 32.42 -66.57
N VAL H 18 -25.07 31.45 -67.49
CA VAL H 18 -24.85 30.05 -67.16
C VAL H 18 -23.62 29.57 -67.91
N SER H 19 -22.74 28.89 -67.19
CA SER H 19 -21.51 28.39 -67.79
C SER H 19 -21.81 27.17 -68.65
N PRO H 20 -21.01 26.92 -69.68
CA PRO H 20 -21.21 25.72 -70.49
C PRO H 20 -20.99 24.47 -69.66
N ILE H 21 -21.69 23.39 -70.04
CA ILE H 21 -21.70 22.17 -69.25
C ILE H 21 -20.29 21.63 -69.11
N ASN H 22 -19.93 21.22 -67.91
CA ASN H 22 -18.56 20.80 -67.64
C ASN H 22 -18.29 19.42 -68.24
N ALA H 23 -18.96 18.40 -67.71
CA ALA H 23 -18.92 17.04 -68.26
C ALA H 23 -17.48 16.56 -68.46
N ASP H 24 -16.64 16.77 -67.45
CA ASP H 24 -15.27 16.31 -67.50
C ASP H 24 -14.96 15.18 -66.54
N ALA H 25 -15.79 14.98 -65.52
CA ALA H 25 -15.63 13.87 -64.60
C ALA H 25 -16.31 12.60 -65.10
N THR H 26 -16.89 12.63 -66.29
CA THR H 26 -17.61 11.50 -66.86
C THR H 26 -17.02 11.06 -68.19
N LEU H 27 -15.72 11.26 -68.37
CA LEU H 27 -15.09 10.92 -69.64
C LEU H 27 -14.87 9.42 -69.74
N SER H 28 -15.47 8.82 -70.75
CA SER H 28 -15.29 7.40 -71.07
C SER H 28 -14.37 7.27 -72.27
N THR H 29 -14.20 6.02 -72.73
CA THR H 29 -13.39 5.75 -73.90
C THR H 29 -14.05 4.65 -74.70
N GLY H 30 -14.39 4.93 -75.96
CA GLY H 30 -15.00 3.95 -76.81
C GLY H 30 -14.02 3.30 -77.77
N VAL H 31 -13.57 2.09 -77.44
CA VAL H 31 -12.62 1.38 -78.28
C VAL H 31 -13.20 0.08 -78.82
N ALA H 32 -14.16 -0.54 -78.12
CA ALA H 32 -14.76 -1.80 -78.54
C ALA H 32 -13.69 -2.88 -78.72
N LEU H 33 -13.09 -3.25 -77.59
CA LEU H 33 -11.99 -4.20 -77.61
C LEU H 33 -12.41 -5.56 -78.16
N ASN H 34 -13.67 -5.95 -77.97
CA ASN H 34 -14.12 -7.25 -78.43
C ASN H 34 -14.47 -7.27 -79.90
N SER H 35 -13.57 -6.78 -80.74
CA SER H 35 -13.77 -6.76 -82.18
C SER H 35 -12.45 -7.09 -82.86
N SER H 36 -12.49 -8.00 -83.84
CA SER H 36 -11.29 -8.46 -84.53
C SER H 36 -11.55 -8.51 -86.02
N LEU H 37 -10.61 -7.97 -86.80
CA LEU H 37 -10.66 -8.03 -88.25
C LEU H 37 -9.31 -8.47 -88.77
N TRP H 38 -9.31 -9.12 -89.93
CA TRP H 38 -8.11 -9.70 -90.50
C TRP H 38 -7.75 -9.00 -91.80
N ALA H 39 -6.47 -8.73 -91.99
CA ALA H 39 -5.98 -8.06 -93.18
C ALA H 39 -4.93 -8.91 -93.87
N GLY H 40 -5.03 -9.02 -95.19
CA GLY H 40 -4.09 -9.86 -95.91
C GLY H 40 -3.92 -9.43 -97.36
N ILE H 41 -2.83 -9.89 -97.96
CA ILE H 41 -2.58 -9.66 -99.37
C ILE H 41 -2.75 -10.99 -100.10
N GLY H 42 -2.94 -10.90 -101.40
CA GLY H 42 -3.12 -12.13 -102.17
C GLY H 42 -3.22 -11.85 -103.65
N VAL H 43 -3.40 -12.93 -104.39
CA VAL H 43 -3.60 -12.88 -105.84
C VAL H 43 -4.95 -13.49 -106.14
N PHE H 44 -5.80 -12.75 -106.84
CA PHE H 44 -7.17 -13.19 -107.08
C PHE H 44 -7.53 -13.02 -108.55
N ALA H 45 -8.80 -13.23 -108.88
CA ALA H 45 -9.26 -13.10 -110.26
C ALA H 45 -9.88 -11.74 -110.57
N ARG H 46 -10.64 -11.18 -109.64
CA ARG H 46 -11.31 -9.90 -109.84
C ARG H 46 -11.09 -9.00 -108.63
N GLY H 47 -10.89 -7.73 -108.88
CA GLY H 47 -10.67 -6.75 -107.84
C GLY H 47 -9.76 -5.64 -108.32
N LYS H 48 -9.83 -4.51 -107.64
CA LYS H 48 -9.00 -3.37 -108.01
C LYS H 48 -7.59 -3.56 -107.46
N PRO H 49 -6.57 -3.57 -108.31
CA PRO H 49 -5.22 -3.86 -107.82
C PRO H 49 -4.66 -2.74 -106.96
N PHE H 50 -3.87 -3.14 -105.97
CA PHE H 50 -3.14 -2.21 -105.11
C PHE H 50 -4.08 -1.23 -104.41
N THR H 51 -5.27 -1.70 -104.04
CA THR H 51 -6.23 -0.88 -103.33
C THR H 51 -6.92 -1.73 -102.28
N VAL H 52 -6.97 -1.21 -101.05
CA VAL H 52 -7.56 -1.96 -99.94
C VAL H 52 -9.03 -2.24 -100.23
N LEU H 53 -9.44 -3.47 -100.03
CA LEU H 53 -10.82 -3.89 -100.25
C LEU H 53 -11.49 -4.18 -98.92
N ALA H 54 -12.72 -4.66 -98.99
CA ALA H 54 -13.46 -5.05 -97.80
C ALA H 54 -14.34 -6.24 -98.16
N VAL H 55 -14.09 -7.38 -97.53
CA VAL H 55 -14.81 -8.60 -97.81
C VAL H 55 -15.60 -9.01 -96.58
N THR H 56 -16.89 -9.28 -96.77
CA THR H 56 -17.78 -9.78 -95.74
C THR H 56 -18.25 -11.18 -96.13
N GLU H 57 -19.13 -11.74 -95.31
CA GLU H 57 -19.62 -13.09 -95.56
C GLU H 57 -20.59 -13.17 -96.73
N SER H 58 -21.05 -12.03 -97.26
CA SER H 58 -22.11 -12.05 -98.26
C SER H 58 -21.73 -11.41 -99.59
N ASN H 59 -20.49 -10.97 -99.77
CA ASN H 59 -20.11 -10.35 -101.03
C ASN H 59 -18.76 -10.79 -101.59
N TYR H 60 -17.98 -11.59 -100.86
CA TYR H 60 -16.64 -11.95 -101.33
C TYR H 60 -16.68 -12.61 -102.70
N GLU H 61 -17.71 -13.43 -102.95
CA GLU H 61 -17.81 -14.13 -104.22
C GLU H 61 -17.81 -13.18 -105.40
N ASP H 62 -18.45 -12.03 -105.26
CA ASP H 62 -18.54 -11.09 -106.38
C ASP H 62 -17.49 -9.99 -106.35
N VAL H 63 -17.09 -9.50 -105.17
CA VAL H 63 -16.04 -8.47 -105.15
C VAL H 63 -14.70 -9.09 -105.53
N LEU H 64 -14.42 -10.30 -105.07
CA LEU H 64 -13.15 -10.97 -105.35
C LEU H 64 -13.23 -11.91 -106.53
N GLY H 65 -14.38 -12.05 -107.16
CA GLY H 65 -14.53 -12.91 -108.32
C GLY H 65 -14.74 -14.36 -107.93
N GLU H 66 -15.05 -15.17 -108.95
CA GLU H 66 -15.26 -16.59 -108.73
C GLU H 66 -13.94 -17.27 -108.38
N PRO H 67 -13.98 -18.37 -107.63
CA PRO H 67 -12.74 -19.05 -107.26
C PRO H 67 -11.99 -19.56 -108.48
N LEU H 68 -10.67 -19.56 -108.37
CA LEU H 68 -9.80 -19.98 -109.46
C LEU H 68 -9.79 -21.51 -109.54
N LYS H 69 -8.90 -22.06 -110.38
CA LYS H 69 -8.81 -23.48 -110.59
C LYS H 69 -7.44 -23.98 -110.15
N PRO H 70 -7.36 -25.07 -109.38
CA PRO H 70 -6.04 -25.57 -108.95
C PRO H 70 -5.15 -25.97 -110.10
N SER H 71 -5.70 -26.49 -111.20
CA SER H 71 -4.89 -26.89 -112.33
C SER H 71 -4.22 -25.71 -113.02
N SER H 72 -4.71 -24.49 -112.79
CA SER H 72 -4.10 -23.32 -113.41
C SER H 72 -2.69 -23.11 -112.90
N GLY H 73 -2.47 -23.29 -111.60
CA GLY H 73 -1.17 -23.09 -111.02
C GLY H 73 -1.21 -23.00 -109.51
N SER H 74 -0.47 -22.06 -108.93
CA SER H 74 -0.42 -21.87 -107.49
C SER H 74 -1.24 -20.69 -107.02
N GLN H 75 -2.13 -20.18 -107.87
CA GLN H 75 -2.94 -19.01 -107.53
C GLN H 75 -4.24 -19.36 -106.84
N PHE H 76 -4.49 -20.64 -106.59
CA PHE H 76 -5.75 -21.08 -105.98
C PHE H 76 -5.71 -21.02 -104.46
N GLU H 77 -4.59 -20.62 -103.86
CA GLU H 77 -4.48 -20.66 -102.40
C GLU H 77 -5.23 -19.53 -101.71
N PRO H 78 -5.01 -18.26 -102.05
CA PRO H 78 -5.59 -17.18 -101.24
C PRO H 78 -7.11 -17.19 -101.20
N ILE H 79 -7.77 -17.62 -102.28
CA ILE H 79 -9.24 -17.65 -102.24
C ILE H 79 -9.72 -18.65 -101.19
N ARG H 80 -9.08 -19.82 -101.13
CA ARG H 80 -9.47 -20.80 -100.12
C ARG H 80 -9.14 -20.32 -98.72
N HIS H 81 -8.00 -19.64 -98.55
CA HIS H 81 -7.69 -19.07 -97.24
C HIS H 81 -8.74 -18.05 -96.82
N VAL H 82 -9.16 -17.19 -97.76
CA VAL H 82 -10.19 -16.21 -97.47
C VAL H 82 -11.50 -16.91 -97.10
N TYR H 83 -11.86 -17.95 -97.84
CA TYR H 83 -13.11 -18.66 -97.55
C TYR H 83 -13.08 -19.28 -96.17
N GLU H 84 -11.94 -19.83 -95.77
CA GLU H 84 -11.85 -20.42 -94.44
C GLU H 84 -11.78 -19.38 -93.33
N ALA H 85 -11.29 -18.18 -93.63
CA ALA H 85 -11.17 -17.17 -92.58
C ALA H 85 -12.42 -16.30 -92.44
N ILE H 86 -13.21 -16.15 -93.50
CA ILE H 86 -14.41 -15.32 -93.43
C ILE H 86 -15.44 -15.86 -92.45
N GLN H 87 -15.45 -17.18 -92.23
CA GLN H 87 -16.44 -17.86 -91.41
C GLN H 87 -16.80 -17.09 -90.15
N GLN H 88 -15.83 -16.38 -89.57
CA GLN H 88 -16.03 -15.66 -88.32
C GLN H 88 -16.31 -14.18 -88.53
N THR H 89 -15.39 -13.47 -89.17
CA THR H 89 -15.47 -12.01 -89.24
C THR H 89 -15.05 -11.52 -90.62
N SER H 90 -15.49 -10.31 -90.94
CA SER H 90 -15.11 -9.69 -92.21
C SER H 90 -13.67 -9.20 -92.14
N GLY H 91 -13.16 -8.72 -93.26
CA GLY H 91 -11.77 -8.32 -93.29
C GLY H 91 -11.41 -7.49 -94.50
N TYR H 92 -10.11 -7.23 -94.62
CA TYR H 92 -9.58 -6.39 -95.69
C TYR H 92 -8.48 -7.13 -96.44
N VAL H 93 -8.54 -7.06 -97.77
CA VAL H 93 -7.57 -7.74 -98.63
C VAL H 93 -6.97 -6.75 -99.59
N VAL H 94 -5.79 -7.10 -100.11
CA VAL H 94 -5.09 -6.32 -101.12
C VAL H 94 -4.68 -7.25 -102.23
N ARG H 95 -5.15 -6.97 -103.45
CA ARG H 95 -4.83 -7.81 -104.60
C ARG H 95 -3.58 -7.29 -105.29
N ALA H 96 -2.64 -8.18 -105.58
CA ALA H 96 -1.42 -7.85 -106.29
C ALA H 96 -1.44 -8.55 -107.65
N VAL H 97 -1.17 -7.80 -108.71
CA VAL H 97 -1.26 -8.32 -110.07
C VAL H 97 0.12 -8.39 -110.69
N PRO H 98 0.34 -9.25 -111.69
CA PRO H 98 1.64 -9.28 -112.37
C PRO H 98 1.89 -8.02 -113.18
N ASP H 99 3.03 -7.98 -113.88
CA ASP H 99 3.41 -6.75 -114.57
C ASP H 99 2.57 -6.50 -115.81
N ASP H 100 2.28 -7.54 -116.60
CA ASP H 100 1.67 -7.38 -117.91
C ASP H 100 0.16 -7.41 -117.88
N ALA H 101 -0.47 -7.26 -116.72
CA ALA H 101 -1.92 -7.22 -116.66
C ALA H 101 -2.44 -5.92 -117.27
N LYS H 102 -3.44 -6.02 -118.14
CA LYS H 102 -3.98 -4.87 -118.85
C LYS H 102 -5.49 -4.84 -118.73
N PHE H 103 -6.03 -3.62 -118.69
CA PHE H 103 -7.46 -3.38 -118.62
C PHE H 103 -7.92 -2.67 -119.88
N PRO H 104 -9.18 -2.86 -120.28
CA PRO H 104 -9.67 -2.30 -121.53
C PRO H 104 -9.98 -0.81 -121.41
N ILE H 105 -10.01 -0.15 -122.57
CA ILE H 105 -10.27 1.28 -122.68
C ILE H 105 -11.02 1.52 -123.97
N ILE H 106 -12.09 2.32 -123.91
CA ILE H 106 -12.84 2.74 -125.09
C ILE H 106 -12.72 4.25 -125.21
N MET H 107 -12.16 4.71 -126.32
CA MET H 107 -11.97 6.13 -126.57
C MET H 107 -12.88 6.59 -127.69
N PHE H 108 -13.56 7.72 -127.48
CA PHE H 108 -14.48 8.24 -128.47
C PHE H 108 -13.83 9.37 -129.25
N ASP H 109 -14.63 10.03 -130.10
CA ASP H 109 -14.15 11.15 -130.90
C ASP H 109 -15.29 12.13 -131.07
N GLU H 110 -15.04 13.19 -131.84
CA GLU H 110 -16.07 14.21 -132.04
C GLU H 110 -17.28 13.64 -132.76
N SER H 111 -17.05 12.86 -133.82
CA SER H 111 -18.16 12.28 -134.57
C SER H 111 -18.90 11.25 -133.73
N GLY H 112 -18.18 10.48 -132.92
CA GLY H 112 -18.77 9.45 -132.10
C GLY H 112 -18.35 8.03 -132.45
N GLU H 113 -17.42 7.83 -133.36
CA GLU H 113 -16.99 6.48 -133.71
C GLU H 113 -16.02 5.95 -132.66
N PRO H 114 -16.35 4.89 -131.95
CA PRO H 114 -15.49 4.41 -130.86
C PRO H 114 -14.25 3.70 -131.37
N ALA H 115 -13.24 3.65 -130.50
CA ALA H 115 -12.05 2.87 -130.73
C ALA H 115 -11.68 2.16 -129.43
N TYR H 116 -11.01 1.02 -129.55
CA TYR H 116 -10.69 0.20 -128.39
C TYR H 116 -9.19 0.10 -128.22
N SER H 117 -8.77 -0.12 -126.97
CA SER H 117 -7.36 -0.34 -126.66
C SER H 117 -7.28 -0.99 -125.28
N ALA H 118 -6.05 -1.30 -124.86
CA ALA H 118 -5.80 -1.86 -123.55
C ALA H 118 -4.57 -1.22 -122.94
N LEU H 119 -4.61 -0.97 -121.64
CA LEU H 119 -3.50 -0.32 -120.97
C LEU H 119 -3.11 -1.09 -119.71
N PRO H 120 -1.82 -1.15 -119.40
CA PRO H 120 -1.39 -1.84 -118.18
C PRO H 120 -1.90 -1.15 -116.93
N TYR H 121 -2.09 -1.94 -115.88
CA TYR H 121 -2.66 -1.44 -114.63
C TYR H 121 -1.75 -0.41 -113.99
N GLY H 122 -2.36 0.53 -113.27
CA GLY H 122 -1.61 1.56 -112.58
C GLY H 122 -1.09 2.68 -113.45
N SER H 123 -1.60 2.82 -114.67
CA SER H 123 -1.14 3.85 -115.59
C SER H 123 -2.32 4.73 -116.00
N GLU H 124 -2.07 6.03 -116.07
CA GLU H 124 -3.10 6.95 -116.54
C GLU H 124 -3.16 6.92 -118.07
N ILE H 125 -4.05 7.74 -118.63
CA ILE H 125 -4.36 7.70 -120.06
C ILE H 125 -4.02 9.04 -120.67
N GLU H 126 -3.33 9.00 -121.81
CA GLU H 126 -3.09 10.18 -122.61
C GLU H 126 -4.04 10.17 -123.81
N LEU H 127 -4.69 11.30 -124.05
CA LEU H 127 -5.70 11.39 -125.09
C LEU H 127 -5.08 11.95 -126.37
N ASP H 128 -5.39 11.33 -127.50
CA ASP H 128 -4.93 11.83 -128.78
C ASP H 128 -5.70 13.09 -129.15
N SER H 129 -5.28 13.73 -130.24
CA SER H 129 -5.90 14.98 -130.67
C SER H 129 -7.38 14.78 -130.98
N GLY H 130 -7.72 13.70 -131.67
CA GLY H 130 -9.10 13.47 -132.05
C GLY H 130 -9.97 12.82 -130.99
N GLU H 131 -9.42 12.48 -129.84
CA GLU H 131 -10.17 11.78 -128.80
C GLU H 131 -10.88 12.79 -127.92
N ALA H 132 -12.19 12.58 -127.73
CA ALA H 132 -12.99 13.45 -126.88
C ALA H 132 -12.99 12.99 -125.44
N PHE H 133 -13.29 11.71 -125.21
CA PHE H 133 -13.32 11.19 -123.85
C PHE H 133 -13.16 9.68 -123.89
N ALA H 134 -12.63 9.14 -122.80
CA ALA H 134 -12.32 7.72 -122.69
C ALA H 134 -13.01 7.14 -121.46
N ILE H 135 -13.49 5.91 -121.60
CA ILE H 135 -14.12 5.17 -120.51
C ILE H 135 -13.38 3.86 -120.32
N TYR H 136 -13.07 3.53 -119.07
CA TYR H 136 -12.41 2.26 -118.78
C TYR H 136 -13.03 1.66 -117.53
N VAL H 137 -12.68 0.39 -117.28
CA VAL H 137 -13.24 -0.39 -116.19
C VAL H 137 -12.21 -0.49 -115.07
N ASP H 138 -12.62 -0.11 -113.87
CA ASP H 138 -11.73 -0.16 -112.71
C ASP H 138 -12.11 -1.25 -111.72
N ASP H 139 -12.99 -2.17 -112.10
CA ASP H 139 -13.29 -3.31 -111.25
C ASP H 139 -12.16 -4.32 -111.22
N GLY H 140 -11.24 -4.26 -112.17
CA GLY H 140 -10.14 -5.20 -112.25
C GLY H 140 -10.37 -6.38 -113.17
N ASP H 141 -11.62 -6.68 -113.49
CA ASP H 141 -11.91 -7.81 -114.35
C ASP H 141 -11.33 -7.57 -115.74
N PRO H 142 -10.70 -8.57 -116.36
CA PRO H 142 -10.15 -8.39 -117.70
C PRO H 142 -11.18 -8.49 -118.81
N CYS H 143 -12.46 -8.63 -118.48
CA CYS H 143 -13.54 -8.57 -119.46
C CYS H 143 -13.37 -9.62 -120.56
N ILE H 144 -13.02 -10.84 -120.17
CA ILE H 144 -12.86 -11.95 -121.10
C ILE H 144 -13.95 -12.99 -120.91
N SER H 145 -14.35 -13.26 -119.66
CA SER H 145 -15.48 -14.13 -119.37
C SER H 145 -16.01 -13.82 -117.97
N PRO H 146 -17.24 -13.30 -117.85
CA PRO H 146 -18.18 -12.95 -118.92
C PRO H 146 -17.81 -11.63 -119.61
N THR H 147 -18.23 -11.44 -120.85
CA THR H 147 -17.96 -10.19 -121.54
C THR H 147 -18.82 -9.07 -120.96
N ARG H 148 -18.37 -7.83 -121.16
CA ARG H 148 -19.10 -6.66 -120.68
C ARG H 148 -19.32 -5.70 -121.84
N GLU H 149 -20.54 -5.21 -121.98
CA GLU H 149 -20.94 -4.37 -123.09
C GLU H 149 -21.47 -3.05 -122.56
N LEU H 150 -21.12 -1.97 -123.25
CA LEU H 150 -21.50 -0.62 -122.88
C LEU H 150 -22.40 -0.04 -123.97
N THR H 151 -23.49 0.60 -123.56
CA THR H 151 -24.48 1.13 -124.49
C THR H 151 -24.80 2.57 -124.15
N ILE H 152 -24.90 3.39 -125.19
CA ILE H 152 -25.21 4.81 -125.07
C ILE H 152 -26.58 5.04 -125.71
N GLU H 153 -27.48 5.68 -124.96
CA GLU H 153 -28.83 5.95 -125.45
C GLU H 153 -29.13 7.43 -125.30
N THR H 154 -29.77 8.02 -126.30
CA THR H 154 -30.14 9.42 -126.23
C THR H 154 -31.30 9.62 -125.26
N ALA H 155 -31.33 10.79 -124.63
CA ALA H 155 -32.35 11.09 -123.63
C ALA H 155 -32.74 12.56 -123.74
N THR H 156 -33.71 12.94 -122.91
CA THR H 156 -34.21 14.32 -122.93
C THR H 156 -33.23 15.26 -122.25
N ALA H 157 -33.10 16.46 -122.82
CA ALA H 157 -32.21 17.45 -122.27
C ALA H 157 -32.77 18.00 -120.96
N ASP H 158 -31.91 18.65 -120.18
CA ASP H 158 -32.30 19.19 -118.90
C ASP H 158 -33.06 20.51 -119.09
N SER H 159 -33.43 21.13 -117.97
CA SER H 159 -34.12 22.41 -118.04
C SER H 159 -33.23 23.50 -118.62
N ALA H 160 -31.94 23.51 -118.25
CA ALA H 160 -31.03 24.51 -118.78
C ALA H 160 -30.85 24.35 -120.29
N GLY H 161 -30.73 23.11 -120.76
CA GLY H 161 -30.59 22.87 -122.19
C GLY H 161 -29.50 21.89 -122.55
N ASN H 162 -28.66 21.53 -121.58
CA ASN H 162 -27.58 20.59 -121.85
C ASN H 162 -28.13 19.20 -122.17
N GLU H 163 -27.43 18.48 -123.03
CA GLU H 163 -27.88 17.17 -123.49
C GLU H 163 -27.31 16.09 -122.58
N ARG H 164 -28.18 15.32 -121.96
CA ARG H 164 -27.80 14.22 -121.08
C ARG H 164 -28.15 12.90 -121.76
N PHE H 165 -27.20 11.98 -121.79
CA PHE H 165 -27.41 10.66 -122.38
C PHE H 165 -27.32 9.59 -121.30
N LEU H 166 -27.98 8.47 -121.57
CA LEU H 166 -28.07 7.36 -120.64
C LEU H 166 -26.99 6.33 -120.98
N LEU H 167 -26.23 5.94 -119.97
CA LEU H 167 -25.19 4.93 -120.10
C LEU H 167 -25.66 3.65 -119.43
N LYS H 168 -25.56 2.53 -120.14
CA LYS H 168 -26.00 1.23 -119.62
C LYS H 168 -24.92 0.20 -119.87
N LEU H 169 -24.36 -0.35 -118.81
CA LEU H 169 -23.38 -1.42 -118.93
C LEU H 169 -24.03 -2.73 -118.47
N THR H 170 -23.91 -3.75 -119.32
CA THR H 170 -24.53 -5.04 -119.08
C THR H 170 -23.52 -6.15 -119.34
N GLN H 171 -23.60 -7.21 -118.53
CA GLN H 171 -22.70 -8.34 -118.67
C GLN H 171 -23.39 -9.46 -119.43
N THR H 172 -22.62 -10.15 -120.29
CA THR H 172 -23.12 -11.29 -121.05
C THR H 172 -22.19 -12.47 -120.81
N THR H 173 -22.77 -13.58 -120.36
CA THR H 173 -21.98 -14.78 -120.13
C THR H 173 -21.74 -15.52 -121.45
N SER H 174 -20.82 -16.48 -121.41
CA SER H 174 -20.51 -17.24 -122.62
C SER H 174 -21.69 -18.08 -123.08
N LEU H 175 -22.50 -18.58 -122.14
CA LEU H 175 -23.65 -19.39 -122.53
C LEU H 175 -24.66 -18.57 -123.33
N GLY H 176 -24.93 -17.34 -122.91
CA GLY H 176 -25.89 -16.51 -123.62
C GLY H 176 -26.77 -15.68 -122.71
N VAL H 177 -26.58 -15.82 -121.41
CA VAL H 177 -27.37 -15.06 -120.44
C VAL H 177 -26.88 -13.60 -120.47
N VAL H 178 -27.81 -12.68 -120.70
CA VAL H 178 -27.51 -11.26 -120.77
C VAL H 178 -28.36 -10.55 -119.74
N THR H 179 -27.72 -9.98 -118.72
CA THR H 179 -28.41 -9.25 -117.67
C THR H 179 -27.82 -7.86 -117.55
N THR H 180 -28.67 -6.88 -117.29
CA THR H 180 -28.19 -5.52 -117.08
C THR H 180 -27.39 -5.46 -115.77
N LEU H 181 -26.42 -4.54 -115.74
CA LEU H 181 -25.55 -4.43 -114.58
C LEU H 181 -25.63 -3.06 -113.93
N GLU H 182 -25.53 -1.98 -114.70
CA GLU H 182 -25.65 -0.65 -114.11
C GLU H 182 -26.10 0.34 -115.18
N THR H 183 -26.74 1.42 -114.71
CA THR H 183 -27.25 2.46 -115.58
C THR H 183 -27.06 3.82 -114.93
N HIS H 184 -26.89 4.84 -115.76
CA HIS H 184 -26.66 6.20 -115.30
C HIS H 184 -27.18 7.17 -116.35
N THR H 185 -27.32 8.44 -115.93
CA THR H 185 -27.68 9.53 -116.83
C THR H 185 -26.63 10.61 -116.67
N VAL H 186 -25.74 10.74 -117.66
CA VAL H 186 -24.60 11.63 -117.55
C VAL H 186 -24.53 12.52 -118.77
N SER H 187 -23.81 13.64 -118.62
CA SER H 187 -23.63 14.58 -119.70
C SER H 187 -22.25 15.19 -119.63
N LEU H 188 -21.81 15.76 -120.75
CA LEU H 188 -20.49 16.37 -120.84
C LEU H 188 -20.46 17.81 -120.36
N ALA H 189 -21.61 18.42 -120.09
CA ALA H 189 -21.63 19.78 -119.58
C ALA H 189 -21.06 19.83 -118.17
N GLU H 190 -20.30 20.89 -117.87
CA GLU H 190 -19.63 21.01 -116.59
C GLU H 190 -20.58 21.30 -115.44
N GLU H 191 -21.84 21.64 -115.72
CA GLU H 191 -22.76 22.03 -114.66
C GLU H 191 -24.14 21.41 -114.78
N ALA H 192 -24.40 20.57 -115.78
CA ALA H 192 -25.72 20.01 -115.96
C ALA H 192 -26.08 19.09 -114.80
N LYS H 193 -27.37 19.03 -114.49
CA LYS H 193 -27.89 18.20 -113.41
C LYS H 193 -28.91 17.23 -113.94
N ASP H 194 -29.00 16.07 -113.30
CA ASP H 194 -29.96 15.04 -113.68
C ASP H 194 -31.33 15.37 -113.08
N ASP H 195 -32.27 14.45 -113.21
CA ASP H 195 -33.63 14.67 -112.69
C ASP H 195 -33.63 14.78 -111.18
N MET H 196 -32.86 13.95 -110.49
CA MET H 196 -32.87 13.97 -109.02
C MET H 196 -32.11 15.14 -108.43
N GLY H 197 -31.37 15.89 -109.25
CA GLY H 197 -30.65 17.06 -108.79
C GLY H 197 -29.16 16.87 -108.59
N ARG H 198 -28.66 15.64 -108.66
CA ARG H 198 -27.24 15.42 -108.48
C ARG H 198 -26.46 15.89 -109.70
N LEU H 199 -25.16 16.10 -109.50
CA LEU H 199 -24.28 16.49 -110.59
C LEU H 199 -24.19 15.36 -111.61
N CYS H 200 -24.23 15.73 -112.89
CA CYS H 200 -24.24 14.73 -113.96
C CYS H 200 -23.05 14.88 -114.90
N TYR H 201 -22.05 15.69 -114.54
CA TYR H 201 -20.81 15.72 -115.30
C TYR H 201 -20.19 14.32 -115.33
N LEU H 202 -19.71 13.92 -116.50
CA LEU H 202 -19.32 12.53 -116.70
C LEU H 202 -18.21 12.06 -115.77
N PRO H 203 -17.05 12.73 -115.67
CA PRO H 203 -15.99 12.18 -114.82
C PRO H 203 -16.38 12.06 -113.36
N THR H 204 -16.84 13.15 -112.76
CA THR H 204 -17.19 13.12 -111.34
C THR H 204 -18.37 12.19 -111.07
N ALA H 205 -19.35 12.17 -111.98
CA ALA H 205 -20.50 11.29 -111.79
C ALA H 205 -20.08 9.83 -111.77
N LEU H 206 -19.28 9.42 -112.77
CA LEU H 206 -18.82 8.04 -112.81
C LEU H 206 -17.92 7.71 -111.63
N GLU H 207 -17.06 8.66 -111.22
CA GLU H 207 -16.17 8.39 -110.10
C GLU H 207 -16.95 8.21 -108.81
N ALA H 208 -17.99 9.01 -108.60
CA ALA H 208 -18.70 9.01 -107.32
C ALA H 208 -19.76 7.91 -107.25
N ARG H 209 -20.70 7.89 -108.20
CA ARG H 209 -21.88 7.05 -108.06
C ARG H 209 -21.71 5.68 -108.69
N SER H 210 -20.60 5.38 -109.34
CA SER H 210 -20.37 4.10 -109.99
C SER H 210 -19.09 3.48 -109.49
N LYS H 211 -19.15 2.20 -109.12
CA LYS H 211 -17.99 1.46 -108.64
C LYS H 211 -17.41 0.52 -109.68
N TYR H 212 -17.84 0.64 -110.93
CA TYR H 212 -17.35 -0.20 -112.02
C TYR H 212 -16.52 0.54 -113.04
N LEU H 213 -16.94 1.75 -113.41
CA LEU H 213 -16.31 2.49 -114.50
C LEU H 213 -15.61 3.73 -114.00
N ARG H 214 -14.70 4.23 -114.84
CA ARG H 214 -14.10 5.53 -114.66
C ARG H 214 -13.95 6.15 -116.04
N ALA H 215 -13.82 7.48 -116.08
CA ALA H 215 -13.75 8.16 -117.35
C ALA H 215 -12.81 9.34 -117.25
N VAL H 216 -12.27 9.75 -118.40
CA VAL H 216 -11.48 10.96 -118.54
C VAL H 216 -11.94 11.71 -119.77
N VAL H 217 -11.68 13.01 -119.80
CA VAL H 217 -12.13 13.88 -120.87
C VAL H 217 -10.98 14.74 -121.35
N ASN H 218 -11.10 15.22 -122.59
CA ASN H 218 -10.14 16.14 -123.17
C ASN H 218 -10.74 17.54 -123.11
N GLU H 219 -10.08 18.44 -122.39
CA GLU H 219 -10.65 19.77 -122.14
C GLU H 219 -10.83 20.55 -123.45
N GLU H 220 -9.85 20.46 -124.35
CA GLU H 220 -9.91 21.25 -125.57
C GLU H 220 -11.11 20.87 -126.43
N LEU H 221 -11.37 19.57 -126.57
CA LEU H 221 -12.41 19.09 -127.47
C LEU H 221 -13.74 18.85 -126.77
N ILE H 222 -13.82 19.07 -125.45
CA ILE H 222 -15.06 18.77 -124.73
C ILE H 222 -16.15 19.77 -125.05
N SER H 223 -15.81 20.94 -125.57
CA SER H 223 -16.82 21.95 -125.84
C SER H 223 -17.66 21.57 -127.05
N THR H 224 -17.03 21.13 -128.13
CA THR H 224 -17.72 20.79 -129.37
C THR H 224 -18.04 19.30 -129.47
N ALA H 225 -17.76 18.53 -128.44
CA ALA H 225 -17.99 17.10 -128.48
C ALA H 225 -19.48 16.79 -128.56
N LYS H 226 -19.83 15.81 -129.40
CA LYS H 226 -21.19 15.33 -129.52
C LYS H 226 -21.19 13.81 -129.54
N VAL H 227 -22.23 13.21 -128.99
CA VAL H 227 -22.34 11.77 -128.87
C VAL H 227 -23.54 11.30 -129.68
N THR H 228 -23.35 10.19 -130.39
CA THR H 228 -24.42 9.58 -131.17
C THR H 228 -25.05 8.45 -130.35
N ASN H 229 -25.90 7.65 -130.99
CA ASN H 229 -26.55 6.51 -130.34
C ASN H 229 -25.80 5.25 -130.74
N LYS H 230 -24.97 4.75 -129.83
CA LYS H 230 -24.19 3.53 -130.06
C LYS H 230 -24.81 2.40 -129.25
N LYS H 231 -25.05 1.27 -129.90
CA LYS H 231 -25.71 0.13 -129.30
C LYS H 231 -24.77 -1.07 -129.30
N SER H 232 -24.65 -1.72 -128.14
CA SER H 232 -23.93 -2.98 -127.99
C SER H 232 -22.46 -2.84 -128.41
N LEU H 233 -21.75 -2.01 -127.66
CA LEU H 233 -20.31 -1.96 -127.80
C LEU H 233 -19.68 -3.15 -127.08
N ALA H 234 -18.36 -3.23 -127.12
CA ALA H 234 -17.66 -4.39 -126.55
C ALA H 234 -16.29 -3.98 -126.06
N PHE H 235 -16.04 -4.16 -124.76
CA PHE H 235 -14.68 -4.03 -124.25
C PHE H 235 -13.82 -5.17 -124.77
N THR H 236 -12.54 -4.88 -125.02
CA THR H 236 -11.64 -5.91 -125.52
C THR H 236 -10.21 -5.56 -125.13
N GLY H 237 -9.35 -6.57 -125.17
CA GLY H 237 -7.95 -6.41 -124.86
C GLY H 237 -7.57 -6.66 -123.42
N GLY H 238 -8.55 -6.78 -122.52
CA GLY H 238 -8.24 -7.03 -121.12
C GLY H 238 -7.58 -8.38 -120.93
N THR H 239 -6.62 -8.44 -120.01
CA THR H 239 -5.84 -9.65 -119.81
C THR H 239 -5.29 -9.64 -118.40
N ASN H 240 -5.58 -10.71 -117.64
CA ASN H 240 -5.05 -10.81 -116.28
C ASN H 240 -3.60 -11.24 -116.25
N GLY H 241 -3.06 -11.70 -117.38
CA GLY H 241 -1.67 -12.09 -117.45
C GLY H 241 -1.41 -13.42 -116.77
N ASP H 242 -0.12 -13.69 -116.56
CA ASP H 242 0.31 -14.90 -115.87
C ASP H 242 0.42 -14.60 -114.38
N GLN H 243 -0.41 -15.28 -113.59
CA GLN H 243 -0.38 -15.09 -112.14
C GLN H 243 0.40 -16.18 -111.43
N SER H 244 1.01 -17.11 -112.18
CA SER H 244 1.83 -18.15 -111.54
C SER H 244 3.04 -17.54 -110.85
N LYS H 245 3.75 -16.64 -111.54
CA LYS H 245 4.94 -16.00 -111.00
C LYS H 245 4.69 -14.51 -110.83
N ILE H 246 5.12 -13.98 -109.69
CA ILE H 246 4.98 -12.58 -109.36
C ILE H 246 6.28 -12.10 -108.73
N SER H 247 6.81 -10.99 -109.24
CA SER H 247 8.05 -10.44 -108.70
C SER H 247 7.82 -9.98 -107.26
N THR H 248 8.90 -10.02 -106.48
CA THR H 248 8.81 -9.59 -105.08
C THR H 248 8.50 -8.10 -104.97
N ALA H 249 8.74 -7.32 -106.02
CA ALA H 249 8.42 -5.90 -105.99
C ALA H 249 6.91 -5.69 -105.84
N ALA H 250 6.11 -6.49 -106.55
CA ALA H 250 4.66 -6.36 -106.45
C ALA H 250 4.19 -6.67 -105.04
N TYR H 251 4.73 -7.73 -104.43
CA TYR H 251 4.34 -8.07 -103.07
C TYR H 251 4.75 -6.98 -102.09
N LEU H 252 5.94 -6.41 -102.28
CA LEU H 252 6.37 -5.32 -101.40
C LEU H 252 5.46 -4.10 -101.53
N ARG H 253 5.08 -3.77 -102.76
CA ARG H 253 4.16 -2.64 -102.96
C ARG H 253 2.81 -2.92 -102.29
N ALA H 254 2.31 -4.15 -102.44
CA ALA H 254 1.02 -4.48 -101.83
C ALA H 254 1.09 -4.39 -100.32
N VAL H 255 2.17 -4.89 -99.70
CA VAL H 255 2.23 -4.83 -98.24
C VAL H 255 2.42 -3.40 -97.78
N LYS H 256 3.14 -2.57 -98.54
CA LYS H 256 3.23 -1.16 -98.18
C LYS H 256 1.87 -0.49 -98.21
N VAL H 257 1.08 -0.77 -99.24
CA VAL H 257 -0.27 -0.22 -99.31
C VAL H 257 -1.11 -0.69 -98.12
N LEU H 258 -1.00 -1.97 -97.77
CA LEU H 258 -1.74 -2.49 -96.63
C LEU H 258 -1.31 -1.79 -95.34
N ASN H 259 -0.02 -1.50 -95.20
CA ASN H 259 0.46 -0.77 -94.03
C ASN H 259 -0.15 0.62 -93.97
N ASN H 260 -0.17 1.32 -95.11
CA ASN H 260 -0.69 2.68 -95.14
C ASN H 260 -2.20 2.75 -95.18
N ALA H 261 -2.89 1.62 -95.22
CA ALA H 261 -4.34 1.62 -95.25
C ALA H 261 -4.90 2.31 -94.01
N PRO H 262 -5.92 3.16 -94.15
CA PRO H 262 -6.52 3.83 -92.98
C PRO H 262 -7.71 3.06 -92.42
N TYR H 263 -7.44 1.86 -91.88
CA TYR H 263 -8.47 1.03 -91.30
C TYR H 263 -7.96 0.44 -89.99
N MET H 264 -8.80 -0.37 -89.36
CA MET H 264 -8.48 -1.02 -88.10
C MET H 264 -8.58 -2.53 -88.25
N TYR H 265 -7.52 -3.24 -87.90
CA TYR H 265 -7.56 -4.69 -87.91
C TYR H 265 -6.61 -5.23 -86.85
N THR H 266 -6.90 -6.44 -86.37
CA THR H 266 -6.15 -7.06 -85.29
C THR H 266 -5.55 -8.40 -85.69
N ALA H 267 -5.33 -8.63 -86.98
CA ALA H 267 -4.69 -9.86 -87.43
C ALA H 267 -4.18 -9.64 -88.84
N VAL H 268 -2.95 -10.08 -89.11
CA VAL H 268 -2.28 -9.74 -90.36
C VAL H 268 -2.04 -10.98 -91.20
N LEU H 269 -3.03 -11.89 -91.21
CA LEU H 269 -2.94 -13.19 -91.83
C LEU H 269 -2.10 -13.19 -93.10
N GLY H 270 -1.15 -14.11 -93.16
CA GLY H 270 -0.31 -14.29 -94.33
C GLY H 270 -0.99 -15.18 -95.36
N LEU H 271 -1.93 -14.64 -96.11
CA LEU H 271 -2.77 -15.42 -97.01
C LEU H 271 -1.90 -15.99 -98.13
N GLY H 272 -1.60 -17.30 -98.03
CA GLY H 272 -0.96 -18.05 -99.08
C GLY H 272 0.15 -17.36 -99.85
N CYS H 273 0.98 -16.59 -99.15
CA CYS H 273 2.09 -15.87 -99.77
C CYS H 273 3.38 -16.37 -99.13
N TYR H 274 4.07 -17.27 -99.84
CA TYR H 274 5.30 -17.87 -99.33
C TYR H 274 6.52 -17.15 -99.93
N ASP H 275 6.69 -15.90 -99.49
CA ASP H 275 7.84 -15.09 -99.88
C ASP H 275 8.48 -14.52 -98.63
N ASN H 276 9.79 -14.67 -98.52
CA ASN H 276 10.49 -14.24 -97.30
C ASN H 276 10.36 -12.74 -97.08
N ALA H 277 10.54 -11.96 -98.13
CA ALA H 277 10.45 -10.51 -97.99
C ALA H 277 9.06 -10.07 -97.56
N ALA H 278 8.02 -10.65 -98.16
CA ALA H 278 6.66 -10.30 -97.80
C ALA H 278 6.35 -10.70 -96.36
N ILE H 279 6.82 -11.88 -95.94
CA ILE H 279 6.57 -12.31 -94.57
C ILE H 279 7.28 -11.39 -93.58
N THR H 280 8.50 -10.98 -93.90
CA THR H 280 9.19 -10.03 -93.02
C THR H 280 8.44 -8.70 -92.94
N ALA H 281 7.93 -8.22 -94.07
CA ALA H 281 7.19 -6.97 -94.07
C ALA H 281 5.92 -7.09 -93.22
N LEU H 282 5.22 -8.22 -93.33
CA LEU H 282 4.01 -8.40 -92.52
C LEU H 282 4.36 -8.51 -91.04
N GLY H 283 5.48 -9.14 -90.71
CA GLY H 283 5.93 -9.12 -89.33
C GLY H 283 6.21 -7.70 -88.84
N LYS H 284 6.75 -6.87 -89.73
CA LYS H 284 6.91 -5.45 -89.40
C LYS H 284 5.58 -4.77 -89.14
N ILE H 285 4.57 -5.10 -89.93
CA ILE H 285 3.24 -4.51 -89.70
C ILE H 285 2.74 -4.89 -88.31
N CYS H 286 2.92 -6.16 -87.94
CA CYS H 286 2.56 -6.59 -86.59
C CYS H 286 3.32 -5.78 -85.54
N ALA H 287 4.64 -5.72 -85.66
CA ALA H 287 5.45 -5.06 -84.64
C ALA H 287 5.13 -3.57 -84.55
N ASP H 288 4.63 -2.99 -85.63
CA ASP H 288 4.32 -1.56 -85.62
C ASP H 288 2.95 -1.31 -85.02
N ARG H 289 1.92 -2.00 -85.50
CA ARG H 289 0.56 -1.72 -85.07
C ARG H 289 0.17 -2.42 -83.78
N LEU H 290 1.04 -3.27 -83.23
CA LEU H 290 0.73 -4.06 -82.03
C LEU H 290 -0.47 -4.97 -82.26
N ILE H 291 -0.34 -5.87 -83.24
CA ILE H 291 -1.37 -6.84 -83.55
C ILE H 291 -0.76 -8.23 -83.68
N ASP H 292 -1.57 -9.20 -84.09
CA ASP H 292 -1.17 -10.60 -84.16
C ASP H 292 -1.02 -11.04 -85.61
N GLY H 293 -0.06 -11.94 -85.83
CA GLY H 293 0.16 -12.48 -87.16
C GLY H 293 0.19 -13.98 -87.18
N PHE H 294 -0.37 -14.61 -88.21
CA PHE H 294 -0.44 -16.06 -88.33
C PHE H 294 0.10 -16.46 -89.70
N PHE H 295 1.42 -16.59 -89.80
CA PHE H 295 2.04 -16.95 -91.07
C PHE H 295 2.29 -18.46 -91.11
N ASP H 296 2.65 -18.96 -92.29
CA ASP H 296 2.73 -20.40 -92.43
C ASP H 296 3.73 -20.72 -93.52
N VAL H 297 4.59 -21.70 -93.27
CA VAL H 297 5.65 -22.08 -94.20
C VAL H 297 5.06 -22.92 -95.32
N LYS H 298 5.84 -23.18 -96.37
CA LYS H 298 5.32 -23.94 -97.50
C LYS H 298 4.84 -25.30 -97.03
N PRO H 299 3.57 -25.63 -97.22
CA PRO H 299 3.07 -26.92 -96.70
C PRO H 299 3.32 -28.07 -97.65
N THR H 300 4.53 -28.13 -98.22
CA THR H 300 4.97 -29.26 -99.02
C THR H 300 6.40 -29.65 -98.67
N LEU H 301 6.93 -29.14 -97.57
CA LEU H 301 8.28 -29.47 -97.12
C LEU H 301 8.22 -30.62 -96.12
N THR H 302 9.24 -31.48 -96.19
CA THR H 302 9.34 -32.56 -95.22
C THR H 302 9.67 -32.00 -93.84
N TYR H 303 9.43 -32.83 -92.82
CA TYR H 303 9.69 -32.41 -91.45
C TYR H 303 11.16 -32.07 -91.23
N ALA H 304 12.06 -32.61 -92.04
CA ALA H 304 13.48 -32.28 -91.90
C ALA H 304 13.75 -30.87 -92.39
N GLU H 305 13.18 -30.47 -93.52
CA GLU H 305 13.42 -29.15 -94.08
C GLU H 305 12.52 -28.08 -93.49
N ALA H 306 11.50 -28.45 -92.73
CA ALA H 306 10.61 -27.44 -92.15
C ALA H 306 11.35 -26.56 -91.16
N LEU H 307 12.22 -27.15 -90.34
CA LEU H 307 12.90 -26.37 -89.30
C LEU H 307 13.81 -25.28 -89.87
N PRO H 308 14.71 -25.54 -90.82
CA PRO H 308 15.50 -24.43 -91.38
C PRO H 308 14.67 -23.39 -92.12
N ALA H 309 13.53 -23.78 -92.69
CA ALA H 309 12.70 -22.80 -93.39
C ALA H 309 12.13 -21.77 -92.45
N VAL H 310 11.83 -22.16 -91.21
CA VAL H 310 11.30 -21.20 -90.24
C VAL H 310 12.36 -20.16 -89.88
N GLU H 311 13.62 -20.60 -89.74
CA GLU H 311 14.69 -19.64 -89.54
C GLU H 311 14.86 -18.76 -90.77
N ASP H 312 14.72 -19.34 -91.96
CA ASP H 312 14.87 -18.58 -93.20
C ASP H 312 13.82 -17.47 -93.28
N THR H 313 12.58 -17.79 -92.91
CA THR H 313 11.47 -16.86 -93.14
C THR H 313 11.64 -15.54 -92.41
N GLY H 314 12.51 -15.48 -91.40
CA GLY H 314 13.07 -14.23 -90.94
C GLY H 314 12.52 -13.68 -89.64
N LEU H 315 11.38 -14.16 -89.15
CA LEU H 315 10.84 -13.57 -87.93
C LEU H 315 11.50 -14.10 -86.66
N LEU H 316 12.38 -15.08 -86.75
CA LEU H 316 13.03 -15.61 -85.55
C LEU H 316 13.93 -14.54 -84.94
N GLY H 317 13.53 -14.02 -83.79
CA GLY H 317 14.29 -13.01 -83.10
C GLY H 317 13.61 -12.55 -81.83
N THR H 318 13.74 -11.27 -81.51
CA THR H 318 13.10 -10.69 -80.35
C THR H 318 12.17 -9.54 -80.70
N ASP H 319 12.17 -9.07 -81.95
CA ASP H 319 11.31 -7.96 -82.32
C ASP H 319 9.87 -8.41 -82.58
N TYR H 320 9.70 -9.58 -83.20
CA TYR H 320 8.37 -10.09 -83.54
C TYR H 320 7.99 -11.13 -82.51
N VAL H 321 7.34 -10.68 -81.43
CA VAL H 321 6.97 -11.56 -80.32
C VAL H 321 5.52 -11.99 -80.38
N SER H 322 4.78 -11.61 -81.43
CA SER H 322 3.36 -11.94 -81.52
C SER H 322 3.01 -12.70 -82.79
N CYS H 323 3.99 -13.07 -83.60
CA CYS H 323 3.73 -13.72 -84.88
C CYS H 323 3.99 -15.22 -84.77
N SER H 324 2.99 -16.02 -85.12
CA SER H 324 3.09 -17.47 -85.08
C SER H 324 3.34 -18.02 -86.47
N VAL H 325 4.03 -19.15 -86.52
CA VAL H 325 4.38 -19.80 -87.78
C VAL H 325 3.84 -21.22 -87.74
N TYR H 326 3.11 -21.60 -88.80
CA TYR H 326 2.48 -22.91 -88.86
C TYR H 326 3.02 -23.71 -90.04
N HIS H 327 2.62 -24.99 -90.07
CA HIS H 327 3.08 -25.94 -91.08
C HIS H 327 2.10 -27.09 -91.10
N TYR H 328 1.49 -27.34 -92.26
CA TYR H 328 0.43 -28.35 -92.42
C TYR H 328 0.72 -29.22 -93.63
N PRO H 329 1.61 -30.20 -93.49
CA PRO H 329 1.93 -31.08 -94.63
C PRO H 329 0.93 -32.22 -94.79
N PHE H 330 -0.25 -31.88 -95.28
CA PHE H 330 -1.30 -32.86 -95.50
C PHE H 330 -2.07 -32.49 -96.76
N SER H 331 -2.70 -33.49 -97.35
CA SER H 331 -3.53 -33.30 -98.53
C SER H 331 -4.99 -33.23 -98.14
N CYS H 332 -5.81 -32.76 -99.07
CA CYS H 332 -7.23 -32.59 -98.80
C CYS H 332 -8.00 -32.59 -100.12
N LYS H 333 -9.31 -32.78 -100.01
CA LYS H 333 -10.21 -32.76 -101.15
C LYS H 333 -10.91 -31.41 -101.20
N ASP H 334 -10.77 -30.71 -102.32
CA ASP H 334 -11.27 -29.34 -102.40
C ASP H 334 -12.80 -29.31 -102.37
N LYS H 335 -13.33 -28.21 -101.85
CA LYS H 335 -14.77 -28.07 -101.69
C LYS H 335 -15.47 -27.79 -103.02
N TRP H 336 -14.83 -27.02 -103.90
CA TRP H 336 -15.49 -26.58 -105.13
C TRP H 336 -15.18 -27.48 -106.31
N THR H 337 -13.90 -27.62 -106.65
CA THR H 337 -13.52 -28.32 -107.87
C THR H 337 -13.43 -29.83 -107.69
N GLN H 338 -13.47 -30.33 -106.46
CA GLN H 338 -13.39 -31.77 -106.18
C GLN H 338 -12.11 -32.38 -106.74
N SER H 339 -10.98 -31.94 -106.19
CA SER H 339 -9.68 -32.42 -106.62
C SER H 339 -8.76 -32.54 -105.41
N ARG H 340 -7.53 -32.99 -105.65
CA ARG H 340 -6.54 -33.16 -104.60
C ARG H 340 -5.65 -31.91 -104.55
N VAL H 341 -5.83 -31.10 -103.51
CA VAL H 341 -5.09 -29.86 -103.35
C VAL H 341 -4.49 -29.81 -101.96
N VAL H 342 -3.48 -28.96 -101.81
CA VAL H 342 -2.84 -28.72 -100.53
C VAL H 342 -2.72 -27.22 -100.32
N PHE H 343 -3.07 -26.75 -99.12
CA PHE H 343 -2.86 -25.36 -98.77
C PHE H 343 -2.60 -25.28 -97.27
N GLY H 344 -2.47 -24.05 -96.77
CA GLY H 344 -1.91 -23.80 -95.46
C GLY H 344 -2.93 -23.80 -94.34
N LEU H 345 -2.53 -23.19 -93.22
CA LEU H 345 -3.31 -23.22 -91.99
C LEU H 345 -3.55 -21.85 -91.38
N SER H 346 -3.20 -20.77 -92.08
CA SER H 346 -3.40 -19.43 -91.53
C SER H 346 -4.88 -19.14 -91.29
N GLY H 347 -5.73 -19.52 -92.23
CA GLY H 347 -7.16 -19.28 -92.06
C GLY H 347 -7.73 -19.99 -90.85
N VAL H 348 -7.36 -21.26 -90.66
CA VAL H 348 -7.88 -22.01 -89.53
C VAL H 348 -7.31 -21.48 -88.22
N ALA H 349 -6.05 -21.06 -88.22
CA ALA H 349 -5.48 -20.45 -87.03
C ALA H 349 -6.25 -19.20 -86.64
N TYR H 350 -6.55 -18.34 -87.61
CA TYR H 350 -7.31 -17.14 -87.28
C TYR H 350 -8.74 -17.49 -86.86
N ALA H 351 -9.34 -18.52 -87.45
CA ALA H 351 -10.66 -18.93 -87.01
C ALA H 351 -10.64 -19.36 -85.56
N ALA H 352 -9.60 -20.09 -85.15
CA ALA H 352 -9.45 -20.47 -83.75
C ALA H 352 -9.31 -19.23 -82.88
N LYS H 353 -8.50 -18.26 -83.30
CA LYS H 353 -8.31 -17.06 -82.50
C LYS H 353 -9.62 -16.29 -82.35
N ALA H 354 -10.42 -16.22 -83.42
CA ALA H 354 -11.70 -15.51 -83.35
C ALA H 354 -12.68 -16.24 -82.47
N ARG H 355 -12.74 -17.57 -82.56
CA ARG H 355 -13.59 -18.33 -81.66
C ARG H 355 -13.20 -18.06 -80.20
N GLY H 356 -11.89 -17.96 -79.94
CA GLY H 356 -11.46 -17.63 -78.60
C GLY H 356 -11.85 -16.22 -78.17
N VAL H 357 -11.71 -15.26 -79.07
CA VAL H 357 -11.97 -13.87 -78.72
C VAL H 357 -13.46 -13.58 -78.59
N LYS H 358 -14.31 -14.44 -79.13
CA LYS H 358 -15.76 -14.21 -79.04
C LYS H 358 -16.38 -14.85 -77.81
N LYS H 359 -15.59 -15.45 -76.92
CA LYS H 359 -16.16 -16.10 -75.74
C LYS H 359 -16.68 -15.06 -74.75
N ASN H 360 -15.80 -14.20 -74.25
CA ASN H 360 -16.21 -13.12 -73.35
C ASN H 360 -16.85 -12.00 -74.16
N SER H 361 -17.88 -11.38 -73.58
CA SER H 361 -18.63 -10.34 -74.26
C SER H 361 -18.27 -8.93 -73.84
N ASP H 362 -17.88 -8.73 -72.58
CA ASP H 362 -17.59 -7.38 -72.10
C ASP H 362 -16.30 -6.85 -72.73
N VAL H 363 -15.18 -7.49 -72.44
CA VAL H 363 -13.88 -7.10 -72.99
C VAL H 363 -13.37 -8.06 -74.04
N GLY H 364 -14.02 -9.20 -74.22
CA GLY H 364 -13.56 -10.17 -75.19
C GLY H 364 -12.45 -11.02 -74.61
N GLY H 365 -12.49 -12.32 -74.85
CA GLY H 365 -11.48 -13.20 -74.27
C GLY H 365 -10.24 -13.29 -75.12
N TRP H 366 -9.22 -12.52 -74.77
CA TRP H 366 -7.95 -12.58 -75.46
C TRP H 366 -6.98 -13.57 -74.84
N HIS H 367 -7.34 -14.16 -73.69
CA HIS H 367 -6.45 -15.06 -72.98
C HIS H 367 -6.62 -16.51 -73.40
N TYR H 368 -7.49 -16.80 -74.35
CA TYR H 368 -7.68 -18.17 -74.82
C TYR H 368 -6.67 -18.47 -75.91
N SER H 369 -5.89 -19.53 -75.72
CA SER H 369 -4.90 -19.91 -76.72
C SER H 369 -5.60 -20.43 -77.97
N PRO H 370 -5.05 -20.19 -79.16
CA PRO H 370 -5.63 -20.69 -80.41
C PRO H 370 -5.30 -22.16 -80.69
N ALA H 371 -5.58 -23.02 -79.72
CA ALA H 371 -5.33 -24.44 -79.88
C ALA H 371 -6.23 -25.20 -78.91
N GLY H 372 -6.38 -26.49 -79.16
CA GLY H 372 -7.18 -27.35 -78.32
C GLY H 372 -8.11 -28.21 -79.14
N GLU H 373 -9.06 -28.84 -78.46
CA GLU H 373 -10.02 -29.71 -79.11
C GLU H 373 -11.41 -29.10 -79.19
N GLU H 374 -11.62 -27.93 -78.59
CA GLU H 374 -12.90 -27.27 -78.64
C GLU H 374 -12.87 -25.94 -79.38
N ARG H 375 -11.70 -25.50 -79.82
CA ARG H 375 -11.60 -24.20 -80.48
C ARG H 375 -10.74 -24.18 -81.72
N ALA H 376 -10.11 -25.28 -82.11
CA ALA H 376 -9.17 -25.25 -83.22
C ALA H 376 -9.29 -26.48 -84.11
N VAL H 377 -10.50 -27.05 -84.18
CA VAL H 377 -10.69 -28.21 -85.04
C VAL H 377 -10.52 -27.80 -86.49
N ILE H 378 -10.00 -28.73 -87.30
CA ILE H 378 -9.75 -28.48 -88.72
C ILE H 378 -10.80 -29.26 -89.50
N ALA H 379 -11.57 -28.54 -90.32
CA ALA H 379 -12.63 -29.14 -91.12
C ALA H 379 -12.17 -29.23 -92.57
N ARG H 380 -11.88 -30.45 -93.03
CA ARG H 380 -11.49 -30.68 -94.41
C ARG H 380 -12.24 -31.91 -94.89
N ALA H 381 -11.84 -32.43 -96.05
CA ALA H 381 -12.49 -33.58 -96.66
C ALA H 381 -11.42 -34.59 -97.06
N SER H 382 -11.48 -35.79 -96.45
CA SER H 382 -10.62 -36.90 -96.81
C SER H 382 -9.14 -36.53 -96.67
N ILE H 383 -8.77 -36.13 -95.45
CA ILE H 383 -7.38 -35.76 -95.19
C ILE H 383 -6.51 -37.00 -95.35
N GLN H 384 -5.54 -36.92 -96.26
CA GLN H 384 -4.62 -38.01 -96.55
C GLN H 384 -3.19 -37.51 -96.38
N PRO H 385 -2.44 -38.02 -95.41
CA PRO H 385 -1.11 -37.45 -95.14
C PRO H 385 -0.19 -37.52 -96.35
N LEU H 386 0.63 -36.48 -96.51
CA LEU H 386 1.53 -36.40 -97.65
C LEU H 386 2.71 -37.35 -97.50
N TYR H 387 3.27 -37.46 -96.29
CA TYR H 387 4.44 -38.28 -96.02
C TYR H 387 4.12 -39.21 -94.86
N PRO H 388 3.34 -40.27 -95.10
CA PRO H 388 3.01 -41.19 -94.01
C PRO H 388 4.23 -41.90 -93.41
N GLU H 389 5.33 -42.03 -94.15
CA GLU H 389 6.48 -42.75 -93.64
C GLU H 389 7.33 -41.93 -92.68
N ASP H 390 7.09 -40.63 -92.56
CA ASP H 390 7.90 -39.79 -91.71
C ASP H 390 7.25 -39.64 -90.32
N THR H 391 7.91 -38.86 -89.46
CA THR H 391 7.46 -38.70 -88.08
C THR H 391 7.90 -37.32 -87.60
N PRO H 392 7.10 -36.68 -86.76
CA PRO H 392 7.47 -35.35 -86.24
C PRO H 392 8.65 -35.44 -85.29
N ASP H 393 9.17 -34.27 -84.93
CA ASP H 393 10.40 -34.11 -84.16
C ASP H 393 10.13 -33.24 -82.94
N GLU H 394 9.09 -33.61 -82.17
CA GLU H 394 8.48 -32.74 -81.16
C GLU H 394 9.46 -31.83 -80.43
N GLU H 395 10.57 -32.40 -79.92
CA GLU H 395 11.53 -31.57 -79.19
C GLU H 395 12.19 -30.54 -80.10
N ALA H 396 12.61 -30.97 -81.28
CA ALA H 396 13.22 -30.02 -82.23
C ALA H 396 12.21 -28.97 -82.65
N MET H 397 10.95 -29.36 -82.87
CA MET H 397 9.93 -28.40 -83.25
C MET H 397 9.71 -27.36 -82.17
N VAL H 398 9.64 -27.80 -80.91
CA VAL H 398 9.41 -26.85 -79.82
C VAL H 398 10.61 -25.92 -79.67
N LYS H 399 11.82 -26.45 -79.84
CA LYS H 399 12.99 -25.58 -79.76
C LYS H 399 13.05 -24.60 -80.92
N GLY H 400 12.56 -25.00 -82.10
CA GLY H 400 12.55 -24.15 -83.26
C GLY H 400 11.30 -23.32 -83.45
N ARG H 401 10.37 -23.35 -82.50
CA ARG H 401 9.18 -22.50 -82.52
C ARG H 401 8.35 -22.77 -83.77
N LEU H 402 7.82 -23.99 -83.84
CA LEU H 402 6.98 -24.41 -84.96
C LEU H 402 5.78 -25.16 -84.38
N ASN H 403 4.59 -24.58 -84.54
CA ASN H 403 3.38 -25.26 -84.07
C ASN H 403 3.09 -26.46 -84.95
N LYS H 404 2.58 -27.52 -84.34
CA LYS H 404 2.39 -28.80 -85.01
C LYS H 404 0.94 -29.25 -84.88
N VAL H 405 0.47 -29.95 -85.90
CA VAL H 405 -0.86 -30.53 -85.88
C VAL H 405 -0.79 -31.93 -85.28
N SER H 406 -1.95 -32.45 -84.90
CA SER H 406 -2.04 -33.77 -84.31
C SER H 406 -3.43 -34.32 -84.56
N VAL H 407 -3.74 -35.44 -83.93
CA VAL H 407 -5.06 -36.05 -84.00
C VAL H 407 -5.60 -36.12 -82.58
N GLY H 408 -6.56 -35.26 -82.27
CA GLY H 408 -7.16 -35.23 -80.95
C GLY H 408 -8.20 -36.32 -80.78
N THR H 409 -9.04 -36.16 -79.77
CA THR H 409 -10.10 -37.11 -79.52
C THR H 409 -11.12 -37.08 -80.66
N SER H 410 -11.78 -38.21 -80.87
CA SER H 410 -12.83 -38.42 -81.86
C SER H 410 -12.27 -38.46 -83.28
N GLY H 411 -10.99 -38.19 -83.45
CA GLY H 411 -10.32 -38.40 -84.72
C GLY H 411 -10.27 -37.22 -85.67
N GLN H 412 -10.64 -36.02 -85.25
CA GLN H 412 -10.47 -34.84 -86.09
C GLN H 412 -9.14 -34.17 -85.80
N MET H 413 -8.44 -33.77 -86.86
CA MET H 413 -7.17 -33.09 -86.71
C MET H 413 -7.36 -31.76 -85.98
N ILE H 414 -6.41 -31.42 -85.12
CA ILE H 414 -6.46 -30.19 -84.37
C ILE H 414 -5.08 -29.55 -84.38
N ILE H 415 -5.03 -28.29 -83.95
CA ILE H 415 -3.78 -27.59 -83.70
C ILE H 415 -3.43 -27.77 -82.23
N ASP H 416 -2.20 -28.19 -81.96
CA ASP H 416 -1.82 -28.57 -80.60
C ASP H 416 -0.58 -27.82 -80.12
N ASP H 417 -0.48 -26.53 -80.45
CA ASP H 417 0.57 -25.69 -79.88
C ASP H 417 0.17 -24.23 -80.01
N ALA H 418 0.76 -23.41 -79.14
CA ALA H 418 0.51 -21.98 -79.10
C ALA H 418 1.82 -21.23 -78.92
N LEU H 419 2.84 -21.60 -79.69
CA LEU H 419 4.16 -21.02 -79.55
C LEU H 419 4.37 -19.94 -80.60
N THR H 420 4.93 -18.82 -80.17
CA THR H 420 5.20 -17.69 -81.05
C THR H 420 6.61 -17.80 -81.61
N CYS H 421 7.09 -16.73 -82.23
CA CYS H 421 8.42 -16.71 -82.83
C CYS H 421 9.49 -16.18 -81.89
N CYS H 422 9.15 -15.86 -80.65
CA CYS H 422 10.14 -15.39 -79.70
C CYS H 422 11.11 -16.51 -79.35
N THR H 423 12.41 -16.18 -79.32
CA THR H 423 13.41 -17.18 -78.98
C THR H 423 13.72 -17.24 -77.51
N GLN H 424 13.57 -16.13 -76.79
CA GLN H 424 13.84 -16.11 -75.36
C GLN H 424 12.87 -17.04 -74.63
N ASP H 425 13.37 -17.70 -73.60
CA ASP H 425 12.58 -18.67 -72.84
C ASP H 425 12.00 -17.97 -71.61
N ASN H 426 10.91 -17.26 -71.82
CA ASN H 426 10.18 -16.60 -70.74
C ASN H 426 8.70 -16.69 -71.05
N TYR H 427 7.89 -15.89 -70.36
CA TYR H 427 6.45 -15.93 -70.58
C TYR H 427 6.04 -15.43 -71.95
N LEU H 428 6.94 -14.81 -72.69
CA LEU H 428 6.57 -14.15 -73.93
C LEU H 428 6.43 -15.10 -75.11
N HIS H 429 6.94 -16.33 -75.02
CA HIS H 429 6.86 -17.20 -76.19
C HIS H 429 5.54 -17.95 -76.28
N PHE H 430 4.71 -17.92 -75.24
CA PHE H 430 3.35 -18.42 -75.38
C PHE H 430 2.52 -17.45 -76.20
N GLN H 431 1.40 -17.94 -76.73
CA GLN H 431 0.65 -17.13 -77.69
C GLN H 431 -0.26 -16.13 -77.01
N HIS H 432 -0.91 -16.53 -75.91
CA HIS H 432 -1.96 -15.67 -75.37
C HIS H 432 -1.41 -14.45 -74.65
N VAL H 433 -0.21 -14.55 -74.05
CA VAL H 433 0.32 -13.42 -73.29
C VAL H 433 0.57 -12.19 -74.16
N PRO H 434 1.27 -12.28 -75.29
CA PRO H 434 1.43 -11.08 -76.13
C PRO H 434 0.12 -10.50 -76.61
N SER H 435 -0.87 -11.34 -76.93
CA SER H 435 -2.14 -10.81 -77.40
C SER H 435 -2.84 -10.01 -76.32
N LEU H 436 -2.88 -10.53 -75.10
CA LEU H 436 -3.49 -9.81 -73.99
C LEU H 436 -2.77 -8.51 -73.70
N MET H 437 -1.43 -8.55 -73.65
CA MET H 437 -0.68 -7.34 -73.38
C MET H 437 -0.88 -6.31 -74.48
N ASN H 438 -0.97 -6.76 -75.73
CA ASN H 438 -1.17 -5.83 -76.84
C ASN H 438 -2.56 -5.21 -76.79
N ALA H 439 -3.58 -5.98 -76.38
CA ALA H 439 -4.90 -5.39 -76.20
C ALA H 439 -4.87 -4.29 -75.16
N ILE H 440 -4.22 -4.55 -74.02
CA ILE H 440 -4.13 -3.53 -72.99
C ILE H 440 -3.38 -2.30 -73.52
N SER H 441 -2.30 -2.52 -74.26
CA SER H 441 -1.51 -1.41 -74.77
C SER H 441 -2.30 -0.57 -75.76
N ARG H 442 -3.08 -1.21 -76.63
CA ARG H 442 -3.90 -0.45 -77.58
C ARG H 442 -4.94 0.39 -76.85
N PHE H 443 -5.58 -0.17 -75.83
CA PHE H 443 -6.51 0.64 -75.06
C PHE H 443 -5.81 1.82 -74.39
N PHE H 444 -4.61 1.59 -73.87
CA PHE H 444 -3.88 2.69 -73.25
C PHE H 444 -3.55 3.78 -74.26
N VAL H 445 -3.14 3.39 -75.47
CA VAL H 445 -2.83 4.40 -76.48
C VAL H 445 -4.06 5.23 -76.77
N GLN H 446 -5.21 4.58 -76.92
CA GLN H 446 -6.44 5.35 -77.15
C GLN H 446 -6.69 6.33 -76.02
N LEU H 447 -6.61 5.86 -74.77
CA LEU H 447 -6.92 6.72 -73.63
C LEU H 447 -5.96 7.90 -73.54
N ALA H 448 -4.67 7.63 -73.67
CA ALA H 448 -3.68 8.72 -73.56
C ALA H 448 -3.81 9.71 -74.71
N ARG H 449 -4.08 9.23 -75.91
CA ARG H 449 -4.31 10.14 -77.02
C ARG H 449 -5.49 11.05 -76.74
N GLN H 450 -6.58 10.49 -76.20
CA GLN H 450 -7.73 11.31 -75.87
C GLN H 450 -7.41 12.31 -74.76
N MET H 451 -6.55 11.93 -73.82
CA MET H 451 -6.32 12.72 -72.61
C MET H 451 -5.09 13.61 -72.69
N LYS H 452 -4.42 13.66 -73.84
CA LYS H 452 -3.25 14.50 -73.99
C LYS H 452 -3.60 15.97 -73.88
N HIS H 453 -2.62 16.77 -73.46
CA HIS H 453 -2.67 18.23 -73.41
C HIS H 453 -3.62 18.77 -72.34
N SER H 454 -3.79 18.06 -71.24
CA SER H 454 -4.62 18.54 -70.15
C SER H 454 -3.78 18.88 -68.94
N PRO H 455 -4.27 19.74 -68.05
CA PRO H 455 -3.52 20.04 -66.83
C PRO H 455 -3.40 18.81 -65.94
N ASP H 456 -2.39 18.84 -65.07
CA ASP H 456 -2.05 17.64 -64.30
C ASP H 456 -3.18 17.23 -63.37
N GLY H 457 -3.91 18.20 -62.82
CA GLY H 457 -4.98 17.86 -61.90
C GLY H 457 -6.03 16.96 -62.53
N ILE H 458 -6.46 17.29 -63.74
CA ILE H 458 -7.38 16.43 -64.46
C ILE H 458 -6.67 15.16 -64.94
N THR H 459 -5.43 15.31 -65.41
CA THR H 459 -4.76 14.19 -66.08
C THR H 459 -4.51 13.03 -65.14
N ALA H 460 -3.99 13.29 -63.95
CA ALA H 460 -3.67 12.21 -63.03
C ALA H 460 -4.91 11.41 -62.66
N ALA H 461 -5.98 12.11 -62.26
CA ALA H 461 -7.19 11.43 -61.86
C ALA H 461 -7.80 10.66 -63.02
N GLY H 462 -7.82 11.26 -64.21
CA GLY H 462 -8.40 10.58 -65.36
C GLY H 462 -7.65 9.33 -65.74
N LEU H 463 -6.31 9.42 -65.81
CA LEU H 463 -5.51 8.25 -66.15
C LEU H 463 -5.69 7.14 -65.12
N THR H 464 -5.64 7.49 -63.83
CA THR H 464 -5.79 6.48 -62.80
C THR H 464 -7.15 5.82 -62.89
N LYS H 465 -8.22 6.61 -63.07
CA LYS H 465 -9.56 6.04 -63.13
C LYS H 465 -9.72 5.12 -64.34
N GLY H 466 -9.25 5.56 -65.50
CA GLY H 466 -9.39 4.74 -66.70
C GLY H 466 -8.63 3.43 -66.59
N MET H 467 -7.37 3.50 -66.15
CA MET H 467 -6.60 2.27 -66.03
C MET H 467 -7.16 1.34 -64.97
N THR H 468 -7.58 1.88 -63.83
CA THR H 468 -8.14 1.02 -62.80
C THR H 468 -9.40 0.33 -63.30
N LYS H 469 -10.27 1.07 -64.00
CA LYS H 469 -11.49 0.45 -64.50
C LYS H 469 -11.18 -0.64 -65.52
N LEU H 470 -10.26 -0.38 -66.44
CA LEU H 470 -9.97 -1.37 -67.47
C LEU H 470 -9.35 -2.63 -66.87
N LEU H 471 -8.38 -2.47 -65.98
CA LEU H 471 -7.75 -3.64 -65.40
C LEU H 471 -8.70 -4.40 -64.49
N ASP H 472 -9.61 -3.71 -63.79
CA ASP H 472 -10.63 -4.41 -63.03
C ASP H 472 -11.54 -5.21 -63.94
N ARG H 473 -11.88 -4.66 -65.11
CA ARG H 473 -12.68 -5.40 -66.07
C ARG H 473 -11.96 -6.67 -66.52
N PHE H 474 -10.66 -6.55 -66.79
CA PHE H 474 -9.90 -7.74 -67.20
C PHE H 474 -9.83 -8.78 -66.09
N VAL H 475 -9.59 -8.35 -64.85
CA VAL H 475 -9.50 -9.30 -63.74
C VAL H 475 -10.83 -10.01 -63.55
N ALA H 476 -11.94 -9.27 -63.61
CA ALA H 476 -13.25 -9.89 -63.51
C ALA H 476 -13.49 -10.85 -64.67
N SER H 477 -12.98 -10.53 -65.85
CA SER H 477 -13.06 -11.45 -66.98
C SER H 477 -12.33 -12.75 -66.67
N GLY H 478 -11.16 -12.65 -66.05
CA GLY H 478 -10.39 -13.81 -65.68
C GLY H 478 -9.07 -13.98 -66.38
N ALA H 479 -8.58 -12.94 -67.06
CA ALA H 479 -7.30 -13.03 -67.76
C ALA H 479 -6.10 -12.76 -66.86
N LEU H 480 -6.32 -12.26 -65.64
CA LEU H 480 -5.24 -12.04 -64.70
C LEU H 480 -5.57 -12.73 -63.38
N VAL H 481 -4.58 -13.36 -62.78
CA VAL H 481 -4.74 -14.10 -61.54
C VAL H 481 -3.69 -13.63 -60.54
N ALA H 482 -3.82 -14.09 -59.31
CA ALA H 482 -2.89 -13.71 -58.26
C ALA H 482 -1.49 -14.20 -58.61
N PRO H 483 -0.45 -13.50 -58.13
CA PRO H 483 0.92 -13.88 -58.49
C PRO H 483 1.27 -15.25 -57.97
N ARG H 484 2.22 -15.91 -58.65
CA ARG H 484 2.58 -17.27 -58.30
C ARG H 484 3.17 -17.34 -56.90
N ASP H 485 4.02 -16.39 -56.53
CA ASP H 485 4.64 -16.38 -55.21
C ASP H 485 4.16 -15.17 -54.42
N PRO H 486 3.15 -15.31 -53.58
CA PRO H 486 2.59 -14.18 -52.84
C PRO H 486 3.38 -13.82 -51.59
N ASP H 487 4.69 -13.75 -51.72
CA ASP H 487 5.58 -13.38 -50.64
C ASP H 487 6.42 -12.15 -50.95
N ALA H 488 6.92 -12.02 -52.17
CA ALA H 488 7.73 -10.88 -52.57
C ALA H 488 6.93 -9.85 -53.36
N ASP H 489 6.32 -10.28 -54.46
CA ASP H 489 5.58 -9.36 -55.33
C ASP H 489 4.10 -9.29 -54.97
N GLY H 490 3.82 -9.00 -53.70
CA GLY H 490 2.47 -8.76 -53.22
C GLY H 490 1.49 -9.88 -53.52
N THR H 491 0.21 -9.53 -53.49
CA THR H 491 -0.85 -10.49 -53.78
C THR H 491 -1.95 -9.89 -54.66
N GLU H 492 -1.66 -8.82 -55.40
CA GLU H 492 -2.70 -8.28 -56.26
C GLU H 492 -2.40 -8.64 -57.71
N PRO H 493 -3.44 -8.92 -58.51
CA PRO H 493 -3.19 -9.31 -59.91
C PRO H 493 -2.45 -8.25 -60.71
N TYR H 494 -2.73 -6.98 -60.46
CA TYR H 494 -2.12 -5.88 -61.19
C TYR H 494 -1.70 -4.78 -60.23
N VAL H 495 -0.60 -4.11 -60.57
CA VAL H 495 -0.10 -2.96 -59.83
C VAL H 495 0.07 -1.83 -60.81
N LEU H 496 -0.56 -0.69 -60.53
CA LEU H 496 -0.55 0.46 -61.41
C LEU H 496 0.10 1.64 -60.72
N LYS H 497 0.92 2.39 -61.46
CA LYS H 497 1.63 3.52 -60.89
C LYS H 497 1.70 4.62 -61.93
N VAL H 498 1.04 5.75 -61.67
CA VAL H 498 1.05 6.91 -62.54
C VAL H 498 1.86 7.99 -61.86
N THR H 499 2.87 8.51 -62.55
CA THR H 499 3.80 9.44 -61.92
C THR H 499 4.15 10.56 -62.89
N GLN H 500 4.73 11.61 -62.35
CA GLN H 500 5.24 12.73 -63.13
C GLN H 500 6.76 12.72 -63.05
N ALA H 501 7.41 12.75 -64.21
CA ALA H 501 8.87 12.71 -64.29
C ALA H 501 9.50 14.08 -64.40
N GLU H 502 8.98 14.94 -65.27
CA GLU H 502 9.34 16.36 -65.32
C GLU H 502 8.04 17.13 -65.50
N PHE H 503 8.17 18.37 -65.99
CA PHE H 503 6.99 19.20 -66.21
C PHE H 503 5.92 18.46 -67.01
N ASP H 504 6.29 17.85 -68.13
CA ASP H 504 5.35 17.09 -68.95
C ASP H 504 6.01 15.77 -69.37
N LYS H 505 5.95 14.76 -68.50
CA LYS H 505 6.44 13.44 -68.87
C LYS H 505 5.60 12.35 -68.20
N TRP H 506 4.29 12.58 -68.08
CA TRP H 506 3.42 11.66 -67.36
C TRP H 506 3.69 10.22 -67.74
N GLU H 507 4.16 9.42 -66.79
CA GLU H 507 4.61 8.06 -67.03
C GLU H 507 3.70 7.08 -66.30
N VAL H 508 3.20 6.10 -67.03
CA VAL H 508 2.30 5.09 -66.48
C VAL H 508 2.99 3.73 -66.56
N VAL H 509 3.09 3.05 -65.43
CA VAL H 509 3.69 1.72 -65.37
C VAL H 509 2.68 0.78 -64.75
N TRP H 510 2.28 -0.24 -65.50
CA TRP H 510 1.34 -1.24 -65.01
C TRP H 510 1.97 -2.61 -65.14
N ALA H 511 1.88 -3.41 -64.08
CA ALA H 511 2.41 -4.76 -64.05
C ALA H 511 1.28 -5.72 -63.77
N CYS H 512 1.14 -6.74 -64.62
CA CYS H 512 0.03 -7.68 -64.54
C CYS H 512 0.56 -9.09 -64.44
N CYS H 513 -0.20 -9.97 -63.78
CA CYS H 513 0.15 -11.38 -63.75
C CYS H 513 -0.78 -12.16 -64.67
N PRO H 514 -0.31 -12.62 -65.83
CA PRO H 514 -1.21 -13.29 -66.76
C PRO H 514 -1.56 -14.70 -66.32
N THR H 515 -2.63 -15.23 -66.92
CA THR H 515 -3.07 -16.58 -66.59
C THR H 515 -2.08 -17.61 -67.10
N GLY H 516 -2.18 -18.82 -66.56
CA GLY H 516 -1.33 -19.92 -66.95
C GLY H 516 -2.07 -20.91 -67.82
N VAL H 517 -1.62 -21.06 -69.06
CA VAL H 517 -2.17 -22.08 -69.92
C VAL H 517 -1.85 -23.47 -69.35
N ALA H 518 -2.63 -24.46 -69.77
CA ALA H 518 -2.45 -25.83 -69.32
C ALA H 518 -2.01 -26.66 -70.52
N ARG H 519 -0.70 -26.69 -70.74
CA ARG H 519 -0.14 -27.39 -71.89
C ARG H 519 0.35 -28.79 -71.56
N ARG H 520 0.95 -28.99 -70.39
CA ARG H 520 1.44 -30.28 -69.95
C ARG H 520 0.73 -30.66 -68.66
N ILE H 521 0.04 -31.81 -68.69
CA ILE H 521 -0.69 -32.32 -67.54
C ILE H 521 -0.13 -33.68 -67.19
N GLN H 522 0.25 -33.86 -65.92
CA GLN H 522 0.87 -35.10 -65.48
C GLN H 522 0.17 -35.62 -64.23
N GLY H 523 -0.09 -36.91 -64.20
CA GLY H 523 -0.71 -37.56 -63.05
C GLY H 523 0.25 -38.55 -62.41
N VAL H 524 0.29 -38.54 -61.09
CA VAL H 524 1.16 -39.40 -60.32
C VAL H 524 0.30 -40.22 -59.36
N PRO H 525 -0.08 -41.43 -59.72
CA PRO H 525 -0.86 -42.26 -58.80
C PRO H 525 -0.03 -42.70 -57.62
N LEU H 526 -0.71 -42.96 -56.50
CA LEU H 526 -0.04 -43.36 -55.27
C LEU H 526 -0.87 -44.45 -54.61
N LEU H 527 -0.23 -45.18 -53.70
CA LEU H 527 -0.88 -46.17 -52.87
C LEU H 527 -0.63 -45.86 -51.40
N ILE H 528 -1.66 -46.02 -50.58
CA ILE H 528 -1.62 -45.68 -49.16
C ILE H 528 -1.58 -46.97 -48.36
N LYS H 529 -0.60 -47.10 -47.47
CA LYS H 529 -0.49 -48.26 -46.61
C LYS H 529 -1.66 -48.30 -45.63
N SER I 2 1.16 -45.69 -81.29
CA SER I 2 -0.04 -45.27 -81.99
C SER I 2 -0.96 -44.45 -81.10
N GLN I 3 -2.26 -44.52 -81.36
CA GLN I 3 -3.22 -43.88 -80.49
C GLN I 3 -3.50 -44.77 -79.27
N TYR I 4 -4.21 -44.20 -78.31
CA TYR I 4 -4.57 -44.87 -77.05
C TYR I 4 -3.35 -45.19 -76.21
N SER I 5 -2.16 -44.93 -76.72
CA SER I 5 -0.95 -45.18 -75.97
C SER I 5 -0.77 -44.11 -74.90
N ILE I 6 -0.08 -44.48 -73.82
CA ILE I 6 0.15 -43.59 -72.69
C ILE I 6 1.65 -43.48 -72.48
N GLN I 7 2.16 -42.25 -72.47
CA GLN I 7 3.57 -42.03 -72.19
C GLN I 7 3.79 -41.84 -70.70
N GLN I 8 5.06 -41.68 -70.32
CA GLN I 8 5.43 -41.55 -68.91
C GLN I 8 6.37 -40.40 -68.62
N SER I 9 7.11 -39.89 -69.62
CA SER I 9 8.11 -38.87 -69.36
C SER I 9 7.53 -37.47 -69.41
N LEU I 10 7.00 -37.07 -70.57
CA LEU I 10 6.39 -35.76 -70.78
C LEU I 10 7.40 -34.64 -70.48
N GLY I 11 8.41 -34.58 -71.35
CA GLY I 11 9.44 -33.57 -71.22
C GLY I 11 9.40 -32.48 -72.27
N ASN I 12 9.01 -31.27 -71.85
CA ASN I 12 9.09 -30.07 -72.69
C ASN I 12 8.32 -30.21 -74.00
N ALA I 13 7.15 -30.85 -73.93
CA ALA I 13 6.30 -30.99 -75.09
C ALA I 13 4.86 -31.16 -74.63
N SER I 14 3.92 -30.65 -75.41
CA SER I 14 2.51 -30.77 -75.04
C SER I 14 2.09 -32.23 -75.03
N GLY I 15 1.26 -32.58 -74.07
CA GLY I 15 0.76 -33.93 -73.96
C GLY I 15 0.27 -34.21 -72.56
N VAL I 16 -0.08 -35.48 -72.35
CA VAL I 16 -0.55 -35.96 -71.05
C VAL I 16 0.11 -37.30 -70.77
N ALA I 17 0.61 -37.47 -69.55
CA ALA I 17 1.30 -38.69 -69.19
C ALA I 17 1.00 -39.03 -67.74
N VAL I 18 1.04 -40.33 -67.43
CA VAL I 18 0.84 -40.82 -66.07
C VAL I 18 2.06 -41.60 -65.64
N SER I 19 2.56 -41.31 -64.46
CA SER I 19 3.74 -41.98 -63.95
C SER I 19 3.40 -43.39 -63.51
N PRO I 20 4.36 -44.31 -63.56
CA PRO I 20 4.10 -45.68 -63.07
C PRO I 20 3.79 -45.67 -61.58
N ILE I 21 2.98 -46.64 -61.16
CA ILE I 21 2.48 -46.66 -59.79
C ILE I 21 3.65 -46.73 -58.82
N ASN I 22 3.58 -45.92 -57.76
CA ASN I 22 4.70 -45.83 -56.83
C ASN I 22 4.79 -47.06 -55.95
N ALA I 23 3.78 -47.26 -55.10
CA ALA I 23 3.66 -48.47 -54.28
C ALA I 23 4.94 -48.78 -53.52
N ASP I 24 5.52 -47.75 -52.90
CA ASP I 24 6.71 -47.93 -52.10
C ASP I 24 6.49 -47.74 -50.61
N ALA I 25 5.41 -47.08 -50.21
CA ALA I 25 5.06 -46.93 -48.82
C ALA I 25 4.25 -48.10 -48.27
N THR I 26 4.02 -49.12 -49.09
CA THR I 26 3.22 -50.28 -48.71
C THR I 26 4.02 -51.56 -48.86
N LEU I 27 5.32 -51.50 -48.63
CA LEU I 27 6.17 -52.67 -48.80
C LEU I 27 6.05 -53.59 -47.59
N SER I 28 5.61 -54.81 -47.82
CA SER I 28 5.52 -55.85 -46.80
C SER I 28 6.67 -56.82 -46.98
N THR I 29 6.65 -57.90 -46.17
CA THR I 29 7.65 -58.95 -46.27
C THR I 29 6.98 -60.29 -46.01
N GLY I 30 7.05 -61.18 -46.99
CA GLY I 30 6.46 -62.50 -46.83
C GLY I 30 7.47 -63.56 -46.47
N VAL I 31 7.54 -63.91 -45.19
CA VAL I 31 8.47 -64.92 -44.73
C VAL I 31 7.77 -66.15 -44.15
N ALA I 32 6.55 -66.00 -43.64
CA ALA I 32 5.80 -67.11 -43.05
C ALA I 32 6.60 -67.76 -41.92
N LEU I 33 6.77 -66.99 -40.85
CA LEU I 33 7.60 -67.44 -39.74
C LEU I 33 7.03 -68.68 -39.07
N ASN I 34 5.72 -68.86 -39.10
CA ASN I 34 5.10 -70.00 -38.43
C ASN I 34 5.15 -71.26 -39.29
N SER I 35 6.33 -71.59 -39.80
CA SER I 35 6.51 -72.79 -40.60
C SER I 35 7.84 -73.42 -40.26
N SER I 36 7.84 -74.73 -40.01
CA SER I 36 9.03 -75.45 -39.59
C SER I 36 9.16 -76.73 -40.40
N LEU I 37 10.37 -77.00 -40.89
CA LEU I 37 10.68 -78.23 -41.60
C LEU I 37 11.98 -78.79 -41.06
N TRP I 38 12.12 -80.11 -41.12
CA TRP I 38 13.26 -80.80 -40.55
C TRP I 38 14.09 -81.45 -41.64
N ALA I 39 15.41 -81.35 -41.52
CA ALA I 39 16.32 -81.92 -42.49
C ALA I 39 17.29 -82.86 -41.81
N GLY I 40 17.52 -84.02 -42.41
CA GLY I 40 18.40 -85.00 -41.81
C GLY I 40 19.01 -85.94 -42.81
N ILE I 41 20.09 -86.59 -42.39
CA ILE I 41 20.74 -87.61 -43.18
C ILE I 41 20.43 -88.97 -42.56
N GLY I 42 20.61 -90.01 -43.33
CA GLY I 42 20.33 -91.34 -42.80
C GLY I 42 20.69 -92.42 -43.81
N VAL I 43 20.44 -93.65 -43.39
CA VAL I 43 20.64 -94.84 -44.22
C VAL I 43 19.31 -95.54 -44.34
N PHE I 44 18.87 -95.77 -45.58
CA PHE I 44 17.56 -96.35 -45.81
C PHE I 44 17.65 -97.50 -46.80
N ALA I 45 16.49 -98.01 -47.24
CA ALA I 45 16.44 -99.11 -48.18
C ALA I 45 16.25 -98.66 -49.62
N ARG I 46 15.43 -97.64 -49.86
CA ARG I 46 15.15 -97.15 -51.21
C ARG I 46 15.26 -95.64 -51.24
N GLY I 47 15.80 -95.12 -52.32
CA GLY I 47 15.97 -93.69 -52.50
C GLY I 47 17.22 -93.40 -53.31
N LYS I 48 17.24 -92.20 -53.89
CA LYS I 48 18.38 -91.80 -54.71
C LYS I 48 19.52 -91.33 -53.81
N PRO I 49 20.69 -91.96 -53.87
CA PRO I 49 21.77 -91.59 -52.95
C PRO I 49 22.32 -90.21 -53.23
N PHE I 50 22.73 -89.54 -52.15
CA PHE I 50 23.41 -88.25 -52.21
C PHE I 50 22.57 -87.21 -52.95
N THR I 51 21.25 -87.28 -52.79
CA THR I 51 20.36 -86.31 -53.42
C THR I 51 19.25 -85.98 -52.44
N VAL I 52 19.00 -84.69 -52.26
CA VAL I 52 18.00 -84.24 -51.30
C VAL I 52 16.63 -84.76 -51.70
N LEU I 53 15.91 -85.35 -50.76
CA LEU I 53 14.59 -85.88 -51.00
C LEU I 53 13.56 -84.97 -50.35
N ALA I 54 12.30 -85.39 -50.40
CA ALA I 54 11.22 -84.67 -49.75
C ALA I 54 10.18 -85.68 -49.30
N VAL I 55 10.01 -85.81 -47.99
CA VAL I 55 9.11 -86.79 -47.41
C VAL I 55 7.96 -86.07 -46.73
N THR I 56 6.74 -86.57 -46.94
CA THR I 56 5.53 -86.07 -46.32
C THR I 56 4.86 -87.20 -45.55
N GLU I 57 3.68 -86.91 -45.00
CA GLU I 57 2.95 -87.91 -44.23
C GLU I 57 2.32 -88.99 -45.08
N SER I 58 2.31 -88.84 -46.41
CA SER I 58 1.56 -89.74 -47.27
C SER I 58 2.39 -90.45 -48.32
N ASN I 59 3.71 -90.24 -48.35
CA ASN I 59 4.52 -90.93 -49.35
C ASN I 59 5.82 -91.52 -48.84
N TYR I 60 6.20 -91.28 -47.58
CA TYR I 60 7.49 -91.74 -47.09
C TYR I 60 7.65 -93.25 -47.25
N GLU I 61 6.56 -93.99 -47.09
CA GLU I 61 6.63 -95.45 -47.18
C GLU I 61 7.16 -95.90 -48.53
N ASP I 62 6.80 -95.19 -49.60
CA ASP I 62 7.24 -95.60 -50.93
C ASP I 62 8.46 -94.86 -51.42
N VAL I 63 8.63 -93.58 -51.08
CA VAL I 63 9.84 -92.88 -51.54
C VAL I 63 11.07 -93.42 -50.82
N LEU I 64 10.94 -93.69 -49.52
CA LEU I 64 12.07 -94.20 -48.74
C LEU I 64 12.08 -95.72 -48.63
N GLY I 65 11.10 -96.40 -49.19
CA GLY I 65 11.04 -97.85 -49.14
C GLY I 65 10.44 -98.35 -47.84
N GLU I 66 10.19 -99.65 -47.82
CA GLU I 66 9.61 -100.28 -46.64
C GLU I 66 10.61 -100.26 -45.49
N PRO I 67 10.12 -100.28 -44.24
CA PRO I 67 11.03 -100.25 -43.09
C PRO I 67 11.93 -101.48 -43.06
N LEU I 68 13.15 -101.28 -42.55
CA LEU I 68 14.14 -102.34 -42.47
C LEU I 68 13.81 -103.26 -41.30
N LYS I 69 14.73 -104.18 -40.98
CA LYS I 69 14.54 -105.14 -39.92
C LYS I 69 15.60 -104.94 -38.85
N PRO I 70 15.22 -104.91 -37.56
CA PRO I 70 16.23 -104.72 -36.50
C PRO I 70 17.27 -105.81 -36.47
N SER I 71 16.90 -107.05 -36.80
CA SER I 71 17.86 -108.15 -36.78
C SER I 71 18.95 -107.99 -37.84
N SER I 72 18.71 -107.18 -38.86
CA SER I 72 19.71 -106.97 -39.90
C SER I 72 20.97 -106.31 -39.33
N GLY I 73 20.79 -105.32 -38.46
CA GLY I 73 21.91 -104.61 -37.89
C GLY I 73 21.50 -103.33 -37.21
N SER I 74 22.27 -102.25 -37.43
CA SER I 74 21.99 -100.96 -36.83
C SER I 74 21.37 -99.99 -37.81
N GLN I 75 20.87 -100.48 -38.95
CA GLN I 75 20.30 -99.62 -39.97
C GLN I 75 18.82 -99.35 -39.77
N PHE I 76 18.21 -99.89 -38.72
CA PHE I 76 16.79 -99.72 -38.48
C PHE I 76 16.45 -98.43 -37.75
N GLU I 77 17.44 -97.62 -37.39
CA GLU I 77 17.17 -96.43 -36.59
C GLU I 77 16.55 -95.29 -37.40
N PRO I 78 17.14 -94.85 -38.52
CA PRO I 78 16.63 -93.64 -39.17
C PRO I 78 15.20 -93.74 -39.65
N ILE I 79 14.75 -94.92 -40.06
CA ILE I 79 13.37 -95.04 -40.51
C ILE I 79 12.41 -94.78 -39.35
N ARG I 80 12.71 -95.31 -38.17
CA ARG I 80 11.86 -95.06 -37.01
C ARG I 80 11.93 -93.59 -36.59
N HIS I 81 13.12 -92.98 -36.66
CA HIS I 81 13.21 -91.56 -36.35
C HIS I 81 12.36 -90.73 -37.31
N VAL I 82 12.40 -91.07 -38.60
CA VAL I 82 11.57 -90.39 -39.60
C VAL I 82 10.11 -90.58 -39.28
N TYR I 83 9.70 -91.79 -38.91
CA TYR I 83 8.30 -92.06 -38.63
C TYR I 83 7.82 -91.26 -37.43
N GLU I 84 8.66 -91.12 -36.42
CA GLU I 84 8.27 -90.35 -35.25
C GLU I 84 8.31 -88.85 -35.49
N ALA I 85 9.14 -88.38 -36.43
CA ALA I 85 9.22 -86.94 -36.66
C ALA I 85 8.24 -86.44 -37.71
N ILE I 86 7.82 -87.29 -38.64
CA ILE I 86 6.89 -86.88 -39.70
C ILE I 86 5.53 -86.49 -39.13
N GLN I 87 5.14 -87.09 -38.00
CA GLN I 87 3.82 -86.91 -37.39
C GLN I 87 3.33 -85.47 -37.45
N GLN I 88 4.25 -84.51 -37.37
CA GLN I 88 3.90 -83.10 -37.35
C GLN I 88 4.03 -82.45 -38.72
N THR I 89 5.22 -82.49 -39.32
CA THR I 89 5.50 -81.73 -40.53
C THR I 89 6.36 -82.53 -41.47
N SER I 90 6.30 -82.17 -42.76
CA SER I 90 7.12 -82.82 -43.77
C SER I 90 8.57 -82.36 -43.64
N GLY I 91 9.45 -82.99 -44.41
CA GLY I 91 10.86 -82.66 -44.27
C GLY I 91 11.70 -83.15 -45.43
N TYR I 92 13.00 -83.00 -45.27
CA TYR I 92 13.99 -83.36 -46.29
C TYR I 92 15.02 -84.30 -45.71
N VAL I 93 15.33 -85.37 -46.44
CA VAL I 93 16.29 -86.37 -46.01
C VAL I 93 17.35 -86.56 -47.09
N VAL I 94 18.48 -87.09 -46.67
CA VAL I 94 19.58 -87.42 -47.57
C VAL I 94 20.04 -88.84 -47.25
N ARG I 95 19.98 -89.72 -48.25
CA ARG I 95 20.38 -91.11 -48.06
C ARG I 95 21.85 -91.28 -48.41
N ALA I 96 22.60 -91.94 -47.52
CA ALA I 96 24.01 -92.23 -47.74
C ALA I 96 24.17 -93.74 -47.87
N VAL I 97 24.87 -94.17 -48.91
CA VAL I 97 25.01 -95.59 -49.22
C VAL I 97 26.45 -96.03 -49.01
N PRO I 98 26.71 -97.32 -48.76
CA PRO I 98 28.09 -97.78 -48.63
C PRO I 98 28.83 -97.73 -49.97
N ASP I 99 30.08 -98.19 -49.97
CA ASP I 99 30.91 -98.03 -51.17
C ASP I 99 30.50 -98.99 -52.27
N ASP I 100 30.18 -100.23 -51.94
CA ASP I 100 29.99 -101.28 -52.93
C ASP I 100 28.55 -101.41 -53.40
N ALA I 101 27.70 -100.42 -53.14
CA ALA I 101 26.33 -100.48 -53.64
C ALA I 101 26.30 -100.30 -55.14
N LYS I 102 25.55 -101.15 -55.83
CA LYS I 102 25.51 -101.16 -57.29
C LYS I 102 24.07 -101.16 -57.77
N PHE I 103 23.82 -100.49 -58.90
CA PHE I 103 22.52 -100.42 -59.53
C PHE I 103 22.58 -101.11 -60.89
N PRO I 104 21.45 -101.65 -61.34
CA PRO I 104 21.44 -102.41 -62.60
C PRO I 104 21.47 -101.51 -63.82
N ILE I 105 21.89 -102.10 -64.94
CA ILE I 105 22.00 -101.42 -66.22
C ILE I 105 21.69 -102.42 -67.32
N ILE I 106 20.86 -102.02 -68.28
CA ILE I 106 20.55 -102.82 -69.46
C ILE I 106 21.04 -102.07 -70.68
N MET I 107 21.97 -102.68 -71.43
CA MET I 107 22.55 -102.08 -72.61
C MET I 107 22.07 -102.83 -73.85
N PHE I 108 21.65 -102.09 -74.86
CA PHE I 108 21.15 -102.68 -76.09
C PHE I 108 22.23 -102.65 -77.17
N ASP I 109 21.85 -103.03 -78.39
CA ASP I 109 22.76 -103.03 -79.52
C ASP I 109 21.96 -102.72 -80.77
N GLU I 110 22.64 -102.74 -81.92
CA GLU I 110 21.97 -102.44 -83.18
C GLU I 110 20.88 -103.46 -83.49
N SER I 111 21.20 -104.75 -83.33
CA SER I 111 20.20 -105.78 -83.61
C SER I 111 19.05 -105.73 -82.62
N GLY I 112 19.34 -105.42 -81.35
CA GLY I 112 18.33 -105.37 -80.31
C GLY I 112 18.48 -106.41 -79.22
N GLU I 113 19.55 -107.20 -79.21
CA GLU I 113 19.73 -108.20 -78.17
C GLU I 113 20.25 -107.55 -76.89
N PRO I 114 19.50 -107.59 -75.80
CA PRO I 114 19.93 -106.88 -74.59
C PRO I 114 21.06 -107.60 -73.86
N ALA I 115 21.77 -106.82 -73.05
CA ALA I 115 22.77 -107.34 -72.14
C ALA I 115 22.61 -106.63 -70.81
N TYR I 116 23.02 -107.30 -69.73
CA TYR I 116 22.82 -106.78 -68.38
C TYR I 116 24.17 -106.55 -67.72
N SER I 117 24.19 -105.62 -66.77
CA SER I 117 25.37 -105.37 -65.96
C SER I 117 24.95 -104.59 -64.72
N ALA I 118 25.93 -104.30 -63.86
CA ALA I 118 25.68 -103.49 -62.67
C ALA I 118 26.83 -102.53 -62.48
N LEU I 119 26.52 -101.32 -62.02
CA LEU I 119 27.56 -100.31 -61.82
C LEU I 119 27.42 -99.66 -60.45
N PRO I 120 28.54 -99.33 -59.81
CA PRO I 120 28.46 -98.67 -58.50
C PRO I 120 27.82 -97.30 -58.59
N TYR I 121 27.19 -96.89 -57.50
CA TYR I 121 26.45 -95.64 -57.48
C TYR I 121 27.39 -94.45 -57.66
N GLY I 122 26.86 -93.39 -58.27
CA GLY I 122 27.62 -92.18 -58.49
C GLY I 122 28.59 -92.22 -59.65
N SER I 123 28.47 -93.21 -60.53
CA SER I 123 29.37 -93.36 -61.66
C SER I 123 28.59 -93.31 -62.95
N GLU I 124 29.13 -92.63 -63.96
CA GLU I 124 28.51 -92.59 -65.26
C GLU I 124 28.84 -93.86 -66.03
N ILE I 125 28.34 -93.94 -67.26
CA ILE I 125 28.38 -95.17 -68.05
C ILE I 125 29.19 -94.90 -69.31
N GLU I 126 30.11 -95.81 -69.63
CA GLU I 126 30.82 -95.79 -70.89
C GLU I 126 30.24 -96.86 -71.80
N LEU I 127 29.93 -96.48 -73.04
CA LEU I 127 29.26 -97.38 -73.97
C LEU I 127 30.31 -98.06 -74.85
N ASP I 128 30.16 -99.38 -75.02
CA ASP I 128 31.04 -100.11 -75.91
C ASP I 128 30.70 -99.78 -77.37
N SER I 129 31.52 -100.29 -78.29
CA SER I 129 31.33 -99.99 -79.70
C SER I 129 29.98 -100.49 -80.19
N GLY I 130 29.59 -101.69 -79.80
CA GLY I 130 28.33 -102.26 -80.25
C GLY I 130 27.11 -101.83 -79.50
N GLU I 131 27.24 -101.02 -78.45
CA GLU I 131 26.11 -100.62 -77.64
C GLU I 131 25.45 -99.38 -78.22
N ALA I 132 24.13 -99.46 -78.41
CA ALA I 132 23.37 -98.34 -78.94
C ALA I 132 22.88 -97.41 -77.84
N PHE I 133 22.24 -97.96 -76.82
CA PHE I 133 21.75 -97.13 -75.73
C PHE I 133 21.55 -97.99 -74.49
N ALA I 134 21.65 -97.35 -73.34
CA ALA I 134 21.57 -98.02 -72.05
C ALA I 134 20.49 -97.39 -71.20
N ILE I 135 19.77 -98.23 -70.45
CA ILE I 135 18.73 -97.80 -69.53
C ILE I 135 19.07 -98.32 -68.14
N TYR I 136 18.97 -97.45 -67.15
CA TYR I 136 19.22 -97.85 -65.77
C TYR I 136 18.19 -97.20 -64.86
N VAL I 137 18.20 -97.62 -63.60
CA VAL I 137 17.20 -97.22 -62.61
C VAL I 137 17.86 -96.26 -61.64
N ASP I 138 17.22 -95.10 -61.42
CA ASP I 138 17.73 -94.10 -60.48
C ASP I 138 16.84 -93.94 -59.26
N ASP I 139 15.91 -94.86 -59.03
CA ASP I 139 15.15 -94.84 -57.79
C ASP I 139 15.97 -95.28 -56.60
N GLY I 140 17.10 -95.93 -56.83
CA GLY I 140 17.94 -96.43 -55.76
C GLY I 140 17.69 -97.85 -55.36
N ASP I 141 16.53 -98.40 -55.71
CA ASP I 141 16.22 -99.77 -55.34
C ASP I 141 17.18 -100.73 -56.03
N PRO I 142 17.71 -101.74 -55.32
CA PRO I 142 18.61 -102.70 -55.96
C PRO I 142 17.91 -103.77 -56.79
N CYS I 143 16.59 -103.67 -56.95
CA CYS I 143 15.84 -104.55 -57.86
C CYS I 143 16.04 -106.03 -57.52
N ILE I 144 15.99 -106.34 -56.23
CA ILE I 144 16.10 -107.72 -55.76
C ILE I 144 14.78 -108.24 -55.20
N SER I 145 14.03 -107.39 -54.50
CA SER I 145 12.70 -107.73 -54.04
C SER I 145 11.91 -106.45 -53.76
N PRO I 146 10.85 -106.18 -54.51
CA PRO I 146 10.32 -106.93 -55.64
C PRO I 146 11.14 -106.74 -56.91
N THR I 147 11.11 -107.69 -57.83
CA THR I 147 11.83 -107.54 -59.08
C THR I 147 11.13 -106.52 -59.97
N ARG I 148 11.89 -105.95 -60.91
CA ARG I 148 11.36 -104.98 -61.85
C ARG I 148 11.67 -105.42 -63.27
N GLU I 149 10.67 -105.36 -64.14
CA GLU I 149 10.78 -105.83 -65.51
C GLU I 149 10.46 -104.69 -66.48
N LEU I 150 11.17 -104.66 -67.59
CA LEU I 150 11.04 -103.63 -68.61
C LEU I 150 10.62 -104.28 -69.92
N THR I 151 9.64 -103.67 -70.59
CA THR I 151 9.07 -104.23 -71.80
C THR I 151 9.03 -103.17 -72.89
N ILE I 152 9.35 -103.57 -74.12
CA ILE I 152 9.36 -102.71 -75.28
C ILE I 152 8.31 -103.21 -76.25
N GLU I 153 7.44 -102.30 -76.72
CA GLU I 153 6.36 -102.65 -77.63
C GLU I 153 6.39 -101.72 -78.83
N THR I 154 6.13 -102.28 -80.01
CA THR I 154 6.06 -101.46 -81.21
C THR I 154 4.78 -100.63 -81.22
N ALA I 155 4.88 -99.42 -81.76
CA ALA I 155 3.76 -98.50 -81.85
C ALA I 155 3.75 -97.83 -83.21
N THR I 156 2.71 -97.04 -83.45
CA THR I 156 2.56 -96.35 -84.73
C THR I 156 3.55 -95.20 -84.83
N ALA I 157 4.11 -95.02 -86.02
CA ALA I 157 5.04 -93.93 -86.25
C ALA I 157 4.32 -92.59 -86.23
N ASP I 158 5.09 -91.52 -86.03
CA ASP I 158 4.53 -90.18 -85.96
C ASP I 158 4.19 -89.69 -87.36
N SER I 159 3.68 -88.44 -87.42
CA SER I 159 3.35 -87.85 -88.71
C SER I 159 4.60 -87.66 -89.57
N ALA I 160 5.71 -87.22 -88.97
CA ALA I 160 6.94 -87.04 -89.72
C ALA I 160 7.45 -88.35 -90.29
N GLY I 161 7.40 -89.43 -89.50
CA GLY I 161 7.83 -90.73 -89.98
C GLY I 161 8.72 -91.49 -89.02
N ASN I 162 9.18 -90.82 -87.97
CA ASN I 162 10.04 -91.47 -86.99
C ASN I 162 9.29 -92.55 -86.23
N GLU I 163 10.01 -93.61 -85.86
CA GLU I 163 9.40 -94.75 -85.19
C GLU I 163 9.45 -94.56 -83.69
N ARG I 164 8.28 -94.53 -83.05
CA ARG I 164 8.17 -94.39 -81.60
C ARG I 164 7.71 -95.72 -81.02
N PHE I 165 8.40 -96.17 -79.97
CA PHE I 165 8.05 -97.41 -79.29
C PHE I 165 7.61 -97.12 -77.87
N LEU I 166 6.78 -98.01 -77.34
CA LEU I 166 6.21 -97.87 -76.01
C LEU I 166 7.06 -98.64 -75.00
N LEU I 167 7.42 -97.96 -73.92
CA LEU I 167 8.19 -98.55 -72.83
C LEU I 167 7.27 -98.76 -71.64
N LYS I 168 7.30 -99.96 -71.06
CA LYS I 168 6.45 -100.29 -69.93
C LYS I 168 7.30 -100.96 -68.86
N LEU I 169 7.40 -100.34 -67.69
CA LEU I 169 8.10 -100.92 -66.56
C LEU I 169 7.07 -101.36 -65.52
N THR I 170 7.18 -102.61 -65.08
CA THR I 170 6.24 -103.20 -64.15
C THR I 170 7.00 -103.95 -63.06
N GLN I 171 6.48 -103.88 -61.83
CA GLN I 171 7.09 -104.56 -60.71
C GLN I 171 6.38 -105.87 -60.44
N THR I 172 7.15 -106.89 -60.05
CA THR I 172 6.62 -108.20 -59.70
C THR I 172 7.14 -108.58 -58.33
N THR I 173 6.23 -108.88 -57.41
CA THR I 173 6.63 -109.30 -56.08
C THR I 173 7.02 -110.77 -56.07
N SER I 174 7.67 -111.20 -54.98
CA SER I 174 8.10 -112.58 -54.87
C SER I 174 6.92 -113.54 -54.82
N LEU I 175 5.80 -113.12 -54.23
CA LEU I 175 4.63 -113.99 -54.14
C LEU I 175 4.08 -114.30 -55.53
N GLY I 176 3.99 -113.29 -56.39
CA GLY I 176 3.48 -113.50 -57.73
C GLY I 176 2.61 -112.38 -58.24
N VAL I 177 2.40 -111.36 -57.42
CA VAL I 177 1.59 -110.21 -57.82
C VAL I 177 2.39 -109.38 -58.82
N VAL I 178 1.80 -109.10 -59.97
CA VAL I 178 2.44 -108.35 -61.04
C VAL I 178 1.54 -107.17 -61.37
N THR I 179 2.02 -105.96 -61.11
CA THR I 179 1.28 -104.73 -61.40
C THR I 179 2.14 -103.83 -62.25
N THR I 180 1.49 -103.11 -63.18
CA THR I 180 2.21 -102.13 -63.98
C THR I 180 2.64 -100.96 -63.11
N LEU I 181 3.74 -100.33 -63.50
CA LEU I 181 4.30 -99.24 -62.71
C LEU I 181 4.38 -97.94 -63.49
N GLU I 182 4.89 -97.96 -64.72
CA GLU I 182 4.94 -96.75 -65.52
C GLU I 182 5.00 -97.11 -67.00
N THR I 183 4.55 -96.18 -67.83
CA THR I 183 4.53 -96.36 -69.27
C THR I 183 4.86 -95.05 -69.96
N HIS I 184 5.47 -95.16 -71.15
CA HIS I 184 5.88 -94.01 -71.91
C HIS I 184 5.89 -94.36 -73.39
N THR I 185 5.94 -93.33 -74.23
CA THR I 185 6.09 -93.50 -75.68
C THR I 185 7.30 -92.67 -76.10
N VAL I 186 8.42 -93.34 -76.40
CA VAL I 186 9.66 -92.66 -76.67
C VAL I 186 10.25 -93.16 -77.98
N SER I 187 11.14 -92.35 -78.55
CA SER I 187 11.81 -92.70 -79.79
C SER I 187 13.23 -92.17 -79.78
N LEU I 188 14.06 -92.74 -80.64
CA LEU I 188 15.46 -92.38 -80.73
C LEU I 188 15.70 -91.17 -81.63
N ALA I 189 14.69 -90.70 -82.37
CA ALA I 189 14.86 -89.52 -83.19
C ALA I 189 15.03 -88.28 -82.33
N GLU I 190 15.92 -87.39 -82.76
CA GLU I 190 16.24 -86.20 -81.98
C GLU I 190 15.13 -85.17 -81.96
N GLU I 191 14.10 -85.33 -82.80
CA GLU I 191 13.06 -84.31 -82.89
C GLU I 191 11.64 -84.87 -82.92
N ALA I 192 11.47 -86.19 -82.85
CA ALA I 192 10.13 -86.77 -82.92
C ALA I 192 9.29 -86.35 -81.73
N LYS I 193 7.99 -86.24 -81.95
CA LYS I 193 7.04 -85.86 -80.91
C LYS I 193 5.98 -86.92 -80.75
N ASP I 194 5.46 -87.05 -79.53
CA ASP I 194 4.43 -88.02 -79.23
C ASP I 194 3.07 -87.49 -79.67
N ASP I 195 1.99 -88.18 -79.28
CA ASP I 195 0.65 -87.75 -79.66
C ASP I 195 0.28 -86.44 -79.00
N MET I 196 0.65 -86.26 -77.73
CA MET I 196 0.29 -85.05 -77.00
C MET I 196 1.13 -83.84 -77.38
N GLY I 197 2.20 -84.03 -78.15
CA GLY I 197 3.02 -82.94 -78.62
C GLY I 197 4.32 -82.74 -77.87
N ARG I 198 4.52 -83.43 -76.75
CA ARG I 198 5.75 -83.28 -75.99
C ARG I 198 6.91 -83.95 -76.72
N LEU I 199 8.12 -83.56 -76.35
CA LEU I 199 9.31 -84.17 -76.93
C LEU I 199 9.40 -85.63 -76.53
N CYS I 200 9.76 -86.49 -77.48
CA CYS I 200 9.80 -87.93 -77.23
C CYS I 200 11.20 -88.52 -77.43
N TYR I 201 12.23 -87.69 -77.55
CA TYR I 201 13.59 -88.20 -77.54
C TYR I 201 13.85 -88.94 -76.23
N LEU I 202 14.51 -90.10 -76.34
CA LEU I 202 14.60 -91.00 -75.20
C LEU I 202 15.30 -90.39 -73.98
N PRO I 203 16.51 -89.84 -74.07
CA PRO I 203 17.17 -89.35 -72.85
C PRO I 203 16.40 -88.24 -72.15
N THR I 204 16.06 -87.17 -72.88
CA THR I 204 15.36 -86.05 -72.25
C THR I 204 13.97 -86.45 -71.78
N ALA I 205 13.27 -87.30 -72.54
CA ALA I 205 11.95 -87.73 -72.13
C ALA I 205 12.01 -88.51 -70.82
N LEU I 206 12.91 -89.49 -70.73
CA LEU I 206 13.03 -90.25 -69.49
C LEU I 206 13.49 -89.38 -68.34
N GLU I 207 14.42 -88.45 -68.59
CA GLU I 207 14.91 -87.59 -67.52
C GLU I 207 13.81 -86.68 -66.99
N ALA I 208 12.96 -86.16 -67.87
CA ALA I 208 11.97 -85.18 -67.46
C ALA I 208 10.70 -85.81 -66.91
N ARG I 209 10.06 -86.68 -67.68
CA ARG I 209 8.72 -87.14 -67.34
C ARG I 209 8.70 -88.42 -66.51
N SER I 210 9.86 -89.01 -66.24
CA SER I 210 9.94 -90.25 -65.47
C SER I 210 10.87 -90.06 -64.29
N LYS I 211 10.42 -90.50 -63.11
CA LYS I 211 11.21 -90.40 -61.89
C LYS I 211 11.80 -91.75 -61.46
N TYR I 212 11.74 -92.76 -62.33
CA TYR I 212 12.28 -94.08 -62.04
C TYR I 212 13.50 -94.43 -62.87
N LEU I 213 13.49 -94.10 -64.16
CA LEU I 213 14.51 -94.55 -65.09
C LEU I 213 15.34 -93.37 -65.60
N ARG I 214 16.51 -93.71 -66.12
CA ARG I 214 17.34 -92.78 -66.86
C ARG I 214 17.97 -93.56 -68.01
N ALA I 215 18.42 -92.83 -69.03
CA ALA I 215 18.98 -93.50 -70.19
C ALA I 215 20.12 -92.67 -70.77
N VAL I 216 21.00 -93.35 -71.49
CA VAL I 216 22.05 -92.70 -72.25
C VAL I 216 22.12 -93.36 -73.62
N VAL I 217 22.67 -92.62 -74.59
CA VAL I 217 22.72 -93.06 -75.98
C VAL I 217 24.13 -92.89 -76.51
N ASN I 218 24.44 -93.66 -77.56
CA ASN I 218 25.70 -93.53 -78.28
C ASN I 218 25.45 -92.75 -79.56
N GLU I 219 26.10 -91.60 -79.69
CA GLU I 219 25.82 -90.70 -80.81
C GLU I 219 26.16 -91.36 -82.14
N GLU I 220 27.28 -92.07 -82.20
CA GLU I 220 27.73 -92.64 -83.47
C GLU I 220 26.73 -93.67 -84.00
N LEU I 221 26.22 -94.53 -83.13
CA LEU I 221 25.36 -95.64 -83.55
C LEU I 221 23.87 -95.31 -83.45
N ILE I 222 23.51 -94.11 -82.99
CA ILE I 222 22.11 -93.78 -82.80
C ILE I 222 21.38 -93.58 -84.12
N SER I 223 22.11 -93.32 -85.21
CA SER I 223 21.46 -93.08 -86.49
C SER I 223 20.89 -94.37 -87.07
N THR I 224 21.66 -95.45 -87.04
CA THR I 224 21.25 -96.72 -87.62
C THR I 224 20.61 -97.66 -86.60
N ALA I 225 20.45 -97.21 -85.36
CA ALA I 225 19.91 -98.06 -84.31
C ALA I 225 18.46 -98.43 -84.60
N LYS I 226 18.12 -99.69 -84.38
CA LYS I 226 16.76 -100.19 -84.52
C LYS I 226 16.43 -101.04 -83.31
N VAL I 227 15.15 -101.01 -82.91
CA VAL I 227 14.69 -101.73 -81.73
C VAL I 227 13.68 -102.77 -82.15
N THR I 228 13.79 -103.97 -81.57
CA THR I 228 12.86 -105.05 -81.84
C THR I 228 11.80 -105.09 -80.75
N ASN I 229 11.01 -106.16 -80.72
CA ASN I 229 9.97 -106.35 -79.70
C ASN I 229 10.51 -107.30 -78.64
N LYS I 230 10.91 -106.73 -77.50
CA LYS I 230 11.40 -107.52 -76.37
C LYS I 230 10.35 -107.52 -75.26
N LYS I 231 10.02 -108.71 -74.78
CA LYS I 231 8.96 -108.89 -73.79
C LYS I 231 9.54 -109.48 -72.52
N SER I 232 9.20 -108.86 -71.38
CA SER I 232 9.55 -109.36 -70.06
C SER I 232 11.06 -109.51 -69.88
N LEU I 233 11.74 -108.36 -69.93
CA LEU I 233 13.14 -108.32 -69.58
C LEU I 233 13.27 -108.35 -68.05
N ALA I 234 14.51 -108.30 -67.57
CA ALA I 234 14.75 -108.42 -66.13
C ALA I 234 16.01 -107.67 -65.75
N PHE I 235 15.87 -106.69 -64.86
CA PHE I 235 17.04 -106.07 -64.26
C PHE I 235 17.72 -107.06 -63.32
N THR I 236 19.04 -106.99 -63.25
CA THR I 236 19.78 -107.89 -62.38
C THR I 236 21.11 -107.26 -61.99
N GLY I 237 21.69 -107.78 -60.92
CA GLY I 237 22.96 -107.30 -60.42
C GLY I 237 22.88 -106.24 -59.37
N GLY I 238 21.71 -105.65 -59.14
CA GLY I 238 21.59 -104.60 -58.15
C GLY I 238 21.84 -105.14 -56.75
N THR I 239 22.50 -104.33 -55.93
CA THR I 239 22.89 -104.77 -54.59
C THR I 239 23.04 -103.55 -53.70
N ASN I 240 22.33 -103.53 -52.56
CA ASN I 240 22.46 -102.42 -51.63
C ASN I 240 23.72 -102.52 -50.78
N GLY I 241 24.40 -103.66 -50.81
CA GLY I 241 25.63 -103.81 -50.07
C GLY I 241 25.39 -103.97 -48.58
N ASP I 242 26.49 -103.85 -47.83
CA ASP I 242 26.44 -103.91 -46.37
C ASP I 242 26.22 -102.51 -45.82
N GLN I 243 25.08 -102.30 -45.19
CA GLN I 243 24.77 -101.01 -44.59
C GLN I 243 25.07 -100.96 -43.09
N SER I 244 25.65 -102.03 -42.54
CA SER I 244 26.00 -102.01 -41.12
C SER I 244 27.10 -101.01 -40.85
N LYS I 245 28.16 -101.03 -41.65
CA LYS I 245 29.29 -100.12 -41.47
C LYS I 245 29.38 -99.18 -42.66
N ILE I 246 29.60 -97.90 -42.37
CA ILE I 246 29.70 -96.86 -43.39
C ILE I 246 30.86 -95.95 -43.01
N SER I 247 31.76 -95.71 -43.97
CA SER I 247 32.90 -94.85 -43.71
C SER I 247 32.44 -93.43 -43.44
N THR I 248 33.23 -92.69 -42.65
CA THR I 248 32.89 -91.31 -42.33
C THR I 248 32.91 -90.42 -43.57
N ALA I 249 33.60 -90.84 -44.63
CA ALA I 249 33.60 -90.04 -45.86
C ALA I 249 32.20 -89.94 -46.46
N ALA I 250 31.44 -91.04 -46.44
CA ALA I 250 30.09 -91.01 -46.97
C ALA I 250 29.21 -90.05 -46.18
N TYR I 251 29.32 -90.09 -44.84
CA TYR I 251 28.53 -89.18 -44.02
C TYR I 251 28.92 -87.73 -44.26
N LEU I 252 30.22 -87.47 -44.42
CA LEU I 252 30.65 -86.11 -44.70
C LEU I 252 30.12 -85.63 -46.04
N ARG I 253 30.15 -86.49 -47.06
CA ARG I 253 29.60 -86.11 -48.36
C ARG I 253 28.11 -85.83 -48.26
N ALA I 254 27.38 -86.67 -47.54
CA ALA I 254 25.95 -86.46 -47.39
C ALA I 254 25.64 -85.15 -46.68
N VAL I 255 26.38 -84.84 -45.62
CA VAL I 255 26.10 -83.60 -44.89
C VAL I 255 26.49 -82.40 -45.73
N LYS I 256 27.54 -82.51 -46.55
CA LYS I 256 27.87 -81.40 -47.46
C LYS I 256 26.75 -81.17 -48.47
N VAL I 257 26.19 -82.25 -49.02
CA VAL I 257 25.07 -82.12 -49.94
C VAL I 257 23.88 -81.46 -49.24
N LEU I 258 23.60 -81.88 -48.01
CA LEU I 258 22.49 -81.28 -47.27
C LEU I 258 22.73 -79.80 -47.03
N ASN I 259 23.98 -79.42 -46.76
CA ASN I 259 24.30 -78.00 -46.58
C ASN I 259 24.04 -77.23 -47.86
N ASN I 260 24.45 -77.78 -48.99
CA ASN I 260 24.29 -77.07 -50.27
C ASN I 260 22.89 -77.21 -50.85
N ALA I 261 22.00 -77.94 -50.19
CA ALA I 261 20.64 -78.08 -50.70
C ALA I 261 19.96 -76.73 -50.81
N PRO I 262 19.24 -76.46 -51.90
CA PRO I 262 18.53 -75.17 -52.06
C PRO I 262 17.10 -75.23 -51.55
N TYR I 263 16.93 -75.46 -50.26
CA TYR I 263 15.62 -75.52 -49.63
C TYR I 263 15.64 -74.72 -48.33
N MET I 264 14.50 -74.70 -47.65
CA MET I 264 14.34 -73.99 -46.40
C MET I 264 13.92 -74.96 -45.31
N TYR I 265 14.66 -74.99 -44.20
CA TYR I 265 14.27 -75.81 -43.07
C TYR I 265 14.77 -75.15 -41.79
N THR I 266 14.10 -75.47 -40.67
CA THR I 266 14.39 -74.87 -39.39
C THR I 266 14.73 -75.89 -38.31
N ALA I 267 15.21 -77.07 -38.70
CA ALA I 267 15.63 -78.08 -37.74
C ALA I 267 16.52 -79.07 -38.45
N VAL I 268 17.63 -79.44 -37.82
CA VAL I 268 18.66 -80.21 -38.50
C VAL I 268 18.81 -81.59 -37.85
N LEU I 269 17.68 -82.19 -37.47
CA LEU I 269 17.62 -83.44 -36.72
C LEU I 269 18.73 -84.41 -37.10
N GLY I 270 19.45 -84.89 -36.10
CA GLY I 270 20.48 -85.89 -36.29
C GLY I 270 19.91 -87.29 -36.28
N LEU I 271 19.29 -87.70 -37.38
CA LEU I 271 18.57 -88.98 -37.43
C LEU I 271 19.55 -90.13 -37.25
N GLY I 272 19.53 -90.74 -36.07
CA GLY I 272 20.24 -91.97 -35.79
C GLY I 272 21.64 -92.10 -36.35
N CYS I 273 22.40 -91.00 -36.37
CA CYS I 273 23.76 -91.00 -36.89
C CYS I 273 24.69 -90.65 -35.72
N TYR I 274 25.32 -91.67 -35.16
CA TYR I 274 26.21 -91.50 -34.01
C TYR I 274 27.66 -91.48 -34.48
N ASP I 275 28.01 -90.40 -35.17
CA ASP I 275 29.37 -90.17 -35.65
C ASP I 275 29.78 -88.76 -35.27
N ASN I 276 30.95 -88.64 -34.64
CA ASN I 276 31.38 -87.34 -34.13
C ASN I 276 31.57 -86.34 -35.26
N ALA I 277 32.18 -86.75 -36.37
CA ALA I 277 32.41 -85.84 -37.48
C ALA I 277 31.09 -85.36 -38.07
N ALA I 278 30.15 -86.27 -38.26
CA ALA I 278 28.86 -85.87 -38.82
C ALA I 278 28.10 -84.94 -37.88
N ILE I 279 28.16 -85.21 -36.57
CA ILE I 279 27.48 -84.33 -35.62
C ILE I 279 28.10 -82.95 -35.62
N THR I 280 29.44 -82.88 -35.70
CA THR I 280 30.08 -81.57 -35.78
C THR I 280 29.69 -80.84 -37.05
N ALA I 281 29.61 -81.55 -38.17
CA ALA I 281 29.20 -80.90 -39.42
C ALA I 281 27.77 -80.37 -39.32
N LEU I 282 26.87 -81.14 -38.71
CA LEU I 282 25.50 -80.67 -38.55
C LEU I 282 25.43 -79.47 -37.61
N GLY I 283 26.26 -79.44 -36.58
CA GLY I 283 26.37 -78.25 -35.77
C GLY I 283 26.82 -77.05 -36.56
N LYS I 284 27.77 -77.27 -37.49
CA LYS I 284 28.17 -76.19 -38.38
C LYS I 284 27.00 -75.71 -39.22
N ILE I 285 26.17 -76.63 -39.71
CA ILE I 285 25.01 -76.23 -40.49
C ILE I 285 24.07 -75.36 -39.66
N CYS I 286 23.84 -75.75 -38.41
CA CYS I 286 23.05 -74.91 -37.50
C CYS I 286 23.66 -73.52 -37.37
N ALA I 287 24.95 -73.46 -37.03
CA ALA I 287 25.58 -72.16 -36.78
C ALA I 287 25.60 -71.30 -38.03
N ASP I 288 25.55 -71.92 -39.21
CA ASP I 288 25.59 -71.15 -40.44
C ASP I 288 24.21 -70.63 -40.80
N ARG I 289 23.20 -71.50 -40.81
CA ARG I 289 21.87 -71.12 -41.26
C ARG I 289 21.01 -70.48 -40.19
N LEU I 290 21.49 -70.43 -38.94
CA LEU I 290 20.70 -69.90 -37.81
C LEU I 290 19.42 -70.70 -37.61
N ILE I 291 19.59 -72.00 -37.34
CA ILE I 291 18.47 -72.88 -37.08
C ILE I 291 18.76 -73.72 -35.84
N ASP I 292 17.88 -74.67 -35.54
CA ASP I 292 17.95 -75.48 -34.33
C ASP I 292 18.37 -76.90 -34.66
N GLY I 293 19.10 -77.51 -33.74
CA GLY I 293 19.52 -78.89 -33.90
C GLY I 293 19.20 -79.74 -32.69
N PHE I 294 18.79 -80.99 -32.91
CA PHE I 294 18.42 -81.90 -31.83
C PHE I 294 19.18 -83.21 -32.02
N PHE I 295 20.42 -83.26 -31.54
CA PHE I 295 21.25 -84.44 -31.67
C PHE I 295 21.14 -85.29 -30.40
N ASP I 296 21.68 -86.51 -30.48
CA ASP I 296 21.44 -87.42 -29.39
C ASP I 296 22.59 -88.43 -29.34
N VAL I 297 23.11 -88.69 -28.15
CA VAL I 297 24.24 -89.58 -27.97
C VAL I 297 23.78 -91.03 -28.05
N LYS I 298 24.72 -91.97 -28.12
CA LYS I 298 24.34 -93.37 -28.25
C LYS I 298 23.46 -93.78 -27.08
N PRO I 299 22.23 -94.23 -27.32
CA PRO I 299 21.34 -94.56 -26.21
C PRO I 299 21.56 -95.97 -25.69
N THR I 300 22.82 -96.37 -25.54
CA THR I 300 23.17 -97.62 -24.89
C THR I 300 24.33 -97.43 -23.93
N LEU I 301 24.66 -96.19 -23.59
CA LEU I 301 25.73 -95.90 -22.66
C LEU I 301 25.16 -95.71 -21.26
N THR I 302 25.93 -96.15 -20.27
CA THR I 302 25.53 -95.95 -18.88
C THR I 302 25.61 -94.48 -18.53
N TYR I 303 24.95 -94.12 -17.43
CA TYR I 303 24.93 -92.72 -16.99
C TYR I 303 26.33 -92.23 -16.67
N ALA I 304 27.26 -93.11 -16.32
CA ALA I 304 28.62 -92.68 -16.05
C ALA I 304 29.34 -92.27 -17.32
N GLU I 305 29.17 -93.04 -18.40
CA GLU I 305 29.86 -92.74 -19.65
C GLU I 305 29.10 -91.74 -20.51
N ALA I 306 27.86 -91.41 -20.18
CA ALA I 306 27.12 -90.45 -20.99
C ALA I 306 27.76 -89.08 -20.94
N LEU I 307 28.24 -88.66 -19.76
CA LEU I 307 28.81 -87.31 -19.63
C LEU I 307 30.06 -87.09 -20.49
N PRO I 308 31.08 -87.95 -20.47
CA PRO I 308 32.23 -87.71 -21.36
C PRO I 308 31.87 -87.81 -22.84
N ALA I 309 30.86 -88.60 -23.21
CA ALA I 309 30.49 -88.70 -24.61
C ALA I 309 29.93 -87.38 -25.14
N VAL I 310 29.26 -86.61 -24.30
CA VAL I 310 28.75 -85.32 -24.73
C VAL I 310 29.90 -84.36 -25.04
N GLU I 311 30.95 -84.38 -24.21
CA GLU I 311 32.14 -83.59 -24.54
C GLU I 311 32.80 -84.11 -25.80
N ASP I 312 32.82 -85.43 -25.99
CA ASP I 312 33.45 -86.01 -27.17
C ASP I 312 32.74 -85.57 -28.43
N THR I 313 31.39 -85.53 -28.41
CA THR I 313 30.63 -85.30 -29.63
C THR I 313 30.92 -83.94 -30.26
N GLY I 314 31.50 -83.00 -29.52
CA GLY I 314 32.20 -81.87 -30.10
C GLY I 314 31.48 -80.54 -30.06
N LEU I 315 30.17 -80.50 -29.81
CA LEU I 315 29.50 -79.22 -29.85
C LEU I 315 29.65 -78.41 -28.56
N LEU I 316 30.28 -78.95 -27.53
CA LEU I 316 30.44 -78.21 -26.29
C LEU I 316 31.38 -77.04 -26.52
N GLY I 317 30.84 -75.83 -26.52
CA GLY I 317 31.61 -74.63 -26.71
C GLY I 317 30.75 -73.39 -26.66
N THR I 318 31.11 -72.38 -27.45
CA THR I 318 30.33 -71.16 -27.54
C THR I 318 29.83 -70.85 -28.94
N ASP I 319 30.23 -71.65 -29.94
CA ASP I 319 29.79 -71.39 -31.32
C ASP I 319 28.42 -71.98 -31.58
N TYR I 320 28.14 -73.16 -31.04
CA TYR I 320 26.86 -73.85 -31.25
C TYR I 320 26.00 -73.61 -30.02
N VAL I 321 25.22 -72.53 -30.05
CA VAL I 321 24.39 -72.15 -28.91
C VAL I 321 22.94 -72.55 -29.08
N SER I 322 22.60 -73.26 -30.15
CA SER I 322 21.21 -73.63 -30.41
C SER I 322 21.03 -75.14 -30.56
N CYS I 323 22.07 -75.93 -30.34
CA CYS I 323 22.00 -77.37 -30.55
C CYS I 323 21.87 -78.10 -29.22
N SER I 324 20.83 -78.91 -29.09
CA SER I 324 20.56 -79.68 -27.90
C SER I 324 21.03 -81.12 -28.08
N VAL I 325 21.44 -81.74 -26.98
CA VAL I 325 21.93 -83.11 -26.97
C VAL I 325 21.08 -83.92 -26.01
N TYR I 326 20.59 -85.07 -26.47
CA TYR I 326 19.71 -85.91 -25.68
C TYR I 326 20.33 -87.28 -25.44
N HIS I 327 19.66 -88.05 -24.57
CA HIS I 327 20.14 -89.37 -24.17
C HIS I 327 18.95 -90.12 -23.58
N TYR I 328 18.62 -91.27 -24.17
CA TYR I 328 17.43 -92.04 -23.80
C TYR I 328 17.80 -93.50 -23.62
N PRO I 329 18.38 -93.86 -22.47
CA PRO I 329 18.77 -95.27 -22.24
C PRO I 329 17.61 -96.12 -21.75
N PHE I 330 16.69 -96.44 -22.67
CA PHE I 330 15.54 -97.26 -22.35
C PHE I 330 15.23 -98.17 -23.52
N SER I 331 14.57 -99.29 -23.24
CA SER I 331 14.13 -100.22 -24.27
C SER I 331 12.68 -99.98 -24.61
N CYS I 332 12.25 -100.56 -25.72
CA CYS I 332 10.88 -100.36 -26.19
C CYS I 332 10.50 -101.51 -27.12
N LYS I 333 9.20 -101.64 -27.35
CA LYS I 333 8.66 -102.65 -28.25
C LYS I 333 8.32 -101.99 -29.58
N ASP I 334 8.90 -102.51 -30.66
CA ASP I 334 8.77 -101.87 -31.96
C ASP I 334 7.34 -101.95 -32.47
N LYS I 335 6.96 -100.95 -33.28
CA LYS I 335 5.60 -100.87 -33.79
C LYS I 335 5.35 -101.87 -34.90
N TRP I 336 6.35 -102.12 -35.75
CA TRP I 336 6.15 -102.94 -36.94
C TRP I 336 6.54 -104.40 -36.71
N THR I 337 7.79 -104.64 -36.35
CA THR I 337 8.28 -106.01 -36.27
C THR I 337 7.98 -106.70 -34.95
N GLN I 338 7.51 -105.95 -33.94
CA GLN I 338 7.18 -106.51 -32.63
C GLN I 338 8.39 -107.21 -32.00
N SER I 339 9.41 -106.42 -31.70
CA SER I 339 10.63 -106.93 -31.10
C SER I 339 11.15 -105.91 -30.09
N ARG I 340 12.26 -106.25 -29.46
CA ARG I 340 12.90 -105.39 -28.45
C ARG I 340 14.00 -104.59 -29.12
N VAL I 341 13.75 -103.29 -29.31
CA VAL I 341 14.69 -102.40 -29.96
C VAL I 341 14.91 -101.17 -29.10
N VAL I 342 16.02 -100.48 -29.36
CA VAL I 342 16.35 -99.24 -28.69
C VAL I 342 16.77 -98.22 -29.74
N PHE I 343 16.23 -97.01 -29.63
CA PHE I 343 16.66 -95.91 -30.50
C PHE I 343 16.55 -94.62 -29.72
N GLY I 344 16.81 -93.50 -30.40
CA GLY I 344 17.06 -92.23 -29.75
C GLY I 344 15.82 -91.39 -29.55
N LEU I 345 16.05 -90.10 -29.30
CA LEU I 345 15.00 -89.17 -28.91
C LEU I 345 14.94 -87.92 -29.79
N SER I 346 15.69 -87.87 -30.89
CA SER I 346 15.68 -86.69 -31.74
C SER I 346 14.30 -86.45 -32.34
N GLY I 347 13.65 -87.51 -32.80
CA GLY I 347 12.33 -87.36 -33.38
C GLY I 347 11.32 -86.81 -32.40
N VAL I 348 11.32 -87.33 -31.18
CA VAL I 348 10.37 -86.85 -30.17
C VAL I 348 10.69 -85.42 -29.76
N ALA I 349 11.97 -85.08 -29.66
CA ALA I 349 12.34 -83.70 -29.36
C ALA I 349 11.82 -82.75 -30.42
N TYR I 350 11.98 -83.11 -31.69
CA TYR I 350 11.46 -82.24 -32.74
C TYR I 350 9.95 -82.19 -32.74
N ALA I 351 9.29 -83.31 -32.41
CA ALA I 351 7.84 -83.28 -32.31
C ALA I 351 7.39 -82.33 -31.23
N ALA I 352 8.09 -82.32 -30.09
CA ALA I 352 7.78 -81.36 -29.04
C ALA I 352 7.97 -79.93 -29.52
N LYS I 353 9.07 -79.68 -30.23
CA LYS I 353 9.31 -78.32 -30.72
C LYS I 353 8.23 -77.89 -31.70
N ALA I 354 7.78 -78.80 -32.57
CA ALA I 354 6.74 -78.45 -33.52
C ALA I 354 5.40 -78.21 -32.84
N ARG I 355 5.07 -79.04 -31.84
CA ARG I 355 3.86 -78.79 -31.07
C ARG I 355 3.92 -77.42 -30.42
N GLY I 356 5.09 -77.02 -29.92
CA GLY I 356 5.23 -75.70 -29.35
C GLY I 356 5.07 -74.59 -30.39
N VAL I 357 5.67 -74.79 -31.57
CA VAL I 357 5.65 -73.74 -32.58
C VAL I 357 4.30 -73.60 -33.25
N LYS I 358 3.43 -74.59 -33.13
CA LYS I 358 2.10 -74.52 -33.74
C LYS I 358 1.05 -73.91 -32.84
N LYS I 359 1.43 -73.45 -31.64
CA LYS I 359 0.45 -72.88 -30.72
C LYS I 359 -0.06 -71.53 -31.22
N ASN I 360 0.85 -70.57 -31.38
CA ASN I 360 0.48 -69.28 -31.93
C ASN I 360 0.34 -69.37 -33.45
N SER I 361 -0.63 -68.65 -34.00
CA SER I 361 -0.92 -68.71 -35.42
C SER I 361 -0.37 -67.54 -36.20
N ASP I 362 -0.28 -66.35 -35.60
CA ASP I 362 0.19 -65.18 -36.33
C ASP I 362 1.68 -65.28 -36.63
N VAL I 363 2.51 -65.32 -35.59
CA VAL I 363 3.95 -65.42 -35.75
C VAL I 363 4.49 -66.78 -35.33
N GLY I 364 3.66 -67.63 -34.74
CA GLY I 364 4.13 -68.92 -34.28
C GLY I 364 4.82 -68.81 -32.95
N GLY I 365 4.54 -69.73 -32.03
CA GLY I 365 5.13 -69.65 -30.72
C GLY I 365 6.50 -70.30 -30.67
N TRP I 366 7.54 -69.49 -30.76
CA TRP I 366 8.90 -69.99 -30.63
C TRP I 366 9.41 -69.95 -29.21
N HIS I 367 8.65 -69.36 -28.28
CA HIS I 367 9.10 -69.20 -26.91
C HIS I 367 8.71 -70.37 -26.01
N TYR I 368 8.06 -71.39 -26.56
CA TYR I 368 7.69 -72.55 -25.77
C TYR I 368 8.84 -73.54 -25.74
N SER I 369 9.28 -73.91 -24.54
CA SER I 369 10.37 -74.86 -24.42
C SER I 369 9.91 -76.25 -24.86
N PRO I 370 10.80 -77.05 -25.45
CA PRO I 370 10.46 -78.41 -25.88
C PRO I 370 10.50 -79.43 -24.74
N ALA I 371 9.78 -79.13 -23.66
CA ALA I 371 9.72 -80.03 -22.52
C ALA I 371 8.46 -79.74 -21.73
N GLY I 372 8.09 -80.67 -20.88
CA GLY I 372 6.92 -80.52 -20.04
C GLY I 372 6.06 -81.76 -20.08
N GLU I 373 4.85 -81.63 -19.55
CA GLU I 373 3.90 -82.74 -19.51
C GLU I 373 2.77 -82.59 -20.51
N GLU I 374 2.69 -81.46 -21.20
CA GLU I 374 1.65 -81.23 -22.20
C GLU I 374 2.17 -81.09 -23.61
N ARG I 375 3.49 -81.12 -23.80
CA ARG I 375 4.05 -80.93 -25.12
C ARG I 375 5.20 -81.87 -25.47
N ALA I 376 5.62 -82.76 -24.58
CA ALA I 376 6.80 -83.57 -24.84
C ALA I 376 6.62 -85.00 -24.36
N VAL I 377 5.37 -85.48 -24.33
CA VAL I 377 5.14 -86.86 -23.91
C VAL I 377 5.77 -87.80 -24.92
N ILE I 378 6.25 -88.95 -24.43
CA ILE I 378 6.89 -89.95 -25.26
C ILE I 378 5.94 -91.13 -25.39
N ALA I 379 5.57 -91.46 -26.62
CA ALA I 379 4.65 -92.55 -26.90
C ALA I 379 5.44 -93.75 -27.40
N ARG I 380 5.54 -94.79 -26.57
CA ARG I 380 6.20 -96.02 -26.94
C ARG I 380 5.33 -97.18 -26.45
N ALA I 381 5.89 -98.38 -26.49
CA ALA I 381 5.17 -99.58 -26.08
C ALA I 381 6.03 -100.38 -25.12
N SER I 382 5.54 -100.57 -23.90
CA SER I 382 6.20 -101.41 -22.90
C SER I 382 7.63 -100.95 -22.64
N ILE I 383 7.77 -99.70 -22.20
CA ILE I 383 9.08 -99.16 -21.90
C ILE I 383 9.66 -99.90 -20.71
N GLN I 384 10.82 -100.52 -20.90
CA GLN I 384 11.50 -101.29 -19.88
C GLN I 384 12.91 -100.75 -19.72
N PRO I 385 13.26 -100.18 -18.57
CA PRO I 385 14.57 -99.51 -18.45
C PRO I 385 15.72 -100.47 -18.70
N LEU I 386 16.77 -99.94 -19.34
CA LEU I 386 17.93 -100.76 -19.67
C LEU I 386 18.78 -101.07 -18.44
N TYR I 387 18.96 -100.08 -17.57
CA TYR I 387 19.79 -100.22 -16.37
C TYR I 387 18.97 -99.79 -15.17
N PRO I 388 18.07 -100.66 -14.70
CA PRO I 388 17.26 -100.30 -13.51
C PRO I 388 18.09 -100.09 -12.25
N GLU I 389 19.28 -100.68 -12.16
CA GLU I 389 20.06 -100.56 -10.93
C GLU I 389 20.80 -99.24 -10.81
N ASP I 390 20.85 -98.45 -11.87
CA ASP I 390 21.60 -97.20 -11.84
C ASP I 390 20.68 -96.04 -11.48
N THR I 391 21.25 -94.83 -11.45
CA THR I 391 20.52 -93.64 -11.04
C THR I 391 21.12 -92.43 -11.73
N PRO I 392 20.31 -91.44 -12.09
CA PRO I 392 20.83 -90.25 -12.76
C PRO I 392 21.68 -89.41 -11.82
N ASP I 393 22.35 -88.42 -12.41
CA ASP I 393 23.34 -87.59 -11.73
C ASP I 393 22.97 -86.11 -11.90
N GLU I 394 21.72 -85.78 -11.57
CA GLU I 394 21.10 -84.51 -11.95
C GLU I 394 22.04 -83.31 -11.97
N GLU I 395 22.81 -83.12 -10.90
CA GLU I 395 23.72 -81.97 -10.86
C GLU I 395 24.80 -82.08 -11.92
N ALA I 396 25.41 -83.26 -12.04
CA ALA I 396 26.44 -83.45 -13.06
C ALA I 396 25.86 -83.31 -14.46
N MET I 397 24.64 -83.81 -14.67
CA MET I 397 24.01 -83.69 -15.97
C MET I 397 23.76 -82.23 -16.33
N VAL I 398 23.26 -81.44 -15.37
CA VAL I 398 22.99 -80.04 -15.66
C VAL I 398 24.29 -79.30 -15.92
N LYS I 399 25.35 -79.63 -15.18
CA LYS I 399 26.63 -78.98 -15.45
C LYS I 399 27.21 -79.39 -16.79
N GLY I 400 26.96 -80.61 -17.23
CA GLY I 400 27.44 -81.11 -18.49
C GLY I 400 26.51 -80.90 -19.67
N ARG I 401 25.39 -80.21 -19.48
CA ARG I 401 24.48 -79.87 -20.56
C ARG I 401 23.94 -81.11 -21.26
N LEU I 402 23.19 -81.90 -20.49
CA LEU I 402 22.60 -83.14 -21.00
C LEU I 402 21.16 -83.20 -20.52
N ASN I 403 20.20 -83.11 -21.44
CA ASN I 403 18.79 -83.21 -21.06
C ASN I 403 18.46 -84.63 -20.65
N LYS I 404 17.60 -84.75 -19.64
CA LYS I 404 17.28 -86.03 -19.04
C LYS I 404 15.78 -86.30 -19.11
N VAL I 405 15.44 -87.57 -19.22
CA VAL I 405 14.05 -87.99 -19.20
C VAL I 405 13.63 -88.27 -17.77
N SER I 406 12.32 -88.33 -17.54
CA SER I 406 11.78 -88.58 -16.22
C SER I 406 10.42 -89.25 -16.37
N VAL I 407 9.70 -89.35 -15.27
CA VAL I 407 8.34 -89.86 -15.25
C VAL I 407 7.45 -88.77 -14.69
N GLY I 408 6.66 -88.14 -15.54
CA GLY I 408 5.77 -87.09 -15.11
C GLY I 408 4.51 -87.65 -14.50
N THR I 409 3.50 -86.78 -14.39
CA THR I 409 2.21 -87.21 -13.87
C THR I 409 1.56 -88.22 -14.80
N SER I 410 0.73 -89.08 -14.21
CA SER I 410 -0.04 -90.12 -14.91
C SER I 410 0.84 -91.26 -15.38
N GLY I 411 2.15 -91.12 -15.27
CA GLY I 411 3.07 -92.22 -15.52
C GLY I 411 3.64 -92.34 -16.92
N GLN I 412 3.41 -91.37 -17.80
CA GLN I 412 4.06 -91.38 -19.10
C GLN I 412 5.39 -90.66 -19.04
N MET I 413 6.41 -91.25 -19.67
CA MET I 413 7.72 -90.65 -19.71
C MET I 413 7.66 -89.31 -20.45
N ILE I 414 8.42 -88.33 -19.97
CA ILE I 414 8.48 -87.02 -20.59
C ILE I 414 9.93 -86.56 -20.63
N ILE I 415 10.17 -85.52 -21.43
CA ILE I 415 11.44 -84.83 -21.43
C ILE I 415 11.35 -83.68 -20.44
N ASP I 416 12.33 -83.57 -19.55
CA ASP I 416 12.25 -82.63 -18.44
C ASP I 416 13.47 -81.72 -18.39
N ASP I 417 13.94 -81.24 -19.53
CA ASP I 417 14.98 -80.21 -19.56
C ASP I 417 14.97 -79.54 -20.92
N ALA I 418 15.50 -78.32 -20.94
CA ALA I 418 15.58 -77.51 -22.15
C ALA I 418 16.94 -76.83 -22.22
N LEU I 419 18.00 -77.58 -21.96
CA LEU I 419 19.35 -77.03 -21.91
C LEU I 419 20.07 -77.28 -23.23
N THR I 420 20.73 -76.25 -23.73
CA THR I 420 21.48 -76.32 -24.98
C THR I 420 22.92 -76.72 -24.70
N CYS I 421 23.78 -76.59 -25.70
CA CYS I 421 25.18 -76.96 -25.59
C CYS I 421 26.07 -75.80 -25.18
N CYS I 422 25.51 -74.62 -24.93
CA CYS I 422 26.31 -73.50 -24.49
C CYS I 422 26.87 -73.75 -23.09
N THR I 423 28.15 -73.42 -22.90
CA THR I 423 28.78 -73.62 -21.61
C THR I 423 28.67 -72.40 -20.71
N GLN I 424 28.61 -71.20 -21.28
CA GLN I 424 28.49 -69.99 -20.49
C GLN I 424 27.19 -69.98 -19.71
N ASP I 425 27.25 -69.48 -18.48
CA ASP I 425 26.08 -69.44 -17.61
C ASP I 425 25.39 -68.09 -17.73
N ASN I 426 24.58 -67.97 -18.78
CA ASN I 426 23.79 -66.76 -19.00
C ASN I 426 22.44 -67.21 -19.57
N TYR I 427 21.70 -66.25 -20.14
CA TYR I 427 20.39 -66.58 -20.69
C TYR I 427 20.47 -67.47 -21.92
N LEU I 428 21.65 -67.67 -22.49
CA LEU I 428 21.76 -68.36 -23.76
C LEU I 428 21.70 -69.87 -23.64
N HIS I 429 21.89 -70.44 -22.45
CA HIS I 429 21.91 -71.89 -22.37
C HIS I 429 20.52 -72.50 -22.27
N PHE I 430 19.48 -71.69 -22.05
CA PHE I 430 18.13 -72.21 -22.16
C PHE I 430 17.78 -72.41 -23.63
N GLN I 431 16.75 -73.22 -23.88
CA GLN I 431 16.49 -73.62 -25.26
C GLN I 431 15.69 -72.58 -26.02
N HIS I 432 14.71 -71.95 -25.36
CA HIS I 432 13.78 -71.13 -26.13
C HIS I 432 14.40 -69.80 -26.55
N VAL I 433 15.34 -69.26 -25.78
CA VAL I 433 15.91 -67.96 -26.11
C VAL I 433 16.65 -67.96 -27.44
N PRO I 434 17.58 -68.89 -27.71
CA PRO I 434 18.22 -68.89 -29.03
C PRO I 434 17.25 -69.08 -30.17
N SER I 435 16.21 -69.89 -30.00
CA SER I 435 15.26 -70.10 -31.08
C SER I 435 14.51 -68.82 -31.42
N LEU I 436 14.05 -68.11 -30.39
CA LEU I 436 13.35 -66.84 -30.63
C LEU I 436 14.26 -65.81 -31.26
N MET I 437 15.49 -65.68 -30.75
CA MET I 437 16.41 -64.72 -31.33
C MET I 437 16.74 -65.07 -32.78
N ASN I 438 16.88 -66.35 -33.08
CA ASN I 438 17.18 -66.76 -34.45
C ASN I 438 16.00 -66.50 -35.38
N ALA I 439 14.77 -66.68 -34.89
CA ALA I 439 13.62 -66.32 -35.72
C ALA I 439 13.63 -64.84 -36.05
N ILE I 440 13.90 -63.99 -35.06
CA ILE I 440 13.96 -62.55 -35.33
C ILE I 440 15.09 -62.25 -36.32
N SER I 441 16.24 -62.89 -36.15
CA SER I 441 17.37 -62.62 -37.04
C SER I 441 17.06 -63.05 -38.46
N ARG I 442 16.40 -64.18 -38.66
CA ARG I 442 16.05 -64.61 -40.01
C ARG I 442 15.09 -63.64 -40.67
N PHE I 443 14.10 -63.16 -39.92
CA PHE I 443 13.21 -62.15 -40.48
C PHE I 443 13.98 -60.88 -40.85
N PHE I 444 14.92 -60.47 -40.01
CA PHE I 444 15.70 -59.28 -40.33
C PHE I 444 16.52 -59.48 -41.59
N VAL I 445 17.12 -60.66 -41.76
CA VAL I 445 17.91 -60.91 -42.96
C VAL I 445 17.03 -60.79 -44.19
N GLN I 446 15.82 -61.38 -44.13
CA GLN I 446 14.91 -61.25 -45.26
C GLN I 446 14.61 -59.79 -45.57
N LEU I 447 14.25 -59.02 -44.53
CA LEU I 447 13.87 -57.62 -44.75
C LEU I 447 15.02 -56.80 -45.32
N ALA I 448 16.22 -56.94 -44.75
CA ALA I 448 17.36 -56.16 -45.22
C ALA I 448 17.76 -56.57 -46.62
N ARG I 449 17.69 -57.86 -46.94
CA ARG I 449 17.98 -58.28 -48.31
C ARG I 449 17.01 -57.64 -49.28
N GLN I 450 15.72 -57.61 -48.94
CA GLN I 450 14.75 -56.97 -49.82
C GLN I 450 15.00 -55.46 -49.94
N MET I 451 15.50 -54.85 -48.87
CA MET I 451 15.59 -53.38 -48.82
C MET I 451 16.98 -52.85 -49.14
N LYS I 452 17.90 -53.71 -49.55
CA LYS I 452 19.24 -53.26 -49.89
C LYS I 452 19.22 -52.37 -51.13
N HIS I 453 20.21 -51.49 -51.23
CA HIS I 453 20.49 -50.64 -52.38
C HIS I 453 19.45 -49.54 -52.59
N SER I 454 18.85 -49.04 -51.54
CA SER I 454 17.90 -47.95 -51.64
C SER I 454 18.46 -46.69 -51.02
N PRO I 455 17.97 -45.52 -51.42
CA PRO I 455 18.42 -44.27 -50.79
C PRO I 455 18.03 -44.22 -49.32
N ASP I 456 18.76 -43.40 -48.56
CA ASP I 456 18.62 -43.41 -47.11
C ASP I 456 17.23 -42.96 -46.69
N GLY I 457 16.63 -42.04 -47.43
CA GLY I 457 15.30 -41.55 -47.05
C GLY I 457 14.27 -42.65 -47.00
N ILE I 458 14.25 -43.51 -48.02
CA ILE I 458 13.36 -44.67 -48.00
C ILE I 458 13.85 -45.70 -46.99
N THR I 459 15.17 -45.91 -46.93
CA THR I 459 15.72 -47.02 -46.17
C THR I 459 15.44 -46.88 -44.67
N ALA I 460 15.68 -45.69 -44.12
CA ALA I 460 15.50 -45.52 -42.67
C ALA I 460 14.06 -45.76 -42.28
N ALA I 461 13.12 -45.12 -42.97
CA ALA I 461 11.71 -45.28 -42.64
C ALA I 461 11.26 -46.72 -42.82
N GLY I 462 11.68 -47.37 -43.91
CA GLY I 462 11.26 -48.74 -44.13
C GLY I 462 11.78 -49.69 -43.07
N LEU I 463 13.06 -49.59 -42.73
CA LEU I 463 13.64 -50.45 -41.71
C LEU I 463 12.95 -50.23 -40.38
N THR I 464 12.76 -48.98 -39.98
CA THR I 464 12.10 -48.70 -38.71
C THR I 464 10.69 -49.26 -38.68
N LYS I 465 9.93 -49.06 -39.76
CA LYS I 465 8.56 -49.55 -39.79
C LYS I 465 8.51 -51.07 -39.72
N GLY I 466 9.35 -51.75 -40.50
CA GLY I 466 9.32 -53.20 -40.49
C GLY I 466 9.70 -53.79 -39.15
N MET I 467 10.79 -53.28 -38.57
CA MET I 467 11.21 -53.80 -37.27
C MET I 467 10.19 -53.50 -36.18
N THR I 468 9.63 -52.29 -36.16
CA THR I 468 8.65 -51.97 -35.15
C THR I 468 7.43 -52.87 -35.27
N LYS I 469 6.96 -53.11 -36.50
CA LYS I 469 5.80 -53.98 -36.69
C LYS I 469 6.10 -55.39 -36.22
N LEU I 470 7.26 -55.94 -36.59
CA LEU I 470 7.57 -57.32 -36.21
C LEU I 470 7.70 -57.47 -34.71
N LEU I 471 8.41 -56.55 -34.06
CA LEU I 471 8.59 -56.67 -32.61
C LEU I 471 7.29 -56.42 -31.87
N ASP I 472 6.42 -55.55 -32.38
CA ASP I 472 5.11 -55.41 -31.77
C ASP I 472 4.30 -56.69 -31.90
N ARG I 473 4.40 -57.37 -33.05
CA ARG I 473 3.72 -58.65 -33.20
C ARG I 473 4.22 -59.66 -32.18
N PHE I 474 5.55 -59.71 -31.97
CA PHE I 474 6.08 -60.63 -30.98
C PHE I 474 5.62 -60.29 -29.57
N VAL I 475 5.63 -59.01 -29.20
CA VAL I 475 5.21 -58.61 -27.86
C VAL I 475 3.75 -58.97 -27.65
N ALA I 476 2.90 -58.71 -28.64
CA ALA I 476 1.50 -59.08 -28.52
C ALA I 476 1.34 -60.60 -28.42
N SER I 477 2.20 -61.35 -29.11
CA SER I 477 2.18 -62.80 -28.97
C SER I 477 2.50 -63.21 -27.53
N GLY I 478 3.47 -62.54 -26.91
CA GLY I 478 3.82 -62.81 -25.54
C GLY I 478 5.21 -63.37 -25.32
N ALA I 479 6.09 -63.31 -26.32
CA ALA I 479 7.44 -63.83 -26.18
C ALA I 479 8.40 -62.83 -25.55
N LEU I 480 8.01 -61.57 -25.41
CA LEU I 480 8.83 -60.57 -24.75
C LEU I 480 8.02 -59.91 -23.65
N VAL I 481 8.65 -59.67 -22.51
CA VAL I 481 8.01 -59.08 -21.35
C VAL I 481 8.85 -57.91 -20.86
N ALA I 482 8.30 -57.15 -19.91
CA ALA I 482 8.98 -55.99 -19.38
C ALA I 482 10.28 -56.42 -18.69
N PRO I 483 11.28 -55.54 -18.67
CA PRO I 483 12.58 -55.93 -18.09
C PRO I 483 12.45 -56.24 -16.61
N ARG I 484 13.36 -57.08 -16.12
CA ARG I 484 13.29 -57.52 -14.72
C ARG I 484 13.47 -56.35 -13.76
N ASP I 485 14.40 -55.45 -14.06
CA ASP I 485 14.66 -54.30 -13.20
C ASP I 485 14.29 -53.02 -13.92
N PRO I 486 13.09 -52.48 -13.73
CA PRO I 486 12.65 -51.29 -14.46
C PRO I 486 13.14 -49.99 -13.85
N ASP I 487 14.43 -49.96 -13.52
CA ASP I 487 15.08 -48.77 -12.97
C ASP I 487 16.21 -48.27 -13.83
N ALA I 488 17.04 -49.17 -14.37
CA ALA I 488 18.17 -48.80 -15.21
C ALA I 488 17.85 -48.94 -16.69
N ASP I 489 17.46 -50.14 -17.12
CA ASP I 489 17.20 -50.41 -18.53
C ASP I 489 15.74 -50.20 -18.90
N GLY I 490 15.21 -49.01 -18.59
CA GLY I 490 13.89 -48.59 -18.99
C GLY I 490 12.78 -49.56 -18.57
N THR I 491 11.65 -49.44 -19.27
CA THR I 491 10.51 -50.31 -19.01
C THR I 491 9.84 -50.78 -20.30
N GLU I 492 10.56 -50.81 -21.41
CA GLU I 492 9.94 -51.31 -22.62
C GLU I 492 10.49 -52.68 -22.98
N PRO I 493 9.66 -53.58 -23.51
CA PRO I 493 10.15 -54.93 -23.84
C PRO I 493 11.29 -54.93 -24.83
N TYR I 494 11.28 -54.03 -25.79
CA TYR I 494 12.29 -53.96 -26.83
C TYR I 494 12.69 -52.52 -27.09
N VAL I 495 13.96 -52.34 -27.43
CA VAL I 495 14.51 -51.05 -27.81
C VAL I 495 15.19 -51.20 -29.15
N LEU I 496 14.79 -50.39 -30.12
CA LEU I 496 15.28 -50.48 -31.49
C LEU I 496 15.99 -49.19 -31.86
N LYS I 497 17.12 -49.32 -32.55
CA LYS I 497 17.91 -48.15 -32.93
C LYS I 497 18.50 -48.40 -34.31
N VAL I 498 18.07 -47.60 -35.28
CA VAL I 498 18.57 -47.67 -36.65
C VAL I 498 19.40 -46.44 -36.90
N THR I 499 20.65 -46.63 -37.32
CA THR I 499 21.57 -45.51 -37.44
C THR I 499 22.41 -45.66 -38.70
N GLN I 500 23.08 -44.57 -39.07
CA GLN I 500 24.02 -44.55 -40.17
C GLN I 500 25.42 -44.36 -39.63
N ALA I 501 26.34 -45.24 -40.02
CA ALA I 501 27.72 -45.18 -39.53
C ALA I 501 28.65 -44.45 -40.48
N GLU I 502 28.57 -44.75 -41.77
CA GLU I 502 29.26 -43.98 -42.81
C GLU I 502 28.27 -43.80 -43.95
N PHE I 503 28.79 -43.49 -45.14
CA PHE I 503 27.94 -43.31 -46.31
C PHE I 503 26.98 -44.48 -46.49
N ASP I 504 27.47 -45.72 -46.40
CA ASP I 504 26.61 -46.90 -46.51
C ASP I 504 27.04 -47.92 -45.47
N LYS I 505 26.51 -47.79 -44.25
CA LYS I 505 26.76 -48.78 -43.21
C LYS I 505 25.54 -48.92 -42.30
N TRP I 506 24.34 -48.79 -42.87
CA TRP I 506 23.13 -48.79 -42.05
C TRP I 506 23.13 -49.89 -41.01
N GLU I 507 23.14 -49.50 -39.74
CA GLU I 507 23.33 -50.43 -38.63
C GLU I 507 22.06 -50.45 -37.78
N VAL I 508 21.53 -51.64 -37.53
CA VAL I 508 20.32 -51.83 -36.77
C VAL I 508 20.68 -52.60 -35.51
N VAL I 509 20.32 -52.05 -34.35
CA VAL I 509 20.57 -52.67 -33.06
C VAL I 509 19.24 -52.79 -32.33
N TRP I 510 18.82 -54.01 -32.03
CA TRP I 510 17.58 -54.24 -31.31
C TRP I 510 17.89 -55.06 -30.06
N ALA I 511 17.35 -54.63 -28.93
CA ALA I 511 17.54 -55.31 -27.65
C ALA I 511 16.17 -55.72 -27.13
N CYS I 512 16.02 -57.00 -26.79
CA CYS I 512 14.74 -57.54 -26.38
C CYS I 512 14.88 -58.22 -25.02
N CYS I 513 13.80 -58.23 -24.25
CA CYS I 513 13.80 -58.96 -22.99
C CYS I 513 12.98 -60.22 -23.14
N PRO I 514 13.61 -61.40 -23.19
CA PRO I 514 12.85 -62.63 -23.43
C PRO I 514 12.08 -63.08 -22.20
N THR I 515 11.10 -63.94 -22.43
CA THR I 515 10.29 -64.46 -21.34
C THR I 515 11.11 -65.39 -20.46
N GLY I 516 10.59 -65.62 -19.25
CA GLY I 516 11.24 -66.49 -18.30
C GLY I 516 10.53 -67.82 -18.19
N VAL I 517 11.24 -68.89 -18.55
CA VAL I 517 10.70 -70.22 -18.35
C VAL I 517 10.53 -70.49 -16.86
N ALA I 518 9.67 -71.45 -16.54
CA ALA I 518 9.40 -71.84 -15.15
C ALA I 518 9.93 -73.25 -14.95
N ARG I 519 11.21 -73.35 -14.60
CA ARG I 519 11.87 -74.62 -14.44
C ARG I 519 11.91 -75.09 -12.99
N ARG I 520 12.13 -74.18 -12.05
CA ARG I 520 12.18 -74.50 -10.63
C ARG I 520 11.09 -73.71 -9.92
N ILE I 521 10.17 -74.42 -9.28
CA ILE I 521 9.07 -73.81 -8.54
C ILE I 521 9.18 -74.24 -7.09
N GLN I 522 9.16 -73.28 -6.18
CA GLN I 522 9.33 -73.56 -4.76
C GLN I 522 8.26 -72.86 -3.95
N GLY I 523 7.71 -73.58 -2.97
CA GLY I 523 6.70 -73.04 -2.09
C GLY I 523 7.20 -72.99 -0.66
N VAL I 524 6.92 -71.89 0.03
CA VAL I 524 7.34 -71.67 1.40
C VAL I 524 6.10 -71.40 2.25
N PRO I 525 5.56 -72.42 2.90
CA PRO I 525 4.39 -72.18 3.77
C PRO I 525 4.77 -71.38 5.00
N LEU I 526 3.79 -70.66 5.52
CA LEU I 526 4.01 -69.81 6.69
C LEU I 526 2.80 -69.93 7.62
N LEU I 527 3.01 -69.52 8.87
CA LEU I 527 1.95 -69.46 9.86
C LEU I 527 1.89 -68.06 10.44
N ILE I 528 0.67 -67.55 10.63
CA ILE I 528 0.45 -66.19 11.10
C ILE I 528 -0.03 -66.26 12.54
N LYS I 529 0.63 -65.52 13.42
CA LYS I 529 0.23 -65.44 14.82
C LYS I 529 -1.12 -64.76 14.95
N SER J 2 11.23 -92.50 -4.12
CA SER J 2 10.39 -92.94 -5.22
C SER J 2 9.50 -91.81 -5.72
N GLN J 3 8.34 -92.18 -6.23
CA GLN J 3 7.35 -91.19 -6.63
C GLN J 3 6.57 -90.70 -5.41
N TYR J 4 5.79 -89.65 -5.62
CA TYR J 4 4.97 -89.02 -4.58
C TYR J 4 5.82 -88.41 -3.47
N SER J 5 7.14 -88.58 -3.54
CA SER J 5 8.01 -88.00 -2.54
C SER J 5 8.18 -86.51 -2.80
N ILE J 6 8.45 -85.76 -1.74
CA ILE J 6 8.59 -84.32 -1.81
C ILE J 6 9.97 -83.94 -1.29
N GLN J 7 10.74 -83.22 -2.09
CA GLN J 7 12.04 -82.76 -1.66
C GLN J 7 11.91 -81.37 -1.03
N GLN J 8 13.03 -80.87 -0.51
CA GLN J 8 13.05 -79.59 0.20
C GLN J 8 14.14 -78.64 -0.25
N SER J 9 15.19 -79.11 -0.90
CA SER J 9 16.32 -78.24 -1.24
C SER J 9 16.11 -77.55 -2.59
N LEU J 10 16.00 -78.34 -3.67
CA LEU J 10 15.79 -77.82 -5.02
C LEU J 10 16.92 -76.87 -5.42
N GLY J 11 18.10 -77.46 -5.58
CA GLY J 11 19.27 -76.70 -5.96
C GLY J 11 19.74 -76.96 -7.38
N ASN J 12 19.55 -75.97 -8.26
CA ASN J 12 20.12 -75.98 -9.61
C ASN J 12 19.69 -77.20 -10.42
N ALA J 13 18.43 -77.60 -10.27
CA ALA J 13 17.89 -78.71 -11.03
C ALA J 13 16.39 -78.55 -11.13
N SER J 14 15.82 -79.00 -12.24
CA SER J 14 14.39 -78.88 -12.44
C SER J 14 13.64 -79.72 -11.40
N GLY J 15 12.53 -79.19 -10.91
CA GLY J 15 11.73 -79.91 -9.95
C GLY J 15 10.85 -78.94 -9.18
N VAL J 16 10.14 -79.50 -8.20
CA VAL J 16 9.26 -78.74 -7.32
C VAL J 16 9.50 -79.20 -5.89
N ALA J 17 9.64 -78.25 -4.97
CA ALA J 17 9.91 -78.57 -3.58
C ALA J 17 9.17 -77.59 -2.68
N VAL J 18 8.83 -78.07 -1.48
CA VAL J 18 8.18 -77.24 -0.47
C VAL J 18 9.05 -77.22 0.77
N SER J 19 9.27 -76.03 1.31
CA SER J 19 10.10 -75.89 2.49
C SER J 19 9.33 -76.35 3.73
N PRO J 20 10.02 -76.81 4.77
CA PRO J 20 9.33 -77.19 6.00
C PRO J 20 8.67 -75.98 6.64
N ILE J 21 7.58 -76.24 7.35
CA ILE J 21 6.75 -75.17 7.90
C ILE J 21 7.58 -74.31 8.84
N ASN J 22 7.44 -72.99 8.71
CA ASN J 22 8.28 -72.07 9.47
C ASN J 22 7.85 -72.02 10.92
N ALA J 23 6.64 -71.52 11.18
CA ALA J 23 6.03 -71.54 12.51
C ALA J 23 6.98 -70.96 13.57
N ASP J 24 7.60 -69.82 13.25
CA ASP J 24 8.48 -69.16 14.20
C ASP J 24 7.93 -67.84 14.72
N ALA J 25 6.96 -67.25 14.03
CA ALA J 25 6.32 -66.03 14.50
C ALA J 25 5.16 -66.31 15.43
N THR J 26 4.90 -67.57 15.75
CA THR J 26 3.78 -67.97 16.60
C THR J 26 4.26 -68.75 17.81
N LEU J 27 5.44 -68.42 18.32
CA LEU J 27 6.01 -69.14 19.44
C LEU J 27 5.39 -68.66 20.75
N SER J 28 4.75 -69.56 21.46
CA SER J 28 4.17 -69.30 22.76
C SER J 28 5.05 -69.92 23.85
N THR J 29 4.59 -69.84 25.08
CA THR J 29 5.31 -70.42 26.21
C THR J 29 4.30 -71.02 27.17
N GLY J 30 4.42 -72.31 27.43
CA GLY J 30 3.52 -72.97 28.36
C GLY J 30 4.13 -73.18 29.73
N VAL J 31 3.77 -72.31 30.68
CA VAL J 31 4.30 -72.41 32.04
C VAL J 31 3.20 -72.68 33.06
N ALA J 32 1.96 -72.27 32.80
CA ALA J 32 0.84 -72.46 33.71
C ALA J 32 1.15 -71.84 35.08
N LEU J 33 1.24 -70.51 35.06
CA LEU J 33 1.62 -69.77 36.26
C LEU J 33 0.62 -69.97 37.39
N ASN J 34 -0.65 -70.20 37.07
CA ASN J 34 -1.66 -70.34 38.10
C ASN J 34 -1.69 -71.74 38.71
N SER J 35 -0.53 -72.25 39.10
CA SER J 35 -0.44 -73.57 39.72
C SER J 35 0.58 -73.51 40.85
N SER J 36 0.22 -74.06 42.00
CA SER J 36 1.07 -74.01 43.19
C SER J 36 1.10 -75.39 43.85
N LEU J 37 2.30 -75.83 44.22
CA LEU J 37 2.48 -77.08 44.95
C LEU J 37 3.43 -76.83 46.11
N TRP J 38 3.26 -77.59 47.18
CA TRP J 38 4.02 -77.41 48.41
C TRP J 38 4.93 -78.61 48.65
N ALA J 39 6.16 -78.33 49.06
CA ALA J 39 7.15 -79.36 49.32
C ALA J 39 7.65 -79.25 50.75
N GLY J 40 7.75 -80.38 51.43
CA GLY J 40 8.18 -80.36 52.81
C GLY J 40 8.81 -81.66 53.25
N ILE J 41 9.52 -81.59 54.36
CA ILE J 41 10.11 -82.76 54.99
C ILE J 41 9.37 -83.02 56.29
N GLY J 42 9.50 -84.24 56.79
CA GLY J 42 8.83 -84.57 58.03
C GLY J 42 9.16 -85.96 58.50
N VAL J 43 8.55 -86.32 59.63
CA VAL J 43 8.68 -87.65 60.23
C VAL J 43 7.28 -88.25 60.29
N PHE J 44 7.13 -89.44 59.70
CA PHE J 44 5.81 -90.06 59.63
C PHE J 44 5.88 -91.52 60.05
N ALA J 45 4.80 -92.26 59.83
CA ALA J 45 4.72 -93.66 60.21
C ALA J 45 5.03 -94.61 59.05
N ARG J 46 4.55 -94.29 57.84
CA ARG J 46 4.74 -95.15 56.69
C ARG J 46 5.19 -94.32 55.49
N GLY J 47 6.12 -94.86 54.73
CA GLY J 47 6.66 -94.20 53.55
C GLY J 47 8.09 -94.61 53.32
N LYS J 48 8.54 -94.43 52.09
CA LYS J 48 9.90 -94.78 51.72
C LYS J 48 10.86 -93.68 52.18
N PRO J 49 11.83 -93.99 53.04
CA PRO J 49 12.70 -92.94 53.57
C PRO J 49 13.63 -92.36 52.53
N PHE J 50 13.90 -91.05 52.69
CA PHE J 50 14.85 -90.33 51.85
C PHE J 50 14.51 -90.42 50.37
N THR J 51 13.22 -90.40 50.06
CA THR J 51 12.76 -90.43 48.68
C THR J 51 11.56 -89.49 48.58
N VAL J 52 11.47 -88.74 47.48
CA VAL J 52 10.36 -87.82 47.29
C VAL J 52 9.09 -88.61 47.06
N LEU J 53 8.04 -88.26 47.79
CA LEU J 53 6.72 -88.84 47.57
C LEU J 53 5.80 -87.81 46.93
N ALA J 54 4.54 -88.18 46.77
CA ALA J 54 3.53 -87.29 46.24
C ALA J 54 2.22 -87.57 46.95
N VAL J 55 1.67 -86.55 47.60
CA VAL J 55 0.46 -86.69 48.39
C VAL J 55 -0.63 -85.85 47.75
N THR J 56 -1.79 -86.46 47.52
CA THR J 56 -2.97 -85.79 47.02
C THR J 56 -4.07 -85.85 48.08
N GLU J 57 -5.24 -85.32 47.75
CA GLU J 57 -6.35 -85.29 48.70
C GLU J 57 -6.97 -86.65 48.93
N SER J 58 -6.62 -87.67 48.14
CA SER J 58 -7.31 -88.94 48.20
C SER J 58 -6.41 -90.14 48.50
N ASN J 59 -5.12 -89.93 48.75
CA ASN J 59 -4.26 -91.06 49.04
C ASN J 59 -3.31 -90.85 50.21
N TYR J 60 -3.25 -89.66 50.81
CA TYR J 60 -2.27 -89.41 51.87
C TYR J 60 -2.43 -90.38 53.03
N GLU J 61 -3.67 -90.76 53.34
CA GLU J 61 -3.91 -91.63 54.49
C GLU J 61 -3.16 -92.96 54.36
N ASP J 62 -3.11 -93.51 53.15
CA ASP J 62 -2.44 -94.80 52.96
C ASP J 62 -0.99 -94.67 52.51
N VAL J 63 -0.65 -93.67 51.69
CA VAL J 63 0.73 -93.54 51.27
C VAL J 63 1.61 -93.09 52.42
N LEU J 64 1.06 -92.28 53.33
CA LEU J 64 1.83 -91.76 54.46
C LEU J 64 1.48 -92.45 55.78
N GLY J 65 0.59 -93.44 55.76
CA GLY J 65 0.24 -94.16 56.95
C GLY J 65 -0.81 -93.45 57.78
N GLU J 66 -1.35 -94.18 58.75
CA GLU J 66 -2.36 -93.62 59.63
C GLU J 66 -1.72 -92.57 60.55
N PRO J 67 -2.51 -91.60 61.00
CA PRO J 67 -1.96 -90.55 61.86
C PRO J 67 -1.40 -91.11 63.16
N LEU J 68 -0.34 -90.48 63.65
CA LEU J 68 0.33 -90.92 64.86
C LEU J 68 -0.49 -90.49 66.09
N LYS J 69 0.08 -90.67 67.27
CA LYS J 69 -0.59 -90.34 68.52
C LYS J 69 0.18 -89.25 69.26
N PRO J 70 -0.50 -88.22 69.74
CA PRO J 70 0.22 -87.15 70.47
C PRO J 70 0.94 -87.63 71.71
N SER J 71 0.38 -88.63 72.41
CA SER J 71 1.03 -89.14 73.61
C SER J 71 2.34 -89.84 73.32
N SER J 72 2.57 -90.26 72.07
CA SER J 72 3.83 -90.91 71.73
C SER J 72 5.02 -89.97 71.89
N GLY J 73 4.86 -88.71 71.49
CA GLY J 73 5.94 -87.76 71.59
C GLY J 73 5.67 -86.51 70.76
N SER J 74 6.69 -86.03 70.06
CA SER J 74 6.59 -84.84 69.23
C SER J 74 6.46 -85.17 67.75
N GLN J 75 6.20 -86.43 67.41
CA GLN J 75 6.12 -86.86 66.02
C GLN J 75 4.73 -86.69 65.42
N PHE J 76 3.77 -86.17 66.18
CA PHE J 76 2.41 -86.03 65.70
C PHE J 76 2.18 -84.74 64.91
N GLU J 77 3.20 -83.90 64.78
CA GLU J 77 2.99 -82.58 64.18
C GLU J 77 2.93 -82.62 62.66
N PRO J 78 3.87 -83.25 61.94
CA PRO J 78 3.85 -83.13 60.48
C PRO J 78 2.61 -83.71 59.82
N ILE J 79 2.01 -84.75 60.39
CA ILE J 79 0.80 -85.30 59.79
C ILE J 79 -0.33 -84.28 59.84
N ARG J 80 -0.47 -83.58 60.96
CA ARG J 80 -1.49 -82.56 61.07
C ARG J 80 -1.20 -81.39 60.13
N HIS J 81 0.07 -81.00 60.00
CA HIS J 81 0.40 -79.94 59.05
C HIS J 81 0.03 -80.37 57.62
N VAL J 82 0.33 -81.62 57.26
CA VAL J 82 -0.02 -82.13 55.95
C VAL J 82 -1.53 -82.10 55.75
N TYR J 83 -2.28 -82.52 56.77
CA TYR J 83 -3.74 -82.54 56.66
C TYR J 83 -4.30 -81.13 56.46
N GLU J 84 -3.74 -80.16 57.16
CA GLU J 84 -4.23 -78.79 57.01
C GLU J 84 -3.77 -78.14 55.71
N ALA J 85 -2.68 -78.63 55.11
CA ALA J 85 -2.20 -78.02 53.87
C ALA J 85 -2.76 -78.67 52.63
N ILE J 86 -3.14 -79.96 52.69
CA ILE J 86 -3.66 -80.66 51.52
C ILE J 86 -4.97 -80.06 51.03
N GLN J 87 -5.78 -79.50 51.93
CA GLN J 87 -7.12 -79.01 51.65
C GLN J 87 -7.21 -78.29 50.30
N GLN J 88 -6.13 -77.61 49.91
CA GLN J 88 -6.12 -76.84 48.67
C GLN J 88 -5.48 -77.60 47.51
N THR J 89 -4.22 -78.00 47.65
CA THR J 89 -3.47 -78.56 46.53
C THR J 89 -2.61 -79.72 47.00
N SER J 90 -2.25 -80.58 46.05
CA SER J 90 -1.37 -81.70 46.33
C SER J 90 0.07 -81.21 46.51
N GLY J 91 0.94 -82.11 46.93
CA GLY J 91 2.30 -81.70 47.20
C GLY J 91 3.27 -82.86 47.29
N TYR J 92 4.49 -82.54 47.66
CA TYR J 92 5.58 -83.51 47.77
C TYR J 92 6.20 -83.47 49.14
N VAL J 93 6.42 -84.65 49.73
CA VAL J 93 6.98 -84.77 51.06
C VAL J 93 8.19 -85.68 51.02
N VAL J 94 9.04 -85.53 52.04
CA VAL J 94 10.23 -86.37 52.22
C VAL J 94 10.24 -86.85 53.66
N ARG J 95 10.23 -88.16 53.85
CA ARG J 95 10.23 -88.74 55.19
C ARG J 95 11.66 -88.99 55.64
N ALA J 96 11.99 -88.56 56.86
CA ALA J 96 13.28 -88.79 57.47
C ALA J 96 13.13 -89.71 58.66
N VAL J 97 13.95 -90.77 58.71
CA VAL J 97 13.82 -91.79 59.73
C VAL J 97 15.02 -91.74 60.67
N PRO J 98 14.89 -92.23 61.90
CA PRO J 98 16.06 -92.27 62.80
C PRO J 98 17.11 -93.26 62.33
N ASP J 99 18.18 -93.42 63.12
CA ASP J 99 19.30 -94.23 62.68
C ASP J 99 18.99 -95.72 62.74
N ASP J 100 18.30 -96.16 63.79
CA ASP J 100 18.14 -97.59 64.05
C ASP J 100 16.88 -98.19 63.44
N ALA J 101 16.23 -97.49 62.51
CA ALA J 101 15.06 -98.05 61.85
C ALA J 101 15.47 -99.20 60.94
N LYS J 102 14.74 -100.32 61.02
CA LYS J 102 15.08 -101.51 60.26
C LYS J 102 13.84 -102.04 59.55
N PHE J 103 14.07 -102.62 58.37
CA PHE J 103 13.01 -103.22 57.57
C PHE J 103 13.25 -104.73 57.45
N PRO J 104 12.18 -105.51 57.27
CA PRO J 104 12.32 -106.96 57.25
C PRO J 104 12.87 -107.47 55.92
N ILE J 105 13.42 -108.68 55.97
CA ILE J 105 14.00 -109.34 54.81
C ILE J 105 13.75 -110.84 54.94
N ILE J 106 13.32 -111.47 53.86
CA ILE J 106 13.14 -112.92 53.82
C ILE J 106 14.09 -113.47 52.76
N MET J 107 15.00 -114.34 53.17
CA MET J 107 15.99 -114.94 52.28
C MET J 107 15.68 -116.41 52.11
N PHE J 108 15.72 -116.88 50.87
CA PHE J 108 15.43 -118.27 50.56
C PHE J 108 16.74 -119.04 50.34
N ASP J 109 16.59 -120.30 49.92
CA ASP J 109 17.74 -121.16 49.65
C ASP J 109 17.38 -122.09 48.51
N GLU J 110 18.30 -122.98 48.16
CA GLU J 110 18.07 -123.91 47.06
C GLU J 110 16.89 -124.83 47.36
N SER J 111 16.84 -125.39 48.57
CA SER J 111 15.74 -126.29 48.92
C SER J 111 14.42 -125.53 49.00
N GLY J 112 14.44 -124.29 49.48
CA GLY J 112 13.24 -123.49 49.63
C GLY J 112 12.86 -123.16 51.06
N GLU J 113 13.68 -123.50 52.06
CA GLU J 113 13.34 -123.19 53.44
C GLU J 113 13.66 -121.73 53.72
N PRO J 114 12.67 -120.91 54.07
CA PRO J 114 12.93 -119.48 54.25
C PRO J 114 13.63 -119.18 55.57
N ALA J 115 14.28 -118.01 55.59
CA ALA J 115 14.86 -117.47 56.81
C ALA J 115 14.54 -115.98 56.85
N TYR J 116 14.47 -115.43 58.06
CA TYR J 116 14.08 -114.04 58.25
C TYR J 116 15.22 -113.25 58.87
N SER J 117 15.22 -111.96 58.61
CA SER J 117 16.18 -111.05 59.23
C SER J 117 15.65 -109.62 59.08
N ALA J 118 16.41 -108.67 59.60
CA ALA J 118 16.07 -107.26 59.49
C ALA J 118 17.33 -106.46 59.20
N LEU J 119 17.20 -105.43 58.36
CA LEU J 119 18.34 -104.62 57.99
C LEU J 119 18.02 -103.14 58.14
N PRO J 120 18.98 -102.33 58.56
CA PRO J 120 18.74 -100.88 58.67
C PRO J 120 18.47 -100.25 57.31
N TYR J 121 17.69 -99.17 57.33
CA TYR J 121 17.30 -98.52 56.10
C TYR J 121 18.49 -97.92 55.37
N GLY J 122 18.38 -97.86 54.04
CA GLY J 122 19.43 -97.31 53.23
C GLY J 122 20.62 -98.21 53.01
N SER J 123 20.52 -99.49 53.30
CA SER J 123 21.62 -100.43 53.15
C SER J 123 21.21 -101.53 52.19
N GLU J 124 22.15 -101.93 51.34
CA GLU J 124 21.92 -103.04 50.43
C GLU J 124 22.12 -104.35 51.17
N ILE J 125 21.95 -105.46 50.45
CA ILE J 125 21.91 -106.79 51.04
C ILE J 125 23.04 -107.61 50.46
N GLU J 126 23.77 -108.30 51.32
CA GLU J 126 24.77 -109.28 50.90
C GLU J 126 24.20 -110.67 51.11
N LEU J 127 24.35 -111.52 50.10
CA LEU J 127 23.76 -112.86 50.11
C LEU J 127 24.79 -113.88 50.57
N ASP J 128 24.39 -114.76 51.48
CA ASP J 128 25.26 -115.83 51.90
C ASP J 128 25.39 -116.87 50.79
N SER J 129 26.28 -117.85 51.01
CA SER J 129 26.54 -118.86 49.99
C SER J 129 25.28 -119.66 49.68
N GLY J 130 24.52 -120.05 50.71
CA GLY J 130 23.34 -120.85 50.52
C GLY J 130 22.09 -120.10 50.14
N GLU J 131 22.15 -118.77 50.07
CA GLU J 131 20.98 -117.96 49.79
C GLU J 131 20.78 -117.82 48.28
N ALA J 132 19.57 -118.11 47.81
CA ALA J 132 19.25 -118.00 46.39
C ALA J 132 18.73 -116.62 46.03
N PHE J 133 17.74 -116.13 46.78
CA PHE J 133 17.19 -114.81 46.51
C PHE J 133 16.49 -114.29 47.76
N ALA J 134 16.43 -112.97 47.86
CA ALA J 134 15.87 -112.29 49.02
C ALA J 134 14.78 -111.33 48.58
N ILE J 135 13.73 -111.25 49.38
CA ILE J 135 12.62 -110.34 49.17
C ILE J 135 12.46 -109.45 50.40
N TYR J 136 12.31 -108.15 50.17
CA TYR J 136 12.11 -107.22 51.26
C TYR J 136 11.05 -106.19 50.87
N VAL J 137 10.64 -105.39 51.84
CA VAL J 137 9.55 -104.44 51.68
C VAL J 137 10.14 -103.04 51.62
N ASP J 138 9.76 -102.27 50.59
CA ASP J 138 10.23 -100.91 50.44
C ASP J 138 9.12 -99.87 50.63
N ASP J 139 7.97 -100.28 51.15
CA ASP J 139 6.95 -99.31 51.50
C ASP J 139 7.31 -98.50 52.73
N GLY J 140 8.28 -98.95 53.52
CA GLY J 140 8.68 -98.26 54.72
C GLY J 140 8.00 -98.76 55.98
N ASP J 141 6.88 -99.46 55.87
CA ASP J 141 6.17 -99.94 57.04
C ASP J 141 7.04 -100.95 57.79
N PRO J 142 7.10 -100.88 59.11
CA PRO J 142 7.89 -101.87 59.87
C PRO J 142 7.21 -103.21 60.07
N CYS J 143 6.05 -103.41 59.46
CA CYS J 143 5.38 -104.72 59.45
C CYS J 143 5.12 -105.24 60.86
N ILE J 144 4.66 -104.37 61.74
CA ILE J 144 4.33 -104.73 63.11
C ILE J 144 2.83 -104.67 63.36
N SER J 145 2.14 -103.69 62.80
CA SER J 145 0.69 -103.61 62.85
C SER J 145 0.17 -102.73 61.72
N PRO J 146 -0.57 -103.29 60.76
CA PRO J 146 -0.95 -104.69 60.62
C PRO J 146 0.18 -105.55 60.09
N THR J 147 0.18 -106.85 60.38
CA THR J 147 1.21 -107.74 59.86
C THR J 147 1.02 -107.96 58.37
N ARG J 148 2.10 -108.36 57.70
CA ARG J 148 2.06 -108.64 56.27
C ARG J 148 2.62 -110.03 56.01
N GLU J 149 1.92 -110.81 55.20
CA GLU J 149 2.27 -112.18 54.92
C GLU J 149 2.46 -112.38 53.43
N LEU J 150 3.44 -113.23 53.08
CA LEU J 150 3.80 -113.50 51.70
C LEU J 150 3.61 -114.98 51.41
N THR J 151 3.00 -115.28 50.26
CA THR J 151 2.64 -116.65 49.91
C THR J 151 3.12 -116.96 48.49
N ILE J 152 3.64 -118.16 48.32
CA ILE J 152 4.15 -118.64 47.04
C ILE J 152 3.29 -119.82 46.60
N GLU J 153 2.82 -119.76 45.36
CA GLU J 153 1.95 -120.79 44.81
C GLU J 153 2.49 -121.27 43.47
N THR J 154 2.43 -122.58 43.24
CA THR J 154 2.86 -123.12 41.96
C THR J 154 1.86 -122.78 40.86
N ALA J 155 2.38 -122.53 39.67
CA ALA J 155 1.56 -122.18 38.52
C ALA J 155 2.06 -122.93 37.29
N THR J 156 1.32 -122.80 36.20
CA THR J 156 1.66 -123.47 34.96
C THR J 156 2.88 -122.82 34.31
N ALA J 157 3.76 -123.65 33.76
CA ALA J 157 4.95 -123.15 33.09
C ALA J 157 4.57 -122.45 31.79
N ASP J 158 5.49 -121.63 31.30
CA ASP J 158 5.26 -120.87 30.08
C ASP J 158 5.41 -121.78 28.86
N SER J 159 5.23 -121.18 27.67
CA SER J 159 5.40 -121.94 26.44
C SER J 159 6.83 -122.44 26.27
N ALA J 160 7.81 -121.60 26.60
CA ALA J 160 9.21 -122.01 26.48
C ALA J 160 9.52 -123.17 27.41
N GLY J 161 9.03 -123.12 28.64
CA GLY J 161 9.26 -124.21 29.59
C GLY J 161 9.66 -123.76 30.97
N ASN J 162 9.98 -122.47 31.12
CA ASN J 162 10.40 -121.96 32.41
C ASN J 162 9.24 -122.00 33.41
N GLU J 163 9.57 -122.22 34.68
CA GLU J 163 8.57 -122.36 35.73
C GLU J 163 8.28 -121.00 36.34
N ARG J 164 7.03 -120.57 36.25
CA ARG J 164 6.58 -119.32 36.83
C ARG J 164 5.69 -119.60 38.04
N PHE J 165 5.97 -118.94 39.16
CA PHE J 165 5.18 -119.10 40.37
C PHE J 165 4.47 -117.79 40.70
N LEU J 166 3.35 -117.94 41.41
CA LEU J 166 2.50 -116.81 41.77
C LEU J 166 2.87 -116.34 43.18
N LEU J 167 3.09 -115.03 43.30
CA LEU J 167 3.40 -114.40 44.57
C LEU J 167 2.19 -113.61 45.04
N LYS J 168 1.77 -113.81 46.29
CA LYS J 168 0.61 -113.13 46.84
C LYS J 168 0.97 -112.55 48.19
N LEU J 169 0.92 -111.23 48.31
CA LEU J 169 1.15 -110.56 49.59
C LEU J 169 -0.18 -110.04 50.11
N THR J 170 -0.48 -110.37 51.36
CA THR J 170 -1.74 -110.00 51.99
C THR J 170 -1.48 -109.46 53.39
N GLN J 171 -2.26 -108.45 53.77
CA GLN J 171 -2.13 -107.84 55.09
C GLN J 171 -3.18 -108.41 56.04
N THR J 172 -2.79 -108.60 57.29
CA THR J 172 -3.68 -109.07 58.34
C THR J 172 -3.63 -108.10 59.51
N THR J 173 -4.78 -107.60 59.91
CA THR J 173 -4.84 -106.70 61.05
C THR J 173 -4.82 -107.48 62.35
N SER J 174 -4.60 -106.76 63.45
CA SER J 174 -4.54 -107.41 64.75
C SER J 174 -5.90 -108.01 65.15
N LEU J 175 -7.00 -107.38 64.74
CA LEU J 175 -8.31 -107.90 65.08
C LEU J 175 -8.55 -109.26 64.44
N GLY J 176 -8.18 -109.40 63.17
CA GLY J 176 -8.37 -110.67 62.49
C GLY J 176 -8.80 -110.52 61.04
N VAL J 177 -8.95 -109.29 60.58
CA VAL J 177 -9.34 -109.04 59.20
C VAL J 177 -8.14 -109.34 58.30
N VAL J 178 -8.34 -110.22 57.32
CA VAL J 178 -7.28 -110.63 56.39
C VAL J 178 -7.77 -110.32 54.99
N THR J 179 -7.11 -109.39 54.32
CA THR J 179 -7.45 -109.01 52.96
C THR J 179 -6.21 -109.13 52.08
N THR J 180 -6.41 -109.57 50.84
CA THR J 180 -5.31 -109.61 49.89
C THR J 180 -4.86 -108.20 49.55
N LEU J 181 -3.58 -108.08 49.20
CA LEU J 181 -3.01 -106.77 48.92
C LEU J 181 -2.44 -106.69 47.51
N GLU J 182 -1.64 -107.67 47.08
CA GLU J 182 -1.11 -107.64 45.73
C GLU J 182 -0.75 -109.05 45.29
N THR J 183 -0.76 -109.26 43.99
CA THR J 183 -0.45 -110.55 43.39
C THR J 183 0.35 -110.36 42.12
N HIS J 184 1.18 -111.35 41.82
CA HIS J 184 2.07 -111.31 40.65
C HIS J 184 2.37 -112.72 40.19
N THR J 185 2.85 -112.84 38.96
CA THR J 185 3.33 -114.11 38.41
C THR J 185 4.75 -113.89 37.94
N VAL J 186 5.73 -114.41 38.70
CA VAL J 186 7.13 -114.13 38.44
C VAL J 186 7.90 -115.45 38.38
N SER J 187 9.07 -115.39 37.75
CA SER J 187 9.93 -116.55 37.62
C SER J 187 11.38 -116.13 37.68
N LEU J 188 12.25 -117.10 37.98
CA LEU J 188 13.67 -116.84 38.10
C LEU J 188 14.41 -116.89 36.77
N ALA J 189 13.75 -117.32 35.69
CA ALA J 189 14.39 -117.34 34.39
C ALA J 189 14.63 -115.92 33.89
N GLU J 190 15.78 -115.70 33.26
CA GLU J 190 16.16 -114.36 32.82
C GLU J 190 15.35 -113.87 31.62
N GLU J 191 14.56 -114.73 30.99
CA GLU J 191 13.85 -114.33 29.78
C GLU J 191 12.39 -114.78 29.75
N ALA J 192 11.90 -115.47 30.78
CA ALA J 192 10.54 -115.98 30.75
C ALA J 192 9.53 -114.82 30.73
N LYS J 193 8.40 -115.06 30.09
CA LYS J 193 7.33 -114.08 29.99
C LYS J 193 6.04 -114.64 30.56
N ASP J 194 5.23 -113.76 31.12
CA ASP J 194 3.94 -114.17 31.70
C ASP J 194 2.91 -114.30 30.58
N ASP J 195 1.63 -114.48 30.98
CA ASP J 195 0.58 -114.66 29.99
C ASP J 195 0.37 -113.41 29.15
N MET J 196 0.40 -112.24 29.77
CA MET J 196 0.16 -110.99 29.06
C MET J 196 1.34 -110.57 28.19
N GLY J 197 2.50 -111.21 28.32
CA GLY J 197 3.64 -110.91 27.49
C GLY J 197 4.70 -110.06 28.13
N ARG J 198 4.45 -109.51 29.32
CA ARG J 198 5.45 -108.69 29.99
C ARG J 198 6.56 -109.57 30.55
N LEU J 199 7.70 -108.93 30.82
CA LEU J 199 8.83 -109.65 31.43
C LEU J 199 8.46 -110.11 32.82
N CYS J 200 8.85 -111.34 33.15
CA CYS J 200 8.49 -111.95 34.43
C CYS J 200 9.71 -112.32 35.28
N TYR J 201 10.90 -111.87 34.90
CA TYR J 201 12.06 -112.03 35.76
C TYR J 201 11.80 -111.35 37.10
N LEU J 202 12.18 -112.02 38.18
CA LEU J 202 11.76 -111.58 39.51
C LEU J 202 12.25 -110.17 39.87
N PRO J 203 13.54 -109.84 39.79
CA PRO J 203 13.96 -108.51 40.23
C PRO J 203 13.32 -107.37 39.45
N THR J 204 13.43 -107.40 38.11
CA THR J 204 12.89 -106.32 37.32
C THR J 204 11.37 -106.28 37.41
N ALA J 205 10.70 -107.43 37.46
CA ALA J 205 9.26 -107.45 37.58
C ALA J 205 8.79 -106.79 38.86
N LEU J 206 9.39 -107.19 39.99
CA LEU J 206 9.02 -106.59 41.25
C LEU J 206 9.36 -105.10 41.30
N GLU J 207 10.51 -104.72 40.74
CA GLU J 207 10.90 -103.31 40.75
C GLU J 207 9.94 -102.46 39.94
N ALA J 208 9.48 -102.97 38.79
CA ALA J 208 8.67 -102.16 37.89
C ALA J 208 7.19 -102.17 38.26
N ARG J 209 6.59 -103.35 38.35
CA ARG J 209 5.14 -103.44 38.44
C ARG J 209 4.62 -103.47 39.88
N SER J 210 5.49 -103.48 40.87
CA SER J 210 5.08 -103.53 42.27
C SER J 210 5.69 -102.37 43.03
N LYS J 211 4.87 -101.68 43.82
CA LYS J 211 5.32 -100.55 44.62
C LYS J 211 5.48 -100.90 46.09
N TYR J 212 5.39 -102.18 46.44
CA TYR J 212 5.52 -102.62 47.83
C TYR J 212 6.80 -103.41 48.09
N LEU J 213 7.18 -104.29 47.17
CA LEU J 213 8.28 -105.22 47.39
C LEU J 213 9.46 -104.91 46.48
N ARG J 214 10.61 -105.43 46.88
CA ARG J 214 11.80 -105.45 46.04
C ARG J 214 12.51 -106.78 46.31
N ALA J 215 13.34 -107.19 45.36
CA ALA J 215 14.02 -108.46 45.49
C ALA J 215 15.42 -108.37 44.91
N VAL J 216 16.29 -109.27 45.39
CA VAL J 216 17.62 -109.45 44.83
C VAL J 216 17.87 -110.95 44.69
N VAL J 217 18.81 -111.28 43.80
CA VAL J 217 19.10 -112.67 43.48
C VAL J 217 20.61 -112.89 43.54
N ASN J 218 20.99 -114.15 43.71
CA ASN J 218 22.38 -114.57 43.68
C ASN J 218 22.66 -115.21 42.32
N GLU J 219 23.58 -114.62 41.56
CA GLU J 219 23.80 -115.08 40.19
C GLU J 219 24.31 -116.51 40.15
N GLU J 220 25.21 -116.86 41.07
CA GLU J 220 25.82 -118.20 41.03
C GLU J 220 24.78 -119.28 41.25
N LEU J 221 23.88 -119.09 42.21
CA LEU J 221 22.92 -120.11 42.60
C LEU J 221 21.58 -119.98 41.89
N ILE J 222 21.40 -118.96 41.04
CA ILE J 222 20.11 -118.75 40.42
C ILE J 222 19.81 -119.80 39.35
N SER J 223 20.84 -120.48 38.84
CA SER J 223 20.61 -121.46 37.79
C SER J 223 19.93 -122.71 38.32
N THR J 224 20.39 -123.22 39.46
CA THR J 224 19.85 -124.45 40.04
C THR J 224 18.78 -124.17 41.09
N ALA J 225 18.40 -122.91 41.29
CA ALA J 225 17.43 -122.59 42.32
C ALA J 225 16.07 -123.15 41.97
N LYS J 226 15.40 -123.71 42.98
CA LYS J 226 14.04 -124.20 42.85
C LYS J 226 13.21 -123.71 44.03
N VAL J 227 11.93 -123.48 43.78
CA VAL J 227 11.03 -122.94 44.79
C VAL J 227 9.94 -123.98 45.07
N THR J 228 9.63 -124.15 46.35
CA THR J 228 8.57 -125.05 46.77
C THR J 228 7.28 -124.26 46.99
N ASN J 229 6.29 -124.90 47.60
CA ASN J 229 5.01 -124.26 47.92
C ASN J 229 5.03 -123.87 49.38
N LYS J 230 5.23 -122.58 49.65
CA LYS J 230 5.23 -122.04 51.00
C LYS J 230 3.96 -121.22 51.21
N LYS J 231 3.24 -121.51 52.29
CA LYS J 231 1.96 -120.89 52.57
C LYS J 231 2.04 -120.11 53.87
N SER J 232 1.59 -118.86 53.84
CA SER J 232 1.45 -118.00 55.03
C SER J 232 2.79 -117.82 55.74
N LEU J 233 3.70 -117.16 55.03
CA LEU J 233 4.94 -116.73 55.65
C LEU J 233 4.67 -115.48 56.49
N ALA J 234 5.71 -114.94 57.11
CA ALA J 234 5.54 -113.81 58.01
C ALA J 234 6.81 -112.97 58.02
N PHE J 235 6.67 -111.70 57.64
CA PHE J 235 7.76 -110.75 57.84
C PHE J 235 7.93 -110.47 59.33
N THR J 236 9.17 -110.26 59.74
CA THR J 236 9.44 -109.98 61.16
C THR J 236 10.73 -109.18 61.29
N GLY J 237 10.87 -108.55 62.44
CA GLY J 237 12.05 -107.76 62.74
C GLY J 237 11.96 -106.29 62.38
N GLY J 238 10.94 -105.89 61.63
CA GLY J 238 10.81 -104.48 61.27
C GLY J 238 10.57 -103.61 62.49
N THR J 239 11.16 -102.43 62.47
CA THR J 239 11.09 -101.54 63.63
C THR J 239 11.28 -100.11 63.15
N ASN J 240 10.33 -99.23 63.48
CA ASN J 240 10.46 -97.83 63.11
C ASN J 240 11.41 -97.08 64.03
N GLY J 241 11.80 -97.67 65.15
CA GLY J 241 12.72 -97.04 66.06
C GLY J 241 12.08 -95.92 66.86
N ASP J 242 12.95 -95.13 67.49
CA ASP J 242 12.51 -93.97 68.26
C ASP J 242 12.50 -92.74 67.36
N GLN J 243 11.32 -92.19 67.12
CA GLN J 243 11.17 -91.01 66.30
C GLN J 243 11.09 -89.73 67.11
N SER J 244 11.22 -89.82 68.44
CA SER J 244 11.20 -88.62 69.27
C SER J 244 12.40 -87.73 68.97
N LYS J 245 13.59 -88.31 68.91
CA LYS J 245 14.81 -87.57 68.66
C LYS J 245 15.41 -88.01 67.33
N ILE J 246 15.85 -87.04 66.53
CA ILE J 246 16.46 -87.29 65.24
C ILE J 246 17.67 -86.38 65.10
N SER J 247 18.80 -86.95 64.71
CA SER J 247 20.01 -86.16 64.54
C SER J 247 19.83 -85.18 63.39
N THR J 248 20.55 -84.06 63.48
CA THR J 248 20.47 -83.04 62.43
C THR J 248 21.01 -83.55 61.10
N ALA J 249 21.83 -84.60 61.12
CA ALA J 249 22.33 -85.17 59.87
C ALA J 249 21.19 -85.73 59.02
N ALA J 250 20.23 -86.40 59.65
CA ALA J 250 19.10 -86.94 58.91
C ALA J 250 18.30 -85.82 58.26
N TYR J 251 18.04 -84.75 59.00
CA TYR J 251 17.30 -83.63 58.43
C TYR J 251 18.05 -82.99 57.29
N LEU J 252 19.38 -82.85 57.42
CA LEU J 252 20.17 -82.28 56.35
C LEU J 252 20.13 -83.16 55.10
N ARG J 253 20.22 -84.48 55.28
CA ARG J 253 20.13 -85.37 54.13
C ARG J 253 18.76 -85.27 53.47
N ALA J 254 17.69 -85.20 54.27
CA ALA J 254 16.36 -85.10 53.70
C ALA J 254 16.19 -83.80 52.92
N VAL J 255 16.69 -82.68 53.44
CA VAL J 255 16.50 -81.43 52.72
C VAL J 255 17.38 -81.41 51.46
N LYS J 256 18.55 -82.05 51.50
CA LYS J 256 19.34 -82.16 50.29
C LYS J 256 18.61 -82.96 49.21
N VAL J 257 17.98 -84.06 49.61
CA VAL J 257 17.21 -84.86 48.64
C VAL J 257 16.07 -84.02 48.08
N LEU J 258 15.37 -83.27 48.94
CA LEU J 258 14.28 -82.42 48.48
C LEU J 258 14.79 -81.37 47.50
N ASN J 259 15.98 -80.83 47.74
CA ASN J 259 16.56 -79.87 46.80
C ASN J 259 16.83 -80.53 45.45
N ASN J 260 17.39 -81.73 45.46
CA ASN J 260 17.74 -82.40 44.22
C ASN J 260 16.55 -83.08 43.56
N ALA J 261 15.37 -83.01 44.16
CA ALA J 261 14.19 -83.63 43.57
C ALA J 261 13.89 -83.02 42.20
N PRO J 262 13.56 -83.83 41.21
CA PRO J 262 13.24 -83.32 39.86
C PRO J 262 11.74 -83.05 39.68
N TYR J 263 11.21 -82.12 40.46
CA TYR J 263 9.81 -81.76 40.39
C TYR J 263 9.68 -80.24 40.41
N MET J 264 8.43 -79.77 40.38
CA MET J 264 8.13 -78.34 40.36
C MET J 264 7.22 -78.02 41.54
N TYR J 265 7.63 -77.06 42.36
CA TYR J 265 6.78 -76.62 43.46
C TYR J 265 7.08 -75.16 43.76
N THR J 266 6.10 -74.47 44.35
CA THR J 266 6.18 -73.04 44.61
C THR J 266 5.98 -72.70 46.08
N ALA J 267 6.27 -73.63 46.99
CA ALA J 267 6.19 -73.36 48.42
C ALA J 267 6.97 -74.43 49.16
N VAL J 268 7.77 -74.02 50.13
CA VAL J 268 8.72 -74.92 50.76
C VAL J 268 8.39 -75.14 52.22
N LEU J 269 7.08 -75.24 52.52
CA LEU J 269 6.54 -75.32 53.87
C LEU J 269 7.44 -76.06 54.84
N GLY J 270 7.74 -75.42 55.96
CA GLY J 270 8.52 -76.04 57.01
C GLY J 270 7.66 -76.89 57.93
N LEU J 271 7.32 -78.09 57.49
CA LEU J 271 6.38 -78.94 58.21
C LEU J 271 6.96 -79.36 59.54
N GLY J 272 6.49 -78.72 60.61
CA GLY J 272 6.79 -79.10 61.98
C GLY J 272 8.21 -79.53 62.26
N CYS J 273 9.19 -78.83 61.69
CA CYS J 273 10.59 -79.16 61.88
C CYS J 273 11.27 -77.94 62.50
N TYR J 274 11.48 -77.98 63.81
CA TYR J 274 12.08 -76.86 64.53
C TYR J 274 13.57 -77.13 64.77
N ASP J 275 14.31 -77.08 63.67
CA ASP J 275 15.76 -77.21 63.71
C ASP J 275 16.37 -76.08 62.90
N ASN J 276 17.33 -75.38 63.52
CA ASN J 276 17.90 -74.20 62.88
C ASN J 276 18.60 -74.55 61.57
N ALA J 277 19.37 -75.63 61.56
CA ALA J 277 20.06 -76.02 60.33
C ALA J 277 19.09 -76.36 59.21
N ALA J 278 18.03 -77.11 59.53
CA ALA J 278 17.06 -77.46 58.52
C ALA J 278 16.33 -76.23 58.00
N ILE J 279 15.98 -75.30 58.88
CA ILE J 279 15.29 -74.09 58.45
C ILE J 279 16.20 -73.26 57.54
N THR J 280 17.49 -73.16 57.89
CA THR J 280 18.42 -72.45 57.02
C THR J 280 18.53 -73.12 55.66
N ALA J 281 18.59 -74.45 55.64
CA ALA J 281 18.66 -75.16 54.36
C ALA J 281 17.43 -74.90 53.51
N LEU J 282 16.25 -74.92 54.13
CA LEU J 282 15.03 -74.64 53.38
C LEU J 282 15.00 -73.20 52.87
N GLY J 283 15.53 -72.26 53.65
CA GLY J 283 15.68 -70.90 53.15
C GLY J 283 16.60 -70.85 51.94
N LYS J 284 17.66 -71.65 51.97
CA LYS J 284 18.52 -71.74 50.79
C LYS J 284 17.77 -72.27 49.59
N ILE J 285 16.90 -73.26 49.80
CA ILE J 285 16.09 -73.79 48.70
C ILE J 285 15.21 -72.69 48.12
N CYS J 286 14.58 -71.89 48.99
CA CYS J 286 13.81 -70.75 48.51
C CYS J 286 14.66 -69.81 47.68
N ALA J 287 15.80 -69.38 48.21
CA ALA J 287 16.63 -68.40 47.52
C ALA J 287 17.17 -68.96 46.22
N ASP J 288 17.26 -70.29 46.10
CA ASP J 288 17.78 -70.89 44.89
C ASP J 288 16.68 -70.98 43.83
N ARG J 289 15.55 -71.59 44.16
CA ARG J 289 14.51 -71.85 43.18
C ARG J 289 13.59 -70.68 42.95
N LEU J 290 13.74 -69.57 43.68
CA LEU J 290 12.85 -68.42 43.57
C LEU J 290 11.40 -68.80 43.88
N ILE J 291 11.19 -69.30 45.10
CA ILE J 291 9.86 -69.67 45.57
C ILE J 291 9.62 -69.09 46.95
N ASP J 292 8.50 -69.47 47.57
CA ASP J 292 8.08 -68.90 48.84
C ASP J 292 8.21 -69.93 49.95
N GLY J 293 8.54 -69.45 51.15
CA GLY J 293 8.64 -70.32 52.31
C GLY J 293 7.84 -69.81 53.49
N PHE J 294 7.22 -70.72 54.23
CA PHE J 294 6.39 -70.37 55.38
C PHE J 294 6.85 -71.20 56.58
N PHE J 295 7.86 -70.72 57.27
CA PHE J 295 8.40 -71.42 58.43
C PHE J 295 7.79 -70.86 59.70
N ASP J 296 8.03 -71.55 60.81
CA ASP J 296 7.31 -71.18 62.02
C ASP J 296 8.15 -71.61 63.22
N VAL J 297 8.26 -70.72 64.20
CA VAL J 297 9.08 -70.97 65.39
C VAL J 297 8.33 -71.87 66.35
N LYS J 298 9.01 -72.38 67.37
CA LYS J 298 8.37 -73.31 68.30
C LYS J 298 7.14 -72.66 68.92
N PRO J 299 5.94 -73.22 68.75
CA PRO J 299 4.74 -72.57 69.27
C PRO J 299 4.49 -72.90 70.72
N THR J 300 5.54 -72.88 71.54
CA THR J 300 5.42 -73.00 72.98
C THR J 300 6.31 -72.00 73.70
N LEU J 301 6.82 -71.01 73.00
CA LEU J 301 7.66 -69.98 73.58
C LEU J 301 6.82 -68.77 73.95
N THR J 302 7.16 -68.15 75.07
CA THR J 302 6.48 -66.92 75.47
C THR J 302 6.82 -65.79 74.50
N TYR J 303 5.99 -64.75 74.53
CA TYR J 303 6.19 -63.61 73.65
C TYR J 303 7.53 -62.94 73.88
N ALA J 304 8.10 -63.07 75.08
CA ALA J 304 9.42 -62.49 75.33
C ALA J 304 10.52 -63.24 74.60
N GLU J 305 10.46 -64.59 74.62
CA GLU J 305 11.49 -65.39 73.98
C GLU J 305 11.23 -65.60 72.48
N ALA J 306 10.05 -65.24 71.98
CA ALA J 306 9.79 -65.44 70.56
C ALA J 306 10.70 -64.58 69.70
N LEU J 307 10.95 -63.34 70.11
CA LEU J 307 11.77 -62.43 69.29
C LEU J 307 13.20 -62.90 69.11
N PRO J 308 13.96 -63.28 70.15
CA PRO J 308 15.32 -63.79 69.90
C PRO J 308 15.34 -65.09 69.12
N ALA J 309 14.30 -65.92 69.22
CA ALA J 309 14.29 -67.17 68.46
C ALA J 309 14.20 -66.92 66.96
N VAL J 310 13.54 -65.84 66.55
CA VAL J 310 13.47 -65.52 65.13
C VAL J 310 14.84 -65.16 64.60
N GLU J 311 15.62 -64.39 65.36
CA GLU J 311 16.99 -64.11 64.97
C GLU J 311 17.82 -65.39 64.97
N ASP J 312 17.59 -66.26 65.94
CA ASP J 312 18.34 -67.51 66.03
C ASP J 312 18.10 -68.38 64.79
N THR J 313 16.85 -68.45 64.33
CA THR J 313 16.49 -69.40 63.28
C THR J 313 17.25 -69.15 61.99
N GLY J 314 17.81 -67.96 61.79
CA GLY J 314 18.88 -67.75 60.83
C GLY J 314 18.51 -67.03 59.55
N LEU J 315 17.23 -66.92 59.22
CA LEU J 315 16.90 -66.29 57.94
C LEU J 315 16.91 -64.77 58.00
N LEU J 316 17.10 -64.16 59.17
CA LEU J 316 17.11 -62.71 59.26
C LEU J 316 18.33 -62.16 58.54
N GLY J 317 18.10 -61.55 57.37
CA GLY J 317 19.16 -60.97 56.58
C GLY J 317 18.63 -60.30 55.34
N THR J 318 19.39 -60.37 54.25
CA THR J 318 18.97 -59.83 52.97
C THR J 318 18.93 -60.86 51.87
N ASP J 319 19.38 -62.09 52.13
CA ASP J 319 19.38 -63.13 51.10
C ASP J 319 18.01 -63.78 50.96
N TYR J 320 17.32 -64.01 52.07
CA TYR J 320 16.02 -64.68 52.07
C TYR J 320 14.95 -63.60 52.22
N VAL J 321 14.50 -63.09 51.08
CA VAL J 321 13.52 -62.01 51.06
C VAL J 321 12.11 -62.50 50.82
N SER J 322 11.90 -63.81 50.74
CA SER J 322 10.57 -64.35 50.44
C SER J 322 10.08 -65.33 51.51
N CYS J 323 10.82 -65.52 52.59
CA CYS J 323 10.48 -66.50 53.61
C CYS J 323 9.85 -65.81 54.81
N SER J 324 8.65 -66.25 55.18
CA SER J 324 7.92 -65.70 56.31
C SER J 324 8.07 -66.62 57.52
N VAL J 325 8.01 -66.02 58.70
CA VAL J 325 8.16 -66.74 59.96
C VAL J 325 6.91 -66.47 60.81
N TYR J 326 6.31 -67.53 61.33
CA TYR J 326 5.08 -67.42 62.10
C TYR J 326 5.28 -67.93 63.53
N HIS J 327 4.27 -67.70 64.35
CA HIS J 327 4.31 -68.07 65.76
C HIS J 327 2.87 -68.12 66.26
N TYR J 328 2.44 -69.27 66.77
CA TYR J 328 1.05 -69.50 67.16
C TYR J 328 1.02 -70.13 68.55
N PRO J 329 1.18 -69.34 69.60
CA PRO J 329 1.16 -69.88 70.97
C PRO J 329 -0.26 -70.06 71.52
N PHE J 330 -0.95 -71.08 71.02
CA PHE J 330 -2.30 -71.39 71.45
C PHE J 330 -2.51 -72.88 71.47
N SER J 331 -3.46 -73.33 72.26
CA SER J 331 -3.82 -74.74 72.35
C SER J 331 -5.05 -75.01 71.49
N CYS J 332 -5.30 -76.30 71.25
CA CYS J 332 -6.42 -76.68 70.40
C CYS J 332 -6.80 -78.11 70.71
N LYS J 333 -8.00 -78.49 70.27
CA LYS J 333 -8.51 -79.84 70.44
C LYS J 333 -8.33 -80.60 69.13
N ASP J 334 -7.64 -81.73 69.19
CA ASP J 334 -7.28 -82.45 67.99
C ASP J 334 -8.50 -83.05 67.31
N LYS J 335 -8.42 -83.19 65.99
CA LYS J 335 -9.55 -83.69 65.22
C LYS J 335 -9.73 -85.19 65.37
N TRP J 336 -8.63 -85.94 65.47
CA TRP J 336 -8.71 -87.40 65.45
C TRP J 336 -8.74 -87.98 66.87
N THR J 337 -7.70 -87.73 67.66
CA THR J 337 -7.56 -88.37 68.95
C THR J 337 -8.37 -87.70 70.05
N GLN J 338 -8.89 -86.48 69.82
CA GLN J 338 -9.68 -85.75 70.82
C GLN J 338 -8.86 -85.51 72.09
N SER J 339 -7.79 -84.73 71.95
CA SER J 339 -6.93 -84.41 73.08
C SER J 339 -6.46 -82.97 72.94
N ARG J 340 -5.66 -82.53 73.92
CA ARG J 340 -5.13 -81.17 73.95
C ARG J 340 -3.74 -81.17 73.33
N VAL J 341 -3.61 -80.63 72.12
CA VAL J 341 -2.35 -80.60 71.39
C VAL J 341 -2.08 -79.18 70.93
N VAL J 342 -0.81 -78.93 70.62
CA VAL J 342 -0.37 -77.65 70.07
C VAL J 342 0.52 -77.91 68.86
N PHE J 343 0.28 -77.19 67.77
CA PHE J 343 1.15 -77.26 66.62
C PHE J 343 1.16 -75.90 65.93
N GLY J 344 1.84 -75.82 64.80
CA GLY J 344 2.19 -74.56 64.20
C GLY J 344 1.16 -74.01 63.23
N LEU J 345 1.63 -73.09 62.38
CA LEU J 345 0.75 -72.33 61.49
C LEU J 345 1.21 -72.36 60.03
N SER J 346 2.21 -73.16 59.69
CA SER J 346 2.68 -73.20 58.31
C SER J 346 1.60 -73.69 57.36
N GLY J 347 0.86 -74.72 57.76
CA GLY J 347 -0.21 -75.23 56.91
C GLY J 347 -1.27 -74.19 56.63
N VAL J 348 -1.70 -73.48 57.66
CA VAL J 348 -2.74 -72.47 57.47
C VAL J 348 -2.22 -71.30 56.65
N ALA J 349 -0.95 -70.93 56.85
CA ALA J 349 -0.38 -69.87 56.03
C ALA J 349 -0.37 -70.25 54.56
N TYR J 350 0.03 -71.49 54.25
CA TYR J 350 0.01 -71.90 52.86
C TYR J 350 -1.42 -72.02 52.32
N ALA J 351 -2.37 -72.42 53.16
CA ALA J 351 -3.75 -72.46 52.71
C ALA J 351 -4.24 -71.06 52.35
N ALA J 352 -3.86 -70.06 53.14
CA ALA J 352 -4.19 -68.69 52.80
C ALA J 352 -3.56 -68.27 51.49
N LYS J 353 -2.28 -68.63 51.28
CA LYS J 353 -1.62 -68.26 50.04
C LYS J 353 -2.28 -68.92 48.84
N ALA J 354 -2.70 -70.18 48.98
CA ALA J 354 -3.35 -70.87 47.87
C ALA J 354 -4.72 -70.28 47.59
N ARG J 355 -5.48 -69.95 48.63
CA ARG J 355 -6.76 -69.27 48.42
C ARG J 355 -6.55 -67.96 47.67
N GLY J 356 -5.48 -67.24 48.00
CA GLY J 356 -5.19 -66.02 47.28
C GLY J 356 -4.81 -66.26 45.83
N VAL J 357 -4.01 -67.30 45.59
CA VAL J 357 -3.51 -67.53 44.24
C VAL J 357 -4.57 -68.14 43.33
N LYS J 358 -5.66 -68.68 43.90
CA LYS J 358 -6.72 -69.25 43.09
C LYS J 358 -7.80 -68.25 42.70
N LYS J 359 -7.64 -66.97 43.05
CA LYS J 359 -8.66 -65.98 42.74
C LYS J 359 -8.70 -65.68 41.24
N ASN J 360 -7.59 -65.20 40.70
CA ASN J 360 -7.49 -64.97 39.27
C ASN J 360 -7.25 -66.28 38.53
N SER J 361 -7.86 -66.41 37.35
CA SER J 361 -7.79 -67.65 36.59
C SER J 361 -6.79 -67.60 35.44
N ASP J 362 -6.58 -66.42 34.84
CA ASP J 362 -5.69 -66.33 33.69
C ASP J 362 -4.24 -66.52 34.12
N VAL J 363 -3.73 -65.61 34.94
CA VAL J 363 -2.36 -65.68 35.44
C VAL J 363 -2.28 -66.03 36.91
N GLY J 364 -3.41 -66.09 37.61
CA GLY J 364 -3.39 -66.40 39.02
C GLY J 364 -3.04 -65.17 39.84
N GLY J 365 -3.75 -64.96 40.93
CA GLY J 365 -3.52 -63.77 41.73
C GLY J 365 -2.41 -63.97 42.73
N TRP J 366 -1.21 -63.51 42.40
CA TRP J 366 -0.08 -63.57 43.31
C TRP J 366 0.03 -62.31 44.17
N HIS J 367 -0.77 -61.29 43.90
CA HIS J 367 -0.67 -60.03 44.62
C HIS J 367 -1.54 -59.97 45.86
N TYR J 368 -2.24 -61.05 46.19
CA TYR J 368 -3.06 -61.08 47.40
C TYR J 368 -2.21 -61.51 48.58
N SER J 369 -2.20 -60.69 49.63
CA SER J 369 -1.42 -61.04 50.81
C SER J 369 -2.06 -62.22 51.54
N PRO J 370 -1.26 -63.07 52.17
CA PRO J 370 -1.79 -64.21 52.92
C PRO J 370 -2.28 -63.85 54.32
N ALA J 371 -3.15 -62.84 54.39
CA ALA J 371 -3.71 -62.41 55.66
C ALA J 371 -5.02 -61.68 55.41
N GLY J 372 -5.82 -61.56 56.45
CA GLY J 372 -7.08 -60.88 56.36
C GLY J 372 -8.17 -61.68 57.04
N GLU J 373 -9.41 -61.27 56.80
CA GLU J 373 -10.56 -61.94 57.39
C GLU J 373 -11.34 -62.77 56.39
N GLU J 374 -10.98 -62.71 55.11
CA GLU J 374 -11.66 -63.49 54.09
C GLU J 374 -10.77 -64.55 53.44
N ARG J 375 -9.49 -64.60 53.79
CA ARG J 375 -8.59 -65.55 53.17
C ARG J 375 -7.65 -66.26 54.13
N ALA J 376 -7.67 -65.99 55.42
CA ALA J 376 -6.69 -66.56 56.33
C ALA J 376 -7.32 -66.96 57.64
N VAL J 377 -8.60 -67.32 57.63
CA VAL J 377 -9.25 -67.76 58.86
C VAL J 377 -8.63 -69.07 59.32
N ILE J 378 -8.57 -69.24 60.64
CA ILE J 378 -7.98 -70.43 61.24
C ILE J 378 -9.12 -71.28 61.81
N ALA J 379 -9.21 -72.52 61.33
CA ALA J 379 -10.26 -73.44 61.75
C ALA J 379 -9.67 -74.45 62.72
N ARG J 380 -10.03 -74.33 63.99
CA ARG J 380 -9.60 -75.27 65.02
C ARG J 380 -10.81 -75.61 65.89
N ALA J 381 -10.55 -76.26 67.02
CA ALA J 381 -11.61 -76.66 67.93
C ALA J 381 -11.24 -76.24 69.34
N SER J 382 -12.05 -75.35 69.93
CA SER J 382 -11.90 -74.93 71.32
C SER J 382 -10.52 -74.34 71.58
N ILE J 383 -10.21 -73.28 70.85
CA ILE J 383 -8.92 -72.61 71.01
C ILE J 383 -8.85 -71.99 72.39
N GLN J 384 -7.86 -72.41 73.18
CA GLN J 384 -7.66 -71.94 74.53
C GLN J 384 -6.26 -71.38 74.66
N PRO J 385 -6.09 -70.08 74.90
CA PRO J 385 -4.74 -69.50 74.88
C PRO J 385 -3.81 -70.15 75.90
N LEU J 386 -2.54 -70.28 75.50
CA LEU J 386 -1.56 -70.91 76.37
C LEU J 386 -1.15 -70.00 77.52
N TYR J 387 -0.96 -68.71 77.22
CA TYR J 387 -0.52 -67.73 78.21
C TYR J 387 -1.49 -66.56 78.22
N PRO J 388 -2.67 -66.73 78.83
CA PRO J 388 -3.64 -65.62 78.87
C PRO J 388 -3.13 -64.40 79.63
N GLU J 389 -2.18 -64.55 80.55
CA GLU J 389 -1.74 -63.40 81.33
C GLU J 389 -0.76 -62.50 80.57
N ASP J 390 -0.26 -62.93 79.42
CA ASP J 390 0.72 -62.15 78.68
C ASP J 390 0.03 -61.27 77.64
N THR J 391 0.83 -60.53 76.89
CA THR J 391 0.32 -59.59 75.90
C THR J 391 1.34 -59.43 74.79
N PRO J 392 0.89 -59.26 73.55
CA PRO J 392 1.85 -59.10 72.44
C PRO J 392 2.58 -57.78 72.53
N ASP J 393 3.60 -57.66 71.66
CA ASP J 393 4.55 -56.54 71.67
C ASP J 393 4.59 -55.90 70.29
N GLU J 394 3.41 -55.55 69.77
CA GLU J 394 3.20 -55.20 68.37
C GLU J 394 4.39 -54.47 67.71
N GLU J 395 4.88 -53.41 68.36
CA GLU J 395 5.99 -52.66 67.77
C GLU J 395 7.25 -53.50 67.69
N ALA J 396 7.57 -54.22 68.78
CA ALA J 396 8.75 -55.08 68.76
C ALA J 396 8.60 -56.20 67.74
N MET J 397 7.40 -56.76 67.63
CA MET J 397 7.16 -57.82 66.66
C MET J 397 7.36 -57.31 65.24
N VAL J 398 6.83 -56.13 64.92
CA VAL J 398 6.97 -55.60 63.57
C VAL J 398 8.43 -55.28 63.28
N LYS J 399 9.16 -54.77 64.27
CA LYS J 399 10.58 -54.51 64.04
C LYS J 399 11.37 -55.79 63.88
N GLY J 400 10.97 -56.87 64.56
CA GLY J 400 11.64 -58.15 64.48
C GLY J 400 11.12 -59.08 63.42
N ARG J 401 10.17 -58.63 62.58
CA ARG J 401 9.67 -59.41 61.45
C ARG J 401 9.05 -60.72 61.92
N LEU J 402 7.98 -60.60 62.69
CA LEU J 402 7.25 -61.76 63.21
C LEU J 402 5.76 -61.52 63.01
N ASN J 403 5.13 -62.32 62.18
CA ASN J 403 3.69 -62.20 61.97
C ASN J 403 2.94 -62.67 63.20
N LYS J 404 1.84 -61.99 63.52
CA LYS J 404 1.09 -62.24 64.73
C LYS J 404 -0.36 -62.57 64.42
N VAL J 405 -0.95 -63.40 65.25
CA VAL J 405 -2.36 -63.74 65.12
C VAL J 405 -3.19 -62.74 65.92
N SER J 406 -4.48 -62.70 65.64
CA SER J 406 -5.38 -61.79 66.32
C SER J 406 -6.78 -62.41 66.30
N VAL J 407 -7.76 -61.62 66.73
CA VAL J 407 -9.16 -62.02 66.69
C VAL J 407 -9.90 -61.00 65.84
N GLY J 408 -10.27 -61.39 64.63
CA GLY J 408 -10.99 -60.51 63.73
C GLY J 408 -12.46 -60.47 64.06
N THR J 409 -13.25 -59.99 63.11
CA THR J 409 -14.69 -59.94 63.28
C THR J 409 -15.26 -61.35 63.34
N SER J 410 -16.43 -61.46 63.99
CA SER J 410 -17.16 -62.72 64.14
C SER J 410 -16.50 -63.66 65.14
N GLY J 411 -15.31 -63.27 65.63
CA GLY J 411 -14.66 -64.03 66.68
C GLY J 411 -13.79 -65.18 66.25
N GLN J 412 -13.49 -65.31 64.96
CA GLN J 412 -12.58 -66.35 64.49
C GLN J 412 -11.16 -65.80 64.38
N MET J 413 -10.20 -66.57 64.89
CA MET J 413 -8.81 -66.16 64.83
C MET J 413 -8.36 -66.04 63.37
N ILE J 414 -7.55 -65.03 63.09
CA ILE J 414 -7.02 -64.80 61.76
C ILE J 414 -5.54 -64.46 61.86
N ILE J 415 -4.86 -64.54 60.72
CA ILE J 415 -3.50 -64.03 60.59
C ILE J 415 -3.58 -62.59 60.15
N ASP J 416 -2.85 -61.71 60.83
CA ASP J 416 -2.99 -60.27 60.62
C ASP J 416 -1.65 -59.61 60.33
N ASP J 417 -0.81 -60.25 59.52
CA ASP J 417 0.41 -59.61 59.05
C ASP J 417 0.91 -60.35 57.82
N ALA J 418 1.70 -59.64 57.01
CA ALA J 418 2.27 -60.18 55.80
C ALA J 418 3.72 -59.74 55.68
N LEU J 419 4.47 -59.86 56.76
CA LEU J 419 5.86 -59.39 56.79
C LEU J 419 6.81 -60.56 56.57
N THR J 420 7.80 -60.33 55.72
CA THR J 420 8.80 -61.33 55.39
C THR J 420 9.99 -61.21 56.34
N CYS J 421 11.09 -61.89 56.00
CA CYS J 421 12.28 -61.88 56.84
C CYS J 421 13.28 -60.81 56.42
N CYS J 422 12.97 -60.00 55.41
CA CYS J 422 13.88 -58.94 55.01
C CYS J 422 13.98 -57.89 56.10
N THR J 423 15.20 -57.44 56.36
CA THR J 423 15.42 -56.42 57.38
C THR J 423 15.37 -55.01 56.82
N GLN J 424 15.73 -54.83 55.56
CA GLN J 424 15.71 -53.49 54.96
C GLN J 424 14.29 -52.96 54.91
N ASP J 425 14.15 -51.66 55.16
CA ASP J 425 12.82 -51.02 55.19
C ASP J 425 12.53 -50.43 53.81
N ASN J 426 12.06 -51.30 52.92
CA ASN J 426 11.66 -50.89 51.58
C ASN J 426 10.45 -51.72 51.19
N TYR J 427 10.11 -51.73 49.91
CA TYR J 427 8.95 -52.47 49.43
C TYR J 427 9.14 -53.97 49.56
N LEU J 428 10.34 -54.45 49.83
CA LEU J 428 10.61 -55.87 49.77
C LEU J 428 10.19 -56.63 51.02
N HIS J 429 9.90 -55.95 52.13
CA HIS J 429 9.56 -56.68 53.33
C HIS J 429 8.09 -57.06 53.39
N PHE J 430 7.25 -56.52 52.52
CA PHE J 430 5.89 -57.03 52.41
C PHE J 430 5.89 -58.37 51.73
N GLN J 431 4.81 -59.12 51.90
CA GLN J 431 4.81 -60.51 51.44
C GLN J 431 4.49 -60.62 49.95
N HIS J 432 3.56 -59.82 49.46
CA HIS J 432 3.07 -60.05 48.11
C HIS J 432 4.08 -59.60 47.05
N VAL J 433 4.88 -58.59 47.32
CA VAL J 433 5.81 -58.08 46.32
C VAL J 433 6.84 -59.11 45.89
N PRO J 434 7.57 -59.78 46.80
CA PRO J 434 8.50 -60.80 46.35
C PRO J 434 7.84 -61.93 45.61
N SER J 435 6.63 -62.34 45.99
CA SER J 435 5.96 -63.43 45.29
C SER J 435 5.64 -63.06 43.86
N LEU J 436 5.11 -61.85 43.65
CA LEU J 436 4.81 -61.40 42.28
C LEU J 436 6.07 -61.28 41.45
N MET J 437 7.12 -60.67 42.02
CA MET J 437 8.36 -60.54 41.27
C MET J 437 8.96 -61.90 40.93
N ASN J 438 8.85 -62.85 41.85
CA ASN J 438 9.40 -64.18 41.58
C ASN J 438 8.59 -64.91 40.52
N ALA J 439 7.27 -64.72 40.49
CA ALA J 439 6.49 -65.29 39.41
C ALA J 439 6.95 -64.75 38.06
N ILE J 440 7.14 -63.43 37.97
CA ILE J 440 7.60 -62.84 36.72
C ILE J 440 8.98 -63.40 36.36
N SER J 441 9.87 -63.52 37.34
CA SER J 441 11.21 -64.01 37.07
C SER J 441 11.20 -65.45 36.58
N ARG J 442 10.36 -66.30 37.17
CA ARG J 442 10.28 -67.68 36.71
C ARG J 442 9.77 -67.75 35.28
N PHE J 443 8.75 -66.95 34.95
CA PHE J 443 8.31 -66.93 33.56
C PHE J 443 9.42 -66.47 32.62
N PHE J 444 10.18 -65.46 33.04
CA PHE J 444 11.28 -64.99 32.18
C PHE J 444 12.31 -66.08 31.98
N VAL J 445 12.65 -66.82 33.04
CA VAL J 445 13.63 -67.88 32.90
C VAL J 445 13.15 -68.90 31.88
N GLN J 446 11.87 -69.28 31.97
CA GLN J 446 11.32 -70.22 30.99
C GLN J 446 11.46 -69.69 29.57
N LEU J 447 11.05 -68.44 29.37
CA LEU J 447 11.07 -67.87 28.02
C LEU J 447 12.48 -67.77 27.46
N ALA J 448 13.42 -67.27 28.26
CA ALA J 448 14.78 -67.11 27.79
C ALA J 448 15.45 -68.46 27.54
N ARG J 449 15.18 -69.45 28.39
CA ARG J 449 15.70 -70.77 28.12
C ARG J 449 15.18 -71.31 26.80
N GLN J 450 13.89 -71.13 26.52
CA GLN J 450 13.35 -71.58 25.25
C GLN J 450 13.95 -70.83 24.07
N MET J 451 14.29 -69.56 24.26
CA MET J 451 14.69 -68.70 23.16
C MET J 451 16.21 -68.56 23.03
N LYS J 452 16.98 -69.28 23.83
CA LYS J 452 18.43 -69.21 23.74
C LYS J 452 18.92 -69.75 22.41
N HIS J 453 20.09 -69.25 21.98
CA HIS J 453 20.83 -69.71 20.81
C HIS J 453 20.16 -69.36 19.49
N SER J 454 19.44 -68.25 19.42
CA SER J 454 18.84 -67.82 18.18
C SER J 454 19.51 -66.55 17.67
N PRO J 455 19.43 -66.27 16.38
CA PRO J 455 19.99 -65.02 15.86
C PRO J 455 19.24 -63.82 16.42
N ASP J 456 19.94 -62.67 16.41
CA ASP J 456 19.42 -61.49 17.10
C ASP J 456 18.11 -61.02 16.48
N GLY J 457 17.96 -61.17 15.17
CA GLY J 457 16.74 -60.70 14.52
C GLY J 457 15.50 -61.36 15.09
N ILE J 458 15.54 -62.68 15.25
CA ILE J 458 14.43 -63.38 15.89
C ILE J 458 14.40 -63.09 17.39
N THR J 459 15.57 -63.04 18.02
CA THR J 459 15.62 -62.98 19.48
C THR J 459 15.01 -61.70 20.02
N ALA J 460 15.37 -60.54 19.44
CA ALA J 460 14.87 -59.28 19.96
C ALA J 460 13.36 -59.21 19.88
N ALA J 461 12.81 -59.52 18.71
CA ALA J 461 11.36 -59.45 18.53
C ALA J 461 10.65 -60.45 19.43
N GLY J 462 11.18 -61.66 19.55
CA GLY J 462 10.53 -62.66 20.39
C GLY J 462 10.53 -62.27 21.85
N LEU J 463 11.67 -61.82 22.36
CA LEU J 463 11.74 -61.41 23.76
C LEU J 463 10.80 -60.25 24.03
N THR J 464 10.81 -59.23 23.15
CA THR J 464 9.94 -58.08 23.36
C THR J 464 8.47 -58.49 23.36
N LYS J 465 8.08 -59.33 22.39
CA LYS J 465 6.68 -59.75 22.31
C LYS J 465 6.27 -60.53 23.54
N GLY J 466 7.10 -61.49 23.96
CA GLY J 466 6.74 -62.30 25.12
C GLY J 466 6.61 -61.48 26.38
N MET J 467 7.59 -60.62 26.64
CA MET J 467 7.54 -59.79 27.85
C MET J 467 6.36 -58.82 27.81
N THR J 468 6.13 -58.19 26.67
CA THR J 468 5.01 -57.25 26.58
C THR J 468 3.70 -57.97 26.83
N LYS J 469 3.52 -59.16 26.25
CA LYS J 469 2.27 -59.90 26.47
C LYS J 469 2.11 -60.27 27.93
N LEU J 470 3.17 -60.78 28.56
CA LEU J 470 3.04 -61.21 29.96
C LEU J 470 2.73 -60.04 30.88
N LEU J 471 3.45 -58.93 30.72
CA LEU J 471 3.23 -57.79 31.59
C LEU J 471 1.86 -57.15 31.33
N ASP J 472 1.39 -57.17 30.09
CA ASP J 472 0.04 -56.69 29.84
C ASP J 472 -0.99 -57.58 30.53
N ARG J 473 -0.76 -58.90 30.52
CA ARG J 473 -1.66 -59.79 31.23
C ARG J 473 -1.68 -59.47 32.72
N PHE J 474 -0.51 -59.21 33.30
CA PHE J 474 -0.47 -58.86 34.72
C PHE J 474 -1.17 -57.55 35.02
N VAL J 475 -0.97 -56.54 34.18
CA VAL J 475 -1.61 -55.25 34.40
C VAL J 475 -3.13 -55.39 34.31
N ALA J 476 -3.60 -56.15 33.31
CA ALA J 476 -5.04 -56.38 33.21
C ALA J 476 -5.56 -57.14 34.40
N SER J 477 -4.75 -58.06 34.94
CA SER J 477 -5.14 -58.76 36.17
C SER J 477 -5.30 -57.77 37.32
N GLY J 478 -4.40 -56.80 37.43
CA GLY J 478 -4.47 -55.79 38.44
C GLY J 478 -3.35 -55.80 39.46
N ALA J 479 -2.26 -56.53 39.21
CA ALA J 479 -1.16 -56.58 40.15
C ALA J 479 -0.20 -55.40 40.00
N LEU J 480 -0.31 -54.62 38.93
CA LEU J 480 0.53 -53.45 38.73
C LEU J 480 -0.36 -52.24 38.49
N VAL J 481 0.00 -51.11 39.09
CA VAL J 481 -0.76 -49.88 38.98
C VAL J 481 0.18 -48.76 38.57
N ALA J 482 -0.41 -47.60 38.26
CA ALA J 482 0.37 -46.45 37.84
C ALA J 482 1.31 -46.01 38.96
N PRO J 483 2.45 -45.41 38.61
CA PRO J 483 3.43 -45.04 39.64
C PRO J 483 2.86 -44.00 40.60
N ARG J 484 3.39 -44.00 41.82
CA ARG J 484 2.87 -43.11 42.85
C ARG J 484 3.07 -41.64 42.47
N ASP J 485 4.23 -41.31 41.90
CA ASP J 485 4.51 -39.92 41.52
C ASP J 485 4.65 -39.84 40.01
N PRO J 486 3.60 -39.49 39.28
CA PRO J 486 3.64 -39.46 37.81
C PRO J 486 4.26 -38.19 37.26
N ASP J 487 5.39 -37.78 37.82
CA ASP J 487 6.13 -36.61 37.36
C ASP J 487 7.53 -36.95 36.91
N ALA J 488 8.24 -37.83 37.63
CA ALA J 488 9.60 -38.21 37.28
C ALA J 488 9.64 -39.54 36.54
N ASP J 489 9.10 -40.59 37.15
CA ASP J 489 9.16 -41.94 36.57
C ASP J 489 7.93 -42.24 35.73
N GLY J 490 7.62 -41.37 34.77
CA GLY J 490 6.58 -41.57 33.79
C GLY J 490 5.22 -41.87 34.40
N THR J 491 4.36 -42.48 33.58
CA THR J 491 3.03 -42.85 34.02
C THR J 491 2.62 -44.24 33.52
N GLU J 492 3.58 -45.10 33.22
CA GLU J 492 3.18 -46.43 32.79
C GLU J 492 3.47 -47.44 33.90
N PRO J 493 2.62 -48.45 34.07
CA PRO J 493 2.85 -49.43 35.15
C PRO J 493 4.18 -50.16 35.03
N TYR J 494 4.61 -50.47 33.82
CA TYR J 494 5.84 -51.20 33.58
C TYR J 494 6.63 -50.56 32.45
N VAL J 495 7.95 -50.63 32.56
CA VAL J 495 8.85 -50.17 31.52
C VAL J 495 9.80 -51.32 31.19
N LEU J 496 9.87 -51.69 29.92
CA LEU J 496 10.65 -52.82 29.48
C LEU J 496 11.71 -52.35 28.49
N LYS J 497 12.93 -52.89 28.63
CA LYS J 497 14.04 -52.49 27.77
C LYS J 497 14.88 -53.72 27.46
N VAL J 498 14.91 -54.11 26.19
CA VAL J 498 15.71 -55.24 25.73
C VAL J 498 16.86 -54.68 24.90
N THR J 499 18.08 -55.03 25.25
CA THR J 499 19.25 -54.43 24.62
C THR J 499 20.32 -55.48 24.39
N GLN J 500 21.29 -55.12 23.55
CA GLN J 500 22.46 -55.94 23.28
C GLN J 500 23.67 -55.26 23.88
N ALA J 501 24.42 -55.99 24.70
CA ALA J 501 25.59 -55.44 25.36
C ALA J 501 26.90 -55.73 24.62
N GLU J 502 27.08 -56.96 24.18
CA GLU J 502 28.17 -57.32 23.27
C GLU J 502 27.58 -58.26 22.22
N PHE J 503 28.45 -59.03 21.55
CA PHE J 503 27.99 -59.96 20.54
C PHE J 503 26.85 -60.84 21.05
N ASP J 504 27.01 -61.42 22.25
CA ASP J 504 25.96 -62.25 22.84
C ASP J 504 25.85 -61.92 24.33
N LYS J 505 25.08 -60.89 24.66
CA LYS J 505 24.82 -60.56 26.06
C LYS J 505 23.41 -60.00 26.21
N TRP J 506 22.46 -60.49 25.43
CA TRP J 506 21.11 -59.94 25.43
C TRP J 506 20.59 -59.68 26.84
N GLU J 507 20.37 -58.42 27.17
CA GLU J 507 20.04 -57.99 28.53
C GLU J 507 18.63 -57.42 28.54
N VAL J 508 17.80 -57.92 29.45
CA VAL J 508 16.41 -57.50 29.57
C VAL J 508 16.26 -56.85 30.94
N VAL J 509 15.75 -55.62 30.96
CA VAL J 509 15.52 -54.88 32.19
C VAL J 509 14.06 -54.45 32.21
N TRP J 510 13.30 -54.93 33.18
CA TRP J 510 11.90 -54.58 33.33
C TRP J 510 11.68 -53.98 34.71
N ALA J 511 10.98 -52.85 34.76
CA ALA J 511 10.67 -52.17 36.00
C ALA J 511 9.16 -52.08 36.13
N CYS J 512 8.63 -52.54 37.26
CA CYS J 512 7.19 -52.60 37.48
C CYS J 512 6.83 -51.85 38.75
N CYS J 513 5.61 -51.31 38.78
CA CYS J 513 5.11 -50.68 40.00
C CYS J 513 4.09 -51.58 40.66
N PRO J 514 4.42 -52.24 41.78
CA PRO J 514 3.49 -53.19 42.38
C PRO J 514 2.35 -52.48 43.11
N THR J 515 1.28 -53.24 43.35
CA THR J 515 0.12 -52.70 44.05
C THR J 515 0.46 -52.41 45.51
N GLY J 516 -0.39 -51.59 46.13
CA GLY J 516 -0.22 -51.24 47.51
C GLY J 516 -1.23 -51.96 48.39
N VAL J 517 -0.72 -52.78 49.31
CA VAL J 517 -1.59 -53.41 50.29
C VAL J 517 -2.19 -52.34 51.19
N ALA J 518 -3.29 -52.68 51.84
CA ALA J 518 -3.99 -51.78 52.75
C ALA J 518 -3.88 -52.36 54.15
N ARG J 519 -2.78 -52.02 54.82
CA ARG J 519 -2.50 -52.54 56.16
C ARG J 519 -2.94 -51.59 57.27
N ARG J 520 -2.77 -50.29 57.09
CA ARG J 520 -3.16 -49.29 58.06
C ARG J 520 -4.18 -48.36 57.44
N ILE J 521 -5.37 -48.28 58.04
CA ILE J 521 -6.44 -47.43 57.57
C ILE J 521 -6.80 -46.46 58.68
N GLN J 522 -6.82 -45.17 58.36
CA GLN J 522 -7.07 -44.13 59.35
C GLN J 522 -8.15 -43.19 58.85
N GLY J 523 -9.07 -42.83 59.74
CA GLY J 523 -10.14 -41.90 59.41
C GLY J 523 -10.02 -40.65 60.25
N VAL J 524 -10.22 -39.50 59.61
CA VAL J 524 -10.12 -38.20 60.27
C VAL J 524 -11.44 -37.46 60.05
N PRO J 525 -12.37 -37.52 61.01
CA PRO J 525 -13.61 -36.79 60.87
C PRO J 525 -13.39 -35.29 60.97
N LEU J 526 -14.27 -34.53 60.33
CA LEU J 526 -14.18 -33.08 60.31
C LEU J 526 -15.56 -32.49 60.49
N LEU J 527 -15.60 -31.22 60.86
CA LEU J 527 -16.83 -30.45 60.96
C LEU J 527 -16.71 -29.19 60.11
N ILE J 528 -17.79 -28.86 59.39
CA ILE J 528 -17.80 -27.73 58.47
C ILE J 528 -18.64 -26.62 59.07
N LYS J 529 -18.06 -25.43 59.15
CA LYS J 529 -18.78 -24.27 59.67
C LYS J 529 -19.92 -23.89 58.74
N SER K 2 -9.90 -54.05 75.34
CA SER K 2 -10.52 -55.28 74.86
C SER K 2 -10.96 -55.15 73.41
N GLN K 3 -12.04 -55.86 73.07
CA GLN K 3 -12.61 -55.71 71.74
C GLN K 3 -13.55 -54.50 71.71
N TYR K 4 -13.98 -54.15 70.50
CA TYR K 4 -14.86 -53.01 70.24
C TYR K 4 -14.19 -51.68 70.60
N SER K 5 -12.98 -51.74 71.14
CA SER K 5 -12.26 -50.52 71.48
C SER K 5 -11.70 -49.88 70.21
N ILE K 6 -11.55 -48.56 70.24
CA ILE K 6 -11.06 -47.80 69.10
C ILE K 6 -9.82 -47.04 69.53
N GLN K 7 -8.73 -47.22 68.80
CA GLN K 7 -7.51 -46.49 69.08
C GLN K 7 -7.47 -45.20 68.28
N GLN K 8 -6.44 -44.41 68.51
CA GLN K 8 -6.30 -43.11 67.86
C GLN K 8 -4.94 -42.85 67.23
N SER K 9 -3.89 -43.56 67.64
CA SER K 9 -2.55 -43.27 67.14
C SER K 9 -2.24 -44.01 65.85
N LEU K 10 -2.25 -45.34 65.90
CA LEU K 10 -1.99 -46.20 64.74
C LEU K 10 -0.60 -45.90 64.16
N GLY K 11 0.41 -46.25 64.95
CA GLY K 11 1.78 -46.05 64.54
C GLY K 11 2.53 -47.32 64.20
N ASN K 12 2.80 -47.52 62.90
CA ASN K 12 3.68 -48.59 62.42
C ASN K 12 3.20 -49.97 62.84
N ALA K 13 1.89 -50.18 62.82
CA ALA K 13 1.31 -51.47 63.15
C ALA K 13 -0.03 -51.60 62.47
N SER K 14 -0.38 -52.82 62.06
CA SER K 14 -1.65 -53.04 61.40
C SER K 14 -2.80 -52.72 62.33
N GLY K 15 -3.85 -52.12 61.79
CA GLY K 15 -5.01 -51.78 62.58
C GLY K 15 -5.82 -50.69 61.90
N VAL K 16 -6.86 -50.26 62.61
CA VAL K 16 -7.74 -49.18 62.15
C VAL K 16 -7.98 -48.24 63.32
N ALA K 17 -7.88 -46.94 63.06
CA ALA K 17 -8.05 -45.95 64.11
C ALA K 17 -8.74 -44.72 63.53
N VAL K 18 -9.49 -44.02 64.39
CA VAL K 18 -10.16 -42.78 64.01
C VAL K 18 -9.66 -41.67 64.92
N SER K 19 -9.31 -40.55 64.31
CA SER K 19 -8.79 -39.43 65.06
C SER K 19 -9.94 -38.72 65.80
N PRO K 20 -9.65 -38.07 66.93
CA PRO K 20 -10.70 -37.31 67.63
C PRO K 20 -11.20 -36.18 66.76
N ILE K 21 -12.48 -35.82 66.97
CA ILE K 21 -13.14 -34.84 66.12
C ILE K 21 -12.40 -33.52 66.17
N ASN K 22 -12.19 -32.91 65.02
CA ASN K 22 -11.39 -31.69 64.95
C ASN K 22 -12.16 -30.50 65.49
N ALA K 23 -13.25 -30.11 64.81
CA ALA K 23 -14.16 -29.07 65.30
C ALA K 23 -13.41 -27.80 65.69
N ASP K 24 -12.48 -27.36 64.83
CA ASP K 24 -11.75 -26.14 65.07
C ASP K 24 -12.09 -25.02 64.10
N ALA K 25 -12.68 -25.34 62.96
CA ALA K 25 -13.12 -24.33 62.01
C ALA K 25 -14.52 -23.81 62.32
N THR K 26 -15.13 -24.27 63.41
CA THR K 26 -16.48 -23.90 63.79
C THR K 26 -16.53 -23.26 65.17
N LEU K 27 -15.45 -22.59 65.57
CA LEU K 27 -15.39 -22.00 66.90
C LEU K 27 -16.20 -20.72 66.95
N SER K 28 -17.20 -20.70 67.82
CA SER K 28 -18.01 -19.52 68.07
C SER K 28 -17.59 -18.89 69.40
N THR K 29 -18.33 -17.86 69.81
CA THR K 29 -18.08 -17.20 71.07
C THR K 29 -19.41 -16.81 71.69
N GLY K 30 -19.68 -17.32 72.90
CA GLY K 30 -20.91 -17.00 73.58
C GLY K 30 -20.73 -15.94 74.64
N VAL K 31 -21.11 -14.70 74.32
CA VAL K 31 -20.98 -13.60 75.26
C VAL K 31 -22.33 -13.00 75.63
N ALA K 32 -23.34 -13.10 74.75
CA ALA K 32 -24.67 -12.53 74.99
C ALA K 32 -24.57 -11.04 75.28
N LEU K 33 -24.18 -10.30 74.24
CA LEU K 33 -23.96 -8.87 74.38
C LEU K 33 -25.22 -8.13 74.78
N ASN K 34 -26.39 -8.64 74.37
CA ASN K 34 -27.63 -7.93 74.67
C ASN K 34 -28.14 -8.23 76.07
N SER K 35 -27.28 -8.09 77.07
CA SER K 35 -27.66 -8.31 78.46
C SER K 35 -26.98 -7.25 79.32
N SER K 36 -27.74 -6.64 80.22
CA SER K 36 -27.24 -5.55 81.06
C SER K 36 -27.69 -5.76 82.49
N LEU K 37 -26.77 -5.62 83.44
CA LEU K 37 -27.07 -5.69 84.86
C LEU K 37 -26.42 -4.52 85.56
N TRP K 38 -27.01 -4.09 86.66
CA TRP K 38 -26.57 -2.91 87.38
C TRP K 38 -26.06 -3.30 88.76
N ALA K 39 -24.96 -2.69 89.18
CA ALA K 39 -24.35 -2.96 90.46
C ALA K 39 -24.20 -1.68 91.26
N GLY K 40 -24.56 -1.73 92.53
CA GLY K 40 -24.50 -0.53 93.35
C GLY K 40 -24.34 -0.84 94.81
N ILE K 41 -23.87 0.17 95.56
CA ILE K 41 -23.77 0.08 97.00
C ILE K 41 -24.86 0.94 97.61
N GLY K 42 -25.16 0.68 98.87
CA GLY K 42 -26.20 1.46 99.52
C GLY K 42 -26.32 1.10 100.98
N VAL K 43 -27.28 1.78 101.64
CA VAL K 43 -27.62 1.53 103.03
C VAL K 43 -29.08 1.12 103.08
N PHE K 44 -29.35 -0.04 103.67
CA PHE K 44 -30.70 -0.58 103.68
C PHE K 44 -31.10 -1.03 105.08
N ALA K 45 -32.24 -1.70 105.19
CA ALA K 45 -32.73 -2.17 106.49
C ALA K 45 -32.38 -3.62 106.77
N ARG K 46 -32.44 -4.49 105.76
CA ARG K 46 -32.16 -5.91 105.93
C ARG K 46 -31.24 -6.39 104.82
N GLY K 47 -30.31 -7.26 105.18
CA GLY K 47 -29.35 -7.81 104.24
C GLY K 47 -28.04 -8.10 104.93
N LYS K 48 -27.26 -8.98 104.30
CA LYS K 48 -25.97 -9.35 104.86
C LYS K 48 -24.94 -8.27 104.54
N PRO K 49 -24.31 -7.66 105.53
CA PRO K 49 -23.40 -6.55 105.25
C PRO K 49 -22.13 -7.00 104.55
N PHE K 50 -21.63 -6.13 103.68
CA PHE K 50 -20.35 -6.33 103.00
C PHE K 50 -20.33 -7.64 102.21
N THR K 51 -21.46 -8.02 101.64
CA THR K 51 -21.56 -9.23 100.84
C THR K 51 -22.45 -8.95 99.64
N VAL K 52 -21.97 -9.31 98.45
CA VAL K 52 -22.71 -9.05 97.22
C VAL K 52 -24.04 -9.79 97.26
N LEU K 53 -25.10 -9.09 96.92
CA LEU K 53 -26.44 -9.66 96.90
C LEU K 53 -26.93 -9.79 95.46
N ALA K 54 -28.17 -10.21 95.31
CA ALA K 54 -28.79 -10.31 94.00
C ALA K 54 -30.27 -9.99 94.15
N VAL K 55 -30.71 -8.92 93.50
CA VAL K 55 -32.08 -8.45 93.60
C VAL K 55 -32.74 -8.57 92.23
N THR K 56 -33.91 -9.19 92.20
CA THR K 56 -34.74 -9.32 91.02
C THR K 56 -36.05 -8.57 91.25
N GLU K 57 -36.94 -8.65 90.27
CA GLU K 57 -38.21 -7.94 90.36
C GLU K 57 -39.18 -8.57 91.36
N SER K 58 -38.89 -9.75 91.87
CA SER K 58 -39.85 -10.49 92.69
C SER K 58 -39.37 -10.81 94.10
N ASN K 59 -38.18 -10.35 94.50
CA ASN K 59 -37.71 -10.67 95.85
C ASN K 59 -37.08 -9.49 96.57
N TYR K 60 -36.86 -8.35 95.93
CA TYR K 60 -36.14 -7.26 96.58
C TYR K 60 -36.81 -6.84 97.88
N GLU K 61 -38.14 -6.90 97.93
CA GLU K 61 -38.87 -6.48 99.12
C GLU K 61 -38.46 -7.28 100.34
N ASP K 62 -38.16 -8.57 100.16
CA ASP K 62 -37.82 -9.41 101.31
C ASP K 62 -36.31 -9.59 101.50
N VAL K 63 -35.52 -9.64 100.43
CA VAL K 63 -34.08 -9.76 100.64
C VAL K 63 -33.51 -8.46 101.20
N LEU K 64 -34.00 -7.31 100.71
CA LEU K 64 -33.52 -6.02 101.15
C LEU K 64 -34.38 -5.40 102.24
N GLY K 65 -35.43 -6.07 102.69
CA GLY K 65 -36.28 -5.57 103.75
C GLY K 65 -37.29 -4.56 103.25
N GLU K 66 -38.21 -4.20 104.16
CA GLU K 66 -39.24 -3.23 103.83
C GLU K 66 -38.62 -1.85 103.66
N PRO K 67 -39.23 -0.98 102.85
CA PRO K 67 -38.67 0.36 102.64
C PRO K 67 -38.62 1.15 103.93
N LEU K 68 -37.60 2.00 104.03
CA LEU K 68 -37.39 2.82 105.21
C LEU K 68 -38.37 3.99 105.21
N LYS K 69 -38.19 4.93 106.14
CA LYS K 69 -39.06 6.07 106.28
C LYS K 69 -38.28 7.35 106.04
N PRO K 70 -38.79 8.29 105.23
CA PRO K 70 -38.05 9.53 104.99
C PRO K 70 -37.80 10.35 106.24
N SER K 71 -38.73 10.33 107.20
CA SER K 71 -38.55 11.09 108.43
C SER K 71 -37.40 10.57 109.28
N SER K 72 -36.96 9.33 109.05
CA SER K 72 -35.85 8.79 109.82
C SER K 72 -34.57 9.56 109.55
N GLY K 73 -34.32 9.91 108.29
CA GLY K 73 -33.11 10.62 107.94
C GLY K 73 -32.86 10.61 106.45
N SER K 74 -31.60 10.39 106.05
CA SER K 74 -31.22 10.37 104.65
C SER K 74 -31.01 8.96 104.12
N GLN K 75 -31.49 7.95 104.85
CA GLN K 75 -31.30 6.56 104.46
C GLN K 75 -32.40 6.04 103.54
N PHE K 76 -33.36 6.87 103.19
CA PHE K 76 -34.49 6.44 102.36
C PHE K 76 -34.18 6.51 100.87
N GLU K 77 -32.99 6.96 100.48
CA GLU K 77 -32.70 7.14 99.06
C GLU K 77 -32.44 5.83 98.33
N PRO K 78 -31.52 4.97 98.77
CA PRO K 78 -31.14 3.82 97.93
C PRO K 78 -32.28 2.86 97.66
N ILE K 79 -33.23 2.71 98.58
CA ILE K 79 -34.35 1.80 98.32
C ILE K 79 -35.18 2.32 97.16
N ARG K 80 -35.44 3.63 97.13
CA ARG K 80 -36.20 4.19 96.02
C ARG K 80 -35.42 4.11 94.71
N HIS K 81 -34.10 4.33 94.77
CA HIS K 81 -33.29 4.16 93.56
C HIS K 81 -33.37 2.74 93.03
N VAL K 82 -33.29 1.76 93.94
CA VAL K 82 -33.40 0.36 93.55
C VAL K 82 -34.77 0.08 92.94
N TYR K 83 -35.82 0.61 93.55
CA TYR K 83 -37.16 0.37 93.03
C TYR K 83 -37.32 0.95 91.63
N GLU K 84 -36.76 2.12 91.39
CA GLU K 84 -36.85 2.71 90.06
C GLU K 84 -35.95 2.02 89.04
N ALA K 85 -34.87 1.39 89.48
CA ALA K 85 -33.96 0.75 88.53
C ALA K 85 -34.34 -0.70 88.23
N ILE K 86 -35.00 -1.39 89.16
CA ILE K 86 -35.36 -2.78 88.96
C ILE K 86 -36.33 -2.97 87.80
N GLN K 87 -37.14 -1.96 87.50
CA GLN K 87 -38.20 -2.01 86.50
C GLN K 87 -37.78 -2.77 85.24
N GLN K 88 -36.50 -2.66 84.87
CA GLN K 88 -36.00 -3.27 83.64
C GLN K 88 -35.30 -4.59 83.89
N THR K 89 -34.25 -4.60 84.71
CA THR K 89 -33.40 -5.76 84.85
C THR K 89 -32.98 -5.95 86.29
N SER K 90 -32.59 -7.18 86.62
CA SER K 90 -32.11 -7.49 87.96
C SER K 90 -30.70 -6.95 88.15
N GLY K 91 -30.19 -7.04 89.36
CA GLY K 91 -28.89 -6.47 89.63
C GLY K 91 -28.28 -6.95 90.93
N TYR K 92 -27.15 -6.32 91.27
CA TYR K 92 -26.38 -6.69 92.46
C TYR K 92 -26.15 -5.47 93.33
N VAL K 93 -26.36 -5.63 94.64
CA VAL K 93 -26.21 -4.54 95.59
C VAL K 93 -25.27 -4.97 96.70
N VAL K 94 -24.69 -3.98 97.36
CA VAL K 94 -23.82 -4.20 98.52
C VAL K 94 -24.28 -3.28 99.63
N ARG K 95 -24.64 -3.86 100.77
CA ARG K 95 -25.12 -3.09 101.91
C ARG K 95 -23.95 -2.74 102.82
N ALA K 96 -23.86 -1.46 103.19
CA ALA K 96 -22.84 -0.97 104.12
C ALA K 96 -23.51 -0.52 105.41
N VAL K 97 -23.00 -0.99 106.53
CA VAL K 97 -23.62 -0.72 107.83
C VAL K 97 -22.72 0.18 108.66
N PRO K 98 -23.25 0.92 109.63
CA PRO K 98 -22.40 1.74 110.50
C PRO K 98 -21.54 0.88 111.42
N ASP K 99 -20.77 1.53 112.29
CA ASP K 99 -19.80 0.79 113.10
C ASP K 99 -20.47 -0.01 114.20
N ASP K 100 -21.48 0.56 114.86
CA ASP K 100 -22.04 -0.03 116.08
C ASP K 100 -23.20 -0.97 115.81
N ALA K 101 -23.39 -1.42 114.57
CA ALA K 101 -24.45 -2.37 114.29
C ALA K 101 -24.11 -3.73 114.88
N LYS K 102 -25.07 -4.35 115.57
CA LYS K 102 -24.85 -5.61 116.26
C LYS K 102 -25.94 -6.60 115.91
N PHE K 103 -25.57 -7.88 115.84
CA PHE K 103 -26.48 -8.97 115.57
C PHE K 103 -26.58 -9.88 116.79
N PRO K 104 -27.72 -10.56 116.96
CA PRO K 104 -27.92 -11.37 118.15
C PRO K 104 -27.18 -12.70 118.07
N ILE K 105 -26.97 -13.29 119.25
CA ILE K 105 -26.27 -14.57 119.39
C ILE K 105 -26.89 -15.31 120.56
N ILE K 106 -27.17 -16.61 120.38
CA ILE K 106 -27.66 -17.47 121.45
C ILE K 106 -26.63 -18.56 121.67
N MET K 107 -26.08 -18.62 122.88
CA MET K 107 -25.07 -19.60 123.24
C MET K 107 -25.65 -20.60 124.22
N PHE K 108 -25.40 -21.89 123.98
CA PHE K 108 -25.92 -22.94 124.84
C PHE K 108 -24.83 -23.43 125.77
N ASP K 109 -25.14 -24.50 126.52
CA ASP K 109 -24.20 -25.09 127.45
C ASP K 109 -24.46 -26.59 127.50
N GLU K 110 -23.71 -27.29 128.35
CA GLU K 110 -23.87 -28.74 128.45
C GLU K 110 -25.26 -29.11 128.94
N SER K 111 -25.75 -28.44 129.98
CA SER K 111 -27.08 -28.73 130.49
C SER K 111 -28.15 -28.37 129.50
N GLY K 112 -27.98 -27.27 128.77
CA GLY K 112 -28.96 -26.80 127.81
C GLY K 112 -29.60 -25.47 128.14
N GLU K 113 -29.17 -24.77 129.17
CA GLU K 113 -29.76 -23.48 129.51
C GLU K 113 -29.20 -22.39 128.59
N PRO K 114 -30.01 -21.75 127.78
CA PRO K 114 -29.50 -20.78 126.81
C PRO K 114 -29.10 -19.46 127.47
N ALA K 115 -28.23 -18.73 126.78
CA ALA K 115 -27.87 -17.38 127.14
C ALA K 115 -27.84 -16.54 125.88
N TYR K 116 -28.08 -15.24 126.03
CA TYR K 116 -28.18 -14.34 124.90
C TYR K 116 -27.08 -13.29 124.96
N SER K 117 -26.71 -12.78 123.78
CA SER K 117 -25.74 -11.69 123.69
C SER K 117 -25.87 -11.06 122.30
N ALA K 118 -25.08 -10.02 122.07
CA ALA K 118 -25.05 -9.36 120.78
C ALA K 118 -23.61 -9.03 120.41
N LEU K 119 -23.28 -9.17 119.13
CA LEU K 119 -21.92 -8.92 118.69
C LEU K 119 -21.91 -8.02 117.46
N PRO K 120 -20.94 -7.13 117.35
CA PRO K 120 -20.86 -6.25 116.18
C PRO K 120 -20.61 -7.03 114.91
N TYR K 121 -21.08 -6.48 113.78
CA TYR K 121 -20.99 -7.18 112.50
C TYR K 121 -19.55 -7.34 112.08
N GLY K 122 -19.30 -8.41 111.33
CA GLY K 122 -17.97 -8.68 110.82
C GLY K 122 -17.00 -9.26 111.82
N SER K 123 -17.49 -9.76 112.96
CA SER K 123 -16.63 -10.31 113.99
C SER K 123 -17.03 -11.76 114.26
N GLU K 124 -16.02 -12.62 114.45
CA GLU K 124 -16.29 -14.00 114.80
C GLU K 124 -16.57 -14.11 116.30
N ILE K 125 -16.82 -15.33 116.76
CA ILE K 125 -17.31 -15.58 118.11
C ILE K 125 -16.29 -16.42 118.85
N GLU K 126 -15.98 -16.02 120.08
CA GLU K 126 -15.17 -16.82 120.97
C GLU K 126 -16.08 -17.48 122.00
N LEU K 127 -15.89 -18.79 122.20
CA LEU K 127 -16.76 -19.56 123.07
C LEU K 127 -16.13 -19.67 124.46
N ASP K 128 -16.94 -19.45 125.49
CA ASP K 128 -16.47 -19.61 126.85
C ASP K 128 -16.31 -21.11 127.17
N SER K 129 -15.76 -21.38 128.35
CA SER K 129 -15.50 -22.76 128.75
C SER K 129 -16.79 -23.57 128.81
N GLY K 130 -17.85 -23.00 129.37
CA GLY K 130 -19.09 -23.72 129.52
C GLY K 130 -20.00 -23.72 128.30
N GLU K 131 -19.61 -23.04 127.23
CA GLU K 131 -20.46 -22.92 126.05
C GLU K 131 -20.21 -24.10 125.12
N ALA K 132 -21.30 -24.76 124.72
CA ALA K 132 -21.22 -25.89 123.81
C ALA K 132 -21.29 -25.45 122.36
N PHE K 133 -22.29 -24.66 122.01
CA PHE K 133 -22.43 -24.20 120.64
C PHE K 133 -23.29 -22.93 120.61
N ALA K 134 -23.06 -22.11 119.59
CA ALA K 134 -23.72 -20.83 119.45
C ALA K 134 -24.40 -20.75 118.09
N ILE K 135 -25.58 -20.12 118.08
CA ILE K 135 -26.35 -19.89 116.87
C ILE K 135 -26.60 -18.40 116.73
N TYR K 136 -26.38 -17.87 115.52
CA TYR K 136 -26.64 -16.46 115.27
C TYR K 136 -27.30 -16.32 113.90
N VAL K 137 -27.80 -15.11 113.64
CA VAL K 137 -28.55 -14.81 112.43
C VAL K 137 -27.66 -14.02 111.49
N ASP K 138 -27.54 -14.49 110.25
CA ASP K 138 -26.72 -13.82 109.25
C ASP K 138 -27.54 -13.17 108.15
N ASP K 139 -28.85 -13.05 108.34
CA ASP K 139 -29.68 -12.32 107.39
C ASP K 139 -29.46 -10.81 107.48
N GLY K 140 -28.88 -10.33 108.57
CA GLY K 140 -28.66 -8.91 108.76
C GLY K 140 -29.73 -8.21 109.56
N ASP K 141 -30.92 -8.79 109.66
CA ASP K 141 -32.00 -8.16 110.40
C ASP K 141 -31.62 -8.05 111.88
N PRO K 142 -31.88 -6.91 112.53
CA PRO K 142 -31.56 -6.78 113.95
C PRO K 142 -32.58 -7.42 114.88
N CYS K 143 -33.58 -8.12 114.34
CA CYS K 143 -34.52 -8.91 115.14
C CYS K 143 -35.22 -8.05 116.19
N ILE K 144 -35.68 -6.87 115.79
CA ILE K 144 -36.42 -5.97 116.67
C ILE K 144 -37.87 -5.86 116.25
N SER K 145 -38.15 -5.83 114.94
CA SER K 145 -39.51 -5.87 114.43
C SER K 145 -39.50 -6.36 112.98
N PRO K 146 -40.07 -7.54 112.70
CA PRO K 146 -40.72 -8.47 113.62
C PRO K 146 -39.72 -9.29 114.42
N THR K 147 -40.10 -9.77 115.61
CA THR K 147 -39.20 -10.60 116.40
C THR K 147 -39.05 -11.98 115.75
N ARG K 148 -37.96 -12.65 116.10
CA ARG K 148 -37.68 -13.98 115.59
C ARG K 148 -37.42 -14.93 116.74
N GLU K 149 -38.06 -16.10 116.71
CA GLU K 149 -37.98 -17.07 117.79
C GLU K 149 -37.46 -18.40 117.27
N LEU K 150 -36.61 -19.04 118.06
CA LEU K 150 -35.98 -20.30 117.71
C LEU K 150 -36.45 -21.37 118.68
N THR K 151 -36.81 -22.53 118.14
CA THR K 151 -37.37 -23.62 118.93
C THR K 151 -36.63 -24.92 118.62
N ILE K 152 -36.34 -25.68 119.69
CA ILE K 152 -35.67 -26.96 119.60
C ILE K 152 -36.65 -28.04 120.02
N GLU K 153 -36.80 -29.06 119.18
CA GLU K 153 -37.72 -30.16 119.46
C GLU K 153 -36.98 -31.48 119.35
N THR K 154 -37.25 -32.39 120.29
CA THR K 154 -36.61 -33.69 120.23
C THR K 154 -37.21 -34.54 119.11
N ALA K 155 -36.38 -35.42 118.54
CA ALA K 155 -36.80 -36.24 117.42
C ALA K 155 -36.19 -37.62 117.54
N THR K 156 -36.54 -38.50 116.59
CA THR K 156 -36.04 -39.87 116.61
C THR K 156 -34.59 -39.92 116.16
N ALA K 157 -33.82 -40.78 116.82
CA ALA K 157 -32.43 -40.96 116.46
C ALA K 157 -32.30 -41.66 115.11
N ASP K 158 -31.11 -41.57 114.52
CA ASP K 158 -30.86 -42.16 113.22
C ASP K 158 -30.62 -43.66 113.36
N SER K 159 -30.32 -44.32 112.23
CA SER K 159 -30.04 -45.75 112.26
C SER K 159 -28.77 -46.04 113.05
N ALA K 160 -27.73 -45.21 112.88
CA ALA K 160 -26.49 -45.42 113.61
C ALA K 160 -26.70 -45.28 115.11
N GLY K 161 -27.47 -44.28 115.54
CA GLY K 161 -27.74 -44.09 116.95
C GLY K 161 -27.60 -42.66 117.43
N ASN K 162 -27.05 -41.79 116.58
CA ASN K 162 -26.87 -40.39 116.95
C ASN K 162 -28.22 -39.71 117.10
N GLU K 163 -28.29 -38.74 118.02
CA GLU K 163 -29.53 -38.05 118.33
C GLU K 163 -29.65 -36.81 117.46
N ARG K 164 -30.70 -36.74 116.66
CA ARG K 164 -30.98 -35.59 115.80
C ARG K 164 -32.20 -34.85 116.33
N PHE K 165 -32.07 -33.53 116.46
CA PHE K 165 -33.16 -32.69 116.94
C PHE K 165 -33.61 -31.75 115.82
N LEU K 166 -34.86 -31.33 115.92
CA LEU K 166 -35.50 -30.47 114.93
C LEU K 166 -35.38 -29.01 115.37
N LEU K 167 -34.90 -28.17 114.47
CA LEU K 167 -34.78 -26.74 114.71
C LEU K 167 -35.85 -26.02 113.90
N LYS K 168 -36.60 -25.14 114.55
CA LYS K 168 -37.68 -24.39 113.89
C LYS K 168 -37.56 -22.92 114.25
N LEU K 169 -37.32 -22.08 113.26
CA LEU K 169 -37.29 -20.64 113.47
C LEU K 169 -38.53 -20.02 112.85
N THR K 170 -39.23 -19.22 113.64
CA THR K 170 -40.48 -18.60 113.24
C THR K 170 -40.47 -17.12 113.59
N GLN K 171 -41.07 -16.31 112.72
CA GLN K 171 -41.14 -14.87 112.93
C GLN K 171 -42.50 -14.50 113.51
N THR K 172 -42.50 -13.53 114.42
CA THR K 172 -43.71 -13.02 115.04
C THR K 172 -43.74 -11.51 114.88
N THR K 173 -44.81 -11.00 114.28
CA THR K 173 -44.94 -9.56 114.11
C THR K 173 -45.45 -8.92 115.41
N SER K 174 -45.35 -7.59 115.46
CA SER K 174 -45.79 -6.87 116.65
C SER K 174 -47.29 -7.01 116.88
N LEU K 175 -48.07 -7.10 115.80
CA LEU K 175 -49.52 -7.22 115.95
C LEU K 175 -49.88 -8.54 116.63
N GLY K 176 -49.24 -9.63 116.25
CA GLY K 176 -49.54 -10.92 116.84
C GLY K 176 -49.54 -12.07 115.85
N VAL K 177 -49.28 -11.76 114.59
CA VAL K 177 -49.23 -12.80 113.56
C VAL K 177 -47.94 -13.61 113.74
N VAL K 178 -48.08 -14.92 113.87
CA VAL K 178 -46.96 -15.82 114.08
C VAL K 178 -46.99 -16.86 112.96
N THR K 179 -45.98 -16.82 112.09
CA THR K 179 -45.87 -17.76 110.99
C THR K 179 -44.52 -18.45 111.05
N THR K 180 -44.49 -19.73 110.72
CA THR K 180 -43.23 -20.45 110.66
C THR K 180 -42.38 -19.92 109.50
N LEU K 181 -41.07 -20.00 109.67
CA LEU K 181 -40.15 -19.47 108.67
C LEU K 181 -39.23 -20.53 108.09
N GLU K 182 -38.60 -21.35 108.93
CA GLU K 182 -37.75 -22.41 108.41
C GLU K 182 -37.62 -23.52 109.45
N THR K 183 -37.34 -24.72 108.94
CA THR K 183 -37.20 -25.90 109.79
C THR K 183 -36.08 -26.78 109.24
N HIS K 184 -35.44 -27.51 110.15
CA HIS K 184 -34.32 -28.38 109.82
C HIS K 184 -34.25 -29.51 110.82
N THR K 185 -33.50 -30.55 110.47
CA THR K 185 -33.21 -31.67 111.35
C THR K 185 -31.70 -31.83 111.42
N VAL K 186 -31.11 -31.41 112.54
CA VAL K 186 -29.66 -31.36 112.68
C VAL K 186 -29.23 -32.07 113.94
N SER K 187 -27.96 -32.46 113.97
CA SER K 187 -27.39 -33.14 115.12
C SER K 187 -25.95 -32.72 115.30
N LEU K 188 -25.43 -32.94 116.50
CA LEU K 188 -24.06 -32.57 116.84
C LEU K 188 -23.04 -33.63 116.45
N ALA K 189 -23.48 -34.82 116.03
CA ALA K 189 -22.54 -35.84 115.61
C ALA K 189 -21.86 -35.44 114.31
N GLU K 190 -20.57 -35.75 114.20
CA GLU K 190 -19.78 -35.34 113.05
C GLU K 190 -20.13 -36.10 111.78
N GLU K 191 -20.91 -37.18 111.87
CA GLU K 191 -21.18 -38.01 110.71
C GLU K 191 -22.64 -38.42 110.57
N ALA K 192 -23.53 -38.00 111.47
CA ALA K 192 -24.91 -38.42 111.41
C ALA K 192 -25.59 -37.88 110.15
N LYS K 193 -26.55 -38.64 109.64
CA LYS K 193 -27.29 -38.27 108.44
C LYS K 193 -28.77 -38.21 108.75
N ASP K 194 -29.48 -37.33 108.04
CA ASP K 194 -30.91 -37.19 108.20
C ASP K 194 -31.64 -38.29 107.42
N ASP K 195 -32.97 -38.17 107.34
CA ASP K 195 -33.76 -39.18 106.64
C ASP K 195 -33.46 -39.18 105.14
N MET K 196 -33.29 -38.01 104.54
CA MET K 196 -33.06 -37.94 103.09
C MET K 196 -31.65 -38.33 102.70
N GLY K 197 -30.74 -38.48 103.67
CA GLY K 197 -29.38 -38.89 103.39
C GLY K 197 -28.34 -37.78 103.42
N ARG K 198 -28.76 -36.53 103.50
CA ARG K 198 -27.81 -35.44 103.53
C ARG K 198 -27.11 -35.37 104.88
N LEU K 199 -25.96 -34.69 104.90
CA LEU K 199 -25.22 -34.49 106.13
C LEU K 199 -26.03 -33.63 107.09
N CYS K 200 -26.04 -34.01 108.37
CA CYS K 200 -26.84 -33.31 109.37
C CYS K 200 -26.01 -32.72 110.49
N TYR K 201 -24.68 -32.69 110.34
CA TYR K 201 -23.84 -31.96 111.29
C TYR K 201 -24.27 -30.51 111.33
N LEU K 202 -24.35 -29.95 112.54
CA LEU K 202 -24.98 -28.64 112.71
C LEU K 202 -24.29 -27.52 111.94
N PRO K 203 -22.98 -27.28 112.07
CA PRO K 203 -22.39 -26.13 111.37
C PRO K 203 -22.53 -26.21 109.86
N THR K 204 -22.08 -27.31 109.26
CA THR K 204 -22.15 -27.42 107.80
C THR K 204 -23.59 -27.45 107.30
N ALA K 205 -24.48 -28.11 108.04
CA ALA K 205 -25.88 -28.16 107.62
C ALA K 205 -26.49 -26.77 107.59
N LEU K 206 -26.31 -26.00 108.67
CA LEU K 206 -26.85 -24.65 108.70
C LEU K 206 -26.19 -23.76 107.66
N GLU K 207 -24.88 -23.91 107.45
CA GLU K 207 -24.20 -23.07 106.47
C GLU K 207 -24.69 -23.36 105.06
N ALA K 208 -24.94 -24.62 104.74
CA ALA K 208 -25.28 -25.00 103.37
C ALA K 208 -26.76 -24.83 103.06
N ARG K 209 -27.63 -25.47 103.85
CA ARG K 209 -29.03 -25.56 103.48
C ARG K 209 -29.89 -24.44 104.05
N SER K 210 -29.34 -23.54 104.85
CA SER K 210 -30.09 -22.46 105.45
C SER K 210 -29.44 -21.13 105.12
N LYS K 211 -30.24 -20.16 104.68
CA LYS K 211 -29.76 -18.83 104.35
C LYS K 211 -30.09 -17.80 105.41
N TYR K 212 -30.54 -18.24 106.58
CA TYR K 212 -30.88 -17.34 107.69
C TYR K 212 -29.93 -17.44 108.87
N LEU K 213 -29.53 -18.65 109.24
CA LEU K 213 -28.77 -18.88 110.45
C LEU K 213 -27.36 -19.35 110.14
N ARG K 214 -26.49 -19.21 111.13
CA ARG K 214 -25.18 -19.82 111.13
C ARG K 214 -24.89 -20.28 112.55
N ALA K 215 -23.96 -21.22 112.68
CA ALA K 215 -23.66 -21.77 113.99
C ALA K 215 -22.18 -22.07 114.11
N VAL K 216 -21.71 -22.11 115.35
CA VAL K 216 -20.35 -22.54 115.66
C VAL K 216 -20.42 -23.48 116.86
N VAL K 217 -19.40 -24.31 117.00
CA VAL K 217 -19.35 -25.33 118.03
C VAL K 217 -18.01 -25.28 118.75
N ASN K 218 -17.99 -25.79 119.97
CA ASN K 218 -16.77 -25.93 120.75
C ASN K 218 -16.32 -27.38 120.67
N GLU K 219 -15.14 -27.61 120.12
CA GLU K 219 -14.68 -28.98 119.86
C GLU K 219 -14.52 -29.77 121.16
N GLU K 220 -13.98 -29.12 122.21
CA GLU K 220 -13.71 -29.84 123.45
C GLU K 220 -15.00 -30.37 124.09
N LEU K 221 -16.05 -29.54 124.11
CA LEU K 221 -17.28 -29.89 124.80
C LEU K 221 -18.33 -30.51 123.89
N ILE K 222 -18.04 -30.66 122.58
CA ILE K 222 -19.05 -31.17 121.67
C ILE K 222 -19.29 -32.66 121.86
N SER K 223 -18.36 -33.37 122.50
CA SER K 223 -18.52 -34.81 122.67
C SER K 223 -19.59 -35.13 123.71
N THR K 224 -19.57 -34.44 124.84
CA THR K 224 -20.49 -34.69 125.93
C THR K 224 -21.70 -33.76 125.89
N ALA K 225 -21.82 -32.93 124.87
CA ALA K 225 -22.92 -31.97 124.80
C ALA K 225 -24.25 -32.70 124.63
N LYS K 226 -25.27 -32.22 125.34
CA LYS K 226 -26.62 -32.72 125.23
C LYS K 226 -27.59 -31.55 125.16
N VAL K 227 -28.67 -31.73 124.41
CA VAL K 227 -29.65 -30.68 124.19
C VAL K 227 -30.99 -31.13 124.77
N THR K 228 -31.66 -30.19 125.45
CA THR K 228 -32.98 -30.45 126.01
C THR K 228 -34.05 -29.95 125.03
N ASN K 229 -35.30 -29.90 125.48
CA ASN K 229 -36.42 -29.42 124.68
C ASN K 229 -36.72 -27.99 125.12
N LYS K 230 -36.26 -27.02 124.32
CA LYS K 230 -36.49 -25.61 124.60
C LYS K 230 -37.55 -25.08 123.64
N LYS K 231 -38.56 -24.40 124.18
CA LYS K 231 -39.69 -23.92 123.42
C LYS K 231 -39.75 -22.39 123.50
N SER K 232 -39.89 -21.75 122.34
CA SER K 232 -40.12 -20.32 122.23
C SER K 232 -38.99 -19.51 122.88
N LEU K 233 -37.81 -19.65 122.30
CA LEU K 233 -36.71 -18.79 122.67
C LEU K 233 -36.88 -17.42 122.00
N ALA K 234 -35.94 -16.52 122.23
CA ALA K 234 -36.07 -15.15 121.72
C ALA K 234 -34.70 -14.56 121.47
N PHE K 235 -34.42 -14.19 120.23
CA PHE K 235 -33.23 -13.40 119.94
C PHE K 235 -33.39 -12.00 120.53
N THR K 236 -32.28 -11.42 120.98
CA THR K 236 -32.34 -10.09 121.56
C THR K 236 -30.97 -9.42 121.42
N GLY K 237 -30.98 -8.09 121.53
CA GLY K 237 -29.77 -7.31 121.46
C GLY K 237 -29.42 -6.79 120.08
N GLY K 238 -30.09 -7.27 119.04
CA GLY K 238 -29.80 -6.80 117.70
C GLY K 238 -30.13 -5.33 117.54
N THR K 239 -29.30 -4.62 116.78
CA THR K 239 -29.45 -3.18 116.64
C THR K 239 -28.81 -2.75 115.33
N ASN K 240 -29.57 -2.08 114.48
CA ASN K 240 -29.04 -1.59 113.21
C ASN K 240 -28.21 -0.32 113.39
N GLY K 241 -28.26 0.30 114.56
CA GLY K 241 -27.48 1.48 114.83
C GLY K 241 -28.04 2.71 114.13
N ASP K 242 -27.20 3.75 114.11
CA ASP K 242 -27.54 4.99 113.42
C ASP K 242 -27.04 4.92 111.98
N GLN K 243 -27.96 4.95 111.03
CA GLN K 243 -27.61 4.91 109.63
C GLN K 243 -27.60 6.29 108.98
N SER K 244 -27.84 7.35 109.77
CA SER K 244 -27.79 8.70 109.21
C SER K 244 -26.38 9.05 108.76
N LYS K 245 -25.38 8.77 109.60
CA LYS K 245 -23.99 9.07 109.29
C LYS K 245 -23.20 7.78 109.17
N ILE K 246 -22.36 7.72 108.14
CA ILE K 246 -21.52 6.56 107.88
C ILE K 246 -20.13 7.06 107.49
N SER K 247 -19.10 6.52 108.14
CA SER K 247 -17.74 6.92 107.83
C SER K 247 -17.38 6.50 106.40
N THR K 248 -16.47 7.27 105.80
CA THR K 248 -16.04 6.96 104.43
C THR K 248 -15.32 5.62 104.36
N ALA K 249 -14.80 5.12 105.48
CA ALA K 249 -14.13 3.82 105.48
C ALA K 249 -15.11 2.70 105.10
N ALA K 250 -16.34 2.77 105.63
CA ALA K 250 -17.33 1.75 105.31
C ALA K 250 -17.66 1.77 103.83
N TYR K 251 -17.83 2.97 103.26
CA TYR K 251 -18.13 3.05 101.83
C TYR K 251 -16.97 2.54 100.99
N LEU K 252 -15.74 2.84 101.40
CA LEU K 252 -14.58 2.34 100.66
C LEU K 252 -14.51 0.81 100.72
N ARG K 253 -14.78 0.24 101.89
CA ARG K 253 -14.78 -1.22 102.00
C ARG K 253 -15.87 -1.83 101.12
N ALA K 254 -17.06 -1.21 101.11
CA ALA K 254 -18.15 -1.75 100.29
C ALA K 254 -17.80 -1.69 98.81
N VAL K 255 -17.21 -0.59 98.35
CA VAL K 255 -16.90 -0.50 96.92
C VAL K 255 -15.76 -1.45 96.58
N LYS K 256 -14.81 -1.67 97.50
CA LYS K 256 -13.78 -2.68 97.23
C LYS K 256 -14.39 -4.07 97.08
N VAL K 257 -15.33 -4.41 97.96
CA VAL K 257 -16.01 -5.70 97.85
C VAL K 257 -16.75 -5.80 96.51
N LEU K 258 -17.43 -4.73 96.12
CA LEU K 258 -18.14 -4.74 94.84
C LEU K 258 -17.16 -4.93 93.68
N ASN K 259 -15.98 -4.32 93.76
CA ASN K 259 -14.97 -4.52 92.72
C ASN K 259 -14.54 -5.97 92.65
N ASN K 260 -14.29 -6.58 93.81
CA ASN K 260 -13.81 -7.96 93.83
C ASN K 260 -14.92 -8.98 93.64
N ALA K 261 -16.16 -8.55 93.51
CA ALA K 261 -17.26 -9.48 93.31
C ALA K 261 -17.05 -10.29 92.04
N PRO K 262 -17.29 -11.60 92.06
CA PRO K 262 -17.13 -12.44 90.85
C PRO K 262 -18.44 -12.57 90.07
N TYR K 263 -18.91 -11.45 89.51
CA TYR K 263 -20.13 -11.43 88.73
C TYR K 263 -19.91 -10.58 87.49
N MET K 264 -20.96 -10.46 86.68
CA MET K 264 -20.92 -9.68 85.45
C MET K 264 -21.99 -8.60 85.51
N TYR K 265 -21.58 -7.35 85.28
CA TYR K 265 -22.56 -6.26 85.19
C TYR K 265 -22.01 -5.19 84.28
N THR K 266 -22.93 -4.42 83.69
CA THR K 266 -22.58 -3.40 82.71
C THR K 266 -23.05 -2.00 83.12
N ALA K 267 -23.24 -1.76 84.41
CA ALA K 267 -23.61 -0.43 84.89
C ALA K 267 -23.31 -0.36 86.37
N VAL K 268 -22.71 0.74 86.80
CA VAL K 268 -22.18 0.83 88.16
C VAL K 268 -22.93 1.90 88.95
N LEU K 269 -24.24 1.96 88.75
CA LEU K 269 -25.12 2.99 89.30
C LEU K 269 -24.68 3.45 90.69
N GLY K 270 -24.55 4.76 90.85
CA GLY K 270 -24.23 5.36 92.12
C GLY K 270 -25.46 5.56 92.98
N LEU K 271 -25.95 4.50 93.60
CA LEU K 271 -27.22 4.51 94.32
C LEU K 271 -27.11 5.44 95.52
N GLY K 272 -27.69 6.64 95.39
CA GLY K 272 -27.86 7.56 96.50
C GLY K 272 -26.70 7.71 97.46
N CYS K 273 -25.48 7.68 96.94
CA CYS K 273 -24.28 7.80 97.78
C CYS K 273 -23.53 9.04 97.32
N TYR K 274 -23.69 10.13 98.08
CA TYR K 274 -23.06 11.41 97.74
C TYR K 274 -21.78 11.60 98.56
N ASP K 275 -20.79 10.78 98.22
CA ASP K 275 -19.47 10.86 98.84
C ASP K 275 -18.42 10.89 97.74
N ASN K 276 -17.51 11.86 97.82
CA ASN K 276 -16.53 12.05 96.75
C ASN K 276 -15.63 10.83 96.60
N ALA K 277 -15.16 10.28 97.72
CA ALA K 277 -14.28 9.12 97.65
C ALA K 277 -14.98 7.92 97.02
N ALA K 278 -16.22 7.67 97.43
CA ALA K 278 -16.96 6.54 96.87
C ALA K 278 -17.24 6.74 95.38
N ILE K 279 -17.56 7.97 94.98
CA ILE K 279 -17.81 8.23 93.56
C ILE K 279 -16.54 8.02 92.75
N THR K 280 -15.40 8.47 93.28
CA THR K 280 -14.14 8.23 92.57
C THR K 280 -13.85 6.74 92.46
N ALA K 281 -14.10 5.98 93.52
CA ALA K 281 -13.86 4.54 93.47
C ALA K 281 -14.76 3.87 92.43
N LEU K 282 -16.03 4.29 92.36
CA LEU K 282 -16.92 3.71 91.36
C LEU K 282 -16.50 4.09 89.95
N GLY K 283 -16.01 5.31 89.76
CA GLY K 283 -15.43 5.66 88.47
C GLY K 283 -14.25 4.78 88.12
N LYS K 284 -13.44 4.43 89.13
CA LYS K 284 -12.37 3.47 88.91
C LYS K 284 -12.89 2.12 88.48
N ILE K 285 -13.99 1.67 89.09
CA ILE K 285 -14.58 0.39 88.68
C ILE K 285 -14.98 0.44 87.22
N CYS K 286 -15.60 1.55 86.80
CA CYS K 286 -15.92 1.73 85.39
C CYS K 286 -14.67 1.65 84.52
N ALA K 287 -13.66 2.44 84.85
CA ALA K 287 -12.46 2.51 84.01
C ALA K 287 -11.74 1.16 83.95
N ASP K 288 -11.92 0.34 84.98
CA ASP K 288 -11.24 -0.95 85.00
C ASP K 288 -12.02 -1.99 84.20
N ARG K 289 -13.31 -2.14 84.47
CA ARG K 289 -14.09 -3.20 83.86
C ARG K 289 -14.63 -2.83 82.48
N LEU K 290 -14.43 -1.60 82.02
CA LEU K 290 -14.97 -1.12 80.75
C LEU K 290 -16.50 -1.20 80.73
N ILE K 291 -17.12 -0.48 81.67
CA ILE K 291 -18.58 -0.41 81.75
C ILE K 291 -19.02 1.04 81.90
N ASP K 292 -20.31 1.24 82.12
CA ASP K 292 -20.91 2.56 82.18
C ASP K 292 -21.31 2.91 83.61
N GLY K 293 -21.20 4.20 83.93
CA GLY K 293 -21.59 4.68 85.23
C GLY K 293 -22.53 5.86 85.17
N PHE K 294 -23.51 5.92 86.06
CA PHE K 294 -24.51 6.98 86.09
C PHE K 294 -24.58 7.56 87.50
N PHE K 295 -23.68 8.49 87.81
CA PHE K 295 -23.64 9.10 89.12
C PHE K 295 -24.40 10.42 89.11
N ASP K 296 -24.63 10.97 90.31
CA ASP K 296 -25.53 12.10 90.39
C ASP K 296 -25.15 12.93 91.60
N VAL K 297 -25.08 14.25 91.43
CA VAL K 297 -24.67 15.16 92.49
C VAL K 297 -25.84 15.37 93.46
N LYS K 298 -25.57 16.00 94.59
CA LYS K 298 -26.63 16.19 95.58
C LYS K 298 -27.79 16.95 94.97
N PRO K 299 -28.99 16.39 94.93
CA PRO K 299 -30.10 17.09 94.27
C PRO K 299 -30.80 18.08 95.18
N THR K 300 -30.02 18.86 95.93
CA THR K 300 -30.54 19.97 96.72
C THR K 300 -29.65 21.19 96.58
N LEU K 301 -28.75 21.21 95.60
CA LEU K 301 -27.87 22.34 95.36
C LEU K 301 -28.49 23.25 94.30
N THR K 302 -28.28 24.54 94.47
CA THR K 302 -28.74 25.50 93.48
C THR K 302 -27.92 25.37 92.20
N TYR K 303 -28.46 25.90 91.11
CA TYR K 303 -27.79 25.83 89.82
C TYR K 303 -26.43 26.52 89.86
N ALA K 304 -26.23 27.46 90.77
CA ALA K 304 -24.92 28.12 90.88
C ALA K 304 -23.89 27.18 91.48
N GLU K 305 -24.25 26.44 92.53
CA GLU K 305 -23.31 25.56 93.19
C GLU K 305 -23.21 24.19 92.53
N ALA K 306 -24.11 23.87 91.59
CA ALA K 306 -24.04 22.56 90.94
C ALA K 306 -22.76 22.41 90.13
N LEU K 307 -22.35 23.46 89.42
CA LEU K 307 -21.18 23.36 88.56
C LEU K 307 -19.89 23.06 89.31
N PRO K 308 -19.52 23.78 90.39
CA PRO K 308 -18.31 23.39 91.11
C PRO K 308 -18.40 22.04 91.78
N ALA K 309 -19.59 21.57 92.13
CA ALA K 309 -19.71 20.25 92.74
C ALA K 309 -19.33 19.14 91.79
N VAL K 310 -19.60 19.31 90.50
CA VAL K 310 -19.21 18.30 89.52
C VAL K 310 -17.70 18.21 89.41
N GLU K 311 -17.02 19.35 89.44
CA GLU K 311 -15.56 19.32 89.48
C GLU K 311 -15.06 18.69 90.76
N ASP K 312 -15.73 18.97 91.88
CA ASP K 312 -15.33 18.40 93.16
C ASP K 312 -15.44 16.88 93.14
N THR K 313 -16.52 16.36 92.56
CA THR K 313 -16.80 14.93 92.66
C THR K 313 -15.71 14.06 92.05
N GLY K 314 -14.85 14.62 91.19
CA GLY K 314 -13.56 14.04 90.90
C GLY K 314 -13.42 13.35 89.56
N LEU K 315 -14.51 13.02 88.87
CA LEU K 315 -14.36 12.29 87.61
C LEU K 315 -14.00 13.19 86.44
N LEU K 316 -13.99 14.51 86.61
CA LEU K 316 -13.66 15.40 85.50
C LEU K 316 -12.20 15.20 85.11
N GLY K 317 -11.98 14.59 83.95
CA GLY K 317 -10.65 14.34 83.45
C GLY K 317 -10.67 13.63 82.12
N THR K 318 -9.70 12.76 81.90
CA THR K 318 -9.63 11.97 80.67
C THR K 318 -9.65 10.47 80.94
N ASP K 319 -9.54 10.04 82.19
CA ASP K 319 -9.54 8.61 82.48
C ASP K 319 -10.95 8.02 82.49
N TYR K 320 -11.92 8.77 82.99
CA TYR K 320 -13.30 8.29 83.10
C TYR K 320 -14.09 8.91 81.95
N VAL K 321 -14.11 8.22 80.81
CA VAL K 321 -14.78 8.72 79.62
C VAL K 321 -16.17 8.13 79.43
N SER K 322 -16.64 7.31 80.36
CA SER K 322 -17.93 6.65 80.21
C SER K 322 -18.88 6.93 81.37
N CYS K 323 -18.51 7.79 82.30
CA CYS K 323 -19.32 8.05 83.48
C CYS K 323 -20.07 9.37 83.32
N SER K 324 -21.38 9.32 83.46
CA SER K 324 -22.24 10.50 83.35
C SER K 324 -22.61 11.01 84.74
N VAL K 325 -22.82 12.32 84.85
CA VAL K 325 -23.17 12.97 86.09
C VAL K 325 -24.48 13.71 85.90
N TYR K 326 -25.44 13.48 86.79
CA TYR K 326 -26.76 14.08 86.68
C TYR K 326 -27.05 14.97 87.88
N HIS K 327 -28.17 15.70 87.77
CA HIS K 327 -28.59 16.66 88.79
C HIS K 327 -30.07 16.92 88.59
N TYR K 328 -30.87 16.66 89.62
CA TYR K 328 -32.33 16.75 89.55
C TYR K 328 -32.86 17.53 90.74
N PRO K 329 -32.80 18.86 90.69
CA PRO K 329 -33.29 19.68 91.81
C PRO K 329 -34.80 19.91 91.75
N PHE K 330 -35.56 18.86 92.06
CA PHE K 330 -37.00 18.92 92.06
C PHE K 330 -37.55 18.09 93.20
N SER K 331 -38.75 18.42 93.63
CA SER K 331 -39.44 17.67 94.67
C SER K 331 -40.43 16.71 94.06
N CYS K 332 -40.91 15.77 94.87
CA CYS K 332 -41.82 14.75 94.39
C CYS K 332 -42.61 14.18 95.57
N LYS K 333 -43.70 13.50 95.24
CA LYS K 333 -44.54 12.85 96.23
C LYS K 333 -44.22 11.36 96.24
N ASP K 334 -43.84 10.84 97.41
CA ASP K 334 -43.36 9.47 97.49
C ASP K 334 -44.48 8.48 97.22
N LYS K 335 -44.10 7.32 96.68
CA LYS K 335 -45.07 6.30 96.30
C LYS K 335 -45.63 5.57 97.53
N TRP K 336 -44.80 5.33 98.54
CA TRP K 336 -45.21 4.49 99.66
C TRP K 336 -45.73 5.33 100.84
N THR K 337 -44.90 6.23 101.36
CA THR K 337 -45.27 6.94 102.58
C THR K 337 -46.13 8.17 102.33
N GLN K 338 -46.28 8.60 101.08
CA GLN K 338 -47.10 9.77 100.74
C GLN K 338 -46.61 11.02 101.47
N SER K 339 -45.40 11.43 101.12
CA SER K 339 -44.79 12.62 101.73
C SER K 339 -43.98 13.35 100.66
N ARG K 340 -43.38 14.47 101.08
CA ARG K 340 -42.57 15.30 100.19
C ARG K 340 -41.11 14.90 100.35
N VAL K 341 -40.56 14.23 99.34
CA VAL K 341 -39.18 13.75 99.37
C VAL K 341 -38.48 14.18 98.10
N VAL K 342 -37.15 14.19 98.16
CA VAL K 342 -36.31 14.49 97.01
C VAL K 342 -35.22 13.43 96.91
N PHE K 343 -35.01 12.91 95.70
CA PHE K 343 -33.91 11.99 95.46
C PHE K 343 -33.42 12.19 94.03
N GLY K 344 -32.46 11.35 93.62
CA GLY K 344 -31.69 11.60 92.43
C GLY K 344 -32.27 10.99 91.17
N LEU K 345 -31.40 10.85 90.17
CA LEU K 345 -31.81 10.45 88.83
C LEU K 345 -31.02 9.27 88.27
N SER K 346 -30.18 8.62 89.08
CA SER K 346 -29.40 7.50 88.58
C SER K 346 -30.28 6.36 88.13
N GLY K 347 -31.32 6.04 88.90
CA GLY K 347 -32.22 4.97 88.52
C GLY K 347 -32.90 5.22 87.20
N VAL K 348 -33.41 6.43 87.00
CA VAL K 348 -34.10 6.75 85.75
C VAL K 348 -33.13 6.78 84.59
N ALA K 349 -31.90 7.26 84.81
CA ALA K 349 -30.91 7.22 83.76
C ALA K 349 -30.62 5.79 83.32
N TYR K 350 -30.45 4.88 84.28
CA TYR K 350 -30.21 3.50 83.90
C TYR K 350 -31.43 2.88 83.25
N ALA K 351 -32.64 3.25 83.68
CA ALA K 351 -33.82 2.74 83.01
C ALA K 351 -33.86 3.18 81.56
N ALA K 352 -33.48 4.42 81.28
CA ALA K 352 -33.39 4.89 79.90
C ALA K 352 -32.35 4.08 79.13
N LYS K 353 -31.19 3.83 79.73
CA LYS K 353 -30.16 3.07 79.04
C LYS K 353 -30.63 1.65 78.73
N ALA K 354 -31.35 1.03 79.67
CA ALA K 354 -31.85 -0.33 79.44
C ALA K 354 -32.92 -0.35 78.37
N ARG K 355 -33.83 0.64 78.37
CA ARG K 355 -34.81 0.73 77.31
C ARG K 355 -34.12 0.86 75.95
N GLY K 356 -33.03 1.62 75.91
CA GLY K 356 -32.28 1.72 74.67
C GLY K 356 -31.61 0.42 74.26
N VAL K 357 -31.03 -0.29 75.23
CA VAL K 357 -30.28 -1.50 74.92
C VAL K 357 -31.20 -2.66 74.58
N LYS K 358 -32.48 -2.58 74.93
CA LYS K 358 -33.41 -3.67 74.62
C LYS K 358 -34.09 -3.51 73.27
N LYS K 359 -33.74 -2.49 72.49
CA LYS K 359 -34.39 -2.29 71.19
C LYS K 359 -33.97 -3.36 70.19
N ASN K 360 -32.68 -3.43 69.90
CA ASN K 360 -32.16 -4.47 69.01
C ASN K 360 -32.05 -5.78 69.76
N SER K 361 -32.34 -6.88 69.07
CA SER K 361 -32.35 -8.20 69.68
C SER K 361 -31.11 -9.03 69.40
N ASP K 362 -30.50 -8.86 68.23
CA ASP K 362 -29.33 -9.69 67.89
C ASP K 362 -28.13 -9.31 68.74
N VAL K 363 -27.64 -8.08 68.59
CA VAL K 363 -26.50 -7.59 69.36
C VAL K 363 -26.90 -6.59 70.42
N GLY K 364 -28.14 -6.13 70.43
CA GLY K 364 -28.57 -5.15 71.40
C GLY K 364 -28.18 -3.76 70.96
N GLY K 365 -29.08 -2.79 71.11
CA GLY K 365 -28.78 -1.46 70.65
C GLY K 365 -28.04 -0.64 71.68
N TRP K 366 -26.73 -0.55 71.54
CA TRP K 366 -25.92 0.26 72.41
C TRP K 366 -25.72 1.68 71.90
N HIS K 367 -26.19 1.96 70.68
CA HIS K 367 -25.98 3.27 70.07
C HIS K 367 -27.10 4.25 70.37
N TYR K 368 -28.08 3.86 71.15
CA TYR K 368 -29.18 4.77 71.51
C TYR K 368 -28.77 5.58 72.72
N SER K 369 -28.84 6.90 72.60
CA SER K 369 -28.50 7.76 73.72
C SER K 369 -29.55 7.65 74.81
N PRO K 370 -29.17 7.75 76.08
CA PRO K 370 -30.13 7.69 77.20
C PRO K 370 -30.85 9.01 77.44
N ALA K 371 -31.47 9.55 76.39
CA ALA K 371 -32.21 10.79 76.50
C ALA K 371 -33.22 10.86 75.36
N GLY K 372 -34.19 11.74 75.51
CA GLY K 372 -35.21 11.93 74.51
C GLY K 372 -36.58 11.95 75.13
N GLU K 373 -37.59 11.88 74.27
CA GLU K 373 -38.98 11.89 74.71
C GLU K 373 -39.65 10.54 74.60
N GLU K 374 -38.97 9.53 74.04
CA GLU K 374 -39.52 8.19 73.93
C GLU K 374 -38.77 7.16 74.73
N ARG K 375 -37.67 7.54 75.38
CA ARG K 375 -36.87 6.57 76.12
C ARG K 375 -36.41 7.03 77.49
N ALA K 376 -36.70 8.26 77.91
CA ALA K 376 -36.13 8.78 79.15
C ALA K 376 -37.16 9.58 79.93
N VAL K 377 -38.44 9.25 79.78
CA VAL K 377 -39.47 9.97 80.53
C VAL K 377 -39.30 9.68 82.01
N ILE K 378 -39.63 10.67 82.84
CA ILE K 378 -39.51 10.56 84.29
C ILE K 378 -40.92 10.45 84.85
N ALA K 379 -41.17 9.36 85.58
CA ALA K 379 -42.49 9.10 86.16
C ALA K 379 -42.41 9.38 87.66
N ARG K 380 -43.05 10.46 88.09
CA ARG K 380 -43.12 10.82 89.50
C ARG K 380 -44.55 11.25 89.79
N ALA K 381 -44.76 11.84 90.97
CA ALA K 381 -46.08 12.28 91.40
C ALA K 381 -45.98 13.71 91.89
N SER K 382 -46.69 14.63 91.22
CA SER K 382 -46.81 16.02 91.65
C SER K 382 -45.44 16.68 91.77
N ILE K 383 -44.71 16.68 90.64
CA ILE K 383 -43.39 17.30 90.62
C ILE K 383 -43.54 18.80 90.85
N GLN K 384 -42.90 19.30 91.91
CA GLN K 384 -42.96 20.71 92.27
C GLN K 384 -41.54 21.25 92.36
N PRO K 385 -41.13 22.17 91.50
CA PRO K 385 -39.72 22.60 91.47
C PRO K 385 -39.27 23.17 92.81
N LEU K 386 -38.02 22.88 93.15
CA LEU K 386 -37.46 23.33 94.42
C LEU K 386 -37.16 24.83 94.40
N TYR K 387 -36.61 25.32 93.30
CA TYR K 387 -36.22 26.73 93.16
C TYR K 387 -36.87 27.30 91.92
N PRO K 388 -38.16 27.60 91.98
CA PRO K 388 -38.83 28.17 90.79
C PRO K 388 -38.27 29.51 90.35
N GLU K 389 -37.63 30.27 91.24
CA GLU K 389 -37.15 31.60 90.88
C GLU K 389 -35.83 31.56 90.12
N ASP K 390 -35.16 30.42 90.04
CA ASP K 390 -33.87 30.33 89.37
C ASP K 390 -34.05 29.89 87.92
N THR K 391 -32.93 29.76 87.21
CA THR K 391 -32.94 29.43 85.79
C THR K 391 -31.67 28.68 85.46
N PRO K 392 -31.73 27.72 84.54
CA PRO K 392 -30.52 26.97 84.17
C PRO K 392 -29.54 27.84 83.41
N ASP K 393 -28.34 27.30 83.21
CA ASP K 393 -27.19 28.01 82.65
C ASP K 393 -26.65 27.23 81.45
N GLU K 394 -27.54 26.90 80.51
CA GLU K 394 -27.29 25.90 79.47
C GLU K 394 -25.86 25.87 78.95
N GLU K 395 -25.30 27.04 78.60
CA GLU K 395 -23.93 27.06 78.07
C GLU K 395 -22.93 26.64 79.13
N ALA K 396 -23.07 27.17 80.34
CA ALA K 396 -22.16 26.77 81.43
C ALA K 396 -22.31 25.30 81.75
N MET K 397 -23.53 24.79 81.73
CA MET K 397 -23.76 23.37 82.01
C MET K 397 -23.09 22.50 80.96
N VAL K 398 -23.22 22.86 79.69
CA VAL K 398 -22.62 22.04 78.64
C VAL K 398 -21.10 22.11 78.72
N LYS K 399 -20.55 23.28 79.05
CA LYS K 399 -19.10 23.36 79.21
C LYS K 399 -18.62 22.58 80.42
N GLY K 400 -19.42 22.50 81.48
CA GLY K 400 -19.07 21.78 82.68
C GLY K 400 -19.51 20.33 82.71
N ARG K 401 -20.08 19.82 81.62
CA ARG K 401 -20.44 18.41 81.51
C ARG K 401 -21.44 18.00 82.59
N LEU K 402 -22.62 18.61 82.51
CA LEU K 402 -23.71 18.33 83.45
C LEU K 402 -25.00 18.17 82.66
N ASN K 403 -25.55 16.96 82.65
CA ASN K 403 -26.82 16.74 81.96
C ASN K 403 -27.95 17.42 82.71
N LYS K 404 -28.91 17.95 81.96
CA LYS K 404 -29.98 18.77 82.53
C LYS K 404 -31.34 18.20 82.14
N VAL K 405 -32.30 18.38 83.04
CA VAL K 405 -33.66 17.98 82.78
C VAL K 405 -34.41 19.13 82.12
N SER K 406 -35.55 18.80 81.53
CA SER K 406 -36.38 19.80 80.85
C SER K 406 -37.81 19.31 80.86
N VAL K 407 -38.66 20.02 80.12
CA VAL K 407 -40.06 19.64 79.93
C VAL K 407 -40.29 19.43 78.45
N GLY K 408 -40.42 18.18 78.04
CA GLY K 408 -40.64 17.85 76.65
C GLY K 408 -42.09 18.03 76.26
N THR K 409 -42.45 17.43 75.14
CA THR K 409 -43.83 17.50 74.67
C THR K 409 -44.75 16.76 75.64
N SER K 410 -46.01 17.21 75.67
CA SER K 410 -47.09 16.62 76.47
C SER K 410 -46.92 16.95 77.96
N GLY K 411 -45.79 17.54 78.34
CA GLY K 411 -45.63 18.05 79.68
C GLY K 411 -45.00 17.12 80.70
N GLN K 412 -44.43 15.99 80.29
CA GLN K 412 -43.69 15.14 81.22
C GLN K 412 -42.21 15.50 81.18
N MET K 413 -41.60 15.57 82.36
CA MET K 413 -40.18 15.86 82.45
C MET K 413 -39.37 14.77 81.78
N ILE K 414 -38.30 15.16 81.10
CA ILE K 414 -37.42 14.22 80.42
C ILE K 414 -35.98 14.60 80.69
N ILE K 415 -35.07 13.70 80.35
CA ILE K 415 -33.65 13.98 80.34
C ILE K 415 -33.26 14.42 78.93
N ASP K 416 -32.56 15.55 78.83
CA ASP K 416 -32.29 16.15 77.53
C ASP K 416 -30.81 16.40 77.30
N ASP K 417 -29.97 15.45 77.71
CA ASP K 417 -28.56 15.52 77.37
C ASP K 417 -27.95 14.13 77.50
N ALA K 418 -26.84 13.93 76.80
CA ALA K 418 -26.11 12.67 76.80
C ALA K 418 -24.62 12.94 76.87
N LEU K 419 -24.21 13.83 77.76
CA LEU K 419 -22.82 14.23 77.88
C LEU K 419 -22.13 13.48 79.00
N THR K 420 -20.94 12.99 78.73
CA THR K 420 -20.15 12.25 79.70
C THR K 420 -19.24 13.21 80.47
N CYS K 421 -18.29 12.65 81.21
CA CYS K 421 -17.38 13.44 82.03
C CYS K 421 -16.09 13.78 81.31
N CYS K 422 -15.93 13.39 80.04
CA CYS K 422 -14.74 13.72 79.29
C CYS K 422 -14.67 15.22 79.04
N THR K 423 -13.48 15.79 79.22
CA THR K 423 -13.30 17.22 78.99
C THR K 423 -12.88 17.55 77.57
N GLN K 424 -12.17 16.64 76.91
CA GLN K 424 -11.74 16.87 75.55
C GLN K 424 -12.93 17.01 74.62
N ASP K 425 -12.82 17.91 73.65
CA ASP K 425 -13.92 18.18 72.72
C ASP K 425 -13.71 17.35 71.46
N ASN K 426 -14.11 16.10 71.53
CA ASN K 426 -14.07 15.19 70.39
C ASN K 426 -15.29 14.29 70.45
N TYR K 427 -15.29 13.20 69.69
CA TYR K 427 -16.43 12.30 69.68
C TYR K 427 -16.63 11.58 70.99
N LEU K 428 -15.68 11.64 71.91
CA LEU K 428 -15.73 10.82 73.11
C LEU K 428 -16.63 11.39 74.19
N HIS K 429 -17.02 12.67 74.11
CA HIS K 429 -17.82 13.22 75.20
C HIS K 429 -19.30 12.93 75.04
N PHE K 430 -19.75 12.44 73.89
CA PHE K 430 -21.11 11.96 73.78
C PHE K 430 -21.25 10.64 74.52
N GLN K 431 -22.49 10.27 74.84
CA GLN K 431 -22.68 9.12 75.71
C GLN K 431 -22.63 7.81 74.95
N HIS K 432 -23.20 7.76 73.75
CA HIS K 432 -23.36 6.46 73.10
C HIS K 432 -22.05 5.92 72.54
N VAL K 433 -21.12 6.79 72.13
CA VAL K 433 -19.88 6.31 71.54
C VAL K 433 -19.04 5.48 72.50
N PRO K 434 -18.75 5.93 73.72
CA PRO K 434 -17.99 5.06 74.64
C PRO K 434 -18.69 3.75 74.94
N SER K 435 -20.02 3.75 75.05
CA SER K 435 -20.71 2.50 75.35
C SER K 435 -20.56 1.50 74.22
N LEU K 436 -20.73 1.95 72.98
CA LEU K 436 -20.56 1.06 71.83
C LEU K 436 -19.13 0.54 71.73
N MET K 437 -18.16 1.43 71.89
CA MET K 437 -16.76 1.00 71.81
C MET K 437 -16.43 0.01 72.93
N ASN K 438 -16.98 0.23 74.12
CA ASN K 438 -16.72 -0.68 75.23
C ASN K 438 -17.37 -2.04 75.00
N ALA K 439 -18.56 -2.07 74.38
CA ALA K 439 -19.15 -3.35 74.04
C ALA K 439 -18.26 -4.13 73.08
N ILE K 440 -17.75 -3.44 72.05
CA ILE K 440 -16.87 -4.11 71.10
C ILE K 440 -15.61 -4.60 71.81
N SER K 441 -15.05 -3.78 72.70
CA SER K 441 -13.83 -4.17 73.39
C SER K 441 -14.05 -5.37 74.29
N ARG K 442 -15.18 -5.43 74.99
CA ARG K 442 -15.47 -6.59 75.84
C ARG K 442 -15.59 -7.86 75.00
N PHE K 443 -16.28 -7.78 73.86
CA PHE K 443 -16.34 -8.95 72.99
C PHE K 443 -14.95 -9.37 72.53
N PHE K 444 -14.11 -8.40 72.18
CA PHE K 444 -12.76 -8.74 71.76
C PHE K 444 -11.98 -9.42 72.86
N VAL K 445 -12.11 -8.94 74.09
CA VAL K 445 -11.39 -9.57 75.20
C VAL K 445 -11.83 -11.00 75.34
N GLN K 446 -13.13 -11.25 75.26
CA GLN K 446 -13.61 -12.64 75.35
C GLN K 446 -13.00 -13.49 74.24
N LEU K 447 -13.04 -13.01 73.01
CA LEU K 447 -12.54 -13.80 71.88
C LEU K 447 -11.05 -14.09 72.01
N ALA K 448 -10.26 -13.06 72.33
CA ALA K 448 -8.82 -13.26 72.44
C ALA K 448 -8.46 -14.17 73.61
N ARG K 449 -9.16 -14.04 74.72
CA ARG K 449 -8.92 -14.95 75.83
C ARG K 449 -9.20 -16.39 75.42
N GLN K 450 -10.28 -16.62 74.68
CA GLN K 450 -10.57 -17.97 74.22
C GLN K 450 -9.52 -18.47 73.23
N MET K 451 -8.97 -17.57 72.42
CA MET K 451 -8.10 -17.96 71.31
C MET K 451 -6.62 -17.87 71.64
N LYS K 452 -6.27 -17.54 72.88
CA LYS K 452 -4.87 -17.45 73.26
C LYS K 452 -4.18 -18.80 73.18
N HIS K 453 -2.86 -18.76 72.97
CA HIS K 453 -1.96 -19.93 72.99
C HIS K 453 -2.17 -20.88 71.82
N SER K 454 -2.57 -20.37 70.67
CA SER K 454 -2.72 -21.21 69.49
C SER K 454 -1.68 -20.86 68.45
N PRO K 455 -1.36 -21.79 67.54
CA PRO K 455 -0.41 -21.47 66.47
C PRO K 455 -0.96 -20.40 65.55
N ASP K 456 -0.05 -19.73 64.85
CA ASP K 456 -0.43 -18.54 64.08
C ASP K 456 -1.40 -18.90 62.96
N GLY K 457 -1.25 -20.07 62.36
CA GLY K 457 -2.12 -20.44 61.26
C GLY K 457 -3.58 -20.46 61.65
N ILE K 458 -3.89 -21.06 62.81
CA ILE K 458 -5.25 -21.02 63.32
C ILE K 458 -5.60 -19.62 63.83
N THR K 459 -4.65 -18.97 64.51
CA THR K 459 -4.95 -17.72 65.21
C THR K 459 -5.36 -16.62 64.25
N ALA K 460 -4.61 -16.42 63.17
CA ALA K 460 -4.92 -15.33 62.26
C ALA K 460 -6.31 -15.49 61.65
N ALA K 461 -6.60 -16.68 61.13
CA ALA K 461 -7.89 -16.91 60.50
C ALA K 461 -9.02 -16.78 61.51
N GLY K 462 -8.84 -17.32 62.71
CA GLY K 462 -9.89 -17.23 63.71
C GLY K 462 -10.18 -15.81 64.14
N LEU K 463 -9.13 -15.03 64.42
CA LEU K 463 -9.32 -13.64 64.81
C LEU K 463 -10.01 -12.85 63.71
N THR K 464 -9.54 -13.01 62.47
CA THR K 464 -10.13 -12.27 61.37
C THR K 464 -11.60 -12.64 61.20
N LYS K 465 -11.92 -13.93 61.26
CA LYS K 465 -13.31 -14.35 61.08
C LYS K 465 -14.21 -13.82 62.19
N GLY K 466 -13.75 -13.93 63.44
CA GLY K 466 -14.57 -13.45 64.54
C GLY K 466 -14.82 -11.96 64.48
N MET K 467 -13.76 -11.18 64.25
CA MET K 467 -13.94 -9.74 64.18
C MET K 467 -14.79 -9.33 63.00
N THR K 468 -14.58 -9.94 61.84
CA THR K 468 -15.39 -9.58 60.68
C THR K 468 -16.86 -9.88 60.94
N LYS K 469 -17.15 -11.04 61.53
CA LYS K 469 -18.54 -11.37 61.80
C LYS K 469 -19.17 -10.40 62.79
N LEU K 470 -18.46 -10.06 63.86
CA LEU K 470 -19.03 -9.17 64.87
C LEU K 470 -19.27 -7.78 64.30
N LEU K 471 -18.29 -7.24 63.58
CA LEU K 471 -18.48 -5.90 63.04
C LEU K 471 -19.53 -5.87 61.95
N ASP K 472 -19.67 -6.94 61.16
CA ASP K 472 -20.77 -7.00 60.21
C ASP K 472 -22.10 -7.02 60.92
N ARG K 473 -22.19 -7.74 62.04
CA ARG K 473 -23.43 -7.73 62.82
C ARG K 473 -23.76 -6.32 63.30
N PHE K 474 -22.74 -5.60 63.78
CA PHE K 474 -22.99 -4.23 64.24
C PHE K 474 -23.43 -3.32 63.10
N VAL K 475 -22.78 -3.42 61.94
CA VAL K 475 -23.15 -2.57 60.81
C VAL K 475 -24.57 -2.86 60.36
N ALA K 476 -24.94 -4.15 60.30
CA ALA K 476 -26.31 -4.50 59.96
C ALA K 476 -27.29 -3.98 61.00
N SER K 477 -26.88 -3.97 62.27
CA SER K 477 -27.71 -3.38 63.31
C SER K 477 -27.94 -1.90 63.05
N GLY K 478 -26.90 -1.19 62.63
CA GLY K 478 -27.00 0.22 62.32
C GLY K 478 -26.22 1.15 63.20
N ALA K 479 -25.29 0.62 64.01
CA ALA K 479 -24.50 1.47 64.90
C ALA K 479 -23.29 2.07 64.22
N LEU K 480 -22.94 1.62 63.01
CA LEU K 480 -21.83 2.20 62.26
C LEU K 480 -22.32 2.59 60.87
N VAL K 481 -21.87 3.74 60.40
CA VAL K 481 -22.27 4.28 59.11
C VAL K 481 -21.02 4.65 58.32
N ALA K 482 -21.22 4.99 57.06
CA ALA K 482 -20.11 5.35 56.19
C ALA K 482 -19.42 6.59 56.73
N PRO K 483 -18.12 6.75 56.47
CA PRO K 483 -17.38 7.89 57.01
C PRO K 483 -17.91 9.20 56.47
N ARG K 484 -17.72 10.26 57.26
CA ARG K 484 -18.26 11.57 56.89
C ARG K 484 -17.65 12.08 55.59
N ASP K 485 -16.34 11.91 55.42
CA ASP K 485 -15.66 12.38 54.22
C ASP K 485 -15.12 11.18 53.44
N PRO K 486 -15.84 10.70 52.44
CA PRO K 486 -15.42 9.51 51.68
C PRO K 486 -14.40 9.82 50.60
N ASP K 487 -13.39 10.59 50.94
CA ASP K 487 -12.31 10.93 50.03
C ASP K 487 -10.94 10.51 50.54
N ALA K 488 -10.68 10.66 51.83
CA ALA K 488 -9.40 10.28 52.42
C ALA K 488 -9.48 8.93 53.13
N ASP K 489 -10.38 8.80 54.10
CA ASP K 489 -10.49 7.58 54.89
C ASP K 489 -11.50 6.60 54.30
N GLY K 490 -11.33 6.27 53.02
CA GLY K 490 -12.12 5.25 52.35
C GLY K 490 -13.62 5.47 52.43
N THR K 491 -14.35 4.38 52.22
CA THR K 491 -15.81 4.43 52.29
C THR K 491 -16.39 3.22 53.01
N GLU K 492 -15.61 2.54 53.84
CA GLU K 492 -16.19 1.41 54.57
C GLU K 492 -16.42 1.79 56.02
N PRO K 493 -17.51 1.31 56.62
CA PRO K 493 -17.79 1.68 58.02
C PRO K 493 -16.68 1.29 58.99
N TYR K 494 -16.04 0.15 58.77
CA TYR K 494 -15.00 -0.34 59.65
C TYR K 494 -13.83 -0.87 58.83
N VAL K 495 -12.63 -0.70 59.38
CA VAL K 495 -11.40 -1.22 58.80
C VAL K 495 -10.70 -2.04 59.85
N LEU K 496 -10.40 -3.30 59.54
CA LEU K 496 -9.81 -4.23 60.48
C LEU K 496 -8.46 -4.68 59.97
N LYS K 497 -7.48 -4.77 60.87
CA LYS K 497 -6.13 -5.16 60.48
C LYS K 497 -5.54 -6.02 61.59
N VAL K 498 -5.28 -7.29 61.29
CA VAL K 498 -4.66 -8.23 62.21
C VAL K 498 -3.25 -8.50 61.73
N THR K 499 -2.27 -8.29 62.60
CA THR K 499 -0.88 -8.38 62.19
C THR K 499 -0.06 -9.07 63.27
N GLN K 500 1.14 -9.48 62.88
CA GLN K 500 2.11 -10.05 63.79
C GLN K 500 3.27 -9.07 63.97
N ALA K 501 3.60 -8.75 65.21
CA ALA K 501 4.65 -7.79 65.49
C ALA K 501 5.99 -8.46 65.79
N GLU K 502 6.00 -9.50 66.61
CA GLU K 502 7.16 -10.35 66.80
C GLU K 502 6.67 -11.79 66.82
N PHE K 503 7.47 -12.69 67.39
CA PHE K 503 7.09 -14.10 67.47
C PHE K 503 5.69 -14.26 68.05
N ASP K 504 5.39 -13.58 69.17
CA ASP K 504 4.06 -13.64 69.77
C ASP K 504 3.66 -12.24 70.23
N LYS K 505 3.09 -11.45 69.32
CA LYS K 505 2.56 -10.14 69.68
C LYS K 505 1.33 -9.81 68.83
N TRP K 506 0.52 -10.82 68.51
CA TRP K 506 -0.62 -10.63 67.61
C TRP K 506 -1.40 -9.37 67.95
N GLU K 507 -1.40 -8.41 67.03
CA GLU K 507 -1.96 -7.08 67.27
C GLU K 507 -3.15 -6.87 66.35
N VAL K 508 -4.28 -6.48 66.93
CA VAL K 508 -5.51 -6.26 66.19
C VAL K 508 -5.86 -4.79 66.30
N VAL K 509 -6.06 -4.13 65.17
CA VAL K 509 -6.43 -2.72 65.12
C VAL K 509 -7.69 -2.60 64.30
N TRP K 510 -8.76 -2.12 64.92
CA TRP K 510 -10.03 -1.92 64.23
C TRP K 510 -10.46 -0.47 64.38
N ALA K 511 -10.86 0.14 63.27
CA ALA K 511 -11.32 1.52 63.25
C ALA K 511 -12.74 1.55 62.74
N CYS K 512 -13.63 2.19 63.49
CA CYS K 512 -15.05 2.21 63.19
C CYS K 512 -15.54 3.64 63.09
N CYS K 513 -16.57 3.87 62.27
CA CYS K 513 -17.20 5.17 62.22
C CYS K 513 -18.54 5.13 62.93
N PRO K 514 -18.66 5.72 64.13
CA PRO K 514 -19.92 5.61 64.87
C PRO K 514 -21.01 6.49 64.29
N THR K 515 -22.25 6.19 64.68
CA THR K 515 -23.39 6.96 64.21
C THR K 515 -23.38 8.35 64.81
N GLY K 516 -24.14 9.25 64.18
CA GLY K 516 -24.27 10.61 64.64
C GLY K 516 -25.60 10.85 65.33
N VAL K 517 -25.54 11.18 66.61
CA VAL K 517 -26.75 11.56 67.32
C VAL K 517 -27.29 12.86 66.73
N ALA K 518 -28.58 13.11 66.96
CA ALA K 518 -29.26 14.30 66.47
C ALA K 518 -29.64 15.14 67.67
N ARG K 519 -28.71 16.00 68.10
CA ARG K 519 -28.92 16.83 69.28
C ARG K 519 -29.38 18.23 68.95
N ARG K 520 -28.88 18.83 67.88
CA ARG K 520 -29.26 20.16 67.45
C ARG K 520 -29.84 20.08 66.05
N ILE K 521 -31.09 20.51 65.90
CA ILE K 521 -31.79 20.50 64.62
C ILE K 521 -32.18 21.93 64.28
N GLN K 522 -31.81 22.38 63.09
CA GLN K 522 -32.06 23.76 62.67
C GLN K 522 -32.72 23.78 61.30
N GLY K 523 -33.74 24.61 61.16
CA GLY K 523 -34.43 24.78 59.89
C GLY K 523 -34.24 26.18 59.36
N VAL K 524 -34.00 26.28 58.06
CA VAL K 524 -33.77 27.54 57.38
C VAL K 524 -34.78 27.67 56.26
N PRO K 525 -35.90 28.34 56.48
CA PRO K 525 -36.88 28.53 55.41
C PRO K 525 -36.35 29.47 54.35
N LEU K 526 -36.85 29.30 53.13
CA LEU K 526 -36.41 30.10 52.00
C LEU K 526 -37.62 30.45 51.15
N LEU K 527 -37.46 31.47 50.31
CA LEU K 527 -38.45 31.87 49.33
C LEU K 527 -37.83 31.87 47.95
N ILE K 528 -38.59 31.39 46.96
CA ILE K 528 -38.11 31.24 45.59
C ILE K 528 -38.78 32.28 44.73
N LYS K 529 -37.98 33.06 44.01
CA LYS K 529 -38.51 34.08 43.11
C LYS K 529 -39.25 33.42 41.95
N SER L 2 -41.10 31.16 77.70
CA SER L 2 -41.85 30.03 78.24
C SER L 2 -41.86 28.88 77.25
N GLN L 3 -42.94 28.09 77.30
CA GLN L 3 -43.12 27.03 76.32
C GLN L 3 -43.70 27.60 75.03
N TYR L 4 -43.72 26.77 73.99
CA TYR L 4 -44.22 27.12 72.67
C TYR L 4 -43.37 28.20 72.01
N SER L 5 -42.38 28.73 72.72
CA SER L 5 -41.51 29.74 72.14
C SER L 5 -40.52 29.10 71.18
N ILE L 6 -40.08 29.88 70.20
CA ILE L 6 -39.15 29.40 69.18
C ILE L 6 -37.91 30.29 69.20
N GLN L 7 -36.74 29.67 69.37
CA GLN L 7 -35.51 30.42 69.34
C GLN L 7 -34.98 30.50 67.91
N GLN L 8 -33.87 31.22 67.73
CA GLN L 8 -33.29 31.41 66.42
C GLN L 8 -31.79 31.16 66.35
N SER L 9 -31.07 31.18 67.46
CA SER L 9 -29.62 31.05 67.43
C SER L 9 -29.17 29.60 67.47
N LEU L 10 -29.50 28.90 68.55
CA LEU L 10 -29.15 27.48 68.72
C LEU L 10 -27.63 27.29 68.67
N GLY L 11 -26.97 27.83 69.68
CA GLY L 11 -25.53 27.72 69.77
C GLY L 11 -25.03 26.80 70.87
N ASN L 12 -24.48 25.64 70.46
CA ASN L 12 -23.79 24.72 71.36
C ASN L 12 -24.67 24.27 72.53
N ALA L 13 -25.94 24.01 72.24
CA ALA L 13 -26.86 23.50 73.24
C ALA L 13 -27.98 22.76 72.55
N SER L 14 -28.49 21.72 73.20
CA SER L 14 -29.56 20.93 72.61
C SER L 14 -30.81 21.78 72.45
N GLY L 15 -31.51 21.58 71.35
CA GLY L 15 -32.73 22.32 71.09
C GLY L 15 -33.06 22.30 69.61
N VAL L 16 -34.11 23.04 69.27
CA VAL L 16 -34.56 23.19 67.89
C VAL L 16 -34.87 24.66 67.64
N ALA L 17 -34.41 25.18 66.52
CA ALA L 17 -34.62 26.58 66.20
C ALA L 17 -34.83 26.73 64.70
N VAL L 18 -35.58 27.76 64.32
CA VAL L 18 -35.83 28.09 62.92
C VAL L 18 -35.33 29.50 62.66
N SER L 19 -34.59 29.66 61.58
CA SER L 19 -34.04 30.96 61.23
C SER L 19 -35.13 31.85 60.66
N PRO L 20 -35.01 33.16 60.80
CA PRO L 20 -35.99 34.07 60.20
C PRO L 20 -35.99 33.96 58.69
N ILE L 21 -37.15 34.21 58.08
CA ILE L 21 -37.32 33.99 56.66
C ILE L 21 -36.33 34.84 55.89
N ASN L 22 -35.70 34.24 54.87
CA ASN L 22 -34.65 34.93 54.14
C ASN L 22 -35.23 35.99 53.21
N ALA L 23 -35.98 35.55 52.21
CA ALA L 23 -36.72 36.45 51.31
C ALA L 23 -35.83 37.54 50.74
N ASP L 24 -34.64 37.16 50.28
CA ASP L 24 -33.73 38.10 49.67
C ASP L 24 -33.54 37.90 48.18
N ALA L 25 -33.88 36.73 47.66
CA ALA L 25 -33.82 36.47 46.23
C ALA L 25 -35.09 36.89 45.50
N THR L 26 -36.05 37.47 46.21
CA THR L 26 -37.33 37.87 45.64
C THR L 26 -37.57 39.36 45.84
N LEU L 27 -36.51 40.16 45.83
CA LEU L 27 -36.65 41.59 46.06
C LEU L 27 -37.13 42.29 44.79
N SER L 28 -38.28 42.93 44.88
CA SER L 28 -38.84 43.73 43.80
C SER L 28 -38.63 45.20 44.10
N THR L 29 -39.20 46.05 43.25
CA THR L 29 -39.14 47.50 43.45
C THR L 29 -40.45 48.11 43.00
N GLY L 30 -41.12 48.79 43.92
CA GLY L 30 -42.38 49.43 43.60
C GLY L 30 -42.24 50.92 43.34
N VAL L 31 -42.21 51.31 42.08
CA VAL L 31 -42.08 52.70 41.71
C VAL L 31 -43.30 53.23 40.96
N ALA L 32 -44.05 52.36 40.27
CA ALA L 32 -45.23 52.77 39.50
C ALA L 32 -44.86 53.85 38.48
N LEU L 33 -44.07 53.42 37.50
CA LEU L 33 -43.56 54.36 36.50
C LEU L 33 -44.68 54.99 35.69
N ASN L 34 -45.78 54.29 35.49
CA ASN L 34 -46.87 54.81 34.67
C ASN L 34 -47.77 55.76 35.46
N SER L 35 -47.17 56.74 36.12
CA SER L 35 -47.93 57.73 36.88
C SER L 35 -47.27 59.08 36.71
N SER L 36 -48.07 60.10 36.39
CA SER L 36 -47.56 61.44 36.13
C SER L 36 -48.42 62.46 36.87
N LEU L 37 -47.75 63.41 37.53
CA LEU L 37 -48.41 64.51 38.21
C LEU L 37 -47.70 65.80 37.84
N TRP L 38 -48.44 66.90 37.85
CA TRP L 38 -47.93 68.19 37.43
C TRP L 38 -47.90 69.15 38.60
N ALA L 39 -46.83 69.92 38.70
CA ALA L 39 -46.65 70.89 39.76
C ALA L 39 -46.42 72.27 39.19
N GLY L 40 -47.08 73.27 39.76
CA GLY L 40 -46.93 74.61 39.24
C GLY L 40 -47.23 75.68 40.27
N ILE L 41 -46.77 76.88 39.99
CA ILE L 41 -47.07 78.04 40.81
C ILE L 41 -48.07 78.90 40.07
N GLY L 42 -48.71 79.80 40.81
CA GLY L 42 -49.69 80.67 40.17
C GLY L 42 -50.26 81.66 41.15
N VAL L 43 -51.18 82.48 40.63
CA VAL L 43 -51.91 83.47 41.41
C VAL L 43 -53.38 83.16 41.28
N PHE L 44 -54.05 82.98 42.41
CA PHE L 44 -55.45 82.57 42.40
C PHE L 44 -56.28 83.45 43.32
N ALA L 45 -57.53 83.08 43.55
CA ALA L 45 -58.43 83.84 44.41
C ALA L 45 -58.51 83.30 45.82
N ARG L 46 -58.51 81.98 45.99
CA ARG L 46 -58.63 81.34 47.30
C ARG L 46 -57.58 80.25 47.44
N GLY L 47 -57.01 80.13 48.62
CA GLY L 47 -56.00 79.13 48.90
C GLY L 47 -55.00 79.66 49.91
N LYS L 48 -54.31 78.72 50.56
CA LYS L 48 -53.33 79.09 51.56
C LYS L 48 -52.03 79.51 50.88
N PRO L 49 -51.56 80.74 51.10
CA PRO L 49 -50.37 81.19 50.38
C PRO L 49 -49.11 80.48 50.82
N PHE L 50 -48.21 80.28 49.86
CA PHE L 50 -46.88 79.72 50.10
C PHE L 50 -46.96 78.34 50.76
N THR L 51 -47.97 77.56 50.40
CA THR L 51 -48.14 76.22 50.92
C THR L 51 -48.60 75.30 49.80
N VAL L 52 -47.94 74.16 49.66
CA VAL L 52 -48.25 73.24 48.58
C VAL L 52 -49.68 72.75 48.74
N LEU L 53 -50.45 72.77 47.65
CA LEU L 53 -51.82 72.33 47.65
C LEU L 53 -51.92 71.00 46.89
N ALA L 54 -53.15 70.53 46.73
CA ALA L 54 -53.41 69.32 45.96
C ALA L 54 -54.76 69.47 45.29
N VAL L 55 -54.75 69.53 43.95
CA VAL L 55 -55.97 69.75 43.19
C VAL L 55 -56.28 68.49 42.38
N THR L 56 -57.54 68.10 42.37
CA THR L 56 -58.03 66.98 41.60
C THR L 56 -59.14 67.46 40.67
N GLU L 57 -59.76 66.51 39.96
CA GLU L 57 -60.83 66.86 39.02
C GLU L 57 -62.13 67.23 39.71
N SER L 58 -62.24 67.04 41.02
CA SER L 58 -63.52 67.21 41.70
C SER L 58 -63.51 68.23 42.82
N ASN L 59 -62.39 68.90 43.08
CA ASN L 59 -62.38 69.89 44.15
C ASN L 59 -61.69 71.20 43.80
N TYR L 60 -61.06 71.33 42.63
CA TYR L 60 -60.29 72.54 42.34
C TYR L 60 -61.16 73.79 42.44
N GLU L 61 -62.43 73.67 42.05
CA GLU L 61 -63.33 74.83 42.08
C GLU L 61 -63.43 75.43 43.47
N ASP L 62 -63.42 74.60 44.51
CA ASP L 62 -63.56 75.11 45.87
C ASP L 62 -62.24 75.30 46.59
N VAL L 63 -61.24 74.45 46.35
CA VAL L 63 -59.96 74.65 47.03
C VAL L 63 -59.26 75.89 46.48
N LEU L 64 -59.32 76.10 45.17
CA LEU L 64 -58.67 77.25 44.55
C LEU L 64 -59.62 78.43 44.35
N GLY L 65 -60.88 78.29 44.72
CA GLY L 65 -61.84 79.37 44.57
C GLY L 65 -62.40 79.45 43.17
N GLU L 66 -63.42 80.29 43.03
CA GLU L 66 -64.08 80.47 41.75
C GLU L 66 -63.13 81.16 40.76
N PRO L 67 -63.31 80.93 39.46
CA PRO L 67 -62.43 81.56 38.47
C PRO L 67 -62.52 83.08 38.51
N LEU L 68 -61.40 83.73 38.22
CA LEU L 68 -61.32 85.18 38.23
C LEU L 68 -61.97 85.74 36.96
N LYS L 69 -61.81 87.05 36.75
CA LYS L 69 -62.40 87.73 35.62
C LYS L 69 -61.30 88.31 34.74
N PRO L 70 -61.37 88.12 33.42
CA PRO L 70 -60.32 88.69 32.54
C PRO L 70 -60.22 90.19 32.61
N SER L 71 -61.35 90.89 32.81
CA SER L 71 -61.32 92.34 32.87
C SER L 71 -60.57 92.86 34.09
N SER L 72 -60.39 92.02 35.12
CA SER L 72 -59.67 92.44 36.31
C SER L 72 -58.21 92.77 35.98
N GLY L 73 -57.58 91.94 35.15
CA GLY L 73 -56.19 92.15 34.81
C GLY L 73 -55.57 90.94 34.15
N SER L 74 -54.34 90.59 34.54
CA SER L 74 -53.63 89.46 33.98
C SER L 74 -53.63 88.25 34.91
N GLN L 75 -54.50 88.25 35.92
CA GLN L 75 -54.54 87.17 36.89
C GLN L 75 -55.46 86.02 36.47
N PHE L 76 -56.09 86.11 35.31
CA PHE L 76 -57.02 85.09 34.86
C PHE L 76 -56.34 83.92 34.16
N GLU L 77 -55.02 83.96 34.01
CA GLU L 77 -54.34 82.92 33.25
C GLU L 77 -54.20 81.60 34.01
N PRO L 78 -53.65 81.57 35.23
CA PRO L 78 -53.37 80.28 35.87
C PRO L 78 -54.59 79.41 36.11
N ILE L 79 -55.75 80.01 36.38
CA ILE L 79 -56.93 79.19 36.59
C ILE L 79 -57.31 78.45 35.31
N ARG L 80 -57.23 79.12 34.17
CA ARG L 80 -57.53 78.45 32.91
C ARG L 80 -56.47 77.39 32.58
N HIS L 81 -55.20 77.67 32.87
CA HIS L 81 -54.18 76.66 32.67
C HIS L 81 -54.44 75.42 33.53
N VAL L 82 -54.83 75.64 34.78
CA VAL L 82 -55.18 74.53 35.68
C VAL L 82 -56.35 73.75 35.12
N TYR L 83 -57.37 74.46 34.63
CA TYR L 83 -58.55 73.78 34.12
C TYR L 83 -58.22 72.93 32.90
N GLU L 84 -57.34 73.42 32.04
CA GLU L 84 -56.95 72.64 30.87
C GLU L 84 -56.00 71.50 31.20
N ALA L 85 -55.24 71.61 32.28
CA ALA L 85 -54.29 70.56 32.61
C ALA L 85 -54.88 69.48 33.52
N ILE L 86 -55.88 69.82 34.32
CA ILE L 86 -56.49 68.84 35.24
C ILE L 86 -57.17 67.71 34.49
N GLN L 87 -57.67 67.98 33.27
CA GLN L 87 -58.46 67.04 32.48
C GLN L 87 -57.91 65.62 32.55
N GLN L 88 -56.60 65.47 32.66
CA GLN L 88 -55.95 64.16 32.67
C GLN L 88 -55.66 63.67 34.08
N THR L 89 -54.88 64.43 34.85
CA THR L 89 -54.38 63.95 36.13
C THR L 89 -54.39 65.07 37.15
N SER L 90 -54.40 64.67 38.43
CA SER L 90 -54.36 65.64 39.53
C SER L 90 -52.96 66.21 39.65
N GLY L 91 -52.81 67.22 40.51
CA GLY L 91 -51.52 67.87 40.62
C GLY L 91 -51.39 68.72 41.85
N TYR L 92 -50.28 69.44 41.92
CA TYR L 92 -49.93 70.29 43.05
C TYR L 92 -49.65 71.71 42.59
N VAL L 93 -50.22 72.68 43.31
CA VAL L 93 -50.06 74.08 42.97
C VAL L 93 -49.56 74.84 44.19
N VAL L 94 -48.98 76.00 43.93
CA VAL L 94 -48.50 76.90 44.97
C VAL L 94 -49.02 78.30 44.65
N ARG L 95 -49.78 78.88 45.57
CA ARG L 95 -50.33 80.21 45.37
C ARG L 95 -49.39 81.27 45.94
N ALA L 96 -49.10 82.30 45.14
CA ALA L 96 -48.27 83.41 45.56
C ALA L 96 -49.12 84.67 45.63
N VAL L 97 -49.03 85.38 46.74
CA VAL L 97 -49.88 86.54 46.98
C VAL L 97 -49.04 87.82 46.98
N PRO L 98 -49.63 88.98 46.70
CA PRO L 98 -48.87 90.23 46.77
C PRO L 98 -48.48 90.59 48.20
N ASP L 99 -47.84 91.74 48.38
CA ASP L 99 -47.30 92.07 49.69
C ASP L 99 -48.39 92.49 50.66
N ASP L 100 -49.38 93.25 50.21
CA ASP L 100 -50.35 93.88 51.10
C ASP L 100 -51.59 93.04 51.33
N ALA L 101 -51.56 91.74 51.00
CA ALA L 101 -52.70 90.89 51.26
C ALA L 101 -52.85 90.65 52.76
N LYS L 102 -54.06 90.79 53.27
CA LYS L 102 -54.33 90.66 54.70
C LYS L 102 -55.50 89.73 54.95
N PHE L 103 -55.42 88.99 56.05
CA PHE L 103 -56.47 88.08 56.48
C PHE L 103 -57.08 88.56 57.79
N PRO L 104 -58.35 88.23 58.03
CA PRO L 104 -59.03 88.74 59.21
C PRO L 104 -58.63 88.00 60.48
N ILE L 105 -58.87 88.66 61.61
CA ILE L 105 -58.55 88.13 62.94
C ILE L 105 -59.60 88.63 63.91
N ILE L 106 -60.11 87.74 64.76
CA ILE L 106 -61.05 88.09 65.82
C ILE L 106 -60.39 87.76 67.14
N MET L 107 -60.20 88.77 67.99
CA MET L 107 -59.56 88.62 69.28
C MET L 107 -60.60 88.82 70.39
N PHE L 108 -60.61 87.92 71.36
CA PHE L 108 -61.55 87.99 72.46
C PHE L 108 -60.88 88.58 73.69
N ASP L 109 -61.61 88.57 74.80
CA ASP L 109 -61.10 89.09 76.07
C ASP L 109 -61.71 88.26 77.20
N GLU L 110 -61.39 88.65 78.44
CA GLU L 110 -61.90 87.91 79.59
C GLU L 110 -63.42 87.99 79.67
N SER L 111 -63.98 89.19 79.49
CA SER L 111 -65.43 89.33 79.54
C SER L 111 -66.10 88.62 78.38
N GLY L 112 -65.49 88.64 77.20
CA GLY L 112 -66.06 88.01 76.02
C GLY L 112 -66.43 88.97 74.90
N GLU L 113 -66.13 90.26 75.01
CA GLU L 113 -66.48 91.20 73.96
C GLU L 113 -65.46 91.10 72.83
N PRO L 114 -65.88 90.72 71.63
CA PRO L 114 -64.92 90.52 70.54
C PRO L 114 -64.40 91.83 69.97
N ALA L 115 -63.24 91.74 69.32
CA ALA L 115 -62.68 92.83 68.54
C ALA L 115 -62.14 92.26 67.25
N TYR L 116 -62.09 93.08 66.22
CA TYR L 116 -61.69 92.65 64.89
C TYR L 116 -60.43 93.37 64.46
N SER L 117 -59.67 92.72 63.58
CA SER L 117 -58.49 93.33 62.98
C SER L 117 -58.11 92.53 61.74
N ALA L 118 -57.06 92.98 61.05
CA ALA L 118 -56.54 92.27 59.90
C ALA L 118 -55.02 92.28 59.95
N LEU L 119 -54.41 91.17 59.50
CA LEU L 119 -52.96 91.06 59.54
C LEU L 119 -52.43 90.57 58.20
N PRO L 120 -51.28 91.06 57.76
CA PRO L 120 -50.71 90.58 56.50
C PRO L 120 -50.33 89.11 56.57
N TYR L 121 -50.38 88.46 55.42
CA TYR L 121 -50.13 87.02 55.34
C TYR L 121 -48.69 86.70 55.75
N GLY L 122 -48.51 85.51 56.32
CA GLY L 122 -47.20 85.06 56.72
C GLY L 122 -46.68 85.64 58.02
N SER L 123 -47.54 86.28 58.81
CA SER L 123 -47.13 86.90 60.06
C SER L 123 -47.90 86.29 61.21
N GLU L 124 -47.21 86.05 62.32
CA GLU L 124 -47.86 85.54 63.52
C GLU L 124 -48.55 86.70 64.26
N ILE L 125 -49.17 86.36 65.39
CA ILE L 125 -50.03 87.29 66.10
C ILE L 125 -49.46 87.53 67.49
N GLU L 126 -49.40 88.80 67.89
CA GLU L 126 -49.05 89.16 69.25
C GLU L 126 -50.32 89.56 70.00
N LEU L 127 -50.50 89.00 71.19
CA LEU L 127 -51.71 89.22 71.95
C LEU L 127 -51.51 90.35 72.95
N ASP L 128 -52.49 91.25 73.01
CA ASP L 128 -52.43 92.33 73.99
C ASP L 128 -52.71 91.77 75.39
N SER L 129 -52.56 92.64 76.39
CA SER L 129 -52.73 92.21 77.78
C SER L 129 -54.14 91.70 78.02
N GLY L 130 -55.14 92.39 77.50
CA GLY L 130 -56.53 92.01 77.72
C GLY L 130 -57.06 90.94 76.81
N GLU L 131 -56.28 90.46 75.84
CA GLU L 131 -56.74 89.48 74.88
C GLU L 131 -56.54 88.08 75.42
N ALA L 132 -57.62 87.28 75.40
CA ALA L 132 -57.56 85.90 75.87
C ALA L 132 -57.16 84.94 74.76
N PHE L 133 -57.83 85.01 73.62
CA PHE L 133 -57.50 84.12 72.52
C PHE L 133 -58.00 84.73 71.21
N ALA L 134 -57.34 84.37 70.13
CA ALA L 134 -57.63 84.91 68.81
C ALA L 134 -57.91 83.78 67.83
N ILE L 135 -58.86 84.01 66.93
CA ILE L 135 -59.23 83.07 65.89
C ILE L 135 -59.08 83.77 64.54
N TYR L 136 -58.45 83.08 63.60
CA TYR L 136 -58.30 83.64 62.26
C TYR L 136 -58.52 82.53 61.23
N VAL L 137 -58.58 82.93 59.97
CA VAL L 137 -58.91 82.04 58.86
C VAL L 137 -57.66 81.78 58.06
N ASP L 138 -57.36 80.50 57.81
CA ASP L 138 -56.20 80.11 57.02
C ASP L 138 -56.57 79.49 55.69
N ASP L 139 -57.83 79.61 55.26
CA ASP L 139 -58.19 79.18 53.92
C ASP L 139 -57.66 80.12 52.85
N GLY L 140 -57.26 81.33 53.22
CA GLY L 140 -56.77 82.30 52.27
C GLY L 140 -57.81 83.26 51.75
N ASP L 141 -59.09 82.93 51.88
CA ASP L 141 -60.14 83.80 51.39
C ASP L 141 -60.13 85.11 52.17
N PRO L 142 -60.27 86.26 51.50
CA PRO L 142 -60.30 87.53 52.21
C PRO L 142 -61.65 87.86 52.86
N CYS L 143 -62.61 86.94 52.81
CA CYS L 143 -63.87 87.08 53.54
C CYS L 143 -64.61 88.36 53.15
N ILE L 144 -64.65 88.64 51.85
CA ILE L 144 -65.37 89.80 51.33
C ILE L 144 -66.61 89.39 50.54
N SER L 145 -66.52 88.31 49.78
CA SER L 145 -67.67 87.74 49.09
C SER L 145 -67.40 86.27 48.76
N PRO L 146 -68.14 85.34 49.36
CA PRO L 146 -69.21 85.52 50.35
C PRO L 146 -68.66 85.82 51.73
N THR L 147 -69.44 86.48 52.59
CA THR L 147 -69.00 86.75 53.94
C THR L 147 -69.01 85.47 54.77
N ARG L 148 -68.23 85.46 55.85
CA ARG L 148 -68.15 84.32 56.75
C ARG L 148 -68.42 84.78 58.17
N GLU L 149 -69.28 84.04 58.88
CA GLU L 149 -69.71 84.40 60.21
C GLU L 149 -69.38 83.26 61.18
N LEU L 150 -68.99 83.63 62.39
CA LEU L 150 -68.60 82.70 63.43
C LEU L 150 -69.53 82.85 64.62
N THR L 151 -69.99 81.72 65.16
CA THR L 151 -70.97 81.72 66.24
C THR L 151 -70.50 80.81 67.36
N ILE L 152 -70.71 81.26 68.60
CA ILE L 152 -70.33 80.54 69.80
C ILE L 152 -71.60 80.19 70.56
N GLU L 153 -71.74 78.92 70.94
CA GLU L 153 -72.93 78.44 71.64
C GLU L 153 -72.50 77.67 72.89
N THR L 154 -73.24 77.88 73.97
CA THR L 154 -72.96 77.13 75.20
C THR L 154 -73.39 75.67 75.05
N ALA L 155 -72.62 74.79 75.67
CA ALA L 155 -72.90 73.36 75.62
C ALA L 155 -72.70 72.75 77.01
N THR L 156 -73.02 71.47 77.13
CA THR L 156 -72.89 70.78 78.40
C THR L 156 -71.43 70.51 78.73
N ALA L 157 -71.07 70.66 80.00
CA ALA L 157 -69.72 70.41 80.44
C ALA L 157 -69.40 68.92 80.37
N ASP L 158 -68.11 68.60 80.36
CA ASP L 158 -67.67 67.22 80.28
C ASP L 158 -67.84 66.53 81.63
N SER L 159 -67.42 65.26 81.69
CA SER L 159 -67.49 64.52 82.95
C SER L 159 -66.57 65.12 84.00
N ALA L 160 -65.37 65.54 83.60
CA ALA L 160 -64.44 66.14 84.56
C ALA L 160 -64.99 67.44 85.12
N GLY L 161 -65.58 68.28 84.27
CA GLY L 161 -66.16 69.52 84.74
C GLY L 161 -65.83 70.73 83.89
N ASN L 162 -64.89 70.57 82.96
CA ASN L 162 -64.49 71.67 82.09
C ASN L 162 -65.63 72.06 81.17
N GLU L 163 -65.71 73.35 80.85
CA GLU L 163 -66.79 73.89 80.03
C GLU L 163 -66.39 73.85 78.56
N ARG L 164 -67.15 73.12 77.75
CA ARG L 164 -66.92 73.01 76.32
C ARG L 164 -68.02 73.78 75.59
N PHE L 165 -67.62 74.63 74.65
CA PHE L 165 -68.57 75.40 73.85
C PHE L 165 -68.49 74.98 72.40
N LEU L 166 -69.60 75.16 71.70
CA LEU L 166 -69.74 74.77 70.30
C LEU L 166 -69.43 75.95 69.40
N LEU L 167 -68.55 75.73 68.42
CA LEU L 167 -68.18 76.73 67.44
C LEU L 167 -68.81 76.37 66.10
N LYS L 168 -69.46 77.34 65.48
CA LYS L 168 -70.14 77.13 64.20
C LYS L 168 -69.76 78.24 63.24
N LEU L 169 -69.10 77.90 62.14
CA LEU L 169 -68.77 78.86 61.11
C LEU L 169 -69.65 78.60 59.89
N THR L 170 -70.30 79.66 59.41
CA THR L 170 -71.24 79.56 58.31
C THR L 170 -70.98 80.68 57.31
N GLN L 171 -71.13 80.37 56.02
CA GLN L 171 -70.93 81.35 54.97
C GLN L 171 -72.25 81.92 54.51
N THR L 172 -72.26 83.21 54.20
CA THR L 172 -73.45 83.90 53.69
C THR L 172 -73.07 84.60 52.40
N THR L 173 -73.81 84.31 51.34
CA THR L 173 -73.57 84.95 50.06
C THR L 173 -74.21 86.34 50.04
N SER L 174 -73.82 87.14 49.03
CA SER L 174 -74.35 88.49 48.92
C SER L 174 -75.85 88.47 48.62
N LEU L 175 -76.34 87.47 47.89
CA LEU L 175 -77.76 87.40 47.57
C LEU L 175 -78.59 87.20 48.83
N GLY L 176 -78.15 86.32 49.72
CA GLY L 176 -78.88 86.08 50.95
C GLY L 176 -78.90 84.63 51.38
N VAL L 177 -78.28 83.76 50.60
CA VAL L 177 -78.22 82.34 50.94
C VAL L 177 -77.24 82.16 52.09
N VAL L 178 -77.69 81.50 53.15
CA VAL L 178 -76.90 81.27 54.35
C VAL L 178 -76.87 79.77 54.60
N THR L 179 -75.70 79.16 54.49
CA THR L 179 -75.52 77.73 54.72
C THR L 179 -74.43 77.53 55.75
N THR L 180 -74.61 76.52 56.60
CA THR L 180 -73.58 76.17 57.56
C THR L 180 -72.37 75.60 56.84
N LEU L 181 -71.19 75.80 57.43
CA LEU L 181 -69.95 75.36 56.81
C LEU L 181 -69.18 74.37 57.66
N GLU L 182 -69.00 74.64 58.96
CA GLU L 182 -68.32 73.70 59.82
C GLU L 182 -68.74 73.93 61.27
N THR L 183 -68.62 72.88 62.07
CA THR L 183 -68.98 72.92 63.47
C THR L 183 -68.00 72.09 64.28
N HIS L 184 -67.80 72.49 65.54
CA HIS L 184 -66.87 71.83 66.43
C HIS L 184 -67.32 72.02 67.87
N THR L 185 -66.76 71.21 68.76
CA THR L 185 -66.97 71.34 70.20
C THR L 185 -65.61 71.46 70.86
N VAL L 186 -65.24 72.67 71.29
CA VAL L 186 -63.91 72.93 71.79
C VAL L 186 -63.99 73.62 73.14
N SER L 187 -62.90 73.53 73.90
CA SER L 187 -62.81 74.15 75.20
C SER L 187 -61.40 74.65 75.45
N LEU L 188 -61.28 75.57 76.40
CA LEU L 188 -60.00 76.18 76.73
C LEU L 188 -59.19 75.35 77.72
N ALA L 189 -59.77 74.31 78.31
CA ALA L 189 -59.02 73.46 79.22
C ALA L 189 -57.96 72.67 78.47
N GLU L 190 -56.79 72.53 79.09
CA GLU L 190 -55.67 71.86 78.44
C GLU L 190 -55.85 70.36 78.30
N GLU L 191 -56.86 69.78 78.95
CA GLU L 191 -57.00 68.33 78.94
C GLU L 191 -58.43 67.85 78.71
N ALA L 192 -59.40 68.76 78.54
CA ALA L 192 -60.78 68.35 78.37
C ALA L 192 -60.97 67.55 77.08
N LYS L 193 -61.91 66.63 77.10
CA LYS L 193 -62.22 65.79 75.95
C LYS L 193 -63.67 65.94 75.56
N ASP L 194 -63.95 65.77 74.27
CA ASP L 194 -65.30 65.88 73.76
C ASP L 194 -66.06 64.58 74.00
N ASP L 195 -67.25 64.45 73.41
CA ASP L 195 -68.05 63.25 73.60
C ASP L 195 -67.39 62.03 72.96
N MET L 196 -66.79 62.20 71.78
CA MET L 196 -66.18 61.09 71.08
C MET L 196 -64.83 60.68 71.65
N GLY L 197 -64.27 61.46 72.57
CA GLY L 197 -63.03 61.11 73.23
C GLY L 197 -61.80 61.83 72.69
N ARG L 198 -61.91 62.56 71.59
CA ARG L 198 -60.78 63.27 71.04
C ARG L 198 -60.45 64.48 71.91
N LEU L 199 -59.22 64.98 71.76
CA LEU L 199 -58.80 66.17 72.48
C LEU L 199 -59.60 67.38 72.01
N CYS L 200 -60.03 68.21 72.96
CA CYS L 200 -60.88 69.36 72.65
C CYS L 200 -60.23 70.69 73.02
N TYR L 201 -58.94 70.70 73.35
CA TYR L 201 -58.24 71.96 73.53
C TYR L 201 -58.32 72.77 72.23
N LEU L 202 -58.57 74.07 72.38
CA LEU L 202 -58.90 74.89 71.21
C LEU L 202 -57.80 74.94 70.16
N PRO L 203 -56.54 75.28 70.47
CA PRO L 203 -55.53 75.40 69.40
C PRO L 203 -55.30 74.09 68.66
N THR L 204 -54.99 73.01 69.38
CA THR L 204 -54.70 71.75 68.71
C THR L 204 -55.93 71.20 68.01
N ALA L 205 -57.12 71.36 68.60
CA ALA L 205 -58.33 70.87 67.96
C ALA L 205 -58.57 71.57 66.63
N LEU L 206 -58.50 72.91 66.63
CA LEU L 206 -58.71 73.64 65.38
C LEU L 206 -57.62 73.33 64.37
N GLU L 207 -56.36 73.20 64.82
CA GLU L 207 -55.28 72.91 63.89
C GLU L 207 -55.44 71.53 63.25
N ALA L 208 -55.89 70.55 64.01
CA ALA L 208 -55.95 69.17 63.51
C ALA L 208 -57.22 68.89 62.73
N ARG L 209 -58.38 69.11 63.34
CA ARG L 209 -59.63 68.63 62.76
C ARG L 209 -60.32 69.64 61.87
N SER L 210 -59.79 70.85 61.75
CA SER L 210 -60.40 71.90 60.93
C SER L 210 -59.40 72.41 59.91
N LYS L 211 -59.83 72.53 58.67
CA LYS L 211 -58.97 73.03 57.59
C LYS L 211 -59.32 74.47 57.19
N TYR L 212 -60.14 75.15 57.98
CA TYR L 212 -60.53 76.53 57.69
C TYR L 212 -59.97 77.52 58.69
N LEU L 213 -59.98 77.19 59.98
CA LEU L 213 -59.63 78.14 61.04
C LEU L 213 -58.34 77.73 61.73
N ARG L 214 -57.75 78.71 62.41
CA ARG L 214 -56.65 78.48 63.33
C ARG L 214 -56.86 79.42 64.51
N ALA L 215 -56.22 79.09 65.63
CA ALA L 215 -56.40 79.89 66.83
C ALA L 215 -55.11 79.95 67.62
N VAL L 216 -54.98 80.99 68.43
CA VAL L 216 -53.90 81.12 69.39
C VAL L 216 -54.48 81.58 70.71
N VAL L 217 -53.75 81.32 71.79
CA VAL L 217 -54.21 81.61 73.15
C VAL L 217 -53.13 82.34 73.90
N ASN L 218 -53.55 83.07 74.93
CA ASN L 218 -52.62 83.74 75.86
C ASN L 218 -52.52 82.90 77.12
N GLU L 219 -51.32 82.43 77.43
CA GLU L 219 -51.14 81.49 78.54
C GLU L 219 -51.51 82.14 79.86
N GLU L 220 -51.13 83.40 80.06
CA GLU L 220 -51.35 84.05 81.35
C GLU L 220 -52.84 84.18 81.65
N LEU L 221 -53.64 84.56 80.67
CA LEU L 221 -55.06 84.83 80.87
C LEU L 221 -55.96 83.64 80.57
N ILE L 222 -55.39 82.51 80.12
CA ILE L 222 -56.22 81.38 79.73
C ILE L 222 -56.84 80.69 80.94
N SER L 223 -56.30 80.90 82.13
CA SER L 223 -56.83 80.22 83.31
C SER L 223 -58.17 80.81 83.72
N THR L 224 -58.28 82.13 83.76
CA THR L 224 -59.50 82.81 84.18
C THR L 224 -60.40 83.18 83.02
N ALA L 225 -60.06 82.80 81.81
CA ALA L 225 -60.84 83.17 80.63
C ALA L 225 -62.21 82.51 80.68
N LYS L 226 -63.24 83.28 80.33
CA LYS L 226 -64.60 82.79 80.23
C LYS L 226 -65.20 83.30 78.93
N VAL L 227 -66.08 82.49 78.34
CA VAL L 227 -66.70 82.81 77.06
C VAL L 227 -68.21 82.94 77.26
N THR L 228 -68.79 83.95 76.64
CA THR L 228 -70.23 84.19 76.67
C THR L 228 -70.87 83.60 75.43
N ASN L 229 -72.14 83.92 75.22
CA ASN L 229 -72.89 83.46 74.04
C ASN L 229 -72.92 84.60 73.03
N LYS L 230 -72.08 84.50 72.00
CA LYS L 230 -72.04 85.47 70.92
C LYS L 230 -72.65 84.86 69.66
N LYS L 231 -73.59 85.59 69.07
CA LYS L 231 -74.34 85.11 67.91
C LYS L 231 -74.08 86.00 66.71
N SER L 232 -73.76 85.38 65.57
CA SER L 232 -73.61 86.06 64.29
C SER L 232 -72.53 87.14 64.36
N LEU L 233 -71.30 86.70 64.58
CA LEU L 233 -70.15 87.57 64.45
C LEU L 233 -69.84 87.78 62.97
N ALA L 234 -68.79 88.56 62.69
CA ALA L 234 -68.47 88.88 61.30
C ALA L 234 -66.98 89.14 61.17
N PHE L 235 -66.32 88.34 60.33
CA PHE L 235 -64.95 88.65 59.95
C PHE L 235 -64.92 89.89 59.08
N THR L 236 -63.87 90.69 59.22
CA THR L 236 -63.75 91.91 58.43
C THR L 236 -62.28 92.28 58.29
N GLY L 237 -62.00 93.12 57.29
CA GLY L 237 -60.67 93.59 57.03
C GLY L 237 -59.87 92.77 56.04
N GLY L 238 -60.35 91.60 55.67
CA GLY L 238 -59.61 90.77 54.73
C GLY L 238 -59.55 91.43 53.36
N THR L 239 -58.41 91.27 52.70
CA THR L 239 -58.18 91.93 51.42
C THR L 239 -57.14 91.15 50.63
N ASN L 240 -57.49 90.75 49.40
CA ASN L 240 -56.55 90.03 48.56
C ASN L 240 -55.52 90.95 47.92
N GLY L 241 -55.74 92.26 47.99
CA GLY L 241 -54.79 93.20 47.45
C GLY L 241 -54.84 93.27 45.93
N ASP L 242 -53.82 93.91 45.37
CA ASP L 242 -53.66 94.01 43.92
C ASP L 242 -52.84 92.82 43.43
N GLN L 243 -53.47 91.97 42.63
CA GLN L 243 -52.79 90.82 42.07
C GLN L 243 -52.29 91.06 40.65
N SER L 244 -52.45 92.28 40.13
CA SER L 244 -51.96 92.57 38.79
C SER L 244 -50.44 92.52 38.75
N LYS L 245 -49.78 93.17 39.70
CA LYS L 245 -48.32 93.20 39.76
C LYS L 245 -47.84 92.45 41.00
N ILE L 246 -46.81 91.63 40.82
CA ILE L 246 -46.23 90.85 41.90
C ILE L 246 -44.71 90.91 41.77
N SER L 247 -44.05 91.24 42.86
CA SER L 247 -42.59 91.32 42.84
C SER L 247 -41.99 89.95 42.58
N THR L 248 -40.80 89.94 41.97
CA THR L 248 -40.13 88.68 41.68
C THR L 248 -39.73 87.94 42.95
N ALA L 249 -39.65 88.63 44.09
CA ALA L 249 -39.34 87.96 45.35
C ALA L 249 -40.42 86.95 45.72
N ALA L 250 -41.69 87.32 45.52
CA ALA L 250 -42.77 86.40 45.82
C ALA L 250 -42.70 85.15 44.96
N TYR L 251 -42.43 85.32 43.66
CA TYR L 251 -42.32 84.17 42.78
C TYR L 251 -41.14 83.29 43.16
N LEU L 252 -40.02 83.90 43.54
CA LEU L 252 -38.87 83.12 43.96
C LEU L 252 -39.17 82.33 45.23
N ARG L 253 -39.86 82.96 46.19
CA ARG L 253 -40.23 82.24 47.40
C ARG L 253 -41.17 81.08 47.09
N ALA L 254 -42.14 81.30 46.21
CA ALA L 254 -43.07 80.24 45.85
C ALA L 254 -42.35 79.08 45.18
N VAL L 255 -41.42 79.37 44.26
CA VAL L 255 -40.73 78.28 43.58
C VAL L 255 -39.80 77.56 44.54
N LYS L 256 -39.21 78.26 45.50
CA LYS L 256 -38.40 77.58 46.51
C LYS L 256 -39.26 76.62 47.33
N VAL L 257 -40.45 77.07 47.73
CA VAL L 257 -41.35 76.20 48.48
C VAL L 257 -41.72 74.97 47.64
N LEU L 258 -42.01 75.18 46.35
CA LEU L 258 -42.34 74.06 45.48
C LEU L 258 -41.18 73.09 45.37
N ASN L 259 -39.96 73.60 45.32
CA ASN L 259 -38.78 72.73 45.28
C ASN L 259 -38.69 71.90 46.55
N ASN L 260 -38.91 72.51 47.69
CA ASN L 260 -38.78 71.81 48.97
C ASN L 260 -40.01 70.98 49.31
N ALA L 261 -41.05 71.01 48.48
CA ALA L 261 -42.24 70.23 48.76
C ALA L 261 -41.91 68.74 48.84
N PRO L 262 -42.45 68.02 49.81
CA PRO L 262 -42.19 66.57 49.94
C PRO L 262 -43.23 65.73 49.20
N TYR L 263 -43.29 65.87 47.88
CA TYR L 263 -44.22 65.12 47.06
C TYR L 263 -43.49 64.59 45.83
N MET L 264 -44.23 63.89 44.98
CA MET L 264 -43.71 63.31 43.76
C MET L 264 -44.47 63.85 42.56
N TYR L 265 -43.75 64.41 41.59
CA TYR L 265 -44.39 64.85 40.36
C TYR L 265 -43.39 64.74 39.21
N THR L 266 -43.92 64.63 37.99
CA THR L 266 -43.12 64.42 36.80
C THR L 266 -43.36 65.48 35.74
N ALA L 267 -43.80 66.68 36.13
CA ALA L 267 -43.97 67.77 35.19
C ALA L 267 -44.05 69.06 35.97
N VAL L 268 -43.35 70.09 35.51
CA VAL L 268 -43.17 71.30 36.30
C VAL L 268 -43.83 72.49 35.60
N LEU L 269 -45.00 72.25 35.01
CA LEU L 269 -45.73 73.21 34.20
C LEU L 269 -45.57 74.64 34.69
N GLY L 270 -45.18 75.53 33.78
CA GLY L 270 -45.07 76.95 34.08
C GLY L 270 -46.39 77.66 33.89
N LEU L 271 -47.30 77.52 34.86
CA LEU L 271 -48.66 78.04 34.73
C LEU L 271 -48.63 79.56 34.64
N GLY L 272 -48.85 80.08 33.44
CA GLY L 272 -49.05 81.49 33.20
C GLY L 272 -48.17 82.45 33.97
N CYS L 273 -46.91 82.09 34.17
CA CYS L 273 -45.96 82.93 34.89
C CYS L 273 -44.86 83.32 33.91
N TYR L 274 -44.93 84.54 33.39
CA TYR L 274 -43.97 85.04 32.41
C TYR L 274 -42.93 85.92 33.11
N ASP L 275 -42.10 85.28 33.91
CA ASP L 275 -41.00 85.94 34.60
C ASP L 275 -39.73 85.14 34.38
N ASN L 276 -38.67 85.83 33.95
CA ASN L 276 -37.44 85.14 33.59
C ASN L 276 -36.83 84.42 34.79
N ALA L 277 -36.80 85.07 35.96
CA ALA L 277 -36.23 84.45 37.14
C ALA L 277 -37.00 83.21 37.54
N ALA L 278 -38.34 83.29 37.52
CA ALA L 278 -39.14 82.13 37.89
C ALA L 278 -38.97 80.99 36.90
N ILE L 279 -38.90 81.31 35.61
CA ILE L 279 -38.70 80.25 34.61
C ILE L 279 -37.34 79.59 34.79
N THR L 280 -36.30 80.38 35.07
CA THR L 280 -35.00 79.78 35.34
C THR L 280 -35.03 78.89 36.57
N ALA L 281 -35.72 79.32 37.62
CA ALA L 281 -35.81 78.50 38.82
C ALA L 281 -36.54 77.19 38.54
N LEU L 282 -37.61 77.24 37.75
CA LEU L 282 -38.31 76.01 37.40
C LEU L 282 -37.46 75.10 36.53
N GLY L 283 -36.64 75.67 35.65
CA GLY L 283 -35.68 74.86 34.92
C GLY L 283 -34.69 74.19 35.85
N LYS L 284 -34.27 74.91 36.90
CA LYS L 284 -33.42 74.28 37.91
C LYS L 284 -34.12 73.12 38.58
N ILE L 285 -35.41 73.27 38.88
CA ILE L 285 -36.16 72.18 39.49
C ILE L 285 -36.17 70.96 38.57
N CYS L 286 -36.40 71.18 37.28
CA CYS L 286 -36.32 70.08 36.32
C CYS L 286 -34.96 69.42 36.35
N ALA L 287 -33.89 70.21 36.22
CA ALA L 287 -32.55 69.64 36.15
C ALA L 287 -32.18 68.90 37.43
N ASP L 288 -32.80 69.29 38.55
CA ASP L 288 -32.47 68.65 39.82
C ASP L 288 -33.24 67.35 39.99
N ARG L 289 -34.56 67.38 39.79
CA ARG L 289 -35.38 66.21 40.05
C ARG L 289 -35.46 65.23 38.89
N LEU L 290 -34.86 65.56 37.74
CA LEU L 290 -34.94 64.72 36.53
C LEU L 290 -36.39 64.53 36.09
N ILE L 291 -37.05 65.65 35.77
CA ILE L 291 -38.42 65.63 35.29
C ILE L 291 -38.54 66.53 34.06
N ASP L 292 -39.76 66.71 33.57
CA ASP L 292 -40.03 67.45 32.35
C ASP L 292 -40.68 68.79 32.65
N GLY L 293 -40.36 69.78 31.82
CA GLY L 293 -40.95 71.10 31.97
C GLY L 293 -41.55 71.61 30.68
N PHE L 294 -42.69 72.30 30.76
CA PHE L 294 -43.37 72.82 29.59
C PHE L 294 -43.67 74.30 29.82
N PHE L 295 -42.69 75.15 29.54
CA PHE L 295 -42.84 76.59 29.73
C PHE L 295 -43.26 77.24 28.42
N ASP L 296 -43.65 78.51 28.51
CA ASP L 296 -44.24 79.13 27.34
C ASP L 296 -44.00 80.63 27.43
N VAL L 297 -43.59 81.24 26.31
CA VAL L 297 -43.27 82.66 26.26
C VAL L 297 -44.56 83.47 26.18
N LYS L 298 -44.46 84.79 26.33
CA LYS L 298 -45.66 85.62 26.33
C LYS L 298 -46.40 85.43 25.02
N PRO L 299 -47.65 84.99 25.04
CA PRO L 299 -48.37 84.72 23.79
C PRO L 299 -49.02 85.97 23.22
N THR L 300 -48.30 87.09 23.24
CA THR L 300 -48.73 88.32 22.58
C THR L 300 -47.58 88.97 21.84
N LEU L 301 -46.49 88.25 21.63
CA LEU L 301 -45.35 88.77 20.90
C LEU L 301 -45.43 88.34 19.44
N THR L 302 -44.98 89.22 18.55
CA THR L 302 -44.94 88.90 17.14
C THR L 302 -43.87 87.84 16.89
N TYR L 303 -43.98 87.20 15.72
CA TYR L 303 -43.03 86.14 15.37
C TYR L 303 -41.60 86.67 15.30
N ALA L 304 -41.42 87.96 15.04
CA ALA L 304 -40.07 88.52 15.02
C ALA L 304 -39.47 88.58 16.41
N GLU L 305 -40.25 89.01 17.40
CA GLU L 305 -39.75 89.15 18.76
C GLU L 305 -39.82 87.84 19.55
N ALA L 306 -40.49 86.82 19.04
CA ALA L 306 -40.57 85.56 19.78
C ALA L 306 -39.19 84.92 19.91
N LEU L 307 -38.38 84.97 18.85
CA LEU L 307 -37.07 84.31 18.89
C LEU L 307 -36.13 84.89 19.93
N PRO L 308 -35.90 86.20 20.03
CA PRO L 308 -35.02 86.69 21.11
C PRO L 308 -35.59 86.46 22.50
N ALA L 309 -36.91 86.40 22.65
CA ALA L 309 -37.48 86.16 23.98
C ALA L 309 -37.14 84.76 24.49
N VAL L 310 -37.02 83.79 23.60
CA VAL L 310 -36.64 82.44 24.02
C VAL L 310 -35.22 82.43 24.57
N GLU L 311 -34.31 83.15 23.91
CA GLU L 311 -32.96 83.29 24.46
C GLU L 311 -32.99 84.04 25.78
N ASP L 312 -33.85 85.05 25.89
CA ASP L 312 -33.94 85.83 27.12
C ASP L 312 -34.39 84.97 28.29
N THR L 313 -35.37 84.08 28.05
CA THR L 313 -35.99 83.35 29.15
C THR L 313 -35.01 82.46 29.89
N GLY L 314 -33.85 82.15 29.31
CA GLY L 314 -32.69 81.69 30.06
C GLY L 314 -32.39 80.22 29.98
N LEU L 315 -33.31 79.37 29.53
CA LEU L 315 -33.00 77.94 29.53
C LEU L 315 -32.17 77.50 28.34
N LEU L 316 -31.88 78.37 27.38
CA LEU L 316 -31.08 77.98 26.23
C LEU L 316 -29.67 77.67 26.67
N GLY L 317 -29.30 76.38 26.66
CA GLY L 317 -27.99 75.95 27.04
C GLY L 317 -27.83 74.45 26.92
N THR L 318 -27.05 73.85 27.82
CA THR L 318 -26.87 72.42 27.86
C THR L 318 -27.27 71.79 29.18
N ASP L 319 -27.63 72.59 30.17
CA ASP L 319 -28.02 72.04 31.47
C ASP L 319 -29.47 71.60 31.49
N TYR L 320 -30.35 72.36 30.84
CA TYR L 320 -31.78 72.06 30.80
C TYR L 320 -32.09 71.39 29.47
N VAL L 321 -31.99 70.07 29.44
CA VAL L 321 -32.19 69.31 28.21
C VAL L 321 -33.57 68.68 28.12
N SER L 322 -34.44 68.95 29.09
CA SER L 322 -35.77 68.34 29.10
C SER L 322 -36.90 69.37 29.13
N CYS L 323 -36.58 70.65 29.03
CA CYS L 323 -37.59 71.70 29.15
C CYS L 323 -37.94 72.25 27.78
N SER L 324 -39.22 72.22 27.44
CA SER L 324 -39.73 72.71 26.17
C SER L 324 -40.32 74.11 26.34
N VAL L 325 -40.23 74.90 25.29
CA VAL L 325 -40.74 76.27 25.28
C VAL L 325 -41.74 76.41 24.15
N TYR L 326 -42.92 76.95 24.46
CA TYR L 326 -43.99 77.08 23.49
C TYR L 326 -44.36 78.54 23.28
N HIS L 327 -45.20 78.76 22.27
CA HIS L 327 -45.64 80.10 21.88
C HIS L 327 -46.92 79.95 21.07
N TYR L 328 -47.99 80.59 21.53
CA TYR L 328 -49.33 80.44 20.93
C TYR L 328 -49.95 81.81 20.73
N PRO L 329 -49.56 82.52 19.66
CA PRO L 329 -50.13 83.87 19.42
C PRO L 329 -51.47 83.81 18.71
N PHE L 330 -52.51 83.42 19.45
CA PHE L 330 -53.85 83.33 18.90
C PHE L 330 -54.85 83.77 19.96
N SER L 331 -56.02 84.21 19.51
CA SER L 331 -57.10 84.59 20.40
C SER L 331 -58.10 83.46 20.53
N CYS L 332 -58.96 83.57 21.52
CA CYS L 332 -59.94 82.52 21.78
C CYS L 332 -61.11 83.10 22.57
N LYS L 333 -62.21 82.36 22.59
CA LYS L 333 -63.40 82.75 23.33
C LYS L 333 -63.45 81.94 24.62
N ASP L 334 -63.51 82.64 25.75
CA ASP L 334 -63.41 82.00 27.05
C ASP L 334 -64.62 81.12 27.32
N LYS L 335 -64.38 80.07 28.11
CA LYS L 335 -65.44 79.10 28.41
C LYS L 335 -66.45 79.65 29.41
N TRP L 336 -65.99 80.43 30.39
CA TRP L 336 -66.85 80.86 31.48
C TRP L 336 -67.45 82.24 31.23
N THR L 337 -66.61 83.25 31.06
CA THR L 337 -67.09 84.62 30.99
C THR L 337 -67.56 85.03 29.59
N GLN L 338 -67.28 84.21 28.57
CA GLN L 338 -67.68 84.51 27.19
C GLN L 338 -67.11 85.85 26.72
N SER L 339 -65.79 85.91 26.63
CA SER L 339 -65.10 87.12 26.20
C SER L 339 -63.90 86.73 25.35
N ARG L 340 -63.17 87.74 24.88
CA ARG L 340 -61.99 87.54 24.04
C ARG L 340 -60.75 87.58 24.92
N VAL L 341 -60.14 86.41 25.13
CA VAL L 341 -58.97 86.30 25.98
C VAL L 341 -57.88 85.54 25.23
N VAL L 342 -56.65 85.71 25.71
CA VAL L 342 -55.50 85.00 25.17
C VAL L 342 -54.70 84.42 26.33
N PHE L 343 -54.31 83.16 26.21
CA PHE L 343 -53.43 82.54 27.19
C PHE L 343 -52.55 81.51 26.48
N GLY L 344 -51.76 80.79 27.26
CA GLY L 344 -50.66 80.01 26.73
C GLY L 344 -51.03 78.58 26.38
N LEU L 345 -49.99 77.76 26.25
CA LEU L 345 -50.13 76.39 25.75
C LEU L 345 -49.52 75.35 26.69
N SER L 346 -49.09 75.73 27.88
CA SER L 346 -48.48 74.76 28.79
C SER L 346 -49.46 73.66 29.18
N GLY L 347 -50.70 74.03 29.47
CA GLY L 347 -51.69 73.04 29.84
C GLY L 347 -51.95 72.03 28.75
N VAL L 348 -52.08 72.50 27.50
CA VAL L 348 -52.34 71.59 26.40
C VAL L 348 -51.13 70.72 26.12
N ALA L 349 -49.92 71.28 26.25
CA ALA L 349 -48.72 70.47 26.09
C ALA L 349 -48.67 69.35 27.10
N TYR L 350 -48.98 69.66 28.37
CA TYR L 350 -48.98 68.59 29.37
C TYR L 350 -50.09 67.59 29.13
N ALA L 351 -51.25 68.05 28.64
CA ALA L 351 -52.31 67.11 28.31
C ALA L 351 -51.87 66.15 27.23
N ALA L 352 -51.15 66.66 26.22
CA ALA L 352 -50.62 65.79 25.19
C ALA L 352 -49.63 64.78 25.77
N LYS L 353 -48.76 65.24 26.67
CA LYS L 353 -47.78 64.33 27.26
C LYS L 353 -48.48 63.24 28.09
N ALA L 354 -49.53 63.61 28.82
CA ALA L 354 -50.25 62.63 29.61
C ALA L 354 -50.99 61.63 28.74
N ARG L 355 -51.61 62.11 27.65
CA ARG L 355 -52.24 61.19 26.72
C ARG L 355 -51.23 60.21 26.16
N GLY L 356 -50.01 60.68 25.88
CA GLY L 356 -48.97 59.79 25.42
C GLY L 356 -48.55 58.78 26.48
N VAL L 357 -48.41 59.24 27.72
CA VAL L 357 -47.91 58.36 28.78
C VAL L 357 -48.95 57.36 29.24
N LYS L 358 -50.22 57.58 28.93
CA LYS L 358 -51.27 56.64 29.32
C LYS L 358 -51.53 55.55 28.30
N LYS L 359 -50.77 55.51 27.21
CA LYS L 359 -51.00 54.50 26.17
C LYS L 359 -50.59 53.11 26.66
N ASN L 360 -49.33 52.94 27.02
CA ASN L 360 -48.86 51.68 27.58
C ASN L 360 -49.26 51.57 29.05
N SER L 361 -49.62 50.37 29.48
CA SER L 361 -50.10 50.15 30.83
C SER L 361 -49.06 49.55 31.76
N ASP L 362 -48.14 48.74 31.24
CA ASP L 362 -47.16 48.09 32.10
C ASP L 362 -46.15 49.10 32.63
N VAL L 363 -45.38 49.72 31.74
CA VAL L 363 -44.39 50.71 32.12
C VAL L 363 -44.78 52.12 31.71
N GLY L 364 -45.86 52.29 30.94
CA GLY L 364 -46.25 53.60 30.49
C GLY L 364 -45.45 54.03 29.29
N GLY L 365 -46.11 54.61 28.30
CA GLY L 365 -45.40 55.01 27.10
C GLY L 365 -44.78 56.37 27.23
N TRP L 366 -43.49 56.42 27.53
CA TRP L 366 -42.77 57.67 27.59
C TRP L 366 -42.13 58.05 26.26
N HIS L 367 -42.18 57.17 25.27
CA HIS L 367 -41.53 57.41 23.99
C HIS L 367 -42.42 58.11 22.98
N TYR L 368 -43.65 58.45 23.36
CA TYR L 368 -44.55 59.15 22.45
C TYR L 368 -44.30 60.64 22.55
N SER L 369 -44.02 61.27 21.41
CA SER L 369 -43.79 62.71 21.42
C SER L 369 -45.09 63.46 21.70
N PRO L 370 -45.02 64.60 22.38
CA PRO L 370 -46.21 65.41 22.66
C PRO L 370 -46.65 66.28 21.49
N ALA L 371 -46.83 65.66 20.33
CA ALA L 371 -47.27 66.37 19.14
C ALA L 371 -47.91 65.38 18.19
N GLY L 372 -48.66 65.92 17.23
CA GLY L 372 -49.31 65.11 16.23
C GLY L 372 -50.75 65.51 16.06
N GLU L 373 -51.50 64.67 15.36
CA GLU L 373 -52.92 64.92 15.10
C GLU L 373 -53.83 64.02 15.92
N GLU L 374 -53.28 63.06 16.65
CA GLU L 374 -54.07 62.16 17.47
C GLU L 374 -53.81 62.31 18.96
N ARG L 375 -52.86 63.16 19.36
CA ARG L 375 -52.53 63.30 20.77
C ARG L 375 -52.32 64.73 21.23
N ALA L 376 -52.43 65.74 20.37
CA ALA L 376 -52.10 67.09 20.76
C ALA L 376 -53.07 68.11 20.18
N VAL L 377 -54.31 67.68 19.93
CA VAL L 377 -55.30 68.62 19.40
C VAL L 377 -55.59 69.68 20.44
N ILE L 378 -55.88 70.89 19.97
CA ILE L 378 -56.16 72.04 20.83
C ILE L 378 -57.66 72.32 20.74
N ALA L 379 -58.34 72.27 21.88
CA ALA L 379 -59.77 72.50 21.95
C ALA L 379 -60.02 73.90 22.50
N ARG L 380 -60.48 74.81 21.63
CA ARG L 380 -60.82 76.16 22.03
C ARG L 380 -62.14 76.52 21.35
N ALA L 381 -62.49 77.80 21.40
CA ALA L 381 -63.74 78.28 20.82
C ALA L 381 -63.44 79.50 19.96
N SER L 382 -63.74 79.40 18.67
CA SER L 382 -63.63 80.53 17.74
C SER L 382 -62.21 81.10 17.73
N ILE L 383 -61.24 80.25 17.39
CA ILE L 383 -59.86 80.69 17.33
C ILE L 383 -59.70 81.70 16.21
N GLN L 384 -59.26 82.90 16.55
CA GLN L 384 -59.07 83.98 15.60
C GLN L 384 -57.64 84.48 15.70
N PRO L 385 -56.83 84.33 14.65
CA PRO L 385 -55.40 84.66 14.78
C PRO L 385 -55.18 86.11 15.15
N LEU L 386 -54.16 86.35 15.97
CA LEU L 386 -53.86 87.70 16.44
C LEU L 386 -53.22 88.54 15.34
N TYR L 387 -52.32 87.95 14.57
CA TYR L 387 -51.59 88.65 13.51
C TYR L 387 -51.75 87.87 12.22
N PRO L 388 -52.90 87.98 11.56
CA PRO L 388 -53.09 87.27 10.29
C PRO L 388 -52.15 87.71 9.19
N GLU L 389 -51.60 88.93 9.25
CA GLU L 389 -50.74 89.40 8.17
C GLU L 389 -49.33 88.87 8.24
N ASP L 390 -48.95 88.23 9.35
CA ASP L 390 -47.58 87.75 9.50
C ASP L 390 -47.48 86.28 9.07
N THR L 391 -46.28 85.73 9.20
CA THR L 391 -46.00 84.38 8.74
C THR L 391 -44.88 83.79 9.59
N PRO L 392 -44.93 82.49 9.88
CA PRO L 392 -43.87 81.87 10.69
C PRO L 392 -42.55 81.82 9.95
N ASP L 393 -41.51 81.45 10.69
CA ASP L 393 -40.12 81.48 10.22
C ASP L 393 -39.49 80.11 10.42
N GLU L 394 -40.17 79.07 9.91
CA GLU L 394 -39.89 77.67 10.26
C GLU L 394 -38.41 77.36 10.49
N GLU L 395 -37.54 77.76 9.57
CA GLU L 395 -36.12 77.46 9.74
C GLU L 395 -35.54 78.17 10.96
N ALA L 396 -35.85 79.47 11.10
CA ALA L 396 -35.36 80.21 12.26
C ALA L 396 -35.92 79.65 13.55
N MET L 397 -37.20 79.25 13.54
CA MET L 397 -37.80 78.67 14.73
C MET L 397 -37.12 77.37 15.13
N VAL L 398 -36.84 76.50 14.15
CA VAL L 398 -36.19 75.23 14.47
C VAL L 398 -34.78 75.48 14.97
N LYS L 399 -34.08 76.45 14.40
CA LYS L 399 -32.74 76.75 14.89
C LYS L 399 -32.78 77.36 16.29
N GLY L 400 -33.82 78.12 16.61
CA GLY L 400 -33.96 78.74 17.90
C GLY L 400 -34.72 77.92 18.93
N ARG L 401 -35.10 76.68 18.60
CA ARG L 401 -35.74 75.77 19.55
C ARG L 401 -37.04 76.35 20.08
N LEU L 402 -37.99 76.52 19.16
CA LEU L 402 -39.31 77.06 19.50
C LEU L 402 -40.36 76.21 18.79
N ASN L 403 -41.16 75.48 19.55
CA ASN L 403 -42.23 74.69 18.96
C ASN L 403 -43.32 75.59 18.40
N LYS L 404 -43.90 75.19 17.27
CA LYS L 404 -44.85 76.00 16.56
C LYS L 404 -46.16 75.25 16.37
N VAL L 405 -47.25 76.01 16.36
CA VAL L 405 -48.57 75.44 16.10
C VAL L 405 -48.83 75.47 14.60
N SER L 406 -49.81 74.69 14.17
CA SER L 406 -50.18 74.62 12.77
C SER L 406 -51.65 74.25 12.67
N VAL L 407 -52.09 73.93 11.46
CA VAL L 407 -53.44 73.46 11.20
C VAL L 407 -53.32 72.09 10.56
N GLY L 408 -53.66 71.05 11.32
CA GLY L 408 -53.58 69.69 10.81
C GLY L 408 -54.80 69.36 9.97
N THR L 409 -54.99 68.05 9.76
CA THR L 409 -56.15 67.59 9.02
C THR L 409 -57.43 67.90 9.78
N SER L 410 -58.51 68.06 9.02
CA SER L 410 -59.86 68.34 9.53
C SER L 410 -60.01 69.75 10.06
N GLY L 411 -58.91 70.48 10.17
CA GLY L 411 -58.96 71.89 10.49
C GLY L 411 -58.82 72.27 11.96
N GLN L 412 -58.52 71.33 12.85
CA GLN L 412 -58.24 71.68 14.23
C GLN L 412 -56.77 71.98 14.42
N MET L 413 -56.48 73.04 15.17
CA MET L 413 -55.11 73.41 15.45
C MET L 413 -54.42 72.31 16.25
N ILE L 414 -53.15 72.06 15.94
CA ILE L 414 -52.36 71.06 16.63
C ILE L 414 -50.98 71.63 16.94
N ILE L 415 -50.27 70.94 17.83
CA ILE L 415 -48.86 71.21 18.07
C ILE L 415 -48.04 70.33 17.14
N ASP L 416 -47.09 70.92 16.42
CA ASP L 416 -46.38 70.22 15.38
C ASP L 416 -44.87 70.30 15.56
N ASP L 417 -44.39 70.15 16.79
CA ASP L 417 -42.96 70.04 17.04
C ASP L 417 -42.75 69.44 18.42
N ALA L 418 -41.57 68.83 18.60
CA ALA L 418 -41.19 68.20 19.85
C ALA L 418 -39.74 68.54 20.17
N LEU L 419 -39.38 69.81 20.03
CA LEU L 419 -38.01 70.24 20.24
C LEU L 419 -37.83 70.82 21.64
N THR L 420 -36.75 70.42 22.29
CA THR L 420 -36.43 70.88 23.63
C THR L 420 -35.55 72.13 23.57
N CYS L 421 -34.98 72.51 24.70
CA CYS L 421 -34.15 73.69 24.79
C CYS L 421 -32.67 73.40 24.58
N CYS L 422 -32.30 72.15 24.32
CA CYS L 422 -30.91 71.83 24.08
C CYS L 422 -30.43 72.45 22.77
N THR L 423 -29.23 73.03 22.80
CA THR L 423 -28.67 73.65 21.62
C THR L 423 -27.83 72.70 20.79
N GLN L 424 -27.22 71.71 21.41
CA GLN L 424 -26.40 70.75 20.68
C GLN L 424 -27.25 69.96 19.71
N ASP L 425 -26.69 69.68 18.53
CA ASP L 425 -27.42 68.97 17.48
C ASP L 425 -27.10 67.48 17.57
N ASN L 426 -27.79 66.80 18.49
CA ASN L 426 -27.65 65.36 18.65
C ASN L 426 -29.04 64.82 18.99
N TYR L 427 -29.08 63.58 19.47
CA TYR L 427 -30.36 62.96 19.80
C TYR L 427 -31.06 63.63 20.97
N LEU L 428 -30.38 64.50 21.70
CA LEU L 428 -30.95 65.02 22.94
C LEU L 428 -31.93 66.16 22.73
N HIS L 429 -31.97 66.77 21.54
CA HIS L 429 -32.87 67.90 21.38
C HIS L 429 -34.29 67.49 21.03
N PHE L 430 -34.52 66.22 20.70
CA PHE L 430 -35.89 65.75 20.57
C PHE L 430 -36.51 65.60 21.95
N GLN L 431 -37.85 65.55 21.99
CA GLN L 431 -38.52 65.61 23.28
C GLN L 431 -38.58 64.26 23.96
N HIS L 432 -38.81 63.18 23.20
CA HIS L 432 -39.10 61.92 23.85
C HIS L 432 -37.85 61.27 24.44
N VAL L 433 -36.68 61.50 23.86
CA VAL L 433 -35.47 60.84 24.35
C VAL L 433 -35.12 61.24 25.78
N PRO L 434 -35.06 62.53 26.14
CA PRO L 434 -34.79 62.87 27.54
C PRO L 434 -35.82 62.33 28.50
N SER L 435 -37.09 62.30 28.12
CA SER L 435 -38.11 61.79 29.03
C SER L 435 -37.91 60.31 29.32
N LEU L 436 -37.65 59.52 28.27
CA LEU L 436 -37.40 58.09 28.46
C LEU L 436 -36.16 57.85 29.29
N MET L 437 -35.07 58.56 28.99
CA MET L 437 -33.85 58.37 29.77
C MET L 437 -34.05 58.77 31.22
N ASN L 438 -34.82 59.83 31.47
CA ASN L 438 -35.07 60.25 32.83
C ASN L 438 -35.94 59.26 33.59
N ALA L 439 -36.90 58.63 32.90
CA ALA L 439 -37.67 57.57 33.56
C ALA L 439 -36.77 56.43 33.97
N ILE L 440 -35.87 56.00 33.09
CA ILE L 440 -34.94 54.92 33.44
C ILE L 440 -34.06 55.35 34.61
N SER L 441 -33.57 56.59 34.59
CA SER L 441 -32.69 57.05 35.66
C SER L 441 -33.42 57.10 36.99
N ARG L 442 -34.67 57.55 37.02
CA ARG L 442 -35.43 57.58 38.27
C ARG L 442 -35.63 56.17 38.82
N PHE L 443 -35.96 55.21 37.95
CA PHE L 443 -36.06 53.84 38.42
C PHE L 443 -34.74 53.34 38.98
N PHE L 444 -33.63 53.66 38.33
CA PHE L 444 -32.33 53.24 38.84
C PHE L 444 -32.05 53.83 40.20
N VAL L 445 -32.37 55.11 40.39
CA VAL L 445 -32.13 55.74 41.67
C VAL L 445 -32.91 55.02 42.76
N GLN L 446 -34.17 54.70 42.48
CA GLN L 446 -34.96 53.96 43.46
C GLN L 446 -34.31 52.62 43.80
N LEU L 447 -33.92 51.86 42.76
CA LEU L 447 -33.36 50.54 43.00
C LEU L 447 -32.06 50.61 43.79
N ALA L 448 -31.15 51.52 43.41
CA ALA L 448 -29.87 51.61 44.10
C ALA L 448 -30.05 52.10 45.53
N ARG L 449 -30.98 53.04 45.75
CA ARG L 449 -31.24 53.47 47.12
C ARG L 449 -31.72 52.30 47.96
N GLN L 450 -32.61 51.47 47.42
CA GLN L 450 -33.06 50.31 48.18
C GLN L 450 -31.94 49.31 48.42
N MET L 451 -31.01 49.19 47.48
CA MET L 451 -30.01 48.14 47.51
C MET L 451 -28.67 48.60 48.08
N LYS L 452 -28.58 49.83 48.59
CA LYS L 452 -27.34 50.32 49.16
C LYS L 452 -26.99 49.55 50.43
N HIS L 453 -25.69 49.50 50.74
CA HIS L 453 -25.12 48.95 51.97
C HIS L 453 -25.24 47.43 52.07
N SER L 454 -25.20 46.73 50.97
CA SER L 454 -25.24 45.28 50.98
C SER L 454 -23.91 44.71 50.53
N PRO L 455 -23.60 43.47 50.92
CA PRO L 455 -22.36 42.84 50.43
C PRO L 455 -22.40 42.63 48.93
N ASP L 456 -21.20 42.52 48.35
CA ASP L 456 -21.08 42.51 46.89
C ASP L 456 -21.78 41.30 46.28
N GLY L 457 -21.76 40.17 46.97
CA GLY L 457 -22.39 38.97 46.41
C GLY L 457 -23.86 39.17 46.13
N ILE L 458 -24.59 39.75 47.09
CA ILE L 458 -25.99 40.08 46.87
C ILE L 458 -26.12 41.24 45.89
N THR L 459 -25.25 42.25 46.03
CA THR L 459 -25.43 43.49 45.29
C THR L 459 -25.31 43.28 43.78
N ALA L 460 -24.28 42.57 43.34
CA ALA L 460 -24.08 42.40 41.90
C ALA L 460 -25.26 41.69 41.27
N ALA L 461 -25.67 40.56 41.85
CA ALA L 461 -26.78 39.80 41.29
C ALA L 461 -28.06 40.60 41.31
N GLY L 462 -28.33 41.30 42.40
CA GLY L 462 -29.56 42.08 42.49
C GLY L 462 -29.61 43.20 41.47
N LEU L 463 -28.52 43.96 41.34
CA LEU L 463 -28.47 45.05 40.37
C LEU L 463 -28.65 44.52 38.96
N THR L 464 -27.93 43.45 38.61
CA THR L 464 -28.04 42.90 37.27
C THR L 464 -29.46 42.44 36.99
N LYS L 465 -30.08 41.72 37.95
CA LYS L 465 -31.43 41.23 37.74
C LYS L 465 -32.43 42.37 37.57
N GLY L 466 -32.35 43.38 38.44
CA GLY L 466 -33.30 44.48 38.34
C GLY L 466 -33.17 45.25 37.04
N MET L 467 -31.94 45.59 36.67
CA MET L 467 -31.74 46.33 35.42
C MET L 467 -32.15 45.51 34.21
N THR L 468 -31.80 44.23 34.17
CA THR L 468 -32.17 43.41 33.03
C THR L 468 -33.69 43.32 32.91
N LYS L 469 -34.38 43.13 34.04
CA LYS L 469 -35.83 43.05 33.98
C LYS L 469 -36.45 44.36 33.49
N LEU L 470 -35.98 45.49 34.01
CA LEU L 470 -36.57 46.77 33.60
C LEU L 470 -36.32 47.06 32.13
N LEU L 471 -35.10 46.84 31.66
CA LEU L 471 -34.82 47.14 30.25
C LEU L 471 -35.52 46.16 29.32
N ASP L 472 -35.70 44.91 29.75
CA ASP L 472 -36.50 43.99 28.95
C ASP L 472 -37.96 44.45 28.88
N ARG L 473 -38.49 44.97 29.99
CA ARG L 473 -39.84 45.51 29.95
C ARG L 473 -39.94 46.67 28.97
N PHE L 474 -38.94 47.56 28.97
CA PHE L 474 -38.97 48.67 28.02
C PHE L 474 -38.89 48.19 26.57
N VAL L 475 -38.00 47.24 26.29
CA VAL L 475 -37.86 46.74 24.93
C VAL L 475 -39.15 46.09 24.46
N ALA L 476 -39.78 45.29 25.32
CA ALA L 476 -41.06 44.70 24.96
C ALA L 476 -42.12 45.77 24.75
N SER L 477 -42.06 46.85 25.52
CA SER L 477 -42.98 47.96 25.30
C SER L 477 -42.77 48.56 23.91
N GLY L 478 -41.53 48.70 23.49
CA GLY L 478 -41.21 49.22 22.18
C GLY L 478 -40.49 50.54 22.15
N ALA L 479 -39.94 51.00 23.28
CA ALA L 479 -39.23 52.27 23.32
C ALA L 479 -37.77 52.15 22.91
N LEU L 480 -37.25 50.94 22.78
CA LEU L 480 -35.88 50.73 22.32
C LEU L 480 -35.90 49.77 21.14
N VAL L 481 -35.09 50.06 20.13
CA VAL L 481 -35.02 49.26 18.92
C VAL L 481 -33.55 48.91 18.64
N ALA L 482 -33.34 48.04 17.66
CA ALA L 482 -32.00 47.62 17.31
C ALA L 482 -31.19 48.82 16.81
N PRO L 483 -29.87 48.79 17.00
CA PRO L 483 -29.05 49.94 16.61
C PRO L 483 -29.11 50.18 15.11
N ARG L 484 -28.89 51.44 14.72
CA ARG L 484 -28.99 51.81 13.31
C ARG L 484 -27.96 51.08 12.46
N ASP L 485 -26.73 50.97 12.95
CA ASP L 485 -25.67 50.30 12.21
C ASP L 485 -25.25 49.04 12.94
N PRO L 486 -25.78 47.87 12.59
CA PRO L 486 -25.46 46.63 13.31
C PRO L 486 -24.15 45.99 12.86
N ASP L 487 -23.11 46.80 12.74
CA ASP L 487 -21.79 46.33 12.37
C ASP L 487 -20.75 46.62 13.43
N ALA L 488 -20.79 47.80 14.04
CA ALA L 488 -19.82 48.19 15.06
C ALA L 488 -20.40 48.01 16.46
N ASP L 489 -21.52 48.66 16.75
CA ASP L 489 -22.11 48.62 18.09
C ASP L 489 -23.14 47.51 18.23
N GLY L 490 -22.73 46.28 17.91
CA GLY L 490 -23.52 45.09 18.12
C GLY L 490 -24.90 45.15 17.48
N THR L 491 -25.79 44.30 18.00
CA THR L 491 -27.17 44.25 17.52
C THR L 491 -28.18 44.11 18.65
N GLU L 492 -27.83 44.53 19.85
CA GLU L 492 -28.80 44.45 20.93
C GLU L 492 -29.32 45.83 21.28
N PRO L 493 -30.60 45.95 21.63
CA PRO L 493 -31.15 47.29 21.95
C PRO L 493 -30.44 47.97 23.10
N TYR L 494 -30.03 47.21 24.11
CA TYR L 494 -29.39 47.74 25.30
C TYR L 494 -28.20 46.88 25.70
N VAL L 495 -27.19 47.53 26.24
CA VAL L 495 -26.01 46.87 26.77
C VAL L 495 -25.81 47.34 28.19
N LEU L 496 -25.75 46.40 29.14
CA LEU L 496 -25.64 46.71 30.55
C LEU L 496 -24.35 46.15 31.11
N LYS L 497 -23.68 46.94 31.96
CA LYS L 497 -22.41 46.51 32.53
C LYS L 497 -22.34 47.00 33.97
N VAL L 498 -22.31 46.06 34.90
CA VAL L 498 -22.19 46.36 36.32
C VAL L 498 -20.80 45.93 36.77
N THR L 499 -20.06 46.84 37.37
CA THR L 499 -18.67 46.58 37.70
C THR L 499 -18.33 47.15 39.07
N GLN L 500 -17.20 46.70 39.60
CA GLN L 500 -16.64 47.23 40.85
C GLN L 500 -15.38 48.00 40.54
N ALA L 501 -15.32 49.24 41.00
CA ALA L 501 -14.17 50.10 40.74
C ALA L 501 -13.14 50.09 41.86
N GLU L 502 -13.59 50.20 43.11
CA GLU L 502 -12.75 49.97 44.28
C GLU L 502 -13.56 49.15 45.27
N PHE L 503 -13.16 49.18 46.54
CA PHE L 503 -13.87 48.43 47.57
C PHE L 503 -15.37 48.70 47.52
N ASP L 504 -15.77 49.98 47.45
CA ASP L 504 -17.19 50.32 47.35
C ASP L 504 -17.36 51.44 46.34
N LYS L 505 -17.47 51.08 45.06
CA LYS L 505 -17.76 52.06 44.02
C LYS L 505 -18.62 51.44 42.92
N TRP L 506 -19.53 50.54 43.29
CA TRP L 506 -20.32 49.81 42.31
C TRP L 506 -20.85 50.72 41.22
N GLU L 507 -20.40 50.51 39.98
CA GLU L 507 -20.67 51.39 38.87
C GLU L 507 -21.51 50.65 37.83
N VAL L 508 -22.62 51.24 37.44
CA VAL L 508 -23.54 50.65 36.48
C VAL L 508 -23.56 51.55 35.25
N VAL L 509 -23.30 50.96 34.08
CA VAL L 509 -23.31 51.68 32.81
C VAL L 509 -24.26 50.96 31.87
N TRP L 510 -25.32 51.64 31.45
CA TRP L 510 -26.28 51.08 30.53
C TRP L 510 -26.38 51.97 29.30
N ALA L 511 -26.34 51.36 28.12
CA ALA L 511 -26.42 52.08 26.85
C ALA L 511 -27.63 51.55 26.10
N CYS L 512 -28.51 52.45 25.67
CA CYS L 512 -29.76 52.08 25.03
C CYS L 512 -29.87 52.77 23.68
N CYS L 513 -30.56 52.13 22.74
CA CYS L 513 -30.83 52.76 21.46
C CYS L 513 -32.28 53.21 21.41
N PRO L 514 -32.57 54.51 21.49
CA PRO L 514 -33.96 54.96 21.53
C PRO L 514 -34.62 54.88 20.17
N THR L 515 -35.96 54.90 20.19
CA THR L 515 -36.72 54.84 18.96
C THR L 515 -36.57 56.14 18.17
N GLY L 516 -36.90 56.05 16.88
CA GLY L 516 -36.83 57.19 16.00
C GLY L 516 -38.20 57.76 15.71
N VAL L 517 -38.40 59.01 16.10
CA VAL L 517 -39.62 59.70 15.75
C VAL L 517 -39.68 59.89 14.24
N ALA L 518 -40.89 60.09 13.73
CA ALA L 518 -41.13 60.29 12.30
C ALA L 518 -41.59 61.74 12.11
N ARG L 519 -40.64 62.64 11.95
CA ARG L 519 -40.93 64.06 11.82
C ARG L 519 -40.97 64.53 10.38
N ARG L 520 -40.07 64.01 9.54
CA ARG L 520 -40.02 64.38 8.12
C ARG L 520 -40.22 63.13 7.29
N ILE L 521 -41.26 63.13 6.46
CA ILE L 521 -41.58 62.00 5.60
C ILE L 521 -41.54 62.49 4.16
N GLN L 522 -40.78 61.79 3.31
CA GLN L 522 -40.60 62.19 1.93
C GLN L 522 -40.85 61.01 1.01
N GLY L 523 -41.58 61.27 -0.07
CA GLY L 523 -41.87 60.26 -1.08
C GLY L 523 -41.23 60.62 -2.41
N VAL L 524 -40.64 59.63 -3.06
CA VAL L 524 -39.97 59.81 -4.33
C VAL L 524 -40.60 58.85 -5.35
N PRO L 525 -41.54 59.33 -6.14
CA PRO L 525 -42.14 58.46 -7.16
C PRO L 525 -41.15 58.15 -8.27
N LEU L 526 -41.34 57.00 -8.90
CA LEU L 526 -40.45 56.55 -9.97
C LEU L 526 -41.29 55.93 -11.08
N LEU L 527 -40.68 55.82 -12.26
CA LEU L 527 -41.28 55.16 -13.39
C LEU L 527 -40.34 54.08 -13.90
N ILE L 528 -40.91 52.92 -14.25
CA ILE L 528 -40.14 51.76 -14.67
C ILE L 528 -40.31 51.57 -16.17
N LYS L 529 -39.20 51.49 -16.88
CA LYS L 529 -39.23 51.26 -18.33
C LYS L 529 -39.79 49.88 -18.64
N SER M 2 -7.38 39.07 82.72
CA SER M 2 -8.15 37.93 83.19
C SER M 2 -8.20 36.82 82.14
N GLN M 3 -9.25 36.01 82.20
CA GLN M 3 -9.46 35.00 81.18
C GLN M 3 -10.07 35.63 79.94
N TYR M 4 -10.11 34.86 78.86
CA TYR M 4 -10.60 35.28 77.55
C TYR M 4 -9.78 36.40 76.94
N SER M 5 -8.77 36.90 77.64
CA SER M 5 -7.92 37.94 77.09
C SER M 5 -6.95 37.35 76.07
N ILE M 6 -6.53 38.18 75.13
CA ILE M 6 -5.63 37.76 74.06
C ILE M 6 -4.40 38.66 74.10
N GLN M 7 -3.22 38.04 74.23
CA GLN M 7 -1.98 38.80 74.21
C GLN M 7 -1.46 38.91 72.78
N GLN M 8 -0.37 39.64 72.61
CA GLN M 8 0.19 39.90 71.29
C GLN M 8 1.68 39.64 71.17
N SER M 9 2.42 39.59 72.28
CA SER M 9 3.87 39.45 72.20
C SER M 9 4.30 37.98 72.21
N LEU M 10 4.01 37.27 73.30
CA LEU M 10 4.37 35.86 73.45
C LEU M 10 5.88 35.69 73.33
N GLY M 11 6.58 36.20 74.34
CA GLY M 11 8.02 36.11 74.38
C GLY M 11 8.56 35.13 75.40
N ASN M 12 9.10 34.01 74.92
CA ASN M 12 9.82 33.05 75.76
C ASN M 12 8.97 32.52 76.91
N ALA M 13 7.69 32.28 76.65
CA ALA M 13 6.80 31.72 77.65
C ALA M 13 5.66 31.00 76.94
N SER M 14 5.18 29.92 77.54
CA SER M 14 4.09 29.16 76.94
C SER M 14 2.83 30.01 76.86
N GLY M 15 2.12 29.88 75.76
CA GLY M 15 0.88 30.62 75.57
C GLY M 15 0.52 30.68 74.10
N VAL M 16 -0.50 31.46 73.81
CA VAL M 16 -0.97 31.68 72.45
C VAL M 16 -1.26 33.17 72.27
N ALA M 17 -0.95 33.68 71.09
CA ALA M 17 -1.13 35.10 70.83
C ALA M 17 -1.38 35.33 69.35
N VAL M 18 -2.14 36.37 69.05
CA VAL M 18 -2.41 36.76 67.67
C VAL M 18 -1.91 38.19 67.46
N SER M 19 -1.17 38.38 66.39
CA SER M 19 -0.64 39.70 66.09
C SER M 19 -1.75 40.61 65.57
N PRO M 20 -1.62 41.92 65.79
CA PRO M 20 -2.63 42.84 65.25
C PRO M 20 -2.65 42.81 63.73
N ILE M 21 -3.83 43.07 63.16
CA ILE M 21 -4.03 42.92 61.73
C ILE M 21 -3.06 43.81 60.98
N ASN M 22 -2.45 43.26 59.93
CA ASN M 22 -1.42 44.00 59.22
C ASN M 22 -2.01 45.10 58.35
N ALA M 23 -2.78 44.70 57.32
CA ALA M 23 -3.53 45.63 56.48
C ALA M 23 -2.66 46.76 55.95
N ASP M 24 -1.47 46.40 55.46
CA ASP M 24 -0.57 47.38 54.88
C ASP M 24 -0.41 47.25 53.37
N ALA M 25 -0.76 46.11 52.80
CA ALA M 25 -0.73 45.91 51.36
C ALA M 25 -2.01 46.39 50.68
N THR M 26 -2.96 46.91 51.45
CA THR M 26 -4.23 47.37 50.92
C THR M 26 -4.47 48.85 51.21
N LEU M 27 -3.40 49.64 51.18
CA LEU M 27 -3.51 51.06 51.50
C LEU M 27 -4.00 51.83 50.29
N SER M 28 -5.22 52.36 50.38
CA SER M 28 -5.79 53.20 49.35
C SER M 28 -5.60 54.67 49.72
N THR M 29 -6.21 55.55 48.94
CA THR M 29 -6.15 56.98 49.21
C THR M 29 -7.47 57.61 48.78
N GLY M 30 -8.13 58.28 49.71
CA GLY M 30 -9.39 58.95 49.41
C GLY M 30 -9.23 60.44 49.26
N VAL M 31 -9.25 60.93 48.02
CA VAL M 31 -9.08 62.35 47.78
C VAL M 31 -10.32 62.89 47.08
N ALA M 32 -11.03 62.03 46.35
CA ALA M 32 -12.24 62.42 45.62
C ALA M 32 -11.93 63.55 44.64
N LEU M 33 -11.13 63.20 43.64
CA LEU M 33 -10.66 64.19 42.68
C LEU M 33 -11.80 64.86 41.93
N ASN M 34 -12.90 64.15 41.71
CA ASN M 34 -14.01 64.69 40.94
C ASN M 34 -14.91 65.61 41.75
N SER M 35 -14.30 66.55 42.48
CA SER M 35 -15.06 67.50 43.28
C SER M 35 -14.41 68.86 43.17
N SER M 36 -15.21 69.90 42.92
CA SER M 36 -14.71 71.25 42.71
C SER M 36 -15.55 72.22 43.51
N LEU M 37 -14.88 73.15 44.20
CA LEU M 37 -15.54 74.21 44.94
C LEU M 37 -14.84 75.54 44.62
N TRP M 38 -15.59 76.63 44.70
CA TRP M 38 -15.11 77.94 44.32
C TRP M 38 -15.05 78.85 45.54
N ALA M 39 -13.97 79.61 45.65
CA ALA M 39 -13.78 80.52 46.77
C ALA M 39 -13.56 81.93 46.25
N GLY M 40 -14.21 82.90 46.88
CA GLY M 40 -14.09 84.28 46.43
C GLY M 40 -14.36 85.28 47.52
N ILE M 41 -13.93 86.50 47.26
CA ILE M 41 -14.21 87.62 48.16
C ILE M 41 -15.21 88.53 47.47
N GLY M 42 -15.87 89.36 48.27
CA GLY M 42 -16.85 90.26 47.69
C GLY M 42 -17.41 91.21 48.72
N VAL M 43 -18.33 92.05 48.25
CA VAL M 43 -19.04 93.01 49.08
C VAL M 43 -20.53 92.71 48.96
N PHE M 44 -21.19 92.53 50.10
CA PHE M 44 -22.59 92.13 50.08
C PHE M 44 -23.40 92.95 51.07
N ALA M 45 -24.64 92.54 51.33
CA ALA M 45 -25.52 93.24 52.25
C ALA M 45 -25.57 92.60 53.63
N ARG M 46 -25.58 91.27 53.72
CA ARG M 46 -25.66 90.58 54.98
C ARG M 46 -24.62 89.48 55.04
N GLY M 47 -24.02 89.30 56.21
CA GLY M 47 -22.99 88.30 56.41
C GLY M 47 -21.98 88.77 57.44
N LYS M 48 -21.29 87.81 58.04
CA LYS M 48 -20.29 88.13 59.05
C LYS M 48 -19.01 88.60 58.36
N PRO M 49 -18.53 89.81 58.64
CA PRO M 49 -17.36 90.31 57.92
C PRO M 49 -16.09 89.57 58.30
N PHE M 50 -15.21 89.42 57.32
CA PHE M 50 -13.88 88.85 57.51
C PHE M 50 -13.95 87.44 58.10
N THR M 51 -14.95 86.68 57.70
CA THR M 51 -15.10 85.30 58.16
C THR M 51 -15.61 84.45 57.02
N VAL M 52 -14.93 83.32 56.80
CA VAL M 52 -15.27 82.45 55.68
C VAL M 52 -16.69 81.93 55.85
N LEU M 53 -17.49 82.02 54.79
CA LEU M 53 -18.86 81.54 54.81
C LEU M 53 -18.98 80.29 53.95
N ALA M 54 -20.20 79.81 53.80
CA ALA M 54 -20.48 78.67 52.93
C ALA M 54 -21.83 78.89 52.27
N VAL M 55 -21.84 78.96 50.95
CA VAL M 55 -23.05 79.23 50.18
C VAL M 55 -23.37 78.00 49.34
N THR M 56 -24.59 77.53 49.44
CA THR M 56 -25.12 76.44 48.62
C THR M 56 -26.25 76.96 47.76
N GLU M 57 -26.86 76.06 46.98
CA GLU M 57 -27.93 76.46 46.09
C GLU M 57 -29.23 76.80 46.80
N SER M 58 -29.33 76.52 48.10
CA SER M 58 -30.59 76.66 48.80
C SER M 58 -30.58 77.63 49.98
N ASN M 59 -29.47 78.31 50.22
CA ASN M 59 -29.44 79.24 51.35
C ASN M 59 -28.76 80.58 51.05
N TYR M 60 -28.14 80.76 49.88
CA TYR M 60 -27.38 81.98 49.62
C TYR M 60 -28.24 83.22 49.80
N GLU M 61 -29.52 83.13 49.44
CA GLU M 61 -30.41 84.28 49.54
C GLU M 61 -30.49 84.81 50.97
N ASP M 62 -30.53 83.92 51.95
CA ASP M 62 -30.65 84.35 53.33
C ASP M 62 -29.32 84.52 54.05
N VAL M 63 -28.33 83.68 53.77
CA VAL M 63 -27.05 83.85 54.47
C VAL M 63 -26.34 85.10 53.96
N LEU M 64 -26.42 85.36 52.65
CA LEU M 64 -25.72 86.50 52.06
C LEU M 64 -26.62 87.70 51.85
N GLY M 65 -27.88 87.63 52.27
CA GLY M 65 -28.79 88.75 52.17
C GLY M 65 -29.43 88.85 50.80
N GLU M 66 -30.47 89.69 50.73
CA GLU M 66 -31.16 89.91 49.48
C GLU M 66 -30.27 90.66 48.50
N PRO M 67 -30.48 90.49 47.20
CA PRO M 67 -29.64 91.17 46.21
C PRO M 67 -29.74 92.68 46.33
N LEU M 68 -28.62 93.34 46.06
CA LEU M 68 -28.54 94.80 46.14
C LEU M 68 -29.20 95.43 44.91
N LYS M 69 -29.05 96.73 44.77
CA LYS M 69 -29.67 97.48 43.68
C LYS M 69 -28.59 98.11 42.81
N PRO M 70 -28.66 97.97 41.49
CA PRO M 70 -27.63 98.58 40.63
C PRO M 70 -27.54 100.08 40.76
N SER M 71 -28.66 100.76 41.00
CA SER M 71 -28.64 102.21 41.13
C SER M 71 -27.88 102.68 42.36
N SER M 72 -27.68 101.79 43.35
CA SER M 72 -26.94 102.17 44.55
C SER M 72 -25.50 102.51 44.22
N GLY M 73 -24.87 101.74 43.35
CA GLY M 73 -23.48 101.95 43.01
C GLY M 73 -22.88 100.77 42.28
N SER M 74 -21.64 100.42 42.63
CA SER M 74 -20.93 99.32 41.99
C SER M 74 -20.91 98.06 42.86
N GLN M 75 -21.74 98.02 43.89
CA GLN M 75 -21.77 96.88 44.81
C GLN M 75 -22.69 95.76 44.34
N PHE M 76 -23.35 95.91 43.19
CA PHE M 76 -24.29 94.92 42.71
C PHE M 76 -23.63 93.78 41.94
N GLU M 77 -22.31 93.81 41.78
CA GLU M 77 -21.64 92.81 40.94
C GLU M 77 -21.49 91.47 41.64
N PRO M 78 -20.91 91.37 42.85
CA PRO M 78 -20.59 90.04 43.41
C PRO M 78 -21.81 89.17 43.63
N ILE M 79 -22.97 89.73 43.96
CA ILE M 79 -24.15 88.90 44.15
C ILE M 79 -24.55 88.22 42.84
N ARG M 80 -24.50 88.95 41.74
CA ARG M 80 -24.80 88.35 40.45
C ARG M 80 -23.77 87.31 40.06
N HIS M 81 -22.49 87.59 40.34
CA HIS M 81 -21.47 86.58 40.06
C HIS M 81 -21.71 85.30 40.85
N VAL M 82 -22.08 85.45 42.13
CA VAL M 82 -22.39 84.29 42.97
C VAL M 82 -23.59 83.54 42.40
N TYR M 83 -24.61 84.27 41.98
CA TYR M 83 -25.81 83.61 41.46
C TYR M 83 -25.49 82.83 40.19
N GLU M 84 -24.62 83.37 39.33
CA GLU M 84 -24.26 82.66 38.12
C GLU M 84 -23.31 81.49 38.37
N ALA M 85 -22.51 81.55 39.44
CA ALA M 85 -21.56 80.47 39.71
C ALA M 85 -22.15 79.35 40.55
N ILE M 86 -23.15 79.64 41.39
CA ILE M 86 -23.74 78.62 42.26
C ILE M 86 -24.42 77.53 41.46
N GLN M 87 -24.90 77.83 40.26
CA GLN M 87 -25.68 76.93 39.42
C GLN M 87 -25.12 75.51 39.41
N GLN M 88 -23.82 75.36 39.59
CA GLN M 88 -23.15 74.07 39.52
C GLN M 88 -22.80 73.51 40.88
N THR M 89 -22.06 74.26 41.70
CA THR M 89 -21.53 73.72 42.95
C THR M 89 -21.53 74.80 44.02
N SER M 90 -21.51 74.35 45.27
CA SER M 90 -21.46 75.26 46.39
C SER M 90 -20.05 75.84 46.53
N GLY M 91 -19.90 76.80 47.45
CA GLY M 91 -18.61 77.46 47.56
C GLY M 91 -18.47 78.26 48.83
N TYR M 92 -17.36 78.98 48.90
CA TYR M 92 -17.01 79.77 50.08
C TYR M 92 -16.74 81.21 49.69
N VAL M 93 -17.30 82.15 50.46
CA VAL M 93 -17.17 83.56 50.19
C VAL M 93 -16.65 84.26 51.43
N VAL M 94 -16.05 85.43 51.21
CA VAL M 94 -15.57 86.28 52.29
C VAL M 94 -16.08 87.69 52.04
N ARG M 95 -16.84 88.23 52.99
CA ARG M 95 -17.39 89.56 52.85
C ARG M 95 -16.44 90.59 53.45
N ALA M 96 -16.19 91.66 52.70
CA ALA M 96 -15.35 92.77 53.16
C ALA M 96 -16.20 94.01 53.30
N VAL M 97 -16.10 94.67 54.45
CA VAL M 97 -16.94 95.82 54.76
C VAL M 97 -16.11 97.09 54.79
N PRO M 98 -16.71 98.27 54.59
CA PRO M 98 -15.94 99.51 54.70
C PRO M 98 -15.53 99.79 56.14
N ASP M 99 -14.89 100.94 56.36
CA ASP M 99 -14.34 101.22 57.68
C ASP M 99 -15.43 101.57 58.69
N ASP M 100 -16.42 102.36 58.29
CA ASP M 100 -17.37 102.95 59.23
C ASP M 100 -18.61 102.09 59.44
N ALA M 101 -18.59 100.82 59.03
CA ALA M 101 -19.72 99.95 59.28
C ALA M 101 -19.83 99.64 60.77
N LYS M 102 -21.04 99.75 61.30
CA LYS M 102 -21.27 99.55 62.73
C LYS M 102 -22.44 98.60 62.95
N PHE M 103 -22.33 97.81 64.02
CA PHE M 103 -23.37 96.87 64.42
C PHE M 103 -23.96 97.29 65.76
N PRO M 104 -25.22 96.95 66.01
CA PRO M 104 -25.89 97.40 67.24
C PRO M 104 -25.47 96.60 68.45
N ILE M 105 -25.68 97.21 69.62
CA ILE M 105 -25.35 96.61 70.91
C ILE M 105 -26.38 97.06 71.93
N ILE M 106 -26.88 96.14 72.73
CA ILE M 106 -27.79 96.44 73.82
C ILE M 106 -27.12 96.05 75.13
N MET M 107 -26.92 97.03 76.01
CA MET M 107 -26.25 96.82 77.28
C MET M 107 -27.27 96.95 78.41
N PHE M 108 -27.24 96.01 79.34
CA PHE M 108 -28.18 96.01 80.46
C PHE M 108 -27.48 96.55 81.71
N ASP M 109 -28.19 96.48 82.84
CA ASP M 109 -27.67 96.93 84.12
C ASP M 109 -28.26 96.06 85.22
N GLU M 110 -27.92 96.39 86.47
CA GLU M 110 -28.41 95.61 87.60
C GLU M 110 -29.92 95.66 87.70
N SER M 111 -30.49 96.87 87.58
CA SER M 111 -31.94 96.99 87.67
C SER M 111 -32.63 96.34 86.49
N GLY M 112 -32.03 96.42 85.31
CA GLY M 112 -32.61 95.85 84.10
C GLY M 112 -33.02 96.86 83.03
N GLU M 113 -32.74 98.15 83.20
CA GLU M 113 -33.10 99.13 82.20
C GLU M 113 -32.10 99.09 81.05
N PRO M 114 -32.52 98.78 79.83
CA PRO M 114 -31.58 98.62 78.73
C PRO M 114 -31.09 99.97 78.21
N ALA M 115 -29.94 99.91 77.53
CA ALA M 115 -29.40 101.03 76.80
C ALA M 115 -28.88 100.52 75.47
N TYR M 116 -28.85 101.40 74.46
CA TYR M 116 -28.48 101.03 73.11
C TYR M 116 -27.23 101.78 72.69
N SER M 117 -26.47 101.17 71.79
CA SER M 117 -25.30 101.81 71.19
C SER M 117 -24.94 101.07 69.92
N ALA M 118 -23.90 101.54 69.25
CA ALA M 118 -23.40 100.90 68.04
C ALA M 118 -21.88 100.91 68.06
N LEU M 119 -21.28 99.84 67.57
CA LEU M 119 -19.82 99.74 67.56
C LEU M 119 -19.32 99.31 66.19
N PRO M 120 -18.17 99.81 65.76
CA PRO M 120 -17.62 99.39 64.47
C PRO M 120 -17.24 97.93 64.47
N TYR M 121 -17.29 97.32 63.28
CA TYR M 121 -17.04 95.90 63.14
C TYR M 121 -15.61 95.56 63.50
N GLY M 122 -15.41 94.35 64.01
CA GLY M 122 -14.09 93.88 64.37
C GLY M 122 -13.55 94.41 65.68
N SER M 123 -14.40 95.01 66.52
CA SER M 123 -13.96 95.58 67.79
C SER M 123 -14.72 94.91 68.93
N GLU M 124 -14.00 94.62 70.01
CA GLU M 124 -14.63 94.04 71.19
C GLU M 124 -15.32 95.14 71.98
N ILE M 125 -15.92 94.75 73.10
CA ILE M 125 -16.79 95.63 73.88
C ILE M 125 -16.19 95.81 75.27
N GLU M 126 -16.14 97.05 75.73
CA GLU M 126 -15.76 97.37 77.09
C GLU M 126 -17.01 97.73 77.88
N LEU M 127 -17.17 97.11 79.04
CA LEU M 127 -18.38 97.30 79.84
C LEU M 127 -18.15 98.38 80.87
N ASP M 128 -19.12 99.28 81.01
CA ASP M 128 -19.05 100.31 82.03
C ASP M 128 -19.30 99.68 83.41
N SER M 129 -19.12 100.49 84.46
CA SER M 129 -19.27 100.00 85.82
C SER M 129 -20.68 99.48 86.06
N GLY M 130 -21.69 100.21 85.60
CA GLY M 130 -23.06 99.82 85.82
C GLY M 130 -23.61 98.77 84.88
N GLU M 131 -22.85 98.36 83.89
CA GLU M 131 -23.33 97.42 82.88
C GLU M 131 -23.12 95.99 83.37
N ALA M 132 -24.18 95.19 83.30
CA ALA M 132 -24.11 93.79 83.71
C ALA M 132 -23.73 92.87 82.55
N PHE M 133 -24.43 92.99 81.43
CA PHE M 133 -24.12 92.17 80.28
C PHE M 133 -24.63 92.85 79.02
N ALA M 134 -23.98 92.53 77.90
CA ALA M 134 -24.29 93.14 76.62
C ALA M 134 -24.58 92.05 75.59
N ILE M 135 -25.55 92.33 74.72
CA ILE M 135 -25.94 91.43 73.64
C ILE M 135 -25.82 92.19 72.33
N TYR M 136 -25.22 91.54 71.33
CA TYR M 136 -25.09 92.16 70.02
C TYR M 136 -25.33 91.10 68.95
N VAL M 137 -25.44 91.57 67.70
CA VAL M 137 -25.79 90.74 66.56
C VAL M 137 -24.55 90.52 65.72
N ASP M 138 -24.23 89.26 65.42
CA ASP M 138 -23.08 88.93 64.61
C ASP M 138 -23.45 88.37 63.24
N ASP M 139 -24.70 88.52 62.83
CA ASP M 139 -25.08 88.13 61.48
C ASP M 139 -24.57 89.10 60.43
N GLY M 140 -24.16 90.30 60.83
CA GLY M 140 -23.71 91.31 59.91
C GLY M 140 -24.79 92.27 59.46
N ASP M 141 -26.06 91.91 59.59
CA ASP M 141 -27.14 92.79 59.21
C ASP M 141 -27.11 94.04 60.07
N PRO M 142 -27.23 95.24 59.49
CA PRO M 142 -27.24 96.45 60.28
C PRO M 142 -28.60 96.83 60.86
N CYS M 143 -29.57 95.91 60.82
CA CYS M 143 -30.82 96.04 61.58
C CYS M 143 -31.57 97.32 61.25
N ILE M 144 -31.64 97.65 59.96
CA ILE M 144 -32.37 98.82 59.50
C ILE M 144 -33.62 98.43 58.72
N SER M 145 -33.54 97.38 57.91
CA SER M 145 -34.70 96.83 57.22
C SER M 145 -34.44 95.39 56.83
N PRO M 146 -35.16 94.42 57.40
CA PRO M 146 -36.21 94.55 58.41
C PRO M 146 -35.65 94.78 59.80
N THR M 147 -36.40 95.40 60.71
CA THR M 147 -35.93 95.61 62.06
C THR M 147 -35.93 94.30 62.83
N ARG M 148 -35.14 94.23 63.89
CA ARG M 148 -35.04 93.06 64.73
C ARG M 148 -35.28 93.44 66.18
N GLU M 149 -36.12 92.68 66.87
CA GLU M 149 -36.52 92.97 68.23
C GLU M 149 -36.19 91.79 69.14
N LEU M 150 -35.77 92.11 70.36
CA LEU M 150 -35.35 91.12 71.34
C LEU M 150 -36.26 91.22 72.56
N THR M 151 -36.73 90.07 73.03
CA THR M 151 -37.69 90.00 74.12
C THR M 151 -37.20 89.05 75.19
N ILE M 152 -37.39 89.44 76.45
CA ILE M 152 -36.98 88.66 77.61
C ILE M 152 -38.24 88.27 78.38
N GLU M 153 -38.36 86.98 78.69
CA GLU M 153 -39.53 86.47 79.39
C GLU M 153 -39.09 85.64 80.59
N THR M 154 -39.80 85.79 81.71
CA THR M 154 -39.50 85.00 82.89
C THR M 154 -39.93 83.54 82.69
N ALA M 155 -39.15 82.63 83.26
CA ALA M 155 -39.42 81.20 83.15
C ALA M 155 -39.19 80.54 84.49
N THR M 156 -39.50 79.25 84.56
CA THR M 156 -39.35 78.50 85.80
C THR M 156 -37.88 78.22 86.08
N ALA M 157 -37.51 78.32 87.34
CA ALA M 157 -36.13 78.05 87.74
C ALA M 157 -35.82 76.56 87.61
N ASP M 158 -34.52 76.26 87.56
CA ASP M 158 -34.08 74.88 87.41
C ASP M 158 -34.21 74.13 88.73
N SER M 159 -33.81 72.86 88.72
CA SER M 159 -33.86 72.06 89.93
C SER M 159 -32.91 72.60 91.01
N ALA M 160 -31.72 73.04 90.60
CA ALA M 160 -30.77 73.60 91.57
C ALA M 160 -31.31 74.87 92.21
N GLY M 161 -31.92 75.74 91.41
CA GLY M 161 -32.50 76.96 91.95
C GLY M 161 -32.19 78.21 91.13
N ASN M 162 -31.26 78.10 90.19
CA ASN M 162 -30.89 79.25 89.38
C ASN M 162 -32.04 79.67 88.49
N GLU M 163 -32.14 80.97 88.22
CA GLU M 163 -33.24 81.53 87.45
C GLU M 163 -32.85 81.57 85.98
N ARG M 164 -33.64 80.89 85.15
CA ARG M 164 -33.44 80.87 83.71
C ARG M 164 -34.55 81.65 83.03
N PHE M 165 -34.17 82.54 82.12
CA PHE M 165 -35.13 83.34 81.37
C PHE M 165 -35.08 82.97 79.90
N LEU M 166 -36.20 83.21 79.22
CA LEU M 166 -36.36 82.88 77.81
C LEU M 166 -36.07 84.10 76.97
N LEU M 167 -35.21 83.94 75.97
CA LEU M 167 -34.85 84.98 75.03
C LEU M 167 -35.51 84.70 73.68
N LYS M 168 -36.15 85.70 73.11
CA LYS M 168 -36.85 85.55 71.84
C LYS M 168 -36.50 86.71 70.93
N LEU M 169 -35.81 86.43 69.83
CA LEU M 169 -35.52 87.44 68.83
C LEU M 169 -36.43 87.22 67.62
N THR M 170 -37.11 88.28 67.22
CA THR M 170 -38.07 88.23 66.12
C THR M 170 -37.84 89.40 65.17
N GLN M 171 -38.03 89.13 63.88
CA GLN M 171 -37.84 90.16 62.85
C GLN M 171 -39.18 90.74 62.45
N THR M 172 -39.19 92.05 62.20
CA THR M 172 -40.38 92.76 61.74
C THR M 172 -40.03 93.52 60.48
N THR M 173 -40.79 93.28 59.41
CA THR M 173 -40.56 93.98 58.17
C THR M 173 -41.21 95.36 58.22
N SER M 174 -40.85 96.21 57.25
CA SER M 174 -41.41 97.56 57.20
C SER M 174 -42.90 97.53 56.94
N LEU M 175 -43.39 96.56 56.15
CA LEU M 175 -44.80 96.48 55.86
C LEU M 175 -45.62 96.23 57.11
N GLY M 176 -45.16 95.32 57.96
CA GLY M 176 -45.88 95.01 59.19
C GLY M 176 -45.88 93.54 59.54
N VAL M 177 -45.24 92.72 58.72
CA VAL M 177 -45.16 91.29 58.99
C VAL M 177 -44.17 91.04 60.11
N VAL M 178 -44.62 90.35 61.15
CA VAL M 178 -43.80 90.04 62.32
C VAL M 178 -43.77 88.54 62.49
N THR M 179 -42.59 87.94 62.33
CA THR M 179 -42.40 86.51 62.50
C THR M 179 -41.29 86.25 63.50
N THR M 180 -41.45 85.21 64.31
CA THR M 180 -40.41 84.84 65.24
C THR M 180 -39.20 84.29 64.48
N LEU M 181 -38.03 84.47 65.07
CA LEU M 181 -36.79 84.07 64.41
C LEU M 181 -36.00 83.05 65.23
N GLU M 182 -35.80 83.30 66.53
CA GLU M 182 -35.01 82.37 67.33
C GLU M 182 -35.43 82.49 68.79
N THR M 183 -35.44 81.35 69.48
CA THR M 183 -35.78 81.30 70.88
C THR M 183 -34.77 80.46 71.64
N HIS M 184 -34.54 80.83 72.90
CA HIS M 184 -33.57 80.15 73.75
C HIS M 184 -34.00 80.27 75.21
N THR M 185 -33.39 79.44 76.05
CA THR M 185 -33.59 79.50 77.49
C THR M 185 -32.22 79.57 78.14
N VAL M 186 -31.84 80.75 78.64
CA VAL M 186 -30.49 80.97 79.13
C VAL M 186 -30.56 81.60 80.52
N SER M 187 -29.45 81.49 81.24
CA SER M 187 -29.36 82.05 82.58
C SER M 187 -27.93 82.54 82.82
N LEU M 188 -27.81 83.42 83.82
CA LEU M 188 -26.52 84.01 84.16
C LEU M 188 -25.69 83.15 85.09
N ALA M 189 -26.26 82.08 85.64
CA ALA M 189 -25.49 81.18 86.50
C ALA M 189 -24.44 80.44 85.69
N GLU M 190 -23.25 80.27 86.29
CA GLU M 190 -22.13 79.66 85.58
C GLU M 190 -22.31 78.16 85.38
N GLU M 191 -23.30 77.53 86.01
CA GLU M 191 -23.44 76.08 85.95
C GLU M 191 -24.87 75.61 85.72
N ALA M 192 -25.83 76.52 85.60
CA ALA M 192 -27.22 76.13 85.43
C ALA M 192 -27.42 75.39 84.11
N LYS M 193 -28.38 74.46 84.10
CA LYS M 193 -28.69 73.68 82.93
C LYS M 193 -30.16 73.84 82.58
N ASP M 194 -30.46 73.73 81.29
CA ASP M 194 -31.83 73.85 80.80
C ASP M 194 -32.57 72.54 81.00
N ASP M 195 -33.77 72.43 80.42
CA ASP M 195 -34.56 71.21 80.57
C ASP M 195 -33.90 70.03 79.86
N MET M 196 -33.31 70.26 78.68
CA MET M 196 -32.71 69.18 77.92
C MET M 196 -31.36 68.75 78.45
N GLY M 197 -30.78 69.49 79.39
CA GLY M 197 -29.51 69.12 79.99
C GLY M 197 -28.31 69.87 79.47
N ARG M 198 -28.45 70.64 78.40
CA ARG M 198 -27.33 71.39 77.87
C ARG M 198 -27.00 72.56 78.79
N LEU M 199 -25.77 73.06 78.65
CA LEU M 199 -25.34 74.22 79.42
C LEU M 199 -26.15 75.45 79.02
N CYS M 200 -26.57 76.23 80.00
CA CYS M 200 -27.43 77.39 79.76
C CYS M 200 -26.78 78.70 80.18
N TYR M 201 -25.49 78.70 80.49
CA TYR M 201 -24.79 79.96 80.72
C TYR M 201 -24.89 80.84 79.48
N LEU M 202 -25.14 82.12 79.68
CA LEU M 202 -25.50 83.00 78.56
C LEU M 202 -24.41 83.10 77.49
N PRO M 203 -23.15 83.44 77.80
CA PRO M 203 -22.18 83.61 76.72
C PRO M 203 -21.94 82.34 75.92
N THR M 204 -21.61 81.24 76.57
CA THR M 204 -21.33 80.00 75.85
C THR M 204 -22.57 79.48 75.14
N ALA M 205 -23.74 79.60 75.75
CA ALA M 205 -24.96 79.13 75.11
C ALA M 205 -25.23 79.89 73.83
N LEU M 206 -25.17 81.23 73.88
CA LEU M 206 -25.40 82.02 72.68
C LEU M 206 -24.33 81.77 71.63
N GLU M 207 -23.07 81.62 72.05
CA GLU M 207 -22.00 81.38 71.10
C GLU M 207 -22.16 80.04 70.39
N ALA M 208 -22.61 79.02 71.11
CA ALA M 208 -22.67 77.67 70.55
C ALA M 208 -23.94 77.41 69.77
N ARG M 209 -25.10 77.59 70.41
CA ARG M 209 -26.36 77.13 69.83
C ARG M 209 -27.07 78.20 69.00
N SER M 210 -26.54 79.41 68.92
CA SER M 210 -27.16 80.49 68.17
C SER M 210 -26.16 81.07 67.18
N LYS M 211 -26.61 81.25 65.94
CA LYS M 211 -25.77 81.82 64.89
C LYS M 211 -26.14 83.25 64.56
N TYR M 212 -26.98 83.89 65.36
CA TYR M 212 -27.38 85.28 65.15
C TYR M 212 -26.80 86.22 66.19
N LEU M 213 -26.79 85.83 67.46
CA LEU M 213 -26.43 86.71 68.55
C LEU M 213 -25.12 86.29 69.20
N ARG M 214 -24.53 87.22 69.92
CA ARG M 214 -23.41 86.97 70.82
C ARG M 214 -23.60 87.85 72.05
N ALA M 215 -22.94 87.47 73.14
CA ALA M 215 -23.10 88.20 74.38
C ALA M 215 -21.79 88.23 75.15
N VAL M 216 -21.65 89.24 76.00
CA VAL M 216 -20.55 89.34 76.95
C VAL M 216 -21.12 89.73 78.30
N VAL M 217 -20.36 89.42 79.35
CA VAL M 217 -20.80 89.64 80.73
C VAL M 217 -19.71 90.34 81.50
N ASN M 218 -20.10 91.02 82.58
CA ASN M 218 -19.18 91.65 83.51
C ASN M 218 -19.05 90.76 84.74
N GLU M 219 -17.83 90.28 84.99
CA GLU M 219 -17.63 89.29 86.06
C GLU M 219 -17.98 89.88 87.42
N GLU M 220 -17.60 91.13 87.67
CA GLU M 220 -17.82 91.73 88.98
C GLU M 220 -19.29 91.82 89.32
N LEU M 221 -20.12 92.25 88.36
CA LEU M 221 -21.53 92.51 88.60
C LEU M 221 -22.42 91.32 88.25
N ILE M 222 -21.86 90.22 87.76
CA ILE M 222 -22.69 89.10 87.31
C ILE M 222 -23.31 88.36 88.49
N SER M 223 -22.73 88.49 89.70
CA SER M 223 -23.25 87.77 90.85
C SER M 223 -24.59 88.33 91.30
N THR M 224 -24.69 89.65 91.41
CA THR M 224 -25.89 90.31 91.90
C THR M 224 -26.82 90.74 90.78
N ALA M 225 -26.50 90.40 89.53
CA ALA M 225 -27.31 90.83 88.40
C ALA M 225 -28.68 90.16 88.43
N LYS M 226 -29.71 90.94 88.12
CA LYS M 226 -31.07 90.44 88.01
C LYS M 226 -31.71 91.01 86.75
N VAL M 227 -32.59 90.23 86.14
CA VAL M 227 -33.23 90.60 84.89
C VAL M 227 -34.73 90.71 85.12
N THR M 228 -35.32 91.79 84.60
CA THR M 228 -36.75 92.00 84.68
C THR M 228 -37.42 91.45 83.43
N ASN M 229 -38.69 91.79 83.23
CA ASN M 229 -39.45 91.37 82.04
C ASN M 229 -39.51 92.55 81.08
N LYS M 230 -38.70 92.48 80.02
CA LYS M 230 -38.67 93.51 78.99
C LYS M 230 -39.31 92.96 77.72
N LYS M 231 -40.27 93.70 77.18
CA LYS M 231 -41.04 93.27 76.02
C LYS M 231 -40.80 94.22 74.86
N SER M 232 -40.49 93.64 73.69
CA SER M 232 -40.37 94.39 72.44
C SER M 232 -39.30 95.48 72.53
N LEU M 233 -38.05 95.03 72.71
CA LEU M 233 -36.92 95.94 72.60
C LEU M 233 -36.63 96.23 71.13
N ALA M 234 -35.59 97.00 70.86
CA ALA M 234 -35.29 97.40 69.50
C ALA M 234 -33.80 97.66 69.35
N PHE M 235 -33.15 96.91 68.47
CA PHE M 235 -31.79 97.23 68.07
C PHE M 235 -31.78 98.52 67.26
N THR M 236 -30.73 99.32 67.42
CA THR M 236 -30.64 100.57 66.68
C THR M 236 -29.17 100.96 66.53
N GLY M 237 -28.92 101.84 65.58
CA GLY M 237 -27.59 102.34 65.31
C GLY M 237 -26.81 101.58 64.27
N GLY M 238 -27.29 100.41 63.84
CA GLY M 238 -26.57 99.64 62.84
C GLY M 238 -26.51 100.38 61.51
N THR M 239 -25.39 100.23 60.82
CA THR M 239 -25.18 100.96 59.58
C THR M 239 -24.15 100.21 58.73
N ASN M 240 -24.53 99.88 57.49
CA ASN M 240 -23.59 99.20 56.60
C ASN M 240 -22.58 100.15 55.99
N GLY M 241 -22.80 101.45 56.12
CA GLY M 241 -21.87 102.43 55.60
C GLY M 241 -21.93 102.57 54.09
N ASP M 242 -20.92 103.23 53.55
CA ASP M 242 -20.79 103.42 52.11
C ASP M 242 -19.97 102.27 51.53
N GLN M 243 -20.62 101.42 50.73
CA GLN M 243 -19.93 100.30 50.10
C GLN M 243 -19.46 100.62 48.69
N SER M 244 -19.67 101.85 48.22
CA SER M 244 -19.19 102.21 46.89
C SER M 244 -17.67 102.18 46.82
N LYS M 245 -17.01 102.75 47.82
CA LYS M 245 -15.56 102.81 47.87
C LYS M 245 -15.05 102.00 49.05
N ILE M 246 -13.99 101.22 48.81
CA ILE M 246 -13.39 100.38 49.83
C ILE M 246 -11.88 100.45 49.67
N SER M 247 -11.18 100.73 50.77
CA SER M 247 -9.73 100.82 50.73
C SER M 247 -9.13 99.46 50.39
N THR M 248 -7.95 99.49 49.76
CA THR M 248 -7.28 98.24 49.40
C THR M 248 -6.87 97.44 50.62
N ALA M 249 -6.77 98.08 51.78
CA ALA M 249 -6.43 97.35 53.00
C ALA M 249 -7.50 96.33 53.35
N ALA M 250 -8.77 96.70 53.19
CA ALA M 250 -9.85 95.76 53.48
C ALA M 250 -9.79 94.56 52.55
N TYR M 251 -9.55 94.78 51.26
CA TYR M 251 -9.46 93.68 50.32
C TYR M 251 -8.26 92.79 50.63
N LEU M 252 -7.13 93.39 51.02
CA LEU M 252 -5.97 92.58 51.38
C LEU M 252 -6.25 91.74 52.63
N ARG M 253 -6.93 92.31 53.63
CA ARG M 253 -7.28 91.54 54.81
C ARG M 253 -8.21 90.40 54.46
N ALA M 254 -9.20 90.66 53.61
CA ALA M 254 -10.14 89.60 53.23
C ALA M 254 -9.43 88.48 52.48
N VAL M 255 -8.51 88.82 51.56
CA VAL M 255 -7.83 87.77 50.83
C VAL M 255 -6.88 87.00 51.72
N LYS M 256 -6.27 87.67 52.72
CA LYS M 256 -5.45 86.94 53.68
C LYS M 256 -6.29 85.95 54.48
N VAL M 257 -7.48 86.36 54.91
CA VAL M 257 -8.37 85.45 55.62
C VAL M 257 -8.74 84.27 54.74
N LEU M 258 -9.04 84.54 53.46
CA LEU M 258 -9.38 83.47 52.54
C LEU M 258 -8.21 82.50 52.36
N ASN M 259 -6.98 83.04 52.33
CA ASN M 259 -5.81 82.17 52.24
C ASN M 259 -5.70 81.27 53.46
N ASN M 260 -5.91 81.83 54.64
CA ASN M 260 -5.76 81.06 55.87
C ASN M 260 -6.97 80.21 56.19
N ALA M 261 -8.02 80.27 55.37
CA ALA M 261 -9.22 79.47 55.63
C ALA M 261 -8.87 77.99 55.63
N PRO M 262 -9.39 77.21 56.58
CA PRO M 262 -9.12 75.76 56.63
C PRO M 262 -10.18 74.95 55.87
N TYR M 263 -10.26 75.16 54.57
CA TYR M 263 -11.21 74.44 53.73
C TYR M 263 -10.50 73.98 52.46
N MET M 264 -11.25 73.30 51.60
CA MET M 264 -10.74 72.79 50.34
C MET M 264 -11.53 73.39 49.19
N TYR M 265 -10.83 74.00 48.23
CA TYR M 265 -11.49 74.49 47.03
C TYR M 265 -10.52 74.44 45.87
N THR M 266 -11.06 74.37 44.66
CA THR M 266 -10.27 74.21 43.45
C THR M 266 -10.52 75.34 42.43
N ALA M 267 -10.96 76.50 42.89
CA ALA M 267 -11.15 77.64 42.01
C ALA M 267 -11.22 78.89 42.86
N VAL M 268 -10.53 79.94 42.43
CA VAL M 268 -10.34 81.12 43.26
C VAL M 268 -11.03 82.34 42.65
N LEU M 269 -12.20 82.10 42.04
CA LEU M 269 -12.95 83.09 41.28
C LEU M 269 -12.81 84.50 41.83
N GLY M 270 -12.44 85.43 40.95
CA GLY M 270 -12.35 86.83 41.30
C GLY M 270 -13.68 87.55 41.19
N LEU M 271 -14.54 87.38 42.18
CA LEU M 271 -15.90 87.90 42.14
C LEU M 271 -15.86 89.43 42.12
N GLY M 272 -16.11 90.01 40.95
CA GLY M 272 -16.33 91.42 40.78
C GLY M 272 -15.44 92.35 41.58
N CYS M 273 -14.17 92.00 41.71
CA CYS M 273 -13.21 92.82 42.46
C CYS M 273 -12.12 93.24 41.48
N TYR M 274 -12.21 94.49 41.01
CA TYR M 274 -11.26 95.03 40.04
C TYR M 274 -10.22 95.88 40.75
N ASP M 275 -9.38 95.21 41.53
CA ASP M 275 -8.27 95.84 42.22
C ASP M 275 -7.00 95.05 41.93
N ASN M 276 -5.95 95.77 41.54
CA ASN M 276 -4.71 95.10 41.13
C ASN M 276 -4.09 94.31 42.28
N ALA M 277 -4.05 94.91 43.48
CA ALA M 277 -3.46 94.22 44.61
C ALA M 277 -4.23 92.96 44.97
N ALA M 278 -5.56 93.04 44.98
CA ALA M 278 -6.36 91.88 45.31
C ALA M 278 -6.20 90.78 44.24
N ILE M 279 -6.15 91.17 42.97
CA ILE M 279 -5.97 90.17 41.92
C ILE M 279 -4.62 89.49 42.04
N THR M 280 -3.57 90.27 42.35
CA THR M 280 -2.26 89.66 42.56
C THR M 280 -2.27 88.70 43.75
N ALA M 281 -2.94 89.08 44.83
CA ALA M 281 -3.02 88.19 45.99
C ALA M 281 -3.75 86.90 45.65
N LEU M 282 -4.83 86.99 44.88
CA LEU M 282 -5.55 85.78 44.49
C LEU M 282 -4.69 84.91 43.56
N GLY M 283 -3.89 85.55 42.71
CA GLY M 283 -2.93 84.78 41.92
C GLY M 283 -1.93 84.06 42.78
N LYS M 284 -1.48 84.71 43.86
CA LYS M 284 -0.61 84.04 44.81
C LYS M 284 -1.30 82.84 45.44
N ILE M 285 -2.60 82.98 45.75
CA ILE M 285 -3.35 81.86 46.32
C ILE M 285 -3.36 80.69 45.36
N CYS M 286 -3.61 80.97 44.07
CA CYS M 286 -3.53 79.91 43.06
C CYS M 286 -2.16 79.26 43.05
N ALA M 287 -1.10 80.07 42.95
CA ALA M 287 0.24 79.51 42.82
C ALA M 287 0.64 78.72 44.05
N ASP M 288 0.03 79.03 45.20
CA ASP M 288 0.40 78.34 46.43
C ASP M 288 -0.37 77.03 46.56
N ARG M 289 -1.68 77.06 46.38
CA ARG M 289 -2.50 75.88 46.61
C ARG M 289 -2.60 74.96 45.40
N LEU M 290 -2.02 75.34 44.26
CA LEU M 290 -2.11 74.56 43.03
C LEU M 290 -3.57 74.39 42.59
N ILE M 291 -4.23 75.52 42.36
CA ILE M 291 -5.62 75.52 41.90
C ILE M 291 -5.76 76.46 40.71
N ASP M 292 -6.98 76.68 40.27
CA ASP M 292 -7.28 77.46 39.07
C ASP M 292 -7.94 78.78 39.44
N GLY M 293 -7.64 79.82 38.67
CA GLY M 293 -8.25 81.11 38.89
C GLY M 293 -8.85 81.70 37.63
N PHE M 294 -9.98 82.37 37.76
CA PHE M 294 -10.69 82.97 36.62
C PHE M 294 -10.98 84.43 36.93
N PHE M 295 -10.02 85.30 36.68
CA PHE M 295 -10.18 86.72 36.93
C PHE M 295 -10.62 87.43 35.66
N ASP M 296 -11.00 88.69 35.81
CA ASP M 296 -11.59 89.36 34.66
C ASP M 296 -11.39 90.86 34.82
N VAL M 297 -10.99 91.53 33.73
CA VAL M 297 -10.68 92.95 33.75
C VAL M 297 -11.98 93.76 33.74
N LYS M 298 -11.88 95.06 33.97
CA LYS M 298 -13.09 95.89 34.02
C LYS M 298 -13.85 95.77 32.71
N PRO M 299 -15.10 95.31 32.73
CA PRO M 299 -15.83 95.10 31.48
C PRO M 299 -16.49 96.37 30.98
N THR M 300 -15.77 97.50 31.04
CA THR M 300 -16.22 98.74 30.45
C THR M 300 -15.09 99.43 29.71
N LEU M 301 -14.00 98.73 29.45
CA LEU M 301 -12.87 99.27 28.72
C LEU M 301 -12.98 98.92 27.24
N THR M 302 -12.54 99.84 26.40
CA THR M 302 -12.52 99.58 24.97
C THR M 302 -11.45 98.54 24.64
N TYR M 303 -11.59 97.96 23.45
CA TYR M 303 -10.65 96.92 23.03
C TYR M 303 -9.22 97.46 22.97
N ALA M 304 -9.06 98.77 22.79
CA ALA M 304 -7.72 99.34 22.76
C ALA M 304 -7.08 99.35 24.15
N GLU M 305 -7.85 99.72 25.17
CA GLU M 305 -7.32 99.78 26.53
C GLU M 305 -7.35 98.45 27.25
N ALA M 306 -8.04 97.45 26.70
CA ALA M 306 -8.09 96.15 27.38
C ALA M 306 -6.71 95.51 27.46
N LEU M 307 -5.92 95.61 26.39
CA LEU M 307 -4.62 94.95 26.38
C LEU M 307 -3.65 95.48 27.43
N PRO M 308 -3.43 96.80 27.59
CA PRO M 308 -2.54 97.25 28.67
C PRO M 308 -3.08 96.95 30.06
N ALA M 309 -4.41 96.87 30.23
CA ALA M 309 -4.95 96.57 31.54
C ALA M 309 -4.60 95.16 31.99
N VAL M 310 -4.48 94.22 31.05
CA VAL M 310 -4.09 92.86 31.41
C VAL M 310 -2.67 92.84 31.94
N GLU M 311 -1.76 93.58 31.31
CA GLU M 311 -0.41 93.70 31.85
C GLU M 311 -0.42 94.40 33.20
N ASP M 312 -1.28 95.41 33.36
CA ASP M 312 -1.37 96.13 34.62
C ASP M 312 -1.79 95.20 35.74
N THR M 313 -2.78 94.34 35.48
CA THR M 313 -3.37 93.54 36.54
C THR M 313 -2.37 92.61 37.22
N GLY M 314 -1.22 92.32 36.59
CA GLY M 314 -0.07 91.84 37.30
C GLY M 314 0.27 90.37 37.17
N LEU M 315 -0.66 89.53 36.70
CA LEU M 315 -0.33 88.11 36.64
C LEU M 315 0.49 87.72 35.41
N LEU M 316 0.74 88.64 34.49
CA LEU M 316 1.52 88.30 33.29
C LEU M 316 2.95 88.00 33.69
N GLY M 317 3.31 86.72 33.64
CA GLY M 317 4.64 86.29 33.98
C GLY M 317 4.81 84.79 33.78
N THR M 318 5.59 84.16 34.66
CA THR M 318 5.78 82.73 34.62
C THR M 318 5.38 82.03 35.90
N ASP M 319 5.13 82.77 36.98
CA ASP M 319 4.74 82.15 38.24
C ASP M 319 3.29 81.69 38.23
N TYR M 320 2.40 82.47 37.62
CA TYR M 320 0.97 82.16 37.60
C TYR M 320 0.65 81.56 36.23
N VAL M 321 0.69 80.23 36.15
CA VAL M 321 0.46 79.53 34.90
C VAL M 321 -0.92 78.92 34.81
N SER M 322 -1.77 79.14 35.81
CA SER M 322 -3.10 78.54 35.81
C SER M 322 -4.22 79.56 35.92
N CYS M 323 -3.91 80.85 35.87
CA CYS M 323 -4.91 81.90 36.05
C CYS M 323 -5.29 82.50 34.71
N SER M 324 -6.58 82.48 34.39
CA SER M 324 -7.09 83.03 33.15
C SER M 324 -7.69 84.41 33.40
N VAL M 325 -7.62 85.27 32.39
CA VAL M 325 -8.14 86.62 32.45
C VAL M 325 -9.16 86.80 31.35
N TYR M 326 -10.33 87.33 31.69
CA TYR M 326 -11.41 87.49 30.74
C TYR M 326 -11.80 88.96 30.60
N HIS M 327 -12.67 89.22 29.63
CA HIS M 327 -13.10 90.58 29.31
C HIS M 327 -14.40 90.47 28.51
N TYR M 328 -15.47 91.08 29.03
CA TYR M 328 -16.81 90.94 28.45
C TYR M 328 -17.44 92.33 28.32
N PRO M 329 -17.08 93.09 27.29
CA PRO M 329 -17.66 94.43 27.11
C PRO M 329 -19.02 94.40 26.41
N PHE M 330 -20.03 93.98 27.15
CA PHE M 330 -21.39 93.91 26.63
C PHE M 330 -22.37 94.28 27.73
N SER M 331 -23.54 94.73 27.32
CA SER M 331 -24.61 95.09 28.24
C SER M 331 -25.60 93.95 28.36
N CYS M 332 -26.46 94.04 29.37
CA CYS M 332 -27.42 92.97 29.64
C CYS M 332 -28.60 93.54 30.41
N LYS M 333 -29.68 92.76 30.42
CA LYS M 333 -30.87 93.09 31.19
C LYS M 333 -30.88 92.23 32.45
N ASP M 334 -30.95 92.87 33.61
CA ASP M 334 -30.81 92.15 34.87
C ASP M 334 -32.00 91.24 35.13
N LYS M 335 -31.75 90.16 35.86
CA LYS M 335 -32.79 89.18 36.13
C LYS M 335 -33.78 89.68 37.17
N TRP M 336 -33.30 90.41 38.18
CA TRP M 336 -34.15 90.78 39.30
C TRP M 336 -34.76 92.18 39.13
N THR M 337 -33.92 93.20 38.98
CA THR M 337 -34.42 94.57 38.98
C THR M 337 -34.91 95.03 37.62
N GLN M 338 -34.65 94.27 36.55
CA GLN M 338 -35.07 94.63 35.20
C GLN M 338 -34.53 95.99 34.78
N SER M 339 -33.20 96.06 34.66
CA SER M 339 -32.52 97.29 34.28
C SER M 339 -31.32 96.95 33.40
N ARG M 340 -30.61 97.98 32.95
CA ARG M 340 -29.45 97.81 32.09
C ARG M 340 -28.19 97.81 32.96
N VAL M 341 -27.56 96.65 33.08
CA VAL M 341 -26.37 96.48 33.92
C VAL M 341 -25.29 95.78 33.11
N VAL M 342 -24.06 95.95 33.57
CA VAL M 342 -22.89 95.28 32.99
C VAL M 342 -22.09 94.64 34.11
N PHE M 343 -21.70 93.39 33.93
CA PHE M 343 -20.82 92.73 34.88
C PHE M 343 -19.96 91.74 34.12
N GLY M 344 -19.15 90.98 34.86
CA GLY M 344 -18.05 90.24 34.29
C GLY M 344 -18.42 88.84 33.83
N LEU M 345 -17.38 88.01 33.68
CA LEU M 345 -17.51 86.68 33.11
C LEU M 345 -16.89 85.58 33.97
N SER M 346 -16.44 85.91 35.18
CA SER M 346 -15.81 84.89 36.03
C SER M 346 -16.78 83.77 36.38
N GLY M 347 -18.02 84.14 36.70
CA GLY M 347 -19.01 83.12 37.04
C GLY M 347 -19.27 82.16 35.90
N VAL M 348 -19.43 82.70 34.68
CA VAL M 348 -19.71 81.83 33.54
C VAL M 348 -18.50 80.99 33.19
N ALA M 349 -17.29 81.55 33.34
CA ALA M 349 -16.09 80.76 33.11
C ALA M 349 -16.01 79.58 34.07
N TYR M 350 -16.30 79.82 35.35
CA TYR M 350 -16.28 78.71 36.29
C TYR M 350 -17.40 77.73 36.03
N ALA M 351 -18.56 78.20 35.58
CA ALA M 351 -19.63 77.27 35.23
C ALA M 351 -19.21 76.37 34.09
N ALA M 352 -18.50 76.92 33.10
CA ALA M 352 -17.98 76.10 32.02
C ALA M 352 -16.98 75.08 32.55
N LYS M 353 -16.09 75.49 33.45
CA LYS M 353 -15.11 74.57 33.99
C LYS M 353 -15.78 73.44 34.77
N ALA M 354 -16.83 73.77 35.53
CA ALA M 354 -17.54 72.74 36.29
C ALA M 354 -18.28 71.78 35.37
N ARG M 355 -18.94 72.31 34.33
CA ARG M 355 -19.57 71.43 33.36
C ARG M 355 -18.56 70.49 32.74
N GLY M 356 -17.35 70.98 32.47
CA GLY M 356 -16.32 70.11 31.95
C GLY M 356 -15.88 69.07 32.96
N VAL M 357 -15.71 69.46 34.21
CA VAL M 357 -15.18 68.53 35.22
C VAL M 357 -16.22 67.50 35.65
N LYS M 358 -17.49 67.74 35.38
CA LYS M 358 -18.52 66.78 35.75
C LYS M 358 -18.79 65.73 34.67
N LYS M 359 -18.04 65.72 33.58
CA LYS M 359 -18.28 64.76 32.51
C LYS M 359 -17.87 63.36 32.93
N ASN M 360 -16.60 63.17 33.27
CA ASN M 360 -16.13 61.89 33.75
C ASN M 360 -16.51 61.71 35.21
N SER M 361 -16.86 60.48 35.58
CA SER M 361 -17.32 60.19 36.93
C SER M 361 -16.25 59.56 37.82
N ASP M 362 -15.33 58.78 37.25
CA ASP M 362 -14.33 58.11 38.06
C ASP M 362 -13.32 59.10 38.62
N VAL M 363 -12.57 59.76 37.73
CA VAL M 363 -11.58 60.75 38.14
C VAL M 363 -11.99 62.17 37.79
N GLY M 364 -13.07 62.35 37.06
CA GLY M 364 -13.50 63.68 36.68
C GLY M 364 -12.70 64.18 35.49
N GLY M 365 -13.37 64.81 34.53
CA GLY M 365 -12.69 65.26 33.34
C GLY M 365 -12.08 66.63 33.52
N TRP M 366 -10.78 66.67 33.81
CA TRP M 366 -10.05 67.92 33.91
C TRP M 366 -9.44 68.36 32.60
N HIS M 367 -9.50 67.53 31.56
CA HIS M 367 -8.87 67.83 30.29
C HIS M 367 -9.79 68.57 29.33
N TYR M 368 -11.01 68.89 29.74
CA TYR M 368 -11.93 69.63 28.88
C TYR M 368 -11.68 71.12 29.04
N SER M 369 -11.43 71.81 27.93
CA SER M 369 -11.20 73.24 28.00
C SER M 369 -12.49 73.97 28.34
N PRO M 370 -12.42 75.07 29.09
CA PRO M 370 -13.61 75.85 29.44
C PRO M 370 -14.08 76.77 28.33
N ALA M 371 -14.26 76.22 27.14
CA ALA M 371 -14.72 77.00 26.00
C ALA M 371 -15.35 76.05 24.99
N GLY M 372 -16.14 76.62 24.09
CA GLY M 372 -16.80 75.86 23.05
C GLY M 372 -18.24 76.25 22.93
N GLU M 373 -18.99 75.45 22.18
CA GLU M 373 -20.41 75.70 21.97
C GLU M 373 -21.31 74.76 22.75
N GLU M 374 -20.76 73.75 23.43
CA GLU M 374 -21.55 72.83 24.21
C GLU M 374 -21.27 72.90 25.70
N ARG M 375 -20.31 73.72 26.13
CA ARG M 375 -19.94 73.80 27.53
C ARG M 375 -19.74 75.21 28.06
N ALA M 376 -19.88 76.24 27.23
CA ALA M 376 -19.55 77.59 27.69
C ALA M 376 -20.54 78.62 27.17
N VAL M 377 -21.79 78.21 26.90
CA VAL M 377 -22.79 79.16 26.44
C VAL M 377 -23.07 80.17 27.54
N ILE M 378 -23.34 81.41 27.13
CA ILE M 378 -23.61 82.51 28.05
C ILE M 378 -25.10 82.78 28.01
N ALA M 379 -25.75 82.68 29.16
CA ALA M 379 -27.19 82.88 29.27
C ALA M 379 -27.44 84.25 29.88
N ARG M 380 -27.91 85.18 29.06
CA ARG M 380 -28.25 86.52 29.51
C ARG M 380 -29.58 86.90 28.87
N ALA M 381 -29.93 88.18 28.98
CA ALA M 381 -31.18 88.69 28.44
C ALA M 381 -30.93 89.96 27.67
N SER M 382 -31.25 89.95 26.37
CA SER M 382 -31.17 91.12 25.51
C SER M 382 -29.76 91.72 25.50
N ILE M 383 -28.80 90.88 25.11
CA ILE M 383 -27.40 91.32 25.04
C ILE M 383 -27.29 92.38 23.96
N GLN M 384 -26.84 93.57 24.35
CA GLN M 384 -26.67 94.70 23.44
C GLN M 384 -25.23 95.19 23.54
N PRO M 385 -24.44 95.10 22.47
CA PRO M 385 -23.02 95.44 22.58
C PRO M 385 -22.79 96.87 23.03
N LEU M 386 -21.75 97.06 23.84
CA LEU M 386 -21.46 98.38 24.37
C LEU M 386 -20.84 99.29 23.30
N TYR M 387 -19.94 98.74 22.49
CA TYR M 387 -19.23 99.50 21.46
C TYR M 387 -19.41 98.79 20.13
N PRO M 388 -20.58 98.93 19.50
CA PRO M 388 -20.79 98.27 18.21
C PRO M 388 -19.86 98.77 17.11
N GLU M 389 -19.32 99.98 17.22
CA GLU M 389 -18.48 100.50 16.15
C GLU M 389 -17.05 99.97 16.18
N ASP M 390 -16.65 99.29 17.25
CA ASP M 390 -15.29 98.79 17.36
C ASP M 390 -15.20 97.35 16.88
N THR M 391 -13.99 96.81 16.87
CA THR M 391 -13.74 95.46 16.38
C THR M 391 -12.61 94.84 17.19
N PRO M 392 -12.65 93.54 17.43
CA PRO M 392 -11.58 92.89 18.20
C PRO M 392 -10.26 92.90 17.42
N ASP M 393 -9.22 92.49 18.12
CA ASP M 393 -7.83 92.54 17.66
C ASP M 393 -7.18 91.16 17.77
N GLU M 394 -7.86 90.16 17.20
CA GLU M 394 -7.57 88.74 17.47
C GLU M 394 -6.09 88.42 17.69
N GLU M 395 -5.23 88.86 16.78
CA GLU M 395 -3.81 88.56 16.92
C GLU M 395 -3.22 89.22 18.17
N ALA M 396 -3.55 90.50 18.37
CA ALA M 396 -3.04 91.19 19.55
C ALA M 396 -3.58 90.56 20.83
N MET M 397 -4.85 90.16 20.83
CA MET M 397 -5.41 89.51 22.00
C MET M 397 -4.71 88.19 22.31
N VAL M 398 -4.45 87.38 21.28
CA VAL M 398 -3.79 86.10 21.51
C VAL M 398 -2.37 86.33 22.02
N LYS M 399 -1.68 87.33 21.48
CA LYS M 399 -0.33 87.62 21.96
C LYS M 399 -0.35 88.15 23.39
N GLY M 400 -1.39 88.89 23.76
CA GLY M 400 -1.51 89.45 25.10
C GLY M 400 -2.24 88.58 26.09
N ARG M 401 -2.62 87.36 25.72
CA ARG M 401 -3.23 86.39 26.62
C ARG M 401 -4.53 86.95 27.21
N LEU M 402 -5.51 87.17 26.33
CA LEU M 402 -6.81 87.68 26.71
C LEU M 402 -7.88 86.87 25.98
N ASN M 403 -8.66 86.10 26.73
CA ASN M 403 -9.72 85.31 26.12
C ASN M 403 -10.83 86.23 25.63
N LYS M 404 -11.40 85.89 24.48
CA LYS M 404 -12.37 86.73 23.80
C LYS M 404 -13.69 85.99 23.62
N VAL M 405 -14.78 86.73 23.63
CA VAL M 405 -16.10 86.19 23.38
C VAL M 405 -16.39 86.28 21.89
N SER M 406 -17.38 85.51 21.45
CA SER M 406 -17.77 85.50 20.05
C SER M 406 -19.24 85.11 19.96
N VAL M 407 -19.71 84.87 18.74
CA VAL M 407 -21.06 84.40 18.49
C VAL M 407 -20.95 83.07 17.77
N GLY M 408 -21.28 81.99 18.47
CA GLY M 408 -21.21 80.67 17.89
C GLY M 408 -22.45 80.37 17.06
N THR M 409 -22.65 79.08 16.79
CA THR M 409 -23.83 78.67 16.05
C THR M 409 -25.08 78.91 16.88
N SER M 410 -26.21 79.06 16.18
CA SER M 410 -27.53 79.28 16.75
C SER M 410 -27.69 80.68 17.34
N GLY M 411 -26.60 81.44 17.37
CA GLY M 411 -26.68 82.83 17.77
C GLY M 411 -26.48 83.13 19.24
N GLN M 412 -26.08 82.15 20.05
CA GLN M 412 -25.80 82.39 21.46
C GLN M 412 -24.33 82.71 21.66
N MET M 413 -24.05 83.74 22.44
CA MET M 413 -22.67 84.11 22.73
C MET M 413 -21.97 82.98 23.47
N ILE M 414 -20.69 82.77 23.14
CA ILE M 414 -19.89 81.74 23.78
C ILE M 414 -18.51 82.30 24.08
N ILE M 415 -17.76 81.57 24.89
CA ILE M 415 -16.35 81.85 25.13
C ILE M 415 -15.55 81.02 24.13
N ASP M 416 -14.60 81.65 23.45
CA ASP M 416 -13.90 80.99 22.35
C ASP M 416 -12.38 81.06 22.52
N ASP M 417 -11.90 80.90 23.74
CA ASP M 417 -10.47 80.75 23.97
C ASP M 417 -10.23 80.09 25.32
N ALA M 418 -9.05 79.49 25.45
CA ALA M 418 -8.65 78.80 26.67
C ALA M 418 -7.19 79.14 26.98
N LEU M 419 -6.84 80.42 26.90
CA LEU M 419 -5.47 80.85 27.09
C LEU M 419 -5.27 81.36 28.51
N THR M 420 -4.17 80.93 29.13
CA THR M 420 -3.82 81.34 30.48
C THR M 420 -2.95 82.59 30.45
N CYS M 421 -2.35 82.92 31.59
CA CYS M 421 -1.51 84.10 31.69
C CYS M 421 -0.04 83.81 31.47
N CYS M 422 0.32 82.57 31.15
CA CYS M 422 1.72 82.24 30.87
C CYS M 422 2.17 82.94 29.59
N THR M 423 3.36 83.54 29.62
CA THR M 423 3.87 84.22 28.45
C THR M 423 4.71 83.32 27.56
N GLN M 424 5.35 82.30 28.14
CA GLN M 424 6.16 81.38 27.34
C GLN M 424 5.28 80.63 26.35
N ASP M 425 5.81 80.40 25.16
CA ASP M 425 5.06 79.75 24.09
C ASP M 425 5.39 78.25 24.11
N ASN M 426 4.72 77.53 24.99
CA ASN M 426 4.85 76.08 25.09
C ASN M 426 3.47 75.51 25.42
N TYR M 427 3.45 74.26 25.85
CA TYR M 427 2.18 73.61 26.17
C TYR M 427 1.51 74.22 27.39
N LEU M 428 2.20 75.06 28.15
CA LEU M 428 1.68 75.52 29.42
C LEU M 428 0.68 76.67 29.28
N HIS M 429 0.61 77.33 28.13
CA HIS M 429 -0.30 78.47 28.04
C HIS M 429 -1.72 78.07 27.69
N PHE M 430 -1.96 76.83 27.31
CA PHE M 430 -3.33 76.36 27.17
C PHE M 430 -3.93 76.14 28.56
N GLN M 431 -5.26 76.08 28.61
CA GLN M 431 -5.91 76.08 29.93
C GLN M 431 -5.96 74.68 30.54
N HIS M 432 -6.20 73.66 29.72
CA HIS M 432 -6.48 72.35 30.31
C HIS M 432 -5.21 71.68 30.85
N VAL M 433 -4.06 71.93 30.25
CA VAL M 433 -2.83 71.26 30.70
C VAL M 433 -2.47 71.60 32.14
N PRO M 434 -2.39 72.87 32.55
CA PRO M 434 -2.10 73.14 33.97
C PRO M 434 -3.11 72.56 34.92
N SER M 435 -4.40 72.54 34.56
CA SER M 435 -5.40 71.99 35.46
C SER M 435 -5.18 70.50 35.67
N LEU M 436 -4.93 69.76 34.59
CA LEU M 436 -4.68 68.33 34.71
C LEU M 436 -3.42 68.05 35.52
N MET M 437 -2.34 68.78 35.23
CA MET M 437 -1.11 68.57 35.97
C MET M 437 -1.28 68.90 37.45
N ASN M 438 -2.05 69.94 37.75
CA ASN M 438 -2.28 70.30 39.15
C ASN M 438 -3.13 69.25 39.86
N ALA M 439 -4.11 68.67 39.17
CA ALA M 439 -4.86 67.57 39.79
C ALA M 439 -3.94 66.42 40.14
N ILE M 440 -3.06 66.04 39.21
CA ILE M 440 -2.13 64.94 39.50
C ILE M 440 -1.23 65.31 40.67
N SER M 441 -0.74 66.56 40.70
CA SER M 441 0.15 66.98 41.77
C SER M 441 -0.54 66.96 43.13
N ARG M 442 -1.81 67.40 43.19
CA ARG M 442 -2.53 67.36 44.45
C ARG M 442 -2.72 65.94 44.94
N PHE M 443 -3.06 65.02 44.03
CA PHE M 443 -3.16 63.62 44.45
C PHE M 443 -1.83 63.10 44.96
N PHE M 444 -0.72 63.49 44.29
CA PHE M 444 0.58 63.04 44.78
C PHE M 444 0.88 63.56 46.17
N VAL M 445 0.57 64.83 46.41
CA VAL M 445 0.82 65.38 47.73
C VAL M 445 0.06 64.61 48.79
N GLN M 446 -1.22 64.31 48.50
CA GLN M 446 -1.98 63.51 49.46
C GLN M 446 -1.33 62.17 49.72
N LEU M 447 -0.95 61.46 48.64
CA LEU M 447 -0.38 60.13 48.80
C LEU M 447 0.93 60.15 49.58
N ALA M 448 1.82 61.09 49.25
CA ALA M 448 3.11 61.14 49.92
C ALA M 448 2.96 61.57 51.38
N ARG M 449 2.04 62.49 51.65
CA ARG M 449 1.79 62.87 53.04
C ARG M 449 1.31 61.66 53.84
N GLN M 450 0.47 60.83 53.23
CA GLN M 450 0.02 59.63 53.93
C GLN M 450 1.15 58.63 54.11
N MET M 451 2.07 58.54 53.15
CA MET M 451 3.06 57.49 53.12
C MET M 451 4.40 57.91 53.71
N LYS M 452 4.49 59.11 54.27
CA LYS M 452 5.74 59.58 54.84
C LYS M 452 6.13 58.75 56.06
N HIS M 453 7.43 58.71 56.33
CA HIS M 453 8.04 58.13 57.53
C HIS M 453 7.96 56.60 57.56
N SER M 454 7.89 55.95 56.42
CA SER M 454 7.88 54.50 56.37
C SER M 454 9.23 53.98 55.89
N PRO M 455 9.56 52.73 56.21
CA PRO M 455 10.80 52.15 55.69
C PRO M 455 10.75 52.01 54.18
N ASP M 456 11.94 51.93 53.57
CA ASP M 456 12.03 51.98 52.12
C ASP M 456 11.32 50.81 51.46
N GLY M 457 11.35 49.64 52.10
CA GLY M 457 10.72 48.47 51.50
C GLY M 457 9.24 48.68 51.25
N ILE M 458 8.54 49.20 52.25
CA ILE M 458 7.12 49.52 52.07
C ILE M 458 6.96 50.73 51.16
N THR M 459 7.84 51.73 51.32
CA THR M 459 7.64 53.01 50.66
C THR M 459 7.72 52.89 49.15
N ALA M 460 8.74 52.19 48.64
CA ALA M 460 8.90 52.08 47.19
C ALA M 460 7.70 51.41 46.56
N ALA M 461 7.30 50.26 47.10
CA ALA M 461 6.16 49.53 46.54
C ALA M 461 4.89 50.36 46.64
N GLY M 462 4.67 51.02 47.76
CA GLY M 462 3.44 51.80 47.91
C GLY M 462 3.37 52.96 46.93
N LEU M 463 4.47 53.71 46.82
CA LEU M 463 4.49 54.84 45.89
C LEU M 463 4.28 54.37 44.45
N THR M 464 5.00 53.31 44.05
CA THR M 464 4.87 52.82 42.69
C THR M 464 3.45 52.35 42.41
N LYS M 465 2.86 51.59 43.33
CA LYS M 465 1.52 51.08 43.11
C LYS M 465 0.50 52.22 43.02
N GLY M 466 0.56 53.17 43.94
CA GLY M 466 -0.40 54.27 43.91
C GLY M 466 -0.30 55.10 42.65
N MET M 467 0.93 55.50 42.28
CA MET M 467 1.08 56.31 41.08
C MET M 467 0.70 55.55 39.82
N THR M 468 1.08 54.28 39.72
CA THR M 468 0.70 53.50 38.55
C THR M 468 -0.81 53.41 38.43
N LYS M 469 -1.50 53.15 39.55
CA LYS M 469 -2.96 53.06 39.49
C LYS M 469 -3.57 54.38 39.08
N LEU M 470 -3.11 55.49 39.65
CA LEU M 470 -3.71 56.78 39.32
C LEU M 470 -3.49 57.14 37.85
N LEU M 471 -2.26 56.97 37.36
CA LEU M 471 -2.00 57.32 35.97
C LEU M 471 -2.73 56.39 35.01
N ASP M 472 -2.88 55.11 35.36
CA ASP M 472 -3.69 54.23 34.54
C ASP M 472 -5.15 54.68 34.51
N ARG M 473 -5.66 55.14 35.64
CA ARG M 473 -7.02 55.67 35.65
C ARG M 473 -7.15 56.87 34.72
N PHE M 474 -6.17 57.77 34.75
CA PHE M 474 -6.22 58.92 33.87
C PHE M 474 -6.14 58.52 32.40
N VAL M 475 -5.26 57.59 32.05
CA VAL M 475 -5.14 57.16 30.67
C VAL M 475 -6.43 56.52 30.19
N ALA M 476 -7.04 55.68 31.02
CA ALA M 476 -8.32 55.08 30.67
C ALA M 476 -9.40 56.14 30.51
N SER M 477 -9.33 57.20 31.33
CA SER M 477 -10.26 58.32 31.17
C SER M 477 -10.08 58.99 29.81
N GLY M 478 -8.84 59.14 29.38
CA GLY M 478 -8.54 59.72 28.08
C GLY M 478 -7.83 61.05 28.10
N ALA M 479 -7.29 61.47 29.24
CA ALA M 479 -6.57 62.73 29.32
C ALA M 479 -5.13 62.64 28.87
N LEU M 480 -4.60 61.44 28.69
CA LEU M 480 -3.24 61.26 28.19
C LEU M 480 -3.28 60.35 26.97
N VAL M 481 -2.49 60.69 25.96
CA VAL M 481 -2.44 59.95 24.71
C VAL M 481 -0.98 59.62 24.39
N ALA M 482 -0.79 58.79 23.36
CA ALA M 482 0.54 58.39 22.96
C ALA M 482 1.34 59.61 22.51
N PRO M 483 2.66 59.58 22.68
CA PRO M 483 3.46 60.76 22.34
C PRO M 483 3.40 61.08 20.85
N ARG M 484 3.61 62.35 20.53
CA ARG M 484 3.49 62.80 19.15
C ARG M 484 4.51 62.11 18.24
N ASP M 485 5.75 61.98 18.71
CA ASP M 485 6.80 61.35 17.91
C ASP M 485 7.24 60.06 18.57
N PRO M 486 6.71 58.91 18.18
CA PRO M 486 7.04 57.64 18.82
C PRO M 486 8.33 57.02 18.33
N ASP M 487 9.38 57.84 18.23
CA ASP M 487 10.69 57.39 17.81
C ASP M 487 11.76 57.63 18.85
N ALA M 488 11.75 58.78 19.52
CA ALA M 488 12.73 59.12 20.54
C ALA M 488 12.19 58.87 21.94
N ASP M 489 11.08 59.51 22.28
CA ASP M 489 10.51 59.41 23.63
C ASP M 489 9.48 58.30 23.73
N GLY M 490 9.87 57.09 23.35
CA GLY M 490 9.07 55.89 23.51
C GLY M 490 7.68 55.99 22.92
N THR M 491 6.80 55.10 23.41
CA THR M 491 5.42 55.09 22.95
C THR M 491 4.43 54.88 24.10
N GLU M 492 4.82 55.21 25.33
CA GLU M 492 3.85 55.08 26.41
C GLU M 492 3.34 56.45 26.83
N PRO M 493 2.05 56.55 27.20
CA PRO M 493 1.51 57.86 27.59
C PRO M 493 2.24 58.49 28.77
N TYR M 494 2.66 57.68 29.73
CA TYR M 494 3.32 58.17 30.93
C TYR M 494 4.52 57.30 31.25
N VAL M 495 5.55 57.93 31.80
CA VAL M 495 6.76 57.26 32.25
C VAL M 495 6.98 57.62 33.71
N LEU M 496 7.14 56.60 34.56
CA LEU M 496 7.26 56.78 36.00
C LEU M 496 8.64 56.32 36.45
N LYS M 497 9.20 57.03 37.43
CA LYS M 497 10.50 56.66 37.97
C LYS M 497 10.56 57.07 39.43
N VAL M 498 10.59 56.08 40.32
CA VAL M 498 10.72 56.30 41.75
C VAL M 498 12.11 55.85 42.16
N THR M 499 12.86 56.75 42.79
CA THR M 499 14.26 56.46 43.08
C THR M 499 14.62 56.98 44.47
N GLN M 500 15.76 56.51 44.97
CA GLN M 500 16.33 56.98 46.23
C GLN M 500 17.58 57.77 45.92
N ALA M 501 17.66 58.98 46.46
CA ALA M 501 18.79 59.86 46.20
C ALA M 501 19.83 59.82 47.32
N GLU M 502 19.39 59.75 48.57
CA GLU M 502 20.28 59.50 49.71
C GLU M 502 19.48 58.65 50.69
N PHE M 503 19.90 58.66 51.95
CA PHE M 503 19.20 57.88 52.98
C PHE M 503 17.71 58.16 52.98
N ASP M 504 17.32 59.43 52.90
CA ASP M 504 15.90 59.77 52.82
C ASP M 504 15.73 60.95 51.86
N LYS M 505 15.58 60.65 50.57
CA LYS M 505 15.29 61.68 49.58
C LYS M 505 14.40 61.11 48.48
N TRP M 506 13.49 60.21 48.84
CA TRP M 506 12.68 59.51 47.85
C TRP M 506 12.13 60.46 46.80
N GLU M 507 12.57 60.31 45.56
CA GLU M 507 12.26 61.23 44.47
C GLU M 507 11.41 60.53 43.43
N VAL M 508 10.27 61.13 43.09
CA VAL M 508 9.34 60.58 42.13
C VAL M 508 9.30 61.52 40.93
N VAL M 509 9.55 60.98 39.75
CA VAL M 509 9.50 61.75 38.52
C VAL M 509 8.53 61.07 37.57
N TRP M 510 7.48 61.76 37.18
CA TRP M 510 6.50 61.25 36.24
C TRP M 510 6.38 62.20 35.06
N ALA M 511 6.41 61.65 33.86
CA ALA M 511 6.30 62.43 32.63
C ALA M 511 5.08 61.94 31.87
N CYS M 512 4.19 62.86 31.52
CA CYS M 512 2.93 62.52 30.88
C CYS M 512 2.80 63.26 29.56
N CYS M 513 2.09 62.66 28.61
CA CYS M 513 1.80 63.35 27.37
C CYS M 513 0.35 63.80 27.36
N PRO M 514 0.06 65.09 27.52
CA PRO M 514 -1.34 65.53 27.60
C PRO M 514 -2.03 65.52 26.25
N THR M 515 -3.36 65.53 26.29
CA THR M 515 -4.14 65.52 25.07
C THR M 515 -4.01 66.85 24.34
N GLY M 516 -4.35 66.84 23.05
CA GLY M 516 -4.29 68.01 22.23
C GLY M 516 -5.67 68.58 21.99
N VAL M 517 -5.89 69.82 22.44
CA VAL M 517 -7.13 70.52 22.14
C VAL M 517 -7.21 70.77 20.63
N ALA M 518 -8.43 71.00 20.15
CA ALA M 518 -8.67 71.27 18.74
C ALA M 518 -9.15 72.71 18.63
N ARG M 519 -8.20 73.63 18.51
CA ARG M 519 -8.49 75.06 18.44
C ARG M 519 -8.57 75.58 17.01
N ARG M 520 -7.67 75.12 16.13
CA ARG M 520 -7.64 75.56 14.75
C ARG M 520 -7.86 74.35 13.85
N ILE M 521 -8.88 74.42 13.00
CA ILE M 521 -9.20 73.34 12.08
C ILE M 521 -9.15 73.89 10.66
N GLN M 522 -8.39 73.24 9.79
CA GLN M 522 -8.20 73.69 8.42
C GLN M 522 -8.53 72.56 7.46
N GLY M 523 -9.29 72.88 6.42
CA GLY M 523 -9.64 71.92 5.38
C GLY M 523 -9.02 72.32 4.05
N VAL M 524 -8.44 71.36 3.36
CA VAL M 524 -7.79 71.57 2.08
C VAL M 524 -8.43 70.66 1.05
N PRO M 525 -9.41 71.16 0.29
CA PRO M 525 -10.02 70.33 -0.76
C PRO M 525 -9.05 70.09 -1.89
N LEU M 526 -9.25 68.98 -2.58
CA LEU M 526 -8.39 68.58 -3.68
C LEU M 526 -9.24 68.03 -4.82
N LEU M 527 -8.65 67.96 -6.00
CA LEU M 527 -9.27 67.33 -7.16
C LEU M 527 -8.33 66.29 -7.73
N ILE M 528 -8.89 65.15 -8.13
CA ILE M 528 -8.12 64.01 -8.62
C ILE M 528 -8.32 63.90 -10.12
N LYS M 529 -7.23 63.86 -10.86
CA LYS M 529 -7.28 63.69 -12.31
C LYS M 529 -7.84 62.33 -12.67
N SER N 2 -19.00 89.40 8.09
CA SER N 2 -20.12 89.09 8.95
C SER N 2 -20.15 87.60 9.29
N GLN N 3 -21.34 87.10 9.61
CA GLN N 3 -21.51 85.68 9.83
C GLN N 3 -21.60 84.96 8.48
N TYR N 4 -21.53 83.62 8.54
CA TYR N 4 -21.55 82.74 7.38
C TYR N 4 -20.36 82.94 6.47
N SER N 5 -19.48 83.90 6.76
CA SER N 5 -18.30 84.11 5.95
C SER N 5 -17.28 83.02 6.23
N ILE N 6 -16.44 82.74 5.24
CA ILE N 6 -15.41 81.71 5.34
C ILE N 6 -14.06 82.35 5.07
N GLN N 7 -13.14 82.19 6.01
CA GLN N 7 -11.79 82.70 5.81
C GLN N 7 -10.92 81.64 5.17
N GLN N 8 -9.68 82.02 4.86
CA GLN N 8 -8.75 81.13 4.17
C GLN N 8 -7.38 81.04 4.82
N SER N 9 -6.97 82.00 5.64
CA SER N 9 -5.62 82.01 6.19
C SER N 9 -5.52 81.21 7.48
N LEU N 10 -6.26 81.64 8.52
CA LEU N 10 -6.28 80.96 9.81
C LEU N 10 -4.87 80.91 10.41
N GLY N 11 -4.38 82.09 10.77
CA GLY N 11 -3.06 82.20 11.36
C GLY N 11 -3.07 82.56 12.83
N ASN N 12 -2.70 81.58 13.68
CA ASN N 12 -2.46 81.80 15.11
C ASN N 12 -3.69 82.39 15.81
N ALA N 13 -4.87 81.92 15.44
CA ALA N 13 -6.10 82.35 16.09
C ALA N 13 -7.15 81.27 15.92
N SER N 14 -8.01 81.14 16.92
CA SER N 14 -9.06 80.12 16.87
C SER N 14 -10.01 80.42 15.72
N GLY N 15 -10.46 79.38 15.05
CA GLY N 15 -11.40 79.53 13.96
C GLY N 15 -11.32 78.32 13.04
N VAL N 16 -12.08 78.42 11.94
CA VAL N 16 -12.12 77.38 10.93
C VAL N 16 -11.99 78.04 9.57
N ALA N 17 -11.26 77.39 8.66
CA ALA N 17 -11.02 77.96 7.35
C ALA N 17 -10.82 76.85 6.34
N VAL N 18 -11.20 77.10 5.10
CA VAL N 18 -11.02 76.16 4.00
C VAL N 18 -10.16 76.82 2.93
N SER N 19 -9.15 76.11 2.47
CA SER N 19 -8.27 76.64 1.46
C SER N 19 -8.96 76.63 0.10
N PRO N 20 -8.59 77.55 -0.80
CA PRO N 20 -9.18 77.54 -2.14
C PRO N 20 -8.82 76.26 -2.88
N ILE N 21 -9.72 75.85 -3.78
CA ILE N 21 -9.58 74.56 -4.45
C ILE N 21 -8.27 74.52 -5.22
N ASN N 22 -7.55 73.40 -5.10
CA ASN N 22 -6.23 73.32 -5.70
C ASN N 22 -6.32 73.15 -7.21
N ALA N 23 -6.87 72.02 -7.67
CA ALA N 23 -7.15 71.79 -9.09
C ALA N 23 -5.92 72.04 -9.96
N ASP N 24 -4.76 71.55 -9.52
CA ASP N 24 -3.54 71.69 -10.30
C ASP N 24 -3.05 70.39 -10.90
N ALA N 25 -3.49 69.25 -10.39
CA ALA N 25 -3.13 67.96 -10.96
C ALA N 25 -4.05 67.56 -12.11
N THR N 26 -5.01 68.41 -12.46
CA THR N 26 -5.98 68.12 -13.51
C THR N 26 -5.91 69.14 -14.63
N LEU N 27 -4.73 69.68 -14.90
CA LEU N 27 -4.59 70.72 -15.91
C LEU N 27 -4.57 70.09 -17.30
N SER N 28 -5.59 70.37 -18.09
CA SER N 28 -5.68 69.92 -19.47
C SER N 28 -5.24 71.06 -20.39
N THR N 29 -5.41 70.85 -21.69
CA THR N 29 -5.10 71.87 -22.68
C THR N 29 -6.09 71.76 -23.83
N GLY N 30 -6.79 72.85 -24.11
CA GLY N 30 -7.74 72.86 -25.22
C GLY N 30 -7.20 73.60 -26.43
N VAL N 31 -6.78 72.85 -27.45
CA VAL N 31 -6.24 73.44 -28.66
C VAL N 31 -7.10 73.06 -29.86
N ALA N 32 -7.79 71.92 -29.76
CA ALA N 32 -8.64 71.41 -30.84
C ALA N 32 -7.84 71.26 -32.13
N LEU N 33 -6.91 70.31 -32.09
CA LEU N 33 -5.99 70.11 -33.20
C LEU N 33 -6.71 69.76 -34.49
N ASN N 34 -7.86 69.10 -34.40
CA ASN N 34 -8.57 68.66 -35.60
C ASN N 34 -9.42 69.77 -36.21
N SER N 35 -8.81 70.95 -36.42
CA SER N 35 -9.51 72.07 -37.03
C SER N 35 -8.54 72.80 -37.96
N SER N 36 -9.01 73.10 -39.17
CA SER N 36 -8.17 73.74 -40.18
C SER N 36 -8.93 74.87 -40.84
N LEU N 37 -8.27 76.01 -41.01
CA LEU N 37 -8.82 77.16 -41.70
C LEU N 37 -7.78 77.69 -42.67
N TRP N 38 -8.26 78.29 -43.76
CA TRP N 38 -7.39 78.77 -44.84
C TRP N 38 -7.44 80.28 -44.93
N ALA N 39 -6.28 80.89 -45.11
CA ALA N 39 -6.16 82.34 -45.22
C ALA N 39 -5.50 82.71 -46.52
N GLY N 40 -6.05 83.72 -47.19
CA GLY N 40 -5.49 84.12 -48.47
C GLY N 40 -5.80 85.56 -48.82
N ILE N 41 -5.04 86.08 -49.78
CA ILE N 41 -5.27 87.41 -50.30
C ILE N 41 -5.84 87.26 -51.71
N GLY N 42 -6.47 88.32 -52.19
CA GLY N 42 -7.04 88.26 -53.53
C GLY N 42 -7.60 89.59 -53.96
N VAL N 43 -8.16 89.59 -55.17
CA VAL N 43 -8.82 90.75 -55.74
C VAL N 43 -10.25 90.35 -56.06
N PHE N 44 -11.21 91.14 -55.57
CA PHE N 44 -12.60 90.79 -55.73
C PHE N 44 -13.42 92.00 -56.15
N ALA N 45 -14.75 91.88 -56.10
CA ALA N 45 -15.64 92.96 -56.50
C ALA N 45 -16.19 93.74 -55.32
N ARG N 46 -16.51 93.07 -54.22
CA ARG N 46 -17.09 93.71 -53.04
C ARG N 46 -16.37 93.23 -51.80
N GLY N 47 -16.15 94.15 -50.87
CA GLY N 47 -15.47 93.86 -49.61
C GLY N 47 -14.68 95.04 -49.14
N LYS N 48 -14.40 95.06 -47.84
CA LYS N 48 -13.63 96.16 -47.26
C LYS N 48 -12.15 95.97 -47.54
N PRO N 49 -11.50 96.90 -48.22
CA PRO N 49 -10.09 96.69 -48.59
C PRO N 49 -9.17 96.72 -47.39
N PHE N 50 -8.11 95.90 -47.48
CA PHE N 50 -7.05 95.86 -46.48
C PHE N 50 -7.57 95.56 -45.08
N THR N 51 -8.60 94.71 -45.01
CA THR N 51 -9.17 94.31 -43.73
C THR N 51 -9.52 92.84 -43.80
N VAL N 52 -9.17 92.08 -42.76
CA VAL N 52 -9.42 90.65 -42.75
C VAL N 52 -10.91 90.39 -42.75
N LEU N 53 -11.36 89.51 -43.62
CA LEU N 53 -12.75 89.11 -43.69
C LEU N 53 -12.90 87.70 -43.11
N ALA N 54 -14.13 87.19 -43.18
CA ALA N 54 -14.42 85.82 -42.77
C ALA N 54 -15.51 85.28 -43.69
N VAL N 55 -15.21 84.20 -44.39
CA VAL N 55 -16.11 83.64 -45.38
C VAL N 55 -16.45 82.21 -45.00
N THR N 56 -17.75 81.90 -45.00
CA THR N 56 -18.25 80.56 -44.75
C THR N 56 -18.95 80.06 -46.01
N GLU N 57 -19.54 78.87 -45.91
CA GLU N 57 -20.21 78.26 -47.05
C GLU N 57 -21.52 78.94 -47.41
N SER N 58 -22.03 79.84 -46.56
CA SER N 58 -23.36 80.39 -46.75
C SER N 58 -23.41 81.90 -46.93
N ASN N 59 -22.27 82.59 -46.94
CA ASN N 59 -22.32 84.04 -47.12
C ASN N 59 -21.30 84.59 -48.09
N TYR N 60 -20.39 83.78 -48.65
CA TYR N 60 -19.33 84.32 -49.49
C TYR N 60 -19.89 85.09 -50.67
N GLU N 61 -21.02 84.63 -51.21
CA GLU N 61 -21.61 85.28 -52.38
C GLU N 61 -21.91 86.75 -52.11
N ASP N 62 -22.38 87.06 -50.90
CA ASP N 62 -22.75 88.44 -50.59
C ASP N 62 -21.64 89.23 -49.91
N VAL N 63 -20.81 88.61 -49.07
CA VAL N 63 -19.75 89.37 -48.45
C VAL N 63 -18.69 89.74 -49.48
N LEU N 64 -18.36 88.82 -50.39
CA LEU N 64 -17.35 89.09 -51.40
C LEU N 64 -17.93 89.57 -52.72
N GLY N 65 -19.25 89.67 -52.84
CA GLY N 65 -19.88 90.12 -54.05
C GLY N 65 -20.04 89.00 -55.06
N GLU N 66 -20.79 89.32 -56.12
CA GLU N 66 -21.04 88.34 -57.16
C GLU N 66 -19.76 88.03 -57.94
N PRO N 67 -19.66 86.84 -58.51
CA PRO N 67 -18.44 86.47 -59.25
C PRO N 67 -18.21 87.40 -60.44
N LEU N 68 -16.93 87.64 -60.74
CA LEU N 68 -16.55 88.53 -61.83
C LEU N 68 -16.71 87.80 -63.16
N LYS N 69 -16.23 88.42 -64.23
CA LYS N 69 -16.35 87.88 -65.58
C LYS N 69 -14.97 87.59 -66.15
N PRO N 70 -14.73 86.42 -66.73
CA PRO N 70 -13.40 86.14 -67.30
C PRO N 70 -13.00 87.09 -68.40
N SER N 71 -13.96 87.57 -69.21
CA SER N 71 -13.63 88.49 -70.29
C SER N 71 -13.13 89.83 -69.78
N SER N 72 -13.40 90.17 -68.51
CA SER N 72 -12.93 91.43 -67.96
C SER N 72 -11.41 91.48 -67.91
N GLY N 73 -10.78 90.39 -67.52
CA GLY N 73 -9.33 90.34 -67.41
C GLY N 73 -8.84 89.14 -66.63
N SER N 74 -7.84 89.34 -65.78
CA SER N 74 -7.26 88.26 -64.98
C SER N 74 -7.77 88.28 -63.54
N GLN N 75 -8.82 89.04 -63.25
CA GLN N 75 -9.35 89.15 -61.90
C GLN N 75 -10.35 88.07 -61.56
N PHE N 76 -10.64 87.16 -62.49
CA PHE N 76 -11.66 86.14 -62.26
C PHE N 76 -11.14 84.92 -61.51
N GLU N 77 -9.86 84.88 -61.17
CA GLU N 77 -9.24 83.71 -60.58
C GLU N 77 -9.57 83.53 -59.10
N PRO N 78 -9.35 84.54 -58.25
CA PRO N 78 -9.51 84.30 -56.80
C PRO N 78 -10.90 83.89 -56.38
N ILE N 79 -11.94 84.37 -57.05
CA ILE N 79 -13.29 83.96 -56.67
C ILE N 79 -13.49 82.47 -56.90
N ARG N 80 -12.98 81.96 -58.03
CA ARG N 80 -13.09 80.53 -58.30
C ARG N 80 -12.25 79.72 -57.32
N HIS N 81 -11.07 80.21 -56.98
CA HIS N 81 -10.26 79.53 -55.98
C HIS N 81 -10.99 79.46 -54.64
N VAL N 82 -11.62 80.56 -54.23
CA VAL N 82 -12.40 80.58 -53.00
C VAL N 82 -13.55 79.58 -53.09
N TYR N 83 -14.23 79.54 -54.22
CA TYR N 83 -15.38 78.64 -54.35
C TYR N 83 -14.93 77.18 -54.25
N GLU N 84 -13.78 76.85 -54.83
CA GLU N 84 -13.29 75.49 -54.75
C GLU N 84 -12.73 75.13 -53.38
N ALA N 85 -12.25 76.12 -52.63
CA ALA N 85 -11.68 75.82 -51.31
C ALA N 85 -12.71 75.84 -50.19
N ILE N 86 -13.79 76.61 -50.35
CA ILE N 86 -14.81 76.70 -49.30
C ILE N 86 -15.51 75.37 -49.07
N GLN N 87 -15.57 74.51 -50.08
CA GLN N 87 -16.29 73.25 -50.05
C GLN N 87 -16.10 72.48 -48.74
N GLN N 88 -14.95 72.68 -48.09
CA GLN N 88 -14.62 71.95 -46.87
C GLN N 88 -14.78 72.80 -45.62
N THR N 89 -14.10 73.95 -45.54
CA THR N 89 -14.06 74.73 -44.31
C THR N 89 -14.09 76.21 -44.62
N SER N 90 -14.47 76.99 -43.61
CA SER N 90 -14.50 78.44 -43.73
C SER N 90 -13.08 78.99 -43.68
N GLY N 91 -12.95 80.29 -43.95
CA GLY N 91 -11.63 80.87 -44.02
C GLY N 91 -11.62 82.37 -43.92
N TYR N 92 -10.43 82.94 -44.09
CA TYR N 92 -10.20 84.37 -44.00
C TYR N 92 -9.51 84.87 -45.26
N VAL N 93 -10.03 85.98 -45.81
CA VAL N 93 -9.49 86.55 -47.03
C VAL N 93 -9.17 88.02 -46.79
N VAL N 94 -8.30 88.55 -47.64
CA VAL N 94 -7.92 89.96 -47.62
C VAL N 94 -8.01 90.49 -49.04
N ARG N 95 -8.84 91.51 -49.24
CA ARG N 95 -9.02 92.10 -50.56
C ARG N 95 -8.04 93.25 -50.75
N ALA N 96 -7.36 93.24 -51.89
CA ALA N 96 -6.43 94.31 -52.27
C ALA N 96 -6.97 95.05 -53.48
N VAL N 97 -7.02 96.37 -53.40
CA VAL N 97 -7.63 97.19 -54.45
C VAL N 97 -6.56 98.00 -55.16
N PRO N 98 -6.79 98.43 -56.40
CA PRO N 98 -5.81 99.29 -57.07
C PRO N 98 -5.73 100.67 -56.44
N ASP N 99 -4.92 101.55 -57.02
CA ASP N 99 -4.67 102.84 -56.40
C ASP N 99 -5.86 103.78 -56.52
N ASP N 100 -6.50 103.81 -57.69
CA ASP N 100 -7.51 104.82 -57.99
C ASP N 100 -8.93 104.41 -57.62
N ALA N 101 -9.09 103.38 -56.79
CA ALA N 101 -10.42 102.99 -56.35
C ALA N 101 -10.99 104.03 -55.39
N LYS N 102 -12.23 104.44 -55.62
CA LYS N 102 -12.86 105.49 -54.84
C LYS N 102 -14.23 105.03 -54.35
N PHE N 103 -14.59 105.49 -53.16
CA PHE N 103 -15.88 105.21 -52.55
C PHE N 103 -16.68 106.49 -52.41
N PRO N 104 -18.01 106.40 -52.43
CA PRO N 104 -18.85 107.60 -52.40
C PRO N 104 -18.94 108.20 -51.01
N ILE N 105 -19.30 109.47 -50.97
CA ILE N 105 -19.46 110.24 -49.74
C ILE N 105 -20.57 111.25 -49.93
N ILE N 106 -21.47 111.35 -48.95
CA ILE N 106 -22.54 112.34 -48.95
C ILE N 106 -22.31 113.26 -47.75
N MET N 107 -22.13 114.54 -48.01
CA MET N 107 -21.89 115.54 -46.98
C MET N 107 -23.10 116.45 -46.87
N PHE N 108 -23.54 116.70 -45.64
CA PHE N 108 -24.69 117.55 -45.40
C PHE N 108 -24.24 118.94 -44.96
N ASP N 109 -25.20 119.77 -44.58
CA ASP N 109 -24.92 121.13 -44.13
C ASP N 109 -25.97 121.49 -43.07
N GLU N 110 -25.89 122.73 -42.58
CA GLU N 110 -26.82 123.18 -41.55
C GLU N 110 -28.26 123.16 -42.05
N SER N 111 -28.48 123.68 -43.26
CA SER N 111 -29.83 123.71 -43.81
C SER N 111 -30.33 122.31 -44.11
N GLY N 112 -29.46 121.43 -44.58
CA GLY N 112 -29.82 120.07 -44.92
C GLY N 112 -29.70 119.72 -46.39
N GLU N 113 -29.18 120.60 -47.23
CA GLU N 113 -29.04 120.29 -48.65
C GLU N 113 -27.81 119.40 -48.86
N PRO N 114 -27.98 118.19 -49.37
CA PRO N 114 -26.83 117.27 -49.48
C PRO N 114 -25.93 117.63 -50.65
N ALA N 115 -24.69 117.15 -50.55
CA ALA N 115 -23.74 117.22 -51.64
C ALA N 115 -23.02 115.88 -51.73
N TYR N 116 -22.54 115.54 -52.92
CA TYR N 116 -21.93 114.25 -53.18
C TYR N 116 -20.46 114.43 -53.57
N SER N 117 -19.67 113.41 -53.30
CA SER N 117 -18.28 113.38 -53.71
C SER N 117 -17.78 111.94 -53.65
N ALA N 118 -16.52 111.74 -54.02
CA ALA N 118 -15.90 110.43 -53.95
C ALA N 118 -14.48 110.59 -53.43
N LEU N 119 -14.03 109.62 -52.63
CA LEU N 119 -12.69 109.70 -52.06
C LEU N 119 -11.97 108.38 -52.23
N PRO N 120 -10.66 108.39 -52.48
CA PRO N 120 -9.91 107.14 -52.61
C PRO N 120 -9.89 106.35 -51.32
N TYR N 121 -9.80 105.03 -51.46
CA TYR N 121 -9.84 104.15 -50.30
C TYR N 121 -8.66 104.37 -49.38
N GLY N 122 -8.90 104.14 -48.09
CA GLY N 122 -7.85 104.29 -47.09
C GLY N 122 -7.56 105.70 -46.67
N SER N 123 -8.42 106.65 -47.01
CA SER N 123 -8.21 108.06 -46.68
C SER N 123 -9.36 108.56 -45.82
N GLU N 124 -9.03 109.35 -44.81
CA GLU N 124 -10.05 109.96 -43.98
C GLU N 124 -10.65 111.17 -44.68
N ILE N 125 -11.58 111.83 -44.02
CA ILE N 125 -12.39 112.89 -44.61
C ILE N 125 -12.14 114.18 -43.86
N GLU N 126 -11.92 115.25 -44.60
CA GLU N 126 -11.84 116.60 -44.04
C GLU N 126 -13.14 117.32 -44.34
N LEU N 127 -13.70 117.97 -43.33
CA LEU N 127 -15.00 118.62 -43.46
C LEU N 127 -14.82 120.10 -43.73
N ASP N 128 -15.56 120.62 -44.70
CA ASP N 128 -15.54 122.04 -44.98
C ASP N 128 -16.28 122.80 -43.87
N SER N 129 -16.17 124.13 -43.92
CA SER N 129 -16.78 124.96 -42.88
C SER N 129 -18.29 124.75 -42.82
N GLY N 130 -18.94 124.69 -43.97
CA GLY N 130 -20.38 124.54 -44.01
C GLY N 130 -20.90 123.13 -43.85
N GLU N 131 -20.02 122.14 -43.76
CA GLU N 131 -20.44 120.75 -43.68
C GLU N 131 -20.70 120.36 -42.22
N ALA N 132 -21.86 119.77 -41.98
CA ALA N 132 -22.23 119.33 -40.63
C ALA N 132 -21.78 117.90 -40.36
N PHE N 133 -22.13 116.98 -41.25
CA PHE N 133 -21.73 115.60 -41.07
C PHE N 133 -21.73 114.89 -42.41
N ALA N 134 -20.91 113.85 -42.51
CA ALA N 134 -20.72 113.10 -43.75
C ALA N 134 -20.98 111.63 -43.49
N ILE N 135 -21.62 110.98 -44.47
CA ILE N 135 -21.92 109.55 -44.43
C ILE N 135 -21.29 108.91 -45.65
N TYR N 136 -20.61 107.78 -45.44
CA TYR N 136 -20.02 107.05 -46.55
C TYR N 136 -20.23 105.55 -46.33
N VAL N 137 -19.90 104.77 -47.36
CA VAL N 137 -20.14 103.34 -47.38
C VAL N 137 -18.80 102.63 -47.22
N ASP N 138 -18.72 101.72 -46.26
CA ASP N 138 -17.51 100.96 -46.01
C ASP N 138 -17.64 99.48 -46.36
N ASP N 139 -18.70 99.11 -47.09
CA ASP N 139 -18.80 97.75 -47.59
C ASP N 139 -17.82 97.47 -48.72
N GLY N 140 -17.28 98.52 -49.34
CA GLY N 140 -16.37 98.38 -50.45
C GLY N 140 -17.02 98.46 -51.82
N ASP N 141 -18.32 98.26 -51.90
CA ASP N 141 -19.00 98.30 -53.18
C ASP N 141 -18.90 99.70 -53.77
N PRO N 142 -18.64 99.85 -55.07
CA PRO N 142 -18.56 101.18 -55.68
C PRO N 142 -19.91 101.79 -56.03
N CYS N 143 -21.01 101.14 -55.64
CA CYS N 143 -22.35 101.71 -55.77
C CYS N 143 -22.66 102.10 -57.22
N ILE N 144 -22.32 101.23 -58.16
CA ILE N 144 -22.62 101.44 -59.56
C ILE N 144 -23.67 100.48 -60.07
N SER N 145 -23.64 99.23 -59.62
CA SER N 145 -24.68 98.26 -59.93
C SER N 145 -24.68 97.14 -58.89
N PRO N 146 -25.73 97.00 -58.08
CA PRO N 146 -26.94 97.83 -58.02
C PRO N 146 -26.70 99.16 -57.32
N THR N 147 -27.50 100.18 -57.61
CA THR N 147 -27.35 101.46 -56.93
C THR N 147 -27.86 101.35 -55.50
N ARG N 148 -27.39 102.28 -54.66
CA ARG N 148 -27.79 102.32 -53.26
C ARG N 148 -28.30 103.71 -52.92
N GLU N 149 -29.45 103.78 -52.27
CA GLU N 149 -30.11 105.03 -51.95
C GLU N 149 -30.29 105.15 -50.44
N LEU N 150 -30.15 106.38 -49.95
CA LEU N 150 -30.24 106.68 -48.52
C LEU N 150 -31.40 107.65 -48.29
N THR N 151 -32.20 107.37 -47.27
CA THR N 151 -33.40 108.15 -46.98
C THR N 151 -33.43 108.54 -45.51
N ILE N 152 -33.85 109.77 -45.25
CA ILE N 152 -33.95 110.32 -43.91
C ILE N 152 -35.41 110.64 -43.63
N GLU N 153 -35.91 110.16 -42.49
CA GLU N 153 -37.30 110.35 -42.11
C GLU N 153 -37.38 110.92 -40.70
N THR N 154 -38.30 111.87 -40.50
CA THR N 154 -38.50 112.43 -39.17
C THR N 154 -39.19 111.42 -38.26
N ALA N 155 -38.80 111.42 -37.00
CA ALA N 155 -39.36 110.51 -36.01
C ALA N 155 -39.64 111.27 -34.72
N THR N 156 -40.26 110.58 -33.77
CA THR N 156 -40.61 111.20 -32.50
C THR N 156 -39.36 111.41 -31.64
N ALA N 157 -39.31 112.54 -30.95
CA ALA N 157 -38.19 112.85 -30.08
C ALA N 157 -38.21 111.93 -28.86
N ASP N 158 -37.05 111.84 -28.20
CA ASP N 158 -36.92 110.98 -27.03
C ASP N 158 -37.56 111.64 -25.81
N SER N 159 -37.47 110.96 -24.67
CA SER N 159 -38.01 111.51 -23.43
C SER N 159 -37.27 112.78 -23.03
N ALA N 160 -35.95 112.80 -23.18
CA ALA N 160 -35.18 113.98 -22.81
C ALA N 160 -35.55 115.17 -23.69
N GLY N 161 -35.72 114.95 -24.99
CA GLY N 161 -36.11 116.02 -25.89
C GLY N 161 -35.32 116.08 -27.18
N ASN N 162 -34.23 115.30 -27.26
CA ASN N 162 -33.41 115.30 -28.46
C ASN N 162 -34.18 114.70 -29.63
N GLU N 163 -33.89 115.21 -30.83
CA GLU N 163 -34.59 114.79 -32.03
C GLU N 163 -33.85 113.63 -32.67
N ARG N 164 -34.53 112.50 -32.81
CA ARG N 164 -33.98 111.31 -33.44
C ARG N 164 -34.67 111.10 -34.78
N PHE N 165 -33.87 110.88 -35.83
CA PHE N 165 -34.40 110.63 -37.16
C PHE N 165 -34.05 109.22 -37.60
N LEU N 166 -34.88 108.68 -38.49
CA LEU N 166 -34.75 107.33 -39.00
C LEU N 166 -33.97 107.33 -40.31
N LEU N 167 -32.96 106.49 -40.38
CA LEU N 167 -32.13 106.33 -41.57
C LEU N 167 -32.46 105.01 -42.24
N LYS N 168 -32.69 105.04 -43.55
CA LYS N 168 -33.05 103.84 -44.29
C LYS N 168 -32.23 103.78 -45.57
N LEU N 169 -31.37 102.78 -45.69
CA LEU N 169 -30.62 102.55 -46.92
C LEU N 169 -31.19 101.35 -47.64
N THR N 170 -31.49 101.53 -48.93
CA THR N 170 -32.12 100.51 -49.75
C THR N 170 -31.39 100.39 -51.08
N GLN N 171 -31.28 99.16 -51.57
CA GLN N 171 -30.61 98.91 -52.84
C GLN N 171 -31.63 98.78 -53.96
N THR N 172 -31.28 99.31 -55.12
CA THR N 172 -32.12 99.23 -56.32
C THR N 172 -31.29 98.64 -57.45
N THR N 173 -31.77 97.56 -58.04
CA THR N 173 -31.08 96.94 -59.16
C THR N 173 -31.40 97.69 -60.45
N SER N 174 -30.61 97.40 -61.49
CA SER N 174 -30.82 98.05 -62.78
C SER N 174 -32.16 97.69 -63.40
N LEU N 175 -32.63 96.46 -63.15
CA LEU N 175 -33.92 96.05 -63.70
C LEU N 175 -35.06 96.88 -63.13
N GLY N 176 -35.05 97.13 -61.83
CA GLY N 176 -36.11 97.90 -61.21
C GLY N 176 -36.53 97.38 -59.85
N VAL N 177 -35.91 96.28 -59.42
CA VAL N 177 -36.24 95.71 -58.11
C VAL N 177 -35.65 96.58 -57.02
N VAL N 178 -36.51 97.03 -56.10
CA VAL N 178 -36.11 97.89 -55.00
C VAL N 178 -36.48 97.20 -53.70
N THR N 179 -35.47 96.83 -52.91
CA THR N 179 -35.67 96.18 -51.62
C THR N 179 -34.95 96.96 -50.55
N THR N 180 -35.56 97.03 -49.36
CA THR N 180 -34.91 97.68 -48.24
C THR N 180 -33.72 96.85 -47.78
N LEU N 181 -32.72 97.54 -47.25
CA LEU N 181 -31.48 96.89 -46.85
C LEU N 181 -31.16 97.08 -45.37
N GLU N 182 -31.24 98.31 -44.86
CA GLU N 182 -30.90 98.53 -43.47
C GLU N 182 -31.63 99.76 -42.95
N THR N 183 -32.09 99.68 -41.69
CA THR N 183 -32.78 100.78 -41.05
C THR N 183 -32.22 101.02 -39.66
N HIS N 184 -32.25 102.28 -39.24
CA HIS N 184 -31.73 102.68 -37.94
C HIS N 184 -32.46 103.91 -37.45
N THR N 185 -32.32 104.19 -36.16
CA THR N 185 -32.85 105.40 -35.54
C THR N 185 -31.71 106.10 -34.82
N VAL N 186 -31.22 107.19 -35.39
CA VAL N 186 -30.02 107.85 -34.86
C VAL N 186 -30.29 109.32 -34.69
N SER N 187 -29.47 109.96 -33.86
CA SER N 187 -29.58 111.38 -33.60
C SER N 187 -28.19 111.98 -33.41
N LEU N 188 -28.12 113.30 -33.56
CA LEU N 188 -26.87 114.03 -33.43
C LEU N 188 -26.53 114.40 -32.00
N ALA N 189 -27.45 114.20 -31.06
CA ALA N 189 -27.16 114.50 -29.66
C ALA N 189 -26.14 113.50 -29.11
N GLU N 190 -25.22 114.00 -28.27
CA GLU N 190 -24.13 113.18 -27.76
C GLU N 190 -24.59 112.16 -26.73
N GLU N 191 -25.83 112.24 -26.24
CA GLU N 191 -26.28 111.37 -25.17
C GLU N 191 -27.68 110.80 -25.39
N ALA N 192 -28.34 111.12 -26.49
CA ALA N 192 -29.69 110.64 -26.72
C ALA N 192 -29.72 109.13 -26.87
N LYS N 193 -30.82 108.52 -26.45
CA LYS N 193 -30.99 107.09 -26.52
C LYS N 193 -32.25 106.75 -27.31
N ASP N 194 -32.22 105.61 -27.99
CA ASP N 194 -33.36 105.16 -28.78
C ASP N 194 -34.39 104.50 -27.87
N ASP N 195 -35.40 103.88 -28.48
CA ASP N 195 -36.46 103.25 -27.70
C ASP N 195 -35.94 102.06 -26.88
N MET N 196 -35.06 101.26 -27.48
CA MET N 196 -34.56 100.06 -26.80
C MET N 196 -33.51 100.38 -25.74
N GLY N 197 -33.03 101.62 -25.67
CA GLY N 197 -32.09 102.03 -24.65
C GLY N 197 -30.65 102.13 -25.10
N ARG N 198 -30.33 101.67 -26.31
CA ARG N 198 -28.96 101.75 -26.79
C ARG N 198 -28.61 103.19 -27.16
N LEU N 199 -27.31 103.46 -27.23
CA LEU N 199 -26.84 104.77 -27.62
C LEU N 199 -27.21 105.06 -29.07
N CYS N 200 -27.67 106.28 -29.34
CA CYS N 200 -28.14 106.65 -30.67
C CYS N 200 -27.34 107.78 -31.29
N TYR N 201 -26.21 108.15 -30.71
CA TYR N 201 -25.31 109.10 -31.36
C TYR N 201 -24.88 108.55 -32.71
N LEU N 202 -24.87 109.42 -33.71
CA LEU N 202 -24.71 108.95 -35.09
C LEU N 202 -23.40 108.21 -35.34
N PRO N 203 -22.22 108.77 -35.03
CA PRO N 203 -20.99 108.05 -35.38
C PRO N 203 -20.86 106.70 -34.71
N THR N 204 -20.97 106.67 -33.37
CA THR N 204 -20.81 105.40 -32.66
C THR N 204 -21.91 104.40 -33.02
N ALA N 205 -23.14 104.89 -33.21
CA ALA N 205 -24.24 103.99 -33.55
C ALA N 205 -23.98 103.33 -34.90
N LEU N 206 -23.62 104.12 -35.92
CA LEU N 206 -23.35 103.55 -37.22
C LEU N 206 -22.13 102.64 -37.19
N GLU N 207 -21.09 103.02 -36.43
CA GLU N 207 -19.90 102.18 -36.37
C GLU N 207 -20.18 100.84 -35.72
N ALA N 208 -21.03 100.82 -34.69
CA ALA N 208 -21.24 99.61 -33.92
C ALA N 208 -22.31 98.71 -34.54
N ARG N 209 -23.51 99.24 -34.74
CA ARG N 209 -24.65 98.40 -35.10
C ARG N 209 -24.85 98.25 -36.60
N SER N 210 -24.05 98.91 -37.43
CA SER N 210 -24.19 98.85 -38.88
C SER N 210 -22.88 98.42 -39.50
N LYS N 211 -22.95 97.45 -40.41
CA LYS N 211 -21.78 96.96 -41.11
C LYS N 211 -21.70 97.45 -42.55
N TYR N 212 -22.52 98.43 -42.92
CA TYR N 212 -22.52 99.00 -44.27
C TYR N 212 -22.04 100.43 -44.31
N LEU N 213 -22.43 101.25 -43.35
CA LEU N 213 -22.17 102.69 -43.39
C LEU N 213 -21.20 103.09 -42.29
N ARG N 214 -20.61 104.26 -42.48
CA ARG N 214 -19.85 104.95 -41.45
C ARG N 214 -20.13 106.44 -41.60
N ALA N 215 -19.89 107.18 -40.53
CA ALA N 215 -20.18 108.61 -40.55
C ALA N 215 -19.14 109.37 -39.73
N VAL N 216 -19.00 110.65 -40.06
CA VAL N 216 -18.18 111.58 -39.29
C VAL N 216 -18.98 112.87 -39.11
N VAL N 217 -18.61 113.63 -38.09
CA VAL N 217 -19.32 114.85 -37.73
C VAL N 217 -18.32 115.99 -37.53
N ASN N 218 -18.83 117.21 -37.64
CA ASN N 218 -18.04 118.41 -37.37
C ASN N 218 -18.44 118.93 -36.00
N GLU N 219 -17.47 118.98 -35.07
CA GLU N 219 -17.78 119.33 -33.70
C GLU N 219 -18.31 120.76 -33.58
N GLU N 220 -17.73 121.68 -34.35
CA GLU N 220 -18.12 123.08 -34.24
C GLU N 220 -19.58 123.29 -34.63
N LEU N 221 -20.02 122.66 -35.72
CA LEU N 221 -21.36 122.88 -36.26
C LEU N 221 -22.38 121.85 -35.80
N ILE N 222 -21.97 120.86 -35.00
CA ILE N 222 -22.90 119.81 -34.60
C ILE N 222 -23.96 120.31 -33.64
N SER N 223 -23.70 121.42 -32.92
CA SER N 223 -24.65 121.91 -31.94
C SER N 223 -25.89 122.49 -32.61
N THR N 224 -25.69 123.32 -33.64
CA THR N 224 -26.80 123.99 -34.32
C THR N 224 -27.29 123.22 -35.54
N ALA N 225 -26.73 122.04 -35.79
CA ALA N 225 -27.12 121.28 -36.97
C ALA N 225 -28.56 120.81 -36.88
N LYS N 226 -29.27 120.90 -38.00
CA LYS N 226 -30.63 120.42 -38.11
C LYS N 226 -30.78 119.64 -39.42
N VAL N 227 -31.63 118.62 -39.40
CA VAL N 227 -31.82 117.74 -40.54
C VAL N 227 -33.26 117.86 -41.02
N THR N 228 -33.43 117.97 -42.33
CA THR N 228 -34.75 118.03 -42.95
C THR N 228 -35.18 116.64 -43.36
N ASN N 229 -36.24 116.54 -44.15
CA ASN N 229 -36.75 115.28 -44.66
C ASN N 229 -36.29 115.12 -46.11
N LYS N 230 -35.26 114.31 -46.32
CA LYS N 230 -34.73 114.03 -47.65
C LYS N 230 -35.15 112.62 -48.06
N LYS N 231 -35.73 112.50 -49.25
CA LYS N 231 -36.26 111.24 -49.75
C LYS N 231 -35.51 110.83 -51.00
N SER N 232 -35.06 109.58 -51.03
CA SER N 232 -34.46 108.96 -52.21
C SER N 232 -33.22 109.74 -52.68
N LEU N 233 -32.20 109.74 -51.82
CA LEU N 233 -30.90 110.25 -52.22
C LEU N 233 -30.20 109.22 -53.09
N ALA N 234 -28.96 109.52 -53.49
CA ALA N 234 -28.24 108.63 -54.39
C ALA N 234 -26.74 108.79 -54.18
N PHE N 235 -26.08 107.70 -53.81
CA PHE N 235 -24.62 107.68 -53.82
C PHE N 235 -24.12 107.73 -55.25
N THR N 236 -22.98 108.40 -55.45
CA THR N 236 -22.41 108.50 -56.78
C THR N 236 -20.91 108.71 -56.68
N GLY N 237 -20.22 108.44 -57.78
CA GLY N 237 -18.80 108.61 -57.87
C GLY N 237 -17.97 107.40 -57.53
N GLY N 238 -18.58 106.35 -56.98
CA GLY N 238 -17.82 105.16 -56.61
C GLY N 238 -17.28 104.47 -57.86
N THR N 239 -16.07 103.93 -57.72
CA THR N 239 -15.39 103.33 -58.86
C THR N 239 -14.38 102.31 -58.34
N ASN N 240 -14.49 101.07 -58.82
CA ASN N 240 -13.55 100.03 -58.42
C ASN N 240 -12.22 100.15 -59.15
N GLY N 241 -12.15 100.96 -60.19
CA GLY N 241 -10.92 101.15 -60.92
C GLY N 241 -10.58 99.98 -61.81
N ASP N 242 -9.33 99.98 -62.28
CA ASP N 242 -8.82 98.90 -63.11
C ASP N 242 -8.16 97.86 -62.21
N GLN N 243 -8.74 96.66 -62.16
CA GLN N 243 -8.19 95.59 -61.35
C GLN N 243 -7.31 94.65 -62.15
N SER N 244 -7.10 94.91 -63.43
CA SER N 244 -6.22 94.07 -64.23
C SER N 244 -4.78 94.14 -63.72
N LYS N 245 -4.30 95.36 -63.46
CA LYS N 245 -2.93 95.56 -63.00
C LYS N 245 -2.94 96.12 -61.59
N ILE N 246 -2.11 95.55 -60.72
CA ILE N 246 -1.98 95.97 -59.33
C ILE N 246 -0.51 96.01 -58.98
N SER N 247 -0.06 97.14 -58.42
CA SER N 247 1.33 97.26 -58.03
C SER N 247 1.67 96.28 -56.91
N THR N 248 2.94 95.89 -56.86
CA THR N 248 3.38 94.96 -55.82
C THR N 248 3.26 95.56 -54.43
N ALA N 249 3.21 96.88 -54.32
CA ALA N 249 3.04 97.51 -53.01
C ALA N 249 1.71 97.14 -52.38
N ALA N 250 0.65 97.10 -53.18
CA ALA N 250 -0.66 96.72 -52.64
C ALA N 250 -0.64 95.28 -52.14
N TYR N 251 -0.03 94.37 -52.90
CA TYR N 251 0.04 92.98 -52.46
C TYR N 251 0.87 92.85 -51.19
N LEU N 252 1.97 93.60 -51.09
CA LEU N 252 2.78 93.55 -49.88
C LEU N 252 2.00 94.08 -48.68
N ARG N 253 1.25 95.16 -48.85
CA ARG N 253 0.44 95.67 -47.76
C ARG N 253 -0.60 94.66 -47.33
N ALA N 254 -1.26 94.02 -48.31
CA ALA N 254 -2.27 93.03 -47.97
C ALA N 254 -1.69 91.85 -47.21
N VAL N 255 -0.52 91.36 -47.64
CA VAL N 255 0.05 90.21 -46.93
C VAL N 255 0.54 90.63 -45.56
N LYS N 256 1.02 91.86 -45.39
CA LYS N 256 1.37 92.32 -44.05
C LYS N 256 0.15 92.36 -43.14
N VAL N 257 -0.98 92.85 -43.65
CA VAL N 257 -2.21 92.86 -42.86
C VAL N 257 -2.60 91.43 -42.49
N LEU N 258 -2.51 90.51 -43.44
CA LEU N 258 -2.84 89.12 -43.16
C LEU N 258 -1.92 88.53 -42.10
N ASN N 259 -0.65 88.91 -42.11
CA ASN N 259 0.28 88.46 -41.08
C ASN N 259 -0.13 88.98 -39.72
N ASN N 260 -0.49 90.25 -39.64
CA ASN N 260 -0.85 90.85 -38.36
C ASN N 260 -2.28 90.55 -37.93
N ALA N 261 -3.03 89.81 -38.74
CA ALA N 261 -4.40 89.46 -38.37
C ALA N 261 -4.42 88.67 -37.07
N PRO N 262 -5.34 88.98 -36.15
CA PRO N 262 -5.43 88.23 -34.89
C PRO N 262 -6.42 87.07 -34.97
N TYR N 263 -6.11 86.10 -35.82
CA TYR N 263 -6.95 84.92 -35.99
C TYR N 263 -6.06 83.67 -36.02
N MET N 264 -6.71 82.52 -36.18
CA MET N 264 -6.02 81.24 -36.23
C MET N 264 -6.34 80.55 -37.55
N TYR N 265 -5.29 80.15 -38.27
CA TYR N 265 -5.49 79.38 -39.50
C TYR N 265 -4.29 78.48 -39.71
N THR N 266 -4.51 77.39 -40.46
CA THR N 266 -3.49 76.38 -40.68
C THR N 266 -3.21 76.14 -42.16
N ALA N 267 -3.46 77.14 -43.01
CA ALA N 267 -3.17 77.03 -44.43
C ALA N 267 -3.16 78.42 -45.02
N VAL N 268 -2.15 78.71 -45.84
CA VAL N 268 -1.92 80.08 -46.28
C VAL N 268 -2.11 80.18 -47.80
N LEU N 269 -3.11 79.46 -48.31
CA LEU N 269 -3.38 79.32 -49.74
C LEU N 269 -3.05 80.57 -50.54
N GLY N 270 -2.26 80.38 -51.58
CA GLY N 270 -1.92 81.46 -52.50
C GLY N 270 -2.97 81.66 -53.56
N LEU N 271 -4.07 82.32 -53.20
CA LEU N 271 -5.22 82.45 -54.08
C LEU N 271 -4.85 83.28 -55.31
N GLY N 272 -4.65 82.60 -56.43
CA GLY N 272 -4.51 83.24 -57.73
C GLY N 272 -3.66 84.49 -57.78
N CYS N 273 -2.57 84.52 -57.03
CA CYS N 273 -1.68 85.68 -57.00
C CYS N 273 -0.31 85.22 -57.46
N TYR N 274 0.02 85.51 -58.71
CA TYR N 274 1.28 85.09 -59.31
C TYR N 274 2.28 86.24 -59.28
N ASP N 275 2.71 86.58 -58.07
CA ASP N 275 3.72 87.60 -57.86
C ASP N 275 4.80 87.05 -56.94
N ASN N 276 6.06 87.20 -57.36
CA ASN N 276 7.17 86.60 -56.62
C ASN N 276 7.27 87.16 -55.21
N ALA N 277 7.13 88.49 -55.07
CA ALA N 277 7.24 89.09 -53.74
C ALA N 277 6.13 88.62 -52.82
N ALA N 278 4.90 88.55 -53.32
CA ALA N 278 3.80 88.09 -52.50
C ALA N 278 3.96 86.62 -52.11
N ILE N 279 4.44 85.80 -53.04
CA ILE N 279 4.65 84.39 -52.72
C ILE N 279 5.72 84.24 -51.66
N THR N 280 6.80 85.02 -51.76
CA THR N 280 7.84 84.96 -50.73
C THR N 280 7.29 85.39 -49.37
N ALA N 281 6.47 86.45 -49.35
CA ALA N 281 5.89 86.90 -48.08
C ALA N 281 5.00 85.83 -47.48
N LEU N 282 4.20 85.16 -48.30
CA LEU N 282 3.34 84.09 -47.78
C LEU N 282 4.17 82.91 -47.28
N GLY N 283 5.29 82.63 -47.94
CA GLY N 283 6.22 81.64 -47.41
C GLY N 283 6.75 82.04 -46.06
N LYS N 284 7.03 83.34 -45.88
CA LYS N 284 7.43 83.83 -44.56
C LYS N 284 6.34 83.59 -43.53
N ILE N 285 5.08 83.80 -43.94
CA ILE N 285 3.97 83.58 -43.01
C ILE N 285 3.95 82.12 -42.57
N CYS N 286 4.11 81.20 -43.51
CA CYS N 286 4.22 79.78 -43.16
C CYS N 286 5.36 79.55 -42.18
N ALA N 287 6.56 80.02 -42.52
CA ALA N 287 7.73 79.72 -41.71
C ALA N 287 7.61 80.32 -40.32
N ASP N 288 6.83 81.39 -40.18
CA ASP N 288 6.70 82.05 -38.90
C ASP N 288 5.63 81.37 -38.03
N ARG N 289 4.46 81.13 -38.59
CA ARG N 289 3.35 80.60 -37.81
C ARG N 289 3.36 79.08 -37.72
N LEU N 290 4.29 78.40 -38.39
CA LEU N 290 4.33 76.94 -38.43
C LEU N 290 3.04 76.36 -39.00
N ILE N 291 2.76 76.72 -40.25
CA ILE N 291 1.58 76.22 -40.95
C ILE N 291 1.96 75.76 -42.34
N ASP N 292 0.98 75.42 -43.15
CA ASP N 292 1.19 74.84 -44.47
C ASP N 292 0.78 75.83 -45.55
N GLY N 293 1.50 75.80 -46.67
CA GLY N 293 1.17 76.65 -47.79
C GLY N 293 1.07 75.89 -49.10
N PHE N 294 0.12 76.28 -49.95
CA PHE N 294 -0.12 75.60 -51.23
C PHE N 294 -0.13 76.65 -52.33
N PHE N 295 1.05 77.01 -52.83
CA PHE N 295 1.16 77.99 -53.89
C PHE N 295 1.24 77.30 -55.24
N ASP N 296 1.13 78.08 -56.31
CA ASP N 296 1.03 77.46 -57.61
C ASP N 296 1.53 78.46 -58.65
N VAL N 297 2.33 77.96 -59.60
CA VAL N 297 2.95 78.80 -60.63
C VAL N 297 1.93 79.12 -61.70
N LYS N 298 2.26 80.04 -62.60
CA LYS N 298 1.31 80.45 -63.62
C LYS N 298 0.88 79.24 -64.44
N PRO N 299 -0.40 78.90 -64.49
CA PRO N 299 -0.80 77.69 -65.20
C PRO N 299 -1.01 77.93 -66.69
N THR N 300 -0.09 78.67 -67.30
CA THR N 300 -0.06 78.85 -68.75
C THR N 300 1.36 78.72 -69.29
N LEU N 301 2.28 78.17 -68.51
CA LEU N 301 3.66 77.98 -68.92
C LEU N 301 3.85 76.55 -69.43
N THR N 302 4.68 76.41 -70.44
CA THR N 302 5.01 75.09 -70.95
C THR N 302 5.85 74.33 -69.92
N TYR N 303 5.90 73.00 -70.09
CA TYR N 303 6.65 72.17 -69.16
C TYR N 303 8.13 72.54 -69.15
N ALA N 304 8.63 73.14 -70.23
CA ALA N 304 10.02 73.55 -70.26
C ALA N 304 10.27 74.76 -69.36
N GLU N 305 9.38 75.74 -69.39
CA GLU N 305 9.55 76.94 -68.59
C GLU N 305 9.02 76.78 -67.17
N ALA N 306 8.29 75.71 -66.87
CA ALA N 306 7.76 75.54 -65.52
C ALA N 306 8.88 75.38 -64.50
N LEU N 307 9.92 74.63 -64.85
CA LEU N 307 11.00 74.37 -63.89
C LEU N 307 11.76 75.61 -63.47
N PRO N 308 12.23 76.49 -64.37
CA PRO N 308 12.89 77.71 -63.89
C PRO N 308 11.96 78.65 -63.13
N ALA N 309 10.65 78.63 -63.42
CA ALA N 309 9.74 79.51 -62.70
C ALA N 309 9.62 79.11 -61.24
N VAL N 310 9.75 77.82 -60.93
CA VAL N 310 9.71 77.38 -59.54
C VAL N 310 10.91 77.93 -58.77
N GLU N 311 12.09 77.91 -59.38
CA GLU N 311 13.24 78.55 -58.75
C GLU N 311 13.04 80.05 -58.62
N ASP N 312 12.44 80.67 -59.64
CA ASP N 312 12.20 82.10 -59.61
C ASP N 312 11.29 82.48 -58.44
N THR N 313 10.24 81.70 -58.21
CA THR N 313 9.23 82.07 -57.23
C THR N 313 9.78 82.21 -55.82
N GLY N 314 10.95 81.62 -55.53
CA GLY N 314 11.76 82.03 -54.41
C GLY N 314 11.75 81.13 -53.19
N LEU N 315 10.81 80.19 -53.07
CA LEU N 315 10.80 79.37 -51.87
C LEU N 315 11.80 78.22 -51.90
N LEU N 316 12.49 78.00 -53.01
CA LEU N 316 13.45 76.91 -53.08
C LEU N 316 14.61 77.18 -52.13
N GLY N 317 14.68 76.42 -51.05
CA GLY N 317 15.75 76.56 -50.08
C GLY N 317 15.59 75.60 -48.92
N THR N 318 15.95 76.04 -47.73
CA THR N 318 15.81 75.24 -46.53
C THR N 318 14.93 75.90 -45.47
N ASP N 319 14.60 77.18 -45.63
CA ASP N 319 13.76 77.86 -44.64
C ASP N 319 12.30 77.44 -44.75
N TYR N 320 11.79 77.30 -45.97
CA TYR N 320 10.39 76.97 -46.20
C TYR N 320 10.30 75.48 -46.51
N VAL N 321 10.06 74.68 -45.47
CA VAL N 321 10.01 73.23 -45.63
C VAL N 321 8.59 72.69 -45.65
N SER N 322 7.59 73.56 -45.61
CA SER N 322 6.20 73.11 -45.57
C SER N 322 5.35 73.69 -46.71
N CYS N 323 5.95 74.39 -47.66
CA CYS N 323 5.21 75.04 -48.73
C CYS N 323 5.35 74.23 -50.01
N SER N 324 4.20 73.85 -50.58
CA SER N 324 4.16 73.08 -51.82
C SER N 324 3.86 74.00 -53.00
N VAL N 325 4.38 73.65 -54.16
CA VAL N 325 4.21 74.41 -55.39
C VAL N 325 3.57 73.52 -56.43
N TYR N 326 2.50 73.99 -57.06
CA TYR N 326 1.77 73.20 -58.03
C TYR N 326 1.79 73.88 -59.40
N HIS N 327 1.27 73.14 -60.39
CA HIS N 327 1.26 73.59 -61.78
C HIS N 327 0.22 72.77 -62.52
N TYR N 328 -0.77 73.44 -63.11
CA TYR N 328 -1.91 72.77 -63.75
C TYR N 328 -2.15 73.38 -65.12
N PRO N 329 -1.38 72.98 -66.13
CA PRO N 329 -1.56 73.54 -67.48
C PRO N 329 -2.65 72.85 -68.26
N PHE N 330 -3.90 73.12 -67.90
CA PHE N 330 -5.04 72.54 -68.58
C PHE N 330 -6.16 73.57 -68.64
N SER N 331 -7.06 73.38 -69.60
CA SER N 331 -8.22 74.24 -69.76
C SER N 331 -9.43 73.59 -69.13
N CYS N 332 -10.48 74.39 -68.94
CA CYS N 332 -11.69 73.91 -68.30
C CYS N 332 -12.87 74.79 -68.71
N LYS N 333 -14.07 74.27 -68.48
CA LYS N 333 -15.30 75.00 -68.76
C LYS N 333 -15.83 75.55 -67.45
N ASP N 334 -16.04 76.86 -67.40
CA ASP N 334 -16.40 77.52 -66.15
C ASP N 334 -17.80 77.13 -65.70
N LYS N 335 -18.00 77.15 -64.38
CA LYS N 335 -19.28 76.74 -63.82
C LYS N 335 -20.36 77.79 -64.03
N TRP N 336 -20.00 79.06 -63.94
CA TRP N 336 -20.99 80.13 -63.95
C TRP N 336 -21.20 80.72 -65.35
N THR N 337 -20.14 81.24 -65.96
CA THR N 337 -20.29 81.96 -67.21
C THR N 337 -20.30 81.05 -68.43
N GLN N 338 -19.95 79.77 -68.29
CA GLN N 338 -19.93 78.82 -69.39
C GLN N 338 -18.98 79.28 -70.51
N SER N 339 -17.70 79.34 -70.17
CA SER N 339 -16.68 79.76 -71.12
C SER N 339 -15.41 78.95 -70.89
N ARG N 340 -14.39 79.21 -71.69
CA ARG N 340 -13.11 78.52 -71.61
C ARG N 340 -12.16 79.34 -70.75
N VAL N 341 -11.86 78.83 -69.55
CA VAL N 341 -11.00 79.54 -68.61
C VAL N 341 -9.93 78.58 -68.09
N VAL N 342 -8.85 79.16 -67.58
CA VAL N 342 -7.78 78.40 -66.95
C VAL N 342 -7.45 79.05 -65.61
N PHE N 343 -7.34 78.23 -64.57
CA PHE N 343 -6.91 78.73 -63.27
C PHE N 343 -6.13 77.62 -62.58
N GLY N 344 -5.74 77.89 -61.33
CA GLY N 344 -4.73 77.09 -60.65
C GLY N 344 -5.29 75.91 -59.89
N LEU N 345 -4.46 75.40 -58.98
CA LEU N 345 -4.75 74.17 -58.24
C LEU N 345 -4.64 74.32 -56.74
N SER N 346 -4.45 75.54 -56.23
CA SER N 346 -4.31 75.73 -54.79
C SER N 346 -5.57 75.32 -54.04
N GLY N 347 -6.73 75.69 -54.57
CA GLY N 347 -7.97 75.32 -53.92
C GLY N 347 -8.16 73.82 -53.83
N VAL N 348 -7.88 73.10 -54.91
CA VAL N 348 -8.05 71.65 -54.89
C VAL N 348 -7.01 71.00 -53.99
N ALA N 349 -5.79 71.53 -53.96
CA ALA N 349 -4.79 70.99 -53.04
C ALA N 349 -5.24 71.14 -51.60
N TYR N 350 -5.77 72.31 -51.24
CA TYR N 350 -6.25 72.49 -49.88
C TYR N 350 -7.46 71.61 -49.60
N ALA N 351 -8.33 71.40 -50.57
CA ALA N 351 -9.47 70.51 -50.37
C ALA N 351 -8.98 69.09 -50.09
N ALA N 352 -7.94 68.65 -50.80
CA ALA N 352 -7.36 67.34 -50.51
C ALA N 352 -6.80 67.30 -49.10
N LYS N 353 -6.10 68.34 -48.68
CA LYS N 353 -5.53 68.35 -47.34
C LYS N 353 -6.62 68.32 -46.28
N ALA N 354 -7.73 69.03 -46.51
CA ALA N 354 -8.82 69.03 -45.54
C ALA N 354 -9.51 67.67 -45.49
N ARG N 355 -9.73 67.05 -46.65
CA ARG N 355 -10.28 65.70 -46.66
C ARG N 355 -9.39 64.75 -45.87
N GLY N 356 -8.08 64.91 -46.00
CA GLY N 356 -7.17 64.09 -45.22
C GLY N 356 -7.26 64.37 -43.73
N VAL N 357 -7.34 65.64 -43.35
CA VAL N 357 -7.31 66.00 -41.94
C VAL N 357 -8.63 65.70 -41.25
N LYS N 358 -9.71 65.48 -42.00
CA LYS N 358 -11.00 65.16 -41.40
C LYS N 358 -11.22 63.66 -41.21
N LYS N 359 -10.22 62.82 -41.49
CA LYS N 359 -10.41 61.38 -41.35
C LYS N 359 -10.46 60.98 -39.88
N ASN N 360 -9.39 61.24 -39.15
CA ASN N 360 -9.37 60.98 -37.71
C ASN N 360 -10.16 62.05 -36.97
N SER N 361 -10.83 61.65 -35.90
CA SER N 361 -11.67 62.56 -35.13
C SER N 361 -11.05 63.04 -33.84
N ASP N 362 -10.23 62.20 -33.19
CA ASP N 362 -9.65 62.59 -31.90
C ASP N 362 -8.62 63.69 -32.09
N VAL N 363 -7.54 63.41 -32.82
CA VAL N 363 -6.49 64.38 -33.07
C VAL N 363 -6.46 64.84 -34.52
N GLY N 364 -7.24 64.22 -35.40
CA GLY N 364 -7.24 64.61 -36.79
C GLY N 364 -6.07 63.98 -37.52
N GLY N 365 -6.32 63.49 -38.73
CA GLY N 365 -5.26 62.82 -39.46
C GLY N 365 -4.41 63.79 -40.25
N TRP N 366 -3.26 64.15 -39.69
CA TRP N 366 -2.31 65.01 -40.39
C TRP N 366 -1.30 64.22 -41.20
N HIS N 367 -1.29 62.90 -41.08
CA HIS N 367 -0.30 62.08 -41.76
C HIS N 367 -0.74 61.61 -43.13
N TYR N 368 -1.91 62.02 -43.60
CA TYR N 368 -2.39 61.65 -44.92
C TYR N 368 -1.85 62.64 -45.94
N SER N 369 -1.17 62.13 -46.96
CA SER N 369 -0.64 63.00 -48.00
C SER N 369 -1.77 63.58 -48.84
N PRO N 370 -1.64 64.81 -49.30
CA PRO N 370 -2.67 65.44 -50.15
C PRO N 370 -2.60 65.00 -51.61
N ALA N 371 -2.59 63.69 -51.82
CA ALA N 371 -2.55 63.14 -53.16
C ALA N 371 -3.11 61.73 -53.14
N GLY N 372 -3.49 61.24 -54.30
CA GLY N 372 -4.01 59.90 -54.44
C GLY N 372 -5.25 59.90 -55.30
N GLU N 373 -5.97 58.79 -55.27
CA GLU N 373 -7.19 58.63 -56.05
C GLU N 373 -8.46 58.65 -55.22
N GLU N 374 -8.34 58.71 -53.89
CA GLU N 374 -9.50 58.77 -53.01
C GLU N 374 -9.59 60.07 -52.24
N ARG N 375 -8.61 60.96 -52.36
CA ARG N 375 -8.61 62.20 -51.61
C ARG N 375 -8.22 63.44 -52.39
N ALA N 376 -7.90 63.32 -53.67
CA ALA N 376 -7.40 64.47 -54.41
C ALA N 376 -7.95 64.53 -55.83
N VAL N 377 -9.16 63.99 -56.05
CA VAL N 377 -9.75 64.05 -57.38
C VAL N 377 -10.06 65.50 -57.74
N ILE N 378 -9.91 65.83 -59.01
CA ILE N 378 -10.15 67.17 -59.52
C ILE N 378 -11.48 67.16 -60.27
N ALA N 379 -12.42 67.98 -59.83
CA ALA N 379 -13.74 68.07 -60.42
C ALA N 379 -13.81 69.32 -61.29
N ARG N 380 -13.82 69.14 -62.60
CA ARG N 380 -13.96 70.23 -63.55
C ARG N 380 -14.95 69.81 -64.61
N ALA N 381 -15.02 70.58 -65.69
CA ALA N 381 -15.95 70.32 -66.78
C ALA N 381 -15.20 70.38 -68.10
N SER N 382 -15.17 69.26 -68.83
CA SER N 382 -14.59 69.19 -70.16
C SER N 382 -13.13 69.64 -70.17
N ILE N 383 -12.32 68.93 -69.37
CA ILE N 383 -10.90 69.25 -69.30
C ILE N 383 -10.26 68.96 -70.65
N GLN N 384 -9.66 69.98 -71.25
CA GLN N 384 -9.02 69.88 -72.55
C GLN N 384 -7.58 70.36 -72.41
N PRO N 385 -6.58 69.49 -72.62
CA PRO N 385 -5.19 69.89 -72.35
C PRO N 385 -4.77 71.08 -73.20
N LEU N 386 -3.94 71.95 -72.60
CA LEU N 386 -3.50 73.15 -73.28
C LEU N 386 -2.44 72.83 -74.34
N TYR N 387 -1.52 71.93 -74.02
CA TYR N 387 -0.41 71.57 -74.90
C TYR N 387 -0.39 70.05 -75.06
N PRO N 388 -1.30 69.51 -75.89
CA PRO N 388 -1.32 68.05 -76.08
C PRO N 388 -0.05 67.50 -76.72
N GLU N 389 0.73 68.31 -77.42
CA GLU N 389 1.91 67.81 -78.11
C GLU N 389 3.11 67.66 -77.19
N ASP N 390 3.06 68.19 -75.97
CA ASP N 390 4.20 68.11 -75.06
C ASP N 390 4.05 66.91 -74.13
N THR N 391 5.04 66.72 -73.26
CA THR N 391 5.06 65.59 -72.35
C THR N 391 5.79 65.98 -71.08
N PRO N 392 5.37 65.47 -69.93
CA PRO N 392 6.05 65.81 -68.67
C PRO N 392 7.49 65.33 -68.67
N ASP N 393 8.22 65.76 -67.64
CA ASP N 393 9.64 65.53 -67.45
C ASP N 393 9.90 64.91 -66.09
N GLU N 394 9.19 63.83 -65.78
CA GLU N 394 9.07 63.29 -64.42
C GLU N 394 10.33 63.42 -63.57
N GLU N 395 11.48 63.00 -64.10
CA GLU N 395 12.71 63.06 -63.31
C GLU N 395 13.10 64.50 -63.02
N ALA N 396 13.07 65.37 -64.03
CA ALA N 396 13.39 66.77 -63.82
C ALA N 396 12.40 67.42 -62.85
N MET N 397 11.11 67.07 -62.98
CA MET N 397 10.11 67.62 -62.08
C MET N 397 10.38 67.22 -60.63
N VAL N 398 10.69 65.94 -60.40
CA VAL N 398 10.95 65.50 -59.04
C VAL N 398 12.21 66.15 -58.49
N LYS N 399 13.23 66.32 -59.33
CA LYS N 399 14.43 67.00 -58.85
C LYS N 399 14.18 68.47 -58.57
N GLY N 400 13.28 69.10 -59.31
CA GLY N 400 12.95 70.50 -59.13
C GLY N 400 11.80 70.77 -58.19
N ARG N 401 11.26 69.73 -57.54
CA ARG N 401 10.22 69.89 -56.52
C ARG N 401 8.98 70.57 -57.09
N LEU N 402 8.34 69.88 -58.04
CA LEU N 402 7.14 70.38 -58.69
C LEU N 402 6.15 69.23 -58.79
N ASN N 403 5.06 69.32 -58.04
CA ASN N 403 4.03 68.28 -58.09
C ASN N 403 3.32 68.29 -59.43
N LYS N 404 3.02 67.11 -59.94
CA LYS N 404 2.46 66.97 -61.28
C LYS N 404 1.10 66.26 -61.21
N VAL N 405 0.22 66.65 -62.12
CA VAL N 405 -1.08 66.00 -62.25
C VAL N 405 -0.93 64.78 -63.15
N SER N 406 -1.94 63.92 -63.13
CA SER N 406 -1.94 62.72 -63.96
C SER N 406 -3.38 62.31 -64.20
N VAL N 407 -3.55 61.10 -64.74
CA VAL N 407 -4.86 60.52 -64.95
C VAL N 407 -4.89 59.18 -64.20
N GLY N 408 -5.64 59.13 -63.11
CA GLY N 408 -5.75 57.93 -62.32
C GLY N 408 -6.76 56.97 -62.93
N THR N 409 -7.17 56.01 -62.11
CA THR N 409 -8.18 55.06 -62.56
C THR N 409 -9.52 55.76 -62.78
N SER N 410 -10.32 55.18 -63.68
CA SER N 410 -11.65 55.64 -64.02
C SER N 410 -11.62 56.91 -64.87
N GLY N 411 -10.45 57.51 -65.03
CA GLY N 411 -10.28 58.60 -65.96
C GLY N 411 -10.45 60.01 -65.40
N GLN N 412 -10.54 60.18 -64.09
CA GLN N 412 -10.56 61.52 -63.50
C GLN N 412 -9.14 61.95 -63.17
N MET N 413 -8.84 63.21 -63.48
CA MET N 413 -7.53 63.75 -63.16
C MET N 413 -7.32 63.79 -61.66
N ILE N 414 -6.10 63.52 -61.22
CA ILE N 414 -5.75 63.54 -59.81
C ILE N 414 -4.41 64.24 -59.63
N ILE N 415 -4.08 64.51 -58.37
CA ILE N 415 -2.76 64.99 -58.00
C ILE N 415 -1.94 63.78 -57.58
N ASP N 416 -0.74 63.64 -58.12
CA ASP N 416 0.05 62.44 -57.92
C ASP N 416 1.45 62.75 -57.40
N ASP N 417 1.55 63.68 -56.46
CA ASP N 417 2.81 63.92 -55.78
C ASP N 417 2.54 64.69 -54.49
N ALA N 418 3.47 64.56 -53.55
CA ALA N 418 3.38 65.21 -52.25
C ALA N 418 4.74 65.78 -51.87
N LEU N 419 5.39 66.46 -52.80
CA LEU N 419 6.73 66.98 -52.59
C LEU N 419 6.67 68.46 -52.22
N THR N 420 7.44 68.82 -51.20
CA THR N 420 7.51 70.20 -50.73
C THR N 420 8.62 70.95 -51.45
N CYS N 421 8.96 72.13 -50.93
CA CYS N 421 9.99 72.97 -51.53
C CYS N 421 11.36 72.75 -50.93
N CYS N 422 11.51 71.81 -50.00
CA CYS N 422 12.81 71.53 -49.42
C CYS N 422 13.73 70.91 -50.47
N THR N 423 14.98 71.36 -50.51
CA THR N 423 15.93 70.82 -51.47
C THR N 423 16.73 69.65 -50.92
N GLN N 424 16.94 69.60 -49.61
CA GLN N 424 17.70 68.51 -49.01
C GLN N 424 16.95 67.19 -49.20
N ASP N 425 17.72 66.13 -49.47
CA ASP N 425 17.14 64.81 -49.71
C ASP N 425 17.09 64.02 -48.41
N ASN N 426 16.06 64.30 -47.61
CA ASN N 426 15.82 63.58 -46.37
C ASN N 426 14.32 63.41 -46.21
N TYR N 427 13.89 63.07 -45.00
CA TYR N 427 12.48 62.87 -44.74
C TYR N 427 11.67 64.15 -44.84
N LEU N 428 12.32 65.31 -44.90
CA LEU N 428 11.60 66.57 -44.81
C LEU N 428 10.97 67.01 -46.12
N HIS N 429 11.35 66.42 -47.25
CA HIS N 429 10.78 66.90 -48.50
C HIS N 429 9.44 66.27 -48.84
N PHE N 430 9.03 65.23 -48.12
CA PHE N 430 7.67 64.74 -48.26
C PHE N 430 6.70 65.71 -47.60
N GLN N 431 5.43 65.62 -47.97
CA GLN N 431 4.48 66.63 -47.52
C GLN N 431 3.96 66.36 -46.12
N HIS N 432 3.70 65.10 -45.78
CA HIS N 432 2.99 64.83 -44.54
C HIS N 432 3.88 65.01 -43.31
N VAL N 433 5.18 64.76 -43.44
CA VAL N 433 6.06 64.86 -42.27
C VAL N 433 6.12 66.26 -41.69
N PRO N 434 6.37 67.32 -42.46
CA PRO N 434 6.36 68.66 -41.86
C PRO N 434 5.03 69.03 -41.25
N SER N 435 3.91 68.61 -41.85
CA SER N 435 2.60 68.96 -41.30
C SER N 435 2.40 68.33 -39.93
N LEU N 436 2.75 67.04 -39.80
CA LEU N 436 2.62 66.36 -38.52
C LEU N 436 3.54 66.98 -37.47
N MET N 437 4.79 67.24 -37.83
CA MET N 437 5.71 67.84 -36.88
C MET N 437 5.24 69.23 -36.46
N ASN N 438 4.68 69.99 -37.39
CA ASN N 438 4.20 71.33 -37.05
C ASN N 438 2.98 71.26 -36.15
N ALA N 439 2.11 70.28 -36.35
CA ALA N 439 0.98 70.12 -35.43
C ALA N 439 1.48 69.85 -34.01
N ILE N 440 2.46 68.94 -33.89
CA ILE N 440 3.00 68.65 -32.57
C ILE N 440 3.64 69.90 -31.97
N SER N 441 4.37 70.66 -32.78
CA SER N 441 5.03 71.86 -32.27
C SER N 441 4.03 72.90 -31.81
N ARG N 442 2.93 73.08 -32.55
CA ARG N 442 1.93 74.05 -32.13
C ARG N 442 1.29 73.64 -30.81
N PHE N 443 0.99 72.35 -30.65
CA PHE N 443 0.46 71.90 -29.36
C PHE N 443 1.47 72.15 -28.24
N PHE N 444 2.75 71.91 -28.51
CA PHE N 444 3.76 72.17 -27.48
C PHE N 444 3.80 73.64 -27.09
N VAL N 445 3.74 74.53 -28.09
CA VAL N 445 3.77 75.95 -27.78
C VAL N 445 2.59 76.32 -26.89
N GLN N 446 1.41 75.81 -27.21
CA GLN N 446 0.25 76.09 -26.36
C GLN N 446 0.49 75.61 -24.93
N LEU N 447 0.96 74.36 -24.79
CA LEU N 447 1.13 73.79 -23.45
C LEU N 447 2.16 74.57 -22.65
N ALA N 448 3.31 74.89 -23.26
CA ALA N 448 4.36 75.59 -22.52
C ALA N 448 3.94 77.01 -22.19
N ARG N 449 3.21 77.68 -23.09
CA ARG N 449 2.72 79.01 -22.78
C ARG N 449 1.77 78.97 -21.59
N GLN N 450 0.93 77.93 -21.50
CA GLN N 450 0.07 77.82 -20.33
C GLN N 450 0.86 77.51 -19.07
N MET N 451 1.95 76.75 -19.19
CA MET N 451 2.64 76.21 -18.03
C MET N 451 3.86 77.03 -17.63
N LYS N 452 4.09 78.17 -18.28
CA LYS N 452 5.23 79.01 -17.94
C LYS N 452 5.09 79.59 -16.54
N HIS N 453 6.23 79.90 -15.92
CA HIS N 453 6.35 80.60 -14.66
C HIS N 453 5.91 79.78 -13.44
N SER N 454 5.99 78.47 -13.52
CA SER N 454 5.65 77.63 -12.39
C SER N 454 6.91 77.04 -11.78
N PRO N 455 6.87 76.64 -10.50
CA PRO N 455 8.03 75.99 -9.89
C PRO N 455 8.33 74.66 -10.55
N ASP N 456 9.57 74.22 -10.39
CA ASP N 456 10.04 73.05 -11.13
C ASP N 456 9.27 71.80 -10.77
N GLY N 457 8.86 71.67 -9.50
CA GLY N 457 8.15 70.47 -9.09
C GLY N 457 6.87 70.26 -9.87
N ILE N 458 6.08 71.31 -10.03
CA ILE N 458 4.87 71.22 -10.85
C ILE N 458 5.25 71.13 -12.33
N THR N 459 6.26 71.90 -12.75
CA THR N 459 6.55 72.05 -14.17
C THR N 459 6.98 70.73 -14.80
N ALA N 460 7.90 70.02 -14.16
CA ALA N 460 8.42 68.79 -14.74
C ALA N 460 7.30 67.76 -14.92
N ALA N 461 6.52 67.53 -13.87
CA ALA N 461 5.44 66.55 -13.95
C ALA N 461 4.41 66.96 -14.98
N GLY N 462 4.05 68.24 -15.01
CA GLY N 462 3.03 68.68 -15.96
C GLY N 462 3.48 68.53 -17.40
N LEU N 463 4.71 68.96 -17.71
CA LEU N 463 5.23 68.83 -19.06
C LEU N 463 5.30 67.37 -19.48
N THR N 464 5.83 66.51 -18.61
CA THR N 464 5.95 65.10 -18.95
C THR N 464 4.57 64.49 -19.20
N LYS N 465 3.61 64.78 -18.33
CA LYS N 465 2.27 64.20 -18.48
C LYS N 465 1.62 64.67 -19.77
N GLY N 466 1.66 65.97 -20.04
CA GLY N 466 1.02 66.48 -21.24
C GLY N 466 1.62 65.93 -22.52
N MET N 467 2.96 65.93 -22.60
CA MET N 467 3.61 65.43 -23.81
C MET N 467 3.40 63.94 -23.97
N THR N 468 3.48 63.16 -22.89
CA THR N 468 3.24 61.73 -22.99
C THR N 468 1.83 61.45 -23.48
N LYS N 469 0.85 62.16 -22.93
CA LYS N 469 -0.53 61.95 -23.37
C LYS N 469 -0.70 62.29 -24.85
N LEU N 470 -0.14 63.43 -25.29
CA LEU N 470 -0.32 63.83 -26.69
C LEU N 470 0.33 62.83 -27.64
N LEU N 471 1.56 62.42 -27.34
CA LEU N 471 2.24 61.49 -28.23
C LEU N 471 1.60 60.11 -28.21
N ASP N 472 1.06 59.68 -27.07
CA ASP N 472 0.31 58.44 -27.04
C ASP N 472 -0.94 58.54 -27.91
N ARG N 473 -1.62 59.69 -27.88
CA ARG N 473 -2.77 59.88 -28.75
C ARG N 473 -2.37 59.78 -30.21
N PHE N 474 -1.24 60.39 -30.58
CA PHE N 474 -0.80 60.30 -31.97
C PHE N 474 -0.45 58.87 -32.37
N VAL N 475 0.24 58.14 -31.49
CA VAL N 475 0.62 56.76 -31.82
C VAL N 475 -0.63 55.90 -31.98
N ALA N 476 -1.60 56.07 -31.09
CA ALA N 476 -2.86 55.33 -31.23
C ALA N 476 -3.58 55.71 -32.52
N SER N 477 -3.48 56.98 -32.92
CA SER N 477 -4.05 57.39 -34.20
C SER N 477 -3.38 56.66 -35.35
N GLY N 478 -2.06 56.49 -35.29
CA GLY N 478 -1.32 55.76 -36.29
C GLY N 478 -0.35 56.58 -37.10
N ALA N 479 -0.02 57.80 -36.67
CA ALA N 479 0.91 58.64 -37.40
C ALA N 479 2.37 58.34 -37.06
N LEU N 480 2.64 57.57 -36.02
CA LEU N 480 3.99 57.17 -35.66
C LEU N 480 4.06 55.65 -35.58
N VAL N 481 5.14 55.08 -36.10
CA VAL N 481 5.33 53.64 -36.12
C VAL N 481 6.70 53.32 -35.53
N ALA N 482 6.94 52.03 -35.34
CA ALA N 482 8.21 51.59 -34.77
C ALA N 482 9.36 51.96 -35.70
N PRO N 483 10.55 52.20 -35.15
CA PRO N 483 11.67 52.65 -35.99
C PRO N 483 12.06 51.59 -37.01
N ARG N 484 12.64 52.05 -38.12
CA ARG N 484 12.97 51.15 -39.21
C ARG N 484 14.01 50.11 -38.78
N ASP N 485 15.02 50.52 -38.03
CA ASP N 485 16.06 49.61 -37.58
C ASP N 485 16.00 49.47 -36.07
N PRO N 486 15.34 48.45 -35.53
CA PRO N 486 15.19 48.31 -34.08
C PRO N 486 16.40 47.67 -33.40
N ASP N 487 17.58 48.14 -33.77
CA ASP N 487 18.82 47.66 -33.17
C ASP N 487 19.61 48.75 -32.47
N ALA N 488 19.69 49.93 -33.07
CA ALA N 488 20.43 51.04 -32.49
C ALA N 488 19.50 52.03 -31.78
N ASP N 489 18.53 52.57 -32.48
CA ASP N 489 17.62 53.57 -31.91
C ASP N 489 16.36 52.95 -31.32
N GLY N 490 16.55 51.99 -30.42
CA GLY N 490 15.49 51.39 -29.64
C GLY N 490 14.35 50.82 -30.49
N THR N 491 13.20 50.67 -29.84
CA THR N 491 12.01 50.14 -30.51
C THR N 491 10.74 50.89 -30.11
N GLU N 492 10.87 52.12 -29.62
CA GLU N 492 9.66 52.85 -29.29
C GLU N 492 9.39 53.93 -30.33
N PRO N 493 8.12 54.18 -30.66
CA PRO N 493 7.83 55.19 -31.69
C PRO N 493 8.35 56.57 -31.36
N TYR N 494 8.30 56.96 -30.09
CA TYR N 494 8.73 58.27 -29.65
C TYR N 494 9.58 58.15 -28.40
N VAL N 495 10.56 59.05 -28.28
CA VAL N 495 11.41 59.15 -27.11
C VAL N 495 11.32 60.58 -26.59
N LEU N 496 11.03 60.72 -25.31
CA LEU N 496 10.81 62.01 -24.68
C LEU N 496 11.88 62.26 -23.61
N LYS N 497 12.32 63.51 -23.51
CA LYS N 497 13.32 63.86 -22.50
C LYS N 497 13.09 65.30 -22.07
N VAL N 498 12.66 65.48 -20.83
CA VAL N 498 12.46 66.80 -20.24
C VAL N 498 13.56 67.02 -19.22
N THR N 499 14.33 68.09 -19.36
CA THR N 499 15.50 68.29 -18.53
C THR N 499 15.60 69.76 -18.13
N GLN N 500 16.44 70.01 -17.13
CA GLN N 500 16.76 71.35 -16.68
C GLN N 500 18.20 71.66 -17.04
N ALA N 501 18.43 72.80 -17.70
CA ALA N 501 19.76 73.17 -18.13
C ALA N 501 20.43 74.17 -17.19
N GLU N 502 19.68 75.11 -16.66
CA GLU N 502 20.15 76.00 -15.59
C GLU N 502 18.96 76.26 -14.68
N PHE N 503 19.03 77.34 -13.91
CA PHE N 503 17.93 77.69 -13.01
C PHE N 503 16.59 77.71 -13.74
N ASP N 504 16.54 78.32 -14.92
CA ASP N 504 15.31 78.32 -15.71
C ASP N 504 15.68 78.17 -17.19
N LYS N 505 15.80 76.93 -17.65
CA LYS N 505 16.01 76.66 -19.06
C LYS N 505 15.33 75.36 -19.46
N TRP N 506 14.17 75.07 -18.87
CA TRP N 506 13.50 73.79 -19.08
C TRP N 506 13.47 73.41 -20.56
N GLU N 507 14.16 72.33 -20.91
CA GLU N 507 14.37 71.94 -22.29
C GLU N 507 13.68 70.61 -22.54
N VAL N 508 12.84 70.57 -23.57
CA VAL N 508 12.08 69.38 -23.94
C VAL N 508 12.58 68.91 -25.29
N VAL N 509 12.98 67.65 -25.38
CA VAL N 509 13.45 67.05 -26.63
C VAL N 509 12.61 65.81 -26.88
N TRP N 510 11.88 65.79 -27.99
CA TRP N 510 11.09 64.64 -28.37
C TRP N 510 11.49 64.19 -29.76
N ALA N 511 11.71 62.89 -29.92
CA ALA N 511 12.09 62.30 -31.19
C ALA N 511 11.02 61.30 -31.59
N CYS N 512 10.50 61.44 -32.80
CA CYS N 512 9.40 60.61 -33.27
C CYS N 512 9.79 59.93 -34.58
N CYS N 513 9.22 58.75 -34.82
CA CYS N 513 9.42 58.08 -36.09
C CYS N 513 8.17 58.20 -36.93
N PRO N 514 8.14 59.02 -37.97
CA PRO N 514 6.91 59.21 -38.75
C PRO N 514 6.60 58.03 -39.65
N THR N 515 5.35 57.97 -40.09
CA THR N 515 4.92 56.89 -40.96
C THR N 515 5.57 57.02 -42.34
N GLY N 516 5.53 55.92 -43.09
CA GLY N 516 6.08 55.88 -44.42
C GLY N 516 4.99 55.89 -45.46
N VAL N 517 4.98 56.94 -46.29
CA VAL N 517 4.06 56.98 -47.41
C VAL N 517 4.41 55.87 -48.39
N ALA N 518 3.45 55.52 -49.24
CA ALA N 518 3.63 54.48 -50.25
C ALA N 518 3.56 55.15 -51.62
N ARG N 519 4.70 55.65 -52.08
CA ARG N 519 4.77 56.36 -53.35
C ARG N 519 5.19 55.47 -54.52
N ARG N 520 6.14 54.57 -54.30
CA ARG N 520 6.62 53.66 -55.34
C ARG N 520 6.36 52.23 -54.89
N ILE N 521 5.65 51.47 -55.71
CA ILE N 521 5.33 50.08 -55.42
C ILE N 521 5.85 49.23 -56.56
N GLN N 522 6.64 48.21 -56.22
CA GLN N 522 7.28 47.36 -57.21
C GLN N 522 6.95 45.90 -56.90
N GLY N 523 6.59 45.15 -57.94
CA GLY N 523 6.29 43.74 -57.82
C GLY N 523 7.31 42.92 -58.60
N VAL N 524 7.80 41.85 -57.97
CA VAL N 524 8.80 40.97 -58.57
C VAL N 524 8.23 39.55 -58.58
N PRO N 525 7.63 39.13 -59.69
CA PRO N 525 7.13 37.76 -59.76
C PRO N 525 8.28 36.76 -59.81
N LEU N 526 8.01 35.55 -59.33
CA LEU N 526 9.00 34.49 -59.29
C LEU N 526 8.37 33.17 -59.69
N LEU N 527 9.21 32.22 -60.05
CA LEU N 527 8.78 30.86 -60.35
C LEU N 527 9.57 29.89 -59.48
N ILE N 528 8.87 28.87 -58.97
CA ILE N 528 9.45 27.90 -58.05
C ILE N 528 9.62 26.58 -58.79
N LYS N 529 10.84 26.04 -58.75
CA LYS N 529 11.11 24.75 -59.36
C LYS N 529 10.35 23.64 -58.65
N SER O 2 0.89 54.92 -73.51
CA SER O 2 -0.45 55.39 -73.19
C SER O 2 -0.91 54.85 -71.84
N GLN O 3 -2.23 54.70 -71.71
CA GLN O 3 -2.78 54.07 -70.51
C GLN O 3 -2.69 52.54 -70.64
N TYR O 4 -2.96 51.86 -69.53
CA TYR O 4 -2.89 50.41 -69.41
C TYR O 4 -1.49 49.86 -69.64
N SER O 5 -0.52 50.72 -69.95
CA SER O 5 0.85 50.26 -70.13
C SER O 5 1.48 49.98 -68.77
N ILE O 6 2.45 49.08 -68.78
CA ILE O 6 3.15 48.67 -67.55
C ILE O 6 4.64 48.91 -67.75
N GLN O 7 5.23 49.68 -66.84
CA GLN O 7 6.66 49.92 -66.90
C GLN O 7 7.39 48.86 -66.08
N GLN O 8 8.72 48.93 -66.10
CA GLN O 8 9.55 47.95 -65.42
C GLN O 8 10.65 48.54 -64.55
N SER O 9 11.04 49.80 -64.76
CA SER O 9 12.17 50.37 -64.01
C SER O 9 11.71 51.04 -62.72
N LEU O 10 10.88 52.08 -62.84
CA LEU O 10 10.36 52.83 -61.70
C LEU O 10 11.52 53.39 -60.87
N GLY O 11 12.19 54.36 -61.47
CA GLY O 11 13.32 55.01 -60.83
C GLY O 11 13.04 56.41 -60.35
N ASN O 12 12.94 56.59 -59.03
CA ASN O 12 12.85 57.92 -58.40
C ASN O 12 11.66 58.73 -58.92
N ALA O 13 10.54 58.05 -59.13
CA ALA O 13 9.32 58.72 -59.55
C ALA O 13 8.12 57.89 -59.12
N SER O 14 7.02 58.56 -58.79
CA SER O 14 5.83 57.84 -58.36
C SER O 14 5.29 56.98 -59.49
N GLY O 15 4.81 55.80 -59.15
CA GLY O 15 4.24 54.90 -60.13
C GLY O 15 4.28 53.48 -59.61
N VAL O 16 3.86 52.56 -60.48
CA VAL O 16 3.86 51.14 -60.18
C VAL O 16 4.47 50.39 -61.37
N ALA O 17 5.24 49.35 -61.06
CA ALA O 17 5.91 48.60 -62.11
C ALA O 17 6.09 47.16 -61.65
N VAL O 18 6.11 46.25 -62.62
CA VAL O 18 6.35 44.84 -62.35
C VAL O 18 7.57 44.39 -63.14
N SER O 19 8.48 43.71 -62.47
CA SER O 19 9.69 43.24 -63.11
C SER O 19 9.38 42.06 -64.01
N PRO O 20 10.16 41.86 -65.07
CA PRO O 20 9.94 40.69 -65.93
C PRO O 20 10.17 39.40 -65.16
N ILE O 21 9.46 38.35 -65.57
CA ILE O 21 9.48 37.09 -64.83
C ILE O 21 10.89 36.55 -64.74
N ASN O 22 11.27 36.09 -63.56
CA ASN O 22 12.65 35.66 -63.35
C ASN O 22 12.91 34.32 -64.01
N ALA O 23 12.25 33.26 -63.53
CA ALA O 23 12.30 31.94 -64.15
C ALA O 23 13.73 31.47 -64.39
N ASP O 24 14.59 31.63 -63.39
CA ASP O 24 15.97 31.19 -63.48
C ASP O 24 16.28 30.00 -62.59
N ALA O 25 15.47 29.75 -61.56
CA ALA O 25 15.64 28.60 -60.70
C ALA O 25 14.99 27.35 -61.26
N THR O 26 14.36 27.44 -62.43
CA THR O 26 13.67 26.33 -63.05
C THR O 26 14.24 26.00 -64.42
N LEU O 27 15.55 26.14 -64.59
CA LEU O 27 16.19 25.91 -65.87
C LEU O 27 16.43 24.42 -66.07
N SER O 28 15.71 23.83 -67.02
CA SER O 28 15.89 22.44 -67.40
C SER O 28 16.79 22.36 -68.62
N THR O 29 16.92 21.16 -69.17
CA THR O 29 17.70 20.94 -70.38
C THR O 29 17.05 19.84 -71.20
N GLY O 30 16.71 20.16 -72.44
CA GLY O 30 16.12 19.18 -73.34
C GLY O 30 17.09 18.62 -74.34
N VAL O 31 17.58 17.40 -74.11
CA VAL O 31 18.54 16.79 -75.02
C VAL O 31 17.95 15.52 -75.61
N ALA O 32 17.02 14.89 -74.89
CA ALA O 32 16.38 13.65 -75.32
C ALA O 32 17.42 12.57 -75.58
N LEU O 33 18.05 12.14 -74.48
CA LEU O 33 19.15 11.19 -74.58
C LEU O 33 18.72 9.87 -75.20
N ASN O 34 17.47 9.47 -74.98
CA ASN O 34 17.01 8.17 -75.47
C ASN O 34 16.63 8.23 -76.95
N SER O 35 17.52 8.74 -77.78
CA SER O 35 17.28 8.83 -79.22
C SER O 35 18.58 8.57 -79.95
N SER O 36 18.54 7.70 -80.94
CA SER O 36 19.73 7.29 -81.68
C SER O 36 19.43 7.32 -83.17
N LEU O 37 20.37 7.88 -83.95
CA LEU O 37 20.29 7.89 -85.40
C LEU O 37 21.63 7.48 -85.96
N TRP O 38 21.61 6.87 -87.15
CA TRP O 38 22.81 6.32 -87.76
C TRP O 38 23.14 7.09 -89.04
N ALA O 39 24.42 7.35 -89.24
CA ALA O 39 24.89 8.09 -90.40
C ALA O 39 25.94 7.27 -91.15
N GLY O 40 25.82 7.23 -92.47
CA GLY O 40 26.75 6.45 -93.25
C GLY O 40 26.89 6.95 -94.68
N ILE O 41 27.96 6.50 -95.33
CA ILE O 41 28.19 6.80 -96.73
C ILE O 41 28.02 5.51 -97.51
N GLY O 42 27.80 5.65 -98.81
CA GLY O 42 27.62 4.47 -99.63
C GLY O 42 27.50 4.81 -101.09
N VAL O 43 27.30 3.76 -101.89
CA VAL O 43 27.10 3.88 -103.33
C VAL O 43 25.75 3.26 -103.66
N PHE O 44 24.91 4.02 -104.35
CA PHE O 44 23.55 3.55 -104.61
C PHE O 44 23.16 3.82 -106.06
N ALA O 45 21.87 3.68 -106.37
CA ALA O 45 21.36 3.87 -107.72
C ALA O 45 20.72 5.25 -107.93
N ARG O 46 19.98 5.76 -106.95
CA ARG O 46 19.30 7.03 -107.07
C ARG O 46 19.54 7.86 -105.82
N GLY O 47 19.72 9.16 -106.02
CA GLY O 47 19.97 10.08 -104.93
C GLY O 47 20.87 11.21 -105.37
N LYS O 48 20.79 12.32 -104.64
CA LYS O 48 21.62 13.48 -104.97
C LYS O 48 23.04 13.26 -104.46
N PRO O 49 24.05 13.29 -105.33
CA PRO O 49 25.41 12.99 -104.87
C PRO O 49 25.97 14.07 -103.97
N PHE O 50 26.78 13.64 -103.01
CA PHE O 50 27.52 14.52 -102.12
C PHE O 50 26.59 15.46 -101.35
N THR O 51 25.42 14.96 -100.98
CA THR O 51 24.46 15.74 -100.21
C THR O 51 23.80 14.83 -99.19
N VAL O 52 23.72 15.29 -97.94
CA VAL O 52 23.16 14.50 -96.87
C VAL O 52 21.69 14.23 -97.16
N LEU O 53 21.29 12.97 -97.03
CA LEU O 53 19.91 12.57 -97.23
C LEU O 53 19.29 12.22 -95.89
N ALA O 54 18.03 11.77 -95.94
CA ALA O 54 17.33 11.32 -94.75
C ALA O 54 16.43 10.16 -95.15
N VAL O 55 16.64 9.01 -94.51
CA VAL O 55 15.93 7.79 -94.86
C VAL O 55 15.17 7.30 -93.64
N THR O 56 13.88 7.01 -93.84
CA THR O 56 13.02 6.45 -92.83
C THR O 56 12.57 5.06 -93.28
N GLU O 57 11.71 4.43 -92.48
CA GLU O 57 11.23 3.10 -92.80
C GLU O 57 10.23 3.07 -93.95
N SER O 58 9.76 4.23 -94.41
CA SER O 58 8.68 4.26 -95.38
C SER O 58 9.04 4.95 -96.70
N ASN O 59 10.26 5.41 -96.88
CA ASN O 59 10.60 6.08 -98.13
C ASN O 59 11.93 5.66 -98.73
N TYR O 60 12.75 4.85 -98.05
CA TYR O 60 14.08 4.55 -98.54
C TYR O 60 14.04 3.95 -99.95
N GLU O 61 13.01 3.14 -100.24
CA GLU O 61 12.91 2.49 -101.53
C GLU O 61 12.88 3.51 -102.67
N ASP O 62 12.19 4.62 -102.48
CA ASP O 62 12.09 5.62 -103.55
C ASP O 62 13.14 6.71 -103.46
N VAL O 63 13.54 7.14 -102.25
CA VAL O 63 14.56 8.19 -102.19
C VAL O 63 15.90 7.65 -102.64
N LEU O 64 16.23 6.41 -102.26
CA LEU O 64 17.53 5.85 -102.62
C LEU O 64 17.47 4.95 -103.85
N GLY O 65 16.31 4.79 -104.47
CA GLY O 65 16.18 3.96 -105.65
C GLY O 65 16.00 2.51 -105.30
N GLU O 66 15.63 1.74 -106.33
CA GLU O 66 15.41 0.31 -106.15
C GLU O 66 16.73 -0.40 -105.87
N PRO O 67 16.69 -1.54 -105.19
CA PRO O 67 17.93 -2.26 -104.87
C PRO O 67 18.66 -2.70 -106.13
N LEU O 68 19.99 -2.71 -106.04
CA LEU O 68 20.84 -3.07 -107.16
C LEU O 68 20.85 -4.59 -107.32
N LYS O 69 21.73 -5.09 -108.20
CA LYS O 69 21.83 -6.50 -108.48
C LYS O 69 23.22 -7.02 -108.10
N PRO O 70 23.31 -8.14 -107.39
CA PRO O 70 24.63 -8.65 -107.01
C PRO O 70 25.52 -8.99 -108.18
N SER O 71 24.94 -9.46 -109.29
CA SER O 71 25.74 -9.81 -110.46
C SER O 71 26.39 -8.59 -111.10
N SER O 72 25.89 -7.39 -110.81
CA SER O 72 26.48 -6.18 -111.39
C SER O 72 27.90 -5.98 -110.89
N GLY O 73 28.15 -6.23 -109.61
CA GLY O 73 29.46 -6.03 -109.03
C GLY O 73 29.44 -6.01 -107.52
N SER O 74 30.21 -5.11 -106.92
CA SER O 74 30.30 -5.01 -105.46
C SER O 74 29.46 -3.86 -104.92
N GLN O 75 28.57 -3.29 -105.72
CA GLN O 75 27.76 -2.16 -105.31
C GLN O 75 26.47 -2.57 -104.62
N PHE O 76 26.24 -3.86 -104.45
CA PHE O 76 24.98 -4.34 -103.87
C PHE O 76 25.00 -4.35 -102.35
N GLU O 77 26.10 -3.99 -101.73
CA GLU O 77 26.26 -4.10 -100.27
C GLU O 77 25.53 -2.99 -99.50
N PRO O 78 25.75 -1.71 -99.80
CA PRO O 78 25.19 -0.66 -98.94
C PRO O 78 23.67 -0.67 -98.86
N ILE O 79 22.98 -1.04 -99.93
CA ILE O 79 21.52 -1.07 -99.86
C ILE O 79 21.06 -2.12 -98.86
N ARG O 80 21.69 -3.29 -98.86
CA ARG O 80 21.33 -4.32 -97.89
C ARG O 80 21.67 -3.89 -96.47
N HIS O 81 22.82 -3.23 -96.29
CA HIS O 81 23.16 -2.71 -94.97
C HIS O 81 22.11 -1.71 -94.49
N VAL O 82 21.67 -0.83 -95.38
CA VAL O 82 20.62 0.14 -95.05
C VAL O 82 19.34 -0.58 -94.66
N TYR O 83 18.97 -1.60 -95.44
CA TYR O 83 17.73 -2.31 -95.15
C TYR O 83 17.79 -3.00 -93.81
N GLU O 84 18.94 -3.56 -93.44
CA GLU O 84 19.06 -4.21 -92.15
C GLU O 84 19.17 -3.23 -91.00
N ALA O 85 19.66 -2.01 -91.23
CA ALA O 85 19.82 -1.05 -90.15
C ALA O 85 18.60 -0.17 -89.94
N ILE O 86 17.81 0.07 -90.98
CA ILE O 86 16.61 0.90 -90.87
C ILE O 86 15.61 0.30 -89.90
N GLN O 87 15.64 -1.03 -89.74
CA GLN O 87 14.62 -1.80 -89.05
C GLN O 87 14.22 -1.15 -87.73
N GLN O 88 15.15 -0.42 -87.12
CA GLN O 88 14.95 0.20 -85.82
C GLN O 88 14.69 1.70 -85.91
N THR O 89 15.59 2.46 -86.54
CA THR O 89 15.49 3.91 -86.52
C THR O 89 15.90 4.49 -87.86
N SER O 90 15.45 5.71 -88.11
CA SER O 90 15.80 6.41 -89.34
C SER O 90 17.24 6.90 -89.28
N GLY O 91 17.72 7.41 -90.41
CA GLY O 91 19.12 7.80 -90.45
C GLY O 91 19.45 8.71 -91.62
N TYR O 92 20.75 8.97 -91.76
CA TYR O 92 21.26 9.87 -92.79
C TYR O 92 22.34 9.17 -93.60
N VAL O 93 22.26 9.31 -94.92
CA VAL O 93 23.21 8.66 -95.82
C VAL O 93 23.80 9.71 -96.76
N VAL O 94 24.96 9.38 -97.30
CA VAL O 94 25.64 10.21 -98.28
C VAL O 94 26.05 9.33 -99.46
N ARG O 95 25.56 9.67 -100.65
CA ARG O 95 25.86 8.89 -101.84
C ARG O 95 27.10 9.45 -102.53
N ALA O 96 28.03 8.57 -102.87
CA ALA O 96 29.24 8.94 -103.60
C ALA O 96 29.20 8.29 -104.98
N VAL O 97 29.44 9.10 -106.01
CA VAL O 97 29.32 8.64 -107.39
C VAL O 97 30.70 8.60 -108.04
N PRO O 98 30.90 7.79 -109.08
CA PRO O 98 32.19 7.79 -109.78
C PRO O 98 32.44 9.09 -110.52
N ASP O 99 33.56 9.15 -111.25
CA ASP O 99 33.95 10.42 -111.87
C ASP O 99 33.10 10.74 -113.10
N ASP O 100 32.76 9.74 -113.90
CA ASP O 100 32.14 9.97 -115.20
C ASP O 100 30.62 9.95 -115.16
N ALA O 101 30.00 10.01 -113.99
CA ALA O 101 28.55 10.04 -113.92
C ALA O 101 28.03 11.38 -114.45
N LYS O 102 27.01 11.31 -115.30
CA LYS O 102 26.46 12.49 -115.94
C LYS O 102 24.95 12.52 -115.80
N PHE O 103 24.40 13.73 -115.68
CA PHE O 103 22.98 13.96 -115.58
C PHE O 103 22.49 14.73 -116.80
N PRO O 104 21.23 14.54 -117.18
CA PRO O 104 20.72 15.16 -118.39
C PRO O 104 20.40 16.64 -118.20
N ILE O 105 20.35 17.36 -119.33
CA ILE O 105 20.06 18.79 -119.36
C ILE O 105 19.30 19.08 -120.63
N ILE O 106 18.24 19.88 -120.53
CA ILE O 106 17.46 20.34 -121.68
C ILE O 106 17.57 21.86 -121.73
N MET O 107 18.12 22.38 -122.82
CA MET O 107 18.31 23.81 -122.99
C MET O 107 17.36 24.31 -124.09
N PHE O 108 16.68 25.43 -123.82
CA PHE O 108 15.74 25.99 -124.76
C PHE O 108 16.38 27.16 -125.50
N ASP O 109 15.57 27.86 -126.30
CA ASP O 109 16.03 29.02 -127.05
C ASP O 109 14.87 30.00 -127.16
N GLU O 110 15.10 31.11 -127.87
CA GLU O 110 14.07 32.13 -128.01
C GLU O 110 12.85 31.58 -128.75
N SER O 111 13.07 30.86 -129.85
CA SER O 111 11.94 30.29 -130.59
C SER O 111 11.23 29.22 -129.79
N GLY O 112 11.97 28.43 -129.03
CA GLY O 112 11.39 27.35 -128.24
C GLY O 112 11.80 25.95 -128.66
N GLU O 113 12.71 25.78 -129.61
CA GLU O 113 13.13 24.45 -130.03
C GLU O 113 14.13 23.90 -129.02
N PRO O 114 13.82 22.79 -128.36
CA PRO O 114 14.71 22.28 -127.31
C PRO O 114 15.94 21.59 -127.88
N ALA O 115 16.96 21.52 -127.03
CA ALA O 115 18.17 20.75 -127.31
C ALA O 115 18.54 19.98 -126.05
N TYR O 116 19.23 18.86 -126.23
CA TYR O 116 19.56 17.98 -125.12
C TYR O 116 21.07 17.87 -124.98
N SER O 117 21.51 17.59 -123.75
CA SER O 117 22.92 17.35 -123.48
C SER O 117 23.03 16.64 -122.13
N ALA O 118 24.26 16.33 -121.74
CA ALA O 118 24.53 15.71 -120.45
C ALA O 118 25.77 16.34 -119.85
N LEU O 119 25.76 16.52 -118.52
CA LEU O 119 26.89 17.14 -117.85
C LEU O 119 27.31 16.32 -116.64
N PRO O 120 28.60 16.25 -116.35
CA PRO O 120 29.05 15.51 -115.16
C PRO O 120 28.54 16.14 -113.87
N TYR O 121 28.36 15.29 -112.86
CA TYR O 121 27.82 15.75 -111.59
C TYR O 121 28.74 16.74 -110.91
N GLY O 122 28.14 17.66 -110.15
CA GLY O 122 28.90 18.65 -109.43
C GLY O 122 29.39 19.82 -110.25
N SER O 123 28.89 20.00 -111.46
CA SER O 123 29.32 21.07 -112.34
C SER O 123 28.14 21.96 -112.69
N GLU O 124 28.37 23.27 -112.71
CA GLU O 124 27.33 24.21 -113.11
C GLU O 124 27.24 24.25 -114.63
N ILE O 125 26.34 25.09 -115.13
CA ILE O 125 25.98 25.11 -116.54
C ILE O 125 26.32 26.49 -117.11
N GLU O 126 26.97 26.49 -118.27
CA GLU O 126 27.22 27.72 -119.02
C GLU O 126 26.26 27.76 -120.20
N LEU O 127 25.57 28.88 -120.36
CA LEU O 127 24.55 29.01 -121.38
C LEU O 127 25.15 29.64 -122.64
N ASP O 128 24.83 29.06 -123.79
CA ASP O 128 25.27 29.64 -125.06
C ASP O 128 24.48 30.91 -125.35
N SER O 129 24.89 31.61 -126.41
CA SER O 129 24.25 32.88 -126.75
C SER O 129 22.77 32.68 -127.06
N GLY O 130 22.43 31.64 -127.81
CA GLY O 130 21.05 31.40 -128.19
C GLY O 130 20.20 30.72 -127.15
N GLU O 131 20.77 30.31 -126.03
CA GLU O 131 20.04 29.57 -125.01
C GLU O 131 19.34 30.53 -124.07
N ALA O 132 18.04 30.30 -123.86
CA ALA O 132 17.25 31.13 -122.95
C ALA O 132 17.27 30.60 -121.53
N PHE O 133 16.96 29.32 -121.36
CA PHE O 133 16.96 28.73 -120.03
C PHE O 133 17.13 27.23 -120.15
N ALA O 134 17.69 26.64 -119.09
CA ALA O 134 18.01 25.22 -119.05
C ALA O 134 17.35 24.58 -117.84
N ILE O 135 16.86 23.35 -118.02
CA ILE O 135 16.24 22.57 -116.98
C ILE O 135 16.99 21.24 -116.86
N TYR O 136 17.31 20.85 -115.64
CA TYR O 136 17.99 19.59 -115.40
C TYR O 136 17.40 18.92 -114.17
N VAL O 137 17.78 17.66 -113.97
CA VAL O 137 17.23 16.82 -112.92
C VAL O 137 18.28 16.67 -111.82
N ASP O 138 17.89 16.96 -110.59
CA ASP O 138 18.78 16.83 -109.44
C ASP O 138 18.40 15.72 -108.50
N ASP O 139 17.52 14.81 -108.91
CA ASP O 139 17.23 13.63 -108.11
C ASP O 139 18.38 12.63 -108.15
N GLY O 140 19.29 12.75 -109.12
CA GLY O 140 20.39 11.84 -109.26
C GLY O 140 20.16 10.70 -110.22
N ASP O 141 18.90 10.40 -110.54
CA ASP O 141 18.60 9.31 -111.45
C ASP O 141 19.17 9.62 -112.83
N PRO O 142 19.78 8.65 -113.51
CA PRO O 142 20.32 8.91 -114.85
C PRO O 142 19.28 8.83 -115.97
N CYS O 143 18.00 8.70 -115.62
CA CYS O 143 16.90 8.80 -116.59
C CYS O 143 17.07 7.79 -117.72
N ILE O 144 17.42 6.56 -117.39
CA ILE O 144 17.57 5.49 -118.37
C ILE O 144 16.49 4.44 -118.21
N SER O 145 16.11 4.11 -116.97
CA SER O 145 14.99 3.23 -116.70
C SER O 145 14.47 3.46 -115.29
N PRO O 146 13.24 3.97 -115.12
CA PRO O 146 12.28 4.37 -116.16
C PRO O 146 12.63 5.71 -116.78
N THR O 147 12.20 5.97 -118.00
CA THR O 147 12.45 7.25 -118.64
C THR O 147 11.58 8.33 -118.00
N ARG O 148 12.02 9.58 -118.16
CA ARG O 148 11.30 10.72 -117.62
C ARG O 148 11.05 11.73 -118.73
N GLU O 149 9.81 12.22 -118.82
CA GLU O 149 9.41 13.13 -119.88
C GLU O 149 8.87 14.42 -119.29
N LEU O 150 9.18 15.52 -119.97
CA LEU O 150 8.80 16.86 -119.52
C LEU O 150 7.89 17.50 -120.56
N THR O 151 6.80 18.12 -120.10
CA THR O 151 5.79 18.68 -120.98
C THR O 151 5.48 20.11 -120.56
N ILE O 152 5.31 20.98 -121.55
CA ILE O 152 5.01 22.39 -121.35
C ILE O 152 3.64 22.66 -121.94
N GLU O 153 2.76 23.30 -121.15
CA GLU O 153 1.40 23.58 -121.58
C GLU O 153 1.10 25.06 -121.36
N THR O 154 0.41 25.68 -122.32
CA THR O 154 0.00 27.07 -122.15
C THR O 154 -1.12 27.19 -121.13
N ALA O 155 -1.08 28.29 -120.37
CA ALA O 155 -2.08 28.54 -119.34
C ALA O 155 -2.48 30.01 -119.39
N THR O 156 -3.47 30.36 -118.56
CA THR O 156 -3.97 31.73 -118.53
C THR O 156 -2.98 32.65 -117.85
N ALA O 157 -2.84 33.86 -118.38
CA ALA O 157 -1.94 34.84 -117.81
C ALA O 157 -2.48 35.33 -116.47
N ASP O 158 -1.58 35.92 -115.68
CA ASP O 158 -1.94 36.42 -114.36
C ASP O 158 -2.71 37.74 -114.48
N SER O 159 -3.07 38.31 -113.34
CA SER O 159 -3.77 39.59 -113.34
C SER O 159 -2.89 40.70 -113.90
N ALA O 160 -1.61 40.70 -113.54
CA ALA O 160 -0.70 41.73 -114.05
C ALA O 160 -0.55 41.64 -115.57
N GLY O 161 -0.42 40.42 -116.10
CA GLY O 161 -0.32 40.25 -117.54
C GLY O 161 0.77 39.28 -117.97
N ASN O 162 1.63 38.88 -117.03
CA ASN O 162 2.71 37.97 -117.35
C ASN O 162 2.16 36.60 -117.73
N GLU O 163 2.85 35.91 -118.64
CA GLU O 163 2.40 34.63 -119.14
C GLU O 163 2.98 33.51 -118.29
N ARG O 164 2.12 32.70 -117.68
CA ARG O 164 2.52 31.57 -116.87
C ARG O 164 2.16 30.28 -117.61
N PHE O 165 3.12 29.36 -117.68
CA PHE O 165 2.91 28.08 -118.34
C PHE O 165 3.03 26.96 -117.32
N LEU O 166 2.36 25.85 -117.62
CA LEU O 166 2.29 24.69 -116.75
C LEU O 166 3.36 23.69 -117.16
N LEU O 167 4.14 23.24 -116.18
CA LEU O 167 5.18 22.24 -116.38
C LEU O 167 4.73 20.92 -115.78
N LYS O 168 4.85 19.83 -116.53
CA LYS O 168 4.43 18.53 -116.08
C LYS O 168 5.51 17.51 -116.39
N LEU O 169 6.11 16.92 -115.36
CA LEU O 169 7.06 15.84 -115.53
C LEU O 169 6.40 14.53 -115.16
N THR O 170 6.50 13.54 -116.05
CA THR O 170 5.89 12.24 -115.87
C THR O 170 6.89 11.15 -116.20
N GLN O 171 6.85 10.06 -115.44
CA GLN O 171 7.74 8.93 -115.64
C GLN O 171 7.04 7.85 -116.44
N THR O 172 7.80 7.20 -117.32
CA THR O 172 7.30 6.10 -118.14
C THR O 172 8.24 4.92 -117.96
N THR O 173 7.68 3.78 -117.56
CA THR O 173 8.47 2.57 -117.40
C THR O 173 8.69 1.90 -118.75
N SER O 174 9.63 0.95 -118.78
CA SER O 174 9.92 0.25 -120.03
C SER O 174 8.74 -0.59 -120.49
N LEU O 175 7.94 -1.12 -119.57
CA LEU O 175 6.80 -1.93 -119.95
C LEU O 175 5.76 -1.11 -120.70
N GLY O 176 5.49 0.11 -120.23
CA GLY O 176 4.52 0.96 -120.88
C GLY O 176 3.65 1.75 -119.93
N VAL O 177 3.86 1.57 -118.63
CA VAL O 177 3.09 2.30 -117.62
C VAL O 177 3.56 3.74 -117.58
N VAL O 178 2.63 4.67 -117.76
CA VAL O 178 2.92 6.10 -117.77
C VAL O 178 2.08 6.76 -116.68
N THR O 179 2.75 7.29 -115.66
CA THR O 179 2.08 7.98 -114.56
C THR O 179 2.66 9.37 -114.40
N THR O 180 1.80 10.33 -114.06
CA THR O 180 2.28 11.67 -113.79
C THR O 180 3.10 11.69 -112.50
N LEU O 181 4.05 12.60 -112.44
CA LEU O 181 4.96 12.67 -111.30
C LEU O 181 4.91 14.01 -110.60
N GLU O 182 4.98 15.13 -111.34
CA GLU O 182 4.99 16.43 -110.70
C GLU O 182 4.45 17.47 -111.66
N THR O 183 3.70 18.43 -111.12
CA THR O 183 3.14 19.52 -111.91
C THR O 183 3.38 20.84 -111.21
N HIS O 184 3.52 21.90 -112.01
CA HIS O 184 3.79 23.24 -111.50
C HIS O 184 3.25 24.26 -112.49
N THR O 185 3.12 25.50 -112.02
CA THR O 185 2.74 26.64 -112.85
C THR O 185 3.79 27.72 -112.65
N VAL O 186 4.66 27.90 -113.65
CA VAL O 186 5.80 28.81 -113.51
C VAL O 186 5.84 29.75 -114.69
N SER O 187 6.57 30.86 -114.50
CA SER O 187 6.71 31.86 -115.54
C SER O 187 8.09 32.48 -115.47
N LEU O 188 8.50 33.10 -116.57
CA LEU O 188 9.82 33.71 -116.66
C LEU O 188 9.87 35.12 -116.12
N ALA O 189 8.71 35.72 -115.78
CA ALA O 189 8.71 37.06 -115.22
C ALA O 189 9.31 37.04 -113.81
N GLU O 190 10.05 38.09 -113.48
CA GLU O 190 10.74 38.15 -112.21
C GLU O 190 9.81 38.39 -111.02
N GLU O 191 8.54 38.74 -111.26
CA GLU O 191 7.65 39.10 -110.18
C GLU O 191 6.26 38.47 -110.30
N ALA O 192 6.00 37.68 -111.33
CA ALA O 192 4.68 37.11 -111.53
C ALA O 192 4.34 36.14 -110.40
N LYS O 193 3.06 36.06 -110.06
CA LYS O 193 2.58 35.18 -109.01
C LYS O 193 1.53 34.23 -109.57
N ASP O 194 1.46 33.04 -108.98
CA ASP O 194 0.50 32.03 -109.40
C ASP O 194 -0.87 32.33 -108.79
N ASP O 195 -1.80 31.38 -108.92
CA ASP O 195 -3.14 31.58 -108.40
C ASP O 195 -3.14 31.63 -106.87
N MET O 196 -2.35 30.78 -106.23
CA MET O 196 -2.32 30.72 -104.77
C MET O 196 -1.54 31.86 -104.14
N GLY O 197 -0.82 32.66 -104.93
CA GLY O 197 -0.11 33.80 -104.42
C GLY O 197 1.39 33.61 -104.25
N ARG O 198 1.89 32.39 -104.38
CA ARG O 198 3.31 32.16 -104.23
C ARG O 198 4.07 32.69 -105.44
N LEU O 199 5.38 32.90 -105.25
CA LEU O 199 6.23 33.35 -106.34
C LEU O 199 6.30 32.27 -107.42
N CYS O 200 6.23 32.69 -108.68
CA CYS O 200 6.21 31.76 -109.79
C CYS O 200 7.38 31.95 -110.75
N TYR O 201 8.38 32.74 -110.37
CA TYR O 201 9.61 32.82 -111.16
C TYR O 201 10.23 31.43 -111.25
N LEU O 202 10.70 31.08 -112.45
CA LEU O 202 11.09 29.70 -112.72
C LEU O 202 12.22 29.19 -111.82
N PRO O 203 13.37 29.86 -111.72
CA PRO O 203 14.46 29.28 -110.90
C PRO O 203 14.09 29.09 -109.45
N THR O 204 13.63 30.16 -108.79
CA THR O 204 13.31 30.05 -107.37
C THR O 204 12.14 29.11 -107.13
N ALA O 205 11.13 29.12 -108.01
CA ALA O 205 10.00 28.23 -107.84
C ALA O 205 10.43 26.77 -107.91
N LEU O 206 11.22 26.41 -108.93
CA LEU O 206 11.67 25.04 -109.05
C LEU O 206 12.59 24.66 -107.90
N GLU O 207 13.46 25.58 -107.46
CA GLU O 207 14.38 25.26 -106.37
C GLU O 207 13.64 25.04 -105.06
N ALA O 208 12.57 25.80 -104.82
CA ALA O 208 11.89 25.74 -103.54
C ALA O 208 10.83 24.64 -103.49
N ARG O 209 9.87 24.67 -104.41
CA ARG O 209 8.70 23.81 -104.30
C ARG O 209 8.86 22.47 -105.01
N SER O 210 9.98 22.23 -105.68
CA SER O 210 10.20 20.99 -106.42
C SER O 210 11.49 20.34 -105.95
N LYS O 211 11.43 19.05 -105.66
CA LYS O 211 12.60 18.30 -105.23
C LYS O 211 13.15 17.39 -106.32
N TYR O 212 12.70 17.55 -107.56
CA TYR O 212 13.18 16.76 -108.68
C TYR O 212 13.99 17.56 -109.68
N LEU O 213 13.56 18.79 -109.99
CA LEU O 213 14.15 19.57 -111.06
C LEU O 213 14.89 20.79 -110.50
N ARG O 214 15.75 21.34 -111.34
CA ARG O 214 16.35 22.64 -111.12
C ARG O 214 16.48 23.33 -112.47
N ALA O 215 16.60 24.65 -112.44
CA ALA O 215 16.67 25.40 -113.69
C ALA O 215 17.60 26.59 -113.54
N VAL O 216 18.11 27.05 -114.68
CA VAL O 216 18.90 28.27 -114.76
C VAL O 216 18.41 29.07 -115.96
N VAL O 217 18.67 30.37 -115.92
CA VAL O 217 18.19 31.29 -116.95
C VAL O 217 19.34 32.17 -117.41
N ASN O 218 19.19 32.71 -118.63
CA ASN O 218 20.13 33.68 -119.18
C ASN O 218 19.54 35.07 -119.03
N GLU O 219 20.23 35.93 -118.29
CA GLU O 219 19.67 37.24 -117.98
C GLU O 219 19.47 38.08 -119.23
N GLU O 220 20.42 38.03 -120.17
CA GLU O 220 20.34 38.86 -121.35
C GLU O 220 19.12 38.52 -122.20
N LEU O 221 18.84 37.24 -122.39
CA LEU O 221 17.78 36.80 -123.28
C LEU O 221 16.47 36.51 -122.57
N ILE O 222 16.41 36.67 -121.25
CA ILE O 222 15.19 36.32 -120.52
C ILE O 222 14.07 37.30 -120.80
N SER O 223 14.39 38.52 -121.22
CA SER O 223 13.35 39.52 -121.44
C SER O 223 12.49 39.19 -122.66
N THR O 224 13.13 38.82 -123.77
CA THR O 224 12.44 38.54 -125.02
C THR O 224 12.11 37.06 -125.18
N ALA O 225 12.42 36.24 -124.19
CA ALA O 225 12.20 34.80 -124.31
C ALA O 225 10.70 34.50 -124.37
N LYS O 226 10.34 33.56 -125.24
CA LYS O 226 8.98 33.07 -125.37
C LYS O 226 8.99 31.56 -125.45
N VAL O 227 7.96 30.93 -124.91
CA VAL O 227 7.86 29.48 -124.86
C VAL O 227 6.65 29.03 -125.67
N THR O 228 6.86 28.00 -126.48
CA THR O 228 5.78 27.42 -127.28
C THR O 228 5.16 26.25 -126.52
N ASN O 229 4.34 25.46 -127.20
CA ASN O 229 3.72 24.28 -126.61
C ASN O 229 4.48 23.04 -127.07
N LYS O 230 5.30 22.50 -126.18
CA LYS O 230 6.06 21.29 -126.45
C LYS O 230 5.46 20.12 -125.68
N LYS O 231 5.19 19.03 -126.37
CA LYS O 231 4.52 17.87 -125.80
C LYS O 231 5.46 16.66 -125.85
N SER O 232 5.59 15.98 -124.71
CA SER O 232 6.33 14.72 -124.62
C SER O 232 7.78 14.88 -125.05
N LEU O 233 8.52 15.68 -124.28
CA LEU O 233 9.97 15.75 -124.46
C LEU O 233 10.61 14.51 -123.84
N ALA O 234 11.93 14.46 -123.87
CA ALA O 234 12.64 13.29 -123.38
C ALA O 234 14.03 13.68 -122.89
N PHE O 235 14.31 13.42 -121.62
CA PHE O 235 15.66 13.53 -121.11
C PHE O 235 16.52 12.42 -121.71
N THR O 236 17.79 12.73 -121.97
CA THR O 236 18.70 11.74 -122.52
C THR O 236 20.13 12.08 -122.15
N GLY O 237 20.98 11.07 -122.24
CA GLY O 237 22.40 11.22 -121.94
C GLY O 237 22.79 10.89 -120.52
N GLY O 238 21.83 10.72 -119.62
CA GLY O 238 22.17 10.41 -118.25
C GLY O 238 22.84 9.05 -118.13
N THR O 239 23.82 8.97 -117.22
CA THR O 239 24.61 7.75 -117.10
C THR O 239 25.19 7.70 -115.69
N ASN O 240 24.90 6.60 -114.97
CA ASN O 240 25.45 6.44 -113.63
C ASN O 240 26.91 6.01 -113.65
N GLY O 241 27.42 5.61 -114.80
CA GLY O 241 28.81 5.22 -114.91
C GLY O 241 29.09 3.86 -114.31
N ASP O 242 30.37 3.57 -114.14
CA ASP O 242 30.83 2.34 -113.52
C ASP O 242 30.97 2.57 -112.02
N GLN O 243 30.15 1.89 -111.23
CA GLN O 243 30.20 2.00 -109.78
C GLN O 243 31.01 0.89 -109.14
N SER O 244 31.60 0.00 -109.93
CA SER O 244 32.44 -1.05 -109.36
C SER O 244 33.67 -0.48 -108.70
N LYS O 245 34.34 0.46 -109.36
CA LYS O 245 35.56 1.07 -108.84
C LYS O 245 35.31 2.55 -108.57
N ILE O 246 35.76 3.01 -107.40
CA ILE O 246 35.61 4.40 -107.00
C ILE O 246 36.92 4.85 -106.36
N SER O 247 37.44 5.98 -106.83
CA SER O 247 38.68 6.49 -106.27
C SER O 247 38.49 6.90 -104.82
N THR O 248 39.58 6.83 -104.04
CA THR O 248 39.51 7.20 -102.64
C THR O 248 39.18 8.68 -102.45
N ALA O 249 39.41 9.51 -103.46
CA ALA O 249 39.05 10.92 -103.37
C ALA O 249 37.56 11.11 -103.19
N ALA O 250 36.75 10.34 -103.92
CA ALA O 250 35.30 10.45 -103.78
C ALA O 250 34.85 10.07 -102.38
N TYR O 251 35.41 8.99 -101.83
CA TYR O 251 35.05 8.59 -100.47
C TYR O 251 35.48 9.63 -99.45
N LEU O 252 36.65 10.22 -99.63
CA LEU O 252 37.10 11.27 -98.71
C LEU O 252 36.18 12.49 -98.79
N ARG O 253 35.77 12.88 -99.99
CA ARG O 253 34.85 14.00 -100.11
C ARG O 253 33.52 13.69 -99.45
N ALA O 254 33.02 12.47 -99.63
CA ALA O 254 31.74 12.10 -99.02
C ALA O 254 31.83 12.12 -97.50
N VAL O 255 32.93 11.60 -96.94
CA VAL O 255 33.01 11.59 -95.47
C VAL O 255 33.21 13.00 -94.94
N LYS O 256 33.90 13.87 -95.69
CA LYS O 256 34.00 15.26 -95.27
C LYS O 256 32.63 15.94 -95.25
N VAL O 257 31.81 15.68 -96.27
CA VAL O 257 30.46 16.24 -96.29
C VAL O 257 29.67 15.72 -95.10
N LEU O 258 29.78 14.42 -94.81
CA LEU O 258 29.08 13.85 -93.67
C LEU O 258 29.53 14.48 -92.37
N ASN O 259 30.82 14.78 -92.25
CA ASN O 259 31.32 15.47 -91.06
C ASN O 259 30.70 16.85 -90.92
N ASN O 260 30.64 17.59 -92.02
CA ASN O 260 30.12 18.95 -91.98
C ASN O 260 28.60 19.01 -91.99
N ALA O 261 27.93 17.87 -92.06
CA ALA O 261 26.47 17.86 -92.06
C ALA O 261 25.93 18.49 -90.78
N PRO O 262 24.91 19.35 -90.87
CA PRO O 262 24.32 19.96 -89.67
C PRO O 262 23.15 19.16 -89.11
N TYR O 263 23.43 17.94 -88.66
CA TYR O 263 22.41 17.08 -88.09
C TYR O 263 22.95 16.42 -86.83
N MET O 264 22.13 15.61 -86.20
CA MET O 264 22.49 14.90 -84.97
C MET O 264 22.37 13.40 -85.20
N TYR O 265 23.44 12.67 -84.91
CA TYR O 265 23.39 11.22 -84.97
C TYR O 265 24.36 10.65 -83.96
N THR O 266 24.09 9.40 -83.55
CA THR O 266 24.87 8.73 -82.50
C THR O 266 25.46 7.41 -82.97
N ALA O 267 25.67 7.24 -84.27
CA ALA O 267 26.29 6.03 -84.80
C ALA O 267 26.77 6.31 -86.22
N VAL O 268 27.98 5.89 -86.54
CA VAL O 268 28.62 6.31 -87.78
C VAL O 268 28.83 5.12 -88.71
N LEU O 269 27.86 4.19 -88.71
CA LEU O 269 27.94 2.90 -89.38
C LEU O 269 28.76 2.94 -90.66
N GLY O 270 29.73 2.05 -90.76
CA GLY O 270 30.54 1.93 -91.95
C GLY O 270 29.88 1.09 -93.02
N LEU O 271 28.92 1.67 -93.73
CA LEU O 271 28.09 0.93 -94.67
C LEU O 271 28.95 0.40 -95.83
N GLY O 272 29.25 -0.89 -95.78
CA GLY O 272 29.87 -1.60 -96.89
C GLY O 272 30.97 -0.87 -97.63
N CYS O 273 31.80 -0.13 -96.91
CA CYS O 273 32.89 0.64 -97.51
C CYS O 273 34.19 0.11 -96.92
N TYR O 274 34.89 -0.74 -97.67
CA TYR O 274 36.13 -1.35 -97.22
C TYR O 274 37.33 -0.60 -97.80
N ASP O 275 37.50 0.63 -97.31
CA ASP O 275 38.63 1.46 -97.68
C ASP O 275 39.30 1.98 -96.42
N ASN O 276 40.62 1.83 -96.34
CA ASN O 276 41.33 2.19 -95.12
C ASN O 276 41.21 3.68 -94.82
N ALA O 277 41.34 4.53 -95.84
CA ALA O 277 41.26 5.97 -95.62
C ALA O 277 39.86 6.37 -95.15
N ALA O 278 38.83 5.82 -95.77
CA ALA O 278 37.46 6.15 -95.36
C ALA O 278 37.19 5.68 -93.94
N ILE O 279 37.66 4.48 -93.59
CA ILE O 279 37.44 3.98 -92.23
C ILE O 279 38.16 4.85 -91.22
N THR O 280 39.38 5.28 -91.53
CA THR O 280 40.09 6.18 -90.64
C THR O 280 39.35 7.50 -90.47
N ALA O 281 38.81 8.04 -91.57
CA ALA O 281 38.06 9.29 -91.48
C ALA O 281 36.81 9.12 -90.61
N LEU O 282 36.11 7.99 -90.75
CA LEU O 282 34.94 7.76 -89.92
C LEU O 282 35.32 7.60 -88.44
N GLY O 283 36.47 6.99 -88.18
CA GLY O 283 36.97 6.96 -86.81
C GLY O 283 37.25 8.35 -86.28
N LYS O 284 37.78 9.23 -87.15
CA LYS O 284 37.94 10.63 -86.78
C LYS O 284 36.61 11.25 -86.42
N ILE O 285 35.56 10.94 -87.19
CA ILE O 285 34.24 11.51 -86.90
C ILE O 285 33.76 11.06 -85.53
N CYS O 286 33.94 9.78 -85.22
CA CYS O 286 33.62 9.29 -83.87
C CYS O 286 34.39 10.06 -82.80
N ALA O 287 35.70 10.15 -82.95
CA ALA O 287 36.53 10.78 -81.93
C ALA O 287 36.17 12.26 -81.77
N ASP O 288 35.65 12.88 -82.83
CA ASP O 288 35.34 14.30 -82.75
C ASP O 288 33.97 14.53 -82.11
N ARG O 289 32.95 13.82 -82.59
CA ARG O 289 31.60 14.08 -82.14
C ARG O 289 31.22 13.31 -80.88
N LEU O 290 32.09 12.44 -80.37
CA LEU O 290 31.79 11.61 -79.21
C LEU O 290 30.59 10.71 -79.46
N ILE O 291 30.71 9.85 -80.47
CA ILE O 291 29.66 8.90 -80.82
C ILE O 291 30.28 7.53 -81.02
N ASP O 292 29.48 6.57 -81.50
CA ASP O 292 29.89 5.19 -81.65
C ASP O 292 30.01 4.81 -83.12
N GLY O 293 30.97 3.93 -83.40
CA GLY O 293 31.16 3.44 -84.74
C GLY O 293 31.20 1.93 -84.81
N PHE O 294 30.60 1.35 -85.86
CA PHE O 294 30.55 -0.10 -86.04
C PHE O 294 31.06 -0.43 -87.44
N PHE O 295 32.37 -0.55 -87.59
CA PHE O 295 32.97 -0.86 -88.87
C PHE O 295 33.23 -2.35 -88.98
N ASP O 296 33.59 -2.80 -90.17
CA ASP O 296 33.68 -4.23 -90.38
C ASP O 296 34.66 -4.49 -91.52
N VAL O 297 35.53 -5.48 -91.33
CA VAL O 297 36.57 -5.80 -92.31
C VAL O 297 35.96 -6.60 -93.45
N LYS O 298 36.71 -6.80 -94.53
CA LYS O 298 36.17 -7.51 -95.68
C LYS O 298 35.71 -8.89 -95.26
N PRO O 299 34.44 -9.24 -95.44
CA PRO O 299 33.96 -10.53 -94.98
C PRO O 299 34.20 -11.65 -95.98
N THR O 300 35.39 -11.66 -96.58
CA THR O 300 35.83 -12.75 -97.43
C THR O 300 37.27 -13.16 -97.13
N LEU O 301 37.81 -12.70 -96.01
CA LEU O 301 39.17 -13.04 -95.61
C LEU O 301 39.14 -14.23 -94.66
N THR O 302 40.15 -15.08 -94.78
CA THR O 302 40.27 -16.21 -93.88
C THR O 302 40.62 -15.73 -92.48
N TYR O 303 40.42 -16.61 -91.50
CA TYR O 303 40.69 -16.25 -90.11
C TYR O 303 42.15 -15.91 -89.89
N ALA O 304 43.05 -16.42 -90.75
CA ALA O 304 44.46 -16.08 -90.63
C ALA O 304 44.73 -14.64 -91.05
N GLU O 305 44.13 -14.20 -92.16
CA GLU O 305 44.36 -12.84 -92.64
C GLU O 305 43.46 -11.81 -91.99
N ALA O 306 42.45 -12.23 -91.22
CA ALA O 306 41.57 -11.26 -90.59
C ALA O 306 42.33 -10.42 -89.56
N LEU O 307 43.22 -11.03 -88.80
CA LEU O 307 43.93 -10.29 -87.75
C LEU O 307 44.82 -9.18 -88.29
N PRO O 308 45.70 -9.39 -89.28
CA PRO O 308 46.48 -8.25 -89.78
C PRO O 308 45.64 -7.20 -90.46
N ALA O 309 44.48 -7.56 -91.04
CA ALA O 309 43.64 -6.55 -91.67
C ALA O 309 43.07 -5.58 -90.65
N VAL O 310 42.82 -6.04 -89.43
CA VAL O 310 42.31 -5.14 -88.39
C VAL O 310 43.36 -4.10 -88.02
N GLU O 311 44.63 -4.51 -87.94
CA GLU O 311 45.70 -3.55 -87.73
C GLU O 311 45.82 -2.61 -88.92
N ASP O 312 45.64 -3.15 -90.13
CA ASP O 312 45.75 -2.33 -91.34
C ASP O 312 44.69 -1.24 -91.35
N THR O 313 43.46 -1.57 -90.96
CA THR O 313 42.35 -0.64 -91.10
C THR O 313 42.55 0.64 -90.31
N GLY O 314 43.44 0.66 -89.32
CA GLY O 314 44.00 1.89 -88.82
C GLY O 314 43.49 2.39 -87.49
N LEU O 315 42.36 1.89 -86.99
CA LEU O 315 41.86 2.44 -85.73
C LEU O 315 42.53 1.87 -84.49
N LEU O 316 43.40 0.89 -84.63
CA LEU O 316 44.05 0.30 -83.46
C LEU O 316 44.99 1.31 -82.84
N GLY O 317 44.58 1.84 -81.69
CA GLY O 317 45.38 2.80 -80.95
C GLY O 317 44.72 3.19 -79.65
N THR O 318 44.86 4.45 -79.26
CA THR O 318 44.21 4.96 -78.06
C THR O 318 43.27 6.12 -78.34
N ASP O 319 43.27 6.67 -79.55
CA ASP O 319 42.40 7.80 -79.86
C ASP O 319 40.96 7.35 -80.10
N TYR O 320 40.77 6.21 -80.76
CA TYR O 320 39.45 5.71 -81.09
C TYR O 320 39.08 4.61 -80.10
N VAL O 321 38.42 5.00 -79.01
CA VAL O 321 38.08 4.07 -77.96
C VAL O 321 36.62 3.62 -78.02
N SER O 322 35.86 4.04 -79.01
CA SER O 322 34.45 3.71 -79.10
C SER O 322 34.09 3.02 -80.41
N CYS O 323 35.05 2.69 -81.25
CA CYS O 323 34.77 2.10 -82.55
C CYS O 323 35.04 0.60 -82.52
N SER O 324 34.03 -0.18 -82.88
CA SER O 324 34.13 -1.63 -82.92
C SER O 324 34.36 -2.11 -84.34
N VAL O 325 35.07 -3.23 -84.48
CA VAL O 325 35.38 -3.82 -85.77
C VAL O 325 34.85 -5.25 -85.78
N TYR O 326 34.12 -5.59 -86.84
CA TYR O 326 33.50 -6.90 -86.95
C TYR O 326 34.03 -7.65 -88.16
N HIS O 327 33.62 -8.92 -88.25
CA HIS O 327 34.08 -9.81 -89.31
C HIS O 327 33.10 -10.98 -89.38
N TYR O 328 32.48 -11.18 -90.55
CA TYR O 328 31.42 -12.17 -90.71
C TYR O 328 31.68 -13.00 -91.97
N PRO O 329 32.58 -13.98 -91.91
CA PRO O 329 32.89 -14.80 -93.09
C PRO O 329 31.88 -15.93 -93.30
N PHE O 330 30.68 -15.56 -93.74
CA PHE O 330 29.62 -16.53 -93.99
C PHE O 330 28.85 -16.12 -95.23
N SER O 331 28.20 -17.10 -95.85
CA SER O 331 27.36 -16.85 -97.01
C SER O 331 25.90 -16.83 -96.59
N CYS O 332 25.07 -16.29 -97.48
CA CYS O 332 23.65 -16.15 -97.16
C CYS O 332 22.87 -16.07 -98.46
N LYS O 333 21.55 -16.28 -98.35
CA LYS O 333 20.65 -16.21 -99.48
C LYS O 333 19.93 -14.87 -99.45
N ASP O 334 20.04 -14.11 -100.54
CA ASP O 334 19.54 -12.75 -100.55
C ASP O 334 18.01 -12.72 -100.48
N LYS O 335 17.48 -11.64 -99.90
CA LYS O 335 16.05 -11.53 -99.71
C LYS O 335 15.33 -11.21 -101.02
N TRP O 336 15.94 -10.38 -101.87
CA TRP O 336 15.26 -9.89 -103.06
C TRP O 336 15.56 -10.73 -104.29
N THR O 337 16.84 -10.85 -104.66
CA THR O 337 17.18 -11.49 -105.92
C THR O 337 17.28 -13.01 -105.81
N GLN O 338 17.26 -13.57 -104.61
CA GLN O 338 17.34 -15.01 -104.39
C GLN O 338 18.63 -15.60 -105.01
N SER O 339 19.76 -15.18 -104.45
CA SER O 339 21.06 -15.64 -104.93
C SER O 339 22.00 -15.79 -103.74
N ARG O 340 23.23 -16.22 -104.02
CA ARG O 340 24.24 -16.42 -102.99
C ARG O 340 25.10 -15.17 -102.90
N VAL O 341 24.96 -14.44 -101.80
CA VAL O 341 25.68 -13.18 -101.60
C VAL O 341 26.33 -13.20 -100.22
N VAL O 342 27.35 -12.37 -100.06
CA VAL O 342 28.03 -12.18 -98.78
C VAL O 342 28.14 -10.69 -98.51
N PHE O 343 27.80 -10.28 -97.29
CA PHE O 343 28.00 -8.90 -96.89
C PHE O 343 28.28 -8.88 -95.39
N GLY O 344 28.41 -7.68 -94.83
CA GLY O 344 29.00 -7.49 -93.52
C GLY O 344 28.00 -7.55 -92.38
N LEU O 345 28.41 -6.99 -91.26
CA LEU O 345 27.66 -7.09 -90.00
C LEU O 345 27.41 -5.75 -89.34
N SER O 346 27.75 -4.64 -89.98
CA SER O 346 27.56 -3.34 -89.36
C SER O 346 26.09 -3.06 -89.07
N GLY O 347 25.22 -3.40 -90.03
CA GLY O 347 23.80 -3.16 -89.82
C GLY O 347 23.25 -3.94 -88.63
N VAL O 348 23.63 -5.21 -88.52
CA VAL O 348 23.13 -6.02 -87.41
C VAL O 348 23.71 -5.55 -86.09
N ALA O 349 24.98 -5.12 -86.08
CA ALA O 349 25.56 -4.58 -84.87
C ALA O 349 24.80 -3.34 -84.41
N TYR O 350 24.48 -2.44 -85.34
CA TYR O 350 23.73 -1.25 -84.95
C TYR O 350 22.31 -1.61 -84.51
N ALA O 351 21.70 -2.62 -85.14
CA ALA O 351 20.37 -3.04 -84.70
C ALA O 351 20.42 -3.56 -83.27
N ALA O 352 21.47 -4.31 -82.93
CA ALA O 352 21.65 -4.75 -81.55
C ALA O 352 21.80 -3.55 -80.61
N LYS O 353 22.60 -2.57 -81.00
CA LYS O 353 22.79 -1.40 -80.14
C LYS O 353 21.49 -0.65 -79.93
N ALA O 354 20.68 -0.52 -80.99
CA ALA O 354 19.40 0.18 -80.86
C ALA O 354 18.43 -0.59 -80.00
N ARG O 355 18.38 -1.92 -80.16
CA ARG O 355 17.54 -2.72 -79.27
C ARG O 355 17.96 -2.54 -77.83
N GLY O 356 19.26 -2.43 -77.57
CA GLY O 356 19.72 -2.18 -76.22
C GLY O 356 19.32 -0.79 -75.72
N VAL O 357 19.45 0.22 -76.57
CA VAL O 357 19.19 1.59 -76.14
C VAL O 357 17.70 1.87 -75.99
N LYS O 358 16.83 1.04 -76.56
CA LYS O 358 15.40 1.24 -76.42
C LYS O 358 14.79 0.55 -75.21
N LYS O 359 15.61 -0.07 -74.36
CA LYS O 359 15.06 -0.77 -73.19
C LYS O 359 14.54 0.21 -72.15
N ASN O 360 15.41 1.08 -71.65
CA ASN O 360 15.01 2.10 -70.70
C ASN O 360 14.34 3.25 -71.45
N SER O 361 13.31 3.83 -70.83
CA SER O 361 12.55 4.89 -71.46
C SER O 361 12.90 6.28 -70.97
N ASP O 362 13.33 6.43 -69.72
CA ASP O 362 13.63 7.75 -69.17
C ASP O 362 14.90 8.31 -69.79
N VAL O 363 16.03 7.63 -69.57
CA VAL O 363 17.32 8.06 -70.11
C VAL O 363 17.82 7.14 -71.20
N GLY O 364 17.18 6.00 -71.42
CA GLY O 364 17.63 5.07 -72.44
C GLY O 364 18.76 4.21 -71.91
N GLY O 365 18.73 2.92 -72.21
CA GLY O 365 19.75 2.03 -71.68
C GLY O 365 20.97 1.99 -72.56
N TRP O 366 22.00 2.76 -72.19
CA TRP O 366 23.26 2.73 -72.90
C TRP O 366 24.23 1.72 -72.34
N HIS O 367 23.91 1.08 -71.22
CA HIS O 367 24.82 0.15 -70.57
C HIS O 367 24.64 -1.28 -71.03
N TYR O 368 23.75 -1.54 -72.00
CA TYR O 368 23.56 -2.88 -72.52
C TYR O 368 24.56 -3.12 -73.65
N SER O 369 25.34 -4.18 -73.53
CA SER O 369 26.30 -4.50 -74.57
C SER O 369 25.58 -4.97 -75.82
N PRO O 370 26.12 -4.68 -77.01
CA PRO O 370 25.52 -5.13 -78.27
C PRO O 370 25.85 -6.57 -78.62
N ALA O 371 25.60 -7.49 -77.69
CA ALA O 371 25.84 -8.90 -77.92
C ALA O 371 24.97 -9.70 -76.97
N GLY O 372 24.82 -10.98 -77.29
CA GLY O 372 24.04 -11.89 -76.48
C GLY O 372 23.10 -12.70 -77.33
N GLU O 373 22.17 -13.38 -76.67
CA GLU O 373 21.18 -14.19 -77.35
C GLU O 373 19.79 -13.58 -77.37
N GLU O 374 19.59 -12.45 -76.70
CA GLU O 374 18.29 -11.79 -76.68
C GLU O 374 18.30 -10.42 -77.35
N ARG O 375 19.46 -9.95 -77.80
CA ARG O 375 19.56 -8.62 -78.39
C ARG O 375 20.40 -8.55 -79.64
N ALA O 376 21.01 -9.64 -80.10
CA ALA O 376 21.94 -9.56 -81.21
C ALA O 376 21.80 -10.74 -82.17
N VAL O 377 20.60 -11.33 -82.25
CA VAL O 377 20.40 -12.44 -83.16
C VAL O 377 20.55 -11.96 -84.61
N ILE O 378 21.06 -12.82 -85.46
CA ILE O 378 21.28 -12.51 -86.87
C ILE O 378 20.22 -13.26 -87.68
N ALA O 379 19.43 -12.51 -88.43
CA ALA O 379 18.36 -13.08 -89.24
C ALA O 379 18.81 -13.10 -90.70
N ARG O 380 19.08 -14.29 -91.22
CA ARG O 380 19.45 -14.47 -92.61
C ARG O 380 18.69 -15.68 -93.14
N ALA O 381 19.08 -16.14 -94.33
CA ALA O 381 18.43 -17.27 -94.97
C ALA O 381 19.49 -18.26 -95.44
N SER O 382 19.44 -19.48 -94.92
CA SER O 382 20.31 -20.57 -95.34
C SER O 382 21.79 -20.20 -95.21
N ILE O 383 22.18 -19.87 -93.98
CA ILE O 383 23.57 -19.50 -93.70
C ILE O 383 24.45 -20.72 -93.94
N GLN O 384 25.41 -20.58 -94.86
CA GLN O 384 26.32 -21.66 -95.20
C GLN O 384 27.75 -21.15 -95.03
N PRO O 385 28.53 -21.69 -94.11
CA PRO O 385 29.85 -21.13 -93.83
C PRO O 385 30.75 -21.13 -95.06
N LEU O 386 31.56 -20.09 -95.18
CA LEU O 386 32.44 -19.95 -96.34
C LEU O 386 33.62 -20.91 -96.25
N TYR O 387 34.20 -21.06 -95.07
CA TYR O 387 35.38 -21.91 -94.86
C TYR O 387 35.08 -22.89 -93.74
N PRO O 388 34.32 -23.95 -94.02
CA PRO O 388 34.00 -24.92 -92.97
C PRO O 388 35.23 -25.64 -92.42
N GLU O 389 36.32 -25.72 -93.19
CA GLU O 389 37.49 -26.47 -92.72
C GLU O 389 38.35 -25.69 -91.74
N ASP O 390 38.11 -24.40 -91.57
CA ASP O 390 38.93 -23.59 -90.68
C ASP O 390 38.30 -23.51 -89.30
N THR O 391 38.98 -22.83 -88.37
CA THR O 391 38.54 -22.71 -87.00
C THR O 391 38.97 -21.35 -86.47
N PRO O 392 38.17 -20.74 -85.58
CA PRO O 392 38.56 -19.45 -85.02
C PRO O 392 39.76 -19.58 -84.10
N ASP O 393 40.28 -18.42 -83.70
CA ASP O 393 41.51 -18.27 -82.93
C ASP O 393 41.25 -17.46 -81.67
N GLU O 394 40.24 -17.88 -80.89
CA GLU O 394 39.66 -17.06 -79.82
C GLU O 394 40.65 -16.18 -79.07
N GLU O 395 41.77 -16.75 -78.61
CA GLU O 395 42.74 -15.96 -77.86
C GLU O 395 43.37 -14.89 -78.75
N ALA O 396 43.77 -15.25 -79.96
CA ALA O 396 44.35 -14.27 -80.87
C ALA O 396 43.33 -13.19 -81.21
N MET O 397 42.08 -13.57 -81.44
CA MET O 397 41.05 -12.59 -81.74
C MET O 397 40.84 -11.61 -80.59
N VAL O 398 40.79 -12.12 -79.36
CA VAL O 398 40.59 -11.23 -78.21
C VAL O 398 41.78 -10.31 -78.05
N LYS O 399 43.00 -10.82 -78.27
CA LYS O 399 44.15 -9.95 -78.16
C LYS O 399 44.19 -8.91 -79.28
N GLY O 400 43.68 -9.25 -80.47
CA GLY O 400 43.65 -8.34 -81.59
C GLY O 400 42.40 -7.51 -81.71
N ARG O 401 41.49 -7.58 -80.75
CA ARG O 401 40.29 -6.75 -80.71
C ARG O 401 39.43 -6.95 -81.96
N LEU O 402 38.92 -8.17 -82.10
CA LEU O 402 38.07 -8.54 -83.23
C LEU O 402 36.89 -9.34 -82.68
N ASN O 403 35.69 -8.76 -82.78
CA ASN O 403 34.51 -9.46 -82.32
C ASN O 403 34.19 -10.64 -83.24
N LYS O 404 33.73 -11.74 -82.66
CA LYS O 404 33.52 -12.98 -83.38
C LYS O 404 32.07 -13.43 -83.25
N VAL O 405 31.58 -14.09 -84.29
CA VAL O 405 30.25 -14.67 -84.28
C VAL O 405 30.34 -16.09 -83.74
N SER O 406 29.18 -16.62 -83.35
CA SER O 406 29.11 -17.97 -82.82
C SER O 406 27.71 -18.52 -83.08
N VAL O 407 27.42 -19.66 -82.50
CA VAL O 407 26.10 -20.27 -82.57
C VAL O 407 25.58 -20.40 -81.15
N GLY O 408 24.60 -19.58 -80.80
CA GLY O 408 24.02 -19.61 -79.48
C GLY O 408 23.00 -20.71 -79.34
N THR O 409 22.17 -20.60 -78.30
CA THR O 409 21.12 -21.57 -78.09
C THR O 409 20.08 -21.49 -79.21
N SER O 410 19.43 -22.62 -79.45
CA SER O 410 18.37 -22.78 -80.46
C SER O 410 18.92 -22.77 -81.88
N GLY O 411 20.20 -22.46 -82.05
CA GLY O 411 20.85 -22.61 -83.33
C GLY O 411 20.88 -21.39 -84.23
N GLN O 412 20.50 -20.22 -83.75
CA GLN O 412 20.65 -19.00 -84.54
C GLN O 412 21.99 -18.35 -84.24
N MET O 413 22.68 -17.92 -85.29
CA MET O 413 23.95 -17.25 -85.13
C MET O 413 23.76 -15.95 -84.36
N ILE O 414 24.72 -15.63 -83.49
CA ILE O 414 24.67 -14.42 -82.69
C ILE O 414 26.04 -13.77 -82.68
N ILE O 415 26.09 -12.55 -82.17
CA ILE O 415 27.35 -11.85 -81.90
C ILE O 415 27.71 -12.10 -80.45
N ASP O 416 28.95 -12.52 -80.21
CA ASP O 416 29.37 -12.95 -78.88
C ASP O 416 30.61 -12.22 -78.40
N ASP O 417 30.69 -10.92 -78.65
CA ASP O 417 31.75 -10.11 -78.07
C ASP O 417 31.35 -8.64 -78.13
N ALA O 418 31.95 -7.86 -77.24
CA ALA O 418 31.69 -6.43 -77.13
C ALA O 418 33.00 -5.68 -76.94
N LEU O 419 34.00 -6.02 -77.74
CA LEU O 419 35.33 -5.43 -77.60
C LEU O 419 35.52 -4.31 -78.60
N THR O 420 36.07 -3.20 -78.13
CA THR O 420 36.34 -2.04 -78.96
C THR O 420 37.75 -2.12 -79.54
N CYS O 421 38.22 -1.02 -80.11
CA CYS O 421 39.54 -0.97 -80.72
C CYS O 421 40.62 -0.47 -79.78
N CYS O 422 40.28 -0.21 -78.52
CA CYS O 422 41.29 0.23 -77.56
C CYS O 422 42.28 -0.90 -77.29
N THR O 423 43.57 -0.57 -77.26
CA THR O 423 44.59 -1.58 -76.99
C THR O 423 44.92 -1.71 -75.52
N GLN O 424 44.77 -0.64 -74.75
CA GLN O 424 45.06 -0.69 -73.33
C GLN O 424 44.10 -1.63 -72.63
N ASP O 425 44.63 -2.38 -71.66
CA ASP O 425 43.83 -3.37 -70.94
C ASP O 425 43.28 -2.75 -69.67
N ASN O 426 42.17 -2.03 -69.83
CA ASN O 426 41.46 -1.42 -68.70
C ASN O 426 39.97 -1.51 -68.99
N TYR O 427 39.18 -0.73 -68.24
CA TYR O 427 37.74 -0.76 -68.43
C TYR O 427 37.31 -0.19 -69.77
N LEU O 428 38.20 0.46 -70.51
CA LEU O 428 37.80 1.18 -71.70
C LEU O 428 37.64 0.29 -72.93
N HIS O 429 38.15 -0.94 -72.90
CA HIS O 429 38.06 -1.75 -74.11
C HIS O 429 36.74 -2.50 -74.22
N PHE O 430 35.93 -2.53 -73.17
CA PHE O 430 34.57 -3.03 -73.32
C PHE O 430 33.72 -2.03 -74.07
N GLN O 431 32.61 -2.51 -74.61
CA GLN O 431 31.83 -1.65 -75.51
C GLN O 431 30.92 -0.69 -74.76
N HIS O 432 30.30 -1.14 -73.67
CA HIS O 432 29.25 -0.32 -73.07
C HIS O 432 29.81 0.87 -72.30
N VAL O 433 31.01 0.75 -71.73
CA VAL O 433 31.56 1.84 -70.92
C VAL O 433 31.79 3.11 -71.74
N PRO O 434 32.47 3.08 -72.89
CA PRO O 434 32.61 4.32 -73.66
C PRO O 434 31.29 4.91 -74.10
N SER O 435 30.30 4.09 -74.44
CA SER O 435 29.02 4.62 -74.86
C SER O 435 28.34 5.38 -73.74
N LEU O 436 28.33 4.80 -72.54
CA LEU O 436 27.72 5.47 -71.39
C LEU O 436 28.46 6.76 -71.06
N MET O 437 29.79 6.71 -71.03
CA MET O 437 30.55 7.92 -70.72
C MET O 437 30.32 9.00 -71.76
N ASN O 438 30.21 8.61 -73.03
CA ASN O 438 29.98 9.59 -74.09
C ASN O 438 28.58 10.19 -73.98
N ALA O 439 27.59 9.40 -73.59
CA ALA O 439 26.27 9.97 -73.36
C ALA O 439 26.31 11.02 -72.27
N ILE O 440 26.98 10.72 -71.16
CA ILE O 440 27.09 11.69 -70.08
C ILE O 440 27.82 12.94 -70.57
N SER O 441 28.90 12.76 -71.34
CA SER O 441 29.66 13.90 -71.81
C SER O 441 28.85 14.78 -72.75
N ARG O 442 28.05 14.18 -73.64
CA ARG O 442 27.22 14.98 -74.52
C ARG O 442 26.20 15.78 -73.75
N PHE O 443 25.57 15.17 -72.74
CA PHE O 443 24.64 15.93 -71.91
C PHE O 443 25.36 17.08 -71.21
N PHE O 444 26.59 16.84 -70.72
CA PHE O 444 27.32 17.92 -70.07
C PHE O 444 27.60 19.06 -71.03
N VAL O 445 28.00 18.73 -72.26
CA VAL O 445 28.28 19.78 -73.22
C VAL O 445 27.05 20.62 -73.46
N GLN O 446 25.89 19.97 -73.61
CA GLN O 446 24.66 20.73 -73.79
C GLN O 446 24.41 21.66 -72.61
N LEU O 447 24.51 21.12 -71.39
CA LEU O 447 24.20 21.92 -70.20
C LEU O 447 25.15 23.10 -70.06
N ALA O 448 26.45 22.87 -70.24
CA ALA O 448 27.41 23.95 -70.08
C ALA O 448 27.28 24.99 -71.17
N ARG O 449 26.98 24.56 -72.40
CA ARG O 449 26.75 25.53 -73.47
C ARG O 449 25.55 26.41 -73.13
N GLN O 450 24.50 25.82 -72.56
CA GLN O 450 23.35 26.63 -72.17
C GLN O 450 23.68 27.56 -71.01
N MET O 451 24.56 27.14 -70.11
CA MET O 451 24.80 27.86 -68.87
C MET O 451 26.05 28.74 -68.92
N LYS O 452 26.67 28.88 -70.09
CA LYS O 452 27.84 29.73 -70.21
C LYS O 452 27.48 31.20 -70.00
N HIS O 453 28.49 31.97 -69.57
CA HIS O 453 28.44 33.43 -69.46
C HIS O 453 27.53 33.92 -68.34
N SER O 454 27.31 33.13 -67.32
CA SER O 454 26.51 33.57 -66.19
C SER O 454 27.41 33.87 -64.99
N PRO O 455 26.94 34.69 -64.05
CA PRO O 455 27.72 34.94 -62.84
C PRO O 455 27.86 33.67 -62.01
N ASP O 456 28.90 33.66 -61.16
CA ASP O 456 29.26 32.43 -60.46
C ASP O 456 28.15 31.97 -59.53
N GLY O 457 27.42 32.90 -58.92
CA GLY O 457 26.37 32.52 -58.00
C GLY O 457 25.32 31.64 -58.64
N ILE O 458 24.85 32.03 -59.83
CA ILE O 458 23.91 31.20 -60.57
C ILE O 458 24.61 29.96 -61.12
N THR O 459 25.85 30.13 -61.60
CA THR O 459 26.51 29.07 -62.35
C THR O 459 26.78 27.85 -61.48
N ALA O 460 27.31 28.06 -60.27
CA ALA O 460 27.64 26.93 -59.41
C ALA O 460 26.41 26.12 -59.07
N ALA O 461 25.35 26.79 -58.61
CA ALA O 461 24.13 26.10 -58.25
C ALA O 461 23.52 25.39 -59.44
N GLY O 462 23.49 26.04 -60.60
CA GLY O 462 22.90 25.41 -61.76
C GLY O 462 23.65 24.18 -62.22
N LEU O 463 24.98 24.28 -62.30
CA LEU O 463 25.78 23.13 -62.69
C LEU O 463 25.61 21.97 -61.72
N THR O 464 25.68 22.27 -60.42
CA THR O 464 25.56 21.20 -59.43
C THR O 464 24.18 20.54 -59.52
N LYS O 465 23.12 21.34 -59.64
CA LYS O 465 21.77 20.77 -59.70
C LYS O 465 21.59 19.90 -60.93
N GLY O 466 22.01 20.42 -62.09
CA GLY O 466 21.83 19.66 -63.33
C GLY O 466 22.60 18.35 -63.31
N MET O 467 23.87 18.40 -62.92
CA MET O 467 24.66 17.18 -62.90
C MET O 467 24.16 16.19 -61.87
N THR O 468 23.78 16.67 -60.67
CA THR O 468 23.26 15.76 -59.67
C THR O 468 22.00 15.08 -60.16
N LYS O 469 21.10 15.83 -60.79
CA LYS O 469 19.86 15.23 -61.30
C LYS O 469 20.16 14.19 -62.37
N LEU O 470 21.06 14.50 -63.31
CA LEU O 470 21.34 13.56 -64.39
C LEU O 470 21.97 12.27 -63.85
N LEU O 471 22.95 12.41 -62.96
CA LEU O 471 23.61 11.21 -62.45
C LEU O 471 22.68 10.40 -61.56
N ASP O 472 21.78 11.06 -60.83
CA ASP O 472 20.78 10.31 -60.07
C ASP O 472 19.85 9.55 -61.00
N ARG O 473 19.48 10.16 -62.13
CA ARG O 473 18.66 9.45 -63.10
C ARG O 473 19.38 8.21 -63.62
N PHE O 474 20.68 8.35 -63.91
CA PHE O 474 21.43 7.19 -64.39
C PHE O 474 21.52 6.10 -63.33
N VAL O 475 21.79 6.46 -62.09
CA VAL O 475 21.91 5.46 -61.02
C VAL O 475 20.57 4.74 -60.84
N ALA O 476 19.47 5.49 -60.86
CA ALA O 476 18.15 4.85 -60.75
C ALA O 476 17.90 3.94 -61.94
N SER O 477 18.38 4.32 -63.13
CA SER O 477 18.28 3.45 -64.29
C SER O 477 19.03 2.14 -64.06
N GLY O 478 20.21 2.22 -63.45
CA GLY O 478 20.99 1.05 -63.12
C GLY O 478 22.30 0.92 -63.85
N ALA O 479 22.77 1.97 -64.50
CA ALA O 479 24.04 1.92 -65.22
C ALA O 479 25.25 2.16 -64.33
N LEU O 480 25.05 2.61 -63.11
CA LEU O 480 26.15 2.81 -62.16
C LEU O 480 25.84 2.05 -60.88
N VAL O 481 26.85 1.39 -60.32
CA VAL O 481 26.71 0.60 -59.11
C VAL O 481 27.78 1.03 -58.11
N ALA O 482 27.67 0.50 -56.90
CA ALA O 482 28.60 0.83 -55.85
C ALA O 482 30.01 0.37 -56.24
N PRO O 483 31.05 1.05 -55.76
CA PRO O 483 32.41 0.70 -56.16
C PRO O 483 32.78 -0.70 -55.71
N ARG O 484 33.73 -1.31 -56.43
CA ARG O 484 34.11 -2.69 -56.16
C ARG O 484 34.70 -2.84 -54.76
N ASP O 485 35.54 -1.89 -54.35
CA ASP O 485 36.19 -1.97 -53.04
C ASP O 485 35.73 -0.81 -52.17
N PRO O 486 34.68 -0.98 -51.37
CA PRO O 486 34.14 0.12 -50.56
C PRO O 486 34.99 0.42 -49.32
N ASP O 487 36.29 0.50 -49.50
CA ASP O 487 37.22 0.83 -48.41
C ASP O 487 38.02 2.08 -48.68
N ALA O 488 38.52 2.26 -49.90
CA ALA O 488 39.32 3.43 -50.26
C ALA O 488 38.49 4.48 -50.98
N ASP O 489 37.86 4.11 -52.08
CA ASP O 489 37.10 5.07 -52.90
C ASP O 489 35.64 5.12 -52.50
N GLY O 490 35.38 5.35 -51.22
CA GLY O 490 34.04 5.56 -50.69
C GLY O 490 33.06 4.45 -51.04
N THR O 491 31.77 4.80 -50.96
CA THR O 491 30.72 3.85 -51.28
C THR O 491 29.59 4.50 -52.10
N GLU O 492 29.87 5.58 -52.81
CA GLU O 492 28.83 6.16 -53.62
C GLU O 492 29.09 5.88 -55.09
N PRO O 493 28.04 5.63 -55.89
CA PRO O 493 28.26 5.31 -57.31
C PRO O 493 28.99 6.40 -58.07
N TYR O 494 28.72 7.66 -57.75
CA TYR O 494 29.32 8.80 -58.44
C TYR O 494 29.75 9.85 -57.43
N VAL O 495 30.85 10.52 -57.76
CA VAL O 495 31.38 11.61 -56.96
C VAL O 495 31.50 12.83 -57.86
N LEU O 496 30.93 13.95 -57.42
CA LEU O 496 30.86 15.17 -58.21
C LEU O 496 31.65 16.28 -57.52
N LYS O 497 32.33 17.10 -58.31
CA LYS O 497 33.09 18.21 -57.75
C LYS O 497 33.10 19.35 -58.76
N VAL O 498 32.42 20.44 -58.43
CA VAL O 498 32.39 21.65 -59.24
C VAL O 498 33.22 22.70 -58.52
N THR O 499 34.21 23.25 -59.20
CA THR O 499 35.13 24.17 -58.56
C THR O 499 35.48 25.32 -59.49
N GLN O 500 36.08 26.35 -58.91
CA GLN O 500 36.57 27.51 -59.65
C GLN O 500 38.09 27.51 -59.59
N ALA O 501 38.71 27.60 -60.76
CA ALA O 501 40.17 27.58 -60.84
C ALA O 501 40.78 28.97 -60.93
N GLU O 502 40.15 29.88 -61.64
CA GLU O 502 40.54 31.30 -61.65
C GLU O 502 39.25 32.11 -61.79
N PHE O 503 39.37 33.35 -62.24
CA PHE O 503 38.21 34.19 -62.44
C PHE O 503 37.15 33.50 -63.28
N ASP O 504 37.55 32.80 -64.34
CA ASP O 504 36.59 32.04 -65.14
C ASP O 504 37.28 30.79 -65.67
N LYS O 505 37.22 29.71 -64.88
CA LYS O 505 37.71 28.41 -65.33
C LYS O 505 36.86 27.30 -64.72
N TRP O 506 35.57 27.53 -64.58
CA TRP O 506 34.70 26.59 -63.88
C TRP O 506 34.95 25.16 -64.33
N GLU O 507 35.44 24.32 -63.41
CA GLU O 507 35.90 22.98 -63.72
C GLU O 507 35.01 21.97 -63.01
N VAL O 508 34.47 21.02 -63.78
CA VAL O 508 33.58 20.00 -63.27
C VAL O 508 34.27 18.66 -63.42
N VAL O 509 34.40 17.93 -62.32
CA VAL O 509 35.01 16.60 -62.32
C VAL O 509 34.00 15.63 -61.73
N TRP O 510 33.59 14.64 -62.52
CA TRP O 510 32.67 13.61 -62.07
C TRP O 510 33.30 12.25 -62.28
N ALA O 511 33.25 11.42 -61.25
CA ALA O 511 33.79 10.06 -61.30
C ALA O 511 32.65 9.08 -61.07
N CYS O 512 32.51 8.12 -61.96
CA CYS O 512 31.40 7.17 -61.91
C CYS O 512 31.94 5.74 -61.89
N CYS O 513 31.20 4.84 -61.25
CA CYS O 513 31.55 3.44 -61.30
C CYS O 513 30.61 2.70 -62.24
N PRO O 514 31.06 2.29 -63.43
CA PRO O 514 30.15 1.66 -64.38
C PRO O 514 29.81 0.23 -63.99
N THR O 515 28.74 -0.28 -64.59
CA THR O 515 28.30 -1.64 -64.33
C THR O 515 29.29 -2.64 -64.89
N GLY O 516 29.19 -3.88 -64.40
CA GLY O 516 30.03 -4.95 -64.86
C GLY O 516 29.29 -5.91 -65.75
N VAL O 517 29.72 -6.00 -67.01
CA VAL O 517 29.16 -6.99 -67.91
C VAL O 517 29.49 -8.39 -67.41
N ALA O 518 28.73 -9.36 -67.87
CA ALA O 518 28.92 -10.77 -67.49
C ALA O 518 29.35 -11.53 -68.73
N ARG O 519 30.65 -11.54 -68.99
CA ARG O 519 31.21 -12.19 -70.17
C ARG O 519 31.69 -13.60 -69.90
N ARG O 520 32.33 -13.84 -68.76
CA ARG O 520 32.83 -15.16 -68.40
C ARG O 520 32.14 -15.61 -67.12
N ILE O 521 31.50 -16.77 -67.18
CA ILE O 521 30.80 -17.34 -66.03
C ILE O 521 31.40 -18.71 -65.74
N GLN O 522 31.82 -18.93 -64.50
CA GLN O 522 32.46 -20.17 -64.09
C GLN O 522 31.74 -20.76 -62.89
N GLY O 523 31.49 -22.06 -62.95
CA GLY O 523 30.85 -22.78 -61.85
C GLY O 523 31.81 -23.79 -61.25
N VAL O 524 31.86 -23.83 -59.93
CA VAL O 524 32.74 -24.72 -59.19
C VAL O 524 31.89 -25.58 -58.26
N PRO O 525 31.51 -26.77 -58.68
CA PRO O 525 30.73 -27.65 -57.79
C PRO O 525 31.60 -28.14 -56.64
N LEU O 526 30.94 -28.45 -55.53
CA LEU O 526 31.62 -28.92 -54.33
C LEU O 526 30.81 -30.05 -53.70
N LEU O 527 31.48 -30.80 -52.84
CA LEU O 527 30.84 -31.85 -52.06
C LEU O 527 31.12 -31.60 -50.59
N ILE O 528 30.10 -31.80 -49.75
CA ILE O 528 30.18 -31.52 -48.31
C ILE O 528 30.22 -32.85 -47.57
N LYS O 529 31.21 -33.00 -46.69
CA LYS O 529 31.33 -34.21 -45.89
C LYS O 529 30.18 -34.32 -44.90
N SER P 2 32.39 -29.98 -80.47
CA SER P 2 31.17 -29.56 -81.12
C SER P 2 30.26 -28.80 -80.17
N GLN P 3 28.96 -28.84 -80.43
CA GLN P 3 27.99 -28.25 -79.51
C GLN P 3 27.74 -29.20 -78.35
N TYR P 4 27.05 -28.70 -77.33
CA TYR P 4 26.74 -29.40 -76.10
C TYR P 4 27.98 -29.78 -75.30
N SER P 5 29.16 -29.48 -75.81
CA SER P 5 30.39 -29.77 -75.07
C SER P 5 30.58 -28.75 -73.95
N ILE P 6 31.28 -29.18 -72.91
CA ILE P 6 31.53 -28.34 -71.74
C ILE P 6 33.03 -28.24 -71.53
N GLN P 7 33.54 -27.02 -71.50
CA GLN P 7 34.96 -26.81 -71.24
C GLN P 7 35.19 -26.64 -69.74
N GLN P 8 36.46 -26.52 -69.36
CA GLN P 8 36.83 -26.43 -67.96
C GLN P 8 37.78 -25.30 -67.63
N SER P 9 38.48 -24.71 -68.60
CA SER P 9 39.47 -23.69 -68.31
C SER P 9 38.86 -22.28 -68.33
N LEU P 10 38.35 -21.86 -69.49
CA LEU P 10 37.75 -20.54 -69.66
C LEU P 10 38.76 -19.45 -69.32
N GLY P 11 39.77 -19.35 -70.18
CA GLY P 11 40.81 -18.35 -69.99
C GLY P 11 40.75 -17.19 -70.97
N ASN P 12 40.36 -16.02 -70.48
CA ASN P 12 40.43 -14.77 -71.24
C ASN P 12 39.63 -14.84 -72.54
N ALA P 13 38.47 -15.49 -72.50
CA ALA P 13 37.59 -15.57 -73.66
C ALA P 13 36.17 -15.78 -73.18
N SER P 14 35.22 -15.23 -73.91
CA SER P 14 33.81 -15.37 -73.53
C SER P 14 33.40 -16.84 -73.60
N GLY P 15 32.60 -17.26 -72.64
CA GLY P 15 32.11 -18.62 -72.60
C GLY P 15 31.65 -18.98 -71.20
N VAL P 16 31.32 -20.26 -71.05
CA VAL P 16 30.91 -20.80 -69.75
C VAL P 16 31.60 -22.13 -69.54
N ALA P 17 32.00 -22.39 -68.30
CA ALA P 17 32.72 -23.62 -67.99
C ALA P 17 32.43 -24.03 -66.57
N VAL P 18 32.48 -25.33 -66.32
CA VAL P 18 32.30 -25.89 -64.98
C VAL P 18 33.56 -26.68 -64.61
N SER P 19 34.07 -26.42 -63.43
CA SER P 19 35.26 -27.11 -62.97
C SER P 19 34.93 -28.54 -62.59
N PRO P 20 35.89 -29.46 -62.70
CA PRO P 20 35.63 -30.84 -62.28
C PRO P 20 35.36 -30.91 -60.79
N ILE P 21 34.54 -31.90 -60.40
CA ILE P 21 34.07 -32.00 -59.03
C ILE P 21 35.25 -32.10 -58.08
N ASN P 22 35.20 -31.35 -56.99
CA ASN P 22 36.34 -31.30 -56.08
C ASN P 22 36.45 -32.57 -55.25
N ALA P 23 35.46 -32.81 -54.38
CA ALA P 23 35.35 -34.06 -53.62
C ALA P 23 36.65 -34.40 -52.89
N ASP P 24 37.24 -33.39 -52.25
CA ASP P 24 38.45 -33.60 -51.47
C ASP P 24 38.24 -33.49 -49.97
N ALA P 25 37.16 -32.87 -49.53
CA ALA P 25 36.83 -32.78 -48.12
C ALA P 25 36.07 -34.00 -47.62
N THR P 26 35.81 -34.96 -48.49
CA THR P 26 35.05 -36.16 -48.14
C THR P 26 35.87 -37.43 -48.38
N LEU P 27 37.18 -37.36 -48.16
CA LEU P 27 38.04 -38.49 -48.41
C LEU P 27 37.96 -39.47 -47.24
N SER P 28 37.42 -40.65 -47.50
CA SER P 28 37.35 -41.72 -46.52
C SER P 28 38.50 -42.70 -46.76
N THR P 29 38.47 -43.81 -46.04
CA THR P 29 39.47 -44.87 -46.21
C THR P 29 38.80 -46.21 -45.96
N GLY P 30 38.88 -47.10 -46.95
CA GLY P 30 38.32 -48.43 -46.81
C GLY P 30 39.36 -49.48 -46.55
N VAL P 31 39.47 -49.94 -45.31
CA VAL P 31 40.46 -50.94 -44.95
C VAL P 31 39.76 -52.19 -44.43
N ALA P 32 38.56 -52.02 -43.88
CA ALA P 32 37.78 -53.13 -43.32
C ALA P 32 38.58 -53.86 -42.24
N LEU P 33 38.81 -53.14 -41.15
CA LEU P 33 39.64 -53.65 -40.07
C LEU P 33 39.08 -54.93 -39.47
N ASN P 34 37.77 -55.10 -39.48
CA ASN P 34 37.16 -56.27 -38.86
C ASN P 34 37.19 -57.50 -39.75
N SER P 35 38.36 -57.80 -40.32
CA SER P 35 38.53 -58.97 -41.17
C SER P 35 39.87 -59.60 -40.88
N SER P 36 39.88 -60.92 -40.70
CA SER P 36 41.09 -61.65 -40.34
C SER P 36 41.21 -62.89 -41.21
N LEU P 37 42.41 -63.14 -41.72
CA LEU P 37 42.71 -64.33 -42.49
C LEU P 37 44.03 -64.92 -41.99
N TRP P 38 44.17 -66.23 -42.13
CA TRP P 38 45.31 -66.95 -41.61
C TRP P 38 46.13 -67.54 -42.74
N ALA P 39 47.45 -67.43 -42.65
CA ALA P 39 48.35 -67.95 -43.66
C ALA P 39 49.33 -68.92 -43.04
N GLY P 40 49.56 -70.04 -43.70
CA GLY P 40 50.46 -71.05 -43.16
C GLY P 40 51.07 -71.93 -44.22
N ILE P 41 52.13 -72.61 -43.83
CA ILE P 41 52.77 -73.60 -44.69
C ILE P 41 52.49 -74.97 -44.12
N GLY P 42 52.65 -75.99 -44.97
CA GLY P 42 52.39 -77.34 -44.49
C GLY P 42 52.74 -78.36 -45.54
N VAL P 43 52.51 -79.62 -45.18
CA VAL P 43 52.71 -80.76 -46.06
C VAL P 43 51.39 -81.49 -46.19
N PHE P 44 50.95 -81.70 -47.42
CA PHE P 44 49.63 -82.30 -47.64
C PHE P 44 49.71 -83.38 -48.70
N ALA P 45 48.55 -83.84 -49.18
CA ALA P 45 48.48 -84.89 -50.19
C ALA P 45 48.25 -84.36 -51.59
N ARG P 46 47.41 -83.33 -51.75
CA ARG P 46 47.10 -82.78 -53.06
C ARG P 46 47.20 -81.26 -53.01
N GLY P 47 47.72 -80.68 -54.07
CA GLY P 47 47.89 -79.24 -54.17
C GLY P 47 49.12 -78.91 -55.00
N LYS P 48 49.12 -77.69 -55.54
CA LYS P 48 50.23 -77.24 -56.36
C LYS P 48 51.39 -76.82 -55.46
N PRO P 49 52.56 -77.43 -55.58
CA PRO P 49 53.65 -77.11 -54.66
C PRO P 49 54.20 -75.71 -54.88
N PHE P 50 54.61 -75.09 -53.78
CA PHE P 50 55.28 -73.79 -53.79
C PHE P 50 54.42 -72.72 -54.46
N THR P 51 53.12 -72.80 -54.27
CA THR P 51 52.20 -71.82 -54.83
C THR P 51 51.09 -71.54 -53.83
N VAL P 52 50.85 -70.25 -53.57
CA VAL P 52 49.86 -69.87 -52.57
C VAL P 52 48.49 -70.37 -52.99
N LEU P 53 47.77 -71.00 -52.07
CA LEU P 53 46.44 -71.51 -52.33
C LEU P 53 45.42 -70.67 -51.57
N ALA P 54 44.17 -71.09 -51.65
CA ALA P 54 43.08 -70.45 -50.90
C ALA P 54 42.11 -71.52 -50.45
N VAL P 55 41.93 -71.65 -49.14
CA VAL P 55 41.08 -72.67 -48.56
C VAL P 55 39.92 -71.98 -47.85
N THR P 56 38.71 -72.40 -48.17
CA THR P 56 37.49 -71.94 -47.51
C THR P 56 36.83 -73.12 -46.80
N GLU P 57 35.68 -72.86 -46.19
CA GLU P 57 34.98 -73.89 -45.46
C GLU P 57 34.34 -74.94 -46.34
N SER P 58 34.29 -74.72 -47.66
CA SER P 58 33.53 -75.59 -48.54
C SER P 58 34.34 -76.26 -49.64
N ASN P 59 35.66 -76.06 -49.67
CA ASN P 59 36.45 -76.69 -50.72
C ASN P 59 37.77 -77.30 -50.24
N TYR P 60 38.17 -77.11 -48.98
CA TYR P 60 39.48 -77.58 -48.54
C TYR P 60 39.65 -79.07 -48.77
N GLU P 61 38.56 -79.84 -48.63
CA GLU P 61 38.65 -81.29 -48.80
C GLU P 61 39.15 -81.66 -50.19
N ASP P 62 38.71 -80.94 -51.21
CA ASP P 62 39.11 -81.28 -52.57
C ASP P 62 40.33 -80.52 -53.06
N VAL P 63 40.50 -79.25 -52.68
CA VAL P 63 41.69 -78.53 -53.15
C VAL P 63 42.93 -79.07 -52.46
N LEU P 64 42.84 -79.39 -51.17
CA LEU P 64 44.00 -79.85 -50.41
C LEU P 64 44.05 -81.36 -50.28
N GLY P 65 43.12 -82.09 -50.90
CA GLY P 65 43.13 -83.53 -50.88
C GLY P 65 42.50 -84.10 -49.63
N GLU P 66 42.25 -85.42 -49.67
CA GLU P 66 41.66 -86.09 -48.54
C GLU P 66 42.67 -86.16 -47.38
N PRO P 67 42.18 -86.23 -46.15
CA PRO P 67 43.10 -86.27 -45.00
C PRO P 67 44.01 -87.49 -45.05
N LEU P 68 45.23 -87.30 -44.56
CA LEU P 68 46.23 -88.36 -44.55
C LEU P 68 45.94 -89.34 -43.42
N LYS P 69 46.86 -90.27 -43.17
CA LYS P 69 46.70 -91.28 -42.15
C LYS P 69 47.78 -91.12 -41.08
N PRO P 70 47.42 -91.14 -39.80
CA PRO P 70 48.45 -91.00 -38.76
C PRO P 70 49.50 -92.09 -38.78
N SER P 71 49.13 -93.32 -39.16
CA SER P 71 50.09 -94.40 -39.20
C SER P 71 51.16 -94.21 -40.27
N SER P 72 50.90 -93.35 -41.26
CA SER P 72 51.89 -93.10 -42.31
C SER P 72 53.14 -92.45 -41.74
N GLY P 73 52.98 -91.51 -40.82
CA GLY P 73 54.11 -90.81 -40.25
C GLY P 73 53.70 -89.56 -39.51
N SER P 74 54.47 -88.48 -39.67
CA SER P 74 54.20 -87.22 -39.00
C SER P 74 53.55 -86.20 -39.93
N GLN P 75 53.05 -86.63 -41.07
CA GLN P 75 52.45 -85.72 -42.05
C GLN P 75 50.97 -85.48 -41.79
N PHE P 76 50.39 -86.08 -40.76
CA PHE P 76 48.97 -85.94 -40.49
C PHE P 76 48.62 -84.69 -39.70
N GLU P 77 49.61 -83.88 -39.33
CA GLU P 77 49.34 -82.73 -38.45
C GLU P 77 48.71 -81.56 -39.20
N PRO P 78 49.28 -81.05 -40.30
CA PRO P 78 48.76 -79.80 -40.87
C PRO P 78 47.32 -79.89 -41.34
N ILE P 79 46.85 -81.04 -41.81
CA ILE P 79 45.46 -81.15 -42.24
C ILE P 79 44.53 -80.95 -41.05
N ARG P 80 44.85 -81.55 -39.91
CA ARG P 80 44.04 -81.36 -38.72
C ARG P 80 44.09 -79.92 -38.23
N HIS P 81 45.28 -79.30 -38.29
CA HIS P 81 45.36 -77.89 -37.91
C HIS P 81 44.48 -77.02 -38.81
N VAL P 82 44.51 -77.29 -40.12
CA VAL P 82 43.66 -76.55 -41.05
C VAL P 82 42.20 -76.77 -40.73
N TYR P 83 41.82 -78.01 -40.43
CA TYR P 83 40.41 -78.30 -40.14
C TYR P 83 39.96 -77.56 -38.89
N GLU P 84 40.82 -77.48 -37.89
CA GLU P 84 40.45 -76.77 -36.67
C GLU P 84 40.46 -75.25 -36.84
N ALA P 85 41.27 -74.73 -37.76
CA ALA P 85 41.34 -73.28 -37.93
C ALA P 85 40.31 -72.75 -38.92
N ILE P 86 39.87 -73.55 -39.89
CA ILE P 86 38.92 -73.10 -40.89
C ILE P 86 37.58 -72.74 -40.28
N GLN P 87 37.22 -73.35 -39.15
CA GLN P 87 35.93 -73.20 -38.50
C GLN P 87 35.44 -71.75 -38.48
N GLN P 88 36.36 -70.80 -38.46
CA GLN P 88 36.03 -69.39 -38.36
C GLN P 88 36.15 -68.66 -39.68
N THR P 89 37.32 -68.71 -40.33
CA THR P 89 37.56 -67.89 -41.50
C THR P 89 38.42 -68.65 -42.50
N SER P 90 38.35 -68.22 -43.76
CA SER P 90 39.15 -68.83 -44.80
C SER P 90 40.59 -68.37 -44.68
N GLY P 91 41.47 -68.95 -45.51
CA GLY P 91 42.88 -68.63 -45.37
C GLY P 91 43.69 -69.08 -46.56
N TYR P 92 45.00 -68.92 -46.43
CA TYR P 92 45.96 -69.24 -47.48
C TYR P 92 47.02 -70.20 -46.97
N VAL P 93 47.32 -71.23 -47.76
CA VAL P 93 48.27 -72.25 -47.39
C VAL P 93 49.31 -72.38 -48.49
N VAL P 94 50.47 -72.91 -48.12
CA VAL P 94 51.54 -73.20 -49.06
C VAL P 94 52.02 -74.62 -48.80
N ARG P 95 51.95 -75.46 -49.83
CA ARG P 95 52.35 -76.85 -49.70
C ARG P 95 53.82 -77.00 -50.09
N ALA P 96 54.57 -77.70 -49.24
CA ALA P 96 55.98 -77.98 -49.50
C ALA P 96 56.16 -79.49 -49.71
N VAL P 97 56.84 -79.86 -50.78
CA VAL P 97 56.98 -81.26 -51.16
C VAL P 97 58.43 -81.70 -50.99
N PRO P 98 58.69 -82.99 -50.81
CA PRO P 98 60.08 -83.46 -50.73
C PRO P 98 60.80 -83.33 -52.07
N ASP P 99 62.05 -83.79 -52.12
CA ASP P 99 62.86 -83.58 -53.33
C ASP P 99 62.41 -84.48 -54.46
N ASP P 100 62.11 -85.75 -54.18
CA ASP P 100 61.92 -86.75 -55.22
C ASP P 100 60.46 -86.86 -55.68
N ALA P 101 59.60 -85.91 -55.34
CA ALA P 101 58.24 -85.94 -55.81
C ALA P 101 58.19 -85.69 -57.32
N LYS P 102 57.43 -86.51 -58.04
CA LYS P 102 57.36 -86.43 -59.49
C LYS P 102 55.90 -86.43 -59.95
N PHE P 103 55.65 -85.69 -61.02
CA PHE P 103 54.34 -85.61 -61.64
C PHE P 103 54.37 -86.23 -63.02
N PRO P 104 53.24 -86.76 -63.49
CA PRO P 104 53.21 -87.46 -64.78
C PRO P 104 53.22 -86.51 -65.96
N ILE P 105 53.62 -87.04 -67.11
CA ILE P 105 53.70 -86.30 -68.36
C ILE P 105 53.37 -87.25 -69.50
N ILE P 106 52.53 -86.81 -70.43
CA ILE P 106 52.21 -87.56 -71.63
C ILE P 106 52.68 -86.76 -72.83
N MET P 107 53.58 -87.33 -73.61
CA MET P 107 54.15 -86.67 -74.78
C MET P 107 53.65 -87.35 -76.04
N PHE P 108 53.21 -86.57 -77.02
CA PHE P 108 52.69 -87.10 -78.26
C PHE P 108 53.75 -86.99 -79.36
N ASP P 109 53.36 -87.33 -80.58
CA ASP P 109 54.25 -87.27 -81.73
C ASP P 109 53.42 -86.91 -82.96
N GLU P 110 54.07 -86.87 -84.12
CA GLU P 110 53.38 -86.51 -85.34
C GLU P 110 52.30 -87.52 -85.68
N SER P 111 52.62 -88.81 -85.59
CA SER P 111 51.62 -89.84 -85.90
C SER P 111 50.49 -89.84 -84.88
N GLY P 112 50.81 -89.59 -83.61
CA GLY P 112 49.82 -89.59 -82.54
C GLY P 112 49.99 -90.69 -81.51
N GLU P 113 51.04 -91.49 -81.56
CA GLU P 113 51.23 -92.53 -80.57
C GLU P 113 51.78 -91.93 -79.28
N PRO P 114 51.07 -92.04 -78.16
CA PRO P 114 51.52 -91.37 -76.94
C PRO P 114 52.66 -92.12 -76.26
N ALA P 115 53.38 -91.38 -75.42
CA ALA P 115 54.40 -91.94 -74.55
C ALA P 115 54.26 -91.28 -73.19
N TYR P 116 54.67 -92.00 -72.15
CA TYR P 116 54.51 -91.56 -70.77
C TYR P 116 55.86 -91.36 -70.11
N SER P 117 55.90 -90.46 -69.14
CA SER P 117 57.10 -90.24 -68.33
C SER P 117 56.69 -89.51 -67.06
N ALA P 118 57.68 -89.25 -66.21
CA ALA P 118 57.45 -88.52 -64.98
C ALA P 118 58.60 -87.55 -64.76
N LEU P 119 58.30 -86.37 -64.24
CA LEU P 119 59.33 -85.36 -64.01
C LEU P 119 59.22 -84.79 -62.60
N PRO P 120 60.34 -84.48 -61.96
CA PRO P 120 60.28 -83.88 -60.63
C PRO P 120 59.64 -82.51 -60.66
N TYR P 121 59.02 -82.14 -59.53
CA TYR P 121 58.28 -80.90 -59.44
C TYR P 121 59.20 -79.70 -59.58
N GLY P 122 58.66 -78.62 -60.13
CA GLY P 122 59.41 -77.39 -60.31
C GLY P 122 60.36 -77.38 -61.48
N SER P 123 60.26 -78.35 -62.39
CA SER P 123 61.14 -78.43 -63.55
C SER P 123 60.32 -78.32 -64.83
N GLU P 124 60.84 -77.58 -65.79
CA GLU P 124 60.19 -77.47 -67.09
C GLU P 124 60.49 -78.71 -67.92
N ILE P 125 59.97 -78.73 -69.14
CA ILE P 125 59.99 -79.91 -69.99
C ILE P 125 60.78 -79.59 -71.26
N GLU P 126 61.67 -80.49 -71.63
CA GLU P 126 62.39 -80.41 -72.90
C GLU P 126 61.80 -81.44 -73.85
N LEU P 127 61.46 -81.00 -75.06
CA LEU P 127 60.80 -81.87 -76.03
C LEU P 127 61.82 -82.50 -76.95
N ASP P 128 61.69 -83.80 -77.18
CA ASP P 128 62.56 -84.49 -78.12
C ASP P 128 62.19 -84.08 -79.56
N SER P 129 63.01 -84.53 -80.51
CA SER P 129 62.79 -84.17 -81.91
C SER P 129 61.43 -84.65 -82.40
N GLY P 130 61.07 -85.89 -82.06
CA GLY P 130 59.82 -86.45 -82.52
C GLY P 130 58.59 -86.05 -81.74
N GLU P 131 58.74 -85.30 -80.66
CA GLU P 131 57.62 -84.94 -79.80
C GLU P 131 56.94 -83.69 -80.33
N ALA P 132 55.62 -83.75 -80.48
CA ALA P 132 54.86 -82.61 -80.95
C ALA P 132 54.37 -81.73 -79.80
N PHE P 133 53.74 -82.33 -78.80
CA PHE P 133 53.27 -81.56 -77.66
C PHE P 133 53.12 -82.49 -76.46
N ALA P 134 53.23 -81.90 -75.28
CA ALA P 134 53.18 -82.63 -74.02
C ALA P 134 52.11 -82.04 -73.12
N ILE P 135 51.41 -82.92 -72.40
CA ILE P 135 50.38 -82.54 -71.44
C ILE P 135 50.74 -83.12 -70.09
N TYR P 136 50.63 -82.30 -69.05
CA TYR P 136 50.91 -82.77 -67.70
C TYR P 136 49.89 -82.17 -66.74
N VAL P 137 49.91 -82.68 -65.50
CA VAL P 137 48.93 -82.33 -64.48
C VAL P 137 49.60 -81.42 -63.47
N ASP P 138 48.98 -80.27 -63.20
CA ASP P 138 49.52 -79.31 -62.24
C ASP P 138 48.67 -79.20 -60.98
N ASP P 139 47.75 -80.14 -60.76
CA ASP P 139 47.01 -80.16 -59.50
C ASP P 139 47.84 -80.63 -58.34
N GLY P 140 48.98 -81.27 -58.61
CA GLY P 140 49.82 -81.82 -57.58
C GLY P 140 49.55 -83.27 -57.24
N ASP P 141 48.38 -83.79 -57.58
CA ASP P 141 48.06 -85.18 -57.32
C ASP P 141 49.02 -86.07 -58.10
N PRO P 142 49.60 -87.10 -57.47
CA PRO P 142 50.50 -88.00 -58.19
C PRO P 142 49.80 -89.12 -58.95
N CYS P 143 48.48 -89.03 -59.12
CA CYS P 143 47.74 -89.89 -60.06
C CYS P 143 47.94 -91.37 -59.77
N ILE P 144 47.89 -91.74 -58.50
CA ILE P 144 48.02 -93.13 -58.09
C ILE P 144 46.70 -93.67 -57.54
N SER P 145 45.97 -92.86 -56.79
CA SER P 145 44.63 -93.23 -56.33
C SER P 145 43.85 -91.97 -55.99
N PRO P 146 42.78 -91.65 -56.71
CA PRO P 146 42.22 -92.37 -57.87
C PRO P 146 43.02 -92.10 -59.14
N THR P 147 42.99 -93.01 -60.10
CA THR P 147 43.68 -92.79 -61.37
C THR P 147 42.97 -91.74 -62.20
N ARG P 148 43.69 -91.12 -63.12
CA ARG P 148 43.15 -90.11 -64.00
C ARG P 148 43.44 -90.47 -65.45
N GLU P 149 42.43 -90.38 -66.30
CA GLU P 149 42.53 -90.79 -67.69
C GLU P 149 42.18 -89.62 -68.60
N LEU P 150 42.88 -89.52 -69.72
CA LEU P 150 42.73 -88.44 -70.68
C LEU P 150 42.29 -89.03 -72.02
N THR P 151 41.28 -88.41 -72.62
CA THR P 151 40.69 -88.92 -73.86
C THR P 151 40.62 -87.80 -74.88
N ILE P 152 40.92 -88.15 -76.13
CA ILE P 152 40.91 -87.23 -77.26
C ILE P 152 39.84 -87.68 -78.24
N GLU P 153 38.97 -86.76 -78.63
CA GLU P 153 37.88 -87.07 -79.54
C GLU P 153 37.87 -86.09 -80.70
N THR P 154 37.60 -86.59 -81.90
CA THR P 154 37.51 -85.72 -83.07
C THR P 154 36.24 -84.90 -83.02
N ALA P 155 36.32 -83.66 -83.51
CA ALA P 155 35.19 -82.75 -83.53
C ALA P 155 35.16 -82.01 -84.85
N THR P 156 34.11 -81.22 -85.04
CA THR P 156 33.94 -80.47 -86.29
C THR P 156 34.91 -79.29 -86.34
N ALA P 157 35.46 -79.07 -87.53
CA ALA P 157 36.39 -77.96 -87.72
C ALA P 157 35.65 -76.63 -87.63
N ASP P 158 36.43 -75.57 -87.39
CA ASP P 158 35.86 -74.24 -87.25
C ASP P 158 35.48 -73.67 -88.62
N SER P 159 34.98 -72.43 -88.61
CA SER P 159 34.62 -71.78 -89.87
C SER P 159 35.85 -71.53 -90.74
N ALA P 160 36.96 -71.13 -90.13
CA ALA P 160 38.19 -70.90 -90.90
C ALA P 160 38.69 -72.18 -91.54
N GLY P 161 38.66 -73.29 -90.80
CA GLY P 161 39.09 -74.57 -91.36
C GLY P 161 39.99 -75.37 -90.43
N ASN P 162 40.47 -74.75 -89.36
CA ASN P 162 41.36 -75.44 -88.43
C ASN P 162 40.62 -76.55 -87.71
N GLU P 163 41.33 -77.63 -87.39
CA GLU P 163 40.74 -78.80 -86.77
C GLU P 163 40.83 -78.67 -85.26
N ARG P 164 39.67 -78.70 -84.61
CA ARG P 164 39.58 -78.63 -83.15
C ARG P 164 39.13 -79.98 -82.61
N PHE P 165 39.84 -80.48 -81.61
CA PHE P 165 39.50 -81.75 -80.98
C PHE P 165 39.09 -81.53 -79.54
N LEU P 166 38.28 -82.45 -79.03
CA LEU P 166 37.72 -82.38 -77.69
C LEU P 166 38.59 -83.18 -76.74
N LEU P 167 38.97 -82.57 -75.63
CA LEU P 167 39.77 -83.19 -74.58
C LEU P 167 38.88 -83.47 -73.38
N LYS P 168 38.94 -84.69 -72.86
CA LYS P 168 38.11 -85.09 -71.73
C LYS P 168 38.98 -85.81 -70.70
N LEU P 169 39.14 -85.22 -69.53
CA LEU P 169 39.85 -85.86 -68.44
C LEU P 169 38.84 -86.35 -67.41
N THR P 170 38.94 -87.61 -67.05
CA THR P 170 38.01 -88.25 -66.13
C THR P 170 38.77 -89.06 -65.08
N GLN P 171 38.26 -89.05 -63.86
CA GLN P 171 38.90 -89.77 -62.76
C GLN P 171 38.20 -91.10 -62.54
N THR P 172 38.98 -92.12 -62.22
CA THR P 172 38.46 -93.45 -61.91
C THR P 172 39.01 -93.89 -60.57
N THR P 173 38.12 -94.24 -59.65
CA THR P 173 38.55 -94.71 -58.35
C THR P 173 38.94 -96.19 -58.42
N SER P 174 39.61 -96.66 -57.36
CA SER P 174 40.04 -98.06 -57.32
C SER P 174 38.86 -99.02 -57.30
N LEU P 175 37.74 -98.61 -56.66
CA LEU P 175 36.58 -99.48 -56.59
C LEU P 175 35.99 -99.73 -57.98
N GLY P 176 35.90 -98.69 -58.80
CA GLY P 176 35.35 -98.84 -60.14
C GLY P 176 34.47 -97.69 -60.57
N VAL P 177 34.30 -96.70 -59.70
CA VAL P 177 33.49 -95.54 -60.04
C VAL P 177 34.25 -94.64 -61.00
N VAL P 178 33.64 -94.34 -62.14
CA VAL P 178 34.24 -93.52 -63.18
C VAL P 178 33.33 -92.33 -63.44
N THR P 179 33.82 -91.13 -63.12
CA THR P 179 33.07 -89.90 -63.34
C THR P 179 33.91 -88.94 -64.16
N THR P 180 33.25 -88.20 -65.04
CA THR P 180 33.94 -87.19 -65.82
C THR P 180 34.38 -86.04 -64.92
N LEU P 181 35.47 -85.39 -65.30
CA LEU P 181 36.05 -84.34 -64.49
C LEU P 181 36.13 -83.01 -65.22
N GLU P 182 36.64 -82.99 -66.45
CA GLU P 182 36.76 -81.75 -67.17
C GLU P 182 36.76 -82.01 -68.67
N THR P 183 36.13 -81.10 -69.42
CA THR P 183 36.06 -81.20 -70.87
C THR P 183 36.41 -79.87 -71.50
N HIS P 184 37.02 -79.92 -72.68
CA HIS P 184 37.45 -78.75 -73.40
C HIS P 184 37.44 -79.02 -74.89
N THR P 185 37.49 -77.95 -75.69
CA THR P 185 37.61 -78.04 -77.13
C THR P 185 38.79 -77.18 -77.55
N VAL P 186 39.91 -77.82 -77.91
CA VAL P 186 41.14 -77.10 -78.18
C VAL P 186 41.70 -77.54 -79.51
N SER P 187 42.59 -76.71 -80.06
CA SER P 187 43.23 -77.00 -81.33
C SER P 187 44.66 -76.47 -81.32
N LEU P 188 45.47 -77.00 -82.23
CA LEU P 188 46.87 -76.62 -82.32
C LEU P 188 47.09 -75.36 -83.17
N ALA P 189 46.07 -74.87 -83.86
CA ALA P 189 46.21 -73.65 -84.64
C ALA P 189 46.40 -72.45 -83.71
N GLU P 190 47.28 -71.53 -84.12
CA GLU P 190 47.61 -70.39 -83.29
C GLU P 190 46.50 -69.36 -83.20
N GLU P 191 45.45 -69.47 -84.02
CA GLU P 191 44.41 -68.45 -84.06
C GLU P 191 43.00 -69.02 -84.09
N ALA P 192 42.84 -70.34 -84.07
CA ALA P 192 41.51 -70.93 -84.15
C ALA P 192 40.68 -70.57 -82.92
N LYS P 193 39.37 -70.46 -83.11
CA LYS P 193 38.44 -70.13 -82.05
C LYS P 193 37.39 -71.21 -81.93
N ASP P 194 36.88 -71.39 -80.71
CA ASP P 194 35.85 -72.39 -80.44
C ASP P 194 34.48 -71.84 -80.83
N ASP P 195 33.43 -72.56 -80.45
CA ASP P 195 32.08 -72.11 -80.79
C ASP P 195 31.71 -70.83 -80.05
N MET P 196 32.11 -70.70 -78.79
CA MET P 196 31.76 -69.53 -78.01
C MET P 196 32.59 -68.31 -78.34
N GLY P 197 33.64 -68.44 -79.13
CA GLY P 197 34.45 -67.32 -79.55
C GLY P 197 35.76 -67.16 -78.80
N ARG P 198 35.97 -67.90 -77.73
CA ARG P 198 37.21 -67.79 -76.98
C ARG P 198 38.36 -68.43 -77.76
N LEU P 199 39.58 -68.04 -77.41
CA LEU P 199 40.77 -68.61 -78.03
C LEU P 199 40.87 -70.09 -77.69
N CYS P 200 41.21 -70.91 -78.68
CA CYS P 200 41.26 -72.35 -78.52
C CYS P 200 42.66 -72.93 -78.75
N TYR P 201 43.68 -72.09 -78.85
CA TYR P 201 45.05 -72.59 -78.90
C TYR P 201 45.33 -73.40 -77.64
N LEU P 202 46.00 -74.53 -77.81
CA LEU P 202 46.11 -75.50 -76.71
C LEU P 202 46.83 -74.95 -75.49
N PRO P 203 48.04 -74.38 -75.57
CA PRO P 203 48.71 -73.96 -74.34
C PRO P 203 47.95 -72.88 -73.58
N THR P 204 47.60 -71.78 -74.24
CA THR P 204 46.91 -70.70 -73.55
C THR P 204 45.53 -71.13 -73.07
N ALA P 205 44.82 -71.94 -73.86
CA ALA P 205 43.50 -72.39 -73.45
C ALA P 205 43.58 -73.22 -72.18
N LEU P 206 44.49 -74.20 -72.15
CA LEU P 206 44.63 -75.03 -70.95
C LEU P 206 45.11 -74.21 -69.76
N GLU P 207 46.03 -73.27 -69.99
CA GLU P 207 46.53 -72.45 -68.89
C GLU P 207 45.45 -71.56 -68.30
N ALA P 208 44.57 -71.03 -69.13
CA ALA P 208 43.58 -70.06 -68.68
C ALA P 208 42.33 -70.72 -68.12
N ARG P 209 41.67 -71.56 -68.92
CA ARG P 209 40.34 -72.05 -68.57
C ARG P 209 40.36 -73.36 -67.80
N SER P 210 41.52 -73.96 -67.59
CA SER P 210 41.62 -75.24 -66.87
C SER P 210 42.58 -75.10 -65.70
N LYS P 211 42.17 -75.59 -64.54
CA LYS P 211 42.99 -75.55 -63.34
C LYS P 211 43.57 -76.91 -62.99
N TYR P 212 43.47 -77.88 -63.88
CA TYR P 212 44.03 -79.22 -63.66
C TYR P 212 45.23 -79.52 -64.54
N LEU P 213 45.19 -79.13 -65.81
CA LEU P 213 46.20 -79.52 -66.77
C LEU P 213 47.02 -78.32 -67.23
N ARG P 214 48.18 -78.62 -67.80
CA ARG P 214 48.99 -77.66 -68.52
C ARG P 214 49.60 -78.38 -69.70
N ALA P 215 50.04 -77.62 -70.70
CA ALA P 215 50.57 -78.21 -71.91
C ALA P 215 51.70 -77.35 -72.46
N VAL P 216 52.59 -77.99 -73.22
CA VAL P 216 53.62 -77.31 -73.97
C VAL P 216 53.67 -77.89 -75.38
N VAL P 217 54.20 -77.11 -76.31
CA VAL P 217 54.23 -77.49 -77.72
C VAL P 217 55.63 -77.29 -78.27
N ASN P 218 55.91 -77.98 -79.37
CA ASN P 218 57.17 -77.82 -80.09
C ASN P 218 56.89 -76.99 -81.33
N GLU P 219 57.55 -75.83 -81.43
CA GLU P 219 57.24 -74.89 -82.50
C GLU P 219 57.56 -75.48 -83.87
N GLU P 220 58.69 -76.19 -83.98
CA GLU P 220 59.12 -76.70 -85.27
C GLU P 220 58.12 -77.71 -85.83
N LEU P 221 57.61 -78.61 -84.99
CA LEU P 221 56.75 -79.69 -85.44
C LEU P 221 55.27 -79.37 -85.31
N ILE P 222 54.91 -78.20 -84.77
CA ILE P 222 53.50 -77.90 -84.54
C ILE P 222 52.75 -77.66 -85.85
N SER P 223 53.46 -77.32 -86.92
CA SER P 223 52.78 -77.02 -88.19
C SER P 223 52.20 -78.29 -88.81
N THR P 224 52.99 -79.36 -88.87
CA THR P 224 52.58 -80.60 -89.50
C THR P 224 51.97 -81.59 -88.52
N ALA P 225 51.82 -81.21 -87.26
CA ALA P 225 51.30 -82.12 -86.24
C ALA P 225 49.84 -82.47 -86.53
N LYS P 226 49.50 -83.74 -86.34
CA LYS P 226 48.15 -84.23 -86.47
C LYS P 226 47.83 -85.15 -85.30
N VAL P 227 46.57 -85.14 -84.89
CA VAL P 227 46.13 -85.91 -83.73
C VAL P 227 45.10 -86.94 -84.19
N THR P 228 45.26 -88.17 -83.71
CA THR P 228 44.32 -89.25 -84.00
C THR P 228 43.27 -89.31 -82.90
N ASN P 229 42.50 -90.40 -82.89
CA ASN P 229 41.48 -90.63 -81.86
C ASN P 229 42.03 -91.63 -80.85
N LYS P 230 42.44 -91.12 -79.68
CA LYS P 230 42.94 -91.96 -78.60
C LYS P 230 41.91 -92.01 -77.49
N LYS P 231 41.58 -93.22 -77.07
CA LYS P 231 40.55 -93.45 -76.06
C LYS P 231 41.15 -94.09 -74.83
N SER P 232 40.83 -93.53 -73.66
CA SER P 232 41.20 -94.08 -72.37
C SER P 232 42.72 -94.23 -72.22
N LEU P 233 43.40 -93.09 -72.22
CA LEU P 233 44.82 -93.07 -71.90
C LEU P 233 44.97 -93.20 -70.38
N ALA P 234 46.22 -93.13 -69.90
CA ALA P 234 46.48 -93.32 -68.48
C ALA P 234 47.75 -92.58 -68.09
N PHE P 235 47.62 -91.65 -67.16
CA PHE P 235 48.79 -91.05 -66.54
C PHE P 235 49.49 -92.08 -65.67
N THR P 236 50.82 -92.01 -65.61
CA THR P 236 51.58 -92.95 -64.80
C THR P 236 52.90 -92.33 -64.40
N GLY P 237 53.50 -92.90 -63.35
CA GLY P 237 54.78 -92.45 -62.86
C GLY P 237 54.71 -91.42 -61.75
N GLY P 238 53.54 -90.86 -61.48
CA GLY P 238 53.43 -89.87 -60.42
C GLY P 238 53.73 -90.47 -59.06
N THR P 239 54.38 -89.68 -58.21
CA THR P 239 54.81 -90.18 -56.91
C THR P 239 54.98 -89.00 -55.96
N ASN P 240 54.28 -89.05 -54.83
CA ASN P 240 54.41 -88.00 -53.83
C ASN P 240 55.69 -88.11 -53.01
N GLY P 241 56.38 -89.24 -53.10
CA GLY P 241 57.62 -89.42 -52.39
C GLY P 241 57.42 -89.66 -50.90
N ASP P 242 58.52 -89.55 -50.17
CA ASP P 242 58.50 -89.70 -48.72
C ASP P 242 58.30 -88.33 -48.10
N GLN P 243 57.15 -88.13 -47.44
CA GLN P 243 56.86 -86.87 -46.78
C GLN P 243 57.19 -86.89 -45.30
N SER P 244 57.74 -88.00 -44.79
CA SER P 244 58.13 -88.06 -43.39
C SER P 244 59.24 -87.06 -43.09
N LYS P 245 60.26 -87.02 -43.93
CA LYS P 245 61.40 -86.14 -43.75
C LYS P 245 61.45 -85.12 -44.88
N ILE P 246 61.71 -83.86 -44.52
CA ILE P 246 61.79 -82.77 -45.48
C ILE P 246 62.95 -81.88 -45.08
N SER P 247 63.83 -81.58 -46.03
CA SER P 247 64.97 -80.73 -45.76
C SER P 247 64.51 -79.32 -45.41
N THR P 248 65.31 -78.62 -44.60
CA THR P 248 64.96 -77.27 -44.21
C THR P 248 64.96 -76.31 -45.40
N ALA P 249 65.63 -76.68 -46.49
CA ALA P 249 65.61 -75.83 -47.68
C ALA P 249 64.20 -75.70 -48.25
N ALA P 250 63.46 -76.81 -48.27
CA ALA P 250 62.10 -76.76 -48.78
C ALA P 250 61.22 -75.86 -47.93
N TYR P 251 61.35 -75.95 -46.60
CA TYR P 251 60.56 -75.09 -45.73
C TYR P 251 60.94 -73.63 -45.90
N LEU P 252 62.24 -73.35 -46.07
CA LEU P 252 62.66 -71.97 -46.29
C LEU P 252 62.11 -71.42 -47.61
N ARG P 253 62.12 -72.25 -48.66
CA ARG P 253 61.55 -71.80 -49.93
C ARG P 253 60.06 -71.54 -49.79
N ALA P 254 59.35 -72.42 -49.10
CA ALA P 254 57.91 -72.23 -48.93
C ALA P 254 57.61 -70.95 -48.15
N VAL P 255 58.38 -70.69 -47.08
CA VAL P 255 58.10 -69.49 -46.31
C VAL P 255 58.47 -68.24 -47.08
N LYS P 256 59.51 -68.31 -47.93
CA LYS P 256 59.81 -67.16 -48.79
C LYS P 256 58.67 -66.90 -49.77
N VAL P 257 58.10 -67.95 -50.36
CA VAL P 257 56.97 -67.78 -51.25
C VAL P 257 55.80 -67.15 -50.51
N LEU P 258 55.54 -67.63 -49.28
CA LEU P 258 54.45 -67.07 -48.49
C LEU P 258 54.69 -65.60 -48.18
N ASN P 259 55.95 -65.22 -47.93
CA ASN P 259 56.28 -63.82 -47.70
C ASN P 259 55.97 -62.99 -48.94
N ASN P 260 56.36 -63.48 -50.11
CA ASN P 260 56.17 -62.72 -51.33
C ASN P 260 54.77 -62.83 -51.89
N ALA P 261 53.88 -63.59 -51.25
CA ALA P 261 52.52 -63.73 -51.74
C ALA P 261 51.83 -62.37 -51.77
N PRO P 262 51.09 -62.04 -52.83
CA PRO P 262 50.38 -60.76 -52.92
C PRO P 262 48.95 -60.86 -52.39
N TYR P 263 48.81 -61.14 -51.10
CA TYR P 263 47.50 -61.24 -50.47
C TYR P 263 47.54 -60.51 -49.13
N MET P 264 46.41 -60.51 -48.44
CA MET P 264 46.27 -59.87 -47.14
C MET P 264 45.88 -60.90 -46.10
N TYR P 265 46.64 -60.97 -45.01
CA TYR P 265 46.27 -61.84 -43.91
C TYR P 265 46.79 -61.25 -42.61
N THR P 266 46.14 -61.61 -41.51
CA THR P 266 46.45 -61.06 -40.19
C THR P 266 46.81 -62.14 -39.17
N ALA P 267 47.29 -63.29 -39.63
CA ALA P 267 47.74 -64.34 -38.72
C ALA P 267 48.62 -65.29 -39.49
N VAL P 268 49.74 -65.68 -38.91
CA VAL P 268 50.77 -66.42 -39.63
C VAL P 268 50.93 -67.82 -39.06
N LEU P 269 49.80 -68.43 -38.66
CA LEU P 269 49.75 -69.71 -37.97
C LEU P 269 50.84 -70.68 -38.41
N GLY P 270 51.58 -71.20 -37.43
CA GLY P 270 52.59 -72.19 -37.68
C GLY P 270 52.03 -73.60 -37.74
N LEU P 271 51.43 -73.96 -38.87
CA LEU P 271 50.73 -75.23 -39.01
C LEU P 271 51.73 -76.38 -38.90
N GLY P 272 51.73 -77.05 -37.75
CA GLY P 272 52.44 -78.29 -37.53
C GLY P 272 53.83 -78.39 -38.13
N CYS P 273 54.58 -77.31 -38.08
CA CYS P 273 55.94 -77.27 -38.61
C CYS P 273 56.88 -76.96 -37.46
N TYR P 274 57.53 -78.01 -36.93
CA TYR P 274 58.44 -77.87 -35.80
C TYR P 274 59.88 -77.82 -36.28
N ASP P 275 60.21 -76.72 -36.96
CA ASP P 275 61.55 -76.46 -37.43
C ASP P 275 61.97 -75.06 -36.99
N ASN P 276 63.16 -74.96 -36.40
CA ASN P 276 63.59 -73.68 -35.83
C ASN P 276 63.74 -72.62 -36.92
N ALA P 277 64.34 -72.98 -38.06
CA ALA P 277 64.53 -72.01 -39.12
C ALA P 277 63.20 -71.52 -39.67
N ALA P 278 62.25 -72.43 -39.89
CA ALA P 278 60.95 -72.02 -40.40
C ALA P 278 60.21 -71.14 -39.39
N ILE P 279 60.29 -71.48 -38.10
CA ILE P 279 59.63 -70.67 -37.10
C ILE P 279 60.24 -69.26 -37.04
N THR P 280 61.57 -69.18 -37.14
CA THR P 280 62.20 -67.86 -37.17
C THR P 280 61.77 -67.06 -38.40
N ALA P 281 61.67 -67.72 -39.55
CA ALA P 281 61.23 -67.03 -40.76
C ALA P 281 59.80 -66.51 -40.61
N LEU P 282 58.92 -67.32 -40.02
CA LEU P 282 57.55 -66.86 -39.82
C LEU P 282 57.50 -65.71 -38.82
N GLY P 283 58.37 -65.74 -37.81
CA GLY P 283 58.48 -64.58 -36.93
C GLY P 283 58.91 -63.34 -37.66
N LYS P 284 59.84 -63.49 -38.61
CA LYS P 284 60.22 -62.36 -39.46
C LYS P 284 59.02 -61.85 -40.25
N ILE P 285 58.18 -62.76 -40.75
CA ILE P 285 57.00 -62.35 -41.49
C ILE P 285 56.09 -61.51 -40.62
N CYS P 286 55.88 -61.96 -39.37
CA CYS P 286 55.10 -61.15 -38.42
C CYS P 286 55.72 -59.78 -38.24
N ALA P 287 57.01 -59.73 -37.92
CA ALA P 287 57.65 -58.45 -37.61
C ALA P 287 57.64 -57.52 -38.82
N ASP P 288 57.56 -58.09 -40.02
CA ASP P 288 57.60 -57.25 -41.21
C ASP P 288 56.20 -56.73 -41.54
N ARG P 289 55.20 -57.60 -41.57
CA ARG P 289 53.87 -57.19 -41.99
C ARG P 289 53.02 -56.63 -40.87
N LEU P 290 53.52 -56.61 -39.63
CA LEU P 290 52.75 -56.14 -38.47
C LEU P 290 51.47 -56.97 -38.28
N ILE P 291 51.66 -58.27 -38.09
CA ILE P 291 50.54 -59.18 -37.86
C ILE P 291 50.85 -60.06 -36.66
N ASP P 292 50.00 -61.04 -36.40
CA ASP P 292 50.09 -61.89 -35.22
C ASP P 292 50.49 -63.31 -35.62
N GLY P 293 51.25 -63.96 -34.74
CA GLY P 293 51.65 -65.32 -34.99
C GLY P 293 51.38 -66.23 -33.80
N PHE P 294 50.97 -67.46 -34.07
CA PHE P 294 50.64 -68.44 -33.02
C PHE P 294 51.40 -69.73 -33.30
N PHE P 295 52.64 -69.79 -32.84
CA PHE P 295 53.46 -70.98 -33.04
C PHE P 295 53.39 -71.87 -31.82
N ASP P 296 53.93 -73.08 -31.95
CA ASP P 296 53.73 -74.04 -30.87
C ASP P 296 54.87 -75.05 -30.91
N VAL P 297 55.41 -75.37 -29.74
CA VAL P 297 56.56 -76.27 -29.62
C VAL P 297 56.10 -77.71 -29.77
N LYS P 298 57.03 -78.64 -29.91
CA LYS P 298 56.66 -80.04 -30.10
C LYS P 298 55.80 -80.51 -28.94
N PRO P 299 54.58 -80.96 -29.18
CA PRO P 299 53.70 -81.34 -28.07
C PRO P 299 53.93 -82.76 -27.62
N THR P 300 55.19 -83.16 -27.50
CA THR P 300 55.56 -84.43 -26.91
C THR P 300 56.74 -84.29 -25.97
N LEU P 301 57.07 -83.06 -25.58
CA LEU P 301 58.15 -82.80 -24.65
C LEU P 301 57.61 -82.68 -23.23
N THR P 302 58.40 -83.16 -22.28
CA THR P 302 58.02 -83.03 -20.88
C THR P 302 58.10 -81.57 -20.44
N TYR P 303 57.45 -81.27 -19.33
CA TYR P 303 57.43 -79.90 -18.82
C TYR P 303 58.83 -79.41 -18.50
N ALA P 304 59.77 -80.32 -18.23
CA ALA P 304 61.13 -79.91 -17.96
C ALA P 304 61.84 -79.43 -19.23
N GLU P 305 61.66 -80.15 -20.33
CA GLU P 305 62.32 -79.78 -21.58
C GLU P 305 61.55 -78.73 -22.38
N ALA P 306 60.31 -78.44 -22.01
CA ALA P 306 59.55 -77.43 -22.75
C ALA P 306 60.20 -76.06 -22.65
N LEU P 307 60.69 -75.69 -21.47
CA LEU P 307 61.25 -74.35 -21.29
C LEU P 307 62.48 -74.09 -22.14
N PRO P 308 63.51 -74.95 -22.19
CA PRO P 308 64.64 -74.66 -23.09
C PRO P 308 64.26 -74.70 -24.56
N ALA P 309 63.23 -75.47 -24.94
CA ALA P 309 62.84 -75.51 -26.34
C ALA P 309 62.28 -74.18 -26.80
N VAL P 310 61.62 -73.44 -25.92
CA VAL P 310 61.10 -72.12 -26.29
C VAL P 310 62.24 -71.17 -26.58
N GLU P 311 63.30 -71.20 -25.77
CA GLU P 311 64.48 -70.39 -26.09
C GLU P 311 65.13 -70.86 -27.38
N ASP P 312 65.16 -72.18 -27.62
CA ASP P 312 65.75 -72.72 -28.83
C ASP P 312 65.01 -72.20 -30.06
N THR P 313 63.68 -72.18 -30.01
CA THR P 313 62.89 -71.89 -31.20
C THR P 313 63.16 -70.50 -31.75
N GLY P 314 63.74 -69.59 -30.97
CA GLY P 314 64.41 -68.43 -31.51
C GLY P 314 63.71 -67.10 -31.42
N LEU P 315 62.40 -67.07 -31.15
CA LEU P 315 61.73 -65.77 -31.12
C LEU P 315 61.91 -65.03 -29.80
N LEU P 316 62.54 -65.63 -28.80
CA LEU P 316 62.72 -64.94 -27.52
C LEU P 316 63.67 -63.77 -27.70
N GLY P 317 63.12 -62.56 -27.67
CA GLY P 317 63.90 -61.36 -27.81
C GLY P 317 63.04 -60.11 -27.68
N THR P 318 63.36 -59.08 -28.46
CA THR P 318 62.59 -57.86 -28.47
C THR P 318 62.04 -57.51 -29.84
N ASP P 319 62.50 -58.18 -30.90
CA ASP P 319 62.00 -57.87 -32.24
C ASP P 319 60.62 -58.45 -32.49
N TYR P 320 60.35 -59.65 -31.98
CA TYR P 320 59.07 -60.33 -32.20
C TYR P 320 58.23 -60.15 -30.94
N VAL P 321 57.40 -59.10 -30.93
CA VAL P 321 56.58 -58.79 -29.77
C VAL P 321 55.13 -59.20 -29.93
N SER P 322 54.79 -59.86 -31.04
CA SER P 322 53.40 -60.24 -31.28
C SER P 322 53.23 -61.73 -31.52
N CYS P 323 54.28 -62.53 -31.34
CA CYS P 323 54.22 -63.96 -31.62
C CYS P 323 54.11 -64.74 -30.32
N SER P 324 53.07 -65.56 -30.21
CA SER P 324 52.84 -66.39 -29.04
C SER P 324 53.31 -67.82 -29.30
N VAL P 325 53.75 -68.49 -28.24
CA VAL P 325 54.23 -69.86 -28.31
C VAL P 325 53.41 -70.72 -27.37
N TYR P 326 52.92 -71.84 -27.86
CA TYR P 326 52.05 -72.71 -27.09
C TYR P 326 52.68 -74.09 -26.92
N HIS P 327 52.03 -74.91 -26.09
CA HIS P 327 52.52 -76.24 -25.76
C HIS P 327 51.35 -77.03 -25.19
N TYR P 328 51.01 -78.15 -25.83
CA TYR P 328 49.83 -78.95 -25.48
C TYR P 328 50.21 -80.41 -25.37
N PRO P 329 50.81 -80.82 -24.26
CA PRO P 329 51.20 -82.23 -24.09
C PRO P 329 50.04 -83.11 -23.62
N PHE P 330 49.13 -83.39 -24.53
CA PHE P 330 47.98 -84.24 -24.23
C PHE P 330 47.65 -85.10 -25.45
N SER P 331 46.99 -86.21 -25.21
CA SER P 331 46.56 -87.11 -26.26
C SER P 331 45.10 -86.86 -26.61
N CYS P 332 44.66 -87.42 -27.73
CA CYS P 332 43.31 -87.19 -28.21
C CYS P 332 42.90 -88.34 -29.12
N LYS P 333 41.59 -88.43 -29.35
CA LYS P 333 41.03 -89.40 -30.29
C LYS P 333 40.67 -88.66 -31.57
N ASP P 334 41.21 -89.14 -32.69
CA ASP P 334 41.05 -88.42 -33.95
C ASP P 334 39.62 -88.47 -34.44
N LYS P 335 39.23 -87.44 -35.19
CA LYS P 335 37.86 -87.33 -35.67
C LYS P 335 37.60 -88.29 -36.82
N TRP P 336 38.58 -88.49 -37.70
CA TRP P 336 38.36 -89.25 -38.92
C TRP P 336 38.76 -90.72 -38.77
N THR P 337 40.02 -90.98 -38.43
CA THR P 337 40.52 -92.35 -38.44
C THR P 337 40.23 -93.10 -37.14
N GLN P 338 39.78 -92.41 -36.09
CA GLN P 338 39.47 -93.03 -34.80
C GLN P 338 40.69 -93.75 -34.22
N SER P 339 41.72 -92.97 -33.89
CA SER P 339 42.95 -93.49 -33.34
C SER P 339 43.49 -92.52 -32.30
N ARG P 340 44.62 -92.88 -31.69
CA ARG P 340 45.25 -92.07 -30.67
C ARG P 340 46.34 -91.21 -31.33
N VAL P 341 46.09 -89.91 -31.41
CA VAL P 341 47.01 -88.98 -32.06
C VAL P 341 47.26 -87.80 -31.14
N VAL P 342 48.36 -87.11 -31.38
CA VAL P 342 48.72 -85.88 -30.67
C VAL P 342 49.10 -84.83 -31.68
N PHE P 343 48.56 -83.62 -31.51
CA PHE P 343 48.95 -82.50 -32.35
C PHE P 343 48.85 -81.23 -31.52
N GLY P 344 49.10 -80.09 -32.17
CA GLY P 344 49.36 -78.85 -31.47
C GLY P 344 48.12 -78.03 -31.16
N LEU P 345 48.35 -76.74 -30.89
CA LEU P 345 47.31 -75.84 -30.43
C LEU P 345 47.21 -74.55 -31.25
N SER P 346 47.95 -74.44 -32.35
CA SER P 346 47.91 -73.21 -33.14
C SER P 346 46.52 -72.96 -33.70
N GLY P 347 45.87 -74.01 -34.20
CA GLY P 347 44.53 -73.84 -34.75
C GLY P 347 43.54 -73.34 -33.72
N VAL P 348 43.57 -73.92 -32.51
CA VAL P 348 42.63 -73.50 -31.48
C VAL P 348 42.95 -72.10 -30.99
N ALA P 349 44.24 -71.75 -30.92
CA ALA P 349 44.61 -70.38 -30.54
C ALA P 349 44.06 -69.38 -31.55
N TYR P 350 44.20 -69.67 -32.84
CA TYR P 350 43.66 -68.75 -33.83
C TYR P 350 42.14 -68.73 -33.80
N ALA P 351 41.50 -69.85 -33.52
CA ALA P 351 40.04 -69.85 -33.40
C ALA P 351 39.60 -68.95 -32.25
N ALA P 352 40.34 -68.98 -31.14
CA ALA P 352 40.04 -68.08 -30.03
C ALA P 352 40.22 -66.62 -30.46
N LYS P 353 41.30 -66.34 -31.18
CA LYS P 353 41.53 -64.96 -31.61
C LYS P 353 40.43 -64.48 -32.55
N ALA P 354 39.97 -65.35 -33.45
CA ALA P 354 38.90 -64.97 -34.37
C ALA P 354 37.59 -64.76 -33.63
N ARG P 355 37.27 -65.64 -32.68
CA ARG P 355 36.07 -65.44 -31.88
C ARG P 355 36.14 -64.09 -31.16
N GLY P 356 37.32 -63.72 -30.68
CA GLY P 356 37.46 -62.42 -30.05
C GLY P 356 37.28 -61.28 -31.03
N VAL P 357 37.86 -61.40 -32.22
CA VAL P 357 37.82 -60.30 -33.19
C VAL P 357 36.46 -60.14 -33.83
N LYS P 358 35.60 -61.15 -33.75
CA LYS P 358 34.27 -61.05 -34.33
C LYS P 358 33.23 -60.49 -33.37
N LYS P 359 33.62 -60.06 -32.18
CA LYS P 359 32.66 -59.53 -31.21
C LYS P 359 32.14 -58.17 -31.65
N ASN P 360 33.02 -57.20 -31.79
CA ASN P 360 32.64 -55.88 -32.27
C ASN P 360 32.47 -55.91 -33.78
N SER P 361 31.48 -55.16 -34.27
CA SER P 361 31.17 -55.16 -35.69
C SER P 361 31.70 -53.94 -36.43
N ASP P 362 31.81 -52.79 -35.77
CA ASP P 362 32.27 -51.58 -36.45
C ASP P 362 33.75 -51.68 -36.78
N VAL P 363 34.59 -51.75 -35.75
CA VAL P 363 36.03 -51.85 -35.94
C VAL P 363 36.58 -53.22 -35.58
N GLY P 364 35.76 -54.10 -35.02
CA GLY P 364 36.23 -55.41 -34.63
C GLY P 364 36.97 -55.36 -33.30
N GLY P 365 36.70 -56.32 -32.43
CA GLY P 365 37.32 -56.30 -31.13
C GLY P 365 38.68 -56.95 -31.12
N TRP P 366 39.73 -56.14 -31.20
CA TRP P 366 41.10 -56.63 -31.12
C TRP P 366 41.63 -56.66 -29.70
N HIS P 367 40.89 -56.12 -28.74
CA HIS P 367 41.36 -56.02 -27.37
C HIS P 367 40.98 -57.22 -26.52
N TYR P 368 40.33 -58.23 -27.10
CA TYR P 368 39.98 -59.42 -26.36
C TYR P 368 41.14 -60.41 -26.39
N SER P 369 41.59 -60.83 -25.23
CA SER P 369 42.69 -61.79 -25.16
C SER P 369 42.23 -63.15 -25.68
N PRO P 370 43.11 -63.90 -26.33
CA PRO P 370 42.77 -65.25 -26.82
C PRO P 370 42.82 -66.32 -25.74
N ALA P 371 42.14 -66.08 -24.62
CA ALA P 371 42.12 -67.03 -23.53
C ALA P 371 40.88 -66.77 -22.69
N GLY P 372 40.50 -67.76 -21.89
CA GLY P 372 39.37 -67.65 -21.02
C GLY P 372 38.50 -68.88 -21.10
N GLU P 373 37.30 -68.79 -20.55
CA GLU P 373 36.36 -69.89 -20.55
C GLU P 373 35.21 -69.71 -21.51
N GLU P 374 35.09 -68.54 -22.14
CA GLU P 374 34.02 -68.28 -23.10
C GLU P 374 34.52 -68.07 -24.52
N ARG P 375 35.83 -68.08 -24.74
CA ARG P 375 36.37 -67.82 -26.06
C ARG P 375 37.51 -68.74 -26.46
N ALA P 376 37.94 -69.66 -25.61
CA ALA P 376 39.12 -70.46 -25.93
C ALA P 376 38.95 -71.92 -25.52
N VAL P 377 37.71 -72.41 -25.47
CA VAL P 377 37.50 -73.81 -25.11
C VAL P 377 38.11 -74.70 -26.18
N ILE P 378 38.61 -75.86 -25.75
CA ILE P 378 39.25 -76.82 -26.64
C ILE P 378 38.29 -78.00 -26.82
N ALA P 379 37.91 -78.25 -28.07
CA ALA P 379 36.97 -79.32 -28.40
C ALA P 379 37.76 -80.50 -28.95
N ARG P 380 37.87 -81.57 -28.16
CA ARG P 380 38.55 -82.78 -28.58
C ARG P 380 37.69 -83.96 -28.14
N ALA P 381 38.25 -85.16 -28.23
CA ALA P 381 37.55 -86.38 -27.88
C ALA P 381 38.44 -87.24 -26.99
N SER P 382 37.97 -87.50 -25.77
CA SER P 382 38.66 -88.41 -24.84
C SER P 382 40.09 -87.96 -24.57
N ILE P 383 40.22 -86.72 -24.08
CA ILE P 383 41.54 -86.19 -23.77
C ILE P 383 42.14 -86.99 -22.62
N GLN P 384 43.30 -87.58 -22.87
CA GLN P 384 44.00 -88.39 -21.88
C GLN P 384 45.41 -87.85 -21.73
N PRO P 385 45.78 -87.34 -20.55
CA PRO P 385 47.09 -86.68 -20.41
C PRO P 385 48.24 -87.62 -20.74
N LEU P 386 49.28 -87.06 -21.36
CA LEU P 386 50.42 -87.85 -21.76
C LEU P 386 51.29 -88.21 -20.56
N TYR P 387 51.50 -87.27 -19.65
CA TYR P 387 52.36 -87.45 -18.48
C TYR P 387 51.56 -87.10 -17.24
N PRO P 388 50.67 -87.98 -16.80
CA PRO P 388 49.89 -87.69 -15.59
C PRO P 388 50.72 -87.54 -14.33
N GLU P 389 51.92 -88.12 -14.29
CA GLU P 389 52.73 -88.05 -13.07
C GLU P 389 53.47 -86.73 -12.91
N ASP P 390 53.50 -85.88 -13.93
CA ASP P 390 54.22 -84.63 -13.86
C ASP P 390 53.29 -83.49 -13.45
N THR P 391 53.86 -82.31 -13.28
CA THR P 391 53.12 -81.14 -12.84
C THR P 391 53.70 -79.90 -13.50
N PRO P 392 52.88 -78.90 -13.81
CA PRO P 392 53.39 -77.68 -14.44
C PRO P 392 54.27 -76.90 -13.46
N ASP P 393 54.91 -75.87 -14.01
CA ASP P 393 55.92 -75.05 -13.33
C ASP P 393 55.54 -73.57 -13.43
N GLU P 394 54.30 -73.26 -13.02
CA GLU P 394 53.65 -71.98 -13.32
C GLU P 394 54.60 -70.78 -13.33
N GLU P 395 55.38 -70.62 -12.27
CA GLU P 395 56.28 -69.47 -12.20
C GLU P 395 57.34 -69.53 -13.30
N ALA P 396 57.95 -70.71 -13.48
CA ALA P 396 58.96 -70.85 -14.53
C ALA P 396 58.35 -70.63 -15.91
N MET P 397 57.14 -71.14 -16.13
CA MET P 397 56.48 -70.93 -17.41
C MET P 397 56.23 -69.46 -17.68
N VAL P 398 55.74 -68.74 -16.67
CA VAL P 398 55.46 -67.32 -16.87
C VAL P 398 56.75 -66.55 -17.13
N LYS P 399 57.83 -66.91 -16.43
CA LYS P 399 59.10 -66.24 -16.68
C LYS P 399 59.66 -66.58 -18.06
N GLY P 400 59.40 -67.79 -18.54
CA GLY P 400 59.88 -68.22 -19.85
C GLY P 400 58.93 -67.97 -21.00
N ARG P 401 57.81 -67.29 -20.76
CA ARG P 401 56.87 -66.89 -21.80
C ARG P 401 56.33 -68.11 -22.55
N LEU P 402 55.60 -68.95 -21.82
CA LEU P 402 55.01 -70.15 -22.38
C LEU P 402 53.57 -70.25 -21.88
N ASN P 403 52.61 -70.11 -22.78
CA ASN P 403 51.21 -70.22 -22.39
C ASN P 403 50.88 -71.66 -22.03
N LYS P 404 50.05 -71.83 -21.00
CA LYS P 404 49.75 -73.13 -20.44
C LYS P 404 48.25 -73.41 -20.51
N VAL P 405 47.92 -74.68 -20.65
CA VAL P 405 46.53 -75.12 -20.65
C VAL P 405 46.13 -75.46 -19.22
N SER P 406 44.82 -75.54 -18.98
CA SER P 406 44.30 -75.88 -17.66
C SER P 406 42.93 -76.50 -17.84
N VAL P 407 42.24 -76.68 -16.72
CA VAL P 407 40.87 -77.19 -16.71
C VAL P 407 40.00 -76.14 -16.06
N GLY P 408 39.17 -75.47 -16.86
CA GLY P 408 38.29 -74.46 -16.35
C GLY P 408 37.03 -75.07 -15.75
N THR P 409 36.02 -74.22 -15.59
CA THR P 409 34.75 -74.70 -15.07
C THR P 409 34.09 -75.64 -16.07
N SER P 410 33.23 -76.52 -15.54
CA SER P 410 32.45 -77.49 -16.31
C SER P 410 33.32 -78.63 -16.83
N GLY P 411 34.63 -78.52 -16.65
CA GLY P 411 35.54 -79.61 -16.98
C GLY P 411 36.10 -79.63 -18.38
N GLN P 412 35.91 -78.58 -19.17
CA GLN P 412 36.49 -78.51 -20.50
C GLN P 412 37.83 -77.80 -20.45
N MET P 413 38.82 -78.37 -21.12
CA MET P 413 40.14 -77.75 -21.16
C MET P 413 40.07 -76.39 -21.84
N ILE P 414 40.84 -75.44 -21.33
CA ILE P 414 40.90 -74.09 -21.89
C ILE P 414 42.35 -73.64 -21.94
N ILE P 415 42.57 -72.55 -22.66
CA ILE P 415 43.84 -71.85 -22.65
C ILE P 415 43.77 -70.75 -21.60
N ASP P 416 44.77 -70.68 -20.74
CA ASP P 416 44.70 -69.78 -19.58
C ASP P 416 45.92 -68.86 -19.50
N ASP P 417 46.38 -68.36 -20.64
CA ASP P 417 47.40 -67.32 -20.65
C ASP P 417 47.37 -66.59 -21.98
N ALA P 418 47.89 -65.36 -21.96
CA ALA P 418 47.95 -64.50 -23.13
C ALA P 418 49.31 -63.82 -23.19
N LEU P 419 50.38 -64.58 -22.99
CA LEU P 419 51.72 -64.03 -22.93
C LEU P 419 52.42 -64.21 -24.27
N THR P 420 53.08 -63.14 -24.73
CA THR P 420 53.81 -63.16 -25.99
C THR P 420 55.26 -63.56 -25.74
N CYS P 421 56.10 -63.38 -26.75
CA CYS P 421 57.51 -63.74 -26.65
C CYS P 421 58.39 -62.58 -26.23
N CYS P 422 57.83 -61.42 -25.92
CA CYS P 422 58.62 -60.30 -25.44
C CYS P 422 59.20 -60.62 -24.07
N THR P 423 60.49 -60.32 -23.88
CA THR P 423 61.13 -60.58 -22.61
C THR P 423 61.04 -59.40 -21.65
N GLN P 424 60.96 -58.18 -22.18
CA GLN P 424 60.87 -57.01 -21.32
C GLN P 424 59.57 -57.04 -20.52
N ASP P 425 59.64 -56.61 -19.27
CA ASP P 425 58.47 -56.64 -18.38
C ASP P 425 57.78 -55.27 -18.43
N ASN P 426 56.95 -55.10 -19.45
CA ASN P 426 56.14 -53.90 -19.60
C ASN P 426 54.79 -54.32 -20.18
N TYR P 427 54.04 -53.34 -20.68
CA TYR P 427 52.72 -53.64 -21.24
C TYR P 427 52.80 -54.46 -22.51
N LEU P 428 53.98 -54.63 -23.10
CA LEU P 428 54.07 -55.26 -24.41
C LEU P 428 54.03 -56.77 -24.36
N HIS P 429 54.22 -57.39 -23.20
CA HIS P 429 54.25 -58.85 -23.19
C HIS P 429 52.87 -59.47 -23.09
N PHE P 430 51.83 -58.69 -22.82
CA PHE P 430 50.48 -59.21 -22.93
C PHE P 430 50.11 -59.34 -24.40
N GLN P 431 49.08 -60.15 -24.67
CA GLN P 431 48.79 -60.48 -26.07
C GLN P 431 47.96 -59.40 -26.76
N HIS P 432 47.00 -58.82 -26.06
CA HIS P 432 46.05 -57.96 -26.75
C HIS P 432 46.66 -56.60 -27.13
N VAL P 433 47.60 -56.10 -26.33
CA VAL P 433 48.17 -54.77 -26.62
C VAL P 433 48.88 -54.72 -27.97
N PRO P 434 49.81 -55.62 -28.29
CA PRO P 434 50.43 -55.56 -29.62
C PRO P 434 49.44 -55.71 -30.75
N SER P 435 48.40 -56.53 -30.60
CA SER P 435 47.44 -56.70 -31.68
C SER P 435 46.68 -55.40 -31.94
N LEU P 436 46.24 -54.73 -30.88
CA LEU P 436 45.53 -53.47 -31.03
C LEU P 436 46.43 -52.40 -31.65
N MET P 437 47.66 -52.30 -31.15
CA MET P 437 48.58 -51.31 -31.70
C MET P 437 48.89 -51.58 -33.17
N ASN P 438 49.01 -52.86 -33.53
CA ASN P 438 49.30 -53.20 -34.92
C ASN P 438 48.10 -52.91 -35.82
N ALA P 439 46.88 -53.11 -35.32
CA ALA P 439 45.72 -52.72 -36.11
C ALA P 439 45.72 -51.22 -36.38
N ILE P 440 46.00 -50.42 -35.35
CA ILE P 440 46.05 -48.98 -35.55
C ILE P 440 47.15 -48.61 -36.54
N SER P 441 48.31 -49.25 -36.42
CA SER P 441 49.42 -48.95 -37.32
C SER P 441 49.10 -49.30 -38.77
N ARG P 442 48.44 -50.44 -38.99
CA ARG P 442 48.07 -50.80 -40.35
C ARG P 442 47.10 -49.80 -40.95
N PHE P 443 46.11 -49.37 -40.16
CA PHE P 443 45.20 -48.33 -40.66
C PHE P 443 45.96 -47.05 -40.98
N PHE P 444 46.94 -46.68 -40.14
CA PHE P 444 47.71 -45.47 -40.42
C PHE P 444 48.49 -45.61 -41.72
N VAL P 445 49.10 -46.77 -41.94
CA VAL P 445 49.85 -46.95 -43.17
C VAL P 445 48.95 -46.79 -44.38
N GLN P 446 47.75 -47.38 -44.32
CA GLN P 446 46.81 -47.20 -45.43
C GLN P 446 46.49 -45.73 -45.65
N LEU P 447 46.16 -45.02 -44.58
CA LEU P 447 45.76 -43.62 -44.71
C LEU P 447 46.88 -42.75 -45.27
N ALA P 448 48.10 -42.91 -44.74
CA ALA P 448 49.20 -42.09 -45.18
C ALA P 448 49.61 -42.43 -46.61
N ARG P 449 49.55 -43.71 -46.99
CA ARG P 449 49.82 -44.06 -48.37
C ARG P 449 48.82 -43.40 -49.30
N GLN P 450 47.55 -43.36 -48.90
CA GLN P 450 46.56 -42.68 -49.73
C GLN P 450 46.79 -41.18 -49.79
N MET P 451 47.28 -40.58 -48.71
CA MET P 451 47.35 -39.14 -48.58
C MET P 451 48.73 -38.58 -48.92
N LYS P 452 49.65 -39.42 -49.39
CA LYS P 452 50.98 -38.95 -49.74
C LYS P 452 50.94 -38.00 -50.93
N HIS P 453 51.93 -37.12 -50.99
CA HIS P 453 52.20 -36.22 -52.11
C HIS P 453 51.18 -35.10 -52.24
N SER P 454 50.53 -34.71 -51.16
CA SER P 454 49.59 -33.60 -51.20
C SER P 454 50.20 -32.36 -50.54
N PRO P 455 49.71 -31.17 -50.88
CA PRO P 455 50.19 -29.97 -50.21
C PRO P 455 49.82 -29.98 -48.73
N ASP P 456 50.57 -29.20 -47.95
CA ASP P 456 50.44 -29.26 -46.50
C ASP P 456 49.06 -28.85 -46.03
N GLY P 457 48.43 -27.90 -46.72
CA GLY P 457 47.12 -27.43 -46.30
C GLY P 457 46.10 -28.55 -46.27
N ILE P 458 46.05 -29.34 -47.35
CA ILE P 458 45.17 -30.50 -47.37
C ILE P 458 45.68 -31.59 -46.43
N THR P 459 47.00 -31.79 -46.39
CA THR P 459 47.57 -32.93 -45.69
C THR P 459 47.30 -32.87 -44.20
N ALA P 460 47.55 -31.71 -43.57
CA ALA P 460 47.38 -31.61 -42.13
C ALA P 460 45.94 -31.89 -41.73
N ALA P 461 44.99 -31.24 -42.40
CA ALA P 461 43.59 -31.43 -42.07
C ALA P 461 43.16 -32.88 -42.31
N GLY P 462 43.59 -33.47 -43.42
CA GLY P 462 43.19 -34.84 -43.72
C GLY P 462 43.72 -35.83 -42.70
N LEU P 463 45.01 -35.72 -42.37
CA LEU P 463 45.60 -36.62 -41.38
C LEU P 463 44.91 -36.47 -40.03
N THR P 464 44.72 -35.23 -39.58
CA THR P 464 44.10 -35.01 -38.28
C THR P 464 42.68 -35.57 -38.26
N LYS P 465 41.90 -35.31 -39.31
CA LYS P 465 40.52 -35.79 -39.33
C LYS P 465 40.47 -37.32 -39.33
N GLY P 466 41.27 -37.96 -40.18
CA GLY P 466 41.24 -39.41 -40.24
C GLY P 466 41.65 -40.06 -38.94
N MET P 467 42.76 -39.61 -38.35
CA MET P 467 43.21 -40.20 -37.10
C MET P 467 42.24 -39.93 -35.96
N THR P 468 41.70 -38.72 -35.87
CA THR P 468 40.74 -38.43 -34.82
C THR P 468 39.52 -39.33 -34.95
N LYS P 469 39.01 -39.51 -36.17
CA LYS P 469 37.84 -40.37 -36.36
C LYS P 469 38.16 -41.80 -35.97
N LEU P 470 39.31 -42.33 -36.39
CA LEU P 470 39.63 -43.72 -36.09
C LEU P 470 39.79 -43.94 -34.59
N LEU P 471 40.52 -43.05 -33.92
CA LEU P 471 40.73 -43.24 -32.49
C LEU P 471 39.43 -43.04 -31.71
N ASP P 472 38.56 -42.14 -32.16
CA ASP P 472 37.25 -42.02 -31.52
C ASP P 472 36.44 -43.30 -31.69
N ARG P 473 36.52 -43.92 -32.86
CA ARG P 473 35.84 -45.19 -33.06
C ARG P 473 36.36 -46.24 -32.10
N PHE P 474 37.68 -46.31 -31.92
CA PHE P 474 38.24 -47.27 -30.99
C PHE P 474 37.81 -47.00 -29.55
N VAL P 475 37.82 -45.74 -29.12
CA VAL P 475 37.42 -45.42 -27.77
C VAL P 475 35.96 -45.78 -27.53
N ALA P 476 35.10 -45.47 -28.50
CA ALA P 476 33.70 -45.85 -28.38
C ALA P 476 33.54 -47.37 -28.35
N SER P 477 34.39 -48.09 -29.07
CA SER P 477 34.38 -49.55 -29.00
C SER P 477 34.73 -50.02 -27.60
N GLY P 478 35.69 -49.38 -26.96
CA GLY P 478 36.07 -49.70 -25.61
C GLY P 478 37.47 -50.27 -25.44
N ALA P 479 38.32 -50.18 -26.45
CA ALA P 479 39.68 -50.69 -26.35
C ALA P 479 40.64 -49.73 -25.68
N LEU P 480 40.25 -48.47 -25.48
CA LEU P 480 41.07 -47.50 -24.78
C LEU P 480 40.28 -46.90 -23.64
N VAL P 481 40.93 -46.71 -22.50
CA VAL P 481 40.30 -46.19 -21.31
C VAL P 481 41.13 -45.02 -20.78
N ALA P 482 40.59 -44.32 -19.79
CA ALA P 482 41.28 -43.18 -19.20
C ALA P 482 42.59 -43.64 -18.56
N PRO P 483 43.59 -42.76 -18.52
CA PRO P 483 44.89 -43.18 -17.99
C PRO P 483 44.81 -43.54 -16.52
N ARG P 484 45.73 -44.40 -16.09
CA ARG P 484 45.71 -44.91 -14.73
C ARG P 484 45.89 -43.79 -13.70
N ASP P 485 46.82 -42.86 -13.98
CA ASP P 485 47.08 -41.75 -13.07
C ASP P 485 46.70 -40.44 -13.72
N PRO P 486 45.50 -39.92 -13.48
CA PRO P 486 45.04 -38.70 -14.14
C PRO P 486 45.54 -37.42 -13.48
N ASP P 487 46.84 -37.40 -13.17
CA ASP P 487 47.47 -36.23 -12.58
C ASP P 487 48.60 -35.68 -13.43
N ALA P 488 49.43 -36.54 -14.01
CA ALA P 488 50.55 -36.10 -14.85
C ALA P 488 50.21 -36.18 -16.33
N ASP P 489 49.83 -37.36 -16.82
CA ASP P 489 49.55 -37.57 -18.23
C ASP P 489 48.07 -37.37 -18.56
N GLY P 490 47.53 -36.21 -18.19
CA GLY P 490 46.19 -35.79 -18.54
C GLY P 490 45.12 -36.79 -18.17
N THR P 491 43.97 -36.64 -18.85
CA THR P 491 42.84 -37.53 -18.61
C THR P 491 42.14 -37.94 -19.91
N GLU P 492 42.85 -37.89 -21.04
CA GLU P 492 42.20 -38.33 -22.27
C GLU P 492 42.75 -39.69 -22.69
N PRO P 493 41.90 -40.56 -23.25
CA PRO P 493 42.40 -41.89 -23.64
C PRO P 493 43.53 -41.85 -24.65
N TYR P 494 43.48 -40.90 -25.58
CA TYR P 494 44.49 -40.78 -26.63
C TYR P 494 44.88 -39.33 -26.81
N VAL P 495 46.15 -39.13 -27.15
CA VAL P 495 46.71 -37.81 -27.44
C VAL P 495 47.33 -37.87 -28.83
N LEU P 496 46.94 -36.93 -29.69
CA LEU P 496 47.37 -36.91 -31.08
C LEU P 496 48.18 -35.65 -31.35
N LYS P 497 49.21 -35.79 -32.17
CA LYS P 497 50.04 -34.64 -32.52
C LYS P 497 50.58 -34.83 -33.93
N VAL P 498 50.11 -34.01 -34.87
CA VAL P 498 50.58 -34.01 -36.24
C VAL P 498 51.40 -32.75 -36.45
N THR P 499 52.64 -32.92 -36.90
CA THR P 499 53.55 -31.79 -36.99
C THR P 499 54.37 -31.88 -38.26
N GLN P 500 55.02 -30.77 -38.60
CA GLN P 500 55.94 -30.69 -39.73
C GLN P 500 57.35 -30.52 -39.19
N ALA P 501 58.26 -31.37 -39.63
CA ALA P 501 59.64 -31.34 -39.15
C ALA P 501 60.57 -30.58 -40.09
N GLU P 502 60.39 -30.74 -41.40
CA GLU P 502 61.08 -29.91 -42.40
C GLU P 502 60.09 -29.71 -43.54
N PHE P 503 60.61 -29.37 -44.71
CA PHE P 503 59.75 -29.16 -45.88
C PHE P 503 58.81 -30.33 -46.10
N ASP P 504 59.31 -31.56 -46.01
CA ASP P 504 58.43 -32.73 -46.13
C ASP P 504 58.92 -33.80 -45.15
N LYS P 505 58.41 -33.74 -43.92
CA LYS P 505 58.69 -34.77 -42.93
C LYS P 505 57.48 -34.97 -42.02
N TRP P 506 56.27 -34.84 -42.57
CA TRP P 506 55.06 -34.87 -41.76
C TRP P 506 55.09 -36.01 -40.75
N GLU P 507 55.13 -35.69 -39.47
CA GLU P 507 55.31 -36.65 -38.40
C GLU P 507 54.06 -36.71 -37.55
N VAL P 508 53.53 -37.92 -37.36
CA VAL P 508 52.33 -38.15 -36.59
C VAL P 508 52.71 -38.97 -35.36
N VAL P 509 52.36 -38.46 -34.18
CA VAL P 509 52.62 -39.15 -32.93
C VAL P 509 51.30 -39.30 -32.19
N TRP P 510 50.90 -40.53 -31.93
CA TRP P 510 49.68 -40.82 -31.19
C TRP P 510 50.02 -41.69 -30.00
N ALA P 511 49.49 -41.32 -28.83
CA ALA P 511 49.71 -42.05 -27.60
C ALA P 511 48.37 -42.50 -27.06
N CYS P 512 48.23 -43.80 -26.81
CA CYS P 512 46.96 -44.37 -26.39
C CYS P 512 47.13 -45.10 -25.07
N CYS P 513 46.06 -45.15 -24.29
CA CYS P 513 46.08 -45.94 -23.06
C CYS P 513 45.27 -47.20 -23.26
N PRO P 514 45.90 -48.37 -23.39
CA PRO P 514 45.14 -49.59 -23.66
C PRO P 514 44.40 -50.10 -22.44
N THR P 515 43.41 -50.96 -22.69
CA THR P 515 42.63 -51.53 -21.61
C THR P 515 43.46 -52.49 -20.79
N GLY P 516 42.98 -52.78 -19.58
CA GLY P 516 43.64 -53.70 -18.69
C GLY P 516 42.93 -55.03 -18.63
N VAL P 517 43.64 -56.09 -19.05
CA VAL P 517 43.10 -57.43 -18.91
C VAL P 517 42.96 -57.76 -17.42
N ALA P 518 42.12 -58.75 -17.13
CA ALA P 518 41.87 -59.20 -15.76
C ALA P 518 42.42 -60.61 -15.64
N ARG P 519 43.70 -60.72 -15.32
CA ARG P 519 44.39 -62.00 -15.21
C ARG P 519 44.43 -62.53 -13.78
N ARG P 520 44.68 -61.68 -12.80
CA ARG P 520 44.76 -62.07 -11.41
C ARG P 520 43.68 -61.32 -10.63
N ILE P 521 42.83 -62.07 -9.94
CA ILE P 521 41.75 -61.51 -9.15
C ILE P 521 41.92 -61.98 -7.71
N GLN P 522 41.94 -61.04 -6.78
CA GLN P 522 42.15 -61.34 -5.37
C GLN P 522 41.03 -60.74 -4.54
N GLY P 523 40.50 -61.53 -3.61
CA GLY P 523 39.45 -61.08 -2.70
C GLY P 523 39.97 -61.07 -1.27
N VAL P 524 39.68 -59.99 -0.55
CA VAL P 524 40.11 -59.82 0.82
C VAL P 524 38.88 -59.59 1.69
N PRO P 525 38.34 -60.64 2.31
CA PRO P 525 37.19 -60.45 3.20
C PRO P 525 37.59 -59.71 4.46
N LEU P 526 36.61 -59.02 5.04
CA LEU P 526 36.84 -58.24 6.24
C LEU P 526 35.67 -58.42 7.20
N LEU P 527 35.88 -58.05 8.44
CA LEU P 527 34.83 -58.04 9.46
C LEU P 527 34.79 -56.66 10.11
N ILE P 528 33.57 -56.18 10.35
CA ILE P 528 33.35 -54.84 10.89
C ILE P 528 32.89 -54.97 12.33
N LYS P 529 33.57 -54.27 13.23
CA LYS P 529 33.20 -54.27 14.64
C LYS P 529 31.85 -53.59 14.83
N SER Q 2 43.98 -80.31 -5.84
CA SER Q 2 43.07 -80.74 -6.89
C SER Q 2 42.15 -79.60 -7.32
N GLN Q 3 40.98 -79.95 -7.84
CA GLN Q 3 39.99 -78.95 -8.17
C GLN Q 3 39.24 -78.54 -6.89
N TYR Q 4 38.46 -77.47 -7.02
CA TYR Q 4 37.69 -76.87 -5.93
C TYR Q 4 38.58 -76.31 -4.83
N SER Q 5 39.89 -76.47 -4.92
CA SER Q 5 40.79 -75.94 -3.93
C SER Q 5 40.91 -74.43 -4.11
N ILE Q 6 41.22 -73.74 -3.02
CA ILE Q 6 41.35 -72.29 -3.01
C ILE Q 6 42.73 -71.93 -2.49
N GLN Q 7 43.47 -71.16 -3.28
CA GLN Q 7 44.78 -70.70 -2.85
C GLN Q 7 44.66 -69.36 -2.13
N GLN Q 8 45.79 -68.89 -1.61
CA GLN Q 8 45.81 -67.65 -0.84
C GLN Q 8 46.89 -66.66 -1.27
N SER Q 9 47.94 -67.10 -1.96
CA SER Q 9 49.05 -66.22 -2.28
C SER Q 9 48.82 -65.47 -3.59
N LEU Q 10 48.70 -66.20 -4.70
CA LEU Q 10 48.46 -65.63 -6.02
C LEU Q 10 49.58 -64.65 -6.39
N GLY Q 11 50.76 -65.22 -6.60
CA GLY Q 11 51.92 -64.43 -6.97
C GLY Q 11 52.37 -64.62 -8.40
N ASN Q 12 52.16 -63.59 -9.23
CA ASN Q 12 52.71 -63.53 -10.59
C ASN Q 12 52.26 -64.72 -11.44
N ALA Q 13 51.02 -65.14 -11.29
CA ALA Q 13 50.47 -66.22 -12.10
C ALA Q 13 48.96 -66.06 -12.16
N SER Q 14 48.39 -66.45 -13.29
CA SER Q 14 46.94 -66.34 -13.46
C SER Q 14 46.23 -67.25 -12.47
N GLY Q 15 45.12 -66.77 -11.93
CA GLY Q 15 44.34 -67.55 -11.00
C GLY Q 15 43.48 -66.63 -10.15
N VAL Q 16 42.79 -67.25 -9.19
CA VAL Q 16 41.95 -66.53 -8.25
C VAL Q 16 42.25 -67.03 -6.85
N ALA Q 17 42.24 -66.12 -5.88
CA ALA Q 17 42.57 -66.49 -4.51
C ALA Q 17 41.86 -65.54 -3.55
N VAL Q 18 41.54 -66.06 -2.37
CA VAL Q 18 40.90 -65.28 -1.31
C VAL Q 18 41.80 -65.32 -0.09
N SER Q 19 42.04 -64.15 0.49
CA SER Q 19 42.88 -64.05 1.65
C SER Q 19 42.14 -64.56 2.89
N PRO Q 20 42.86 -65.09 3.88
CA PRO Q 20 42.20 -65.53 5.10
C PRO Q 20 41.54 -64.37 5.82
N ILE Q 21 40.45 -64.67 6.54
CA ILE Q 21 39.64 -63.63 7.15
C ILE Q 21 40.48 -62.80 8.11
N ASN Q 22 40.32 -61.49 8.04
CA ASN Q 22 41.17 -60.61 8.84
C ASN Q 22 40.76 -60.62 10.31
N ALA Q 23 39.55 -60.13 10.61
CA ALA Q 23 38.97 -60.21 11.94
C ALA Q 23 39.91 -59.68 13.01
N ASP Q 24 40.54 -58.54 12.74
CA ASP Q 24 41.43 -57.91 13.71
C ASP Q 24 40.88 -56.63 14.31
N ALA Q 25 39.90 -56.01 13.66
CA ALA Q 25 39.25 -54.82 14.21
C ALA Q 25 38.13 -55.16 15.17
N THR Q 26 37.88 -56.45 15.42
CA THR Q 26 36.81 -56.91 16.28
C THR Q 26 37.34 -57.71 17.45
N LEU Q 27 38.52 -57.39 17.94
CA LEU Q 27 39.14 -58.16 19.02
C LEU Q 27 38.54 -57.73 20.35
N SER Q 28 37.82 -58.65 20.99
CA SER Q 28 37.25 -58.44 22.31
C SER Q 28 38.16 -59.08 23.35
N THR Q 29 37.70 -59.11 24.59
CA THR Q 29 38.42 -59.75 25.67
C THR Q 29 37.42 -60.37 26.64
N GLY Q 30 37.55 -61.67 26.88
CA GLY Q 30 36.67 -62.34 27.82
C GLY Q 30 37.35 -62.63 29.14
N VAL Q 31 37.03 -61.85 30.17
CA VAL Q 31 37.62 -62.02 31.49
C VAL Q 31 36.55 -62.35 32.50
N ALA Q 32 35.31 -61.91 32.24
CA ALA Q 32 34.18 -62.12 33.14
C ALA Q 32 34.48 -61.57 34.53
N LEU Q 33 34.58 -60.25 34.58
CA LEU Q 33 34.97 -59.57 35.81
C LEU Q 33 34.00 -59.84 36.95
N ASN Q 34 32.73 -60.06 36.64
CA ASN Q 34 31.73 -60.24 37.69
C ASN Q 34 31.70 -61.67 38.22
N SER Q 35 32.87 -62.20 38.59
CA SER Q 35 32.97 -63.54 39.14
C SER Q 35 34.01 -63.53 40.25
N SER Q 36 33.67 -64.13 41.38
CA SER Q 36 34.54 -64.15 42.55
C SER Q 36 34.58 -65.54 43.15
N LEU Q 37 35.79 -66.00 43.47
CA LEU Q 37 35.99 -67.28 44.15
C LEU Q 37 36.96 -67.09 45.29
N TRP Q 38 36.82 -67.92 46.32
CA TRP Q 38 37.60 -67.78 47.54
C TRP Q 38 38.51 -68.98 47.72
N ALA Q 39 39.75 -68.72 48.12
CA ALA Q 39 40.74 -69.76 48.32
C ALA Q 39 41.27 -69.70 49.74
N GLY Q 40 41.40 -70.87 50.37
CA GLY Q 40 41.87 -70.88 51.74
C GLY Q 40 42.50 -72.21 52.12
N ILE Q 41 43.26 -72.17 53.21
CA ILE Q 41 43.85 -73.38 53.77
C ILE Q 41 43.11 -73.71 55.06
N GLY Q 42 43.24 -74.94 55.50
CA GLY Q 42 42.55 -75.34 56.72
C GLY Q 42 42.91 -76.75 57.13
N VAL Q 43 42.30 -77.17 58.24
CA VAL Q 43 42.45 -78.51 58.77
C VAL Q 43 41.07 -79.14 58.83
N PHE Q 44 40.92 -80.33 58.24
CA PHE Q 44 39.62 -80.96 58.16
C PHE Q 44 39.71 -82.44 58.51
N ALA Q 45 38.64 -83.19 58.25
CA ALA Q 45 38.60 -84.61 58.56
C ALA Q 45 38.86 -85.49 57.36
N ARG Q 46 38.37 -85.12 56.18
CA ARG Q 46 38.53 -85.91 54.97
C ARG Q 46 38.97 -85.01 53.83
N GLY Q 47 39.86 -85.53 53.00
CA GLY Q 47 40.38 -84.80 51.85
C GLY Q 47 41.81 -85.17 51.58
N LYS Q 48 42.24 -84.94 50.35
CA LYS Q 48 43.61 -85.25 49.95
C LYS Q 48 44.56 -84.18 50.45
N PRO Q 49 45.54 -84.52 51.28
CA PRO Q 49 46.40 -83.48 51.85
C PRO Q 49 47.31 -82.85 50.82
N PHE Q 50 47.57 -81.55 51.02
CA PHE Q 50 48.51 -80.78 50.20
C PHE Q 50 48.14 -80.81 48.73
N THR Q 51 46.83 -80.80 48.45
CA THR Q 51 46.35 -80.79 47.07
C THR Q 51 45.14 -79.88 47.00
N VAL Q 52 45.08 -79.02 45.99
CA VAL Q 52 43.98 -78.08 45.86
C VAL Q 52 42.69 -78.84 45.59
N LEU Q 53 41.66 -78.49 46.35
CA LEU Q 53 40.34 -79.08 46.16
C LEU Q 53 39.41 -78.06 45.50
N ALA Q 54 38.16 -78.45 45.34
CA ALA Q 54 37.13 -77.56 44.81
C ALA Q 54 35.82 -77.90 45.51
N VAL Q 55 35.24 -76.91 46.19
CA VAL Q 55 34.05 -77.11 47.00
C VAL Q 55 32.94 -76.21 46.48
N THR Q 56 31.77 -76.80 46.26
CA THR Q 56 30.57 -76.09 45.86
C THR Q 56 29.52 -76.22 46.96
N GLU Q 57 28.34 -75.68 46.70
CA GLU Q 57 27.27 -75.70 47.69
C GLU Q 57 26.66 -77.09 47.87
N SER Q 58 26.99 -78.05 47.01
CA SER Q 58 26.30 -79.33 47.02
C SER Q 58 27.20 -80.53 47.26
N ASN Q 59 28.49 -80.33 47.52
CA ASN Q 59 29.36 -81.48 47.76
C ASN Q 59 30.32 -81.31 48.92
N TYR Q 60 30.42 -80.13 49.54
CA TYR Q 60 31.43 -79.92 50.58
C TYR Q 60 31.30 -80.94 51.70
N GLU Q 61 30.07 -81.33 52.03
CA GLU Q 61 29.86 -82.28 53.12
C GLU Q 61 30.60 -83.59 52.89
N ASP Q 62 30.64 -84.06 51.64
CA ASP Q 62 31.29 -85.34 51.36
C ASP Q 62 32.73 -85.20 50.92
N VAL Q 63 33.08 -84.14 50.17
CA VAL Q 63 34.48 -84.01 49.77
C VAL Q 63 35.35 -83.67 50.97
N LEU Q 64 34.87 -82.82 51.87
CA LEU Q 64 35.64 -82.44 53.04
C LEU Q 64 35.30 -83.25 54.28
N GLY Q 65 34.36 -84.17 54.19
CA GLY Q 65 33.97 -84.99 55.32
C GLY Q 65 32.98 -84.30 56.23
N GLU Q 66 32.45 -85.07 57.17
CA GLU Q 66 31.47 -84.55 58.10
C GLU Q 66 32.12 -83.53 59.05
N PRO Q 67 31.34 -82.59 59.56
CA PRO Q 67 31.92 -81.58 60.46
C PRO Q 67 32.49 -82.20 61.72
N LEU Q 68 33.56 -81.59 62.23
CA LEU Q 68 34.24 -82.09 63.42
C LEU Q 68 33.45 -81.71 64.66
N LYS Q 69 34.04 -81.95 65.83
CA LYS Q 69 33.39 -81.68 67.11
C LYS Q 69 34.16 -80.61 67.88
N PRO Q 70 33.49 -79.59 68.42
CA PRO Q 70 34.23 -78.56 69.17
C PRO Q 70 34.97 -79.10 70.38
N SER Q 71 34.42 -80.12 71.05
CA SER Q 71 35.09 -80.69 72.22
C SER Q 71 36.40 -81.37 71.87
N SER Q 72 36.60 -81.73 70.61
CA SER Q 72 37.86 -82.37 70.21
C SER Q 72 39.05 -81.43 70.39
N GLY Q 73 38.88 -80.16 70.05
CA GLY Q 73 39.95 -79.20 70.16
C GLY Q 73 39.68 -77.93 69.40
N SER Q 74 40.70 -77.39 68.73
CA SER Q 74 40.57 -76.16 67.97
C SER Q 74 40.42 -76.40 66.47
N GLN Q 75 40.15 -77.64 66.07
CA GLN Q 75 40.05 -77.99 64.66
C GLN Q 75 38.65 -77.78 64.10
N PHE Q 76 37.71 -77.31 64.90
CA PHE Q 76 36.33 -77.14 64.45
C PHE Q 76 36.10 -75.80 63.73
N GLU Q 77 37.12 -74.96 63.61
CA GLU Q 77 36.91 -73.63 63.05
C GLU Q 77 36.78 -73.65 61.52
N PRO Q 78 37.71 -74.23 60.76
CA PRO Q 78 37.66 -74.05 59.30
C PRO Q 78 36.40 -74.61 58.65
N ILE Q 79 35.82 -75.69 59.20
CA ILE Q 79 34.60 -76.21 58.59
C ILE Q 79 33.48 -75.21 58.71
N ARG Q 80 33.34 -74.56 59.87
CA ARG Q 80 32.32 -73.55 60.04
C ARG Q 80 32.58 -72.33 59.16
N HIS Q 81 33.85 -71.94 59.03
CA HIS Q 81 34.17 -70.83 58.13
C HIS Q 81 33.78 -71.17 56.69
N VAL Q 82 34.07 -72.40 56.25
CA VAL Q 82 33.69 -72.84 54.92
C VAL Q 82 32.18 -72.80 54.76
N TYR Q 83 31.45 -73.28 55.78
CA TYR Q 83 30.00 -73.32 55.68
C TYR Q 83 29.42 -71.91 55.57
N GLU Q 84 29.99 -70.96 56.29
CA GLU Q 84 29.50 -69.60 56.22
C GLU Q 84 29.92 -68.89 54.93
N ALA Q 85 31.03 -69.29 54.31
CA ALA Q 85 31.47 -68.63 53.10
C ALA Q 85 30.89 -69.23 51.82
N ILE Q 86 30.53 -70.52 51.85
CA ILE Q 86 29.98 -71.18 50.67
C ILE Q 86 28.65 -70.59 50.25
N GLN Q 87 27.89 -70.03 51.19
CA GLN Q 87 26.55 -69.52 50.97
C GLN Q 87 26.41 -68.73 49.67
N GLN Q 88 27.51 -68.11 49.22
CA GLN Q 88 27.48 -67.27 48.03
C GLN Q 88 28.11 -67.95 46.82
N THR Q 89 29.36 -68.40 46.92
CA THR Q 89 30.08 -68.90 45.75
C THR Q 89 30.96 -70.08 46.13
N SER Q 90 31.32 -70.86 45.13
CA SER Q 90 32.21 -71.99 45.33
C SER Q 90 33.64 -71.51 45.53
N GLY Q 91 34.52 -72.44 45.89
CA GLY Q 91 35.88 -72.05 46.20
C GLY Q 91 36.85 -73.19 46.19
N TYR Q 92 38.09 -72.88 46.59
CA TYR Q 92 39.18 -73.84 46.61
C TYR Q 92 39.82 -73.86 47.99
N VAL Q 93 40.06 -75.07 48.51
CA VAL Q 93 40.63 -75.24 49.84
C VAL Q 93 41.85 -76.15 49.74
N VAL Q 94 42.71 -76.03 50.74
CA VAL Q 94 43.91 -76.87 50.85
C VAL Q 94 43.95 -77.42 52.27
N ARG Q 95 43.95 -78.74 52.39
CA ARG Q 95 43.98 -79.39 53.70
C ARG Q 95 45.42 -79.66 54.11
N ALA Q 96 45.76 -79.28 55.34
CA ALA Q 96 47.07 -79.53 55.92
C ALA Q 96 46.94 -80.51 57.07
N VAL Q 97 47.75 -81.55 57.06
CA VAL Q 97 47.65 -82.63 58.05
C VAL Q 97 48.87 -82.61 58.96
N PRO Q 98 48.77 -83.16 60.18
CA PRO Q 98 49.95 -83.24 61.04
C PRO Q 98 50.99 -84.20 60.51
N ASP Q 99 52.07 -84.40 61.26
CA ASP Q 99 53.19 -85.19 60.76
C ASP Q 99 52.87 -86.68 60.75
N ASP Q 100 52.22 -87.18 61.80
CA ASP Q 100 52.06 -88.62 62.00
C ASP Q 100 50.78 -89.19 61.37
N ALA Q 101 50.14 -88.45 60.48
CA ALA Q 101 48.96 -88.98 59.82
C ALA Q 101 49.34 -90.08 58.84
N LYS Q 102 48.63 -91.20 58.90
CA LYS Q 102 48.95 -92.37 58.09
C LYS Q 102 47.70 -92.86 57.36
N PHE Q 103 47.91 -93.37 56.15
CA PHE Q 103 46.85 -93.94 55.33
C PHE Q 103 47.09 -95.43 55.14
N PRO Q 104 46.02 -96.21 54.95
CA PRO Q 104 46.17 -97.67 54.85
C PRO Q 104 46.69 -98.11 53.50
N ILE Q 105 47.24 -99.32 53.49
CA ILE Q 105 47.81 -99.93 52.29
C ILE Q 105 47.58 -101.43 52.36
N ILE Q 106 47.12 -102.02 51.26
CA ILE Q 106 46.95 -103.46 51.14
C ILE Q 106 47.88 -103.96 50.05
N MET Q 107 48.81 -104.84 50.41
CA MET Q 107 49.79 -105.39 49.49
C MET Q 107 49.48 -106.85 49.24
N PHE Q 108 49.49 -107.26 47.97
CA PHE Q 108 49.21 -108.63 47.60
C PHE Q 108 50.51 -109.38 47.32
N ASP Q 109 50.37 -110.62 46.84
CA ASP Q 109 51.52 -111.45 46.51
C ASP Q 109 51.13 -112.34 45.33
N GLU Q 110 52.05 -113.21 44.94
CA GLU Q 110 51.80 -114.09 43.80
C GLU Q 110 50.63 -115.02 44.06
N SER Q 111 50.60 -115.64 45.25
CA SER Q 111 49.51 -116.55 45.58
C SER Q 111 48.20 -115.82 45.71
N GLY Q 112 48.22 -114.61 46.26
CA GLY Q 112 47.02 -113.81 46.47
C GLY Q 112 46.66 -113.55 47.92
N GLU Q 113 47.48 -113.95 48.88
CA GLU Q 113 47.16 -113.69 50.28
C GLU Q 113 47.49 -112.24 50.63
N PRO Q 114 46.51 -111.44 51.04
CA PRO Q 114 46.77 -110.02 51.28
C PRO Q 114 47.50 -109.78 52.58
N ALA Q 115 48.14 -108.62 52.66
CA ALA Q 115 48.73 -108.13 53.89
C ALA Q 115 48.41 -106.65 54.01
N TYR Q 116 48.36 -106.15 55.24
CA TYR Q 116 47.96 -104.78 55.52
C TYR Q 116 49.11 -104.01 56.15
N SER Q 117 49.11 -102.70 55.94
CA SER Q 117 50.07 -101.81 56.57
C SER Q 117 49.54 -100.39 56.51
N ALA Q 118 50.30 -99.45 57.06
CA ALA Q 118 49.95 -98.05 57.01
C ALA Q 118 51.20 -97.23 56.74
N LEU Q 119 51.05 -96.17 55.96
CA LEU Q 119 52.20 -95.33 55.61
C LEU Q 119 51.87 -93.86 55.82
N PRO Q 120 52.83 -93.06 56.27
CA PRO Q 120 52.57 -91.62 56.44
C PRO Q 120 52.29 -90.93 55.13
N TYR Q 121 51.50 -89.87 55.21
CA TYR Q 121 51.08 -89.15 54.01
C TYR Q 121 52.26 -88.52 53.30
N GLY Q 122 52.15 -88.41 51.98
CA GLY Q 122 53.17 -87.80 51.17
C GLY Q 122 54.38 -88.69 50.88
N SER Q 123 54.27 -89.99 51.14
CA SER Q 123 55.38 -90.91 50.92
C SER Q 123 54.96 -91.98 49.92
N GLU Q 124 55.88 -92.31 49.02
CA GLU Q 124 55.63 -93.38 48.07
C GLU Q 124 55.84 -94.73 48.75
N ILE Q 125 55.65 -95.80 47.97
CA ILE Q 125 55.63 -97.16 48.50
C ILE Q 125 56.76 -97.95 47.87
N GLU Q 126 57.50 -98.67 48.69
CA GLU Q 126 58.50 -99.63 48.22
C GLU Q 126 57.93 -101.03 48.36
N LEU Q 127 58.08 -101.83 47.31
CA LEU Q 127 57.50 -103.17 47.28
C LEU Q 127 58.54 -104.20 47.67
N ASP Q 128 58.15 -105.13 48.53
CA ASP Q 128 59.04 -106.22 48.89
C ASP Q 128 59.14 -107.21 47.73
N SER Q 129 60.06 -108.17 47.87
CA SER Q 129 60.29 -109.13 46.79
C SER Q 129 59.03 -109.93 46.48
N GLY Q 130 58.32 -110.38 47.52
CA GLY Q 130 57.13 -111.17 47.32
C GLY Q 130 55.87 -110.42 46.99
N GLU Q 131 55.91 -109.09 46.99
CA GLU Q 131 54.73 -108.28 46.76
C GLU Q 131 54.52 -108.07 45.27
N ALA Q 132 53.30 -108.34 44.80
CA ALA Q 132 52.97 -108.15 43.39
C ALA Q 132 52.42 -106.76 43.11
N PHE Q 133 51.43 -106.32 43.88
CA PHE Q 133 50.88 -104.99 43.69
C PHE Q 133 50.21 -104.53 44.97
N ALA Q 134 50.16 -103.22 45.14
CA ALA Q 134 49.63 -102.59 46.34
C ALA Q 134 48.53 -101.61 45.97
N ILE Q 135 47.48 -101.57 46.80
CA ILE Q 135 46.35 -100.67 46.63
C ILE Q 135 46.22 -99.84 47.90
N TYR Q 136 46.05 -98.53 47.73
CA TYR Q 136 45.86 -97.65 48.88
C TYR Q 136 44.78 -96.63 48.54
N VAL Q 137 44.36 -95.88 49.56
CA VAL Q 137 43.26 -94.93 49.46
C VAL Q 137 43.85 -93.52 49.47
N ASP Q 138 43.47 -92.71 48.48
CA ASP Q 138 43.95 -91.34 48.39
C ASP Q 138 42.84 -90.31 48.63
N ASP Q 139 41.69 -90.74 49.16
CA ASP Q 139 40.67 -89.79 49.56
C ASP Q 139 41.06 -89.02 50.81
N GLY Q 140 42.04 -89.52 51.57
CA GLY Q 140 42.46 -88.90 52.80
C GLY Q 140 41.81 -89.45 54.05
N ASP Q 141 40.68 -90.12 53.91
CA ASP Q 141 39.99 -90.67 55.07
C ASP Q 141 40.87 -91.72 55.74
N PRO Q 142 40.96 -91.73 57.08
CA PRO Q 142 41.76 -92.74 57.77
C PRO Q 142 41.08 -94.08 57.93
N CYS Q 143 39.90 -94.27 57.34
CA CYS Q 143 39.23 -95.57 57.29
C CYS Q 143 39.02 -96.15 58.69
N ILE Q 144 38.57 -95.31 59.62
CA ILE Q 144 38.27 -95.75 60.97
C ILE Q 144 36.78 -95.71 61.25
N SER Q 145 36.07 -94.70 60.74
CA SER Q 145 34.62 -94.64 60.82
C SER Q 145 34.08 -93.72 59.74
N PRO Q 146 33.32 -94.24 58.76
CA PRO Q 146 32.95 -95.64 58.56
C PRO Q 146 34.08 -96.47 57.98
N THR Q 147 34.08 -97.78 58.21
CA THR Q 147 35.12 -98.63 57.63
C THR Q 147 34.90 -98.79 56.14
N ARG Q 148 35.97 -99.16 55.44
CA ARG Q 148 35.92 -99.36 53.99
C ARG Q 148 36.48 -100.74 53.66
N GLU Q 149 35.76 -101.48 52.82
CA GLU Q 149 36.11 -102.85 52.49
C GLU Q 149 36.28 -102.97 50.98
N LEU Q 150 37.25 -103.80 50.57
CA LEU Q 150 37.60 -104.00 49.18
C LEU Q 150 37.38 -105.47 48.83
N THR Q 151 36.76 -105.71 47.68
CA THR Q 151 36.39 -107.06 47.25
C THR Q 151 36.85 -107.29 45.82
N ILE Q 152 37.37 -108.49 45.57
CA ILE Q 152 37.86 -108.90 44.25
C ILE Q 152 37.00 -110.06 43.77
N GLU Q 153 36.50 -109.94 42.54
CA GLU Q 153 35.63 -110.96 41.96
C GLU Q 153 36.16 -111.37 40.59
N THR Q 154 36.10 -112.67 40.30
CA THR Q 154 36.51 -113.15 38.99
C THR Q 154 35.49 -112.77 37.93
N ALA Q 155 35.99 -112.44 36.75
CA ALA Q 155 35.14 -112.04 35.63
C ALA Q 155 35.61 -112.74 34.36
N THR Q 156 34.86 -112.54 33.29
CA THR Q 156 35.19 -113.17 32.01
C THR Q 156 36.40 -112.48 31.37
N ALA Q 157 37.27 -113.29 30.77
CA ALA Q 157 38.44 -112.76 30.10
C ALA Q 157 38.04 -111.99 28.84
N ASP Q 158 38.96 -111.14 28.38
CA ASP Q 158 38.70 -110.34 27.19
C ASP Q 158 38.83 -111.17 25.94
N SER Q 159 38.64 -110.53 24.78
CA SER Q 159 38.78 -111.23 23.50
C SER Q 159 40.21 -111.71 23.29
N ALA Q 160 41.19 -110.89 23.65
CA ALA Q 160 42.59 -111.29 23.48
C ALA Q 160 42.93 -112.49 24.35
N GLY Q 161 42.46 -112.50 25.60
CA GLY Q 161 42.70 -113.62 26.48
C GLY Q 161 43.13 -113.24 27.88
N ASN Q 162 43.45 -111.96 28.09
CA ASN Q 162 43.88 -111.50 29.40
C ASN Q 162 42.73 -111.59 30.40
N GLU Q 163 43.08 -111.87 31.65
CA GLU Q 163 42.10 -112.06 32.70
C GLU Q 163 41.81 -110.73 33.39
N ARG Q 164 40.56 -110.31 33.35
CA ARG Q 164 40.12 -109.08 33.99
C ARG Q 164 39.25 -109.43 35.20
N PHE Q 165 39.54 -108.81 36.34
CA PHE Q 165 38.78 -109.03 37.55
C PHE Q 165 38.07 -107.75 37.96
N LEU Q 166 36.96 -107.93 38.68
CA LEU Q 166 36.11 -106.83 39.12
C LEU Q 166 36.50 -106.41 40.54
N LEU Q 167 36.71 -105.12 40.72
CA LEU Q 167 37.05 -104.54 42.01
C LEU Q 167 35.85 -103.78 42.54
N LYS Q 168 35.49 -104.02 43.80
CA LYS Q 168 34.34 -103.37 44.41
C LYS Q 168 34.72 -102.87 45.80
N LEU Q 169 34.70 -101.57 45.99
CA LEU Q 169 34.94 -100.98 47.31
C LEU Q 169 33.62 -100.47 47.86
N THR Q 170 33.31 -100.87 49.09
CA THR Q 170 32.06 -100.53 49.75
C THR Q 170 32.32 -100.05 51.16
N GLN Q 171 31.54 -99.07 51.60
CA GLN Q 171 31.69 -98.51 52.93
C GLN Q 171 30.65 -99.13 53.87
N THR Q 172 31.07 -99.38 55.10
CA THR Q 172 30.20 -99.92 56.15
C THR Q 172 30.27 -99.01 57.35
N THR Q 173 29.13 -98.52 57.80
CA THR Q 173 29.08 -97.67 58.98
C THR Q 173 29.11 -98.53 60.25
N SER Q 174 29.35 -97.85 61.37
CA SER Q 174 29.42 -98.56 62.65
C SER Q 174 28.07 -99.17 63.03
N LEU Q 175 26.97 -98.52 62.64
CA LEU Q 175 25.66 -99.06 62.96
C LEU Q 175 25.41 -100.39 62.26
N GLY Q 176 25.79 -100.50 61.00
CA GLY Q 176 25.59 -101.73 60.26
C GLY Q 176 25.14 -101.53 58.83
N VAL Q 177 24.97 -100.26 58.43
CA VAL Q 177 24.57 -99.95 57.06
C VAL Q 177 25.74 -100.19 56.12
N VAL Q 178 25.53 -101.02 55.12
CA VAL Q 178 26.55 -101.37 54.14
C VAL Q 178 26.04 -101.00 52.76
N THR Q 179 26.68 -100.03 52.12
CA THR Q 179 26.32 -99.58 50.79
C THR Q 179 27.53 -99.66 49.88
N THR Q 180 27.30 -100.03 48.63
CA THR Q 180 28.39 -100.05 47.65
C THR Q 180 28.83 -98.63 47.34
N LEU Q 181 30.11 -98.49 47.01
CA LEU Q 181 30.69 -97.18 46.78
C LEU Q 181 31.28 -97.03 45.38
N GLU Q 182 32.08 -98.00 44.94
CA GLU Q 182 32.70 -97.88 43.63
C GLU Q 182 33.01 -99.26 43.07
N THR Q 183 32.82 -99.42 41.76
CA THR Q 183 33.10 -100.66 41.08
C THR Q 183 33.90 -100.41 39.81
N HIS Q 184 34.74 -101.37 39.46
CA HIS Q 184 35.60 -101.27 38.29
C HIS Q 184 35.90 -102.66 37.76
N THR Q 185 36.40 -102.71 36.52
CA THR Q 185 36.86 -103.94 35.90
C THR Q 185 38.28 -103.71 35.41
N VAL Q 186 39.26 -104.27 36.11
CA VAL Q 186 40.66 -103.98 35.82
C VAL Q 186 41.43 -105.27 35.69
N SER Q 187 42.59 -105.19 35.04
CA SER Q 187 43.45 -106.35 34.85
C SER Q 187 44.90 -105.90 34.91
N LEU Q 188 45.78 -106.88 35.14
CA LEU Q 188 47.21 -106.63 35.26
C LEU Q 188 47.93 -106.62 33.92
N ALA Q 189 47.26 -107.00 32.84
CA ALA Q 189 47.88 -106.96 31.52
C ALA Q 189 48.10 -105.51 31.09
N GLU Q 190 49.25 -105.26 30.44
CA GLU Q 190 49.62 -103.91 30.05
C GLU Q 190 48.79 -103.36 28.91
N GLU Q 191 47.99 -104.19 28.23
CA GLU Q 191 47.26 -103.74 27.06
C GLU Q 191 45.80 -104.21 27.02
N ALA Q 192 45.34 -104.94 28.02
CA ALA Q 192 43.98 -105.44 28.01
C ALA Q 192 42.97 -104.31 28.07
N LYS Q 193 41.82 -104.52 27.44
CA LYS Q 193 40.75 -103.53 27.40
C LYS Q 193 39.47 -104.12 27.96
N ASP Q 194 38.66 -103.27 28.57
CA ASP Q 194 37.40 -103.69 29.14
C ASP Q 194 36.33 -103.79 28.05
N ASP Q 195 35.08 -103.99 28.45
CA ASP Q 195 34.00 -104.14 27.48
C ASP Q 195 33.77 -102.85 26.69
N MET Q 196 33.82 -101.71 27.37
CA MET Q 196 33.55 -100.43 26.71
C MET Q 196 34.71 -99.95 25.85
N GLY Q 197 35.87 -100.59 25.92
CA GLY Q 197 37.01 -100.24 25.09
C GLY Q 197 38.08 -99.43 25.77
N ARG Q 198 37.84 -98.94 26.98
CA ARG Q 198 38.85 -98.16 27.68
C ARG Q 198 39.97 -99.05 28.18
N LEU Q 199 41.11 -98.44 28.47
CA LEU Q 199 42.24 -99.17 29.01
C LEU Q 199 41.91 -99.71 30.40
N CYS Q 200 42.31 -100.96 30.66
CA CYS Q 200 41.98 -101.62 31.91
C CYS Q 200 43.20 -102.01 32.72
N TYR Q 201 44.39 -101.53 32.34
CA TYR Q 201 45.56 -101.74 33.18
C TYR Q 201 45.33 -101.12 34.55
N LEU Q 202 45.73 -101.83 35.59
CA LEU Q 202 45.33 -101.45 36.95
C LEU Q 202 45.81 -100.06 37.36
N PRO Q 203 47.11 -99.73 37.27
CA PRO Q 203 47.52 -98.40 37.77
C PRO Q 203 46.87 -97.24 37.05
N THR Q 204 46.96 -97.21 35.71
CA THR Q 204 46.39 -96.10 34.96
C THR Q 204 44.87 -96.06 35.09
N ALA Q 205 44.23 -97.22 35.10
CA ALA Q 205 42.77 -97.25 35.22
C ALA Q 205 42.33 -96.66 36.55
N LEU Q 206 42.95 -97.10 37.66
CA LEU Q 206 42.58 -96.55 38.95
C LEU Q 206 42.93 -95.08 39.06
N GLU Q 207 44.07 -94.66 38.50
CA GLU Q 207 44.45 -93.25 38.58
C GLU Q 207 43.48 -92.37 37.81
N ALA Q 208 42.99 -92.83 36.67
CA ALA Q 208 42.17 -91.99 35.80
C ALA Q 208 40.70 -92.02 36.19
N ARG Q 209 40.10 -93.21 36.23
CA ARG Q 209 38.65 -93.31 36.36
C ARG Q 209 38.16 -93.40 37.79
N SER Q 210 39.06 -93.45 38.78
CA SER Q 210 38.69 -93.58 40.18
C SER Q 210 39.30 -92.45 40.98
N LYS Q 211 38.49 -91.79 41.81
CA LYS Q 211 38.96 -90.71 42.66
C LYS Q 211 39.10 -91.12 44.12
N TYR Q 212 39.04 -92.42 44.41
CA TYR Q 212 39.19 -92.93 45.77
C TYR Q 212 40.46 -93.73 45.97
N LEU Q 213 40.84 -94.57 45.01
CA LEU Q 213 41.94 -95.49 45.17
C LEU Q 213 43.11 -95.12 44.26
N ARG Q 214 44.27 -95.65 44.61
CA ARG Q 214 45.45 -95.64 43.75
C ARG Q 214 46.16 -96.97 43.94
N ALA Q 215 46.98 -97.33 42.97
CA ALA Q 215 47.67 -98.61 43.02
C ALA Q 215 49.07 -98.48 42.42
N VAL Q 216 49.94 -99.40 42.84
CA VAL Q 216 51.26 -99.55 42.26
C VAL Q 216 51.52 -101.03 42.04
N VAL Q 217 52.45 -101.32 41.12
CA VAL Q 217 52.74 -102.69 40.73
C VAL Q 217 54.26 -102.92 40.76
N ASN Q 218 54.63 -104.18 40.86
CA ASN Q 218 56.04 -104.59 40.79
C ASN Q 218 56.28 -105.16 39.40
N GLU Q 219 57.19 -104.53 38.65
CA GLU Q 219 57.40 -104.92 37.26
C GLU Q 219 57.93 -106.35 37.15
N GLU Q 220 58.83 -106.73 38.05
CA GLU Q 220 59.45 -108.05 37.95
C GLU Q 220 58.42 -109.17 38.13
N LEU Q 221 57.51 -109.02 39.09
CA LEU Q 221 56.56 -110.07 39.43
C LEU Q 221 55.21 -109.91 38.75
N ILE Q 222 55.01 -108.84 37.97
CA ILE Q 222 53.71 -108.61 37.37
C ILE Q 222 53.38 -109.61 36.28
N SER Q 223 54.39 -110.25 35.68
CA SER Q 223 54.14 -111.18 34.59
C SER Q 223 53.47 -112.45 35.09
N THR Q 224 53.98 -113.03 36.18
CA THR Q 224 53.48 -114.28 36.72
C THR Q 224 52.42 -114.08 37.80
N ALA Q 225 52.05 -112.83 38.07
CA ALA Q 225 51.09 -112.56 39.13
C ALA Q 225 49.72 -113.12 38.78
N LYS Q 226 49.06 -113.70 39.78
CA LYS Q 226 47.71 -114.21 39.65
C LYS Q 226 46.90 -113.78 40.87
N VAL Q 227 45.61 -113.53 40.65
CA VAL Q 227 44.72 -113.05 41.70
C VAL Q 227 43.63 -114.09 41.95
N THR Q 228 43.37 -114.36 43.22
CA THR Q 228 42.33 -115.28 43.63
C THR Q 228 41.04 -114.51 43.89
N ASN Q 229 40.05 -115.16 44.50
CA ASN Q 229 38.79 -114.54 44.85
C ASN Q 229 38.80 -114.21 46.34
N LYS Q 230 39.02 -112.94 46.66
CA LYS Q 230 39.04 -112.46 48.04
C LYS Q 230 37.76 -111.67 48.30
N LYS Q 231 37.06 -112.02 49.37
CA LYS Q 231 35.77 -111.42 49.70
C LYS Q 231 35.88 -110.69 51.04
N SER Q 232 35.41 -109.45 51.07
CA SER Q 232 35.29 -108.66 52.30
C SER Q 232 36.65 -108.49 52.98
N LEU Q 233 37.55 -107.80 52.30
CA LEU Q 233 38.80 -107.38 52.93
C LEU Q 233 38.53 -106.19 53.84
N ALA Q 234 39.59 -105.65 54.45
CA ALA Q 234 39.43 -104.56 55.40
C ALA Q 234 40.69 -103.72 55.44
N PHE Q 235 40.55 -102.43 55.11
CA PHE Q 235 41.64 -101.49 55.34
C PHE Q 235 41.83 -101.29 56.84
N THR Q 236 43.07 -101.09 57.25
CA THR Q 236 43.36 -100.88 58.66
C THR Q 236 44.64 -100.09 58.82
N GLY Q 237 44.81 -99.49 60.00
CA GLY Q 237 45.99 -98.72 60.32
C GLY Q 237 45.89 -97.24 60.04
N GLY Q 238 44.85 -96.80 59.34
CA GLY Q 238 44.71 -95.38 59.03
C GLY Q 238 44.49 -94.58 60.30
N THR Q 239 45.08 -93.38 60.33
CA THR Q 239 45.03 -92.55 61.52
C THR Q 239 45.22 -91.09 61.11
N ASN Q 240 44.27 -90.24 61.49
CA ASN Q 240 44.39 -88.82 61.19
C ASN Q 240 45.34 -88.10 62.13
N GLY Q 241 45.75 -88.74 63.21
CA GLY Q 241 46.69 -88.14 64.13
C GLY Q 241 46.05 -87.08 64.99
N ASP Q 242 46.92 -86.31 65.66
CA ASP Q 242 46.48 -85.20 66.50
C ASP Q 242 46.46 -83.93 65.65
N GLN Q 243 45.27 -83.38 65.44
CA GLN Q 243 45.12 -82.16 64.67
C GLN Q 243 45.06 -80.92 65.53
N SER Q 244 45.19 -81.06 66.85
CA SER Q 244 45.19 -79.89 67.73
C SER Q 244 46.40 -79.01 67.47
N LYS Q 245 47.58 -79.61 67.35
CA LYS Q 245 48.81 -78.88 67.13
C LYS Q 245 49.39 -79.23 65.75
N ILE Q 246 49.79 -78.21 65.01
CA ILE Q 246 50.37 -78.37 63.68
C ILE Q 246 51.56 -77.44 63.57
N SER Q 247 52.70 -77.99 63.15
CA SER Q 247 53.89 -77.18 62.99
C SER Q 247 53.70 -76.14 61.89
N THR Q 248 54.42 -75.03 62.01
CA THR Q 248 54.32 -73.97 61.01
C THR Q 248 54.83 -74.43 59.65
N ALA Q 249 55.65 -75.48 59.61
CA ALA Q 249 56.14 -75.99 58.34
C ALA Q 249 54.99 -76.51 57.48
N ALA Q 250 54.04 -77.21 58.10
CA ALA Q 250 52.89 -77.72 57.34
C ALA Q 250 52.07 -76.58 56.76
N TYR Q 251 51.83 -75.53 57.56
CA TYR Q 251 51.07 -74.40 57.05
C TYR Q 251 51.81 -73.69 55.92
N LEU Q 252 53.13 -73.56 56.05
CA LEU Q 252 53.90 -72.93 54.98
C LEU Q 252 53.84 -73.77 53.70
N ARG Q 253 53.94 -75.09 53.81
CA ARG Q 253 53.83 -75.93 52.64
C ARG Q 253 52.46 -75.81 51.99
N ALA Q 254 51.41 -75.78 52.82
CA ALA Q 254 50.06 -75.65 52.27
C ALA Q 254 49.87 -74.33 51.54
N VAL Q 255 50.37 -73.22 52.12
CA VAL Q 255 50.18 -71.95 51.45
C VAL Q 255 51.03 -71.87 50.19
N LYS Q 256 52.21 -72.51 50.18
CA LYS Q 256 52.98 -72.56 48.94
C LYS Q 256 52.23 -73.31 47.85
N VAL Q 257 51.60 -74.44 48.20
CA VAL Q 257 50.81 -75.18 47.23
C VAL Q 257 49.66 -74.32 46.72
N LEU Q 258 48.99 -73.60 47.62
CA LEU Q 258 47.90 -72.73 47.21
C LEU Q 258 48.39 -71.64 46.26
N ASN Q 259 49.58 -71.11 46.51
CA ASN Q 259 50.16 -70.12 45.62
C ASN Q 259 50.39 -70.69 44.24
N ASN Q 260 50.94 -71.90 44.17
CA ASN Q 260 51.26 -72.51 42.89
C ASN Q 260 50.05 -73.17 42.23
N ALA Q 261 48.89 -73.13 42.86
CA ALA Q 261 47.70 -73.73 42.26
C ALA Q 261 47.38 -73.05 40.94
N PRO Q 262 47.03 -73.81 39.90
CA PRO Q 262 46.69 -73.23 38.60
C PRO Q 262 45.18 -72.97 38.46
N TYR Q 263 44.67 -72.07 39.28
CA TYR Q 263 43.26 -71.71 39.25
C TYR Q 263 43.12 -70.19 39.35
N MET Q 264 41.88 -69.73 39.34
CA MET Q 264 41.57 -68.31 39.43
C MET Q 264 40.68 -68.06 40.64
N TYR Q 265 41.10 -67.13 41.49
CA TYR Q 265 40.27 -66.74 42.62
C TYR Q 265 40.56 -65.29 42.97
N THR Q 266 39.59 -64.63 43.60
CA THR Q 266 39.67 -63.22 43.93
C THR Q 266 39.50 -62.94 45.42
N ALA Q 267 39.81 -63.92 46.27
CA ALA Q 267 39.74 -63.72 47.72
C ALA Q 267 40.54 -64.82 48.38
N VAL Q 268 41.36 -64.45 49.36
CA VAL Q 268 42.33 -65.38 49.92
C VAL Q 268 42.02 -65.67 51.39
N LEU Q 269 40.73 -65.78 51.69
CA LEU Q 269 40.20 -65.92 53.05
C LEU Q 269 41.12 -66.72 53.97
N GLY Q 270 41.44 -66.13 55.11
CA GLY Q 270 42.24 -66.79 56.11
C GLY Q 270 41.40 -67.68 57.01
N LEU Q 271 41.05 -68.86 56.52
CA LEU Q 271 40.13 -69.76 57.22
C LEU Q 271 40.75 -70.22 58.52
N GLY Q 272 40.28 -69.64 59.63
CA GLY Q 272 40.59 -70.11 60.97
C GLY Q 272 42.02 -70.54 61.23
N CYS Q 273 42.98 -69.82 60.66
CA CYS Q 273 44.40 -70.15 60.83
C CYS Q 273 45.07 -68.94 61.48
N TYR Q 274 45.29 -69.03 62.79
CA TYR Q 274 45.88 -67.93 63.55
C TYR Q 274 47.38 -68.18 63.75
N ASP Q 275 48.11 -68.09 62.64
CA ASP Q 275 49.56 -68.22 62.65
C ASP Q 275 50.16 -67.05 61.90
N ASN Q 276 51.15 -66.39 62.51
CA ASN Q 276 51.71 -65.18 61.92
C ASN Q 276 52.36 -65.47 60.57
N ALA Q 277 53.13 -66.57 60.49
CA ALA Q 277 53.81 -66.89 59.24
C ALA Q 277 52.82 -67.17 58.12
N ALA Q 278 51.77 -67.94 58.42
CA ALA Q 278 50.77 -68.24 57.41
C ALA Q 278 50.03 -66.99 56.97
N ILE Q 279 49.71 -66.10 57.91
CA ILE Q 279 49.02 -64.87 57.55
C ILE Q 279 49.90 -64.01 56.66
N THR Q 280 51.20 -63.92 56.97
CA THR Q 280 52.11 -63.17 56.12
C THR Q 280 52.19 -63.77 54.72
N ALA Q 281 52.24 -65.09 54.64
CA ALA Q 281 52.29 -65.74 53.33
C ALA Q 281 51.03 -65.45 52.51
N LEU Q 282 49.86 -65.48 53.17
CA LEU Q 282 48.62 -65.18 52.45
C LEU Q 282 48.58 -63.72 52.03
N GLY Q 283 49.13 -62.84 52.85
CA GLY Q 283 49.30 -61.45 52.42
C GLY Q 283 50.17 -61.34 51.18
N LYS Q 284 51.23 -62.13 51.11
CA LYS Q 284 52.03 -62.19 49.88
C LYS Q 284 51.20 -62.67 48.70
N ILE Q 285 50.33 -63.66 48.92
CA ILE Q 285 49.49 -64.14 47.83
C ILE Q 285 48.62 -63.01 47.29
N CYS Q 286 48.01 -62.24 48.20
CA CYS Q 286 47.25 -61.06 47.79
C CYS Q 286 48.13 -60.09 46.99
N ALA Q 287 49.28 -59.72 47.55
CA ALA Q 287 50.10 -58.70 46.92
C ALA Q 287 50.61 -59.16 45.55
N ASP Q 288 50.72 -60.47 45.36
CA ASP Q 288 51.25 -60.98 44.10
C ASP Q 288 50.16 -61.09 43.05
N ARG Q 289 49.02 -61.69 43.41
CA ARG Q 289 47.98 -61.93 42.42
C ARG Q 289 47.02 -60.76 42.25
N LEU Q 290 47.19 -59.68 43.02
CA LEU Q 290 46.29 -58.53 42.98
C LEU Q 290 44.85 -58.94 43.32
N ILE Q 291 44.68 -59.49 44.51
CA ILE Q 291 43.36 -59.90 44.99
C ILE Q 291 43.13 -59.36 46.40
N ASP Q 292 42.04 -59.77 47.02
CA ASP Q 292 41.62 -59.27 48.32
C ASP Q 292 41.76 -60.36 49.37
N GLY Q 293 42.12 -59.94 50.59
CA GLY Q 293 42.24 -60.86 51.69
C GLY Q 293 41.47 -60.41 52.91
N PHE Q 294 40.87 -61.37 53.64
CA PHE Q 294 40.06 -61.07 54.82
C PHE Q 294 40.54 -61.95 55.97
N PHE Q 295 41.58 -61.50 56.66
CA PHE Q 295 42.12 -62.25 57.78
C PHE Q 295 41.53 -61.75 59.08
N ASP Q 296 41.78 -62.49 60.16
CA ASP Q 296 41.10 -62.16 61.40
C ASP Q 296 41.95 -62.64 62.56
N VAL Q 297 42.09 -61.81 63.58
CA VAL Q 297 42.93 -62.12 64.74
C VAL Q 297 42.19 -63.07 65.67
N LYS Q 298 42.89 -63.62 66.66
CA LYS Q 298 42.27 -64.59 67.54
C LYS Q 298 41.04 -63.98 68.21
N PRO Q 299 39.86 -64.55 68.03
CA PRO Q 299 38.67 -63.92 68.61
C PRO Q 299 38.43 -64.32 70.06
N THR Q 300 39.50 -64.33 70.85
CA THR Q 300 39.41 -64.54 72.29
C THR Q 300 40.31 -63.56 73.04
N LEU Q 301 40.78 -62.52 72.38
CA LEU Q 301 41.63 -61.51 73.00
C LEU Q 301 40.78 -60.32 73.44
N THR Q 302 41.16 -59.74 74.57
CA THR Q 302 40.48 -58.54 75.04
C THR Q 302 40.80 -57.36 74.11
N TYR Q 303 39.96 -56.32 74.21
CA TYR Q 303 40.14 -55.15 73.37
C TYR Q 303 41.49 -54.49 73.61
N ALA Q 304 42.08 -54.70 74.79
CA ALA Q 304 43.39 -54.12 75.06
C ALA Q 304 44.49 -54.84 74.27
N GLU Q 305 44.44 -56.17 74.23
CA GLU Q 305 45.46 -56.93 73.52
C GLU Q 305 45.18 -57.07 72.04
N ALA Q 306 43.99 -56.70 71.57
CA ALA Q 306 43.70 -56.82 70.15
C ALA Q 306 44.60 -55.93 69.32
N LEU Q 307 44.85 -54.70 69.78
CA LEU Q 307 45.65 -53.75 69.00
C LEU Q 307 47.08 -54.21 68.77
N PRO Q 308 47.86 -54.63 69.77
CA PRO Q 308 49.21 -55.13 69.47
C PRO Q 308 49.23 -56.39 68.64
N ALA Q 309 48.20 -57.23 68.72
CA ALA Q 309 48.17 -58.45 67.91
C ALA Q 309 48.06 -58.13 66.43
N VAL Q 310 47.38 -57.04 66.06
CA VAL Q 310 47.29 -56.65 64.66
C VAL Q 310 48.66 -56.27 64.13
N GLU Q 311 49.45 -55.53 64.92
CA GLU Q 311 50.82 -55.24 64.52
C GLU Q 311 51.65 -56.52 64.44
N ASP Q 312 51.43 -57.44 65.38
CA ASP Q 312 52.18 -58.69 65.39
C ASP Q 312 51.92 -59.49 64.12
N THR Q 313 50.66 -59.55 63.69
CA THR Q 313 50.29 -60.43 62.58
C THR Q 313 51.02 -60.09 61.29
N GLY Q 314 51.56 -58.89 61.15
CA GLY Q 314 52.61 -58.62 60.19
C GLY Q 314 52.22 -57.86 58.94
N LEU Q 315 50.93 -57.74 58.63
CA LEU Q 315 50.59 -57.04 57.39
C LEU Q 315 50.60 -55.53 57.51
N LEU Q 316 50.81 -54.98 58.70
CA LEU Q 316 50.82 -53.53 58.86
C LEU Q 316 52.02 -52.94 58.13
N GLY Q 317 51.76 -52.25 57.02
CA GLY Q 317 52.81 -51.62 56.25
C GLY Q 317 52.26 -50.93 55.02
N THR Q 318 53.00 -50.96 53.93
CA THR Q 318 52.57 -50.37 52.68
C THR Q 318 52.50 -51.37 51.53
N ASP Q 319 53.04 -52.58 51.71
CA ASP Q 319 53.00 -53.57 50.65
C ASP Q 319 51.61 -54.19 50.50
N TYR Q 320 50.95 -54.48 51.61
CA TYR Q 320 49.65 -55.13 51.60
C TYR Q 320 48.58 -54.07 51.81
N VAL Q 321 48.05 -53.54 50.70
CA VAL Q 321 47.06 -52.47 50.76
C VAL Q 321 45.64 -52.97 50.53
N SER Q 322 45.45 -54.27 50.38
CA SER Q 322 44.12 -54.81 50.10
C SER Q 322 43.67 -55.86 51.11
N CYS Q 323 44.42 -56.07 52.19
CA CYS Q 323 44.11 -57.10 53.16
C CYS Q 323 43.49 -56.47 54.40
N SER Q 324 42.30 -56.93 54.76
CA SER Q 324 41.58 -56.44 55.94
C SER Q 324 41.76 -57.41 57.10
N VAL Q 325 41.73 -56.88 58.31
CA VAL Q 325 41.90 -57.64 59.53
C VAL Q 325 40.68 -57.41 60.41
N TYR Q 326 40.08 -58.50 60.89
CA TYR Q 326 38.87 -58.42 61.69
C TYR Q 326 39.10 -59.00 63.08
N HIS Q 327 38.09 -58.83 63.93
CA HIS Q 327 38.15 -59.26 65.32
C HIS Q 327 36.73 -59.33 65.85
N TYR Q 328 36.31 -60.51 66.30
CA TYR Q 328 34.93 -60.76 66.71
C TYR Q 328 34.92 -61.46 68.07
N PRO Q 329 35.09 -60.72 69.16
CA PRO Q 329 35.10 -61.34 70.50
C PRO Q 329 33.70 -61.54 71.05
N PHE Q 330 32.99 -62.53 70.51
CA PHE Q 330 31.65 -62.85 70.96
C PHE Q 330 31.46 -64.36 70.91
N SER Q 331 30.50 -64.84 71.70
CA SER Q 331 30.16 -66.26 71.73
C SER Q 331 28.93 -66.51 70.87
N CYS Q 332 28.69 -67.78 70.59
CA CYS Q 332 27.57 -68.16 69.73
C CYS Q 332 27.17 -69.59 70.02
N LYS Q 333 25.98 -69.96 69.57
CA LYS Q 333 25.47 -71.31 69.68
C LYS Q 333 25.63 -72.00 68.34
N ASP Q 334 26.31 -73.14 68.33
CA ASP Q 334 26.66 -73.79 67.08
C ASP Q 334 25.42 -74.35 66.39
N LYS Q 335 25.49 -74.43 65.06
CA LYS Q 335 24.35 -74.89 64.28
C LYS Q 335 24.17 -76.40 64.38
N TRP Q 336 25.28 -77.15 64.41
CA TRP Q 336 25.20 -78.60 64.33
C TRP Q 336 25.20 -79.26 65.71
N THR Q 337 26.24 -79.02 66.51
CA THR Q 337 26.39 -79.74 67.76
C THR Q 337 25.61 -79.12 68.91
N GLN Q 338 25.08 -77.91 68.74
CA GLN Q 338 24.31 -77.23 69.78
C GLN Q 338 25.14 -77.04 71.06
N SER Q 339 26.20 -76.24 70.93
CA SER Q 339 27.10 -75.97 72.06
C SER Q 339 27.56 -74.53 71.97
N ARG Q 340 28.37 -74.12 72.95
CA ARG Q 340 28.91 -72.77 73.03
C ARG Q 340 30.28 -72.75 72.38
N VAL Q 341 30.39 -72.10 71.22
CA VAL Q 341 31.63 -72.04 70.46
C VAL Q 341 31.90 -70.59 70.07
N VAL Q 342 33.16 -70.32 69.76
CA VAL Q 342 33.59 -69.02 69.26
C VAL Q 342 34.46 -69.23 68.04
N PHE Q 343 34.19 -68.46 66.99
CA PHE Q 343 35.04 -68.49 65.80
C PHE Q 343 35.02 -67.11 65.18
N GLY Q 344 35.69 -66.98 64.03
CA GLY Q 344 36.04 -65.69 63.47
C GLY Q 344 34.99 -65.11 62.56
N LEU Q 345 35.43 -64.12 61.76
CA LEU Q 345 34.54 -63.33 60.93
C LEU Q 345 34.96 -63.30 59.46
N SER Q 346 35.96 -64.08 59.07
CA SER Q 346 36.42 -64.04 57.68
C SER Q 346 35.32 -64.49 56.73
N GLY Q 347 34.60 -65.55 57.08
CA GLY Q 347 33.53 -66.02 56.22
C GLY Q 347 32.45 -64.98 56.01
N VAL Q 348 32.03 -64.31 57.08
CA VAL Q 348 30.98 -63.31 56.95
C VAL Q 348 31.49 -62.09 56.19
N ALA Q 349 32.75 -61.72 56.39
CA ALA Q 349 33.31 -60.62 55.60
C ALA Q 349 33.29 -60.94 54.12
N TYR Q 350 33.69 -62.16 53.75
CA TYR Q 350 33.66 -62.52 52.34
C TYR Q 350 32.23 -62.60 51.82
N ALA Q 351 31.29 -63.05 52.64
CA ALA Q 351 29.90 -63.08 52.20
C ALA Q 351 29.41 -61.67 51.92
N ALA Q 352 29.79 -60.70 52.76
CA ALA Q 352 29.44 -59.31 52.50
C ALA Q 352 30.06 -58.84 51.19
N LYS Q 353 31.32 -59.17 50.95
CA LYS Q 353 31.96 -58.74 49.72
C LYS Q 353 31.29 -59.35 48.49
N ALA Q 354 30.89 -60.62 48.59
CA ALA Q 354 30.21 -61.26 47.47
C ALA Q 354 28.83 -60.64 47.22
N ARG Q 355 28.09 -60.37 48.30
CA ARG Q 355 26.81 -59.69 48.14
C ARG Q 355 26.99 -58.35 47.45
N GLY Q 356 28.07 -57.64 47.80
CA GLY Q 356 28.35 -56.38 47.12
C GLY Q 356 28.69 -56.56 45.65
N VAL Q 357 29.51 -57.58 45.35
CA VAL Q 357 29.97 -57.76 43.98
C VAL Q 357 28.89 -58.32 43.07
N LYS Q 358 27.82 -58.88 43.63
CA LYS Q 358 26.74 -59.43 42.82
C LYS Q 358 25.65 -58.41 42.51
N LYS Q 359 25.82 -57.14 42.90
CA LYS Q 359 24.79 -56.15 42.64
C LYS Q 359 24.73 -55.79 41.16
N ASN Q 360 25.81 -55.27 40.61
CA ASN Q 360 25.89 -54.98 39.19
C ASN Q 360 26.09 -56.25 38.40
N SER Q 361 25.50 -56.32 37.21
CA SER Q 361 25.56 -57.52 36.39
C SER Q 361 26.53 -57.41 35.23
N ASP Q 362 26.73 -56.20 34.68
CA ASP Q 362 27.62 -56.05 33.53
C ASP Q 362 29.08 -56.25 33.94
N VAL Q 363 29.59 -55.39 34.80
CA VAL Q 363 30.96 -55.48 35.27
C VAL Q 363 31.05 -55.90 36.73
N GLY Q 364 29.93 -55.98 37.44
CA GLY Q 364 29.96 -56.35 38.84
C GLY Q 364 30.32 -55.16 39.70
N GLY Q 365 29.63 -55.01 40.82
CA GLY Q 365 29.88 -53.86 41.68
C GLY Q 365 31.02 -54.11 42.64
N TRP Q 366 32.21 -53.62 42.30
CA TRP Q 366 33.36 -53.72 43.18
C TRP Q 366 33.49 -52.51 44.09
N HIS Q 367 32.67 -51.49 43.90
CA HIS Q 367 32.79 -50.26 44.68
C HIS Q 367 31.94 -50.26 45.93
N TYR Q 368 31.25 -51.35 46.24
CA TYR Q 368 30.44 -51.45 47.44
C TYR Q 368 31.32 -51.92 48.59
N SER Q 369 31.34 -51.15 49.67
CA SER Q 369 32.14 -51.54 50.83
C SER Q 369 31.52 -52.76 51.51
N PRO Q 370 32.33 -53.65 52.06
CA PRO Q 370 31.83 -54.84 52.76
C PRO Q 370 31.36 -54.54 54.19
N ALA Q 371 30.50 -53.54 54.33
CA ALA Q 371 29.97 -53.17 55.63
C ALA Q 371 28.65 -52.45 55.43
N GLY Q 372 27.87 -52.37 56.49
CA GLY Q 372 26.60 -51.69 56.47
C GLY Q 372 25.53 -52.53 57.12
N GLU Q 373 24.28 -52.12 56.91
CA GLU Q 373 23.14 -52.83 57.48
C GLU Q 373 22.33 -53.61 56.46
N GLU Q 374 22.66 -53.50 55.18
CA GLU Q 374 21.97 -54.24 54.13
C GLU Q 374 22.85 -55.25 53.42
N ARG Q 375 24.14 -55.32 53.76
CA ARG Q 375 25.05 -56.22 53.08
C ARG Q 375 26.01 -56.97 53.98
N ALA Q 376 25.97 -56.74 55.30
CA ALA Q 376 26.97 -57.34 56.17
C ALA Q 376 26.37 -57.84 57.48
N VAL Q 377 25.08 -58.19 57.48
CA VAL Q 377 24.47 -58.69 58.70
C VAL Q 377 25.11 -60.01 59.08
N ILE Q 378 25.20 -60.26 60.39
CA ILE Q 378 25.80 -61.48 60.93
C ILE Q 378 24.67 -62.36 61.45
N ALA Q 379 24.56 -63.57 60.91
CA ALA Q 379 23.52 -64.51 61.30
C ALA Q 379 24.14 -65.56 62.22
N ARG Q 380 23.79 -65.51 63.49
CA ARG Q 380 24.25 -66.48 64.46
C ARG Q 380 23.06 -66.86 65.34
N ALA Q 381 23.34 -67.56 66.44
CA ALA Q 381 22.30 -68.01 67.35
C ALA Q 381 22.70 -67.65 68.78
N SER Q 382 21.89 -66.82 69.43
CA SER Q 382 22.06 -66.47 70.84
C SER Q 382 23.46 -65.88 71.09
N ILE Q 383 23.74 -64.78 70.40
CA ILE Q 383 25.03 -64.11 70.57
C ILE Q 383 25.11 -63.56 71.99
N GLN Q 384 26.12 -64.00 72.73
CA GLN Q 384 26.34 -63.58 74.10
C GLN Q 384 27.75 -63.02 74.22
N PRO Q 385 27.91 -61.73 74.53
CA PRO Q 385 29.26 -61.14 74.52
C PRO Q 385 30.20 -61.83 75.48
N LEU Q 386 31.46 -61.94 75.08
CA LEU Q 386 32.47 -62.61 75.89
C LEU Q 386 32.89 -61.75 77.07
N TYR Q 387 33.07 -60.44 76.85
CA TYR Q 387 33.53 -59.51 77.87
C TYR Q 387 32.55 -58.35 77.95
N PRO Q 388 31.39 -58.56 78.59
CA PRO Q 388 30.41 -57.46 78.70
C PRO Q 388 30.92 -56.27 79.49
N GLU Q 389 31.91 -56.44 80.36
CA GLU Q 389 32.37 -55.33 81.18
C GLU Q 389 33.34 -54.39 80.45
N ASP Q 390 33.83 -54.77 79.28
CA ASP Q 390 34.77 -53.93 78.56
C ASP Q 390 34.04 -53.05 77.55
N THR Q 391 34.81 -52.23 76.84
CA THR Q 391 34.25 -51.29 75.87
C THR Q 391 35.24 -51.06 74.76
N PRO Q 392 34.78 -50.87 73.53
CA PRO Q 392 35.70 -50.61 72.41
C PRO Q 392 36.49 -49.33 72.62
N ASP Q 393 37.48 -49.15 71.75
CA ASP Q 393 38.44 -48.05 71.78
C ASP Q 393 38.46 -47.32 70.44
N GLU Q 394 37.27 -46.93 69.95
CA GLU Q 394 37.05 -46.51 68.57
C GLU Q 394 38.21 -45.76 67.94
N GLU Q 395 38.73 -44.75 68.61
CA GLU Q 395 39.82 -43.95 68.03
C GLU Q 395 41.08 -44.80 67.89
N ALA Q 396 41.45 -45.54 68.93
CA ALA Q 396 42.62 -46.40 68.85
C ALA Q 396 42.44 -47.47 67.78
N MET Q 397 41.23 -48.03 67.68
CA MET Q 397 40.96 -49.04 66.68
C MET Q 397 41.14 -48.48 65.27
N VAL Q 398 40.60 -47.29 65.01
CA VAL Q 398 40.72 -46.71 63.68
C VAL Q 398 42.18 -46.37 63.38
N LYS Q 399 42.92 -45.90 64.38
CA LYS Q 399 44.33 -45.62 64.13
C LYS Q 399 45.13 -46.90 63.90
N GLY Q 400 44.73 -48.00 64.53
CA GLY Q 400 45.41 -49.27 64.38
C GLY Q 400 44.87 -50.16 63.29
N ARG Q 401 43.90 -49.67 62.50
CA ARG Q 401 43.37 -50.40 61.34
C ARG Q 401 42.78 -51.74 61.75
N LEU Q 402 41.71 -51.68 62.54
CA LEU Q 402 41.02 -52.86 63.03
C LEU Q 402 39.52 -52.62 62.90
N ASN Q 403 38.88 -53.34 61.99
CA ASN Q 403 37.44 -53.19 61.82
C ASN Q 403 36.69 -53.74 63.03
N LYS Q 404 35.63 -53.05 63.42
CA LYS Q 404 34.90 -53.38 64.64
C LYS Q 404 33.45 -53.70 64.32
N VAL Q 405 32.88 -54.61 65.10
CA VAL Q 405 31.47 -54.94 64.98
C VAL Q 405 30.66 -53.97 65.83
N SER Q 406 29.35 -53.95 65.60
CA SER Q 406 28.46 -53.07 66.34
C SER Q 406 27.07 -53.69 66.33
N VAL Q 407 26.09 -52.90 66.76
CA VAL Q 407 24.69 -53.30 66.73
C VAL Q 407 23.95 -52.25 65.92
N GLY Q 408 23.52 -52.63 64.72
CA GLY Q 408 22.78 -51.72 63.86
C GLY Q 408 21.32 -51.66 64.23
N THR Q 409 20.51 -51.16 63.31
CA THR Q 409 19.08 -51.09 63.53
C THR Q 409 18.49 -52.49 63.58
N SER Q 410 17.38 -52.61 64.31
CA SER Q 410 16.61 -53.84 64.48
C SER Q 410 17.31 -54.85 65.38
N GLY Q 411 18.55 -54.56 65.76
CA GLY Q 411 19.24 -55.35 66.76
C GLY Q 411 20.10 -56.50 66.27
N GLN Q 412 20.34 -56.61 64.96
CA GLN Q 412 21.27 -57.63 64.47
C GLN Q 412 22.68 -57.04 64.37
N MET Q 413 23.65 -57.82 64.81
CA MET Q 413 25.04 -57.39 64.73
C MET Q 413 25.45 -57.20 63.28
N ILE Q 414 26.27 -56.18 63.03
CA ILE Q 414 26.76 -55.89 61.69
C ILE Q 414 28.24 -55.55 61.77
N ILE Q 415 28.88 -55.51 60.61
CA ILE Q 415 30.23 -55.00 60.47
C ILE Q 415 30.14 -53.53 60.11
N ASP Q 416 30.87 -52.69 60.83
CA ASP Q 416 30.73 -51.24 60.69
C ASP Q 416 32.07 -50.56 60.41
N ASP Q 417 32.89 -51.17 59.56
CA ASP Q 417 34.10 -50.50 59.08
C ASP Q 417 34.58 -51.19 57.82
N ALA Q 418 35.35 -50.44 57.04
CA ALA Q 418 35.91 -50.92 55.78
C ALA Q 418 37.36 -50.47 55.65
N LEU Q 419 38.13 -50.64 56.72
CA LEU Q 419 39.51 -50.17 56.75
C LEU Q 419 40.46 -51.31 56.46
N THR Q 420 41.45 -51.05 55.60
CA THR Q 420 42.44 -52.04 55.22
C THR Q 420 43.64 -51.94 56.15
N CYS Q 421 44.73 -52.60 55.76
CA CYS Q 421 45.95 -52.62 56.56
C CYS Q 421 46.94 -51.54 56.17
N CYS Q 422 46.60 -50.68 55.22
CA CYS Q 422 47.49 -49.60 54.84
C CYS Q 422 47.62 -48.59 55.99
N THR Q 423 48.84 -48.15 56.25
CA THR Q 423 49.07 -47.18 57.32
C THR Q 423 49.01 -45.74 56.83
N GLN Q 424 49.34 -45.50 55.57
CA GLN Q 424 49.31 -44.14 55.04
C GLN Q 424 47.88 -43.62 55.03
N ASP Q 425 47.74 -42.33 55.35
CA ASP Q 425 46.42 -41.70 55.43
C ASP Q 425 46.10 -41.05 54.09
N ASN Q 426 45.61 -41.87 53.16
CA ASN Q 426 45.17 -41.40 51.86
C ASN Q 426 43.96 -42.22 51.45
N TYR Q 427 43.60 -42.16 50.17
CA TYR Q 427 42.45 -42.89 49.68
C TYR Q 427 42.64 -44.39 49.72
N LEU Q 428 43.86 -44.87 49.96
CA LEU Q 428 44.14 -46.30 49.82
C LEU Q 428 43.74 -47.11 51.04
N HIS Q 429 43.47 -46.48 52.18
CA HIS Q 429 43.15 -47.29 53.35
C HIS Q 429 41.69 -47.68 53.44
N PHE Q 430 40.82 -47.10 52.60
CA PHE Q 430 39.47 -47.60 52.50
C PHE Q 430 39.47 -48.92 51.75
N GLN Q 431 38.39 -49.68 51.91
CA GLN Q 431 38.38 -51.04 51.37
C GLN Q 431 38.04 -51.08 49.90
N HIS Q 432 37.09 -50.26 49.45
CA HIS Q 432 36.58 -50.44 48.10
C HIS Q 432 37.56 -49.94 47.04
N VAL Q 433 38.36 -48.92 47.35
CA VAL Q 433 39.27 -48.37 46.35
C VAL Q 433 40.31 -49.38 45.86
N PRO Q 434 41.05 -50.07 46.72
CA PRO Q 434 41.99 -51.07 46.21
C PRO Q 434 41.32 -52.18 45.42
N SER Q 435 40.11 -52.60 45.81
CA SER Q 435 39.44 -53.67 45.08
C SER Q 435 39.10 -53.24 43.66
N LEU Q 436 38.56 -52.02 43.52
CA LEU Q 436 38.23 -51.50 42.20
C LEU Q 436 39.48 -51.33 41.34
N MET Q 437 40.53 -50.76 41.91
CA MET Q 437 41.76 -50.57 41.15
C MET Q 437 42.36 -51.91 40.74
N ASN Q 438 42.28 -52.91 41.61
CA ASN Q 438 42.82 -54.23 41.28
C ASN Q 438 42.00 -54.90 40.20
N ALA Q 439 40.69 -54.72 40.20
CA ALA Q 439 39.88 -55.26 39.10
C ALA Q 439 40.30 -54.65 37.77
N ILE Q 440 40.48 -53.32 37.75
CA ILE Q 440 40.91 -52.68 36.51
C ILE Q 440 42.28 -53.19 36.10
N SER Q 441 43.20 -53.36 37.05
CA SER Q 441 44.54 -53.83 36.72
C SER Q 441 44.53 -55.24 36.16
N ARG Q 442 43.70 -56.13 36.74
CA ARG Q 442 43.62 -57.48 36.23
C ARG Q 442 43.09 -57.50 34.80
N PHE Q 443 42.06 -56.69 34.53
CA PHE Q 443 41.58 -56.61 33.14
C PHE Q 443 42.67 -56.09 32.21
N PHE Q 444 43.45 -55.11 32.66
CA PHE Q 444 44.54 -54.60 31.82
C PHE Q 444 45.56 -55.68 31.53
N VAL Q 445 45.93 -56.46 32.55
CA VAL Q 445 46.91 -57.52 32.33
C VAL Q 445 46.40 -58.50 31.30
N GLN Q 446 45.13 -58.88 31.40
CA GLN Q 446 44.57 -59.79 30.39
C GLN Q 446 44.66 -59.18 28.99
N LEU Q 447 44.25 -57.92 28.85
CA LEU Q 447 44.22 -57.30 27.53
C LEU Q 447 45.63 -57.19 26.94
N ALA Q 448 46.60 -56.74 27.75
CA ALA Q 448 47.95 -56.57 27.23
C ALA Q 448 48.59 -57.91 26.91
N ARG Q 449 48.33 -58.93 27.73
CA ARG Q 449 48.86 -60.25 27.41
C ARG Q 449 48.30 -60.76 26.09
N GLN Q 450 47.03 -60.49 25.81
CA GLN Q 450 46.49 -60.89 24.51
C GLN Q 450 47.08 -60.07 23.39
N MET Q 451 47.40 -58.80 23.63
CA MET Q 451 47.76 -57.88 22.56
C MET Q 451 49.27 -57.70 22.41
N LYS Q 452 50.06 -58.47 23.15
CA LYS Q 452 51.51 -58.37 23.04
C LYS Q 452 51.99 -58.83 21.67
N HIS Q 453 53.15 -58.30 21.26
CA HIS Q 453 53.89 -58.69 20.07
C HIS Q 453 53.23 -58.27 18.76
N SER Q 454 52.44 -57.22 18.78
CA SER Q 454 51.82 -56.72 17.56
C SER Q 454 52.50 -55.44 17.12
N PRO Q 455 52.41 -55.08 15.83
CA PRO Q 455 52.97 -53.81 15.37
C PRO Q 455 52.24 -52.63 16.00
N ASP Q 456 52.92 -51.49 16.01
CA ASP Q 456 52.41 -50.34 16.75
C ASP Q 456 51.09 -49.84 16.20
N GLY Q 457 50.90 -49.94 14.87
CA GLY Q 457 49.66 -49.45 14.29
C GLY Q 457 48.43 -50.14 14.85
N ILE Q 458 48.49 -51.46 14.94
CA ILE Q 458 47.39 -52.21 15.55
C ILE Q 458 47.39 -51.99 17.06
N THR Q 459 48.57 -51.95 17.68
CA THR Q 459 48.66 -51.97 19.14
C THR Q 459 48.04 -50.72 19.75
N ALA Q 460 48.39 -49.55 19.22
CA ALA Q 460 47.90 -48.30 19.81
C ALA Q 460 46.37 -48.24 19.75
N ALA Q 461 45.80 -48.50 18.57
CA ALA Q 461 44.35 -48.44 18.42
C ALA Q 461 43.67 -49.47 19.30
N GLY Q 462 44.21 -50.69 19.35
CA GLY Q 462 43.58 -51.73 20.15
C GLY Q 462 43.60 -51.41 21.64
N LEU Q 463 44.75 -50.97 22.15
CA LEU Q 463 44.84 -50.61 23.56
C LEU Q 463 43.90 -49.48 23.91
N THR Q 464 43.89 -48.43 23.07
CA THR Q 464 43.02 -47.30 23.35
C THR Q 464 41.55 -47.71 23.35
N LYS Q 465 41.15 -48.50 22.35
CA LYS Q 465 39.75 -48.91 22.26
C LYS Q 465 39.35 -49.77 23.45
N GLY Q 466 40.17 -50.75 23.80
CA GLY Q 466 39.82 -51.62 24.91
C GLY Q 466 39.73 -50.89 26.23
N MET Q 467 40.73 -50.04 26.52
CA MET Q 467 40.70 -49.32 27.79
C MET Q 467 39.56 -48.31 27.84
N THR Q 468 39.31 -47.60 26.73
CA THR Q 468 38.20 -46.66 26.72
C THR Q 468 36.88 -47.37 26.96
N LYS Q 469 36.68 -48.51 26.31
CA LYS Q 469 35.43 -49.25 26.51
C LYS Q 469 35.29 -49.71 27.96
N LEU Q 470 36.36 -50.25 28.55
CA LEU Q 470 36.26 -50.75 29.92
C LEU Q 470 35.96 -49.63 30.90
N LEU Q 471 36.69 -48.50 30.77
CA LEU Q 471 36.46 -47.42 31.71
C LEU Q 471 35.10 -46.76 31.51
N ASP Q 472 34.60 -46.72 30.27
CA ASP Q 472 33.25 -46.24 30.06
C ASP Q 472 32.23 -47.15 30.72
N ARG Q 473 32.46 -48.48 30.66
CA ARG Q 473 31.57 -49.41 31.34
C ARG Q 473 31.58 -49.15 32.84
N PHE Q 474 32.76 -48.92 33.41
CA PHE Q 474 32.82 -48.65 34.85
C PHE Q 474 32.10 -47.35 35.21
N VAL Q 475 32.30 -46.30 34.42
CA VAL Q 475 31.66 -45.02 34.72
C VAL Q 475 30.14 -45.17 34.63
N ALA Q 476 29.65 -45.87 33.61
CA ALA Q 476 28.21 -46.10 33.51
C ALA Q 476 27.71 -46.93 34.69
N SER Q 477 28.53 -47.86 35.17
CA SER Q 477 28.17 -48.62 36.37
C SER Q 477 28.02 -47.69 37.57
N GLY Q 478 28.92 -46.73 37.70
CA GLY Q 478 28.85 -45.75 38.77
C GLY Q 478 29.99 -45.81 39.76
N ALA Q 479 31.07 -46.51 39.46
CA ALA Q 479 32.19 -46.59 40.37
C ALA Q 479 33.15 -45.42 40.26
N LEU Q 480 33.03 -44.59 39.23
CA LEU Q 480 33.85 -43.40 39.07
C LEU Q 480 32.96 -42.19 38.90
N VAL Q 481 33.31 -41.09 39.55
CA VAL Q 481 32.54 -39.86 39.52
C VAL Q 481 33.46 -38.71 39.15
N ALA Q 482 32.86 -37.55 38.92
CA ALA Q 482 33.62 -36.37 38.53
C ALA Q 482 34.57 -35.98 39.65
N PRO Q 483 35.71 -35.37 39.32
CA PRO Q 483 36.70 -35.05 40.34
C PRO Q 483 36.16 -34.05 41.35
N ARG Q 484 36.73 -34.11 42.56
CA ARG Q 484 36.23 -33.25 43.64
C ARG Q 484 36.41 -31.78 43.32
N ASP Q 485 37.55 -31.40 42.76
CA ASP Q 485 37.82 -30.01 42.42
C ASP Q 485 37.94 -29.85 40.92
N PRO Q 486 36.87 -29.46 40.23
CA PRO Q 486 36.89 -29.37 38.77
C PRO Q 486 37.50 -28.07 38.25
N ASP Q 487 38.64 -27.69 38.81
CA ASP Q 487 39.36 -26.50 38.39
C ASP Q 487 40.76 -26.79 37.90
N ALA Q 488 41.49 -27.69 38.57
CA ALA Q 488 42.84 -28.05 38.18
C ALA Q 488 42.88 -29.35 37.39
N ASP Q 489 42.37 -30.43 37.96
CA ASP Q 489 42.42 -31.74 37.31
C ASP Q 489 41.17 -32.03 36.49
N GLY Q 490 40.84 -31.12 35.58
CA GLY Q 490 39.78 -31.29 34.61
C GLY Q 490 38.42 -31.62 35.23
N THR Q 491 37.56 -32.20 34.39
CA THR Q 491 36.23 -32.60 34.85
C THR Q 491 35.81 -33.96 34.29
N GLU Q 492 36.77 -34.79 33.90
CA GLU Q 492 36.37 -36.11 33.43
C GLU Q 492 36.69 -37.16 34.48
N PRO Q 493 35.85 -38.18 34.62
CA PRO Q 493 36.10 -39.21 35.64
C PRO Q 493 37.44 -39.92 35.48
N TYR Q 494 37.84 -40.18 34.24
CA TYR Q 494 39.08 -40.88 33.95
C TYR Q 494 39.84 -40.18 32.84
N VAL Q 495 41.17 -40.24 32.93
CA VAL Q 495 42.07 -39.70 31.92
C VAL Q 495 42.99 -40.83 31.47
N LEU Q 496 43.06 -41.05 30.17
CA LEU Q 496 43.82 -42.15 29.59
C LEU Q 496 44.94 -41.60 28.72
N LYS Q 497 46.09 -42.27 28.76
CA LYS Q 497 47.23 -41.84 27.94
C LYS Q 497 48.04 -43.07 27.57
N VAL Q 498 48.03 -43.41 26.28
CA VAL Q 498 48.81 -44.51 25.74
C VAL Q 498 49.94 -43.92 24.93
N THR Q 499 51.18 -44.27 25.25
CA THR Q 499 52.33 -43.62 24.63
C THR Q 499 53.40 -44.66 24.34
N GLN Q 500 54.35 -44.26 23.50
CA GLN Q 500 55.51 -45.07 23.17
C GLN Q 500 56.75 -44.40 23.78
N ALA Q 501 57.53 -45.17 24.52
CA ALA Q 501 58.71 -44.63 25.19
C ALA Q 501 60.00 -44.92 24.43
N GLU Q 502 60.12 -46.09 23.83
CA GLU Q 502 61.21 -46.41 22.90
C GLU Q 502 60.62 -47.32 21.83
N PHE Q 503 61.48 -48.06 21.15
CA PHE Q 503 61.02 -48.97 20.11
C PHE Q 503 59.91 -49.88 20.62
N ASP Q 504 60.08 -50.46 21.81
CA ASP Q 504 59.02 -51.28 22.40
C ASP Q 504 58.97 -51.02 23.90
N LYS Q 505 58.20 -50.02 24.30
CA LYS Q 505 57.96 -49.76 25.71
C LYS Q 505 56.55 -49.21 25.92
N TRP Q 506 55.59 -49.70 25.14
CA TRP Q 506 54.24 -49.16 25.17
C TRP Q 506 53.74 -48.97 26.60
N GLU Q 507 53.52 -47.72 26.99
CA GLU Q 507 53.20 -47.36 28.36
C GLU Q 507 51.79 -46.80 28.43
N VAL Q 508 50.98 -47.36 29.31
CA VAL Q 508 49.59 -46.95 29.49
C VAL Q 508 49.45 -46.35 30.87
N VAL Q 509 48.93 -45.14 30.95
CA VAL Q 509 48.71 -44.46 32.22
C VAL Q 509 47.24 -44.04 32.26
N TRP Q 510 46.51 -44.55 33.24
CA TRP Q 510 45.11 -44.20 33.42
C TRP Q 510 44.92 -43.68 34.83
N ALA Q 511 44.23 -42.54 34.95
CA ALA Q 511 43.94 -41.92 36.23
C ALA Q 511 42.43 -41.86 36.40
N CYS Q 512 41.93 -42.37 37.52
CA CYS Q 512 40.50 -42.46 37.76
C CYS Q 512 40.15 -41.76 39.07
N CYS Q 513 38.93 -41.24 39.14
CA CYS Q 513 38.46 -40.67 40.40
C CYS Q 513 37.45 -41.60 41.03
N PRO Q 514 37.79 -42.31 42.11
CA PRO Q 514 36.87 -43.29 42.68
C PRO Q 514 35.75 -42.62 43.46
N THR Q 515 34.69 -43.41 43.69
CA THR Q 515 33.54 -42.90 44.42
C THR Q 515 33.89 -42.66 45.88
N GLY Q 516 33.04 -41.89 46.56
CA GLY Q 516 33.22 -41.59 47.95
C GLY Q 516 32.23 -42.35 48.81
N VAL Q 517 32.76 -43.21 49.68
CA VAL Q 517 31.93 -43.90 50.64
C VAL Q 517 31.34 -42.88 51.61
N ALA Q 518 30.25 -43.26 52.27
CA ALA Q 518 29.57 -42.41 53.23
C ALA Q 518 29.72 -43.05 54.61
N ARG Q 519 30.82 -42.73 55.28
CA ARG Q 519 31.13 -43.30 56.58
C ARG Q 519 30.69 -42.42 57.74
N ARG Q 520 30.88 -41.11 57.63
CA ARG Q 520 30.49 -40.16 58.67
C ARG Q 520 29.46 -39.20 58.11
N ILE Q 521 28.30 -39.12 58.76
CA ILE Q 521 27.22 -38.25 58.35
C ILE Q 521 26.90 -37.32 59.50
N GLN Q 522 26.90 -36.01 59.24
CA GLN Q 522 26.67 -35.01 60.26
C GLN Q 522 25.54 -34.08 59.82
N GLY Q 523 24.63 -33.80 60.75
CA GLY Q 523 23.52 -32.89 60.50
C GLY Q 523 23.64 -31.66 61.38
N VAL Q 524 23.44 -30.50 60.78
CA VAL Q 524 23.53 -29.22 61.48
C VAL Q 524 22.20 -28.49 61.32
N PRO Q 525 21.30 -28.61 62.29
CA PRO Q 525 20.04 -27.87 62.20
C PRO Q 525 20.26 -26.38 62.37
N LEU Q 526 19.36 -25.59 61.79
CA LEU Q 526 19.45 -24.14 61.84
C LEU Q 526 18.06 -23.57 62.07
N LEU Q 527 18.02 -22.31 62.50
CA LEU Q 527 16.78 -21.56 62.65
C LEU Q 527 16.89 -20.26 61.86
N ILE Q 528 15.81 -19.90 61.19
CA ILE Q 528 15.77 -18.73 60.32
C ILE Q 528 14.93 -17.65 61.00
N LYS Q 529 15.51 -16.46 61.12
CA LYS Q 529 14.81 -15.33 61.69
C LYS Q 529 13.64 -14.91 60.81
N SER R 2 24.11 -45.82 75.76
CA SER R 2 23.45 -47.03 75.26
C SER R 2 22.97 -46.83 73.83
N GLN R 3 21.91 -47.54 73.48
CA GLN R 3 21.28 -47.34 72.17
C GLN R 3 20.35 -46.12 72.23
N TYR R 4 19.88 -45.70 71.05
CA TYR R 4 19.03 -44.54 70.87
C TYR R 4 19.70 -43.24 71.28
N SER R 5 20.93 -43.30 71.79
CA SER R 5 21.64 -42.08 72.15
C SER R 5 22.15 -41.38 70.89
N ILE R 6 22.31 -40.07 70.99
CA ILE R 6 22.77 -39.25 69.88
C ILE R 6 24.01 -38.49 70.32
N GLN R 7 25.09 -38.65 69.56
CA GLN R 7 26.32 -37.93 69.86
C GLN R 7 26.33 -36.60 69.11
N GLN R 8 27.36 -35.81 69.35
CA GLN R 8 27.47 -34.49 68.75
C GLN R 8 28.82 -34.19 68.10
N SER R 9 29.88 -34.92 68.44
CA SER R 9 31.20 -34.59 67.91
C SER R 9 31.49 -35.33 66.61
N LEU R 10 31.51 -36.66 66.66
CA LEU R 10 31.78 -37.50 65.48
C LEU R 10 33.14 -37.14 64.88
N GLY R 11 34.17 -37.50 65.64
CA GLY R 11 35.54 -37.24 65.22
C GLY R 11 36.30 -38.48 64.79
N ASN R 12 36.54 -38.60 63.48
CA ASN R 12 37.42 -39.64 62.92
C ASN R 12 36.96 -41.04 63.29
N ALA R 13 35.65 -41.25 63.27
CA ALA R 13 35.09 -42.57 63.54
C ALA R 13 33.72 -42.67 62.89
N SER R 14 33.37 -43.86 62.42
CA SER R 14 32.09 -44.05 61.77
C SER R 14 30.95 -43.80 62.76
N GLY R 15 29.89 -43.18 62.27
CA GLY R 15 28.74 -42.90 63.09
C GLY R 15 27.94 -41.76 62.52
N VAL R 16 26.89 -41.37 63.25
CA VAL R 16 26.04 -40.26 62.87
C VAL R 16 25.84 -39.38 64.08
N ALA R 17 25.81 -38.06 63.84
CA ALA R 17 25.66 -37.12 64.94
C ALA R 17 24.96 -35.87 64.44
N VAL R 18 24.23 -35.21 65.33
CA VAL R 18 23.55 -33.96 65.04
C VAL R 18 24.07 -32.88 65.99
N SER R 19 24.42 -31.75 65.43
CA SER R 19 24.94 -30.65 66.22
C SER R 19 23.80 -29.99 66.99
N PRO R 20 24.09 -29.40 68.15
CA PRO R 20 23.06 -28.69 68.89
C PRO R 20 22.53 -27.51 68.10
N ILE R 21 21.25 -27.18 68.33
CA ILE R 21 20.58 -26.16 67.53
C ILE R 21 21.32 -24.85 67.64
N ASN R 22 21.50 -24.17 66.50
CA ASN R 22 22.29 -22.95 66.49
C ASN R 22 21.53 -21.79 67.10
N ALA R 23 20.43 -21.38 66.47
CA ALA R 23 19.53 -20.37 67.02
C ALA R 23 20.27 -19.10 67.45
N ASP R 24 21.18 -18.63 66.60
CA ASP R 24 21.92 -17.41 66.89
C ASP R 24 21.54 -16.24 65.99
N ALA R 25 20.93 -16.51 64.84
CA ALA R 25 20.46 -15.47 63.95
C ALA R 25 19.09 -14.95 64.32
N THR R 26 18.49 -15.50 65.39
CA THR R 26 17.15 -15.11 65.83
C THR R 26 17.16 -14.57 67.24
N LEU R 27 18.21 -13.86 67.62
CA LEU R 27 18.35 -13.36 68.98
C LEU R 27 17.54 -12.07 69.13
N SER R 28 16.48 -12.12 69.91
CA SER R 28 15.66 -10.97 70.24
C SER R 28 16.10 -10.40 71.58
N THR R 29 15.35 -9.43 72.07
CA THR R 29 15.60 -8.83 73.37
C THR R 29 14.28 -8.45 74.02
N GLY R 30 14.03 -8.97 75.21
CA GLY R 30 12.82 -8.65 75.94
C GLY R 30 13.04 -7.67 77.05
N VAL R 31 12.66 -6.40 76.83
CA VAL R 31 12.86 -5.37 77.84
C VAL R 31 11.51 -4.80 78.26
N ALA R 32 10.52 -4.87 77.37
CA ALA R 32 9.18 -4.36 77.62
C ALA R 32 9.23 -2.88 77.98
N LEU R 33 9.61 -2.08 76.97
CA LEU R 33 9.81 -0.65 77.19
C LEU R 33 8.55 0.05 77.65
N ASN R 34 7.38 -0.43 77.21
CA ASN R 34 6.13 0.25 77.55
C ASN R 34 5.65 -0.12 78.95
N SER R 35 6.52 0.00 79.95
CA SER R 35 6.17 -0.30 81.33
C SER R 35 6.87 0.68 82.24
N SER R 36 6.12 1.27 83.16
CA SER R 36 6.64 2.30 84.06
C SER R 36 6.20 2.01 85.48
N LEU R 37 7.14 2.13 86.42
CA LEU R 37 6.86 1.99 87.84
C LEU R 37 7.52 3.13 88.59
N TRP R 38 6.94 3.51 89.71
CA TRP R 38 7.39 4.67 90.49
C TRP R 38 7.92 4.21 91.84
N ALA R 39 9.03 4.81 92.25
CA ALA R 39 9.66 4.48 93.51
C ALA R 39 9.81 5.74 94.37
N GLY R 40 9.50 5.60 95.65
CA GLY R 40 9.57 6.77 96.52
C GLY R 40 9.77 6.39 97.97
N ILE R 41 10.19 7.38 98.76
CA ILE R 41 10.33 7.21 100.19
C ILE R 41 9.25 8.05 100.86
N GLY R 42 8.98 7.73 102.12
CA GLY R 42 7.95 8.47 102.83
C GLY R 42 7.86 8.05 104.27
N VAL R 43 6.91 8.68 104.97
CA VAL R 43 6.61 8.38 106.36
C VAL R 43 5.14 7.98 106.44
N PHE R 44 4.89 6.81 107.02
CA PHE R 44 3.53 6.28 107.04
C PHE R 44 3.18 5.74 108.41
N ALA R 45 2.05 5.03 108.52
CA ALA R 45 1.58 4.48 109.77
C ALA R 45 1.95 3.01 109.96
N ARG R 46 1.87 2.20 108.91
CA ARG R 46 2.14 0.77 108.99
C ARG R 46 3.06 0.36 107.85
N GLY R 47 3.99 -0.53 108.14
CA GLY R 47 4.93 -1.01 107.16
C GLY R 47 6.26 -1.33 107.81
N LYS R 48 7.04 -2.19 107.15
CA LYS R 48 8.34 -2.58 107.67
C LYS R 48 9.36 -1.48 107.37
N PRO R 49 10.00 -0.91 108.39
CA PRO R 49 10.90 0.22 108.13
C PRO R 49 12.16 -0.20 107.40
N PHE R 50 12.65 0.71 106.55
CA PHE R 50 13.91 0.55 105.84
C PHE R 50 13.93 -0.73 105.00
N THR R 51 12.78 -1.07 104.41
CA THR R 51 12.68 -2.23 103.55
C THR R 51 11.77 -1.89 102.39
N VAL R 52 12.19 -2.23 101.17
CA VAL R 52 11.43 -1.92 99.98
C VAL R 52 10.11 -2.66 100.01
N LEU R 53 9.01 -1.94 99.77
CA LEU R 53 7.69 -2.54 99.72
C LEU R 53 7.21 -2.58 98.27
N ALA R 54 5.98 -3.05 98.09
CA ALA R 54 5.34 -3.07 96.78
C ALA R 54 3.87 -2.77 96.97
N VAL R 55 3.39 -1.72 96.31
CA VAL R 55 2.02 -1.26 96.47
C VAL R 55 1.33 -1.30 95.13
N THR R 56 0.14 -1.91 95.10
CA THR R 56 -0.72 -1.97 93.93
C THR R 56 -2.01 -1.22 94.24
N GLU R 57 -2.93 -1.24 93.28
CA GLU R 57 -4.19 -0.54 93.44
C GLU R 57 -5.14 -1.22 94.41
N SER R 58 -4.84 -2.43 94.86
CA SER R 58 -5.78 -3.21 95.65
C SER R 58 -5.27 -3.60 97.04
N ASN R 59 -4.09 -3.16 97.44
CA ASN R 59 -3.60 -3.52 98.76
C ASN R 59 -2.96 -2.38 99.55
N TYR R 60 -2.75 -1.21 98.95
CA TYR R 60 -2.01 -0.14 99.64
C TYR R 60 -2.66 0.19 100.98
N GLU R 61 -3.98 0.14 101.05
CA GLU R 61 -4.69 0.50 102.27
C GLU R 61 -4.24 -0.36 103.45
N ASP R 62 -4.03 -1.66 103.22
CA ASP R 62 -3.64 -2.55 104.31
C ASP R 62 -2.13 -2.71 104.45
N VAL R 63 -1.37 -2.71 103.36
CA VAL R 63 0.07 -2.87 103.51
C VAL R 63 0.67 -1.62 104.14
N LEU R 64 0.19 -0.44 103.75
CA LEU R 64 0.75 0.80 104.26
C LEU R 64 -0.04 1.39 105.41
N GLY R 65 -1.12 0.72 105.83
CA GLY R 65 -1.93 1.22 106.93
C GLY R 65 -2.95 2.24 106.47
N GLU R 66 -3.88 2.54 107.39
CA GLU R 66 -4.93 3.51 107.10
C GLU R 66 -4.34 4.91 106.98
N PRO R 67 -4.99 5.79 106.24
CA PRO R 67 -4.46 7.15 106.08
C PRO R 67 -4.39 7.88 107.42
N LEU R 68 -3.38 8.75 107.54
CA LEU R 68 -3.15 9.51 108.75
C LEU R 68 -4.13 10.67 108.82
N LYS R 69 -3.93 11.57 109.79
CA LYS R 69 -4.80 12.70 110.01
C LYS R 69 -4.02 13.99 109.82
N PRO R 70 -4.56 14.96 109.07
CA PRO R 70 -3.83 16.22 108.87
C PRO R 70 -3.56 16.98 110.16
N SER R 71 -4.47 16.91 111.13
CA SER R 71 -4.28 17.62 112.39
C SER R 71 -3.11 17.06 113.20
N SER R 72 -2.67 15.83 112.90
CA SER R 72 -1.54 15.25 113.63
C SER R 72 -0.26 16.03 113.37
N GLY R 73 -0.04 16.44 112.14
CA GLY R 73 1.17 17.17 111.79
C GLY R 73 1.40 17.23 110.29
N SER R 74 2.65 17.06 109.87
CA SER R 74 3.01 17.12 108.46
C SER R 74 3.20 15.74 107.85
N GLN R 75 2.77 14.69 108.54
CA GLN R 75 2.95 13.32 108.07
C GLN R 75 1.82 12.86 107.16
N PHE R 76 0.84 13.71 106.89
CA PHE R 76 -0.32 13.31 106.09
C PHE R 76 -0.07 13.42 104.59
N GLU R 77 1.09 13.88 104.16
CA GLU R 77 1.37 14.15 102.75
C GLU R 77 1.64 12.88 101.94
N PRO R 78 2.58 12.02 102.35
CA PRO R 78 2.97 10.90 101.47
C PRO R 78 1.83 9.94 101.16
N ILE R 79 0.90 9.72 102.08
CA ILE R 79 -0.21 8.82 101.78
C ILE R 79 -1.06 9.39 100.65
N ARG R 80 -1.34 10.70 100.69
CA ARG R 80 -2.12 11.31 99.62
C ARG R 80 -1.36 11.28 98.30
N HIS R 81 -0.03 11.51 98.34
CA HIS R 81 0.75 11.40 97.12
C HIS R 81 0.68 10.00 96.54
N VAL R 82 0.77 8.98 97.40
CA VAL R 82 0.65 7.60 96.96
C VAL R 82 -0.71 7.35 96.34
N TYR R 83 -1.77 7.86 96.98
CA TYR R 83 -3.11 7.63 96.47
C TYR R 83 -3.30 8.28 95.10
N GLU R 84 -2.73 9.46 94.90
CA GLU R 84 -2.85 10.11 93.61
C GLU R 84 -1.96 9.49 92.54
N ALA R 85 -0.85 8.85 92.92
CA ALA R 85 0.06 8.28 91.93
C ALA R 85 -0.27 6.84 91.59
N ILE R 86 -0.88 6.09 92.51
CA ILE R 86 -1.24 4.69 92.25
C ILE R 86 -2.22 4.57 91.10
N GLN R 87 -3.02 5.62 90.88
CA GLN R 87 -4.17 5.60 89.99
C GLN R 87 -3.85 4.92 88.67
N GLN R 88 -2.59 4.99 88.25
CA GLN R 88 -2.13 4.46 86.97
C GLN R 88 -1.39 3.13 87.11
N THR R 89 -0.33 3.09 87.91
CA THR R 89 0.53 1.92 87.95
C THR R 89 0.99 1.65 89.38
N SER R 90 1.40 0.42 89.63
CA SER R 90 1.91 0.03 90.93
C SER R 90 3.32 0.58 91.13
N GLY R 91 3.83 0.43 92.35
CA GLY R 91 5.13 1.02 92.63
C GLY R 91 5.77 0.46 93.88
N TYR R 92 6.89 1.08 94.25
CA TYR R 92 7.69 0.66 95.39
C TYR R 92 7.94 1.84 96.32
N VAL R 93 7.75 1.61 97.61
CA VAL R 93 7.91 2.66 98.62
C VAL R 93 8.88 2.18 99.69
N VAL R 94 9.46 3.14 100.39
CA VAL R 94 10.35 2.88 101.52
C VAL R 94 9.90 3.74 102.68
N ARG R 95 9.57 3.11 103.80
CA ARG R 95 9.10 3.83 104.98
C ARG R 95 10.28 4.15 105.89
N ALA R 96 10.38 5.40 106.32
CA ALA R 96 11.40 5.85 107.25
C ALA R 96 10.74 6.24 108.57
N VAL R 97 11.29 5.71 109.67
CA VAL R 97 10.68 5.91 110.99
C VAL R 97 11.60 6.79 111.84
N PRO R 98 11.06 7.48 112.85
CA PRO R 98 11.93 8.26 113.74
C PRO R 98 12.82 7.38 114.59
N ASP R 99 13.60 7.99 115.49
CA ASP R 99 14.59 7.24 116.23
C ASP R 99 13.97 6.37 117.32
N ASP R 100 12.95 6.88 118.01
CA ASP R 100 12.43 6.24 119.21
C ASP R 100 11.27 5.29 118.93
N ALA R 101 11.03 4.92 117.68
CA ALA R 101 9.97 3.96 117.37
C ALA R 101 10.34 2.58 117.89
N LYS R 102 9.39 1.93 118.57
CA LYS R 102 9.63 0.64 119.20
C LYS R 102 8.53 -0.35 118.82
N PHE R 103 8.92 -1.60 118.67
CA PHE R 103 8.00 -2.69 118.36
C PHE R 103 7.92 -3.66 119.54
N PRO R 104 6.80 -4.35 119.70
CA PRO R 104 6.62 -5.22 120.85
C PRO R 104 7.35 -6.55 120.70
N ILE R 105 7.59 -7.20 121.84
CA ILE R 105 8.29 -8.48 121.91
C ILE R 105 7.70 -9.26 123.06
N ILE R 106 7.42 -10.55 122.83
CA ILE R 106 6.95 -11.46 123.87
C ILE R 106 7.99 -12.56 124.03
N MET R 107 8.57 -12.68 125.22
CA MET R 107 9.59 -13.66 125.50
C MET R 107 9.03 -14.71 126.46
N PHE R 108 9.27 -15.99 126.15
CA PHE R 108 8.77 -17.07 126.97
C PHE R 108 9.89 -17.62 127.86
N ASP R 109 9.59 -18.71 128.56
CA ASP R 109 10.56 -19.35 129.44
C ASP R 109 10.30 -20.85 129.42
N GLU R 110 11.07 -21.59 130.22
CA GLU R 110 10.91 -23.04 130.26
C GLU R 110 9.53 -23.44 130.76
N SER R 111 9.06 -22.81 131.84
CA SER R 111 7.73 -23.14 132.36
C SER R 111 6.64 -22.73 131.39
N GLY R 112 6.81 -21.60 130.72
CA GLY R 112 5.81 -21.09 129.78
C GLY R 112 5.16 -19.78 130.19
N GLU R 113 5.59 -19.13 131.26
CA GLU R 113 4.99 -17.86 131.66
C GLU R 113 5.55 -16.74 130.79
N PRO R 114 4.71 -16.04 130.02
CA PRO R 114 5.23 -15.03 129.10
C PRO R 114 5.63 -13.75 129.82
N ALA R 115 6.48 -12.99 129.14
CA ALA R 115 6.85 -11.65 129.56
C ALA R 115 6.85 -10.75 128.33
N TYR R 116 6.62 -9.46 128.55
CA TYR R 116 6.48 -8.51 127.46
C TYR R 116 7.58 -7.45 127.55
N SER R 117 7.92 -6.89 126.40
CA SER R 117 8.88 -5.79 126.34
C SER R 117 8.72 -5.09 124.98
N ALA R 118 9.51 -4.04 124.78
CA ALA R 118 9.52 -3.33 123.51
C ALA R 118 10.95 -2.99 123.15
N LEU R 119 11.26 -3.06 121.85
CA LEU R 119 12.62 -2.77 121.41
C LEU R 119 12.60 -1.80 120.23
N PRO R 120 13.57 -0.91 120.14
CA PRO R 120 13.63 0.02 119.00
C PRO R 120 13.85 -0.72 117.69
N TYR R 121 13.35 -0.12 116.61
CA TYR R 121 13.42 -0.75 115.30
C TYR R 121 14.85 -0.88 114.83
N GLY R 122 15.10 -1.93 114.04
CA GLY R 122 16.42 -2.17 113.50
C GLY R 122 17.41 -2.80 114.46
N SER R 123 16.96 -3.33 115.58
CA SER R 123 17.83 -3.92 116.58
C SER R 123 17.45 -5.38 116.79
N GLU R 124 18.45 -6.24 116.92
CA GLU R 124 18.21 -7.64 117.20
C GLU R 124 17.93 -7.82 118.69
N ILE R 125 17.70 -9.07 119.09
CA ILE R 125 17.23 -9.41 120.43
C ILE R 125 18.27 -10.27 121.12
N GLU R 126 18.58 -9.93 122.37
CA GLU R 126 19.43 -10.75 123.20
C GLU R 126 18.55 -11.46 124.23
N LEU R 127 18.72 -12.77 124.34
CA LEU R 127 17.87 -13.58 125.20
C LEU R 127 18.52 -13.75 126.56
N ASP R 128 17.74 -13.58 127.62
CA ASP R 128 18.23 -13.81 128.97
C ASP R 128 18.40 -15.31 129.20
N SER R 129 18.99 -15.65 130.36
CA SER R 129 19.27 -17.05 130.67
C SER R 129 17.98 -17.86 130.72
N GLY R 130 16.93 -17.32 131.35
CA GLY R 130 15.69 -18.04 131.50
C GLY R 130 14.77 -18.00 130.30
N GLU R 131 15.11 -17.26 129.25
CA GLU R 131 14.25 -17.10 128.09
C GLU R 131 14.48 -18.22 127.11
N ALA R 132 13.40 -18.87 126.68
CA ALA R 132 13.48 -19.96 125.71
C ALA R 132 13.37 -19.46 124.28
N PHE R 133 12.35 -18.66 123.99
CA PHE R 133 12.18 -18.13 122.65
C PHE R 133 11.33 -16.87 122.71
N ALA R 134 11.55 -16.01 121.72
CA ALA R 134 10.89 -14.71 121.65
C ALA R 134 10.17 -14.56 120.32
N ILE R 135 9.00 -13.95 120.35
CA ILE R 135 8.19 -13.68 119.17
C ILE R 135 7.93 -12.19 119.10
N TYR R 136 8.12 -11.60 117.92
CA TYR R 136 7.85 -10.19 117.73
C TYR R 136 7.18 -9.98 116.38
N VAL R 137 6.69 -8.75 116.17
CA VAL R 137 5.91 -8.40 114.99
C VAL R 137 6.78 -7.56 114.08
N ASP R 138 6.86 -7.95 112.81
CA ASP R 138 7.64 -7.22 111.82
C ASP R 138 6.79 -6.56 110.76
N ASP R 139 5.48 -6.44 110.98
CA ASP R 139 4.64 -5.67 110.08
C ASP R 139 4.86 -4.18 110.24
N GLY R 140 5.46 -3.74 111.34
CA GLY R 140 5.69 -2.35 111.61
C GLY R 140 4.64 -1.68 112.45
N ASP R 141 3.45 -2.27 112.55
CA ASP R 141 2.39 -1.68 113.33
C ASP R 141 2.79 -1.63 114.80
N PRO R 142 2.54 -0.54 115.52
CA PRO R 142 2.88 -0.47 116.94
C PRO R 142 1.88 -1.14 117.86
N CYS R 143 0.89 -1.83 117.32
CA CYS R 143 -0.03 -2.66 118.10
C CYS R 143 -0.72 -1.85 119.19
N ILE R 144 -1.19 -0.66 118.85
CA ILE R 144 -1.92 0.20 119.77
C ILE R 144 -3.38 0.33 119.39
N SER R 145 -3.67 0.40 118.09
CA SER R 145 -5.05 0.39 117.59
C SER R 145 -5.07 -0.04 116.14
N PRO R 146 -5.64 -1.20 115.81
CA PRO R 146 -6.27 -2.19 116.70
C PRO R 146 -5.25 -3.03 117.44
N THR R 147 -5.61 -3.57 118.60
CA THR R 147 -4.70 -4.44 119.34
C THR R 147 -4.56 -5.78 118.63
N ARG R 148 -3.46 -6.47 118.93
CA ARG R 148 -3.19 -7.77 118.34
C ARG R 148 -2.91 -8.77 119.46
N GLU R 149 -3.53 -9.94 119.39
CA GLU R 149 -3.44 -10.96 120.42
C GLU R 149 -2.92 -12.26 119.83
N LEU R 150 -2.10 -12.96 120.60
CA LEU R 150 -1.46 -14.19 120.18
C LEU R 150 -1.90 -15.32 121.10
N THR R 151 -2.25 -16.46 120.50
CA THR R 151 -2.80 -17.59 121.24
C THR R 151 -2.05 -18.87 120.86
N ILE R 152 -1.78 -19.69 121.87
CA ILE R 152 -1.08 -20.96 121.70
C ILE R 152 -2.03 -22.08 122.08
N GLU R 153 -2.16 -23.08 121.21
CA GLU R 153 -3.07 -24.20 121.43
C GLU R 153 -2.32 -25.50 121.25
N THR R 154 -2.60 -26.48 122.12
CA THR R 154 -1.99 -27.79 121.97
C THR R 154 -2.60 -28.54 120.78
N ALA R 155 -1.75 -29.32 120.12
CA ALA R 155 -2.18 -30.09 118.95
C ALA R 155 -1.55 -31.48 119.03
N THR R 156 -1.95 -32.33 118.08
CA THR R 156 -1.45 -33.70 118.04
C THR R 156 0.00 -33.73 117.58
N ALA R 157 0.79 -34.61 118.20
CA ALA R 157 2.19 -34.75 117.83
C ALA R 157 2.31 -35.39 116.45
N ASP R 158 3.48 -35.23 115.85
CA ASP R 158 3.74 -35.77 114.52
C ASP R 158 3.98 -37.28 114.60
N SER R 159 4.25 -37.88 113.45
CA SER R 159 4.54 -39.31 113.41
C SER R 159 5.82 -39.63 114.16
N ALA R 160 6.86 -38.79 114.02
CA ALA R 160 8.11 -39.03 114.72
C ALA R 160 7.92 -38.96 116.23
N GLY R 161 7.16 -37.97 116.71
CA GLY R 161 6.90 -37.86 118.12
C GLY R 161 7.03 -36.44 118.67
N ASN R 162 7.58 -35.54 117.86
CA ASN R 162 7.76 -34.16 118.29
C ASN R 162 6.41 -33.48 118.50
N GLU R 163 6.34 -32.57 119.46
CA GLU R 163 5.11 -31.90 119.81
C GLU R 163 4.97 -30.61 119.00
N ARG R 164 3.89 -30.51 118.22
CA ARG R 164 3.60 -29.34 117.42
C ARG R 164 2.40 -28.62 118.02
N PHE R 165 2.53 -27.31 118.19
CA PHE R 165 1.45 -26.49 118.73
C PHE R 165 0.98 -25.50 117.68
N LEU R 166 -0.28 -25.10 117.81
CA LEU R 166 -0.93 -24.19 116.87
C LEU R 166 -0.83 -22.77 117.39
N LEU R 167 -0.38 -21.87 116.52
CA LEU R 167 -0.26 -20.45 116.82
C LEU R 167 -1.34 -19.69 116.08
N LYS R 168 -2.06 -18.82 116.78
CA LYS R 168 -3.15 -18.06 116.19
C LYS R 168 -3.03 -16.61 116.61
N LEU R 169 -2.80 -15.71 115.66
CA LEU R 169 -2.79 -14.28 115.91
C LEU R 169 -4.07 -13.68 115.37
N THR R 170 -4.76 -12.91 116.21
CA THR R 170 -6.02 -12.30 115.85
C THR R 170 -6.02 -10.83 116.27
N GLN R 171 -6.63 -9.98 115.46
CA GLN R 171 -6.69 -8.55 115.73
C GLN R 171 -8.04 -8.21 116.35
N THR R 172 -8.03 -7.28 117.30
CA THR R 172 -9.24 -6.80 117.96
C THR R 172 -9.25 -5.29 117.87
N THR R 173 -10.34 -4.75 117.32
CA THR R 173 -10.48 -3.30 117.22
C THR R 173 -10.96 -2.73 118.55
N SER R 174 -10.87 -1.41 118.67
CA SER R 174 -11.29 -0.75 119.90
C SER R 174 -12.79 -0.88 120.13
N LEU R 175 -13.58 -0.93 119.06
CA LEU R 175 -15.02 -1.06 119.21
C LEU R 175 -15.39 -2.40 119.83
N GLY R 176 -14.75 -3.48 119.40
CA GLY R 176 -15.04 -4.79 119.94
C GLY R 176 -15.04 -5.90 118.90
N VAL R 177 -14.80 -5.55 117.65
CA VAL R 177 -14.76 -6.54 116.58
C VAL R 177 -13.47 -7.34 116.69
N VAL R 178 -13.61 -8.66 116.77
CA VAL R 178 -12.48 -9.57 116.91
C VAL R 178 -12.52 -10.56 115.74
N THR R 179 -11.52 -10.48 114.87
CA THR R 179 -11.41 -11.37 113.72
C THR R 179 -10.06 -12.06 113.74
N THR R 180 -10.04 -13.32 113.32
CA THR R 180 -8.78 -14.04 113.20
C THR R 180 -7.95 -13.45 112.06
N LEU R 181 -6.63 -13.53 112.21
CA LEU R 181 -5.73 -12.95 111.23
C LEU R 181 -4.80 -13.98 110.61
N GLU R 182 -4.16 -14.83 111.41
CA GLU R 182 -3.22 -15.78 110.86
C GLU R 182 -3.10 -16.98 111.79
N THR R 183 -2.97 -18.16 111.19
CA THR R 183 -2.83 -19.40 111.94
C THR R 183 -1.70 -20.23 111.36
N HIS R 184 -1.04 -20.99 112.24
CA HIS R 184 0.09 -21.82 111.85
C HIS R 184 0.19 -23.01 112.80
N THR R 185 0.95 -24.01 112.38
CA THR R 185 1.26 -25.18 113.21
C THR R 185 2.78 -25.33 113.24
N VAL R 186 3.39 -24.98 114.37
CA VAL R 186 4.85 -24.93 114.47
C VAL R 186 5.30 -25.70 115.69
N SER R 187 6.58 -26.09 115.68
CA SER R 187 7.16 -26.82 116.79
C SER R 187 8.61 -26.40 116.97
N LEU R 188 9.14 -26.69 118.16
CA LEU R 188 10.51 -26.31 118.49
C LEU R 188 11.53 -27.34 118.05
N ALA R 189 11.10 -28.51 117.57
CA ALA R 189 12.03 -29.51 117.08
C ALA R 189 12.70 -29.04 115.79
N GLU R 190 13.98 -29.35 115.64
CA GLU R 190 14.74 -28.88 114.50
C GLU R 190 14.38 -29.59 113.20
N GLU R 191 13.61 -30.68 113.26
CA GLU R 191 13.33 -31.47 112.06
C GLU R 191 11.87 -31.88 111.93
N ALA R 192 11.00 -31.49 112.86
CA ALA R 192 9.61 -31.91 112.81
C ALA R 192 8.91 -31.32 111.59
N LYS R 193 7.95 -32.06 111.05
CA LYS R 193 7.20 -31.63 109.89
C LYS R 193 5.71 -31.59 110.22
N ASP R 194 4.99 -30.69 109.56
CA ASP R 194 3.56 -30.56 109.77
C ASP R 194 2.81 -31.62 108.96
N ASP R 195 1.48 -31.50 108.89
CA ASP R 195 0.68 -32.48 108.18
C ASP R 195 0.96 -32.43 106.67
N MET R 196 1.11 -31.23 106.12
CA MET R 196 1.32 -31.08 104.68
C MET R 196 2.74 -31.43 104.25
N GLY R 197 3.66 -31.62 105.19
CA GLY R 197 5.01 -32.02 104.86
C GLY R 197 6.05 -30.91 104.92
N ARG R 198 5.62 -29.66 105.06
CA ARG R 198 6.57 -28.57 105.12
C ARG R 198 7.29 -28.56 106.46
N LEU R 199 8.44 -27.87 106.49
CA LEU R 199 9.20 -27.74 107.73
C LEU R 199 8.40 -26.93 108.74
N CYS R 200 8.41 -27.37 110.00
CA CYS R 200 7.63 -26.73 111.04
C CYS R 200 8.48 -26.18 112.17
N TYR R 201 9.80 -26.13 112.00
CA TYR R 201 10.65 -25.45 112.98
C TYR R 201 10.21 -23.99 113.09
N LEU R 202 10.16 -23.50 114.32
CA LEU R 202 9.53 -22.20 114.58
C LEU R 202 10.20 -21.04 113.84
N PRO R 203 11.51 -20.81 113.95
CA PRO R 203 12.09 -19.63 113.29
C PRO R 203 11.92 -19.63 111.79
N THR R 204 12.36 -20.70 111.13
CA THR R 204 12.27 -20.75 109.67
C THR R 204 10.82 -20.76 109.19
N ALA R 205 9.94 -21.45 109.91
CA ALA R 205 8.54 -21.49 109.51
C ALA R 205 7.92 -20.10 109.56
N LEU R 206 8.13 -19.38 110.67
CA LEU R 206 7.58 -18.04 110.77
C LEU R 206 8.21 -17.09 109.77
N GLU R 207 9.52 -17.23 109.52
CA GLU R 207 10.19 -16.34 108.58
C GLU R 207 9.69 -16.56 107.16
N ALA R 208 9.41 -17.81 106.80
CA ALA R 208 9.05 -18.12 105.42
C ALA R 208 7.56 -17.95 105.14
N ARG R 209 6.71 -18.63 105.90
CA ARG R 209 5.30 -18.72 105.56
C ARG R 209 4.45 -17.63 106.20
N SER R 210 5.04 -16.77 107.03
CA SER R 210 4.29 -15.72 107.72
C SER R 210 4.93 -14.37 107.43
N LYS R 211 4.11 -13.40 107.06
CA LYS R 211 4.57 -12.05 106.77
C LYS R 211 4.24 -11.06 107.89
N TYR R 212 3.81 -11.55 109.05
CA TYR R 212 3.49 -10.70 110.18
C TYR R 212 4.46 -10.86 111.34
N LEU R 213 4.86 -12.08 111.64
CA LEU R 213 5.64 -12.37 112.84
C LEU R 213 7.06 -12.81 112.47
N ARG R 214 7.93 -12.73 113.47
CA ARG R 214 9.24 -13.33 113.42
C ARG R 214 9.57 -13.85 114.81
N ALA R 215 10.51 -14.79 114.88
CA ALA R 215 10.84 -15.41 116.16
C ALA R 215 12.32 -15.70 116.23
N VAL R 216 12.83 -15.79 117.46
CA VAL R 216 14.18 -16.23 117.74
C VAL R 216 14.13 -17.23 118.89
N VAL R 217 15.17 -18.06 118.97
CA VAL R 217 15.23 -19.14 119.96
C VAL R 217 16.58 -19.11 120.64
N ASN R 218 16.63 -19.68 121.84
CA ASN R 218 17.86 -19.86 122.60
C ASN R 218 18.33 -21.30 122.44
N GLU R 219 19.51 -21.48 121.86
CA GLU R 219 19.98 -22.82 121.54
C GLU R 219 20.17 -23.67 122.80
N GLU R 220 20.70 -23.07 123.87
CA GLU R 220 20.99 -23.82 125.07
C GLU R 220 19.72 -24.39 125.70
N LEU R 221 18.65 -23.60 125.76
CA LEU R 221 17.44 -23.99 126.45
C LEU R 221 16.38 -24.57 125.53
N ILE R 222 16.64 -24.64 124.22
CA ILE R 222 15.61 -25.11 123.29
C ILE R 222 15.35 -26.60 123.44
N SER R 223 16.30 -27.35 123.98
CA SER R 223 16.12 -28.80 124.09
C SER R 223 15.07 -29.16 125.14
N THR R 224 15.14 -28.54 126.31
CA THR R 224 14.25 -28.84 127.41
C THR R 224 13.02 -27.92 127.44
N ALA R 225 12.90 -27.03 126.46
CA ALA R 225 11.79 -26.08 126.46
C ALA R 225 10.46 -26.80 126.28
N LYS R 226 9.45 -26.36 127.02
CA LYS R 226 8.10 -26.87 126.89
C LYS R 226 7.13 -25.69 126.90
N VAL R 227 6.03 -25.84 126.17
CA VAL R 227 5.04 -24.79 126.02
C VAL R 227 3.72 -25.26 126.60
N THR R 228 3.08 -24.39 127.38
CA THR R 228 1.78 -24.66 127.96
C THR R 228 0.69 -24.12 127.04
N ASN R 229 -0.55 -24.08 127.54
CA ASN R 229 -1.68 -23.54 126.80
C ASN R 229 -1.96 -22.12 127.29
N LYS R 230 -1.56 -21.13 126.51
CA LYS R 230 -1.79 -19.74 126.83
C LYS R 230 -2.86 -19.18 125.91
N LYS R 231 -3.88 -18.55 126.49
CA LYS R 231 -5.03 -18.05 125.75
C LYS R 231 -5.10 -16.53 125.89
N SER R 232 -5.26 -15.86 124.74
CA SER R 232 -5.49 -14.41 124.70
C SER R 232 -4.36 -13.63 125.36
N LEU R 233 -3.17 -13.74 124.76
CA LEU R 233 -2.07 -12.88 125.17
C LEU R 233 -2.28 -11.48 124.58
N ALA R 234 -1.32 -10.60 124.83
CA ALA R 234 -1.45 -9.21 124.38
C ALA R 234 -0.08 -8.60 124.15
N PHE R 235 0.17 -8.16 122.92
CA PHE R 235 1.34 -7.35 122.64
C PHE R 235 1.19 -5.98 123.30
N THR R 236 2.30 -5.42 123.76
CA THR R 236 2.26 -4.11 124.41
C THR R 236 3.62 -3.44 124.28
N GLY R 237 3.60 -2.13 124.46
CA GLY R 237 4.81 -1.33 124.39
C GLY R 237 5.13 -0.74 123.03
N GLY R 238 4.43 -1.17 121.98
CA GLY R 238 4.71 -0.64 120.66
C GLY R 238 4.37 0.84 120.58
N THR R 239 5.19 1.58 119.83
CA THR R 239 5.03 3.02 119.77
C THR R 239 5.65 3.52 118.46
N ASN R 240 4.86 4.21 117.65
CA ASN R 240 5.37 4.77 116.40
C ASN R 240 6.20 6.03 116.63
N GLY R 241 6.15 6.60 117.82
CA GLY R 241 6.92 7.78 118.13
C GLY R 241 6.36 9.03 117.50
N ASP R 242 7.17 10.08 117.52
CA ASP R 242 6.83 11.36 116.90
C ASP R 242 7.32 11.36 115.46
N GLN R 243 6.39 11.40 114.52
CA GLN R 243 6.73 11.43 113.10
C GLN R 243 6.74 12.84 112.54
N SER R 244 6.49 13.85 113.36
CA SER R 244 6.53 15.23 112.87
C SER R 244 7.94 15.61 112.44
N LYS R 245 8.94 15.28 113.25
CA LYS R 245 10.32 15.61 112.97
C LYS R 245 11.13 14.34 112.75
N ILE R 246 11.94 14.33 111.69
CA ILE R 246 12.78 13.19 111.35
C ILE R 246 14.15 13.72 110.95
N SER R 247 15.20 13.16 111.56
CA SER R 247 16.54 13.59 111.24
C SER R 247 16.89 13.25 109.79
N THR R 248 17.78 14.03 109.20
CA THR R 248 18.19 13.78 107.83
C THR R 248 18.91 12.45 107.67
N ALA R 249 19.45 11.90 108.76
CA ALA R 249 20.11 10.59 108.69
C ALA R 249 19.13 9.51 108.28
N ALA R 250 17.91 9.54 108.84
CA ALA R 250 16.91 8.54 108.47
C ALA R 250 16.55 8.63 107.00
N TYR R 251 16.37 9.84 106.48
CA TYR R 251 16.06 10.00 105.07
C TYR R 251 17.21 9.52 104.19
N LEU R 252 18.44 9.82 104.59
CA LEU R 252 19.59 9.35 103.81
C LEU R 252 19.66 7.83 103.81
N ARG R 253 19.41 7.20 104.95
CA ARG R 253 19.42 5.74 104.99
C ARG R 253 18.32 5.16 104.11
N ALA R 254 17.13 5.77 104.14
CA ALA R 254 16.03 5.28 103.32
C ALA R 254 16.35 5.40 101.83
N VAL R 255 16.93 6.53 101.42
CA VAL R 255 17.22 6.67 99.99
C VAL R 255 18.36 5.75 99.58
N LYS R 256 19.32 5.48 100.47
CA LYS R 256 20.34 4.50 100.16
C LYS R 256 19.75 3.11 99.96
N VAL R 257 18.81 2.73 100.82
CA VAL R 257 18.13 1.44 100.66
C VAL R 257 17.38 1.40 99.33
N LEU R 258 16.69 2.48 98.99
CA LEU R 258 15.98 2.53 97.72
C LEU R 258 16.93 2.42 96.54
N ASN R 259 18.12 3.02 96.65
CA ASN R 259 19.11 2.88 95.59
C ASN R 259 19.55 1.43 95.44
N ASN R 260 19.81 0.76 96.56
CA ASN R 260 20.29 -0.61 96.51
C ASN R 260 19.18 -1.63 96.29
N ALA R 261 17.94 -1.19 96.19
CA ALA R 261 16.83 -2.12 95.96
C ALA R 261 17.03 -2.87 94.64
N PRO R 262 16.79 -4.18 94.62
CA PRO R 262 16.93 -4.96 93.38
C PRO R 262 15.62 -5.06 92.60
N TYR R 263 15.13 -3.91 92.13
CA TYR R 263 13.90 -3.87 91.35
C TYR R 263 14.09 -2.95 90.16
N MET R 264 13.04 -2.82 89.37
CA MET R 264 13.05 -1.98 88.17
C MET R 264 11.97 -0.91 88.29
N TYR R 265 12.36 0.35 88.13
CA TYR R 265 11.39 1.43 88.10
C TYR R 265 11.91 2.55 87.22
N THR R 266 10.98 3.35 86.70
CA THR R 266 11.31 4.42 85.76
C THR R 266 10.83 5.79 86.24
N ALA R 267 10.68 5.98 87.54
CA ALA R 267 10.30 7.28 88.09
C ALA R 267 10.61 7.27 89.58
N VAL R 268 11.20 8.36 90.06
CA VAL R 268 11.76 8.38 91.41
C VAL R 268 11.00 9.37 92.29
N LEU R 269 9.69 9.46 92.08
CA LEU R 269 8.82 10.47 92.68
C LEU R 269 9.26 10.88 94.08
N GLY R 270 9.41 12.18 94.28
CA GLY R 270 9.76 12.73 95.57
C GLY R 270 8.55 12.89 96.47
N LEU R 271 8.09 11.79 97.05
CA LEU R 271 6.84 11.78 97.81
C LEU R 271 6.97 12.66 99.06
N GLY R 272 6.38 13.85 98.99
CA GLY R 272 6.22 14.73 100.13
C GLY R 272 7.40 14.83 101.08
N CYS R 273 8.61 14.82 100.55
CA CYS R 273 9.82 14.90 101.35
C CYS R 273 10.56 16.16 100.95
N TYR R 274 10.43 17.21 101.75
CA TYR R 274 11.04 18.50 101.46
C TYR R 274 12.34 18.66 102.26
N ASP R 275 13.32 17.86 101.88
CA ASP R 275 14.65 17.92 102.47
C ASP R 275 15.68 18.02 101.37
N ASN R 276 16.60 18.97 101.48
CA ASN R 276 17.55 19.22 100.41
C ASN R 276 18.46 18.02 100.18
N ALA R 277 18.94 17.40 101.26
CA ALA R 277 19.83 16.25 101.12
C ALA R 277 19.11 15.08 100.45
N ALA R 278 17.88 14.81 100.86
CA ALA R 278 17.13 13.71 100.27
C ALA R 278 16.84 13.97 98.80
N ILE R 279 16.49 15.21 98.46
CA ILE R 279 16.22 15.53 97.06
C ILE R 279 17.48 15.39 96.23
N THR R 280 18.63 15.82 96.75
CA THR R 280 19.87 15.63 96.03
C THR R 280 20.18 14.15 95.82
N ALA R 281 19.94 13.33 96.85
CA ALA R 281 20.18 11.89 96.71
C ALA R 281 19.28 11.28 95.65
N LEU R 282 18.01 11.69 95.62
CA LEU R 282 17.11 11.16 94.60
C LEU R 282 17.53 11.62 93.20
N GLY R 283 18.05 12.84 93.08
CA GLY R 283 18.62 13.25 91.81
C GLY R 283 19.80 12.40 91.41
N LYS R 284 20.63 12.02 92.40
CA LYS R 284 21.69 11.06 92.14
C LYS R 284 21.15 9.75 91.60
N ILE R 285 20.04 9.28 92.19
CA ILE R 285 19.45 8.02 91.73
C ILE R 285 19.01 8.14 90.27
N CYS R 286 18.38 9.26 89.91
CA CYS R 286 18.05 9.50 88.51
C CYS R 286 19.28 9.46 87.63
N ALA R 287 20.31 10.22 87.99
CA ALA R 287 21.49 10.32 87.15
C ALA R 287 22.19 8.98 87.02
N ASP R 288 22.03 8.11 88.00
CA ASP R 288 22.71 6.82 87.96
C ASP R 288 21.92 5.82 87.14
N ARG R 289 20.63 5.67 87.41
CA ARG R 289 19.84 4.63 86.76
C ARG R 289 19.27 5.06 85.42
N LEU R 290 19.45 6.31 85.00
CA LEU R 290 18.88 6.83 83.76
C LEU R 290 17.36 6.73 83.77
N ILE R 291 16.75 7.39 84.76
CA ILE R 291 15.29 7.44 84.87
C ILE R 291 14.85 8.89 85.07
N ASP R 292 13.57 9.08 85.38
CA ASP R 292 12.96 10.39 85.50
C ASP R 292 12.60 10.69 86.95
N GLY R 293 12.70 11.95 87.32
CA GLY R 293 12.31 12.38 88.65
C GLY R 293 11.36 13.55 88.64
N PHE R 294 10.39 13.56 89.55
CA PHE R 294 9.40 14.63 89.63
C PHE R 294 9.35 15.13 91.07
N PHE R 295 10.24 16.05 91.42
CA PHE R 295 10.30 16.60 92.76
C PHE R 295 9.52 17.90 92.82
N ASP R 296 9.32 18.40 94.03
CA ASP R 296 8.44 19.55 94.17
C ASP R 296 8.83 20.30 95.43
N VAL R 297 8.89 21.63 95.32
CA VAL R 297 9.31 22.49 96.44
C VAL R 297 8.16 22.65 97.42
N LYS R 298 8.43 23.21 98.59
CA LYS R 298 7.39 23.35 99.60
C LYS R 298 6.22 24.14 99.03
N PRO R 299 5.02 23.59 98.99
CA PRO R 299 3.90 24.31 98.38
C PRO R 299 3.21 25.26 99.35
N THR R 300 4.01 25.99 100.12
CA THR R 300 3.51 27.06 100.97
C THR R 300 4.38 28.30 100.88
N LEU R 301 5.26 28.37 99.89
CA LEU R 301 6.13 29.52 99.68
C LEU R 301 5.50 30.47 98.67
N THR R 302 5.70 31.76 98.90
CA THR R 302 5.21 32.76 97.97
C THR R 302 6.01 32.69 96.66
N TYR R 303 5.44 33.29 95.62
CA TYR R 303 6.09 33.27 94.32
C TYR R 303 7.45 33.95 94.36
N ALA R 304 7.67 34.86 95.31
CA ALA R 304 8.97 35.51 95.43
C ALA R 304 10.03 34.55 95.98
N GLU R 305 9.68 33.77 97.00
CA GLU R 305 10.64 32.85 97.59
C GLU R 305 10.72 31.52 96.86
N ALA R 306 9.81 31.24 95.92
CA ALA R 306 9.87 29.97 95.21
C ALA R 306 11.14 29.86 94.37
N LEU R 307 11.54 30.95 93.72
CA LEU R 307 12.71 30.90 92.85
C LEU R 307 14.01 30.58 93.57
N PRO R 308 14.38 31.25 94.68
CA PRO R 308 15.62 30.84 95.36
C PRO R 308 15.55 29.45 95.96
N ALA R 309 14.36 28.96 96.33
CA ALA R 309 14.26 27.61 96.88
C ALA R 309 14.61 26.56 95.84
N VAL R 310 14.32 26.82 94.57
CA VAL R 310 14.68 25.86 93.51
C VAL R 310 16.19 25.76 93.38
N GLU R 311 16.89 26.89 93.47
CA GLU R 311 18.35 26.84 93.49
C GLU R 311 18.85 26.13 94.74
N ASP R 312 18.18 26.36 95.87
CA ASP R 312 18.60 25.74 97.13
C ASP R 312 18.50 24.21 97.03
N THR R 313 17.42 23.72 96.43
CA THR R 313 17.15 22.28 96.45
C THR R 313 18.24 21.47 95.77
N GLY R 314 19.08 22.08 94.94
CA GLY R 314 20.37 21.52 94.61
C GLY R 314 20.51 20.89 93.24
N LEU R 315 19.42 20.58 92.53
CA LEU R 315 19.59 19.91 91.26
C LEU R 315 19.93 20.85 90.11
N LEU R 316 19.94 22.15 90.33
CA LEU R 316 20.24 23.09 89.25
C LEU R 316 21.68 22.94 88.83
N GLY R 317 21.90 22.34 87.66
CA GLY R 317 23.23 22.15 87.12
C GLY R 317 23.18 21.51 85.76
N THR R 318 24.15 20.65 85.47
CA THR R 318 24.18 19.91 84.21
C THR R 318 24.17 18.41 84.40
N ASP R 319 24.33 17.92 85.63
CA ASP R 319 24.34 16.48 85.87
C ASP R 319 22.93 15.89 85.85
N TYR R 320 21.96 16.61 86.40
CA TYR R 320 20.59 16.12 86.49
C TYR R 320 19.78 16.79 85.39
N VAL R 321 19.69 16.13 84.24
CA VAL R 321 19.00 16.69 83.09
C VAL R 321 17.61 16.11 82.89
N SER R 322 17.15 15.24 83.78
CA SER R 322 15.87 14.59 83.62
C SER R 322 14.94 14.80 84.81
N CYS R 323 15.33 15.63 85.78
CA CYS R 323 14.53 15.84 86.99
C CYS R 323 13.79 17.15 86.91
N SER R 324 12.47 17.10 87.06
CA SER R 324 11.62 18.27 87.03
C SER R 324 11.26 18.70 88.45
N VAL R 325 11.06 20.01 88.62
CA VAL R 325 10.71 20.59 89.91
C VAL R 325 9.40 21.34 89.76
N TYR R 326 8.46 21.08 90.67
CA TYR R 326 7.14 21.68 90.60
C TYR R 326 6.87 22.52 91.84
N HIS R 327 5.74 23.24 91.79
CA HIS R 327 5.34 24.15 92.86
C HIS R 327 3.85 24.42 92.70
N TYR R 328 3.08 24.11 93.74
CA TYR R 328 1.61 24.19 93.68
C TYR R 328 1.09 24.92 94.92
N PRO R 329 1.15 26.25 94.94
CA PRO R 329 0.67 27.00 96.11
C PRO R 329 -0.84 27.22 96.09
N PHE R 330 -1.58 26.15 96.36
CA PHE R 330 -3.03 26.20 96.38
C PHE R 330 -3.55 25.33 97.50
N SER R 331 -4.76 25.63 97.96
CA SER R 331 -5.42 24.83 98.98
C SER R 331 -6.44 23.90 98.34
N CYS R 332 -6.87 22.91 99.12
CA CYS R 332 -7.79 21.92 98.59
C CYS R 332 -8.54 21.28 99.75
N LYS R 333 -9.65 20.61 99.43
CA LYS R 333 -10.46 19.91 100.40
C LYS R 333 -10.14 18.43 100.33
N ASP R 334 -9.76 17.85 101.46
CA ASP R 334 -9.26 16.49 101.48
C ASP R 334 -10.38 15.50 101.16
N LYS R 335 -10.00 14.36 100.57
CA LYS R 335 -10.98 13.37 100.17
C LYS R 335 -11.52 12.60 101.36
N TRP R 336 -10.67 12.30 102.34
CA TRP R 336 -11.06 11.42 103.44
C TRP R 336 -11.56 12.19 104.66
N THR R 337 -10.73 13.07 105.21
CA THR R 337 -11.08 13.71 106.47
C THR R 337 -11.96 14.95 106.29
N GLN R 338 -12.14 15.43 105.07
CA GLN R 338 -12.97 16.61 104.78
C GLN R 338 -12.47 17.84 105.56
N SER R 339 -11.26 18.27 105.22
CA SER R 339 -10.65 19.43 105.86
C SER R 339 -9.85 20.21 104.83
N ARG R 340 -9.24 21.30 105.27
CA ARG R 340 -8.44 22.17 104.41
C ARG R 340 -6.98 21.77 104.53
N VAL R 341 -6.44 21.17 103.47
CA VAL R 341 -5.07 20.68 103.45
C VAL R 341 -4.38 21.18 102.19
N VAL R 342 -3.05 21.21 102.24
CA VAL R 342 -2.22 21.57 101.10
C VAL R 342 -1.14 20.51 100.94
N PHE R 343 -0.95 20.05 99.70
CA PHE R 343 0.15 19.14 99.42
C PHE R 343 0.61 19.39 97.98
N GLY R 344 1.57 18.58 97.53
CA GLY R 344 2.33 18.88 96.34
C GLY R 344 1.72 18.36 95.06
N LEU R 345 2.57 18.25 94.03
CA LEU R 345 2.13 17.93 92.68
C LEU R 345 2.91 16.78 92.05
N SER R 346 3.77 16.10 92.81
CA SER R 346 4.56 15.02 92.25
C SER R 346 3.67 13.88 91.75
N GLY R 347 2.65 13.53 92.53
CA GLY R 347 1.76 12.46 92.12
C GLY R 347 1.04 12.77 90.82
N VAL R 348 0.53 14.00 90.69
CA VAL R 348 -0.19 14.36 89.47
C VAL R 348 0.76 14.45 88.29
N ALA R 349 1.99 14.93 88.51
CA ALA R 349 2.96 14.95 87.44
C ALA R 349 3.25 13.54 86.93
N TYR R 350 3.44 12.60 87.85
CA TYR R 350 3.69 11.23 87.41
C TYR R 350 2.46 10.62 86.74
N ALA R 351 1.26 10.97 87.21
CA ALA R 351 0.06 10.47 86.54
C ALA R 351 -0.01 10.99 85.11
N ALA R 352 0.36 12.25 84.89
CA ALA R 352 0.43 12.78 83.53
C ALA R 352 1.46 12.01 82.70
N LYS R 353 2.62 11.74 83.27
CA LYS R 353 3.65 11.02 82.52
C LYS R 353 3.18 9.61 82.15
N ALA R 354 2.48 8.94 83.08
CA ALA R 354 1.98 7.60 82.79
C ALA R 354 0.90 7.62 81.73
N ARG R 355 -0.01 8.60 81.81
CA ARG R 355 -1.01 8.74 80.75
C ARG R 355 -0.35 8.94 79.41
N GLY R 356 0.74 9.71 79.37
CA GLY R 356 1.46 9.88 78.12
C GLY R 356 2.12 8.59 77.65
N VAL R 357 2.72 7.84 78.57
CA VAL R 357 3.47 6.65 78.18
C VAL R 357 2.56 5.50 77.81
N LYS R 358 1.28 5.55 78.18
CA LYS R 358 0.35 4.48 77.84
C LYS R 358 -0.36 4.69 76.51
N LYS R 359 -0.01 5.75 75.76
CA LYS R 359 -0.68 6.00 74.49
C LYS R 359 -0.28 4.98 73.44
N ASN R 360 1.01 4.90 73.13
CA ASN R 360 1.51 3.90 72.19
C ASN R 360 1.62 2.55 72.89
N SER R 361 1.31 1.48 72.15
CA SER R 361 1.31 0.15 72.70
C SER R 361 2.55 -0.67 72.36
N ASP R 362 3.15 -0.43 71.20
CA ASP R 362 4.31 -1.23 70.79
C ASP R 362 5.53 -0.88 71.63
N VAL R 363 5.98 0.37 71.55
CA VAL R 363 7.14 0.83 72.31
C VAL R 363 6.76 1.81 73.41
N GLY R 364 5.51 2.26 73.46
CA GLY R 364 5.10 3.20 74.48
C GLY R 364 5.49 4.61 74.09
N GLY R 365 4.60 5.56 74.30
CA GLY R 365 4.88 6.92 73.89
C GLY R 365 5.65 7.69 74.95
N TRP R 366 6.95 7.77 74.79
CA TRP R 366 7.78 8.56 75.69
C TRP R 366 7.96 9.99 75.23
N HIS R 367 7.48 10.34 74.04
CA HIS R 367 7.67 11.67 73.48
C HIS R 367 6.56 12.63 73.84
N TYR R 368 5.57 12.21 74.63
CA TYR R 368 4.49 13.08 75.04
C TYR R 368 4.91 13.84 76.30
N SER R 369 4.84 15.16 76.25
CA SER R 369 5.19 15.96 77.40
C SER R 369 4.16 15.79 78.50
N PRO R 370 4.56 15.84 79.77
CA PRO R 370 3.62 15.73 80.89
C PRO R 370 2.89 17.03 81.21
N ALA R 371 2.27 17.62 80.19
CA ALA R 371 1.52 18.85 80.38
C ALA R 371 0.50 18.97 79.26
N GLY R 372 -0.48 19.84 79.48
CA GLY R 372 -1.52 20.08 78.50
C GLY R 372 -2.88 20.05 79.15
N GLU R 373 -3.91 20.02 78.31
CA GLU R 373 -5.28 19.97 78.78
C GLU R 373 -5.94 18.62 78.62
N GLU R 374 -5.27 17.66 77.98
CA GLU R 374 -5.82 16.32 77.80
C GLU R 374 -5.05 15.25 78.54
N ARG R 375 -3.94 15.59 79.20
CA ARG R 375 -3.12 14.60 79.87
C ARG R 375 -2.63 15.01 81.24
N ALA R 376 -2.94 16.22 81.72
CA ALA R 376 -2.37 16.67 82.97
C ALA R 376 -3.38 17.44 83.83
N VAL R 377 -4.67 17.12 83.68
CA VAL R 377 -5.67 17.80 84.49
C VAL R 377 -5.48 17.44 85.96
N ILE R 378 -5.78 18.38 86.84
CA ILE R 378 -5.64 18.20 88.28
C ILE R 378 -7.04 18.05 88.86
N ALA R 379 -7.28 16.93 89.53
CA ALA R 379 -8.57 16.64 90.12
C ALA R 379 -8.48 16.86 91.63
N ARG R 380 -9.12 17.92 92.11
CA ARG R 380 -9.17 18.21 93.54
C ARG R 380 -10.59 18.63 93.88
N ALA R 381 -10.79 19.15 95.08
CA ALA R 381 -12.10 19.58 95.54
C ALA R 381 -12.00 20.98 96.12
N SER R 382 -12.74 21.92 95.52
CA SER R 382 -12.84 23.29 96.01
C SER R 382 -11.47 23.95 96.14
N ILE R 383 -10.78 24.02 95.00
CA ILE R 383 -9.45 24.64 94.97
C ILE R 383 -9.60 26.12 95.28
N GLN R 384 -8.93 26.57 96.34
CA GLN R 384 -8.98 27.96 96.76
C GLN R 384 -7.56 28.49 96.85
N PRO R 385 -7.17 29.47 96.03
CA PRO R 385 -5.77 29.89 95.99
C PRO R 385 -5.29 30.40 97.35
N LEU R 386 -4.03 30.10 97.65
CA LEU R 386 -3.47 30.49 98.93
C LEU R 386 -3.17 31.98 98.99
N TYR R 387 -2.65 32.54 97.91
CA TYR R 387 -2.26 33.94 97.83
C TYR R 387 -2.94 34.58 96.63
N PRO R 388 -4.23 34.89 96.73
CA PRO R 388 -4.92 35.50 95.59
C PRO R 388 -4.37 36.86 95.20
N GLU R 389 -3.72 37.58 96.12
CA GLU R 389 -3.24 38.93 95.80
C GLU R 389 -1.95 38.93 95.02
N ASP R 390 -1.27 37.79 94.88
CA ASP R 390 0.00 37.75 94.18
C ASP R 390 -0.21 37.36 92.72
N THR R 391 0.89 37.33 91.96
CA THR R 391 0.85 37.03 90.54
C THR R 391 2.12 36.29 90.16
N PRO R 392 2.05 35.37 89.20
CA PRO R 392 3.26 34.66 88.78
C PRO R 392 4.23 35.58 88.06
N ASP R 393 5.42 35.04 87.80
CA ASP R 393 6.56 35.75 87.25
C ASP R 393 7.08 35.04 86.02
N GLU R 394 6.18 34.76 85.06
CA GLU R 394 6.43 33.82 83.96
C GLU R 394 7.85 33.82 83.43
N GLU R 395 8.40 35.00 83.12
CA GLU R 395 9.76 35.05 82.58
C GLU R 395 10.77 34.58 83.60
N ALA R 396 10.66 35.04 84.86
CA ALA R 396 11.57 34.61 85.90
C ALA R 396 11.45 33.11 86.14
N MET R 397 10.22 32.59 86.14
CA MET R 397 10.02 31.16 86.34
C MET R 397 10.67 30.35 85.22
N VAL R 398 10.50 30.78 83.97
CA VAL R 398 11.10 30.03 82.86
C VAL R 398 12.61 30.09 82.94
N LYS R 399 13.17 31.24 83.32
CA LYS R 399 14.62 31.32 83.45
C LYS R 399 15.12 30.48 84.62
N GLY R 400 14.34 30.36 85.68
CA GLY R 400 14.72 29.57 86.84
C GLY R 400 14.29 28.13 86.81
N ARG R 401 13.70 27.66 85.71
CA ARG R 401 13.34 26.25 85.53
C ARG R 401 12.37 25.79 86.62
N LEU R 402 11.18 26.39 86.60
CA LEU R 402 10.13 26.07 87.56
C LEU R 402 8.82 25.96 86.79
N ASN R 403 8.26 24.75 86.72
CA ASN R 403 6.99 24.56 86.05
C ASN R 403 5.86 25.21 86.84
N LYS R 404 4.90 25.79 86.13
CA LYS R 404 3.84 26.56 86.74
C LYS R 404 2.48 26.00 86.35
N VAL R 405 1.53 26.13 87.27
CA VAL R 405 0.16 25.73 87.02
C VAL R 405 -0.60 26.90 86.42
N SER R 406 -1.75 26.60 85.81
CA SER R 406 -2.58 27.62 85.20
C SER R 406 -4.03 27.14 85.21
N VAL R 407 -4.88 27.86 84.52
CA VAL R 407 -6.28 27.48 84.35
C VAL R 407 -6.52 27.33 82.86
N GLY R 408 -6.69 26.10 82.41
CA GLY R 408 -6.93 25.83 81.01
C GLY R 408 -8.38 26.03 80.66
N THR R 409 -8.77 25.47 79.51
CA THR R 409 -10.15 25.56 79.08
C THR R 409 -11.06 24.77 80.02
N SER R 410 -12.32 25.21 80.09
CA SER R 410 -13.37 24.59 80.90
C SER R 410 -13.18 24.86 82.39
N GLY R 411 -12.04 25.43 82.78
CA GLY R 411 -11.85 25.88 84.14
C GLY R 411 -11.19 24.92 85.10
N GLN R 412 -10.65 23.80 84.64
CA GLN R 412 -9.89 22.92 85.51
C GLN R 412 -8.42 23.29 85.46
N MET R 413 -7.78 23.34 86.63
CA MET R 413 -6.37 23.64 86.71
C MET R 413 -5.56 22.57 85.99
N ILE R 414 -4.50 22.99 85.31
CA ILE R 414 -3.64 22.07 84.58
C ILE R 414 -2.19 22.45 84.82
N ILE R 415 -1.30 21.57 84.40
CA ILE R 415 0.14 21.85 84.37
C ILE R 415 0.49 22.36 82.99
N ASP R 416 1.19 23.48 82.92
CA ASP R 416 1.44 24.15 81.65
C ASP R 416 2.91 24.41 81.41
N ASP R 417 3.77 23.45 81.74
CA ASP R 417 5.18 23.53 81.39
C ASP R 417 5.80 22.15 81.47
N ALA R 418 6.89 21.98 80.73
CA ALA R 418 7.62 20.73 80.67
C ALA R 418 9.12 20.99 80.73
N LEU R 419 9.53 21.85 81.65
CA LEU R 419 10.93 22.26 81.76
C LEU R 419 11.63 21.46 82.84
N THR R 420 12.83 20.99 82.53
CA THR R 420 13.64 20.22 83.45
C THR R 420 14.56 21.14 84.24
N CYS R 421 15.53 20.57 84.94
CA CYS R 421 16.46 21.34 85.76
C CYS R 421 17.74 21.69 85.03
N CYS R 422 17.85 21.35 83.75
CA CYS R 422 19.04 21.72 82.99
C CYS R 422 19.11 23.23 82.81
N THR R 423 20.29 23.80 83.00
CA THR R 423 20.47 25.24 82.84
C THR R 423 20.87 25.64 81.44
N GLN R 424 21.56 24.75 80.72
CA GLN R 424 21.97 25.06 79.36
C GLN R 424 20.75 25.22 78.46
N ASP R 425 20.82 26.18 77.54
CA ASP R 425 19.70 26.48 76.65
C ASP R 425 19.89 25.72 75.35
N ASN R 426 19.48 24.45 75.37
CA ASN R 426 19.51 23.60 74.18
C ASN R 426 18.29 22.70 74.23
N TYR R 427 18.31 21.64 73.41
CA TYR R 427 17.17 20.73 73.37
C TYR R 427 17.00 19.94 74.66
N LEU R 428 17.98 19.97 75.56
CA LEU R 428 17.94 19.09 76.71
C LEU R 428 17.06 19.61 77.85
N HIS R 429 16.66 20.88 77.83
CA HIS R 429 15.89 21.38 78.96
C HIS R 429 14.40 21.10 78.82
N PHE R 430 13.94 20.66 77.66
CA PHE R 430 12.56 20.18 77.55
C PHE R 430 12.45 18.83 78.22
N GLN R 431 11.22 18.44 78.54
CA GLN R 431 11.04 17.24 79.37
C GLN R 431 11.08 15.97 78.53
N HIS R 432 10.50 15.98 77.34
CA HIS R 432 10.32 14.72 76.63
C HIS R 432 11.63 14.20 76.03
N VAL R 433 12.54 15.10 75.65
CA VAL R 433 13.78 14.65 75.00
C VAL R 433 14.64 13.77 75.92
N PRO R 434 14.95 14.17 77.15
CA PRO R 434 15.72 13.25 78.00
C PRO R 434 15.04 11.94 78.26
N SER R 435 13.71 11.92 78.38
CA SER R 435 13.02 10.67 78.64
C SER R 435 13.16 9.71 77.46
N LEU R 436 12.98 10.22 76.25
CA LEU R 436 13.12 9.39 75.06
C LEU R 436 14.56 8.88 74.92
N MET R 437 15.53 9.77 75.10
CA MET R 437 16.93 9.35 74.99
C MET R 437 17.28 8.32 76.04
N ASN R 438 16.75 8.47 77.25
CA ASN R 438 17.03 7.51 78.30
C ASN R 438 16.38 6.16 78.02
N ALA R 439 15.19 6.16 77.43
CA ALA R 439 14.59 4.89 77.04
C ALA R 439 15.47 4.17 76.02
N ILE R 440 15.96 4.90 75.02
CA ILE R 440 16.83 4.28 74.03
C ILE R 440 18.10 3.76 74.70
N SER R 441 18.67 4.54 75.61
CA SER R 441 19.91 4.13 76.27
C SER R 441 19.71 2.88 77.11
N ARG R 442 18.58 2.78 77.83
CA ARG R 442 18.32 1.59 78.62
C ARG R 442 18.19 0.36 77.74
N PHE R 443 17.48 0.49 76.61
CA PHE R 443 17.40 -0.64 75.69
C PHE R 443 18.78 -1.03 75.17
N PHE R 444 19.63 -0.03 74.87
CA PHE R 444 20.98 -0.36 74.41
C PHE R 444 21.76 -1.10 75.47
N VAL R 445 21.66 -0.67 76.72
CA VAL R 445 22.39 -1.35 77.77
C VAL R 445 21.95 -2.80 77.87
N GLN R 446 20.65 -3.05 77.80
CA GLN R 446 20.17 -4.42 77.82
C GLN R 446 20.75 -5.23 76.67
N LEU R 447 20.69 -4.69 75.45
CA LEU R 447 21.15 -5.42 74.28
C LEU R 447 22.64 -5.72 74.36
N ALA R 448 23.45 -4.72 74.73
CA ALA R 448 24.89 -4.93 74.78
C ALA R 448 25.28 -5.88 75.90
N ARG R 449 24.59 -5.81 77.04
CA ARG R 449 24.86 -6.76 78.10
C ARG R 449 24.57 -8.18 77.63
N GLN R 450 23.49 -8.37 76.89
CA GLN R 450 23.21 -9.70 76.36
C GLN R 450 24.23 -10.14 75.33
N MET R 451 24.77 -9.20 74.55
CA MET R 451 25.62 -9.52 73.41
C MET R 451 27.10 -9.42 73.72
N LYS R 452 27.48 -9.18 74.97
CA LYS R 452 28.89 -9.09 75.32
C LYS R 452 29.59 -10.45 75.16
N HIS R 453 30.90 -10.38 74.91
CA HIS R 453 31.81 -11.53 74.88
C HIS R 453 31.62 -12.42 73.66
N SER R 454 31.11 -11.89 72.56
CA SER R 454 30.96 -12.66 71.34
C SER R 454 32.02 -12.26 70.32
N PRO R 455 32.33 -13.13 69.37
CA PRO R 455 33.27 -12.75 68.32
C PRO R 455 32.70 -11.64 67.45
N ASP R 456 33.61 -10.92 66.78
CA ASP R 456 33.21 -9.71 66.07
C ASP R 456 32.23 -10.01 64.96
N GLY R 457 32.36 -11.17 64.29
CA GLY R 457 31.48 -11.48 63.20
C GLY R 457 30.02 -11.51 63.62
N ILE R 458 29.74 -12.18 64.74
CA ILE R 458 28.38 -12.19 65.27
C ILE R 458 28.03 -10.83 65.86
N THR R 459 28.99 -10.19 66.53
CA THR R 459 28.69 -8.99 67.31
C THR R 459 28.26 -7.83 66.41
N ALA R 460 28.98 -7.58 65.33
CA ALA R 460 28.65 -6.46 64.47
C ALA R 460 27.26 -6.60 63.89
N ALA R 461 26.96 -7.76 63.32
CA ALA R 461 25.66 -7.99 62.72
C ALA R 461 24.55 -7.90 63.76
N GLY R 462 24.77 -8.49 64.94
CA GLY R 462 23.73 -8.45 65.96
C GLY R 462 23.44 -7.05 66.45
N LEU R 463 24.50 -6.28 66.73
CA LEU R 463 24.30 -4.91 67.20
C LEU R 463 23.59 -4.08 66.14
N THR R 464 24.04 -4.18 64.89
CA THR R 464 23.41 -3.39 63.83
C THR R 464 21.94 -3.76 63.67
N LYS R 465 21.64 -5.06 63.66
CA LYS R 465 20.25 -5.49 63.48
C LYS R 465 19.38 -5.01 64.62
N GLY R 466 19.82 -5.20 65.86
CA GLY R 466 19.01 -4.80 66.99
C GLY R 466 18.75 -3.31 67.03
N MET R 467 19.80 -2.51 66.85
CA MET R 467 19.63 -1.07 66.88
C MET R 467 18.78 -0.57 65.73
N THR R 468 18.99 -1.11 64.52
CA THR R 468 18.18 -0.68 63.40
C THR R 468 16.71 -1.00 63.64
N LYS R 469 16.41 -2.19 64.17
CA LYS R 469 15.02 -2.54 64.44
C LYS R 469 14.41 -1.61 65.48
N LEU R 470 15.14 -1.34 66.57
CA LEU R 470 14.58 -0.50 67.62
C LEU R 470 14.32 0.93 67.11
N LEU R 471 15.29 1.50 66.40
CA LEU R 471 15.10 2.87 65.93
C LEU R 471 14.03 2.94 64.86
N ASP R 472 13.88 1.91 64.03
CA ASP R 472 12.78 1.88 63.09
C ASP R 472 11.44 1.83 63.81
N ARG R 473 11.36 1.06 64.90
CA ARG R 473 10.14 1.02 65.69
C ARG R 473 9.81 2.41 66.25
N PHE R 474 10.84 3.11 66.75
CA PHE R 474 10.59 4.46 67.27
C PHE R 474 10.13 5.41 66.18
N VAL R 475 10.76 5.37 65.02
CA VAL R 475 10.38 6.28 63.93
C VAL R 475 8.94 5.99 63.49
N ALA R 476 8.58 4.72 63.38
CA ALA R 476 7.20 4.37 63.03
C ALA R 476 6.24 4.84 64.11
N SER R 477 6.66 4.79 65.38
CA SER R 477 5.84 5.32 66.45
C SER R 477 5.61 6.82 66.27
N GLY R 478 6.65 7.54 65.86
CA GLY R 478 6.54 8.96 65.60
C GLY R 478 7.32 9.86 66.51
N ALA R 479 8.25 9.31 67.29
CA ALA R 479 9.06 10.13 68.20
C ALA R 479 10.27 10.76 67.53
N LEU R 480 10.60 10.35 66.31
CA LEU R 480 11.70 10.96 65.56
C LEU R 480 11.18 11.42 64.21
N VAL R 481 11.61 12.60 63.78
CA VAL R 481 11.19 13.19 62.52
C VAL R 481 12.43 13.60 61.73
N ALA R 482 12.21 13.99 60.48
CA ALA R 482 13.29 14.40 59.62
C ALA R 482 14.00 15.63 60.19
N PRO R 483 15.28 15.80 59.92
CA PRO R 483 16.02 16.92 60.52
C PRO R 483 15.47 18.25 60.04
N ARG R 484 15.69 19.28 60.88
CA ARG R 484 15.14 20.60 60.58
C ARG R 484 15.71 21.17 59.30
N ASP R 485 17.01 21.00 59.07
CA ASP R 485 17.66 21.56 57.88
C ASP R 485 18.19 20.42 57.02
N PRO R 486 17.42 19.93 56.05
CA PRO R 486 17.84 18.79 55.22
C PRO R 486 18.86 19.15 54.15
N ASP R 487 19.87 19.93 54.55
CA ASP R 487 20.94 20.33 53.64
C ASP R 487 22.31 19.86 54.11
N ALA R 488 22.61 19.97 55.40
CA ALA R 488 23.90 19.57 55.94
C ALA R 488 23.83 18.19 56.58
N ASP R 489 22.95 18.00 57.55
CA ASP R 489 22.86 16.74 58.29
C ASP R 489 21.85 15.79 57.67
N GLY R 490 22.00 15.52 56.38
CA GLY R 490 21.22 14.54 55.65
C GLY R 490 19.71 14.75 55.78
N THR R 491 18.98 13.66 55.52
CA THR R 491 17.52 13.70 55.62
C THR R 491 16.96 12.44 56.28
N GLU R 492 17.75 11.74 57.09
CA GLU R 492 17.20 10.58 57.76
C GLU R 492 16.98 10.88 59.24
N PRO R 493 15.91 10.36 59.84
CA PRO R 493 15.65 10.66 61.26
C PRO R 493 16.78 10.24 62.19
N TYR R 494 17.43 9.11 61.90
CA TYR R 494 18.49 8.59 62.73
C TYR R 494 19.65 8.12 61.87
N VAL R 495 20.86 8.29 62.41
CA VAL R 495 22.08 7.83 61.77
C VAL R 495 22.81 6.92 62.74
N LEU R 496 23.15 5.73 62.29
CA LEU R 496 23.76 4.70 63.12
C LEU R 496 25.17 4.39 62.63
N LYS R 497 26.08 4.14 63.56
CA LYS R 497 27.46 3.81 63.19
C LYS R 497 28.03 2.89 64.25
N VAL R 498 28.27 1.63 63.88
CA VAL R 498 28.88 0.64 64.75
C VAL R 498 30.29 0.39 64.23
N THR R 499 31.29 0.57 65.09
CA THR R 499 32.67 0.49 64.65
C THR R 499 33.51 -0.22 65.69
N GLN R 500 34.72 -0.61 65.27
CA GLN R 500 35.70 -1.22 66.15
C GLN R 500 36.86 -0.25 66.33
N ALA R 501 37.21 0.01 67.59
CA ALA R 501 38.28 0.95 67.90
C ALA R 501 39.61 0.27 68.15
N GLU R 502 39.62 -0.87 68.82
CA GLU R 502 40.80 -1.72 68.97
C GLU R 502 40.32 -3.17 68.95
N PHE R 503 41.15 -4.06 69.49
CA PHE R 503 40.77 -5.47 69.54
C PHE R 503 39.39 -5.66 70.16
N ASP R 504 39.08 -4.93 71.23
CA ASP R 504 37.74 -5.01 71.82
C ASP R 504 37.39 -3.63 72.38
N LYS R 505 36.77 -2.80 71.53
CA LYS R 505 36.25 -1.52 71.98
C LYS R 505 34.99 -1.16 71.19
N TRP R 506 34.19 -2.17 70.85
CA TRP R 506 33.04 -1.95 69.98
C TRP R 506 32.25 -0.72 70.37
N GLU R 507 32.23 0.29 69.50
CA GLU R 507 31.67 1.59 69.80
C GLU R 507 30.47 1.84 68.90
N VAL R 508 29.34 2.18 69.52
CA VAL R 508 28.09 2.43 68.82
C VAL R 508 27.73 3.90 69.00
N VAL R 509 27.53 4.60 67.89
CA VAL R 509 27.15 6.00 67.91
C VAL R 509 25.87 6.15 67.12
N TRP R 510 24.80 6.60 67.77
CA TRP R 510 23.53 6.83 67.13
C TRP R 510 23.10 8.26 67.35
N ALA R 511 22.69 8.93 66.27
CA ALA R 511 22.22 10.31 66.33
C ALA R 511 20.78 10.35 65.87
N CYS R 512 19.91 10.95 66.68
CA CYS R 512 18.49 10.97 66.40
C CYS R 512 17.99 12.41 66.38
N CYS R 513 16.95 12.67 65.58
CA CYS R 513 16.31 13.97 65.60
C CYS R 513 14.99 13.88 66.34
N PRO R 514 14.87 14.42 67.56
CA PRO R 514 13.63 14.26 68.32
C PRO R 514 12.53 15.17 67.80
N THR R 515 11.30 14.84 68.19
CA THR R 515 10.14 15.62 67.79
C THR R 515 10.16 16.99 68.44
N GLY R 516 9.37 17.90 67.87
CA GLY R 516 9.26 19.24 68.38
C GLY R 516 7.93 19.45 69.10
N VAL R 517 8.01 19.73 70.39
CA VAL R 517 6.81 20.08 71.14
C VAL R 517 6.25 21.39 70.62
N ALA R 518 4.98 21.62 70.90
CA ALA R 518 4.29 22.84 70.48
C ALA R 518 3.93 23.63 71.73
N ARG R 519 4.87 24.46 72.18
CA ARG R 519 4.69 25.23 73.40
C ARG R 519 4.19 26.65 73.13
N ARG R 520 4.70 27.31 72.09
CA ARG R 520 4.29 28.66 71.74
C ARG R 520 3.68 28.64 70.35
N ILE R 521 2.45 29.12 70.23
CA ILE R 521 1.74 29.18 68.96
C ILE R 521 1.37 30.63 68.69
N GLN R 522 1.74 31.13 67.51
CA GLN R 522 1.49 32.52 67.15
C GLN R 522 0.77 32.58 65.81
N GLY R 523 -0.26 33.42 65.76
CA GLY R 523 -1.02 33.63 64.53
C GLY R 523 -0.85 35.05 64.03
N VAL R 524 -0.63 35.19 62.74
CA VAL R 524 -0.42 36.48 62.10
C VAL R 524 -1.46 36.64 60.99
N PRO R 525 -2.58 37.30 61.28
CA PRO R 525 -3.58 37.53 60.23
C PRO R 525 -3.06 38.52 59.21
N LEU R 526 -3.58 38.41 57.99
CA LEU R 526 -3.18 39.26 56.88
C LEU R 526 -4.41 39.65 56.08
N LEU R 527 -4.25 40.71 55.29
CA LEU R 527 -5.29 41.14 54.35
C LEU R 527 -4.68 41.22 52.96
N ILE R 528 -5.44 40.77 51.97
CA ILE R 528 -4.98 40.69 50.58
C ILE R 528 -5.67 41.78 49.78
N LYS R 529 -4.89 42.58 49.06
CA LYS R 529 -5.44 43.63 48.22
C LYS R 529 -6.22 43.03 47.06
N SER S 2 -59.52 62.05 -48.38
CA SER S 2 -60.79 62.25 -47.70
C SER S 2 -61.02 61.19 -46.65
N GLN S 3 -62.29 60.89 -46.39
CA GLN S 3 -62.63 59.81 -45.49
C GLN S 3 -62.57 58.47 -46.23
N TYR S 4 -62.66 57.38 -45.45
CA TYR S 4 -62.59 56.02 -45.96
C TYR S 4 -61.24 55.70 -46.59
N SER S 5 -60.35 56.69 -46.66
CA SER S 5 -59.02 56.45 -47.21
C SER S 5 -58.16 55.70 -46.20
N ILE S 6 -57.20 54.95 -46.70
CA ILE S 6 -56.31 54.13 -45.88
C ILE S 6 -54.88 54.55 -46.17
N GLN S 7 -54.16 54.91 -45.12
CA GLN S 7 -52.75 55.25 -45.26
C GLN S 7 -51.88 54.03 -45.04
N GLN S 8 -50.57 54.19 -45.25
CA GLN S 8 -49.64 53.09 -45.14
C GLN S 8 -48.42 53.37 -44.29
N SER S 9 -48.08 54.62 -44.03
CA SER S 9 -46.85 54.94 -43.31
C SER S 9 -47.06 54.96 -41.80
N LEU S 10 -47.92 55.86 -41.32
CA LEU S 10 -48.24 55.98 -39.90
C LEU S 10 -46.97 56.27 -39.08
N GLY S 11 -46.43 57.46 -39.31
CA GLY S 11 -45.23 57.88 -38.60
C GLY S 11 -45.46 58.96 -37.56
N ASN S 12 -45.37 58.60 -36.29
CA ASN S 12 -45.37 59.54 -35.18
C ASN S 12 -46.63 60.40 -35.14
N ALA S 13 -47.77 59.81 -35.45
CA ALA S 13 -49.05 60.51 -35.39
C ALA S 13 -50.15 59.50 -35.16
N SER S 14 -51.18 59.92 -34.44
CA SER S 14 -52.30 59.03 -34.17
C SER S 14 -53.01 58.66 -35.47
N GLY S 15 -53.44 57.42 -35.57
CA GLY S 15 -54.16 56.95 -36.73
C GLY S 15 -54.04 55.45 -36.86
N VAL S 16 -54.58 54.94 -37.97
CA VAL S 16 -54.52 53.53 -38.29
C VAL S 16 -54.06 53.39 -39.73
N ALA S 17 -53.29 52.32 -40.00
CA ALA S 17 -52.75 52.12 -41.32
C ALA S 17 -52.45 50.64 -41.52
N VAL S 18 -52.65 50.17 -42.74
CA VAL S 18 -52.35 48.80 -43.13
C VAL S 18 -51.26 48.81 -44.19
N SER S 19 -50.30 47.91 -44.05
CA SER S 19 -49.20 47.85 -44.98
C SER S 19 -49.62 47.11 -46.25
N PRO S 20 -48.99 47.42 -47.38
CA PRO S 20 -49.30 46.68 -48.62
C PRO S 20 -48.95 45.22 -48.46
N ILE S 21 -49.70 44.37 -49.19
CA ILE S 21 -49.58 42.93 -49.02
C ILE S 21 -48.16 42.49 -49.36
N ASN S 22 -47.60 41.62 -48.54
CA ASN S 22 -46.20 41.23 -48.70
C ASN S 22 -46.03 40.29 -49.88
N ALA S 23 -46.60 39.10 -49.79
CA ALA S 23 -46.64 38.14 -50.90
C ALA S 23 -45.27 37.91 -51.51
N ASP S 24 -44.26 37.75 -50.66
CA ASP S 24 -42.90 37.48 -51.12
C ASP S 24 -42.43 36.07 -50.84
N ALA S 25 -43.07 35.36 -49.90
CA ALA S 25 -42.73 33.98 -49.62
C ALA S 25 -43.49 33.01 -50.50
N THR S 26 -44.29 33.50 -51.44
CA THR S 26 -45.10 32.68 -52.32
C THR S 26 -44.78 32.96 -53.77
N LEU S 27 -43.52 33.24 -54.06
CA LEU S 27 -43.10 33.58 -55.42
C LEU S 27 -42.88 32.32 -56.24
N SER S 28 -43.69 32.15 -57.28
CA SER S 28 -43.56 31.04 -58.22
C SER S 28 -42.88 31.53 -59.48
N THR S 29 -42.80 30.65 -60.48
CA THR S 29 -42.22 30.99 -61.77
C THR S 29 -42.99 30.26 -62.86
N GLY S 30 -43.52 31.03 -63.81
CA GLY S 30 -44.25 30.45 -64.92
C GLY S 30 -43.44 30.42 -66.20
N VAL S 31 -42.92 29.24 -66.57
CA VAL S 31 -42.11 29.12 -67.77
C VAL S 31 -42.78 28.15 -68.73
N ALA S 32 -43.58 27.23 -68.21
CA ALA S 32 -44.28 26.23 -69.01
C ALA S 32 -43.28 25.41 -69.83
N LEU S 33 -42.48 24.63 -69.11
CA LEU S 33 -41.40 23.88 -69.74
C LEU S 33 -41.91 22.89 -70.77
N ASN S 34 -43.12 22.37 -70.59
CA ASN S 34 -43.64 21.35 -71.49
C ASN S 34 -44.25 21.97 -72.76
N SER S 35 -43.50 22.85 -73.41
CA SER S 35 -43.95 23.47 -74.65
C SER S 35 -42.77 23.59 -75.60
N SER S 36 -42.98 23.21 -76.85
CA SER S 36 -41.91 23.20 -77.85
C SER S 36 -42.43 23.81 -79.15
N LEU S 37 -41.63 24.69 -79.75
CA LEU S 37 -41.92 25.28 -81.04
C LEU S 37 -40.68 25.22 -81.90
N TRP S 38 -40.89 25.17 -83.22
CA TRP S 38 -39.80 25.01 -84.17
C TRP S 38 -39.68 26.24 -85.05
N ALA S 39 -38.45 26.66 -85.32
CA ALA S 39 -38.18 27.83 -86.14
C ALA S 39 -37.25 27.47 -87.28
N GLY S 40 -37.55 27.96 -88.47
CA GLY S 40 -36.72 27.63 -89.62
C GLY S 40 -36.82 28.64 -90.73
N ILE S 41 -35.81 28.62 -91.60
CA ILE S 41 -35.81 29.44 -92.80
C ILE S 41 -36.22 28.55 -93.96
N GLY S 42 -36.58 29.19 -95.08
CA GLY S 42 -36.95 28.41 -96.24
C GLY S 42 -37.27 29.30 -97.42
N VAL S 43 -37.59 28.65 -98.53
CA VAL S 43 -38.01 29.32 -99.76
C VAL S 43 -39.40 28.80 -100.11
N PHE S 44 -40.36 29.72 -100.27
CA PHE S 44 -41.73 29.32 -100.49
C PHE S 44 -42.33 30.10 -101.65
N ALA S 45 -43.64 29.99 -101.84
CA ALA S 45 -44.33 30.67 -102.93
C ALA S 45 -44.99 31.97 -102.49
N ARG S 46 -45.58 32.00 -101.29
CA ARG S 46 -46.28 33.17 -100.78
C ARG S 46 -45.85 33.45 -99.35
N GLY S 47 -45.72 34.72 -99.02
CA GLY S 47 -45.31 35.14 -97.69
C GLY S 47 -44.50 36.41 -97.75
N LYS S 48 -44.46 37.12 -96.63
CA LYS S 48 -43.71 38.37 -96.57
C LYS S 48 -42.23 38.07 -96.39
N PRO S 49 -41.37 38.51 -97.29
CA PRO S 49 -39.96 38.14 -97.20
C PRO S 49 -39.26 38.80 -96.03
N PHE S 50 -38.30 38.07 -95.46
CA PHE S 50 -37.44 38.57 -94.39
C PHE S 50 -38.24 39.06 -93.19
N THR S 51 -39.35 38.38 -92.90
CA THR S 51 -40.18 38.73 -91.76
C THR S 51 -40.68 37.44 -91.11
N VAL S 52 -40.52 37.36 -89.79
CA VAL S 52 -40.90 36.15 -89.07
C VAL S 52 -42.40 35.92 -89.22
N LEU S 53 -42.76 34.67 -89.53
CA LEU S 53 -44.16 34.30 -89.70
C LEU S 53 -44.58 33.42 -88.53
N ALA S 54 -45.82 32.94 -88.60
CA ALA S 54 -46.34 32.00 -87.60
C ALA S 54 -47.28 31.05 -88.31
N VAL S 55 -47.00 29.76 -88.24
CA VAL S 55 -47.75 28.74 -88.96
C VAL S 55 -48.31 27.74 -87.96
N THR S 56 -49.60 27.46 -88.08
CA THR S 56 -50.31 26.48 -87.29
C THR S 56 -50.79 25.36 -88.20
N GLU S 57 -51.52 24.41 -87.62
CA GLU S 57 -52.04 23.28 -88.38
C GLU S 57 -53.19 23.66 -89.30
N SER S 58 -53.73 24.87 -89.19
CA SER S 58 -54.95 25.23 -89.90
C SER S 58 -54.80 26.41 -90.84
N ASN S 59 -53.61 26.98 -90.99
CA ASN S 59 -53.46 28.12 -91.89
C ASN S 59 -52.23 28.08 -92.78
N TYR S 60 -51.32 27.11 -92.62
CA TYR S 60 -50.07 27.12 -93.37
C TYR S 60 -50.34 27.14 -94.88
N GLU S 61 -51.40 26.46 -95.31
CA GLU S 61 -51.71 26.38 -96.74
C GLU S 61 -51.91 27.77 -97.34
N ASP S 62 -52.56 28.67 -96.59
CA ASP S 62 -52.84 29.99 -97.14
C ASP S 62 -51.80 31.03 -96.77
N VAL S 63 -51.19 30.96 -95.59
CA VAL S 63 -50.17 31.95 -95.26
C VAL S 63 -48.92 31.72 -96.08
N LEU S 64 -48.52 30.46 -96.28
CA LEU S 64 -47.33 30.16 -97.05
C LEU S 64 -47.62 29.85 -98.52
N GLY S 65 -48.88 29.85 -98.92
CA GLY S 65 -49.23 29.58 -100.30
C GLY S 65 -49.33 28.10 -100.59
N GLU S 66 -49.82 27.79 -101.78
CA GLU S 66 -49.99 26.40 -102.19
C GLU S 66 -48.62 25.75 -102.39
N PRO S 67 -48.53 24.43 -102.22
CA PRO S 67 -47.24 23.75 -102.40
C PRO S 67 -46.71 23.91 -103.82
N LEU S 68 -45.38 23.95 -103.92
CA LEU S 68 -44.72 24.12 -105.20
C LEU S 68 -44.73 22.80 -105.96
N LYS S 69 -43.99 22.75 -107.07
CA LYS S 69 -43.93 21.57 -107.92
C LYS S 69 -42.51 21.04 -107.98
N PRO S 70 -42.30 19.74 -107.81
CA PRO S 70 -40.93 19.19 -107.86
C PRO S 70 -40.24 19.42 -109.19
N SER S 71 -40.98 19.40 -110.29
CA SER S 71 -40.38 19.61 -111.60
C SER S 71 -39.83 21.02 -111.78
N SER S 72 -40.28 21.98 -110.97
CA SER S 72 -39.79 23.34 -111.07
C SER S 72 -38.31 23.41 -110.75
N GLY S 73 -37.87 22.69 -109.71
CA GLY S 73 -36.48 22.71 -109.30
C GLY S 73 -36.28 22.12 -107.93
N SER S 74 -35.43 22.76 -107.12
CA SER S 74 -35.12 22.29 -105.78
C SER S 74 -35.88 23.06 -104.70
N GLN S 75 -36.89 23.84 -105.09
CA GLN S 75 -37.63 24.67 -104.14
C GLN S 75 -38.79 23.93 -103.49
N PHE S 76 -39.00 22.66 -103.82
CA PHE S 76 -40.12 21.90 -103.28
C PHE S 76 -39.82 21.28 -101.92
N GLU S 77 -38.62 21.46 -101.39
CA GLU S 77 -38.25 20.79 -100.14
C GLU S 77 -38.88 21.44 -98.91
N PRO S 78 -38.72 22.75 -98.67
CA PRO S 78 -39.17 23.31 -97.38
C PRO S 78 -40.65 23.16 -97.12
N ILE S 79 -41.50 23.20 -98.15
CA ILE S 79 -42.92 23.04 -97.90
C ILE S 79 -43.21 21.65 -97.36
N ARG S 80 -42.59 20.62 -97.93
CA ARG S 80 -42.78 19.26 -97.43
C ARG S 80 -42.22 19.10 -96.02
N HIS S 81 -41.06 19.71 -95.75
CA HIS S 81 -40.53 19.67 -94.39
C HIS S 81 -41.49 20.31 -93.40
N VAL S 82 -42.06 21.46 -93.77
CA VAL S 82 -43.03 22.13 -92.92
C VAL S 82 -44.25 21.26 -92.70
N TYR S 83 -44.73 20.62 -93.76
CA TYR S 83 -45.92 19.76 -93.63
C TYR S 83 -45.65 18.59 -92.69
N GLU S 84 -44.46 18.01 -92.77
CA GLU S 84 -44.14 16.90 -91.88
C GLU S 84 -43.87 17.35 -90.46
N ALA S 85 -43.45 18.59 -90.25
CA ALA S 85 -43.14 19.05 -88.90
C ALA S 85 -44.32 19.68 -88.17
N ILE S 86 -45.27 20.26 -88.90
CA ILE S 86 -46.43 20.89 -88.29
C ILE S 86 -47.27 19.89 -87.51
N GLN S 87 -47.28 18.63 -87.93
CA GLN S 87 -48.15 17.58 -87.42
C GLN S 87 -48.30 17.65 -85.90
N GLN S 88 -47.24 18.06 -85.21
CA GLN S 88 -47.23 18.12 -83.76
C GLN S 88 -47.54 19.50 -83.20
N THR S 89 -46.75 20.51 -83.58
CA THR S 89 -46.85 21.82 -82.95
C THR S 89 -46.70 22.92 -83.99
N SER S 90 -47.12 24.12 -83.60
CA SER S 90 -47.00 25.30 -84.44
C SER S 90 -45.53 25.73 -84.52
N GLY S 91 -45.27 26.74 -85.36
CA GLY S 91 -43.89 27.15 -85.52
C GLY S 91 -43.75 28.49 -86.20
N TYR S 92 -42.49 28.88 -86.40
CA TYR S 92 -42.13 30.15 -87.03
C TYR S 92 -41.18 29.91 -88.19
N VAL S 93 -41.48 30.55 -89.33
CA VAL S 93 -40.69 30.39 -90.53
C VAL S 93 -40.26 31.77 -91.03
N VAL S 94 -39.18 31.77 -91.81
CA VAL S 94 -38.67 32.98 -92.44
C VAL S 94 -38.45 32.68 -93.91
N ARG S 95 -39.12 33.43 -94.77
CA ARG S 95 -39.00 33.22 -96.21
C ARG S 95 -37.89 34.09 -96.78
N ALA S 96 -37.02 33.49 -97.58
CA ALA S 96 -35.94 34.19 -98.25
C ALA S 96 -36.18 34.17 -99.75
N VAL S 97 -36.11 35.34 -100.38
CA VAL S 97 -36.43 35.48 -101.79
C VAL S 97 -35.17 35.80 -102.59
N PRO S 98 -35.14 35.50 -103.89
CA PRO S 98 -33.98 35.88 -104.70
C PRO S 98 -33.86 37.37 -104.87
N ASP S 99 -32.88 37.82 -105.65
CA ASP S 99 -32.61 39.24 -105.75
C ASP S 99 -33.65 39.96 -106.60
N ASP S 100 -34.07 39.35 -107.70
CA ASP S 100 -34.89 40.03 -108.70
C ASP S 100 -36.39 39.89 -108.46
N ALA S 101 -36.80 39.42 -107.28
CA ALA S 101 -38.23 39.33 -107.00
C ALA S 101 -38.84 40.72 -106.87
N LYS S 102 -39.97 40.93 -107.52
CA LYS S 102 -40.62 42.23 -107.55
C LYS S 102 -42.09 42.10 -107.19
N PHE S 103 -42.62 43.12 -106.50
CA PHE S 103 -44.01 43.19 -106.11
C PHE S 103 -44.69 44.34 -106.84
N PRO S 104 -46.00 44.24 -107.08
CA PRO S 104 -46.69 45.26 -107.85
C PRO S 104 -46.98 46.52 -107.04
N ILE S 105 -47.21 47.61 -107.75
CA ILE S 105 -47.50 48.91 -107.16
C ILE S 105 -48.46 49.65 -108.07
N ILE S 106 -49.49 50.26 -107.51
CA ILE S 106 -50.44 51.09 -108.24
C ILE S 106 -50.34 52.50 -107.68
N MET S 107 -49.96 53.45 -108.54
CA MET S 107 -49.82 54.85 -108.15
C MET S 107 -50.93 55.67 -108.79
N PHE S 108 -51.56 56.53 -107.99
CA PHE S 108 -52.64 57.36 -108.47
C PHE S 108 -52.14 58.78 -108.75
N ASP S 109 -53.08 59.67 -109.06
CA ASP S 109 -52.75 61.06 -109.33
C ASP S 109 -53.92 61.93 -108.86
N GLU S 110 -53.79 63.24 -109.10
CA GLU S 110 -54.84 64.16 -108.68
C GLU S 110 -56.16 63.88 -109.38
N SER S 111 -56.11 63.66 -110.70
CA SER S 111 -57.33 63.39 -111.45
C SER S 111 -57.92 62.04 -111.06
N GLY S 112 -57.06 61.05 -110.80
CA GLY S 112 -57.51 59.71 -110.46
C GLY S 112 -57.16 58.64 -111.46
N GLU S 113 -56.39 58.95 -112.51
CA GLU S 113 -56.03 57.94 -113.49
C GLU S 113 -54.88 57.09 -112.96
N PRO S 114 -55.09 55.78 -112.77
CA PRO S 114 -54.04 54.95 -112.15
C PRO S 114 -52.92 54.64 -113.13
N ALA S 115 -51.77 54.29 -112.53
CA ALA S 115 -50.63 53.77 -113.27
C ALA S 115 -50.06 52.61 -112.50
N TYR S 116 -49.40 51.69 -113.21
CA TYR S 116 -48.90 50.46 -112.61
C TYR S 116 -47.38 50.42 -112.74
N SER S 117 -46.76 49.70 -111.81
CA SER S 117 -45.32 49.46 -111.85
C SER S 117 -45.00 48.29 -110.94
N ALA S 118 -43.72 47.92 -110.88
CA ALA S 118 -43.25 46.87 -110.01
C ALA S 118 -41.93 47.28 -109.38
N LEU S 119 -41.74 46.91 -108.12
CA LEU S 119 -40.52 47.28 -107.42
C LEU S 119 -39.91 46.06 -106.72
N PRO S 120 -38.59 45.97 -106.66
CA PRO S 120 -37.97 44.84 -105.96
C PRO S 120 -38.26 44.87 -104.47
N TYR S 121 -38.26 43.68 -103.87
CA TYR S 121 -38.61 43.55 -102.47
C TYR S 121 -37.60 44.25 -101.58
N GLY S 122 -38.09 44.73 -100.43
CA GLY S 122 -37.24 45.40 -99.47
C GLY S 122 -36.88 46.83 -99.81
N SER S 123 -37.58 47.44 -100.76
CA SER S 123 -37.30 48.81 -101.18
C SER S 123 -38.52 49.67 -100.97
N GLU S 124 -38.29 50.89 -100.46
CA GLU S 124 -39.38 51.84 -100.29
C GLU S 124 -39.71 52.49 -101.64
N ILE S 125 -40.69 53.39 -101.63
CA ILE S 125 -41.25 53.96 -102.84
C ILE S 125 -41.02 55.46 -102.83
N GLU S 126 -40.55 55.98 -103.96
CA GLU S 126 -40.44 57.41 -104.17
C GLU S 126 -41.55 57.87 -105.09
N LEU S 127 -42.29 58.89 -104.66
CA LEU S 127 -43.45 59.36 -105.40
C LEU S 127 -43.05 60.47 -106.36
N ASP S 128 -43.54 60.40 -107.59
CA ASP S 128 -43.30 61.44 -108.56
C ASP S 128 -44.13 62.68 -108.21
N SER S 129 -43.89 63.77 -108.94
CA SER S 129 -44.57 65.02 -108.64
C SER S 129 -46.09 64.87 -108.79
N GLY S 130 -46.54 64.20 -109.84
CA GLY S 130 -47.95 64.06 -110.09
C GLY S 130 -48.64 62.94 -109.33
N GLU S 131 -47.90 62.17 -108.55
CA GLU S 131 -48.47 61.03 -107.84
C GLU S 131 -49.02 61.47 -106.50
N ALA S 132 -50.26 61.10 -106.22
CA ALA S 132 -50.90 61.45 -104.95
C ALA S 132 -50.66 60.39 -103.89
N PHE S 133 -50.93 59.12 -104.21
CA PHE S 133 -50.72 58.05 -103.26
C PHE S 133 -50.56 56.73 -104.00
N ALA S 134 -49.85 55.81 -103.37
CA ALA S 134 -49.53 54.52 -103.95
C ALA S 134 -49.98 53.40 -103.04
N ILE S 135 -50.50 52.33 -103.64
CA ILE S 135 -50.93 51.14 -102.92
C ILE S 135 -50.17 49.94 -103.46
N TYR S 136 -49.65 49.12 -102.56
CA TYR S 136 -48.95 47.91 -102.98
C TYR S 136 -49.34 46.77 -102.06
N VAL S 137 -48.93 45.56 -102.44
CA VAL S 137 -49.30 44.33 -101.75
C VAL S 137 -48.09 43.83 -100.98
N ASP S 138 -48.28 43.56 -99.69
CA ASP S 138 -47.21 43.07 -98.83
C ASP S 138 -47.43 41.63 -98.39
N ASP S 139 -48.37 40.92 -99.01
CA ASP S 139 -48.52 39.50 -98.73
C ASP S 139 -47.38 38.68 -99.32
N GLY S 140 -46.63 39.23 -100.27
CA GLY S 140 -45.56 38.52 -100.93
C GLY S 140 -45.95 37.85 -102.23
N ASP S 141 -47.24 37.63 -102.46
CA ASP S 141 -47.66 36.98 -103.69
C ASP S 141 -47.32 37.84 -104.89
N PRO S 142 -46.79 37.27 -105.97
CA PRO S 142 -46.47 38.06 -107.16
C PRO S 142 -47.66 38.39 -108.04
N CYS S 143 -48.88 38.05 -107.61
CA CYS S 143 -50.10 38.47 -108.28
C CYS S 143 -50.13 38.03 -109.75
N ILE S 144 -49.72 36.79 -109.99
CA ILE S 144 -49.74 36.21 -111.34
C ILE S 144 -50.79 35.12 -111.47
N SER S 145 -50.97 34.30 -110.42
CA SER S 145 -52.03 33.30 -110.39
C SER S 145 -52.31 32.91 -108.95
N PRO S 146 -53.51 33.22 -108.42
CA PRO S 146 -54.62 33.94 -109.06
C PRO S 146 -54.38 35.44 -109.12
N THR S 147 -55.01 36.14 -110.06
CA THR S 147 -54.86 37.57 -110.14
C THR S 147 -55.62 38.25 -109.01
N ARG S 148 -55.22 39.48 -108.69
CA ARG S 148 -55.86 40.25 -107.63
C ARG S 148 -56.27 41.60 -108.18
N GLU S 149 -57.50 42.01 -107.90
CA GLU S 149 -58.07 43.23 -108.42
C GLU S 149 -58.51 44.14 -107.29
N LEU S 150 -58.27 45.44 -107.45
CA LEU S 150 -58.59 46.45 -106.46
C LEU S 150 -59.66 47.39 -107.02
N THR S 151 -60.68 47.66 -106.21
CA THR S 151 -61.82 48.46 -106.65
C THR S 151 -62.07 49.58 -105.65
N ILE S 152 -62.35 50.77 -106.18
CA ILE S 152 -62.64 51.96 -105.39
C ILE S 152 -64.09 52.34 -105.63
N GLU S 153 -64.85 52.51 -104.56
CA GLU S 153 -66.26 52.86 -104.65
C GLU S 153 -66.53 54.09 -103.81
N THR S 154 -67.34 55.00 -104.33
CA THR S 154 -67.69 56.19 -103.56
C THR S 154 -68.67 55.85 -102.45
N ALA S 155 -68.60 56.62 -101.36
CA ALA S 155 -69.43 56.36 -100.19
C ALA S 155 -69.85 57.69 -99.57
N THR S 156 -70.65 57.59 -98.51
CA THR S 156 -71.16 58.77 -97.83
C THR S 156 -70.06 59.40 -96.96
N ALA S 157 -70.03 60.72 -96.94
CA ALA S 157 -69.06 61.44 -96.14
C ALA S 157 -69.39 61.30 -94.66
N ASP S 158 -68.40 61.60 -93.82
CA ASP S 158 -68.57 61.48 -92.38
C ASP S 158 -69.36 62.68 -91.84
N SER S 159 -69.53 62.72 -90.52
CA SER S 159 -70.22 63.84 -89.88
C SER S 159 -69.45 65.14 -90.06
N ALA S 160 -68.12 65.09 -89.93
CA ALA S 160 -67.31 66.28 -90.09
C ALA S 160 -67.40 66.83 -91.51
N GLY S 161 -67.35 65.94 -92.51
CA GLY S 161 -67.47 66.37 -93.88
C GLY S 161 -66.45 65.74 -94.81
N ASN S 162 -65.46 65.06 -94.25
CA ASN S 162 -64.43 64.42 -95.07
C ASN S 162 -65.03 63.28 -95.89
N GLU S 163 -64.49 63.07 -97.09
CA GLU S 163 -65.00 62.08 -98.01
C GLU S 163 -64.29 60.75 -97.78
N ARG S 164 -65.04 59.72 -97.45
CA ARG S 164 -64.52 58.38 -97.24
C ARG S 164 -64.97 57.48 -98.38
N PHE S 165 -64.03 56.74 -98.97
CA PHE S 165 -64.34 55.82 -100.05
C PHE S 165 -64.07 54.39 -99.59
N LEU S 166 -64.78 53.45 -100.23
CA LEU S 166 -64.70 52.04 -99.90
C LEU S 166 -63.69 51.36 -100.83
N LEU S 167 -62.76 50.62 -100.24
CA LEU S 167 -61.77 49.86 -100.96
C LEU S 167 -62.11 48.38 -100.89
N LYS S 168 -62.12 47.70 -102.03
CA LYS S 168 -62.46 46.29 -102.08
C LYS S 168 -61.43 45.56 -102.92
N LEU S 169 -60.70 44.63 -102.30
CA LEU S 169 -59.75 43.79 -103.02
C LEU S 169 -60.33 42.39 -103.15
N THR S 170 -60.34 41.87 -104.37
CA THR S 170 -60.92 40.57 -104.66
C THR S 170 -59.97 39.77 -105.55
N GLN S 171 -59.91 38.46 -105.31
CA GLN S 171 -59.05 37.59 -106.08
C GLN S 171 -59.86 36.87 -107.16
N THR S 172 -59.24 36.69 -108.32
CA THR S 172 -59.86 35.98 -109.43
C THR S 172 -58.91 34.88 -109.89
N THR S 173 -59.39 33.65 -109.92
CA THR S 173 -58.58 32.54 -110.38
C THR S 173 -58.57 32.48 -111.90
N SER S 174 -57.64 31.69 -112.43
CA SER S 174 -57.52 31.57 -113.89
C SER S 174 -58.75 30.93 -114.51
N LEU S 175 -59.40 30.00 -113.79
CA LEU S 175 -60.58 29.35 -114.34
C LEU S 175 -61.71 30.34 -114.53
N GLY S 176 -61.93 31.22 -113.56
CA GLY S 176 -62.99 32.20 -113.67
C GLY S 176 -63.71 32.48 -112.37
N VAL S 177 -63.33 31.80 -111.31
CA VAL S 177 -63.94 32.01 -110.01
C VAL S 177 -63.47 33.35 -109.44
N VAL S 178 -64.42 34.20 -109.06
CA VAL S 178 -64.14 35.52 -108.52
C VAL S 178 -64.80 35.63 -107.15
N THR S 179 -63.98 35.75 -106.11
CA THR S 179 -64.47 35.89 -104.75
C THR S 179 -63.87 37.12 -104.11
N THR S 180 -64.65 37.81 -103.28
CA THR S 180 -64.13 38.95 -102.55
C THR S 180 -63.12 38.49 -101.51
N LEU S 181 -62.17 39.37 -101.21
CA LEU S 181 -61.11 39.03 -100.27
C LEU S 181 -61.08 39.95 -99.07
N GLU S 182 -61.13 41.27 -99.27
CA GLU S 182 -61.16 42.18 -98.13
C GLU S 182 -61.79 43.49 -98.55
N THR S 183 -62.34 44.20 -97.55
CA THR S 183 -63.01 45.47 -97.77
C THR S 183 -62.70 46.42 -96.62
N HIS S 184 -62.70 47.71 -96.93
CA HIS S 184 -62.38 48.74 -95.96
C HIS S 184 -63.07 50.04 -96.35
N THR S 185 -63.15 50.96 -95.40
CA THR S 185 -63.66 52.31 -95.63
C THR S 185 -62.60 53.29 -95.17
N VAL S 186 -61.89 53.91 -96.12
CA VAL S 186 -60.74 54.74 -95.79
C VAL S 186 -60.89 56.09 -96.48
N SER S 187 -60.15 57.07 -95.95
CA SER S 187 -60.18 58.42 -96.50
C SER S 187 -58.79 59.04 -96.38
N LEU S 188 -58.57 60.08 -97.17
CA LEU S 188 -57.29 60.77 -97.19
C LEU S 188 -57.16 61.84 -96.12
N ALA S 189 -58.24 62.16 -95.42
CA ALA S 189 -58.18 63.16 -94.35
C ALA S 189 -57.38 62.61 -93.18
N GLU S 190 -56.59 63.48 -92.55
CA GLU S 190 -55.70 63.07 -91.48
C GLU S 190 -56.44 62.75 -90.18
N GLU S 191 -57.73 63.07 -90.08
CA GLU S 191 -58.46 62.90 -88.83
C GLU S 191 -59.84 62.28 -88.99
N ALA S 192 -60.26 61.97 -90.22
CA ALA S 192 -61.59 61.43 -90.43
C ALA S 192 -61.73 60.06 -89.78
N LYS S 193 -62.95 59.76 -89.33
CA LYS S 193 -63.25 58.50 -88.68
C LYS S 193 -64.37 57.77 -89.43
N ASP S 194 -64.35 56.45 -89.36
CA ASP S 194 -65.37 55.64 -90.02
C ASP S 194 -66.62 55.57 -89.15
N ASP S 195 -67.55 54.69 -89.53
CA ASP S 195 -68.80 54.57 -88.77
C ASP S 195 -68.55 54.00 -87.38
N MET S 196 -67.66 53.02 -87.25
CA MET S 196 -67.40 52.39 -85.97
C MET S 196 -66.54 53.25 -85.05
N GLY S 197 -65.97 54.33 -85.55
CA GLY S 197 -65.18 55.23 -84.73
C GLY S 197 -63.69 55.08 -84.84
N ARG S 198 -63.19 54.05 -85.55
CA ARG S 198 -61.77 53.87 -85.70
C ARG S 198 -61.20 54.90 -86.68
N LEU S 199 -59.89 55.10 -86.61
CA LEU S 199 -59.22 56.00 -87.53
C LEU S 199 -59.30 55.47 -88.95
N CYS S 200 -59.58 56.35 -89.90
CA CYS S 200 -59.78 55.96 -91.29
C CYS S 200 -58.77 56.60 -92.24
N TYR S 201 -57.72 57.23 -91.71
CA TYR S 201 -56.64 57.69 -92.56
C TYR S 201 -56.04 56.52 -93.31
N LEU S 202 -55.75 56.72 -94.59
CA LEU S 202 -55.40 55.59 -95.46
C LEU S 202 -54.14 54.85 -95.02
N PRO S 203 -53.00 55.49 -94.81
CA PRO S 203 -51.79 54.71 -94.46
C PRO S 203 -51.92 53.93 -93.17
N THR S 204 -52.29 54.60 -92.08
CA THR S 204 -52.38 53.91 -90.79
C THR S 204 -53.49 52.86 -90.80
N ALA S 205 -54.61 53.17 -91.45
CA ALA S 205 -55.71 52.21 -91.50
C ALA S 205 -55.29 50.94 -92.22
N LEU S 206 -54.68 51.07 -93.40
CA LEU S 206 -54.24 49.90 -94.14
C LEU S 206 -53.14 49.15 -93.38
N GLU S 207 -52.23 49.87 -92.73
CA GLU S 207 -51.15 49.22 -92.01
C GLU S 207 -51.68 48.42 -90.81
N ALA S 208 -52.70 48.96 -90.13
CA ALA S 208 -53.17 48.33 -88.90
C ALA S 208 -54.20 47.23 -89.17
N ARG S 209 -55.29 47.57 -89.84
CA ARG S 209 -56.43 46.66 -89.93
C ARG S 209 -56.37 45.72 -91.13
N SER S 210 -55.40 45.87 -92.02
CA SER S 210 -55.28 45.03 -93.20
C SER S 210 -53.92 44.35 -93.22
N LYS S 211 -53.91 43.05 -93.49
CA LYS S 211 -52.68 42.28 -93.57
C LYS S 211 -52.30 41.93 -95.00
N TYR S 212 -52.94 42.53 -95.99
CA TYR S 212 -52.64 42.29 -97.39
C TYR S 212 -52.00 43.49 -98.09
N LEU S 213 -52.49 44.70 -97.81
CA LEU S 213 -52.05 45.88 -98.54
C LEU S 213 -51.28 46.82 -97.63
N ARG S 214 -50.53 47.72 -98.28
CA ARG S 214 -49.92 48.86 -97.62
C ARG S 214 -50.00 50.03 -98.57
N ALA S 215 -49.88 51.24 -98.02
CA ALA S 215 -50.03 52.43 -98.85
C ALA S 215 -49.07 53.51 -98.37
N VAL S 216 -48.75 54.43 -99.27
CA VAL S 216 -48.00 55.63 -98.96
C VAL S 216 -48.66 56.81 -99.65
N VAL S 217 -48.41 58.00 -99.13
CA VAL S 217 -49.04 59.22 -99.61
C VAL S 217 -47.98 60.30 -99.83
N ASN S 218 -48.33 61.26 -100.66
CA ASN S 218 -47.49 62.43 -100.91
C ASN S 218 -48.06 63.60 -100.14
N GLU S 219 -47.27 64.14 -99.20
CA GLU S 219 -47.78 65.17 -98.31
C GLU S 219 -48.17 66.44 -99.07
N GLU S 220 -47.38 66.82 -100.07
CA GLU S 220 -47.63 68.06 -100.79
C GLU S 220 -48.97 68.01 -101.52
N LEU S 221 -49.28 66.90 -102.17
CA LEU S 221 -50.46 66.78 -103.01
C LEU S 221 -51.65 66.15 -102.30
N ILE S 222 -51.49 65.74 -101.03
CA ILE S 222 -52.58 65.05 -100.35
C ILE S 222 -53.74 65.98 -100.04
N SER S 223 -53.49 67.29 -99.97
CA SER S 223 -54.56 68.22 -99.61
C SER S 223 -55.59 68.34 -100.73
N THR S 224 -55.12 68.51 -101.97
CA THR S 224 -56.01 68.70 -103.12
C THR S 224 -56.35 67.41 -103.82
N ALA S 225 -55.89 66.27 -103.30
CA ALA S 225 -56.12 65.00 -103.96
C ALA S 225 -57.61 64.64 -103.94
N LYS S 226 -58.10 64.11 -105.05
CA LYS S 226 -59.46 63.64 -105.17
C LYS S 226 -59.45 62.28 -105.88
N VAL S 227 -60.39 61.43 -105.50
CA VAL S 227 -60.48 60.08 -106.04
C VAL S 227 -61.79 59.91 -106.78
N THR S 228 -61.72 59.30 -107.95
CA THR S 228 -62.91 59.00 -108.75
C THR S 228 -63.40 57.60 -108.41
N ASN S 229 -64.32 57.07 -109.22
CA ASN S 229 -64.86 55.73 -109.05
C ASN S 229 -64.20 54.82 -110.07
N LYS S 230 -63.22 54.05 -109.62
CA LYS S 230 -62.49 53.12 -110.49
C LYS S 230 -62.95 51.70 -110.20
N LYS S 231 -63.31 50.96 -111.25
CA LYS S 231 -63.85 49.62 -111.13
C LYS S 231 -62.93 48.63 -111.81
N SER S 232 -62.61 47.54 -111.10
CA SER S 232 -61.87 46.41 -111.65
C SER S 232 -60.50 46.83 -112.19
N LEU S 233 -59.67 47.30 -111.26
CA LEU S 233 -58.27 47.52 -111.59
C LEU S 233 -57.52 46.19 -111.61
N ALA S 234 -56.21 46.23 -111.84
CA ALA S 234 -55.45 45.01 -111.97
C ALA S 234 -54.00 45.26 -111.58
N PHE S 235 -53.52 44.54 -110.57
CA PHE S 235 -52.10 44.54 -110.27
C PHE S 235 -51.33 43.83 -111.37
N THR S 236 -50.12 44.29 -111.66
CA THR S 236 -49.32 43.67 -112.71
C THR S 236 -47.85 43.92 -112.43
N GLY S 237 -47.01 43.10 -113.05
CA GLY S 237 -45.58 43.22 -112.92
C GLY S 237 -44.96 42.38 -111.83
N GLY S 238 -45.77 41.80 -110.94
CA GLY S 238 -45.22 40.99 -109.87
C GLY S 238 -44.53 39.74 -110.41
N THR S 239 -43.43 39.37 -109.77
CA THR S 239 -42.63 38.25 -110.26
C THR S 239 -41.84 37.67 -109.10
N ASN S 240 -41.99 36.37 -108.86
CA ASN S 240 -41.25 35.71 -107.79
C ASN S 240 -39.81 35.43 -108.19
N GLY S 241 -39.47 35.59 -109.47
CA GLY S 241 -38.13 35.37 -109.93
C GLY S 241 -37.76 33.90 -109.97
N ASP S 242 -36.45 33.66 -110.10
CA ASP S 242 -35.92 32.31 -110.11
C ASP S 242 -35.55 31.92 -108.68
N GLN S 243 -36.19 30.88 -108.16
CA GLN S 243 -35.91 30.40 -106.82
C GLN S 243 -35.01 29.17 -106.80
N SER S 244 -34.51 28.74 -107.96
CA SER S 244 -33.62 27.60 -108.00
C SER S 244 -32.30 27.92 -107.30
N LYS S 245 -31.72 29.08 -107.61
CA LYS S 245 -30.45 29.50 -107.03
C LYS S 245 -30.67 30.74 -106.17
N ILE S 246 -30.06 30.74 -104.99
CA ILE S 246 -30.16 31.85 -104.05
C ILE S 246 -28.77 32.11 -103.48
N SER S 247 -28.33 33.35 -103.52
CA SER S 247 -27.03 33.69 -102.97
C SER S 247 -26.99 33.47 -101.47
N THR S 248 -25.80 33.15 -100.95
CA THR S 248 -25.65 32.92 -99.53
C THR S 248 -25.95 34.16 -98.71
N ALA S 249 -25.88 35.35 -99.31
CA ALA S 249 -26.21 36.58 -98.59
C ALA S 249 -27.66 36.58 -98.15
N ALA S 250 -28.57 36.12 -99.01
CA ALA S 250 -29.98 36.07 -98.64
C ALA S 250 -30.20 35.13 -97.46
N TYR S 251 -29.56 33.97 -97.48
CA TYR S 251 -29.71 33.02 -96.39
C TYR S 251 -29.14 33.60 -95.10
N LEU S 252 -28.01 34.28 -95.18
CA LEU S 252 -27.43 34.89 -93.99
C LEU S 252 -28.35 35.98 -93.42
N ARG S 253 -28.93 36.80 -94.30
CA ARG S 253 -29.88 37.80 -93.81
C ARG S 253 -31.08 37.17 -93.15
N ALA S 254 -31.61 36.10 -93.76
CA ALA S 254 -32.77 35.43 -93.18
C ALA S 254 -32.45 34.85 -91.81
N VAL S 255 -31.28 34.21 -91.66
CA VAL S 255 -30.97 33.62 -90.36
C VAL S 255 -30.69 34.70 -89.33
N LYS S 256 -30.13 35.84 -89.75
CA LYS S 256 -29.97 36.95 -88.81
C LYS S 256 -31.33 37.46 -88.33
N VAL S 257 -32.28 37.59 -89.24
CA VAL S 257 -33.63 38.02 -88.84
C VAL S 257 -34.23 37.01 -87.87
N LEU S 258 -34.07 35.71 -88.16
CA LEU S 258 -34.59 34.69 -87.26
C LEU S 258 -33.94 34.77 -85.89
N ASN S 259 -32.65 35.08 -85.84
CA ASN S 259 -31.97 35.26 -84.56
C ASN S 259 -32.56 36.43 -83.79
N ASN S 260 -32.80 37.54 -84.47
CA ASN S 260 -33.31 38.73 -83.79
C ASN S 260 -34.82 38.68 -83.57
N ALA S 261 -35.49 37.62 -84.01
CA ALA S 261 -36.93 37.51 -83.81
C ALA S 261 -37.27 37.53 -82.32
N PRO S 262 -38.29 38.27 -81.91
CA PRO S 262 -38.69 38.31 -80.49
C PRO S 262 -39.75 37.27 -80.15
N TYR S 263 -39.41 36.00 -80.30
CA TYR S 263 -40.32 34.91 -79.99
C TYR S 263 -39.57 33.84 -79.20
N MET S 264 -40.29 32.78 -78.84
CA MET S 264 -39.75 31.69 -78.05
C MET S 264 -39.89 30.39 -78.84
N TYR S 265 -38.78 29.68 -79.02
CA TYR S 265 -38.84 28.38 -79.67
C TYR S 265 -37.72 27.50 -79.14
N THR S 266 -37.92 26.19 -79.24
CA THR S 266 -36.99 25.22 -78.69
C THR S 266 -36.48 24.23 -79.73
N ALA S 267 -36.47 24.61 -81.00
CA ALA S 267 -35.93 23.76 -82.05
C ALA S 267 -35.68 24.62 -83.28
N VAL S 268 -34.52 24.46 -83.91
CA VAL S 268 -34.09 25.38 -84.95
C VAL S 268 -34.00 24.67 -86.29
N LEU S 269 -34.95 23.76 -86.54
CA LEU S 269 -34.97 22.87 -87.70
C LEU S 269 -34.38 23.51 -88.94
N GLY S 270 -33.42 22.81 -89.55
CA GLY S 270 -32.81 23.25 -90.78
C GLY S 270 -33.63 22.84 -91.98
N LEU S 271 -34.71 23.58 -92.26
CA LEU S 271 -35.67 23.19 -93.29
C LEU S 271 -35.01 23.25 -94.66
N GLY S 272 -34.68 22.09 -95.20
CA GLY S 272 -34.21 21.92 -96.57
C GLY S 272 -33.27 22.98 -97.08
N CYS S 273 -32.31 23.40 -96.26
CA CYS S 273 -31.34 24.42 -96.65
C CYS S 273 -29.95 23.79 -96.52
N TYR S 274 -29.39 23.37 -97.65
CA TYR S 274 -28.09 22.71 -97.67
C TYR S 274 -27.00 23.70 -98.05
N ASP S 275 -26.77 24.65 -97.14
CA ASP S 275 -25.71 25.64 -97.28
C ASP S 275 -24.87 25.65 -96.02
N ASN S 276 -23.55 25.57 -96.19
CA ASN S 276 -22.66 25.46 -95.04
C ASN S 276 -22.74 26.69 -94.15
N ALA S 277 -22.77 27.89 -94.75
CA ALA S 277 -22.84 29.11 -93.96
C ALA S 277 -24.13 29.19 -93.16
N ALA S 278 -25.26 28.86 -93.79
CA ALA S 278 -26.53 28.89 -93.09
C ALA S 278 -26.58 27.87 -91.97
N ILE S 279 -26.04 26.68 -92.21
CA ILE S 279 -26.04 25.66 -91.17
C ILE S 279 -25.17 26.10 -90.00
N THR S 280 -24.02 26.71 -90.27
CA THR S 280 -23.20 27.22 -89.19
C THR S 280 -23.92 28.31 -88.40
N ALA S 281 -24.63 29.19 -89.10
CA ALA S 281 -25.37 30.24 -88.41
C ALA S 281 -26.46 29.65 -87.51
N LEU S 282 -27.16 28.63 -88.00
CA LEU S 282 -28.19 28.01 -87.19
C LEU S 282 -27.59 27.29 -85.98
N GLY S 283 -26.41 26.70 -86.15
CA GLY S 283 -25.71 26.15 -85.01
C GLY S 283 -25.36 27.23 -84.00
N LYS S 284 -24.98 28.40 -84.49
CA LYS S 284 -24.76 29.54 -83.58
C LYS S 284 -26.02 29.89 -82.83
N ILE S 285 -27.17 29.85 -83.50
CA ILE S 285 -28.44 30.17 -82.84
C ILE S 285 -28.69 29.17 -81.72
N CYS S 286 -28.45 27.88 -81.98
CA CYS S 286 -28.56 26.88 -80.93
C CYS S 286 -27.64 27.20 -79.76
N ALA S 287 -26.36 27.43 -80.04
CA ALA S 287 -25.40 27.63 -78.96
C ALA S 287 -25.70 28.90 -78.18
N ASP S 288 -26.40 29.85 -78.78
CA ASP S 288 -26.70 31.09 -78.09
C ASP S 288 -27.96 30.95 -77.25
N ARG S 289 -29.04 30.44 -77.82
CA ARG S 289 -30.32 30.39 -77.11
C ARG S 289 -30.48 29.16 -76.24
N LEU S 290 -29.54 28.21 -76.27
CA LEU S 290 -29.64 26.96 -75.52
C LEU S 290 -30.89 26.17 -75.93
N ILE S 291 -30.92 25.79 -77.21
CA ILE S 291 -32.00 24.99 -77.78
C ILE S 291 -31.39 23.87 -78.59
N ASP S 292 -32.26 23.15 -79.31
CA ASP S 292 -31.88 21.96 -80.06
C ASP S 292 -31.97 22.23 -81.56
N GLY S 293 -31.07 21.60 -82.31
CA GLY S 293 -31.09 21.71 -83.76
C GLY S 293 -31.05 20.36 -84.44
N PHE S 294 -31.80 20.22 -85.54
CA PHE S 294 -31.87 18.97 -86.29
C PHE S 294 -31.59 19.26 -87.76
N PHE S 295 -30.32 19.30 -88.12
CA PHE S 295 -29.94 19.57 -89.50
C PHE S 295 -29.67 18.27 -90.24
N ASP S 296 -29.53 18.36 -91.55
CA ASP S 296 -29.44 17.14 -92.33
C ASP S 296 -28.66 17.43 -93.60
N VAL S 297 -27.75 16.52 -93.96
CA VAL S 297 -26.88 16.69 -95.11
C VAL S 297 -27.65 16.37 -96.39
N LYS S 298 -27.06 16.69 -97.55
CA LYS S 298 -27.77 16.46 -98.80
C LYS S 298 -28.16 14.99 -98.93
N PRO S 299 -29.44 14.67 -99.05
CA PRO S 299 -29.84 13.27 -99.09
C PRO S 299 -29.75 12.68 -100.49
N THR S 300 -28.67 12.99 -101.19
CA THR S 300 -28.37 12.36 -102.48
C THR S 300 -26.90 11.97 -102.56
N LEU S 301 -26.19 11.97 -101.45
CA LEU S 301 -24.79 11.60 -101.41
C LEU S 301 -24.66 10.13 -101.04
N THR S 302 -23.67 9.47 -101.63
CA THR S 302 -23.40 8.08 -101.29
C THR S 302 -22.85 7.99 -99.87
N TYR S 303 -22.89 6.77 -99.33
CA TYR S 303 -22.41 6.55 -97.97
C TYR S 303 -20.93 6.89 -97.84
N ALA S 304 -20.18 6.84 -98.95
CA ALA S 304 -18.77 7.19 -98.90
C ALA S 304 -18.58 8.69 -98.72
N GLU S 305 -19.34 9.50 -99.45
CA GLU S 305 -19.20 10.94 -99.38
C GLU S 305 -19.99 11.56 -98.23
N ALA S 306 -20.87 10.80 -97.58
CA ALA S 306 -21.65 11.36 -96.48
C ALA S 306 -20.73 11.77 -95.32
N LEU S 307 -19.73 10.96 -95.01
CA LEU S 307 -18.87 11.24 -93.87
C LEU S 307 -18.08 12.54 -94.00
N PRO S 308 -17.38 12.82 -95.11
CA PRO S 308 -16.68 14.11 -95.20
C PRO S 308 -17.62 15.30 -95.26
N ALA S 309 -18.85 15.13 -95.75
CA ALA S 309 -19.78 16.26 -95.79
C ALA S 309 -20.20 16.70 -94.40
N VAL S 310 -20.26 15.76 -93.45
CA VAL S 310 -20.60 16.13 -92.08
C VAL S 310 -19.51 16.99 -91.47
N GLU S 311 -18.24 16.66 -91.73
CA GLU S 311 -17.16 17.53 -91.30
C GLU S 311 -17.22 18.87 -92.01
N ASP S 312 -17.58 18.85 -93.30
CA ASP S 312 -17.65 20.08 -94.07
C ASP S 312 -18.68 21.04 -93.49
N THR S 313 -19.84 20.51 -93.08
CA THR S 313 -20.96 21.37 -92.70
C THR S 313 -20.62 22.26 -91.51
N GLY S 314 -19.60 21.93 -90.73
CA GLY S 314 -19.00 22.87 -89.81
C GLY S 314 -19.36 22.72 -88.34
N LEU S 315 -20.39 21.94 -88.00
CA LEU S 315 -20.77 21.84 -86.60
C LEU S 315 -19.87 20.91 -85.80
N LEU S 316 -18.98 20.17 -86.45
CA LEU S 316 -18.15 19.21 -85.74
C LEU S 316 -17.15 19.94 -84.86
N GLY S 317 -17.37 19.90 -83.56
CA GLY S 317 -16.49 20.53 -82.61
C GLY S 317 -16.94 20.32 -81.18
N THR S 318 -16.72 21.32 -80.32
CA THR S 318 -17.16 21.26 -78.94
C THR S 318 -18.11 22.38 -78.56
N ASP S 319 -18.37 23.33 -79.46
CA ASP S 319 -19.26 24.43 -79.14
C ASP S 319 -20.72 24.05 -79.35
N TYR S 320 -21.01 23.30 -80.41
CA TYR S 320 -22.37 22.90 -80.75
C TYR S 320 -22.57 21.47 -80.24
N VAL S 321 -23.01 21.35 -78.99
CA VAL S 321 -23.18 20.05 -78.36
C VAL S 321 -24.61 19.56 -78.38
N SER S 322 -25.52 20.30 -79.03
CA SER S 322 -26.93 19.92 -79.04
C SER S 322 -27.50 19.80 -80.43
N CYS S 323 -26.67 19.90 -81.48
CA CYS S 323 -27.15 19.87 -82.85
C CYS S 323 -26.88 18.50 -83.47
N SER S 324 -27.93 17.87 -83.97
CA SER S 324 -27.85 16.55 -84.60
C SER S 324 -27.83 16.71 -86.12
N VAL S 325 -27.15 15.78 -86.78
CA VAL S 325 -27.02 15.78 -88.24
C VAL S 325 -27.54 14.46 -88.76
N TYR S 326 -28.44 14.52 -89.76
CA TYR S 326 -29.07 13.33 -90.29
C TYR S 326 -28.72 13.16 -91.77
N HIS S 327 -29.13 12.01 -92.32
CA HIS S 327 -28.85 11.65 -93.71
C HIS S 327 -29.82 10.55 -94.10
N TYR S 328 -30.63 10.80 -95.14
CA TYR S 328 -31.69 9.89 -95.54
C TYR S 328 -31.62 9.67 -97.06
N PRO S 329 -30.72 8.81 -97.52
CA PRO S 329 -30.60 8.55 -98.97
C PRO S 329 -31.61 7.53 -99.47
N PHE S 330 -32.87 7.95 -99.56
CA PHE S 330 -33.93 7.09 -100.05
C PHE S 330 -34.91 7.92 -100.88
N SER S 331 -35.63 7.25 -101.75
CA SER S 331 -36.65 7.88 -102.58
C SER S 331 -38.02 7.66 -101.97
N CYS S 332 -38.99 8.42 -102.46
CA CYS S 332 -40.34 8.35 -101.93
C CYS S 332 -41.33 8.86 -102.98
N LYS S 333 -42.59 8.53 -102.77
CA LYS S 333 -43.67 8.99 -103.62
C LYS S 333 -44.37 10.15 -102.93
N ASP S 334 -44.45 11.28 -103.62
CA ASP S 334 -44.95 12.50 -103.01
C ASP S 334 -46.44 12.40 -102.72
N LYS S 335 -46.88 13.11 -101.68
CA LYS S 335 -48.27 13.06 -101.26
C LYS S 335 -49.18 13.83 -102.21
N TRP S 336 -48.72 14.97 -102.73
CA TRP S 336 -49.58 15.85 -103.51
C TRP S 336 -49.47 15.60 -105.01
N THR S 337 -48.26 15.73 -105.56
CA THR S 337 -48.11 15.67 -107.00
C THR S 337 -47.98 14.26 -107.55
N GLN S 338 -47.81 13.25 -106.68
CA GLN S 338 -47.69 11.85 -107.09
C GLN S 338 -46.52 11.66 -108.06
N SER S 339 -45.32 11.89 -107.55
CA SER S 339 -44.10 11.75 -108.35
C SER S 339 -42.99 11.19 -107.47
N ARG S 340 -41.82 11.01 -108.07
CA ARG S 340 -40.65 10.47 -107.38
C ARG S 340 -39.79 11.63 -106.90
N VAL S 341 -39.77 11.85 -105.59
CA VAL S 341 -39.02 12.95 -104.99
C VAL S 341 -38.17 12.42 -103.84
N VAL S 342 -37.15 13.19 -103.49
CA VAL S 342 -36.30 12.90 -102.35
C VAL S 342 -36.15 14.17 -101.52
N PHE S 343 -36.29 14.02 -100.20
CA PHE S 343 -36.04 15.14 -99.31
C PHE S 343 -35.52 14.60 -97.99
N GLY S 344 -35.36 15.49 -97.01
CA GLY S 344 -34.57 15.21 -95.83
C GLY S 344 -35.37 14.59 -94.69
N LEU S 345 -34.76 14.63 -93.51
CA LEU S 345 -35.31 13.97 -92.32
C LEU S 345 -35.46 14.91 -91.13
N SER S 346 -35.24 16.21 -91.31
CA SER S 346 -35.33 17.14 -90.19
C SER S 346 -36.73 17.18 -89.61
N GLY S 347 -37.75 17.19 -90.49
CA GLY S 347 -39.12 17.23 -90.01
C GLY S 347 -39.48 16.01 -89.18
N VAL S 348 -39.08 14.82 -89.64
CA VAL S 348 -39.40 13.60 -88.90
C VAL S 348 -38.61 13.54 -87.60
N ALA S 349 -37.36 14.01 -87.60
CA ALA S 349 -36.60 14.07 -86.36
C ALA S 349 -37.28 14.96 -85.33
N TYR S 350 -37.76 16.14 -85.76
CA TYR S 350 -38.45 17.00 -84.82
C TYR S 350 -39.77 16.40 -84.38
N ALA S 351 -40.47 15.69 -85.27
CA ALA S 351 -41.70 15.04 -84.85
C ALA S 351 -41.43 14.00 -83.79
N ALA S 352 -40.33 13.25 -83.92
CA ALA S 352 -39.95 12.30 -82.88
C ALA S 352 -39.66 13.01 -81.57
N LYS S 353 -38.94 14.13 -81.63
CA LYS S 353 -38.62 14.86 -80.41
C LYS S 353 -39.88 15.38 -79.74
N ALA S 354 -40.84 15.86 -80.52
CA ALA S 354 -42.09 16.36 -79.94
C ALA S 354 -42.91 15.24 -79.34
N ARG S 355 -42.99 14.09 -80.02
CA ARG S 355 -43.67 12.94 -79.44
C ARG S 355 -43.03 12.55 -78.11
N GLY S 356 -41.70 12.64 -78.02
CA GLY S 356 -41.04 12.36 -76.76
C GLY S 356 -41.36 13.39 -75.69
N VAL S 357 -41.38 14.67 -76.07
CA VAL S 357 -41.57 15.72 -75.07
C VAL S 357 -43.01 15.82 -74.61
N LYS S 358 -43.96 15.23 -75.34
CA LYS S 358 -45.36 15.27 -74.95
C LYS S 358 -45.77 14.11 -74.05
N LYS S 359 -44.83 13.25 -73.66
CA LYS S 359 -45.19 12.11 -72.81
C LYS S 359 -45.54 12.56 -71.40
N ASN S 360 -44.60 13.19 -70.72
CA ASN S 360 -44.86 13.73 -69.38
C ASN S 360 -45.63 15.04 -69.49
N SER S 361 -46.55 15.25 -68.56
CA SER S 361 -47.41 16.43 -68.59
C SER S 361 -46.98 17.52 -67.62
N ASP S 362 -46.39 17.15 -66.48
CA ASP S 362 -46.01 18.15 -65.49
C ASP S 362 -44.85 19.00 -66.00
N VAL S 363 -43.70 18.39 -66.23
CA VAL S 363 -42.51 19.10 -66.72
C VAL S 363 -42.17 18.73 -68.15
N GLY S 364 -42.85 17.74 -68.73
CA GLY S 364 -42.55 17.33 -70.09
C GLY S 364 -41.35 16.41 -70.12
N GLY S 365 -41.42 15.34 -70.90
CA GLY S 365 -40.34 14.40 -70.94
C GLY S 365 -39.26 14.80 -71.93
N TRP S 366 -38.19 15.41 -71.43
CA TRP S 366 -37.05 15.76 -72.26
C TRP S 366 -36.00 14.68 -72.30
N HIS S 367 -36.15 13.62 -71.51
CA HIS S 367 -35.15 12.57 -71.43
C HIS S 367 -35.39 11.44 -72.43
N TYR S 368 -36.41 11.54 -73.26
CA TYR S 368 -36.68 10.50 -74.26
C TYR S 368 -35.86 10.81 -75.52
N SER S 369 -35.07 9.85 -75.95
CA SER S 369 -34.27 10.04 -77.15
C SER S 369 -35.17 10.07 -78.39
N PRO S 370 -34.82 10.86 -79.40
CA PRO S 370 -35.61 10.93 -80.63
C PRO S 370 -35.34 9.77 -81.60
N ALA S 371 -35.42 8.55 -81.09
CA ALA S 371 -35.20 7.37 -81.91
C ALA S 371 -35.90 6.19 -81.25
N GLY S 372 -36.10 5.15 -82.03
CA GLY S 372 -36.72 3.94 -81.54
C GLY S 372 -37.78 3.44 -82.49
N GLU S 373 -38.61 2.53 -82.01
CA GLU S 373 -39.66 1.95 -82.82
C GLU S 373 -41.05 2.44 -82.45
N GLU S 374 -41.19 3.17 -81.36
CA GLU S 374 -42.47 3.68 -80.92
C GLU S 374 -42.57 5.20 -80.99
N ARG S 375 -41.50 5.89 -81.35
CA ARG S 375 -41.50 7.35 -81.36
C ARG S 375 -40.85 7.97 -82.58
N ALA S 376 -40.31 7.19 -83.51
CA ALA S 376 -39.56 7.77 -84.61
C ALA S 376 -39.86 7.07 -85.94
N VAL S 377 -41.04 6.48 -86.08
CA VAL S 377 -41.38 5.83 -87.33
C VAL S 377 -41.47 6.87 -88.44
N ILE S 378 -41.11 6.46 -89.65
CA ILE S 378 -41.10 7.32 -90.82
C ILE S 378 -42.27 6.90 -91.71
N ALA S 379 -43.17 7.84 -91.97
CA ALA S 379 -44.35 7.58 -92.77
C ALA S 379 -44.14 8.18 -94.16
N ARG S 380 -43.93 7.33 -95.15
CA ARG S 380 -43.78 7.75 -96.54
C ARG S 380 -44.60 6.82 -97.41
N ALA S 381 -44.40 6.89 -98.71
CA ALA S 381 -45.14 6.07 -99.67
C ALA S 381 -44.16 5.44 -100.64
N SER S 382 -44.11 4.11 -100.65
CA SER S 382 -43.32 3.34 -101.60
C SER S 382 -41.84 3.73 -101.53
N ILE S 383 -41.26 3.57 -100.34
CA ILE S 383 -39.86 3.89 -100.15
C ILE S 383 -39.02 2.93 -100.99
N GLN S 384 -38.22 3.49 -101.90
CA GLN S 384 -37.37 2.71 -102.78
C GLN S 384 -35.93 3.19 -102.63
N PRO S 385 -35.02 2.37 -102.14
CA PRO S 385 -33.66 2.85 -101.84
C PRO S 385 -32.97 3.41 -103.08
N LEU S 386 -32.19 4.47 -102.86
CA LEU S 386 -31.50 5.12 -103.98
C LEU S 386 -30.32 4.29 -104.45
N TYR S 387 -29.55 3.72 -103.52
CA TYR S 387 -28.35 2.96 -103.83
C TYR S 387 -28.46 1.58 -103.17
N PRO S 388 -29.25 0.69 -103.76
CA PRO S 388 -29.38 -0.65 -103.16
C PRO S 388 -28.09 -1.45 -103.14
N GLU S 389 -27.13 -1.13 -104.00
CA GLU S 389 -25.89 -1.92 -104.05
C GLU S 389 -24.89 -1.54 -102.97
N ASP S 390 -25.11 -0.44 -102.25
CA ASP S 390 -24.17 -0.02 -101.22
C ASP S 390 -24.61 -0.53 -99.85
N THR S 391 -23.80 -0.23 -98.84
CA THR S 391 -24.08 -0.70 -97.48
C THR S 391 -23.55 0.33 -96.50
N PRO S 392 -24.21 0.49 -95.35
CA PRO S 392 -23.73 1.45 -94.35
C PRO S 392 -22.37 1.06 -93.81
N ASP S 393 -21.80 1.98 -93.03
CA ASP S 393 -20.45 1.89 -92.47
C ASP S 393 -20.49 2.09 -90.96
N GLU S 394 -21.36 1.31 -90.28
CA GLU S 394 -21.78 1.58 -88.91
C GLU S 394 -20.68 2.16 -88.00
N GLU S 395 -19.51 1.53 -87.99
CA GLU S 395 -18.45 2.01 -87.11
C GLU S 395 -17.96 3.39 -87.53
N ALA S 396 -17.71 3.58 -88.82
CA ALA S 396 -17.28 4.89 -89.32
C ALA S 396 -18.36 5.93 -89.07
N MET S 397 -19.63 5.57 -89.27
CA MET S 397 -20.72 6.51 -89.03
C MET S 397 -20.76 6.94 -87.57
N VAL S 398 -20.64 6.00 -86.64
CA VAL S 398 -20.69 6.34 -85.23
C VAL S 398 -19.49 7.21 -84.85
N LYS S 399 -18.32 6.91 -85.41
CA LYS S 399 -17.15 7.74 -85.12
C LYS S 399 -17.30 9.13 -85.70
N GLY S 400 -17.97 9.26 -86.84
CA GLY S 400 -18.18 10.54 -87.49
C GLY S 400 -19.45 11.25 -87.09
N ARG S 401 -20.20 10.73 -86.12
CA ARG S 401 -21.38 11.39 -85.57
C ARG S 401 -22.42 11.65 -86.65
N LEU S 402 -22.94 10.56 -87.21
CA LEU S 402 -23.97 10.61 -88.25
C LEU S 402 -25.05 9.60 -87.90
N ASN S 403 -26.25 10.08 -87.60
CA ASN S 403 -27.35 9.17 -87.31
C ASN S 403 -27.79 8.46 -88.56
N LYS S 404 -28.18 7.19 -88.42
CA LYS S 404 -28.48 6.33 -89.54
C LYS S 404 -29.89 5.77 -89.42
N VAL S 405 -30.52 5.56 -90.57
CA VAL S 405 -31.84 4.94 -90.61
C VAL S 405 -31.67 3.43 -90.72
N SER S 406 -32.74 2.70 -90.43
CA SER S 406 -32.73 1.25 -90.50
C SER S 406 -34.14 0.77 -90.75
N VAL S 407 -34.33 -0.54 -90.66
CA VAL S 407 -35.64 -1.16 -90.78
C VAL S 407 -35.93 -1.89 -89.48
N GLY S 408 -36.85 -1.35 -88.69
CA GLY S 408 -37.21 -1.95 -87.43
C GLY S 408 -38.19 -3.08 -87.62
N THR S 409 -38.85 -3.46 -86.53
CA THR S 409 -39.86 -4.50 -86.59
C THR S 409 -41.06 -4.04 -87.41
N SER S 410 -41.75 -5.01 -88.01
CA SER S 410 -42.95 -4.81 -88.82
C SER S 410 -42.63 -4.20 -90.18
N GLY S 411 -41.38 -3.78 -90.39
CA GLY S 411 -40.93 -3.35 -91.70
C GLY S 411 -41.02 -1.87 -92.00
N GLN S 412 -41.39 -1.03 -91.03
CA GLN S 412 -41.37 0.42 -91.23
C GLN S 412 -40.00 0.97 -90.88
N MET S 413 -39.52 1.87 -91.74
CA MET S 413 -38.24 2.52 -91.49
C MET S 413 -38.29 3.35 -90.22
N ILE S 414 -37.20 3.34 -89.46
CA ILE S 414 -37.11 4.10 -88.23
C ILE S 414 -35.75 4.79 -88.17
N ILE S 415 -35.65 5.78 -87.29
CA ILE S 415 -34.37 6.37 -86.93
C ILE S 415 -33.80 5.57 -85.77
N ASP S 416 -32.55 5.14 -85.90
CA ASP S 416 -31.96 4.22 -84.94
C ASP S 416 -30.65 4.74 -84.37
N ASP S 417 -30.57 6.05 -84.10
CA ASP S 417 -29.40 6.59 -83.43
C ASP S 417 -29.75 7.96 -82.87
N ALA S 418 -29.04 8.33 -81.81
CA ALA S 418 -29.31 9.58 -81.11
C ALA S 418 -28.01 10.29 -80.77
N LEU S 419 -27.11 10.38 -81.74
CA LEU S 419 -25.80 10.99 -81.52
C LEU S 419 -25.78 12.44 -81.99
N THR S 420 -25.18 13.30 -81.20
CA THR S 420 -25.06 14.71 -81.51
C THR S 420 -23.76 14.98 -82.26
N CYS S 421 -23.39 16.25 -82.40
CA CYS S 421 -22.19 16.64 -83.11
C CYS S 421 -20.98 16.79 -82.22
N CYS S 422 -21.11 16.50 -80.93
CA CYS S 422 -19.96 16.58 -80.04
C CYS S 422 -18.94 15.51 -80.39
N THR S 423 -17.67 15.89 -80.40
CA THR S 423 -16.60 14.94 -80.71
C THR S 423 -16.05 14.25 -79.47
N GLN S 424 -16.08 14.91 -78.33
CA GLN S 424 -15.56 14.30 -77.10
C GLN S 424 -16.39 13.09 -76.72
N ASP S 425 -15.72 12.05 -76.23
CA ASP S 425 -16.39 10.81 -75.87
C ASP S 425 -16.73 10.82 -74.39
N ASN S 426 -17.85 11.48 -74.08
CA ASN S 426 -18.37 11.54 -72.72
C ASN S 426 -19.88 11.46 -72.81
N TYR S 427 -20.55 11.81 -71.71
CA TYR S 427 -22.01 11.75 -71.69
C TYR S 427 -22.66 12.77 -72.61
N LEU S 428 -21.89 13.73 -73.13
CA LEU S 428 -22.49 14.84 -73.86
C LEU S 428 -22.83 14.50 -75.30
N HIS S 429 -22.30 13.41 -75.86
CA HIS S 429 -22.59 13.14 -77.26
C HIS S 429 -23.91 12.42 -77.48
N PHE S 430 -24.54 11.92 -76.41
CA PHE S 430 -25.90 11.41 -76.56
C PHE S 430 -26.86 12.58 -76.72
N GLN S 431 -28.05 12.29 -77.23
CA GLN S 431 -28.96 13.38 -77.60
C GLN S 431 -29.74 13.89 -76.41
N HIS S 432 -30.20 13.01 -75.52
CA HIS S 432 -31.14 13.45 -74.50
C HIS S 432 -30.47 14.27 -73.40
N VAL S 433 -29.20 14.00 -73.10
CA VAL S 433 -28.53 14.71 -72.01
C VAL S 433 -28.44 16.21 -72.25
N PRO S 434 -27.94 16.68 -73.39
CA PRO S 434 -27.93 18.14 -73.62
C PRO S 434 -29.30 18.76 -73.57
N SER S 435 -30.33 18.08 -74.07
CA SER S 435 -31.67 18.67 -74.06
C SER S 435 -32.17 18.86 -72.64
N LEU S 436 -32.00 17.84 -71.79
CA LEU S 436 -32.42 17.94 -70.40
C LEU S 436 -31.65 19.04 -69.67
N MET S 437 -30.32 19.07 -69.85
CA MET S 437 -29.53 20.09 -69.18
C MET S 437 -29.93 21.49 -69.66
N ASN S 438 -30.23 21.64 -70.95
CA ASN S 438 -30.63 22.94 -71.46
C ASN S 438 -31.99 23.36 -70.93
N ALA S 439 -32.91 22.41 -70.76
CA ALA S 439 -34.19 22.75 -70.14
C ALA S 439 -33.98 23.28 -68.72
N ILE S 440 -33.14 22.59 -67.94
CA ILE S 440 -32.87 23.06 -66.58
C ILE S 440 -32.23 24.45 -66.62
N SER S 441 -31.28 24.66 -67.53
CA SER S 441 -30.61 25.95 -67.61
C SER S 441 -31.57 27.08 -67.98
N ARG S 442 -32.49 26.82 -68.91
CA ARG S 442 -33.45 27.86 -69.27
C ARG S 442 -34.35 28.20 -68.09
N PHE S 443 -34.81 27.20 -67.36
CA PHE S 443 -35.60 27.49 -66.16
C PHE S 443 -34.79 28.32 -65.17
N PHE S 444 -33.51 27.98 -64.99
CA PHE S 444 -32.69 28.75 -64.05
C PHE S 444 -32.55 30.19 -64.50
N VAL S 445 -32.36 30.42 -65.80
CA VAL S 445 -32.22 31.78 -66.28
C VAL S 445 -33.49 32.56 -65.99
N GLN S 446 -34.65 31.95 -66.23
CA GLN S 446 -35.90 32.64 -65.91
C GLN S 446 -35.97 33.00 -64.43
N LEU S 447 -35.66 32.03 -63.56
CA LEU S 447 -35.78 32.27 -62.12
C LEU S 447 -34.83 33.38 -61.66
N ALA S 448 -33.58 33.32 -62.09
CA ALA S 448 -32.60 34.31 -61.66
C ALA S 448 -32.93 35.69 -62.21
N ARG S 449 -33.42 35.76 -63.46
CA ARG S 449 -33.83 37.04 -63.99
C ARG S 449 -34.96 37.64 -63.18
N GLN S 450 -35.93 36.82 -62.76
CA GLN S 450 -37.00 37.33 -61.93
C GLN S 450 -36.49 37.75 -60.55
N MET S 451 -35.45 37.09 -60.05
CA MET S 451 -35.03 37.27 -58.66
C MET S 451 -33.82 38.17 -58.51
N LYS S 452 -33.35 38.79 -59.59
CA LYS S 452 -32.20 39.68 -59.50
C LYS S 452 -32.54 40.92 -58.66
N HIS S 453 -31.50 41.49 -58.05
CA HIS S 453 -31.52 42.77 -57.34
C HIS S 453 -32.25 42.71 -56.00
N SER S 454 -32.33 41.55 -55.38
CA SER S 454 -32.94 41.43 -54.06
C SER S 454 -31.88 41.26 -52.99
N PRO S 455 -32.20 41.60 -51.74
CA PRO S 455 -31.24 41.38 -50.65
C PRO S 455 -30.96 39.90 -50.45
N ASP S 456 -29.83 39.62 -49.82
CA ASP S 456 -29.35 38.24 -49.72
C ASP S 456 -30.30 37.37 -48.91
N GLY S 457 -30.94 37.94 -47.89
CA GLY S 457 -31.82 37.15 -47.06
C GLY S 457 -32.96 36.52 -47.86
N ILE S 458 -33.60 37.32 -48.71
CA ILE S 458 -34.63 36.79 -49.60
C ILE S 458 -34.00 35.92 -50.67
N THR S 459 -32.87 36.36 -51.23
CA THR S 459 -32.32 35.73 -52.42
C THR S 459 -31.91 34.28 -52.16
N ALA S 460 -31.19 34.04 -51.06
CA ALA S 460 -30.71 32.69 -50.80
C ALA S 460 -31.87 31.72 -50.63
N ALA S 461 -32.83 32.07 -49.77
CA ALA S 461 -33.95 31.19 -49.52
C ALA S 461 -34.77 30.96 -50.77
N GLY S 462 -35.02 32.02 -51.55
CA GLY S 462 -35.81 31.86 -52.76
C GLY S 462 -35.13 30.98 -53.79
N LEU S 463 -33.83 31.21 -54.03
CA LEU S 463 -33.11 30.40 -55.00
C LEU S 463 -33.11 28.94 -54.59
N THR S 464 -32.81 28.68 -53.31
CA THR S 464 -32.78 27.30 -52.85
C THR S 464 -34.16 26.65 -53.01
N LYS S 465 -35.23 27.35 -52.63
CA LYS S 465 -36.55 26.77 -52.73
C LYS S 465 -36.93 26.47 -54.17
N GLY S 466 -36.71 27.43 -55.07
CA GLY S 466 -37.09 27.23 -56.46
C GLY S 466 -36.32 26.10 -57.11
N MET S 467 -35.00 26.09 -56.93
CA MET S 467 -34.20 25.03 -57.53
C MET S 467 -34.52 23.67 -56.94
N THR S 468 -34.71 23.58 -55.63
CA THR S 468 -35.04 22.31 -55.03
C THR S 468 -36.38 21.80 -55.56
N LYS S 469 -37.37 22.68 -55.68
CA LYS S 469 -38.65 22.25 -56.21
C LYS S 469 -38.54 21.76 -57.65
N LEU S 470 -37.80 22.48 -58.48
CA LEU S 470 -37.69 22.08 -59.89
C LEU S 470 -36.97 20.73 -60.01
N LEU S 471 -35.86 20.56 -59.30
CA LEU S 471 -35.13 19.31 -59.43
C LEU S 471 -35.91 18.16 -58.82
N ASP S 472 -36.69 18.39 -57.77
CA ASP S 472 -37.55 17.34 -57.25
C ASP S 472 -38.61 16.96 -58.28
N ARG S 473 -39.15 17.93 -58.98
CA ARG S 473 -40.11 17.62 -60.04
C ARG S 473 -39.46 16.76 -61.11
N PHE S 474 -38.23 17.08 -61.50
CA PHE S 474 -37.54 16.27 -62.52
C PHE S 474 -37.29 14.85 -62.02
N VAL S 475 -36.84 14.71 -60.77
CA VAL S 475 -36.55 13.37 -60.24
C VAL S 475 -37.83 12.55 -60.18
N ALA S 476 -38.93 13.16 -59.74
CA ALA S 476 -40.20 12.44 -59.73
C ALA S 476 -40.64 12.07 -61.14
N SER S 477 -40.34 12.93 -62.11
CA SER S 477 -40.62 12.58 -63.50
C SER S 477 -39.84 11.36 -63.94
N GLY S 478 -38.58 11.27 -63.53
CA GLY S 478 -37.75 10.13 -63.84
C GLY S 478 -36.57 10.41 -64.74
N ALA S 479 -36.21 11.68 -64.95
CA ALA S 479 -35.08 12.02 -65.80
C ALA S 479 -33.75 11.93 -65.08
N LEU S 480 -33.75 11.84 -63.75
CA LEU S 480 -32.53 11.70 -62.97
C LEU S 480 -32.63 10.46 -62.10
N VAL S 481 -31.53 9.73 -61.96
CA VAL S 481 -31.49 8.50 -61.19
C VAL S 481 -30.27 8.54 -60.27
N ALA S 482 -30.20 7.56 -59.37
CA ALA S 482 -29.11 7.50 -58.42
C ALA S 482 -27.78 7.33 -59.15
N PRO S 483 -26.68 7.82 -58.58
CA PRO S 483 -25.40 7.76 -59.27
C PRO S 483 -24.95 6.32 -59.49
N ARG S 484 -24.14 6.13 -60.53
CA ARG S 484 -23.71 4.78 -60.89
C ARG S 484 -22.89 4.13 -59.79
N ASP S 485 -21.99 4.90 -59.17
CA ASP S 485 -21.14 4.37 -58.10
C ASP S 485 -21.48 5.07 -56.79
N PRO S 486 -22.33 4.49 -55.95
CA PRO S 486 -22.76 5.14 -54.71
C PRO S 486 -21.77 4.97 -53.57
N ASP S 487 -20.50 5.18 -53.86
CA ASP S 487 -19.44 5.11 -52.87
C ASP S 487 -18.68 6.41 -52.71
N ALA S 488 -18.38 7.10 -53.81
CA ALA S 488 -17.66 8.36 -53.76
C ALA S 488 -18.59 9.55 -53.88
N ASP S 489 -19.38 9.62 -54.95
CA ASP S 489 -20.26 10.76 -55.19
C ASP S 489 -21.65 10.55 -54.60
N GLY S 490 -21.72 10.22 -53.32
CA GLY S 490 -22.95 10.12 -52.57
C GLY S 490 -23.97 9.17 -53.21
N THR S 491 -25.23 9.38 -52.82
CA THR S 491 -26.32 8.57 -53.35
C THR S 491 -27.56 9.41 -53.67
N GLU S 492 -27.39 10.71 -53.90
CA GLU S 492 -28.56 11.50 -54.26
C GLU S 492 -28.54 11.84 -55.73
N PRO S 493 -29.69 11.87 -56.40
CA PRO S 493 -29.70 12.17 -57.84
C PRO S 493 -29.09 13.53 -58.17
N TYR S 494 -29.32 14.54 -57.33
CA TYR S 494 -28.84 15.88 -57.58
C TYR S 494 -28.25 16.46 -56.30
N VAL S 495 -27.23 17.29 -56.47
CA VAL S 495 -26.58 18.00 -55.38
C VAL S 495 -26.62 19.48 -55.71
N LEU S 496 -27.11 20.28 -54.77
CA LEU S 496 -27.30 21.71 -54.96
C LEU S 496 -26.40 22.48 -54.02
N LYS S 497 -25.90 23.62 -54.48
CA LYS S 497 -25.05 24.47 -53.64
C LYS S 497 -25.21 25.92 -54.08
N VAL S 498 -25.84 26.73 -53.24
CA VAL S 498 -26.00 28.16 -53.48
C VAL S 498 -25.09 28.89 -52.52
N THR S 499 -24.21 29.73 -53.04
CA THR S 499 -23.19 30.35 -52.22
C THR S 499 -22.99 31.80 -52.63
N GLN S 500 -22.33 32.55 -51.77
CA GLN S 500 -21.95 33.93 -52.03
C GLN S 500 -20.45 34.00 -52.21
N ALA S 501 -19.99 34.60 -53.30
CA ALA S 501 -18.57 34.71 -53.58
C ALA S 501 -17.98 36.05 -53.15
N GLU S 502 -18.65 37.15 -53.45
CA GLU S 502 -18.31 38.46 -52.93
C GLU S 502 -19.62 39.14 -52.54
N PHE S 503 -19.58 40.46 -52.42
CA PHE S 503 -20.79 41.22 -52.08
C PHE S 503 -21.96 40.83 -52.96
N ASP S 504 -21.76 40.78 -54.27
CA ASP S 504 -22.84 40.38 -55.18
C ASP S 504 -22.25 39.47 -56.26
N LYS S 505 -22.17 38.17 -55.94
CA LYS S 505 -21.75 37.18 -56.93
C LYS S 505 -22.47 35.86 -56.71
N TRP S 506 -23.73 35.92 -56.31
CA TRP S 506 -24.48 34.71 -55.96
C TRP S 506 -24.28 33.60 -56.99
N GLU S 507 -23.65 32.51 -56.58
CA GLU S 507 -23.25 31.43 -57.47
C GLU S 507 -24.01 30.17 -57.12
N VAL S 508 -24.65 29.58 -58.13
CA VAL S 508 -25.44 28.36 -57.97
C VAL S 508 -24.77 27.25 -58.75
N VAL S 509 -24.48 26.14 -58.06
CA VAL S 509 -23.88 24.97 -58.69
C VAL S 509 -24.78 23.78 -58.41
N TRP S 510 -25.29 23.16 -59.48
CA TRP S 510 -26.13 21.98 -59.35
C TRP S 510 -25.52 20.86 -60.19
N ALA S 511 -25.43 19.68 -59.60
CA ALA S 511 -24.88 18.50 -60.26
C ALA S 511 -25.96 17.43 -60.30
N CYS S 512 -26.24 16.90 -61.48
CA CYS S 512 -27.31 15.93 -61.66
C CYS S 512 -26.77 14.66 -62.31
N CYS S 513 -27.41 13.54 -62.00
CA CYS S 513 -27.05 12.29 -62.67
C CYS S 513 -28.12 11.94 -63.68
N PRO S 514 -27.87 12.08 -64.98
CA PRO S 514 -28.91 11.82 -65.97
C PRO S 514 -29.15 10.32 -66.16
N THR S 515 -30.31 10.01 -66.73
CA THR S 515 -30.67 8.63 -66.98
C THR S 515 -29.82 8.03 -68.09
N GLY S 516 -29.80 6.70 -68.14
CA GLY S 516 -29.04 5.98 -69.12
C GLY S 516 -29.93 5.41 -70.21
N VAL S 517 -29.70 5.86 -71.45
CA VAL S 517 -30.39 5.28 -72.58
C VAL S 517 -29.98 3.83 -72.75
N ALA S 518 -30.81 3.06 -73.43
CA ALA S 518 -30.56 1.65 -73.69
C ALA S 518 -30.32 1.47 -75.18
N ARG S 519 -29.07 1.65 -75.59
CA ARG S 519 -28.70 1.58 -77.00
C ARG S 519 -28.18 0.21 -77.41
N ARG S 520 -27.36 -0.42 -76.57
CA ARG S 520 -26.81 -1.73 -76.84
C ARG S 520 -27.30 -2.70 -75.78
N ILE S 521 -27.94 -3.78 -76.22
CA ILE S 521 -28.46 -4.80 -75.33
C ILE S 521 -27.83 -6.13 -75.71
N GLN S 522 -27.24 -6.81 -74.73
CA GLN S 522 -26.54 -8.07 -74.98
C GLN S 522 -27.04 -9.13 -74.02
N GLY S 523 -27.30 -10.32 -74.55
CA GLY S 523 -27.72 -11.45 -73.75
C GLY S 523 -26.67 -12.55 -73.77
N VAL S 524 -26.41 -13.12 -72.60
CA VAL S 524 -25.42 -14.18 -72.44
C VAL S 524 -26.10 -15.39 -71.83
N PRO S 525 -26.55 -16.34 -72.64
CA PRO S 525 -27.16 -17.55 -72.09
C PRO S 525 -26.13 -18.41 -71.38
N LEU S 526 -26.61 -19.18 -70.41
CA LEU S 526 -25.75 -20.05 -69.62
C LEU S 526 -26.44 -21.39 -69.40
N LEU S 527 -25.65 -22.38 -69.02
CA LEU S 527 -26.16 -23.69 -68.64
C LEU S 527 -25.64 -24.04 -67.25
N ILE S 528 -26.52 -24.63 -66.43
CA ILE S 528 -26.21 -24.96 -65.05
C ILE S 528 -26.04 -26.46 -64.92
N LYS S 529 -24.91 -26.87 -64.35
CA LYS S 529 -24.64 -28.29 -64.14
C LYS S 529 -25.63 -28.87 -63.13
N SER T 2 -29.04 -10.49 -93.72
CA SER T 2 -30.36 -9.92 -93.97
C SER T 2 -31.10 -9.66 -92.67
N GLN T 3 -32.42 -9.70 -92.73
CA GLN T 3 -33.23 -9.58 -91.53
C GLN T 3 -33.30 -10.93 -90.81
N TYR T 4 -33.84 -10.90 -89.59
CA TYR T 4 -33.97 -12.07 -88.73
C TYR T 4 -32.62 -12.65 -88.34
N SER T 5 -31.53 -12.08 -88.85
CA SER T 5 -30.21 -12.56 -88.47
C SER T 5 -29.85 -12.07 -87.08
N ILE T 6 -28.98 -12.83 -86.42
CA ILE T 6 -28.55 -12.53 -85.05
C ILE T 6 -27.03 -12.41 -85.05
N GLN T 7 -26.54 -11.27 -84.59
CA GLN T 7 -25.10 -11.08 -84.47
C GLN T 7 -24.64 -11.50 -83.08
N GLN T 8 -23.33 -11.46 -82.87
CA GLN T 8 -22.74 -11.91 -81.61
C GLN T 8 -21.76 -10.94 -80.98
N SER T 9 -21.21 -9.99 -81.72
CA SER T 9 -20.19 -9.10 -81.16
C SER T 9 -20.79 -7.84 -80.56
N LEU T 10 -21.47 -7.03 -81.37
CA LEU T 10 -22.11 -5.80 -80.93
C LEU T 10 -21.06 -4.86 -80.28
N GLY T 11 -20.18 -4.37 -81.14
CA GLY T 11 -19.14 -3.47 -80.71
C GLY T 11 -19.35 -2.03 -81.12
N ASN T 12 -19.67 -1.18 -80.14
CA ASN T 12 -19.74 0.28 -80.32
C ASN T 12 -20.73 0.68 -81.42
N ALA T 13 -21.86 0.00 -81.47
CA ALA T 13 -22.91 0.34 -82.43
C ALA T 13 -24.24 -0.14 -81.89
N SER T 14 -25.31 0.61 -82.19
CA SER T 14 -26.62 0.23 -81.72
C SER T 14 -27.05 -1.10 -82.32
N GLY T 15 -27.69 -1.92 -81.52
CA GLY T 15 -28.17 -3.21 -81.97
C GLY T 15 -28.37 -4.15 -80.80
N VAL T 16 -28.74 -5.38 -81.13
CA VAL T 16 -28.92 -6.44 -80.14
C VAL T 16 -28.16 -7.67 -80.60
N ALA T 17 -27.63 -8.42 -79.64
CA ALA T 17 -26.84 -9.59 -79.96
C ALA T 17 -26.85 -10.55 -78.78
N VAL T 18 -26.83 -11.85 -79.09
CA VAL T 18 -26.77 -12.89 -78.09
C VAL T 18 -25.48 -13.67 -78.28
N SER T 19 -24.81 -13.97 -77.18
CA SER T 19 -23.55 -14.67 -77.22
C SER T 19 -23.79 -16.16 -77.42
N PRO T 20 -22.85 -16.88 -78.02
CA PRO T 20 -23.00 -18.33 -78.16
C PRO T 20 -23.05 -19.00 -76.79
N ILE T 21 -23.77 -20.13 -76.74
CA ILE T 21 -24.02 -20.79 -75.46
C ILE T 21 -22.70 -21.19 -74.82
N ASN T 22 -22.59 -20.94 -73.52
CA ASN T 22 -21.31 -21.17 -72.83
C ASN T 22 -21.08 -22.66 -72.62
N ALA T 23 -21.92 -23.29 -71.80
CA ALA T 23 -21.90 -24.74 -71.60
C ALA T 23 -20.50 -25.26 -71.27
N ASP T 24 -19.81 -24.57 -70.37
CA ASP T 24 -18.49 -25.00 -69.94
C ASP T 24 -18.45 -25.51 -68.52
N ALA T 25 -19.45 -25.19 -67.70
CA ALA T 25 -19.52 -25.72 -66.34
C ALA T 25 -20.24 -27.05 -66.27
N THR T 26 -20.62 -27.62 -67.41
CA THR T 26 -21.37 -28.86 -67.47
C THR T 26 -20.62 -29.89 -68.30
N LEU T 27 -19.29 -29.81 -68.30
CA LEU T 27 -18.49 -30.71 -69.11
C LEU T 27 -18.36 -32.07 -68.43
N SER T 28 -18.91 -33.10 -69.07
CA SER T 28 -18.81 -34.47 -68.61
C SER T 28 -17.71 -35.19 -69.39
N THR T 29 -17.61 -36.50 -69.18
CA THR T 29 -16.64 -37.32 -69.90
C THR T 29 -17.26 -38.69 -70.14
N GLY T 30 -17.32 -39.10 -71.40
CA GLY T 30 -17.86 -40.41 -71.73
C GLY T 30 -16.78 -41.41 -72.08
N VAL T 31 -16.47 -42.32 -71.16
CA VAL T 31 -15.44 -43.31 -71.39
C VAL T 31 -16.04 -44.71 -71.34
N ALA T 32 -17.14 -44.87 -70.60
CA ALA T 32 -17.83 -46.15 -70.44
C ALA T 32 -16.85 -47.20 -69.88
N LEU T 33 -16.47 -46.96 -68.63
CA LEU T 33 -15.47 -47.82 -67.99
C LEU T 33 -15.92 -49.27 -67.89
N ASN T 34 -17.22 -49.50 -67.77
CA ASN T 34 -17.72 -50.86 -67.60
C ASN T 34 -17.82 -51.64 -68.92
N SER T 35 -16.76 -51.59 -69.72
CA SER T 35 -16.72 -52.31 -70.99
C SER T 35 -15.35 -52.92 -71.17
N SER T 36 -15.32 -54.18 -71.57
CA SER T 36 -14.06 -54.92 -71.70
C SER T 36 -14.06 -55.71 -73.01
N LEU T 37 -12.96 -55.63 -73.74
CA LEU T 37 -12.77 -56.40 -74.96
C LEU T 37 -11.39 -57.04 -74.94
N TRP T 38 -11.25 -58.16 -75.63
CA TRP T 38 -10.03 -58.95 -75.62
C TRP T 38 -9.40 -58.98 -77.00
N ALA T 39 -8.09 -58.84 -77.05
CA ALA T 39 -7.34 -58.85 -78.30
C ALA T 39 -6.29 -59.94 -78.27
N GLY T 40 -6.16 -60.67 -79.38
CA GLY T 40 -5.20 -61.76 -79.41
C GLY T 40 -4.75 -62.09 -80.81
N ILE T 41 -3.62 -62.78 -80.89
CA ILE T 41 -3.11 -63.29 -82.15
C ILE T 41 -3.28 -64.80 -82.18
N GLY T 42 -3.23 -65.36 -83.37
CA GLY T 42 -3.38 -66.80 -83.46
C GLY T 42 -3.21 -67.29 -84.88
N VAL T 43 -3.35 -68.61 -85.04
CA VAL T 43 -3.29 -69.27 -86.33
C VAL T 43 -4.62 -69.96 -86.54
N PHE T 44 -5.29 -69.65 -87.66
CA PHE T 44 -6.62 -70.18 -87.89
C PHE T 44 -6.73 -70.75 -89.29
N ALA T 45 -7.94 -71.09 -89.71
CA ALA T 45 -8.19 -71.66 -91.03
C ALA T 45 -8.60 -70.63 -92.06
N ARG T 46 -9.46 -69.68 -91.70
CA ARG T 46 -9.97 -68.67 -92.62
C ARG T 46 -9.89 -67.30 -91.99
N GLY T 47 -9.52 -66.31 -92.79
CA GLY T 47 -9.40 -64.94 -92.33
C GLY T 47 -8.32 -64.22 -93.11
N LYS T 48 -8.41 -62.89 -93.09
CA LYS T 48 -7.43 -62.06 -93.80
C LYS T 48 -6.15 -61.96 -92.98
N PRO T 49 -5.01 -62.40 -93.50
CA PRO T 49 -3.78 -62.40 -92.70
C PRO T 49 -3.28 -61.00 -92.40
N PHE T 50 -2.70 -60.85 -91.21
CA PHE T 50 -2.04 -59.62 -90.79
C PHE T 50 -3.00 -58.42 -90.83
N THR T 51 -4.26 -58.66 -90.51
CA THR T 51 -5.25 -57.59 -90.48
C THR T 51 -6.17 -57.82 -89.30
N VAL T 52 -6.39 -56.76 -88.51
CA VAL T 52 -7.22 -56.85 -87.32
C VAL T 52 -8.63 -57.24 -87.71
N LEU T 53 -9.19 -58.22 -87.01
CA LEU T 53 -10.53 -58.69 -87.27
C LEU T 53 -11.45 -58.31 -86.11
N ALA T 54 -12.70 -58.77 -86.18
CA ALA T 54 -13.66 -58.55 -85.13
C ALA T 54 -14.54 -59.78 -85.02
N VAL T 55 -14.53 -60.43 -83.86
CA VAL T 55 -15.28 -61.65 -83.63
C VAL T 55 -16.31 -61.40 -82.54
N THR T 56 -17.56 -61.74 -82.82
CA THR T 56 -18.64 -61.66 -81.87
C THR T 56 -19.19 -63.06 -81.62
N GLU T 57 -20.24 -63.15 -80.80
CA GLU T 57 -20.81 -64.44 -80.46
C GLU T 57 -21.58 -65.08 -81.60
N SER T 58 -21.84 -64.36 -82.69
CA SER T 58 -22.72 -64.85 -83.74
C SER T 58 -22.06 -64.96 -85.11
N ASN T 59 -20.78 -64.65 -85.24
CA ASN T 59 -20.15 -64.74 -86.55
C ASN T 59 -18.78 -65.40 -86.57
N TYR T 60 -18.19 -65.73 -85.41
CA TYR T 60 -16.84 -66.26 -85.39
C TYR T 60 -16.70 -67.51 -86.24
N GLU T 61 -17.75 -68.33 -86.27
CA GLU T 61 -17.69 -69.59 -87.03
C GLU T 61 -17.40 -69.34 -88.50
N ASP T 62 -18.03 -68.32 -89.10
CA ASP T 62 -17.84 -68.06 -90.51
C ASP T 62 -16.72 -67.07 -90.81
N VAL T 63 -16.51 -66.06 -89.97
CA VAL T 63 -15.43 -65.12 -90.25
C VAL T 63 -14.07 -65.78 -90.03
N LEU T 64 -13.96 -66.64 -89.01
CA LEU T 64 -12.69 -67.26 -88.67
C LEU T 64 -12.58 -68.69 -89.18
N GLY T 65 -13.58 -69.19 -89.89
CA GLY T 65 -13.54 -70.52 -90.45
C GLY T 65 -13.99 -71.58 -89.47
N GLU T 66 -14.22 -72.77 -90.00
CA GLU T 66 -14.63 -73.89 -89.17
C GLU T 66 -13.45 -74.35 -88.30
N PRO T 67 -13.74 -74.94 -87.14
CA PRO T 67 -12.64 -75.37 -86.26
C PRO T 67 -11.75 -76.41 -86.92
N LEU T 68 -10.47 -76.34 -86.58
CA LEU T 68 -9.48 -77.25 -87.14
C LEU T 68 -9.59 -78.62 -86.47
N LYS T 69 -8.63 -79.50 -86.76
CA LYS T 69 -8.64 -80.85 -86.23
C LYS T 69 -7.41 -81.07 -85.35
N PRO T 70 -7.55 -81.63 -84.15
CA PRO T 70 -6.39 -81.85 -83.29
C PRO T 70 -5.35 -82.77 -83.91
N SER T 71 -5.76 -83.75 -84.69
CA SER T 71 -4.81 -84.67 -85.31
C SER T 71 -3.93 -83.98 -86.35
N SER T 72 -4.34 -82.81 -86.85
CA SER T 72 -3.53 -82.10 -87.82
C SER T 72 -2.20 -81.65 -87.22
N GLY T 73 -2.23 -81.16 -85.98
CA GLY T 73 -1.02 -80.68 -85.33
C GLY T 73 -1.33 -79.86 -84.10
N SER T 74 -0.59 -78.76 -83.91
CA SER T 74 -0.77 -77.89 -82.76
C SER T 74 -1.56 -76.64 -83.09
N GLN T 75 -2.23 -76.62 -84.23
CA GLN T 75 -2.98 -75.45 -84.66
C GLN T 75 -4.40 -75.41 -84.14
N PHE T 76 -4.80 -76.41 -83.36
CA PHE T 76 -6.18 -76.49 -82.85
C PHE T 76 -6.39 -75.69 -81.58
N GLU T 77 -5.35 -75.04 -81.06
CA GLU T 77 -5.49 -74.36 -79.77
C GLU T 77 -6.24 -73.03 -79.88
N PRO T 78 -5.85 -72.09 -80.74
CA PRO T 78 -6.46 -70.75 -80.69
C PRO T 78 -7.96 -70.74 -80.93
N ILE T 79 -8.48 -71.64 -81.76
CA ILE T 79 -9.92 -71.67 -82.00
C ILE T 79 -10.66 -72.01 -80.71
N ARG T 80 -10.16 -72.99 -79.95
CA ARG T 80 -10.78 -73.35 -78.69
C ARG T 80 -10.65 -72.23 -77.67
N HIS T 81 -9.50 -71.56 -77.64
CA HIS T 81 -9.34 -70.42 -76.74
C HIS T 81 -10.35 -69.33 -77.07
N VAL T 82 -10.53 -69.04 -78.36
CA VAL T 82 -11.51 -68.04 -78.79
C VAL T 82 -12.90 -68.47 -78.38
N TYR T 83 -13.24 -69.74 -78.56
CA TYR T 83 -14.57 -70.21 -78.22
C TYR T 83 -14.84 -70.08 -76.73
N GLU T 84 -13.83 -70.36 -75.90
CA GLU T 84 -14.01 -70.23 -74.46
C GLU T 84 -14.00 -68.79 -73.99
N ALA T 85 -13.40 -67.88 -74.76
CA ALA T 85 -13.37 -66.48 -74.33
C ALA T 85 -14.54 -65.66 -74.87
N ILE T 86 -15.13 -66.06 -76.00
CA ILE T 86 -16.22 -65.30 -76.59
C ILE T 86 -17.46 -65.30 -75.70
N GLN T 87 -17.64 -66.35 -74.90
CA GLN T 87 -18.84 -66.55 -74.07
C GLN T 87 -19.32 -65.26 -73.42
N GLN T 88 -18.40 -64.37 -73.07
CA GLN T 88 -18.71 -63.14 -72.37
C GLN T 88 -18.82 -61.94 -73.30
N THR T 89 -17.75 -61.64 -74.05
CA THR T 89 -17.70 -60.40 -74.82
C THR T 89 -16.99 -60.64 -76.15
N SER T 90 -17.25 -59.75 -77.10
CA SER T 90 -16.62 -59.81 -78.40
C SER T 90 -15.17 -59.34 -78.31
N GLY T 91 -14.43 -59.46 -79.41
CA GLY T 91 -13.03 -59.12 -79.36
C GLY T 91 -12.41 -59.01 -80.72
N TYR T 92 -11.08 -58.83 -80.72
CA TYR T 92 -10.30 -58.63 -81.94
C TYR T 92 -9.18 -59.64 -82.01
N VAL T 93 -9.01 -60.23 -83.20
CA VAL T 93 -7.99 -61.26 -83.41
C VAL T 93 -7.14 -60.87 -84.61
N VAL T 94 -5.94 -61.44 -84.64
CA VAL T 94 -5.00 -61.24 -85.75
C VAL T 94 -4.50 -62.61 -86.18
N ARG T 95 -4.73 -62.96 -87.43
CA ARG T 95 -4.29 -64.26 -87.95
C ARG T 95 -2.91 -64.13 -88.56
N ALA T 96 -2.02 -65.05 -88.18
CA ALA T 96 -0.67 -65.11 -88.72
C ALA T 96 -0.52 -66.38 -89.55
N VAL T 97 -0.02 -66.24 -90.77
CA VAL T 97 0.06 -67.36 -91.70
C VAL T 97 1.52 -67.72 -91.94
N PRO T 98 1.82 -68.96 -92.34
CA PRO T 98 3.20 -69.32 -92.66
C PRO T 98 3.70 -68.62 -93.92
N ASP T 99 4.93 -68.94 -94.32
CA ASP T 99 5.55 -68.22 -95.42
C ASP T 99 4.96 -68.60 -96.77
N ASP T 100 4.70 -69.89 -96.98
CA ASP T 100 4.34 -70.40 -98.29
C ASP T 100 2.84 -70.41 -98.56
N ALA T 101 2.04 -69.74 -97.74
CA ALA T 101 0.61 -69.67 -98.00
C ALA T 101 0.32 -68.84 -99.24
N LYS T 102 -0.54 -69.36 -100.11
CA LYS T 102 -0.84 -68.71 -101.38
C LYS T 102 -2.34 -68.62 -101.58
N PHE T 103 -2.76 -67.53 -102.23
CA PHE T 103 -4.15 -67.29 -102.56
C PHE T 103 -4.33 -67.30 -104.07
N PRO T 104 -5.52 -67.67 -104.55
CA PRO T 104 -5.74 -67.80 -105.99
C PRO T 104 -5.93 -66.45 -106.67
N ILE T 105 -5.70 -66.44 -107.98
CA ILE T 105 -5.83 -65.25 -108.81
C ILE T 105 -6.32 -65.68 -110.19
N ILE T 106 -7.30 -64.97 -110.71
CA ILE T 106 -7.80 -65.19 -112.07
C ILE T 106 -7.53 -63.93 -112.88
N MET T 107 -6.76 -64.07 -113.94
CA MET T 107 -6.40 -62.95 -114.81
C MET T 107 -7.08 -63.12 -116.16
N PHE T 108 -7.66 -62.03 -116.66
CA PHE T 108 -8.37 -62.06 -117.93
C PHE T 108 -7.49 -61.45 -119.02
N ASP T 109 -8.08 -61.30 -120.21
CA ASP T 109 -7.38 -60.72 -121.35
C ASP T 109 -8.39 -59.96 -122.20
N GLU T 110 -7.91 -59.41 -123.32
CA GLU T 110 -8.78 -58.63 -124.19
C GLU T 110 -9.91 -59.49 -124.77
N SER T 111 -9.57 -60.70 -125.24
CA SER T 111 -10.61 -61.57 -125.80
C SER T 111 -11.56 -62.05 -124.72
N GLY T 112 -11.05 -62.32 -123.52
CA GLY T 112 -11.87 -62.81 -122.42
C GLY T 112 -11.54 -64.21 -121.96
N GLU T 113 -10.48 -64.83 -122.47
CA GLU T 113 -10.12 -66.19 -122.03
C GLU T 113 -9.39 -66.11 -120.70
N PRO T 114 -9.93 -66.71 -119.64
CA PRO T 114 -9.31 -66.58 -118.32
C PRO T 114 -8.06 -67.44 -118.18
N ALA T 115 -7.22 -67.05 -117.22
CA ALA T 115 -6.08 -67.85 -116.81
C ALA T 115 -6.01 -67.82 -115.29
N TYR T 116 -5.43 -68.85 -114.71
CA TYR T 116 -5.39 -69.00 -113.26
C TYR T 116 -3.95 -69.01 -112.77
N SER T 117 -3.76 -68.59 -111.52
CA SER T 117 -2.46 -68.64 -110.89
C SER T 117 -2.66 -68.51 -109.38
N ALA T 118 -1.55 -68.56 -108.64
CA ALA T 118 -1.59 -68.39 -107.20
C ALA T 118 -0.41 -67.52 -106.77
N LEU T 119 -0.64 -66.68 -105.77
CA LEU T 119 0.40 -65.78 -105.30
C LEU T 119 0.51 -65.84 -103.78
N PRO T 120 1.72 -65.72 -103.24
CA PRO T 120 1.86 -65.72 -101.77
C PRO T 120 1.21 -64.50 -101.15
N TYR T 121 0.78 -64.66 -99.89
CA TYR T 121 0.06 -63.61 -99.20
C TYR T 121 0.95 -62.40 -98.97
N GLY T 122 0.31 -61.23 -98.93
CA GLY T 122 1.02 -59.99 -98.70
C GLY T 122 1.78 -59.45 -99.89
N SER T 123 1.51 -59.94 -101.09
CA SER T 123 2.21 -59.50 -102.28
C SER T 123 1.20 -58.94 -103.28
N GLU T 124 1.57 -57.84 -103.92
CA GLU T 124 0.73 -57.26 -104.96
C GLU T 124 0.92 -58.03 -106.26
N ILE T 125 0.21 -57.60 -107.30
CA ILE T 125 0.12 -58.34 -108.56
C ILE T 125 0.68 -57.48 -109.67
N GLU T 126 1.53 -58.07 -110.50
CA GLU T 126 2.02 -57.43 -111.71
C GLU T 126 1.30 -58.03 -112.91
N LEU T 127 0.78 -57.18 -113.78
CA LEU T 127 -0.02 -57.63 -114.91
C LEU T 127 0.85 -57.77 -116.14
N ASP T 128 0.68 -58.87 -116.86
CA ASP T 128 1.40 -59.06 -118.12
C ASP T 128 0.79 -58.16 -119.19
N SER T 129 1.46 -58.12 -120.34
CA SER T 129 1.02 -57.24 -121.42
C SER T 129 -0.40 -57.57 -121.88
N GLY T 130 -0.69 -58.86 -122.03
CA GLY T 130 -2.00 -59.28 -122.50
C GLY T 130 -3.09 -59.32 -121.47
N GLU T 131 -2.78 -59.05 -120.20
CA GLU T 131 -3.75 -59.14 -119.13
C GLU T 131 -4.50 -57.83 -118.99
N ALA T 132 -5.83 -57.92 -118.96
CA ALA T 132 -6.67 -56.73 -118.81
C ALA T 132 -6.98 -56.43 -117.35
N PHE T 133 -7.44 -57.43 -116.60
CA PHE T 133 -7.73 -57.21 -115.20
C PHE T 133 -7.70 -58.55 -114.47
N ALA T 134 -7.39 -58.49 -113.17
CA ALA T 134 -7.25 -59.66 -112.33
C ALA T 134 -8.17 -59.56 -111.13
N ILE T 135 -8.75 -60.70 -110.75
CA ILE T 135 -9.61 -60.82 -109.59
C ILE T 135 -9.04 -61.86 -108.66
N TYR T 136 -8.99 -61.55 -107.37
CA TYR T 136 -8.49 -62.49 -106.38
C TYR T 136 -9.34 -62.39 -105.12
N VAL T 137 -9.12 -63.32 -104.20
CA VAL T 137 -9.93 -63.48 -103.01
C VAL T 137 -9.12 -63.01 -101.81
N ASP T 138 -9.71 -62.14 -101.00
CA ASP T 138 -9.06 -61.64 -99.79
C ASP T 138 -9.74 -62.09 -98.51
N ASP T 139 -10.62 -63.09 -98.59
CA ASP T 139 -11.16 -63.69 -97.37
C ASP T 139 -10.14 -64.54 -96.64
N GLY T 140 -9.05 -64.93 -97.31
CA GLY T 140 -8.04 -65.77 -96.73
C GLY T 140 -8.22 -67.25 -96.98
N ASP T 141 -9.40 -67.67 -97.36
CA ASP T 141 -9.65 -69.09 -97.61
C ASP T 141 -8.81 -69.56 -98.78
N PRO T 142 -8.16 -70.72 -98.69
CA PRO T 142 -7.38 -71.23 -99.82
C PRO T 142 -8.20 -71.88 -100.93
N CYS T 143 -9.53 -71.82 -100.84
CA CYS T 143 -10.41 -72.24 -101.93
C CYS T 143 -10.16 -73.70 -102.32
N ILE T 144 -10.00 -74.56 -101.32
CA ILE T 144 -9.81 -75.99 -101.54
C ILE T 144 -11.02 -76.80 -101.08
N SER T 145 -11.64 -76.40 -99.97
CA SER T 145 -12.88 -77.03 -99.51
C SER T 145 -13.61 -76.07 -98.57
N PRO T 146 -14.79 -75.58 -98.95
CA PRO T 146 -15.50 -75.81 -100.21
C PRO T 146 -14.92 -74.99 -101.36
N THR T 147 -15.10 -75.45 -102.60
CA THR T 147 -14.61 -74.69 -103.74
C THR T 147 -15.45 -73.45 -103.96
N ARG T 148 -14.87 -72.47 -104.64
CA ARG T 148 -15.56 -71.21 -104.95
C ARG T 148 -15.49 -70.96 -106.44
N GLU T 149 -16.63 -70.60 -107.03
CA GLU T 149 -16.75 -70.40 -108.47
C GLU T 149 -17.24 -69.00 -108.76
N LEU T 150 -16.67 -68.39 -109.79
CA LEU T 150 -16.98 -67.03 -110.20
C LEU T 150 -17.62 -67.06 -111.58
N THR T 151 -18.72 -66.33 -111.75
CA THR T 151 -19.49 -66.34 -112.98
C THR T 151 -19.73 -64.91 -113.45
N ILE T 152 -19.58 -64.71 -114.76
CA ILE T 152 -19.78 -63.42 -115.40
C ILE T 152 -20.99 -63.53 -116.31
N GLU T 153 -21.94 -62.61 -116.16
CA GLU T 153 -23.16 -62.62 -116.95
C GLU T 153 -23.34 -61.26 -117.60
N THR T 154 -23.75 -61.25 -118.86
CA THR T 154 -24.00 -59.98 -119.54
C THR T 154 -25.29 -59.34 -119.03
N ALA T 155 -25.32 -58.01 -119.08
CA ALA T 155 -26.45 -57.25 -118.57
C ALA T 155 -26.70 -56.04 -119.45
N THR T 156 -27.75 -55.29 -119.11
CA THR T 156 -28.11 -54.11 -119.87
C THR T 156 -27.17 -52.95 -119.57
N ALA T 157 -26.83 -52.19 -120.61
CA ALA T 157 -25.96 -51.04 -120.45
C ALA T 157 -26.69 -49.93 -119.70
N ASP T 158 -25.90 -48.98 -119.20
CA ASP T 158 -26.46 -47.87 -118.43
C ASP T 158 -27.05 -46.82 -119.37
N SER T 159 -27.55 -45.73 -118.80
CA SER T 159 -28.10 -44.65 -119.60
C SER T 159 -27.02 -43.99 -120.47
N ALA T 160 -25.83 -43.80 -119.91
CA ALA T 160 -24.74 -43.19 -120.69
C ALA T 160 -24.35 -44.08 -121.86
N GLY T 161 -24.25 -45.39 -121.64
CA GLY T 161 -23.91 -46.30 -122.71
C GLY T 161 -22.86 -47.34 -122.34
N ASN T 162 -22.23 -47.17 -121.18
CA ASN T 162 -21.20 -48.10 -120.74
C ASN T 162 -21.81 -49.46 -120.43
N GLU T 163 -21.06 -50.52 -120.72
CA GLU T 163 -21.54 -51.88 -120.55
C GLU T 163 -21.22 -52.37 -119.14
N ARG T 164 -22.27 -52.74 -118.41
CA ARG T 164 -22.13 -53.27 -117.05
C ARG T 164 -22.47 -54.74 -117.06
N PHE T 165 -21.61 -55.56 -116.45
CA PHE T 165 -21.83 -56.99 -116.36
C PHE T 165 -22.02 -57.40 -114.91
N LEU T 166 -22.74 -58.49 -114.71
CA LEU T 166 -23.07 -59.01 -113.39
C LEU T 166 -22.06 -60.07 -112.99
N LEU T 167 -21.52 -59.92 -111.79
CA LEU T 167 -20.57 -60.86 -111.20
C LEU T 167 -21.28 -61.65 -110.11
N LYS T 168 -21.14 -62.97 -110.15
CA LYS T 168 -21.78 -63.84 -109.16
C LYS T 168 -20.77 -64.86 -108.68
N LEU T 169 -20.44 -64.80 -107.40
CA LEU T 169 -19.55 -65.80 -106.79
C LEU T 169 -20.37 -66.71 -105.89
N THR T 170 -20.21 -68.02 -106.08
CA THR T 170 -20.98 -69.02 -105.37
C THR T 170 -20.06 -70.12 -104.88
N GLN T 171 -20.35 -70.63 -103.69
CA GLN T 171 -19.54 -71.70 -103.10
C GLN T 171 -20.21 -73.05 -103.34
N THR T 172 -19.38 -74.06 -103.58
CA THR T 172 -19.84 -75.43 -103.79
C THR T 172 -19.09 -76.33 -102.83
N THR T 173 -19.83 -77.09 -102.02
CA THR T 173 -19.20 -78.01 -101.09
C THR T 173 -18.82 -79.30 -101.82
N SER T 174 -17.99 -80.11 -101.14
CA SER T 174 -17.55 -81.37 -101.73
C SER T 174 -18.71 -82.34 -101.95
N LEU T 175 -19.71 -82.31 -101.06
CA LEU T 175 -20.85 -83.21 -101.20
C LEU T 175 -21.63 -82.93 -102.47
N GLY T 176 -21.85 -81.65 -102.78
CA GLY T 176 -22.59 -81.28 -103.98
C GLY T 176 -23.53 -80.12 -103.78
N VAL T 177 -23.59 -79.59 -102.56
CA VAL T 177 -24.46 -78.44 -102.29
C VAL T 177 -23.85 -77.20 -102.91
N VAL T 178 -24.64 -76.49 -103.71
CA VAL T 178 -24.21 -75.28 -104.41
C VAL T 178 -25.16 -74.15 -104.02
N THR T 179 -24.64 -73.14 -103.34
CA THR T 179 -25.41 -72.00 -102.92
C THR T 179 -24.73 -70.72 -103.39
N THR T 180 -25.53 -69.74 -103.79
CA THR T 180 -24.98 -68.45 -104.16
C THR T 180 -24.42 -67.75 -102.93
N LEU T 181 -23.39 -66.94 -103.13
CA LEU T 181 -22.69 -66.30 -102.03
C LEU T 181 -22.71 -64.78 -102.13
N GLU T 182 -22.41 -64.22 -103.29
CA GLU T 182 -22.50 -62.78 -103.46
C GLU T 182 -22.68 -62.44 -104.93
N THR T 183 -23.28 -61.27 -105.17
CA THR T 183 -23.55 -60.80 -106.52
C THR T 183 -23.35 -59.29 -106.59
N HIS T 184 -22.97 -58.81 -107.77
CA HIS T 184 -22.69 -57.40 -107.99
C HIS T 184 -22.94 -57.07 -109.45
N THR T 185 -23.03 -55.77 -109.74
CA THR T 185 -23.14 -55.26 -111.10
C THR T 185 -22.03 -54.23 -111.30
N VAL T 186 -20.99 -54.61 -112.03
CA VAL T 186 -19.80 -53.78 -112.15
C VAL T 186 -19.45 -53.60 -113.62
N SER T 187 -18.67 -52.55 -113.90
CA SER T 187 -18.24 -52.25 -115.25
C SER T 187 -16.83 -51.68 -115.21
N LEU T 188 -16.17 -51.74 -116.37
CA LEU T 188 -14.80 -51.25 -116.49
C LEU T 188 -14.72 -49.76 -116.78
N ALA T 189 -15.84 -49.09 -117.05
CA ALA T 189 -15.82 -47.66 -117.28
C ALA T 189 -15.50 -46.92 -115.99
N GLU T 190 -14.70 -45.86 -116.11
CA GLU T 190 -14.24 -45.13 -114.93
C GLU T 190 -15.33 -44.29 -114.28
N GLU T 191 -16.50 -44.14 -114.91
CA GLU T 191 -17.54 -43.27 -114.39
C GLU T 191 -18.93 -43.87 -114.44
N ALA T 192 -19.09 -45.09 -114.94
CA ALA T 192 -20.41 -45.68 -115.07
C ALA T 192 -21.04 -45.91 -113.70
N LYS T 193 -22.36 -45.81 -113.64
CA LYS T 193 -23.11 -46.00 -112.41
C LYS T 193 -24.13 -47.11 -112.59
N ASP T 194 -24.42 -47.81 -111.50
CA ASP T 194 -25.40 -48.89 -111.53
C ASP T 194 -26.82 -48.32 -111.43
N ASP T 195 -27.81 -49.20 -111.26
CA ASP T 195 -29.19 -48.75 -111.20
C ASP T 195 -29.45 -47.90 -109.97
N MET T 196 -28.89 -48.29 -108.81
CA MET T 196 -29.13 -47.56 -107.57
C MET T 196 -28.36 -46.24 -107.50
N GLY T 197 -27.43 -46.00 -108.42
CA GLY T 197 -26.70 -44.75 -108.45
C GLY T 197 -25.30 -44.81 -107.90
N ARG T 198 -24.90 -45.90 -107.26
CA ARG T 198 -23.56 -46.01 -106.73
C ARG T 198 -22.54 -46.19 -107.85
N LEU T 199 -21.28 -45.91 -107.53
CA LEU T 199 -20.21 -46.11 -108.50
C LEU T 199 -20.06 -47.60 -108.81
N CYS T 200 -19.86 -47.90 -110.09
CA CYS T 200 -19.77 -49.29 -110.55
C CYS T 200 -18.43 -49.62 -111.19
N TYR T 201 -17.44 -48.74 -111.08
CA TYR T 201 -16.10 -49.09 -111.51
C TYR T 201 -15.61 -50.31 -110.74
N LEU T 202 -14.98 -51.24 -111.46
CA LEU T 202 -14.69 -52.56 -110.88
C LEU T 202 -13.80 -52.49 -109.64
N PRO T 203 -12.61 -51.87 -109.67
CA PRO T 203 -11.75 -51.92 -108.48
C PRO T 203 -12.40 -51.31 -107.24
N THR T 204 -12.85 -50.05 -107.34
CA THR T 204 -13.43 -49.40 -106.18
C THR T 204 -14.71 -50.07 -105.72
N ALA T 205 -15.54 -50.54 -106.67
CA ALA T 205 -16.77 -51.22 -106.31
C ALA T 205 -16.49 -52.48 -105.51
N LEU T 206 -15.59 -53.33 -106.00
CA LEU T 206 -15.25 -54.54 -105.28
C LEU T 206 -14.59 -54.24 -103.95
N GLU T 207 -13.73 -53.23 -103.90
CA GLU T 207 -13.06 -52.89 -102.64
C GLU T 207 -14.04 -52.40 -101.59
N ALA T 208 -15.05 -51.63 -102.00
CA ALA T 208 -15.95 -51.01 -101.04
C ALA T 208 -17.10 -51.92 -100.65
N ARG T 209 -17.88 -52.40 -101.63
CA ARG T 209 -19.13 -53.07 -101.32
C ARG T 209 -18.99 -54.57 -101.17
N SER T 210 -17.82 -55.14 -101.40
CA SER T 210 -17.60 -56.58 -101.29
C SER T 210 -16.47 -56.85 -100.30
N LYS T 211 -16.71 -57.79 -99.39
CA LYS T 211 -15.72 -58.18 -98.40
C LYS T 211 -15.06 -59.51 -98.71
N TYR T 212 -15.26 -60.05 -99.91
CA TYR T 212 -14.68 -61.31 -100.33
C TYR T 212 -13.63 -61.17 -101.41
N LEU T 213 -13.87 -60.33 -102.42
CA LEU T 213 -13.02 -60.23 -103.58
C LEU T 213 -12.28 -58.89 -103.60
N ARG T 214 -11.22 -58.85 -104.39
CA ARG T 214 -10.54 -57.62 -104.76
C ARG T 214 -10.11 -57.76 -106.21
N ALA T 215 -9.86 -56.62 -106.85
CA ALA T 215 -9.51 -56.66 -108.26
C ALA T 215 -8.50 -55.57 -108.57
N VAL T 216 -7.74 -55.77 -109.64
CA VAL T 216 -6.83 -54.78 -110.19
C VAL T 216 -7.00 -54.75 -111.70
N VAL T 217 -6.62 -53.62 -112.30
CA VAL T 217 -6.81 -53.40 -113.72
C VAL T 217 -5.51 -52.90 -114.34
N ASN T 218 -5.40 -53.08 -115.65
CA ASN T 218 -4.27 -52.56 -116.42
C ASN T 218 -4.74 -51.31 -117.16
N GLU T 219 -4.12 -50.17 -116.85
CA GLU T 219 -4.59 -48.90 -117.41
C GLU T 219 -4.48 -48.87 -118.92
N GLU T 220 -3.38 -49.40 -119.47
CA GLU T 220 -3.15 -49.32 -120.91
C GLU T 220 -4.23 -50.07 -121.69
N LEU T 221 -4.60 -51.26 -121.22
CA LEU T 221 -5.52 -52.13 -121.95
C LEU T 221 -6.97 -52.00 -121.49
N ILE T 222 -7.24 -51.17 -120.48
CA ILE T 222 -8.59 -51.08 -119.95
C ILE T 222 -9.54 -50.38 -120.92
N SER T 223 -9.02 -49.58 -121.85
CA SER T 223 -9.87 -48.85 -122.77
C SER T 223 -10.54 -49.80 -123.77
N THR T 224 -9.75 -50.70 -124.36
CA THR T 224 -10.25 -51.60 -125.39
C THR T 224 -10.70 -52.94 -124.82
N ALA T 225 -10.66 -53.11 -123.50
CA ALA T 225 -11.01 -54.38 -122.89
C ALA T 225 -12.49 -54.69 -123.09
N LYS T 226 -12.78 -55.95 -123.40
CA LYS T 226 -14.14 -56.44 -123.53
C LYS T 226 -14.27 -57.76 -122.81
N VAL T 227 -15.45 -58.02 -122.26
CA VAL T 227 -15.70 -59.22 -121.47
C VAL T 227 -16.78 -60.04 -122.16
N THR T 228 -16.56 -61.35 -122.23
CA THR T 228 -17.53 -62.27 -122.79
C THR T 228 -18.41 -62.82 -121.67
N ASN T 229 -19.20 -63.85 -121.98
CA ASN T 229 -20.05 -64.51 -121.00
C ASN T 229 -19.38 -65.82 -120.56
N LYS T 230 -18.74 -65.79 -119.40
CA LYS T 230 -18.07 -66.96 -118.85
C LYS T 230 -18.91 -67.55 -117.72
N LYS T 231 -19.13 -68.86 -117.78
CA LYS T 231 -19.99 -69.55 -116.83
C LYS T 231 -19.18 -70.60 -116.07
N SER T 232 -19.31 -70.58 -114.75
CA SER T 232 -18.74 -71.60 -113.87
C SER T 232 -17.23 -71.70 -114.02
N LEU T 233 -16.56 -70.60 -113.65
CA LEU T 233 -15.11 -70.63 -113.52
C LEU T 233 -14.73 -71.33 -112.23
N ALA T 234 -13.43 -71.38 -111.94
CA ALA T 234 -12.95 -72.10 -110.76
C ALA T 234 -11.64 -71.51 -110.29
N PHE T 235 -11.63 -71.04 -109.04
CA PHE T 235 -10.37 -70.66 -108.42
C PHE T 235 -9.53 -71.91 -108.15
N THR T 236 -8.21 -71.77 -108.26
CA THR T 236 -7.34 -72.91 -108.03
C THR T 236 -5.97 -72.42 -107.60
N GLY T 237 -5.20 -73.32 -106.99
CA GLY T 237 -3.87 -73.03 -106.54
C GLY T 237 -3.76 -72.53 -105.11
N GLY T 238 -4.88 -72.20 -104.47
CA GLY T 238 -4.83 -71.72 -103.10
C GLY T 238 -4.34 -72.81 -102.16
N THR T 239 -3.57 -72.39 -101.15
CA THR T 239 -2.94 -73.35 -100.25
C THR T 239 -2.63 -72.64 -98.93
N ASN T 240 -3.17 -73.17 -97.83
CA ASN T 240 -2.89 -72.59 -96.52
C ASN T 240 -1.50 -72.95 -96.03
N GLY T 241 -0.83 -73.89 -96.66
CA GLY T 241 0.51 -74.27 -96.27
C GLY T 241 0.54 -75.09 -94.99
N ASP T 242 1.74 -75.25 -94.46
CA ASP T 242 1.93 -75.95 -93.19
C ASP T 242 1.82 -74.96 -92.04
N GLN T 243 0.85 -75.18 -91.17
CA GLN T 243 0.66 -74.31 -90.01
C GLN T 243 1.22 -74.90 -88.73
N SER T 244 1.88 -76.06 -88.81
CA SER T 244 2.47 -76.65 -87.61
C SER T 244 3.60 -75.78 -87.08
N LYS T 245 4.50 -75.33 -87.95
CA LYS T 245 5.62 -74.51 -87.57
C LYS T 245 5.50 -73.13 -88.20
N ILE T 246 5.77 -72.11 -87.41
CA ILE T 246 5.71 -70.72 -87.86
C ILE T 246 6.91 -69.98 -87.30
N SER T 247 7.63 -69.27 -88.17
CA SER T 247 8.79 -68.52 -87.74
C SER T 247 8.38 -67.40 -86.79
N THR T 248 9.30 -67.05 -85.88
CA THR T 248 9.02 -65.99 -84.92
C THR T 248 8.82 -64.64 -85.60
N ALA T 249 9.31 -64.48 -86.84
CA ALA T 249 9.10 -63.22 -87.55
C ALA T 249 7.63 -62.98 -87.82
N ALA T 250 6.89 -64.03 -88.19
CA ALA T 250 5.46 -63.88 -88.44
C ALA T 250 4.73 -63.45 -87.17
N TYR T 251 5.06 -64.07 -86.04
CA TYR T 251 4.42 -63.69 -84.79
C TYR T 251 4.76 -62.26 -84.40
N LEU T 252 6.01 -61.85 -84.61
CA LEU T 252 6.39 -60.47 -84.30
C LEU T 252 5.63 -59.49 -85.19
N ARG T 253 5.48 -59.80 -86.47
CA ARG T 253 4.72 -58.92 -87.35
C ARG T 253 3.26 -58.84 -86.91
N ALA T 254 2.68 -59.98 -86.54
CA ALA T 254 1.29 -59.97 -86.10
C ALA T 254 1.10 -59.14 -84.84
N VAL T 255 2.02 -59.28 -83.87
CA VAL T 255 1.84 -58.50 -82.65
C VAL T 255 2.09 -57.02 -82.90
N LYS T 256 2.99 -56.69 -83.82
CA LYS T 256 3.15 -55.28 -84.18
C LYS T 256 1.88 -54.71 -84.80
N VAL T 257 1.24 -55.47 -85.68
CA VAL T 257 -0.02 -55.02 -86.26
C VAL T 257 -1.07 -54.84 -85.17
N LEU T 258 -1.14 -55.77 -84.23
CA LEU T 258 -2.10 -55.66 -83.14
C LEU T 258 -1.82 -54.43 -82.29
N ASN T 259 -0.55 -54.10 -82.09
CA ASN T 259 -0.20 -52.88 -81.35
C ASN T 259 -0.69 -51.65 -82.09
N ASN T 260 -0.48 -51.60 -83.40
CA ASN T 260 -0.86 -50.44 -84.18
C ASN T 260 -2.34 -50.40 -84.53
N ALA T 261 -3.11 -51.41 -84.12
CA ALA T 261 -4.52 -51.44 -84.42
C ALA T 261 -5.22 -50.23 -83.80
N PRO T 262 -6.11 -49.56 -84.53
CA PRO T 262 -6.84 -48.40 -83.97
C PRO T 262 -8.17 -48.79 -83.34
N TYR T 263 -8.10 -49.60 -82.27
CA TYR T 263 -9.29 -50.03 -81.56
C TYR T 263 -9.04 -49.91 -80.07
N MET T 264 -10.06 -50.26 -79.29
CA MET T 264 -10.00 -50.20 -77.84
C MET T 264 -10.23 -51.58 -77.25
N TYR T 265 -9.31 -52.03 -76.40
CA TYR T 265 -9.50 -53.29 -75.71
C TYR T 265 -8.79 -53.23 -74.36
N THR T 266 -9.25 -54.07 -73.42
CA THR T 266 -8.75 -54.07 -72.07
C THR T 266 -8.22 -55.44 -71.64
N ALA T 267 -7.80 -56.27 -72.58
CA ALA T 267 -7.22 -57.56 -72.26
C ALA T 267 -6.48 -58.07 -73.48
N VAL T 268 -5.27 -58.58 -73.27
CA VAL T 268 -4.38 -58.89 -74.39
C VAL T 268 -4.12 -60.39 -74.46
N LEU T 269 -5.16 -61.18 -74.19
CA LEU T 269 -5.09 -62.63 -74.08
C LEU T 269 -4.07 -63.25 -75.02
N GLY T 270 -3.18 -64.06 -74.45
CA GLY T 270 -2.20 -64.79 -75.22
C GLY T 270 -2.76 -66.08 -75.77
N LEU T 271 -3.53 -65.99 -76.85
CA LEU T 271 -4.25 -67.14 -77.38
C LEU T 271 -3.27 -68.18 -77.90
N GLY T 272 -3.09 -69.25 -77.12
CA GLY T 272 -2.33 -70.42 -77.52
C GLY T 272 -1.07 -70.17 -78.31
N CYS T 273 -0.29 -69.18 -77.92
CA CYS T 273 0.97 -68.85 -78.60
C CYS T 273 2.09 -68.98 -77.58
N TYR T 274 2.81 -70.10 -77.62
CA TYR T 274 3.88 -70.37 -76.66
C TYR T 274 5.23 -70.04 -77.29
N ASP T 275 5.43 -68.73 -77.51
CA ASP T 275 6.70 -68.22 -78.01
C ASP T 275 7.17 -67.09 -77.11
N ASN T 276 8.42 -67.16 -76.68
CA ASN T 276 8.94 -66.20 -75.72
C ASN T 276 8.91 -64.79 -76.29
N ALA T 277 9.34 -64.61 -77.54
CA ALA T 277 9.36 -63.28 -78.13
C ALA T 277 7.96 -62.69 -78.24
N ALA T 278 7.00 -63.49 -78.69
CA ALA T 278 5.64 -62.99 -78.82
C ALA T 278 5.05 -62.65 -77.46
N ILE T 279 5.31 -63.48 -76.45
CA ILE T 279 4.78 -63.20 -75.12
C ILE T 279 5.39 -61.92 -74.56
N THR T 280 6.69 -61.72 -74.79
CA THR T 280 7.32 -60.46 -74.35
C THR T 280 6.70 -59.27 -75.06
N ALA T 281 6.44 -59.40 -76.36
CA ALA T 281 5.81 -58.29 -77.08
C ALA T 281 4.42 -57.98 -76.54
N LEU T 282 3.65 -59.02 -76.21
CA LEU T 282 2.32 -58.78 -75.65
C LEU T 282 2.41 -58.13 -74.27
N GLY T 283 3.42 -58.51 -73.49
CA GLY T 283 3.66 -57.81 -72.23
C GLY T 283 3.98 -56.34 -72.46
N LYS T 284 4.75 -56.05 -73.50
CA LYS T 284 4.99 -54.66 -73.88
C LYS T 284 3.69 -53.95 -74.20
N ILE T 285 2.79 -54.62 -74.91
CA ILE T 285 1.51 -54.00 -75.25
C ILE T 285 0.74 -53.65 -73.98
N CYS T 286 0.73 -54.57 -73.02
CA CYS T 286 0.12 -54.28 -71.73
C CYS T 286 0.75 -53.05 -71.08
N ALA T 287 2.08 -53.05 -70.97
CA ALA T 287 2.76 -51.96 -70.27
C ALA T 287 2.56 -50.63 -70.97
N ASP T 288 2.29 -50.66 -72.27
CA ASP T 288 2.12 -49.42 -73.02
C ASP T 288 0.69 -48.90 -72.90
N ARG T 289 -0.29 -49.76 -73.14
CA ARG T 289 -1.68 -49.32 -73.18
C ARG T 289 -2.35 -49.29 -71.82
N LEU T 290 -1.68 -49.76 -70.76
CA LEU T 290 -2.27 -49.84 -69.42
C LEU T 290 -3.51 -50.74 -69.41
N ILE T 291 -3.30 -52.01 -69.76
CA ILE T 291 -4.35 -53.02 -69.77
C ILE T 291 -3.84 -54.27 -69.07
N ASP T 292 -4.63 -55.33 -69.15
CA ASP T 292 -4.36 -56.58 -68.46
C ASP T 292 -4.01 -57.68 -69.45
N GLY T 293 -3.13 -58.58 -69.03
CA GLY T 293 -2.74 -59.70 -69.85
C GLY T 293 -2.85 -61.03 -69.12
N PHE T 294 -3.29 -62.07 -69.81
CA PHE T 294 -3.47 -63.39 -69.22
C PHE T 294 -2.76 -64.42 -70.10
N PHE T 295 -1.46 -64.60 -69.89
CA PHE T 295 -0.68 -65.55 -70.66
C PHE T 295 -0.55 -66.85 -69.90
N ASP T 296 -0.08 -67.89 -70.58
CA ASP T 296 -0.07 -69.19 -69.93
C ASP T 296 1.02 -70.04 -70.58
N VAL T 297 1.79 -70.74 -69.75
CA VAL T 297 2.94 -71.50 -70.20
C VAL T 297 2.47 -72.80 -70.85
N LYS T 298 3.38 -73.53 -71.48
CA LYS T 298 3.01 -74.76 -72.17
C LYS T 298 2.35 -75.71 -71.18
N PRO T 299 1.10 -76.10 -71.41
CA PRO T 299 0.41 -76.96 -70.44
C PRO T 299 0.71 -78.42 -70.65
N THR T 300 1.97 -78.76 -70.89
CA THR T 300 2.44 -80.13 -70.94
C THR T 300 3.74 -80.30 -70.18
N LEU T 301 4.14 -79.32 -69.39
CA LEU T 301 5.35 -79.38 -68.59
C LEU T 301 5.03 -79.88 -67.19
N THR T 302 5.96 -80.66 -66.64
CA THR T 302 5.80 -81.12 -65.28
C THR T 302 5.94 -79.96 -64.30
N TYR T 303 5.47 -80.18 -63.07
CA TYR T 303 5.53 -79.14 -62.05
C TYR T 303 6.96 -78.72 -61.76
N ALA T 304 7.93 -79.59 -62.03
CA ALA T 304 9.32 -79.25 -61.81
C ALA T 304 9.81 -78.25 -62.85
N GLU T 305 9.47 -78.46 -64.12
CA GLU T 305 9.93 -77.57 -65.19
C GLU T 305 9.03 -76.36 -65.37
N ALA T 306 7.87 -76.33 -64.73
CA ALA T 306 7.00 -75.17 -64.88
C ALA T 306 7.64 -73.91 -64.31
N LEU T 307 8.31 -74.02 -63.18
CA LEU T 307 8.89 -72.84 -62.53
C LEU T 307 9.97 -72.16 -63.36
N PRO T 308 10.98 -72.85 -63.92
CA PRO T 308 11.95 -72.14 -64.76
C PRO T 308 11.37 -71.59 -66.05
N ALA T 309 10.30 -72.21 -66.57
CA ALA T 309 9.69 -71.69 -67.80
C ALA T 309 9.05 -70.33 -67.57
N VAL T 310 8.54 -70.08 -66.37
CA VAL T 310 7.95 -68.77 -66.08
C VAL T 310 9.02 -67.69 -66.10
N GLU T 311 10.20 -67.99 -65.54
CA GLU T 311 11.31 -67.06 -65.66
C GLU T 311 11.75 -66.90 -67.11
N ASP T 312 11.74 -68.00 -67.87
CA ASP T 312 12.15 -67.96 -69.27
C ASP T 312 11.24 -67.03 -70.08
N THR T 313 9.93 -67.10 -69.84
CA THR T 313 8.99 -66.39 -70.70
C THR T 313 9.20 -64.88 -70.68
N GLY T 314 9.91 -64.35 -69.67
CA GLY T 314 10.48 -63.03 -69.76
C GLY T 314 9.77 -61.92 -69.03
N LEU T 315 8.54 -62.14 -68.56
CA LEU T 315 7.81 -61.06 -67.91
C LEU T 315 8.22 -60.84 -66.46
N LEU T 316 9.02 -61.72 -65.88
CA LEU T 316 9.38 -61.57 -64.47
C LEU T 316 10.28 -60.35 -64.30
N GLY T 317 9.73 -59.31 -63.69
CA GLY T 317 10.46 -58.09 -63.44
C GLY T 317 9.60 -57.07 -62.70
N THR T 318 9.80 -55.80 -63.02
CA THR T 318 9.01 -54.73 -62.43
C THR T 318 8.27 -53.90 -63.47
N ASP T 319 8.50 -54.12 -64.76
CA ASP T 319 7.82 -53.35 -65.78
C ASP T 319 6.41 -53.87 -66.04
N TYR T 320 6.24 -55.19 -66.06
CA TYR T 320 4.96 -55.81 -66.37
C TYR T 320 4.31 -56.20 -65.04
N VAL T 321 3.54 -55.28 -64.47
CA VAL T 321 2.92 -55.50 -63.16
C VAL T 321 1.47 -55.91 -63.27
N SER T 322 0.94 -56.09 -64.48
CA SER T 322 -0.46 -56.42 -64.65
C SER T 322 -0.69 -57.71 -65.45
N CYS T 323 0.36 -58.43 -65.77
CA CYS T 323 0.25 -59.62 -66.61
C CYS T 323 0.37 -60.88 -65.76
N SER T 324 -0.63 -61.75 -65.85
CA SER T 324 -0.67 -62.99 -65.09
C SER T 324 -0.23 -64.16 -65.97
N VAL T 325 0.37 -65.17 -65.35
CA VAL T 325 0.86 -66.35 -66.03
C VAL T 325 0.19 -67.58 -65.41
N TYR T 326 -0.37 -68.44 -66.25
CA TYR T 326 -1.09 -69.61 -65.79
C TYR T 326 -0.44 -70.89 -66.29
N HIS T 327 -0.95 -72.01 -65.79
CA HIS T 327 -0.41 -73.34 -66.12
C HIS T 327 -1.48 -74.36 -65.76
N TYR T 328 -1.91 -75.14 -66.75
CA TYR T 328 -3.02 -76.08 -66.58
C TYR T 328 -2.62 -77.44 -67.15
N PRO T 329 -1.86 -78.23 -66.39
CA PRO T 329 -1.43 -79.56 -66.88
C PRO T 329 -2.50 -80.63 -66.66
N PHE T 330 -3.56 -80.57 -67.47
CA PHE T 330 -4.64 -81.54 -67.38
C PHE T 330 -5.14 -81.85 -68.78
N SER T 331 -5.75 -83.01 -68.92
CA SER T 331 -6.35 -83.44 -70.17
C SER T 331 -7.85 -83.18 -70.15
N CYS T 332 -8.46 -83.23 -71.33
CA CYS T 332 -9.88 -82.96 -71.44
C CYS T 332 -10.42 -83.60 -72.71
N LYS T 333 -11.73 -83.73 -72.77
CA LYS T 333 -12.42 -84.28 -73.94
C LYS T 333 -12.98 -83.13 -74.75
N ASP T 334 -12.60 -83.07 -76.02
CA ASP T 334 -12.96 -81.92 -76.85
C ASP T 334 -14.45 -81.88 -77.14
N LYS T 335 -14.95 -80.66 -77.33
CA LYS T 335 -16.38 -80.46 -77.53
C LYS T 335 -16.82 -80.88 -78.93
N TRP T 336 -15.98 -80.64 -79.94
CA TRP T 336 -16.38 -80.87 -81.32
C TRP T 336 -15.96 -82.24 -81.84
N THR T 337 -14.66 -82.52 -81.82
CA THR T 337 -14.15 -83.74 -82.45
C THR T 337 -14.23 -84.96 -81.55
N GLN T 338 -14.53 -84.79 -80.26
CA GLN T 338 -14.63 -85.90 -79.31
C GLN T 338 -13.34 -86.71 -79.26
N SER T 339 -12.27 -86.05 -78.77
CA SER T 339 -10.96 -86.68 -78.66
C SER T 339 -10.28 -86.17 -77.41
N ARG T 340 -9.06 -86.67 -77.16
CA ARG T 340 -8.28 -86.30 -76.00
C ARG T 340 -7.33 -85.18 -76.39
N VAL T 341 -7.59 -83.97 -75.90
CA VAL T 341 -6.79 -82.80 -76.23
C VAL T 341 -6.41 -82.07 -74.95
N VAL T 342 -5.34 -81.27 -75.04
CA VAL T 342 -4.90 -80.42 -73.95
C VAL T 342 -4.68 -79.02 -74.49
N PHE T 343 -5.18 -78.01 -73.78
CA PHE T 343 -4.94 -76.63 -74.14
C PHE T 343 -4.89 -75.79 -72.88
N GLY T 344 -4.78 -74.47 -73.05
CA GLY T 344 -4.41 -73.57 -71.98
C GLY T 344 -5.59 -73.08 -71.17
N LEU T 345 -5.32 -72.01 -70.40
CA LEU T 345 -6.28 -71.47 -69.46
C LEU T 345 -6.52 -69.97 -69.64
N SER T 346 -5.96 -69.36 -70.68
CA SER T 346 -6.12 -67.93 -70.88
C SER T 346 -7.58 -67.55 -71.09
N GLY T 347 -8.30 -68.34 -71.88
CA GLY T 347 -9.71 -68.06 -72.12
C GLY T 347 -10.53 -68.09 -70.86
N VAL T 348 -10.32 -69.10 -70.02
CA VAL T 348 -11.08 -69.19 -68.78
C VAL T 348 -10.69 -68.08 -67.81
N ALA T 349 -9.41 -67.71 -67.78
CA ALA T 349 -9.01 -66.60 -66.93
C ALA T 349 -9.70 -65.31 -67.35
N TYR T 350 -9.76 -65.05 -68.66
CA TYR T 350 -10.45 -63.85 -69.10
C TYR T 350 -11.95 -63.93 -68.85
N ALA T 351 -12.54 -65.13 -68.97
CA ALA T 351 -13.95 -65.26 -68.66
C ALA T 351 -14.22 -64.93 -67.19
N ALA T 352 -13.32 -65.37 -66.30
CA ALA T 352 -13.45 -65.01 -64.90
C ALA T 352 -13.34 -63.50 -64.71
N LYS T 353 -12.39 -62.87 -65.38
CA LYS T 353 -12.24 -61.42 -65.24
C LYS T 353 -13.47 -60.69 -65.74
N ALA T 354 -14.06 -61.15 -66.84
CA ALA T 354 -15.26 -60.50 -67.37
C ALA T 354 -16.45 -60.70 -66.45
N ARG T 355 -16.61 -61.90 -65.89
CA ARG T 355 -17.66 -62.12 -64.91
C ARG T 355 -17.50 -61.19 -63.74
N GLY T 356 -16.26 -60.96 -63.31
CA GLY T 356 -16.02 -60.02 -62.23
C GLY T 356 -16.35 -58.59 -62.62
N VAL T 357 -15.98 -58.18 -63.83
CA VAL T 357 -16.17 -56.80 -64.23
C VAL T 357 -17.62 -56.49 -64.56
N LYS T 358 -18.46 -57.49 -64.78
CA LYS T 358 -19.86 -57.26 -65.08
C LYS T 358 -20.74 -57.21 -63.84
N LYS T 359 -20.17 -57.27 -62.64
CA LYS T 359 -20.99 -57.25 -61.42
C LYS T 359 -21.57 -55.87 -61.19
N ASN T 360 -20.72 -54.86 -61.04
CA ASN T 360 -21.17 -53.49 -60.88
C ASN T 360 -21.57 -52.92 -62.24
N SER T 361 -22.62 -52.11 -62.25
CA SER T 361 -23.15 -51.55 -63.49
C SER T 361 -22.75 -50.10 -63.73
N ASP T 362 -22.55 -49.32 -62.66
CA ASP T 362 -22.22 -47.91 -62.84
C ASP T 362 -20.81 -47.75 -63.38
N VAL T 363 -19.81 -48.17 -62.61
CA VAL T 363 -18.42 -48.09 -63.03
C VAL T 363 -17.81 -49.45 -63.35
N GLY T 364 -18.52 -50.53 -63.07
CA GLY T 364 -17.98 -51.85 -63.34
C GLY T 364 -17.07 -52.29 -62.21
N GLY T 365 -17.19 -53.53 -61.79
CA GLY T 365 -16.38 -54.00 -60.69
C GLY T 365 -15.03 -54.50 -61.12
N TRP T 366 -14.01 -53.66 -61.01
CA TRP T 366 -12.65 -54.04 -61.33
C TRP T 366 -11.90 -54.60 -60.13
N HIS T 367 -12.49 -54.54 -58.94
CA HIS T 367 -11.82 -54.98 -57.73
C HIS T 367 -12.05 -56.44 -57.40
N TYR T 368 -12.77 -57.18 -58.25
CA TYR T 368 -13.00 -58.59 -58.02
C TYR T 368 -11.85 -59.39 -58.62
N SER T 369 -11.22 -60.22 -57.81
CA SER T 369 -10.12 -61.04 -58.29
C SER T 369 -10.64 -62.10 -59.25
N PRO T 370 -9.87 -62.47 -60.26
CA PRO T 370 -10.27 -63.52 -61.21
C PRO T 370 -10.04 -64.93 -60.70
N ALA T 371 -10.53 -65.20 -59.49
CA ALA T 371 -10.40 -66.53 -58.90
C ALA T 371 -11.48 -66.70 -57.86
N GLY T 372 -11.72 -67.94 -57.49
CA GLY T 372 -12.70 -68.26 -56.48
C GLY T 372 -13.56 -69.42 -56.92
N GLU T 373 -14.68 -69.62 -56.24
CA GLU T 373 -15.59 -70.71 -56.53
C GLU T 373 -16.88 -70.24 -57.19
N GLU T 374 -17.12 -68.93 -57.26
CA GLU T 374 -18.33 -68.40 -57.88
C GLU T 374 -18.05 -67.61 -59.15
N ARG T 375 -16.79 -67.44 -59.53
CA ARG T 375 -16.46 -66.64 -60.69
C ARG T 375 -15.39 -67.23 -61.59
N ALA T 376 -14.82 -68.39 -61.26
CA ALA T 376 -13.71 -68.91 -62.03
C ALA T 376 -13.81 -70.42 -62.24
N VAL T 377 -15.03 -70.97 -62.26
CA VAL T 377 -15.17 -72.39 -62.47
C VAL T 377 -14.72 -72.75 -63.89
N ILE T 378 -14.16 -73.95 -64.03
CA ILE T 378 -13.66 -74.43 -65.32
C ILE T 378 -14.62 -75.49 -65.82
N ALA T 379 -15.18 -75.27 -67.00
CA ALA T 379 -16.15 -76.18 -67.61
C ALA T 379 -15.46 -76.97 -68.70
N ARG T 380 -15.21 -78.25 -68.44
CA ARG T 380 -14.62 -79.14 -69.42
C ARG T 380 -15.40 -80.46 -69.37
N ALA T 381 -14.86 -81.48 -70.04
CA ALA T 381 -15.50 -82.79 -70.10
C ALA T 381 -14.47 -83.86 -69.76
N SER T 382 -14.73 -84.61 -68.69
CA SER T 382 -13.91 -85.75 -68.30
C SER T 382 -12.46 -85.34 -68.09
N ILE T 383 -12.26 -84.40 -67.17
CA ILE T 383 -10.91 -83.94 -66.85
C ILE T 383 -10.13 -85.08 -66.23
N GLN T 384 -9.02 -85.46 -66.86
CA GLN T 384 -8.17 -86.55 -66.40
C GLN T 384 -6.76 -86.02 -66.23
N PRO T 385 -6.22 -85.99 -65.01
CA PRO T 385 -4.91 -85.36 -64.81
C PRO T 385 -3.81 -86.01 -65.64
N LEU T 386 -2.89 -85.18 -66.12
CA LEU T 386 -1.81 -85.67 -66.96
C LEU T 386 -0.76 -86.43 -66.14
N TYR T 387 -0.42 -85.91 -64.96
CA TYR T 387 0.61 -86.49 -64.11
C TYR T 387 0.03 -86.72 -62.72
N PRO T 388 -0.80 -87.76 -62.55
CA PRO T 388 -1.35 -88.03 -61.22
C PRO T 388 -0.32 -88.36 -60.16
N GLU T 389 0.88 -88.82 -60.53
CA GLU T 389 1.87 -89.19 -59.53
C GLU T 389 2.58 -87.99 -58.92
N ASP T 390 2.46 -86.81 -59.51
CA ASP T 390 3.18 -85.64 -59.02
C ASP T 390 2.29 -84.84 -58.07
N THR T 391 2.85 -83.75 -57.52
CA THR T 391 2.14 -82.92 -56.56
C THR T 391 2.62 -81.49 -56.71
N PRO T 392 1.75 -80.51 -56.50
CA PRO T 392 2.15 -79.11 -56.59
C PRO T 392 3.21 -78.76 -55.55
N ASP T 393 3.76 -77.56 -55.70
CA ASP T 393 4.86 -77.02 -54.90
C ASP T 393 4.48 -75.67 -54.32
N GLU T 394 3.31 -75.62 -53.67
CA GLU T 394 2.64 -74.36 -53.32
C GLU T 394 3.57 -73.21 -52.96
N GLU T 395 4.51 -73.44 -52.04
CA GLU T 395 5.41 -72.37 -51.63
C GLU T 395 6.29 -71.91 -52.79
N ALA T 396 6.87 -72.85 -53.52
CA ALA T 396 7.71 -72.50 -54.66
C ALA T 396 6.89 -71.79 -55.72
N MET T 397 5.66 -72.26 -55.96
CA MET T 397 4.80 -71.61 -56.95
C MET T 397 4.50 -70.17 -56.56
N VAL T 398 4.17 -69.93 -55.30
CA VAL T 398 3.85 -68.57 -54.87
C VAL T 398 5.07 -67.68 -54.96
N LYS T 399 6.25 -68.22 -54.63
CA LYS T 399 7.45 -67.41 -54.75
C LYS T 399 7.79 -67.13 -56.21
N GLY T 400 7.48 -68.06 -57.11
CA GLY T 400 7.74 -67.90 -58.52
C GLY T 400 6.63 -67.27 -59.32
N ARG T 401 5.55 -66.83 -58.66
CA ARG T 401 4.46 -66.10 -59.32
C ARG T 401 3.81 -66.95 -60.41
N LEU T 402 3.21 -68.06 -59.99
CA LEU T 402 2.53 -68.98 -60.91
C LEU T 402 1.20 -69.37 -60.28
N ASN T 403 0.10 -68.94 -60.91
CA ASN T 403 -1.22 -69.31 -60.40
C ASN T 403 -1.47 -70.79 -60.63
N LYS T 404 -2.14 -71.41 -59.67
CA LYS T 404 -2.35 -72.85 -59.68
C LYS T 404 -3.83 -73.18 -59.62
N VAL T 405 -4.19 -74.29 -60.24
CA VAL T 405 -5.57 -74.78 -60.21
C VAL T 405 -5.73 -75.70 -59.00
N SER T 406 -6.98 -75.95 -58.64
CA SER T 406 -7.29 -76.82 -57.51
C SER T 406 -8.67 -77.42 -57.72
N VAL T 407 -9.18 -78.08 -56.70
CA VAL T 407 -10.52 -78.64 -56.71
C VAL T 407 -11.29 -78.01 -55.57
N GLY T 408 -12.23 -77.14 -55.91
CA GLY T 408 -13.04 -76.46 -54.91
C GLY T 408 -14.17 -77.35 -54.44
N THR T 409 -15.15 -76.71 -53.79
CA THR T 409 -16.32 -77.45 -53.33
C THR T 409 -17.13 -77.96 -54.51
N SER T 410 -17.84 -79.07 -54.27
CA SER T 410 -18.72 -79.73 -55.24
C SER T 410 -17.92 -80.46 -56.32
N GLY T 411 -16.61 -80.28 -56.35
CA GLY T 411 -15.76 -81.08 -57.21
C GLY T 411 -15.44 -80.52 -58.58
N GLN T 412 -15.79 -79.27 -58.87
CA GLN T 412 -15.38 -78.65 -60.12
C GLN T 412 -14.05 -77.93 -59.94
N MET T 413 -13.16 -78.09 -60.91
CA MET T 413 -11.87 -77.41 -60.88
C MET T 413 -12.07 -75.91 -60.93
N ILE T 414 -11.24 -75.19 -60.17
CA ILE T 414 -11.29 -73.74 -60.13
C ILE T 414 -9.88 -73.18 -60.19
N ILE T 415 -9.79 -71.89 -60.47
CA ILE T 415 -8.53 -71.15 -60.34
C ILE T 415 -8.47 -70.59 -58.93
N ASP T 416 -7.33 -70.80 -58.26
CA ASP T 416 -7.22 -70.47 -56.85
C ASP T 416 -6.03 -69.58 -56.56
N ASP T 417 -5.75 -68.61 -57.44
CA ASP T 417 -4.75 -67.60 -57.15
C ASP T 417 -4.98 -66.39 -58.04
N ALA T 418 -4.46 -65.25 -57.59
CA ALA T 418 -4.59 -63.99 -58.30
C ALA T 418 -3.27 -63.24 -58.26
N LEU T 419 -2.18 -63.95 -58.53
CA LEU T 419 -0.85 -63.38 -58.45
C LEU T 419 -0.36 -62.95 -59.83
N THR T 420 0.22 -61.75 -59.90
CA THR T 420 0.72 -61.20 -61.13
C THR T 420 2.20 -61.58 -61.31
N CYS T 421 2.86 -60.93 -62.25
CA CYS T 421 4.27 -61.20 -62.53
C CYS T 421 5.21 -60.29 -61.78
N CYS T 422 4.71 -59.39 -60.96
CA CYS T 422 5.58 -58.51 -60.19
C CYS T 422 6.37 -59.32 -59.16
N THR T 423 7.65 -59.01 -59.04
CA THR T 423 8.51 -59.71 -58.09
C THR T 423 8.55 -59.03 -56.73
N GLN T 424 8.39 -57.71 -56.69
CA GLN T 424 8.42 -56.99 -55.42
C GLN T 424 7.26 -57.44 -54.54
N ASP T 425 7.53 -57.55 -53.24
CA ASP T 425 6.52 -58.01 -52.29
C ASP T 425 5.82 -56.80 -51.67
N ASN T 426 4.85 -56.29 -52.40
CA ASN T 426 4.03 -55.18 -51.94
C ASN T 426 2.60 -55.42 -52.44
N TYR T 427 1.77 -54.38 -52.39
CA TYR T 427 0.39 -54.52 -52.82
C TYR T 427 0.26 -54.76 -54.31
N LEU T 428 1.33 -54.59 -55.08
CA LEU T 428 1.21 -54.63 -56.54
C LEU T 428 1.18 -56.03 -57.11
N HIS T 429 1.54 -57.06 -56.34
CA HIS T 429 1.57 -58.39 -56.92
C HIS T 429 0.21 -59.08 -56.90
N PHE T 430 -0.76 -58.55 -56.18
CA PHE T 430 -2.12 -59.06 -56.30
C PHE T 430 -2.72 -58.61 -57.63
N GLN T 431 -3.72 -59.35 -58.09
CA GLN T 431 -4.23 -59.10 -59.43
C GLN T 431 -5.14 -57.88 -59.50
N HIS T 432 -5.99 -57.68 -58.50
CA HIS T 432 -7.04 -56.68 -58.65
C HIS T 432 -6.51 -55.26 -58.52
N VAL T 433 -5.45 -55.05 -57.73
CA VAL T 433 -4.95 -53.69 -57.52
C VAL T 433 -4.46 -53.04 -58.80
N PRO T 434 -3.58 -53.67 -59.61
CA PRO T 434 -3.18 -53.03 -60.87
C PRO T 434 -4.34 -52.77 -61.80
N SER T 435 -5.33 -53.66 -61.85
CA SER T 435 -6.46 -53.44 -62.75
C SER T 435 -7.25 -52.21 -62.34
N LEU T 436 -7.53 -52.05 -61.06
CA LEU T 436 -8.26 -50.89 -60.57
C LEU T 436 -7.47 -49.60 -60.83
N MET T 437 -6.17 -49.62 -60.51
CA MET T 437 -5.36 -48.44 -60.72
C MET T 437 -5.29 -48.08 -62.20
N ASN T 438 -5.21 -49.09 -63.08
CA ASN T 438 -5.15 -48.81 -64.50
C ASN T 438 -6.48 -48.27 -65.02
N ALA T 439 -7.61 -48.74 -64.49
CA ALA T 439 -8.88 -48.15 -64.88
C ALA T 439 -8.92 -46.67 -64.51
N ILE T 440 -8.49 -46.33 -63.30
CA ILE T 440 -8.48 -44.93 -62.90
C ILE T 440 -7.54 -44.12 -63.80
N SER T 441 -6.38 -44.68 -64.11
CA SER T 441 -5.42 -43.96 -64.95
C SER T 441 -5.96 -43.72 -66.35
N ARG T 442 -6.64 -44.71 -66.94
CA ARG T 442 -7.21 -44.53 -68.26
C ARG T 442 -8.28 -43.44 -68.25
N PHE T 443 -9.13 -43.43 -67.22
CA PHE T 443 -10.10 -42.34 -67.13
C PHE T 443 -9.41 -40.98 -67.00
N PHE T 444 -8.33 -40.92 -66.22
CA PHE T 444 -7.60 -39.66 -66.10
C PHE T 444 -7.04 -39.20 -67.43
N VAL T 445 -6.47 -40.13 -68.19
CA VAL T 445 -5.91 -39.76 -69.48
C VAL T 445 -7.00 -39.18 -70.38
N GLN T 446 -8.17 -39.82 -70.39
CA GLN T 446 -9.27 -39.28 -71.19
C GLN T 446 -9.62 -37.86 -70.75
N LEU T 447 -9.77 -37.66 -69.45
CA LEU T 447 -10.19 -36.35 -68.95
C LEU T 447 -9.17 -35.27 -69.27
N ALA T 448 -7.90 -35.55 -69.02
CA ALA T 448 -6.86 -34.56 -69.28
C ALA T 448 -6.72 -34.27 -70.77
N ARG T 449 -6.84 -35.30 -71.61
CA ARG T 449 -6.79 -35.05 -73.04
C ARG T 449 -7.92 -34.15 -73.48
N GLN T 450 -9.12 -34.35 -72.93
CA GLN T 450 -10.22 -33.45 -73.28
C GLN T 450 -10.00 -32.04 -72.75
N MET T 451 -9.33 -31.91 -71.61
CA MET T 451 -9.25 -30.63 -70.92
C MET T 451 -7.92 -29.90 -71.16
N LYS T 452 -7.07 -30.41 -72.04
CA LYS T 452 -5.81 -29.74 -72.34
C LYS T 452 -6.05 -28.39 -73.02
N HIS T 453 -5.08 -27.49 -72.82
CA HIS T 453 -5.00 -26.19 -73.49
C HIS T 453 -6.03 -25.17 -73.01
N SER T 454 -6.53 -25.31 -71.80
CA SER T 454 -7.47 -24.36 -71.24
C SER T 454 -6.79 -23.46 -70.22
N PRO T 455 -7.33 -22.27 -69.96
CA PRO T 455 -6.76 -21.42 -68.93
C PRO T 455 -6.91 -22.05 -67.55
N ASP T 456 -6.05 -21.59 -66.62
CA ASP T 456 -5.94 -22.25 -65.33
C ASP T 456 -7.25 -22.15 -64.55
N GLY T 457 -7.98 -21.04 -64.68
CA GLY T 457 -9.21 -20.89 -63.93
C GLY T 457 -10.22 -21.98 -64.23
N ILE T 458 -10.42 -22.29 -65.50
CA ILE T 458 -11.28 -23.40 -65.88
C ILE T 458 -10.62 -24.72 -65.54
N THR T 459 -9.31 -24.84 -65.77
CA THR T 459 -8.63 -26.12 -65.69
C THR T 459 -8.66 -26.68 -64.27
N ALA T 460 -8.33 -25.86 -63.28
CA ALA T 460 -8.26 -26.35 -61.91
C ALA T 460 -9.62 -26.86 -61.44
N ALA T 461 -10.66 -26.04 -61.63
CA ALA T 461 -11.99 -26.43 -61.19
C ALA T 461 -12.48 -27.67 -61.91
N GLY T 462 -12.25 -27.74 -63.23
CA GLY T 462 -12.70 -28.90 -63.97
C GLY T 462 -12.01 -30.17 -63.55
N LEU T 463 -10.67 -30.12 -63.41
CA LEU T 463 -9.94 -31.31 -62.99
C LEU T 463 -10.38 -31.78 -61.61
N THR T 464 -10.50 -30.84 -60.67
CA THR T 464 -10.92 -31.22 -59.32
C THR T 464 -12.31 -31.83 -59.34
N LYS T 465 -13.24 -31.23 -60.08
CA LYS T 465 -14.61 -31.75 -60.10
C LYS T 465 -14.65 -33.14 -60.72
N GLY T 466 -13.99 -33.33 -61.87
CA GLY T 466 -14.03 -34.63 -62.52
C GLY T 466 -13.41 -35.73 -61.68
N MET T 467 -12.22 -35.47 -61.13
CA MET T 467 -11.58 -36.49 -60.32
C MET T 467 -12.36 -36.78 -59.04
N THR T 468 -12.88 -35.75 -58.38
CA THR T 468 -13.66 -35.99 -57.18
C THR T 468 -14.88 -36.83 -57.49
N LYS T 469 -15.58 -36.53 -58.59
CA LYS T 469 -16.75 -37.32 -58.94
C LYS T 469 -16.38 -38.77 -59.23
N LEU T 470 -15.30 -38.99 -59.99
CA LEU T 470 -14.94 -40.36 -60.33
C LEU T 470 -14.55 -41.16 -59.09
N LEU T 471 -13.73 -40.57 -58.22
CA LEU T 471 -13.31 -41.31 -57.04
C LEU T 471 -14.46 -41.52 -56.06
N ASP T 472 -15.40 -40.59 -55.99
CA ASP T 472 -16.59 -40.82 -55.18
C ASP T 472 -17.41 -41.97 -55.74
N ARG T 473 -17.52 -42.06 -57.07
CA ARG T 473 -18.21 -43.19 -57.67
C ARG T 473 -17.53 -44.50 -57.31
N PHE T 474 -16.20 -44.53 -57.35
CA PHE T 474 -15.49 -45.76 -56.99
C PHE T 474 -15.69 -46.13 -55.53
N VAL T 475 -15.62 -45.14 -54.63
CA VAL T 475 -15.80 -45.44 -53.21
C VAL T 475 -17.21 -45.95 -52.95
N ALA T 476 -18.21 -45.35 -53.59
CA ALA T 476 -19.57 -45.84 -53.44
C ALA T 476 -19.72 -47.25 -54.00
N SER T 477 -18.99 -47.55 -55.08
CA SER T 477 -18.97 -48.91 -55.60
C SER T 477 -18.41 -49.89 -54.58
N GLY T 478 -17.34 -49.48 -53.88
CA GLY T 478 -16.76 -50.30 -52.85
C GLY T 478 -15.35 -50.78 -53.12
N ALA T 479 -14.67 -50.24 -54.12
CA ALA T 479 -13.31 -50.65 -54.44
C ALA T 479 -12.26 -49.98 -53.56
N LEU T 480 -12.63 -48.94 -52.82
CA LEU T 480 -11.72 -48.27 -51.90
C LEU T 480 -12.33 -48.25 -50.50
N VAL T 481 -11.48 -48.43 -49.49
CA VAL T 481 -11.92 -48.50 -48.11
C VAL T 481 -11.02 -47.60 -47.27
N ALA T 482 -11.41 -47.39 -46.02
CA ALA T 482 -10.65 -46.56 -45.11
C ALA T 482 -9.25 -47.14 -44.90
N PRO T 483 -8.26 -46.29 -44.65
CA PRO T 483 -6.89 -46.80 -44.52
C PRO T 483 -6.75 -47.74 -43.33
N ARG T 484 -5.77 -48.63 -43.42
CA ARG T 484 -5.58 -49.64 -42.39
C ARG T 484 -5.24 -49.01 -41.05
N ASP T 485 -4.38 -47.99 -41.04
CA ASP T 485 -3.97 -47.34 -39.80
C ASP T 485 -4.46 -45.90 -39.81
N PRO T 486 -5.61 -45.61 -39.22
CA PRO T 486 -6.19 -44.26 -39.25
C PRO T 486 -5.59 -43.32 -38.20
N ASP T 487 -4.27 -43.33 -38.10
CA ASP T 487 -3.54 -42.47 -37.18
C ASP T 487 -2.58 -41.54 -37.89
N ALA T 488 -1.85 -42.04 -38.89
CA ALA T 488 -0.89 -41.24 -39.63
C ALA T 488 -1.46 -40.75 -40.96
N ASP T 489 -1.92 -41.66 -41.81
CA ASP T 489 -2.41 -41.30 -43.13
C ASP T 489 -3.91 -41.06 -43.14
N GLY T 490 -4.38 -40.18 -42.25
CA GLY T 490 -5.75 -39.74 -42.21
C GLY T 490 -6.77 -40.87 -42.11
N THR T 491 -7.99 -40.54 -42.50
CA THR T 491 -9.08 -41.53 -42.49
C THR T 491 -9.95 -41.43 -43.73
N GLU T 492 -9.45 -40.87 -44.82
CA GLU T 492 -10.27 -40.83 -46.03
C GLU T 492 -9.78 -41.86 -47.04
N PRO T 493 -10.70 -42.48 -47.78
CA PRO T 493 -10.26 -43.51 -48.75
C PRO T 493 -9.30 -42.99 -49.79
N TYR T 494 -9.49 -41.76 -50.24
CA TYR T 494 -8.67 -41.16 -51.29
C TYR T 494 -8.30 -39.72 -50.91
N VAL T 495 -7.10 -39.32 -51.31
CA VAL T 495 -6.61 -37.97 -51.12
C VAL T 495 -6.22 -37.42 -52.47
N LEU T 496 -6.73 -36.24 -52.80
CA LEU T 496 -6.53 -35.60 -54.10
C LEU T 496 -5.74 -34.32 -53.92
N LYS T 497 -4.88 -34.03 -54.90
CA LYS T 497 -4.12 -32.78 -54.88
C LYS T 497 -3.81 -32.37 -56.30
N VAL T 498 -4.43 -31.27 -56.74
CA VAL T 498 -4.19 -30.68 -58.05
C VAL T 498 -3.42 -29.40 -57.85
N THR T 499 -2.25 -29.29 -58.49
CA THR T 499 -1.36 -28.17 -58.23
C THR T 499 -0.75 -27.68 -59.53
N GLN T 500 -0.16 -26.50 -59.46
CA GLN T 500 0.58 -25.92 -60.58
C GLN T 500 2.05 -25.88 -60.21
N ALA T 501 2.89 -26.41 -61.09
CA ALA T 501 4.32 -26.45 -60.84
C ALA T 501 5.09 -25.30 -61.49
N GLU T 502 4.79 -25.00 -62.75
CA GLU T 502 5.28 -23.80 -63.42
C GLU T 502 4.11 -23.22 -64.20
N PHE T 503 4.42 -22.38 -65.19
CA PHE T 503 3.38 -21.78 -66.02
C PHE T 503 2.41 -22.83 -66.55
N ASP T 504 2.93 -23.93 -67.10
CA ASP T 504 2.05 -25.00 -67.59
C ASP T 504 2.67 -26.35 -67.20
N LYS T 505 2.36 -26.80 -65.99
CA LYS T 505 2.79 -28.12 -65.54
C LYS T 505 1.75 -28.74 -64.62
N TRP T 506 0.46 -28.48 -64.89
CA TRP T 506 -0.61 -28.94 -64.00
C TRP T 506 -0.42 -30.38 -63.58
N GLU T 507 -0.19 -30.61 -62.30
CA GLU T 507 0.17 -31.91 -61.75
C GLU T 507 -0.92 -32.40 -60.83
N VAL T 508 -1.40 -33.61 -61.07
CA VAL T 508 -2.48 -34.21 -60.29
C VAL T 508 -1.91 -35.43 -59.57
N VAL T 509 -2.07 -35.46 -58.25
CA VAL T 509 -1.61 -36.58 -57.43
C VAL T 509 -2.80 -37.09 -56.63
N TRP T 510 -3.15 -38.36 -56.85
CA TRP T 510 -4.24 -38.99 -56.13
C TRP T 510 -3.72 -40.25 -55.46
N ALA T 511 -4.05 -40.41 -54.18
CA ALA T 511 -3.65 -41.57 -53.40
C ALA T 511 -4.90 -42.29 -52.92
N CYS T 512 -4.99 -43.59 -53.20
CA CYS T 512 -6.17 -44.37 -52.88
C CYS T 512 -5.80 -45.55 -52.01
N CYS T 513 -6.74 -45.99 -51.17
CA CYS T 513 -6.51 -47.20 -50.39
C CYS T 513 -7.34 -48.33 -50.97
N PRO T 514 -6.74 -49.30 -51.66
CA PRO T 514 -7.53 -50.36 -52.29
C PRO T 514 -8.05 -51.36 -51.28
N THR T 515 -9.07 -52.11 -51.70
CA THR T 515 -9.67 -53.11 -50.84
C THR T 515 -8.72 -54.29 -50.64
N GLY T 516 -9.01 -55.08 -49.62
CA GLY T 516 -8.20 -56.23 -49.30
C GLY T 516 -8.89 -57.52 -49.69
N VAL T 517 -8.26 -58.27 -50.60
CA VAL T 517 -8.75 -59.59 -50.94
C VAL T 517 -8.66 -60.50 -49.72
N ALA T 518 -9.46 -61.56 -49.73
CA ALA T 518 -9.48 -62.53 -48.64
C ALA T 518 -8.91 -63.84 -49.19
N ARG T 519 -7.59 -63.97 -49.12
CA ARG T 519 -6.91 -65.14 -49.66
C ARG T 519 -6.63 -66.20 -48.60
N ARG T 520 -6.23 -65.79 -47.39
CA ARG T 520 -5.93 -66.70 -46.30
C ARG T 520 -6.88 -66.41 -45.15
N ILE T 521 -7.60 -67.43 -44.71
CA ILE T 521 -8.56 -67.31 -43.61
C ILE T 521 -8.17 -68.32 -42.54
N GLN T 522 -8.02 -67.84 -41.31
CA GLN T 522 -7.59 -68.68 -40.20
C GLN T 522 -8.56 -68.54 -39.04
N GLY T 523 -8.94 -69.67 -38.45
CA GLY T 523 -9.82 -69.69 -37.30
C GLY T 523 -9.10 -70.22 -36.07
N VAL T 524 -9.27 -69.55 -34.95
CA VAL T 524 -8.63 -69.91 -33.69
C VAL T 524 -9.72 -70.12 -32.65
N PRO T 525 -10.15 -71.36 -32.43
CA PRO T 525 -11.16 -71.62 -31.39
C PRO T 525 -10.56 -71.42 -30.02
N LEU T 526 -11.44 -71.08 -29.07
CA LEU T 526 -11.03 -70.84 -27.69
C LEU T 526 -12.05 -71.47 -26.75
N LEU T 527 -11.62 -71.67 -25.50
CA LEU T 527 -12.50 -72.13 -24.44
C LEU T 527 -12.46 -71.14 -23.29
N ILE T 528 -13.62 -70.87 -22.70
CA ILE T 528 -13.77 -69.88 -21.65
C ILE T 528 -13.99 -70.60 -20.33
N LYS T 529 -13.18 -70.28 -19.33
CA LYS T 529 -13.31 -70.85 -18.01
C LYS T 529 -14.63 -70.43 -17.37
N SER U 2 -5.73 -85.70 -48.55
CA SER U 2 -6.77 -85.71 -49.58
C SER U 2 -7.73 -84.54 -49.37
N GLN U 3 -8.98 -84.74 -49.79
CA GLN U 3 -10.01 -83.75 -49.56
C GLN U 3 -10.59 -83.93 -48.15
N TYR U 4 -11.40 -82.95 -47.74
CA TYR U 4 -12.01 -82.90 -46.42
C TYR U 4 -10.99 -82.80 -45.30
N SER U 5 -9.70 -82.80 -45.65
CA SER U 5 -8.67 -82.65 -44.65
C SER U 5 -8.56 -81.19 -44.21
N ILE U 6 -8.10 -81.00 -42.97
CA ILE U 6 -7.97 -79.67 -42.38
C ILE U 6 -6.52 -79.47 -41.98
N GLN U 7 -5.91 -78.39 -42.47
CA GLN U 7 -4.55 -78.07 -42.09
C GLN U 7 -4.56 -77.12 -40.90
N GLN U 8 -3.37 -76.83 -40.38
CA GLN U 8 -3.23 -76.00 -39.19
C GLN U 8 -2.23 -74.86 -39.33
N SER U 9 -1.30 -74.92 -40.28
CA SER U 9 -0.25 -73.91 -40.36
C SER U 9 -0.67 -72.71 -41.19
N LEU U 10 -0.97 -72.94 -42.48
CA LEU U 10 -1.41 -71.88 -43.40
C LEU U 10 -0.36 -70.76 -43.49
N GLY U 11 0.78 -71.13 -44.06
CA GLY U 11 1.86 -70.18 -44.25
C GLY U 11 2.08 -69.74 -45.69
N ASN U 12 1.73 -68.49 -45.98
CA ASN U 12 2.05 -67.85 -47.27
C ASN U 12 1.50 -68.63 -48.45
N ALA U 13 0.28 -69.14 -48.32
CA ALA U 13 -0.38 -69.84 -49.42
C ALA U 13 -1.88 -69.77 -49.21
N SER U 14 -2.62 -69.70 -50.31
CA SER U 14 -4.07 -69.63 -50.22
C SER U 14 -4.62 -70.90 -49.60
N GLY U 15 -5.66 -70.75 -48.79
CA GLY U 15 -6.29 -71.89 -48.16
C GLY U 15 -6.98 -71.46 -46.87
N VAL U 16 -7.52 -72.45 -46.17
CA VAL U 16 -8.19 -72.24 -44.90
C VAL U 16 -7.64 -73.25 -43.89
N ALA U 17 -7.55 -72.83 -42.64
CA ALA U 17 -6.99 -73.68 -41.61
C ALA U 17 -7.52 -73.24 -40.25
N VAL U 18 -7.72 -74.22 -39.37
CA VAL U 18 -8.16 -73.97 -38.01
C VAL U 18 -7.08 -74.44 -37.05
N SER U 19 -6.81 -73.64 -36.03
CA SER U 19 -5.79 -73.96 -35.07
C SER U 19 -6.31 -74.98 -34.06
N PRO U 20 -5.43 -75.79 -33.47
CA PRO U 20 -5.88 -76.72 -32.44
C PRO U 20 -6.42 -75.98 -31.24
N ILE U 21 -7.38 -76.61 -30.55
CA ILE U 21 -8.10 -75.96 -29.46
C ILE U 21 -7.12 -75.54 -28.39
N ASN U 22 -7.29 -74.32 -27.88
CA ASN U 22 -6.32 -73.77 -26.93
C ASN U 22 -6.50 -74.40 -25.55
N ALA U 23 -7.65 -74.15 -24.92
CA ALA U 23 -8.01 -74.80 -23.66
C ALA U 23 -6.90 -74.69 -22.62
N ASP U 24 -6.33 -73.50 -22.49
CA ASP U 24 -5.29 -73.26 -21.49
C ASP U 24 -5.73 -72.37 -20.34
N ALA U 25 -6.81 -71.61 -20.53
CA ALA U 25 -7.35 -70.78 -19.46
C ALA U 25 -8.35 -71.53 -18.59
N THR U 26 -8.56 -72.82 -18.86
CA THR U 26 -9.52 -73.63 -18.14
C THR U 26 -8.84 -74.83 -17.51
N LEU U 27 -7.60 -74.65 -17.06
CA LEU U 27 -6.85 -75.77 -16.50
C LEU U 27 -7.22 -75.96 -15.03
N SER U 28 -7.78 -77.12 -14.72
CA SER U 28 -8.13 -77.51 -13.36
C SER U 28 -7.08 -78.47 -12.83
N THR U 29 -7.32 -78.99 -11.64
CA THR U 29 -6.43 -79.97 -11.03
C THR U 29 -7.26 -80.99 -10.26
N GLY U 30 -7.10 -82.26 -10.59
CA GLY U 30 -7.82 -83.31 -9.90
C GLY U 30 -6.94 -84.06 -8.91
N VAL U 31 -7.11 -83.78 -7.63
CA VAL U 31 -6.30 -84.43 -6.60
C VAL U 31 -7.21 -85.22 -5.67
N ALA U 32 -8.47 -84.80 -5.55
CA ALA U 32 -9.44 -85.45 -4.68
C ALA U 32 -8.94 -85.49 -3.24
N LEU U 33 -8.86 -84.28 -2.65
CA LEU U 33 -8.28 -84.13 -1.33
C LEU U 33 -9.06 -84.92 -0.27
N ASN U 34 -10.38 -85.05 -0.45
CA ASN U 34 -11.19 -85.71 0.56
C ASN U 34 -11.12 -87.23 0.44
N SER U 35 -9.91 -87.78 0.41
CA SER U 35 -9.71 -89.22 0.34
C SER U 35 -8.51 -89.59 1.19
N SER U 36 -8.67 -90.62 2.02
CA SER U 36 -7.63 -91.04 2.94
C SER U 36 -7.49 -92.56 2.91
N LEU U 37 -6.25 -93.03 2.84
CA LEU U 37 -5.94 -94.45 2.90
C LEU U 37 -4.80 -94.67 3.89
N TRP U 38 -4.77 -95.85 4.50
CA TRP U 38 -3.81 -96.16 5.55
C TRP U 38 -2.87 -97.26 5.08
N ALA U 39 -1.59 -97.11 5.39
CA ALA U 39 -0.58 -98.08 5.00
C ALA U 39 0.16 -98.57 6.24
N GLY U 40 0.39 -99.87 6.30
CA GLY U 40 1.06 -100.43 7.47
C GLY U 40 1.75 -101.74 7.18
N ILE U 41 2.68 -102.09 8.06
CA ILE U 41 3.35 -103.37 8.00
C ILE U 41 2.83 -104.24 9.12
N GLY U 42 3.05 -105.55 9.00
CA GLY U 42 2.59 -106.44 10.04
C GLY U 42 3.00 -107.87 9.78
N VAL U 43 2.60 -108.74 10.70
CA VAL U 43 2.82 -110.17 10.61
C VAL U 43 1.46 -110.85 10.60
N PHE U 44 1.22 -111.67 9.58
CA PHE U 44 -0.08 -112.31 9.44
C PHE U 44 0.07 -113.79 9.14
N ALA U 45 -1.04 -114.44 8.79
CA ALA U 45 -1.04 -115.87 8.49
C ALA U 45 -0.95 -116.17 7.00
N ARG U 46 -1.63 -115.40 6.16
CA ARG U 46 -1.64 -115.64 4.72
C ARG U 46 -1.41 -114.33 3.98
N GLY U 47 -0.63 -114.39 2.92
CA GLY U 47 -0.30 -113.23 2.11
C GLY U 47 1.07 -113.37 1.50
N LYS U 48 1.30 -112.62 0.43
CA LYS U 48 2.58 -112.66 -0.25
C LYS U 48 3.60 -111.81 0.50
N PRO U 49 4.71 -112.40 0.96
CA PRO U 49 5.65 -111.63 1.78
C PRO U 49 6.38 -110.57 0.99
N PHE U 50 6.67 -109.46 1.66
CA PHE U 50 7.48 -108.37 1.11
C PHE U 50 6.88 -107.81 -0.18
N THR U 51 5.55 -107.78 -0.24
CA THR U 51 4.86 -107.23 -1.41
C THR U 51 3.65 -106.45 -0.91
N VAL U 52 3.40 -105.29 -1.51
CA VAL U 52 2.28 -104.45 -1.09
C VAL U 52 0.98 -105.14 -1.47
N LEU U 53 0.07 -105.23 -0.51
CA LEU U 53 -1.27 -105.77 -0.75
C LEU U 53 -2.29 -104.64 -0.71
N ALA U 54 -3.56 -105.02 -0.85
CA ALA U 54 -4.66 -104.08 -0.76
C ALA U 54 -5.80 -104.76 -0.03
N VAL U 55 -6.24 -104.17 1.08
CA VAL U 55 -7.30 -104.73 1.90
C VAL U 55 -8.48 -103.78 1.88
N THR U 56 -9.66 -104.32 1.60
CA THR U 56 -10.92 -103.60 1.64
C THR U 56 -11.81 -104.21 2.71
N GLU U 57 -13.03 -103.68 2.84
CA GLU U 57 -13.95 -104.15 3.85
C GLU U 57 -14.53 -105.53 3.53
N SER U 58 -14.32 -106.05 2.33
CA SER U 58 -14.99 -107.27 1.91
C SER U 58 -14.07 -108.39 1.50
N ASN U 59 -12.75 -108.23 1.63
CA ASN U 59 -11.84 -109.31 1.26
C ASN U 59 -10.72 -109.56 2.24
N TYR U 60 -10.54 -108.74 3.27
CA TYR U 60 -9.39 -108.89 4.17
C TYR U 60 -9.34 -110.28 4.78
N GLU U 61 -10.51 -110.87 5.06
CA GLU U 61 -10.55 -112.18 5.70
C GLU U 61 -9.83 -113.23 4.86
N ASP U 62 -10.02 -113.20 3.54
CA ASP U 62 -9.42 -114.21 2.70
C ASP U 62 -8.05 -113.81 2.15
N VAL U 63 -7.86 -112.53 1.80
CA VAL U 63 -6.55 -112.13 1.29
C VAL U 63 -5.50 -112.20 2.39
N LEU U 64 -5.87 -111.84 3.61
CA LEU U 64 -4.91 -111.78 4.71
C LEU U 64 -5.00 -112.99 5.64
N GLY U 65 -5.85 -113.96 5.32
CA GLY U 65 -5.97 -115.16 6.12
C GLY U 65 -6.89 -114.98 7.31
N GLU U 66 -7.26 -116.11 7.90
CA GLU U 66 -8.11 -116.10 9.07
C GLU U 66 -7.35 -115.52 10.26
N PRO U 67 -8.05 -114.92 11.23
CA PRO U 67 -7.36 -114.34 12.38
C PRO U 67 -6.58 -115.38 13.17
N LEU U 68 -5.46 -114.94 13.73
CA LEU U 68 -4.59 -115.84 14.50
C LEU U 68 -5.18 -116.06 15.89
N LYS U 69 -4.42 -116.70 16.76
CA LYS U 69 -4.86 -117.02 18.11
C LYS U 69 -3.98 -116.32 19.12
N PRO U 70 -4.56 -115.65 20.13
CA PRO U 70 -3.73 -114.97 21.13
C PRO U 70 -2.81 -115.90 21.90
N SER U 71 -3.23 -117.14 22.14
CA SER U 71 -2.39 -118.07 22.88
C SER U 71 -1.14 -118.47 22.10
N SER U 72 -1.12 -118.26 20.78
CA SER U 72 0.05 -118.60 19.99
C SER U 72 1.24 -117.74 20.38
N GLY U 73 1.02 -116.45 20.61
CA GLY U 73 2.10 -115.54 20.96
C GLY U 73 1.69 -114.09 20.83
N SER U 74 2.59 -113.26 20.30
CA SER U 74 2.33 -111.84 20.13
C SER U 74 1.96 -111.48 18.70
N GLN U 75 1.63 -112.47 17.88
CA GLN U 75 1.31 -112.24 16.47
C GLN U 75 -0.16 -111.91 16.24
N PHE U 76 -0.97 -111.85 17.29
CA PHE U 76 -2.40 -111.61 17.16
C PHE U 76 -2.74 -110.12 17.09
N GLU U 77 -1.74 -109.24 17.18
CA GLU U 77 -2.05 -107.81 17.23
C GLU U 77 -2.41 -107.22 15.88
N PRO U 78 -1.61 -107.39 14.82
CA PRO U 78 -1.88 -106.65 13.57
C PRO U 78 -3.22 -106.97 12.93
N ILE U 79 -3.71 -108.20 13.06
CA ILE U 79 -5.00 -108.52 12.48
C ILE U 79 -6.11 -107.72 13.15
N ARG U 80 -6.05 -107.62 14.48
CA ARG U 80 -7.06 -106.83 15.20
C ARG U 80 -6.93 -105.35 14.86
N HIS U 81 -5.69 -104.85 14.73
CA HIS U 81 -5.52 -103.45 14.32
C HIS U 81 -6.13 -103.21 12.95
N VAL U 82 -5.90 -104.14 12.00
CA VAL U 82 -6.49 -104.02 10.67
C VAL U 82 -8.01 -104.03 10.76
N TYR U 83 -8.57 -104.93 11.58
CA TYR U 83 -10.02 -105.01 11.68
C TYR U 83 -10.61 -103.72 12.23
N GLU U 84 -9.95 -103.12 13.21
CA GLU U 84 -10.45 -101.87 13.77
C GLU U 84 -10.24 -100.68 12.84
N ALA U 85 -9.25 -100.74 11.95
CA ALA U 85 -8.99 -99.61 11.06
C ALA U 85 -9.78 -99.68 9.76
N ILE U 86 -10.10 -100.89 9.29
CA ILE U 86 -10.82 -101.06 8.03
C ILE U 86 -12.21 -100.44 8.08
N GLN U 87 -12.80 -100.36 9.28
CA GLN U 87 -14.16 -99.88 9.48
C GLN U 87 -14.51 -98.68 8.61
N GLN U 88 -13.52 -97.81 8.36
CA GLN U 88 -13.75 -96.58 7.60
C GLN U 88 -13.33 -96.70 6.14
N THR U 89 -12.07 -97.03 5.89
CA THR U 89 -11.54 -96.97 4.53
C THR U 89 -10.59 -98.14 4.29
N SER U 90 -10.39 -98.45 3.01
CA SER U 90 -9.48 -99.50 2.61
C SER U 90 -8.04 -99.04 2.78
N GLY U 91 -7.09 -99.95 2.57
CA GLY U 91 -5.71 -99.60 2.79
C GLY U 91 -4.74 -100.60 2.21
N TYR U 92 -3.45 -100.38 2.51
CA TYR U 92 -2.37 -101.20 2.00
C TYR U 92 -1.51 -101.74 3.14
N VAL U 93 -1.21 -103.03 3.09
CA VAL U 93 -0.43 -103.68 4.13
C VAL U 93 0.76 -104.38 3.49
N VAL U 94 1.77 -104.63 4.32
CA VAL U 94 2.96 -105.36 3.91
C VAL U 94 3.23 -106.43 4.96
N ARG U 95 3.26 -107.69 4.55
CA ARG U 95 3.50 -108.80 5.46
C ARG U 95 4.98 -109.11 5.51
N ALA U 96 5.52 -109.26 6.72
CA ALA U 96 6.90 -109.63 6.94
C ALA U 96 6.95 -111.00 7.60
N VAL U 97 7.78 -111.88 7.06
CA VAL U 97 7.84 -113.27 7.52
C VAL U 97 9.18 -113.54 8.18
N PRO U 98 9.28 -114.53 9.06
CA PRO U 98 10.58 -114.87 9.65
C PRO U 98 11.52 -115.48 8.63
N ASP U 99 12.71 -115.88 9.09
CA ASP U 99 13.74 -116.34 8.15
C ASP U 99 13.43 -117.71 7.59
N ASP U 100 12.95 -118.63 8.42
CA ASP U 100 12.83 -120.03 8.03
C ASP U 100 11.48 -120.39 7.42
N ALA U 101 10.69 -119.40 7.00
CA ALA U 101 9.42 -119.70 6.35
C ALA U 101 9.66 -120.28 4.97
N LYS U 102 8.97 -121.37 4.66
CA LYS U 102 9.16 -122.08 3.40
C LYS U 102 7.82 -122.33 2.73
N PHE U 103 7.84 -122.29 1.40
CA PHE U 103 6.67 -122.55 0.58
C PHE U 103 6.88 -123.82 -0.24
N PRO U 104 5.81 -124.52 -0.57
CA PRO U 104 5.93 -125.81 -1.27
C PRO U 104 6.24 -125.62 -2.75
N ILE U 105 6.78 -126.69 -3.35
CA ILE U 105 7.16 -126.72 -4.75
C ILE U 105 6.94 -128.13 -5.27
N ILE U 106 6.33 -128.26 -6.44
CA ILE U 106 6.14 -129.54 -7.11
C ILE U 106 6.91 -129.50 -8.43
N MET U 107 7.87 -130.39 -8.57
CA MET U 107 8.72 -130.45 -9.76
C MET U 107 8.41 -131.70 -10.55
N PHE U 108 8.23 -131.55 -11.86
CA PHE U 108 7.89 -132.68 -12.72
C PHE U 108 9.12 -133.16 -13.46
N ASP U 109 8.91 -134.10 -14.38
CA ASP U 109 9.98 -134.67 -15.19
C ASP U 109 9.43 -135.02 -16.56
N GLU U 110 10.28 -135.61 -17.41
CA GLU U 110 9.86 -135.97 -18.75
C GLU U 110 8.76 -137.01 -18.73
N SER U 111 8.91 -138.05 -17.91
CA SER U 111 7.89 -139.09 -17.84
C SER U 111 6.60 -138.56 -17.24
N GLY U 112 6.71 -137.67 -16.25
CA GLY U 112 5.55 -137.12 -15.57
C GLY U 112 5.42 -137.49 -14.10
N GLU U 113 6.40 -138.17 -13.51
CA GLU U 113 6.31 -138.54 -12.11
C GLU U 113 6.68 -137.33 -11.25
N PRO U 114 5.77 -136.84 -10.42
CA PRO U 114 6.04 -135.61 -9.66
C PRO U 114 6.96 -135.87 -8.47
N ALA U 115 7.60 -134.80 -8.02
CA ALA U 115 8.37 -134.80 -6.79
C ALA U 115 8.05 -133.52 -6.03
N TYR U 116 8.21 -133.57 -4.71
CA TYR U 116 7.84 -132.46 -3.85
C TYR U 116 9.07 -131.93 -3.13
N SER U 117 9.02 -130.65 -2.77
CA SER U 117 10.08 -130.02 -1.98
C SER U 117 9.53 -128.74 -1.39
N ALA U 118 10.37 -128.05 -0.61
CA ALA U 118 10.00 -126.77 -0.03
C ALA U 118 11.19 -125.83 -0.11
N LEU U 119 10.93 -124.56 -0.36
CA LEU U 119 12.00 -123.58 -0.48
C LEU U 119 11.70 -122.34 0.35
N PRO U 120 12.72 -121.72 0.95
CA PRO U 120 12.49 -120.50 1.72
C PRO U 120 11.99 -119.36 0.85
N TYR U 121 11.23 -118.46 1.47
CA TYR U 121 10.62 -117.36 0.75
C TYR U 121 11.68 -116.42 0.18
N GLY U 122 11.34 -115.79 -0.94
CA GLY U 122 12.24 -114.85 -1.58
C GLY U 122 13.38 -115.46 -2.35
N SER U 123 13.32 -116.76 -2.65
CA SER U 123 14.39 -117.44 -3.37
C SER U 123 13.83 -118.04 -4.65
N GLU U 124 14.59 -117.92 -5.73
CA GLU U 124 14.21 -118.53 -6.99
C GLU U 124 14.53 -120.01 -6.97
N ILE U 125 14.24 -120.69 -8.08
CA ILE U 125 14.29 -122.15 -8.15
C ILE U 125 15.31 -122.53 -9.21
N GLU U 126 16.18 -123.47 -8.87
CA GLU U 126 17.11 -124.07 -9.83
C GLU U 126 16.60 -125.45 -10.18
N LEU U 127 16.53 -125.74 -11.47
CA LEU U 127 15.96 -127.00 -11.95
C LEU U 127 17.07 -128.01 -12.18
N ASP U 128 16.83 -129.24 -11.72
CA ASP U 128 17.77 -130.32 -11.96
C ASP U 128 17.69 -130.75 -13.43
N SER U 129 18.62 -131.63 -13.82
CA SER U 129 18.70 -132.05 -15.22
C SER U 129 17.42 -132.74 -15.66
N GLY U 130 16.88 -133.62 -14.81
CA GLY U 130 15.69 -134.36 -15.17
C GLY U 130 14.38 -133.64 -14.97
N GLU U 131 14.41 -132.40 -14.49
CA GLU U 131 13.19 -131.65 -14.19
C GLU U 131 12.73 -130.88 -15.42
N ALA U 132 11.45 -131.00 -15.76
CA ALA U 132 10.89 -130.30 -16.88
C ALA U 132 10.32 -128.94 -16.47
N PHE U 133 9.47 -128.92 -15.46
CA PHE U 133 8.89 -127.67 -15.00
C PHE U 133 8.43 -127.81 -13.57
N ALA U 134 8.39 -126.68 -12.87
CA ALA U 134 8.05 -126.63 -11.46
C ALA U 134 6.90 -125.66 -11.24
N ILE U 135 5.99 -126.03 -10.33
CA ILE U 135 4.85 -125.21 -9.96
C ILE U 135 4.91 -124.98 -8.46
N TYR U 136 4.70 -123.73 -8.05
CA TYR U 136 4.69 -123.40 -6.63
C TYR U 136 3.59 -122.38 -6.36
N VAL U 137 3.34 -122.14 -5.08
CA VAL U 137 2.23 -121.30 -4.62
C VAL U 137 2.81 -119.98 -4.12
N ASP U 138 2.26 -118.88 -4.60
CA ASP U 138 2.69 -117.55 -4.19
C ASP U 138 1.62 -116.80 -3.40
N ASP U 139 0.58 -117.49 -2.94
CA ASP U 139 -0.37 -116.85 -2.03
C ASP U 139 0.21 -116.63 -0.65
N GLY U 140 1.30 -117.33 -0.31
CA GLY U 140 1.90 -117.22 1.00
C GLY U 140 1.45 -118.28 1.98
N ASP U 141 0.33 -118.92 1.74
CA ASP U 141 -0.18 -119.95 2.66
C ASP U 141 0.80 -121.11 2.69
N PRO U 142 1.11 -121.66 3.87
CA PRO U 142 2.01 -122.81 3.95
C PRO U 142 1.36 -124.15 3.64
N CYS U 143 0.10 -124.15 3.21
CA CYS U 143 -0.58 -125.36 2.74
C CYS U 143 -0.56 -126.47 3.80
N ILE U 144 -0.85 -126.11 5.05
CA ILE U 144 -0.93 -127.07 6.13
C ILE U 144 -2.37 -127.25 6.61
N SER U 145 -3.14 -126.16 6.66
CA SER U 145 -4.56 -126.24 6.96
C SER U 145 -5.27 -125.00 6.43
N PRO U 146 -6.15 -125.13 5.44
CA PRO U 146 -6.55 -126.35 4.75
C PRO U 146 -5.53 -126.80 3.72
N THR U 147 -5.49 -128.09 3.39
CA THR U 147 -4.56 -128.57 2.38
C THR U 147 -5.01 -128.12 1.00
N ARG U 148 -4.06 -128.09 0.06
CA ARG U 148 -4.33 -127.68 -1.31
C ARG U 148 -3.83 -128.76 -2.25
N GLU U 149 -4.68 -129.14 -3.21
CA GLU U 149 -4.38 -130.23 -4.13
C GLU U 149 -4.45 -129.72 -5.56
N LEU U 150 -3.51 -130.21 -6.38
CA LEU U 150 -3.39 -129.82 -7.77
C LEU U 150 -3.63 -131.03 -8.66
N THR U 151 -4.44 -130.86 -9.70
CA THR U 151 -4.84 -131.94 -10.57
C THR U 151 -4.61 -131.55 -12.02
N ILE U 152 -4.09 -132.50 -12.79
CA ILE U 152 -3.81 -132.33 -14.21
C ILE U 152 -4.74 -133.26 -14.98
N GLU U 153 -5.46 -132.70 -15.96
CA GLU U 153 -6.40 -133.47 -16.76
C GLU U 153 -6.09 -133.26 -18.24
N THR U 154 -6.16 -134.33 -19.02
CA THR U 154 -5.92 -134.22 -20.44
C THR U 154 -7.10 -133.54 -21.13
N ALA U 155 -6.81 -132.84 -22.22
CA ALA U 155 -7.83 -132.09 -22.95
C ALA U 155 -7.55 -132.16 -24.44
N THR U 156 -8.45 -131.56 -25.22
CA THR U 156 -8.33 -131.56 -26.67
C THR U 156 -7.24 -130.59 -27.12
N ALA U 157 -6.49 -131.00 -28.13
CA ALA U 157 -5.45 -130.15 -28.68
C ALA U 157 -6.06 -128.96 -29.43
N ASP U 158 -5.23 -127.95 -29.67
CA ASP U 158 -5.69 -126.75 -30.34
C ASP U 158 -5.75 -126.99 -31.85
N SER U 159 -6.11 -125.94 -32.59
CA SER U 159 -6.18 -126.04 -34.05
C SER U 159 -4.79 -126.30 -34.65
N ALA U 160 -3.77 -125.63 -34.12
CA ALA U 160 -2.41 -125.83 -34.63
C ALA U 160 -1.94 -127.26 -34.39
N GLY U 161 -2.21 -127.81 -33.21
CA GLY U 161 -1.82 -129.18 -32.90
C GLY U 161 -1.19 -129.36 -31.55
N ASN U 162 -0.85 -128.25 -30.88
CA ASN U 162 -0.22 -128.32 -29.57
C ASN U 162 -1.19 -128.90 -28.55
N GLU U 163 -0.65 -129.63 -27.57
CA GLU U 163 -1.47 -130.31 -26.57
C GLU U 163 -1.64 -129.39 -25.37
N ARG U 164 -2.90 -129.07 -25.06
CA ARG U 164 -3.24 -128.23 -23.91
C ARG U 164 -3.91 -129.10 -22.85
N PHE U 165 -3.44 -128.98 -21.61
CA PHE U 165 -4.01 -129.73 -20.50
C PHE U 165 -4.65 -128.77 -19.51
N LEU U 166 -5.62 -129.28 -18.76
CA LEU U 166 -6.39 -128.52 -17.80
C LEU U 166 -5.78 -128.68 -16.42
N LEU U 167 -5.55 -127.55 -15.76
CA LEU U 167 -5.02 -127.52 -14.40
C LEU U 167 -6.14 -127.11 -13.45
N LYS U 168 -6.29 -127.85 -12.35
CA LYS U 168 -7.35 -127.57 -11.38
C LYS U 168 -6.78 -127.65 -9.98
N LEU U 169 -6.81 -126.54 -9.26
CA LEU U 169 -6.42 -126.53 -7.86
C LEU U 169 -7.69 -126.45 -7.01
N THR U 170 -7.77 -127.34 -6.02
CA THR U 170 -8.90 -127.41 -5.10
C THR U 170 -8.39 -127.48 -3.67
N GLN U 171 -9.07 -126.82 -2.76
CA GLN U 171 -8.71 -126.82 -1.35
C GLN U 171 -9.57 -127.81 -0.59
N THR U 172 -8.95 -128.51 0.36
CA THR U 172 -9.64 -129.47 1.20
C THR U 172 -9.39 -129.12 2.65
N THR U 173 -10.45 -128.93 3.42
CA THR U 173 -10.31 -128.63 4.83
C THR U 173 -10.07 -129.91 5.62
N SER U 174 -9.66 -129.73 6.88
CA SER U 174 -9.38 -130.89 7.73
C SER U 174 -10.64 -131.69 8.02
N LEU U 175 -11.80 -131.03 8.10
CA LEU U 175 -13.04 -131.73 8.37
C LEU U 175 -13.38 -132.70 7.24
N GLY U 176 -13.22 -132.26 6.00
CA GLY U 176 -13.52 -133.12 4.86
C GLY U 176 -14.19 -132.39 3.71
N VAL U 177 -14.44 -131.09 3.88
CA VAL U 177 -15.05 -130.30 2.82
C VAL U 177 -14.04 -130.07 1.72
N VAL U 178 -14.41 -130.41 0.49
CA VAL U 178 -13.55 -130.27 -0.67
C VAL U 178 -14.27 -129.39 -1.70
N THR U 179 -13.72 -128.22 -1.96
CA THR U 179 -14.29 -127.30 -2.94
C THR U 179 -13.22 -126.91 -3.94
N THR U 180 -13.63 -126.76 -5.21
CA THR U 180 -12.70 -126.30 -6.23
C THR U 180 -12.30 -124.86 -5.96
N LEU U 181 -11.09 -124.51 -6.39
CA LEU U 181 -10.57 -123.17 -6.15
C LEU U 181 -10.25 -122.42 -7.44
N GLU U 182 -9.55 -123.05 -8.37
CA GLU U 182 -9.27 -122.38 -9.64
C GLU U 182 -9.00 -123.42 -10.72
N THR U 183 -9.23 -123.02 -11.97
CA THR U 183 -9.04 -123.89 -13.12
C THR U 183 -8.46 -123.07 -14.27
N HIS U 184 -7.69 -123.76 -15.12
CA HIS U 184 -7.03 -123.13 -16.25
C HIS U 184 -6.81 -124.17 -17.34
N THR U 185 -6.54 -123.69 -18.55
CA THR U 185 -6.16 -124.53 -19.68
C THR U 185 -4.84 -124.02 -20.23
N VAL U 186 -3.76 -124.75 -19.95
CA VAL U 186 -2.42 -124.29 -20.27
C VAL U 186 -1.68 -125.37 -21.03
N SER U 187 -0.64 -124.94 -21.74
CA SER U 187 0.19 -125.86 -22.51
C SER U 187 1.63 -125.39 -22.48
N LEU U 188 2.54 -126.32 -22.80
CA LEU U 188 3.97 -126.04 -22.79
C LEU U 188 4.47 -125.43 -24.09
N ALA U 189 3.64 -125.38 -25.13
CA ALA U 189 4.06 -124.76 -26.38
C ALA U 189 4.20 -123.26 -26.21
N GLU U 190 5.21 -122.69 -26.84
CA GLU U 190 5.52 -121.27 -26.69
C GLU U 190 4.52 -120.36 -27.39
N GLU U 191 3.62 -120.91 -28.21
CA GLU U 191 2.72 -120.07 -28.99
C GLU U 191 1.28 -120.57 -29.00
N ALA U 192 0.98 -121.68 -28.34
CA ALA U 192 -0.37 -122.24 -28.36
C ALA U 192 -1.36 -121.29 -27.70
N LYS U 193 -2.59 -121.31 -28.21
CA LYS U 193 -3.66 -120.46 -27.69
C LYS U 193 -4.83 -121.32 -27.23
N ASP U 194 -5.53 -120.83 -26.22
CA ASP U 194 -6.70 -121.53 -25.70
C ASP U 194 -7.92 -121.25 -26.58
N ASP U 195 -9.09 -121.71 -26.13
CA ASP U 195 -10.31 -121.51 -26.91
C ASP U 195 -10.67 -120.03 -27.06
N MET U 196 -10.52 -119.25 -25.98
CA MET U 196 -10.91 -117.85 -26.02
C MET U 196 -9.90 -116.99 -26.77
N GLY U 197 -8.74 -117.52 -27.13
CA GLY U 197 -7.75 -116.79 -27.89
C GLY U 197 -6.58 -116.25 -27.11
N ARG U 198 -6.63 -116.31 -25.78
CA ARG U 198 -5.53 -115.81 -24.97
C ARG U 198 -4.34 -116.75 -25.05
N LEU U 199 -3.16 -116.22 -24.69
CA LEU U 199 -1.96 -117.03 -24.66
C LEU U 199 -2.07 -118.09 -23.57
N CYS U 200 -1.64 -119.31 -23.90
CA CYS U 200 -1.76 -120.44 -22.99
C CYS U 200 -0.42 -121.04 -22.61
N TYR U 201 0.69 -120.38 -22.93
CA TYR U 201 1.99 -120.82 -22.43
C TYR U 201 1.96 -120.82 -20.90
N LEU U 202 2.52 -121.87 -20.31
CA LEU U 202 2.34 -122.10 -18.87
C LEU U 202 2.88 -120.97 -18.00
N PRO U 203 4.14 -120.53 -18.13
CA PRO U 203 4.63 -119.49 -17.20
C PRO U 203 3.85 -118.19 -17.28
N THR U 204 3.73 -117.62 -18.48
CA THR U 204 3.04 -116.34 -18.61
C THR U 204 1.56 -116.47 -18.27
N ALA U 205 0.93 -117.58 -18.65
CA ALA U 205 -0.48 -117.76 -18.34
C ALA U 205 -0.72 -117.78 -16.83
N LEU U 206 0.08 -118.58 -16.11
CA LEU U 206 -0.08 -118.64 -14.66
C LEU U 206 0.27 -117.32 -14.01
N GLU U 207 1.30 -116.63 -14.51
CA GLU U 207 1.69 -115.36 -13.92
C GLU U 207 0.60 -114.30 -14.11
N ALA U 208 -0.06 -114.29 -15.27
CA ALA U 208 -1.00 -113.22 -15.57
C ALA U 208 -2.40 -113.52 -15.02
N ARG U 209 -2.98 -114.65 -15.40
CA ARG U 209 -4.39 -114.89 -15.14
C ARG U 209 -4.66 -115.59 -13.82
N SER U 210 -3.62 -115.99 -13.08
CA SER U 210 -3.79 -116.69 -11.82
C SER U 210 -3.05 -115.93 -10.72
N LYS U 211 -3.73 -115.72 -9.60
CA LYS U 211 -3.15 -115.03 -8.45
C LYS U 211 -2.75 -115.99 -7.33
N TYR U 212 -2.74 -117.29 -7.59
CA TYR U 212 -2.37 -118.29 -6.60
C TYR U 212 -1.08 -119.01 -6.92
N LEU U 213 -0.84 -119.36 -8.18
CA LEU U 213 0.30 -120.18 -8.56
C LEU U 213 1.31 -119.38 -9.36
N ARG U 214 2.51 -119.93 -9.43
CA ARG U 214 3.53 -119.50 -10.37
C ARG U 214 4.26 -120.74 -10.85
N ALA U 215 4.93 -120.63 -11.99
CA ALA U 215 5.61 -121.78 -12.55
C ALA U 215 6.89 -121.34 -13.24
N VAL U 216 7.82 -122.29 -13.36
CA VAL U 216 9.04 -122.11 -14.13
C VAL U 216 9.26 -123.35 -14.97
N VAL U 217 10.03 -123.19 -16.05
CA VAL U 217 10.26 -124.26 -17.01
C VAL U 217 11.76 -124.37 -17.29
N ASN U 218 12.16 -125.55 -17.77
CA ASN U 218 13.53 -125.79 -18.19
C ASN U 218 13.58 -125.74 -19.71
N GLU U 219 14.35 -124.80 -20.25
CA GLU U 219 14.35 -124.58 -21.70
C GLU U 219 14.86 -125.80 -22.45
N GLU U 220 15.89 -126.45 -21.92
CA GLU U 220 16.49 -127.58 -22.63
C GLU U 220 15.50 -128.73 -22.78
N LEU U 221 14.75 -129.04 -21.74
CA LEU U 221 13.87 -130.20 -21.72
C LEU U 221 12.43 -129.87 -22.08
N ILE U 222 12.12 -128.60 -22.35
CA ILE U 222 10.74 -128.23 -22.59
C ILE U 222 10.24 -128.73 -23.94
N SER U 223 11.15 -129.01 -24.88
CA SER U 223 10.73 -129.44 -26.20
C SER U 223 10.15 -130.84 -26.18
N THR U 224 10.83 -131.77 -25.51
CA THR U 224 10.42 -133.17 -25.46
C THR U 224 9.55 -133.49 -24.25
N ALA U 225 9.22 -132.48 -23.44
CA ALA U 225 8.44 -132.73 -22.23
C ALA U 225 7.03 -133.19 -22.59
N LYS U 226 6.54 -134.17 -21.84
CA LYS U 226 5.18 -134.66 -21.97
C LYS U 226 4.57 -134.83 -20.59
N VAL U 227 3.27 -134.61 -20.50
CA VAL U 227 2.54 -134.66 -19.24
C VAL U 227 1.51 -135.78 -19.29
N THR U 228 1.44 -136.55 -18.21
CA THR U 228 0.45 -137.60 -18.09
C THR U 228 -0.79 -137.06 -17.38
N ASN U 229 -1.67 -137.96 -16.96
CA ASN U 229 -2.89 -137.59 -16.23
C ASN U 229 -2.67 -137.90 -14.75
N LYS U 230 -2.37 -136.88 -13.96
CA LYS U 230 -2.14 -137.03 -12.53
C LYS U 230 -3.35 -136.50 -11.78
N LYS U 231 -3.86 -137.30 -10.84
CA LYS U 231 -5.07 -136.99 -10.11
C LYS U 231 -4.74 -136.87 -8.62
N SER U 232 -5.20 -135.79 -8.00
CA SER U 232 -5.13 -135.58 -6.55
C SER U 232 -3.69 -135.62 -6.06
N LEU U 233 -2.91 -134.64 -6.52
CA LEU U 233 -1.60 -134.41 -5.96
C LEU U 233 -1.73 -133.67 -4.63
N ALA U 234 -0.60 -133.38 -4.00
CA ALA U 234 -0.62 -132.77 -2.67
C ALA U 234 0.63 -131.93 -2.47
N PHE U 235 0.45 -130.65 -2.21
CA PHE U 235 1.55 -129.80 -1.77
C PHE U 235 1.97 -130.21 -0.37
N THR U 236 3.27 -130.12 -0.09
CA THR U 236 3.77 -130.48 1.23
C THR U 236 5.07 -129.73 1.51
N GLY U 237 5.40 -129.66 2.80
CA GLY U 237 6.62 -129.00 3.23
C GLY U 237 6.45 -127.53 3.60
N GLY U 238 5.32 -126.93 3.28
CA GLY U 238 5.13 -125.52 3.61
C GLY U 238 5.10 -125.30 5.11
N THR U 239 5.68 -124.19 5.54
CA THR U 239 5.82 -123.91 6.97
C THR U 239 5.94 -122.41 7.18
N ASN U 240 5.04 -121.85 7.98
CA ASN U 240 5.11 -120.43 8.28
C ASN U 240 6.20 -120.09 9.28
N GLY U 241 6.77 -121.09 9.94
CA GLY U 241 7.83 -120.87 10.89
C GLY U 241 7.33 -120.28 12.20
N ASP U 242 8.28 -119.80 12.99
CA ASP U 242 7.98 -119.13 14.24
C ASP U 242 7.82 -117.64 14.00
N GLN U 243 6.64 -117.10 14.28
CA GLN U 243 6.37 -115.69 14.09
C GLN U 243 6.43 -114.90 15.39
N SER U 244 6.77 -115.55 16.51
CA SER U 244 6.89 -114.84 17.77
C SER U 244 8.03 -113.83 17.72
N LYS U 245 9.19 -114.24 17.22
CA LYS U 245 10.36 -113.38 17.13
C LYS U 245 10.71 -113.14 15.67
N ILE U 246 10.99 -111.89 15.34
CA ILE U 246 11.36 -111.47 14.00
C ILE U 246 12.52 -110.50 14.09
N SER U 247 13.58 -110.76 13.33
CA SER U 247 14.73 -109.88 13.35
C SER U 247 14.37 -108.51 12.80
N THR U 248 15.07 -107.48 13.28
CA THR U 248 14.81 -106.12 12.81
C THR U 248 15.12 -105.95 11.33
N ALA U 249 15.93 -106.84 10.75
CA ALA U 249 16.21 -106.76 9.32
C ALA U 249 14.95 -106.97 8.50
N ALA U 250 14.11 -107.92 8.90
CA ALA U 250 12.87 -108.15 8.17
C ALA U 250 11.96 -106.94 8.23
N TYR U 251 11.85 -106.31 9.40
CA TYR U 251 11.01 -105.12 9.52
C TYR U 251 11.56 -103.97 8.69
N LEU U 252 12.89 -103.82 8.67
CA LEU U 252 13.48 -102.77 7.86
C LEU U 252 13.23 -103.01 6.37
N ARG U 253 13.35 -104.26 5.92
CA ARG U 253 13.06 -104.57 4.53
C ARG U 253 11.60 -104.29 4.19
N ALA U 254 10.68 -104.66 5.09
CA ALA U 254 9.27 -104.42 4.84
C ALA U 254 8.98 -102.93 4.75
N VAL U 255 9.56 -102.14 5.66
CA VAL U 255 9.27 -100.70 5.61
C VAL U 255 9.91 -100.06 4.39
N LYS U 256 11.06 -100.56 3.93
CA LYS U 256 11.62 -100.05 2.70
C LYS U 256 10.72 -100.35 1.51
N VAL U 257 10.16 -101.56 1.45
CA VAL U 257 9.22 -101.89 0.38
C VAL U 257 8.01 -100.98 0.44
N LEU U 258 7.49 -100.74 1.64
CA LEU U 258 6.34 -99.85 1.78
C LEU U 258 6.68 -98.44 1.31
N ASN U 259 7.90 -97.99 1.58
CA ASN U 259 8.33 -96.68 1.10
C ASN U 259 8.33 -96.63 -0.41
N ASN U 260 8.87 -97.67 -1.04
CA ASN U 260 8.98 -97.68 -2.50
C ASN U 260 7.69 -98.08 -3.19
N ALA U 261 6.63 -98.38 -2.43
CA ALA U 261 5.37 -98.76 -3.05
C ALA U 261 4.84 -97.64 -3.93
N PRO U 262 4.34 -97.95 -5.12
CA PRO U 262 3.79 -96.91 -6.02
C PRO U 262 2.29 -96.72 -5.83
N TYR U 263 1.90 -96.26 -4.64
CA TYR U 263 0.50 -96.02 -4.33
C TYR U 263 0.38 -94.70 -3.59
N MET U 264 -0.86 -94.34 -3.26
CA MET U 264 -1.16 -93.11 -2.55
C MET U 264 -1.84 -93.44 -1.22
N TYR U 265 -1.30 -92.91 -0.14
CA TYR U 265 -1.95 -93.06 1.16
C TYR U 265 -1.61 -91.86 2.03
N THR U 266 -2.48 -91.59 3.00
CA THR U 266 -2.35 -90.42 3.87
C THR U 266 -2.29 -90.78 5.34
N ALA U 267 -1.86 -91.99 5.68
CA ALA U 267 -1.69 -92.39 7.07
C ALA U 267 -0.79 -93.62 7.11
N VAL U 268 0.17 -93.63 8.02
CA VAL U 268 1.22 -94.64 7.99
C VAL U 268 1.15 -95.52 9.23
N LEU U 269 -0.09 -95.82 9.65
CA LEU U 269 -0.39 -96.52 10.90
C LEU U 269 0.66 -97.55 11.27
N GLY U 270 1.17 -97.45 12.50
CA GLY U 270 2.11 -98.41 13.03
C GLY U 270 1.43 -99.63 13.59
N LEU U 271 1.00 -100.54 12.72
CA LEU U 271 0.20 -101.69 13.11
C LEU U 271 1.02 -102.60 14.01
N GLY U 272 0.72 -102.55 15.31
CA GLY U 272 1.25 -103.47 16.30
C GLY U 272 2.70 -103.87 16.13
N CYS U 273 3.56 -102.93 15.78
CA CYS U 273 4.98 -103.20 15.59
C CYS U 273 5.74 -102.33 16.59
N TYR U 274 6.18 -102.93 17.70
CA TYR U 274 6.87 -102.21 18.75
C TYR U 274 8.37 -102.42 18.62
N ASP U 275 8.93 -101.82 17.55
CA ASP U 275 10.36 -101.85 17.31
C ASP U 275 10.83 -100.44 17.02
N ASN U 276 11.90 -100.02 17.71
CA ASN U 276 12.35 -98.63 17.61
C ASN U 276 12.80 -98.32 16.19
N ALA U 277 13.54 -99.22 15.55
CA ALA U 277 14.03 -98.97 14.20
C ALA U 277 12.87 -98.85 13.21
N ALA U 278 11.89 -99.73 13.32
CA ALA U 278 10.74 -99.67 12.42
C ALA U 278 9.94 -98.40 12.63
N ILE U 279 9.76 -98.00 13.89
CA ILE U 279 9.02 -96.77 14.17
C ILE U 279 9.76 -95.56 13.61
N THR U 280 11.08 -95.53 13.75
CA THR U 280 11.84 -94.43 13.17
C THR U 280 11.72 -94.41 11.64
N ALA U 281 11.75 -95.58 11.01
CA ALA U 281 11.59 -95.64 9.56
C ALA U 281 10.22 -95.13 9.13
N LEU U 282 9.18 -95.50 9.87
CA LEU U 282 7.85 -95.02 9.53
C LEU U 282 7.73 -93.51 9.72
N GLY U 283 8.38 -92.98 10.76
CA GLY U 283 8.44 -91.54 10.91
C GLY U 283 9.14 -90.87 9.73
N LYS U 284 10.19 -91.52 9.22
CA LYS U 284 10.84 -91.02 8.01
C LYS U 284 9.88 -91.01 6.84
N ILE U 285 9.05 -92.06 6.73
CA ILE U 285 8.08 -92.10 5.64
C ILE U 285 7.12 -90.93 5.74
N CYS U 286 6.66 -90.65 6.96
CA CYS U 286 5.82 -89.46 7.17
C CYS U 286 6.53 -88.19 6.72
N ALA U 287 7.75 -87.98 7.22
CA ALA U 287 8.45 -86.74 6.92
C ALA U 287 8.77 -86.61 5.45
N ASP U 288 8.82 -87.74 4.73
CA ASP U 288 9.14 -87.70 3.31
C ASP U 288 7.89 -87.43 2.48
N ARG U 289 6.84 -88.21 2.68
CA ARG U 289 5.65 -88.10 1.84
C ARG U 289 4.69 -87.02 2.29
N LEU U 290 4.95 -86.36 3.42
CA LEU U 290 4.05 -85.33 3.96
C LEU U 290 2.68 -85.91 4.27
N ILE U 291 2.66 -86.88 5.18
CA ILE U 291 1.44 -87.53 5.62
C ILE U 291 1.45 -87.63 7.14
N ASP U 292 0.48 -88.35 7.69
CA ASP U 292 0.27 -88.45 9.12
C ASP U 292 0.61 -89.85 9.62
N GLY U 293 1.08 -89.92 10.86
CA GLY U 293 1.40 -91.19 11.47
C GLY U 293 0.81 -91.34 12.86
N PHE U 294 0.32 -92.53 13.19
CA PHE U 294 -0.31 -92.80 14.48
C PHE U 294 0.32 -94.05 15.09
N PHE U 295 1.41 -93.87 15.82
CA PHE U 295 2.11 -94.98 16.45
C PHE U 295 1.74 -95.07 17.93
N ASP U 296 2.22 -96.12 18.58
CA ASP U 296 1.90 -96.31 19.98
C ASP U 296 3.02 -97.06 20.68
N VAL U 297 3.22 -96.75 21.95
CA VAL U 297 4.20 -97.47 22.76
C VAL U 297 3.54 -98.75 23.26
N LYS U 298 4.33 -99.66 23.83
CA LYS U 298 3.81 -100.95 24.26
C LYS U 298 2.69 -100.75 25.29
N PRO U 299 1.51 -101.27 25.05
CA PRO U 299 0.40 -101.06 25.99
C PRO U 299 0.43 -102.04 27.15
N THR U 300 1.62 -102.28 27.70
CA THR U 300 1.78 -103.06 28.92
C THR U 300 2.79 -102.42 29.86
N LEU U 301 3.13 -101.16 29.63
CA LEU U 301 4.07 -100.44 30.47
C LEU U 301 3.30 -99.58 31.48
N THR U 302 3.86 -99.48 32.68
CA THR U 302 3.27 -98.63 33.69
C THR U 302 3.41 -97.16 33.30
N TYR U 303 2.62 -96.32 33.96
CA TYR U 303 2.65 -94.88 33.66
C TYR U 303 4.01 -94.28 33.95
N ALA U 304 4.79 -94.91 34.84
CA ALA U 304 6.12 -94.41 35.13
C ALA U 304 7.08 -94.67 33.97
N GLU U 305 7.04 -95.87 33.39
CA GLU U 305 7.93 -96.22 32.29
C GLU U 305 7.42 -95.78 30.93
N ALA U 306 6.18 -95.32 30.84
CA ALA U 306 5.66 -94.88 29.55
C ALA U 306 6.42 -93.65 29.04
N LEU U 307 6.74 -92.72 29.94
CA LEU U 307 7.40 -91.48 29.52
C LEU U 307 8.78 -91.70 28.91
N PRO U 308 9.70 -92.44 29.52
CA PRO U 308 11.00 -92.67 28.85
C PRO U 308 10.90 -93.48 27.57
N ALA U 309 9.89 -94.34 27.44
CA ALA U 309 9.74 -95.11 26.21
C ALA U 309 9.41 -94.23 25.02
N VAL U 310 8.68 -93.14 25.25
CA VAL U 310 8.37 -92.22 24.15
C VAL U 310 9.64 -91.55 23.64
N GLU U 311 10.53 -91.16 24.55
CA GLU U 311 11.82 -90.63 24.12
C GLU U 311 12.63 -91.71 23.42
N ASP U 312 12.56 -92.95 23.92
CA ASP U 312 13.31 -94.04 23.32
C ASP U 312 12.88 -94.28 21.88
N THR U 313 11.58 -94.23 21.60
CA THR U 313 11.08 -94.63 20.29
C THR U 313 11.64 -93.77 19.17
N GLY U 314 12.14 -92.57 19.47
CA GLY U 314 12.99 -91.85 18.55
C GLY U 314 12.34 -90.70 17.80
N LEU U 315 11.02 -90.58 17.80
CA LEU U 315 10.41 -89.50 17.04
C LEU U 315 10.48 -88.15 17.72
N LEU U 316 10.90 -88.09 18.98
CA LEU U 316 10.94 -86.81 19.69
C LEU U 316 12.02 -85.92 19.10
N GLY U 317 11.59 -84.87 18.41
CA GLY U 317 12.49 -83.92 17.81
C GLY U 317 11.76 -82.81 17.10
N THR U 318 12.33 -82.33 15.99
CA THR U 318 11.68 -81.31 15.18
C THR U 318 11.45 -81.75 13.74
N ASP U 319 11.93 -82.92 13.35
CA ASP U 319 11.73 -83.38 11.98
C ASP U 319 10.37 -84.02 11.79
N TYR U 320 9.91 -84.80 12.77
CA TYR U 320 8.64 -85.50 12.69
C TYR U 320 7.60 -84.69 13.46
N VAL U 321 6.95 -83.75 12.76
CA VAL U 321 5.99 -82.86 13.39
C VAL U 321 4.56 -83.31 13.18
N SER U 322 4.33 -84.46 12.55
CA SER U 322 2.99 -84.92 12.27
C SER U 322 2.70 -86.32 12.81
N CYS U 323 3.61 -86.89 13.57
CA CYS U 323 3.45 -88.25 14.08
C CYS U 323 3.03 -88.22 15.54
N SER U 324 1.90 -88.87 15.84
CA SER U 324 1.37 -88.94 17.19
C SER U 324 1.72 -90.29 17.82
N VAL U 325 1.89 -90.27 19.14
CA VAL U 325 2.25 -91.47 19.91
C VAL U 325 1.18 -91.68 20.97
N TYR U 326 0.68 -92.90 21.05
CA TYR U 326 -0.40 -93.24 21.97
C TYR U 326 0.05 -94.31 22.97
N HIS U 327 -0.83 -94.57 23.94
CA HIS U 327 -0.56 -95.52 25.01
C HIS U 327 -1.89 -95.90 25.63
N TYR U 328 -2.22 -97.19 25.62
CA TYR U 328 -3.51 -97.69 26.08
C TYR U 328 -3.30 -98.87 27.01
N PRO U 329 -2.96 -98.62 28.28
CA PRO U 329 -2.74 -99.73 29.23
C PRO U 329 -4.05 -100.23 29.84
N PHE U 330 -4.82 -100.96 29.05
CA PHE U 330 -6.08 -101.52 29.50
C PHE U 330 -6.27 -102.89 28.87
N SER U 331 -7.08 -103.71 29.51
CA SER U 331 -7.41 -105.03 29.00
C SER U 331 -8.78 -105.01 28.34
N CYS U 332 -9.05 -106.04 27.55
CA CYS U 332 -10.30 -106.11 26.82
C CYS U 332 -10.62 -107.56 26.50
N LYS U 333 -11.88 -107.80 26.14
CA LYS U 333 -12.35 -109.13 25.75
C LYS U 333 -12.40 -109.21 24.24
N ASP U 334 -11.70 -110.19 23.68
CA ASP U 334 -11.55 -110.27 22.24
C ASP U 334 -12.88 -110.60 21.56
N LYS U 335 -13.02 -110.13 20.32
CA LYS U 335 -14.26 -110.32 19.58
C LYS U 335 -14.42 -111.74 19.07
N TRP U 336 -13.32 -112.37 18.65
CA TRP U 336 -13.40 -113.67 18.00
C TRP U 336 -13.18 -114.83 18.97
N THR U 337 -12.02 -114.86 19.64
CA THR U 337 -11.67 -116.00 20.47
C THR U 337 -12.25 -115.95 21.87
N GLN U 338 -12.82 -114.81 22.28
CA GLN U 338 -13.42 -114.65 23.61
C GLN U 338 -12.40 -114.94 24.72
N SER U 339 -11.38 -114.09 24.78
CA SER U 339 -10.32 -114.23 25.77
C SER U 339 -9.87 -112.85 26.22
N ARG U 340 -8.91 -112.82 27.14
CA ARG U 340 -8.38 -111.57 27.69
C ARG U 340 -7.12 -111.19 26.92
N VAL U 341 -7.21 -110.14 26.11
CA VAL U 341 -6.11 -109.68 25.28
C VAL U 341 -5.92 -108.19 25.47
N VAL U 342 -4.74 -107.71 25.09
CA VAL U 342 -4.40 -106.30 25.13
C VAL U 342 -3.72 -105.92 23.82
N PHE U 343 -4.09 -104.77 23.27
CA PHE U 343 -3.42 -104.24 22.09
C PHE U 343 -3.53 -102.72 22.10
N GLY U 344 -2.94 -102.09 21.09
CA GLY U 344 -2.74 -100.66 21.09
C GLY U 344 -3.94 -99.87 20.61
N LEU U 345 -3.67 -98.63 20.19
CA LEU U 345 -4.73 -97.68 19.86
C LEU U 345 -4.55 -97.04 18.48
N SER U 346 -3.62 -97.53 17.67
CA SER U 346 -3.40 -96.93 16.35
C SER U 346 -4.65 -97.02 15.48
N GLY U 347 -5.30 -98.18 15.48
CA GLY U 347 -6.49 -98.34 14.67
C GLY U 347 -7.60 -97.38 15.04
N VAL U 348 -7.85 -97.23 16.34
CA VAL U 348 -8.91 -96.33 16.78
C VAL U 348 -8.53 -94.88 16.51
N ALA U 349 -7.25 -94.53 16.66
CA ALA U 349 -6.83 -93.18 16.33
C ALA U 349 -7.07 -92.87 14.87
N TYR U 350 -6.73 -93.81 13.98
CA TYR U 350 -6.99 -93.56 12.57
C TYR U 350 -8.48 -93.53 12.26
N ALA U 351 -9.28 -94.35 12.96
CA ALA U 351 -10.71 -94.29 12.75
C ALA U 351 -11.27 -92.92 13.14
N ALA U 352 -10.76 -92.35 14.23
CA ALA U 352 -11.15 -91.00 14.61
C ALA U 352 -10.75 -90.00 13.54
N LYS U 353 -9.53 -90.11 13.02
CA LYS U 353 -9.09 -89.17 11.99
C LYS U 353 -9.95 -89.29 10.73
N ALA U 354 -10.33 -90.50 10.35
CA ALA U 354 -11.17 -90.68 9.17
C ALA U 354 -12.56 -90.13 9.39
N ARG U 355 -13.14 -90.36 10.57
CA ARG U 355 -14.43 -89.77 10.89
C ARG U 355 -14.35 -88.26 10.79
N GLY U 356 -13.25 -87.67 11.25
CA GLY U 356 -13.09 -86.23 11.12
C GLY U 356 -12.96 -85.79 9.67
N VAL U 357 -12.21 -86.53 8.86
CA VAL U 357 -11.96 -86.10 7.49
C VAL U 357 -13.16 -86.33 6.58
N LYS U 358 -14.13 -87.14 7.01
CA LYS U 358 -15.32 -87.38 6.20
C LYS U 358 -16.45 -86.40 6.48
N LYS U 359 -16.23 -85.40 7.33
CA LYS U 359 -17.30 -84.46 7.65
C LYS U 359 -17.59 -83.54 6.47
N ASN U 360 -16.59 -82.78 6.04
CA ASN U 360 -16.75 -81.94 4.87
C ASN U 360 -16.65 -82.76 3.59
N SER U 361 -17.47 -82.43 2.61
CA SER U 361 -17.52 -83.19 1.37
C SER U 361 -16.74 -82.55 0.23
N ASP U 362 -16.65 -81.21 0.19
CA ASP U 362 -15.96 -80.55 -0.91
C ASP U 362 -14.46 -80.78 -0.83
N VAL U 363 -13.82 -80.30 0.23
CA VAL U 363 -12.39 -80.44 0.42
C VAL U 363 -12.04 -81.41 1.54
N GLY U 364 -13.02 -81.87 2.32
CA GLY U 364 -12.75 -82.76 3.42
C GLY U 364 -12.29 -82.00 4.63
N GLY U 365 -12.78 -82.36 5.81
CA GLY U 365 -12.41 -81.65 7.01
C GLY U 365 -11.14 -82.18 7.62
N TRP U 366 -10.03 -81.51 7.35
CA TRP U 366 -8.75 -81.87 7.95
C TRP U 366 -8.49 -81.13 9.25
N HIS U 367 -9.33 -80.17 9.60
CA HIS U 367 -9.12 -79.35 10.78
C HIS U 367 -9.76 -79.92 12.04
N TYR U 368 -10.38 -81.08 11.95
CA TYR U 368 -10.99 -81.70 13.13
C TYR U 368 -9.94 -82.55 13.84
N SER U 369 -9.74 -82.28 15.13
CA SER U 369 -8.77 -83.05 15.89
C SER U 369 -9.28 -84.47 16.10
N PRO U 370 -8.38 -85.45 16.14
CA PRO U 370 -8.77 -86.85 16.37
C PRO U 370 -9.02 -87.18 17.84
N ALA U 371 -9.85 -86.39 18.49
CA ALA U 371 -10.19 -86.61 19.89
C ALA U 371 -11.52 -85.96 20.19
N GLY U 372 -12.14 -86.38 21.28
CA GLY U 372 -13.40 -85.85 21.71
C GLY U 372 -14.34 -86.96 22.11
N GLU U 373 -15.61 -86.60 22.25
CA GLU U 373 -16.64 -87.56 22.62
C GLU U 373 -17.59 -87.90 21.49
N GLU U 374 -17.48 -87.23 20.34
CA GLU U 374 -18.32 -87.52 19.19
C GLU U 374 -17.55 -88.10 18.02
N ARG U 375 -16.23 -88.21 18.12
CA ARG U 375 -15.43 -88.70 17.00
C ARG U 375 -14.33 -89.68 17.39
N ALA U 376 -14.16 -90.01 18.67
CA ALA U 376 -13.03 -90.83 19.07
C ALA U 376 -13.42 -91.85 20.14
N VAL U 377 -14.69 -92.27 20.16
CA VAL U 377 -15.10 -93.26 21.14
C VAL U 377 -14.39 -94.58 20.87
N ILE U 378 -14.12 -95.33 21.93
CA ILE U 378 -13.43 -96.61 21.83
C ILE U 378 -14.45 -97.70 22.13
N ALA U 379 -14.63 -98.61 21.17
CA ALA U 379 -15.59 -99.70 21.29
C ALA U 379 -14.84 -100.99 21.58
N ARG U 380 -14.96 -101.47 22.81
CA ARG U 380 -14.36 -102.74 23.21
C ARG U 380 -15.40 -103.51 24.01
N ALA U 381 -14.96 -104.59 24.66
CA ALA U 381 -15.83 -105.43 25.46
C ALA U 381 -15.22 -105.64 26.83
N SER U 382 -15.91 -105.19 27.87
CA SER U 382 -15.53 -105.42 29.27
C SER U 382 -14.12 -104.89 29.54
N ILE U 383 -13.96 -103.59 29.32
CA ILE U 383 -12.66 -102.96 29.56
C ILE U 383 -12.36 -103.03 31.05
N GLN U 384 -11.24 -103.66 31.40
CA GLN U 384 -10.81 -103.81 32.78
C GLN U 384 -9.41 -103.25 32.93
N PRO U 385 -9.20 -102.19 33.70
CA PRO U 385 -7.88 -101.55 33.74
C PRO U 385 -6.79 -102.51 34.20
N LEU U 386 -5.61 -102.36 33.60
CA LEU U 386 -4.49 -103.24 33.93
C LEU U 386 -3.89 -102.90 35.28
N TYR U 387 -3.75 -101.60 35.58
CA TYR U 387 -3.14 -101.13 36.82
C TYR U 387 -4.09 -100.17 37.50
N PRO U 388 -5.14 -100.69 38.16
CA PRO U 388 -6.09 -99.80 38.84
C PRO U 388 -5.48 -99.00 39.96
N GLU U 389 -4.37 -99.44 40.54
CA GLU U 389 -3.79 -98.73 41.68
C GLU U 389 -2.96 -97.52 41.28
N ASP U 390 -2.65 -97.34 39.99
CA ASP U 390 -1.83 -96.23 39.56
C ASP U 390 -2.71 -95.08 39.10
N THR U 391 -2.08 -93.97 38.73
CA THR U 391 -2.79 -92.76 38.31
C THR U 391 -1.97 -92.06 37.25
N PRO U 392 -2.63 -91.40 36.30
CA PRO U 392 -1.88 -90.66 35.26
C PRO U 392 -1.09 -89.50 35.85
N ASP U 393 -0.25 -88.92 34.99
CA ASP U 393 0.69 -87.86 35.34
C ASP U 393 0.49 -86.66 34.43
N GLU U 394 -0.75 -86.18 34.32
CA GLU U 394 -1.19 -85.27 33.28
C GLU U 394 -0.13 -84.24 32.85
N GLU U 395 0.46 -83.54 33.80
CA GLU U 395 1.45 -82.52 33.44
C GLU U 395 2.67 -83.14 32.80
N ALA U 396 3.19 -84.22 33.38
CA ALA U 396 4.35 -84.89 32.80
C ALA U 396 4.01 -85.46 31.43
N MET U 397 2.81 -86.01 31.27
CA MET U 397 2.41 -86.54 29.98
C MET U 397 2.36 -85.46 28.91
N VAL U 398 1.78 -84.30 29.25
CA VAL U 398 1.69 -83.22 28.28
C VAL U 398 3.08 -82.70 27.93
N LYS U 399 3.96 -82.61 28.92
CA LYS U 399 5.32 -82.16 28.63
C LYS U 399 6.08 -83.18 27.78
N GLY U 400 5.80 -84.46 27.96
CA GLY U 400 6.44 -85.51 27.21
C GLY U 400 5.74 -85.93 25.93
N ARG U 401 4.66 -85.23 25.56
CA ARG U 401 3.97 -85.46 24.29
C ARG U 401 3.46 -86.90 24.19
N LEU U 402 2.52 -87.21 25.08
CA LEU U 402 1.91 -88.54 25.12
C LEU U 402 0.41 -88.36 25.30
N ASN U 403 -0.36 -88.72 24.28
CA ASN U 403 -1.82 -88.63 24.38
C ASN U 403 -2.34 -89.66 25.36
N LYS U 404 -3.38 -89.28 26.10
CA LYS U 404 -3.90 -90.10 27.18
C LYS U 404 -5.39 -90.37 26.98
N VAL U 405 -5.82 -91.53 27.44
CA VAL U 405 -7.22 -91.90 27.39
C VAL U 405 -7.90 -91.43 28.68
N SER U 406 -9.21 -91.39 28.65
CA SER U 406 -10.00 -90.97 29.81
C SER U 406 -11.38 -91.61 29.71
N VAL U 407 -12.26 -91.19 30.60
CA VAL U 407 -13.65 -91.62 30.60
C VAL U 407 -14.51 -90.38 30.40
N GLY U 408 -15.11 -90.26 29.23
CA GLY U 408 -15.96 -89.12 28.92
C GLY U 408 -17.35 -89.31 29.47
N THR U 409 -18.28 -88.51 28.95
CA THR U 409 -19.67 -88.62 29.36
C THR U 409 -20.24 -89.96 28.92
N SER U 410 -21.24 -90.43 29.68
CA SER U 410 -21.98 -91.67 29.44
C SER U 410 -21.14 -92.91 29.74
N GLY U 411 -19.85 -92.72 30.02
CA GLY U 411 -19.03 -93.81 30.51
C GLY U 411 -18.25 -94.61 29.49
N GLN U 412 -18.20 -94.18 28.23
CA GLN U 412 -17.36 -94.84 27.24
C GLN U 412 -16.00 -94.16 27.19
N MET U 413 -14.95 -94.99 27.13
CA MET U 413 -13.59 -94.45 27.04
C MET U 413 -13.41 -93.67 25.75
N ILE U 414 -12.65 -92.57 25.84
CA ILE U 414 -12.38 -91.73 24.68
C ILE U 414 -10.91 -91.36 24.69
N ILE U 415 -10.45 -90.85 23.55
CA ILE U 415 -9.12 -90.23 23.44
C ILE U 415 -9.29 -88.75 23.73
N ASP U 416 -8.46 -88.22 24.62
CA ASP U 416 -8.62 -86.85 25.10
C ASP U 416 -7.36 -86.02 24.94
N ASP U 417 -6.67 -86.17 23.81
CA ASP U 417 -5.56 -85.30 23.49
C ASP U 417 -5.27 -85.37 22.00
N ALA U 418 -4.63 -84.33 21.49
CA ALA U 418 -4.28 -84.22 20.09
C ALA U 418 -2.87 -83.65 19.95
N LEU U 419 -1.94 -84.19 20.73
CA LEU U 419 -0.58 -83.68 20.77
C LEU U 419 0.33 -84.55 19.90
N THR U 420 1.16 -83.89 19.10
CA THR U 420 2.09 -84.57 18.21
C THR U 420 3.43 -84.78 18.92
N CYS U 421 4.44 -85.16 18.15
CA CYS U 421 5.77 -85.41 18.70
C CYS U 421 6.68 -84.20 18.67
N CYS U 422 6.20 -83.05 18.20
CA CYS U 422 7.01 -81.85 18.18
C CYS U 422 7.30 -81.39 19.61
N THR U 423 8.55 -81.01 19.86
CA THR U 423 8.94 -80.53 21.17
C THR U 423 8.80 -79.03 21.33
N GLN U 424 8.94 -78.28 20.24
CA GLN U 424 8.83 -76.83 20.31
C GLN U 424 7.41 -76.44 20.72
N ASP U 425 7.30 -75.39 21.55
CA ASP U 425 6.01 -74.95 22.06
C ASP U 425 5.48 -73.83 21.17
N ASN U 426 4.87 -74.24 20.06
CA ASN U 426 4.23 -73.31 19.14
C ASN U 426 2.98 -73.98 18.61
N TYR U 427 2.41 -73.43 17.53
CA TYR U 427 1.19 -73.99 16.95
C TYR U 427 1.40 -75.37 16.35
N LEU U 428 2.65 -75.82 16.19
CA LEU U 428 2.90 -77.04 15.45
C LEU U 428 2.69 -78.30 16.28
N HIS U 429 2.61 -78.20 17.60
CA HIS U 429 2.47 -79.43 18.38
C HIS U 429 1.03 -79.91 18.49
N PHE U 430 0.06 -79.11 18.10
CA PHE U 430 -1.30 -79.62 17.98
C PHE U 430 -1.41 -80.53 16.77
N GLN U 431 -2.45 -81.35 16.75
CA GLN U 431 -2.52 -82.38 15.72
C GLN U 431 -3.09 -81.84 14.41
N HIS U 432 -4.10 -80.99 14.47
CA HIS U 432 -4.81 -80.63 13.26
C HIS U 432 -4.01 -79.69 12.37
N VAL U 433 -3.18 -78.83 12.96
CA VAL U 433 -2.43 -77.86 12.15
C VAL U 433 -1.49 -78.51 11.16
N PRO U 434 -0.62 -79.45 11.55
CA PRO U 434 0.23 -80.10 10.55
C PRO U 434 -0.55 -80.83 9.48
N SER U 435 -1.68 -81.45 9.82
CA SER U 435 -2.46 -82.17 8.82
C SER U 435 -3.01 -81.22 7.77
N LEU U 436 -3.56 -80.09 8.20
CA LEU U 436 -4.10 -79.12 7.25
C LEU U 436 -3.00 -78.53 6.38
N MET U 437 -1.87 -78.16 7.00
CA MET U 437 -0.77 -77.61 6.22
C MET U 437 -0.24 -78.62 5.22
N ASN U 438 -0.18 -79.90 5.61
CA ASN U 438 0.29 -80.93 4.68
C ASN U 438 -0.68 -81.15 3.54
N ALA U 439 -1.98 -81.06 3.81
CA ALA U 439 -2.94 -81.14 2.71
C ALA U 439 -2.73 -80.02 1.71
N ILE U 440 -2.54 -78.80 2.21
CA ILE U 440 -2.28 -77.68 1.30
C ILE U 440 -0.99 -77.93 0.51
N SER U 441 0.06 -78.41 1.19
CA SER U 441 1.33 -78.63 0.51
C SER U 441 1.23 -79.70 -0.57
N ARG U 442 0.50 -80.78 -0.30
CA ARG U 442 0.33 -81.82 -1.31
C ARG U 442 -0.41 -81.28 -2.53
N PHE U 443 -1.47 -80.50 -2.30
CA PHE U 443 -2.16 -79.90 -3.44
C PHE U 443 -1.22 -78.99 -4.22
N PHE U 444 -0.39 -78.22 -3.52
CA PHE U 444 0.54 -77.35 -4.23
C PHE U 444 1.51 -78.14 -5.07
N VAL U 445 2.03 -79.25 -4.52
CA VAL U 445 2.98 -80.05 -5.29
C VAL U 445 2.31 -80.56 -6.56
N GLN U 446 1.07 -81.03 -6.46
CA GLN U 446 0.36 -81.47 -7.66
C GLN U 446 0.25 -80.34 -8.68
N LEU U 447 -0.19 -79.17 -8.22
CA LEU U 447 -0.42 -78.05 -9.14
C LEU U 447 0.87 -77.61 -9.82
N ALA U 448 1.95 -77.48 -9.04
CA ALA U 448 3.22 -77.03 -9.62
C ALA U 448 3.79 -78.08 -10.57
N ARG U 449 3.67 -79.36 -10.22
CA ARG U 449 4.13 -80.40 -11.14
C ARG U 449 3.38 -80.32 -12.45
N GLN U 450 2.08 -80.02 -12.40
CA GLN U 450 1.33 -79.89 -13.65
C GLN U 450 1.72 -78.64 -14.42
N MET U 451 2.04 -77.54 -13.72
CA MET U 451 2.29 -76.26 -14.36
C MET U 451 3.76 -75.99 -14.67
N LYS U 452 4.64 -76.95 -14.40
CA LYS U 452 6.06 -76.75 -14.66
C LYS U 452 6.33 -76.59 -16.16
N HIS U 453 7.40 -75.86 -16.47
CA HIS U 453 7.96 -75.70 -17.80
C HIS U 453 7.10 -74.84 -18.72
N SER U 454 6.31 -73.94 -18.18
CA SER U 454 5.53 -73.02 -18.99
C SER U 454 6.13 -71.63 -18.95
N PRO U 455 5.84 -70.80 -19.95
CA PRO U 455 6.32 -69.41 -19.92
C PRO U 455 5.68 -68.64 -18.76
N ASP U 456 6.35 -67.56 -18.37
CA ASP U 456 5.96 -66.84 -17.16
C ASP U 456 4.55 -66.27 -17.27
N GLY U 457 4.16 -65.83 -18.46
CA GLY U 457 2.84 -65.23 -18.62
C GLY U 457 1.73 -66.19 -18.24
N ILE U 458 1.80 -67.43 -18.71
CA ILE U 458 0.83 -68.44 -18.32
C ILE U 458 1.06 -68.85 -16.87
N THR U 459 2.33 -68.98 -16.46
CA THR U 459 2.64 -69.57 -15.17
C THR U 459 2.11 -68.73 -14.01
N ALA U 460 2.34 -67.41 -14.07
CA ALA U 460 1.91 -66.55 -12.96
C ALA U 460 0.40 -66.61 -12.79
N ALA U 461 -0.34 -66.45 -13.89
CA ALA U 461 -1.80 -66.49 -13.81
C ALA U 461 -2.29 -67.84 -13.33
N GLY U 462 -1.72 -68.93 -13.83
CA GLY U 462 -2.17 -70.25 -13.41
C GLY U 462 -1.94 -70.51 -11.94
N LEU U 463 -0.72 -70.20 -11.45
CA LEU U 463 -0.42 -70.41 -10.05
C LEU U 463 -1.33 -69.57 -9.16
N THR U 464 -1.48 -68.29 -9.49
CA THR U 464 -2.30 -67.42 -8.67
C THR U 464 -3.75 -67.89 -8.64
N LYS U 465 -4.30 -68.25 -9.81
CA LYS U 465 -5.70 -68.67 -9.85
C LYS U 465 -5.91 -69.96 -9.07
N GLY U 466 -5.03 -70.94 -9.27
CA GLY U 466 -5.20 -72.21 -8.56
C GLY U 466 -5.10 -72.05 -7.07
N MET U 467 -4.08 -71.35 -6.59
CA MET U 467 -3.93 -71.16 -5.15
C MET U 467 -5.05 -70.34 -4.56
N THR U 468 -5.48 -69.27 -5.24
CA THR U 468 -6.57 -68.48 -4.71
C THR U 468 -7.84 -69.31 -4.60
N LYS U 469 -8.14 -70.11 -5.61
CA LYS U 469 -9.34 -70.94 -5.56
C LYS U 469 -9.25 -71.96 -4.42
N LEU U 470 -8.10 -72.61 -4.25
CA LEU U 470 -7.99 -73.62 -3.21
C LEU U 470 -8.12 -73.02 -1.82
N LEU U 471 -7.42 -71.90 -1.58
CA LEU U 471 -7.50 -71.28 -0.26
C LEU U 471 -8.88 -70.71 0.01
N ASP U 472 -9.57 -70.20 -1.02
CA ASP U 472 -10.94 -69.77 -0.82
C ASP U 472 -11.83 -70.94 -0.45
N ARG U 473 -11.61 -72.10 -1.07
CA ARG U 473 -12.38 -73.29 -0.71
C ARG U 473 -12.14 -73.66 0.75
N PHE U 474 -10.89 -73.60 1.20
CA PHE U 474 -10.60 -73.90 2.60
C PHE U 474 -11.26 -72.89 3.55
N VAL U 475 -11.19 -71.61 3.23
CA VAL U 475 -11.79 -70.60 4.10
C VAL U 475 -13.30 -70.81 4.18
N ALA U 476 -13.94 -71.09 3.05
CA ALA U 476 -15.37 -71.36 3.07
C ALA U 476 -15.68 -72.62 3.87
N SER U 477 -14.79 -73.61 3.81
CA SER U 477 -14.97 -74.80 4.63
C SER U 477 -14.93 -74.46 6.11
N GLY U 478 -14.02 -73.56 6.50
CA GLY U 478 -13.92 -73.12 7.87
C GLY U 478 -12.64 -73.49 8.58
N ALA U 479 -11.62 -73.95 7.86
CA ALA U 479 -10.36 -74.31 8.49
C ALA U 479 -9.44 -73.13 8.74
N LEU U 480 -9.73 -71.97 8.16
CA LEU U 480 -8.95 -70.76 8.39
C LEU U 480 -9.86 -69.65 8.85
N VAL U 481 -9.41 -68.87 9.83
CA VAL U 481 -10.19 -67.78 10.41
C VAL U 481 -9.34 -66.53 10.42
N ALA U 482 -9.97 -65.41 10.77
CA ALA U 482 -9.28 -64.13 10.81
C ALA U 482 -8.15 -64.17 11.84
N PRO U 483 -7.09 -63.40 11.63
CA PRO U 483 -5.96 -63.45 12.56
C PRO U 483 -6.35 -62.98 13.95
N ARG U 484 -5.61 -63.48 14.95
CA ARG U 484 -5.94 -63.17 16.33
C ARG U 484 -5.81 -61.68 16.62
N ASP U 485 -4.77 -61.03 16.11
CA ASP U 485 -4.56 -59.61 16.33
C ASP U 485 -4.69 -58.86 15.02
N PRO U 486 -5.86 -58.30 14.70
CA PRO U 486 -6.07 -57.62 13.43
C PRO U 486 -5.55 -56.18 13.42
N ASP U 487 -4.34 -56.00 13.91
CA ASP U 487 -3.69 -54.69 13.92
C ASP U 487 -2.38 -54.68 13.15
N ALA U 488 -1.56 -55.72 13.29
CA ALA U 488 -0.29 -55.81 12.60
C ALA U 488 -0.37 -56.67 11.35
N ASP U 489 -0.79 -57.92 11.49
CA ASP U 489 -0.84 -58.85 10.36
C ASP U 489 -2.19 -58.85 9.67
N GLY U 490 -2.65 -57.67 9.27
CA GLY U 490 -3.86 -57.50 8.47
C GLY U 490 -5.09 -58.14 9.09
N THR U 491 -6.07 -58.39 8.22
CA THR U 491 -7.31 -59.02 8.65
C THR U 491 -7.80 -60.07 7.64
N GLU U 492 -6.91 -60.62 6.83
CA GLU U 492 -7.37 -61.66 5.92
C GLU U 492 -6.88 -63.02 6.39
N PRO U 493 -7.69 -64.07 6.22
CA PRO U 493 -7.27 -65.40 6.69
C PRO U 493 -5.98 -65.89 6.07
N TYR U 494 -5.76 -65.59 4.79
CA TYR U 494 -4.59 -66.03 4.06
C TYR U 494 -4.02 -64.90 3.24
N VAL U 495 -2.69 -64.90 3.11
CA VAL U 495 -1.96 -63.94 2.29
C VAL U 495 -1.12 -64.72 1.30
N LEU U 496 -1.25 -64.38 0.03
CA LEU U 496 -0.59 -65.07 -1.07
C LEU U 496 0.41 -64.16 -1.75
N LYS U 497 1.54 -64.72 -2.18
CA LYS U 497 2.54 -63.94 -2.89
C LYS U 497 3.29 -64.85 -3.84
N VAL U 498 3.08 -64.65 -5.14
CA VAL U 498 3.76 -65.40 -6.19
C VAL U 498 4.75 -64.45 -6.86
N THR U 499 6.02 -64.81 -6.88
CA THR U 499 7.05 -63.90 -7.34
C THR U 499 8.08 -64.65 -8.17
N GLN U 500 8.89 -63.88 -8.89
CA GLN U 500 10.00 -64.40 -9.67
C GLN U 500 11.30 -63.96 -9.01
N ALA U 501 12.19 -64.92 -8.76
CA ALA U 501 13.46 -64.61 -8.10
C ALA U 501 14.60 -64.44 -9.10
N GLU U 502 14.72 -65.33 -10.07
CA GLU U 502 15.63 -65.16 -11.20
C GLU U 502 14.87 -65.59 -12.44
N PHE U 503 15.61 -65.91 -13.51
CA PHE U 503 14.99 -66.34 -14.74
C PHE U 503 13.97 -67.45 -14.51
N ASP U 504 14.34 -68.48 -13.74
CA ASP U 504 13.39 -69.55 -13.43
C ASP U 504 13.55 -69.93 -11.96
N LYS U 505 12.85 -69.21 -11.09
CA LYS U 505 12.84 -69.55 -9.66
C LYS U 505 11.48 -69.22 -9.06
N TRP U 506 10.40 -69.42 -9.82
CA TRP U 506 9.07 -69.02 -9.37
C TRP U 506 8.80 -69.47 -7.95
N GLU U 507 8.63 -68.51 -7.05
CA GLU U 507 8.53 -68.75 -5.62
C GLU U 507 7.14 -68.36 -5.13
N VAL U 508 6.48 -69.27 -4.45
CA VAL U 508 5.14 -69.07 -3.92
C VAL U 508 5.20 -69.08 -2.41
N VAL U 509 4.71 -68.03 -1.77
CA VAL U 509 4.66 -67.94 -0.32
C VAL U 509 3.23 -67.68 0.09
N TRP U 510 2.65 -68.59 0.87
CA TRP U 510 1.30 -68.44 1.37
C TRP U 510 1.33 -68.54 2.89
N ALA U 511 0.65 -67.61 3.55
CA ALA U 511 0.56 -67.58 5.01
C ALA U 511 -0.90 -67.69 5.40
N CYS U 512 -1.22 -68.65 6.27
CA CYS U 512 -2.59 -68.93 6.65
C CYS U 512 -2.74 -68.85 8.17
N CYS U 513 -3.93 -68.48 8.62
CA CYS U 513 -4.20 -68.49 10.05
C CYS U 513 -5.09 -69.68 10.38
N PRO U 514 -4.58 -70.72 11.02
CA PRO U 514 -5.40 -71.91 11.27
C PRO U 514 -6.39 -71.69 12.39
N THR U 515 -7.40 -72.57 12.45
CA THR U 515 -8.42 -72.47 13.48
C THR U 515 -7.85 -72.85 14.83
N GLY U 516 -8.58 -72.48 15.88
CA GLY U 516 -8.18 -72.77 17.23
C GLY U 516 -9.02 -73.89 17.83
N VAL U 517 -8.36 -74.98 18.19
CA VAL U 517 -9.04 -76.04 18.90
C VAL U 517 -9.49 -75.54 20.27
N ALA U 518 -10.48 -76.21 20.84
CA ALA U 518 -11.00 -75.86 22.16
C ALA U 518 -10.63 -76.99 23.12
N ARG U 519 -9.44 -76.90 23.69
CA ARG U 519 -8.92 -77.91 24.59
C ARG U 519 -9.18 -77.61 26.05
N ARG U 520 -9.03 -76.36 26.47
CA ARG U 520 -9.24 -75.94 27.84
C ARG U 520 -10.35 -74.91 27.87
N ILE U 521 -11.39 -75.18 28.66
CA ILE U 521 -12.53 -74.28 28.80
C ILE U 521 -12.68 -73.93 30.27
N GLN U 522 -12.74 -72.64 30.56
CA GLN U 522 -12.81 -72.15 31.93
C GLN U 522 -13.99 -71.20 32.08
N GLY U 523 -14.75 -71.38 33.16
CA GLY U 523 -15.88 -70.51 33.45
C GLY U 523 -15.63 -69.74 34.74
N VAL U 524 -15.93 -68.45 34.71
CA VAL U 524 -15.74 -67.56 35.85
C VAL U 524 -17.07 -66.91 36.19
N PRO U 525 -17.82 -67.48 37.13
CA PRO U 525 -19.08 -66.86 37.53
C PRO U 525 -18.85 -65.56 38.28
N LEU U 526 -19.83 -64.67 38.19
CA LEU U 526 -19.75 -63.37 38.83
C LEU U 526 -21.08 -63.01 39.45
N LEU U 527 -21.05 -62.04 40.37
CA LEU U 527 -22.26 -61.51 40.98
C LEU U 527 -22.27 -60.01 40.78
N ILE U 528 -23.46 -59.47 40.47
CA ILE U 528 -23.63 -58.06 40.17
C ILE U 528 -24.34 -57.39 41.33
N LYS U 529 -23.76 -56.31 41.84
CA LYS U 529 -24.36 -55.55 42.93
C LYS U 529 -25.65 -54.89 42.47
N SER V 2 -12.91 -88.40 41.87
CA SER V 2 -13.64 -89.32 41.01
C SER V 2 -14.33 -88.59 39.88
N GLN V 3 -15.44 -89.16 39.40
CA GLN V 3 -16.24 -88.49 38.39
C GLN V 3 -17.16 -87.47 39.06
N TYR V 4 -17.80 -86.65 38.22
CA TYR V 4 -18.70 -85.58 38.65
C TYR V 4 -17.98 -84.52 39.47
N SER V 5 -16.69 -84.70 39.73
CA SER V 5 -15.93 -83.71 40.47
C SER V 5 -15.60 -82.52 39.57
N ILE V 6 -15.44 -81.36 40.17
CA ILE V 6 -15.16 -80.12 39.46
C ILE V 6 -13.86 -79.55 39.99
N GLN V 7 -12.92 -79.30 39.09
CA GLN V 7 -11.66 -78.68 39.47
C GLN V 7 -11.75 -77.17 39.31
N GLN V 8 -10.69 -76.48 39.74
CA GLN V 8 -10.68 -75.03 39.72
C GLN V 8 -9.44 -74.41 39.09
N SER V 9 -8.34 -75.14 38.95
CA SER V 9 -7.10 -74.56 38.46
C SER V 9 -7.01 -74.63 36.94
N LEU V 10 -7.01 -75.84 36.38
CA LEU V 10 -6.94 -76.05 34.94
C LEU V 10 -5.68 -75.42 34.34
N GLY V 11 -4.55 -76.00 34.73
CA GLY V 11 -3.27 -75.52 34.24
C GLY V 11 -2.59 -76.44 33.24
N ASN V 12 -2.55 -76.02 31.98
CA ASN V 12 -1.77 -76.69 30.94
C ASN V 12 -2.16 -78.15 30.76
N ALA V 13 -3.45 -78.44 30.85
CA ALA V 13 -3.96 -79.79 30.63
C ALA V 13 -5.40 -79.70 30.17
N SER V 14 -5.79 -80.64 29.31
CA SER V 14 -7.16 -80.66 28.82
C SER V 14 -8.14 -80.90 29.96
N GLY V 15 -9.27 -80.23 29.93
CA GLY V 15 -10.29 -80.39 30.93
C GLY V 15 -11.18 -79.17 30.99
N VAL V 16 -12.08 -79.19 31.97
CA VAL V 16 -12.99 -78.08 32.22
C VAL V 16 -12.96 -77.76 33.70
N ALA V 17 -13.10 -76.48 34.03
CA ALA V 17 -13.03 -76.04 35.41
C ALA V 17 -13.78 -74.73 35.57
N VAL V 18 -14.42 -74.56 36.71
CA VAL V 18 -15.14 -73.34 37.06
C VAL V 18 -14.48 -72.72 38.28
N SER V 19 -14.30 -71.41 38.24
CA SER V 19 -13.66 -70.71 39.33
C SER V 19 -14.64 -70.49 40.47
N PRO V 20 -14.15 -70.38 41.70
CA PRO V 20 -15.05 -70.09 42.83
C PRO V 20 -15.70 -68.73 42.65
N ILE V 21 -16.92 -68.60 43.20
CA ILE V 21 -17.72 -67.40 42.97
C ILE V 21 -16.98 -66.19 43.51
N ASN V 22 -16.99 -65.11 42.74
CA ASN V 22 -16.20 -63.94 43.09
C ASN V 22 -16.86 -63.17 44.23
N ALA V 23 -18.04 -62.61 43.98
CA ALA V 23 -18.86 -61.97 45.01
C ALA V 23 -18.06 -60.94 45.82
N ASP V 24 -17.27 -60.12 45.13
CA ASP V 24 -16.49 -59.08 45.78
C ASP V 24 -17.00 -57.68 45.50
N ALA V 25 -17.78 -57.50 44.43
CA ALA V 25 -18.36 -56.20 44.13
C ALA V 25 -19.69 -55.98 44.82
N THR V 26 -20.13 -56.93 45.65
CA THR V 26 -21.41 -56.87 46.34
C THR V 26 -21.21 -56.96 47.84
N LEU V 27 -20.13 -56.39 48.34
CA LEU V 27 -19.81 -56.47 49.76
C LEU V 27 -20.58 -55.40 50.53
N SER V 28 -21.46 -55.84 51.42
CA SER V 28 -22.22 -54.97 52.30
C SER V 28 -21.59 -54.98 53.69
N THR V 29 -22.25 -54.30 54.62
CA THR V 29 -21.80 -54.27 56.01
C THR V 29 -23.01 -54.27 56.93
N GLY V 30 -23.08 -55.25 57.82
CA GLY V 30 -24.17 -55.33 58.77
C GLY V 30 -23.78 -54.86 60.15
N VAL V 31 -24.20 -53.65 60.52
CA VAL V 31 -23.86 -53.11 61.84
C VAL V 31 -25.13 -52.85 62.63
N ALA V 32 -26.24 -52.62 61.93
CA ALA V 32 -27.53 -52.35 62.55
C ALA V 32 -27.43 -51.13 63.47
N LEU V 33 -27.21 -49.98 62.84
CA LEU V 33 -26.97 -48.75 63.60
C LEU V 33 -28.16 -48.37 64.47
N ASN V 34 -29.37 -48.73 64.06
CA ASN V 34 -30.55 -48.33 64.82
C ASN V 34 -30.82 -49.27 66.01
N SER V 35 -29.79 -49.50 66.82
CA SER V 35 -29.94 -50.34 68.01
C SER V 35 -29.12 -49.73 69.13
N SER V 36 -29.71 -49.65 70.32
CA SER V 36 -29.08 -49.02 71.47
C SER V 36 -29.28 -49.89 72.70
N LEU V 37 -28.21 -50.09 73.47
CA LEU V 37 -28.26 -50.81 74.73
C LEU V 37 -27.49 -50.02 75.77
N TRP V 38 -27.88 -50.19 77.03
CA TRP V 38 -27.33 -49.42 78.14
C TRP V 38 -26.59 -50.34 79.10
N ALA V 39 -25.44 -49.89 79.58
CA ALA V 39 -24.62 -50.67 80.50
C ALA V 39 -24.32 -49.86 81.74
N GLY V 40 -24.42 -50.50 82.91
CA GLY V 40 -24.19 -49.78 84.14
C GLY V 40 -23.79 -50.68 85.28
N ILE V 41 -23.19 -50.08 86.30
CA ILE V 41 -22.85 -50.77 87.53
C ILE V 41 -23.91 -50.42 88.57
N GLY V 42 -23.95 -51.20 89.63
CA GLY V 42 -24.91 -50.91 90.67
C GLY V 42 -24.77 -51.87 91.84
N VAL V 43 -25.60 -51.64 92.85
CA VAL V 43 -25.69 -52.48 94.03
C VAL V 43 -27.11 -52.99 94.13
N PHE V 44 -27.28 -54.31 94.19
CA PHE V 44 -28.60 -54.90 94.18
C PHE V 44 -28.73 -55.95 95.26
N ALA V 45 -29.83 -56.71 95.24
CA ALA V 45 -30.08 -57.75 96.24
C ALA V 45 -29.68 -59.14 95.77
N ARG V 46 -29.92 -59.46 94.50
CA ARG V 46 -29.62 -60.77 93.96
C ARG V 46 -28.89 -60.64 92.63
N GLY V 47 -27.93 -61.51 92.40
CA GLY V 47 -27.15 -61.50 91.18
C GLY V 47 -25.74 -61.96 91.44
N LYS V 48 -25.08 -62.41 90.38
CA LYS V 48 -23.70 -62.89 90.50
C LYS V 48 -22.75 -61.70 90.55
N PRO V 49 -21.96 -61.54 91.60
CA PRO V 49 -21.12 -60.35 91.71
C PRO V 49 -19.99 -60.35 90.70
N PHE V 50 -19.64 -59.15 90.25
CA PHE V 50 -18.51 -58.92 89.36
C PHE V 50 -18.61 -59.74 88.08
N THR V 51 -19.83 -59.91 87.58
CA THR V 51 -20.05 -60.64 86.34
C THR V 51 -21.15 -59.93 85.55
N VAL V 52 -20.88 -59.69 84.27
CA VAL V 52 -21.81 -58.96 83.43
C VAL V 52 -23.12 -59.74 83.33
N LEU V 53 -24.24 -59.04 83.51
CA LEU V 53 -25.55 -59.66 83.43
C LEU V 53 -26.25 -59.18 82.16
N ALA V 54 -27.50 -59.60 82.00
CA ALA V 54 -28.33 -59.16 80.89
C ALA V 54 -29.76 -59.07 81.38
N VAL V 55 -30.36 -57.89 81.29
CA VAL V 55 -31.69 -57.63 81.81
C VAL V 55 -32.58 -57.17 80.68
N THR V 56 -33.76 -57.78 80.60
CA THR V 56 -34.80 -57.44 79.64
C THR V 56 -36.02 -56.92 80.39
N GLU V 57 -37.09 -56.64 79.65
CA GLU V 57 -38.32 -56.14 80.26
C GLU V 57 -39.09 -57.22 81.01
N SER V 58 -38.70 -58.49 80.87
CA SER V 58 -39.51 -59.58 81.41
C SER V 58 -38.79 -60.45 82.43
N ASN V 59 -37.55 -60.13 82.80
CA ASN V 59 -36.85 -60.97 83.77
C ASN V 59 -36.10 -60.20 84.84
N TYR V 60 -36.00 -58.87 84.76
CA TYR V 60 -35.17 -58.12 85.71
C TYR V 60 -35.59 -58.40 87.16
N GLU V 61 -36.90 -58.57 87.38
CA GLU V 61 -37.41 -58.79 88.72
C GLU V 61 -36.77 -60.02 89.37
N ASP V 62 -36.57 -61.09 88.60
CA ASP V 62 -36.02 -62.31 89.16
C ASP V 62 -34.51 -62.43 89.02
N VAL V 63 -33.92 -61.91 87.93
CA VAL V 63 -32.46 -62.00 87.82
C VAL V 63 -31.80 -61.08 88.82
N LEU V 64 -32.33 -59.86 89.01
CA LEU V 64 -31.75 -58.92 89.94
C LEU V 64 -32.39 -58.95 91.31
N GLY V 65 -33.40 -59.78 91.53
CA GLY V 65 -34.06 -59.87 92.81
C GLY V 65 -35.12 -58.81 93.00
N GLU V 66 -35.88 -58.96 94.08
CA GLU V 66 -36.96 -58.03 94.38
C GLU V 66 -36.37 -56.66 94.75
N PRO V 67 -37.12 -55.58 94.52
CA PRO V 67 -36.61 -54.25 94.86
C PRO V 67 -36.34 -54.11 96.35
N LEU V 68 -35.32 -53.31 96.66
CA LEU V 68 -34.92 -53.09 98.04
C LEU V 68 -35.88 -52.12 98.71
N LYS V 69 -35.53 -51.67 99.92
CA LYS V 69 -36.38 -50.78 100.70
C LYS V 69 -35.65 -49.47 100.95
N PRO V 70 -36.29 -48.32 100.74
CA PRO V 70 -35.62 -47.03 100.97
C PRO V 70 -35.17 -46.84 102.41
N SER V 71 -35.91 -47.37 103.38
CA SER V 71 -35.53 -47.22 104.78
C SER V 71 -34.25 -47.96 105.12
N SER V 72 -33.85 -48.94 104.29
CA SER V 72 -32.62 -49.67 104.56
C SER V 72 -31.41 -48.76 104.48
N GLY V 73 -31.38 -47.87 103.48
CA GLY V 73 -30.25 -46.99 103.30
C GLY V 73 -30.25 -46.32 101.94
N SER V 74 -29.08 -46.22 101.32
CA SER V 74 -28.94 -45.59 100.02
C SER V 74 -28.85 -46.60 98.88
N GLN V 75 -29.17 -47.86 99.14
CA GLN V 75 -29.05 -48.92 98.15
C GLN V 75 -30.29 -49.06 97.28
N PHE V 76 -31.31 -48.23 97.49
CA PHE V 76 -32.56 -48.33 96.74
C PHE V 76 -32.52 -47.58 95.42
N GLU V 77 -31.40 -46.93 95.09
CA GLU V 77 -31.37 -46.11 93.88
C GLU V 77 -31.23 -46.94 92.61
N PRO V 78 -30.24 -47.83 92.47
CA PRO V 78 -30.02 -48.47 91.16
C PRO V 78 -31.18 -49.28 90.66
N ILE V 79 -31.96 -49.91 91.53
CA ILE V 79 -33.10 -50.68 91.06
C ILE V 79 -34.12 -49.77 90.40
N ARG V 80 -34.39 -48.61 91.01
CA ARG V 80 -35.32 -47.67 90.41
C ARG V 80 -34.78 -47.11 89.10
N HIS V 81 -33.48 -46.82 89.05
CA HIS V 81 -32.89 -46.37 87.79
C HIS V 81 -33.05 -47.42 86.69
N VAL V 82 -32.81 -48.68 87.04
CA VAL V 82 -32.97 -49.78 86.08
C VAL V 82 -34.42 -49.87 85.63
N TYR V 83 -35.36 -49.74 86.56
CA TYR V 83 -36.77 -49.84 86.20
C TYR V 83 -37.17 -48.72 85.24
N GLU V 84 -36.66 -47.51 85.48
CA GLU V 84 -36.98 -46.41 84.59
C GLU V 84 -36.27 -46.49 83.25
N ALA V 85 -35.13 -47.16 83.19
CA ALA V 85 -34.39 -47.24 81.93
C ALA V 85 -34.76 -48.44 81.06
N ILE V 86 -35.23 -49.54 81.67
CA ILE V 86 -35.60 -50.72 80.91
C ILE V 86 -36.75 -50.45 79.96
N GLN V 87 -37.62 -49.51 80.29
CA GLN V 87 -38.87 -49.23 79.59
C GLN V 87 -38.70 -49.29 78.08
N GLN V 88 -37.53 -48.89 77.58
CA GLN V 88 -37.26 -48.84 76.16
C GLN V 88 -36.52 -50.07 75.65
N THR V 89 -35.34 -50.37 76.20
CA THR V 89 -34.48 -51.39 75.64
C THR V 89 -33.82 -52.21 76.75
N SER V 90 -33.32 -53.38 76.37
CA SER V 90 -32.61 -54.25 77.29
C SER V 90 -31.24 -53.66 77.62
N GLY V 91 -30.53 -54.30 78.54
CA GLY V 91 -29.25 -53.75 78.94
C GLY V 91 -28.40 -54.73 79.71
N TYR V 92 -27.23 -54.24 80.13
CA TYR V 92 -26.25 -55.02 80.88
C TYR V 92 -25.87 -54.30 82.16
N VAL V 93 -25.87 -55.05 83.27
CA VAL V 93 -25.56 -54.49 84.57
C VAL V 93 -24.44 -55.30 85.21
N VAL V 94 -23.75 -54.66 86.15
CA VAL V 94 -22.69 -55.29 86.92
C VAL V 94 -22.95 -55.01 88.39
N ARG V 95 -23.12 -56.06 89.18
CA ARG V 95 -23.39 -55.91 90.60
C ARG V 95 -22.08 -55.90 91.39
N ALA V 96 -21.94 -54.93 92.28
CA ALA V 96 -20.78 -54.82 93.15
C ALA V 96 -21.21 -55.04 94.59
N VAL V 97 -20.50 -55.93 95.29
CA VAL V 97 -20.88 -56.32 96.64
C VAL V 97 -19.86 -55.81 97.64
N PRO V 98 -20.23 -55.64 98.91
CA PRO V 98 -19.24 -55.23 99.91
C PRO V 98 -18.23 -56.32 100.19
N ASP V 99 -17.32 -56.07 101.14
CA ASP V 99 -16.22 -57.00 101.36
C ASP V 99 -16.68 -58.27 102.07
N ASP V 100 -17.57 -58.13 103.06
CA ASP V 100 -17.91 -59.24 103.95
C ASP V 100 -19.09 -60.06 103.48
N ALA V 101 -19.51 -59.91 102.22
CA ALA V 101 -20.60 -60.73 101.70
C ALA V 101 -20.16 -62.17 101.56
N LYS V 102 -20.98 -63.09 102.04
CA LYS V 102 -20.64 -64.51 102.04
C LYS V 102 -21.78 -65.33 101.45
N PHE V 103 -21.42 -66.41 100.74
CA PHE V 103 -22.36 -67.33 100.14
C PHE V 103 -22.25 -68.69 100.82
N PRO V 104 -23.34 -69.45 100.85
CA PRO V 104 -23.34 -70.73 101.55
C PRO V 104 -22.62 -71.83 100.78
N ILE V 105 -22.22 -72.86 101.51
CA ILE V 105 -21.50 -74.01 100.95
C ILE V 105 -21.91 -75.24 101.75
N ILE V 106 -22.20 -76.34 101.06
CA ILE V 106 -22.50 -77.62 101.68
C ILE V 106 -21.44 -78.61 101.23
N MET V 107 -20.69 -79.14 102.18
CA MET V 107 -19.63 -80.10 101.90
C MET V 107 -20.04 -81.48 102.40
N PHE V 108 -19.84 -82.49 101.57
CA PHE V 108 -20.20 -83.85 101.92
C PHE V 108 -18.96 -84.63 102.35
N ASP V 109 -19.15 -85.93 102.56
CA ASP V 109 -18.06 -86.81 102.97
C ASP V 109 -18.31 -88.19 102.37
N GLU V 110 -17.42 -89.13 102.70
CA GLU V 110 -17.55 -90.49 102.17
C GLU V 110 -18.84 -91.15 102.64
N SER V 111 -19.14 -91.04 103.93
CA SER V 111 -20.36 -91.65 104.46
C SER V 111 -21.61 -90.96 103.91
N GLY V 112 -21.55 -89.64 103.73
CA GLY V 112 -22.69 -88.88 103.25
C GLY V 112 -23.26 -87.89 104.23
N GLU V 113 -22.65 -87.69 105.40
CA GLU V 113 -23.18 -86.75 106.37
C GLU V 113 -22.77 -85.33 105.98
N PRO V 114 -23.72 -84.44 105.69
CA PRO V 114 -23.37 -83.11 105.19
C PRO V 114 -22.87 -82.20 106.31
N ALA V 115 -22.14 -81.17 105.89
CA ALA V 115 -21.73 -80.09 106.77
C ALA V 115 -21.91 -78.78 106.02
N TYR V 116 -22.13 -77.70 106.78
CA TYR V 116 -22.43 -76.40 106.20
C TYR V 116 -21.34 -75.41 106.56
N SER V 117 -21.18 -74.40 105.70
CA SER V 117 -20.25 -73.31 105.96
C SER V 117 -20.61 -72.15 105.05
N ALA V 118 -19.87 -71.05 105.17
CA ALA V 118 -20.06 -69.89 104.32
C ALA V 118 -18.70 -69.33 103.93
N LEU V 119 -18.59 -68.85 102.70
CA LEU V 119 -17.32 -68.31 102.21
C LEU V 119 -17.53 -66.96 101.56
N PRO V 120 -16.59 -66.04 101.70
CA PRO V 120 -16.72 -64.73 101.04
C PRO V 120 -16.70 -64.85 99.53
N TYR V 121 -17.35 -63.91 98.87
CA TYR V 121 -17.50 -63.95 97.42
C TYR V 121 -16.14 -63.80 96.75
N GLY V 122 -16.02 -64.41 95.57
CA GLY V 122 -14.80 -64.32 94.80
C GLY V 122 -13.67 -65.21 95.27
N SER V 123 -13.96 -66.19 96.13
CA SER V 123 -12.94 -67.08 96.67
C SER V 123 -13.27 -68.51 96.31
N GLU V 124 -12.25 -69.27 95.92
CA GLU V 124 -12.43 -70.68 95.64
C GLU V 124 -12.49 -71.47 96.94
N ILE V 125 -12.64 -72.78 96.83
CA ILE V 125 -12.90 -73.65 97.97
C ILE V 125 -11.76 -74.65 98.08
N GLU V 126 -11.26 -74.82 99.30
CA GLU V 126 -10.28 -75.85 99.60
C GLU V 126 -10.98 -76.98 100.36
N LEU V 127 -10.81 -78.20 99.89
CA LEU V 127 -11.50 -79.34 100.46
C LEU V 127 -10.64 -80.00 101.54
N ASP V 128 -11.26 -80.33 102.66
CA ASP V 128 -10.57 -81.04 103.72
C ASP V 128 -10.35 -82.49 103.31
N SER V 129 -9.59 -83.21 104.13
CA SER V 129 -9.26 -84.60 103.81
C SER V 129 -10.52 -85.46 103.71
N GLY V 130 -11.45 -85.29 104.64
CA GLY V 130 -12.65 -86.10 104.64
C GLY V 130 -13.75 -85.63 103.72
N GLU V 131 -13.57 -84.52 103.02
CA GLU V 131 -14.61 -83.97 102.17
C GLU V 131 -14.53 -84.59 100.78
N ALA V 132 -15.67 -85.08 100.29
CA ALA V 132 -15.72 -85.68 98.96
C ALA V 132 -16.05 -84.65 97.89
N PHE V 133 -17.11 -83.87 98.09
CA PHE V 133 -17.49 -82.86 97.13
C PHE V 133 -18.33 -81.78 97.80
N ALA V 134 -18.27 -80.59 97.25
CA ALA V 134 -18.95 -79.42 97.80
C ALA V 134 -19.86 -78.81 96.76
N ILE V 135 -21.03 -78.35 97.20
CA ILE V 135 -22.00 -77.66 96.36
C ILE V 135 -22.28 -76.29 96.95
N TYR V 136 -22.27 -75.28 96.10
CA TYR V 136 -22.58 -73.92 96.55
C TYR V 136 -23.46 -73.24 95.51
N VAL V 137 -23.97 -72.08 95.89
CA VAL V 137 -24.93 -71.33 95.08
C VAL V 137 -24.21 -70.13 94.48
N ASP V 138 -24.33 -69.97 93.16
CA ASP V 138 -23.70 -68.86 92.46
C ASP V 138 -24.72 -67.87 91.90
N ASP V 139 -25.97 -67.96 92.33
CA ASP V 139 -26.95 -66.94 91.94
C ASP V 139 -26.71 -65.63 92.66
N GLY V 140 -25.94 -65.62 93.75
CA GLY V 140 -25.70 -64.44 94.52
C GLY V 140 -26.61 -64.24 95.71
N ASP V 141 -27.76 -64.91 95.72
CA ASP V 141 -28.70 -64.75 96.82
C ASP V 141 -28.07 -65.26 98.12
N PRO V 142 -28.21 -64.54 99.23
CA PRO V 142 -27.65 -65.02 100.49
C PRO V 142 -28.48 -66.08 101.20
N CYS V 143 -29.55 -66.57 100.56
CA CYS V 143 -30.31 -67.71 101.05
C CYS V 143 -30.84 -67.47 102.46
N ILE V 144 -31.36 -66.28 102.70
CA ILE V 144 -31.96 -65.93 103.99
C ILE V 144 -33.46 -65.76 103.89
N SER V 145 -33.95 -65.19 102.79
CA SER V 145 -35.39 -65.09 102.53
C SER V 145 -35.62 -64.89 101.04
N PRO V 146 -36.24 -65.86 100.35
CA PRO V 146 -36.72 -67.16 100.84
C PRO V 146 -35.60 -68.16 101.03
N THR V 147 -35.77 -69.15 101.90
CA THR V 147 -34.76 -70.17 102.08
C THR V 147 -34.72 -71.10 100.88
N ARG V 148 -33.58 -71.77 100.71
CA ARG V 148 -33.41 -72.71 99.61
C ARG V 148 -32.94 -74.05 100.16
N GLU V 149 -33.56 -75.13 99.71
CA GLU V 149 -33.29 -76.46 100.21
C GLU V 149 -32.87 -77.38 99.07
N LEU V 150 -31.89 -78.23 99.35
CA LEU V 150 -31.33 -79.15 98.37
C LEU V 150 -31.63 -80.59 98.81
N THR V 151 -32.09 -81.40 97.87
CA THR V 151 -32.51 -82.76 98.16
C THR V 151 -31.82 -83.73 97.21
N ILE V 152 -31.36 -84.85 97.76
CA ILE V 152 -30.69 -85.91 97.00
C ILE V 152 -31.58 -87.13 97.03
N GLU V 153 -31.88 -87.69 95.86
CA GLU V 153 -32.74 -88.86 95.75
C GLU V 153 -32.02 -89.93 94.95
N THR V 154 -32.13 -91.18 95.38
CA THR V 154 -31.51 -92.27 94.64
C THR V 154 -32.29 -92.57 93.37
N ALA V 155 -31.58 -93.06 92.35
CA ALA V 155 -32.18 -93.32 91.05
C ALA V 155 -31.56 -94.57 90.45
N THR V 156 -32.06 -94.94 89.28
CA THR V 156 -31.58 -96.14 88.59
C THR V 156 -30.22 -95.88 87.95
N ALA V 157 -29.34 -96.88 88.01
CA ALA V 157 -28.03 -96.76 87.41
C ALA V 157 -28.13 -96.77 85.88
N ASP V 158 -27.06 -96.32 85.24
CA ASP V 158 -27.04 -96.27 83.79
C ASP V 158 -26.78 -97.65 83.20
N SER V 159 -26.67 -97.71 81.87
CA SER V 159 -26.39 -98.97 81.20
C SER V 159 -25.01 -99.49 81.56
N ALA V 160 -24.01 -98.60 81.64
CA ALA V 160 -22.67 -99.01 82.00
C ALA V 160 -22.61 -99.57 83.42
N GLY V 161 -23.30 -98.91 84.36
CA GLY V 161 -23.33 -99.39 85.72
C GLY V 161 -23.11 -98.31 86.76
N ASN V 162 -22.71 -97.12 86.33
CA ASN V 162 -22.47 -96.03 87.26
C ASN V 162 -23.77 -95.58 87.90
N GLU V 163 -23.69 -95.15 89.16
CA GLU V 163 -24.86 -94.76 89.93
C GLU V 163 -25.13 -93.27 89.74
N ARG V 164 -26.30 -92.94 89.24
CA ARG V 164 -26.73 -91.57 89.04
C ARG V 164 -27.83 -91.23 90.04
N PHE V 165 -27.69 -90.10 90.73
CA PHE V 165 -28.67 -89.65 91.69
C PHE V 165 -29.31 -88.35 91.20
N LEU V 166 -30.54 -88.12 91.65
CA LEU V 166 -31.33 -86.96 91.27
C LEU V 166 -31.15 -85.86 92.31
N LEU V 167 -30.83 -84.66 91.82
CA LEU V 167 -30.68 -83.48 92.65
C LEU V 167 -31.87 -82.56 92.44
N LYS V 168 -32.49 -82.11 93.52
CA LYS V 168 -33.66 -81.24 93.44
C LYS V 168 -33.48 -80.07 94.39
N LEU V 169 -33.42 -78.86 93.84
CA LEU V 169 -33.35 -77.65 94.65
C LEU V 169 -34.71 -76.95 94.60
N THR V 170 -35.24 -76.63 95.78
CA THR V 170 -36.55 -76.02 95.90
C THR V 170 -36.49 -74.85 96.88
N GLN V 171 -37.23 -73.79 96.58
CA GLN V 171 -37.26 -72.61 97.42
C GLN V 171 -38.50 -72.65 98.31
N THR V 172 -38.34 -72.18 99.55
CA THR V 172 -39.43 -72.09 100.51
C THR V 172 -39.48 -70.67 101.04
N THR V 173 -40.64 -70.04 100.93
CA THR V 173 -40.81 -68.69 101.44
C THR V 173 -41.07 -68.72 102.94
N SER V 174 -40.97 -67.55 103.57
CA SER V 174 -41.18 -67.46 105.00
C SER V 174 -42.61 -67.80 105.39
N LEU V 175 -43.58 -67.46 104.54
CA LEU V 175 -44.98 -67.74 104.85
C LEU V 175 -45.23 -69.23 104.92
N GLY V 176 -44.68 -70.00 103.97
CA GLY V 176 -44.87 -71.43 103.97
C GLY V 176 -45.03 -72.03 102.59
N VAL V 177 -45.01 -71.20 101.57
CA VAL V 177 -45.12 -71.68 100.20
C VAL V 177 -43.83 -72.37 99.79
N VAL V 178 -43.95 -73.61 99.32
CA VAL V 178 -42.81 -74.42 98.91
C VAL V 178 -43.02 -74.84 97.45
N THR V 179 -42.17 -74.36 96.56
CA THR V 179 -42.23 -74.70 95.15
C THR V 179 -40.88 -75.22 94.69
N THR V 180 -40.91 -76.20 93.79
CA THR V 180 -39.67 -76.70 93.22
C THR V 180 -39.04 -75.64 92.33
N LEU V 181 -37.71 -75.70 92.23
CA LEU V 181 -36.98 -74.70 91.45
C LEU V 181 -36.18 -75.32 90.32
N GLU V 182 -35.42 -76.38 90.59
CA GLU V 182 -34.68 -77.04 89.51
C GLU V 182 -34.38 -78.48 89.90
N THR V 183 -34.19 -79.30 88.87
CA THR V 183 -33.91 -80.72 89.05
C THR V 183 -32.89 -81.18 88.03
N HIS V 184 -32.11 -82.19 88.40
CA HIS V 184 -31.06 -82.73 87.56
C HIS V 184 -30.82 -84.19 87.91
N THR V 185 -30.14 -84.89 87.01
CA THR V 185 -29.70 -86.27 87.24
C THR V 185 -28.20 -86.31 87.00
N VAL V 186 -27.43 -86.39 88.09
CA VAL V 186 -25.98 -86.28 87.99
C VAL V 186 -25.34 -87.45 88.72
N SER V 187 -24.07 -87.70 88.38
CA SER V 187 -23.32 -88.79 89.00
C SER V 187 -21.86 -88.37 89.12
N LEU V 188 -21.15 -89.07 90.00
CA LEU V 188 -19.75 -88.79 90.27
C LEU V 188 -18.81 -89.46 89.29
N ALA V 189 -19.30 -90.37 88.45
CA ALA V 189 -18.45 -91.02 87.46
C ALA V 189 -18.01 -90.03 86.40
N GLU V 190 -16.76 -90.16 85.95
CA GLU V 190 -16.18 -89.21 85.00
C GLU V 190 -16.74 -89.36 83.60
N GLU V 191 -17.49 -90.43 83.32
CA GLU V 191 -17.96 -90.69 81.96
C GLU V 191 -19.41 -91.11 81.87
N ALA V 192 -20.13 -91.20 82.99
CA ALA V 192 -21.51 -91.65 82.96
C ALA V 192 -22.38 -90.65 82.21
N LYS V 193 -23.43 -91.17 81.56
CA LYS V 193 -24.35 -90.36 80.80
C LYS V 193 -25.78 -90.56 81.32
N ASP V 194 -26.59 -89.52 81.18
CA ASP V 194 -27.98 -89.59 81.63
C ASP V 194 -28.83 -90.28 80.57
N ASP V 195 -30.15 -90.22 80.74
CA ASP V 195 -31.05 -90.88 79.79
C ASP V 195 -31.00 -90.21 78.43
N MET V 196 -30.95 -88.88 78.38
CA MET V 196 -30.95 -88.16 77.12
C MET V 196 -29.60 -88.21 76.40
N GLY V 197 -28.56 -88.71 77.05
CA GLY V 197 -27.27 -88.85 76.42
C GLY V 197 -26.25 -87.79 76.76
N ARG V 198 -26.65 -86.73 77.47
CA ARG V 198 -25.72 -85.69 77.84
C ARG V 198 -24.79 -86.17 78.95
N LEU V 199 -23.66 -85.49 79.09
CA LEU V 199 -22.72 -85.80 80.16
C LEU V 199 -23.35 -85.53 81.52
N CYS V 200 -23.15 -86.44 82.46
CA CYS V 200 -23.76 -86.34 83.78
C CYS V 200 -22.74 -86.25 84.91
N TYR V 201 -21.47 -86.03 84.59
CA TYR V 201 -20.49 -85.75 85.63
C TYR V 201 -20.90 -84.50 86.39
N LEU V 202 -20.76 -84.54 87.71
CA LEU V 202 -21.36 -83.50 88.56
C LEU V 202 -20.81 -82.11 88.28
N PRO V 203 -19.51 -81.86 88.29
CA PRO V 203 -19.04 -80.47 88.09
C PRO V 203 -19.44 -79.88 86.76
N THR V 204 -19.11 -80.56 85.66
CA THR V 204 -19.42 -80.02 84.34
C THR V 204 -20.92 -79.93 84.11
N ALA V 205 -21.67 -80.92 84.60
CA ALA V 205 -23.12 -80.88 84.42
C ALA V 205 -23.73 -79.68 85.11
N LEU V 206 -23.37 -79.46 86.38
CA LEU V 206 -23.90 -78.32 87.10
C LEU V 206 -23.43 -77.00 86.49
N GLU V 207 -22.18 -76.94 86.04
CA GLU V 207 -21.67 -75.71 85.46
C GLU V 207 -22.39 -75.37 84.15
N ALA V 208 -22.71 -76.38 83.35
CA ALA V 208 -23.27 -76.13 82.03
C ALA V 208 -24.78 -75.97 82.06
N ARG V 209 -25.51 -76.96 82.58
CA ARG V 209 -26.96 -76.99 82.44
C ARG V 209 -27.70 -76.30 83.57
N SER V 210 -27.01 -75.84 84.60
CA SER V 210 -27.65 -75.19 85.75
C SER V 210 -27.05 -73.80 85.94
N LYS V 211 -27.92 -72.82 86.13
CA LYS V 211 -27.50 -71.45 86.36
C LYS V 211 -27.66 -71.01 87.81
N TYR V 212 -27.92 -71.94 88.72
CA TYR V 212 -28.06 -71.64 90.14
C TYR V 212 -26.93 -72.19 90.99
N LEU V 213 -26.48 -73.41 90.71
CA LEU V 213 -25.51 -74.09 91.56
C LEU V 213 -24.19 -74.26 90.85
N ARG V 214 -23.15 -74.52 91.65
CA ARG V 214 -21.86 -74.97 91.17
C ARG V 214 -21.32 -75.97 92.16
N ALA V 215 -20.37 -76.79 91.71
CA ALA V 215 -19.86 -77.84 92.56
C ALA V 215 -18.37 -78.04 92.30
N VAL V 216 -17.69 -78.59 93.30
CA VAL V 216 -16.29 -79.01 93.18
C VAL V 216 -16.16 -80.38 93.82
N VAL V 217 -15.13 -81.11 93.42
CA VAL V 217 -14.90 -82.48 93.85
C VAL V 217 -13.45 -82.64 94.31
N ASN V 218 -13.23 -83.66 95.13
CA ASN V 218 -11.89 -84.02 95.56
C ASN V 218 -11.45 -85.25 94.78
N GLU V 219 -10.36 -85.11 94.01
CA GLU V 219 -9.95 -86.17 93.12
C GLU V 219 -9.56 -87.43 93.88
N GLU V 220 -8.87 -87.28 95.01
CA GLU V 220 -8.39 -88.43 95.75
C GLU V 220 -9.54 -89.29 96.26
N LEU V 221 -10.59 -88.67 96.79
CA LEU V 221 -11.69 -89.38 97.43
C LEU V 221 -12.87 -89.62 96.50
N ILE V 222 -12.81 -89.13 95.26
CA ILE V 222 -13.97 -89.25 94.37
C ILE V 222 -14.20 -90.69 93.93
N SER V 223 -13.17 -91.54 93.98
CA SER V 223 -13.32 -92.92 93.51
C SER V 223 -14.20 -93.73 94.45
N THR V 224 -13.93 -93.63 95.76
CA THR V 224 -14.66 -94.40 96.76
C THR V 224 -15.86 -93.66 97.33
N ALA V 225 -16.14 -92.46 96.83
CA ALA V 225 -17.24 -91.67 97.36
C ALA V 225 -18.58 -92.34 97.08
N LYS V 226 -19.45 -92.34 98.09
CA LYS V 226 -20.80 -92.84 97.96
C LYS V 226 -21.77 -91.84 98.57
N VAL V 227 -22.97 -91.76 98.00
CA VAL V 227 -23.98 -90.80 98.44
C VAL V 227 -25.19 -91.57 98.96
N THR V 228 -25.74 -91.08 100.06
CA THR V 228 -26.94 -91.65 100.64
C THR V 228 -28.17 -90.87 100.18
N ASN V 229 -29.32 -91.13 100.78
CA ASN V 229 -30.56 -90.42 100.46
C ASN V 229 -30.79 -89.37 101.53
N LYS V 230 -30.47 -88.11 101.20
CA LYS V 230 -30.65 -86.99 102.11
C LYS V 230 -31.86 -86.17 101.68
N LYS V 231 -32.76 -85.90 102.61
CA LYS V 231 -34.01 -85.21 102.33
C LYS V 231 -34.06 -83.90 103.09
N SER V 232 -34.39 -82.82 102.38
CA SER V 232 -34.64 -81.51 102.97
C SER V 232 -33.43 -80.99 103.74
N LEU V 233 -32.35 -80.76 102.99
CA LEU V 233 -31.21 -80.06 103.54
C LEU V 233 -31.50 -78.56 103.61
N ALA V 234 -30.52 -77.78 104.04
CA ALA V 234 -30.75 -76.36 104.22
C ALA V 234 -29.43 -75.60 104.08
N PHE V 235 -29.36 -74.69 103.12
CA PHE V 235 -28.25 -73.77 103.05
C PHE V 235 -28.30 -72.79 104.21
N THR V 236 -27.14 -72.39 104.71
CA THR V 236 -27.10 -71.46 105.84
C THR V 236 -25.78 -70.70 105.81
N GLY V 237 -25.77 -69.57 106.50
CA GLY V 237 -24.60 -68.74 106.61
C GLY V 237 -24.49 -67.64 105.58
N GLY V 238 -25.33 -67.66 104.55
CA GLY V 238 -25.27 -66.62 103.53
C GLY V 238 -25.63 -65.26 104.10
N THR V 239 -24.94 -64.23 103.62
CA THR V 239 -25.12 -62.89 104.17
C THR V 239 -24.71 -61.88 103.12
N ASN V 240 -25.62 -60.96 102.78
CA ASN V 240 -25.31 -59.92 101.81
C ASN V 240 -24.47 -58.81 102.41
N GLY V 241 -24.32 -58.80 103.73
CA GLY V 241 -23.52 -57.79 104.39
C GLY V 241 -24.18 -56.43 104.40
N ASP V 242 -23.37 -55.42 104.73
CA ASP V 242 -23.83 -54.04 104.73
C ASP V 242 -23.58 -53.43 103.36
N GLN V 243 -24.64 -53.00 102.69
CA GLN V 243 -24.53 -52.38 101.39
C GLN V 243 -24.63 -50.86 101.44
N SER V 244 -24.71 -50.28 102.64
CA SER V 244 -24.77 -48.83 102.75
C SER V 244 -23.46 -48.20 102.29
N LYS V 245 -22.33 -48.74 102.75
CA LYS V 245 -21.02 -48.22 102.40
C LYS V 245 -20.26 -49.26 101.59
N ILE V 246 -19.61 -48.81 100.53
CA ILE V 246 -18.82 -49.67 99.64
C ILE V 246 -17.53 -48.95 99.31
N SER V 247 -16.40 -49.62 99.48
CA SER V 247 -15.12 -49.02 99.18
C SER V 247 -15.00 -48.74 97.69
N THR V 248 -14.22 -47.72 97.35
CA THR V 248 -14.04 -47.35 95.96
C THR V 248 -13.33 -48.46 95.17
N ALA V 249 -12.62 -49.35 95.85
CA ALA V 249 -11.97 -50.46 95.16
C ALA V 249 -12.99 -51.36 94.49
N ALA V 250 -14.10 -51.64 95.17
CA ALA V 250 -15.14 -52.48 94.59
C ALA V 250 -15.73 -51.84 93.34
N TYR V 251 -15.99 -50.54 93.39
CA TYR V 251 -16.53 -49.84 92.22
C TYR V 251 -15.53 -49.84 91.08
N LEU V 252 -14.25 -49.65 91.38
CA LEU V 252 -13.24 -49.69 90.33
C LEU V 252 -13.16 -51.07 89.69
N ARG V 253 -13.21 -52.12 90.51
CA ARG V 253 -13.20 -53.48 89.94
C ARG V 253 -14.41 -53.71 89.06
N ALA V 254 -15.59 -53.26 89.52
CA ALA V 254 -16.79 -53.45 88.72
C ALA V 254 -16.71 -52.73 87.39
N VAL V 255 -16.22 -51.48 87.39
CA VAL V 255 -16.15 -50.76 86.12
C VAL V 255 -15.09 -51.35 85.22
N LYS V 256 -14.00 -51.89 85.78
CA LYS V 256 -13.03 -52.59 84.94
C LYS V 256 -13.65 -53.82 84.29
N VAL V 257 -14.43 -54.58 85.04
CA VAL V 257 -15.11 -55.74 84.46
C VAL V 257 -16.06 -55.30 83.35
N LEU V 258 -16.80 -54.22 83.59
CA LEU V 258 -17.70 -53.71 82.56
C LEU V 258 -16.95 -53.28 81.31
N ASN V 259 -15.77 -52.69 81.48
CA ASN V 259 -14.95 -52.32 80.34
C ASN V 259 -14.53 -53.55 79.55
N ASN V 260 -14.10 -54.60 80.25
CA ASN V 260 -13.62 -55.80 79.57
C ASN V 260 -14.76 -56.71 79.11
N ALA V 261 -16.00 -56.34 79.38
CA ALA V 261 -17.13 -57.17 78.95
C ALA V 261 -17.14 -57.32 77.43
N PRO V 262 -17.37 -58.52 76.90
CA PRO V 262 -17.42 -58.72 75.45
C PRO V 262 -18.83 -58.58 74.88
N TYR V 263 -19.40 -57.39 75.01
CA TYR V 263 -20.74 -57.12 74.50
C TYR V 263 -20.74 -55.77 73.78
N MET V 264 -21.89 -55.40 73.25
CA MET V 264 -22.06 -54.17 72.49
C MET V 264 -23.12 -53.31 73.17
N TYR V 265 -22.77 -52.06 73.49
CA TYR V 265 -23.74 -51.13 74.05
C TYR V 265 -23.38 -49.72 73.64
N THR V 266 -24.38 -48.85 73.64
CA THR V 266 -24.20 -47.47 73.18
C THR V 266 -24.62 -46.45 74.23
N ALA V 267 -24.57 -46.81 75.52
CA ALA V 267 -24.86 -45.86 76.58
C ALA V 267 -24.32 -46.44 77.88
N VAL V 268 -23.65 -45.62 78.68
CA VAL V 268 -22.91 -46.11 79.82
C VAL V 268 -23.50 -45.59 81.12
N LEU V 269 -24.84 -45.51 81.16
CA LEU V 269 -25.60 -44.90 82.25
C LEU V 269 -24.94 -45.08 83.61
N GLY V 270 -24.77 -43.97 84.32
CA GLY V 270 -24.22 -43.99 85.66
C GLY V 270 -25.29 -44.27 86.69
N LEU V 271 -25.68 -45.54 86.82
CA LEU V 271 -26.81 -45.92 87.67
C LEU V 271 -26.48 -45.62 89.13
N GLY V 272 -27.07 -44.54 89.64
CA GLY V 272 -27.03 -44.20 91.05
C GLY V 272 -25.73 -44.44 91.77
N CYS V 273 -24.61 -44.10 91.14
CA CYS V 273 -23.29 -44.29 91.74
C CYS V 273 -22.63 -42.91 91.79
N TYR V 274 -22.64 -42.30 92.97
CA TYR V 274 -22.09 -40.96 93.16
C TYR V 274 -20.69 -41.05 93.76
N ASP V 275 -19.78 -41.58 92.96
CA ASP V 275 -18.37 -41.67 93.32
C ASP V 275 -17.53 -41.07 92.21
N ASN V 276 -16.61 -40.18 92.58
CA ASN V 276 -15.83 -39.46 91.58
C ASN V 276 -14.96 -40.41 90.76
N ALA V 277 -14.32 -41.38 91.41
CA ALA V 277 -13.46 -42.31 90.69
C ALA V 277 -14.26 -43.15 89.71
N ALA V 278 -15.42 -43.66 90.14
CA ALA V 278 -16.25 -44.45 89.25
C ALA V 278 -16.76 -43.63 88.08
N ILE V 279 -17.15 -42.39 88.33
CA ILE V 279 -17.64 -41.54 87.24
C ILE V 279 -16.52 -41.27 86.25
N THR V 280 -15.31 -41.01 86.73
CA THR V 280 -14.19 -40.82 85.83
C THR V 280 -13.92 -42.07 85.00
N ALA V 281 -13.99 -43.25 85.63
CA ALA V 281 -13.77 -44.49 84.89
C ALA V 281 -14.83 -44.68 83.80
N LEU V 282 -16.09 -44.37 84.12
CA LEU V 282 -17.14 -44.49 83.11
C LEU V 282 -16.95 -43.49 81.97
N GLY V 283 -16.46 -42.30 82.30
CA GLY V 283 -16.10 -41.36 81.24
C GLY V 283 -14.99 -41.90 80.36
N LYS V 284 -14.03 -42.59 80.97
CA LYS V 284 -13.00 -43.27 80.19
C LYS V 284 -13.61 -44.31 79.26
N ILE V 285 -14.60 -45.05 79.75
CA ILE V 285 -15.26 -46.06 78.91
C ILE V 285 -15.91 -45.39 77.71
N CYS V 286 -16.59 -44.27 77.93
CA CYS V 286 -17.15 -43.50 76.82
C CYS V 286 -16.07 -43.10 75.83
N ALA V 287 -15.00 -42.47 76.32
CA ALA V 287 -13.97 -41.95 75.42
C ALA V 287 -13.26 -43.07 74.68
N ASP V 288 -13.29 -44.29 75.22
CA ASP V 288 -12.61 -45.39 74.56
C ASP V 288 -13.51 -46.04 73.52
N ARG V 289 -14.75 -46.36 73.88
CA ARG V 289 -15.63 -47.10 72.98
C ARG V 289 -16.40 -46.21 72.02
N LEU V 290 -16.30 -44.88 72.14
CA LEU V 290 -17.06 -43.94 71.32
C LEU V 290 -18.56 -44.16 71.49
N ILE V 291 -19.03 -43.96 72.72
CA ILE V 291 -20.45 -44.07 73.06
C ILE V 291 -20.83 -42.86 73.90
N ASP V 292 -22.06 -42.90 74.42
CA ASP V 292 -22.64 -41.80 75.16
C ASP V 292 -22.78 -42.14 76.64
N GLY V 293 -22.64 -41.13 77.48
CA GLY V 293 -22.79 -41.31 78.91
C GLY V 293 -23.73 -40.30 79.52
N PHE V 294 -24.56 -40.72 80.48
CA PHE V 294 -25.53 -39.86 81.14
C PHE V 294 -25.37 -39.98 82.65
N PHE V 295 -24.44 -39.23 83.21
CA PHE V 295 -24.20 -39.26 84.64
C PHE V 295 -24.95 -38.12 85.33
N ASP V 296 -25.02 -38.19 86.64
CA ASP V 296 -25.85 -37.20 87.33
C ASP V 296 -25.31 -37.03 88.75
N VAL V 297 -25.21 -35.78 89.19
CA VAL V 297 -24.63 -35.44 90.48
C VAL V 297 -25.60 -35.76 91.60
N LYS V 298 -25.15 -35.70 92.84
CA LYS V 298 -26.02 -36.04 93.97
C LYS V 298 -27.26 -35.15 93.94
N PRO V 299 -28.45 -35.73 93.84
CA PRO V 299 -29.65 -34.91 93.74
C PRO V 299 -30.18 -34.49 95.10
N THR V 300 -29.28 -34.07 95.98
CA THR V 300 -29.66 -33.46 97.26
C THR V 300 -28.82 -32.24 97.55
N LEU V 301 -28.11 -31.72 96.57
CA LEU V 301 -27.28 -30.53 96.73
C LEU V 301 -28.06 -29.30 96.30
N THR V 302 -27.83 -28.20 97.00
CA THR V 302 -28.46 -26.94 96.63
C THR V 302 -27.88 -26.44 95.31
N TYR V 303 -28.60 -25.49 94.70
CA TYR V 303 -28.16 -24.94 93.42
C TYR V 303 -26.81 -24.25 93.55
N ALA V 304 -26.46 -23.80 94.76
CA ALA V 304 -25.16 -23.17 94.95
C ALA V 304 -24.03 -24.18 94.89
N GLU V 305 -24.21 -25.34 95.54
CA GLU V 305 -23.17 -26.35 95.57
C GLU V 305 -23.18 -27.26 94.35
N ALA V 306 -24.23 -27.21 93.52
CA ALA V 306 -24.28 -28.07 92.35
C ALA V 306 -23.15 -27.73 91.38
N LEU V 307 -22.86 -26.45 91.18
CA LEU V 307 -21.85 -26.05 90.20
C LEU V 307 -20.45 -26.55 90.54
N PRO V 308 -19.92 -26.39 91.76
CA PRO V 308 -18.59 -26.94 92.03
C PRO V 308 -18.55 -28.46 92.00
N ALA V 309 -19.66 -29.15 92.29
CA ALA V 309 -19.65 -30.60 92.24
C ALA V 309 -19.46 -31.12 90.83
N VAL V 310 -19.96 -30.39 89.83
CA VAL V 310 -19.76 -30.81 88.45
C VAL V 310 -18.29 -30.74 88.07
N GLU V 311 -17.59 -29.69 88.51
CA GLU V 311 -16.15 -29.64 88.31
C GLU V 311 -15.45 -30.75 89.08
N ASP V 312 -15.93 -31.04 90.28
CA ASP V 312 -15.33 -32.08 91.11
C ASP V 312 -15.41 -33.43 90.42
N THR V 313 -16.55 -33.75 89.81
CA THR V 313 -16.79 -35.09 89.30
C THR V 313 -15.78 -35.49 88.24
N GLY V 314 -15.09 -34.54 87.61
CA GLY V 314 -13.90 -34.83 86.85
C GLY V 314 -14.04 -34.86 85.34
N LEU V 315 -15.25 -34.91 84.81
CA LEU V 315 -15.38 -34.99 83.35
C LEU V 315 -15.17 -33.66 82.65
N LEU V 316 -15.09 -32.55 83.39
CA LEU V 316 -14.95 -31.24 82.77
C LEU V 316 -13.59 -31.13 82.10
N GLY V 317 -13.57 -31.16 80.77
CA GLY V 317 -12.35 -31.03 80.01
C GLY V 317 -12.60 -31.07 78.52
N THR V 318 -11.67 -31.65 77.77
CA THR V 318 -11.82 -31.80 76.33
C THR V 318 -11.76 -33.25 75.88
N ASP V 319 -11.49 -34.19 76.77
CA ASP V 319 -11.42 -35.59 76.38
C ASP V 319 -12.79 -36.23 76.34
N TYR V 320 -13.66 -35.91 77.29
CA TYR V 320 -14.99 -36.49 77.39
C TYR V 320 -15.97 -35.50 76.78
N VAL V 321 -16.19 -35.61 75.46
CA VAL V 321 -17.04 -34.67 74.75
C VAL V 321 -18.43 -35.22 74.51
N SER V 322 -18.76 -36.40 75.04
CA SER V 322 -20.06 -37.01 74.80
C SER V 322 -20.79 -37.36 76.09
N CYS V 323 -20.27 -36.97 77.26
CA CYS V 323 -20.87 -37.33 78.53
C CYS V 323 -21.63 -36.14 79.11
N SER V 324 -22.90 -36.36 79.40
CA SER V 324 -23.77 -35.34 79.97
C SER V 324 -23.90 -35.53 81.47
N VAL V 325 -24.08 -34.41 82.18
CA VAL V 325 -24.21 -34.41 83.63
C VAL V 325 -25.54 -33.76 83.99
N TYR V 326 -26.32 -34.42 84.83
CA TYR V 326 -27.64 -33.94 85.19
C TYR V 326 -27.72 -33.69 86.70
N HIS V 327 -28.85 -33.10 87.11
CA HIS V 327 -29.09 -32.73 88.50
C HIS V 327 -30.59 -32.52 88.67
N TYR V 328 -31.19 -33.28 89.58
CA TYR V 328 -32.65 -33.29 89.76
C TYR V 328 -32.98 -33.16 91.24
N PRO V 329 -32.92 -31.95 91.80
CA PRO V 329 -33.22 -31.76 93.23
C PRO V 329 -34.71 -31.65 93.50
N PHE V 330 -35.40 -32.78 93.42
CA PHE V 330 -36.83 -32.83 93.69
C PHE V 330 -37.17 -34.13 94.40
N SER V 331 -38.28 -34.13 95.11
CA SER V 331 -38.78 -35.31 95.80
C SER V 331 -39.86 -35.99 94.97
N CYS V 332 -40.18 -37.22 95.34
CA CYS V 332 -41.15 -37.99 94.60
C CYS V 332 -41.74 -39.07 95.51
N LYS V 333 -42.87 -39.61 95.08
CA LYS V 333 -43.53 -40.70 95.78
C LYS V 333 -43.21 -42.00 95.06
N ASP V 334 -42.65 -42.96 95.79
CA ASP V 334 -42.15 -44.18 95.18
C ASP V 334 -43.30 -45.04 94.65
N LYS V 335 -43.01 -45.80 93.60
CA LYS V 335 -44.03 -46.63 92.97
C LYS V 335 -44.37 -47.86 93.80
N TRP V 336 -43.38 -48.46 94.44
CA TRP V 336 -43.59 -49.73 95.13
C TRP V 336 -43.90 -49.55 96.61
N THR V 337 -42.99 -48.92 97.35
CA THR V 337 -43.14 -48.86 98.80
C THR V 337 -44.04 -47.72 99.28
N GLN V 338 -44.41 -46.79 98.39
CA GLN V 338 -45.27 -45.66 98.73
C GLN V 338 -44.67 -44.83 99.86
N SER V 339 -43.53 -44.20 99.57
CA SER V 339 -42.84 -43.37 100.53
C SER V 339 -42.21 -42.18 99.80
N ARG V 340 -41.55 -41.33 100.58
CA ARG V 340 -40.90 -40.13 100.04
C ARG V 340 -39.44 -40.44 99.78
N VAL V 341 -39.07 -40.52 98.50
CA VAL V 341 -37.70 -40.85 98.10
C VAL V 341 -37.23 -39.85 97.06
N VAL V 342 -35.91 -39.76 96.92
CA VAL V 342 -35.26 -38.93 95.92
C VAL V 342 -34.22 -39.76 95.19
N PHE V 343 -34.21 -39.67 93.87
CA PHE V 343 -33.17 -40.34 93.09
C PHE V 343 -32.90 -39.51 91.84
N GLY V 344 -32.06 -40.03 90.96
CA GLY V 344 -31.45 -39.26 89.90
C GLY V 344 -32.28 -39.20 88.63
N LEU V 345 -31.60 -38.80 87.55
CA LEU V 345 -32.25 -38.57 86.27
C LEU V 345 -31.59 -39.31 85.11
N SER V 346 -30.61 -40.17 85.39
CA SER V 346 -29.91 -40.88 84.31
C SER V 346 -30.87 -41.77 83.53
N GLY V 347 -31.76 -42.47 84.24
CA GLY V 347 -32.69 -43.34 83.55
C GLY V 347 -33.61 -42.59 82.61
N VAL V 348 -34.14 -41.45 83.06
CA VAL V 348 -35.04 -40.68 82.21
C VAL V 348 -34.27 -40.06 81.04
N ALA V 349 -33.04 -39.63 81.27
CA ALA V 349 -32.23 -39.11 80.18
C ALA V 349 -32.02 -40.17 79.10
N TYR V 350 -31.69 -41.40 79.52
CA TYR V 350 -31.51 -42.45 78.53
C TYR V 350 -32.83 -42.80 77.85
N ALA V 351 -33.94 -42.76 78.58
CA ALA V 351 -35.22 -43.01 77.94
C ALA V 351 -35.51 -41.98 76.87
N ALA V 352 -35.19 -40.72 77.14
CA ALA V 352 -35.33 -39.69 76.12
C ALA V 352 -34.46 -39.97 74.91
N LYS V 353 -33.20 -40.36 75.16
CA LYS V 353 -32.31 -40.66 74.04
C LYS V 353 -32.83 -41.82 73.20
N ALA V 354 -33.37 -42.85 73.85
CA ALA V 354 -33.90 -44.00 73.11
C ALA V 354 -35.14 -43.63 72.32
N ARG V 355 -36.03 -42.83 72.92
CA ARG V 355 -37.18 -42.34 72.17
C ARG V 355 -36.73 -41.56 70.94
N GLY V 356 -35.67 -40.78 71.07
CA GLY V 356 -35.15 -40.07 69.91
C GLY V 356 -34.56 -41.00 68.87
N VAL V 357 -33.82 -42.02 69.30
CA VAL V 357 -33.14 -42.90 68.36
C VAL V 357 -34.10 -43.86 67.68
N LYS V 358 -35.30 -44.06 68.22
CA LYS V 358 -36.27 -44.96 67.61
C LYS V 358 -37.18 -44.28 66.59
N LYS V 359 -36.96 -43.00 66.30
CA LYS V 359 -37.82 -42.30 65.35
C LYS V 359 -37.58 -42.79 63.93
N ASN V 360 -36.35 -42.64 63.44
CA ASN V 360 -36.00 -43.14 62.11
C ASN V 360 -35.76 -44.65 62.17
N SER V 361 -36.18 -45.34 61.12
CA SER V 361 -36.07 -46.79 61.08
C SER V 361 -34.90 -47.30 60.26
N ASP V 362 -34.51 -46.57 59.21
CA ASP V 362 -33.43 -47.04 58.35
C ASP V 362 -32.09 -47.00 59.08
N VAL V 363 -31.65 -45.79 59.45
CA VAL V 363 -30.39 -45.61 60.16
C VAL V 363 -30.59 -45.19 61.61
N GLY V 364 -31.82 -44.90 62.01
CA GLY V 364 -32.07 -44.46 63.38
C GLY V 364 -31.76 -43.00 63.54
N GLY V 365 -32.62 -42.27 64.25
CA GLY V 365 -32.41 -40.85 64.40
C GLY V 365 -31.50 -40.53 65.56
N TRP V 366 -30.23 -40.29 65.28
CA TRP V 366 -29.27 -39.89 66.30
C TRP V 366 -29.18 -38.38 66.44
N HIS V 367 -29.84 -37.62 65.58
CA HIS V 367 -29.75 -36.17 65.60
C HIS V 367 -30.80 -35.51 66.48
N TYR V 368 -31.64 -36.29 67.14
CA TYR V 368 -32.66 -35.73 68.02
C TYR V 368 -32.05 -35.51 69.41
N SER V 369 -32.13 -34.29 69.91
CA SER V 369 -31.60 -33.99 71.23
C SER V 369 -32.46 -34.67 72.31
N PRO V 370 -31.84 -35.10 73.40
CA PRO V 370 -32.59 -35.73 74.50
C PRO V 370 -33.27 -34.73 75.43
N ALA V 371 -34.03 -33.82 74.84
CA ALA V 371 -34.75 -32.81 75.62
C ALA V 371 -35.93 -32.31 74.79
N GLY V 372 -36.87 -31.69 75.47
CA GLY V 372 -38.03 -31.13 74.82
C GLY V 372 -39.29 -31.47 75.56
N GLU V 373 -40.43 -31.27 74.90
CA GLU V 373 -41.72 -31.54 75.50
C GLU V 373 -42.39 -32.78 74.95
N GLU V 374 -41.86 -33.38 73.89
CA GLU V 374 -42.43 -34.57 73.29
C GLU V 374 -41.55 -35.79 73.43
N ARG V 375 -40.35 -35.66 73.99
CA ARG V 375 -39.43 -36.78 74.09
C ARG V 375 -38.73 -36.92 75.43
N ALA V 376 -38.97 -36.03 76.39
CA ALA V 376 -38.21 -36.06 77.62
C ALA V 376 -39.09 -35.79 78.84
N VAL V 377 -40.38 -36.10 78.76
CA VAL V 377 -41.25 -35.88 79.90
C VAL V 377 -40.83 -36.80 81.04
N ILE V 378 -41.01 -36.32 82.26
CA ILE V 378 -40.64 -37.04 83.46
C ILE V 378 -41.92 -37.52 84.14
N ALA V 379 -42.05 -38.82 84.31
CA ALA V 379 -43.24 -39.44 84.90
C ALA V 379 -42.90 -39.83 86.33
N ARG V 380 -43.45 -39.11 87.30
CA ARG V 380 -43.26 -39.41 88.71
C ARG V 380 -44.61 -39.27 89.40
N ALA V 381 -44.59 -39.27 90.73
CA ALA V 381 -45.81 -39.20 91.52
C ALA V 381 -45.65 -38.11 92.58
N SER V 382 -46.48 -37.09 92.50
CA SER V 382 -46.55 -36.02 93.51
C SER V 382 -45.18 -35.36 93.71
N ILE V 383 -44.65 -34.82 92.62
CA ILE V 383 -43.36 -34.14 92.67
C ILE V 383 -43.47 -32.93 93.57
N GLN V 384 -42.66 -32.90 94.62
CA GLN V 384 -42.65 -31.80 95.58
C GLN V 384 -41.23 -31.26 95.68
N PRO V 385 -40.99 -30.01 95.30
CA PRO V 385 -39.61 -29.50 95.26
C PRO V 385 -38.93 -29.56 96.62
N LEU V 386 -37.64 -29.87 96.59
CA LEU V 386 -36.88 -29.99 97.82
C LEU V 386 -36.58 -28.63 98.43
N TYR V 387 -36.23 -27.64 97.61
CA TYR V 387 -35.86 -26.31 98.06
C TYR V 387 -36.72 -25.29 97.31
N PRO V 388 -37.97 -25.14 97.71
CA PRO V 388 -38.83 -24.16 97.03
C PRO V 388 -38.36 -22.72 97.17
N GLU V 389 -37.57 -22.40 98.18
CA GLU V 389 -37.15 -21.01 98.38
C GLU V 389 -35.98 -20.60 97.49
N ASP V 390 -35.33 -21.54 96.82
CA ASP V 390 -34.19 -21.21 95.97
C ASP V 390 -34.64 -21.01 94.53
N THR V 391 -33.68 -20.67 93.67
CA THR V 391 -33.97 -20.41 92.27
C THR V 391 -32.76 -20.81 91.43
N PRO V 392 -32.97 -21.29 90.21
CA PRO V 392 -31.84 -21.66 89.35
C PRO V 392 -30.97 -20.47 89.01
N ASP V 393 -29.84 -20.77 88.39
CA ASP V 393 -28.79 -19.79 88.04
C ASP V 393 -28.46 -19.89 86.56
N GLU V 394 -29.50 -19.81 85.71
CA GLU V 394 -29.42 -20.20 84.31
C GLU V 394 -28.09 -19.90 83.62
N GLU V 395 -27.60 -18.66 83.75
CA GLU V 395 -26.36 -18.31 83.08
C GLU V 395 -25.18 -19.08 83.66
N ALA V 396 -25.07 -19.15 84.98
CA ALA V 396 -24.00 -19.90 85.60
C ALA V 396 -24.10 -21.38 85.26
N MET V 397 -25.31 -21.91 85.23
CA MET V 397 -25.51 -23.32 84.87
C MET V 397 -25.03 -23.60 83.45
N VAL V 398 -25.39 -22.74 82.50
CA VAL V 398 -24.99 -22.96 81.12
C VAL V 398 -23.48 -22.84 80.99
N LYS V 399 -22.87 -21.89 81.71
CA LYS V 399 -21.42 -21.76 81.65
C LYS V 399 -20.73 -22.96 82.28
N GLY V 400 -21.33 -23.55 83.31
CA GLY V 400 -20.78 -24.71 83.98
C GLY V 400 -21.22 -26.04 83.43
N ARG V 401 -21.97 -26.06 82.33
CA ARG V 401 -22.34 -27.29 81.64
C ARG V 401 -23.13 -28.22 82.56
N LEU V 402 -24.31 -27.75 82.95
CA LEU V 402 -25.21 -28.50 83.82
C LEU V 402 -26.63 -28.39 83.26
N ASN V 403 -27.17 -29.51 82.80
CA ASN V 403 -28.53 -29.49 82.28
C ASN V 403 -29.52 -29.30 83.41
N LYS V 404 -30.60 -28.57 83.13
CA LYS V 404 -31.55 -28.17 84.15
C LYS V 404 -32.95 -28.63 83.77
N VAL V 405 -33.75 -28.95 84.79
CA VAL V 405 -35.14 -29.30 84.59
C VAL V 405 -35.99 -28.04 84.64
N SER V 406 -37.22 -28.15 84.14
CA SER V 406 -38.14 -27.02 84.13
C SER V 406 -39.55 -27.57 84.15
N VAL V 407 -40.52 -26.68 83.91
CA VAL V 407 -41.92 -27.05 83.80
C VAL V 407 -42.40 -26.60 82.43
N GLY V 408 -42.62 -27.56 81.54
CA GLY V 408 -43.08 -27.26 80.21
C GLY V 408 -44.57 -27.03 80.18
N THR V 409 -45.13 -27.10 78.98
CA THR V 409 -46.57 -26.94 78.82
C THR V 409 -47.31 -28.10 79.47
N SER V 410 -48.55 -27.83 79.89
CA SER V 410 -49.45 -28.79 80.51
C SER V 410 -49.03 -29.14 81.94
N GLY V 411 -47.86 -28.68 82.36
CA GLY V 411 -47.45 -28.80 83.75
C GLY V 411 -46.62 -30.00 84.11
N GLN V 412 -46.21 -30.82 83.14
CA GLN V 412 -45.31 -31.94 83.44
C GLN V 412 -43.86 -31.48 83.34
N MET V 413 -43.05 -31.90 84.32
CA MET V 413 -41.65 -31.57 84.31
C MET V 413 -40.95 -32.17 83.10
N ILE V 414 -40.02 -31.43 82.52
CA ILE V 414 -39.26 -31.88 81.36
C ILE V 414 -37.80 -31.54 81.56
N ILE V 415 -36.95 -32.18 80.76
CA ILE V 415 -35.55 -31.79 80.64
C ILE V 415 -35.45 -30.76 79.55
N ASP V 416 -34.79 -29.63 79.85
CA ASP V 416 -34.79 -28.49 78.94
C ASP V 416 -33.38 -28.03 78.61
N ASP V 417 -32.45 -28.97 78.44
CA ASP V 417 -31.12 -28.60 77.98
C ASP V 417 -30.42 -29.84 77.44
N ALA V 418 -29.47 -29.62 76.54
CA ALA V 418 -28.77 -30.71 75.88
C ALA V 418 -27.28 -30.41 75.80
N LEU V 419 -26.70 -29.96 76.91
CA LEU V 419 -25.30 -29.57 76.93
C LEU V 419 -24.43 -30.70 77.48
N THR V 420 -23.30 -30.92 76.84
CA THR V 420 -22.36 -31.96 77.25
C THR V 420 -21.33 -31.37 78.21
N CYS V 421 -20.26 -32.13 78.47
CA CYS V 421 -19.22 -31.71 79.39
C CYS V 421 -18.07 -31.00 78.71
N CYS V 422 -18.14 -30.78 77.40
CA CYS V 422 -17.09 -30.06 76.71
C CYS V 422 -17.06 -28.60 77.15
N THR V 423 -15.86 -28.08 77.38
CA THR V 423 -15.71 -26.69 77.80
C THR V 423 -15.55 -25.74 76.63
N GLN V 424 -14.96 -26.20 75.53
CA GLN V 424 -14.77 -25.33 74.37
C GLN V 424 -16.11 -24.91 73.80
N ASP V 425 -16.18 -23.66 73.36
CA ASP V 425 -17.42 -23.10 72.83
C ASP V 425 -17.43 -23.26 71.31
N ASN V 426 -17.82 -24.45 70.88
CA ASN V 426 -17.95 -24.75 69.45
C ASN V 426 -19.15 -25.66 69.29
N TYR V 427 -19.28 -26.29 68.12
CA TYR V 427 -20.40 -27.18 67.87
C TYR V 427 -20.38 -28.43 68.74
N LEU V 428 -19.28 -28.70 69.43
CA LEU V 428 -19.13 -29.97 70.12
C LEU V 428 -19.84 -30.01 71.46
N HIS V 429 -20.23 -28.87 72.04
CA HIS V 429 -20.83 -28.93 73.36
C HIS V 429 -22.32 -29.22 73.32
N PHE V 430 -22.95 -29.19 72.14
CA PHE V 430 -24.32 -29.67 72.04
C PHE V 430 -24.33 -31.20 72.11
N GLN V 431 -25.49 -31.77 72.42
CA GLN V 431 -25.53 -33.19 72.70
C GLN V 431 -25.60 -34.03 71.43
N HIS V 432 -26.37 -33.59 70.43
CA HIS V 432 -26.64 -34.46 69.30
C HIS V 432 -25.44 -34.60 68.37
N VAL V 433 -24.61 -33.57 68.26
CA VAL V 433 -23.48 -33.62 67.33
C VAL V 433 -22.49 -34.73 67.67
N PRO V 434 -22.00 -34.84 68.91
CA PRO V 434 -21.09 -35.97 69.21
C PRO V 434 -21.72 -37.33 68.98
N SER V 435 -23.01 -37.49 69.27
CA SER V 435 -23.64 -38.78 69.08
C SER V 435 -23.68 -39.16 67.62
N LEU V 436 -24.05 -38.22 66.75
CA LEU V 436 -24.09 -38.50 65.32
C LEU V 436 -22.70 -38.81 64.79
N MET V 437 -21.71 -37.99 65.17
CA MET V 437 -20.35 -38.24 64.70
C MET V 437 -19.84 -39.59 65.18
N ASN V 438 -20.17 -39.98 66.42
CA ASN V 438 -19.72 -41.25 66.93
C ASN V 438 -20.40 -42.41 66.21
N ALA V 439 -21.67 -42.26 65.85
CA ALA V 439 -22.32 -43.30 65.06
C ALA V 439 -21.61 -43.49 63.72
N ILE V 440 -21.29 -42.39 63.05
CA ILE V 440 -20.57 -42.49 61.78
C ILE V 440 -19.21 -43.15 61.99
N SER V 441 -18.51 -42.77 63.05
CA SER V 441 -17.19 -43.33 63.31
C SER V 441 -17.24 -44.83 63.59
N ARG V 442 -18.25 -45.27 64.35
CA ARG V 442 -18.37 -46.70 64.61
C ARG V 442 -18.65 -47.48 63.33
N PHE V 443 -19.51 -46.95 62.46
CA PHE V 443 -19.73 -47.62 61.19
C PHE V 443 -18.44 -47.68 60.38
N PHE V 444 -17.66 -46.60 60.39
CA PHE V 444 -16.40 -46.61 59.64
C PHE V 444 -15.45 -47.66 60.19
N VAL V 445 -15.37 -47.78 61.51
CA VAL V 445 -14.47 -48.76 62.09
C VAL V 445 -14.88 -50.16 61.64
N GLN V 446 -16.18 -50.44 61.66
CA GLN V 446 -16.64 -51.75 61.19
C GLN V 446 -16.23 -51.99 59.74
N LEU V 447 -16.47 -50.99 58.88
CA LEU V 447 -16.18 -51.17 57.45
C LEU V 447 -14.69 -51.39 57.21
N ALA V 448 -13.85 -50.56 57.83
CA ALA V 448 -12.41 -50.68 57.61
C ALA V 448 -11.87 -51.98 58.18
N ARG V 449 -12.39 -52.42 59.34
CA ARG V 449 -11.96 -53.71 59.87
C ARG V 449 -12.31 -54.83 58.93
N GLN V 450 -13.50 -54.79 58.32
CA GLN V 450 -13.85 -55.82 57.35
C GLN V 450 -12.98 -55.74 56.10
N MET V 451 -12.53 -54.55 55.73
CA MET V 451 -11.89 -54.33 54.44
C MET V 451 -10.37 -54.24 54.54
N LYS V 452 -9.79 -54.48 55.71
CA LYS V 452 -8.35 -54.43 55.85
C LYS V 452 -7.68 -55.55 55.04
N HIS V 453 -6.43 -55.28 54.64
CA HIS V 453 -5.53 -56.24 54.01
C HIS V 453 -5.90 -56.59 52.57
N SER V 454 -6.60 -55.71 51.88
CA SER V 454 -6.93 -55.93 50.48
C SER V 454 -6.07 -55.06 49.57
N PRO V 455 -5.90 -55.45 48.32
CA PRO V 455 -5.14 -54.61 47.38
C PRO V 455 -5.84 -53.29 47.14
N ASP V 456 -5.07 -52.31 46.68
CA ASP V 456 -5.58 -50.95 46.58
C ASP V 456 -6.72 -50.83 45.59
N GLY V 457 -6.67 -51.62 44.51
CA GLY V 457 -7.72 -51.53 43.50
C GLY V 457 -9.09 -51.82 44.08
N ILE V 458 -9.20 -52.89 44.86
CA ILE V 458 -10.46 -53.19 45.53
C ILE V 458 -10.71 -52.18 46.66
N THR V 459 -9.67 -51.83 47.40
CA THR V 459 -9.84 -51.06 48.63
C THR V 459 -10.42 -49.68 48.35
N ALA V 460 -9.85 -48.97 47.37
CA ALA V 460 -10.31 -47.61 47.11
C ALA V 460 -11.77 -47.59 46.71
N ALA V 461 -12.14 -48.43 45.73
CA ALA V 461 -13.51 -48.45 45.25
C ALA V 461 -14.47 -48.87 46.35
N GLY V 462 -14.11 -49.89 47.13
CA GLY V 462 -14.99 -50.34 48.19
C GLY V 462 -15.20 -49.29 49.27
N LEU V 463 -14.12 -48.65 49.72
CA LEU V 463 -14.24 -47.62 50.75
C LEU V 463 -15.11 -46.47 50.25
N THR V 464 -14.84 -46.01 49.03
CA THR V 464 -15.63 -44.92 48.49
C THR V 464 -17.11 -45.29 48.40
N LYS V 465 -17.41 -46.49 47.89
CA LYS V 465 -18.79 -46.90 47.75
C LYS V 465 -19.49 -46.99 49.10
N GLY V 466 -18.86 -47.65 50.07
CA GLY V 466 -19.49 -47.81 51.37
C GLY V 466 -19.74 -46.49 52.07
N MET V 467 -18.72 -45.63 52.10
CA MET V 467 -18.88 -44.34 52.76
C MET V 467 -19.91 -43.46 52.05
N THR V 468 -19.89 -43.44 50.72
CA THR V 468 -20.87 -42.64 50.00
C THR V 468 -22.28 -43.13 50.28
N LYS V 469 -22.49 -44.45 50.30
CA LYS V 469 -23.81 -44.97 50.59
C LYS V 469 -24.26 -44.60 52.00
N LEU V 470 -23.37 -44.73 52.98
CA LEU V 470 -23.77 -44.43 54.36
C LEU V 470 -24.11 -42.95 54.52
N LEU V 471 -23.27 -42.06 53.99
CA LEU V 471 -23.53 -40.65 54.15
C LEU V 471 -24.76 -40.22 53.37
N ASP V 472 -25.03 -40.84 52.22
CA ASP V 472 -26.28 -40.55 51.51
C ASP V 472 -27.47 -40.99 52.33
N ARG V 473 -27.38 -42.13 53.00
CA ARG V 473 -28.46 -42.57 53.88
C ARG V 473 -28.70 -41.54 54.98
N PHE V 474 -27.62 -41.03 55.58
CA PHE V 474 -27.79 -40.03 56.64
C PHE V 474 -28.42 -38.75 56.10
N VAL V 475 -27.97 -38.28 54.94
CA VAL V 475 -28.52 -37.05 54.39
C VAL V 475 -30.01 -37.22 54.08
N ALA V 476 -30.37 -38.36 53.51
CA ALA V 476 -31.79 -38.63 53.25
C ALA V 476 -32.58 -38.70 54.55
N SER V 477 -31.96 -39.22 55.61
CA SER V 477 -32.61 -39.22 56.92
C SER V 477 -32.87 -37.81 57.40
N GLY V 478 -31.92 -36.91 57.19
CA GLY V 478 -32.06 -35.52 57.56
C GLY V 478 -31.14 -35.04 58.65
N ALA V 479 -30.09 -35.79 58.99
CA ALA V 479 -29.16 -35.38 60.02
C ALA V 479 -28.09 -34.43 59.51
N LEU V 480 -27.94 -34.28 58.21
CA LEU V 480 -26.99 -33.34 57.62
C LEU V 480 -27.72 -32.41 56.67
N VAL V 481 -27.34 -31.14 56.67
CA VAL V 481 -27.96 -30.12 55.84
C VAL V 481 -26.87 -29.33 55.13
N ALA V 482 -27.30 -28.48 54.20
CA ALA V 482 -26.37 -27.68 53.43
C ALA V 482 -25.59 -26.74 54.35
N PRO V 483 -24.36 -26.39 53.99
CA PRO V 483 -23.54 -25.56 54.87
C PRO V 483 -24.16 -24.18 55.07
N ARG V 484 -23.83 -23.57 56.21
CA ARG V 484 -24.43 -22.29 56.56
C ARG V 484 -24.05 -21.20 55.57
N ASP V 485 -22.78 -21.18 55.14
CA ASP V 485 -22.31 -20.17 54.19
C ASP V 485 -21.92 -20.85 52.89
N PRO V 486 -22.80 -20.91 51.89
CA PRO V 486 -22.51 -21.61 50.64
C PRO V 486 -21.69 -20.77 49.66
N ASP V 487 -20.64 -20.14 50.16
CA ASP V 487 -19.73 -19.35 49.34
C ASP V 487 -18.31 -19.86 49.38
N ALA V 488 -17.81 -20.26 50.55
CA ALA V 488 -16.45 -20.77 50.70
C ALA V 488 -16.42 -22.29 50.73
N ASP V 489 -17.14 -22.90 51.65
CA ASP V 489 -17.11 -24.35 51.83
C ASP V 489 -18.21 -25.05 51.03
N GLY V 490 -18.26 -24.76 49.73
CA GLY V 490 -19.15 -25.43 48.80
C GLY V 490 -20.61 -25.39 49.20
N THR V 491 -21.37 -26.33 48.64
CA THR V 491 -22.79 -26.43 48.94
C THR V 491 -23.24 -27.88 49.11
N GLU V 492 -22.33 -28.79 49.42
CA GLU V 492 -22.76 -30.16 49.63
C GLU V 492 -22.75 -30.49 51.12
N PRO V 493 -23.70 -31.29 51.60
CA PRO V 493 -23.74 -31.61 53.03
C PRO V 493 -22.47 -32.28 53.54
N TYR V 494 -21.87 -33.15 52.73
CA TYR V 494 -20.69 -33.89 53.12
C TYR V 494 -19.68 -33.89 51.99
N VAL V 495 -18.40 -33.88 52.37
CA VAL V 495 -17.29 -33.95 51.44
C VAL V 495 -16.42 -35.14 51.84
N LEU V 496 -16.14 -36.01 50.88
CA LEU V 496 -15.40 -37.24 51.12
C LEU V 496 -14.08 -37.21 50.38
N LYS V 497 -13.05 -37.78 50.98
CA LYS V 497 -11.74 -37.85 50.33
C LYS V 497 -11.00 -39.08 50.83
N VAL V 498 -10.82 -40.06 49.94
CA VAL V 498 -10.07 -41.28 50.24
C VAL V 498 -8.77 -41.21 49.47
N THR V 499 -7.65 -41.31 50.18
CA THR V 499 -6.35 -41.09 49.57
C THR V 499 -5.35 -42.11 50.08
N GLN V 500 -4.23 -42.21 49.38
CA GLN V 500 -3.11 -43.04 49.78
C GLN V 500 -1.96 -42.15 50.19
N ALA V 501 -1.40 -42.38 51.38
CA ALA V 501 -0.31 -41.58 51.89
C ALA V 501 1.06 -42.20 51.63
N GLU V 502 1.21 -43.50 51.88
CA GLU V 502 2.39 -44.25 51.50
C GLU V 502 1.89 -45.59 50.95
N PHE V 503 2.78 -46.58 50.91
CA PHE V 503 2.41 -47.91 50.42
C PHE V 503 1.13 -48.40 51.08
N ASP V 504 1.06 -48.31 52.41
CA ASP V 504 -0.16 -48.75 53.12
C ASP V 504 -0.47 -47.73 54.21
N LYS V 505 -1.19 -46.66 53.84
CA LYS V 505 -1.65 -45.69 54.83
C LYS V 505 -3.01 -45.12 54.42
N TRP V 506 -3.86 -45.95 53.83
CA TRP V 506 -5.14 -45.48 53.30
C TRP V 506 -5.86 -44.56 54.28
N GLU V 507 -6.02 -43.30 53.91
CA GLU V 507 -6.54 -42.26 54.79
C GLU V 507 -7.87 -41.76 54.26
N VAL V 508 -8.88 -41.77 55.12
CA VAL V 508 -10.23 -41.34 54.76
C VAL V 508 -10.56 -40.10 55.57
N VAL V 509 -10.94 -39.03 54.88
CA VAL V 509 -11.33 -37.78 55.52
C VAL V 509 -12.72 -37.42 55.04
N TRP V 510 -13.67 -37.34 55.97
CA TRP V 510 -15.04 -36.95 55.65
C TRP V 510 -15.42 -35.75 56.51
N ALA V 511 -16.02 -34.75 55.87
CA ALA V 511 -16.46 -33.53 56.54
C ALA V 511 -17.96 -33.40 56.34
N CYS V 512 -18.70 -33.24 57.44
CA CYS V 512 -20.15 -33.19 57.40
C CYS V 512 -20.65 -31.91 58.04
N CYS V 513 -21.80 -31.44 57.57
CA CYS V 513 -22.43 -30.29 58.22
C CYS V 513 -23.63 -30.76 59.02
N PRO V 514 -23.55 -30.78 60.35
CA PRO V 514 -24.66 -31.30 61.15
C PRO V 514 -25.82 -30.32 61.22
N THR V 515 -26.99 -30.85 61.58
CA THR V 515 -28.18 -30.03 61.69
C THR V 515 -28.09 -29.09 62.88
N GLY V 516 -28.94 -28.07 62.86
CA GLY V 516 -28.98 -27.08 63.91
C GLY V 516 -30.18 -27.28 64.81
N VAL V 517 -29.92 -27.55 66.09
CA VAL V 517 -30.99 -27.60 67.06
C VAL V 517 -31.63 -26.23 67.21
N ALA V 518 -32.85 -26.21 67.71
CA ALA V 518 -33.61 -24.98 67.92
C ALA V 518 -33.77 -24.78 69.42
N ARG V 519 -32.78 -24.15 70.03
CA ARG V 519 -32.77 -23.94 71.47
C ARG V 519 -33.31 -22.58 71.88
N ARG V 520 -32.97 -21.52 71.15
CA ARG V 520 -33.43 -20.18 71.43
C ARG V 520 -34.25 -19.68 70.25
N ILE V 521 -35.49 -19.30 70.51
CA ILE V 521 -36.40 -18.79 69.49
C ILE V 521 -36.83 -17.38 69.90
N GLN V 522 -36.67 -16.43 68.98
CA GLN V 522 -36.98 -15.03 69.27
C GLN V 522 -37.88 -14.48 68.18
N GLY V 523 -38.91 -13.76 68.60
CA GLY V 523 -39.83 -13.12 67.67
C GLY V 523 -39.75 -11.60 67.80
N VAL V 524 -39.73 -10.93 66.66
CA VAL V 524 -39.63 -9.48 66.59
C VAL V 524 -40.82 -8.95 65.81
N PRO V 525 -41.89 -8.55 66.48
CA PRO V 525 -43.04 -7.98 65.78
C PRO V 525 -42.70 -6.62 65.19
N LEU V 526 -43.40 -6.28 64.11
CA LEU V 526 -43.18 -5.01 63.42
C LEU V 526 -44.51 -4.42 63.02
N LEU V 527 -44.50 -3.13 62.71
CA LEU V 527 -45.65 -2.43 62.19
C LEU V 527 -45.27 -1.75 60.88
N ILE V 528 -46.17 -1.81 59.90
CA ILE V 528 -45.93 -1.29 58.56
C ILE V 528 -46.74 -0.01 58.38
N LYS V 529 -46.07 1.06 57.97
CA LYS V 529 -46.74 2.33 57.72
C LYS V 529 -47.69 2.20 56.54
N SER W 2 -43.37 -15.84 87.21
CA SER W 2 -44.02 -17.14 87.28
C SER W 2 -44.22 -17.73 85.90
N GLN W 3 -45.25 -18.54 85.75
CA GLN W 3 -45.59 -19.09 84.44
C GLN W 3 -46.39 -18.06 83.64
N TYR W 4 -46.59 -18.35 82.36
CA TYR W 4 -47.30 -17.48 81.42
C TYR W 4 -46.59 -16.15 81.21
N SER W 5 -45.49 -15.93 81.92
CA SER W 5 -44.73 -14.70 81.74
C SER W 5 -43.93 -14.76 80.45
N ILE W 6 -43.66 -13.58 79.89
CA ILE W 6 -42.93 -13.46 78.63
C ILE W 6 -41.71 -12.59 78.87
N GLN W 7 -40.53 -13.12 78.56
CA GLN W 7 -39.31 -12.35 78.68
C GLN W 7 -39.01 -11.65 77.36
N GLN W 8 -37.96 -10.83 77.36
CA GLN W 8 -37.61 -10.04 76.18
C GLN W 8 -36.15 -10.13 75.77
N SER W 9 -35.24 -10.55 76.64
CA SER W 9 -33.83 -10.55 76.31
C SER W 9 -33.38 -11.86 75.69
N LEU W 10 -33.50 -12.96 76.43
CA LEU W 10 -33.13 -14.29 75.96
C LEU W 10 -31.64 -14.30 75.54
N GLY W 11 -30.80 -14.17 76.56
CA GLY W 11 -29.37 -14.17 76.35
C GLY W 11 -28.67 -15.44 76.80
N ASN W 12 -28.22 -16.24 75.83
CA ASN W 12 -27.37 -17.41 76.09
C ASN W 12 -28.03 -18.41 77.04
N ALA W 13 -29.33 -18.62 76.87
CA ALA W 13 -30.06 -19.60 77.67
C ALA W 13 -31.28 -20.05 76.90
N SER W 14 -31.65 -21.32 77.06
CA SER W 14 -32.81 -21.85 76.38
C SER W 14 -34.07 -21.13 76.83
N GLY W 15 -34.96 -20.86 75.89
CA GLY W 15 -36.21 -20.21 76.19
C GLY W 15 -36.77 -19.54 74.95
N VAL W 16 -37.89 -18.85 75.14
CA VAL W 16 -38.54 -18.10 74.08
C VAL W 16 -38.83 -16.70 74.58
N ALA W 17 -38.76 -15.73 73.67
CA ALA W 17 -38.96 -14.34 74.04
C ALA W 17 -39.40 -13.54 72.83
N VAL W 18 -40.25 -12.56 73.06
CA VAL W 18 -40.72 -11.65 72.02
C VAL W 18 -40.27 -10.24 72.37
N SER W 19 -39.79 -9.53 71.37
CA SER W 19 -39.29 -8.18 71.58
C SER W 19 -40.45 -7.20 71.65
N PRO W 20 -40.29 -6.08 72.35
CA PRO W 20 -41.36 -5.07 72.38
C PRO W 20 -41.61 -4.51 70.98
N ILE W 21 -42.86 -4.10 70.75
CA ILE W 21 -43.26 -3.68 69.41
C ILE W 21 -42.42 -2.50 68.97
N ASN W 22 -41.98 -2.54 67.72
CA ASN W 22 -41.06 -1.51 67.22
C ASN W 22 -41.80 -0.21 66.96
N ALA W 23 -42.70 -0.21 65.99
CA ALA W 23 -43.58 0.93 65.71
C ALA W 23 -42.80 2.23 65.58
N ASP W 24 -41.70 2.20 64.84
CA ASP W 24 -40.90 3.39 64.60
C ASP W 24 -40.98 3.90 63.18
N ALA W 25 -41.41 3.06 62.23
CA ALA W 25 -41.58 3.49 60.85
C ALA W 25 -42.96 4.07 60.59
N THR W 26 -43.79 4.18 61.61
CA THR W 26 -45.16 4.66 61.49
C THR W 26 -45.38 5.89 62.37
N LEU W 27 -44.33 6.67 62.58
CA LEU W 27 -44.43 7.83 63.46
C LEU W 27 -45.09 9.00 62.72
N SER W 28 -46.26 9.40 63.22
CA SER W 28 -46.98 10.55 62.70
C SER W 28 -46.74 11.75 63.59
N THR W 29 -47.46 12.83 63.33
CA THR W 29 -47.37 14.04 64.15
C THR W 29 -48.75 14.69 64.20
N GLY W 30 -49.26 14.89 65.41
CA GLY W 30 -50.55 15.53 65.58
C GLY W 30 -50.43 16.97 66.04
N VAL W 31 -50.64 17.92 65.12
CA VAL W 31 -50.53 19.32 65.46
C VAL W 31 -51.86 20.02 65.23
N ALA W 32 -52.67 19.48 64.32
CA ALA W 32 -53.98 20.03 63.98
C ALA W 32 -53.83 21.49 63.52
N LEU W 33 -53.19 21.63 62.36
CA LEU W 33 -52.88 22.96 61.84
C LEU W 33 -54.13 23.79 61.59
N ASN W 34 -55.25 23.15 61.26
CA ASN W 34 -56.47 23.88 60.93
C ASN W 34 -57.24 24.34 62.17
N SER W 35 -56.53 24.94 63.13
CA SER W 35 -57.17 25.43 64.34
C SER W 35 -56.55 26.77 64.71
N SER W 36 -57.39 27.74 65.03
CA SER W 36 -56.94 29.10 65.32
C SER W 36 -57.65 29.63 66.56
N LEU W 37 -56.88 30.23 67.46
CA LEU W 37 -57.43 30.87 68.65
C LEU W 37 -56.79 32.25 68.81
N TRP W 38 -57.51 33.15 69.45
CA TRP W 38 -57.08 34.54 69.58
C TRP W 38 -56.85 34.89 71.05
N ALA W 39 -55.78 35.62 71.31
CA ALA W 39 -55.42 36.03 72.66
C ALA W 39 -55.32 37.53 72.74
N GLY W 40 -55.86 38.12 73.80
CA GLY W 40 -55.84 39.56 73.92
C GLY W 40 -55.93 40.02 75.36
N ILE W 41 -55.53 41.27 75.57
CA ILE W 41 -55.67 41.91 76.87
C ILE W 41 -56.76 42.96 76.77
N GLY W 42 -57.27 43.36 77.93
CA GLY W 42 -58.32 44.36 77.91
C GLY W 42 -58.73 44.76 79.31
N VAL W 43 -59.70 45.68 79.37
CA VAL W 43 -60.28 46.15 80.61
C VAL W 43 -61.76 45.82 80.57
N PHE W 44 -62.23 45.09 81.58
CA PHE W 44 -63.61 44.63 81.57
C PHE W 44 -64.29 44.92 82.91
N ALA W 45 -65.49 44.38 83.11
CA ALA W 45 -66.24 44.59 84.33
C ALA W 45 -66.06 43.48 85.35
N ARG W 46 -66.04 42.22 84.91
CA ARG W 46 -65.93 41.07 85.80
C ARG W 46 -64.88 40.10 85.26
N GLY W 47 -64.11 39.53 86.16
CA GLY W 47 -63.07 38.59 85.82
C GLY W 47 -61.92 38.68 86.80
N LYS W 48 -61.14 37.60 86.84
CA LYS W 48 -59.98 37.55 87.74
C LYS W 48 -58.82 38.33 87.14
N PRO W 49 -58.32 39.36 87.81
CA PRO W 49 -57.27 40.19 87.20
C PRO W 49 -55.96 39.45 87.07
N PHE W 50 -55.23 39.78 86.00
CA PHE W 50 -53.88 39.27 85.76
C PHE W 50 -53.85 37.75 85.72
N THR W 51 -54.90 37.14 85.20
CA THR W 51 -54.96 35.69 85.08
C THR W 51 -55.61 35.33 83.74
N VAL W 52 -54.97 34.43 83.01
CA VAL W 52 -55.47 34.05 81.69
C VAL W 52 -56.85 33.43 81.83
N LEU W 53 -57.79 33.86 80.99
CA LEU W 53 -59.15 33.36 81.01
C LEU W 53 -59.41 32.54 79.75
N ALA W 54 -60.64 32.10 79.59
CA ALA W 54 -61.06 31.37 78.40
C ALA W 54 -62.50 31.75 78.09
N VAL W 55 -62.73 32.33 76.91
CA VAL W 55 -64.03 32.80 76.51
C VAL W 55 -64.47 32.01 75.29
N THR W 56 -65.68 31.46 75.34
CA THR W 56 -66.29 30.76 74.23
C THR W 56 -67.56 31.51 73.82
N GLU W 57 -68.28 30.95 72.84
CA GLU W 57 -69.48 31.60 72.33
C GLU W 57 -70.65 31.54 73.31
N SER W 58 -70.55 30.76 74.39
CA SER W 58 -71.69 30.53 75.25
C SER W 58 -71.49 30.93 76.70
N ASN W 59 -70.34 31.51 77.05
CA ASN W 59 -70.13 31.90 78.44
C ASN W 59 -69.53 33.28 78.63
N TYR W 60 -69.11 33.98 77.56
CA TYR W 60 -68.42 35.25 77.72
C TYR W 60 -69.25 36.25 78.51
N GLU W 61 -70.58 36.21 78.34
CA GLU W 61 -71.45 37.17 79.02
C GLU W 61 -71.30 37.07 80.54
N ASP W 62 -71.21 35.85 81.07
CA ASP W 62 -71.13 35.70 82.52
C ASP W 62 -69.71 35.65 83.04
N VAL W 63 -68.77 35.05 82.30
CA VAL W 63 -67.40 35.00 82.80
C VAL W 63 -66.77 36.38 82.76
N LEU W 64 -67.07 37.17 81.72
CA LEU W 64 -66.46 38.47 81.56
C LEU W 64 -67.36 39.62 82.00
N GLY W 65 -68.55 39.32 82.51
CA GLY W 65 -69.45 40.34 82.99
C GLY W 65 -70.31 40.92 81.89
N GLU W 66 -71.34 41.65 82.31
CA GLU W 66 -72.22 42.30 81.36
C GLU W 66 -71.50 43.45 80.66
N PRO W 67 -71.90 43.80 79.44
CA PRO W 67 -71.21 44.88 78.72
C PRO W 67 -71.30 46.20 79.45
N LEU W 68 -70.24 46.99 79.32
CA LEU W 68 -70.16 48.28 79.98
C LEU W 68 -71.01 49.31 79.22
N LYS W 69 -70.90 50.57 79.61
CA LYS W 69 -71.68 51.64 79.01
C LYS W 69 -70.75 52.64 78.32
N PRO W 70 -71.04 53.05 77.08
CA PRO W 70 -70.16 54.01 76.41
C PRO W 70 -70.06 55.34 77.13
N SER W 71 -71.12 55.79 77.78
CA SER W 71 -71.08 57.06 78.49
C SER W 71 -70.14 57.03 79.69
N SER W 72 -69.79 55.84 80.18
CA SER W 72 -68.88 55.76 81.31
C SER W 72 -67.49 56.29 80.95
N GLY W 73 -67.01 55.98 79.75
CA GLY W 73 -65.69 56.42 79.33
C GLY W 73 -65.20 55.67 78.12
N SER W 74 -63.92 55.30 78.11
CA SER W 74 -63.31 54.59 77.00
C SER W 74 -63.17 53.10 77.27
N GLN W 75 -63.83 52.59 78.29
CA GLN W 75 -63.72 51.19 78.67
C GLN W 75 -64.69 50.29 77.93
N PHE W 76 -65.51 50.83 77.04
CA PHE W 76 -66.51 50.05 76.32
C PHE W 76 -65.96 49.38 75.07
N GLU W 77 -64.68 49.56 74.76
CA GLU W 77 -64.15 49.03 73.51
C GLU W 77 -63.89 47.53 73.57
N PRO W 78 -63.13 47.00 74.54
CA PRO W 78 -62.73 45.59 74.46
C PRO W 78 -63.89 44.61 74.47
N ILE W 79 -64.98 44.93 75.15
CA ILE W 79 -66.12 44.01 75.15
C ILE W 79 -66.69 43.88 73.75
N ARG W 80 -66.82 44.99 73.03
CA ARG W 80 -67.32 44.94 71.67
C ARG W 80 -66.35 44.22 70.75
N HIS W 81 -65.05 44.45 70.94
CA HIS W 81 -64.06 43.73 70.14
C HIS W 81 -64.18 42.22 70.37
N VAL W 82 -64.33 41.82 71.63
CA VAL W 82 -64.50 40.40 71.95
C VAL W 82 -65.76 39.86 71.31
N TYR W 83 -66.85 40.61 71.36
CA TYR W 83 -68.10 40.14 70.79
C TYR W 83 -67.99 39.95 69.29
N GLU W 84 -67.27 40.87 68.61
CA GLU W 84 -67.10 40.73 67.17
C GLU W 84 -66.10 39.65 66.79
N ALA W 85 -65.19 39.29 67.69
CA ALA W 85 -64.21 38.26 67.36
C ALA W 85 -64.65 36.86 67.75
N ILE W 86 -65.52 36.73 68.75
CA ILE W 86 -65.96 35.41 69.20
C ILE W 86 -66.75 34.68 68.13
N GLN W 87 -67.43 35.41 67.25
CA GLN W 87 -68.33 34.85 66.23
C GLN W 87 -67.77 33.59 65.59
N GLN W 88 -66.45 33.51 65.45
CA GLN W 88 -65.79 32.40 64.78
C GLN W 88 -65.25 31.37 65.75
N THR W 89 -64.38 31.77 66.67
CA THR W 89 -63.67 30.81 67.50
C THR W 89 -63.49 31.37 68.91
N SER W 90 -63.27 30.47 69.86
CA SER W 90 -63.04 30.84 71.24
C SER W 90 -61.64 31.41 71.40
N GLY W 91 -61.33 31.91 72.59
CA GLY W 91 -60.05 32.54 72.79
C GLY W 91 -59.72 32.77 74.24
N TYR W 92 -58.61 33.49 74.46
CA TYR W 92 -58.08 33.76 75.79
C TYR W 92 -57.90 35.25 75.98
N VAL W 93 -58.33 35.75 77.14
CA VAL W 93 -58.25 37.17 77.46
C VAL W 93 -57.55 37.34 78.79
N VAL W 94 -57.00 38.54 78.98
CA VAL W 94 -56.36 38.92 80.24
C VAL W 94 -56.92 40.27 80.66
N ARG W 95 -57.51 40.33 81.83
CA ARG W 95 -58.10 41.57 82.34
C ARG W 95 -57.07 42.32 83.16
N ALA W 96 -56.92 43.62 82.88
CA ALA W 96 -56.03 44.49 83.62
C ALA W 96 -56.85 45.52 84.39
N VAL W 97 -56.58 45.65 85.68
CA VAL W 97 -57.38 46.51 86.55
C VAL W 97 -56.55 47.71 86.99
N PRO W 98 -57.18 48.83 87.36
CA PRO W 98 -56.42 49.97 87.87
C PRO W 98 -55.79 49.68 89.23
N ASP W 99 -55.13 50.68 89.81
CA ASP W 99 -54.38 50.46 91.03
C ASP W 99 -55.28 50.30 92.25
N ASP W 100 -56.34 51.11 92.34
CA ASP W 100 -57.14 51.20 93.55
C ASP W 100 -58.32 50.24 93.57
N ALA W 101 -58.36 49.25 92.67
CA ALA W 101 -59.44 48.28 92.71
C ALA W 101 -59.32 47.38 93.93
N LYS W 102 -60.43 47.18 94.63
CA LYS W 102 -60.44 46.42 95.87
C LYS W 102 -61.55 45.38 95.84
N PHE W 103 -61.28 44.24 96.47
CA PHE W 103 -62.23 43.15 96.59
C PHE W 103 -62.61 42.95 98.05
N PRO W 104 -63.82 42.45 98.31
CA PRO W 104 -64.29 42.33 99.70
C PRO W 104 -63.67 41.13 100.41
N ILE W 105 -63.71 41.20 101.74
CA ILE W 105 -63.17 40.16 102.61
C ILE W 105 -64.03 40.09 103.86
N ILE W 106 -64.40 38.88 104.27
CA ILE W 106 -65.13 38.66 105.51
C ILE W 106 -64.26 37.82 106.43
N MET W 107 -63.93 38.36 107.59
CA MET W 107 -63.08 37.68 108.56
C MET W 107 -63.91 37.29 109.78
N PHE W 108 -63.74 36.06 110.24
CA PHE W 108 -64.49 35.56 111.38
C PHE W 108 -63.61 35.59 112.63
N ASP W 109 -64.15 35.03 113.72
CA ASP W 109 -63.43 34.96 114.98
C ASP W 109 -63.84 33.69 115.71
N GLU W 110 -63.30 33.51 116.92
CA GLU W 110 -63.61 32.30 117.69
C GLU W 110 -65.09 32.22 118.02
N SER W 111 -65.68 33.33 118.48
CA SER W 111 -67.10 33.30 118.81
C SER W 111 -67.96 33.13 117.57
N GLY W 112 -67.56 33.73 116.45
CA GLY W 112 -68.31 33.64 115.21
C GLY W 112 -68.89 34.96 114.73
N GLU W 113 -68.56 36.09 115.36
CA GLU W 113 -69.09 37.37 114.91
C GLU W 113 -68.28 37.86 113.71
N PRO W 114 -68.90 38.04 112.55
CA PRO W 114 -68.14 38.41 111.36
C PRO W 114 -67.74 39.88 111.37
N ALA W 115 -66.70 40.17 110.58
CA ALA W 115 -66.28 41.53 110.31
C ALA W 115 -65.97 41.64 108.82
N TYR W 116 -66.10 42.84 108.28
CA TYR W 116 -65.94 43.06 106.85
C TYR W 116 -64.78 44.01 106.59
N SER W 117 -64.17 43.88 105.42
CA SER W 117 -63.12 44.79 104.99
C SER W 117 -62.95 44.65 103.49
N ALA W 118 -62.04 45.44 102.92
CA ALA W 118 -61.72 45.36 101.50
C ALA W 118 -60.22 45.47 101.32
N LEU W 119 -59.69 44.74 100.35
CA LEU W 119 -58.26 44.74 100.10
C LEU W 119 -57.98 44.94 98.61
N PRO W 120 -56.90 45.65 98.28
CA PRO W 120 -56.57 45.82 96.85
C PRO W 120 -56.18 44.51 96.21
N TYR W 121 -56.41 44.43 94.89
CA TYR W 121 -56.17 43.20 94.15
C TYR W 121 -54.69 42.86 94.14
N GLY W 122 -54.42 41.55 94.06
CA GLY W 122 -53.06 41.06 94.01
C GLY W 122 -52.33 41.07 95.34
N SER W 123 -53.04 41.20 96.45
CA SER W 123 -52.42 41.24 97.77
C SER W 123 -52.98 40.11 98.63
N GLU W 124 -52.10 39.45 99.37
CA GLU W 124 -52.52 38.42 100.30
C GLU W 124 -53.08 39.06 101.57
N ILE W 125 -53.50 38.22 102.50
CA ILE W 125 -54.24 38.65 103.68
C ILE W 125 -53.44 38.29 104.91
N GLU W 126 -53.31 39.23 105.84
CA GLU W 126 -52.72 38.98 107.15
C GLU W 126 -53.84 38.92 108.18
N LEU W 127 -53.82 37.89 109.01
CA LEU W 127 -54.88 37.66 109.97
C LEU W 127 -54.51 38.25 111.33
N ASP W 128 -55.46 38.95 111.95
CA ASP W 128 -55.25 39.48 113.28
C ASP W 128 -55.30 38.33 114.30
N SER W 129 -54.95 38.65 115.55
CA SER W 129 -54.89 37.63 116.58
C SER W 129 -56.25 36.98 116.79
N GLY W 130 -57.32 37.78 116.82
CA GLY W 130 -58.64 37.25 117.06
C GLY W 130 -59.33 36.63 115.86
N GLU W 131 -58.71 36.68 114.68
CA GLU W 131 -59.34 36.20 113.46
C GLU W 131 -59.04 34.71 113.27
N ALA W 132 -60.10 33.94 113.03
CA ALA W 132 -59.95 32.50 112.82
C ALA W 132 -59.75 32.17 111.35
N PHE W 133 -60.63 32.68 110.48
CA PHE W 133 -60.49 32.41 109.06
C PHE W 133 -61.20 33.49 108.27
N ALA W 134 -60.72 33.70 107.04
CA ALA W 134 -61.23 34.75 106.18
C ALA W 134 -61.68 34.16 104.86
N ILE W 135 -62.78 34.68 104.32
CA ILE W 135 -63.32 34.29 103.04
C ILE W 135 -63.41 35.51 102.15
N TYR W 136 -62.97 35.37 100.90
CA TYR W 136 -63.04 36.48 99.95
C TYR W 136 -63.43 35.93 98.58
N VAL W 137 -63.70 36.84 97.65
CA VAL W 137 -64.22 36.51 96.34
C VAL W 137 -63.12 36.74 95.31
N ASP W 138 -62.89 35.74 94.47
CA ASP W 138 -61.89 35.83 93.41
C ASP W 138 -62.49 35.82 92.01
N ASP W 139 -63.80 36.03 91.90
CA ASP W 139 -64.40 36.21 90.58
C ASP W 139 -64.05 37.55 89.97
N GLY W 140 -63.58 38.51 90.78
CA GLY W 140 -63.26 39.83 90.32
C GLY W 140 -64.38 40.84 90.46
N ASP W 141 -65.61 40.39 90.62
CA ASP W 141 -66.74 41.31 90.74
C ASP W 141 -66.59 42.13 92.01
N PRO W 142 -66.83 43.45 91.95
CA PRO W 142 -66.74 44.27 93.16
C PRO W 142 -67.94 44.19 94.08
N CYS W 143 -68.89 43.30 93.79
CA CYS W 143 -70.00 43.00 94.70
C CYS W 143 -70.81 44.25 95.04
N ILE W 144 -71.08 45.07 94.03
CA ILE W 144 -71.88 46.28 94.20
C ILE W 144 -73.23 46.16 93.51
N SER W 145 -73.28 45.52 92.34
CA SER W 145 -74.53 45.24 91.66
C SER W 145 -74.33 44.09 90.67
N PRO W 146 -74.96 42.93 90.88
CA PRO W 146 -75.84 42.58 92.01
C PRO W 146 -75.06 42.27 93.27
N THR W 147 -75.68 42.43 94.45
CA THR W 147 -75.01 42.10 95.69
C THR W 147 -74.88 40.58 95.83
N ARG W 148 -73.93 40.16 96.66
CA ARG W 148 -73.70 38.75 96.92
C ARG W 148 -73.72 38.50 98.42
N GLU W 149 -74.45 37.48 98.84
CA GLU W 149 -74.65 37.17 100.25
C GLU W 149 -74.16 35.76 100.54
N LEU W 150 -73.50 35.59 101.68
CA LEU W 150 -72.95 34.32 102.12
C LEU W 150 -73.65 33.87 103.37
N THR W 151 -74.05 32.60 103.41
CA THR W 151 -74.83 32.04 104.50
C THR W 151 -74.16 30.76 105.01
N ILE W 152 -74.13 30.63 106.33
CA ILE W 152 -73.56 29.47 107.01
C ILE W 152 -74.69 28.74 107.71
N GLU W 153 -74.80 27.43 107.46
CA GLU W 153 -75.84 26.61 108.05
C GLU W 153 -75.21 25.41 108.74
N THR W 154 -75.72 25.07 109.92
CA THR W 154 -75.21 23.90 110.62
C THR W 154 -75.68 22.62 109.96
N ALA W 155 -74.87 21.57 110.07
CA ALA W 155 -75.15 20.29 109.43
C ALA W 155 -74.70 19.16 110.33
N THR W 156 -74.96 17.93 109.87
CA THR W 156 -74.60 16.75 110.63
C THR W 156 -73.11 16.48 110.55
N ALA W 157 -72.53 16.05 111.68
CA ALA W 157 -71.12 15.74 111.72
C ALA W 157 -70.84 14.46 110.93
N ASP W 158 -69.56 14.26 110.61
CA ASP W 158 -69.16 13.10 109.83
C ASP W 158 -69.09 11.86 110.73
N SER W 159 -68.67 10.74 110.15
CA SER W 159 -68.53 9.51 110.91
C SER W 159 -67.43 9.64 111.98
N ALA W 160 -66.32 10.29 111.63
CA ALA W 160 -65.23 10.47 112.60
C ALA W 160 -65.69 11.34 113.77
N GLY W 161 -66.42 12.41 113.49
CA GLY W 161 -66.91 13.27 114.55
C GLY W 161 -66.72 14.75 114.28
N ASN W 162 -65.95 15.10 113.25
CA ASN W 162 -65.70 16.49 112.92
C ASN W 162 -66.98 17.16 112.45
N GLU W 163 -67.14 18.44 112.79
CA GLU W 163 -68.34 19.19 112.47
C GLU W 163 -68.19 19.85 111.11
N ARG W 164 -69.10 19.51 110.19
CA ARG W 164 -69.12 20.08 108.85
C ARG W 164 -70.32 21.00 108.71
N PHE W 165 -70.09 22.21 108.20
CA PHE W 165 -71.16 23.17 108.00
C PHE W 165 -71.33 23.45 106.52
N LEU W 166 -72.54 23.84 106.14
CA LEU W 166 -72.91 24.10 104.76
C LEU W 166 -72.77 25.58 104.46
N LEU W 167 -72.07 25.88 103.36
CA LEU W 167 -71.86 27.24 102.89
C LEU W 167 -72.73 27.46 101.66
N LYS W 168 -73.47 28.56 101.64
CA LYS W 168 -74.36 28.88 100.52
C LYS W 168 -74.17 30.33 100.14
N LEU W 169 -73.68 30.57 98.93
CA LEU W 169 -73.55 31.93 98.43
C LEU W 169 -74.60 32.16 97.35
N THR W 170 -75.35 33.26 97.49
CA THR W 170 -76.45 33.58 96.61
C THR W 170 -76.39 35.05 96.21
N GLN W 171 -76.74 35.33 94.96
CA GLN W 171 -76.72 36.68 94.43
C GLN W 171 -78.12 37.28 94.50
N THR W 172 -78.18 38.58 94.81
CA THR W 172 -79.43 39.32 94.86
C THR W 172 -79.29 40.55 93.98
N THR W 173 -80.21 40.71 93.03
CA THR W 173 -80.18 41.87 92.16
C THR W 173 -80.83 43.06 92.86
N SER W 174 -80.62 44.25 92.28
CA SER W 174 -81.17 45.46 92.86
C SER W 174 -82.71 45.46 92.83
N LEU W 175 -83.30 44.85 91.80
CA LEU W 175 -84.75 44.81 91.70
C LEU W 175 -85.36 44.02 92.85
N GLY W 176 -84.76 42.88 93.19
CA GLY W 176 -85.27 42.05 94.28
C GLY W 176 -85.21 40.56 94.00
N VAL W 177 -84.72 40.19 92.82
CA VAL W 177 -84.60 38.78 92.48
C VAL W 177 -83.45 38.17 93.26
N VAL W 178 -83.72 37.08 93.97
CA VAL W 178 -82.73 36.38 94.79
C VAL W 178 -82.67 34.93 94.33
N THR W 179 -81.52 34.53 93.79
CA THR W 179 -81.31 33.17 93.32
C THR W 179 -80.06 32.61 93.97
N THR W 180 -80.10 31.32 94.29
CA THR W 180 -78.91 30.66 94.82
C THR W 180 -77.85 30.55 93.73
N LEU W 181 -76.59 30.58 94.15
CA LEU W 181 -75.49 30.59 93.20
C LEU W 181 -74.55 29.41 93.39
N GLU W 182 -74.14 29.10 94.61
CA GLU W 182 -73.32 27.93 94.84
C GLU W 182 -73.48 27.47 96.28
N THR W 183 -73.22 26.17 96.50
CA THR W 183 -73.33 25.56 97.81
C THR W 183 -72.23 24.53 97.99
N HIS W 184 -71.82 24.34 99.25
CA HIS W 184 -70.75 23.42 99.59
C HIS W 184 -70.95 22.92 101.01
N THR W 185 -70.24 21.85 101.35
CA THR W 185 -70.21 21.31 102.71
C THR W 185 -68.75 21.22 103.14
N VAL W 186 -68.32 22.13 104.00
CA VAL W 186 -66.92 22.25 104.35
C VAL W 186 -66.77 22.24 105.87
N SER W 187 -65.56 21.92 106.33
CA SER W 187 -65.26 21.89 107.74
C SER W 187 -63.82 22.34 107.96
N LEU W 188 -63.54 22.75 109.20
CA LEU W 188 -62.21 23.23 109.57
C LEU W 188 -61.25 22.12 109.95
N ALA W 189 -61.72 20.89 110.08
CA ALA W 189 -60.82 19.78 110.39
C ALA W 189 -59.90 19.49 109.21
N GLU W 190 -58.65 19.19 109.52
CA GLU W 190 -57.64 18.97 108.48
C GLU W 190 -57.83 17.68 107.70
N GLU W 191 -58.72 16.78 108.15
CA GLU W 191 -58.86 15.48 107.52
C GLU W 191 -60.30 15.05 107.31
N ALA W 192 -61.28 15.86 107.72
CA ALA W 192 -62.67 15.46 107.61
C ALA W 192 -63.08 15.32 106.14
N LYS W 193 -64.00 14.40 105.89
CA LYS W 193 -64.49 14.14 104.55
C LYS W 193 -66.00 14.34 104.50
N ASP W 194 -66.49 14.75 103.33
CA ASP W 194 -67.92 14.95 103.14
C ASP W 194 -68.60 13.62 102.85
N ASP W 195 -69.89 13.67 102.49
CA ASP W 195 -70.64 12.45 102.22
C ASP W 195 -70.09 11.71 101.01
N MET W 196 -69.73 12.42 99.95
CA MET W 196 -69.26 11.77 98.73
C MET W 196 -67.83 11.26 98.85
N GLY W 197 -67.11 11.61 99.91
CA GLY W 197 -65.78 11.10 100.13
C GLY W 197 -64.66 12.08 99.82
N ARG W 198 -64.97 13.21 99.19
CA ARG W 198 -63.94 14.18 98.86
C ARG W 198 -63.47 14.91 100.12
N LEU W 199 -62.29 15.52 100.02
CA LEU W 199 -61.76 16.31 101.13
C LEU W 199 -62.64 17.52 101.37
N CYS W 200 -62.88 17.82 102.65
CA CYS W 200 -63.77 18.90 103.03
C CYS W 200 -63.08 19.97 103.86
N TYR W 201 -61.75 19.94 103.96
CA TYR W 201 -61.03 21.04 104.58
C TYR W 201 -61.33 22.33 103.82
N LEU W 202 -61.55 23.41 104.58
CA LEU W 202 -62.08 24.63 103.98
C LEU W 202 -61.18 25.23 102.90
N PRO W 203 -59.89 25.50 103.15
CA PRO W 203 -59.08 26.16 102.11
C PRO W 203 -58.98 25.35 100.82
N THR W 204 -58.54 24.09 100.92
CA THR W 204 -58.38 23.28 99.72
C THR W 204 -59.70 23.01 99.03
N ALA W 205 -60.77 22.79 99.81
CA ALA W 205 -62.08 22.54 99.22
C ALA W 205 -62.55 23.73 98.40
N LEU W 206 -62.48 24.93 98.98
CA LEU W 206 -62.89 26.12 98.26
C LEU W 206 -61.99 26.39 97.06
N GLU W 207 -60.68 26.16 97.21
CA GLU W 207 -59.77 26.41 96.09
C GLU W 207 -60.03 25.46 94.93
N ALA W 208 -60.36 24.21 95.22
CA ALA W 208 -60.49 23.21 94.17
C ALA W 208 -61.88 23.20 93.55
N ARG W 209 -62.92 23.01 94.36
CA ARG W 209 -64.25 22.74 93.82
C ARG W 209 -65.08 24.00 93.61
N SER W 210 -64.59 25.17 93.99
CA SER W 210 -65.32 26.42 93.84
C SER W 210 -64.50 27.40 93.02
N LYS W 211 -65.13 28.03 92.03
CA LYS W 211 -64.47 29.01 91.19
C LYS W 211 -64.88 30.44 91.52
N TYR W 212 -65.56 30.64 92.64
CA TYR W 212 -65.99 31.97 93.07
C TYR W 212 -65.28 32.46 94.32
N LEU W 213 -65.09 31.61 95.32
CA LEU W 213 -64.56 32.01 96.61
C LEU W 213 -63.17 31.45 96.82
N ARG W 214 -62.46 32.06 97.76
CA ARG W 214 -61.23 31.52 98.31
C ARG W 214 -61.21 31.82 99.80
N ALA W 215 -60.40 31.07 100.54
CA ALA W 215 -60.38 31.24 101.98
C ALA W 215 -58.97 31.03 102.50
N VAL W 216 -58.70 31.61 103.67
CA VAL W 216 -57.47 31.40 104.41
C VAL W 216 -57.82 31.18 105.87
N VAL W 217 -56.91 30.52 106.59
CA VAL W 217 -57.13 30.14 107.98
C VAL W 217 -55.93 30.56 108.82
N ASN W 218 -56.17 30.69 110.11
CA ASN W 218 -55.10 30.97 111.08
C ASN W 218 -54.78 29.66 111.80
N GLU W 219 -53.53 29.20 111.67
CA GLU W 219 -53.17 27.89 112.21
C GLU W 219 -53.30 27.86 113.73
N GLU W 220 -52.90 28.93 114.40
CA GLU W 220 -52.90 28.93 115.87
C GLU W 220 -54.32 28.78 116.42
N LEU W 221 -55.28 29.48 115.83
CA LEU W 221 -56.64 29.52 116.36
C LEU W 221 -57.58 28.52 115.69
N ILE W 222 -57.10 27.77 114.70
CA ILE W 222 -57.97 26.87 113.96
C ILE W 222 -58.39 25.67 114.81
N SER W 223 -57.63 25.34 115.86
CA SER W 223 -57.97 24.18 116.67
C SER W 223 -59.23 24.42 117.50
N THR W 224 -59.30 25.57 118.16
CA THR W 224 -60.42 25.90 119.03
C THR W 224 -61.52 26.67 118.32
N ALA W 225 -61.38 26.91 117.02
CA ALA W 225 -62.37 27.69 116.30
C ALA W 225 -63.71 26.98 116.24
N LYS W 226 -64.78 27.75 116.43
CA LYS W 226 -66.14 27.24 116.32
C LYS W 226 -66.97 28.22 115.50
N VAL W 227 -67.93 27.69 114.76
CA VAL W 227 -68.77 28.50 113.87
C VAL W 227 -70.22 28.40 114.33
N THR W 228 -70.89 29.54 114.37
CA THR W 228 -72.30 29.60 114.72
C THR W 228 -73.14 29.52 113.44
N ASN W 229 -74.43 29.80 113.56
CA ASN W 229 -75.34 29.82 112.42
C ASN W 229 -75.60 31.27 112.03
N LYS W 230 -74.92 31.72 110.98
CA LYS W 230 -75.08 33.09 110.48
C LYS W 230 -75.90 33.07 109.19
N LYS W 231 -76.92 33.93 109.15
CA LYS W 231 -77.86 33.97 108.04
C LYS W 231 -77.80 35.33 107.35
N SER W 232 -77.67 35.31 106.03
CA SER W 232 -77.75 36.50 105.19
C SER W 232 -76.70 37.54 105.57
N LEU W 233 -75.44 37.14 105.38
CA LEU W 233 -74.34 38.10 105.48
C LEU W 233 -74.30 38.95 104.21
N ALA W 234 -73.31 39.84 104.14
CA ALA W 234 -73.22 40.76 103.01
C ALA W 234 -71.78 41.17 102.79
N PHE W 235 -71.26 40.89 101.59
CA PHE W 235 -69.98 41.44 101.19
C PHE W 235 -70.11 42.94 100.99
N THR W 236 -69.05 43.67 101.32
CA THR W 236 -69.08 45.12 101.16
C THR W 236 -67.66 45.64 100.98
N GLY W 237 -67.56 46.85 100.45
CA GLY W 237 -66.30 47.51 100.23
C GLY W 237 -65.67 47.28 98.86
N GLY W 238 -66.20 46.35 98.08
CA GLY W 238 -65.65 46.09 96.77
C GLY W 238 -65.82 47.29 95.85
N THR W 239 -64.82 47.52 95.01
CA THR W 239 -64.81 48.71 94.16
C THR W 239 -63.92 48.43 92.95
N ASN W 240 -64.49 48.56 91.75
CA ASN W 240 -63.70 48.37 90.54
C ASN W 240 -62.80 49.56 90.24
N GLY W 241 -63.00 50.68 90.92
CA GLY W 241 -62.17 51.85 90.72
C GLY W 241 -62.48 52.57 89.43
N ASP W 242 -61.58 53.48 89.08
CA ASP W 242 -61.68 54.22 87.82
C ASP W 242 -60.95 53.45 86.73
N GLN W 243 -61.69 53.06 85.70
CA GLN W 243 -61.10 52.33 84.58
C GLN W 243 -60.85 53.22 83.37
N SER W 244 -61.10 54.52 83.48
CA SER W 244 -60.85 55.42 82.36
C SER W 244 -59.36 55.50 82.06
N LYS W 245 -58.54 55.68 83.09
CA LYS W 245 -57.09 55.79 82.94
C LYS W 245 -56.42 54.61 83.62
N ILE W 246 -55.42 54.04 82.94
CA ILE W 246 -54.67 52.92 83.46
C ILE W 246 -53.20 53.15 83.14
N SER W 247 -52.34 53.01 84.15
CA SER W 247 -50.92 53.20 83.95
C SER W 247 -50.36 52.14 83.01
N THR W 248 -49.31 52.50 82.29
CA THR W 248 -48.69 51.56 81.36
C THR W 248 -48.08 50.36 82.07
N ALA W 249 -47.80 50.48 83.38
CA ALA W 249 -47.27 49.34 84.12
C ALA W 249 -48.27 48.20 84.17
N ALA W 250 -49.56 48.52 84.36
CA ALA W 250 -50.58 47.47 84.38
C ALA W 250 -50.66 46.75 83.04
N TYR W 251 -50.62 47.50 81.94
CA TYR W 251 -50.67 46.87 80.63
C TYR W 251 -49.44 46.02 80.39
N LEU W 252 -48.26 46.48 80.81
CA LEU W 252 -47.05 45.68 80.65
C LEU W 252 -47.14 44.39 81.46
N ARG W 253 -47.65 44.47 82.68
CA ARG W 253 -47.80 43.25 83.48
C ARG W 253 -48.78 42.28 82.82
N ALA W 254 -49.88 42.81 82.29
CA ALA W 254 -50.85 41.94 81.64
C ALA W 254 -50.27 41.26 80.42
N VAL W 255 -49.51 41.99 79.60
CA VAL W 255 -48.96 41.36 78.41
C VAL W 255 -47.87 40.38 78.78
N LYS W 256 -47.12 40.63 79.85
CA LYS W 256 -46.16 39.64 80.31
C LYS W 256 -46.85 38.35 80.75
N VAL W 257 -47.96 38.48 81.48
CA VAL W 257 -48.71 37.29 81.87
C VAL W 257 -49.22 36.55 80.65
N LEU W 258 -49.72 37.28 79.66
CA LEU W 258 -50.19 36.64 78.44
C LEU W 258 -49.07 35.92 77.71
N ASN W 259 -47.87 36.49 77.73
CA ASN W 259 -46.72 35.82 77.13
C ASN W 259 -46.41 34.51 77.86
N ASN W 260 -46.42 34.54 79.18
CA ASN W 260 -46.10 33.36 79.96
C ASN W 260 -47.24 32.37 80.07
N ALA W 261 -48.40 32.68 79.49
CA ALA W 261 -49.53 31.77 79.56
C ALA W 261 -49.19 30.44 78.91
N PRO W 262 -49.55 29.32 79.52
CA PRO W 262 -49.27 28.00 78.93
C PRO W 262 -50.42 27.49 78.07
N TYR W 263 -50.72 28.21 76.99
CA TYR W 263 -51.77 27.82 76.07
C TYR W 263 -51.28 27.98 74.64
N MET W 264 -52.15 27.64 73.70
CA MET W 264 -51.83 27.71 72.28
C MET W 264 -52.80 28.66 71.58
N TYR W 265 -52.25 29.64 70.86
CA TYR W 265 -53.09 30.52 70.08
C TYR W 265 -52.31 31.01 68.87
N THR W 266 -53.05 31.41 67.82
CA THR W 266 -52.46 31.81 66.55
C THR W 266 -52.86 33.23 66.15
N ALA W 267 -53.22 34.07 67.10
CA ALA W 267 -53.56 35.46 66.79
C ALA W 267 -53.51 36.25 68.08
N VAL W 268 -52.89 37.43 68.04
CA VAL W 268 -52.60 38.16 69.26
C VAL W 268 -53.37 39.48 69.30
N LEU W 269 -54.61 39.44 68.82
CA LEU W 269 -55.47 40.61 68.63
C LEU W 269 -55.25 41.68 69.68
N GLY W 270 -55.00 42.90 69.22
CA GLY W 270 -54.85 44.04 70.09
C GLY W 270 -56.18 44.64 70.47
N LEU W 271 -56.87 44.02 71.42
CA LEU W 271 -58.23 44.41 71.77
C LEU W 271 -58.24 45.81 72.36
N GLY W 272 -58.66 46.79 71.57
CA GLY W 272 -58.90 48.15 72.01
C GLY W 272 -57.91 48.72 73.01
N CYS W 273 -56.63 48.48 72.80
CA CYS W 273 -55.59 48.99 73.69
C CYS W 273 -54.66 49.86 72.85
N TYR W 274 -54.84 51.18 72.94
CA TYR W 274 -54.06 52.12 72.15
C TYR W 274 -52.92 52.68 73.00
N ASP W 275 -51.97 51.81 73.32
CA ASP W 275 -50.77 52.19 74.05
C ASP W 275 -49.55 51.67 73.30
N ASN W 276 -48.58 52.56 73.07
CA ASN W 276 -47.43 52.20 72.26
C ASN W 276 -46.63 51.06 72.89
N ALA W 277 -46.41 51.13 74.21
CA ALA W 277 -45.63 50.09 74.87
C ALA W 277 -46.32 48.73 74.79
N ALA W 278 -47.63 48.72 75.04
CA ALA W 278 -48.36 47.45 74.98
C ALA W 278 -48.37 46.89 73.57
N ILE W 279 -48.54 47.76 72.56
CA ILE W 279 -48.55 47.28 71.19
C ILE W 279 -47.19 46.72 70.80
N THR W 280 -46.12 47.38 71.23
CA THR W 280 -44.78 46.84 70.97
C THR W 280 -44.59 45.49 71.65
N ALA W 281 -45.07 45.34 72.89
CA ALA W 281 -44.96 44.06 73.56
C ALA W 281 -45.72 42.96 72.83
N LEU W 282 -46.91 43.28 72.32
CA LEU W 282 -47.67 42.28 71.58
C LEU W 282 -46.97 41.93 70.26
N GLY W 283 -46.33 42.91 69.63
CA GLY W 283 -45.51 42.59 68.47
C GLY W 283 -44.36 41.66 68.83
N LYS W 284 -43.77 41.86 70.00
CA LYS W 284 -42.75 40.93 70.48
C LYS W 284 -43.33 39.53 70.64
N ILE W 285 -44.56 39.43 71.16
CA ILE W 285 -45.18 38.12 71.32
C ILE W 285 -45.33 37.43 69.97
N CYS W 286 -45.78 38.19 68.97
CA CYS W 286 -45.84 37.65 67.62
C CYS W 286 -44.49 37.15 67.15
N ALA W 287 -43.46 38.00 67.25
CA ALA W 287 -42.15 37.64 66.72
C ALA W 287 -41.56 36.46 67.47
N ASP W 288 -41.99 36.23 68.70
CA ASP W 288 -41.44 35.13 69.48
C ASP W 288 -42.17 33.83 69.17
N ARG W 289 -43.50 33.84 69.20
CA ARG W 289 -44.26 32.60 69.05
C ARG W 289 -44.54 32.24 67.60
N LEU W 290 -44.17 33.09 66.63
CA LEU W 290 -44.45 32.85 65.22
C LEU W 290 -45.96 32.75 64.96
N ILE W 291 -46.66 33.84 65.27
CA ILE W 291 -48.10 33.94 65.06
C ILE W 291 -48.40 35.27 64.38
N ASP W 292 -49.69 35.58 64.27
CA ASP W 292 -50.17 36.75 63.56
C ASP W 292 -50.76 37.76 64.53
N GLY W 293 -50.61 39.03 64.20
CA GLY W 293 -51.16 40.10 65.00
C GLY W 293 -51.97 41.08 64.19
N PHE W 294 -53.08 41.57 64.74
CA PHE W 294 -53.97 42.50 64.05
C PHE W 294 -54.23 43.69 64.97
N PHE W 295 -53.32 44.66 64.95
CA PHE W 295 -53.46 45.84 65.79
C PHE W 295 -54.08 46.98 64.98
N ASP W 296 -54.48 48.04 65.68
CA ASP W 296 -55.20 49.09 64.99
C ASP W 296 -54.99 50.40 65.74
N VAL W 297 -54.76 51.47 64.98
CA VAL W 297 -54.46 52.78 65.56
C VAL W 297 -55.74 53.44 66.05
N LYS W 298 -55.61 54.55 66.78
CA LYS W 298 -56.80 55.19 67.33
C LYS W 298 -57.75 55.56 66.19
N PRO W 299 -58.98 55.05 66.21
CA PRO W 299 -59.89 55.32 65.09
C PRO W 299 -60.64 56.63 65.26
N THR W 300 -59.93 57.68 65.68
CA THR W 300 -60.46 59.03 65.72
C THR W 300 -59.47 60.03 65.17
N LEU W 301 -58.42 59.58 64.50
CA LEU W 301 -57.42 60.44 63.91
C LEU W 301 -57.76 60.71 62.45
N THR W 302 -57.46 61.92 62.01
CA THR W 302 -57.66 62.25 60.61
C THR W 302 -56.66 61.51 59.74
N TYR W 303 -56.96 61.45 58.44
CA TYR W 303 -56.10 60.74 57.50
C TYR W 303 -54.71 61.36 57.47
N ALA W 304 -54.57 62.63 57.84
CA ALA W 304 -53.27 63.26 57.86
C ALA W 304 -52.42 62.74 59.02
N GLU W 305 -53.02 62.62 60.20
CA GLU W 305 -52.28 62.17 61.38
C GLU W 305 -52.21 60.66 61.49
N ALA W 306 -52.96 59.92 60.68
CA ALA W 306 -52.90 58.47 60.76
C ALA W 306 -51.53 57.94 60.37
N LEU W 307 -50.91 58.53 59.35
CA LEU W 307 -49.62 58.02 58.87
C LEU W 307 -48.50 58.14 59.90
N PRO W 308 -48.27 59.29 60.55
CA PRO W 308 -47.22 59.32 61.58
C PRO W 308 -47.52 58.45 62.80
N ALA W 309 -48.79 58.21 63.11
CA ALA W 309 -49.12 57.35 64.25
C ALA W 309 -48.70 55.91 64.01
N VAL W 310 -48.73 55.46 62.76
CA VAL W 310 -48.29 54.10 62.45
C VAL W 310 -46.80 53.95 62.70
N GLU W 311 -46.01 54.97 62.32
CA GLU W 311 -44.60 54.95 62.67
C GLU W 311 -44.41 55.03 64.17
N ASP W 312 -45.24 55.82 64.85
CA ASP W 312 -45.12 55.97 66.30
C ASP W 312 -45.33 54.64 67.01
N THR W 313 -46.33 53.87 66.57
CA THR W 313 -46.72 52.67 67.31
C THR W 313 -45.59 51.64 67.40
N GLY W 314 -44.56 51.75 66.56
CA GLY W 314 -43.30 51.09 66.81
C GLY W 314 -43.02 49.83 66.04
N LEU W 315 -44.01 49.24 65.37
CA LEU W 315 -43.77 47.98 64.67
C LEU W 315 -43.09 48.15 63.33
N LEU W 316 -42.96 49.38 62.83
CA LEU W 316 -42.37 49.58 61.51
C LEU W 316 -40.90 49.22 61.54
N GLY W 317 -40.54 48.11 60.90
CA GLY W 317 -39.18 47.65 60.84
C GLY W 317 -39.06 46.37 60.06
N THR W 318 -38.15 45.49 60.48
CA THR W 318 -37.98 44.20 59.83
C THR W 318 -38.17 43.03 60.79
N ASP W 319 -38.30 43.28 62.09
CA ASP W 319 -38.49 42.20 63.04
C ASP W 319 -39.92 41.68 63.04
N TYR W 320 -40.90 42.58 62.94
CA TYR W 320 -42.31 42.21 63.00
C TYR W 320 -42.85 42.18 61.57
N VAL W 321 -42.75 41.02 60.93
CA VAL W 321 -43.16 40.87 59.54
C VAL W 321 -44.53 40.25 59.39
N SER W 322 -45.24 39.98 60.48
CA SER W 322 -46.53 39.33 60.43
C SER W 322 -47.64 40.13 61.10
N CYS W 323 -47.36 41.34 61.55
CA CYS W 323 -48.35 42.13 62.29
C CYS W 323 -48.92 43.22 61.39
N SER W 324 -50.25 43.25 61.28
CA SER W 324 -50.95 44.22 60.45
C SER W 324 -51.50 45.35 61.32
N VAL W 325 -51.60 46.54 60.74
CA VAL W 325 -52.10 47.72 61.42
C VAL W 325 -53.27 48.27 60.64
N TYR W 326 -54.38 48.53 61.34
CA TYR W 326 -55.60 48.99 60.69
C TYR W 326 -56.00 50.36 61.22
N HIS W 327 -57.02 50.92 60.58
CA HIS W 327 -57.51 52.26 60.91
C HIS W 327 -58.92 52.39 60.33
N TYR W 328 -59.90 52.66 61.19
CA TYR W 328 -61.31 52.69 60.80
C TYR W 328 -61.96 53.96 61.34
N PRO W 329 -61.78 55.09 60.67
CA PRO W 329 -62.38 56.36 61.14
C PRO W 329 -63.83 56.51 60.70
N PHE W 330 -64.72 55.75 61.33
CA PHE W 330 -66.14 55.80 61.01
C PHE W 330 -66.93 55.63 62.30
N SER W 331 -68.16 56.14 62.28
CA SER W 331 -69.08 56.01 63.39
C SER W 331 -70.04 54.85 63.15
N CYS W 332 -70.71 54.43 64.21
CA CYS W 332 -71.63 53.31 64.11
C CYS W 332 -72.65 53.39 65.24
N LYS W 333 -73.73 52.64 65.09
CA LYS W 333 -74.78 52.56 66.09
C LYS W 333 -74.60 51.27 66.88
N ASP W 334 -74.47 51.39 68.20
CA ASP W 334 -74.14 50.24 69.02
C ASP W 334 -75.28 49.24 69.07
N LYS W 335 -74.91 47.97 69.25
CA LYS W 335 -75.90 46.89 69.24
C LYS W 335 -76.72 46.86 70.52
N TRP W 336 -76.09 47.16 71.66
CA TRP W 336 -76.76 46.99 72.95
C TRP W 336 -77.39 48.29 73.44
N THR W 337 -76.59 49.34 73.62
CA THR W 337 -77.08 50.55 74.25
C THR W 337 -77.78 51.50 73.27
N GLN W 338 -77.70 51.25 71.97
CA GLN W 338 -78.34 52.09 70.95
C GLN W 338 -77.86 53.54 71.06
N SER W 339 -76.57 53.74 70.80
CA SER W 339 -75.97 55.06 70.84
C SER W 339 -74.92 55.19 69.75
N ARG W 340 -74.29 56.35 69.67
CA ARG W 340 -73.27 56.64 68.67
C ARG W 340 -71.90 56.36 69.28
N VAL W 341 -71.25 55.30 68.82
CA VAL W 341 -69.95 54.89 69.33
C VAL W 341 -69.00 54.65 68.17
N VAL W 342 -67.71 54.70 68.47
CA VAL W 342 -66.66 54.39 67.52
C VAL W 342 -65.68 53.43 68.16
N PHE W 343 -65.31 52.38 67.43
CA PHE W 343 -64.29 51.46 67.91
C PHE W 343 -63.53 50.90 66.70
N GLY W 344 -62.64 49.95 66.97
CA GLY W 344 -61.62 49.57 66.02
C GLY W 344 -62.05 48.47 65.06
N LEU W 345 -61.05 47.87 64.41
CA LEU W 345 -61.27 46.89 63.37
C LEU W 345 -60.52 45.58 63.60
N SER W 346 -59.88 45.42 64.76
CA SER W 346 -59.12 44.20 65.02
C SER W 346 -60.02 42.97 65.02
N GLY W 347 -61.19 43.07 65.63
CA GLY W 347 -62.09 41.94 65.67
C GLY W 347 -62.54 41.50 64.28
N VAL W 348 -62.89 42.47 63.43
CA VAL W 348 -63.33 42.13 62.09
C VAL W 348 -62.18 41.58 61.26
N ALA W 349 -60.98 42.11 61.45
CA ALA W 349 -59.83 41.57 60.74
C ALA W 349 -59.60 40.11 61.12
N TYR W 350 -59.68 39.80 62.42
CA TYR W 350 -59.50 38.41 62.81
C TYR W 350 -60.65 37.53 62.32
N ALA W 351 -61.87 38.06 62.28
CA ALA W 351 -62.97 37.28 61.74
C ALA W 351 -62.73 36.95 60.27
N ALA W 352 -62.20 37.91 59.51
CA ALA W 352 -61.84 37.63 58.13
C ALA W 352 -60.77 36.55 58.04
N LYS W 353 -59.75 36.63 58.90
CA LYS W 353 -58.69 35.63 58.86
C LYS W 353 -59.23 34.24 59.20
N ALA W 354 -60.14 34.16 60.17
CA ALA W 354 -60.72 32.87 60.54
C ALA W 354 -61.60 32.31 59.43
N ARG W 355 -62.39 33.17 58.79
CA ARG W 355 -63.18 32.72 57.64
C ARG W 355 -62.27 32.17 56.56
N GLY W 356 -61.13 32.81 56.35
CA GLY W 356 -60.18 32.29 55.37
C GLY W 356 -59.57 30.97 55.79
N VAL W 357 -59.22 30.83 57.07
CA VAL W 357 -58.55 29.62 57.52
C VAL W 357 -59.49 28.44 57.63
N LYS W 358 -60.80 28.67 57.65
CA LYS W 358 -61.76 27.58 57.74
C LYS W 358 -62.19 27.04 56.38
N LYS W 359 -61.62 27.53 55.28
CA LYS W 359 -62.02 27.06 53.96
C LYS W 359 -61.55 25.63 53.72
N ASN W 360 -60.23 25.42 53.75
CA ASN W 360 -59.68 24.08 53.61
C ASN W 360 -59.83 23.31 54.92
N SER W 361 -60.11 22.02 54.81
CA SER W 361 -60.35 21.19 55.98
C SER W 361 -59.16 20.31 56.36
N ASP W 362 -58.34 19.90 55.39
CA ASP W 362 -57.21 19.01 55.69
C ASP W 362 -56.14 19.76 56.46
N VAL W 363 -55.54 20.77 55.84
CA VAL W 363 -54.50 21.57 56.47
C VAL W 363 -54.95 22.97 56.80
N GLY W 364 -56.14 23.38 56.36
CA GLY W 364 -56.62 24.72 56.63
C GLY W 364 -56.03 25.70 55.64
N GLY W 365 -56.85 26.61 55.13
CA GLY W 365 -56.36 27.54 54.14
C GLY W 365 -55.73 28.76 54.76
N TRP W 366 -54.41 28.77 54.86
CA TRP W 366 -53.68 29.92 55.37
C TRP W 366 -53.28 30.89 54.26
N HIS W 367 -53.50 30.54 53.00
CA HIS W 367 -53.08 31.37 51.89
C HIS W 367 -54.14 32.37 51.45
N TYR W 368 -55.28 32.42 52.13
CA TYR W 368 -56.32 33.38 51.79
C TYR W 368 -56.06 34.68 52.51
N SER W 369 -55.98 35.78 51.77
CA SER W 369 -55.75 37.08 52.37
C SER W 369 -56.98 37.51 53.17
N PRO W 370 -56.79 38.22 54.26
CA PRO W 370 -57.91 38.72 55.08
C PRO W 370 -58.55 39.98 54.53
N ALA W 371 -58.91 39.95 53.25
CA ALA W 371 -59.56 41.08 52.61
C ALA W 371 -60.33 40.58 51.41
N GLY W 372 -61.23 41.41 50.93
CA GLY W 372 -62.03 41.08 49.76
C GLY W 372 -63.48 41.40 50.00
N GLU W 373 -64.34 40.88 49.13
CA GLU W 373 -65.77 41.11 49.22
C GLU W 373 -66.55 39.90 49.69
N GLU W 374 -65.91 38.73 49.79
CA GLU W 374 -66.58 37.53 50.25
C GLU W 374 -66.06 37.02 51.59
N ARG W 375 -65.06 37.67 52.17
CA ARG W 375 -64.49 37.20 53.42
C ARG W 375 -64.20 38.29 54.43
N ALA W 376 -64.46 39.56 54.14
CA ALA W 376 -64.07 40.62 55.04
C ALA W 376 -65.14 41.71 55.14
N VAL W 377 -66.41 41.35 54.94
CA VAL W 377 -67.47 42.34 55.04
C VAL W 377 -67.58 42.82 56.49
N ILE W 378 -67.94 44.09 56.65
CA ILE W 378 -68.08 44.70 57.97
C ILE W 378 -69.55 44.87 58.25
N ALA W 379 -70.02 44.28 59.34
CA ALA W 379 -71.42 44.32 59.73
C ALA W 379 -71.58 45.31 60.87
N ARG W 380 -72.17 46.47 60.58
CA ARG W 380 -72.45 47.47 61.59
C ARG W 380 -73.87 47.99 61.35
N ALA W 381 -74.22 49.08 62.03
CA ALA W 381 -75.55 49.67 61.91
C ALA W 381 -75.40 51.17 61.68
N SER W 382 -75.90 51.65 60.54
CA SER W 382 -75.96 53.07 60.22
C SER W 382 -74.56 53.69 60.26
N ILE W 383 -73.67 53.15 59.44
CA ILE W 383 -72.31 53.67 59.37
C ILE W 383 -72.35 55.09 58.82
N GLN W 384 -71.85 56.04 59.59
CA GLN W 384 -71.84 57.45 59.21
C GLN W 384 -70.41 57.96 59.29
N PRO W 385 -69.79 58.35 58.18
CA PRO W 385 -68.36 58.71 58.22
C PRO W 385 -68.09 59.86 59.17
N LEU W 386 -66.94 59.79 59.84
CA LEU W 386 -66.57 60.80 60.81
C LEU W 386 -66.14 62.10 60.13
N TYR W 387 -65.36 61.99 59.05
CA TYR W 387 -64.82 63.14 58.34
C TYR W 387 -65.19 63.02 56.86
N PRO W 388 -66.45 63.31 56.50
CA PRO W 388 -66.82 63.23 55.09
C PRO W 388 -66.10 64.21 54.19
N GLU W 389 -65.54 65.30 54.72
CA GLU W 389 -64.87 66.28 53.86
C GLU W 389 -63.47 65.84 53.45
N ASP W 390 -62.90 64.82 54.08
CA ASP W 390 -61.54 64.41 53.77
C ASP W 390 -61.55 63.29 52.74
N THR W 391 -60.35 62.84 52.35
CA THR W 391 -60.20 61.81 51.34
C THR W 391 -58.95 61.01 51.64
N PRO W 392 -58.95 59.71 51.36
CA PRO W 392 -57.75 58.89 51.59
C PRO W 392 -56.58 59.35 50.75
N ASP W 393 -55.42 58.77 51.06
CA ASP W 393 -54.12 59.11 50.47
C ASP W 393 -53.46 57.85 49.92
N GLU W 394 -54.19 57.11 49.08
CA GLU W 394 -53.85 55.74 48.71
C GLU W 394 -52.36 55.46 48.57
N GLU W 395 -51.65 56.29 47.80
CA GLU W 395 -50.22 56.05 47.60
C GLU W 395 -49.45 56.21 48.91
N ALA W 396 -49.73 57.27 49.67
CA ALA W 396 -49.06 57.46 50.94
C ALA W 396 -49.39 56.33 51.91
N MET W 397 -50.65 55.88 51.91
CA MET W 397 -51.04 54.79 52.79
C MET W 397 -50.29 53.51 52.45
N VAL W 398 -50.19 53.19 51.16
CA VAL W 398 -49.49 51.97 50.77
C VAL W 398 -48.02 52.06 51.10
N LYS W 399 -47.42 53.25 50.91
CA LYS W 399 -46.02 53.39 51.28
C LYS W 399 -45.81 53.31 52.79
N GLY W 400 -46.78 53.77 53.58
CA GLY W 400 -46.70 53.73 55.02
C GLY W 400 -47.27 52.49 55.67
N ARG W 401 -47.69 51.50 54.87
CA ARG W 401 -48.16 50.21 55.39
C ARG W 401 -49.36 50.39 56.32
N LEU W 402 -50.45 50.88 55.75
CA LEU W 402 -51.70 51.10 56.49
C LEU W 402 -52.84 50.59 55.64
N ASN W 403 -53.50 49.52 56.11
CA ASN W 403 -54.65 48.99 55.38
C ASN W 403 -55.82 49.95 55.48
N LYS W 404 -56.59 50.05 54.39
CA LYS W 404 -57.66 51.03 54.29
C LYS W 404 -58.98 50.33 53.97
N VAL W 405 -60.06 50.92 54.47
CA VAL W 405 -61.39 50.43 54.19
C VAL W 405 -61.92 51.10 52.91
N SER W 406 -62.95 50.51 52.33
CA SER W 406 -63.56 51.03 51.13
C SER W 406 -65.02 50.62 51.10
N VAL W 407 -65.67 50.86 49.97
CA VAL W 407 -67.04 50.45 49.73
C VAL W 407 -67.05 49.53 48.52
N GLY W 408 -67.23 48.24 48.75
CA GLY W 408 -67.25 47.26 47.68
C GLY W 408 -68.60 47.24 46.99
N THR W 409 -68.83 46.16 46.24
CA THR W 409 -70.10 46.00 45.56
C THR W 409 -71.23 45.83 46.57
N SER W 410 -72.43 46.23 46.17
CA SER W 410 -73.67 46.13 46.93
C SER W 410 -73.72 47.12 48.08
N GLY W 411 -72.62 47.83 48.33
CA GLY W 411 -72.61 48.94 49.26
C GLY W 411 -72.24 48.64 50.69
N GLN W 412 -71.75 47.43 51.00
CA GLN W 412 -71.24 47.14 52.33
C GLN W 412 -69.75 47.45 52.40
N MET W 413 -69.34 48.09 53.49
CA MET W 413 -67.93 48.39 53.71
C MET W 413 -67.12 47.11 53.81
N ILE W 414 -65.92 47.12 53.24
CA ILE W 414 -65.03 45.97 53.27
C ILE W 414 -63.62 46.45 53.58
N ILE W 415 -62.77 45.50 53.94
CA ILE W 415 -61.33 45.74 54.06
C ILE W 415 -60.70 45.44 52.71
N ASP W 416 -59.87 46.36 52.22
CA ASP W 416 -59.36 46.25 50.86
C ASP W 416 -57.84 46.34 50.82
N ASP W 417 -57.16 45.73 51.79
CA ASP W 417 -55.71 45.61 51.72
C ASP W 417 -55.26 44.49 52.62
N ALA W 418 -54.07 43.97 52.33
CA ALA W 418 -53.47 42.87 53.08
C ALA W 418 -51.99 43.15 53.29
N LEU W 419 -51.67 44.36 53.69
CA LEU W 419 -50.29 44.78 53.86
C LEU W 419 -49.86 44.69 55.31
N THR W 420 -48.67 44.13 55.54
CA THR W 420 -48.13 43.96 56.87
C THR W 420 -47.29 45.18 57.25
N CYS W 421 -46.53 45.06 58.33
CA CYS W 421 -45.68 46.14 58.81
C CYS W 421 -44.27 46.09 58.27
N CYS W 422 -43.95 45.12 57.43
CA CYS W 422 -42.61 45.05 56.86
C CYS W 422 -42.37 46.23 55.93
N THR W 423 -41.18 46.82 56.02
CA THR W 423 -40.84 47.96 55.18
C THR W 423 -40.15 47.54 53.89
N GLN W 424 -39.43 46.42 53.90
CA GLN W 424 -38.75 45.96 52.70
C GLN W 424 -39.76 45.62 51.61
N ASP W 425 -39.43 45.95 50.37
CA ASP W 425 -40.33 45.71 49.25
C ASP W 425 -39.99 44.37 48.60
N ASN W 426 -40.51 43.32 49.20
CA ASN W 426 -40.35 41.97 48.67
C ASN W 426 -41.66 41.22 48.93
N TYR W 427 -41.61 39.89 48.81
CA TYR W 427 -42.81 39.09 49.01
C TYR W 427 -43.30 39.11 50.44
N LEU W 428 -42.50 39.62 51.38
CA LEU W 428 -42.85 39.49 52.79
C LEU W 428 -43.86 40.51 53.27
N HIS W 429 -44.12 41.58 52.51
CA HIS W 429 -45.04 42.58 53.01
C HIS W 429 -46.50 42.25 52.74
N PHE W 430 -46.78 41.26 51.90
CA PHE W 430 -48.15 40.78 51.78
C PHE W 430 -48.53 39.97 53.02
N GLN W 431 -49.83 39.88 53.28
CA GLN W 431 -50.26 39.29 54.54
C GLN W 431 -50.17 37.77 54.52
N HIS W 432 -50.54 37.12 53.42
CA HIS W 432 -50.71 35.68 53.46
C HIS W 432 -49.38 34.93 53.49
N VAL W 433 -48.33 35.49 52.90
CA VAL W 433 -47.05 34.78 52.84
C VAL W 433 -46.47 34.52 54.23
N PRO W 434 -46.33 35.52 55.12
CA PRO W 434 -45.82 35.21 56.46
C PRO W 434 -46.68 34.21 57.21
N SER W 435 -48.00 34.26 57.06
CA SER W 435 -48.85 33.32 57.77
C SER W 435 -48.60 31.89 57.32
N LEU W 436 -48.51 31.67 56.01
CA LEU W 436 -48.23 30.34 55.49
C LEU W 436 -46.87 29.84 55.94
N MET W 437 -45.85 30.70 55.83
CA MET W 437 -44.51 30.29 56.23
C MET W 437 -44.46 29.98 57.73
N ASN W 438 -45.19 30.76 58.55
CA ASN W 438 -45.19 30.50 59.98
C ASN W 438 -45.93 29.21 60.31
N ALA W 439 -46.99 28.88 59.58
CA ALA W 439 -47.63 27.60 59.80
C ALA W 439 -46.67 26.45 59.51
N ILE W 440 -45.94 26.54 58.40
CA ILE W 440 -44.96 25.49 58.09
C ILE W 440 -43.89 25.41 59.17
N SER W 441 -43.41 26.57 59.64
CA SER W 441 -42.37 26.58 60.66
C SER W 441 -42.85 25.97 61.96
N ARG W 442 -44.08 26.26 62.37
CA ARG W 442 -44.61 25.68 63.60
C ARG W 442 -44.71 24.16 63.49
N PHE W 443 -45.18 23.67 62.33
CA PHE W 443 -45.21 22.22 62.15
C PHE W 443 -43.80 21.63 62.22
N PHE W 444 -42.82 22.32 61.62
CA PHE W 444 -41.45 21.81 61.68
C PHE W 444 -40.95 21.75 63.11
N VAL W 445 -41.23 22.78 63.90
CA VAL W 445 -40.77 22.78 65.28
C VAL W 445 -41.37 21.60 66.03
N GLN W 446 -42.66 21.34 65.82
CA GLN W 446 -43.27 20.18 66.47
C GLN W 446 -42.56 18.89 66.06
N LEU W 447 -42.33 18.70 64.76
CA LEU W 447 -41.74 17.46 64.28
C LEU W 447 -40.33 17.27 64.82
N ALA W 448 -39.51 18.31 64.76
CA ALA W 448 -38.14 18.20 65.23
C ALA W 448 -38.08 17.98 66.74
N ARG W 449 -38.96 18.64 67.49
CA ARG W 449 -38.99 18.40 68.93
C ARG W 449 -39.34 16.96 69.23
N GLN W 450 -40.29 16.38 68.49
CA GLN W 450 -40.60 14.97 68.71
C GLN W 450 -39.45 14.06 68.31
N MET W 451 -38.68 14.45 67.29
CA MET W 451 -37.69 13.56 66.70
C MET W 451 -36.27 13.83 67.19
N LYS W 452 -36.09 14.72 68.17
CA LYS W 452 -34.76 14.99 68.69
C LYS W 452 -34.18 13.76 69.40
N HIS W 453 -32.85 13.69 69.41
CA HIS W 453 -32.07 12.71 70.17
C HIS W 453 -32.13 11.29 69.58
N SER W 454 -32.38 11.16 68.30
CA SER W 454 -32.40 9.86 67.66
C SER W 454 -31.15 9.66 66.81
N PRO W 455 -30.77 8.42 66.54
CA PRO W 455 -29.62 8.17 65.66
C PRO W 455 -29.92 8.65 64.23
N ASP W 456 -28.84 8.90 63.49
CA ASP W 456 -28.97 9.54 62.18
C ASP W 456 -29.78 8.68 61.22
N GLY W 457 -29.64 7.36 61.30
CA GLY W 457 -30.35 6.50 60.37
C GLY W 457 -31.85 6.68 60.44
N ILE W 458 -32.40 6.72 61.65
CA ILE W 458 -33.82 6.99 61.82
C ILE W 458 -34.11 8.46 61.52
N THR W 459 -33.23 9.37 61.95
CA THR W 459 -33.53 10.79 61.90
C THR W 459 -33.69 11.28 60.46
N ALA W 460 -32.74 10.92 59.59
CA ALA W 460 -32.80 11.42 58.22
C ALA W 460 -34.08 10.97 57.51
N ALA W 461 -34.37 9.66 57.58
CA ALA W 461 -35.55 9.14 56.91
C ALA W 461 -36.82 9.74 57.48
N GLY W 462 -36.90 9.86 58.81
CA GLY W 462 -38.10 10.42 59.41
C GLY W 462 -38.32 11.87 59.02
N LEU W 463 -37.26 12.69 59.10
CA LEU W 463 -37.40 14.10 58.73
C LEU W 463 -37.81 14.25 57.27
N THR W 464 -37.15 13.51 56.38
CA THR W 464 -37.50 13.61 54.97
C THR W 464 -38.94 13.19 54.73
N LYS W 465 -39.38 12.10 55.35
CA LYS W 465 -40.74 11.62 55.12
C LYS W 465 -41.76 12.63 55.65
N GLY W 466 -41.56 13.13 56.86
CA GLY W 466 -42.52 14.05 57.43
C GLY W 466 -42.63 15.35 56.65
N MET W 467 -41.48 15.94 56.30
CA MET W 467 -41.52 17.18 55.55
C MET W 467 -42.09 16.98 54.14
N THR W 468 -41.72 15.90 53.47
CA THR W 468 -42.27 15.65 52.15
C THR W 468 -43.78 15.50 52.22
N LYS W 469 -44.28 14.76 53.20
CA LYS W 469 -45.73 14.60 53.32
C LYS W 469 -46.42 15.93 53.58
N LEU W 470 -45.87 16.74 54.49
CA LEU W 470 -46.52 18.01 54.81
C LEU W 470 -46.55 18.94 53.60
N LEU W 471 -45.41 19.06 52.90
CA LEU W 471 -45.37 19.97 51.76
C LEU W 471 -46.23 19.45 50.60
N ASP W 472 -46.33 18.14 50.44
CA ASP W 472 -47.24 17.60 49.44
C ASP W 472 -48.69 17.93 49.80
N ARG W 473 -49.03 17.86 51.08
CA ARG W 473 -50.37 18.25 51.50
C ARG W 473 -50.64 19.71 51.18
N PHE W 474 -49.66 20.58 51.43
CA PHE W 474 -49.86 21.99 51.12
C PHE W 474 -50.01 22.23 49.62
N VAL W 475 -49.19 21.57 48.80
CA VAL W 475 -49.29 21.77 47.35
C VAL W 475 -50.63 21.28 46.85
N ALA W 476 -51.11 20.14 47.35
CA ALA W 476 -52.42 19.66 46.95
C ALA W 476 -53.52 20.61 47.41
N SER W 477 -53.32 21.25 48.58
CA SER W 477 -54.27 22.28 49.02
C SER W 477 -54.30 23.44 48.04
N GLY W 478 -53.14 23.85 47.55
CA GLY W 478 -53.05 24.91 46.57
C GLY W 478 -52.34 26.16 47.04
N ALA W 479 -51.64 26.12 48.16
CA ALA W 479 -50.93 27.29 48.66
C ALA W 479 -49.57 27.49 48.00
N LEU W 480 -49.07 26.50 47.27
CA LEU W 480 -47.81 26.62 46.55
C LEU W 480 -48.04 26.30 45.08
N VAL W 481 -47.35 27.03 44.20
CA VAL W 481 -47.51 26.88 42.76
C VAL W 481 -46.12 26.81 42.13
N ALA W 482 -46.09 26.48 40.85
CA ALA W 482 -44.84 26.37 40.12
C ALA W 482 -44.13 27.73 40.10
N PRO W 483 -42.80 27.72 40.06
CA PRO W 483 -42.07 29.00 40.11
C PRO W 483 -42.36 29.87 38.91
N ARG W 484 -42.22 31.18 39.11
CA ARG W 484 -42.56 32.14 38.07
C ARG W 484 -41.68 31.95 36.83
N ASP W 485 -40.39 31.71 37.01
CA ASP W 485 -39.47 31.54 35.89
C ASP W 485 -38.92 30.12 35.91
N PRO W 486 -39.51 29.20 35.16
CA PRO W 486 -39.08 27.79 35.18
C PRO W 486 -37.87 27.52 34.29
N ASP W 487 -36.87 28.37 34.40
CA ASP W 487 -35.62 28.22 33.66
C ASP W 487 -34.42 28.08 34.57
N ALA W 488 -34.34 28.88 35.63
CA ALA W 488 -33.22 28.84 36.57
C ALA W 488 -33.55 28.02 37.81
N ASP W 489 -34.61 28.38 38.52
CA ASP W 489 -34.96 27.71 39.77
C ASP W 489 -35.94 26.56 39.56
N GLY W 490 -35.59 25.65 38.66
CA GLY W 490 -36.34 24.43 38.42
C GLY W 490 -37.81 24.66 38.10
N THR W 491 -38.59 23.60 38.31
CA THR W 491 -40.03 23.67 38.07
C THR W 491 -40.82 22.96 39.17
N GLU W 492 -40.26 22.79 40.35
CA GLU W 492 -41.05 22.17 41.41
C GLU W 492 -41.49 23.21 42.43
N PRO W 493 -42.70 23.06 42.98
CA PRO W 493 -43.18 24.07 43.94
C PRO W 493 -42.28 24.23 45.15
N TYR W 494 -41.71 23.13 45.64
CA TYR W 494 -40.87 23.14 46.82
C TYR W 494 -39.63 22.29 46.60
N VAL W 495 -38.53 22.73 47.21
CA VAL W 495 -37.26 22.02 47.17
C VAL W 495 -36.83 21.77 48.60
N LEU W 496 -36.52 20.51 48.91
CA LEU W 496 -36.16 20.08 50.26
C LEU W 496 -34.72 19.60 50.29
N LYS W 497 -34.04 19.87 51.40
CA LYS W 497 -32.67 19.40 51.57
C LYS W 497 -32.39 19.19 53.04
N VAL W 498 -32.23 17.93 53.44
CA VAL W 498 -31.89 17.56 54.81
C VAL W 498 -30.45 17.08 54.81
N THR W 499 -29.61 17.71 55.62
CA THR W 499 -28.18 17.43 55.58
C THR W 499 -27.61 17.37 56.98
N GLN W 500 -26.40 16.83 57.08
CA GLN W 500 -25.64 16.79 58.32
C GLN W 500 -24.46 17.73 58.20
N ALA W 501 -24.30 18.62 59.16
CA ALA W 501 -23.21 19.59 59.14
C ALA W 501 -22.00 19.15 59.96
N GLU W 502 -22.23 18.66 61.18
CA GLU W 502 -21.20 18.01 61.99
C GLU W 502 -21.83 16.77 62.60
N PHE W 503 -21.22 16.27 63.68
CA PHE W 503 -21.76 15.10 64.36
C PHE W 503 -23.24 15.25 64.67
N ASP W 504 -23.63 16.40 65.24
CA ASP W 504 -25.06 16.63 65.52
C ASP W 504 -25.39 18.08 65.15
N LYS W 505 -25.72 18.30 63.89
CA LYS W 505 -26.17 19.61 63.44
C LYS W 505 -27.20 19.48 62.33
N TRP W 506 -28.05 18.45 62.41
CA TRP W 506 -29.01 18.17 61.34
C TRP W 506 -29.72 19.42 60.88
N GLU W 507 -29.48 19.82 59.62
CA GLU W 507 -29.96 21.07 59.07
C GLU W 507 -30.96 20.81 57.96
N VAL W 508 -32.13 21.41 58.05
CA VAL W 508 -33.19 21.24 57.08
C VAL W 508 -33.43 22.57 56.39
N VAL W 509 -33.37 22.57 55.06
CA VAL W 509 -33.60 23.77 54.26
C VAL W 509 -34.70 23.45 53.26
N TRP W 510 -35.81 24.19 53.35
CA TRP W 510 -36.91 24.02 52.43
C TRP W 510 -37.22 25.36 51.78
N ALA W 511 -37.38 25.34 50.46
CA ALA W 511 -37.69 26.54 49.68
C ALA W 511 -39.02 26.32 48.98
N CYS W 512 -39.96 27.24 49.16
CA CYS W 512 -41.29 27.10 48.61
C CYS W 512 -41.63 28.30 47.74
N CYS W 513 -42.48 28.09 46.75
CA CYS W 513 -42.96 29.20 45.94
C CYS W 513 -44.40 29.52 46.32
N PRO W 514 -44.68 30.60 47.03
CA PRO W 514 -46.04 30.88 47.48
C PRO W 514 -46.92 31.37 46.34
N THR W 515 -48.23 31.27 46.55
CA THR W 515 -49.18 31.71 45.55
C THR W 515 -49.19 33.23 45.43
N GLY W 516 -49.75 33.71 44.33
CA GLY W 516 -49.83 35.13 44.08
C GLY W 516 -51.23 35.65 44.29
N VAL W 517 -51.38 36.58 45.24
CA VAL W 517 -52.64 37.26 45.42
C VAL W 517 -52.96 38.09 44.18
N ALA W 518 -54.24 38.39 44.00
CA ALA W 518 -54.71 39.19 42.87
C ALA W 518 -55.20 40.52 43.42
N ARG W 519 -54.28 41.46 43.55
CA ARG W 519 -54.59 42.78 44.13
C ARG W 519 -54.88 43.83 43.07
N ARG W 520 -54.13 43.83 41.97
CA ARG W 520 -54.32 44.78 40.89
C ARG W 520 -54.67 44.03 39.62
N ILE W 521 -55.80 44.38 39.01
CA ILE W 521 -56.27 43.74 37.78
C ILE W 521 -56.45 44.82 36.73
N GLN W 522 -55.83 44.62 35.57
CA GLN W 522 -55.87 45.60 34.49
C GLN W 522 -56.32 44.94 33.21
N GLY W 523 -57.24 45.60 32.50
CA GLY W 523 -57.74 45.12 31.22
C GLY W 523 -57.34 46.06 30.10
N VAL W 524 -56.86 45.49 29.01
CA VAL W 524 -56.42 46.25 27.84
C VAL W 524 -57.20 45.78 26.64
N PRO W 525 -58.29 46.47 26.28
CA PRO W 525 -59.04 46.09 25.08
C PRO W 525 -58.25 46.39 23.82
N LEU W 526 -58.55 45.63 22.78
CA LEU W 526 -57.87 45.78 21.49
C LEU W 526 -58.89 45.67 20.37
N LEU W 527 -58.50 46.16 19.20
CA LEU W 527 -59.29 46.02 17.99
C LEU W 527 -58.45 45.35 16.92
N ILE W 528 -59.05 44.44 16.17
CA ILE W 528 -58.36 43.64 15.17
C ILE W 528 -58.79 44.13 13.79
N LYS W 529 -57.81 44.46 12.95
CA LYS W 529 -58.07 44.89 11.59
C LYS W 529 -58.70 43.76 10.78
N SER X 2 -66.64 59.38 42.04
CA SER X 2 -67.59 58.66 42.89
C SER X 2 -67.54 57.17 42.62
N GLN X 3 -68.68 56.50 42.81
CA GLN X 3 -68.79 55.10 42.47
C GLN X 3 -69.11 54.94 40.99
N TYR X 4 -69.03 53.70 40.51
CA TYR X 4 -69.27 53.34 39.12
C TYR X 4 -68.24 53.98 38.18
N SER X 5 -67.33 54.78 38.72
CA SER X 5 -66.29 55.39 37.92
C SER X 5 -65.22 54.36 37.58
N ILE X 6 -64.55 54.58 36.45
CA ILE X 6 -63.51 53.67 35.97
C ILE X 6 -62.22 54.47 35.80
N GLN X 7 -61.16 54.00 36.44
CA GLN X 7 -59.86 54.64 36.30
C GLN X 7 -59.08 53.97 35.18
N GLN X 8 -57.92 54.54 34.87
CA GLN X 8 -57.10 54.06 33.77
C GLN X 8 -55.63 53.82 34.13
N SER X 9 -55.12 54.40 35.20
CA SER X 9 -53.70 54.29 35.51
C SER X 9 -53.38 53.05 36.33
N LEU X 10 -53.95 52.97 37.54
CA LEU X 10 -53.76 51.82 38.44
C LEU X 10 -52.27 51.62 38.76
N GLY X 11 -51.73 52.60 39.48
CA GLY X 11 -50.34 52.55 39.89
C GLY X 11 -50.12 52.27 41.37
N ASN X 12 -49.63 51.07 41.68
CA ASN X 12 -49.19 50.71 43.03
C ASN X 12 -50.29 50.89 44.07
N ALA X 13 -51.52 50.51 43.71
CA ALA X 13 -52.63 50.57 44.65
C ALA X 13 -53.68 49.56 44.21
N SER X 14 -54.37 48.97 45.19
CA SER X 14 -55.40 48.00 44.87
C SER X 14 -56.53 48.66 44.10
N GLY X 15 -57.08 47.93 43.14
CA GLY X 15 -58.18 48.44 42.35
C GLY X 15 -58.24 47.74 41.01
N VAL X 16 -59.16 48.20 40.18
CA VAL X 16 -59.33 47.69 38.83
C VAL X 16 -59.40 48.87 37.86
N ALA X 17 -58.87 48.67 36.67
CA ALA X 17 -58.83 49.74 35.69
C ALA X 17 -58.73 49.14 34.29
N VAL X 18 -59.37 49.82 33.34
CA VAL X 18 -59.33 49.42 31.94
C VAL X 18 -58.66 50.53 31.13
N SER X 19 -57.79 50.14 30.22
CA SER X 19 -57.07 51.10 29.42
C SER X 19 -57.95 51.60 28.28
N PRO X 20 -57.71 52.83 27.79
CA PRO X 20 -58.48 53.31 26.65
C PRO X 20 -58.23 52.46 25.42
N ILE X 21 -59.25 52.38 24.56
CA ILE X 21 -59.20 51.48 23.41
C ILE X 21 -58.03 51.85 22.53
N ASN X 22 -57.29 50.83 22.08
CA ASN X 22 -56.07 51.08 21.32
C ASN X 22 -56.39 51.53 19.90
N ALA X 23 -56.99 50.64 19.11
CA ALA X 23 -57.49 50.98 17.77
C ALA X 23 -56.41 51.67 16.92
N ASP X 24 -55.20 51.12 16.95
CA ASP X 24 -54.10 51.66 16.15
C ASP X 24 -53.69 50.75 15.00
N ALA X 25 -54.05 49.47 15.06
CA ALA X 25 -53.76 48.55 13.97
C ALA X 25 -54.85 48.54 12.91
N THR X 26 -55.87 49.39 13.07
CA THR X 26 -57.01 49.43 12.16
C THR X 26 -57.16 50.83 11.57
N LEU X 27 -56.04 51.51 11.34
CA LEU X 27 -56.10 52.87 10.84
C LEU X 27 -56.27 52.87 9.33
N SER X 28 -57.39 53.42 8.86
CA SER X 28 -57.67 53.58 7.45
C SER X 28 -57.41 55.02 7.03
N THR X 29 -57.74 55.33 5.78
CA THR X 29 -57.59 56.69 5.27
C THR X 29 -58.75 56.98 4.32
N GLY X 30 -59.50 58.04 4.60
CA GLY X 30 -60.60 58.43 3.74
C GLY X 30 -60.26 59.62 2.87
N VAL X 31 -60.00 59.37 1.59
CA VAL X 31 -59.65 60.45 0.67
C VAL X 31 -60.69 60.52 -0.44
N ALA X 32 -61.35 59.41 -0.73
CA ALA X 32 -62.37 59.34 -1.77
C ALA X 32 -61.78 59.77 -3.12
N LEU X 33 -60.86 58.93 -3.61
CA LEU X 33 -60.12 59.26 -4.82
C LEU X 33 -61.04 59.41 -6.03
N ASN X 34 -62.15 58.68 -6.07
CA ASN X 34 -63.02 58.72 -7.23
C ASN X 34 -63.95 59.93 -7.19
N SER X 35 -63.40 61.12 -7.00
CA SER X 35 -64.18 62.35 -6.99
C SER X 35 -63.38 63.45 -7.65
N SER X 36 -64.02 64.18 -8.55
CA SER X 36 -63.36 65.22 -9.33
C SER X 36 -64.23 66.47 -9.36
N LEU X 37 -63.60 67.63 -9.12
CA LEU X 37 -64.26 68.92 -9.21
C LEU X 37 -63.38 69.87 -10.02
N TRP X 38 -64.02 70.82 -10.68
CA TRP X 38 -63.34 71.74 -11.57
C TRP X 38 -63.41 73.16 -11.04
N ALA X 39 -62.30 73.88 -11.13
CA ALA X 39 -62.21 75.24 -10.65
C ALA X 39 -61.77 76.17 -11.78
N GLY X 40 -62.42 77.31 -11.88
CA GLY X 40 -62.09 78.23 -12.96
C GLY X 40 -62.45 79.67 -12.64
N ILE X 41 -61.83 80.57 -13.38
CA ILE X 41 -62.15 81.99 -13.28
C ILE X 41 -62.92 82.39 -14.53
N GLY X 42 -63.61 83.52 -14.44
CA GLY X 42 -64.36 83.97 -15.60
C GLY X 42 -65.00 85.32 -15.35
N VAL X 43 -65.73 85.78 -16.38
CA VAL X 43 -66.47 87.02 -16.34
C VAL X 43 -67.94 86.68 -16.57
N PHE X 44 -68.80 87.10 -15.67
CA PHE X 44 -70.21 86.74 -15.76
C PHE X 44 -71.09 87.96 -15.53
N ALA X 45 -72.40 87.73 -15.39
CA ALA X 45 -73.35 88.81 -15.18
C ALA X 45 -73.71 89.02 -13.72
N ARG X 46 -73.87 87.95 -12.95
CA ARG X 46 -74.25 88.03 -11.54
C ARG X 46 -73.36 87.13 -10.70
N GLY X 47 -72.98 87.61 -9.54
CA GLY X 47 -72.13 86.89 -8.62
C GLY X 47 -71.27 87.84 -7.81
N LYS X 48 -70.79 87.34 -6.68
CA LYS X 48 -69.95 88.16 -5.80
C LYS X 48 -68.53 88.20 -6.34
N PRO X 49 -68.00 89.38 -6.65
CA PRO X 49 -66.67 89.44 -7.26
C PRO X 49 -65.56 89.04 -6.31
N PHE X 50 -64.53 88.42 -6.87
CA PHE X 50 -63.32 88.06 -6.13
C PHE X 50 -63.62 87.18 -4.92
N THR X 51 -64.60 86.30 -5.07
CA THR X 51 -64.96 85.37 -4.00
C THR X 51 -65.29 84.03 -4.63
N VAL X 52 -64.84 82.95 -4.01
CA VAL X 52 -65.08 81.61 -4.54
C VAL X 52 -66.55 81.28 -4.42
N LEU X 53 -67.16 80.84 -5.52
CA LEU X 53 -68.54 80.39 -5.53
C LEU X 53 -68.59 78.88 -5.66
N ALA X 54 -69.80 78.35 -5.76
CA ALA X 54 -70.01 76.92 -5.96
C ALA X 54 -71.20 76.76 -6.89
N VAL X 55 -70.98 76.09 -8.02
CA VAL X 55 -72.01 75.89 -9.03
C VAL X 55 -72.30 74.40 -9.14
N THR X 56 -73.57 74.04 -9.09
CA THR X 56 -74.04 72.69 -9.28
C THR X 56 -74.95 72.66 -10.51
N GLU X 57 -75.51 71.48 -10.80
CA GLU X 57 -76.35 71.31 -11.97
C GLU X 57 -77.71 71.98 -11.83
N SER X 58 -78.07 72.45 -10.63
CA SER X 58 -79.42 72.93 -10.40
C SER X 58 -79.51 74.36 -9.91
N ASN X 59 -78.39 75.08 -9.83
CA ASN X 59 -78.45 76.46 -9.37
C ASN X 59 -77.61 77.44 -10.18
N TYR X 60 -76.79 76.98 -11.12
CA TYR X 60 -75.88 77.88 -11.83
C TYR X 60 -76.63 79.01 -12.51
N GLU X 61 -77.84 78.74 -13.01
CA GLU X 61 -78.61 79.75 -13.72
C GLU X 61 -78.87 80.97 -12.83
N ASP X 62 -79.21 80.75 -11.56
CA ASP X 62 -79.53 81.86 -10.69
C ASP X 62 -78.33 82.39 -9.91
N VAL X 63 -77.42 81.52 -9.47
CA VAL X 63 -76.26 82.02 -8.73
C VAL X 63 -75.34 82.80 -9.66
N LEU X 64 -75.19 82.36 -10.91
CA LEU X 64 -74.26 82.99 -11.83
C LEU X 64 -74.96 83.91 -12.82
N GLY X 65 -76.27 84.10 -12.70
CA GLY X 65 -77.00 84.99 -13.58
C GLY X 65 -77.39 84.33 -14.88
N GLU X 66 -78.29 84.99 -15.59
CA GLU X 66 -78.74 84.51 -16.88
C GLU X 66 -77.61 84.62 -17.90
N PRO X 67 -77.60 83.77 -18.93
CA PRO X 67 -76.53 83.82 -19.92
C PRO X 67 -76.48 85.17 -20.63
N LEU X 68 -75.27 85.59 -20.99
CA LEU X 68 -75.06 86.86 -21.66
C LEU X 68 -75.43 86.74 -23.14
N LYS X 69 -75.13 87.77 -23.91
CA LYS X 69 -75.45 87.81 -25.33
C LYS X 69 -74.18 87.89 -26.15
N PRO X 70 -74.04 87.07 -27.20
CA PRO X 70 -72.82 87.13 -28.01
C PRO X 70 -72.59 88.47 -28.68
N SER X 71 -73.66 89.18 -29.06
CA SER X 71 -73.51 90.47 -29.70
C SER X 71 -72.94 91.53 -28.76
N SER X 72 -73.00 91.29 -27.44
CA SER X 72 -72.46 92.26 -26.50
C SER X 72 -70.95 92.38 -26.65
N GLY X 73 -70.26 91.26 -26.84
CA GLY X 73 -68.82 91.27 -26.96
C GLY X 73 -68.22 89.89 -26.81
N SER X 74 -67.10 89.79 -26.10
CA SER X 74 -66.41 88.53 -25.89
C SER X 74 -66.69 87.94 -24.52
N GLN X 75 -67.69 88.44 -23.81
CA GLN X 75 -68.00 87.97 -22.47
C GLN X 75 -68.95 86.78 -22.46
N PHE X 76 -69.36 86.28 -23.62
CA PHE X 76 -70.29 85.17 -23.69
C PHE X 76 -69.61 83.81 -23.59
N GLU X 77 -68.30 83.77 -23.48
CA GLU X 77 -67.59 82.48 -23.50
C GLU X 77 -67.71 81.72 -22.18
N PRO X 78 -67.37 82.30 -21.02
CA PRO X 78 -67.30 81.48 -19.79
C PRO X 78 -68.61 80.85 -19.40
N ILE X 79 -69.75 81.48 -19.67
CA ILE X 79 -71.03 80.88 -19.31
C ILE X 79 -71.24 79.59 -20.11
N ARG X 80 -70.92 79.61 -21.40
CA ARG X 80 -71.07 78.42 -22.22
C ARG X 80 -70.08 77.34 -21.78
N HIS X 81 -68.85 77.74 -21.43
CA HIS X 81 -67.90 76.75 -20.92
C HIS X 81 -68.41 76.10 -19.64
N VAL X 82 -68.98 76.90 -18.74
CA VAL X 82 -69.56 76.36 -17.51
C VAL X 82 -70.70 75.41 -17.83
N TYR X 83 -71.56 75.78 -18.78
CA TYR X 83 -72.69 74.93 -19.11
C TYR X 83 -72.23 73.59 -19.68
N GLU X 84 -71.19 73.61 -20.51
CA GLU X 84 -70.69 72.36 -21.06
C GLU X 84 -69.91 71.53 -20.05
N ALA X 85 -69.35 72.16 -19.02
CA ALA X 85 -68.57 71.40 -18.03
C ALA X 85 -69.42 70.88 -16.87
N ILE X 86 -70.51 71.57 -16.54
CA ILE X 86 -71.35 71.17 -15.42
C ILE X 86 -72.00 69.82 -15.65
N GLN X 87 -72.20 69.45 -16.92
CA GLN X 87 -72.89 68.22 -17.31
C GLN X 87 -72.53 67.02 -16.44
N GLN X 88 -71.27 66.97 -15.99
CA GLN X 88 -70.77 65.84 -15.21
C GLN X 88 -70.76 66.12 -13.71
N THR X 89 -70.06 67.15 -13.27
CA THR X 89 -69.84 67.38 -11.84
C THR X 89 -69.91 68.87 -11.52
N SER X 90 -70.15 69.15 -10.25
CA SER X 90 -70.20 70.52 -9.78
C SER X 90 -68.79 71.10 -9.69
N GLY X 91 -68.69 72.39 -9.39
CA GLY X 91 -67.40 73.01 -9.37
C GLY X 91 -67.39 74.37 -8.70
N TYR X 92 -66.25 75.04 -8.79
CA TYR X 92 -66.03 76.33 -8.16
C TYR X 92 -65.55 77.36 -9.18
N VAL X 93 -66.15 78.54 -9.15
CA VAL X 93 -65.82 79.60 -10.08
C VAL X 93 -65.47 80.86 -9.31
N VAL X 94 -64.74 81.74 -9.98
CA VAL X 94 -64.36 83.04 -9.44
C VAL X 94 -64.67 84.09 -10.49
N ARG X 95 -65.52 85.05 -10.14
CA ARG X 95 -65.90 86.10 -11.07
C ARG X 95 -64.97 87.29 -10.91
N ALA X 96 -64.48 87.82 -12.03
CA ALA X 96 -63.62 89.00 -12.05
C ALA X 96 -64.35 90.12 -12.77
N VAL X 97 -64.40 91.30 -12.15
CA VAL X 97 -65.17 92.43 -12.67
C VAL X 97 -64.21 93.52 -13.12
N PRO X 98 -64.64 94.40 -14.04
CA PRO X 98 -63.79 95.52 -14.44
C PRO X 98 -63.61 96.53 -13.32
N ASP X 99 -62.91 97.63 -13.60
CA ASP X 99 -62.57 98.57 -12.54
C ASP X 99 -63.77 99.40 -12.11
N ASP X 100 -64.59 99.85 -13.05
CA ASP X 100 -65.63 100.83 -12.78
C ASP X 100 -66.97 100.20 -12.41
N ALA X 101 -67.00 98.91 -12.07
CA ALA X 101 -68.25 98.30 -11.64
C ALA X 101 -68.66 98.82 -10.27
N LYS X 102 -69.93 99.20 -10.14
CA LYS X 102 -70.43 99.80 -8.91
C LYS X 102 -71.71 99.10 -8.47
N PHE X 103 -71.88 99.00 -7.15
CA PHE X 103 -73.05 98.41 -6.55
C PHE X 103 -73.84 99.47 -5.78
N PRO X 104 -75.14 99.31 -5.66
CA PRO X 104 -75.98 100.33 -5.03
C PRO X 104 -75.86 100.30 -3.51
N ILE X 105 -76.23 101.43 -2.90
CA ILE X 105 -76.18 101.62 -1.46
C ILE X 105 -77.33 102.53 -1.06
N ILE X 106 -78.06 102.17 -0.01
CA ILE X 106 -79.12 103.00 0.55
C ILE X 106 -78.72 103.37 1.97
N MET X 107 -78.59 104.67 2.22
CA MET X 107 -78.17 105.19 3.52
C MET X 107 -79.34 105.90 4.18
N PHE X 108 -79.58 105.61 5.44
CA PHE X 108 -80.69 106.20 6.18
C PHE X 108 -80.19 107.32 7.07
N ASP X 109 -81.09 107.85 7.89
CA ASP X 109 -80.78 108.92 8.82
C ASP X 109 -81.63 108.76 10.07
N GLU X 110 -81.49 109.71 11.00
CA GLU X 110 -82.25 109.64 12.25
C GLU X 110 -83.75 109.74 11.99
N SER X 111 -84.17 110.68 11.14
CA SER X 111 -85.59 110.84 10.86
C SER X 111 -86.12 109.63 10.08
N GLY X 112 -85.32 109.09 9.18
CA GLY X 112 -85.74 107.96 8.36
C GLY X 112 -85.84 108.24 6.87
N GLU X 113 -85.44 109.43 6.41
CA GLU X 113 -85.52 109.73 4.98
C GLU X 113 -84.34 109.09 4.26
N PRO X 114 -84.58 108.17 3.33
CA PRO X 114 -83.46 107.46 2.70
C PRO X 114 -82.76 108.31 1.66
N ALA X 115 -81.52 107.91 1.37
CA ALA X 115 -80.74 108.48 0.28
C ALA X 115 -80.05 107.34 -0.44
N TYR X 116 -79.76 107.55 -1.72
CA TYR X 116 -79.19 106.51 -2.56
C TYR X 116 -77.80 106.93 -3.05
N SER X 117 -76.96 105.94 -3.33
CA SER X 117 -75.65 106.17 -3.91
C SER X 117 -75.16 104.87 -4.51
N ALA X 118 -73.96 104.92 -5.11
CA ALA X 118 -73.33 103.73 -5.66
C ALA X 118 -71.84 103.77 -5.34
N LEU X 119 -71.26 102.61 -5.06
CA LEU X 119 -69.86 102.53 -4.72
C LEU X 119 -69.16 101.45 -5.52
N PRO X 120 -67.90 101.65 -5.91
CA PRO X 120 -67.17 100.61 -6.64
C PRO X 120 -66.95 99.37 -5.79
N TYR X 121 -66.86 98.23 -6.47
CA TYR X 121 -66.74 96.95 -5.79
C TYR X 121 -65.43 96.87 -5.02
N GLY X 122 -65.45 96.11 -3.92
CA GLY X 122 -64.28 95.91 -3.11
C GLY X 122 -63.94 97.07 -2.19
N SER X 123 -64.86 98.00 -1.98
CA SER X 123 -64.60 99.17 -1.14
C SER X 123 -65.60 99.19 0.00
N GLU X 124 -65.12 99.54 1.19
CA GLU X 124 -66.00 99.69 2.34
C GLU X 124 -66.70 101.04 2.28
N ILE X 125 -67.52 101.31 3.29
CA ILE X 125 -68.42 102.46 3.29
C ILE X 125 -68.07 103.34 4.47
N GLU X 126 -67.95 104.64 4.21
CA GLU X 126 -67.79 105.64 5.26
C GLU X 126 -69.12 106.35 5.45
N LEU X 127 -69.56 106.46 6.70
CA LEU X 127 -70.86 107.03 7.02
C LEU X 127 -70.71 108.50 7.36
N ASP X 128 -71.60 109.32 6.80
CA ASP X 128 -71.62 110.74 7.12
C ASP X 128 -72.18 110.93 8.53
N SER X 129 -72.10 112.18 9.01
CA SER X 129 -72.53 112.47 10.38
C SER X 129 -74.01 112.16 10.57
N GLY X 130 -74.85 112.54 9.60
CA GLY X 130 -76.27 112.33 9.72
C GLY X 130 -76.77 110.95 9.36
N GLU X 131 -75.88 110.04 8.97
CA GLU X 131 -76.27 108.71 8.52
C GLU X 131 -76.32 107.75 9.70
N ALA X 132 -77.42 107.01 9.82
CA ALA X 132 -77.57 106.04 10.89
C ALA X 132 -77.07 104.67 10.47
N PHE X 133 -77.53 104.17 9.34
CA PHE X 133 -77.10 102.86 8.87
C PHE X 133 -77.32 102.76 7.37
N ALA X 134 -76.51 101.90 6.74
CA ALA X 134 -76.51 101.73 5.30
C ALA X 134 -76.73 100.26 4.97
N ILE X 135 -77.50 100.02 3.90
CA ILE X 135 -77.78 98.68 3.40
C ILE X 135 -77.34 98.62 1.94
N TYR X 136 -76.65 97.56 1.58
CA TYR X 136 -76.22 97.38 0.20
C TYR X 136 -76.36 95.92 -0.19
N VAL X 137 -76.20 95.64 -1.47
CA VAL X 137 -76.42 94.32 -2.05
C VAL X 137 -75.07 93.70 -2.38
N ASP X 138 -74.85 92.47 -1.92
CA ASP X 138 -73.62 91.75 -2.19
C ASP X 138 -73.82 90.54 -3.09
N ASP X 139 -74.96 90.44 -3.75
CA ASP X 139 -75.14 89.40 -4.75
C ASP X 139 -74.34 89.67 -6.02
N GLY X 140 -73.91 90.92 -6.22
CA GLY X 140 -73.18 91.30 -7.41
C GLY X 140 -74.04 91.88 -8.51
N ASP X 141 -75.34 91.64 -8.48
CA ASP X 141 -76.22 92.16 -9.53
C ASP X 141 -76.23 93.68 -9.48
N PRO X 142 -76.16 94.36 -10.62
CA PRO X 142 -76.20 95.83 -10.62
C PRO X 142 -77.59 96.42 -10.49
N CYS X 143 -78.61 95.59 -10.27
CA CYS X 143 -79.97 96.06 -9.99
C CYS X 143 -80.49 96.99 -11.09
N ILE X 144 -80.29 96.60 -12.34
CA ILE X 144 -80.79 97.35 -13.48
C ILE X 144 -81.91 96.60 -14.19
N SER X 145 -81.80 95.28 -14.30
CA SER X 145 -82.87 94.44 -14.82
C SER X 145 -82.69 93.01 -14.33
N PRO X 146 -83.60 92.49 -13.51
CA PRO X 146 -84.79 93.13 -12.95
C PRO X 146 -84.47 94.07 -11.80
N THR X 147 -85.31 95.07 -11.55
CA THR X 147 -85.08 95.97 -10.44
C THR X 147 -85.34 95.26 -9.11
N ARG X 148 -84.75 95.79 -8.05
CA ARG X 148 -84.90 95.22 -6.72
C ARG X 148 -85.38 96.32 -5.76
N GLU X 149 -86.41 96.03 -4.99
CA GLU X 149 -87.02 96.99 -4.09
C GLU X 149 -86.98 96.48 -2.66
N LEU X 150 -86.71 97.40 -1.74
CA LEU X 150 -86.59 97.10 -0.32
C LEU X 150 -87.68 97.83 0.45
N THR X 151 -88.35 97.12 1.35
CA THR X 151 -89.48 97.64 2.08
C THR X 151 -89.28 97.41 3.58
N ILE X 152 -89.62 98.42 4.36
CA ILE X 152 -89.52 98.39 5.82
C ILE X 152 -90.94 98.47 6.38
N GLU X 153 -91.28 97.52 7.25
CA GLU X 153 -92.60 97.46 7.85
C GLU X 153 -92.47 97.41 9.37
N THR X 154 -93.33 98.15 10.06
CA THR X 154 -93.30 98.13 11.52
C THR X 154 -93.87 96.82 12.05
N ALA X 155 -93.37 96.40 13.22
CA ALA X 155 -93.78 95.13 13.81
C ALA X 155 -93.85 95.28 15.32
N THR X 156 -94.26 94.20 15.98
CA THR X 156 -94.40 94.20 17.42
C THR X 156 -93.04 94.12 18.10
N ALA X 157 -92.89 94.85 19.20
CA ALA X 157 -91.65 94.83 19.95
C ALA X 157 -91.47 93.49 20.67
N ASP X 158 -90.24 93.23 21.08
CA ASP X 158 -89.93 91.98 21.75
C ASP X 158 -90.37 92.04 23.21
N SER X 159 -90.08 90.96 23.94
CA SER X 159 -90.43 90.91 25.36
C SER X 159 -89.64 91.96 26.16
N ALA X 160 -88.36 92.12 25.83
CA ALA X 160 -87.55 93.12 26.54
C ALA X 160 -88.06 94.53 26.30
N GLY X 161 -88.43 94.85 25.06
CA GLY X 161 -88.96 96.16 24.74
C GLY X 161 -88.38 96.78 23.49
N ASN X 162 -87.31 96.18 22.96
CA ASN X 162 -86.68 96.72 21.76
C ASN X 162 -87.62 96.60 20.56
N GLU X 163 -87.53 97.56 19.64
CA GLU X 163 -88.42 97.62 18.49
C GLU X 163 -87.77 96.87 17.32
N ARG X 164 -88.46 95.84 16.84
CA ARG X 164 -88.01 95.04 15.70
C ARG X 164 -88.90 95.35 14.51
N PHE X 165 -88.28 95.62 13.36
CA PHE X 165 -89.00 95.90 12.13
C PHE X 165 -88.72 94.81 11.11
N LEU X 166 -89.66 94.63 10.20
CA LEU X 166 -89.60 93.60 9.17
C LEU X 166 -89.03 94.20 7.88
N LEU X 167 -88.03 93.52 7.33
CA LEU X 167 -87.39 93.91 6.09
C LEU X 167 -87.83 92.94 5.00
N LYS X 168 -88.24 93.47 3.85
CA LYS X 168 -88.71 92.64 2.74
C LYS X 168 -88.10 93.14 1.45
N LEU X 169 -87.31 92.31 0.79
CA LEU X 169 -86.79 92.62 -0.53
C LEU X 169 -87.55 91.81 -1.55
N THR X 170 -88.03 92.50 -2.59
CA THR X 170 -88.78 91.88 -3.68
C THR X 170 -88.22 92.35 -5.01
N GLN X 171 -88.17 91.45 -5.98
CA GLN X 171 -87.67 91.77 -7.31
C GLN X 171 -88.84 92.03 -8.25
N THR X 172 -88.66 93.00 -9.14
CA THR X 172 -89.66 93.35 -10.13
C THR X 172 -89.02 93.33 -11.50
N THR X 173 -89.58 92.55 -12.42
CA THR X 173 -89.06 92.48 -13.77
C THR X 173 -89.57 93.67 -14.58
N SER X 174 -88.95 93.87 -15.74
CA SER X 174 -89.34 94.98 -16.61
C SER X 174 -90.76 94.82 -17.14
N LEU X 175 -91.20 93.57 -17.36
CA LEU X 175 -92.54 93.33 -17.87
C LEU X 175 -93.59 93.79 -16.86
N GLY X 176 -93.39 93.49 -15.58
CA GLY X 176 -94.34 93.89 -14.56
C GLY X 176 -94.56 92.84 -13.49
N VAL X 177 -93.89 91.69 -13.62
CA VAL X 177 -94.02 90.63 -12.63
C VAL X 177 -93.28 91.04 -11.37
N VAL X 178 -93.97 90.98 -10.23
CA VAL X 178 -93.41 91.36 -8.94
C VAL X 178 -93.57 90.17 -8.00
N THR X 179 -92.44 89.61 -7.58
CA THR X 179 -92.43 88.48 -6.66
C THR X 179 -91.54 88.81 -5.47
N THR X 180 -91.95 88.35 -4.29
CA THR X 180 -91.12 88.54 -3.11
C THR X 180 -89.85 87.70 -3.23
N LEU X 181 -88.79 88.18 -2.59
CA LEU X 181 -87.50 87.51 -2.67
C LEU X 181 -86.99 87.06 -1.31
N GLU X 182 -87.02 87.93 -0.31
CA GLU X 182 -86.57 87.52 1.02
C GLU X 182 -87.20 88.43 2.07
N THR X 183 -87.32 87.90 3.29
CA THR X 183 -87.91 88.63 4.41
C THR X 183 -87.13 88.31 5.68
N HIS X 184 -87.12 89.28 6.59
CA HIS X 184 -86.40 89.15 7.85
C HIS X 184 -87.07 90.02 8.90
N THR X 185 -86.75 89.76 10.17
CA THR X 185 -87.19 90.58 11.29
C THR X 185 -85.95 91.01 12.06
N VAL X 186 -85.56 92.26 11.92
CA VAL X 186 -84.30 92.75 12.47
C VAL X 186 -84.55 94.01 13.28
N SER X 187 -83.61 94.30 14.17
CA SER X 187 -83.69 95.49 15.01
C SER X 187 -82.30 96.06 15.23
N LEU X 188 -82.26 97.33 15.63
CA LEU X 188 -81.00 98.02 15.86
C LEU X 188 -80.44 97.80 17.26
N ALA X 189 -81.20 97.17 18.16
CA ALA X 189 -80.68 96.89 19.49
C ALA X 189 -79.59 95.84 19.43
N GLU X 190 -78.56 96.01 20.25
CA GLU X 190 -77.41 95.13 20.23
C GLU X 190 -77.68 93.75 20.81
N GLU X 191 -78.84 93.54 21.44
CA GLU X 191 -79.11 92.29 22.12
C GLU X 191 -80.52 91.75 21.87
N ALA X 192 -81.35 92.45 21.11
CA ALA X 192 -82.72 92.02 20.89
C ALA X 192 -82.76 90.70 20.14
N LYS X 193 -83.78 89.90 20.44
CA LYS X 193 -83.96 88.60 19.81
C LYS X 193 -85.32 88.54 19.12
N ASP X 194 -85.38 87.77 18.05
CA ASP X 194 -86.63 87.58 17.31
C ASP X 194 -87.51 86.55 18.00
N ASP X 195 -88.60 86.17 17.35
CA ASP X 195 -89.52 85.20 17.94
C ASP X 195 -88.88 83.83 18.11
N MET X 196 -88.09 83.39 17.12
CA MET X 196 -87.50 82.06 17.17
C MET X 196 -86.31 81.99 18.12
N GLY X 197 -85.83 83.12 18.63
CA GLY X 197 -84.74 83.16 19.58
C GLY X 197 -83.39 83.53 19.02
N ARG X 198 -83.25 83.62 17.69
CA ARG X 198 -81.98 83.98 17.10
C ARG X 198 -81.69 85.46 17.32
N LEU X 199 -80.42 85.81 17.18
CA LEU X 199 -80.02 87.21 17.29
C LEU X 199 -80.60 88.02 16.14
N CYS X 200 -81.11 89.21 16.46
CA CYS X 200 -81.78 90.06 15.48
C CYS X 200 -81.09 91.40 15.28
N TYR X 201 -79.88 91.58 15.81
CA TYR X 201 -79.10 92.77 15.49
C TYR X 201 -78.89 92.84 13.99
N LEU X 202 -79.03 94.04 13.43
CA LEU X 202 -79.09 94.18 11.97
C LEU X 202 -77.83 93.71 11.26
N PRO X 203 -76.62 94.17 11.61
CA PRO X 203 -75.45 93.74 10.83
C PRO X 203 -75.21 92.24 10.87
N THR X 204 -75.13 91.65 12.06
CA THR X 204 -74.85 90.22 12.15
C THR X 204 -76.00 89.40 11.58
N ALA X 205 -77.24 89.82 11.79
CA ALA X 205 -78.37 89.08 11.25
C ALA X 205 -78.32 89.03 9.73
N LEU X 206 -78.12 90.20 9.09
CA LEU X 206 -78.06 90.23 7.63
C LEU X 206 -76.84 89.46 7.13
N GLU X 207 -75.70 89.57 7.82
CA GLU X 207 -74.51 88.87 7.37
C GLU X 207 -74.68 87.36 7.44
N ALA X 208 -75.35 86.87 8.49
CA ALA X 208 -75.43 85.42 8.70
C ALA X 208 -76.59 84.79 7.92
N ARG X 209 -77.80 85.27 8.14
CA ARG X 209 -78.98 84.57 7.64
C ARG X 209 -79.42 85.01 6.26
N SER X 210 -78.78 86.03 5.68
CA SER X 210 -79.15 86.53 4.36
C SER X 210 -77.94 86.48 3.44
N LYS X 211 -78.14 85.95 2.24
CA LYS X 211 -77.08 85.85 1.24
C LYS X 211 -77.21 86.91 0.14
N TYR X 212 -78.08 87.89 0.32
CA TYR X 212 -78.28 88.96 -0.65
C TYR X 212 -77.81 90.31 -0.17
N LEU X 213 -78.05 90.67 1.09
CA LEU X 213 -77.78 92.00 1.59
C LEU X 213 -76.64 91.98 2.59
N ARG X 214 -76.10 93.17 2.81
CA ARG X 214 -75.20 93.44 3.93
C ARG X 214 -75.51 94.83 4.44
N ALA X 215 -75.12 95.10 5.68
CA ALA X 215 -75.43 96.39 6.27
C ALA X 215 -74.30 96.83 7.18
N VAL X 216 -74.22 98.14 7.39
CA VAL X 216 -73.30 98.73 8.35
C VAL X 216 -74.07 99.79 9.14
N VAL X 217 -73.55 100.09 10.33
CA VAL X 217 -74.21 101.00 11.26
C VAL X 217 -73.19 102.02 11.77
N ASN X 218 -73.72 103.16 12.24
CA ASN X 218 -72.91 104.19 12.86
C ASN X 218 -73.08 104.10 14.36
N GLU X 219 -71.98 103.84 15.07
CA GLU X 219 -72.07 103.59 16.51
C GLU X 219 -72.58 104.80 17.26
N GLU X 220 -72.14 105.99 16.87
CA GLU X 220 -72.52 107.21 17.59
C GLU X 220 -74.02 107.45 17.52
N LEU X 221 -74.62 107.27 16.36
CA LEU X 221 -76.02 107.60 16.14
C LEU X 221 -76.95 106.40 16.28
N ILE X 222 -76.42 105.21 16.57
CA ILE X 222 -77.26 104.04 16.61
C ILE X 222 -78.17 104.02 17.84
N SER X 223 -77.81 104.77 18.88
CA SER X 223 -78.61 104.76 20.10
C SER X 223 -79.94 105.46 19.90
N THR X 224 -79.91 106.65 19.30
CA THR X 224 -81.10 107.46 19.10
C THR X 224 -81.77 107.22 17.76
N ALA X 225 -81.25 106.28 16.96
CA ALA X 225 -81.81 106.05 15.64
C ALA X 225 -83.22 105.48 15.74
N LYS X 226 -84.10 105.96 14.86
CA LYS X 226 -85.46 105.47 14.75
C LYS X 226 -85.80 105.29 13.28
N VAL X 227 -86.63 104.29 13.00
CA VAL X 227 -87.01 103.94 11.64
C VAL X 227 -88.51 104.13 11.47
N THR X 228 -88.89 104.74 10.35
CA THR X 228 -90.28 104.93 10.00
C THR X 228 -90.76 103.76 9.15
N ASN X 229 -91.94 103.91 8.54
CA ASN X 229 -92.50 102.90 7.65
C ASN X 229 -92.31 103.36 6.21
N LYS X 230 -91.30 102.81 5.54
CA LYS X 230 -91.00 103.15 4.16
C LYS X 230 -91.46 102.02 3.26
N LYS X 231 -92.20 102.36 2.21
CA LYS X 231 -92.79 101.40 1.31
C LYS X 231 -92.24 101.60 -0.10
N SER X 232 -91.80 100.51 -0.73
CA SER X 232 -91.38 100.48 -2.13
C SER X 232 -90.24 101.46 -2.39
N LEU X 233 -89.10 101.17 -1.75
CA LEU X 233 -87.88 101.87 -2.08
C LEU X 233 -87.30 101.31 -3.38
N ALA X 234 -86.16 101.83 -3.81
CA ALA X 234 -85.58 101.42 -5.08
C ALA X 234 -84.07 101.59 -5.03
N PHE X 235 -83.35 100.50 -5.24
CA PHE X 235 -81.91 100.58 -5.45
C PHE X 235 -81.63 101.24 -6.79
N THR X 236 -80.55 102.01 -6.86
CA THR X 236 -80.19 102.68 -8.10
C THR X 236 -78.69 102.95 -8.13
N GLY X 237 -78.19 103.18 -9.34
CA GLY X 237 -76.79 103.47 -9.54
C GLY X 237 -75.92 102.27 -9.84
N GLY X 238 -76.44 101.06 -9.68
CA GLY X 238 -75.63 99.88 -9.94
C GLY X 238 -75.28 99.78 -11.42
N THR X 239 -74.06 99.32 -11.69
CA THR X 239 -73.55 99.28 -13.06
C THR X 239 -72.47 98.22 -13.16
N ASN X 240 -72.66 97.26 -14.06
CA ASN X 240 -71.66 96.22 -14.26
C ASN X 240 -70.46 96.72 -15.07
N GLY X 241 -70.57 97.89 -15.67
CA GLY X 241 -69.47 98.45 -16.44
C GLY X 241 -69.27 97.75 -17.77
N ASP X 242 -68.12 98.03 -18.37
CA ASP X 242 -67.73 97.40 -19.62
C ASP X 242 -66.93 96.14 -19.31
N GLN X 243 -67.44 94.99 -19.75
CA GLN X 243 -66.77 93.72 -19.52
C GLN X 243 -66.01 93.23 -20.75
N SER X 244 -66.00 94.01 -21.83
CA SER X 244 -65.25 93.61 -23.01
C SER X 244 -63.76 93.56 -22.73
N LYS X 245 -63.23 94.59 -22.07
CA LYS X 245 -61.81 94.67 -21.75
C LYS X 245 -61.62 94.63 -20.24
N ILE X 246 -60.66 93.82 -19.81
CA ILE X 246 -60.34 93.66 -18.40
C ILE X 246 -58.82 93.66 -18.25
N SER X 247 -58.31 94.49 -17.35
CA SER X 247 -56.88 94.55 -17.14
C SER X 247 -56.36 93.23 -16.57
N THR X 248 -55.10 92.92 -16.88
CA THR X 248 -54.51 91.69 -16.38
C THR X 248 -54.40 91.67 -14.86
N ALA X 249 -54.44 92.83 -14.21
CA ALA X 249 -54.41 92.87 -12.75
C ALA X 249 -55.62 92.17 -12.16
N ALA X 250 -56.80 92.40 -12.74
CA ALA X 250 -58.00 91.74 -12.23
C ALA X 250 -57.90 90.22 -12.36
N TYR X 251 -57.40 89.74 -13.49
CA TYR X 251 -57.25 88.30 -13.68
C TYR X 251 -56.24 87.73 -12.70
N LEU X 252 -55.14 88.46 -12.47
CA LEU X 252 -54.15 87.98 -11.51
C LEU X 252 -54.73 87.92 -10.10
N ARG X 253 -55.51 88.93 -9.71
CA ARG X 253 -56.14 88.90 -8.40
C ARG X 253 -57.12 87.73 -8.28
N ALA X 254 -57.90 87.49 -9.33
CA ALA X 254 -58.85 86.39 -9.29
C ALA X 254 -58.14 85.04 -9.17
N VAL X 255 -57.05 84.86 -9.93
CA VAL X 255 -56.36 83.58 -9.84
C VAL X 255 -55.66 83.42 -8.50
N LYS X 256 -55.19 84.51 -7.90
CA LYS X 256 -54.63 84.41 -6.56
C LYS X 256 -55.69 83.99 -5.55
N VAL X 257 -56.89 84.57 -5.65
CA VAL X 257 -57.98 84.16 -4.77
C VAL X 257 -58.30 82.69 -4.96
N LEU X 258 -58.36 82.24 -6.21
CA LEU X 258 -58.63 80.83 -6.48
C LEU X 258 -57.55 79.94 -5.89
N ASN X 259 -56.30 80.39 -5.94
CA ASN X 259 -55.21 79.63 -5.32
C ASN X 259 -55.42 79.50 -3.82
N ASN X 260 -55.78 80.62 -3.18
CA ASN X 260 -55.94 80.61 -1.73
C ASN X 260 -57.27 80.05 -1.27
N ALA X 261 -58.14 79.65 -2.20
CA ALA X 261 -59.43 79.10 -1.81
C ALA X 261 -59.25 77.85 -0.96
N PRO X 262 -60.01 77.70 0.12
CA PRO X 262 -59.91 76.50 0.98
C PRO X 262 -60.89 75.41 0.56
N TYR X 263 -60.71 74.88 -0.65
CA TYR X 263 -61.55 73.81 -1.16
C TYR X 263 -60.69 72.76 -1.83
N MET X 264 -61.34 71.71 -2.33
CA MET X 264 -60.67 70.62 -3.01
C MET X 264 -61.17 70.52 -4.44
N TYR X 265 -60.26 70.52 -5.40
CA TYR X 265 -60.65 70.30 -6.79
C TYR X 265 -59.49 69.64 -7.52
N THR X 266 -59.82 68.93 -8.60
CA THR X 266 -58.84 68.16 -9.37
C THR X 266 -58.79 68.57 -10.84
N ALA X 267 -59.18 69.79 -11.17
CA ALA X 267 -59.09 70.29 -12.53
C ALA X 267 -59.19 71.81 -12.50
N VAL X 268 -58.33 72.47 -13.25
CA VAL X 268 -58.18 73.92 -13.11
C VAL X 268 -58.61 74.62 -14.40
N LEU X 269 -59.66 74.09 -15.03
CA LEU X 269 -60.14 74.50 -16.34
C LEU X 269 -59.94 75.99 -16.61
N GLY X 270 -59.31 76.30 -17.72
CA GLY X 270 -59.13 77.67 -18.16
C GLY X 270 -60.33 78.21 -18.89
N LEU X 271 -61.37 78.58 -18.14
CA LEU X 271 -62.65 78.98 -18.72
C LEU X 271 -62.47 80.25 -19.54
N GLY X 272 -62.45 80.10 -20.86
CA GLY X 272 -62.49 81.20 -21.81
C GLY X 272 -61.68 82.42 -21.44
N CYS X 273 -60.48 82.23 -20.90
CA CYS X 273 -59.62 83.33 -20.51
C CYS X 273 -58.33 83.20 -21.32
N TYR X 274 -58.21 84.00 -22.37
CA TYR X 274 -57.06 83.95 -23.26
C TYR X 274 -56.08 85.07 -22.91
N ASP X 275 -55.45 84.90 -21.74
CA ASP X 275 -54.43 85.82 -21.27
C ASP X 275 -53.22 85.02 -20.84
N ASN X 276 -52.04 85.42 -21.32
CA ASN X 276 -50.83 84.64 -21.07
C ASN X 276 -50.51 84.59 -19.58
N ALA X 277 -50.63 85.74 -18.88
CA ALA X 277 -50.31 85.77 -17.46
C ALA X 277 -51.27 84.88 -16.66
N ALA X 278 -52.55 84.94 -16.98
CA ALA X 278 -53.52 84.11 -16.26
C ALA X 278 -53.28 82.64 -16.53
N ILE X 279 -52.95 82.28 -17.78
CA ILE X 279 -52.69 80.88 -18.09
C ILE X 279 -51.45 80.39 -17.36
N THR X 280 -50.42 81.23 -17.28
CA THR X 280 -49.23 80.83 -16.53
C THR X 280 -49.55 80.65 -15.05
N ALA X 281 -50.37 81.54 -14.48
CA ALA X 281 -50.76 81.39 -13.08
C ALA X 281 -51.54 80.10 -12.84
N LEU X 282 -52.44 79.76 -13.76
CA LEU X 282 -53.19 78.52 -13.60
C LEU X 282 -52.29 77.30 -13.73
N GLY X 283 -51.29 77.37 -14.62
CA GLY X 283 -50.31 76.31 -14.67
C GLY X 283 -49.54 76.18 -13.36
N LYS X 284 -49.24 77.32 -12.74
CA LYS X 284 -48.62 77.28 -11.41
C LYS X 284 -49.53 76.59 -10.40
N ILE X 285 -50.84 76.86 -10.49
CA ILE X 285 -51.77 76.21 -9.56
C ILE X 285 -51.73 74.70 -9.75
N CYS X 286 -51.70 74.25 -11.01
CA CYS X 286 -51.54 72.83 -11.28
C CYS X 286 -50.27 72.29 -10.65
N ALA X 287 -49.14 72.93 -10.94
CA ALA X 287 -47.86 72.40 -10.47
C ALA X 287 -47.77 72.42 -8.95
N ASP X 288 -48.57 73.28 -8.30
CA ASP X 288 -48.53 73.37 -6.85
C ASP X 288 -49.43 72.32 -6.21
N ARG X 289 -50.69 72.26 -6.62
CA ARG X 289 -51.65 71.37 -5.97
C ARG X 289 -51.61 69.95 -6.51
N LEU X 290 -50.82 69.68 -7.54
CA LEU X 290 -50.75 68.34 -8.16
C LEU X 290 -52.11 67.93 -8.72
N ILE X 291 -52.60 68.72 -9.67
CA ILE X 291 -53.86 68.47 -10.34
C ILE X 291 -53.67 68.64 -11.83
N ASP X 292 -54.78 68.60 -12.57
CA ASP X 292 -54.78 68.63 -14.02
C ASP X 292 -55.34 69.95 -14.54
N GLY X 293 -54.83 70.37 -15.69
CA GLY X 293 -55.32 71.59 -16.32
C GLY X 293 -55.63 71.40 -17.78
N PHE X 294 -56.71 72.03 -18.26
CA PHE X 294 -57.16 71.90 -19.65
C PHE X 294 -57.37 73.30 -20.22
N PHE X 295 -56.32 73.90 -20.75
CA PHE X 295 -56.41 75.23 -21.33
C PHE X 295 -56.50 75.15 -22.85
N ASP X 296 -56.70 76.31 -23.48
CA ASP X 296 -56.85 76.33 -24.93
C ASP X 296 -56.37 77.66 -25.47
N VAL X 297 -55.82 77.62 -26.68
CA VAL X 297 -55.42 78.84 -27.38
C VAL X 297 -56.66 79.43 -28.03
N LYS X 298 -56.55 80.67 -28.52
CA LYS X 298 -57.69 81.35 -29.12
C LYS X 298 -58.25 80.54 -30.28
N PRO X 299 -59.51 80.18 -30.26
CA PRO X 299 -60.06 79.36 -31.36
C PRO X 299 -60.48 80.20 -32.55
N THR X 300 -59.64 81.17 -32.92
CA THR X 300 -59.84 81.94 -34.14
C THR X 300 -58.52 82.14 -34.87
N LEU X 301 -57.48 81.39 -34.52
CA LEU X 301 -56.18 81.48 -35.16
C LEU X 301 -56.06 80.40 -36.22
N THR X 302 -55.39 80.74 -37.32
CA THR X 302 -55.13 79.76 -38.36
C THR X 302 -54.15 78.71 -37.87
N TYR X 303 -54.11 77.59 -38.59
CA TYR X 303 -53.22 76.49 -38.20
C TYR X 303 -51.76 76.91 -38.24
N ALA X 304 -51.44 77.95 -39.03
CA ALA X 304 -50.06 78.42 -39.08
C ALA X 304 -49.69 79.17 -37.80
N GLU X 305 -50.58 80.03 -37.30
CA GLU X 305 -50.30 80.81 -36.10
C GLU X 305 -50.62 80.07 -34.82
N ALA X 306 -51.28 78.91 -34.89
CA ALA X 306 -51.59 78.17 -33.68
C ALA X 306 -50.32 77.68 -32.99
N LEU X 307 -49.34 77.22 -33.77
CA LEU X 307 -48.12 76.67 -33.18
C LEU X 307 -47.31 77.69 -32.38
N PRO X 308 -47.00 78.88 -32.88
CA PRO X 308 -46.27 79.85 -32.04
C PRO X 308 -47.06 80.33 -30.84
N ALA X 309 -48.40 80.33 -30.91
CA ALA X 309 -49.19 80.77 -29.78
C ALA X 309 -49.07 79.82 -28.60
N VAL X 310 -48.87 78.52 -28.87
CA VAL X 310 -48.70 77.56 -27.78
C VAL X 310 -47.39 77.84 -27.04
N GLU X 311 -46.32 78.14 -27.78
CA GLU X 311 -45.08 78.54 -27.12
C GLU X 311 -45.27 79.86 -26.36
N ASP X 312 -46.04 80.78 -26.93
CA ASP X 312 -46.26 82.07 -26.29
C ASP X 312 -46.97 81.90 -24.95
N THR X 313 -48.00 81.04 -24.91
CA THR X 313 -48.84 80.95 -23.71
C THR X 313 -48.07 80.51 -22.47
N GLY X 314 -46.88 79.92 -22.64
CA GLY X 314 -45.91 79.87 -21.57
C GLY X 314 -45.74 78.55 -20.84
N LEU X 315 -46.66 77.60 -21.00
CA LEU X 315 -46.49 76.36 -20.23
C LEU X 315 -45.50 75.40 -20.85
N LEU X 316 -44.97 75.69 -22.05
CA LEU X 316 -44.03 74.77 -22.68
C LEU X 316 -42.73 74.74 -21.87
N GLY X 317 -42.50 73.62 -21.20
CA GLY X 317 -41.30 73.44 -20.41
C GLY X 317 -41.26 72.08 -19.75
N THR X 318 -40.70 72.01 -18.55
CA THR X 318 -40.66 70.77 -17.79
C THR X 318 -41.34 70.88 -16.44
N ASP X 319 -41.79 72.06 -16.03
CA ASP X 319 -42.45 72.21 -14.74
C ASP X 319 -43.92 71.82 -14.81
N TYR X 320 -44.60 72.18 -15.89
CA TYR X 320 -46.03 71.91 -16.06
C TYR X 320 -46.17 70.66 -16.92
N VAL X 321 -46.17 69.49 -16.28
CA VAL X 321 -46.23 68.23 -17.01
C VAL X 321 -47.62 67.64 -17.05
N SER X 322 -48.63 68.34 -16.53
CA SER X 322 -49.98 67.81 -16.48
C SER X 322 -51.01 68.73 -17.14
N CYS X 323 -50.58 69.79 -17.80
CA CYS X 323 -51.49 70.76 -18.39
C CYS X 323 -51.56 70.56 -19.89
N SER X 324 -52.76 70.36 -20.41
CA SER X 324 -53.00 70.16 -21.84
C SER X 324 -53.49 71.46 -22.47
N VAL X 325 -53.14 71.64 -23.75
CA VAL X 325 -53.51 72.82 -24.52
C VAL X 325 -54.28 72.37 -25.74
N TYR X 326 -55.43 72.99 -25.98
CA TYR X 326 -56.31 72.61 -27.07
C TYR X 326 -56.50 73.77 -28.05
N HIS X 327 -57.18 73.47 -29.15
CA HIS X 327 -57.41 74.44 -30.22
C HIS X 327 -58.55 73.92 -31.08
N TYR X 328 -59.63 74.70 -31.18
CA TYR X 328 -60.85 74.28 -31.87
C TYR X 328 -61.31 75.37 -32.83
N PRO X 329 -60.68 75.47 -34.00
CA PRO X 329 -61.07 76.52 -34.97
C PRO X 329 -62.28 76.10 -35.81
N PHE X 330 -63.45 76.13 -35.18
CA PHE X 330 -64.68 75.78 -35.86
C PHE X 330 -65.81 76.68 -35.35
N SER X 331 -66.84 76.83 -36.15
CA SER X 331 -68.01 77.60 -35.78
C SER X 331 -69.14 76.68 -35.34
N CYS X 332 -70.12 77.25 -34.67
CA CYS X 332 -71.23 76.46 -34.15
C CYS X 332 -72.44 77.35 -33.97
N LYS X 333 -73.60 76.71 -33.83
CA LYS X 333 -74.86 77.42 -33.60
C LYS X 333 -75.18 77.36 -32.12
N ASP X 334 -75.37 78.52 -31.51
CA ASP X 334 -75.54 78.59 -30.07
C ASP X 334 -76.86 77.97 -29.63
N LYS X 335 -76.86 77.44 -28.40
CA LYS X 335 -78.04 76.75 -27.88
C LYS X 335 -79.14 77.72 -27.48
N TRP X 336 -78.78 78.88 -26.94
CA TRP X 336 -79.77 79.79 -26.38
C TRP X 336 -80.19 80.87 -27.37
N THR X 337 -79.23 81.67 -27.84
CA THR X 337 -79.56 82.82 -28.67
C THR X 337 -79.75 82.49 -30.14
N GLN X 338 -79.38 81.27 -30.57
CA GLN X 338 -79.52 80.85 -31.97
C GLN X 338 -78.76 81.78 -32.91
N SER X 339 -77.44 81.79 -32.76
CA SER X 339 -76.58 82.62 -33.59
C SER X 339 -75.29 81.87 -33.88
N ARG X 340 -74.40 82.52 -34.63
CA ARG X 340 -73.12 81.94 -35.02
C ARG X 340 -72.05 82.40 -34.04
N VAL X 341 -71.57 81.49 -33.19
CA VAL X 341 -70.59 81.79 -32.17
C VAL X 341 -69.45 80.77 -32.25
N VAL X 342 -68.32 81.14 -31.66
CA VAL X 342 -67.15 80.28 -31.57
C VAL X 342 -66.61 80.34 -30.15
N PHE X 343 -66.24 79.19 -29.60
CA PHE X 343 -65.58 79.15 -28.30
C PHE X 343 -64.70 77.90 -28.24
N GLY X 344 -64.01 77.73 -27.11
CA GLY X 344 -62.95 76.77 -27.00
C GLY X 344 -63.43 75.37 -26.67
N LEU X 345 -62.50 74.57 -26.14
CA LEU X 345 -62.74 73.14 -25.93
C LEU X 345 -62.41 72.69 -24.50
N SER X 346 -62.17 73.61 -23.58
CA SER X 346 -61.81 73.21 -22.22
C SER X 346 -62.95 72.44 -21.55
N GLY X 347 -64.18 72.91 -21.73
CA GLY X 347 -65.31 72.23 -21.12
C GLY X 347 -65.47 70.80 -21.61
N VAL X 348 -65.36 70.60 -22.92
CA VAL X 348 -65.52 69.26 -23.47
C VAL X 348 -64.35 68.38 -23.06
N ALA X 349 -63.14 68.93 -22.99
CA ALA X 349 -62.01 68.15 -22.53
C ALA X 349 -62.23 67.67 -21.10
N TYR X 350 -62.70 68.56 -20.22
CA TYR X 350 -62.97 68.11 -18.86
C TYR X 350 -64.12 67.13 -18.79
N ALA X 351 -65.14 67.29 -19.65
CA ALA X 351 -66.21 66.31 -19.66
C ALA X 351 -65.69 64.93 -20.06
N ALA X 352 -64.78 64.88 -21.02
CA ALA X 352 -64.15 63.62 -21.38
C ALA X 352 -63.38 63.03 -20.20
N LYS X 353 -62.61 63.87 -19.50
CA LYS X 353 -61.84 63.38 -18.36
C LYS X 353 -62.76 62.84 -17.27
N ALA X 354 -63.88 63.51 -17.02
CA ALA X 354 -64.82 63.05 -16.00
C ALA X 354 -65.48 61.74 -16.41
N ARG X 355 -65.88 61.62 -17.69
CA ARG X 355 -66.43 60.37 -18.16
C ARG X 355 -65.41 59.24 -17.97
N GLY X 356 -64.14 59.53 -18.21
CA GLY X 356 -63.12 58.51 -17.97
C GLY X 356 -62.97 58.17 -16.50
N VAL X 357 -63.01 59.18 -15.63
CA VAL X 357 -62.76 58.93 -14.21
C VAL X 357 -63.95 58.28 -13.52
N LYS X 358 -65.13 58.32 -14.14
CA LYS X 358 -66.31 57.69 -13.53
C LYS X 358 -66.49 56.24 -13.94
N LYS X 359 -65.56 55.66 -14.69
CA LYS X 359 -65.71 54.27 -15.12
C LYS X 359 -65.53 53.31 -13.95
N ASN X 360 -64.36 53.34 -13.32
CA ASN X 360 -64.12 52.52 -12.14
C ASN X 360 -64.77 53.15 -10.91
N SER X 361 -65.33 52.31 -10.05
CA SER X 361 -66.05 52.79 -8.88
C SER X 361 -65.24 52.73 -7.60
N ASP X 362 -64.32 51.77 -7.47
CA ASP X 362 -63.55 51.63 -6.24
C ASP X 362 -62.56 52.77 -6.09
N VAL X 363 -61.60 52.87 -7.01
CA VAL X 363 -60.58 53.91 -6.99
C VAL X 363 -60.76 54.93 -8.09
N GLY X 364 -61.67 54.70 -9.03
CA GLY X 364 -61.87 55.62 -10.12
C GLY X 364 -60.84 55.41 -11.21
N GLY X 365 -61.26 55.43 -12.47
CA GLY X 365 -60.33 55.19 -13.55
C GLY X 365 -59.62 56.45 -13.99
N TRP X 366 -58.39 56.63 -13.50
CA TRP X 366 -57.57 57.75 -13.91
C TRP X 366 -56.69 57.42 -15.11
N HIS X 367 -56.66 56.17 -15.53
CA HIS X 367 -55.78 55.74 -16.61
C HIS X 367 -56.43 55.84 -17.99
N TYR X 368 -57.66 56.33 -18.07
CA TYR X 368 -58.33 56.49 -19.36
C TYR X 368 -57.97 57.85 -19.95
N SER X 369 -57.44 57.85 -21.17
CA SER X 369 -57.08 59.09 -21.81
C SER X 369 -58.34 59.88 -22.17
N PRO X 370 -58.28 61.20 -22.13
CA PRO X 370 -59.43 62.05 -22.50
C PRO X 370 -59.59 62.23 -24.01
N ALA X 371 -59.61 61.12 -24.74
CA ALA X 371 -59.79 61.16 -26.18
C ALA X 371 -60.33 59.83 -26.65
N GLY X 372 -60.89 59.82 -27.85
CA GLY X 372 -61.44 58.63 -28.44
C GLY X 372 -62.79 58.91 -29.05
N GLU X 373 -63.50 57.83 -29.37
CA GLU X 373 -64.83 57.93 -29.95
C GLU X 373 -65.94 57.52 -29.00
N GLU X 374 -65.61 57.02 -27.81
CA GLU X 374 -66.61 56.63 -26.83
C GLU X 374 -66.59 57.50 -25.58
N ARG X 375 -65.64 58.43 -25.48
CA ARG X 375 -65.52 59.25 -24.28
C ARG X 375 -65.27 60.73 -24.55
N ALA X 376 -65.14 61.16 -25.80
CA ALA X 376 -64.75 62.54 -26.07
C ALA X 376 -65.53 63.14 -27.23
N VAL X 377 -66.75 62.65 -27.49
CA VAL X 377 -67.53 63.20 -28.57
C VAL X 377 -67.90 64.65 -28.27
N ILE X 378 -67.99 65.46 -29.31
CA ILE X 378 -68.32 66.88 -29.18
C ILE X 378 -69.72 67.09 -29.69
N ALA X 379 -70.59 67.61 -28.83
CA ALA X 379 -71.99 67.85 -29.17
C ALA X 379 -72.20 69.33 -29.41
N ARG X 380 -72.41 69.71 -30.67
CA ARG X 380 -72.70 71.08 -31.04
C ARG X 380 -73.85 71.06 -32.04
N ALA X 381 -74.10 72.20 -32.67
CA ALA X 381 -75.17 72.33 -33.64
C ALA X 381 -74.64 72.97 -34.91
N SER X 382 -74.71 72.22 -36.01
CA SER X 382 -74.33 72.73 -37.34
C SER X 382 -72.89 73.24 -37.36
N ILE X 383 -71.98 72.34 -37.05
CA ILE X 383 -70.56 72.69 -37.05
C ILE X 383 -70.13 73.02 -38.48
N GLN X 384 -69.64 74.24 -38.67
CA GLN X 384 -69.20 74.71 -39.97
C GLN X 384 -67.76 75.19 -39.86
N PRO X 385 -66.81 74.55 -40.54
CA PRO X 385 -65.39 74.90 -40.33
C PRO X 385 -65.12 76.36 -40.67
N LEU X 386 -64.22 76.96 -39.88
CA LEU X 386 -63.89 78.37 -40.07
C LEU X 386 -63.00 78.57 -41.29
N TYR X 387 -62.03 77.68 -41.50
CA TYR X 387 -61.07 77.78 -42.59
C TYR X 387 -61.08 76.47 -43.36
N PRO X 388 -62.08 76.24 -44.20
CA PRO X 388 -62.12 74.99 -44.97
C PRO X 388 -60.97 74.82 -45.94
N GLU X 389 -60.33 75.91 -46.36
CA GLU X 389 -59.26 75.80 -47.35
C GLU X 389 -57.93 75.37 -46.75
N ASP X 390 -57.79 75.36 -45.43
CA ASP X 390 -56.53 75.01 -44.81
C ASP X 390 -56.53 73.52 -44.42
N THR X 391 -55.40 73.06 -43.90
CA THR X 391 -55.23 71.66 -43.53
C THR X 391 -54.33 71.59 -42.31
N PRO X 392 -54.56 70.60 -41.44
CA PRO X 392 -53.69 70.45 -40.25
C PRO X 392 -52.26 70.10 -40.64
N ASP X 393 -51.39 70.14 -39.64
CA ASP X 393 -49.95 69.95 -39.77
C ASP X 393 -49.47 68.84 -38.83
N GLU X 394 -50.12 67.68 -38.90
CA GLU X 394 -50.04 66.64 -37.89
C GLU X 394 -48.66 66.50 -37.23
N GLU X 395 -47.61 66.39 -38.04
CA GLU X 395 -46.27 66.22 -37.47
C GLU X 395 -45.85 67.44 -36.68
N ALA X 396 -46.05 68.63 -37.24
CA ALA X 396 -45.70 69.85 -36.52
C ALA X 396 -46.53 69.99 -35.25
N MET X 397 -47.82 69.64 -35.32
CA MET X 397 -48.67 69.72 -34.14
C MET X 397 -48.17 68.79 -33.03
N VAL X 398 -47.82 67.56 -33.39
CA VAL X 398 -47.35 66.61 -32.38
C VAL X 398 -46.03 67.08 -31.79
N LYS X 399 -45.15 67.63 -32.62
CA LYS X 399 -43.88 68.14 -32.10
C LYS X 399 -44.10 69.35 -31.20
N GLY X 400 -45.10 70.17 -31.50
CA GLY X 400 -45.40 71.35 -30.72
C GLY X 400 -46.40 71.14 -29.59
N ARG X 401 -46.81 69.90 -29.35
CA ARG X 401 -47.69 69.56 -28.22
C ARG X 401 -49.01 70.33 -28.29
N LEU X 402 -49.78 70.03 -29.33
CA LEU X 402 -51.08 70.66 -29.55
C LEU X 402 -52.07 69.57 -29.95
N ASN X 403 -53.04 69.30 -29.08
CA ASN X 403 -54.06 68.31 -29.41
C ASN X 403 -54.95 68.82 -30.51
N LYS X 404 -55.38 67.91 -31.38
CA LYS X 404 -56.13 68.26 -32.58
C LYS X 404 -57.45 67.52 -32.63
N VAL X 405 -58.45 68.16 -33.21
CA VAL X 405 -59.74 67.55 -33.41
C VAL X 405 -59.74 66.83 -34.76
N SER X 406 -60.72 65.95 -34.94
CA SER X 406 -60.86 65.20 -36.18
C SER X 406 -62.32 64.80 -36.34
N VAL X 407 -62.58 63.97 -37.33
CA VAL X 407 -63.91 63.41 -37.57
C VAL X 407 -63.80 61.90 -37.44
N GLY X 408 -64.36 61.35 -36.38
CA GLY X 408 -64.32 59.93 -36.14
C GLY X 408 -65.40 59.22 -36.91
N THR X 409 -65.67 57.98 -36.50
CA THR X 409 -66.73 57.20 -37.12
C THR X 409 -68.08 57.84 -36.86
N SER X 410 -69.01 57.61 -37.80
CA SER X 410 -70.40 58.07 -37.74
C SER X 410 -70.51 59.58 -37.98
N GLY X 411 -69.38 60.27 -38.05
CA GLY X 411 -69.37 61.66 -38.46
C GLY X 411 -69.46 62.71 -37.37
N GLN X 412 -69.34 62.34 -36.10
CA GLN X 412 -69.28 63.33 -35.03
C GLN X 412 -67.84 63.67 -34.73
N MET X 413 -67.57 64.96 -34.55
CA MET X 413 -66.23 65.42 -34.21
C MET X 413 -65.80 64.86 -32.87
N ILE X 414 -64.51 64.51 -32.77
CA ILE X 414 -63.95 63.97 -31.54
C ILE X 414 -62.60 64.62 -31.30
N ILE X 415 -62.11 64.46 -30.08
CA ILE X 415 -60.74 64.82 -29.73
C ILE X 415 -59.87 63.60 -29.95
N ASP X 416 -58.77 63.77 -30.67
CA ASP X 416 -57.94 62.64 -31.08
C ASP X 416 -56.49 62.80 -30.68
N ASP X 417 -56.24 63.29 -29.46
CA ASP X 417 -54.90 63.30 -28.93
C ASP X 417 -54.96 63.47 -27.42
N ALA X 418 -53.89 63.04 -26.75
CA ALA X 418 -53.78 63.10 -25.31
C ALA X 418 -52.38 63.56 -24.92
N LEU X 419 -51.89 64.61 -25.57
CA LEU X 419 -50.54 65.09 -25.36
C LEU X 419 -50.54 66.28 -24.42
N THR X 420 -49.62 66.27 -23.46
CA THR X 420 -49.50 67.33 -22.47
C THR X 420 -48.51 68.39 -22.97
N CYS X 421 -48.11 69.28 -22.08
CA CYS X 421 -47.18 70.35 -22.42
C CYS X 421 -45.73 70.00 -22.18
N CYS X 422 -45.44 68.78 -21.73
CA CYS X 422 -44.06 68.38 -21.51
C CYS X 422 -43.32 68.28 -22.84
N THR X 423 -42.10 68.80 -22.86
CA THR X 423 -41.30 68.76 -24.08
C THR X 423 -40.41 67.52 -24.17
N GLN X 424 -40.00 66.98 -23.04
CA GLN X 424 -39.15 65.79 -23.04
C GLN X 424 -39.91 64.62 -23.64
N ASP X 425 -39.19 63.81 -24.42
CA ASP X 425 -39.79 62.66 -25.10
C ASP X 425 -39.63 61.41 -24.24
N ASN X 426 -40.52 61.27 -23.27
CA ASN X 426 -40.55 60.10 -22.40
C ASN X 426 -42.01 59.79 -22.12
N TYR X 427 -42.26 58.94 -21.11
CA TYR X 427 -43.61 58.56 -20.77
C TYR X 427 -44.44 59.71 -20.22
N LEU X 428 -43.82 60.85 -19.89
CA LEU X 428 -44.52 61.91 -19.19
C LEU X 428 -45.36 62.79 -20.12
N HIS X 429 -45.14 62.73 -21.43
CA HIS X 429 -45.91 63.64 -22.29
C HIS X 429 -47.28 63.09 -22.65
N PHE X 430 -47.56 61.83 -22.37
CA PHE X 430 -48.93 61.35 -22.50
C PHE X 430 -49.78 61.91 -21.38
N GLN X 431 -51.10 61.88 -21.57
CA GLN X 431 -51.97 62.56 -20.62
C GLN X 431 -52.26 61.71 -19.39
N HIS X 432 -52.47 60.41 -19.56
CA HIS X 432 -52.97 59.62 -18.45
C HIS X 432 -51.90 59.36 -17.40
N VAL X 433 -50.63 59.26 -17.79
CA VAL X 433 -49.58 58.94 -16.83
C VAL X 433 -49.44 59.99 -15.73
N PRO X 434 -49.32 61.29 -16.04
CA PRO X 434 -49.25 62.27 -14.95
C PRO X 434 -50.47 62.27 -14.07
N SER X 435 -51.67 62.05 -14.61
CA SER X 435 -52.87 62.04 -13.79
C SER X 435 -52.85 60.90 -12.79
N LEU X 436 -52.48 59.71 -13.24
CA LEU X 436 -52.41 58.57 -12.33
C LEU X 436 -51.34 58.76 -11.27
N MET X 437 -50.16 59.24 -11.67
CA MET X 437 -49.11 59.47 -10.71
C MET X 437 -49.51 60.53 -9.69
N ASN X 438 -50.22 61.57 -10.14
CA ASN X 438 -50.66 62.61 -9.21
C ASN X 438 -51.72 62.09 -8.26
N ALA X 439 -52.60 61.21 -8.72
CA ALA X 439 -53.55 60.60 -7.79
C ALA X 439 -52.83 59.82 -6.70
N ILE X 440 -51.83 59.03 -7.10
CA ILE X 440 -51.06 58.28 -6.10
C ILE X 440 -50.37 59.25 -5.13
N SER X 441 -49.79 60.33 -5.66
CA SER X 441 -49.07 61.26 -4.80
C SER X 441 -50.00 61.96 -3.82
N ARG X 442 -51.20 62.34 -4.26
CA ARG X 442 -52.14 62.97 -3.35
C ARG X 442 -52.56 62.02 -2.23
N PHE X 443 -52.83 60.76 -2.58
CA PHE X 443 -53.14 59.79 -1.53
C PHE X 443 -51.97 59.64 -0.57
N PHE X 444 -50.74 59.62 -1.08
CA PHE X 444 -49.59 59.51 -0.18
C PHE X 444 -49.50 60.69 0.75
N VAL X 445 -49.73 61.90 0.24
CA VAL X 445 -49.65 63.07 1.10
C VAL X 445 -50.67 62.96 2.22
N GLN X 446 -51.90 62.53 1.88
CA GLN X 446 -52.90 62.36 2.93
C GLN X 446 -52.43 61.36 3.99
N LEU X 447 -51.93 60.20 3.53
CA LEU X 447 -51.54 59.15 4.47
C LEU X 447 -50.40 59.60 5.37
N ALA X 448 -49.38 60.24 4.78
CA ALA X 448 -48.23 60.66 5.58
C ALA X 448 -48.61 61.78 6.54
N ARG X 449 -49.46 62.70 6.10
CA ARG X 449 -49.92 63.73 7.02
C ARG X 449 -50.65 63.13 8.20
N GLN X 450 -51.43 62.07 7.97
CA GLN X 450 -52.11 61.42 9.08
C GLN X 450 -51.13 60.67 9.98
N MET X 451 -50.08 60.08 9.41
CA MET X 451 -49.18 59.21 10.15
C MET X 451 -47.95 59.92 10.68
N LYS X 452 -47.86 61.23 10.53
CA LYS X 452 -46.70 61.97 11.02
C LYS X 452 -46.63 61.92 12.54
N HIS X 453 -45.40 62.05 13.05
CA HIS X 453 -45.09 62.20 14.47
C HIS X 453 -45.32 60.93 15.29
N SER X 454 -45.27 59.77 14.68
CA SER X 454 -45.42 58.52 15.40
C SER X 454 -44.07 57.83 15.54
N PRO X 455 -43.91 56.95 16.52
CA PRO X 455 -42.66 56.19 16.64
C PRO X 455 -42.47 55.27 15.45
N ASP X 456 -41.21 54.88 15.24
CA ASP X 456 -40.86 54.16 14.02
C ASP X 456 -41.56 52.81 13.95
N GLY X 457 -41.77 52.16 15.08
CA GLY X 457 -42.40 50.85 15.06
C GLY X 457 -43.79 50.89 14.46
N ILE X 458 -44.60 51.87 14.86
CA ILE X 458 -45.92 52.04 14.26
C ILE X 458 -45.78 52.59 12.84
N THR X 459 -44.84 53.52 12.63
CA THR X 459 -44.78 54.24 11.38
C THR X 459 -44.46 53.32 10.20
N ALA X 460 -43.45 52.46 10.37
CA ALA X 460 -43.06 51.59 9.27
C ALA X 460 -44.21 50.68 8.85
N ALA X 461 -44.84 50.02 9.83
CA ALA X 461 -45.94 49.12 9.52
C ALA X 461 -47.10 49.87 8.88
N GLY X 462 -47.45 51.05 9.41
CA GLY X 462 -48.56 51.79 8.85
C GLY X 462 -48.32 52.23 7.42
N LEU X 463 -47.13 52.80 7.15
CA LEU X 463 -46.82 53.23 5.80
C LEU X 463 -46.83 52.06 4.83
N THR X 464 -46.17 50.96 5.21
CA THR X 464 -46.10 49.81 4.32
C THR X 464 -47.50 49.25 4.03
N LYS X 465 -48.32 49.11 5.08
CA LYS X 465 -49.65 48.54 4.87
C LYS X 465 -50.51 49.44 4.00
N GLY X 466 -50.51 50.75 4.27
CA GLY X 466 -51.33 51.65 3.48
C GLY X 466 -50.92 51.68 2.03
N MET X 467 -49.62 51.82 1.76
CA MET X 467 -49.17 51.85 0.38
C MET X 467 -49.40 50.54 -0.34
N THR X 468 -49.14 49.40 0.33
CA THR X 468 -49.38 48.13 -0.32
C THR X 468 -50.84 47.96 -0.68
N LYS X 469 -51.74 48.33 0.23
CA LYS X 469 -53.17 48.21 -0.07
C LYS X 469 -53.56 49.11 -1.23
N LEU X 470 -53.09 50.36 -1.25
CA LEU X 470 -53.49 51.26 -2.32
C LEU X 470 -52.98 50.79 -3.67
N LEU X 471 -51.70 50.38 -3.73
CA LEU X 471 -51.16 49.95 -5.02
C LEU X 471 -51.79 48.64 -5.47
N ASP X 472 -52.15 47.76 -4.53
CA ASP X 472 -52.89 46.56 -4.92
C ASP X 472 -54.25 46.91 -5.49
N ARG X 473 -54.92 47.91 -4.91
CA ARG X 473 -56.19 48.35 -5.46
C ARG X 473 -56.02 48.87 -6.88
N PHE X 474 -54.97 49.65 -7.12
CA PHE X 474 -54.72 50.15 -8.47
C PHE X 474 -54.43 49.01 -9.45
N VAL X 475 -53.60 48.04 -9.05
CA VAL X 475 -53.28 46.94 -9.95
C VAL X 475 -54.54 46.14 -10.28
N ALA X 476 -55.38 45.88 -9.28
CA ALA X 476 -56.62 45.18 -9.54
C ALA X 476 -57.53 45.99 -10.45
N SER X 477 -57.50 47.32 -10.31
CA SER X 477 -58.27 48.17 -11.21
C SER X 477 -57.78 48.02 -12.65
N GLY X 478 -56.47 47.93 -12.83
CA GLY X 478 -55.89 47.73 -14.15
C GLY X 478 -55.05 48.87 -14.67
N ALA X 479 -54.69 49.83 -13.83
CA ALA X 479 -53.87 50.95 -14.27
C ALA X 479 -52.39 50.64 -14.30
N LEU X 480 -51.95 49.54 -13.70
CA LEU X 480 -50.56 49.12 -13.74
C LEU X 480 -50.47 47.71 -14.28
N VAL X 481 -49.48 47.45 -15.12
CA VAL X 481 -49.28 46.16 -15.76
C VAL X 481 -47.83 45.74 -15.56
N ALA X 482 -47.54 44.50 -15.94
CA ALA X 482 -46.20 43.95 -15.79
C ALA X 482 -45.21 44.76 -16.64
N PRO X 483 -43.95 44.83 -16.22
CA PRO X 483 -42.98 45.65 -16.96
C PRO X 483 -42.76 45.12 -18.37
N ARG X 484 -42.36 46.03 -19.26
CA ARG X 484 -42.20 45.66 -20.66
C ARG X 484 -41.11 44.62 -20.84
N ASP X 485 -39.99 44.75 -20.13
CA ASP X 485 -38.89 43.81 -20.24
C ASP X 485 -38.71 43.07 -18.92
N PRO X 486 -39.29 41.89 -18.76
CA PRO X 486 -39.21 41.15 -17.50
C PRO X 486 -37.91 40.38 -17.32
N ASP X 487 -36.79 41.04 -17.61
CA ASP X 487 -35.47 40.44 -17.44
C ASP X 487 -34.60 41.23 -16.48
N ALA X 488 -34.62 42.56 -16.55
CA ALA X 488 -33.82 43.40 -15.67
C ALA X 488 -34.64 43.94 -14.49
N ASP X 489 -35.73 44.63 -14.77
CA ASP X 489 -36.53 45.26 -13.72
C ASP X 489 -37.67 44.35 -13.25
N GLY X 490 -37.32 43.13 -12.86
CA GLY X 490 -38.25 42.18 -12.26
C GLY X 490 -39.49 41.93 -13.10
N THR X 491 -40.53 41.44 -12.41
CA THR X 491 -41.80 41.16 -13.06
C THR X 491 -42.99 41.59 -12.21
N GLU X 492 -42.80 42.54 -11.30
CA GLU X 492 -43.95 43.00 -10.54
C GLU X 492 -44.38 44.38 -11.00
N PRO X 493 -45.69 44.66 -11.02
CA PRO X 493 -46.14 45.97 -11.49
C PRO X 493 -45.58 47.14 -10.70
N TYR X 494 -45.43 46.97 -9.39
CA TYR X 494 -44.94 48.02 -8.52
C TYR X 494 -43.91 47.47 -7.55
N VAL X 495 -42.94 48.30 -7.21
CA VAL X 495 -41.90 47.99 -6.24
C VAL X 495 -41.92 49.07 -5.17
N LEU X 496 -42.00 48.65 -3.91
CA LEU X 496 -42.12 49.54 -2.77
C LEU X 496 -40.89 49.43 -1.89
N LYS X 497 -40.46 50.56 -1.32
CA LYS X 497 -39.33 50.56 -0.41
C LYS X 497 -39.49 51.68 0.59
N VAL X 498 -39.73 51.32 1.85
CA VAL X 498 -39.86 52.28 2.94
C VAL X 498 -38.61 52.13 3.81
N THR X 499 -37.89 53.23 4.01
CA THR X 499 -36.61 53.15 4.68
C THR X 499 -36.44 54.33 5.62
N GLN X 500 -35.45 54.22 6.50
CA GLN X 500 -35.06 55.29 7.41
C GLN X 500 -33.70 55.81 7.00
N ALA X 501 -33.60 57.13 6.83
CA ALA X 501 -32.34 57.74 6.41
C ALA X 501 -31.53 58.28 7.57
N GLU X 502 -32.16 58.99 8.50
CA GLU X 502 -31.55 59.37 9.76
C GLU X 502 -32.59 59.15 10.85
N PHE X 503 -32.41 59.80 12.00
CA PHE X 503 -33.34 59.66 13.09
C PHE X 503 -34.79 59.88 12.64
N ASP X 504 -35.04 60.95 11.88
CA ASP X 504 -36.39 61.19 11.36
C ASP X 504 -36.27 61.66 9.92
N LYS X 505 -36.21 60.72 8.98
CA LYS X 505 -36.21 61.05 7.56
C LYS X 505 -36.93 59.96 6.77
N TRP X 506 -37.99 59.38 7.34
CA TRP X 506 -38.67 58.26 6.71
C TRP X 506 -38.94 58.51 5.24
N GLU X 507 -38.30 57.71 4.38
CA GLU X 507 -38.31 57.92 2.94
C GLU X 507 -39.03 56.76 2.26
N VAL X 508 -40.01 57.08 1.43
CA VAL X 508 -40.80 56.10 0.71
C VAL X 508 -40.53 56.25 -0.77
N VAL X 509 -40.13 55.15 -1.42
CA VAL X 509 -39.87 55.13 -2.85
C VAL X 509 -40.72 54.04 -3.46
N TRP X 510 -41.61 54.42 -4.37
CA TRP X 510 -42.45 53.47 -5.07
C TRP X 510 -42.26 53.65 -6.57
N ALA X 511 -42.08 52.54 -7.28
CA ALA X 511 -41.90 52.55 -8.73
C ALA X 511 -43.01 51.72 -9.35
N CYS X 512 -43.72 52.31 -10.31
CA CYS X 512 -44.87 51.67 -10.92
C CYS X 512 -44.69 51.60 -12.43
N CYS X 513 -45.28 50.58 -13.04
CA CYS X 513 -45.27 50.50 -14.50
C CYS X 513 -46.64 50.86 -15.04
N PRO X 514 -46.83 52.02 -15.64
CA PRO X 514 -48.17 52.43 -16.08
C PRO X 514 -48.59 51.68 -17.34
N THR X 515 -49.90 51.73 -17.60
CA THR X 515 -50.45 51.06 -18.77
C THR X 515 -50.05 51.80 -20.04
N GLY X 516 -50.20 51.10 -21.17
CA GLY X 516 -49.86 51.66 -22.45
C GLY X 516 -51.12 52.01 -23.23
N VAL X 517 -51.26 53.30 -23.55
CA VAL X 517 -52.34 53.72 -24.41
C VAL X 517 -52.14 53.13 -25.81
N ALA X 518 -53.22 53.04 -26.57
CA ALA X 518 -53.19 52.52 -27.93
C ALA X 518 -53.48 53.67 -28.89
N ARG X 519 -52.43 54.40 -29.26
CA ARG X 519 -52.55 55.56 -30.12
C ARG X 519 -52.31 55.24 -31.59
N ARG X 520 -51.34 54.40 -31.90
CA ARG X 520 -51.01 54.03 -33.26
C ARG X 520 -51.19 52.52 -33.41
N ILE X 521 -52.03 52.12 -34.37
CA ILE X 521 -52.29 50.71 -34.63
C ILE X 521 -51.95 50.42 -36.08
N GLN X 522 -51.11 49.41 -36.30
CA GLN X 522 -50.65 49.07 -37.63
C GLN X 522 -50.90 47.59 -37.92
N GLY X 523 -51.42 47.31 -39.10
CA GLY X 523 -51.68 45.94 -39.52
C GLY X 523 -50.79 45.58 -40.71
N VAL X 524 -50.20 44.39 -40.66
CA VAL X 524 -49.31 43.90 -41.69
C VAL X 524 -49.85 42.58 -42.21
N PRO X 525 -50.62 42.59 -43.28
CA PRO X 525 -51.12 41.33 -43.84
C PRO X 525 -49.99 40.52 -44.47
N LEU X 526 -50.18 39.21 -44.49
CA LEU X 526 -49.18 38.30 -45.02
C LEU X 526 -49.87 37.21 -45.83
N LEU X 527 -49.08 36.54 -46.67
CA LEU X 527 -49.55 35.39 -47.44
C LEU X 527 -48.63 34.21 -47.15
N ILE X 528 -49.23 33.03 -47.01
CA ILE X 528 -48.51 31.81 -46.66
C ILE X 528 -48.44 30.92 -47.87
N LYS X 529 -47.23 30.49 -48.22
CA LYS X 529 -47.02 29.59 -49.35
C LYS X 529 -47.66 28.23 -49.06
N SER Y 2 24.69 -0.84 92.55
CA SER Y 2 24.02 -2.13 92.52
C SER Y 2 23.77 -2.59 91.09
N GLN Y 3 22.75 -3.42 90.91
CA GLN Y 3 22.34 -3.81 89.58
C GLN Y 3 21.52 -2.70 88.93
N TYR Y 4 21.30 -2.85 87.62
CA TYR Y 4 20.57 -1.89 86.79
C TYR Y 4 21.27 -0.54 86.70
N SER Y 5 22.39 -0.36 87.40
CA SER Y 5 23.13 0.87 87.31
C SER Y 5 23.89 0.94 85.99
N ILE Y 6 24.14 2.15 85.52
CA ILE Y 6 24.82 2.39 84.25
C ILE Y 6 26.04 3.25 84.53
N GLN Y 7 27.21 2.77 84.12
CA GLN Y 7 28.42 3.56 84.27
C GLN Y 7 28.66 4.40 83.02
N GLN Y 8 29.71 5.20 83.07
CA GLN Y 8 30.02 6.12 81.98
C GLN Y 8 31.47 6.10 81.52
N SER Y 9 32.40 5.60 82.33
CA SER Y 9 33.81 5.66 81.97
C SER Y 9 34.25 4.43 81.17
N LEU Y 10 34.15 3.24 81.77
CA LEU Y 10 34.51 1.99 81.12
C LEU Y 10 35.99 2.02 80.67
N GLY Y 11 36.86 2.03 81.68
CA GLY Y 11 38.29 2.04 81.43
C GLY Y 11 39.00 0.74 81.74
N ASN Y 12 39.43 0.03 80.70
CA ASN Y 12 40.29 -1.14 80.83
C ASN Y 12 39.66 -2.23 81.70
N ALA Y 13 38.35 -2.42 81.57
CA ALA Y 13 37.67 -3.47 82.29
C ALA Y 13 36.41 -3.86 81.51
N SER Y 14 36.05 -5.13 81.58
CA SER Y 14 34.87 -5.61 80.88
C SER Y 14 33.62 -4.93 81.42
N GLY Y 15 32.71 -4.59 80.52
CA GLY Y 15 31.47 -3.96 80.92
C GLY Y 15 30.85 -3.21 79.76
N VAL Y 16 29.75 -2.53 80.06
CA VAL Y 16 29.03 -1.72 79.09
C VAL Y 16 28.71 -0.38 79.73
N ALA Y 17 28.84 0.69 78.95
CA ALA Y 17 28.60 2.03 79.47
C ALA Y 17 28.11 2.93 78.35
N VAL Y 18 27.28 3.91 78.72
CA VAL Y 18 26.76 4.89 77.79
C VAL Y 18 27.21 6.28 78.23
N SER Y 19 27.71 7.05 77.28
CA SER Y 19 28.19 8.38 77.59
C SER Y 19 27.02 9.34 77.77
N PRO Y 20 27.17 10.38 78.58
CA PRO Y 20 26.10 11.37 78.73
C PRO Y 20 25.81 12.07 77.41
N ILE Y 21 24.55 12.47 77.24
CA ILE Y 21 24.09 13.01 75.96
C ILE Y 21 24.91 14.24 75.61
N ASN Y 22 25.27 14.36 74.33
CA ASN Y 22 26.15 15.45 73.91
C ASN Y 22 25.39 16.76 73.83
N ALA Y 23 24.44 16.85 72.91
CA ALA Y 23 23.55 18.01 72.78
C ALA Y 23 24.33 19.32 72.73
N ASP Y 24 25.40 19.35 71.95
CA ASP Y 24 26.20 20.56 71.79
C ASP Y 24 26.08 21.17 70.40
N ALA Y 25 25.63 20.41 69.41
CA ALA Y 25 25.39 20.95 68.07
C ALA Y 25 24.00 21.54 67.92
N THR Y 26 23.22 21.54 69.00
CA THR Y 26 21.84 22.05 68.97
C THR Y 26 21.65 23.17 69.97
N LEU Y 27 22.68 23.97 70.21
CA LEU Y 27 22.60 25.02 71.20
C LEU Y 27 21.91 26.25 70.62
N SER Y 28 20.77 26.59 71.19
CA SER Y 28 20.00 27.78 70.82
C SER Y 28 20.30 28.90 71.81
N THR Y 29 19.56 29.99 71.69
CA THR Y 29 19.69 31.12 72.59
C THR Y 29 18.32 31.75 72.80
N GLY Y 30 17.87 31.78 74.05
CA GLY Y 30 16.58 32.36 74.36
C GLY Y 30 16.68 33.77 74.90
N VAL Y 31 16.44 34.77 74.06
CA VAL Y 31 16.51 36.15 74.47
C VAL Y 31 15.16 36.87 74.35
N ALA Y 32 14.28 36.43 73.45
CA ALA Y 32 12.98 37.05 73.25
C ALA Y 32 13.13 38.53 72.90
N LEU Y 33 13.72 38.77 71.72
CA LEU Y 33 14.01 40.13 71.30
C LEU Y 33 12.75 40.97 71.16
N ASN Y 34 11.63 40.36 70.80
CA ASN Y 34 10.40 41.12 70.59
C ASN Y 34 9.69 41.41 71.90
N SER Y 35 10.40 41.98 72.86
CA SER Y 35 9.81 42.32 74.15
C SER Y 35 10.44 43.62 74.64
N SER Y 36 9.61 44.57 75.06
CA SER Y 36 10.07 45.88 75.47
C SER Y 36 9.39 46.26 76.78
N LEU Y 37 10.19 46.79 77.72
CA LEU Y 37 9.68 47.30 78.98
C LEU Y 37 10.31 48.66 79.24
N TRP Y 38 9.58 49.51 79.97
CA TRP Y 38 10.00 50.88 80.21
C TRP Y 38 10.28 51.09 81.68
N ALA Y 39 11.37 51.79 81.98
CA ALA Y 39 11.77 52.07 83.35
C ALA Y 39 11.90 53.56 83.56
N GLY Y 40 11.39 54.04 84.69
CA GLY Y 40 11.42 55.47 84.95
C GLY Y 40 11.35 55.79 86.43
N ILE Y 41 11.74 57.02 86.75
CA ILE Y 41 11.64 57.53 88.11
C ILE Y 41 10.53 58.56 88.14
N GLY Y 42 10.04 58.86 89.34
CA GLY Y 42 8.96 59.82 89.44
C GLY Y 42 8.61 60.11 90.88
N VAL Y 43 7.62 60.97 91.04
CA VAL Y 43 7.09 61.35 92.35
C VAL Y 43 5.61 61.02 92.35
N PHE Y 44 5.18 60.21 93.33
CA PHE Y 44 3.80 59.74 93.35
C PHE Y 44 3.19 59.91 94.73
N ALA Y 45 2.02 59.32 94.94
CA ALA Y 45 1.32 59.42 96.22
C ALA Y 45 1.53 58.21 97.11
N ARG Y 46 1.55 57.01 96.54
CA ARG Y 46 1.70 55.77 97.30
C ARG Y 46 2.73 54.88 96.64
N GLY Y 47 3.53 54.22 97.46
CA GLY Y 47 4.57 53.33 96.98
C GLY Y 47 5.76 53.34 97.91
N LYS Y 48 6.56 52.28 97.83
CA LYS Y 48 7.73 52.17 98.68
C LYS Y 48 8.86 53.02 98.11
N PRO Y 49 9.39 53.98 98.85
CA PRO Y 49 10.40 54.87 98.30
C PRO Y 49 11.72 54.16 98.06
N PHE Y 50 12.41 54.59 96.99
CA PHE Y 50 13.75 54.12 96.66
C PHE Y 50 13.79 52.61 96.48
N THR Y 51 12.72 52.04 95.94
CA THR Y 51 12.66 50.60 95.69
C THR Y 51 11.97 50.38 94.36
N VAL Y 52 12.58 49.55 93.50
CA VAL Y 52 12.03 49.29 92.18
C VAL Y 52 10.66 48.65 92.30
N LEU Y 53 9.70 49.15 91.55
CA LEU Y 53 8.34 48.64 91.56
C LEU Y 53 8.07 47.93 90.24
N ALA Y 54 6.82 47.49 90.08
CA ALA Y 54 6.39 46.86 88.83
C ALA Y 54 4.93 47.23 88.61
N VAL Y 55 4.65 47.90 87.50
CA VAL Y 55 3.32 48.39 87.18
C VAL Y 55 2.85 47.71 85.90
N THR Y 56 1.65 47.15 85.95
CA THR Y 56 0.98 46.57 84.80
C THR Y 56 -0.30 47.35 84.52
N GLU Y 57 -1.04 46.90 83.51
CA GLU Y 57 -2.26 47.59 83.12
C GLU Y 57 -3.40 47.44 84.13
N SER Y 58 -3.25 46.56 85.12
CA SER Y 58 -4.37 46.23 85.99
C SER Y 58 -4.11 46.50 87.48
N ASN Y 59 -2.95 47.06 87.83
CA ASN Y 59 -2.70 47.32 89.24
C ASN Y 59 -2.09 48.69 89.54
N TYR Y 60 -1.73 49.48 88.54
CA TYR Y 60 -1.04 50.75 88.81
C TYR Y 60 -1.86 51.65 89.72
N GLU Y 61 -3.18 51.63 89.57
CA GLU Y 61 -4.03 52.51 90.36
C GLU Y 61 -3.85 52.27 91.84
N ASP Y 62 -3.65 51.02 92.26
CA ASP Y 62 -3.52 50.72 93.68
C ASP Y 62 -2.08 50.63 94.15
N VAL Y 63 -1.15 50.14 93.32
CA VAL Y 63 0.23 50.07 93.78
C VAL Y 63 0.84 51.47 93.85
N LEU Y 64 0.51 52.35 92.90
CA LEU Y 64 1.03 53.71 92.90
C LEU Y 64 0.04 54.73 93.44
N GLY Y 65 -1.12 54.29 93.91
CA GLY Y 65 -2.07 55.17 94.53
C GLY Y 65 -2.92 55.93 93.53
N GLU Y 66 -3.92 56.63 94.06
CA GLU Y 66 -4.81 57.39 93.21
C GLU Y 66 -4.08 58.59 92.60
N PRO Y 67 -4.52 59.05 91.43
CA PRO Y 67 -3.84 60.18 90.79
C PRO Y 67 -3.91 61.44 91.64
N LEU Y 68 -2.86 62.24 91.55
CA LEU Y 68 -2.76 63.48 92.32
C LEU Y 68 -3.65 64.56 91.69
N LYS Y 69 -3.53 65.78 92.19
CA LYS Y 69 -4.34 66.89 91.71
C LYS Y 69 -3.45 67.96 91.09
N PRO Y 70 -3.79 68.48 89.91
CA PRO Y 70 -2.94 69.52 89.31
C PRO Y 70 -2.82 70.78 90.15
N SER Y 71 -3.87 71.15 90.88
CA SER Y 71 -3.82 72.35 91.70
C SER Y 71 -2.84 72.21 92.85
N SER Y 72 -2.45 70.98 93.22
CA SER Y 72 -1.49 70.80 94.30
C SER Y 72 -0.14 71.40 93.95
N GLY Y 73 0.31 71.21 92.71
CA GLY Y 73 1.60 71.70 92.29
C GLY Y 73 2.06 71.09 90.99
N SER Y 74 3.34 70.72 90.92
CA SER Y 74 3.92 70.13 89.72
C SER Y 74 4.10 68.62 89.85
N GLN Y 75 3.47 68.00 90.84
CA GLN Y 75 3.61 66.56 91.06
C GLN Y 75 2.61 65.74 90.28
N PHE Y 76 1.76 66.35 89.48
CA PHE Y 76 0.72 65.64 88.75
C PHE Y 76 1.20 65.07 87.42
N GLU Y 77 2.46 65.29 87.06
CA GLU Y 77 2.97 64.89 85.75
C GLU Y 77 3.25 63.39 85.64
N PRO Y 78 4.05 62.80 86.56
CA PRO Y 78 4.46 61.42 86.35
C PRO Y 78 3.32 60.42 86.30
N ILE Y 79 2.24 60.65 87.05
CA ILE Y 79 1.12 59.73 87.00
C ILE Y 79 0.50 59.71 85.60
N ARG Y 80 0.33 60.88 85.00
CA ARG Y 80 -0.23 60.94 83.65
C ARG Y 80 0.73 60.33 82.64
N HIS Y 81 2.03 60.55 82.80
CA HIS Y 81 3.00 59.91 81.91
C HIS Y 81 2.91 58.39 82.01
N VAL Y 82 2.79 57.89 83.24
CA VAL Y 82 2.63 56.45 83.45
C VAL Y 82 1.36 55.95 82.78
N TYR Y 83 0.26 56.69 82.94
CA TYR Y 83 -1.00 56.26 82.36
C TYR Y 83 -0.93 56.19 80.84
N GLU Y 84 -0.24 57.16 80.23
CA GLU Y 84 -0.10 57.14 78.78
C GLU Y 84 0.90 56.10 78.29
N ALA Y 85 1.88 55.72 79.10
CA ALA Y 85 2.88 54.77 78.65
C ALA Y 85 2.51 53.32 78.92
N ILE Y 86 1.70 53.06 79.95
CA ILE Y 86 1.27 51.70 80.26
C ILE Y 86 0.47 51.10 79.13
N GLN Y 87 -0.19 51.93 78.33
CA GLN Y 87 -1.17 51.52 77.34
C GLN Y 87 -0.71 50.31 76.54
N GLN Y 88 0.61 50.17 76.37
CA GLN Y 88 1.18 49.11 75.55
C GLN Y 88 1.78 47.99 76.39
N THR Y 89 2.71 48.29 77.29
CA THR Y 89 3.45 47.27 78.02
C THR Y 89 3.62 47.69 79.47
N SER Y 90 3.88 46.71 80.31
CA SER Y 90 4.15 46.97 81.73
C SER Y 90 5.56 47.53 81.89
N GLY Y 91 5.88 47.95 83.11
CA GLY Y 91 7.16 48.59 83.32
C GLY Y 91 7.55 48.67 84.78
N TYR Y 92 8.65 49.37 85.02
CA TYR Y 92 9.23 49.52 86.35
C TYR Y 92 9.42 50.99 86.68
N VAL Y 93 9.03 51.38 87.90
CA VAL Y 93 9.12 52.76 88.33
C VAL Y 93 9.86 52.82 89.66
N VAL Y 94 10.40 53.99 89.95
CA VAL Y 94 11.08 54.26 91.20
C VAL Y 94 10.54 55.56 91.77
N ARG Y 95 9.99 55.50 92.98
CA ARG Y 95 9.41 56.68 93.62
C ARG Y 95 10.46 57.36 94.48
N ALA Y 96 10.59 58.67 94.33
CA ALA Y 96 11.50 59.49 95.12
C ALA Y 96 10.68 60.44 95.99
N VAL Y 97 10.99 60.46 97.29
CA VAL Y 97 10.22 61.23 98.25
C VAL Y 97 11.05 62.39 98.77
N PRO Y 98 10.44 63.47 99.27
CA PRO Y 98 11.21 64.57 99.85
C PRO Y 98 11.90 64.16 101.15
N ASP Y 99 12.57 65.11 101.79
CA ASP Y 99 13.39 64.77 102.96
C ASP Y 99 12.53 64.50 104.18
N ASP Y 100 11.45 65.26 104.38
CA ASP Y 100 10.71 65.22 105.63
C ASP Y 100 9.52 64.26 105.61
N ALA Y 101 9.45 63.35 104.63
CA ALA Y 101 8.38 62.38 104.61
C ALA Y 101 8.54 61.38 105.74
N LYS Y 102 7.46 61.12 106.47
CA LYS Y 102 7.50 60.24 107.63
C LYS Y 102 6.40 59.20 107.54
N PHE Y 103 6.69 58.01 108.04
CA PHE Y 103 5.75 56.90 108.09
C PHE Y 103 5.42 56.56 109.55
N PRO Y 104 4.23 56.03 109.80
CA PRO Y 104 3.80 55.77 111.17
C PRO Y 104 4.45 54.52 111.75
N ILE Y 105 4.46 54.46 113.08
CA ILE Y 105 5.04 53.34 113.83
C ILE Y 105 4.22 53.16 115.10
N ILE Y 106 3.88 51.91 115.41
CA ILE Y 106 3.19 51.55 116.64
C ILE Y 106 4.10 50.65 117.45
N MET Y 107 4.46 51.08 118.65
CA MET Y 107 5.35 50.33 119.53
C MET Y 107 4.57 49.82 120.73
N PHE Y 108 4.75 48.54 121.06
CA PHE Y 108 4.05 47.94 122.17
C PHE Y 108 4.97 47.86 123.39
N ASP Y 109 4.48 47.19 124.44
CA ASP Y 109 5.24 47.02 125.67
C ASP Y 109 4.87 45.67 126.27
N GLU Y 110 5.44 45.37 127.44
CA GLU Y 110 5.17 44.10 128.09
C GLU Y 110 3.70 43.97 128.47
N SER Y 111 3.13 45.02 129.05
CA SER Y 111 1.73 44.96 129.45
C SER Y 111 0.81 44.89 128.23
N GLY Y 112 1.16 45.60 127.17
CA GLY Y 112 0.36 45.63 125.96
C GLY Y 112 -0.23 46.99 125.60
N GLU Y 113 0.06 48.04 126.35
CA GLU Y 113 -0.47 49.36 126.03
C GLU Y 113 0.30 49.96 124.86
N PRO Y 114 -0.34 50.25 123.74
CA PRO Y 114 0.40 50.72 122.57
C PRO Y 114 0.79 52.18 122.69
N ALA Y 115 1.78 52.57 121.88
CA ALA Y 115 2.18 53.96 121.72
C ALA Y 115 2.45 54.20 120.24
N TYR Y 116 2.28 55.45 119.82
CA TYR Y 116 2.40 55.82 118.42
C TYR Y 116 3.55 56.79 118.23
N SER Y 117 4.11 56.77 117.02
CA SER Y 117 5.15 57.72 116.64
C SER Y 117 5.26 57.73 115.12
N ALA Y 118 6.15 58.57 114.61
CA ALA Y 118 6.41 58.64 113.18
C ALA Y 118 7.91 58.78 112.96
N LEU Y 119 8.41 58.14 111.90
CA LEU Y 119 9.84 58.19 111.61
C LEU Y 119 10.07 58.52 110.14
N PRO Y 120 11.12 59.27 109.83
CA PRO Y 120 11.41 59.58 108.42
C PRO Y 120 11.78 58.34 107.64
N TYR Y 121 11.50 58.39 106.34
CA TYR Y 121 11.73 57.24 105.47
C TYR Y 121 13.20 56.90 105.37
N GLY Y 122 13.48 55.62 105.19
CA GLY Y 122 14.84 55.15 105.05
C GLY Y 122 15.62 55.01 106.34
N SER Y 123 14.95 55.07 107.49
CA SER Y 123 15.62 54.98 108.77
C SER Y 123 15.09 53.77 109.54
N GLU Y 124 16.00 53.07 110.19
CA GLU Y 124 15.62 51.94 111.03
C GLU Y 124 15.10 52.45 112.38
N ILE Y 125 14.68 51.51 113.23
CA ILE Y 125 13.98 51.83 114.46
C ILE Y 125 14.82 51.36 115.63
N GLU Y 126 14.98 52.22 116.63
CA GLU Y 126 15.62 51.86 117.88
C GLU Y 126 14.54 51.69 118.94
N LEU Y 127 14.60 50.58 119.67
CA LEU Y 127 13.58 50.24 120.64
C LEU Y 127 14.00 50.71 122.03
N ASP Y 128 13.07 51.33 122.74
CA ASP Y 128 13.32 51.74 124.11
C ASP Y 128 13.35 50.51 125.02
N SER Y 129 13.70 50.74 126.29
CA SER Y 129 13.82 49.63 127.24
C SER Y 129 12.48 48.92 127.43
N GLY Y 130 11.40 49.68 127.54
CA GLY Y 130 10.10 49.11 127.76
C GLY Y 130 9.38 48.60 126.54
N GLU Y 131 9.94 48.80 125.36
CA GLU Y 131 9.28 48.42 124.12
C GLU Y 131 9.57 46.97 123.79
N ALA Y 132 8.51 46.19 123.51
CA ALA Y 132 8.66 44.79 123.17
C ALA Y 132 8.81 44.59 121.66
N PHE Y 133 7.91 45.17 120.88
CA PHE Y 133 7.99 45.04 119.43
C PHE Y 133 7.24 46.20 118.78
N ALA Y 134 7.66 46.52 117.57
CA ALA Y 134 7.12 47.64 116.81
C ALA Y 134 6.65 47.17 115.45
N ILE Y 135 5.53 47.73 115.00
CA ILE Y 135 4.94 47.45 113.71
C ILE Y 135 4.82 48.76 112.94
N TYR Y 136 5.21 48.74 111.67
CA TYR Y 136 5.09 49.91 110.83
C TYR Y 136 4.66 49.50 109.43
N VAL Y 137 4.31 50.49 108.61
CA VAL Y 137 3.76 50.28 107.28
C VAL Y 137 4.83 50.62 106.26
N ASP Y 138 5.08 49.69 105.34
CA ASP Y 138 6.06 49.90 104.28
C ASP Y 138 5.43 50.03 102.91
N ASP Y 139 4.11 50.23 102.83
CA ASP Y 139 3.48 50.52 101.56
C ASP Y 139 3.79 51.92 101.07
N GLY Y 140 4.26 52.79 101.95
CA GLY Y 140 4.56 54.16 101.61
C GLY Y 140 3.43 55.14 101.87
N ASP Y 141 2.21 54.66 102.02
CA ASP Y 141 1.08 55.55 102.25
C ASP Y 141 1.26 56.25 103.59
N PRO Y 142 0.98 57.56 103.68
CA PRO Y 142 1.12 58.27 104.95
C PRO Y 142 -0.06 58.09 105.90
N CYS Y 143 -1.01 57.22 105.56
CA CYS Y 143 -2.08 56.83 106.48
C CYS Y 143 -2.89 58.04 106.96
N ILE Y 144 -3.20 58.95 106.04
CA ILE Y 144 -4.00 60.12 106.34
C ILE Y 144 -5.37 60.06 105.69
N SER Y 145 -5.46 59.55 104.46
CA SER Y 145 -6.73 59.31 103.80
C SER Y 145 -6.55 58.27 102.70
N PRO Y 146 -7.17 57.08 102.83
CA PRO Y 146 -8.01 56.62 103.94
C PRO Y 146 -7.18 56.19 105.14
N THR Y 147 -7.75 56.23 106.34
CA THR Y 147 -7.04 55.80 107.52
C THR Y 147 -6.90 54.27 107.53
N ARG Y 148 -5.91 53.79 108.28
CA ARG Y 148 -5.66 52.36 108.39
C ARG Y 148 -5.62 51.97 109.87
N GLU Y 149 -6.33 50.90 110.22
CA GLU Y 149 -6.48 50.46 111.59
C GLU Y 149 -5.97 49.03 111.73
N LEU Y 150 -5.34 48.75 112.86
CA LEU Y 150 -4.74 47.46 113.15
C LEU Y 150 -5.42 46.86 114.38
N THR Y 151 -5.77 45.58 114.31
CA THR Y 151 -6.50 44.91 115.37
C THR Y 151 -5.81 43.60 115.73
N ILE Y 152 -5.77 43.32 117.02
CA ILE Y 152 -5.14 42.12 117.57
C ILE Y 152 -6.24 41.29 118.24
N GLU Y 153 -6.31 40.01 117.90
CA GLU Y 153 -7.32 39.12 118.44
C GLU Y 153 -6.67 37.85 118.98
N THR Y 154 -7.14 37.39 120.13
CA THR Y 154 -6.63 36.15 120.70
C THR Y 154 -7.10 34.95 119.88
N ALA Y 155 -6.22 33.95 119.77
CA ALA Y 155 -6.52 32.74 119.03
C ALA Y 155 -6.04 31.53 119.82
N THR Y 156 -6.35 30.35 119.29
CA THR Y 156 -5.96 29.11 119.95
C THR Y 156 -4.46 28.86 119.81
N ALA Y 157 -3.86 28.36 120.88
CA ALA Y 157 -2.44 28.06 120.85
C ALA Y 157 -2.16 26.86 119.96
N ASP Y 158 -0.90 26.73 119.55
CA ASP Y 158 -0.50 25.64 118.67
C ASP Y 158 -0.39 24.34 119.44
N SER Y 159 0.02 23.28 118.75
CA SER Y 159 0.20 21.99 119.40
C SER Y 159 1.32 22.03 120.42
N ALA Y 160 2.42 22.72 120.11
CA ALA Y 160 3.53 22.82 121.04
C ALA Y 160 3.12 23.57 122.31
N GLY Y 161 2.37 24.66 122.16
CA GLY Y 161 1.91 25.42 123.31
C GLY Y 161 2.08 26.91 123.18
N ASN Y 162 2.80 27.36 122.16
CA ASN Y 162 3.03 28.79 121.96
C ASN Y 162 1.73 29.48 121.61
N GLU Y 163 1.60 30.74 122.04
CA GLU Y 163 0.37 31.50 121.84
C GLU Y 163 0.46 32.28 120.54
N ARG Y 164 -0.47 32.02 119.62
CA ARG Y 164 -0.54 32.71 118.35
C ARG Y 164 -1.76 33.62 118.34
N PHE Y 165 -1.57 34.87 117.94
CA PHE Y 165 -2.65 35.83 117.86
C PHE Y 165 -2.88 36.23 116.41
N LEU Y 166 -4.11 36.66 116.12
CA LEU Y 166 -4.53 37.04 114.79
C LEU Y 166 -4.40 38.54 114.63
N LEU Y 167 -3.74 38.95 113.55
CA LEU Y 167 -3.55 40.36 113.20
C LEU Y 167 -4.45 40.69 112.01
N LYS Y 168 -5.23 41.77 112.14
CA LYS Y 168 -6.15 42.18 111.09
C LYS Y 168 -5.96 43.66 110.81
N LEU Y 169 -5.54 43.99 109.61
CA LEU Y 169 -5.40 45.39 109.20
C LEU Y 169 -6.52 45.73 108.23
N THR Y 170 -7.25 46.80 108.52
CA THR Y 170 -8.40 47.20 107.73
C THR Y 170 -8.34 48.69 107.45
N GLN Y 171 -8.77 49.08 106.25
CA GLN Y 171 -8.77 50.48 105.85
C GLN Y 171 -10.17 51.07 106.01
N THR Y 172 -10.22 52.32 106.44
CA THR Y 172 -11.48 53.06 106.59
C THR Y 172 -11.36 54.37 105.83
N THR Y 173 -12.31 54.60 104.93
CA THR Y 173 -12.33 55.84 104.18
C THR Y 173 -12.95 56.96 105.01
N SER Y 174 -12.77 58.20 104.54
CA SER Y 174 -13.30 59.35 105.26
C SER Y 174 -14.82 59.33 105.29
N LEU Y 175 -15.46 58.83 104.22
CA LEU Y 175 -16.91 58.80 104.19
C LEU Y 175 -17.47 57.87 105.27
N GLY Y 176 -16.86 56.70 105.46
CA GLY Y 176 -17.33 55.77 106.47
C GLY Y 176 -17.27 54.32 106.03
N VAL Y 177 -16.83 54.08 104.81
CA VAL Y 177 -16.71 52.71 104.31
C VAL Y 177 -15.52 52.04 104.98
N VAL Y 178 -15.76 50.90 105.61
CA VAL Y 178 -14.74 50.14 106.32
C VAL Y 178 -14.66 48.76 105.71
N THR Y 179 -13.53 48.46 105.08
CA THR Y 179 -13.31 47.15 104.46
C THR Y 179 -12.03 46.54 105.01
N THR Y 180 -12.05 45.23 105.24
CA THR Y 180 -10.86 44.54 105.68
C THR Y 180 -9.82 44.54 104.56
N LEU Y 181 -8.55 44.51 104.94
CA LEU Y 181 -7.46 44.57 103.98
C LEU Y 181 -6.56 43.36 104.02
N GLU Y 182 -6.13 42.94 105.21
CA GLU Y 182 -5.29 41.75 105.30
C GLU Y 182 -5.40 41.15 106.70
N THR Y 183 -5.13 39.85 106.78
CA THR Y 183 -5.19 39.11 108.04
C THR Y 183 -4.07 38.09 108.09
N HIS Y 184 -3.62 37.80 109.31
CA HIS Y 184 -2.51 36.88 109.52
C HIS Y 184 -2.66 36.24 110.90
N THR Y 185 -1.94 35.14 111.10
CA THR Y 185 -1.86 34.48 112.40
C THR Y 185 -0.38 34.37 112.77
N VAL Y 186 0.07 35.20 113.71
CA VAL Y 186 1.49 35.30 114.02
C VAL Y 186 1.69 35.17 115.52
N SER Y 187 2.92 34.82 115.90
CA SER Y 187 3.26 34.66 117.31
C SER Y 187 4.70 35.11 117.52
N LEU Y 188 5.02 35.39 118.78
CA LEU Y 188 6.34 35.86 119.15
C LEU Y 188 7.34 34.73 119.38
N ALA Y 189 6.89 33.48 119.41
CA ALA Y 189 7.79 32.36 119.58
C ALA Y 189 8.68 32.19 118.35
N GLU Y 190 9.94 31.86 118.57
CA GLU Y 190 10.91 31.77 117.48
C GLU Y 190 10.70 30.54 116.60
N GLU Y 191 9.84 29.60 116.99
CA GLU Y 191 9.68 28.36 116.25
C GLU Y 191 8.22 27.94 116.06
N ALA Y 192 7.27 28.70 116.57
CA ALA Y 192 5.87 28.31 116.47
C ALA Y 192 5.41 28.29 115.01
N LYS Y 193 4.48 27.40 114.71
CA LYS Y 193 3.94 27.26 113.37
C LYS Y 193 2.43 27.43 113.39
N ASP Y 194 1.89 27.95 112.29
CA ASP Y 194 0.47 28.15 112.16
C ASP Y 194 -0.21 26.83 111.77
N ASP Y 195 -1.50 26.90 111.45
CA ASP Y 195 -2.25 25.70 111.10
C ASP Y 195 -1.75 25.08 109.80
N MET Y 196 -1.42 25.90 108.80
CA MET Y 196 -0.98 25.39 107.51
C MET Y 196 0.45 24.88 107.53
N GLY Y 197 1.20 25.13 108.60
CA GLY Y 197 2.55 24.63 108.73
C GLY Y 197 3.64 25.64 108.47
N ARG Y 198 3.30 26.82 107.97
CA ARG Y 198 4.31 27.83 107.70
C ARG Y 198 4.82 28.44 109.01
N LEU Y 199 6.00 29.07 108.92
CA LEU Y 199 6.56 29.75 110.08
C LEU Y 199 5.69 30.94 110.47
N CYS Y 200 5.48 31.11 111.77
CA CYS Y 200 4.59 32.15 112.28
C CYS Y 200 5.32 33.15 113.18
N TYR Y 201 6.65 33.11 113.23
CA TYR Y 201 7.38 34.16 113.92
C TYR Y 201 7.06 35.52 113.31
N LEU Y 202 6.85 36.52 114.17
CA LEU Y 202 6.30 37.79 113.69
C LEU Y 202 7.15 38.48 112.65
N PRO Y 203 8.45 38.74 112.88
CA PRO Y 203 9.21 39.50 111.87
C PRO Y 203 9.28 38.81 110.52
N THR Y 204 9.72 37.56 110.48
CA THR Y 204 9.86 36.86 109.21
C THR Y 204 8.51 36.64 108.55
N ALA Y 205 7.47 36.34 109.33
CA ALA Y 205 6.15 36.13 108.76
C ALA Y 205 5.64 37.39 108.08
N LEU Y 206 5.73 38.54 108.77
CA LEU Y 206 5.28 39.78 108.18
C LEU Y 206 6.13 40.17 106.98
N GLU Y 207 7.44 39.95 107.06
CA GLU Y 207 8.30 40.32 105.94
C GLU Y 207 8.01 39.48 104.70
N ALA Y 208 7.71 38.20 104.89
CA ALA Y 208 7.55 37.29 103.76
C ALA Y 208 6.14 37.33 103.17
N ARG Y 209 5.12 37.06 104.01
CA ARG Y 209 3.78 36.83 103.49
C ARG Y 209 2.93 38.09 103.41
N SER Y 210 3.43 39.23 103.87
CA SER Y 210 2.68 40.48 103.86
C SER Y 210 3.47 41.56 103.13
N LYS Y 211 2.81 42.26 102.22
CA LYS Y 211 3.43 43.34 101.47
C LYS Y 211 3.00 44.72 101.93
N TYR Y 212 2.32 44.80 103.07
CA TYR Y 212 1.92 46.08 103.65
C TYR Y 212 2.70 46.45 104.91
N LEU Y 213 2.95 45.49 105.78
CA LEU Y 213 3.49 45.75 107.10
C LEU Y 213 4.89 45.18 107.25
N ARG Y 214 5.62 45.72 108.22
CA ARG Y 214 6.89 45.16 108.67
C ARG Y 214 6.94 45.32 110.18
N ALA Y 215 7.79 44.53 110.83
CA ALA Y 215 7.87 44.59 112.27
C ALA Y 215 9.30 44.33 112.72
N VAL Y 216 9.60 44.80 113.94
CA VAL Y 216 10.86 44.51 114.61
C VAL Y 216 10.56 44.16 116.06
N VAL Y 217 11.50 43.44 116.68
CA VAL Y 217 11.33 42.93 118.03
C VAL Y 217 12.55 43.27 118.86
N ASN Y 218 12.36 43.28 120.17
CA ASN Y 218 13.45 43.47 121.13
C ASN Y 218 13.82 42.11 121.72
N GLU Y 219 15.06 41.68 121.50
CA GLU Y 219 15.45 40.33 121.89
C GLU Y 219 15.37 40.14 123.40
N GLU Y 220 15.80 41.16 124.16
CA GLU Y 220 15.84 41.02 125.62
C GLU Y 220 14.44 40.80 126.20
N LEU Y 221 13.46 41.56 125.73
CA LEU Y 221 12.12 41.53 126.29
C LEU Y 221 11.17 40.59 125.56
N ILE Y 222 11.62 39.93 124.48
CA ILE Y 222 10.73 39.10 123.70
C ILE Y 222 10.33 37.83 124.45
N SER Y 223 11.12 37.42 125.44
CA SER Y 223 10.81 36.18 126.15
C SER Y 223 9.58 36.34 127.04
N THR Y 224 9.52 37.42 127.80
CA THR Y 224 8.44 37.65 128.75
C THR Y 224 7.31 38.48 128.15
N ALA Y 225 7.40 38.83 126.87
CA ALA Y 225 6.39 39.68 126.26
C ALA Y 225 5.05 38.95 126.18
N LYS Y 226 3.98 39.68 126.46
CA LYS Y 226 2.62 39.18 126.35
C LYS Y 226 1.76 40.23 125.67
N VAL Y 227 0.78 39.76 124.91
CA VAL Y 227 -0.09 40.64 124.13
C VAL Y 227 -1.52 40.48 124.63
N THR Y 228 -2.19 41.62 124.80
CA THR Y 228 -3.59 41.63 125.21
C THR Y 228 -4.48 41.69 123.97
N ASN Y 229 -5.77 41.97 124.18
CA ASN Y 229 -6.74 42.11 123.09
C ASN Y 229 -6.98 43.59 122.85
N LYS Y 230 -6.36 44.12 121.81
CA LYS Y 230 -6.52 45.52 121.42
C LYS Y 230 -7.39 45.59 120.17
N LYS Y 231 -8.42 46.42 120.23
CA LYS Y 231 -9.40 46.54 119.15
C LYS Y 231 -9.39 47.96 118.60
N SER Y 232 -9.31 48.06 117.26
CA SER Y 232 -9.43 49.32 116.53
C SER Y 232 -8.35 50.32 116.98
N LEU Y 233 -7.11 49.95 116.71
CA LEU Y 233 -6.00 50.88 116.87
C LEU Y 233 -6.00 51.86 115.69
N ALA Y 234 -5.03 52.78 115.69
CA ALA Y 234 -4.99 53.81 114.66
C ALA Y 234 -3.56 54.24 114.42
N PHE Y 235 -3.09 54.08 113.19
CA PHE Y 235 -1.82 54.67 112.78
C PHE Y 235 -1.97 56.19 112.73
N THR Y 236 -0.90 56.90 113.08
CA THR Y 236 -0.95 58.35 113.05
C THR Y 236 0.46 58.91 112.87
N GLY Y 237 0.53 60.16 112.44
CA GLY Y 237 1.79 60.85 112.24
C GLY Y 237 2.35 60.76 110.85
N GLY Y 238 1.80 59.90 109.99
CA GLY Y 238 2.33 59.78 108.64
C GLY Y 238 2.12 61.06 107.85
N THR Y 239 3.10 61.38 107.02
CA THR Y 239 3.07 62.64 106.28
C THR Y 239 3.92 62.50 105.02
N ASN Y 240 3.32 62.76 103.86
CA ASN Y 240 4.07 62.69 102.61
C ASN Y 240 4.94 63.90 102.38
N GLY Y 241 4.77 64.96 103.18
CA GLY Y 241 5.58 66.14 103.05
C GLY Y 241 5.21 66.98 101.84
N ASP Y 242 6.09 67.92 101.53
CA ASP Y 242 5.94 68.78 100.36
C ASP Y 242 6.65 68.13 99.17
N GLN Y 243 5.87 67.73 98.16
CA GLN Y 243 6.42 67.12 96.97
C GLN Y 243 6.63 68.11 95.85
N SER Y 244 6.34 69.39 96.07
CA SER Y 244 6.56 70.38 95.03
C SER Y 244 8.05 70.53 94.73
N LYS Y 245 8.88 70.62 95.76
CA LYS Y 245 10.31 70.79 95.60
C LYS Y 245 11.03 69.56 96.13
N ILE Y 246 12.00 69.08 95.36
CA ILE Y 246 12.80 67.92 95.71
C ILE Y 246 14.25 68.21 95.37
N SER Y 247 15.15 67.98 96.31
CA SER Y 247 16.57 68.21 96.07
C SER Y 247 17.09 67.25 95.01
N THR Y 248 18.13 67.69 94.29
CA THR Y 248 18.71 66.83 93.27
C THR Y 248 19.34 65.58 93.85
N ALA Y 249 19.66 65.58 95.14
CA ALA Y 249 20.22 64.39 95.77
C ALA Y 249 19.23 63.23 95.73
N ALA Y 250 17.96 63.50 96.00
CA ALA Y 250 16.96 62.45 95.97
C ALA Y 250 16.82 61.86 94.57
N TYR Y 251 16.81 62.72 93.56
CA TYR Y 251 16.72 62.23 92.18
C TYR Y 251 17.95 61.40 91.82
N LEU Y 252 19.13 61.83 92.25
CA LEU Y 252 20.34 61.07 91.96
C LEU Y 252 20.30 59.71 92.64
N ARG Y 253 19.84 59.65 93.89
CA ARG Y 253 19.72 58.37 94.58
C ARG Y 253 18.72 57.46 93.86
N ALA Y 254 17.60 58.03 93.41
CA ALA Y 254 16.61 57.21 92.71
C ALA Y 254 17.17 56.66 91.41
N VAL Y 255 17.89 57.46 90.64
CA VAL Y 255 18.41 56.95 89.38
C VAL Y 255 19.52 55.94 89.64
N LYS Y 256 20.29 56.10 90.71
CA LYS Y 256 21.28 55.08 91.05
C LYS Y 256 20.60 53.75 91.39
N VAL Y 257 19.51 53.80 92.15
CA VAL Y 257 18.78 52.58 92.47
C VAL Y 257 18.25 51.94 91.19
N LEU Y 258 17.70 52.75 90.29
CA LEU Y 258 17.22 52.22 89.01
C LEU Y 258 18.35 51.60 88.21
N ASN Y 259 19.56 52.17 88.28
CA ASN Y 259 20.71 51.59 87.60
C ASN Y 259 21.03 50.21 88.18
N ASN Y 260 21.03 50.10 89.50
CA ASN Y 260 21.39 48.83 90.13
C ASN Y 260 20.23 47.84 90.18
N ALA Y 261 19.06 48.21 89.66
CA ALA Y 261 17.93 47.30 89.66
C ALA Y 261 18.27 46.03 88.87
N PRO Y 262 17.94 44.85 89.38
CA PRO Y 262 18.20 43.59 88.67
C PRO Y 262 17.02 43.15 87.80
N TYR Y 263 16.70 43.96 86.79
CA TYR Y 263 15.61 43.65 85.88
C TYR Y 263 16.05 43.93 84.45
N MET Y 264 15.16 43.68 83.51
CA MET Y 264 15.43 43.89 82.10
C MET Y 264 14.43 44.90 81.54
N TYR Y 265 14.94 45.95 80.89
CA TYR Y 265 14.06 46.90 80.23
C TYR Y 265 14.79 47.51 79.06
N THR Y 266 14.02 48.00 78.08
CA THR Y 266 14.57 48.52 76.83
C THR Y 266 14.13 49.96 76.57
N ALA Y 267 13.81 50.72 77.60
CA ALA Y 267 13.45 52.12 77.44
C ALA Y 267 13.53 52.80 78.80
N VAL Y 268 14.13 53.97 78.85
CA VAL Y 268 14.47 54.60 80.13
C VAL Y 268 13.68 55.89 80.32
N LEU Y 269 12.43 55.89 79.86
CA LEU Y 269 11.56 57.06 79.80
C LEU Y 269 11.82 58.04 80.94
N GLY Y 270 12.03 59.29 80.57
CA GLY Y 270 12.22 60.36 81.54
C GLY Y 270 10.89 60.91 82.02
N LEU Y 271 10.25 60.20 82.94
CA LEU Y 271 8.90 60.52 83.38
C LEU Y 271 8.90 61.86 84.11
N GLY Y 272 8.43 62.90 83.42
CA GLY Y 272 8.18 64.20 84.01
C GLY Y 272 9.20 64.70 85.01
N CYS Y 273 10.47 64.50 84.73
CA CYS Y 273 11.55 64.93 85.63
C CYS Y 273 12.44 65.87 84.83
N TYR Y 274 12.26 67.17 85.06
CA TYR Y 274 13.01 68.20 84.34
C TYR Y 274 14.17 68.68 85.19
N ASP Y 275 15.15 67.81 85.37
CA ASP Y 275 16.37 68.12 86.10
C ASP Y 275 17.56 67.68 85.26
N ASN Y 276 18.53 68.59 85.10
CA ASN Y 276 19.66 68.32 84.21
C ASN Y 276 20.49 67.14 84.72
N ALA Y 277 20.74 67.07 86.03
CA ALA Y 277 21.53 65.99 86.57
C ALA Y 277 20.85 64.64 86.37
N ALA Y 278 19.55 64.59 86.64
CA ALA Y 278 18.82 63.33 86.47
C ALA Y 278 18.79 62.91 85.00
N ILE Y 279 18.60 63.87 84.09
CA ILE Y 279 18.57 63.54 82.68
C ILE Y 279 19.93 63.02 82.23
N THR Y 280 21.01 63.64 82.70
CA THR Y 280 22.34 63.14 82.36
C THR Y 280 22.56 61.73 82.89
N ALA Y 281 22.10 61.46 84.11
CA ALA Y 281 22.25 60.12 84.67
C ALA Y 281 21.47 59.09 83.86
N LEU Y 282 20.27 59.45 83.41
CA LEU Y 282 19.49 58.52 82.60
C LEU Y 282 20.14 58.30 81.23
N GLY Y 283 20.77 59.34 80.69
CA GLY Y 283 21.58 59.14 79.49
C GLY Y 283 22.72 58.18 79.72
N LYS Y 284 23.35 58.28 80.90
CA LYS Y 284 24.38 57.31 81.26
C LYS Y 284 23.80 55.90 81.28
N ILE Y 285 22.58 55.75 81.80
CA ILE Y 285 21.94 54.43 81.83
C ILE Y 285 21.77 53.90 80.42
N CYS Y 286 21.30 54.74 79.49
CA CYS Y 286 21.21 54.32 78.10
C CYS Y 286 22.56 53.88 77.56
N ALA Y 287 23.58 54.71 77.73
CA ALA Y 287 24.88 54.41 77.15
C ALA Y 287 25.50 53.16 77.76
N ASP Y 288 25.09 52.81 78.99
CA ASP Y 288 25.65 51.65 79.64
C ASP Y 288 24.92 50.38 79.23
N ARG Y 289 23.59 50.37 79.34
CA ARG Y 289 22.83 49.15 79.08
C ARG Y 289 22.51 48.92 77.62
N LEU Y 290 22.86 49.86 76.73
CA LEU Y 290 22.53 49.77 75.31
C LEU Y 290 21.02 49.68 75.09
N ILE Y 291 20.32 50.71 75.54
CA ILE Y 291 18.88 50.82 75.39
C ILE Y 291 18.54 52.21 74.87
N ASP Y 292 17.26 52.52 74.83
CA ASP Y 292 16.74 53.75 74.26
C ASP Y 292 16.18 54.66 75.33
N GLY Y 293 16.31 55.97 75.12
CA GLY Y 293 15.75 56.93 76.03
C GLY Y 293 14.91 57.98 75.33
N PHE Y 294 13.82 58.40 75.96
CA PHE Y 294 12.90 59.39 75.39
C PHE Y 294 12.68 60.49 76.42
N PHE Y 295 13.58 61.47 76.47
CA PHE Y 295 13.48 62.56 77.42
C PHE Y 295 12.80 63.76 76.75
N ASP Y 296 12.47 64.75 77.58
CA ASP Y 296 11.65 65.83 77.04
C ASP Y 296 11.91 67.08 77.87
N VAL Y 297 12.09 68.21 77.18
CA VAL Y 297 12.40 69.47 77.84
C VAL Y 297 11.13 70.07 78.44
N LYS Y 298 11.27 71.10 79.27
CA LYS Y 298 10.10 71.68 79.91
C LYS Y 298 9.10 72.14 78.87
N PRO Y 299 7.88 71.62 78.88
CA PRO Y 299 6.92 71.98 77.83
C PRO Y 299 6.17 73.27 78.14
N THR Y 300 6.90 74.27 78.62
CA THR Y 300 6.35 75.61 78.82
C THR Y 300 7.34 76.67 78.34
N LEU Y 301 8.36 76.28 77.58
CA LEU Y 301 9.33 77.20 77.04
C LEU Y 301 8.94 77.60 75.63
N THR Y 302 9.19 78.87 75.29
CA THR Y 302 8.94 79.32 73.94
C THR Y 302 9.93 78.68 72.97
N TYR Y 303 9.57 78.74 71.69
CA TYR Y 303 10.42 78.14 70.66
C TYR Y 303 11.81 78.76 70.62
N ALA Y 304 11.94 80.00 71.09
CA ALA Y 304 13.26 80.63 71.13
C ALA Y 304 14.14 80.01 72.22
N GLU Y 305 13.58 79.78 73.40
CA GLU Y 305 14.36 79.22 74.51
C GLU Y 305 14.44 77.71 74.48
N ALA Y 306 13.67 77.04 73.62
CA ALA Y 306 13.74 75.58 73.57
C ALA Y 306 15.10 75.11 73.09
N LEU Y 307 15.68 75.80 72.11
CA LEU Y 307 16.96 75.35 71.54
C LEU Y 307 18.11 75.40 72.54
N PRO Y 308 18.35 76.49 73.29
CA PRO Y 308 19.43 76.42 74.29
C PRO Y 308 19.16 75.44 75.41
N ALA Y 309 17.89 75.15 75.72
CA ALA Y 309 17.60 74.21 76.78
C ALA Y 309 18.03 72.79 76.41
N VAL Y 310 17.98 72.45 75.12
CA VAL Y 310 18.44 71.13 74.69
C VAL Y 310 19.94 70.98 74.91
N GLU Y 311 20.71 72.03 74.61
CA GLU Y 311 22.13 72.00 74.92
C GLU Y 311 22.36 71.95 76.42
N ASP Y 312 21.52 72.66 77.19
CA ASP Y 312 21.64 72.65 78.64
C ASP Y 312 21.45 71.25 79.20
N THR Y 313 20.44 70.52 78.69
CA THR Y 313 20.07 69.25 79.29
C THR Y 313 21.20 68.22 79.26
N GLY Y 314 22.20 68.40 78.41
CA GLY Y 314 23.49 67.77 78.58
C GLY Y 314 23.78 66.58 77.69
N LEU Y 315 22.80 65.99 77.03
CA LEU Y 315 23.09 64.81 76.23
C LEU Y 315 23.68 65.14 74.86
N LEU Y 316 23.74 66.41 74.48
CA LEU Y 316 24.27 66.76 73.17
C LEU Y 316 25.75 66.43 73.11
N GLY Y 317 26.09 65.39 72.36
CA GLY Y 317 27.47 64.97 72.20
C GLY Y 317 27.59 63.77 71.29
N THR Y 318 28.52 62.88 71.60
CA THR Y 318 28.70 61.66 70.83
C THR Y 318 28.55 60.40 71.65
N ASP Y 319 28.50 60.50 72.98
CA ASP Y 319 28.35 59.32 73.81
C ASP Y 319 26.92 58.79 73.81
N TYR Y 320 25.93 59.69 73.82
CA TYR Y 320 24.53 59.30 73.88
C TYR Y 320 23.95 59.40 72.48
N VAL Y 321 24.00 58.28 71.74
CA VAL Y 321 23.54 58.26 70.36
C VAL Y 321 22.15 57.64 70.22
N SER Y 322 21.50 57.28 71.32
CA SER Y 322 20.20 56.62 71.25
C SER Y 322 19.12 57.36 72.03
N CYS Y 323 19.42 58.52 72.58
CA CYS Y 323 18.47 59.25 73.41
C CYS Y 323 17.85 60.40 72.63
N SER Y 324 16.53 60.42 72.56
CA SER Y 324 15.78 61.45 71.86
C SER Y 324 15.24 62.48 72.86
N VAL Y 325 15.11 63.72 72.39
CA VAL Y 325 14.63 64.82 73.20
C VAL Y 325 13.41 65.43 72.51
N TYR Y 326 12.33 65.61 73.27
CA TYR Y 326 11.08 66.11 72.71
C TYR Y 326 10.69 67.42 73.38
N HIS Y 327 9.66 68.05 72.80
CA HIS Y 327 9.17 69.35 73.27
C HIS Y 327 7.75 69.52 72.76
N TYR Y 328 6.80 69.69 73.68
CA TYR Y 328 5.38 69.74 73.35
C TYR Y 328 4.73 70.95 74.03
N PRO Y 329 4.89 72.14 73.46
CA PRO Y 329 4.31 73.35 74.07
C PRO Y 329 2.84 73.52 73.69
N PHE Y 330 1.98 72.71 74.27
CA PHE Y 330 0.55 72.77 74.01
C PHE Y 330 -0.20 72.48 75.30
N SER Y 331 -1.44 72.96 75.37
CA SER Y 331 -2.30 72.71 76.51
C SER Y 331 -3.29 71.59 76.18
N CYS Y 332 -3.92 71.07 77.22
CA CYS Y 332 -4.83 69.95 77.06
C CYS Y 332 -5.80 69.92 78.22
N LYS Y 333 -6.89 69.18 78.04
CA LYS Y 333 -7.90 68.99 79.07
C LYS Y 333 -7.69 67.64 79.73
N ASP Y 334 -7.51 67.64 81.04
CA ASP Y 334 -7.14 66.42 81.75
C ASP Y 334 -8.28 65.41 81.72
N LYS Y 335 -7.90 64.12 81.77
CA LYS Y 335 -8.88 63.05 81.70
C LYS Y 335 -9.65 62.89 82.99
N TRP Y 336 -8.99 63.08 84.14
CA TRP Y 336 -9.61 62.78 85.43
C TRP Y 336 -10.23 64.02 86.07
N THR Y 337 -9.44 65.06 86.31
CA THR Y 337 -9.91 66.20 87.06
C THR Y 337 -10.65 67.22 86.21
N GLN Y 338 -10.60 67.11 84.88
CA GLN Y 338 -11.28 68.03 83.97
C GLN Y 338 -10.81 69.47 84.19
N SER Y 339 -9.53 69.70 83.92
CA SER Y 339 -8.93 71.02 84.07
C SER Y 339 -7.93 71.25 82.95
N ARG Y 340 -7.31 72.43 82.96
CA ARG Y 340 -6.34 72.82 81.95
C ARG Y 340 -4.94 72.51 82.49
N VAL Y 341 -4.29 71.49 81.91
CA VAL Y 341 -2.98 71.06 82.34
C VAL Y 341 -2.06 70.94 81.13
N VAL Y 342 -0.76 70.95 81.40
CA VAL Y 342 0.26 70.75 80.38
C VAL Y 342 1.26 69.74 80.89
N PHE Y 343 1.63 68.78 80.05
CA PHE Y 343 2.68 67.83 80.38
C PHE Y 343 3.37 67.41 79.09
N GLY Y 344 4.31 66.48 79.21
CA GLY Y 344 5.26 66.21 78.17
C GLY Y 344 4.81 65.16 77.17
N LEU Y 345 5.80 64.62 76.45
CA LEU Y 345 5.55 63.71 75.33
C LEU Y 345 6.31 62.41 75.43
N SER Y 346 6.99 62.14 76.55
CA SER Y 346 7.76 60.90 76.66
C SER Y 346 6.87 59.68 76.59
N GLY Y 347 5.72 59.72 77.25
CA GLY Y 347 4.81 58.58 77.21
C GLY Y 347 4.33 58.28 75.80
N VAL Y 348 3.94 59.31 75.05
CA VAL Y 348 3.46 59.09 73.69
C VAL Y 348 4.58 58.62 72.78
N ALA Y 349 5.80 59.15 72.98
CA ALA Y 349 6.93 58.69 72.20
C ALA Y 349 7.18 57.20 72.43
N TYR Y 350 7.14 56.76 73.68
CA TYR Y 350 7.34 55.35 73.94
C TYR Y 350 6.18 54.52 73.41
N ALA Y 351 4.96 55.04 73.46
CA ALA Y 351 3.84 54.31 72.88
C ALA Y 351 4.03 54.11 71.39
N ALA Y 352 4.54 55.13 70.69
CA ALA Y 352 4.86 54.98 69.28
C ALA Y 352 5.93 53.93 69.07
N LYS Y 353 6.97 53.95 69.89
CA LYS Y 353 8.04 52.96 69.74
C LYS Y 353 7.53 51.55 69.96
N ALA Y 354 6.64 51.36 70.95
CA ALA Y 354 6.10 50.04 71.21
C ALA Y 354 5.18 49.58 70.09
N ARG Y 355 4.35 50.48 69.56
CA ARG Y 355 3.54 50.13 68.41
C ARG Y 355 4.41 49.69 67.24
N GLY Y 356 5.55 50.37 67.05
CA GLY Y 356 6.47 49.96 66.01
C GLY Y 356 7.10 48.60 66.28
N VAL Y 357 7.48 48.34 67.52
CA VAL Y 357 8.19 47.11 67.84
C VAL Y 357 7.26 45.91 67.87
N LYS Y 358 5.94 46.13 67.96
CA LYS Y 358 5.00 45.02 67.97
C LYS Y 358 4.53 44.61 66.59
N LYS Y 359 5.05 45.22 65.52
CA LYS Y 359 4.61 44.87 64.17
C LYS Y 359 5.08 43.48 63.77
N ASN Y 360 6.40 43.28 63.74
CA ASN Y 360 6.95 41.97 63.45
C ASN Y 360 6.85 41.08 64.69
N SER Y 361 6.60 39.80 64.46
CA SER Y 361 6.40 38.85 65.56
C SER Y 361 7.60 37.96 65.81
N ASP Y 362 8.38 37.64 64.79
CA ASP Y 362 9.52 36.73 64.96
C ASP Y 362 10.62 37.42 65.76
N VAL Y 363 11.18 38.50 65.22
CA VAL Y 363 12.24 39.24 65.89
C VAL Y 363 11.78 40.61 66.37
N GLY Y 364 10.58 41.03 66.00
CA GLY Y 364 10.10 42.34 66.40
C GLY Y 364 10.65 43.43 65.51
N GLY Y 365 9.81 44.37 65.10
CA GLY Y 365 10.26 45.40 64.20
C GLY Y 365 10.91 46.56 64.92
N TRP Y 366 12.23 46.57 64.97
CA TRP Y 366 12.97 47.67 65.55
C TRP Y 366 13.33 48.75 64.55
N HIS Y 367 13.07 48.51 63.27
CA HIS Y 367 13.45 49.45 62.22
C HIS Y 367 12.36 50.48 61.91
N TYR Y 368 11.25 50.45 62.62
CA TYR Y 368 10.18 51.42 62.41
C TYR Y 368 10.46 52.66 63.24
N SER Y 369 10.50 53.82 62.59
CA SER Y 369 10.75 55.06 63.31
C SER Y 369 9.54 55.40 64.19
N PRO Y 370 9.77 56.02 65.34
CA PRO Y 370 8.67 56.42 66.23
C PRO Y 370 7.99 57.72 65.82
N ALA Y 371 7.59 57.80 64.56
CA ALA Y 371 6.92 58.98 64.04
C ALA Y 371 6.11 58.58 62.82
N GLY Y 372 5.18 59.45 62.45
CA GLY Y 372 4.34 59.22 61.29
C GLY Y 372 2.89 59.49 61.62
N GLU Y 373 2.01 59.05 60.72
CA GLU Y 373 0.59 59.26 60.89
C GLU Y 373 -0.16 57.99 61.28
N GLU Y 374 0.50 56.84 61.23
CA GLU Y 374 -0.14 55.58 61.59
C GLU Y 374 0.43 54.97 62.86
N ARG Y 375 1.45 55.58 63.46
CA ARG Y 375 2.07 54.99 64.65
C ARG Y 375 2.36 55.99 65.75
N ALA Y 376 2.09 57.28 65.59
CA ALA Y 376 2.50 58.26 66.60
C ALA Y 376 1.42 59.31 66.83
N VAL Y 377 0.16 58.96 66.63
CA VAL Y 377 -0.90 59.93 66.86
C VAL Y 377 -0.97 60.26 68.35
N ILE Y 378 -1.33 61.51 68.64
CA ILE Y 378 -1.42 62.00 70.01
C ILE Y 378 -2.90 62.13 70.36
N ALA Y 379 -3.33 61.43 71.40
CA ALA Y 379 -4.72 61.43 71.83
C ALA Y 379 -4.84 62.30 73.08
N ARG Y 380 -5.45 63.48 72.92
CA ARG Y 380 -5.71 64.38 74.02
C ARG Y 380 -7.13 64.91 73.87
N ALA Y 381 -7.47 65.92 74.66
CA ALA Y 381 -8.80 66.50 74.63
C ALA Y 381 -8.68 68.01 74.55
N SER Y 382 -9.23 68.59 73.48
CA SER Y 382 -9.29 70.04 73.31
C SER Y 382 -7.90 70.68 73.35
N ILE Y 383 -7.04 70.22 72.46
CA ILE Y 383 -5.69 70.76 72.38
C ILE Y 383 -5.75 72.22 71.98
N GLN Y 384 -5.23 73.10 72.82
CA GLN Y 384 -5.24 74.54 72.56
C GLN Y 384 -3.81 75.05 72.66
N PRO Y 385 -3.23 75.55 71.57
CA PRO Y 385 -1.81 75.91 71.59
C PRO Y 385 -1.50 76.98 72.64
N LEU Y 386 -0.33 76.85 73.26
CA LEU Y 386 0.06 77.77 74.31
C LEU Y 386 0.46 79.13 73.74
N TYR Y 387 1.19 79.12 72.62
CA TYR Y 387 1.70 80.35 72.01
C TYR Y 387 1.27 80.36 70.55
N PRO Y 388 0.00 80.68 70.27
CA PRO Y 388 -0.45 80.71 68.88
C PRO Y 388 0.24 81.75 68.02
N GLU Y 389 0.81 82.80 68.63
CA GLU Y 389 1.43 83.86 67.84
C GLU Y 389 2.83 83.51 67.36
N ASP Y 390 3.42 82.44 67.86
CA ASP Y 390 4.78 82.08 67.50
C ASP Y 390 4.78 81.08 66.35
N THR Y 391 5.98 80.72 65.89
CA THR Y 391 6.13 79.82 64.76
C THR Y 391 7.39 78.98 64.98
N PRO Y 392 7.39 77.73 64.51
CA PRO Y 392 8.59 76.89 64.66
C PRO Y 392 9.73 77.38 63.78
N ASP Y 393 10.89 76.78 64.01
CA ASP Y 393 12.17 77.18 63.41
C ASP Y 393 12.81 75.98 62.72
N GLU Y 394 12.04 75.29 61.86
CA GLU Y 394 12.38 73.96 61.35
C GLU Y 394 13.86 73.72 61.14
N GLU Y 395 14.54 74.63 60.44
CA GLU Y 395 15.97 74.43 60.17
C GLU Y 395 16.78 74.47 61.46
N ALA Y 396 16.50 75.44 62.33
CA ALA Y 396 17.21 75.52 63.60
C ALA Y 396 16.92 74.30 64.46
N MET Y 397 15.67 73.83 64.46
CA MET Y 397 15.33 72.65 65.24
C MET Y 397 16.07 71.43 64.75
N VAL Y 398 16.13 71.23 63.42
CA VAL Y 398 16.83 70.07 62.89
C VAL Y 398 18.32 70.15 63.19
N LYS Y 399 18.89 71.35 63.11
CA LYS Y 399 20.31 71.48 63.44
C LYS Y 399 20.57 71.25 64.94
N GLY Y 400 19.62 71.63 65.79
CA GLY Y 400 19.75 71.46 67.22
C GLY Y 400 19.21 70.15 67.76
N ARG Y 401 18.77 69.24 66.90
CA ARG Y 401 18.32 67.91 67.31
C ARG Y 401 17.17 67.98 68.30
N LEU Y 402 16.04 68.51 67.81
CA LEU Y 402 14.83 68.66 68.61
C LEU Y 402 13.65 68.22 67.77
N ASN Y 403 13.03 67.11 68.13
CA ASN Y 403 11.87 66.62 67.40
C ASN Y 403 10.68 67.56 67.62
N LYS Y 404 9.91 67.78 66.57
CA LYS Y 404 8.83 68.75 66.58
C LYS Y 404 7.50 68.07 66.26
N VAL Y 405 6.43 68.60 66.85
CA VAL Y 405 5.09 68.12 66.56
C VAL Y 405 4.53 68.89 65.38
N SER Y 406 3.46 68.35 64.80
CA SER Y 406 2.81 68.98 63.65
C SER Y 406 1.37 68.53 63.62
N VAL Y 407 0.66 68.91 62.56
CA VAL Y 407 -0.71 68.48 62.33
C VAL Y 407 -0.74 67.70 61.02
N GLY Y 408 -0.94 66.40 61.13
CA GLY Y 408 -1.00 65.54 59.97
C GLY Y 408 -2.37 65.57 59.33
N THR Y 409 -2.63 64.56 58.50
CA THR Y 409 -3.94 64.44 57.88
C THR Y 409 -5.00 64.12 58.92
N SER Y 410 -6.24 64.48 58.60
CA SER Y 410 -7.42 64.25 59.43
C SER Y 410 -7.45 65.18 60.64
N GLY Y 411 -6.40 65.96 60.84
CA GLY Y 411 -6.38 66.97 61.88
C GLY Y 411 -5.92 66.52 63.25
N GLN Y 412 -5.34 65.34 63.38
CA GLN Y 412 -4.81 64.88 64.66
C GLN Y 412 -3.32 65.18 64.74
N MET Y 413 -2.91 65.75 65.87
CA MET Y 413 -1.50 66.06 66.07
C MET Y 413 -0.66 64.79 66.04
N ILE Y 414 0.52 64.87 65.44
CA ILE Y 414 1.43 63.74 65.34
C ILE Y 414 2.84 64.20 65.66
N ILE Y 415 3.72 63.24 65.86
CA ILE Y 415 5.16 63.49 65.96
C ILE Y 415 5.75 63.32 64.57
N ASP Y 416 6.55 64.29 64.13
CA ASP Y 416 7.03 64.31 62.77
C ASP Y 416 8.55 64.43 62.69
N ASP Y 417 9.25 63.72 63.55
CA ASP Y 417 10.71 63.63 63.45
C ASP Y 417 11.20 62.42 64.23
N ALA Y 418 12.38 61.95 63.86
CA ALA Y 418 13.00 60.79 64.48
C ALA Y 418 14.49 61.05 64.68
N LEU Y 419 14.83 62.24 65.18
CA LEU Y 419 16.21 62.64 65.33
C LEU Y 419 16.68 62.42 66.76
N THR Y 420 17.87 61.86 66.91
CA THR Y 420 18.46 61.59 68.21
C THR Y 420 19.33 62.77 68.65
N CYS Y 421 20.12 62.57 69.68
CA CYS Y 421 20.99 63.61 70.21
C CYS Y 421 22.39 63.59 69.64
N CYS Y 422 22.67 62.70 68.69
CA CYS Y 422 23.99 62.67 68.07
C CYS Y 422 24.19 63.94 67.23
N THR Y 423 25.36 64.55 67.36
CA THR Y 423 25.65 65.76 66.61
C THR Y 423 26.31 65.47 65.26
N GLN Y 424 27.03 64.36 65.15
CA GLN Y 424 27.67 64.03 63.88
C GLN Y 424 26.63 63.77 62.81
N ASP Y 425 26.92 64.22 61.59
CA ASP Y 425 25.99 64.09 60.47
C ASP Y 425 26.32 62.81 59.70
N ASN Y 426 25.81 61.70 60.22
CA ASN Y 426 25.97 60.41 59.57
C ASN Y 426 24.68 59.62 59.80
N TYR Y 427 24.72 58.32 59.54
CA TYR Y 427 23.54 57.48 59.72
C TYR Y 427 23.11 57.37 61.17
N LEU Y 428 23.94 57.79 62.12
CA LEU Y 428 23.65 57.53 63.52
C LEU Y 428 22.66 58.52 64.13
N HIS Y 429 22.39 59.65 63.48
CA HIS Y 429 21.48 60.61 64.12
C HIS Y 429 20.02 60.30 63.86
N PHE Y 430 19.71 59.38 62.95
CA PHE Y 430 18.34 58.91 62.84
C PHE Y 430 18.01 58.00 64.02
N GLN Y 431 16.72 57.78 64.25
CA GLN Y 431 16.32 57.07 65.46
C GLN Y 431 16.37 55.56 65.30
N HIS Y 432 15.97 55.02 64.15
CA HIS Y 432 15.81 53.58 64.05
C HIS Y 432 17.15 52.86 63.98
N VAL Y 433 18.18 53.49 63.41
CA VAL Y 433 19.46 52.80 63.26
C VAL Y 433 20.09 52.43 64.60
N PRO Y 434 20.24 53.34 65.57
CA PRO Y 434 20.81 52.92 66.85
C PRO Y 434 19.99 51.85 67.55
N SER Y 435 18.66 51.90 67.44
CA SER Y 435 17.84 50.89 68.10
C SER Y 435 18.09 49.51 67.52
N LEU Y 436 18.14 49.42 66.19
CA LEU Y 436 18.40 48.13 65.55
C LEU Y 436 19.79 47.62 65.89
N MET Y 437 20.79 48.49 65.83
CA MET Y 437 22.15 48.06 66.16
C MET Y 437 22.25 47.62 67.60
N ASN Y 438 21.56 48.30 68.51
CA ASN Y 438 21.59 47.92 69.91
C ASN Y 438 20.89 46.59 70.15
N ALA Y 439 19.80 46.32 69.42
CA ALA Y 439 19.18 45.01 69.54
C ALA Y 439 20.14 43.91 69.12
N ILE Y 440 20.84 44.11 67.99
CA ILE Y 440 21.79 43.11 67.55
C ILE Y 440 22.91 42.94 68.58
N SER Y 441 23.39 44.05 69.13
CA SER Y 441 24.47 43.97 70.12
C SER Y 441 24.05 43.24 71.38
N ARG Y 442 22.83 43.49 71.86
CA ARG Y 442 22.35 42.77 73.04
C ARG Y 442 22.26 41.28 72.78
N PHE Y 443 21.74 40.89 71.61
CA PHE Y 443 21.73 39.46 71.29
C PHE Y 443 23.13 38.89 71.25
N PHE Y 444 24.09 39.63 70.69
CA PHE Y 444 25.46 39.13 70.66
C PHE Y 444 26.02 38.95 72.05
N VAL Y 445 25.75 39.90 72.94
CA VAL Y 445 26.27 39.77 74.30
C VAL Y 445 25.70 38.51 74.95
N GLN Y 446 24.41 38.26 74.77
CA GLN Y 446 23.83 37.04 75.32
C GLN Y 446 24.52 35.80 74.76
N LEU Y 447 24.69 35.74 73.44
CA LEU Y 447 25.27 34.56 72.82
C LEU Y 447 26.71 34.32 73.28
N ALA Y 448 27.51 35.38 73.31
CA ALA Y 448 28.91 35.23 73.71
C ALA Y 448 29.04 34.87 75.19
N ARG Y 449 28.18 35.45 76.03
CA ARG Y 449 28.20 35.08 77.44
C ARG Y 449 27.88 33.62 77.61
N GLN Y 450 26.93 33.09 76.82
CA GLN Y 450 26.63 31.68 76.89
C GLN Y 450 27.78 30.82 76.36
N MET Y 451 28.49 31.30 75.35
CA MET Y 451 29.48 30.49 74.65
C MET Y 451 30.91 30.71 75.14
N LYS Y 452 31.09 31.49 76.20
CA LYS Y 452 32.43 31.74 76.72
C LYS Y 452 33.04 30.45 77.29
N HIS Y 453 34.37 30.40 77.29
CA HIS Y 453 35.18 29.35 77.92
C HIS Y 453 35.08 28.01 77.22
N SER Y 454 34.85 27.99 75.93
CA SER Y 454 34.81 26.75 75.17
C SER Y 454 36.02 26.65 74.26
N PRO Y 455 36.41 25.44 73.87
CA PRO Y 455 37.52 25.30 72.93
C PRO Y 455 37.18 25.90 71.58
N ASP Y 456 38.23 26.23 70.82
CA ASP Y 456 38.04 27.00 69.59
C ASP Y 456 37.22 26.22 68.56
N GLY Y 457 37.37 24.91 68.53
CA GLY Y 457 36.63 24.12 67.54
C GLY Y 457 35.14 24.27 67.68
N ILE Y 458 34.64 24.19 68.91
CA ILE Y 458 33.22 24.43 69.15
C ILE Y 458 32.89 25.92 68.99
N THR Y 459 33.78 26.79 69.47
CA THR Y 459 33.47 28.21 69.58
C THR Y 459 33.26 28.83 68.21
N ALA Y 460 34.17 28.57 67.26
CA ALA Y 460 34.06 29.19 65.95
C ALA Y 460 32.77 28.80 65.26
N ALA Y 461 32.47 27.50 65.22
CA ALA Y 461 31.26 27.03 64.56
C ALA Y 461 30.02 27.58 65.24
N GLY Y 462 30.00 27.59 66.59
CA GLY Y 462 28.82 28.07 67.28
C GLY Y 462 28.58 29.54 67.04
N LEU Y 463 29.63 30.36 67.14
CA LEU Y 463 29.47 31.80 66.90
C LEU Y 463 29.00 32.06 65.49
N THR Y 464 29.62 31.40 64.50
CA THR Y 464 29.24 31.63 63.12
C THR Y 464 27.78 31.23 62.88
N LYS Y 465 27.38 30.07 63.40
CA LYS Y 465 26.02 29.61 63.18
C LYS Y 465 25.01 30.55 63.83
N GLY Y 466 25.25 30.93 65.08
CA GLY Y 466 24.30 31.79 65.76
C GLY Y 466 24.16 33.15 65.10
N MET Y 467 25.29 33.78 64.76
CA MET Y 467 25.22 35.09 64.13
C MET Y 467 24.60 35.02 62.74
N THR Y 468 24.96 34.00 61.96
CA THR Y 468 24.37 33.87 60.63
C THR Y 468 22.85 33.69 60.73
N LYS Y 469 22.39 32.87 61.67
CA LYS Y 469 20.95 32.69 61.82
C LYS Y 469 20.26 33.98 62.23
N LEU Y 470 20.84 34.71 63.18
CA LEU Y 470 20.19 35.94 63.64
C LEU Y 470 20.13 36.98 62.53
N LEU Y 471 21.23 37.18 61.81
CA LEU Y 471 21.22 38.19 60.75
C LEU Y 471 20.33 37.77 59.60
N ASP Y 472 20.24 36.48 59.30
CA ASP Y 472 19.28 36.03 58.29
C ASP Y 472 17.85 36.31 58.72
N ARG Y 473 17.56 36.11 60.01
CA ARG Y 473 16.23 36.44 60.51
C ARG Y 473 15.93 37.93 60.33
N PHE Y 474 16.91 38.78 60.63
CA PHE Y 474 16.69 40.22 60.46
C PHE Y 474 16.49 40.58 58.99
N VAL Y 475 17.29 40.01 58.09
CA VAL Y 475 17.14 40.33 56.67
C VAL Y 475 15.78 39.89 56.17
N ALA Y 476 15.34 38.69 56.56
CA ALA Y 476 14.01 38.23 56.17
C ALA Y 476 12.93 39.14 56.75
N SER Y 477 13.15 39.65 57.95
CA SER Y 477 12.21 40.62 58.53
C SER Y 477 12.13 41.88 57.66
N GLY Y 478 13.27 42.34 57.16
CA GLY Y 478 13.31 43.49 56.29
C GLY Y 478 14.02 44.70 56.84
N ALA Y 479 14.80 44.56 57.91
CA ALA Y 479 15.52 45.69 58.49
C ALA Y 479 16.86 45.95 57.83
N LEU Y 480 17.34 45.05 56.98
CA LEU Y 480 18.58 45.25 56.25
C LEU Y 480 18.32 45.04 54.76
N VAL Y 481 18.89 45.91 53.94
CA VAL Y 481 18.71 45.87 52.50
C VAL Y 481 20.09 45.87 51.83
N ALA Y 482 20.09 45.67 50.53
CA ALA Y 482 21.33 45.64 49.77
C ALA Y 482 22.03 46.99 49.85
N PRO Y 483 23.35 47.01 49.76
CA PRO Y 483 24.07 48.28 49.90
C PRO Y 483 23.71 49.27 48.81
N ARG Y 484 23.86 50.55 49.12
CA ARG Y 484 23.47 51.60 48.18
C ARG Y 484 24.29 51.53 46.89
N ASP Y 485 25.60 51.30 47.02
CA ASP Y 485 26.47 51.23 45.85
C ASP Y 485 27.03 49.82 45.71
N PRO Y 486 26.42 48.97 44.89
CA PRO Y 486 26.86 47.57 44.76
C PRO Y 486 28.05 47.40 43.81
N ASP Y 487 29.05 48.26 43.97
CA ASP Y 487 30.26 48.19 43.18
C ASP Y 487 31.51 47.99 44.02
N ALA Y 488 31.60 48.68 45.17
CA ALA Y 488 32.75 48.56 46.04
C ALA Y 488 32.49 47.62 47.22
N ASP Y 489 31.45 47.90 48.00
CA ASP Y 489 31.15 47.11 49.19
C ASP Y 489 30.17 45.98 48.90
N GLY Y 490 30.49 45.16 47.91
CA GLY Y 490 29.74 43.95 47.58
C GLY Y 490 28.26 44.20 47.33
N THR Y 491 27.49 43.13 47.47
CA THR Y 491 26.05 43.20 47.29
C THR Y 491 25.29 42.38 48.33
N GLU Y 492 25.90 42.12 49.48
CA GLU Y 492 25.16 41.39 50.50
C GLU Y 492 24.74 42.32 51.63
N PRO Y 493 23.55 42.12 52.21
CA PRO Y 493 23.11 43.02 53.27
C PRO Y 493 24.04 43.08 54.47
N TYR Y 494 24.63 41.94 54.83
CA TYR Y 494 25.51 41.85 55.98
C TYR Y 494 26.76 41.04 55.63
N VAL Y 495 27.88 41.42 56.24
CA VAL Y 495 29.15 40.73 56.09
C VAL Y 495 29.63 40.35 57.49
N LEU Y 496 29.94 39.07 57.67
CA LEU Y 496 30.34 38.53 58.97
C LEU Y 496 31.77 38.04 58.91
N LYS Y 497 32.51 38.24 59.99
CA LYS Y 497 33.89 37.78 60.06
C LYS Y 497 34.22 37.43 61.50
N VAL Y 498 34.41 36.14 61.77
CA VAL Y 498 34.81 35.65 63.08
C VAL Y 498 36.26 35.19 62.98
N THR Y 499 37.12 35.73 63.83
CA THR Y 499 38.54 35.47 63.71
C THR Y 499 39.16 35.28 65.10
N GLN Y 500 40.38 34.77 65.10
CA GLN Y 500 41.17 34.60 66.30
C GLN Y 500 42.35 35.55 66.24
N ALA Y 501 42.52 36.36 67.28
CA ALA Y 501 43.60 37.35 67.31
C ALA Y 501 44.83 36.86 68.07
N GLU Y 502 44.63 36.14 69.17
CA GLU Y 502 45.71 35.45 69.88
C GLU Y 502 45.11 34.15 70.43
N PHE Y 503 45.77 33.59 71.43
CA PHE Y 503 45.28 32.36 72.04
C PHE Y 503 43.82 32.47 72.42
N ASP Y 504 43.42 33.58 73.05
CA ASP Y 504 42.00 33.78 73.38
C ASP Y 504 41.67 35.26 73.18
N LYS Y 505 41.28 35.61 71.96
CA LYS Y 505 40.78 36.94 71.68
C LYS Y 505 39.70 36.90 70.59
N TRP Y 506 38.87 35.86 70.60
CA TRP Y 506 37.90 35.65 69.54
C TRP Y 506 37.15 36.94 69.22
N GLU Y 507 37.34 37.44 68.00
CA GLU Y 507 36.84 38.75 67.59
C GLU Y 507 35.81 38.56 66.49
N VAL Y 508 34.64 39.16 66.68
CA VAL Y 508 33.53 39.06 65.74
C VAL Y 508 33.27 40.46 65.19
N VAL Y 509 33.29 40.59 63.87
CA VAL Y 509 33.02 41.85 63.20
C VAL Y 509 31.89 41.63 62.21
N TRP Y 510 30.78 42.33 62.40
CA TRP Y 510 29.65 42.24 61.50
C TRP Y 510 29.31 43.64 60.99
N ALA Y 511 29.13 43.75 59.68
CA ALA Y 511 28.78 45.01 59.03
C ALA Y 511 27.43 44.83 58.35
N CYS Y 512 26.49 45.72 58.66
CA CYS Y 512 25.13 45.62 58.14
C CYS Y 512 24.75 46.90 57.40
N CYS Y 513 23.88 46.76 56.41
CA CYS Y 513 23.35 47.95 55.74
C CYS Y 513 21.92 48.20 56.20
N PRO Y 514 21.67 49.22 57.02
CA PRO Y 514 20.32 49.43 57.54
C PRO Y 514 19.38 50.01 56.49
N THR Y 515 18.08 49.90 56.78
CA THR Y 515 17.07 50.41 55.88
C THR Y 515 17.10 51.93 55.83
N GLY Y 516 16.47 52.47 54.79
CA GLY Y 516 16.38 53.90 54.62
C GLY Y 516 14.99 54.40 54.94
N VAL Y 517 14.90 55.25 55.96
CA VAL Y 517 13.64 55.90 56.26
C VAL Y 517 13.26 56.84 55.12
N ALA Y 518 11.97 57.17 55.04
CA ALA Y 518 11.45 58.06 54.01
C ALA Y 518 10.97 59.34 54.70
N ARG Y 519 11.88 60.28 54.88
CA ARG Y 519 11.58 61.53 55.57
C ARG Y 519 11.23 62.66 54.62
N ARG Y 520 11.97 62.79 53.52
CA ARG Y 520 11.72 63.84 52.54
C ARG Y 520 11.33 63.19 51.22
N ILE Y 521 10.18 63.56 50.69
CA ILE Y 521 9.68 63.05 49.42
C ILE Y 521 9.47 64.22 48.49
N GLN Y 522 10.05 64.14 47.29
CA GLN Y 522 9.98 65.21 46.31
C GLN Y 522 9.47 64.67 44.98
N GLY Y 523 8.54 65.40 44.38
CA GLY Y 523 7.98 65.04 43.08
C GLY Y 523 8.34 66.09 42.05
N VAL Y 524 8.75 65.62 40.88
CA VAL Y 524 9.17 66.49 39.77
C VAL Y 524 8.34 66.13 38.55
N PRO Y 525 7.24 66.84 38.31
CA PRO Y 525 6.44 66.57 37.11
C PRO Y 525 7.18 66.99 35.85
N LEU Y 526 6.86 66.33 34.75
CA LEU Y 526 7.49 66.60 33.47
C LEU Y 526 6.44 66.58 32.37
N LEU Y 527 6.79 67.17 31.23
CA LEU Y 527 5.96 67.13 30.05
C LEU Y 527 6.77 66.57 28.89
N ILE Y 528 6.14 65.72 28.08
CA ILE Y 528 6.80 65.04 26.97
C ILE Y 528 6.32 65.65 25.67
N LYS Y 529 7.26 66.05 24.83
CA LYS Y 529 6.94 66.61 23.52
C LYS Y 529 6.31 65.55 22.64
N SER Z 2 -0.66 78.05 55.53
CA SER Z 2 -1.58 77.25 56.32
C SER Z 2 -1.56 75.80 55.88
N GLN Z 3 -2.66 75.10 56.11
CA GLN Z 3 -2.80 73.74 55.62
C GLN Z 3 -3.15 73.75 54.14
N TYR Z 4 -3.07 72.57 53.52
CA TYR Z 4 -3.31 72.35 52.10
C TYR Z 4 -2.31 73.09 51.20
N SER Z 5 -1.41 73.86 51.78
CA SER Z 5 -0.39 74.55 51.00
C SER Z 5 0.67 73.56 50.54
N ILE Z 6 1.30 73.87 49.41
CA ILE Z 6 2.33 73.01 48.83
C ILE Z 6 3.60 73.83 48.69
N GLN Z 7 4.69 73.32 49.25
CA GLN Z 7 5.98 73.98 49.11
C GLN Z 7 6.70 73.46 47.87
N GLN Z 8 7.87 74.03 47.60
CA GLN Z 8 8.64 73.68 46.42
C GLN Z 8 10.11 73.40 46.69
N SER Z 9 10.67 73.82 47.82
CA SER Z 9 12.10 73.68 48.06
C SER Z 9 12.41 72.37 48.81
N LEU Z 10 11.89 72.22 50.02
CA LEU Z 10 12.11 71.03 50.85
C LEU Z 10 13.61 70.82 51.08
N GLY Z 11 14.17 71.73 51.87
CA GLY Z 11 15.59 71.67 52.19
C GLY Z 11 15.88 71.26 53.62
N ASN Z 12 16.39 70.04 53.80
CA ASN Z 12 16.89 69.57 55.10
C ASN Z 12 15.83 69.62 56.19
N ALA Z 13 14.60 69.28 55.83
CA ALA Z 13 13.51 69.23 56.81
C ALA Z 13 12.46 68.27 56.31
N SER Z 14 11.79 67.58 57.23
CA SER Z 14 10.76 66.63 56.86
C SER Z 14 9.61 67.35 56.18
N GLY Z 15 9.06 66.72 55.14
CA GLY Z 15 7.94 67.30 54.43
C GLY Z 15 7.81 66.69 53.05
N VAL Z 16 6.91 67.26 52.28
CA VAL Z 16 6.67 66.85 50.89
C VAL Z 16 6.52 68.10 50.04
N ALA Z 17 7.06 68.06 48.83
CA ALA Z 17 7.03 69.21 47.95
C ALA Z 17 7.05 68.74 46.51
N VAL Z 18 6.39 69.51 45.63
CA VAL Z 18 6.37 69.25 44.21
C VAL Z 18 7.00 70.42 43.47
N SER Z 19 7.92 70.11 42.58
CA SER Z 19 8.60 71.15 41.83
C SER Z 19 7.66 71.73 40.77
N PRO Z 20 7.85 73.00 40.40
CA PRO Z 20 7.02 73.58 39.35
C PRO Z 20 7.23 72.86 38.03
N ILE Z 21 6.18 72.85 37.21
CA ILE Z 21 6.19 72.06 35.98
C ILE Z 21 7.33 72.52 35.09
N ASN Z 22 8.03 71.55 34.50
CA ASN Z 22 9.23 71.89 33.72
C ASN Z 22 8.86 72.48 32.37
N ALA Z 23 8.24 71.67 31.51
CA ALA Z 23 7.70 72.13 30.22
C ALA Z 23 8.74 72.89 29.41
N ASP Z 24 9.96 72.36 29.34
CA ASP Z 24 11.01 72.96 28.56
C ASP Z 24 11.39 72.17 27.32
N ALA Z 25 11.05 70.89 27.27
CA ALA Z 25 11.29 70.07 26.09
C ALA Z 25 10.17 70.17 25.07
N THR Z 26 9.15 70.99 25.35
CA THR Z 26 8.00 71.13 24.46
C THR Z 26 7.83 72.57 24.00
N LEU Z 27 8.94 73.29 23.83
CA LEU Z 27 8.87 74.68 23.45
C LEU Z 27 8.64 74.82 21.95
N SER Z 28 7.48 75.37 21.59
CA SER Z 28 7.14 75.66 20.21
C SER Z 28 7.39 77.13 19.92
N THR Z 29 7.00 77.57 18.72
CA THR Z 29 7.12 78.97 18.34
C THR Z 29 5.93 79.34 17.46
N GLY Z 30 5.19 80.36 17.87
CA GLY Z 30 4.06 80.83 17.09
C GLY Z 30 4.36 82.10 16.32
N VAL Z 31 4.58 81.97 15.02
CA VAL Z 31 4.89 83.13 14.19
C VAL Z 31 3.82 83.29 13.12
N ALA Z 32 3.16 82.20 12.75
CA ALA Z 32 2.11 82.21 11.73
C ALA Z 32 2.66 82.78 10.41
N LEU Z 33 3.57 82.00 9.82
CA LEU Z 33 4.26 82.45 8.62
C LEU Z 33 3.31 82.69 7.46
N ASN Z 34 2.20 81.97 7.41
CA ASN Z 34 1.26 82.11 6.29
C ASN Z 34 0.34 83.30 6.46
N SER Z 35 0.90 84.47 6.76
CA SER Z 35 0.10 85.68 6.92
C SER Z 35 0.87 86.84 6.32
N SER Z 36 0.19 87.66 5.52
CA SER Z 36 0.81 88.77 4.82
C SER Z 36 -0.06 90.01 4.95
N LEU Z 37 0.56 91.14 5.28
CA LEU Z 37 -0.11 92.43 5.34
C LEU Z 37 0.73 93.45 4.59
N TRP Z 38 0.07 94.45 4.03
CA TRP Z 38 0.71 95.45 3.20
C TRP Z 38 0.65 96.82 3.87
N ALA Z 39 1.75 97.55 3.83
CA ALA Z 39 1.85 98.86 4.43
C ALA Z 39 2.26 99.89 3.38
N GLY Z 40 1.60 101.04 3.41
CA GLY Z 40 1.90 102.05 2.41
C GLY Z 40 1.52 103.44 2.87
N ILE Z 41 2.12 104.43 2.20
CA ILE Z 41 1.79 105.82 2.43
C ILE Z 41 0.97 106.31 1.25
N GLY Z 42 0.27 107.42 1.45
CA GLY Z 42 -0.56 107.94 0.38
C GLY Z 42 -1.17 109.26 0.75
N VAL Z 43 -1.97 109.78 -0.18
CA VAL Z 43 -2.70 111.03 -0.01
C VAL Z 43 -4.17 110.73 -0.23
N PHE Z 44 -4.99 111.05 0.76
CA PHE Z 44 -6.41 110.69 0.70
C PHE Z 44 -7.29 111.88 1.05
N ALA Z 45 -8.58 111.64 1.22
CA ALA Z 45 -9.53 112.70 1.55
C ALA Z 45 -9.85 112.77 3.04
N ARG Z 46 -9.97 111.63 3.72
CA ARG Z 46 -10.31 111.57 5.13
C ARG Z 46 -9.37 110.62 5.85
N GLY Z 47 -8.97 111.00 7.06
CA GLY Z 47 -8.08 110.20 7.87
C GLY Z 47 -7.21 111.08 8.73
N LYS Z 48 -6.68 110.49 9.80
CA LYS Z 48 -5.82 111.23 10.72
C LYS Z 48 -4.41 111.33 10.14
N PRO Z 49 -3.90 112.52 9.92
CA PRO Z 49 -2.58 112.65 9.27
C PRO Z 49 -1.46 112.18 10.15
N PHE Z 50 -0.43 111.60 9.50
CA PHE Z 50 0.80 111.19 10.16
C PHE Z 50 0.54 110.20 11.29
N THR Z 51 -0.44 109.33 11.11
CA THR Z 51 -0.78 108.31 12.08
C THR Z 51 -1.14 107.04 11.34
N VAL Z 52 -0.58 105.92 11.79
CA VAL Z 52 -0.83 104.64 11.14
C VAL Z 52 -2.31 104.29 11.28
N LEU Z 53 -2.92 103.88 10.17
CA LEU Z 53 -4.30 103.43 10.17
C LEU Z 53 -4.35 101.92 9.98
N ALA Z 54 -5.56 101.41 9.86
CA ALA Z 54 -5.78 99.99 9.57
C ALA Z 54 -7.01 99.88 8.69
N VAL Z 55 -6.85 99.30 7.51
CA VAL Z 55 -7.91 99.20 6.53
C VAL Z 55 -8.19 97.74 6.25
N THR Z 56 -9.46 97.37 6.29
CA THR Z 56 -9.94 96.04 5.95
C THR Z 56 -10.86 96.14 4.74
N GLU Z 57 -11.42 95.01 4.35
CA GLU Z 57 -12.31 94.96 3.18
C GLU Z 57 -13.66 95.60 3.43
N SER Z 58 -13.99 95.94 4.68
CA SER Z 58 -15.34 96.38 5.01
C SER Z 58 -15.41 97.78 5.62
N ASN Z 59 -14.29 98.50 5.72
CA ASN Z 59 -14.35 99.83 6.31
C ASN Z 59 -13.53 100.88 5.58
N TYR Z 60 -12.75 100.53 4.57
CA TYR Z 60 -11.87 101.51 3.94
C TYR Z 60 -12.65 102.70 3.39
N GLU Z 61 -13.86 102.45 2.89
CA GLU Z 61 -14.66 103.51 2.31
C GLU Z 61 -14.93 104.63 3.31
N ASP Z 62 -15.13 104.28 4.58
CA ASP Z 62 -15.43 105.29 5.58
C ASP Z 62 -14.21 105.76 6.36
N VAL Z 63 -13.24 104.88 6.64
CA VAL Z 63 -12.07 105.35 7.36
C VAL Z 63 -11.22 106.26 6.49
N LEU Z 64 -11.09 105.95 5.20
CA LEU Z 64 -10.30 106.78 4.31
C LEU Z 64 -11.14 107.75 3.49
N GLY Z 65 -12.45 107.76 3.70
CA GLY Z 65 -13.32 108.67 2.99
C GLY Z 65 -13.66 108.17 1.60
N GLU Z 66 -14.57 108.88 0.95
CA GLU Z 66 -15.01 108.53 -0.39
C GLU Z 66 -13.88 108.75 -1.38
N PRO Z 67 -13.87 108.01 -2.50
CA PRO Z 67 -12.82 108.18 -3.49
C PRO Z 67 -12.81 109.58 -4.09
N LEU Z 68 -11.62 110.04 -4.44
CA LEU Z 68 -11.43 111.37 -4.99
C LEU Z 68 -11.85 111.37 -6.46
N LYS Z 69 -11.58 112.47 -7.16
CA LYS Z 69 -11.97 112.64 -8.55
C LYS Z 69 -10.72 112.80 -9.41
N PRO Z 70 -10.61 112.09 -10.54
CA PRO Z 70 -9.42 112.24 -11.39
C PRO Z 70 -9.23 113.65 -11.92
N SER Z 71 -10.32 114.37 -12.21
CA SER Z 71 -10.20 115.71 -12.72
C SER Z 71 -9.61 116.68 -11.71
N SER Z 72 -9.63 116.34 -10.43
CA SER Z 72 -9.06 117.22 -9.41
C SER Z 72 -7.56 117.37 -9.60
N GLY Z 73 -6.86 116.29 -9.92
CA GLY Z 73 -5.43 116.32 -10.08
C GLY Z 73 -4.81 114.94 -10.09
N SER Z 74 -3.66 114.79 -9.43
CA SER Z 74 -2.95 113.53 -9.37
C SER Z 74 -3.16 112.80 -8.05
N GLN Z 75 -4.15 113.20 -7.26
CA GLN Z 75 -4.41 112.61 -5.96
C GLN Z 75 -5.34 111.40 -6.03
N PHE Z 76 -5.78 111.02 -7.22
CA PHE Z 76 -6.74 109.93 -7.37
C PHE Z 76 -6.08 108.56 -7.43
N GLU Z 77 -4.75 108.49 -7.36
CA GLU Z 77 -4.04 107.23 -7.53
C GLU Z 77 -4.10 106.33 -6.30
N PRO Z 78 -3.72 106.82 -5.10
CA PRO Z 78 -3.58 105.90 -3.96
C PRO Z 78 -4.88 105.21 -3.57
N ILE Z 79 -6.03 105.85 -3.74
CA ILE Z 79 -7.29 105.20 -3.39
C ILE Z 79 -7.52 104.00 -4.30
N ARG Z 80 -7.25 104.15 -5.60
CA ARG Z 80 -7.41 103.03 -6.51
C ARG Z 80 -6.41 101.92 -6.22
N HIS Z 81 -5.17 102.29 -5.88
CA HIS Z 81 -4.19 101.28 -5.51
C HIS Z 81 -4.65 100.50 -4.28
N VAL Z 82 -5.18 101.21 -3.28
CA VAL Z 82 -5.68 100.55 -2.08
C VAL Z 82 -6.85 99.64 -2.43
N TYR Z 83 -7.75 100.10 -3.30
CA TYR Z 83 -8.90 99.27 -3.66
C TYR Z 83 -8.46 98.00 -4.37
N GLU Z 84 -7.44 98.09 -5.22
CA GLU Z 84 -6.97 96.91 -5.91
C GLU Z 84 -6.15 95.99 -5.02
N ALA Z 85 -5.52 96.52 -3.97
CA ALA Z 85 -4.70 95.67 -3.10
C ALA Z 85 -5.49 95.06 -1.94
N ILE Z 86 -6.58 95.70 -1.51
CA ILE Z 86 -7.37 95.19 -0.39
C ILE Z 86 -8.01 93.86 -0.72
N GLN Z 87 -8.29 93.60 -1.99
CA GLN Z 87 -9.03 92.43 -2.46
C GLN Z 87 -8.61 91.15 -1.74
N GLN Z 88 -7.34 91.08 -1.34
CA GLN Z 88 -6.79 89.88 -0.71
C GLN Z 88 -6.72 89.98 0.80
N THR Z 89 -6.01 90.98 1.32
CA THR Z 89 -5.73 91.07 2.75
C THR Z 89 -5.82 92.52 3.22
N SER Z 90 -6.01 92.68 4.52
CA SER Z 90 -6.06 93.99 5.13
C SER Z 90 -4.66 94.59 5.21
N GLY Z 91 -4.57 95.84 5.65
CA GLY Z 91 -3.28 96.49 5.67
C GLY Z 91 -3.26 97.77 6.46
N TYR Z 92 -2.13 98.47 6.38
CA TYR Z 92 -1.90 99.70 7.12
C TYR Z 92 -1.46 100.80 6.17
N VAL Z 93 -2.05 101.98 6.34
CA VAL Z 93 -1.76 103.13 5.50
C VAL Z 93 -1.40 104.32 6.36
N VAL Z 94 -0.68 105.26 5.76
CA VAL Z 94 -0.29 106.50 6.41
C VAL Z 94 -0.65 107.65 5.48
N ARG Z 95 -1.48 108.57 5.95
CA ARG Z 95 -1.91 109.70 5.14
C ARG Z 95 -1.00 110.90 5.38
N ALA Z 96 -0.52 111.50 4.30
CA ALA Z 96 0.31 112.70 4.35
C ALA Z 96 -0.46 113.87 3.76
N VAL Z 97 -0.48 114.99 4.49
CA VAL Z 97 -1.28 116.15 4.09
C VAL Z 97 -0.36 117.30 3.71
N PRO Z 98 -0.81 118.26 2.90
CA PRO Z 98 0.03 119.42 2.59
C PRO Z 98 0.22 120.32 3.79
N ASP Z 99 0.91 121.44 3.60
CA ASP Z 99 1.27 122.29 4.74
C ASP Z 99 0.08 123.06 5.28
N ASP Z 100 -0.77 123.58 4.41
CA ASP Z 100 -1.81 124.52 4.81
C ASP Z 100 -3.14 123.85 5.16
N ALA Z 101 -3.14 122.54 5.38
CA ALA Z 101 -4.37 121.87 5.79
C ALA Z 101 -4.74 122.25 7.21
N LYS Z 102 -6.00 122.62 7.43
CA LYS Z 102 -6.47 123.09 8.72
C LYS Z 102 -7.73 122.34 9.13
N PHE Z 103 -7.85 122.11 10.45
CA PHE Z 103 -9.00 121.46 11.03
C PHE Z 103 -9.76 122.44 11.92
N PRO Z 104 -11.07 122.25 12.07
CA PRO Z 104 -11.88 123.20 12.83
C PRO Z 104 -11.71 123.04 14.33
N ILE Z 105 -12.06 124.10 15.05
CA ILE Z 105 -11.96 124.15 16.51
C ILE Z 105 -13.11 125.01 17.02
N ILE Z 106 -13.80 124.54 18.06
CA ILE Z 106 -14.84 125.31 18.73
C ILE Z 106 -14.40 125.55 20.16
N MET Z 107 -14.27 126.81 20.54
CA MET Z 107 -13.83 127.20 21.88
C MET Z 107 -14.99 127.83 22.63
N PHE Z 108 -15.19 127.42 23.88
CA PHE Z 108 -16.28 127.94 24.69
C PHE Z 108 -15.74 128.97 25.67
N ASP Z 109 -16.62 129.42 26.56
CA ASP Z 109 -16.26 130.40 27.57
C ASP Z 109 -17.08 130.12 28.83
N GLU Z 110 -16.91 130.98 29.84
CA GLU Z 110 -17.63 130.78 31.10
C GLU Z 110 -19.14 130.88 30.89
N SER Z 111 -19.59 131.91 30.17
CA SER Z 111 -21.02 132.07 29.95
C SER Z 111 -21.57 130.95 29.08
N GLY Z 112 -20.81 130.51 28.09
CA GLY Z 112 -21.24 129.45 27.19
C GLY Z 112 -21.39 129.86 25.74
N GLU Z 113 -21.07 131.10 25.37
CA GLU Z 113 -21.18 131.52 23.98
C GLU Z 113 -20.02 130.96 23.17
N PRO Z 114 -20.26 130.14 22.17
CA PRO Z 114 -19.16 129.49 21.44
C PRO Z 114 -18.49 130.45 20.46
N ALA Z 115 -17.26 130.08 20.08
CA ALA Z 115 -16.53 130.75 19.03
C ALA Z 115 -15.84 129.69 18.19
N TYR Z 116 -15.60 130.04 16.92
CA TYR Z 116 -15.04 129.09 15.97
C TYR Z 116 -13.68 129.56 15.47
N SER Z 117 -12.85 128.61 15.07
CA SER Z 117 -11.55 128.92 14.47
C SER Z 117 -11.07 127.68 13.74
N ALA Z 118 -9.89 127.81 13.11
CA ALA Z 118 -9.27 126.68 12.42
C ALA Z 118 -7.78 126.70 12.71
N LEU Z 119 -7.19 125.52 12.84
CA LEU Z 119 -5.77 125.42 13.15
C LEU Z 119 -5.10 124.41 12.22
N PRO Z 120 -3.86 124.67 11.81
CA PRO Z 120 -3.16 123.71 10.95
C PRO Z 120 -2.89 122.39 11.66
N TYR Z 121 -2.81 121.33 10.89
CA TYR Z 121 -2.65 119.99 11.44
C TYR Z 121 -1.31 119.86 12.16
N GLY Z 122 -1.29 119.01 13.18
CA GLY Z 122 -0.08 118.77 13.94
C GLY Z 122 0.28 119.82 14.95
N SER Z 123 -0.63 120.74 15.26
CA SER Z 123 -0.37 121.82 16.20
C SER Z 123 -1.33 121.73 17.37
N GLU Z 124 -0.81 121.94 18.57
CA GLU Z 124 -1.64 121.97 19.76
C GLU Z 124 -2.35 123.32 19.87
N ILE Z 125 -3.17 123.47 20.89
CA ILE Z 125 -4.07 124.61 21.02
C ILE Z 125 -3.69 125.39 22.26
N GLU Z 126 -3.60 126.71 22.14
CA GLU Z 126 -3.41 127.60 23.26
C GLU Z 126 -4.74 128.27 23.58
N LEU Z 127 -5.11 128.26 24.85
CA LEU Z 127 -6.41 128.78 25.28
C LEU Z 127 -6.26 130.22 25.73
N ASP Z 128 -7.17 131.08 25.29
CA ASP Z 128 -7.19 132.46 25.74
C ASP Z 128 -7.69 132.52 27.18
N SER Z 129 -7.62 133.72 27.77
CA SER Z 129 -8.01 133.89 29.16
C SER Z 129 -9.48 133.54 29.36
N GLY Z 130 -10.35 133.98 28.45
CA GLY Z 130 -11.76 133.73 28.59
C GLY Z 130 -12.24 132.37 28.13
N GLU Z 131 -11.37 131.56 27.57
CA GLU Z 131 -11.76 130.26 27.02
C GLU Z 131 -11.74 129.20 28.11
N ALA Z 132 -12.84 128.46 28.23
CA ALA Z 132 -12.94 127.40 29.22
C ALA Z 132 -12.46 126.07 28.68
N PHE Z 133 -12.97 125.66 27.52
CA PHE Z 133 -12.56 124.40 26.93
C PHE Z 133 -12.82 124.43 25.43
N ALA Z 134 -12.03 123.65 24.70
CA ALA Z 134 -12.09 123.61 23.25
C ALA Z 134 -12.30 122.18 22.78
N ILE Z 135 -13.11 122.03 21.73
CA ILE Z 135 -13.40 120.75 21.10
C ILE Z 135 -13.01 120.83 19.64
N TYR Z 136 -12.32 119.80 19.14
CA TYR Z 136 -11.94 119.75 17.74
C TYR Z 136 -12.08 118.33 17.23
N VAL Z 137 -11.96 118.18 15.91
CA VAL Z 137 -12.19 116.92 15.22
C VAL Z 137 -10.85 116.35 14.80
N ASP Z 138 -10.60 115.08 15.14
CA ASP Z 138 -9.37 114.41 14.77
C ASP Z 138 -9.59 113.30 13.75
N ASP Z 139 -10.76 113.24 13.12
CA ASP Z 139 -10.96 112.29 12.04
C ASP Z 139 -10.22 112.71 10.78
N GLY Z 140 -9.79 113.97 10.69
CA GLY Z 140 -9.11 114.47 9.52
C GLY Z 140 -10.00 115.13 8.51
N ASP Z 141 -11.30 114.89 8.56
CA ASP Z 141 -12.21 115.48 7.59
C ASP Z 141 -12.22 117.00 7.77
N PRO Z 142 -12.19 117.78 6.68
CA PRO Z 142 -12.23 119.23 6.80
C PRO Z 142 -13.61 119.81 7.02
N CYS Z 143 -14.63 118.96 7.23
CA CYS Z 143 -15.96 119.41 7.64
C CYS Z 143 -16.55 120.41 6.65
N ILE Z 144 -16.40 120.13 5.36
CA ILE Z 144 -16.95 120.97 4.31
C ILE Z 144 -18.10 120.27 3.58
N SER Z 145 -17.98 118.97 3.34
CA SER Z 145 -19.06 118.18 2.78
C SER Z 145 -18.86 116.70 3.11
N PRO Z 146 -19.74 116.10 3.90
CA PRO Z 146 -20.91 116.67 4.56
C PRO Z 146 -20.55 117.51 5.78
N THR Z 147 -21.39 118.47 6.16
CA THR Z 147 -21.11 119.27 7.34
C THR Z 147 -21.34 118.44 8.60
N ARG Z 148 -20.72 118.86 9.70
CA ARG Z 148 -20.86 118.19 10.98
C ARG Z 148 -21.28 119.20 12.04
N GLU Z 149 -22.29 118.82 12.83
CA GLU Z 149 -22.87 119.70 13.83
C GLU Z 149 -22.77 119.05 15.20
N LEU Z 150 -22.53 119.89 16.21
CA LEU Z 150 -22.35 119.46 17.59
C LEU Z 150 -23.43 120.09 18.46
N THR Z 151 -24.03 119.29 19.33
CA THR Z 151 -25.14 119.72 20.15
C THR Z 151 -24.90 119.35 21.60
N ILE Z 152 -25.25 120.26 22.51
CA ILE Z 152 -25.09 120.10 23.94
C ILE Z 152 -26.47 120.09 24.57
N GLU Z 153 -26.75 119.08 25.39
CA GLU Z 153 -28.05 118.94 26.03
C GLU Z 153 -27.85 118.75 27.53
N THR Z 154 -28.71 119.38 28.32
CA THR Z 154 -28.66 119.20 29.77
C THR Z 154 -29.17 117.82 30.16
N ALA Z 155 -28.55 117.25 31.19
CA ALA Z 155 -28.92 115.93 31.67
C ALA Z 155 -28.96 115.94 33.20
N THR Z 156 -29.39 114.82 33.77
CA THR Z 156 -29.49 114.71 35.21
C THR Z 156 -28.10 114.59 35.84
N ALA Z 157 -27.92 115.24 36.98
CA ALA Z 157 -26.65 115.19 37.69
C ALA Z 157 -26.44 113.80 38.29
N ASP Z 158 -25.18 113.51 38.61
CA ASP Z 158 -24.82 112.21 39.16
C ASP Z 158 -25.23 112.13 40.64
N SER Z 159 -24.92 110.99 41.26
CA SER Z 159 -25.22 110.82 42.68
C SER Z 159 -24.42 111.80 43.54
N ALA Z 160 -23.14 112.01 43.20
CA ALA Z 160 -22.32 112.94 43.96
C ALA Z 160 -22.85 114.36 43.86
N GLY Z 161 -23.26 114.78 42.67
CA GLY Z 161 -23.80 116.11 42.50
C GLY Z 161 -23.27 116.86 41.29
N ASN Z 162 -22.22 116.33 40.67
CA ASN Z 162 -21.64 116.98 39.50
C ASN Z 162 -22.61 116.97 38.34
N GLU Z 163 -22.55 118.01 37.52
CA GLU Z 163 -23.47 118.18 36.39
C GLU Z 163 -22.87 117.54 35.15
N ARG Z 164 -23.56 116.56 34.59
CA ARG Z 164 -23.14 115.88 33.38
C ARG Z 164 -24.07 116.28 32.23
N PHE Z 165 -23.49 116.67 31.10
CA PHE Z 165 -24.26 117.05 29.93
C PHE Z 165 -24.00 116.06 28.80
N LEU Z 166 -24.98 115.95 27.91
CA LEU Z 166 -24.96 115.02 26.79
C LEU Z 166 -24.45 115.74 25.56
N LEU Z 167 -23.46 115.13 24.90
CA LEU Z 167 -22.89 115.65 23.67
C LEU Z 167 -23.35 114.77 22.51
N LYS Z 168 -23.88 115.41 21.46
CA LYS Z 168 -24.38 114.69 20.30
C LYS Z 168 -23.82 115.32 19.04
N LEU Z 169 -23.03 114.56 18.28
CA LEU Z 169 -22.49 115.03 17.02
C LEU Z 169 -23.18 114.29 15.88
N THR Z 170 -23.69 115.07 14.93
CA THR Z 170 -24.46 114.52 13.81
C THR Z 170 -23.98 115.13 12.51
N GLN Z 171 -23.98 114.32 11.45
CA GLN Z 171 -23.55 114.77 10.14
C GLN Z 171 -24.77 115.10 9.28
N THR Z 172 -24.63 116.16 8.47
CA THR Z 172 -25.68 116.59 7.55
C THR Z 172 -25.08 116.69 6.16
N THR Z 173 -25.68 116.00 5.21
CA THR Z 173 -25.21 116.05 3.83
C THR Z 173 -25.74 117.31 3.15
N SER Z 174 -25.17 117.60 1.98
CA SER Z 174 -25.58 118.80 1.23
C SER Z 174 -27.03 118.70 0.78
N LEU Z 175 -27.50 117.51 0.42
CA LEU Z 175 -28.87 117.35 -0.04
C LEU Z 175 -29.86 117.68 1.07
N GLY Z 176 -29.60 117.21 2.29
CA GLY Z 176 -30.49 117.49 3.39
C GLY Z 176 -30.67 116.33 4.35
N VAL Z 177 -30.00 115.21 4.07
CA VAL Z 177 -30.09 114.05 4.95
C VAL Z 177 -29.30 114.33 6.22
N VAL Z 178 -29.95 114.18 7.37
CA VAL Z 178 -29.34 114.45 8.67
C VAL Z 178 -29.45 113.17 9.50
N THR Z 179 -28.31 112.57 9.82
CA THR Z 179 -28.26 111.36 10.62
C THR Z 179 -27.36 111.58 11.83
N THR Z 180 -27.77 111.05 12.97
CA THR Z 180 -26.93 111.12 14.15
C THR Z 180 -25.69 110.26 13.95
N LEU Z 181 -24.59 110.68 14.56
CA LEU Z 181 -23.31 110.03 14.33
C LEU Z 181 -22.69 109.49 15.62
N GLU Z 182 -22.68 110.28 16.69
CA GLU Z 182 -22.18 109.77 17.95
C GLU Z 182 -22.79 110.57 19.10
N THR Z 183 -22.83 109.94 20.27
CA THR Z 183 -23.38 110.55 21.47
C THR Z 183 -22.57 110.11 22.69
N HIS Z 184 -22.53 110.99 23.70
CA HIS Z 184 -21.77 110.74 24.91
C HIS Z 184 -22.41 111.51 26.06
N THR Z 185 -22.04 111.14 27.28
CA THR Z 185 -22.44 111.85 28.49
C THR Z 185 -21.18 112.21 29.26
N VAL Z 186 -20.81 113.48 29.23
CA VAL Z 186 -19.53 113.92 29.78
C VAL Z 186 -19.76 115.09 30.72
N SER Z 187 -18.79 115.32 31.60
CA SER Z 187 -18.85 116.42 32.55
C SER Z 187 -17.45 116.97 32.77
N LEU Z 188 -17.41 118.20 33.28
CA LEU Z 188 -16.14 118.88 33.54
C LEU Z 188 -15.54 118.53 34.90
N ALA Z 189 -16.27 117.83 35.76
CA ALA Z 189 -15.72 117.42 37.04
C ALA Z 189 -14.62 116.38 36.85
N GLU Z 190 -13.56 116.50 37.65
CA GLU Z 190 -12.41 115.63 37.50
C GLU Z 190 -12.66 114.20 37.96
N GLU Z 191 -13.78 113.93 38.62
CA GLU Z 191 -14.04 112.61 39.18
C GLU Z 191 -15.45 112.08 38.94
N ALA Z 192 -16.30 112.84 38.26
CA ALA Z 192 -17.68 112.42 38.05
C ALA Z 192 -17.72 111.18 37.18
N LYS Z 193 -18.73 110.33 37.42
CA LYS Z 193 -18.93 109.10 36.68
C LYS Z 193 -20.31 109.09 36.04
N ASP Z 194 -20.41 108.42 34.90
CA ASP Z 194 -21.69 108.31 34.19
C ASP Z 194 -22.55 107.22 34.83
N ASP Z 195 -23.65 106.87 34.16
CA ASP Z 195 -24.54 105.85 34.70
C ASP Z 195 -23.87 104.47 34.71
N MET Z 196 -23.11 104.15 33.66
CA MET Z 196 -22.48 102.84 33.57
C MET Z 196 -21.26 102.69 34.46
N GLY Z 197 -20.78 103.78 35.06
CA GLY Z 197 -19.67 103.72 35.98
C GLY Z 197 -18.33 104.15 35.41
N ARG Z 198 -18.25 104.37 34.10
CA ARG Z 198 -16.99 104.79 33.50
C ARG Z 198 -16.70 106.25 33.84
N LEU Z 199 -15.44 106.64 33.70
CA LEU Z 199 -15.04 108.02 33.93
C LEU Z 199 -15.69 108.92 32.89
N CYS Z 200 -16.18 110.08 33.34
CA CYS Z 200 -16.89 111.00 32.46
C CYS Z 200 -16.23 112.36 32.37
N TYR Z 201 -15.00 112.50 32.86
CA TYR Z 201 -14.25 113.72 32.63
C TYR Z 201 -14.07 113.93 31.13
N LEU Z 202 -14.25 115.18 30.69
CA LEU Z 202 -14.36 115.46 29.26
C LEU Z 202 -13.12 115.06 28.46
N PRO Z 203 -11.90 115.50 28.80
CA PRO Z 203 -10.76 115.15 27.94
C PRO Z 203 -10.51 113.67 27.84
N THR Z 204 -10.38 112.97 28.97
CA THR Z 204 -10.09 111.55 28.92
C THR Z 204 -11.24 110.76 28.31
N ALA Z 205 -12.48 111.15 28.61
CA ALA Z 205 -13.63 110.46 28.04
C ALA Z 205 -13.63 110.55 26.52
N LEU Z 206 -13.46 111.77 25.99
CA LEU Z 206 -13.44 111.93 24.54
C LEU Z 206 -12.24 111.22 23.92
N GLU Z 207 -11.08 111.28 24.57
CA GLU Z 207 -9.89 110.64 24.02
C GLU Z 207 -10.06 109.12 23.97
N ALA Z 208 -10.70 108.54 24.97
CA ALA Z 208 -10.77 107.09 25.07
C ALA Z 208 -11.94 106.51 24.28
N ARG Z 209 -13.15 106.95 24.58
CA ARG Z 209 -14.35 106.29 24.05
C ARG Z 209 -14.83 106.85 22.73
N SER Z 210 -14.21 107.91 22.21
CA SER Z 210 -14.62 108.53 20.96
C SER Z 210 -13.43 108.59 20.01
N LYS Z 211 -13.66 108.16 18.77
CA LYS Z 211 -12.62 108.18 17.74
C LYS Z 211 -12.81 109.32 16.74
N TYR Z 212 -13.70 110.27 17.04
CA TYR Z 212 -13.94 111.40 16.17
C TYR Z 212 -13.47 112.72 16.75
N LEU Z 213 -13.68 112.95 18.05
CA LEU Z 213 -13.44 114.23 18.67
C LEU Z 213 -12.30 114.15 19.67
N ARG Z 214 -11.74 115.32 19.97
CA ARG Z 214 -10.80 115.49 21.05
C ARG Z 214 -11.09 116.83 21.71
N ALA Z 215 -10.65 116.99 22.95
CA ALA Z 215 -10.94 118.21 23.67
C ALA Z 215 -9.78 118.58 24.57
N VAL Z 216 -9.70 119.87 24.90
CA VAL Z 216 -8.74 120.37 25.88
C VAL Z 216 -9.49 121.34 26.79
N VAL Z 217 -8.93 121.53 28.00
CA VAL Z 217 -9.55 122.35 29.03
C VAL Z 217 -8.54 123.33 29.59
N ASN Z 218 -9.04 124.41 30.16
CA ASN Z 218 -8.22 125.39 30.86
C ASN Z 218 -8.35 125.15 32.36
N GLU Z 219 -7.23 124.83 33.00
CA GLU Z 219 -7.27 124.44 34.41
C GLU Z 219 -7.78 125.57 35.30
N GLU Z 220 -7.34 126.80 35.02
CA GLU Z 220 -7.71 127.92 35.87
C GLU Z 220 -9.22 128.16 35.87
N LEU Z 221 -9.85 128.10 34.70
CA LEU Z 221 -11.26 128.45 34.55
C LEU Z 221 -12.18 127.24 34.61
N ILE Z 222 -11.64 126.04 34.75
CA ILE Z 222 -12.49 124.85 34.72
C ILE Z 222 -13.33 124.71 35.98
N SER Z 223 -12.93 125.36 37.07
CA SER Z 223 -13.67 125.23 38.32
C SER Z 223 -15.02 125.94 38.25
N THR Z 224 -15.03 127.17 37.74
CA THR Z 224 -16.23 127.98 37.66
C THR Z 224 -16.94 127.85 36.33
N ALA Z 225 -16.46 127.01 35.43
CA ALA Z 225 -17.04 126.89 34.11
C ALA Z 225 -18.45 126.30 34.19
N LYS Z 226 -19.37 126.87 33.42
CA LYS Z 226 -20.72 126.37 33.31
C LYS Z 226 -21.12 126.32 31.84
N VAL Z 227 -21.95 125.35 31.49
CA VAL Z 227 -22.36 125.12 30.11
C VAL Z 227 -23.87 125.32 30.00
N THR Z 228 -24.28 126.04 28.97
CA THR Z 228 -25.69 126.27 28.70
C THR Z 228 -26.19 125.20 27.72
N ASN Z 229 -27.38 125.41 27.17
CA ASN Z 229 -27.98 124.52 26.19
C ASN Z 229 -27.81 125.12 24.81
N LYS Z 230 -26.83 124.61 24.05
CA LYS Z 230 -26.58 125.06 22.70
C LYS Z 230 -27.05 124.00 21.72
N LYS Z 231 -27.84 124.41 20.74
CA LYS Z 231 -28.46 123.51 19.78
C LYS Z 231 -27.97 123.83 18.37
N SER Z 232 -27.54 122.80 17.66
CA SER Z 232 -27.17 122.88 16.24
C SER Z 232 -26.04 123.90 16.03
N LEU Z 233 -24.89 123.58 16.60
CA LEU Z 233 -23.68 124.33 16.30
C LEU Z 233 -23.14 123.90 14.94
N ALA Z 234 -22.03 124.50 14.52
CA ALA Z 234 -21.48 124.22 13.20
C ALA Z 234 -19.97 124.39 13.22
N PHE Z 235 -19.26 123.32 12.87
CA PHE Z 235 -17.83 123.43 12.63
C PHE Z 235 -17.60 124.22 11.34
N THR Z 236 -16.52 124.99 11.32
CA THR Z 236 -16.21 125.78 10.13
C THR Z 236 -14.72 126.06 10.07
N GLY Z 237 -14.25 126.41 8.88
CA GLY Z 237 -12.86 126.73 8.66
C GLY Z 237 -11.99 125.58 8.21
N GLY Z 238 -12.50 124.35 8.28
CA GLY Z 238 -11.69 123.21 7.87
C GLY Z 238 -11.38 123.26 6.38
N THR Z 239 -10.17 122.83 6.03
CA THR Z 239 -9.72 122.93 4.65
C THR Z 239 -8.63 121.88 4.41
N ASN Z 240 -8.83 121.03 3.40
CA ASN Z 240 -7.84 120.03 3.08
C ASN Z 240 -6.67 120.59 2.28
N GLY Z 241 -6.79 121.82 1.80
CA GLY Z 241 -5.73 122.45 1.05
C GLY Z 241 -5.57 121.88 -0.34
N ASP Z 242 -4.44 122.22 -0.95
CA ASP Z 242 -4.09 121.71 -2.27
C ASP Z 242 -3.27 120.44 -2.11
N GLN Z 243 -3.84 119.32 -2.56
CA GLN Z 243 -3.16 118.04 -2.48
C GLN Z 243 -2.45 117.68 -3.78
N SER Z 244 -2.48 118.55 -4.78
CA SER Z 244 -1.77 118.27 -6.03
C SER Z 244 -0.27 118.23 -5.81
N LYS Z 245 0.26 119.20 -5.08
CA LYS Z 245 1.69 119.28 -4.81
C LYS Z 245 1.96 119.11 -3.32
N ILE Z 246 2.98 118.32 -3.00
CA ILE Z 246 3.36 118.03 -1.63
C ILE Z 246 4.88 118.01 -1.54
N SER Z 247 5.44 118.75 -0.60
CA SER Z 247 6.88 118.79 -0.43
C SER Z 247 7.41 117.42 -0.02
N THR Z 248 8.66 117.15 -0.37
CA THR Z 248 9.27 115.87 -0.02
C THR Z 248 9.41 115.71 1.49
N ALA Z 249 9.39 116.80 2.25
CA ALA Z 249 9.47 116.71 3.70
C ALA Z 249 8.27 115.95 4.28
N ALA Z 250 7.08 116.21 3.75
CA ALA Z 250 5.90 115.50 4.23
C ALA Z 250 6.00 114.00 3.96
N TYR Z 251 6.45 113.63 2.77
CA TYR Z 251 6.60 112.23 2.45
C TYR Z 251 7.66 111.57 3.33
N LEU Z 252 8.75 112.28 3.59
CA LEU Z 252 9.78 111.72 4.47
C LEU Z 252 9.26 111.53 5.89
N ARG Z 253 8.49 112.49 6.40
CA ARG Z 253 7.90 112.33 7.72
C ARG Z 253 6.95 111.15 7.76
N ALA Z 254 6.13 111.00 6.71
CA ALA Z 254 5.18 109.89 6.68
C ALA Z 254 5.90 108.54 6.66
N VAL Z 255 6.97 108.43 5.86
CA VAL Z 255 7.65 107.13 5.80
C VAL Z 255 8.41 106.87 7.10
N LYS Z 256 8.90 107.92 7.77
CA LYS Z 256 9.51 107.70 9.08
C LYS Z 256 8.48 107.18 10.09
N VAL Z 257 7.27 107.76 10.08
CA VAL Z 257 6.22 107.27 10.97
C VAL Z 257 5.90 105.82 10.65
N LEU Z 258 5.79 105.48 9.36
CA LEU Z 258 5.53 104.10 8.98
C LEU Z 258 6.63 103.16 9.45
N ASN Z 259 7.89 103.61 9.40
CA ASN Z 259 8.98 102.80 9.90
C ASN Z 259 8.84 102.55 11.39
N ASN Z 260 8.50 103.60 12.15
CA ASN Z 260 8.40 103.47 13.59
C ASN Z 260 7.07 102.86 14.04
N ALA Z 261 6.18 102.53 13.12
CA ALA Z 261 4.91 101.94 13.48
C ALA Z 261 5.13 100.61 14.20
N PRO Z 262 4.42 100.34 15.29
CA PRO Z 262 4.56 99.07 16.02
C PRO Z 262 3.57 98.00 15.54
N TYR Z 263 3.71 97.61 14.28
CA TYR Z 263 2.84 96.58 13.69
C TYR Z 263 3.70 95.61 12.89
N MET Z 264 3.03 94.60 12.31
CA MET Z 264 3.69 93.58 11.53
C MET Z 264 3.13 93.59 10.11
N TYR Z 265 4.02 93.71 9.12
CA TYR Z 265 3.59 93.62 7.74
C TYR Z 265 4.72 93.04 6.90
N THR Z 266 4.36 92.43 5.77
CA THR Z 266 5.31 91.74 4.91
C THR Z 266 5.31 92.28 3.49
N ALA Z 267 4.91 93.54 3.29
CA ALA Z 267 4.94 94.16 1.98
C ALA Z 267 4.83 95.66 2.16
N VAL Z 268 5.67 96.41 1.44
CA VAL Z 268 5.80 97.84 1.70
C VAL Z 268 5.30 98.65 0.50
N LEU Z 269 4.24 98.15 -0.13
CA LEU Z 269 3.68 98.69 -1.37
C LEU Z 269 3.82 100.21 -1.47
N GLY Z 270 4.41 100.67 -2.58
CA GLY Z 270 4.53 102.08 -2.85
C GLY Z 270 3.31 102.65 -3.55
N LEU Z 271 2.24 102.91 -2.78
CA LEU Z 271 0.98 103.37 -3.34
C LEU Z 271 1.17 104.72 -4.02
N GLY Z 272 1.17 104.71 -5.35
CA GLY Z 272 1.13 105.91 -6.17
C GLY Z 272 1.95 107.09 -5.69
N CYS Z 273 3.16 106.83 -5.22
CA CYS Z 273 4.05 107.88 -4.75
C CYS Z 273 5.31 107.84 -5.60
N TYR Z 274 5.38 108.74 -6.59
CA TYR Z 274 6.51 108.78 -7.52
C TYR Z 274 7.50 109.85 -7.08
N ASP Z 275 8.17 109.59 -5.97
CA ASP Z 275 9.19 110.48 -5.44
C ASP Z 275 10.43 109.65 -5.12
N ASN Z 276 11.59 110.11 -5.61
CA ASN Z 276 12.81 109.32 -5.45
C ASN Z 276 13.19 109.15 -3.98
N ALA Z 277 13.07 110.21 -3.19
CA ALA Z 277 13.43 110.13 -1.78
C ALA Z 277 12.52 109.17 -1.03
N ALA Z 278 11.21 109.24 -1.29
CA ALA Z 278 10.29 108.34 -0.63
C ALA Z 278 10.52 106.89 -1.04
N ILE Z 279 10.80 106.66 -2.32
CA ILE Z 279 11.06 105.29 -2.76
C ILE Z 279 12.34 104.75 -2.12
N THR Z 280 13.37 105.58 -2.01
CA THR Z 280 14.58 105.13 -1.34
C THR Z 280 14.32 104.81 0.13
N ALA Z 281 13.51 105.64 0.80
CA ALA Z 281 13.19 105.36 2.19
C ALA Z 281 12.42 104.05 2.34
N LEU Z 282 11.49 103.78 1.43
CA LEU Z 282 10.76 102.52 1.51
C LEU Z 282 11.66 101.34 1.22
N GLY Z 283 12.63 101.51 0.33
CA GLY Z 283 13.63 100.47 0.15
C GLY Z 283 14.44 100.23 1.41
N LYS Z 284 14.75 101.31 2.13
CA LYS Z 284 15.39 101.16 3.44
C LYS Z 284 14.52 100.36 4.39
N ILE Z 285 13.21 100.60 4.36
CA ILE Z 285 12.31 99.85 5.25
C ILE Z 285 12.36 98.36 4.91
N CYS Z 286 12.35 98.04 3.62
CA CYS Z 286 12.52 96.64 3.21
C CYS Z 286 13.82 96.06 3.73
N ALA Z 287 14.93 96.75 3.48
CA ALA Z 287 16.24 96.21 3.85
C ALA Z 287 16.38 96.07 5.36
N ASP Z 288 15.60 96.85 6.11
CA ASP Z 288 15.70 96.79 7.57
C ASP Z 288 14.84 95.66 8.13
N ARG Z 289 13.56 95.63 7.74
CA ARG Z 289 12.63 94.67 8.32
C ARG Z 289 12.66 93.30 7.66
N LEU Z 290 13.42 93.13 6.57
CA LEU Z 290 13.46 91.88 5.82
C LEU Z 290 12.07 91.52 5.28
N ILE Z 291 11.55 92.41 4.44
CA ILE Z 291 10.26 92.21 3.80
C ILE Z 291 10.40 92.52 2.31
N ASP Z 292 9.27 92.55 1.61
CA ASP Z 292 9.23 92.71 0.17
C ASP Z 292 8.63 94.06 -0.21
N GLY Z 293 9.11 94.62 -1.31
CA GLY Z 293 8.58 95.88 -1.80
C GLY Z 293 8.22 95.82 -3.27
N PHE Z 294 7.12 96.47 -3.66
CA PHE Z 294 6.65 96.47 -5.04
C PHE Z 294 6.43 97.92 -5.47
N PHE Z 295 7.49 98.59 -5.92
CA PHE Z 295 7.41 99.97 -6.34
C PHE Z 295 7.23 100.03 -7.85
N ASP Z 296 6.92 101.23 -8.34
CA ASP Z 296 6.57 101.32 -9.75
C ASP Z 296 6.87 102.72 -10.23
N VAL Z 297 7.45 102.82 -11.44
CA VAL Z 297 7.86 104.10 -12.00
C VAL Z 297 6.66 104.82 -12.60
N LYS Z 298 6.83 106.08 -12.96
CA LYS Z 298 5.71 106.85 -13.49
C LYS Z 298 5.14 106.15 -14.72
N PRO Z 299 3.87 105.75 -14.71
CA PRO Z 299 3.33 105.00 -15.85
C PRO Z 299 2.85 105.91 -16.96
N THR Z 300 3.64 106.94 -17.29
CA THR Z 300 3.39 107.79 -18.43
C THR Z 300 4.68 108.07 -19.19
N LEU Z 301 5.74 107.32 -18.92
CA LEU Z 301 7.01 107.48 -19.61
C LEU Z 301 7.10 106.50 -20.76
N THR Z 302 7.72 106.94 -21.86
CA THR Z 302 7.93 106.06 -22.99
C THR Z 302 8.95 104.99 -22.62
N TYR Z 303 8.97 103.92 -23.43
CA TYR Z 303 9.89 102.82 -23.18
C TYR Z 303 11.34 103.26 -23.24
N ALA Z 304 11.63 104.35 -23.94
CA ALA Z 304 13.00 104.85 -23.99
C ALA Z 304 13.41 105.48 -22.66
N GLU Z 305 12.53 106.27 -22.05
CA GLU Z 305 12.84 106.94 -20.80
C GLU Z 305 12.58 106.07 -19.58
N ALA Z 306 11.91 104.92 -19.74
CA ALA Z 306 11.66 104.07 -18.58
C ALA Z 306 12.95 103.53 -17.99
N LEU Z 307 13.90 103.16 -18.84
CA LEU Z 307 15.14 102.56 -18.33
C LEU Z 307 15.97 103.51 -17.47
N PRO Z 308 16.26 104.75 -17.88
CA PRO Z 308 17.01 105.63 -16.96
C PRO Z 308 16.25 105.98 -15.71
N ALA Z 309 14.92 105.95 -15.74
CA ALA Z 309 14.16 106.27 -14.53
C ALA Z 309 14.34 105.21 -13.46
N VAL Z 310 14.55 103.96 -13.85
CA VAL Z 310 14.77 102.91 -12.87
C VAL Z 310 16.11 103.10 -12.16
N GLU Z 311 17.13 103.54 -12.90
CA GLU Z 311 18.38 103.89 -12.25
C GLU Z 311 18.21 105.13 -11.37
N ASP Z 312 17.39 106.08 -11.82
CA ASP Z 312 17.16 107.31 -11.05
C ASP Z 312 16.52 106.99 -9.70
N THR Z 313 15.53 106.10 -9.69
CA THR Z 313 14.72 105.90 -8.50
C THR Z 313 15.55 105.36 -7.33
N GLY Z 314 16.74 104.83 -7.58
CA GLY Z 314 17.76 104.70 -6.56
C GLY Z 314 17.95 103.32 -5.97
N LEU Z 315 17.03 102.38 -6.18
CA LEU Z 315 17.21 101.08 -5.54
C LEU Z 315 18.19 100.18 -6.28
N LEU Z 316 18.67 100.57 -7.46
CA LEU Z 316 19.59 99.73 -8.21
C LEU Z 316 20.91 99.63 -7.47
N GLY Z 317 21.18 98.46 -6.92
CA GLY Z 317 22.41 98.22 -6.19
C GLY Z 317 22.49 96.81 -5.67
N THR Z 318 23.08 96.63 -4.49
CA THR Z 318 23.17 95.33 -3.86
C THR Z 318 22.52 95.29 -2.48
N ASP Z 319 22.14 96.44 -1.92
CA ASP Z 319 21.52 96.46 -0.60
C ASP Z 319 20.05 96.05 -0.66
N TYR Z 320 19.34 96.48 -1.69
CA TYR Z 320 17.90 96.21 -1.83
C TYR Z 320 17.75 95.05 -2.80
N VAL Z 321 17.72 93.83 -2.28
CA VAL Z 321 17.64 92.64 -3.11
C VAL Z 321 16.23 92.05 -3.17
N SER Z 322 15.26 92.70 -2.53
CA SER Z 322 13.90 92.16 -2.50
C SER Z 322 12.86 93.13 -3.05
N CYS Z 323 13.27 94.26 -3.60
CA CYS Z 323 12.34 95.28 -4.07
C CYS Z 323 12.23 95.21 -5.59
N SER Z 324 11.01 95.03 -6.08
CA SER Z 324 10.73 94.97 -7.50
C SER Z 324 10.21 96.32 -8.00
N VAL Z 325 10.50 96.62 -9.27
CA VAL Z 325 10.09 97.87 -9.90
C VAL Z 325 9.26 97.54 -11.13
N TYR Z 326 8.10 98.15 -11.25
CA TYR Z 326 7.18 97.86 -12.35
C TYR Z 326 6.95 99.11 -13.19
N HIS Z 327 6.28 98.91 -14.32
CA HIS Z 327 6.00 99.97 -15.28
C HIS Z 327 4.84 99.52 -16.14
N TYR Z 328 3.75 100.29 -16.14
CA TYR Z 328 2.51 99.92 -16.83
C TYR Z 328 2.01 101.09 -17.66
N PRO Z 329 2.59 101.31 -18.85
CA PRO Z 329 2.16 102.43 -19.69
C PRO Z 329 0.92 102.10 -20.52
N PHE Z 330 -0.23 102.03 -19.85
CA PHE Z 330 -1.49 101.73 -20.51
C PHE Z 330 -2.59 102.59 -19.88
N SER Z 331 -3.64 102.79 -20.65
CA SER Z 331 -4.82 103.52 -20.17
C SER Z 331 -5.92 102.54 -19.79
N CYS Z 332 -6.89 103.05 -19.04
CA CYS Z 332 -7.97 102.20 -18.55
C CYS Z 332 -9.18 103.06 -18.24
N LYS Z 333 -10.33 102.40 -18.12
CA LYS Z 333 -11.58 103.07 -17.79
C LYS Z 333 -11.86 102.87 -16.31
N ASP Z 334 -12.03 103.98 -15.59
CA ASP Z 334 -12.15 103.90 -14.14
C ASP Z 334 -13.45 103.23 -13.73
N LYS Z 335 -13.40 102.59 -12.55
CA LYS Z 335 -14.55 101.83 -12.07
C LYS Z 335 -15.64 102.75 -11.54
N TRP Z 336 -15.28 103.85 -10.89
CA TRP Z 336 -16.26 104.70 -10.22
C TRP Z 336 -16.72 105.87 -11.09
N THR Z 337 -15.79 106.71 -11.52
CA THR Z 337 -16.17 107.94 -12.22
C THR Z 337 -16.40 107.74 -13.71
N GLN Z 338 -16.04 106.58 -14.27
CA GLN Z 338 -16.23 106.28 -15.68
C GLN Z 338 -15.51 107.31 -16.57
N SER Z 339 -14.19 107.32 -16.46
CA SER Z 339 -13.36 108.24 -17.22
C SER Z 339 -12.08 107.53 -17.64
N ARG Z 340 -11.23 108.26 -18.37
CA ARG Z 340 -9.97 107.72 -18.86
C ARG Z 340 -8.86 108.10 -17.88
N VAL Z 341 -8.35 107.11 -17.14
CA VAL Z 341 -7.33 107.34 -16.13
C VAL Z 341 -6.19 106.36 -16.35
N VAL Z 342 -5.02 106.71 -15.80
CA VAL Z 342 -3.85 105.84 -15.81
C VAL Z 342 -3.28 105.79 -14.41
N PHE Z 343 -2.96 104.58 -13.94
CA PHE Z 343 -2.29 104.42 -12.67
C PHE Z 343 -1.38 103.20 -12.75
N GLY Z 344 -0.79 102.84 -11.61
CA GLY Z 344 0.32 101.91 -11.59
C GLY Z 344 -0.08 100.47 -11.43
N LEU Z 345 0.91 99.66 -11.04
CA LEU Z 345 0.76 98.21 -10.97
C LEU Z 345 1.15 97.62 -9.62
N SER Z 346 1.44 98.46 -8.62
CA SER Z 346 1.84 97.94 -7.32
C SER Z 346 0.75 97.10 -6.68
N GLY Z 347 -0.49 97.56 -6.76
CA GLY Z 347 -1.59 96.81 -6.18
C GLY Z 347 -1.76 95.45 -6.80
N VAL Z 348 -1.69 95.37 -8.13
CA VAL Z 348 -1.85 94.09 -8.80
C VAL Z 348 -0.67 93.18 -8.52
N ALA Z 349 0.54 93.74 -8.45
CA ALA Z 349 1.69 92.93 -8.09
C ALA Z 349 1.52 92.32 -6.71
N TYR Z 350 1.07 93.11 -5.74
CA TYR Z 350 0.85 92.55 -4.41
C TYR Z 350 -0.29 91.54 -4.40
N ALA Z 351 -1.32 91.76 -5.20
CA ALA Z 351 -2.40 90.77 -5.28
C ALA Z 351 -1.88 89.46 -5.81
N ALA Z 352 -1.00 89.51 -6.80
CA ALA Z 352 -0.37 88.29 -7.30
C ALA Z 352 0.45 87.61 -6.21
N LYS Z 353 1.22 88.39 -5.46
CA LYS Z 353 2.03 87.80 -4.40
C LYS Z 353 1.16 87.15 -3.33
N ALA Z 354 0.04 87.79 -2.98
CA ALA Z 354 -0.84 87.21 -1.97
C ALA Z 354 -1.52 85.95 -2.48
N ARG Z 355 -1.96 85.95 -3.74
CA ARG Z 355 -2.51 84.73 -4.32
C ARG Z 355 -1.49 83.60 -4.27
N GLY Z 356 -0.22 83.92 -4.52
CA GLY Z 356 0.81 82.91 -4.41
C GLY Z 356 1.01 82.42 -2.99
N VAL Z 357 1.01 83.34 -2.03
CA VAL Z 357 1.31 82.98 -0.65
C VAL Z 357 0.14 82.25 0.02
N LYS Z 358 -1.06 82.33 -0.55
CA LYS Z 358 -2.21 81.64 0.03
C LYS Z 358 -2.40 80.23 -0.50
N LYS Z 359 -1.49 79.73 -1.34
CA LYS Z 359 -1.65 78.39 -1.89
C LYS Z 359 -1.42 77.33 -0.83
N ASN Z 360 -0.22 77.30 -0.25
CA ASN Z 360 0.07 76.37 0.84
C ASN Z 360 -0.54 76.88 2.13
N SER Z 361 -1.03 75.95 2.95
CA SER Z 361 -1.72 76.30 4.18
C SER Z 361 -0.86 76.14 5.43
N ASP Z 362 0.08 75.18 5.42
CA ASP Z 362 0.89 74.95 6.61
C ASP Z 362 1.88 76.09 6.84
N VAL Z 363 2.80 76.29 5.90
CA VAL Z 363 3.79 77.35 5.99
C VAL Z 363 3.55 78.47 4.99
N GLY Z 364 2.60 78.30 4.08
CA GLY Z 364 2.36 79.31 3.07
C GLY Z 364 3.35 79.23 1.95
N GLY Z 365 2.89 79.35 0.71
CA GLY Z 365 3.79 79.21 -0.41
C GLY Z 365 4.48 80.51 -0.76
N TRP Z 366 5.70 80.67 -0.30
CA TRP Z 366 6.50 81.84 -0.64
C TRP Z 366 7.34 81.63 -1.88
N HIS Z 367 7.37 80.42 -2.43
CA HIS Z 367 8.22 80.11 -3.57
C HIS Z 367 7.52 80.33 -4.90
N TYR Z 368 6.28 80.81 -4.90
CA TYR Z 368 5.55 81.07 -6.13
C TYR Z 368 5.89 82.49 -6.61
N SER Z 369 6.37 82.60 -7.84
CA SER Z 369 6.70 83.90 -8.38
C SER Z 369 5.43 84.71 -8.62
N PRO Z 370 5.48 86.03 -8.46
CA PRO Z 370 4.31 86.89 -8.71
C PRO Z 370 4.10 87.22 -10.19
N ALA Z 371 4.05 86.18 -11.02
CA ALA Z 371 3.84 86.36 -12.45
C ALA Z 371 3.28 85.07 -13.02
N GLY Z 372 2.71 85.17 -14.20
CA GLY Z 372 2.16 84.02 -14.89
C GLY Z 372 0.79 84.32 -15.42
N GLU Z 373 0.08 83.26 -15.81
CA GLU Z 373 -1.27 83.38 -16.35
C GLU Z 373 -2.35 82.93 -15.39
N GLU Z 374 -1.99 82.30 -14.28
CA GLU Z 374 -2.95 81.84 -13.30
C GLU Z 374 -2.89 82.58 -11.98
N ARG Z 375 -1.94 83.52 -11.83
CA ARG Z 375 -1.81 84.22 -10.56
C ARG Z 375 -1.58 85.72 -10.69
N ALA Z 376 -1.49 86.28 -11.89
CA ALA Z 376 -1.14 87.68 -12.02
C ALA Z 376 -1.95 88.37 -13.11
N VAL Z 377 -3.18 87.90 -13.37
CA VAL Z 377 -3.99 88.54 -14.38
C VAL Z 377 -4.36 89.95 -13.92
N ILE Z 378 -4.49 90.86 -14.89
CA ILE Z 378 -4.82 92.25 -14.62
C ILE Z 378 -6.25 92.48 -15.04
N ALA Z 379 -7.09 92.92 -14.10
CA ALA Z 379 -8.50 93.15 -14.35
C ALA Z 379 -8.74 94.65 -14.45
N ARG Z 380 -8.99 95.12 -15.67
CA ARG Z 380 -9.31 96.52 -15.92
C ARG Z 380 -10.49 96.57 -16.89
N ALA Z 381 -10.77 97.76 -17.41
CA ALA Z 381 -11.88 97.96 -18.33
C ALA Z 381 -11.38 98.74 -19.54
N SER Z 382 -11.49 98.14 -20.72
CA SER Z 382 -11.17 98.78 -21.99
C SER Z 382 -9.74 99.30 -22.00
N ILE Z 383 -8.80 98.38 -21.80
CA ILE Z 383 -7.39 98.73 -21.81
C ILE Z 383 -7.01 99.19 -23.21
N GLN Z 384 -6.53 100.43 -23.31
CA GLN Z 384 -6.14 101.02 -24.58
C GLN Z 384 -4.70 101.50 -24.47
N PRO Z 385 -3.75 100.93 -25.22
CA PRO Z 385 -2.35 101.28 -25.03
C PRO Z 385 -2.09 102.75 -25.25
N LEU Z 386 -1.17 103.31 -24.45
CA LEU Z 386 -0.86 104.73 -24.53
C LEU Z 386 -0.02 105.05 -25.75
N TYR Z 387 0.95 104.20 -26.07
CA TYR Z 387 1.87 104.40 -27.20
C TYR Z 387 1.84 103.17 -28.09
N PRO Z 388 0.79 103.01 -28.90
CA PRO Z 388 0.74 101.84 -29.78
C PRO Z 388 1.85 101.78 -30.81
N GLU Z 389 2.47 102.92 -31.15
CA GLU Z 389 3.50 102.91 -32.18
C GLU Z 389 4.86 102.45 -31.66
N ASP Z 390 5.04 102.31 -30.36
CA ASP Z 390 6.33 101.93 -29.80
C ASP Z 390 6.37 100.41 -29.59
N THR Z 391 7.53 99.94 -29.13
CA THR Z 391 7.76 98.52 -28.93
C THR Z 391 8.68 98.34 -27.73
N PRO Z 392 8.51 97.26 -26.96
CA PRO Z 392 9.40 97.02 -25.82
C PRO Z 392 10.80 96.66 -26.26
N ASP Z 393 11.70 96.62 -25.29
CA ASP Z 393 13.14 96.44 -25.47
C ASP Z 393 13.64 95.26 -24.64
N GLU Z 394 12.99 94.11 -24.80
CA GLU Z 394 13.12 92.98 -23.88
C GLU Z 394 14.51 92.79 -23.30
N GLU Z 395 15.54 92.77 -24.15
CA GLU Z 395 16.90 92.56 -23.65
C GLU Z 395 17.34 93.72 -22.77
N ALA Z 396 17.08 94.95 -23.20
CA ALA Z 396 17.44 96.11 -22.39
C ALA Z 396 16.68 96.12 -21.07
N MET Z 397 15.39 95.76 -21.10
CA MET Z 397 14.61 95.72 -19.87
C MET Z 397 15.15 94.68 -18.91
N VAL Z 398 15.49 93.49 -19.41
CA VAL Z 398 16.02 92.46 -18.52
C VAL Z 398 17.36 92.88 -17.94
N LYS Z 399 18.20 93.53 -18.74
CA LYS Z 399 19.47 94.00 -18.21
C LYS Z 399 19.27 95.12 -17.19
N GLY Z 400 18.25 95.95 -17.38
CA GLY Z 400 17.96 97.05 -16.48
C GLY Z 400 17.03 96.73 -15.34
N ARG Z 401 16.62 95.47 -15.19
CA ARG Z 401 15.79 95.02 -14.07
C ARG Z 401 14.47 95.78 -14.03
N LEU Z 402 13.66 95.58 -15.07
CA LEU Z 402 12.36 96.21 -15.19
C LEU Z 402 11.36 95.16 -15.66
N ASN Z 403 10.42 94.80 -14.80
CA ASN Z 403 9.40 93.83 -15.17
C ASN Z 403 8.45 94.42 -16.20
N LYS Z 404 8.05 93.60 -17.17
CA LYS Z 404 7.25 94.07 -18.30
C LYS Z 404 5.93 93.31 -18.36
N VAL Z 405 4.90 94.01 -18.81
CA VAL Z 405 3.60 93.40 -19.03
C VAL Z 405 3.56 92.78 -20.42
N SER Z 406 2.57 91.93 -20.66
CA SER Z 406 2.41 91.27 -21.95
C SER Z 406 0.95 90.89 -22.11
N VAL Z 407 0.67 90.15 -23.17
CA VAL Z 407 -0.66 89.61 -23.42
C VAL Z 407 -0.54 88.09 -23.44
N GLY Z 408 -1.06 87.44 -22.42
CA GLY Z 408 -1.03 86.00 -22.33
C GLY Z 408 -2.14 85.36 -23.13
N THR Z 409 -2.40 84.09 -22.82
CA THR Z 409 -3.49 83.38 -23.49
C THR Z 409 -4.83 83.99 -23.09
N SER Z 410 -5.81 83.82 -23.97
CA SER Z 410 -7.18 84.29 -23.81
C SER Z 410 -7.29 85.81 -23.95
N GLY Z 411 -6.16 86.49 -24.05
CA GLY Z 411 -6.14 87.91 -24.33
C GLY Z 411 -6.18 88.85 -23.13
N GLN Z 412 -6.04 88.34 -21.92
CA GLN Z 412 -5.94 89.19 -20.74
C GLN Z 412 -4.50 89.56 -20.47
N MET Z 413 -4.25 90.84 -20.22
CA MET Z 413 -2.90 91.29 -19.90
C MET Z 413 -2.43 90.64 -18.60
N ILE Z 414 -1.14 90.29 -18.56
CA ILE Z 414 -0.56 89.65 -17.39
C ILE Z 414 0.80 90.28 -17.12
N ILE Z 415 1.36 89.95 -15.96
CA ILE Z 415 2.74 90.29 -15.63
C ILE Z 415 3.62 89.10 -15.99
N ASP Z 416 4.70 89.36 -16.72
CA ASP Z 416 5.51 88.29 -17.28
C ASP Z 416 6.98 88.42 -16.89
N ASP Z 417 7.26 88.81 -15.66
CA ASP Z 417 8.62 88.79 -15.15
C ASP Z 417 8.60 88.81 -13.63
N ALA Z 418 9.69 88.34 -13.05
CA ALA Z 418 9.86 88.28 -11.60
C ALA Z 418 11.26 88.72 -11.22
N LEU Z 419 11.72 89.81 -11.80
CA LEU Z 419 13.07 90.29 -11.58
C LEU Z 419 13.10 91.39 -10.53
N THR Z 420 14.05 91.29 -9.62
CA THR Z 420 14.21 92.26 -8.54
C THR Z 420 15.18 93.35 -8.97
N CYS Z 421 15.62 94.17 -8.03
CA CYS Z 421 16.53 95.27 -8.30
C CYS Z 421 18.00 94.89 -8.12
N CYS Z 422 18.30 93.64 -7.79
CA CYS Z 422 19.68 93.22 -7.66
C CYS Z 422 20.38 93.26 -9.00
N THR Z 423 21.59 93.81 -9.02
CA THR Z 423 22.36 93.89 -10.26
C THR Z 423 23.24 92.67 -10.50
N GLN Z 424 23.70 92.02 -9.44
CA GLN Z 424 24.53 90.85 -9.59
C GLN Z 424 23.76 89.73 -10.28
N ASP Z 425 24.45 89.00 -11.16
CA ASP Z 425 23.83 87.93 -11.92
C ASP Z 425 24.03 86.60 -11.19
N ASN Z 426 23.18 86.36 -10.21
CA ASN Z 426 23.19 85.12 -9.45
C ASN Z 426 21.73 84.75 -9.15
N TYR Z 427 21.54 83.82 -8.22
CA TYR Z 427 20.19 83.40 -7.87
C TYR Z 427 19.39 84.49 -7.19
N LEU Z 428 20.02 85.58 -6.77
CA LEU Z 428 19.34 86.56 -5.95
C LEU Z 428 18.48 87.53 -6.75
N HIS Z 429 18.65 87.61 -8.07
CA HIS Z 429 17.87 88.59 -8.82
C HIS Z 429 16.48 88.08 -9.19
N PHE Z 430 16.20 86.80 -9.00
CA PHE Z 430 14.83 86.32 -9.15
C PHE Z 430 14.02 86.76 -7.94
N GLN Z 431 12.69 86.71 -8.08
CA GLN Z 431 11.85 87.28 -7.05
C GLN Z 431 11.58 86.33 -5.89
N HIS Z 432 11.38 85.04 -6.19
CA HIS Z 432 10.92 84.14 -5.13
C HIS Z 432 12.02 83.79 -4.14
N VAL Z 433 13.28 83.76 -4.59
CA VAL Z 433 14.37 83.36 -3.69
C VAL Z 433 14.54 84.32 -2.51
N PRO Z 434 14.64 85.64 -2.71
CA PRO Z 434 14.75 86.52 -1.54
C PRO Z 434 13.56 86.42 -0.61
N SER Z 435 12.34 86.25 -1.14
CA SER Z 435 11.17 86.16 -0.28
C SER Z 435 11.23 84.92 0.60
N LEU Z 436 11.60 83.78 0.02
CA LEU Z 436 11.71 82.55 0.80
C LEU Z 436 12.80 82.66 1.86
N MET Z 437 13.97 83.18 1.47
CA MET Z 437 15.05 83.32 2.44
C MET Z 437 14.68 84.29 3.55
N ASN Z 438 13.95 85.36 3.23
CA ASN Z 438 13.55 86.31 4.25
C ASN Z 438 12.51 85.70 5.19
N ALA Z 439 11.61 84.87 4.68
CA ALA Z 439 10.69 84.17 5.57
C ALA Z 439 11.44 83.30 6.55
N ILE Z 440 12.42 82.54 6.07
CA ILE Z 440 13.20 81.69 6.96
C ILE Z 440 13.94 82.54 7.98
N SER Z 441 14.52 83.66 7.55
CA SER Z 441 15.27 84.51 8.46
C SER Z 441 14.37 85.11 9.54
N ARG Z 442 13.16 85.53 9.18
CA ARG Z 442 12.25 86.08 10.18
C ARG Z 442 11.87 85.02 11.21
N PHE Z 443 11.60 83.79 10.75
CA PHE Z 443 11.33 82.74 11.71
C PHE Z 443 12.53 82.50 12.63
N PHE Z 444 13.75 82.53 12.08
CA PHE Z 444 14.93 82.34 12.92
C PHE Z 444 15.05 83.44 13.95
N VAL Z 445 14.79 84.68 13.56
CA VAL Z 445 14.90 85.77 14.51
C VAL Z 445 13.91 85.57 15.65
N GLN Z 446 12.69 85.17 15.33
CA GLN Z 446 11.71 84.89 16.38
C GLN Z 446 12.21 83.80 17.33
N LEU Z 447 12.71 82.70 16.76
CA LEU Z 447 13.14 81.57 17.59
C LEU Z 447 14.31 81.95 18.49
N ALA Z 448 15.31 82.63 17.93
CA ALA Z 448 16.48 82.98 18.73
C ALA Z 448 16.14 84.03 19.78
N ARG Z 449 15.26 84.97 19.46
CA ARG Z 449 14.83 85.93 20.47
C ARG Z 449 14.14 85.22 21.63
N GLN Z 450 13.32 84.21 21.32
CA GLN Z 450 12.68 83.46 22.40
C GLN Z 450 13.70 82.66 23.20
N MET Z 451 14.75 82.16 22.54
CA MET Z 451 15.66 81.20 23.15
C MET Z 451 16.92 81.84 23.71
N LYS Z 452 17.03 83.16 23.67
CA LYS Z 452 18.21 83.83 24.20
C LYS Z 452 18.33 83.65 25.71
N HIS Z 453 19.57 83.73 26.19
CA HIS Z 453 19.92 83.74 27.62
C HIS Z 453 19.69 82.40 28.31
N SER Z 454 19.80 81.30 27.59
CA SER Z 454 19.67 79.98 28.19
C SER Z 454 21.02 79.27 28.22
N PRO Z 455 21.20 78.31 29.12
CA PRO Z 455 22.45 77.54 29.12
C PRO Z 455 22.61 76.74 27.85
N ASP Z 456 23.88 76.39 27.55
CA ASP Z 456 24.19 75.78 26.26
C ASP Z 456 23.50 74.45 26.08
N GLY Z 457 23.34 73.68 27.17
CA GLY Z 457 22.71 72.37 27.05
C GLY Z 457 21.32 72.45 26.49
N ILE Z 458 20.51 73.37 27.02
CA ILE Z 458 19.17 73.57 26.47
C ILE Z 458 19.25 74.24 25.10
N THR Z 459 20.17 75.20 24.95
CA THR Z 459 20.18 76.05 23.76
C THR Z 459 20.48 75.26 22.50
N ALA Z 460 21.51 74.41 22.54
CA ALA Z 460 21.90 73.67 21.35
C ALA Z 460 20.77 72.76 20.88
N ALA Z 461 20.20 71.98 21.80
CA ALA Z 461 19.14 71.06 21.43
C ALA Z 461 17.92 71.81 20.92
N GLY Z 462 17.55 72.91 21.58
CA GLY Z 462 16.38 73.66 21.16
C GLY Z 462 16.55 74.26 19.78
N LEU Z 463 17.70 74.90 19.54
CA LEU Z 463 17.95 75.50 18.22
C LEU Z 463 17.93 74.43 17.14
N THR Z 464 18.62 73.31 17.36
CA THR Z 464 18.66 72.27 16.36
C THR Z 464 17.27 71.73 16.08
N LYS Z 465 16.48 71.46 17.12
CA LYS Z 465 15.15 70.91 16.92
C LYS Z 465 14.26 71.89 16.16
N GLY Z 466 14.26 73.16 16.57
CA GLY Z 466 13.41 74.12 15.89
C GLY Z 466 13.76 74.31 14.43
N MET Z 467 15.05 74.49 14.15
CA MET Z 467 15.46 74.69 12.76
C MET Z 467 15.22 73.45 11.92
N THR Z 468 15.51 72.26 12.45
CA THR Z 468 15.25 71.05 11.69
C THR Z 468 13.78 70.91 11.38
N LYS Z 469 12.91 71.18 12.35
CA LYS Z 469 11.47 71.07 12.10
C LYS Z 469 11.02 72.06 11.04
N LEU Z 470 11.48 73.32 11.13
CA LEU Z 470 11.04 74.32 10.16
C LEU Z 470 11.50 73.97 8.76
N LEU Z 471 12.77 73.59 8.60
CA LEU Z 471 13.26 73.28 7.26
C LEU Z 471 12.63 72.01 6.72
N ASP Z 472 12.32 71.04 7.57
CA ASP Z 472 11.59 69.87 7.10
C ASP Z 472 10.20 70.25 6.62
N ARG Z 473 9.54 71.17 7.34
CA ARG Z 473 8.24 71.65 6.88
C ARG Z 473 8.35 72.30 5.51
N PHE Z 474 9.38 73.12 5.30
CA PHE Z 474 9.55 73.77 4.01
C PHE Z 474 9.82 72.76 2.90
N VAL Z 475 10.68 71.77 3.16
CA VAL Z 475 10.97 70.77 2.14
C VAL Z 475 9.72 69.98 1.79
N ALA Z 476 8.94 69.60 2.79
CA ALA Z 476 7.69 68.90 2.51
C ALA Z 476 6.73 69.79 1.73
N SER Z 477 6.74 71.09 1.99
CA SER Z 477 5.95 72.02 1.19
C SER Z 477 6.38 72.00 -0.26
N GLY Z 478 7.69 71.95 -0.50
CA GLY Z 478 8.23 71.88 -1.84
C GLY Z 478 9.03 73.08 -2.29
N ALA Z 479 9.43 73.96 -1.38
CA ALA Z 479 10.22 75.12 -1.75
C ALA Z 479 11.71 74.84 -1.86
N LEU Z 480 12.17 73.69 -1.40
CA LEU Z 480 13.56 73.30 -1.51
C LEU Z 480 13.65 71.94 -2.19
N VAL Z 481 14.62 71.79 -3.10
CA VAL Z 481 14.80 70.57 -3.86
C VAL Z 481 16.26 70.13 -3.75
N ALA Z 482 16.54 68.94 -4.25
CA ALA Z 482 17.88 68.40 -4.19
C ALA Z 482 18.84 69.28 -4.99
N PRO Z 483 20.11 69.32 -4.60
CA PRO Z 483 21.06 70.21 -5.29
C PRO Z 483 21.23 69.82 -6.74
N ARG Z 484 21.59 70.81 -7.57
CA ARG Z 484 21.71 70.58 -9.00
C ARG Z 484 22.79 69.57 -9.32
N ASP Z 485 23.93 69.65 -8.64
CA ASP Z 485 25.04 68.73 -8.89
C ASP Z 485 25.26 67.87 -7.65
N PRO Z 486 24.71 66.67 -7.59
CA PRO Z 486 24.83 65.82 -6.39
C PRO Z 486 26.13 65.04 -6.34
N ASP Z 487 27.24 65.73 -6.61
CA ASP Z 487 28.57 65.14 -6.54
C ASP Z 487 29.47 65.83 -5.53
N ALA Z 488 29.43 67.17 -5.46
CA ALA Z 488 30.26 67.93 -4.55
C ALA Z 488 29.49 68.34 -3.30
N ASP Z 489 28.38 69.06 -3.47
CA ASP Z 489 27.61 69.58 -2.35
C ASP Z 489 26.49 68.62 -1.92
N GLY Z 490 26.86 67.37 -1.66
CA GLY Z 490 25.97 66.37 -1.11
C GLY Z 490 24.70 66.18 -1.92
N THR Z 491 23.69 65.62 -1.25
CA THR Z 491 22.40 65.39 -1.88
C THR Z 491 21.23 65.73 -0.96
N GLU Z 492 21.44 66.58 0.04
CA GLU Z 492 20.32 66.95 0.88
C GLU Z 492 19.86 68.37 0.56
N PRO Z 493 18.55 68.64 0.62
CA PRO Z 493 18.07 69.98 0.28
C PRO Z 493 18.65 71.07 1.16
N TYR Z 494 18.85 70.79 2.44
CA TYR Z 494 19.36 71.76 3.39
C TYR Z 494 20.43 71.13 4.26
N VAL Z 495 21.41 71.94 4.64
CA VAL Z 495 22.48 71.54 5.55
C VAL Z 495 22.50 72.52 6.71
N LEU Z 496 22.45 71.99 7.92
CA LEU Z 496 22.37 72.79 9.13
C LEU Z 496 23.61 72.60 9.98
N LYS Z 497 24.06 73.67 10.62
CA LYS Z 497 25.24 73.59 11.48
C LYS Z 497 25.10 74.61 12.60
N VAL Z 498 24.92 74.13 13.82
CA VAL Z 498 24.85 74.96 15.01
C VAL Z 498 26.13 74.75 15.80
N THR Z 499 26.84 75.85 16.08
CA THR Z 499 28.16 75.73 16.70
C THR Z 499 28.34 76.82 17.74
N GLN Z 500 29.38 76.65 18.55
CA GLN Z 500 29.76 77.63 19.56
C GLN Z 500 31.11 78.23 19.17
N ALA Z 501 31.18 79.55 19.10
CA ALA Z 501 32.41 80.22 18.72
C ALA Z 501 33.25 80.64 19.92
N GLU Z 502 32.60 81.06 21.00
CA GLU Z 502 33.27 81.36 22.27
C GLU Z 502 32.27 81.06 23.38
N PHE Z 503 32.50 81.65 24.56
CA PHE Z 503 31.60 81.43 25.67
C PHE Z 503 30.15 81.69 25.29
N ASP Z 504 29.88 82.79 24.57
CA ASP Z 504 28.52 83.05 24.10
C ASP Z 504 28.61 83.68 22.71
N LYS Z 505 28.62 82.83 21.68
CA LYS Z 505 28.54 83.31 20.31
C LYS Z 505 27.79 82.30 19.44
N TRP Z 506 26.77 81.65 20.00
CA TRP Z 506 26.08 80.57 19.30
C TRP Z 506 25.76 80.96 17.85
N GLU Z 507 26.38 80.26 16.91
CA GLU Z 507 26.31 80.61 15.49
C GLU Z 507 25.57 79.51 14.74
N VAL Z 508 24.56 79.90 13.98
CA VAL Z 508 23.74 78.97 13.20
C VAL Z 508 23.96 79.28 11.73
N VAL Z 509 24.35 78.26 10.97
CA VAL Z 509 24.56 78.38 9.53
C VAL Z 509 23.70 77.34 8.84
N TRP Z 510 22.78 77.79 7.99
CA TRP Z 510 21.92 76.90 7.23
C TRP Z 510 22.07 77.22 5.75
N ALA Z 511 22.25 76.19 4.94
CA ALA Z 511 22.38 76.32 3.50
C ALA Z 511 21.25 75.55 2.85
N CYS Z 512 20.51 76.21 1.96
CA CYS Z 512 19.34 75.62 1.33
C CYS Z 512 19.46 75.69 -0.18
N CYS Z 513 18.86 74.72 -0.87
CA CYS Z 513 18.82 74.78 -2.32
C CYS Z 513 17.42 75.17 -2.77
N PRO Z 514 17.21 76.39 -3.26
CA PRO Z 514 15.86 76.82 -3.61
C PRO Z 514 15.39 76.21 -4.93
N THR Z 515 14.07 76.24 -5.12
CA THR Z 515 13.48 75.69 -6.32
C THR Z 515 13.84 76.53 -7.54
N GLY Z 516 13.67 75.94 -8.72
CA GLY Z 516 13.95 76.60 -9.96
C GLY Z 516 12.68 77.01 -10.67
N VAL Z 517 12.51 78.32 -10.85
CA VAL Z 517 11.40 78.82 -11.63
C VAL Z 517 11.55 78.37 -13.08
N ALA Z 518 10.46 78.36 -13.82
CA ALA Z 518 10.44 77.97 -15.22
C ALA Z 518 10.11 79.20 -16.05
N ARG Z 519 11.13 79.97 -16.40
CA ARG Z 519 10.96 81.21 -17.14
C ARG Z 519 11.15 81.03 -18.64
N ARG Z 520 12.13 80.25 -19.05
CA ARG Z 520 12.40 80.00 -20.46
C ARG Z 520 12.22 78.51 -20.74
N ILE Z 521 11.38 78.19 -21.71
CA ILE Z 521 11.11 76.81 -22.10
C ILE Z 521 11.42 76.67 -23.57
N GLN Z 522 12.25 75.68 -23.92
CA GLN Z 522 12.69 75.47 -25.29
C GLN Z 522 12.42 74.03 -25.70
N GLY Z 523 11.86 73.85 -26.89
CA GLY Z 523 11.59 72.54 -27.44
C GLY Z 523 12.44 72.30 -28.68
N VAL Z 524 13.02 71.11 -28.76
CA VAL Z 524 13.89 70.72 -29.87
C VAL Z 524 13.33 69.44 -30.48
N PRO Z 525 12.53 69.54 -31.53
CA PRO Z 525 12.03 68.33 -32.18
C PRO Z 525 13.14 67.60 -32.91
N LEU Z 526 12.97 66.29 -33.06
CA LEU Z 526 13.96 65.44 -33.71
C LEU Z 526 13.25 64.44 -34.60
N LEU Z 527 14.00 63.85 -35.52
CA LEU Z 527 13.52 62.78 -36.36
C LEU Z 527 14.44 61.59 -36.23
N ILE Z 528 13.85 60.40 -36.17
CA ILE Z 528 14.59 59.15 -35.95
C ILE Z 528 14.62 58.36 -37.26
N LYS Z 529 15.81 57.98 -37.69
CA LYS Z 529 15.97 57.19 -38.90
C LYS Z 529 15.36 55.81 -38.71
N SER AA 2 3.35 89.34 -34.47
CA SER AA 2 2.10 89.47 -33.73
C SER AA 2 1.90 88.30 -32.78
N GLN AA 3 0.64 88.01 -32.47
CA GLN AA 3 0.32 86.84 -31.68
C GLN AA 3 0.36 85.59 -32.55
N TYR AA 4 0.31 84.43 -31.89
CA TYR AA 4 0.38 83.11 -32.52
C TYR AA 4 1.71 82.86 -33.20
N SER AA 5 2.62 83.84 -33.22
CA SER AA 5 3.92 83.65 -33.83
C SER AA 5 4.80 82.81 -32.92
N ILE AA 6 5.75 82.10 -33.52
CA ILE AA 6 6.67 81.23 -32.79
C ILE AA 6 8.08 81.68 -33.09
N GLN AA 7 8.86 81.96 -32.05
CA GLN AA 7 10.24 82.33 -32.22
C GLN AA 7 11.13 81.09 -32.17
N GLN AA 8 12.43 81.29 -32.37
CA GLN AA 8 13.38 80.19 -32.42
C GLN AA 8 14.62 80.40 -31.58
N SER AA 9 14.97 81.63 -31.22
CA SER AA 9 16.22 81.89 -30.51
C SER AA 9 16.05 81.76 -29.00
N LEU AA 10 15.20 82.61 -28.41
CA LEU AA 10 14.93 82.60 -26.97
C LEU AA 10 16.22 82.81 -26.17
N GLY AA 11 16.75 84.02 -26.30
CA GLY AA 11 17.96 84.39 -25.59
C GLY AA 11 17.76 85.37 -24.46
N ASN AA 12 17.90 84.88 -23.22
CA ASN AA 12 17.94 85.72 -22.03
C ASN AA 12 16.66 86.57 -21.88
N ALA AA 13 15.52 85.98 -22.20
CA ALA AA 13 14.24 86.67 -22.04
C ALA AA 13 13.15 85.63 -21.87
N SER AA 14 12.14 85.96 -21.09
CA SER AA 14 11.04 85.03 -20.86
C SER AA 14 10.30 84.76 -22.16
N GLY AA 15 9.89 83.51 -22.35
CA GLY AA 15 9.14 83.15 -23.54
C GLY AA 15 9.26 81.66 -23.80
N VAL AA 16 8.71 81.26 -24.94
CA VAL AA 16 8.73 79.88 -25.38
C VAL AA 16 9.11 79.85 -26.86
N ALA AA 17 9.94 78.89 -27.25
CA ALA AA 17 10.40 78.80 -28.63
C ALA AA 17 10.69 77.36 -28.97
N VAL AA 18 10.49 77.02 -30.24
CA VAL AA 18 10.78 75.68 -30.75
C VAL AA 18 11.83 75.79 -31.85
N SER AA 19 12.83 74.95 -31.77
CA SER AA 19 13.91 74.96 -32.74
C SER AA 19 13.43 74.33 -34.06
N PRO AA 20 14.00 74.75 -35.19
CA PRO AA 20 13.64 74.12 -36.47
C PRO AA 20 14.01 72.65 -36.47
N ILE AA 21 13.25 71.87 -37.23
CA ILE AA 21 13.39 70.42 -37.21
C ILE AA 21 14.80 70.04 -37.65
N ASN AA 22 15.39 69.06 -36.96
CA ASN AA 22 16.77 68.70 -37.23
C ASN AA 22 16.89 67.90 -38.52
N ALA AA 23 16.33 66.68 -38.53
CA ALA AA 23 16.27 65.85 -39.73
C ALA AA 23 17.63 65.70 -40.39
N ASP AA 24 18.66 65.44 -39.58
CA ASP AA 24 20.00 65.22 -40.09
C ASP AA 24 20.50 63.80 -39.94
N ALA AA 25 19.88 63.01 -39.05
CA ALA AA 25 20.22 61.61 -38.91
C ALA AA 25 19.44 60.72 -39.87
N THR AA 26 18.61 61.32 -40.73
CA THR AA 26 17.78 60.57 -41.66
C THR AA 26 18.06 60.99 -43.10
N LEU AA 27 19.31 61.33 -43.40
CA LEU AA 27 19.66 61.80 -44.72
C LEU AA 27 19.86 60.63 -45.66
N SER AA 28 19.01 60.54 -46.67
CA SER AA 28 19.11 59.52 -47.71
C SER AA 28 19.79 60.12 -48.93
N THR AA 29 19.81 59.36 -50.02
CA THR AA 29 20.37 59.83 -51.28
C THR AA 29 19.57 59.24 -52.43
N GLY AA 30 18.99 60.12 -53.24
CA GLY AA 30 18.21 59.66 -54.38
C GLY AA 30 18.97 59.71 -55.68
N VAL AA 31 19.50 58.57 -56.13
CA VAL AA 31 20.24 58.50 -57.37
C VAL AA 31 19.57 57.62 -58.41
N ALA AA 32 18.77 56.63 -58.00
CA ALA AA 32 18.08 55.72 -58.91
C ALA AA 32 19.08 55.02 -59.84
N LEU AA 33 19.89 54.18 -59.20
CA LEU AA 33 20.97 53.50 -59.93
C LEU AA 33 20.41 52.59 -61.03
N ASN AA 34 19.22 52.03 -60.84
CA ASN AA 34 18.67 51.10 -61.81
C ASN AA 34 18.03 51.80 -63.01
N SER AA 35 18.73 52.77 -63.57
CA SER AA 35 18.22 53.50 -64.72
C SER AA 35 19.37 53.75 -65.70
N SER AA 36 19.13 53.48 -66.98
CA SER AA 36 20.15 53.60 -68.00
C SER AA 36 19.59 54.31 -69.22
N LEU AA 37 20.37 55.26 -69.76
CA LEU AA 37 20.02 55.97 -70.98
C LEU AA 37 21.23 55.99 -71.89
N TRP AA 38 20.98 56.04 -73.20
CA TRP AA 38 22.03 55.97 -74.20
C TRP AA 38 22.13 57.28 -74.96
N ALA AA 39 23.35 57.75 -75.20
CA ALA AA 39 23.59 58.99 -75.92
C ALA AA 39 24.47 58.73 -77.12
N GLY AA 40 24.12 59.33 -78.24
CA GLY AA 40 24.89 59.11 -79.45
C GLY AA 40 24.75 60.23 -80.45
N ILE AA 41 25.68 60.26 -81.39
CA ILE AA 41 25.64 61.21 -82.49
C ILE AA 41 25.30 60.45 -83.75
N GLY AA 42 24.85 61.18 -84.77
CA GLY AA 42 24.48 60.52 -86.01
C GLY AA 42 24.11 61.52 -87.07
N VAL AA 43 23.74 60.97 -88.23
CA VAL AA 43 23.29 61.74 -89.39
C VAL AA 43 21.89 61.25 -89.74
N PHE AA 44 20.93 62.17 -89.77
CA PHE AA 44 19.55 61.78 -89.99
C PHE AA 44 18.89 62.66 -91.05
N ALA AA 45 17.58 62.55 -91.18
CA ALA AA 45 16.84 63.33 -92.17
C ALA AA 45 16.18 64.57 -91.59
N ARG AA 46 15.64 64.49 -90.38
CA ARG AA 46 14.94 65.60 -89.74
C ARG AA 46 15.41 65.75 -88.31
N GLY AA 47 15.56 66.99 -87.87
CA GLY AA 47 16.00 67.30 -86.52
C GLY AA 47 16.80 68.58 -86.50
N LYS AA 48 16.89 69.17 -85.32
CA LYS AA 48 17.63 70.41 -85.16
C LYS AA 48 19.12 70.11 -85.07
N PRO AA 49 19.94 70.64 -85.96
CA PRO AA 49 21.37 70.28 -85.95
C PRO AA 49 22.09 70.84 -84.73
N PHE AA 50 23.08 70.07 -84.27
CA PHE AA 50 23.97 70.48 -83.18
C PHE AA 50 23.20 70.84 -81.91
N THR AA 51 22.10 70.13 -81.66
CA THR AA 51 21.31 70.36 -80.45
C THR AA 51 20.86 69.01 -79.91
N VAL AA 52 21.05 68.80 -78.62
CA VAL AA 52 20.70 67.53 -78.00
C VAL AA 52 19.21 67.30 -78.13
N LEU AA 53 18.84 66.09 -78.54
CA LEU AA 53 17.44 65.72 -78.71
C LEU AA 53 17.06 64.71 -77.63
N ALA AA 54 15.83 64.21 -77.72
CA ALA AA 54 15.35 63.18 -76.83
C ALA AA 54 14.41 62.27 -77.61
N VAL AA 55 14.74 60.99 -77.67
CA VAL AA 55 13.97 60.02 -78.45
C VAL AA 55 13.44 58.96 -77.50
N THR AA 56 12.14 58.70 -77.58
CA THR AA 56 11.48 57.63 -76.85
C THR AA 56 10.95 56.61 -77.84
N GLU AA 57 10.25 55.60 -77.33
CA GLU AA 57 9.72 54.55 -78.17
C GLU AA 57 8.53 55.00 -79.01
N SER AA 58 7.98 56.19 -78.76
CA SER AA 58 6.75 56.59 -79.40
C SER AA 58 6.84 57.86 -80.23
N ASN AA 59 8.02 58.47 -80.35
CA ASN AA 59 8.13 59.69 -81.14
C ASN AA 59 9.32 59.75 -82.07
N TYR AA 60 10.24 58.78 -82.05
CA TYR AA 60 11.45 58.87 -82.85
C TYR AA 60 11.12 59.02 -84.33
N GLU AA 61 10.06 58.36 -84.79
CA GLU AA 61 9.70 58.41 -86.20
C GLU AA 61 9.46 59.84 -86.68
N ASP AA 62 8.84 60.66 -85.84
CA ASP AA 62 8.54 62.03 -86.25
C ASP AA 62 9.58 63.04 -85.82
N VAL AA 63 10.21 62.88 -84.66
CA VAL AA 63 11.23 63.85 -84.25
C VAL AA 63 12.47 63.70 -85.13
N LEU AA 64 12.86 62.47 -85.45
CA LEU AA 64 14.05 62.24 -86.28
C LEU AA 64 13.70 61.97 -87.74
N GLY AA 65 12.43 62.06 -88.11
CA GLY AA 65 12.03 61.91 -89.49
C GLY AA 65 11.93 60.47 -89.93
N GLU AA 66 11.41 60.29 -91.13
CA GLU AA 66 11.25 58.94 -91.68
C GLU AA 66 12.61 58.33 -91.99
N PRO AA 67 12.71 57.00 -91.96
CA PRO AA 67 14.01 56.36 -92.24
C PRO AA 67 14.49 56.65 -93.65
N LEU AA 68 15.81 56.73 -93.79
CA LEU AA 68 16.43 57.03 -95.07
C LEU AA 68 16.41 55.78 -95.95
N LYS AA 69 17.10 55.85 -97.09
CA LYS AA 69 17.13 54.75 -98.04
C LYS AA 69 18.56 54.25 -98.19
N PRO AA 70 18.78 52.92 -98.15
CA PRO AA 70 20.15 52.41 -98.30
C PRO AA 70 20.80 52.77 -99.62
N SER AA 71 20.01 52.84 -100.70
CA SER AA 71 20.57 53.18 -102.00
C SER AA 71 21.09 54.60 -102.06
N SER AA 72 20.67 55.47 -101.15
CA SER AA 72 21.16 56.85 -101.14
C SER AA 72 22.65 56.90 -100.85
N GLY AA 73 23.13 56.09 -99.92
CA GLY AA 73 24.53 56.09 -99.57
C GLY AA 73 24.80 55.37 -98.26
N SER AA 74 25.66 55.95 -97.42
CA SER AA 74 26.01 55.36 -96.14
C SER AA 74 25.30 56.03 -94.97
N GLN AA 75 24.27 56.81 -95.23
CA GLN AA 75 23.55 57.53 -94.19
C GLN AA 75 22.41 56.73 -93.58
N PHE AA 76 22.22 55.49 -94.01
CA PHE AA 76 21.10 54.68 -93.54
C PHE AA 76 21.42 53.92 -92.25
N GLU AA 77 22.63 54.05 -91.73
CA GLU AA 77 23.06 53.27 -90.57
C GLU AA 77 22.47 53.79 -89.25
N PRO AA 78 22.64 55.07 -88.91
CA PRO AA 78 22.26 55.51 -87.56
C PRO AA 78 20.78 55.33 -87.25
N ILE AA 79 19.89 55.46 -88.23
CA ILE AA 79 18.48 55.26 -87.95
C ILE AA 79 18.21 53.83 -87.53
N ARG AA 80 18.83 52.87 -88.21
CA ARG AA 80 18.65 51.47 -87.83
C ARG AA 80 19.26 51.18 -86.47
N HIS AA 81 20.43 51.78 -86.18
CA HIS AA 81 21.01 51.60 -84.86
C HIS AA 81 20.09 52.14 -83.77
N VAL AA 82 19.50 53.32 -84.01
CA VAL AA 82 18.56 53.90 -83.06
C VAL AA 82 17.35 52.99 -82.89
N TYR AA 83 16.84 52.45 -83.99
CA TYR AA 83 15.67 51.59 -83.90
C TYR AA 83 15.95 50.34 -83.10
N GLU AA 84 17.15 49.77 -83.26
CA GLU AA 84 17.50 48.58 -82.50
C GLU AA 84 17.83 48.88 -81.04
N ALA AA 85 18.28 50.10 -80.73
CA ALA AA 85 18.63 50.43 -79.35
C ALA AA 85 17.47 50.97 -78.54
N ILE AA 86 16.48 51.59 -79.20
CA ILE AA 86 15.33 52.15 -78.50
C ILE AA 86 14.52 51.08 -77.80
N GLN AA 87 14.56 49.84 -78.32
CA GLN AA 87 13.72 48.73 -77.87
C GLN AA 87 13.59 48.66 -76.36
N GLN AA 88 14.62 49.11 -75.65
CA GLN AA 88 14.67 49.00 -74.20
C GLN AA 88 14.39 50.33 -73.50
N THR AA 89 15.16 51.38 -73.81
CA THR AA 89 15.09 52.62 -73.07
C THR AA 89 15.22 53.80 -74.03
N SER AA 90 14.73 54.96 -73.58
CA SER AA 90 14.84 56.18 -74.35
C SER AA 90 16.27 56.71 -74.29
N GLY AA 91 16.55 57.74 -75.08
CA GLY AA 91 17.91 58.22 -75.16
C GLY AA 91 18.02 59.61 -75.75
N TYR AA 92 19.26 60.03 -75.95
CA TYR AA 92 19.58 61.35 -76.47
C TYR AA 92 20.49 61.23 -77.69
N VAL AA 93 20.16 61.98 -78.74
CA VAL AA 93 20.92 61.94 -79.98
C VAL AA 93 21.32 63.36 -80.38
N VAL AA 94 22.36 63.44 -81.18
CA VAL AA 94 22.84 64.70 -81.72
C VAL AA 94 23.01 64.55 -83.22
N ARG AA 95 22.31 65.37 -84.00
CA ARG AA 95 22.38 65.29 -85.45
C ARG AA 95 23.46 66.22 -85.96
N ALA AA 96 24.32 65.70 -86.85
CA ALA AA 96 25.36 66.48 -87.49
C ALA AA 96 25.07 66.59 -88.97
N VAL AA 97 25.15 67.82 -89.51
CA VAL AA 97 24.76 68.07 -90.89
C VAL AA 97 25.99 68.49 -91.69
N PRO AA 98 25.99 68.32 -93.02
CA PRO AA 98 27.12 68.78 -93.82
C PRO AA 98 27.20 70.30 -93.87
N ASP AA 99 28.16 70.84 -94.62
CA ASP AA 99 28.39 72.28 -94.60
C ASP AA 99 27.30 73.05 -95.34
N ASP AA 100 26.86 72.54 -96.49
CA ASP AA 100 26.01 73.30 -97.39
C ASP AA 100 24.52 73.09 -97.12
N ALA AA 101 24.15 72.56 -95.96
CA ALA AA 101 22.75 72.40 -95.63
C ALA AA 101 22.12 73.76 -95.33
N LYS AA 102 20.97 74.03 -95.95
CA LYS AA 102 20.30 75.32 -95.83
C LYS AA 102 18.84 75.13 -95.44
N PHE AA 103 18.34 76.07 -94.65
CA PHE AA 103 16.96 76.09 -94.20
C PHE AA 103 16.24 77.31 -94.79
N PRO AA 104 14.94 77.21 -95.00
CA PRO AA 104 14.21 78.30 -95.65
C PRO AA 104 13.94 79.46 -94.71
N ILE AA 105 13.67 80.62 -95.31
CA ILE AA 105 13.40 81.86 -94.59
C ILE AA 105 12.40 82.67 -95.41
N ILE AA 106 11.39 83.22 -94.74
CA ILE AA 106 10.41 84.10 -95.35
C ILE AA 106 10.51 85.45 -94.68
N MET AA 107 10.83 86.48 -95.44
CA MET AA 107 10.98 87.83 -94.93
C MET AA 107 9.85 88.70 -95.45
N PHE AA 108 9.24 89.48 -94.56
CA PHE AA 108 8.13 90.35 -94.92
C PHE AA 108 8.63 91.79 -95.07
N ASP AA 109 7.68 92.71 -95.28
CA ASP AA 109 8.00 94.12 -95.43
C ASP AA 109 6.84 94.93 -94.85
N GLU AA 110 6.93 96.25 -94.97
CA GLU AA 110 5.90 97.12 -94.42
C GLU AA 110 4.56 96.88 -95.11
N SER AA 111 4.57 96.81 -96.45
CA SER AA 111 3.32 96.59 -97.18
C SER AA 111 2.76 95.20 -96.91
N GLY AA 112 3.62 94.21 -96.79
CA GLY AA 112 3.20 92.83 -96.54
C GLY AA 112 3.53 91.85 -97.65
N GLU AA 113 4.21 92.26 -98.71
CA GLU AA 113 4.56 91.34 -99.79
C GLU AA 113 5.74 90.47 -99.35
N PRO AA 114 5.57 89.15 -99.28
CA PRO AA 114 6.63 88.30 -98.78
C PRO AA 114 7.74 88.08 -99.79
N ALA AA 115 8.90 87.67 -99.28
CA ALA AA 115 10.02 87.25 -100.10
C ALA AA 115 10.63 86.02 -99.46
N TYR AA 116 11.26 85.18 -100.28
CA TYR AA 116 11.81 83.91 -99.83
C TYR AA 116 13.31 83.89 -100.01
N SER AA 117 13.98 83.09 -99.16
CA SER AA 117 15.41 82.87 -99.28
C SER AA 117 15.78 81.62 -98.50
N ALA AA 118 17.06 81.26 -98.52
CA ALA AA 118 17.55 80.13 -97.77
C ALA AA 118 18.89 80.50 -97.15
N LEU AA 119 19.14 80.01 -95.93
CA LEU AA 119 20.38 80.32 -95.23
C LEU AA 119 21.01 79.06 -94.68
N PRO AA 120 22.34 78.98 -94.67
CA PRO AA 120 23.00 77.80 -94.10
C PRO AA 120 22.75 77.68 -92.61
N TYR AA 121 22.79 76.44 -92.13
CA TYR AA 121 22.48 76.17 -90.72
C TYR AA 121 23.52 76.80 -89.80
N GLY AA 122 23.07 77.17 -88.61
CA GLY AA 122 23.95 77.77 -87.62
C GLY AA 122 24.28 79.22 -87.83
N SER AA 123 23.56 79.91 -88.71
CA SER AA 123 23.82 81.31 -89.01
C SER AA 123 22.59 82.14 -88.68
N GLU AA 124 22.82 83.30 -88.07
CA GLU AA 124 21.73 84.23 -87.78
C GLU AA 124 21.36 85.00 -89.04
N ILE AA 125 20.36 85.86 -88.92
CA ILE AA 125 19.75 86.53 -90.06
C ILE AA 125 19.99 88.03 -89.92
N GLU AA 126 20.42 88.66 -91.00
CA GLU AA 126 20.52 90.11 -91.08
C GLU AA 126 19.35 90.63 -91.90
N LEU AA 127 18.66 91.63 -91.37
CA LEU AA 127 17.46 92.16 -92.01
C LEU AA 127 17.81 93.36 -92.88
N ASP AA 128 17.27 93.39 -94.09
CA ASP AA 128 17.47 94.53 -94.96
C ASP AA 128 16.64 95.72 -94.45
N SER AA 129 16.84 96.87 -95.09
CA SER AA 129 16.15 98.08 -94.66
C SER AA 129 14.64 97.93 -94.76
N GLY AA 130 14.15 97.35 -95.85
CA GLY AA 130 12.73 97.21 -96.05
C GLY AA 130 12.08 96.02 -95.38
N GLU AA 131 12.86 95.18 -94.71
CA GLU AA 131 12.33 93.98 -94.08
C GLU AA 131 11.82 94.29 -92.68
N ALA AA 132 10.59 93.87 -92.40
CA ALA AA 132 9.99 94.09 -91.09
C ALA AA 132 10.27 92.92 -90.15
N PHE AA 133 10.00 91.70 -90.58
CA PHE AA 133 10.25 90.55 -89.73
C PHE AA 133 10.39 89.30 -90.61
N ALA AA 134 11.13 88.33 -90.10
CA ALA AA 134 11.43 87.10 -90.81
C ALA AA 134 11.03 85.90 -89.98
N ILE AA 135 10.51 84.89 -90.66
CA ILE AA 135 10.10 83.63 -90.05
C ILE AA 135 10.86 82.49 -90.72
N TYR AA 136 11.39 81.58 -89.92
CA TYR AA 136 12.09 80.42 -90.47
C TYR AA 136 11.76 79.20 -89.65
N VAL AA 137 12.15 78.03 -90.16
CA VAL AA 137 11.83 76.75 -89.56
C VAL AA 137 13.07 76.20 -88.87
N ASP AA 138 12.92 75.81 -87.61
CA ASP AA 138 14.01 75.24 -86.85
C ASP AA 138 13.83 73.77 -86.54
N ASP AA 139 12.88 73.10 -87.19
CA ASP AA 139 12.75 71.67 -87.06
C ASP AA 139 13.87 70.91 -87.77
N GLY AA 140 14.57 71.58 -88.68
CA GLY AA 140 15.62 70.96 -89.44
C GLY AA 140 15.21 70.41 -90.78
N ASP AA 141 13.92 70.20 -90.99
CA ASP AA 141 13.44 69.66 -92.26
C ASP AA 141 13.74 70.64 -93.38
N PRO AA 142 14.21 70.18 -94.53
CA PRO AA 142 14.49 71.09 -95.65
C PRO AA 142 13.27 71.48 -96.46
N CYS AA 143 12.07 71.09 -96.02
CA CYS AA 143 10.82 71.55 -96.62
C CYS AA 143 10.75 71.24 -98.10
N ILE AA 144 11.16 70.04 -98.48
CA ILE AA 144 11.10 69.59 -99.86
C ILE AA 144 10.05 68.49 -100.07
N SER AA 145 9.92 67.58 -99.10
CA SER AA 145 8.87 66.58 -99.12
C SER AA 145 8.64 66.06 -97.71
N PRO AA 146 7.46 66.30 -97.13
CA PRO AA 146 6.32 67.06 -97.65
C PRO AA 146 6.55 68.57 -97.58
N THR AA 147 5.88 69.34 -98.43
CA THR AA 147 6.03 70.78 -98.37
C THR AA 147 5.30 71.34 -97.16
N ARG AA 148 5.70 72.54 -96.74
CA ARG AA 148 5.09 73.20 -95.59
C ARG AA 148 4.65 74.60 -96.00
N GLU AA 149 3.42 74.95 -95.65
CA GLU AA 149 2.81 76.22 -96.04
C GLU AA 149 2.42 77.00 -94.80
N LEU AA 150 2.57 78.33 -94.89
CA LEU AA 150 2.30 79.25 -93.79
C LEU AA 150 1.21 80.21 -94.21
N THR AA 151 0.24 80.43 -93.33
CA THR AA 151 -0.93 81.25 -93.63
C THR AA 151 -1.14 82.27 -92.51
N ILE AA 152 -1.49 83.49 -92.92
CA ILE AA 152 -1.75 84.60 -92.00
C ILE AA 152 -3.21 84.99 -92.14
N GLU AA 153 -3.92 85.09 -91.02
CA GLU AA 153 -5.33 85.43 -91.02
C GLU AA 153 -5.59 86.57 -90.05
N THR AA 154 -6.44 87.51 -90.44
CA THR AA 154 -6.80 88.60 -89.56
C THR AA 154 -7.71 88.11 -88.43
N ALA AA 155 -7.52 88.69 -87.25
CA ALA AA 155 -8.30 88.33 -86.08
C ALA AA 155 -8.71 89.59 -85.33
N THR AA 156 -9.53 89.40 -84.30
CA THR AA 156 -10.01 90.53 -83.52
C THR AA 156 -8.90 91.11 -82.64
N ALA AA 157 -8.87 92.43 -82.53
CA ALA AA 157 -7.88 93.08 -81.70
C ALA AA 157 -8.15 92.82 -80.23
N ASP AA 158 -7.12 93.03 -79.40
CA ASP AA 158 -7.23 92.78 -77.97
C ASP AA 158 -8.00 93.93 -77.30
N SER AA 159 -8.13 93.83 -75.98
CA SER AA 159 -8.81 94.88 -75.23
C SER AA 159 -8.06 96.20 -75.31
N ALA AA 160 -6.72 96.15 -75.23
CA ALA AA 160 -5.93 97.38 -75.31
C ALA AA 160 -6.08 98.05 -76.67
N GLY AA 161 -6.05 97.25 -77.74
CA GLY AA 161 -6.22 97.81 -79.07
C GLY AA 161 -5.24 97.27 -80.09
N ASN AA 162 -4.22 96.55 -79.63
CA ASN AA 162 -3.21 96.01 -80.54
C ASN AA 162 -3.83 94.95 -81.44
N GLU AA 163 -3.32 94.86 -82.67
CA GLU AA 163 -3.86 93.94 -83.66
C GLU AA 163 -3.12 92.60 -83.58
N ARG AA 164 -3.86 91.54 -83.31
CA ARG AA 164 -3.31 90.20 -83.25
C ARG AA 164 -3.81 89.40 -84.45
N PHE AA 165 -2.89 88.73 -85.13
CA PHE AA 165 -3.22 87.91 -86.29
C PHE AA 165 -2.93 86.45 -85.98
N LEU AA 166 -3.65 85.57 -86.67
CA LEU AA 166 -3.55 84.13 -86.49
C LEU AA 166 -2.58 83.55 -87.50
N LEU AA 167 -1.63 82.76 -87.02
CA LEU AA 167 -0.65 82.08 -87.86
C LEU AA 167 -0.99 80.60 -87.91
N LYS AA 168 -1.05 80.04 -89.12
CA LYS AA 168 -1.38 78.63 -89.29
C LYS AA 168 -0.37 78.00 -90.22
N LEU AA 169 0.37 77.02 -89.72
CA LEU AA 169 1.32 76.27 -90.54
C LEU AA 169 0.76 74.87 -90.77
N THR AA 170 0.72 74.47 -92.04
CA THR AA 170 0.14 73.18 -92.43
C THR AA 170 1.06 72.49 -93.42
N GLN AA 171 1.16 71.17 -93.30
CA GLN AA 171 2.00 70.38 -94.19
C GLN AA 171 1.15 69.75 -95.28
N THR AA 172 1.71 69.69 -96.49
CA THR AA 172 1.06 69.07 -97.64
C THR AA 172 2.01 68.04 -98.23
N THR AA 173 1.53 66.80 -98.36
CA THR AA 173 2.33 65.75 -98.95
C THR AA 173 2.31 65.85 -100.47
N SER AA 174 3.22 65.12 -101.11
CA SER AA 174 3.29 65.14 -102.57
C SER AA 174 2.03 64.56 -103.21
N LEU AA 175 1.42 63.56 -102.58
CA LEU AA 175 0.23 62.95 -103.13
C LEU AA 175 -0.92 63.95 -103.18
N GLY AA 176 -1.11 64.73 -102.12
CA GLY AA 176 -2.18 65.70 -102.10
C GLY AA 176 -2.86 65.83 -100.75
N VAL AA 177 -2.42 65.05 -99.77
CA VAL AA 177 -2.98 65.12 -98.44
C VAL AA 177 -2.50 66.40 -97.76
N VAL AA 178 -3.45 67.22 -97.30
CA VAL AA 178 -3.15 68.49 -96.66
C VAL AA 178 -3.76 68.46 -95.26
N THR AA 179 -2.90 68.49 -94.24
CA THR AA 179 -3.33 68.48 -92.86
C THR AA 179 -2.73 69.68 -92.13
N THR AA 180 -3.50 70.26 -91.22
CA THR AA 180 -2.99 71.34 -90.40
C THR AA 180 -1.94 70.79 -89.43
N LEU AA 181 -0.99 71.66 -89.07
CA LEU AA 181 0.11 71.25 -88.22
C LEU AA 181 0.17 72.04 -86.92
N GLU AA 182 0.09 73.37 -86.99
CA GLU AA 182 0.10 74.18 -85.78
C GLU AA 182 -0.56 75.52 -86.05
N THR AA 183 -1.08 76.12 -84.98
CA THR AA 183 -1.76 77.40 -85.05
C THR AA 183 -1.41 78.24 -83.83
N HIS AA 184 -1.43 79.56 -84.01
CA HIS AA 184 -1.08 80.49 -82.95
C HIS AA 184 -1.79 81.80 -83.20
N THR AA 185 -1.84 82.64 -82.16
CA THR AA 185 -2.37 84.00 -82.24
C THR AA 185 -1.30 84.95 -81.73
N VAL AA 186 -0.63 85.66 -82.64
CA VAL AA 186 0.53 86.47 -82.28
C VAL AA 186 0.35 87.87 -82.83
N SER AA 187 1.08 88.82 -82.24
CA SER AA 187 1.03 90.20 -82.66
C SER AA 187 2.41 90.83 -82.51
N LEU AA 188 2.61 91.93 -83.22
CA LEU AA 188 3.89 92.63 -83.22
C LEU AA 188 4.04 93.60 -82.05
N ALA AA 189 2.97 93.86 -81.30
CA ALA AA 189 3.07 94.74 -80.14
C ALA AA 189 3.91 94.10 -79.05
N GLU AA 190 4.72 94.91 -78.38
CA GLU AA 190 5.65 94.41 -77.38
C GLU AA 190 4.96 93.96 -76.09
N GLU AA 191 3.67 94.26 -75.92
CA GLU AA 191 2.99 93.97 -74.66
C GLU AA 191 1.61 93.35 -74.84
N ALA AA 192 1.15 93.15 -76.08
CA ALA AA 192 -0.19 92.62 -76.30
C ALA AA 192 -0.29 91.20 -75.77
N LYS AA 193 -1.49 90.84 -75.32
CA LYS AA 193 -1.77 89.52 -74.78
C LYS AA 193 -2.90 88.87 -75.56
N ASP AA 194 -2.89 87.54 -75.61
CA ASP AA 194 -3.91 86.78 -76.30
C ASP AA 194 -5.14 86.62 -75.40
N ASP AA 195 -6.08 85.78 -75.82
CA ASP AA 195 -7.29 85.58 -75.05
C ASP AA 195 -7.00 84.88 -73.73
N MET AA 196 -6.10 83.90 -73.73
CA MET AA 196 -5.80 83.15 -72.52
C MET AA 196 -4.91 83.91 -71.56
N GLY AA 197 -4.35 85.04 -71.96
CA GLY AA 197 -3.55 85.87 -71.08
C GLY AA 197 -2.06 85.74 -71.26
N ARG AA 198 -1.60 84.80 -72.07
CA ARG AA 198 -0.16 84.64 -72.29
C ARG AA 198 0.36 85.77 -73.18
N LEU AA 199 1.67 85.97 -73.13
CA LEU AA 199 2.31 86.97 -73.98
C LEU AA 199 2.19 86.57 -75.45
N CYS AA 200 1.87 87.54 -76.31
CA CYS AA 200 1.63 87.27 -77.72
C CYS AA 200 2.61 88.00 -78.62
N TYR AA 201 3.67 88.60 -78.08
CA TYR AA 201 4.72 89.15 -78.92
C TYR AA 201 5.32 88.05 -79.78
N LEU AA 202 5.55 88.37 -81.06
CA LEU AA 202 5.87 87.33 -82.04
C LEU AA 202 7.15 86.56 -81.71
N PRO AA 203 8.31 87.20 -81.48
CA PRO AA 203 9.52 86.39 -81.25
C PRO AA 203 9.44 85.49 -80.04
N THR AA 204 9.11 86.05 -78.87
CA THR AA 204 9.06 85.24 -77.66
C THR AA 204 7.95 84.20 -77.73
N ALA AA 205 6.80 84.54 -78.31
CA ALA AA 205 5.72 83.59 -78.43
C ALA AA 205 6.12 82.39 -79.27
N LEU AA 206 6.70 82.65 -80.46
CA LEU AA 206 7.12 81.55 -81.30
C LEU AA 206 8.24 80.75 -80.66
N GLU AA 207 9.18 81.41 -79.98
CA GLU AA 207 10.28 80.69 -79.35
C GLU AA 207 9.80 79.80 -78.23
N ALA AA 208 8.80 80.24 -77.47
CA ALA AA 208 8.37 79.50 -76.28
C ALA AA 208 7.35 78.43 -76.62
N ARG AA 209 6.23 78.81 -77.24
CA ARG AA 209 5.10 77.90 -77.37
C ARG AA 209 5.11 77.08 -78.65
N SER AA 210 6.08 77.29 -79.54
CA SER AA 210 6.15 76.57 -80.80
C SER AA 210 7.51 75.92 -80.94
N LYS AA 211 7.52 74.64 -81.29
CA LYS AA 211 8.75 73.89 -81.50
C LYS AA 211 9.08 73.69 -82.97
N TYR AA 212 8.40 74.39 -83.87
CA TYR AA 212 8.64 74.30 -85.30
C TYR AA 212 9.25 75.56 -85.89
N LEU AA 213 8.78 76.73 -85.48
CA LEU AA 213 9.15 77.99 -86.11
C LEU AA 213 9.95 78.86 -85.16
N ARG AA 214 10.68 79.80 -85.75
CA ARG AA 214 11.32 80.88 -85.01
C ARG AA 214 11.19 82.14 -85.86
N ALA AA 215 11.33 83.29 -85.21
CA ALA AA 215 11.16 84.55 -85.92
C ALA AA 215 12.10 85.59 -85.36
N VAL AA 216 12.39 86.59 -86.20
CA VAL AA 216 13.16 87.76 -85.79
C VAL AA 216 12.45 88.99 -86.34
N VAL AA 217 12.71 90.14 -85.71
CA VAL AA 217 12.05 91.39 -86.06
C VAL AA 217 13.09 92.49 -86.21
N ASN AA 218 12.71 93.53 -86.93
CA ASN AA 218 13.53 94.72 -87.09
C ASN AA 218 12.98 95.81 -86.20
N GLU AA 219 13.80 96.27 -85.25
CA GLU AA 219 13.30 97.20 -84.23
C GLU AA 219 12.86 98.53 -84.87
N GLU AA 220 13.63 99.02 -85.84
CA GLU AA 220 13.34 100.32 -86.43
C GLU AA 220 11.98 100.32 -87.12
N LEU AA 221 11.67 99.27 -87.87
CA LEU AA 221 10.46 99.23 -88.69
C LEU AA 221 9.30 98.52 -87.99
N ILE AA 222 9.50 98.01 -86.78
CA ILE AA 222 8.44 97.24 -86.13
C ILE AA 222 7.29 98.14 -85.69
N SER AA 223 7.53 99.44 -85.51
CA SER AA 223 6.48 100.33 -85.03
C SER AA 223 5.40 100.54 -86.09
N THR AA 224 5.81 100.80 -87.33
CA THR AA 224 4.88 101.10 -88.41
C THR AA 224 4.52 99.87 -89.23
N ALA AA 225 5.02 98.69 -88.84
CA ALA AA 225 4.77 97.49 -89.61
C ALA AA 225 3.29 97.11 -89.57
N LYS AA 226 2.78 96.68 -90.72
CA LYS AA 226 1.41 96.19 -90.83
C LYS AA 226 1.41 94.92 -91.65
N VAL AA 227 0.49 94.02 -91.33
CA VAL AA 227 0.40 92.72 -91.97
C VAL AA 227 -0.94 92.62 -92.70
N THR AA 228 -0.89 92.12 -93.93
CA THR AA 228 -2.09 91.90 -94.73
C THR AA 228 -2.58 90.46 -94.54
N ASN AA 229 -3.51 90.03 -95.38
CA ASN AA 229 -4.03 88.67 -95.35
C ASN AA 229 -3.36 87.88 -96.47
N LYS AA 230 -2.38 87.06 -96.12
CA LYS AA 230 -1.68 86.21 -97.07
C LYS AA 230 -2.12 84.77 -96.88
N LYS AA 231 -2.52 84.12 -97.97
CA LYS AA 231 -3.06 82.77 -97.94
C LYS AA 231 -2.17 81.84 -98.75
N SER AA 232 -1.82 80.71 -98.15
CA SER AA 232 -1.09 79.62 -98.81
C SER AA 232 0.27 80.11 -99.34
N LEU AA 233 1.12 80.50 -98.41
CA LEU AA 233 2.51 80.78 -98.74
C LEU AA 233 3.26 79.47 -98.92
N ALA AA 234 4.55 79.55 -99.22
CA ALA AA 234 5.34 78.35 -99.49
C ALA AA 234 6.78 78.58 -99.11
N PHE AA 235 7.30 77.76 -98.20
CA PHE AA 235 8.73 77.74 -97.94
C PHE AA 235 9.46 77.14 -99.14
N THR AA 236 10.66 77.65 -99.41
CA THR AA 236 11.44 77.14 -100.53
C THR AA 236 12.92 77.38 -100.27
N GLY AA 237 13.75 76.63 -101.00
CA GLY AA 237 15.18 76.75 -100.90
C GLY AA 237 15.84 75.82 -99.92
N GLY AA 238 15.07 75.13 -99.07
CA GLY AA 238 15.65 74.23 -98.11
C GLY AA 238 16.33 73.05 -98.80
N THR AA 239 17.46 72.64 -98.23
CA THR AA 239 18.27 71.59 -98.85
C THR AA 239 19.10 70.90 -97.78
N ASN AA 240 18.95 69.59 -97.65
CA ASN AA 240 19.75 68.84 -96.68
C ASN AA 240 21.18 68.61 -97.15
N GLY AA 241 21.46 68.86 -98.42
CA GLY AA 241 22.80 68.69 -98.94
C GLY AA 241 23.18 67.24 -99.13
N ASP AA 242 24.47 67.03 -99.33
CA ASP AA 242 25.02 65.68 -99.47
C ASP AA 242 25.45 65.17 -98.10
N GLN AA 243 24.78 64.13 -97.63
CA GLN AA 243 25.11 63.54 -96.34
C GLN AA 243 26.03 62.33 -96.46
N SER AA 244 26.45 61.99 -97.68
CA SER AA 244 27.38 60.86 -97.85
C SER AA 244 28.72 61.16 -97.20
N LYS AA 245 29.25 62.35 -97.42
CA LYS AA 245 30.54 62.75 -96.87
C LYS AA 245 30.36 63.89 -95.89
N ILE AA 246 31.03 63.78 -94.75
CA ILE AA 246 30.97 64.79 -93.70
C ILE AA 246 32.37 64.97 -93.15
N SER AA 247 32.81 66.23 -93.06
CA SER AA 247 34.15 66.51 -92.54
C SER AA 247 34.23 66.13 -91.06
N THR AA 248 35.43 65.79 -90.62
CA THR AA 248 35.63 65.43 -89.22
C THR AA 248 35.34 66.60 -88.28
N ALA AA 249 35.38 67.83 -88.79
CA ALA AA 249 35.07 68.99 -87.95
C ALA AA 249 33.63 68.94 -87.46
N ALA AA 250 32.70 68.55 -88.33
CA ALA AA 250 31.30 68.46 -87.92
C ALA AA 250 31.12 67.41 -86.83
N TYR AA 251 31.76 66.26 -86.98
CA TYR AA 251 31.66 65.22 -85.97
C TYR AA 251 32.27 65.67 -84.64
N LEU AA 252 33.39 66.38 -84.71
CA LEU AA 252 34.00 66.88 -83.48
C LEU AA 252 33.10 67.90 -82.79
N ARG AA 253 32.47 68.79 -83.57
CA ARG AA 253 31.54 69.75 -82.98
C ARG AA 253 30.36 69.04 -82.34
N ALA AA 254 29.81 68.03 -83.01
CA ALA AA 254 28.68 67.30 -82.45
C ALA AA 254 29.06 66.59 -81.16
N VAL AA 255 30.24 65.97 -81.12
CA VAL AA 255 30.62 65.27 -79.90
C VAL AA 255 30.92 66.25 -78.78
N LYS AA 256 31.44 67.44 -79.11
CA LYS AA 256 31.62 68.46 -78.07
C LYS AA 256 30.28 68.91 -77.50
N VAL AA 257 29.28 69.10 -78.36
CA VAL AA 257 27.95 69.46 -77.87
C VAL AA 257 27.40 68.36 -76.98
N LEU AA 258 27.57 67.10 -77.39
CA LEU AA 258 27.11 65.99 -76.55
C LEU AA 258 27.84 65.96 -75.22
N ASN AA 259 29.12 66.32 -75.21
CA ASN AA 259 29.86 66.39 -73.95
C ASN AA 259 29.28 67.45 -73.03
N ASN AA 260 28.95 68.62 -73.59
CA ASN AA 260 28.44 69.71 -72.78
C ASN AA 260 26.95 69.60 -72.50
N ALA AA 261 26.29 68.58 -73.03
CA ALA AA 261 24.86 68.41 -72.79
C ALA AA 261 24.58 68.29 -71.30
N PRO AA 262 23.56 68.98 -70.78
CA PRO AA 262 23.22 68.89 -69.34
C PRO AA 262 22.16 67.82 -69.07
N TYR AA 263 22.52 66.56 -69.34
CA TYR AA 263 21.62 65.45 -69.09
C TYR AA 263 22.39 64.31 -68.43
N MET AA 264 21.69 63.22 -68.15
CA MET AA 264 22.27 62.04 -67.52
C MET AA 264 22.10 60.85 -68.44
N TYR AA 265 23.21 60.16 -68.72
CA TYR AA 265 23.14 58.92 -69.48
C TYR AA 265 24.29 58.01 -69.06
N THR AA 266 24.10 56.71 -69.27
CA THR AA 266 25.06 55.70 -68.84
C THR AA 266 25.56 54.84 -69.98
N ALA AA 267 25.49 55.32 -71.22
CA ALA AA 267 26.03 54.59 -72.37
C ALA AA 267 26.22 55.57 -73.51
N VAL AA 268 27.34 55.46 -74.20
CA VAL AA 268 27.73 56.48 -75.16
C VAL AA 268 27.77 55.91 -76.57
N LEU AA 269 26.82 55.01 -76.87
CA LEU AA 269 26.76 54.24 -78.10
C LEU AA 269 27.28 55.01 -79.31
N GLY AA 270 28.23 54.41 -80.01
CA GLY AA 270 28.77 54.98 -81.23
C GLY AA 270 27.92 54.65 -82.43
N LEU AA 271 26.81 55.36 -82.60
CA LEU AA 271 25.84 55.06 -83.65
C LEU AA 271 26.48 55.25 -85.02
N GLY AA 272 26.80 54.14 -85.69
CA GLY AA 272 27.24 54.12 -87.07
C GLY AA 272 28.16 55.24 -87.50
N CYS AA 273 29.13 55.58 -86.66
CA CYS AA 273 30.09 56.64 -86.96
C CYS AA 273 31.48 56.02 -86.95
N TYR AA 274 32.01 55.71 -88.14
CA TYR AA 274 33.31 55.07 -88.26
C TYR AA 274 34.37 56.12 -88.59
N ASP AA 275 34.65 56.95 -87.59
CA ASP AA 275 35.68 57.98 -87.69
C ASP AA 275 36.56 57.90 -86.45
N ASN AA 276 37.88 57.84 -86.67
CA ASN AA 276 38.80 57.63 -85.55
C ASN AA 276 38.73 58.77 -84.54
N ALA AA 277 38.69 60.01 -85.02
CA ALA AA 277 38.65 61.16 -84.12
C ALA AA 277 37.37 61.15 -83.28
N ALA AA 278 36.23 60.89 -83.91
CA ALA AA 278 34.98 60.86 -83.18
C ALA AA 278 34.96 59.72 -82.15
N ILE AA 279 35.49 58.56 -82.52
CA ILE AA 279 35.51 57.44 -81.59
C ILE AA 279 36.41 57.77 -80.41
N THR AA 280 37.55 58.41 -80.65
CA THR AA 280 38.42 58.81 -79.54
C THR AA 280 37.71 59.81 -78.63
N ALA AA 281 36.98 60.77 -79.21
CA ALA AA 281 36.26 61.73 -78.39
C ALA AA 281 35.19 61.05 -77.53
N LEU AA 282 34.50 60.07 -78.10
CA LEU AA 282 33.49 59.35 -77.33
C LEU AA 282 34.14 58.52 -76.21
N GLY AA 283 35.32 57.97 -76.49
CA GLY AA 283 36.07 57.34 -75.42
C GLY AA 283 36.42 58.31 -74.31
N LYS AA 284 36.75 59.55 -74.68
CA LYS AA 284 36.97 60.58 -73.67
C LYS AA 284 35.70 60.83 -72.85
N ILE AA 285 34.55 60.84 -73.51
CA ILE AA 285 33.30 61.01 -72.77
C ILE AA 285 33.14 59.90 -71.74
N CYS AA 286 33.40 58.66 -72.14
CA CYS AA 286 33.37 57.56 -71.18
C CYS AA 286 34.32 57.80 -70.02
N ALA AA 287 35.58 58.10 -70.33
CA ALA AA 287 36.60 58.22 -69.29
C ALA AA 287 36.31 59.40 -68.37
N ASP AA 288 35.56 60.38 -68.84
CA ASP AA 288 35.28 61.56 -68.02
C ASP AA 288 34.06 61.33 -67.15
N ARG AA 289 32.95 60.89 -67.75
CA ARG AA 289 31.70 60.77 -67.01
C ARG AA 289 31.58 59.46 -66.24
N LEU AA 290 32.54 58.54 -66.40
CA LEU AA 290 32.48 57.22 -65.76
C LEU AA 290 31.24 56.45 -66.21
N ILE AA 291 31.16 56.20 -67.51
CA ILE AA 291 30.08 55.46 -68.12
C ILE AA 291 30.66 54.40 -69.05
N ASP AA 292 29.79 53.77 -69.82
CA ASP AA 292 30.15 52.66 -70.70
C ASP AA 292 29.99 53.05 -72.16
N GLY AA 293 30.87 52.51 -73.00
CA GLY AA 293 30.78 52.75 -74.42
C GLY AA 293 30.81 51.47 -75.23
N PHE AA 294 30.04 51.43 -76.31
CA PHE AA 294 29.93 50.25 -77.17
C PHE AA 294 30.17 50.68 -78.61
N PHE AA 295 31.44 50.77 -79.01
CA PHE AA 295 31.79 51.18 -80.35
C PHE AA 295 32.03 49.96 -81.23
N ASP AA 296 32.14 50.20 -82.53
CA ASP AA 296 32.18 49.06 -83.43
C ASP AA 296 32.93 49.47 -84.69
N VAL AA 297 33.80 48.58 -85.17
CA VAL AA 297 34.64 48.86 -86.33
C VAL AA 297 33.83 48.66 -87.61
N LYS AA 298 34.37 49.08 -88.74
CA LYS AA 298 33.62 48.97 -89.99
C LYS AA 298 33.24 47.52 -90.25
N PRO AA 299 31.96 47.20 -90.36
CA PRO AA 299 31.57 45.80 -90.52
C PRO AA 299 31.62 45.34 -91.96
N THR AA 300 32.69 45.72 -92.68
CA THR AA 300 32.95 45.22 -94.02
C THR AA 300 34.41 44.87 -94.19
N LEU AA 301 35.16 44.77 -93.10
CA LEU AA 301 36.56 44.41 -93.14
C LEU AA 301 36.71 42.91 -92.91
N THR AA 302 37.67 42.32 -93.61
CA THR AA 302 37.96 40.90 -93.41
C THR AA 302 38.58 40.68 -92.04
N TYR AA 303 38.55 39.43 -91.59
CA TYR AA 303 39.09 39.10 -90.28
C TYR AA 303 40.57 39.42 -90.17
N ALA AA 304 41.28 39.48 -91.29
CA ALA AA 304 42.70 39.83 -91.25
C ALA AA 304 42.89 41.32 -90.94
N GLU AA 305 42.09 42.18 -91.58
CA GLU AA 305 42.22 43.62 -91.37
C GLU AA 305 41.46 44.12 -90.15
N ALA AA 306 40.61 43.30 -89.54
CA ALA AA 306 39.87 43.75 -88.37
C ALA AA 306 40.81 44.06 -87.21
N LEU AA 307 41.83 43.22 -87.01
CA LEU AA 307 42.73 43.41 -85.87
C LEU AA 307 43.51 44.72 -85.92
N PRO AA 308 44.17 45.10 -87.01
CA PRO AA 308 44.85 46.41 -87.01
C PRO AA 308 43.89 47.58 -86.92
N ALA AA 309 42.65 47.42 -87.37
CA ALA AA 309 41.70 48.53 -87.28
C ALA AA 309 41.34 48.84 -85.84
N VAL AA 310 41.34 47.83 -84.97
CA VAL AA 310 41.05 48.08 -83.55
C VAL AA 310 42.16 48.90 -82.92
N GLU AA 311 43.42 48.62 -83.27
CA GLU AA 311 44.51 49.46 -82.79
C GLU AA 311 44.42 50.85 -83.39
N ASP AA 312 43.99 50.95 -84.66
CA ASP AA 312 43.86 52.25 -85.30
C ASP AA 312 42.82 53.11 -84.59
N THR AA 313 41.69 52.51 -84.21
CA THR AA 313 40.58 53.30 -83.68
C THR AA 313 40.94 54.05 -82.40
N GLY AA 314 42.01 53.65 -81.71
CA GLY AA 314 42.68 54.52 -80.77
C GLY AA 314 42.43 54.26 -79.30
N LEU AA 315 41.40 53.50 -78.95
CA LEU AA 315 41.13 53.31 -77.53
C LEU AA 315 42.02 52.27 -76.86
N LEU AA 316 42.84 51.55 -77.62
CA LEU AA 316 43.70 50.53 -77.03
C LEU AA 316 44.73 51.20 -76.13
N GLY AA 317 44.56 51.03 -74.82
CA GLY AA 317 45.47 51.60 -73.85
C GLY AA 317 45.06 51.26 -72.44
N THR AA 318 45.29 52.18 -71.51
CA THR AA 318 44.89 52.00 -70.12
C THR AA 318 43.95 53.08 -69.62
N ASP AA 319 43.66 54.09 -70.42
CA ASP AA 319 42.76 55.15 -69.98
C ASP AA 319 41.30 54.79 -70.18
N TYR AA 320 40.98 54.12 -71.27
CA TYR AA 320 39.60 53.73 -71.60
C TYR AA 320 39.43 52.26 -71.23
N VAL AA 321 39.03 52.01 -69.98
CA VAL AA 321 38.90 50.65 -69.49
C VAL AA 321 37.46 50.16 -69.49
N SER AA 322 36.52 50.95 -69.99
CA SER AA 322 35.12 50.57 -69.97
C SER AA 322 34.48 50.56 -71.36
N CYS AA 323 35.26 50.75 -72.42
CA CYS AA 323 34.73 50.85 -73.77
C CYS AA 323 35.01 49.56 -74.54
N SER AA 324 33.95 48.96 -75.08
CA SER AA 324 34.05 47.73 -75.84
C SER AA 324 34.00 48.02 -77.33
N VAL AA 325 34.66 47.18 -78.11
CA VAL AA 325 34.73 47.32 -79.56
C VAL AA 325 34.19 46.04 -80.19
N TYR AA 326 33.28 46.18 -81.14
CA TYR AA 326 32.64 45.03 -81.78
C TYR AA 326 32.93 45.03 -83.27
N HIS AA 327 32.53 43.91 -83.89
CA HIS AA 327 32.76 43.69 -85.32
C HIS AA 327 31.80 42.62 -85.79
N TYR AA 328 30.95 42.96 -86.76
CA TYR AA 328 29.88 42.09 -87.23
C TYR AA 328 29.89 42.00 -88.75
N PRO AA 329 30.78 41.19 -89.32
CA PRO AA 329 30.86 41.08 -90.79
C PRO AA 329 29.84 40.10 -91.36
N PHE AA 330 28.57 40.53 -91.37
CA PHE AA 330 27.50 39.71 -91.89
C PHE AA 330 26.49 40.60 -92.61
N SER AA 331 25.74 40.00 -93.51
CA SER AA 331 24.69 40.70 -94.24
C SER AA 331 23.34 40.39 -93.63
N CYS AA 332 22.34 41.20 -93.98
CA CYS AA 332 21.01 41.04 -93.43
C CYS AA 332 20.00 41.65 -94.36
N LYS AA 333 18.73 41.29 -94.16
CA LYS AA 333 17.63 41.83 -94.94
C LYS AA 333 16.94 42.92 -94.13
N ASP AA 334 16.86 44.12 -94.69
CA ASP AA 334 16.36 45.26 -93.95
C ASP AA 334 14.88 45.11 -93.63
N LYS AA 335 14.48 45.72 -92.52
CA LYS AA 335 13.09 45.61 -92.07
C LYS AA 335 12.14 46.46 -92.90
N TRP AA 336 12.58 47.64 -93.33
CA TRP AA 336 11.69 48.59 -93.99
C TRP AA 336 11.75 48.48 -95.52
N THR AA 337 12.93 48.69 -96.09
CA THR AA 337 13.04 48.75 -97.54
C THR AA 337 13.14 47.40 -98.21
N GLN AA 338 13.36 46.32 -97.45
CA GLN AA 338 13.47 44.97 -98.00
C GLN AA 338 14.61 44.88 -99.02
N SER AA 339 15.83 45.07 -98.53
CA SER AA 339 17.02 45.02 -99.38
C SER AA 339 18.16 44.40 -98.59
N ARG AA 340 19.31 44.28 -99.24
CA ARG AA 340 20.50 43.69 -98.65
C ARG AA 340 21.37 44.81 -98.09
N VAL AA 341 21.44 44.91 -96.77
CA VAL AA 341 22.20 45.95 -96.09
C VAL AA 341 23.09 45.33 -95.04
N VAL AA 342 24.12 46.08 -94.64
CA VAL AA 342 25.02 45.68 -93.57
C VAL AA 342 25.19 46.86 -92.62
N PHE AA 343 25.09 46.60 -91.32
CA PHE AA 343 25.38 47.62 -90.32
C PHE AA 343 25.94 46.93 -89.09
N GLY AA 344 26.17 47.72 -88.03
CA GLY AA 344 26.98 47.30 -86.92
C GLY AA 344 26.21 46.62 -85.81
N LEU AA 345 26.85 46.56 -84.64
CA LEU AA 345 26.34 45.81 -83.50
C LEU AA 345 26.23 46.63 -82.23
N SER AA 346 26.44 47.95 -82.28
CA SER AA 346 26.36 48.76 -81.08
C SER AA 346 24.97 48.72 -80.46
N GLY AA 347 23.93 48.82 -81.30
CA GLY AA 347 22.57 48.78 -80.78
C GLY AA 347 22.26 47.48 -80.06
N VAL AA 348 22.65 46.35 -80.64
CA VAL AA 348 22.38 45.07 -80.01
C VAL AA 348 23.20 44.90 -78.75
N ALA AA 349 24.44 45.39 -78.75
CA ALA AA 349 25.25 45.34 -77.54
C ALA AA 349 24.59 46.11 -76.40
N TYR AA 350 24.09 47.31 -76.69
CA TYR AA 350 23.42 48.05 -75.64
C TYR AA 350 22.10 47.40 -75.24
N ALA AA 351 21.40 46.77 -76.17
CA ALA AA 351 20.19 46.06 -75.79
C ALA AA 351 20.51 44.93 -74.83
N ALA AA 352 21.61 44.22 -75.06
CA ALA AA 352 22.04 43.20 -74.12
C ALA AA 352 22.37 43.79 -72.77
N LYS AA 353 23.08 44.92 -72.75
CA LYS AA 353 23.44 45.54 -71.48
C LYS AA 353 22.19 45.98 -70.71
N ALA AA 354 21.20 46.53 -71.42
CA ALA AA 354 19.98 46.96 -70.75
C ALA AA 354 19.18 45.78 -70.23
N ARG AA 355 19.09 44.69 -71.01
CA ARG AA 355 18.43 43.49 -70.52
C ARG AA 355 19.11 43.00 -69.25
N GLY AA 356 20.44 43.08 -69.21
CA GLY AA 356 21.15 42.70 -67.99
C GLY AA 356 20.86 43.61 -66.82
N VAL AA 357 20.83 44.93 -67.08
CA VAL AA 357 20.67 45.89 -65.99
C VAL AA 357 19.24 45.93 -65.47
N LYS AA 358 18.27 45.40 -66.22
CA LYS AA 358 16.89 45.39 -65.76
C LYS AA 358 16.52 44.15 -64.97
N LYS AA 359 17.48 43.26 -64.69
CA LYS AA 359 17.17 42.04 -63.96
C LYS AA 359 16.86 42.34 -62.49
N ASN AA 360 17.81 42.92 -61.78
CA ASN AA 360 17.60 43.32 -60.40
C ASN AA 360 16.81 44.62 -60.36
N SER AA 361 15.92 44.74 -59.38
CA SER AA 361 15.05 45.90 -59.27
C SER AA 361 15.50 46.90 -58.22
N ASP AA 362 16.14 46.46 -57.15
CA ASP AA 362 16.55 47.38 -56.09
C ASP AA 362 17.69 48.28 -56.56
N VAL AA 363 18.83 47.68 -56.88
CA VAL AA 363 19.99 48.44 -57.35
C VAL AA 363 20.28 48.21 -58.81
N GLY AA 364 19.60 47.27 -59.46
CA GLY AA 364 19.85 46.98 -60.85
C GLY AA 364 21.06 46.09 -61.01
N GLY AA 365 20.97 45.10 -61.90
CA GLY AA 365 22.06 44.17 -62.06
C GLY AA 365 23.10 44.67 -63.02
N TRP AA 366 24.18 45.25 -62.50
CA TRP AA 366 25.28 45.69 -63.33
C TRP AA 366 26.34 44.63 -63.52
N HIS AA 367 26.23 43.50 -62.83
CA HIS AA 367 27.25 42.47 -62.88
C HIS AA 367 26.99 41.43 -63.97
N TYR AA 368 25.92 41.58 -64.75
CA TYR AA 368 25.62 40.65 -65.82
C TYR AA 368 26.38 41.07 -67.07
N SER AA 369 27.18 40.17 -67.62
CA SER AA 369 27.92 40.47 -68.83
C SER AA 369 26.98 40.62 -70.02
N PRO AA 370 27.30 41.49 -70.96
CA PRO AA 370 26.47 41.67 -72.17
C PRO AA 370 26.72 40.61 -73.24
N ALA AA 371 26.65 39.34 -72.85
CA ALA AA 371 26.85 38.24 -73.78
C ALA AA 371 26.17 37.01 -73.22
N GLY AA 372 25.96 36.04 -74.09
CA GLY AA 372 25.35 34.78 -73.73
C GLY AA 372 24.26 34.40 -74.70
N GLU AA 373 23.44 33.44 -74.29
CA GLU AA 373 22.35 32.96 -75.12
C GLU AA 373 20.98 33.37 -74.61
N GLU AA 374 20.90 33.97 -73.43
CA GLU AA 374 19.64 34.43 -72.87
C GLU AA 374 19.53 35.94 -72.78
N ARG AA 375 20.58 36.68 -73.13
CA ARG AA 375 20.56 38.12 -73.00
C ARG AA 375 21.16 38.87 -74.18
N ALA AA 376 21.67 38.19 -75.20
CA ALA AA 376 22.37 38.88 -76.27
C ALA AA 376 22.05 38.31 -77.64
N VAL AA 377 20.85 37.74 -77.81
CA VAL AA 377 20.48 37.20 -79.11
C VAL AA 377 20.37 38.32 -80.11
N ILE AA 378 20.69 38.02 -81.37
CA ILE AA 378 20.65 39.00 -82.45
C ILE AA 378 19.46 38.65 -83.33
N ALA AA 379 18.54 39.60 -83.49
CA ALA AA 379 17.33 39.41 -84.28
C ALA AA 379 17.50 40.14 -85.60
N ARG AA 380 17.67 39.37 -86.68
CA ARG AA 380 17.76 39.92 -88.03
C ARG AA 380 16.92 39.04 -88.95
N ALA AA 381 17.06 39.25 -90.24
CA ALA AA 381 16.31 38.49 -91.23
C ALA AA 381 17.25 37.98 -92.30
N SER AA 382 17.31 36.65 -92.44
CA SER AA 382 18.08 35.99 -93.49
C SER AA 382 19.56 36.40 -93.44
N ILE AA 383 20.17 36.13 -92.29
CA ILE AA 383 21.58 36.44 -92.11
C ILE AA 383 22.41 35.58 -93.06
N GLN AA 384 23.17 36.23 -93.94
CA GLN AA 384 24.00 35.55 -94.92
C GLN AA 384 25.43 36.03 -94.77
N PRO AA 385 26.37 35.18 -94.38
CA PRO AA 385 27.73 35.65 -94.09
C PRO AA 385 28.37 36.33 -95.28
N LEU AA 386 29.15 37.37 -95.00
CA LEU AA 386 29.80 38.12 -96.07
C LEU AA 386 30.97 37.36 -96.66
N TYR AA 387 31.76 36.70 -95.82
CA TYR AA 387 32.96 35.98 -96.24
C TYR AA 387 32.88 34.55 -95.72
N PRO AA 388 32.07 33.71 -96.35
CA PRO AA 388 31.97 32.32 -95.88
C PRO AA 388 33.25 31.54 -95.97
N GLU AA 389 34.19 31.93 -96.84
CA GLU AA 389 35.41 31.16 -97.02
C GLU AA 389 36.45 31.44 -95.93
N ASP AA 390 36.26 32.47 -95.11
CA ASP AA 390 37.24 32.82 -94.09
C ASP AA 390 36.88 32.16 -92.76
N THR AA 391 37.73 32.39 -91.76
CA THR AA 391 37.57 31.78 -90.45
C THR AA 391 38.08 32.75 -89.40
N PRO AA 392 37.48 32.76 -88.21
CA PRO AA 392 37.96 33.65 -87.15
C PRO AA 392 39.32 33.20 -86.63
N ASP AA 393 39.90 34.06 -85.79
CA ASP AA 393 41.25 33.93 -85.27
C ASP AA 393 41.25 34.00 -83.75
N GLU AA 394 40.41 33.17 -83.13
CA GLU AA 394 40.03 33.30 -81.72
C GLU AA 394 41.14 33.80 -80.80
N GLU AA 395 42.33 33.19 -80.88
CA GLU AA 395 43.42 33.59 -80.02
C GLU AA 395 43.88 35.02 -80.33
N ALA AA 396 44.05 35.33 -81.62
CA ALA AA 396 44.43 36.68 -82.01
C ALA AA 396 43.37 37.69 -81.61
N MET AA 397 42.10 37.33 -81.77
CA MET AA 397 41.02 38.24 -81.39
C MET AA 397 41.04 38.52 -79.89
N VAL AA 398 41.23 37.49 -79.07
CA VAL AA 398 41.25 37.69 -77.63
C VAL AA 398 42.46 38.53 -77.23
N LYS AA 399 43.60 38.30 -77.87
CA LYS AA 399 44.77 39.12 -77.55
C LYS AA 399 44.59 40.56 -78.00
N GLY AA 400 43.87 40.79 -79.10
CA GLY AA 400 43.62 42.11 -79.61
C GLY AA 400 42.37 42.78 -79.10
N ARG AA 401 41.67 42.17 -78.15
CA ARG AA 401 40.49 42.76 -77.51
C ARG AA 401 39.41 43.11 -78.53
N LEU AA 402 38.89 42.07 -79.17
CA LEU AA 402 37.83 42.22 -80.16
C LEU AA 402 36.77 41.16 -79.90
N ASN AA 403 35.59 41.60 -79.49
CA ASN AA 403 34.50 40.65 -79.25
C ASN AA 403 34.01 40.06 -80.55
N LYS AA 404 33.69 38.77 -80.52
CA LYS AA 404 33.34 38.01 -81.72
C LYS AA 404 31.95 37.43 -81.60
N VAL AA 405 31.27 37.32 -82.73
CA VAL AA 405 29.95 36.71 -82.78
C VAL AA 405 30.13 35.22 -83.04
N SER AA 406 29.07 34.45 -82.78
CA SER AA 406 29.08 33.02 -82.98
C SER AA 406 27.66 32.55 -83.22
N VAL AA 407 27.48 31.23 -83.28
CA VAL AA 407 26.17 30.62 -83.41
C VAL AA 407 25.94 29.76 -82.18
N GLY AA 408 25.04 30.19 -81.32
CA GLY AA 408 24.73 29.45 -80.11
C GLY AA 408 23.73 28.35 -80.38
N THR AA 409 23.13 27.86 -79.30
CA THR AA 409 22.10 26.83 -79.44
C THR AA 409 20.87 27.39 -80.15
N SER AA 410 20.11 26.49 -80.77
CA SER AA 410 18.88 26.80 -81.49
C SER AA 410 19.16 27.52 -82.81
N GLY AA 411 20.41 27.87 -83.07
CA GLY AA 411 20.79 28.43 -84.35
C GLY AA 411 20.68 29.93 -84.48
N GLN AA 412 20.48 30.66 -83.39
CA GLN AA 412 20.44 32.11 -83.45
C GLN AA 412 21.80 32.69 -83.11
N MET AA 413 22.25 33.64 -83.93
CA MET AA 413 23.53 34.28 -83.68
C MET AA 413 23.51 35.01 -82.35
N ILE AA 414 24.62 34.95 -81.63
CA ILE AA 414 24.76 35.61 -80.33
C ILE AA 414 26.11 36.30 -80.26
N ILE AA 415 26.26 37.14 -79.25
CA ILE AA 415 27.54 37.73 -78.90
C ILE AA 415 28.19 36.84 -77.85
N ASP AA 416 29.45 36.48 -78.04
CA ASP AA 416 30.09 35.49 -77.19
C ASP AA 416 31.40 36.00 -76.62
N ASP AA 417 31.44 37.27 -76.20
CA ASP AA 417 32.58 37.79 -75.48
C ASP AA 417 32.20 39.05 -74.74
N ALA AA 418 32.96 39.36 -73.70
CA ALA AA 418 32.73 40.53 -72.86
C ALA AA 418 34.05 41.21 -72.55
N LEU AA 419 34.88 41.39 -73.57
CA LEU AA 419 36.21 41.95 -73.39
C LEU AA 419 36.22 43.43 -73.72
N THR AA 420 36.85 44.22 -72.85
CA THR AA 420 36.95 45.66 -73.04
C THR AA 420 38.24 45.99 -73.81
N CYS AA 421 38.60 47.27 -73.83
CA CYS AA 421 39.77 47.73 -74.54
C CYS AA 421 41.01 47.81 -73.66
N CYS AA 422 40.92 47.41 -72.39
CA CYS AA 422 42.09 47.41 -71.53
C CYS AA 422 43.09 46.38 -72.01
N THR AA 423 44.37 46.76 -72.06
CA THR AA 423 45.41 45.84 -72.49
C THR AA 423 46.02 45.04 -71.35
N GLN AA 424 46.02 45.60 -70.14
CA GLN AA 424 46.58 44.89 -69.00
C GLN AA 424 45.78 43.63 -68.71
N ASP AA 425 46.49 42.57 -68.34
CA ASP AA 425 45.85 41.27 -68.08
C ASP AA 425 45.55 41.17 -66.58
N ASN AA 426 44.43 41.77 -66.19
CA ASN AA 426 43.95 41.69 -64.81
C ASN AA 426 42.43 41.62 -64.86
N TYR AA 427 41.79 41.86 -63.72
CA TYR AA 427 40.34 41.79 -63.65
C TYR AA 427 39.66 42.90 -64.43
N LEU AA 428 40.41 43.91 -64.88
CA LEU AA 428 39.78 45.07 -65.50
C LEU AA 428 39.41 44.87 -66.95
N HIS AA 429 39.92 43.84 -67.62
CA HIS AA 429 39.59 43.71 -69.03
C HIS AA 429 38.27 43.00 -69.27
N PHE AA 430 37.67 42.39 -68.25
CA PHE AA 430 36.32 41.89 -68.40
C PHE AA 430 35.34 43.05 -68.41
N GLN AA 431 34.14 42.80 -68.91
CA GLN AA 431 33.20 43.91 -69.13
C GLN AA 431 32.45 44.30 -67.87
N HIS AA 432 32.03 43.33 -67.06
CA HIS AA 432 31.12 43.66 -65.97
C HIS AA 432 31.83 44.37 -64.82
N VAL AA 433 33.10 44.09 -64.59
CA VAL AA 433 33.81 44.70 -63.45
C VAL AA 433 33.88 46.22 -63.57
N PRO AA 434 34.33 46.81 -64.67
CA PRO AA 434 34.33 48.28 -64.75
C PRO AA 434 32.95 48.89 -64.61
N SER AA 435 31.92 48.24 -65.14
CA SER AA 435 30.57 48.81 -65.03
C SER AA 435 30.12 48.85 -63.59
N LEU AA 436 30.34 47.77 -62.85
CA LEU AA 436 29.96 47.74 -61.43
C LEU AA 436 30.75 48.77 -60.62
N MET AA 437 32.06 48.84 -60.86
CA MET AA 437 32.86 49.81 -60.12
C MET AA 437 32.45 51.23 -60.45
N ASN AA 438 32.11 51.49 -61.70
CA ASN AA 438 31.67 52.83 -62.09
C ASN AA 438 30.33 53.18 -61.47
N ALA AA 439 29.42 52.22 -61.36
CA ALA AA 439 28.17 52.49 -60.67
C ALA AA 439 28.42 52.88 -59.21
N ILE AA 440 29.28 52.13 -58.53
CA ILE AA 440 29.60 52.48 -57.15
C ILE AA 440 30.23 53.86 -57.07
N SER AA 441 31.14 54.17 -57.99
CA SER AA 441 31.81 55.46 -57.96
C SER AA 441 30.84 56.61 -58.19
N ARG AA 442 29.89 56.44 -59.11
CA ARG AA 442 28.90 57.50 -59.35
C ARG AA 442 28.05 57.72 -58.12
N PHE AA 443 27.62 56.64 -57.45
CA PHE AA 443 26.87 56.82 -56.22
C PHE AA 443 27.71 57.54 -55.17
N PHE AA 444 28.99 57.21 -55.08
CA PHE AA 444 29.84 57.90 -54.10
C PHE AA 444 29.95 59.39 -54.42
N VAL AA 445 30.09 59.74 -55.69
CA VAL AA 445 30.19 61.14 -56.05
C VAL AA 445 28.94 61.88 -55.63
N GLN AA 446 27.77 61.27 -55.88
CA GLN AA 446 26.53 61.91 -55.45
C GLN AA 446 26.51 62.12 -53.95
N LEU AA 447 26.85 61.08 -53.18
CA LEU AA 447 26.78 61.17 -51.73
C LEU AA 447 27.74 62.23 -51.19
N ALA AA 448 28.98 62.23 -51.68
CA ALA AA 448 29.96 63.19 -51.17
C ALA AA 448 29.61 64.61 -51.58
N ARG AA 449 29.07 64.80 -52.79
CA ARG AA 449 28.64 66.13 -53.19
C ARG AA 449 27.54 66.63 -52.28
N GLN AA 450 26.60 65.75 -51.90
CA GLN AA 450 25.57 66.18 -50.96
C GLN AA 450 26.13 66.47 -49.58
N MET AA 451 27.17 65.73 -49.16
CA MET AA 451 27.64 65.78 -47.79
C MET AA 451 28.84 66.71 -47.60
N LYS AA 452 29.25 67.42 -48.64
CA LYS AA 452 30.38 68.33 -48.53
C LYS AA 452 30.07 69.48 -47.57
N HIS AA 453 31.13 70.03 -46.97
CA HIS AA 453 31.10 71.23 -46.13
C HIS AA 453 30.41 71.04 -44.79
N SER AA 454 30.44 69.85 -44.25
CA SER AA 454 29.86 69.59 -42.94
C SER AA 454 30.95 69.33 -41.91
N PRO AA 455 30.66 69.55 -40.62
CA PRO AA 455 31.65 69.24 -39.59
C PRO AA 455 31.94 67.75 -39.54
N ASP AA 456 33.12 67.43 -38.99
CA ASP AA 456 33.61 66.05 -39.06
C ASP AA 456 32.69 65.10 -38.31
N GLY AA 457 32.08 65.55 -37.21
CA GLY AA 457 31.22 64.67 -36.43
C GLY AA 457 30.07 64.13 -37.24
N ILE AA 458 29.40 65.00 -37.99
CA ILE AA 458 28.33 64.55 -38.88
C ILE AA 458 28.92 63.81 -40.07
N THR AA 459 30.04 64.30 -40.61
CA THR AA 459 30.55 63.79 -41.88
C THR AA 459 30.97 62.33 -41.78
N ALA AA 460 31.73 61.98 -40.74
CA ALA AA 460 32.22 60.62 -40.61
C ALA AA 460 31.07 59.62 -40.51
N ALA AA 461 30.13 59.89 -39.61
CA ALA AA 461 29.00 58.98 -39.43
C ALA AA 461 28.16 58.89 -40.68
N GLY AA 462 27.90 60.02 -41.35
CA GLY AA 462 27.08 59.98 -42.55
C GLY AA 462 27.74 59.19 -43.67
N LEU AA 463 29.02 59.44 -43.91
CA LEU AA 463 29.72 58.72 -44.96
C LEU AA 463 29.74 57.23 -44.68
N THR AA 464 30.07 56.85 -43.44
CA THR AA 464 30.12 55.43 -43.10
C THR AA 464 28.76 54.78 -43.27
N LYS AA 465 27.70 55.43 -42.79
CA LYS AA 465 26.36 54.85 -42.91
C LYS AA 465 25.96 54.69 -44.37
N GLY AA 466 26.14 55.73 -45.18
CA GLY AA 466 25.73 55.65 -46.57
C GLY AA 466 26.48 54.57 -47.34
N MET AA 467 27.80 54.54 -47.19
CA MET AA 467 28.58 53.54 -47.91
C MET AA 467 28.29 52.13 -47.43
N THR AA 468 28.15 51.93 -46.12
CA THR AA 468 27.82 50.61 -45.62
C THR AA 468 26.48 50.14 -46.16
N LYS AA 469 25.49 51.03 -46.17
CA LYS AA 469 24.18 50.63 -46.69
C LYS AA 469 24.26 50.28 -48.18
N LEU AA 470 24.96 51.08 -48.97
CA LEU AA 470 25.03 50.81 -50.40
C LEU AA 470 25.74 49.50 -50.69
N LEU AA 471 26.89 49.27 -50.03
CA LEU AA 471 27.62 48.05 -50.29
C LEU AA 471 26.88 46.82 -49.77
N ASP AA 472 26.14 46.95 -48.67
CA ASP AA 472 25.30 45.84 -48.23
C ASP AA 472 24.21 45.54 -49.24
N ARG AA 473 23.63 46.59 -49.84
CA ARG AA 473 22.64 46.37 -50.89
C ARG AA 473 23.24 45.61 -52.05
N PHE AA 474 24.46 45.98 -52.46
CA PHE AA 474 25.10 45.28 -53.56
C PHE AA 474 25.40 43.82 -53.21
N VAL AA 475 25.89 43.57 -52.00
CA VAL AA 475 26.21 42.20 -51.61
C VAL AA 475 24.93 41.35 -51.58
N ALA AA 476 23.85 41.90 -51.05
CA ALA AA 476 22.59 41.18 -51.05
C ALA AA 476 22.10 40.93 -52.48
N SER AA 477 22.36 41.89 -53.37
CA SER AA 477 22.02 41.68 -54.78
C SER AA 477 22.80 40.50 -55.35
N GLY AA 478 24.07 40.39 -55.01
CA GLY AA 478 24.90 39.29 -55.44
C GLY AA 478 26.04 39.65 -56.35
N ALA AA 479 26.40 40.93 -56.45
CA ALA AA 479 27.50 41.34 -57.30
C ALA AA 479 28.86 41.23 -56.63
N LEU AA 480 28.91 41.01 -55.33
CA LEU AA 480 30.16 40.81 -54.61
C LEU AA 480 30.09 39.50 -53.84
N VAL AA 481 31.19 38.76 -53.85
CA VAL AA 481 31.27 37.47 -53.20
C VAL AA 481 32.51 37.45 -52.31
N ALA AA 482 32.62 36.39 -51.51
CA ALA AA 482 33.75 36.24 -50.61
C ALA AA 482 35.06 36.17 -51.40
N PRO AA 483 36.16 36.62 -50.80
CA PRO AA 483 37.43 36.63 -51.55
C PRO AA 483 37.88 35.23 -51.91
N ARG AA 484 38.65 35.13 -52.99
CA ARG AA 484 39.07 33.84 -53.51
C ARG AA 484 39.93 33.09 -52.49
N ASP AA 485 40.86 33.80 -51.82
CA ASP AA 485 41.73 33.18 -50.85
C ASP AA 485 41.44 33.74 -49.47
N PRO AA 486 40.63 33.07 -48.67
CA PRO AA 486 40.23 33.59 -47.34
C PRO AA 486 41.27 33.32 -46.26
N ASP AA 487 42.52 33.59 -46.57
CA ASP AA 487 43.62 33.43 -45.62
C ASP AA 487 44.38 34.72 -45.38
N ALA AA 488 44.62 35.52 -46.42
CA ALA AA 488 45.34 36.77 -46.30
C ALA AA 488 44.40 37.97 -46.25
N ASP AA 489 43.57 38.13 -47.27
CA ASP AA 489 42.68 39.28 -47.37
C ASP AA 489 41.31 39.01 -46.78
N GLY AA 490 41.29 38.56 -45.52
CA GLY AA 490 40.08 38.37 -44.76
C GLY AA 490 39.05 37.47 -45.44
N THR AA 491 37.80 37.63 -44.99
CA THR AA 491 36.70 36.86 -45.57
C THR AA 491 35.45 37.71 -45.77
N GLU AA 492 35.60 39.03 -45.85
CA GLU AA 492 34.41 39.84 -46.09
C GLU AA 492 34.39 40.32 -47.54
N PRO AA 493 33.21 40.39 -48.16
CA PRO AA 493 33.15 40.83 -49.57
C PRO AA 493 33.73 42.21 -49.79
N TYR AA 494 33.52 43.13 -48.86
CA TYR AA 494 33.98 44.51 -48.99
C TYR AA 494 34.62 44.97 -47.68
N VAL AA 495 35.62 45.82 -47.82
CA VAL AA 495 36.30 46.44 -46.69
C VAL AA 495 36.25 47.95 -46.88
N LEU AA 496 35.78 48.65 -45.86
CA LEU AA 496 35.57 50.09 -45.91
C LEU AA 496 36.48 50.79 -44.91
N LYS AA 497 36.99 51.95 -45.29
CA LYS AA 497 37.85 52.71 -44.39
C LYS AA 497 37.68 54.20 -44.70
N VAL AA 498 37.07 54.93 -43.76
CA VAL AA 498 36.90 56.36 -43.86
C VAL AA 498 37.84 57.02 -42.87
N THR AA 499 38.71 57.90 -43.35
CA THR AA 499 39.76 58.46 -42.52
C THR AA 499 39.91 59.95 -42.80
N GLN AA 500 40.64 60.61 -41.90
CA GLN AA 500 40.97 62.02 -42.05
C GLN AA 500 42.47 62.15 -42.26
N ALA AA 501 42.85 62.85 -43.33
CA ALA AA 501 44.26 63.03 -43.64
C ALA AA 501 44.84 64.32 -43.10
N GLU AA 502 44.06 65.40 -43.10
CA GLU AA 502 44.44 66.66 -42.49
C GLU AA 502 43.16 67.32 -42.00
N PHE AA 503 43.21 68.64 -41.81
CA PHE AA 503 42.02 69.38 -41.37
C PHE AA 503 40.82 69.08 -42.26
N ASP AA 504 41.02 69.01 -43.58
CA ASP AA 504 39.92 68.65 -44.48
C ASP AA 504 40.50 67.88 -45.66
N LYS AA 505 40.57 66.56 -45.52
CA LYS AA 505 40.94 65.69 -46.63
C LYS AA 505 40.23 64.35 -46.52
N TRP AA 506 38.98 64.36 -46.04
CA TRP AA 506 38.26 63.13 -45.77
C TRP AA 506 38.42 62.12 -46.90
N GLU AA 507 39.09 61.00 -46.61
CA GLU AA 507 39.47 60.02 -47.62
C GLU AA 507 38.73 58.72 -47.38
N VAL AA 508 38.05 58.23 -48.41
CA VAL AA 508 37.26 57.00 -48.32
C VAL AA 508 37.92 55.97 -49.23
N VAL AA 509 38.24 54.81 -48.67
CA VAL AA 509 38.84 53.71 -49.42
C VAL AA 509 37.96 52.49 -49.23
N TRP AA 510 37.42 51.97 -50.32
CA TRP AA 510 36.60 50.77 -50.29
C TRP AA 510 37.18 49.75 -51.24
N ALA AA 511 37.32 48.52 -50.76
CA ALA AA 511 37.84 47.41 -51.55
C ALA AA 511 36.77 46.34 -51.65
N CYS AA 512 36.45 45.92 -52.87
CA CYS AA 512 35.37 44.97 -53.11
C CYS AA 512 35.90 43.77 -53.88
N CYS AA 513 35.29 42.61 -53.65
CA CYS AA 513 35.62 41.44 -54.45
C CYS AA 513 34.53 41.18 -55.46
N PRO AA 514 34.73 41.43 -56.74
CA PRO AA 514 33.65 41.26 -57.72
C PRO AA 514 33.40 39.79 -58.03
N THR AA 515 32.23 39.53 -58.60
CA THR AA 515 31.85 38.18 -58.97
C THR AA 515 32.70 37.69 -60.13
N GLY AA 516 32.71 36.36 -60.31
CA GLY AA 516 33.44 35.73 -61.37
C GLY AA 516 32.52 35.27 -62.48
N VAL AA 517 32.73 35.82 -63.68
CA VAL AA 517 31.99 35.35 -64.83
C VAL AA 517 32.39 33.90 -65.14
N ALA AA 518 31.55 33.22 -65.89
CA ALA AA 518 31.80 31.83 -66.29
C ALA AA 518 31.99 31.81 -67.80
N ARG AA 519 33.22 32.04 -68.24
CA ARG AA 519 33.54 32.11 -69.66
C ARG AA 519 34.06 30.79 -70.21
N ARG AA 520 34.90 30.08 -69.46
CA ARG AA 520 35.46 28.82 -69.89
C ARG AA 520 35.03 27.74 -68.91
N ILE AA 521 34.37 26.70 -69.42
CA ILE AA 521 33.90 25.59 -68.61
C ILE AA 521 34.53 24.32 -69.13
N GLN AA 522 35.15 23.55 -68.25
CA GLN AA 522 35.85 22.32 -68.63
C GLN AA 522 35.39 21.17 -67.75
N GLY AA 523 35.12 20.04 -68.39
CA GLY AA 523 34.72 18.83 -67.69
C GLY AA 523 35.78 17.75 -67.85
N VAL AA 524 36.09 17.07 -66.75
CA VAL AA 524 37.09 16.01 -66.73
C VAL AA 524 36.44 14.74 -66.21
N PRO AA 525 35.98 13.86 -67.08
CA PRO AA 525 35.39 12.60 -66.62
C PRO AA 525 36.45 11.70 -66.03
N LEU AA 526 36.02 10.84 -65.12
CA LEU AA 526 36.91 9.91 -64.44
C LEU AA 526 36.24 8.55 -64.32
N LEU AA 527 37.05 7.53 -64.07
CA LEU AA 527 36.57 6.19 -63.81
C LEU AA 527 37.12 5.71 -62.48
N ILE AA 528 36.28 5.04 -61.70
CA ILE AA 528 36.62 4.60 -60.35
C ILE AA 528 36.80 3.09 -60.38
N LYS AA 529 37.94 2.62 -59.88
CA LYS AA 529 38.21 1.20 -59.80
C LYS AA 529 37.27 0.52 -58.81
N SER BA 2 32.67 21.71 -87.39
CA SER BA 2 31.34 22.27 -87.54
C SER BA 2 30.63 22.38 -86.20
N GLN BA 3 29.31 22.35 -86.23
CA GLN BA 3 28.54 22.32 -85.00
C GLN BA 3 28.52 20.90 -84.43
N TYR BA 4 28.05 20.80 -83.18
CA TYR BA 4 27.99 19.55 -82.42
C TYR BA 4 29.36 18.96 -82.15
N SER BA 5 30.42 19.57 -82.65
CA SER BA 5 31.77 19.10 -82.38
C SER BA 5 32.17 19.45 -80.95
N ILE BA 6 33.06 18.65 -80.38
CA ILE BA 6 33.52 18.83 -79.00
C ILE BA 6 35.03 18.96 -79.04
N GLN BA 7 35.55 20.05 -78.48
CA GLN BA 7 36.98 20.23 -78.39
C GLN BA 7 37.50 19.67 -77.07
N GLN BA 8 38.82 19.72 -76.91
CA GLN BA 8 39.46 19.15 -75.74
C GLN BA 8 40.47 20.06 -75.05
N SER BA 9 40.98 21.09 -75.73
CA SER BA 9 42.02 21.92 -75.15
C SER BA 9 41.44 23.11 -74.36
N LEU BA 10 40.71 23.98 -75.04
CA LEU BA 10 40.08 25.14 -74.42
C LEU BA 10 41.13 26.03 -73.74
N GLY BA 11 41.96 26.64 -74.59
CA GLY BA 11 43.01 27.53 -74.12
C GLY BA 11 42.75 29.00 -74.39
N ASN BA 12 42.47 29.76 -73.34
CA ASN BA 12 42.39 31.22 -73.39
C ASN BA 12 41.35 31.70 -74.41
N ALA BA 13 40.23 31.00 -74.50
CA ALA BA 13 39.15 31.41 -75.39
C ALA BA 13 37.84 30.87 -74.83
N SER BA 14 36.77 31.61 -75.04
CA SER BA 14 35.47 31.19 -74.55
C SER BA 14 35.04 29.90 -75.24
N GLY BA 15 34.43 29.00 -74.48
CA GLY BA 15 33.96 27.76 -75.03
C GLY BA 15 33.78 26.72 -73.94
N VAL BA 16 33.44 25.51 -74.38
CA VAL BA 16 33.26 24.37 -73.49
C VAL BA 16 33.97 23.18 -74.10
N ALA BA 17 34.63 22.39 -73.24
CA ALA BA 17 35.39 21.25 -73.71
C ALA BA 17 35.41 20.17 -72.64
N VAL BA 18 35.47 18.91 -73.08
CA VAL BA 18 35.56 17.77 -72.18
C VAL BA 18 36.85 17.03 -72.47
N SER BA 19 37.57 16.69 -71.41
CA SER BA 19 38.83 16.00 -71.56
C SER BA 19 38.59 14.52 -71.87
N PRO BA 20 39.50 13.87 -72.58
CA PRO BA 20 39.34 12.43 -72.84
C PRO BA 20 39.36 11.64 -71.55
N ILE BA 21 38.64 10.51 -71.55
CA ILE BA 21 38.44 9.73 -70.34
C ILE BA 21 39.79 9.29 -69.80
N ASN BA 22 39.93 9.36 -68.47
CA ASN BA 22 41.23 9.06 -67.85
C ASN BA 22 41.47 7.55 -67.82
N ALA BA 23 40.67 6.83 -67.05
CA ALA BA 23 40.72 5.36 -67.00
C ALA BA 23 42.13 4.85 -66.76
N ASP BA 24 42.84 5.47 -65.81
CA ASP BA 24 44.18 5.04 -65.46
C ASP BA 24 44.26 4.41 -64.08
N ALA BA 25 43.30 4.66 -63.21
CA ALA BA 25 43.24 4.01 -61.90
C ALA BA 25 42.54 2.66 -61.94
N THR BA 26 42.12 2.22 -63.12
CA THR BA 26 41.40 0.96 -63.28
C THR BA 26 42.13 0.03 -64.24
N LEU BA 27 43.46 0.09 -64.26
CA LEU BA 27 44.22 -0.72 -65.19
C LEU BA 27 44.39 -2.13 -64.66
N SER BA 28 43.84 -3.09 -65.38
CA SER BA 28 43.97 -4.51 -65.07
C SER BA 28 45.06 -5.13 -65.93
N THR BA 29 45.18 -6.44 -65.87
CA THR BA 29 46.14 -7.18 -66.68
C THR BA 29 45.54 -8.52 -67.06
N GLY BA 30 45.41 -8.76 -68.36
CA GLY BA 30 44.87 -10.02 -68.84
C GLY BA 30 45.93 -11.00 -69.27
N VAL BA 31 46.24 -11.97 -68.42
CA VAL BA 31 47.25 -12.96 -68.74
C VAL BA 31 46.67 -14.38 -68.79
N ALA BA 32 45.59 -14.65 -68.07
CA ALA BA 32 44.96 -15.97 -68.04
C ALA BA 32 45.97 -17.04 -67.59
N LEU BA 33 46.38 -16.91 -66.32
CA LEU BA 33 47.40 -17.80 -65.78
C LEU BA 33 46.97 -19.25 -65.79
N ASN BA 34 45.67 -19.52 -65.64
CA ASN BA 34 45.20 -20.89 -65.58
C ASN BA 34 45.05 -21.49 -66.98
N SER BA 35 46.10 -21.43 -67.78
CA SER BA 35 46.09 -21.99 -69.12
C SER BA 35 47.46 -22.56 -69.43
N SER BA 36 47.51 -23.79 -69.92
CA SER BA 36 48.76 -24.49 -70.18
C SER BA 36 48.70 -25.13 -71.55
N LEU BA 37 49.78 -24.98 -72.32
CA LEU BA 37 49.92 -25.62 -73.62
C LEU BA 37 51.31 -26.25 -73.70
N TRP BA 38 51.41 -27.32 -74.48
CA TRP BA 38 52.64 -28.10 -74.58
C TRP BA 38 53.22 -27.99 -75.98
N ALA BA 39 54.54 -27.81 -76.05
CA ALA BA 39 55.24 -27.69 -77.32
C ALA BA 39 56.31 -28.76 -77.43
N GLY BA 40 56.41 -29.38 -78.59
CA GLY BA 40 57.39 -30.44 -78.76
C GLY BA 40 57.77 -30.65 -80.21
N ILE BA 41 58.89 -31.33 -80.39
CA ILE BA 41 59.36 -31.71 -81.72
C ILE BA 41 59.18 -33.21 -81.87
N GLY BA 42 59.19 -33.68 -83.10
CA GLY BA 42 59.02 -35.09 -83.32
C GLY BA 42 59.16 -35.46 -84.78
N VAL BA 43 58.99 -36.74 -85.05
CA VAL BA 43 59.04 -37.30 -86.41
C VAL BA 43 57.71 -37.99 -86.66
N PHE BA 44 57.03 -37.59 -87.73
CA PHE BA 44 55.70 -38.10 -88.00
C PHE BA 44 55.57 -38.54 -89.45
N ALA BA 45 54.33 -38.82 -89.88
CA ALA BA 45 54.07 -39.27 -91.24
C ALA BA 45 53.60 -38.16 -92.15
N ARG BA 46 52.76 -37.25 -91.65
CA ARG BA 46 52.20 -36.17 -92.45
C ARG BA 46 52.31 -34.86 -91.70
N GLY BA 47 52.62 -33.80 -92.41
CA GLY BA 47 52.75 -32.48 -91.82
C GLY BA 47 53.81 -31.67 -92.55
N LYS BA 48 53.72 -30.36 -92.41
CA LYS BA 48 54.67 -29.47 -93.07
C LYS BA 48 55.97 -29.44 -92.28
N PRO BA 49 57.10 -29.80 -92.88
CA PRO BA 49 58.35 -29.87 -92.12
C PRO BA 49 58.84 -28.49 -91.71
N PHE BA 50 59.47 -28.45 -90.53
CA PHE BA 50 60.13 -27.25 -90.02
C PHE BA 50 59.17 -26.07 -89.92
N THR BA 51 57.92 -26.35 -89.59
CA THR BA 51 56.91 -25.30 -89.43
C THR BA 51 56.03 -25.64 -88.25
N VAL BA 52 55.83 -24.67 -87.35
CA VAL BA 52 55.05 -24.89 -86.15
C VAL BA 52 53.63 -25.27 -86.52
N LEU BA 53 53.10 -26.31 -85.91
CA LEU BA 53 51.75 -26.78 -86.16
C LEU BA 53 50.88 -26.49 -84.94
N ALA BA 54 49.64 -26.95 -85.00
CA ALA BA 54 48.71 -26.83 -83.88
C ALA BA 54 47.82 -28.04 -83.87
N VAL BA 55 47.86 -28.80 -82.77
CA VAL BA 55 47.11 -30.04 -82.65
C VAL BA 55 46.13 -29.90 -81.50
N THR BA 56 44.87 -30.22 -81.78
CA THR BA 56 43.81 -30.26 -80.78
C THR BA 56 43.31 -31.70 -80.64
N GLU BA 57 42.30 -31.90 -79.80
CA GLU BA 57 41.76 -33.23 -79.57
C GLU BA 57 40.96 -33.77 -80.75
N SER BA 58 40.67 -32.95 -81.75
CA SER BA 58 39.76 -33.36 -82.81
C SER BA 58 40.36 -33.33 -84.22
N ASN BA 59 41.65 -33.00 -84.35
CA ASN BA 59 42.23 -32.94 -85.69
C ASN BA 59 43.60 -33.58 -85.81
N TYR BA 60 44.23 -34.03 -84.71
CA TYR BA 60 45.60 -34.54 -84.79
C TYR BA 60 45.70 -35.70 -85.77
N GLU BA 61 44.67 -36.54 -85.84
CA GLU BA 61 44.70 -37.72 -86.70
C GLU BA 61 44.92 -37.33 -88.15
N ASP BA 62 44.33 -36.22 -88.60
CA ASP BA 62 44.47 -35.82 -89.99
C ASP BA 62 45.58 -34.82 -90.23
N VAL BA 63 45.83 -33.89 -89.30
CA VAL BA 63 46.91 -32.94 -89.54
C VAL BA 63 48.27 -33.62 -89.44
N LEU BA 64 48.43 -34.56 -88.50
CA LEU BA 64 49.69 -35.27 -88.34
C LEU BA 64 49.68 -36.65 -88.97
N GLY BA 65 48.59 -37.02 -89.65
CA GLY BA 65 48.53 -38.27 -90.36
C GLY BA 65 48.23 -39.45 -89.45
N GLU BA 66 48.00 -40.60 -90.09
CA GLU BA 66 47.68 -41.80 -89.36
C GLU BA 66 48.90 -42.29 -88.57
N PRO BA 67 48.68 -42.99 -87.46
CA PRO BA 67 49.81 -43.46 -86.66
C PRO BA 67 50.69 -44.42 -87.44
N LEU BA 68 51.98 -44.38 -87.14
CA LEU BA 68 52.97 -45.22 -87.80
C LEU BA 68 52.88 -46.65 -87.27
N LYS BA 69 53.83 -47.49 -87.67
CA LYS BA 69 53.86 -48.88 -87.26
C LYS BA 69 55.12 -49.17 -86.45
N PRO BA 70 55.00 -49.85 -85.31
CA PRO BA 70 56.22 -50.14 -84.52
C PRO BA 70 57.24 -50.98 -85.25
N SER BA 71 56.79 -51.90 -86.12
CA SER BA 71 57.73 -52.74 -86.85
C SER BA 71 58.57 -51.94 -87.84
N SER BA 72 58.13 -50.73 -88.21
CA SER BA 72 58.91 -49.92 -89.14
C SER BA 72 60.25 -49.53 -88.55
N GLY BA 73 60.27 -49.17 -87.26
CA GLY BA 73 61.49 -48.75 -86.61
C GLY BA 73 61.24 -48.06 -85.30
N SER BA 74 61.96 -46.97 -85.04
CA SER BA 74 61.83 -46.22 -83.81
C SER BA 74 61.03 -44.93 -83.99
N GLN BA 75 60.31 -44.81 -85.10
CA GLN BA 75 59.54 -43.60 -85.38
C GLN BA 75 58.14 -43.64 -84.82
N PHE BA 76 57.76 -44.71 -84.12
CA PHE BA 76 56.41 -44.86 -83.61
C PHE BA 76 56.20 -44.19 -82.26
N GLU BA 77 57.23 -43.59 -81.68
CA GLU BA 77 57.15 -43.03 -80.34
C GLU BA 77 56.39 -41.69 -80.28
N PRO BA 78 56.75 -40.69 -81.08
CA PRO BA 78 56.15 -39.36 -80.89
C PRO BA 78 54.65 -39.34 -81.08
N ILE BA 79 54.09 -40.15 -81.97
CA ILE BA 79 52.65 -40.16 -82.15
C ILE BA 79 51.96 -40.63 -80.89
N ARG BA 80 52.48 -41.67 -80.25
CA ARG BA 80 51.89 -42.15 -79.00
C ARG BA 80 52.05 -41.13 -77.89
N HIS BA 81 53.21 -40.46 -77.83
CA HIS BA 81 53.38 -39.41 -76.83
C HIS BA 81 52.36 -38.29 -77.03
N VAL BA 82 52.14 -37.90 -78.29
CA VAL BA 82 51.14 -36.88 -78.60
C VAL BA 82 49.75 -37.36 -78.17
N TYR BA 83 49.43 -38.62 -78.46
CA TYR BA 83 48.11 -39.12 -78.11
C TYR BA 83 47.89 -39.12 -76.62
N GLU BA 84 48.92 -39.47 -75.85
CA GLU BA 84 48.78 -39.46 -74.40
C GLU BA 84 48.77 -38.06 -73.81
N ALA BA 85 49.40 -37.09 -74.48
CA ALA BA 85 49.45 -35.73 -73.94
C ALA BA 85 48.24 -34.88 -74.34
N ILE BA 86 47.63 -35.16 -75.49
CA ILE BA 86 46.49 -34.37 -75.96
C ILE BA 86 45.29 -34.47 -75.02
N GLN BA 87 45.16 -35.60 -74.31
CA GLN BA 87 44.00 -35.89 -73.48
C GLN BA 87 43.53 -34.69 -72.67
N GLN BA 88 44.46 -33.81 -72.30
CA GLN BA 88 44.14 -32.65 -71.46
C GLN BA 88 43.99 -31.37 -72.28
N THR BA 89 45.03 -30.97 -73.00
CA THR BA 89 45.05 -29.67 -73.66
C THR BA 89 45.69 -29.78 -75.03
N SER BA 90 45.39 -28.82 -75.89
CA SER BA 90 45.97 -28.75 -77.22
C SER BA 90 47.42 -28.28 -77.13
N GLY BA 91 48.12 -28.31 -78.26
CA GLY BA 91 49.52 -27.96 -78.22
C GLY BA 91 50.11 -27.70 -79.60
N TYR BA 92 51.42 -27.52 -79.61
CA TYR BA 92 52.16 -27.19 -80.83
C TYR BA 92 53.29 -28.18 -81.04
N VAL BA 93 53.43 -28.66 -82.27
CA VAL BA 93 54.46 -29.63 -82.61
C VAL BA 93 55.26 -29.13 -83.80
N VAL BA 94 56.46 -29.68 -83.93
CA VAL BA 94 57.35 -29.37 -85.05
C VAL BA 94 57.86 -30.69 -85.62
N ARG BA 95 57.59 -30.91 -86.91
CA ARG BA 95 58.01 -32.15 -87.56
C ARG BA 95 59.37 -31.96 -88.20
N ALA BA 96 60.28 -32.90 -87.96
CA ALA BA 96 61.61 -32.90 -88.55
C ALA BA 96 61.74 -34.10 -89.48
N VAL BA 97 62.19 -33.84 -90.70
CA VAL BA 97 62.26 -34.87 -91.73
C VAL BA 97 63.71 -35.20 -92.05
N PRO BA 98 64.01 -36.40 -92.58
CA PRO BA 98 65.38 -36.71 -92.96
C PRO BA 98 65.84 -35.89 -94.15
N ASP BA 99 67.06 -36.15 -94.63
CA ASP BA 99 67.64 -35.30 -95.67
C ASP BA 99 67.01 -35.57 -97.03
N ASP BA 100 66.72 -36.83 -97.35
CA ASP BA 100 66.34 -37.20 -98.71
C ASP BA 100 64.82 -37.22 -98.92
N ALA BA 101 64.04 -36.63 -98.02
CA ALA BA 101 62.60 -36.56 -98.23
C ALA BA 101 62.26 -35.62 -99.37
N LYS BA 102 61.40 -36.07 -100.28
CA LYS BA 102 61.05 -35.31 -101.47
C LYS BA 102 59.54 -35.22 -101.61
N PHE BA 103 59.08 -34.08 -102.13
CA PHE BA 103 57.68 -33.83 -102.39
C PHE BA 103 57.44 -33.70 -103.89
N PRO BA 104 56.24 -34.03 -104.36
CA PRO BA 104 55.97 -34.03 -105.80
C PRO BA 104 55.76 -32.62 -106.34
N ILE BA 105 55.92 -32.49 -107.65
CA ILE BA 105 55.77 -31.22 -108.36
C ILE BA 105 55.24 -31.53 -109.75
N ILE BA 106 54.23 -30.77 -110.18
CA ILE BA 106 53.68 -30.87 -111.54
C ILE BA 106 53.92 -29.55 -112.23
N MET BA 107 54.66 -29.58 -113.34
CA MET BA 107 54.99 -28.38 -114.10
C MET BA 107 54.26 -28.43 -115.44
N PHE BA 108 53.64 -27.30 -115.81
CA PHE BA 108 52.90 -27.22 -117.05
C PHE BA 108 53.73 -26.51 -118.11
N ASP BA 109 53.10 -26.25 -119.26
CA ASP BA 109 53.77 -25.56 -120.36
C ASP BA 109 52.72 -24.73 -121.09
N GLU BA 110 53.14 -24.07 -122.17
CA GLU BA 110 52.23 -23.22 -122.93
C GLU BA 110 51.10 -24.04 -123.54
N SER BA 111 51.42 -25.18 -124.15
CA SER BA 111 50.39 -26.00 -124.76
C SER BA 111 49.47 -26.60 -123.71
N GLY BA 112 50.02 -26.99 -122.56
CA GLY BA 112 49.23 -27.59 -121.50
C GLY BA 112 49.61 -29.03 -121.16
N GLU BA 113 50.61 -29.60 -121.79
CA GLU BA 113 51.00 -30.98 -121.49
C GLU BA 113 51.78 -31.01 -120.18
N PRO BA 114 51.31 -31.71 -119.16
CA PRO BA 114 51.98 -31.67 -117.86
C PRO BA 114 53.22 -32.54 -117.83
N ALA BA 115 54.09 -32.25 -116.86
CA ALA BA 115 55.26 -33.06 -116.56
C ALA BA 115 55.38 -33.16 -115.05
N TYR BA 116 55.98 -34.26 -114.58
CA TYR BA 116 56.09 -34.55 -113.16
C TYR BA 116 57.54 -34.57 -112.73
N SER BA 117 57.77 -34.27 -111.45
CA SER BA 117 59.09 -34.36 -110.86
C SER BA 117 58.94 -34.38 -109.35
N ALA BA 118 60.07 -34.49 -108.66
CA ALA BA 118 60.09 -34.45 -107.20
C ALA BA 118 61.27 -33.62 -106.73
N LEU BA 119 61.07 -32.87 -105.65
CA LEU BA 119 62.13 -32.01 -105.14
C LEU BA 119 62.29 -32.20 -103.63
N PRO BA 120 63.51 -32.13 -103.12
CA PRO BA 120 63.71 -32.26 -101.67
C PRO BA 120 63.06 -31.12 -100.91
N TYR BA 121 62.68 -31.41 -99.66
CA TYR BA 121 61.98 -30.43 -98.85
C TYR BA 121 62.87 -29.24 -98.53
N GLY BA 122 62.23 -28.08 -98.38
CA GLY BA 122 62.93 -26.87 -98.06
C GLY BA 122 63.64 -26.20 -99.21
N SER BA 123 63.35 -26.59 -100.45
CA SER BA 123 63.99 -26.02 -101.62
C SER BA 123 62.95 -25.39 -102.52
N GLU BA 124 63.29 -24.23 -103.06
CA GLU BA 124 62.42 -23.55 -104.02
C GLU BA 124 62.56 -24.20 -105.39
N ILE BA 125 61.78 -23.70 -106.35
CA ILE BA 125 61.64 -24.32 -107.66
C ILE BA 125 62.17 -23.36 -108.71
N GLU BA 126 63.00 -23.86 -109.62
CA GLU BA 126 63.45 -23.11 -110.77
C GLU BA 126 62.69 -23.60 -111.99
N LEU BA 127 62.14 -22.66 -112.76
CA LEU BA 127 61.31 -23.00 -113.90
C LEU BA 127 62.15 -23.02 -115.18
N ASP BA 128 61.95 -24.04 -116.00
CA ASP BA 128 62.63 -24.11 -117.29
C ASP BA 128 61.99 -23.11 -118.25
N SER BA 129 62.61 -22.98 -119.43
CA SER BA 129 62.14 -22.00 -120.41
C SER BA 129 60.71 -22.30 -120.85
N GLY BA 130 60.40 -23.57 -121.09
CA GLY BA 130 59.08 -23.94 -121.55
C GLY BA 130 58.03 -24.09 -120.49
N GLU BA 131 58.38 -23.95 -119.21
CA GLU BA 131 57.45 -24.15 -118.12
C GLU BA 131 56.69 -22.87 -117.83
N ALA BA 132 55.36 -22.96 -117.78
CA ALA BA 132 54.52 -21.81 -117.49
C ALA BA 132 54.27 -21.65 -116.00
N PHE BA 133 53.84 -22.72 -115.33
CA PHE BA 133 53.59 -22.65 -113.90
C PHE BA 133 53.66 -24.05 -113.30
N ALA BA 134 53.99 -24.09 -112.02
CA ALA BA 134 54.17 -25.35 -111.30
C ALA BA 134 53.30 -25.36 -110.06
N ILE BA 135 52.75 -26.54 -109.76
CA ILE BA 135 51.92 -26.77 -108.59
C ILE BA 135 52.54 -27.90 -107.78
N TYR BA 136 52.62 -27.71 -106.47
CA TYR BA 136 53.15 -28.73 -105.59
C TYR BA 136 52.34 -28.76 -104.30
N VAL BA 137 52.59 -29.81 -103.50
CA VAL BA 137 51.82 -30.07 -102.28
C VAL BA 137 52.68 -29.70 -101.09
N ASP BA 138 52.13 -28.88 -100.20
CA ASP BA 138 52.84 -28.47 -98.99
C ASP BA 138 52.23 -29.05 -97.72
N ASP BA 139 51.36 -30.05 -97.84
CA ASP BA 139 50.86 -30.75 -96.67
C ASP BA 139 51.92 -31.66 -96.06
N GLY BA 140 52.97 -31.98 -96.80
CA GLY BA 140 54.00 -32.86 -96.34
C GLY BA 140 53.82 -34.32 -96.72
N ASP BA 141 52.62 -34.71 -97.09
CA ASP BA 141 52.37 -36.11 -97.44
C ASP BA 141 53.16 -36.46 -98.70
N PRO BA 142 53.80 -37.63 -98.75
CA PRO BA 142 54.56 -38.02 -99.94
C PRO BA 142 53.71 -38.57 -101.07
N CYS BA 143 52.38 -38.53 -100.94
CA CYS BA 143 51.47 -38.87 -102.04
C CYS BA 143 51.71 -40.28 -102.57
N ILE BA 144 51.91 -41.23 -101.66
CA ILE BA 144 52.11 -42.62 -102.02
C ILE BA 144 50.93 -43.49 -101.60
N SER BA 145 50.34 -43.22 -100.43
CA SER BA 145 49.13 -43.89 -99.99
C SER BA 145 48.43 -43.04 -98.94
N PRO BA 146 47.22 -42.51 -99.23
CA PRO BA 146 46.47 -42.63 -100.48
C PRO BA 146 47.01 -41.70 -101.56
N THR BA 147 46.79 -42.03 -102.83
CA THR BA 147 47.24 -41.17 -103.91
C THR BA 147 46.37 -39.92 -103.98
N ARG BA 148 46.93 -38.87 -104.59
CA ARG BA 148 46.22 -37.61 -104.75
C ARG BA 148 46.24 -37.20 -106.21
N GLU BA 149 45.08 -36.82 -106.73
CA GLU BA 149 44.90 -36.48 -108.14
C GLU BA 149 44.39 -35.05 -108.27
N LEU BA 150 44.87 -34.37 -109.30
CA LEU BA 150 44.54 -32.98 -109.58
C LEU BA 150 43.85 -32.89 -110.93
N THR BA 151 42.75 -32.13 -110.98
CA THR BA 151 41.93 -32.02 -112.18
C THR BA 151 41.68 -30.55 -112.51
N ILE BA 152 41.74 -30.24 -113.79
CA ILE BA 152 41.53 -28.88 -114.30
C ILE BA 152 40.28 -28.91 -115.18
N GLU BA 153 39.36 -27.98 -114.93
CA GLU BA 153 38.11 -27.92 -115.67
C GLU BA 153 37.88 -26.50 -116.18
N THR BA 154 37.40 -26.38 -117.41
CA THR BA 154 37.10 -25.07 -117.96
C THR BA 154 35.85 -24.50 -117.30
N ALA BA 155 35.85 -23.17 -117.10
CA ALA BA 155 34.74 -22.47 -116.49
C ALA BA 155 34.45 -21.19 -117.26
N THR BA 156 33.38 -20.51 -116.85
CA THR BA 156 32.99 -19.28 -117.52
C THR BA 156 33.94 -18.14 -117.15
N ALA BA 157 34.25 -17.31 -118.15
CA ALA BA 157 35.12 -16.17 -117.91
C ALA BA 157 34.42 -15.13 -117.06
N ASP BA 158 35.22 -14.25 -116.46
CA ASP BA 158 34.70 -13.21 -115.59
C ASP BA 158 34.06 -12.09 -116.42
N SER BA 159 33.59 -11.05 -115.72
CA SER BA 159 33.00 -9.91 -116.41
C SER BA 159 34.04 -9.17 -117.25
N ALA BA 160 35.26 -9.01 -116.72
CA ALA BA 160 36.30 -8.33 -117.46
C ALA BA 160 36.67 -9.10 -118.73
N GLY BA 161 36.78 -10.42 -118.64
CA GLY BA 161 37.10 -11.23 -119.80
C GLY BA 161 38.16 -12.28 -119.56
N ASN BA 162 38.83 -12.22 -118.41
CA ASN BA 162 39.88 -13.18 -118.10
C ASN BA 162 39.28 -14.56 -117.92
N GLU BA 163 40.05 -15.59 -118.29
CA GLU BA 163 39.59 -16.97 -118.25
C GLU BA 163 39.95 -17.58 -116.91
N ARG BA 164 38.94 -18.03 -116.17
CA ARG BA 164 39.12 -18.68 -114.88
C ARG BA 164 38.78 -20.15 -115.02
N PHE BA 165 39.66 -21.02 -114.52
CA PHE BA 165 39.45 -22.45 -114.55
C PHE BA 165 39.30 -22.99 -113.13
N LEU BA 166 38.60 -24.11 -113.02
CA LEU BA 166 38.31 -24.75 -111.75
C LEU BA 166 39.34 -25.83 -111.47
N LEU BA 167 39.94 -25.79 -110.29
CA LEU BA 167 40.91 -26.77 -109.84
C LEU BA 167 40.26 -27.66 -108.79
N LYS BA 168 40.38 -28.98 -108.98
CA LYS BA 168 39.79 -29.94 -108.06
C LYS BA 168 40.84 -30.97 -107.69
N LEU BA 169 41.19 -31.04 -106.40
CA LEU BA 169 42.10 -32.04 -105.90
C LEU BA 169 41.32 -33.07 -105.10
N THR BA 170 41.50 -34.34 -105.44
CA THR BA 170 40.76 -35.43 -104.82
C THR BA 170 41.71 -36.56 -104.45
N GLN BA 171 41.45 -37.19 -103.32
CA GLN BA 171 42.28 -38.29 -102.84
C GLN BA 171 41.63 -39.63 -103.18
N THR BA 172 42.45 -40.61 -103.54
CA THR BA 172 42.00 -41.96 -103.85
C THR BA 172 42.80 -42.93 -103.01
N THR BA 173 42.10 -43.77 -102.25
CA THR BA 173 42.76 -44.77 -101.44
C THR BA 173 43.13 -45.99 -102.29
N SER BA 174 43.98 -46.84 -101.73
CA SER BA 174 44.43 -48.03 -102.46
C SER BA 174 43.27 -48.98 -102.73
N LEU BA 175 42.30 -49.07 -101.81
CA LEU BA 175 41.17 -49.97 -102.01
C LEU BA 175 40.35 -49.55 -103.22
N GLY BA 176 40.08 -48.25 -103.37
CA GLY BA 176 39.30 -47.79 -104.49
C GLY BA 176 38.35 -46.66 -104.15
N VAL BA 177 38.34 -46.25 -102.88
CA VAL BA 177 37.48 -45.16 -102.45
C VAL BA 177 38.05 -43.85 -102.96
N VAL BA 178 37.24 -43.09 -103.68
CA VAL BA 178 37.65 -41.81 -104.26
C VAL BA 178 36.72 -40.73 -103.73
N THR BA 179 37.27 -39.81 -102.94
CA THR BA 179 36.51 -38.71 -102.37
C THR BA 179 37.17 -37.40 -102.75
N THR BA 180 36.36 -36.39 -103.05
CA THR BA 180 36.89 -35.07 -103.34
C THR BA 180 37.50 -34.48 -102.07
N LEU BA 181 38.48 -33.62 -102.25
CA LEU BA 181 39.20 -33.03 -101.13
C LEU BA 181 39.11 -31.52 -101.11
N GLU BA 182 39.37 -30.85 -102.23
CA GLU BA 182 39.25 -29.39 -102.25
C GLU BA 182 39.00 -28.93 -103.67
N THR BA 183 38.39 -27.76 -103.79
CA THR BA 183 38.08 -27.16 -105.08
C THR BA 183 38.27 -25.65 -105.01
N HIS BA 184 38.62 -25.07 -106.15
CA HIS BA 184 38.89 -23.64 -106.25
C HIS BA 184 38.59 -23.17 -107.67
N THR BA 185 38.47 -21.85 -107.82
CA THR BA 185 38.33 -21.21 -109.12
C THR BA 185 39.42 -20.17 -109.26
N VAL BA 186 40.44 -20.48 -110.07
CA VAL BA 186 41.62 -19.62 -110.14
C VAL BA 186 41.92 -19.30 -111.60
N SER BA 187 42.68 -18.23 -111.80
CA SER BA 187 43.07 -17.81 -113.14
C SER BA 187 44.47 -17.23 -113.10
N LEU BA 188 45.09 -17.16 -114.28
CA LEU BA 188 46.45 -16.66 -114.40
C LEU BA 188 46.51 -15.14 -114.54
N ALA BA 189 45.38 -14.47 -114.71
CA ALA BA 189 45.37 -13.02 -114.80
C ALA BA 189 45.74 -12.40 -113.46
N GLU BA 190 46.52 -11.33 -113.49
CA GLU BA 190 47.01 -10.70 -112.27
C GLU BA 190 45.93 -9.94 -111.51
N GLU BA 191 44.75 -9.75 -112.08
CA GLU BA 191 43.72 -8.94 -111.45
C GLU BA 191 42.33 -9.55 -111.52
N ALA BA 192 42.17 -10.72 -112.12
CA ALA BA 192 40.85 -11.32 -112.27
C ALA BA 192 40.26 -11.68 -110.91
N LYS BA 193 38.94 -11.60 -110.80
CA LYS BA 193 38.23 -11.91 -109.57
C LYS BA 193 37.21 -13.01 -109.83
N ASP BA 194 36.96 -13.81 -108.79
CA ASP BA 194 35.99 -14.88 -108.88
C ASP BA 194 34.58 -14.33 -108.68
N ASP BA 195 33.59 -15.23 -108.58
CA ASP BA 195 32.22 -14.81 -108.40
C ASP BA 195 32.00 -14.08 -107.08
N MET BA 196 32.61 -14.57 -106.01
CA MET BA 196 32.40 -13.96 -104.70
C MET BA 196 33.16 -12.65 -104.52
N GLY BA 197 34.06 -12.30 -105.43
CA GLY BA 197 34.78 -11.05 -105.38
C GLY BA 197 36.21 -11.16 -104.89
N ARG BA 198 36.63 -12.31 -104.37
CA ARG BA 198 37.99 -12.45 -103.89
C ARG BA 198 38.96 -12.52 -105.07
N LEU BA 199 40.24 -12.26 -104.77
CA LEU BA 199 41.28 -12.35 -105.78
C LEU BA 199 41.44 -13.79 -106.23
N CYS BA 200 41.60 -13.98 -107.54
CA CYS BA 200 41.68 -15.32 -108.12
C CYS BA 200 43.00 -15.58 -108.84
N TYR BA 201 43.99 -14.70 -108.68
CA TYR BA 201 45.32 -14.99 -109.19
C TYR BA 201 45.84 -16.27 -108.55
N LEU BA 202 46.46 -17.12 -109.37
CA LEU BA 202 46.78 -18.48 -108.92
C LEU BA 202 47.71 -18.53 -107.72
N PRO BA 203 48.89 -17.89 -107.72
CA PRO BA 203 49.78 -18.05 -106.57
C PRO BA 203 49.18 -17.55 -105.26
N THR BA 204 48.71 -16.31 -105.23
CA THR BA 204 48.16 -15.76 -104.00
C THR BA 204 46.91 -16.49 -103.56
N ALA BA 205 46.05 -16.87 -104.51
CA ALA BA 205 44.83 -17.59 -104.18
C ALA BA 205 45.15 -18.92 -103.51
N LEU BA 206 46.05 -19.70 -104.12
CA LEU BA 206 46.41 -20.98 -103.53
C LEU BA 206 47.11 -20.81 -102.19
N GLU BA 207 47.97 -19.79 -102.07
CA GLU BA 207 48.68 -19.60 -100.82
C GLU BA 207 47.74 -19.20 -99.69
N ALA BA 208 46.72 -18.41 -99.99
CA ALA BA 208 45.84 -17.87 -98.96
C ALA BA 208 44.71 -18.83 -98.60
N ARG BA 209 43.90 -19.23 -99.60
CA ARG BA 209 42.66 -19.94 -99.31
C ARG BA 209 42.82 -21.45 -99.30
N SER BA 210 43.99 -21.99 -99.60
CA SER BA 210 44.22 -23.43 -99.64
C SER BA 210 45.38 -23.79 -98.74
N LYS BA 211 45.19 -24.80 -97.90
CA LYS BA 211 46.23 -25.27 -97.00
C LYS BA 211 46.86 -26.58 -97.45
N TYR BA 212 46.58 -27.02 -98.68
CA TYR BA 212 47.19 -28.23 -99.24
C TYR BA 212 48.20 -27.94 -100.33
N LEU BA 213 47.92 -26.99 -101.21
CA LEU BA 213 48.70 -26.77 -102.42
C LEU BA 213 49.42 -25.42 -102.36
N ARG BA 214 50.46 -25.32 -103.18
CA ARG BA 214 51.13 -24.06 -103.46
C ARG BA 214 51.51 -24.06 -104.92
N ALA BA 215 51.76 -22.88 -105.47
CA ALA BA 215 52.08 -22.78 -106.88
C ALA BA 215 53.06 -21.65 -107.12
N VAL BA 216 53.78 -21.75 -108.24
CA VAL BA 216 54.65 -20.69 -108.72
C VAL BA 216 54.43 -20.52 -110.21
N VAL BA 217 54.78 -19.33 -110.72
CA VAL BA 217 54.54 -18.98 -112.11
C VAL BA 217 55.81 -18.41 -112.72
N ASN BA 218 55.88 -18.46 -114.04
CA ASN BA 218 56.97 -17.86 -114.80
C ASN BA 218 56.47 -16.55 -115.40
N GLU BA 219 57.10 -15.44 -115.01
CA GLU BA 219 56.59 -14.13 -115.41
C GLU BA 219 56.65 -13.95 -116.93
N GLU BA 220 57.73 -14.41 -117.55
CA GLU BA 220 57.91 -14.19 -118.98
C GLU BA 220 56.82 -14.89 -119.79
N LEU BA 221 56.48 -16.12 -119.44
CA LEU BA 221 55.54 -16.92 -120.21
C LEU BA 221 54.11 -16.84 -119.68
N ILE BA 222 53.86 -16.11 -118.59
CA ILE BA 222 52.53 -16.09 -118.01
C ILE BA 222 51.54 -15.32 -118.88
N SER BA 223 52.03 -14.45 -119.77
CA SER BA 223 51.13 -13.65 -120.59
C SER BA 223 50.43 -14.50 -121.64
N THR BA 224 51.20 -15.33 -122.34
CA THR BA 224 50.67 -16.15 -123.43
C THR BA 224 50.26 -17.54 -122.97
N ALA BA 225 50.36 -17.83 -121.68
CA ALA BA 225 50.04 -19.17 -121.19
C ALA BA 225 48.55 -19.46 -121.35
N LYS BA 226 48.25 -20.68 -121.79
CA LYS BA 226 46.89 -21.17 -121.91
C LYS BA 226 46.80 -22.57 -121.31
N VAL BA 227 45.64 -22.87 -120.73
CA VAL BA 227 45.43 -24.15 -120.05
C VAL BA 227 44.33 -24.91 -120.78
N THR BA 228 44.57 -26.20 -120.99
CA THR BA 228 43.59 -27.08 -121.61
C THR BA 228 42.76 -27.77 -120.53
N ASN BA 229 42.01 -28.79 -120.93
CA ASN BA 229 41.19 -29.58 -119.99
C ASN BA 229 41.92 -30.88 -119.71
N LYS BA 230 42.57 -30.95 -118.55
CA LYS BA 230 43.26 -32.15 -118.12
C LYS BA 230 42.46 -32.84 -117.02
N LYS BA 231 42.22 -34.13 -117.19
CA LYS BA 231 41.39 -34.91 -116.28
C LYS BA 231 42.22 -36.02 -115.65
N SER BA 232 42.12 -36.12 -114.31
CA SER BA 232 42.73 -37.21 -113.54
C SER BA 232 44.25 -37.26 -113.76
N LEU BA 233 44.90 -36.21 -113.31
CA LEU BA 233 46.36 -36.20 -113.24
C LEU BA 233 46.80 -37.02 -112.02
N ALA BA 234 48.12 -37.10 -111.82
CA ALA BA 234 48.64 -37.93 -110.74
C ALA BA 234 49.96 -37.36 -110.24
N PHE BA 235 50.02 -37.01 -108.97
CA PHE BA 235 51.28 -36.68 -108.33
C PHE BA 235 52.14 -37.95 -108.22
N THR BA 236 53.45 -37.79 -108.36
CA THR BA 236 54.34 -38.94 -108.24
C THR BA 236 55.72 -38.47 -107.82
N GLY BA 237 56.50 -39.42 -107.31
CA GLY BA 237 57.86 -39.15 -106.87
C GLY BA 237 58.01 -38.81 -105.42
N GLY BA 238 56.91 -38.55 -104.71
CA GLY BA 238 57.02 -38.20 -103.30
C GLY BA 238 57.55 -39.36 -102.49
N THR BA 239 58.37 -39.03 -101.49
CA THR BA 239 59.03 -40.05 -100.69
C THR BA 239 59.38 -39.48 -99.33
N ASN BA 240 58.91 -40.12 -98.26
CA ASN BA 240 59.22 -39.67 -96.91
C ASN BA 240 60.63 -40.06 -96.48
N GLY BA 241 61.30 -40.93 -97.24
CA GLY BA 241 62.65 -41.33 -96.91
C GLY BA 241 62.71 -42.27 -95.73
N ASP BA 242 63.93 -42.45 -95.23
CA ASP BA 242 64.17 -43.28 -94.05
C ASP BA 242 64.11 -42.39 -92.81
N GLN BA 243 63.10 -42.64 -91.96
CA GLN BA 243 62.94 -41.89 -90.74
C GLN BA 243 63.56 -42.58 -89.54
N SER BA 244 64.19 -43.74 -89.73
CA SER BA 244 64.83 -44.43 -88.61
C SER BA 244 66.00 -43.61 -88.07
N LYS BA 245 66.84 -43.08 -88.95
CA LYS BA 245 68.01 -42.31 -88.56
C LYS BA 245 67.85 -40.87 -89.04
N ILE BA 246 68.15 -39.93 -88.15
CA ILE BA 246 68.07 -38.51 -88.44
C ILE BA 246 69.29 -37.82 -87.85
N SER BA 247 69.97 -37.02 -88.66
CA SER BA 247 71.15 -36.31 -88.18
C SER BA 247 70.76 -35.30 -87.11
N THR BA 248 71.71 -35.01 -86.21
CA THR BA 248 71.44 -34.04 -85.16
C THR BA 248 71.21 -32.64 -85.71
N ALA BA 249 71.66 -32.37 -86.93
CA ALA BA 249 71.41 -31.06 -87.53
C ALA BA 249 69.93 -30.80 -87.73
N ALA BA 250 69.18 -31.81 -88.17
CA ALA BA 250 67.75 -31.64 -88.36
C ALA BA 250 67.06 -31.36 -87.03
N TYR BA 251 67.43 -32.08 -85.98
CA TYR BA 251 66.83 -31.84 -84.67
C TYR BA 251 67.17 -30.44 -84.16
N LEU BA 252 68.41 -30.00 -84.38
CA LEU BA 252 68.79 -28.65 -83.95
C LEU BA 252 68.00 -27.60 -84.70
N ARG BA 253 67.81 -27.78 -86.02
CA ARG BA 253 67.01 -26.83 -86.78
C ARG BA 253 65.57 -26.80 -86.29
N ALA BA 254 65.01 -27.98 -85.98
CA ALA BA 254 63.64 -28.03 -85.50
C ALA BA 254 63.49 -27.32 -84.16
N VAL BA 255 64.44 -27.52 -83.24
CA VAL BA 255 64.29 -26.87 -81.95
C VAL BA 255 64.53 -25.37 -82.08
N LYS BA 256 65.39 -24.94 -83.00
CA LYS BA 256 65.54 -23.50 -83.24
C LYS BA 256 64.23 -22.90 -83.76
N VAL BA 257 63.56 -23.59 -84.68
CA VAL BA 257 62.28 -23.10 -85.18
C VAL BA 257 61.27 -23.02 -84.04
N LEU BA 258 61.23 -24.04 -83.19
CA LEU BA 258 60.33 -24.01 -82.05
C LEU BA 258 60.66 -22.86 -81.11
N ASN BA 259 61.94 -22.53 -80.95
CA ASN BA 259 62.33 -21.39 -80.14
C ASN BA 259 61.79 -20.09 -80.73
N ASN BA 260 61.92 -19.93 -82.04
CA ASN BA 260 61.48 -18.69 -82.67
C ASN BA 260 59.99 -18.67 -82.97
N ALA BA 261 59.26 -19.72 -82.62
CA ALA BA 261 57.82 -19.75 -82.85
C ALA BA 261 57.15 -18.60 -82.09
N PRO BA 262 56.22 -17.88 -82.71
CA PRO BA 262 55.51 -16.78 -82.04
C PRO BA 262 54.20 -17.25 -81.39
N TYR BA 263 54.32 -18.13 -80.41
CA TYR BA 263 53.16 -18.64 -79.70
C TYR BA 263 53.44 -18.66 -78.20
N MET BA 264 52.46 -19.09 -77.43
CA MET BA 264 52.57 -19.16 -75.99
C MET BA 264 52.37 -20.60 -75.53
N TYR BA 265 53.32 -21.12 -74.76
CA TYR BA 265 53.17 -22.45 -74.18
C TYR BA 265 53.92 -22.52 -72.88
N THR BA 266 53.49 -23.44 -72.01
CA THR BA 266 54.05 -23.57 -70.66
C THR BA 266 54.60 -24.96 -70.39
N ALA BA 267 55.00 -25.70 -71.41
CA ALA BA 267 55.60 -27.01 -71.24
C ALA BA 267 56.30 -27.40 -72.52
N VAL BA 268 57.52 -27.91 -72.41
CA VAL BA 268 58.37 -28.11 -73.58
C VAL BA 268 58.64 -29.59 -73.82
N LEU BA 269 57.61 -30.41 -73.57
CA LEU BA 269 57.70 -31.87 -73.58
C LEU BA 269 58.70 -32.40 -74.60
N GLY BA 270 59.60 -33.25 -74.13
CA GLY BA 270 60.57 -33.89 -74.99
C GLY BA 270 59.99 -35.12 -75.65
N LEU BA 271 59.21 -34.93 -76.69
CA LEU BA 271 58.46 -36.03 -77.33
C LEU BA 271 59.43 -37.00 -77.97
N GLY BA 272 59.63 -38.15 -77.30
CA GLY BA 272 60.36 -39.27 -77.84
C GLY BA 272 61.60 -38.96 -78.65
N CYS BA 273 62.40 -37.99 -78.18
CA CYS BA 273 63.62 -37.59 -78.87
C CYS BA 273 64.77 -37.79 -77.89
N TYR BA 274 65.50 -38.89 -78.07
CA TYR BA 274 66.61 -39.24 -77.19
C TYR BA 274 67.93 -38.82 -77.81
N ASP BA 275 68.13 -37.52 -77.88
CA ASP BA 275 69.37 -36.94 -78.39
C ASP BA 275 69.86 -35.88 -77.40
N ASN BA 276 71.14 -35.98 -77.04
CA ASN BA 276 71.68 -35.10 -76.01
C ASN BA 276 71.63 -33.63 -76.44
N ALA BA 277 71.98 -33.35 -77.69
CA ALA BA 277 71.98 -31.97 -78.17
C ALA BA 277 70.57 -31.39 -78.16
N ALA BA 278 69.59 -32.15 -78.64
CA ALA BA 278 68.22 -31.67 -78.65
C ALA BA 278 67.70 -31.45 -77.24
N ILE BA 279 68.02 -32.37 -76.32
CA ILE BA 279 67.55 -32.21 -74.94
C ILE BA 279 68.19 -30.97 -74.31
N THR BA 280 69.47 -30.73 -74.57
CA THR BA 280 70.10 -29.52 -74.05
C THR BA 280 69.45 -28.27 -74.62
N ALA BA 281 69.13 -28.28 -75.91
CA ALA BA 281 68.47 -27.12 -76.52
C ALA BA 281 67.10 -26.88 -75.89
N LEU BA 282 66.35 -27.95 -75.62
CA LEU BA 282 65.05 -27.77 -74.99
C LEU BA 282 65.18 -27.26 -73.56
N GLY BA 283 66.23 -27.69 -72.86
CA GLY BA 283 66.52 -27.11 -71.57
C GLY BA 283 66.82 -25.61 -71.67
N LYS BA 284 67.53 -25.22 -72.72
CA LYS BA 284 67.75 -23.80 -72.99
C LYS BA 284 66.41 -23.09 -73.17
N ILE BA 285 65.48 -23.72 -73.88
CA ILE BA 285 64.17 -23.12 -74.09
C ILE BA 285 63.47 -22.90 -72.76
N CYS BA 286 63.51 -23.89 -71.87
CA CYS BA 286 62.95 -23.71 -70.54
C CYS BA 286 63.61 -22.54 -69.82
N ALA BA 287 64.93 -22.53 -69.77
CA ALA BA 287 65.63 -21.49 -69.01
C ALA BA 287 65.39 -20.10 -69.59
N ASP BA 288 65.05 -20.03 -70.88
CA ASP BA 288 64.84 -18.74 -71.51
C ASP BA 288 63.42 -18.25 -71.29
N ARG BA 289 62.42 -19.08 -71.60
CA ARG BA 289 61.03 -18.65 -71.54
C ARG BA 289 60.42 -18.76 -70.16
N LEU BA 290 61.13 -19.31 -69.18
CA LEU BA 290 60.60 -19.53 -67.83
C LEU BA 290 59.37 -20.44 -67.86
N ILE BA 291 59.58 -21.65 -68.36
CA ILE BA 291 58.54 -22.66 -68.43
C ILE BA 291 59.09 -23.98 -67.89
N ASP BA 292 58.31 -25.04 -68.04
CA ASP BA 292 58.62 -26.34 -67.48
C ASP BA 292 58.94 -27.34 -68.59
N GLY BA 293 59.84 -28.27 -68.27
CA GLY BA 293 60.18 -29.32 -69.22
C GLY BA 293 60.11 -30.70 -68.60
N PHE BA 294 59.65 -31.68 -69.36
CA PHE BA 294 59.50 -33.06 -68.88
C PHE BA 294 60.19 -33.99 -69.87
N PHE BA 295 61.50 -34.16 -69.72
CA PHE BA 295 62.26 -35.01 -70.61
C PHE BA 295 62.42 -36.39 -69.99
N ASP BA 296 62.93 -37.33 -70.80
CA ASP BA 296 62.92 -38.71 -70.33
C ASP BA 296 64.05 -39.45 -71.04
N VAL BA 297 64.79 -40.25 -70.27
CA VAL BA 297 65.94 -40.99 -70.80
C VAL BA 297 65.45 -42.22 -71.56
N LYS BA 298 66.35 -42.88 -72.29
CA LYS BA 298 65.94 -44.03 -73.08
C LYS BA 298 65.31 -45.07 -72.18
N PRO BA 299 64.06 -45.46 -72.41
CA PRO BA 299 63.40 -46.41 -71.51
C PRO BA 299 63.71 -47.85 -71.86
N THR BA 300 64.98 -48.13 -72.16
CA THR BA 300 65.45 -49.49 -72.36
C THR BA 300 66.79 -49.71 -71.67
N LEU BA 301 67.19 -48.80 -70.79
CA LEU BA 301 68.43 -48.92 -70.04
C LEU BA 301 68.16 -49.55 -68.69
N THR BA 302 69.11 -50.39 -68.25
CA THR BA 302 69.00 -50.98 -66.93
C THR BA 302 69.18 -49.91 -65.86
N TYR BA 303 68.75 -50.25 -64.64
CA TYR BA 303 68.84 -49.32 -63.53
C TYR BA 303 70.28 -48.91 -63.24
N ALA BA 304 71.24 -49.74 -63.61
CA ALA BA 304 72.64 -49.38 -63.41
C ALA BA 304 73.08 -48.29 -64.38
N GLU BA 305 72.70 -48.40 -65.65
CA GLU BA 305 73.11 -47.42 -66.65
C GLU BA 305 72.20 -46.20 -66.69
N ALA BA 306 71.04 -46.22 -66.01
CA ALA BA 306 70.16 -45.06 -66.02
C ALA BA 306 70.82 -43.86 -65.37
N LEU BA 307 71.53 -44.07 -64.26
CA LEU BA 307 72.13 -42.95 -63.54
C LEU BA 307 73.19 -42.19 -64.34
N PRO BA 308 74.18 -42.83 -64.97
CA PRO BA 308 75.11 -42.04 -65.78
C PRO BA 308 74.46 -41.39 -66.99
N ALA BA 309 73.37 -41.96 -67.51
CA ALA BA 309 72.71 -41.36 -68.66
C ALA BA 309 72.07 -40.02 -68.31
N VAL BA 310 71.62 -39.86 -67.06
CA VAL BA 310 71.05 -38.58 -66.65
C VAL BA 310 72.12 -37.50 -66.63
N GLU BA 311 73.32 -37.83 -66.15
CA GLU BA 311 74.43 -36.88 -66.23
C GLU BA 311 74.80 -36.61 -67.68
N ASP BA 312 74.74 -37.64 -68.53
CA ASP BA 312 75.06 -37.48 -69.95
C ASP BA 312 74.10 -36.49 -70.61
N THR BA 313 72.81 -36.61 -70.31
CA THR BA 313 71.81 -35.83 -71.04
C THR BA 313 71.98 -34.33 -70.86
N GLY BA 314 72.73 -33.89 -69.86
CA GLY BA 314 73.34 -32.57 -69.86
C GLY BA 314 72.66 -31.52 -69.01
N LEU BA 315 71.43 -31.73 -68.56
CA LEU BA 315 70.78 -30.67 -67.79
C LEU BA 315 71.21 -30.62 -66.33
N LEU BA 316 72.00 -31.59 -65.86
CA LEU BA 316 72.42 -31.59 -64.46
C LEU BA 316 73.32 -30.40 -64.19
N GLY BA 317 72.80 -29.42 -63.47
CA GLY BA 317 73.54 -28.23 -63.12
C GLY BA 317 72.72 -27.29 -62.27
N THR BA 318 72.90 -25.99 -62.47
CA THR BA 318 72.13 -24.99 -61.75
C THR BA 318 71.35 -24.07 -62.66
N ASP BA 319 71.57 -24.11 -63.98
CA ASP BA 319 70.84 -23.24 -64.88
C ASP BA 319 69.43 -23.75 -65.14
N TYR BA 320 69.26 -25.06 -65.26
CA TYR BA 320 67.97 -25.66 -65.57
C TYR BA 320 67.37 -26.19 -64.28
N VAL BA 321 66.59 -25.35 -63.60
CA VAL BA 321 66.00 -25.69 -62.31
C VAL BA 321 64.55 -26.11 -62.42
N SER BA 322 63.99 -26.17 -63.62
CA SER BA 322 62.57 -26.51 -63.80
C SER BA 322 62.35 -27.72 -64.68
N CYS BA 323 63.40 -28.40 -65.12
CA CYS BA 323 63.27 -29.51 -66.05
C CYS BA 323 63.43 -30.83 -65.31
N SER BA 324 62.44 -31.70 -65.46
CA SER BA 324 62.43 -33.01 -64.83
C SER BA 324 62.83 -34.08 -65.84
N VAL BA 325 63.45 -35.14 -65.32
CA VAL BA 325 63.92 -36.26 -66.14
C VAL BA 325 63.28 -37.54 -65.62
N TYR BA 326 62.69 -38.32 -66.51
CA TYR BA 326 61.99 -39.53 -66.14
C TYR BA 326 62.63 -40.75 -66.78
N HIS BA 327 62.17 -41.92 -66.34
CA HIS BA 327 62.70 -43.20 -66.81
C HIS BA 327 61.66 -44.27 -66.52
N TYR BA 328 61.20 -44.96 -67.57
CA TYR BA 328 60.11 -45.92 -67.46
C TYR BA 328 60.50 -47.22 -68.16
N PRO BA 329 61.29 -48.07 -67.51
CA PRO BA 329 61.71 -49.33 -68.13
C PRO BA 329 60.66 -50.44 -67.98
N PHE BA 330 59.58 -50.32 -68.74
CA PHE BA 330 58.50 -51.29 -68.70
C PHE BA 330 57.96 -51.47 -70.11
N SER BA 331 57.34 -52.63 -70.34
CA SER BA 331 56.71 -52.92 -71.61
C SER BA 331 55.20 -52.71 -71.51
N CYS BA 332 54.56 -52.65 -72.67
CA CYS BA 332 53.13 -52.39 -72.71
C CYS BA 332 52.56 -52.91 -74.02
N LYS BA 333 51.24 -53.05 -74.05
CA LYS BA 333 50.52 -53.49 -75.24
C LYS BA 333 49.92 -52.28 -75.92
N ASP BA 334 50.25 -52.09 -77.19
CA ASP BA 334 49.86 -50.88 -77.90
C ASP BA 334 48.37 -50.82 -78.12
N LYS BA 335 47.84 -49.60 -78.18
CA LYS BA 335 46.41 -49.40 -78.32
C LYS BA 335 45.93 -49.70 -79.74
N TRP BA 336 46.73 -49.35 -80.74
CA TRP BA 336 46.27 -49.45 -82.13
C TRP BA 336 46.69 -50.76 -82.79
N THR BA 337 47.99 -51.03 -82.84
CA THR BA 337 48.49 -52.17 -83.59
C THR BA 337 48.44 -53.48 -82.81
N GLN BA 338 48.20 -53.43 -81.50
CA GLN BA 338 48.13 -54.63 -80.66
C GLN BA 338 49.44 -55.42 -80.72
N SER BA 339 50.52 -54.79 -80.23
CA SER BA 339 51.83 -55.41 -80.22
C SER BA 339 52.56 -55.03 -78.93
N ARG BA 340 53.77 -55.53 -78.78
CA ARG BA 340 54.59 -55.26 -77.62
C ARG BA 340 55.54 -54.11 -77.94
N VAL BA 341 55.28 -52.95 -77.31
CA VAL BA 341 56.07 -51.75 -77.57
C VAL BA 341 56.50 -51.14 -76.23
N VAL BA 342 57.52 -50.31 -76.29
CA VAL BA 342 58.01 -49.57 -75.15
C VAL BA 342 58.19 -48.12 -75.54
N PHE BA 343 57.72 -47.19 -74.71
CA PHE BA 343 57.96 -45.78 -74.93
C PHE BA 343 58.02 -45.09 -73.57
N GLY BA 344 58.14 -43.76 -73.60
CA GLY BA 344 58.52 -43.01 -72.44
C GLY BA 344 57.36 -42.55 -71.58
N LEU BA 345 57.65 -41.54 -70.75
CA LEU BA 345 56.70 -41.07 -69.74
C LEU BA 345 56.46 -39.58 -69.78
N SER BA 346 56.98 -38.88 -70.80
CA SER BA 346 56.79 -37.43 -70.86
C SER BA 346 55.32 -37.06 -70.99
N GLY BA 347 54.59 -37.79 -71.83
CA GLY BA 347 53.17 -37.50 -71.99
C GLY BA 347 52.39 -37.65 -70.70
N VAL BA 348 52.64 -38.73 -69.96
CA VAL BA 348 51.92 -38.95 -68.71
C VAL BA 348 52.33 -37.92 -67.67
N ALA BA 349 53.61 -37.55 -67.64
CA ALA BA 349 54.04 -36.50 -66.71
C ALA BA 349 53.32 -35.19 -66.99
N TYR BA 350 53.21 -34.81 -68.26
CA TYR BA 350 52.50 -33.59 -68.56
C TYR BA 350 51.01 -33.72 -68.27
N ALA BA 351 50.43 -34.90 -68.48
CA ALA BA 351 49.03 -35.08 -68.13
C ALA BA 351 48.81 -34.89 -66.63
N ALA BA 352 49.73 -35.39 -65.81
CA ALA BA 352 49.66 -35.15 -64.38
C ALA BA 352 49.76 -33.68 -64.06
N LYS BA 353 50.69 -32.98 -64.72
CA LYS BA 353 50.84 -31.55 -64.44
C LYS BA 353 49.59 -30.77 -64.83
N ALA BA 354 48.96 -31.14 -65.95
CA ALA BA 354 47.74 -30.46 -66.38
C ALA BA 354 46.58 -30.75 -65.43
N ARG BA 355 46.45 -32.01 -64.99
CA ARG BA 355 45.43 -32.32 -64.00
C ARG BA 355 45.63 -31.49 -62.74
N GLY BA 356 46.89 -31.30 -62.34
CA GLY BA 356 47.15 -30.46 -61.19
C GLY BA 356 46.80 -29.00 -61.43
N VAL BA 357 47.12 -28.48 -62.61
CA VAL BA 357 46.92 -27.07 -62.89
C VAL BA 357 45.46 -26.74 -63.13
N LYS BA 358 44.62 -27.74 -63.41
CA LYS BA 358 43.20 -27.49 -63.64
C LYS BA 358 42.37 -27.55 -62.37
N LYS BA 359 42.98 -27.74 -61.20
CA LYS BA 359 42.21 -27.84 -59.96
C LYS BA 359 41.62 -26.50 -59.57
N ASN BA 360 42.48 -25.50 -59.34
CA ASN BA 360 42.02 -24.16 -59.04
C ASN BA 360 41.57 -23.47 -60.33
N SER BA 361 40.52 -22.66 -60.22
CA SER BA 361 39.95 -22.00 -61.39
C SER BA 361 40.32 -20.53 -61.50
N ASP BA 362 40.54 -19.85 -60.39
CA ASP BA 362 40.85 -18.41 -60.43
C ASP BA 362 42.24 -18.19 -61.01
N VAL BA 363 43.27 -18.69 -60.32
CA VAL BA 363 44.65 -18.55 -60.77
C VAL BA 363 45.25 -19.87 -61.24
N GLY BA 364 44.55 -20.98 -61.04
CA GLY BA 364 45.09 -22.27 -61.44
C GLY BA 364 46.06 -22.80 -60.41
N GLY BA 365 45.96 -24.09 -60.09
CA GLY BA 365 46.82 -24.64 -59.07
C GLY BA 365 48.16 -25.07 -59.61
N TRP BA 366 49.17 -24.24 -59.44
CA TRP BA 366 50.52 -24.58 -59.84
C TRP BA 366 51.32 -25.24 -58.73
N HIS BA 367 50.77 -25.29 -57.53
CA HIS BA 367 51.49 -25.83 -56.38
C HIS BA 367 51.28 -27.33 -56.19
N TYR BA 368 50.53 -27.98 -57.07
CA TYR BA 368 50.31 -29.42 -56.97
C TYR BA 368 51.45 -30.14 -57.67
N SER BA 369 52.12 -31.04 -56.96
CA SER BA 369 53.20 -31.79 -57.56
C SER BA 369 52.65 -32.78 -58.60
N PRO BA 370 53.40 -33.04 -59.66
CA PRO BA 370 52.96 -34.00 -60.69
C PRO BA 370 53.22 -35.46 -60.31
N ALA BA 371 52.78 -35.85 -59.13
CA ALA BA 371 52.94 -37.21 -58.66
C ALA BA 371 51.88 -37.50 -57.61
N GLY BA 372 51.67 -38.78 -57.34
CA GLY BA 372 50.70 -39.21 -56.36
C GLY BA 372 49.85 -40.31 -56.91
N GLU BA 373 48.76 -40.61 -56.20
CA GLU BA 373 47.85 -41.66 -56.62
C GLU BA 373 46.51 -41.13 -57.13
N GLU BA 374 46.28 -39.82 -57.04
CA GLU BA 374 45.05 -39.23 -57.57
C GLU BA 374 45.28 -38.32 -58.75
N ARG BA 375 46.53 -38.11 -59.17
CA ARG BA 375 46.83 -37.20 -60.26
C ARG BA 375 47.86 -37.71 -61.25
N ALA BA 376 48.44 -38.89 -61.04
CA ALA BA 376 49.53 -39.32 -61.90
C ALA BA 376 49.44 -40.81 -62.24
N VAL BA 377 48.22 -41.36 -62.26
CA VAL BA 377 48.08 -42.77 -62.61
C VAL BA 377 48.48 -42.98 -64.07
N ILE BA 378 49.05 -44.14 -64.34
CA ILE BA 378 49.50 -44.50 -65.68
C ILE BA 378 48.54 -45.53 -66.25
N ALA BA 379 47.93 -45.21 -67.39
CA ALA BA 379 46.96 -46.07 -68.04
C ALA BA 379 47.61 -46.75 -69.23
N ARG BA 380 47.88 -48.04 -69.10
CA ARG BA 380 48.44 -48.84 -70.18
C ARG BA 380 47.68 -50.16 -70.23
N ALA BA 381 48.19 -51.11 -71.00
CA ALA BA 381 47.55 -52.41 -71.16
C ALA BA 381 48.60 -53.49 -70.96
N SER BA 382 48.38 -54.35 -69.96
CA SER BA 382 49.23 -55.52 -69.71
C SER BA 382 50.69 -55.11 -69.51
N ILE BA 383 50.91 -54.26 -68.52
CA ILE BA 383 52.27 -53.81 -68.20
C ILE BA 383 53.08 -55.00 -67.72
N GLN BA 384 54.16 -55.30 -68.42
CA GLN BA 384 55.04 -56.42 -68.09
C GLN BA 384 56.45 -55.90 -67.93
N PRO BA 385 57.05 -55.98 -66.73
CA PRO BA 385 58.35 -55.35 -66.51
C PRO BA 385 59.42 -55.91 -67.43
N LEU BA 386 60.32 -55.03 -67.86
CA LEU BA 386 61.37 -55.43 -68.79
C LEU BA 386 62.45 -56.25 -68.08
N TYR BA 387 62.82 -55.84 -66.87
CA TYR BA 387 63.88 -56.49 -66.11
C TYR BA 387 63.34 -56.87 -64.74
N PRO BA 388 62.55 -57.93 -64.64
CA PRO BA 388 62.01 -58.32 -63.34
C PRO BA 388 63.06 -58.73 -62.34
N GLU BA 389 64.25 -59.14 -62.78
CA GLU BA 389 65.27 -59.61 -61.84
C GLU BA 389 66.03 -58.47 -61.17
N ASP BA 390 65.87 -57.23 -61.63
CA ASP BA 390 66.61 -56.12 -61.08
C ASP BA 390 65.79 -55.42 -60.00
N THR BA 391 66.39 -54.40 -59.38
CA THR BA 391 65.75 -53.68 -58.29
C THR BA 391 66.19 -52.22 -58.36
N PRO BA 392 65.33 -51.28 -57.97
CA PRO BA 392 65.72 -49.87 -57.98
C PRO BA 392 66.75 -49.56 -56.91
N ASP BA 393 67.28 -48.35 -56.98
CA ASP BA 393 68.40 -47.87 -56.17
C ASP BA 393 68.01 -46.58 -55.46
N GLU BA 394 66.86 -46.61 -54.76
CA GLU BA 394 66.19 -45.40 -54.28
C GLU BA 394 67.12 -44.27 -53.85
N GLU BA 395 68.10 -44.58 -53.01
CA GLU BA 395 69.00 -43.53 -52.53
C GLU BA 395 69.84 -42.96 -53.67
N ALA BA 396 70.38 -43.84 -54.52
CA ALA BA 396 71.17 -43.37 -55.65
C ALA BA 396 70.31 -42.57 -56.62
N MET BA 397 69.07 -43.01 -56.84
CA MET BA 397 68.18 -42.28 -57.73
C MET BA 397 67.89 -40.89 -57.20
N VAL BA 398 67.60 -40.78 -55.90
CA VAL BA 398 67.30 -39.48 -55.32
C VAL BA 398 68.52 -38.57 -55.39
N LYS BA 399 69.71 -39.12 -55.15
CA LYS BA 399 70.91 -38.30 -55.24
C LYS BA 399 71.20 -37.88 -56.69
N GLY BA 400 70.85 -38.72 -57.65
CA GLY BA 400 71.07 -38.43 -59.06
C GLY BA 400 69.91 -37.74 -59.75
N ARG BA 401 68.86 -37.37 -59.02
CA ARG BA 401 67.74 -36.61 -59.57
C ARG BA 401 67.07 -37.34 -60.72
N LEU BA 402 66.49 -38.50 -60.39
CA LEU BA 402 65.79 -39.33 -61.36
C LEU BA 402 64.49 -39.80 -60.74
N ASN BA 403 63.37 -39.32 -61.26
CA ASN BA 403 62.07 -39.73 -60.75
C ASN BA 403 61.81 -41.19 -61.10
N LYS BA 404 61.20 -41.91 -60.17
CA LYS BA 404 61.01 -43.35 -60.31
C LYS BA 404 59.53 -43.70 -60.23
N VAL BA 405 59.15 -44.75 -60.95
CA VAL BA 405 57.79 -45.25 -60.91
C VAL BA 405 57.67 -46.27 -59.79
N SER BA 406 56.43 -46.57 -59.41
CA SER BA 406 56.16 -47.53 -58.35
C SER BA 406 54.78 -48.11 -58.58
N VAL BA 407 54.32 -48.90 -57.61
CA VAL BA 407 52.98 -49.47 -57.63
C VAL BA 407 52.25 -48.97 -56.39
N GLY BA 408 51.28 -48.09 -56.61
CA GLY BA 408 50.51 -47.54 -55.52
C GLY BA 408 49.39 -48.47 -55.10
N THR BA 409 48.42 -47.91 -54.38
CA THR BA 409 47.26 -48.69 -53.98
C THR BA 409 46.43 -49.07 -55.19
N SER BA 410 45.67 -50.15 -55.05
CA SER BA 410 44.76 -50.67 -56.07
C SER BA 410 45.52 -51.33 -57.22
N GLY BA 411 46.85 -51.25 -57.21
CA GLY BA 411 47.66 -51.95 -58.17
C GLY BA 411 47.94 -51.24 -59.46
N GLN BA 412 47.64 -49.95 -59.57
CA GLN BA 412 47.96 -49.19 -60.78
C GLN BA 412 49.28 -48.46 -60.60
N MET BA 413 50.13 -48.57 -61.62
CA MET BA 413 51.42 -47.90 -61.58
C MET BA 413 51.23 -46.39 -61.50
N ILE BA 414 52.09 -45.73 -60.71
CA ILE BA 414 52.04 -44.29 -60.54
C ILE BA 414 53.44 -43.73 -60.60
N ILE BA 415 53.53 -42.41 -60.72
CA ILE BA 415 54.79 -41.69 -60.57
C ILE BA 415 54.91 -41.26 -59.12
N ASP BA 416 56.06 -41.51 -58.50
CA ASP BA 416 56.22 -41.31 -57.08
C ASP BA 416 57.43 -40.43 -56.75
N ASP BA 417 57.64 -39.39 -57.54
CA ASP BA 417 58.66 -38.40 -57.21
C ASP BA 417 58.39 -37.12 -57.97
N ALA BA 418 58.92 -36.02 -57.45
CA ALA BA 418 58.74 -34.69 -58.03
C ALA BA 418 60.07 -33.94 -57.97
N LEU BA 419 61.15 -34.60 -58.35
CA LEU BA 419 62.48 -34.02 -58.26
C LEU BA 419 62.92 -33.47 -59.62
N THR BA 420 63.48 -32.27 -59.60
CA THR BA 420 63.96 -31.61 -60.80
C THR BA 420 65.43 -31.94 -61.02
N CYS BA 421 66.06 -31.22 -61.93
CA CYS BA 421 67.47 -31.44 -62.26
C CYS BA 421 68.42 -30.56 -61.47
N CYS BA 422 67.92 -29.76 -60.55
CA CYS BA 422 68.79 -28.93 -59.72
C CYS BA 422 69.62 -29.82 -58.80
N THR BA 423 70.92 -29.53 -58.71
CA THR BA 423 71.79 -30.32 -57.85
C THR BA 423 71.89 -29.76 -56.44
N GLN BA 424 71.71 -28.46 -56.27
CA GLN BA 424 71.78 -27.86 -54.94
C GLN BA 424 70.66 -28.38 -54.06
N ASP BA 425 70.97 -28.62 -52.79
CA ASP BA 425 70.01 -29.18 -51.84
C ASP BA 425 69.32 -28.03 -51.10
N ASN BA 426 68.31 -27.46 -51.76
CA ASN BA 426 67.50 -26.41 -51.16
C ASN BA 426 66.06 -26.62 -51.64
N TYR BA 427 65.23 -25.60 -51.46
CA TYR BA 427 63.83 -25.71 -51.86
C TYR BA 427 63.66 -25.81 -53.37
N LEU BA 428 64.70 -25.55 -54.15
CA LEU BA 428 64.54 -25.46 -55.59
C LEU BA 428 64.52 -26.81 -56.29
N HIS BA 429 64.94 -27.89 -55.63
CA HIS BA 429 64.96 -29.16 -56.34
C HIS BA 429 63.62 -29.88 -56.34
N PHE BA 430 62.66 -29.43 -55.55
CA PHE BA 430 61.31 -29.94 -55.68
C PHE BA 430 60.67 -29.39 -56.94
N GLN BA 431 59.59 -30.02 -57.39
CA GLN BA 431 59.02 -29.66 -58.68
C GLN BA 431 58.08 -28.49 -58.61
N HIS BA 432 57.26 -28.40 -57.57
CA HIS BA 432 56.20 -27.39 -57.58
C HIS BA 432 56.73 -25.99 -57.34
N VAL BA 433 57.82 -25.84 -56.58
CA VAL BA 433 58.33 -24.51 -56.26
C VAL BA 433 58.77 -23.74 -57.50
N PRO BA 434 59.61 -24.29 -58.38
CA PRO BA 434 59.98 -23.54 -59.59
C PRO BA 434 58.80 -23.20 -60.46
N SER BA 435 57.80 -24.08 -60.56
CA SER BA 435 56.64 -23.80 -61.41
C SER BA 435 55.86 -22.61 -60.87
N LEU BA 436 55.62 -22.59 -59.56
CA LEU BA 436 54.90 -21.47 -58.96
C LEU BA 436 55.68 -20.17 -59.11
N MET BA 437 56.98 -20.20 -58.84
CA MET BA 437 57.78 -18.99 -58.96
C MET BA 437 57.81 -18.50 -60.40
N ASN BA 438 57.87 -19.42 -61.37
CA ASN BA 438 57.87 -19.02 -62.77
C ASN BA 438 56.53 -18.44 -63.19
N ALA BA 439 55.42 -18.96 -62.66
CA ALA BA 439 54.14 -18.35 -62.94
C ALA BA 439 54.09 -16.91 -62.45
N ILE BA 440 54.56 -16.68 -61.22
CA ILE BA 440 54.58 -15.33 -60.68
C ILE BA 440 55.47 -14.43 -61.53
N SER BA 441 56.63 -14.94 -61.94
CA SER BA 441 57.55 -14.14 -62.74
C SER BA 441 56.97 -13.78 -64.10
N ARG BA 442 56.28 -14.72 -64.74
CA ARG BA 442 55.65 -14.40 -66.02
C ARG BA 442 54.58 -13.33 -65.87
N PHE BA 443 53.77 -13.43 -64.82
CA PHE BA 443 52.79 -12.36 -64.59
C PHE BA 443 53.48 -11.02 -64.36
N PHE BA 444 54.59 -11.02 -63.62
CA PHE BA 444 55.29 -9.76 -63.40
C PHE BA 444 55.82 -9.18 -64.70
N VAL BA 445 56.37 -10.03 -65.56
CA VAL BA 445 56.89 -9.53 -66.82
C VAL BA 445 55.76 -8.88 -67.63
N GLN BA 446 54.60 -9.53 -67.66
CA GLN BA 446 53.46 -8.93 -68.37
C GLN BA 446 53.12 -7.57 -67.78
N LEU BA 447 52.99 -7.49 -66.45
CA LEU BA 447 52.58 -6.25 -65.82
C LEU BA 447 53.58 -5.12 -66.06
N ALA BA 448 54.87 -5.42 -65.91
CA ALA BA 448 55.89 -4.38 -66.08
C ALA BA 448 55.99 -3.95 -67.53
N ARG BA 449 55.85 -4.89 -68.48
CA ARG BA 449 55.85 -4.51 -69.88
C ARG BA 449 54.69 -3.58 -70.18
N GLN BA 450 53.53 -3.83 -69.58
CA GLN BA 450 52.41 -2.92 -69.79
C GLN BA 450 52.65 -1.57 -69.13
N MET BA 451 53.33 -1.53 -67.99
CA MET BA 451 53.45 -0.33 -67.18
C MET BA 451 54.73 0.44 -67.43
N LYS BA 452 55.54 0.02 -68.40
CA LYS BA 452 56.79 0.71 -68.69
C LYS BA 452 56.52 2.12 -69.24
N HIS BA 453 57.49 3.01 -69.03
CA HIS BA 453 57.53 4.36 -69.58
C HIS BA 453 56.48 5.29 -68.98
N SER BA 454 56.10 5.08 -67.75
CA SER BA 454 55.16 5.97 -67.08
C SER BA 454 55.86 6.77 -66.00
N PRO BA 455 55.32 7.93 -65.62
CA PRO BA 455 55.92 8.69 -64.53
C PRO BA 455 55.84 7.93 -63.21
N ASP BA 456 56.72 8.30 -62.28
CA ASP BA 456 56.87 7.52 -61.06
C ASP BA 456 55.60 7.53 -60.22
N GLY BA 457 54.86 8.64 -60.24
CA GLY BA 457 53.65 8.72 -59.42
C GLY BA 457 52.64 7.65 -59.79
N ILE BA 458 52.41 7.47 -61.09
CA ILE BA 458 51.53 6.39 -61.53
C ILE BA 458 52.21 5.04 -61.34
N THR BA 459 53.51 4.96 -61.63
CA THR BA 459 54.19 3.68 -61.69
C THR BA 459 54.22 2.98 -60.34
N ALA BA 460 54.59 3.71 -59.28
CA ALA BA 460 54.69 3.09 -57.97
C ALA BA 460 53.36 2.53 -57.52
N ALA BA 461 52.31 3.34 -57.60
CA ALA BA 461 50.99 2.88 -57.17
C ALA BA 461 50.51 1.71 -58.01
N GLY BA 462 50.71 1.77 -59.33
CA GLY BA 462 50.24 0.69 -60.17
C GLY BA 462 50.96 -0.61 -59.89
N LEU BA 463 52.29 -0.58 -59.78
CA LEU BA 463 53.05 -1.79 -59.49
C LEU BA 463 52.64 -2.37 -58.15
N THR BA 464 52.53 -1.52 -57.11
CA THR BA 464 52.17 -2.02 -55.80
C THR BA 464 50.78 -2.66 -55.83
N LYS BA 465 49.82 -1.99 -56.46
CA LYS BA 465 48.46 -2.52 -56.49
C LYS BA 465 48.40 -3.85 -57.23
N GLY BA 466 49.03 -3.92 -58.40
CA GLY BA 466 48.97 -5.16 -59.18
C GLY BA 466 49.63 -6.32 -58.46
N MET BA 467 50.82 -6.10 -57.92
CA MET BA 467 51.51 -7.18 -57.23
C MET BA 467 50.78 -7.60 -55.96
N THR BA 468 50.27 -6.64 -55.19
CA THR BA 468 49.53 -6.99 -53.99
C THR BA 468 48.30 -7.83 -54.33
N LYS BA 469 47.57 -7.42 -55.38
CA LYS BA 469 46.39 -8.19 -55.76
C LYS BA 469 46.76 -9.61 -56.20
N LEU BA 470 47.82 -9.74 -57.01
CA LEU BA 470 48.18 -11.07 -57.49
C LEU BA 470 48.62 -11.98 -56.34
N LEU BA 471 49.47 -11.47 -55.45
CA LEU BA 471 49.94 -12.31 -54.35
C LEU BA 471 48.81 -12.62 -53.38
N ASP BA 472 47.87 -11.70 -53.18
CA ASP BA 472 46.71 -12.03 -52.36
C ASP BA 472 45.88 -13.13 -52.99
N ARG BA 473 45.73 -13.09 -54.32
CA ARG BA 473 45.02 -14.16 -55.01
C ARG BA 473 45.72 -15.50 -54.79
N PHE BA 474 47.04 -15.52 -54.88
CA PHE BA 474 47.77 -16.78 -54.66
C PHE BA 474 47.62 -17.26 -53.23
N VAL BA 475 47.72 -16.38 -52.25
CA VAL BA 475 47.58 -16.79 -50.85
C VAL BA 475 46.19 -17.35 -50.60
N ALA BA 476 45.16 -16.68 -51.12
CA ALA BA 476 43.80 -17.21 -50.97
C ALA BA 476 43.66 -18.55 -51.66
N SER BA 477 44.34 -18.74 -52.78
CA SER BA 477 44.34 -20.05 -53.44
C SER BA 477 44.95 -21.12 -52.53
N GLY BA 478 46.02 -20.77 -51.83
CA GLY BA 478 46.65 -21.68 -50.90
C GLY BA 478 48.04 -22.13 -51.26
N ALA BA 479 48.72 -21.46 -52.19
CA ALA BA 479 50.07 -21.84 -52.59
C ALA BA 479 51.14 -21.21 -51.71
N LEU BA 480 50.79 -20.26 -50.85
CA LEU BA 480 51.74 -19.67 -49.93
C LEU BA 480 51.17 -19.75 -48.51
N VAL BA 481 52.03 -20.12 -47.57
CA VAL BA 481 51.65 -20.28 -46.18
C VAL BA 481 52.58 -19.45 -45.31
N ALA BA 482 52.24 -19.36 -44.02
CA ALA BA 482 53.04 -18.59 -43.09
C ALA BA 482 54.44 -19.18 -42.97
N PRO BA 483 55.44 -18.36 -42.67
CA PRO BA 483 56.81 -18.87 -42.63
C PRO BA 483 56.99 -19.92 -41.55
N ARG BA 484 57.98 -20.78 -41.76
CA ARG BA 484 58.20 -21.90 -40.84
C ARG BA 484 58.58 -21.39 -39.44
N ASP BA 485 59.43 -20.37 -39.37
CA ASP BA 485 59.87 -19.84 -38.09
C ASP BA 485 59.36 -18.40 -37.94
N PRO BA 486 58.23 -18.19 -37.28
CA PRO BA 486 57.66 -16.84 -37.16
C PRO BA 486 58.29 -16.00 -36.05
N ASP BA 487 59.61 -16.01 -36.00
CA ASP BA 487 60.36 -15.23 -35.03
C ASP BA 487 61.31 -14.23 -35.67
N ALA BA 488 62.00 -14.63 -36.75
CA ALA BA 488 62.93 -13.76 -37.44
C ALA BA 488 62.31 -13.14 -38.69
N ASP BA 489 61.83 -13.97 -39.61
CA ASP BA 489 61.29 -13.49 -40.88
C ASP BA 489 59.78 -13.27 -40.81
N GLY BA 490 59.34 -12.48 -39.83
CA GLY BA 490 57.96 -12.06 -39.69
C GLY BA 490 56.97 -13.20 -39.67
N THR BA 491 55.72 -12.86 -39.99
CA THR BA 491 54.65 -13.85 -40.03
C THR BA 491 53.72 -13.64 -41.23
N GLU BA 492 54.19 -12.98 -42.28
CA GLU BA 492 53.33 -12.84 -43.45
C GLU BA 492 53.79 -13.76 -44.57
N PRO BA 493 52.86 -14.33 -45.34
CA PRO BA 493 53.26 -15.25 -46.41
C PRO BA 493 54.18 -14.62 -47.43
N TYR BA 494 53.97 -13.35 -47.76
CA TYR BA 494 54.76 -12.65 -48.76
C TYR BA 494 55.12 -11.26 -48.26
N VAL BA 495 56.31 -10.81 -48.67
CA VAL BA 495 56.79 -9.47 -48.36
C VAL BA 495 57.14 -8.79 -49.69
N LEU BA 496 56.58 -7.60 -49.89
CA LEU BA 496 56.75 -6.87 -51.14
C LEU BA 496 57.51 -5.58 -50.88
N LYS BA 497 58.36 -5.19 -51.82
CA LYS BA 497 59.11 -3.95 -51.70
C LYS BA 497 59.37 -3.39 -53.08
N VAL BA 498 58.74 -2.26 -53.39
CA VAL BA 498 58.93 -1.56 -54.66
C VAL BA 498 59.71 -0.29 -54.35
N THR BA 499 60.84 -0.10 -55.02
CA THR BA 499 61.73 1.00 -54.70
C THR BA 499 62.29 1.61 -55.97
N GLN BA 500 62.88 2.79 -55.81
CA GLN BA 500 63.56 3.49 -56.89
C GLN BA 500 65.05 3.51 -56.58
N ALA BA 501 65.86 3.06 -57.54
CA ALA BA 501 67.30 2.99 -57.34
C ALA BA 501 68.04 4.19 -57.92
N GLU BA 502 67.61 4.68 -59.08
CA GLU BA 502 68.08 5.94 -59.65
C GLU BA 502 66.90 6.59 -60.35
N PHE BA 503 67.20 7.49 -61.27
CA PHE BA 503 66.13 8.16 -62.02
C PHE BA 503 65.16 7.17 -62.62
N ASP BA 504 65.67 6.10 -63.24
CA ASP BA 504 64.78 5.06 -63.78
C ASP BA 504 65.44 3.69 -63.55
N LYS BA 505 65.17 3.11 -62.39
CA LYS BA 505 65.61 1.75 -62.11
C LYS BA 505 64.60 1.03 -61.22
N TRP BA 506 63.31 1.31 -61.41
CA TRP BA 506 62.28 0.78 -60.54
C TRP BA 506 62.48 -0.70 -60.26
N GLU BA 507 62.76 -1.04 -59.00
CA GLU BA 507 63.15 -2.38 -58.60
C GLU BA 507 62.08 -2.96 -57.68
N VAL BA 508 61.61 -4.16 -58.04
CA VAL BA 508 60.56 -4.85 -57.28
C VAL BA 508 61.17 -6.11 -56.70
N VAL BA 509 61.06 -6.27 -55.38
CA VAL BA 509 61.56 -7.46 -54.69
C VAL BA 509 60.40 -8.06 -53.91
N TRP BA 510 60.05 -9.30 -54.23
CA TRP BA 510 58.99 -10.01 -53.53
C TRP BA 510 59.55 -11.32 -53.00
N ALA BA 511 59.27 -11.60 -51.73
CA ALA BA 511 59.71 -12.82 -51.08
C ALA BA 511 58.47 -13.58 -50.63
N CYS BA 512 58.38 -14.86 -51.02
CA CYS BA 512 57.21 -15.67 -50.73
C CYS BA 512 57.63 -16.94 -50.00
N CYS BA 513 56.73 -17.45 -49.16
CA CYS BA 513 56.97 -18.72 -48.52
C CYS BA 513 56.13 -19.80 -49.18
N PRO BA 514 56.71 -20.71 -49.96
CA PRO BA 514 55.92 -21.69 -50.68
C PRO BA 514 55.41 -22.80 -49.77
N THR BA 515 54.41 -23.52 -50.27
CA THR BA 515 53.82 -24.62 -49.50
C THR BA 515 54.82 -25.77 -49.37
N GLY BA 516 54.53 -26.65 -48.42
CA GLY BA 516 55.34 -27.81 -48.17
C GLY BA 516 54.68 -29.08 -48.67
N VAL BA 517 55.30 -29.73 -49.65
CA VAL BA 517 54.80 -31.02 -50.11
C VAL BA 517 54.94 -32.04 -48.99
N ALA BA 518 54.17 -33.12 -49.09
CA ALA BA 518 54.19 -34.20 -48.11
C ALA BA 518 54.75 -35.44 -48.79
N ARG BA 519 56.06 -35.57 -48.78
CA ARG BA 519 56.74 -36.68 -49.43
C ARG BA 519 57.06 -37.82 -48.48
N ARG BA 520 57.51 -37.52 -47.28
CA ARG BA 520 57.85 -38.54 -46.28
C ARG BA 520 56.93 -38.36 -45.08
N ILE BA 521 56.21 -39.42 -44.72
CA ILE BA 521 55.31 -39.41 -43.58
C ILE BA 521 55.74 -40.50 -42.62
N GLN BA 522 55.94 -40.13 -41.35
CA GLN BA 522 56.42 -41.06 -40.34
C GLN BA 522 55.48 -41.05 -39.14
N GLY BA 523 55.15 -42.23 -38.65
CA GLY BA 523 54.29 -42.39 -37.48
C GLY BA 523 55.07 -43.02 -36.34
N VAL BA 524 54.90 -42.47 -35.15
CA VAL BA 524 55.59 -42.94 -33.95
C VAL BA 524 54.55 -43.26 -32.90
N PRO BA 525 54.13 -44.52 -32.80
CA PRO BA 525 53.17 -44.89 -31.75
C PRO BA 525 53.80 -44.82 -30.37
N LEU BA 526 52.96 -44.58 -29.37
CA LEU BA 526 53.41 -44.45 -28.00
C LEU BA 526 52.43 -45.17 -27.08
N LEU BA 527 52.89 -45.46 -25.86
CA LEU BA 527 52.05 -46.03 -24.83
C LEU BA 527 52.12 -45.15 -23.59
N ILE BA 528 50.98 -44.95 -22.94
CA ILE BA 528 50.86 -44.06 -21.79
C ILE BA 528 50.69 -44.91 -20.54
N LYS BA 529 51.53 -44.68 -19.55
CA LYS BA 529 51.43 -45.38 -18.27
C LYS BA 529 50.14 -45.02 -17.56
N SER CA 2 58.04 -57.18 -50.38
CA SER CA 2 56.96 -57.11 -51.34
C SER CA 2 55.98 -56.00 -50.99
N GLN CA 3 54.74 -56.16 -51.43
CA GLN CA 3 53.70 -55.23 -51.04
C GLN CA 3 53.21 -55.55 -49.63
N TYR CA 4 52.42 -54.63 -49.08
CA TYR CA 4 51.87 -54.69 -47.73
C TYR CA 4 52.95 -54.67 -46.65
N SER CA 5 54.22 -54.65 -47.03
CA SER CA 5 55.30 -54.58 -46.06
C SER CA 5 55.40 -53.17 -45.49
N ILE CA 6 55.90 -53.06 -44.27
CA ILE CA 6 56.03 -51.79 -43.58
C ILE CA 6 57.48 -51.61 -43.19
N GLN CA 7 58.07 -50.50 -43.60
CA GLN CA 7 59.44 -50.19 -43.22
C GLN CA 7 59.46 -49.40 -41.92
N GLN CA 8 60.67 -49.10 -41.44
CA GLN CA 8 60.84 -48.41 -40.17
C GLN CA 8 61.80 -47.24 -40.22
N SER CA 9 62.67 -47.15 -41.22
CA SER CA 9 63.69 -46.11 -41.25
C SER CA 9 63.21 -44.87 -42.01
N LEU CA 10 62.92 -45.01 -43.30
CA LEU CA 10 62.46 -43.91 -44.15
C LEU CA 10 63.49 -42.78 -44.15
N GLY CA 11 64.63 -43.08 -44.79
CA GLY CA 11 65.69 -42.11 -44.88
C GLY CA 11 65.88 -41.52 -46.27
N ASN CA 12 65.52 -40.25 -46.43
CA ASN CA 12 65.79 -39.49 -47.66
C ASN CA 12 65.20 -40.15 -48.91
N ALA CA 13 64.00 -40.70 -48.77
CA ALA CA 13 63.31 -41.29 -49.90
C ALA CA 13 61.82 -41.25 -49.63
N SER CA 14 61.02 -41.10 -50.69
CA SER CA 14 59.58 -41.05 -50.53
C SER CA 14 59.06 -42.37 -50.00
N GLY CA 15 58.08 -42.31 -49.11
CA GLY CA 15 57.50 -43.50 -48.55
C GLY CA 15 56.79 -43.19 -47.24
N VAL CA 16 56.36 -44.26 -46.59
CA VAL CA 16 55.70 -44.17 -45.29
C VAL CA 16 56.24 -45.27 -44.40
N ALA CA 17 56.44 -44.96 -43.12
CA ALA CA 17 57.00 -45.92 -42.19
C ALA CA 17 56.49 -45.63 -40.79
N VAL CA 18 56.35 -46.70 -39.99
CA VAL CA 18 55.94 -46.58 -38.61
C VAL CA 18 57.05 -47.12 -37.71
N SER CA 19 57.40 -46.35 -36.71
CA SER CA 19 58.46 -46.76 -35.80
C SER CA 19 57.96 -47.86 -34.87
N PRO CA 20 58.85 -48.74 -34.40
CA PRO CA 20 58.43 -49.77 -33.46
C PRO CA 20 57.92 -49.16 -32.17
N ILE CA 21 56.99 -49.87 -31.53
CA ILE CA 21 56.30 -49.33 -30.36
C ILE CA 21 57.32 -49.01 -29.28
N ASN CA 22 57.14 -47.85 -28.64
CA ASN CA 22 58.13 -47.39 -27.66
C ASN CA 22 58.02 -48.16 -26.35
N ALA CA 23 56.90 -47.98 -25.65
CA ALA CA 23 56.58 -48.75 -24.45
C ALA CA 23 57.72 -48.72 -23.44
N ASP CA 24 58.29 -47.53 -23.21
CA ASP CA 24 59.35 -47.37 -22.23
C ASP CA 24 58.93 -46.60 -21.00
N ALA CA 25 57.84 -45.83 -21.07
CA ALA CA 25 57.31 -45.12 -19.92
C ALA CA 25 56.38 -45.97 -19.09
N THR CA 26 56.17 -47.23 -19.47
CA THR CA 26 55.25 -48.12 -18.77
C THR CA 26 55.98 -49.36 -18.26
N LEU CA 27 57.24 -49.22 -17.89
CA LEU CA 27 58.02 -50.35 -17.44
C LEU CA 27 57.70 -50.69 -15.99
N SER CA 28 57.13 -51.87 -15.78
CA SER CA 28 56.84 -52.40 -14.46
C SER CA 28 57.94 -53.38 -14.05
N THR CA 29 57.74 -54.04 -12.91
CA THR CA 29 58.67 -55.04 -12.43
C THR CA 29 57.88 -56.16 -11.75
N GLY CA 30 58.03 -57.38 -12.26
CA GLY CA 30 57.35 -58.51 -11.67
C GLY CA 30 58.23 -59.33 -10.75
N VAL CA 31 58.10 -59.13 -9.44
CA VAL CA 31 58.89 -59.87 -8.48
C VAL CA 31 58.03 -60.75 -7.56
N ALA CA 32 56.76 -60.39 -7.34
CA ALA CA 32 55.86 -61.16 -6.49
C ALA CA 32 56.45 -61.31 -5.08
N LEU CA 33 56.55 -60.16 -4.40
CA LEU CA 33 57.17 -60.11 -3.09
C LEU CA 33 56.43 -60.98 -2.07
N ASN CA 34 55.11 -61.13 -2.24
CA ASN CA 34 54.32 -61.89 -1.28
C ASN CA 34 54.41 -63.40 -1.51
N SER CA 35 55.61 -63.92 -1.68
CA SER CA 35 55.82 -65.35 -1.89
C SER CA 35 57.05 -65.78 -1.13
N SER CA 36 56.93 -66.88 -0.39
CA SER CA 36 57.99 -67.38 0.45
C SER CA 36 58.15 -68.88 0.28
N LEU CA 37 59.38 -69.33 0.12
CA LEU CA 37 59.71 -70.74 0.03
C LEU CA 37 60.88 -71.04 0.96
N TRP CA 38 60.93 -72.27 1.46
CA TRP CA 38 61.93 -72.68 2.44
C TRP CA 38 62.86 -73.72 1.83
N ALA CA 39 64.16 -73.58 2.10
CA ALA CA 39 65.16 -74.50 1.59
C ALA CA 39 65.95 -75.08 2.74
N GLY CA 40 66.19 -76.38 2.69
CA GLY CA 40 66.91 -77.03 3.78
C GLY CA 40 67.58 -78.31 3.35
N ILE CA 41 68.56 -78.72 4.15
CA ILE CA 41 69.23 -79.99 3.95
C ILE CA 41 68.75 -80.95 5.02
N GLY CA 42 68.95 -82.24 4.77
CA GLY CA 42 68.49 -83.23 5.73
C GLY CA 42 68.93 -84.62 5.35
N VAL CA 43 68.51 -85.58 6.17
CA VAL CA 43 68.79 -86.99 5.95
C VAL CA 43 67.45 -87.72 5.92
N PHE CA 44 67.18 -88.43 4.83
CA PHE CA 44 65.89 -89.06 4.65
C PHE CA 44 66.03 -90.51 4.23
N ALA CA 45 64.93 -91.15 3.85
CA ALA CA 45 64.95 -92.54 3.43
C ALA CA 45 64.98 -92.71 1.91
N ARG CA 46 64.28 -91.87 1.17
CA ARG CA 46 64.21 -91.97 -0.28
C ARG CA 46 64.42 -90.60 -0.90
N GLY CA 47 65.15 -90.57 -2.01
CA GLY CA 47 65.44 -89.33 -2.72
C GLY CA 47 66.80 -89.40 -3.37
N LYS CA 48 66.98 -88.56 -4.37
CA LYS CA 48 68.25 -88.52 -5.10
C LYS CA 48 69.28 -87.73 -4.31
N PRO CA 49 70.40 -88.33 -3.94
CA PRO CA 49 71.37 -87.63 -3.08
C PRO CA 49 72.06 -86.50 -3.80
N PHE CA 50 72.35 -85.45 -3.04
CA PHE CA 50 73.13 -84.30 -3.51
C PHE CA 50 72.48 -83.64 -4.73
N THR CA 51 71.16 -83.61 -4.75
CA THR CA 51 70.40 -82.98 -5.82
C THR CA 51 69.21 -82.27 -5.22
N VAL CA 52 68.99 -81.04 -5.64
CA VAL CA 52 67.87 -80.26 -5.12
C VAL CA 52 66.56 -80.91 -5.50
N LEU CA 53 65.66 -81.07 -4.53
CA LEU CA 53 64.34 -81.60 -4.77
C LEU CA 53 63.31 -80.48 -4.69
N ALA CA 54 62.04 -80.86 -4.78
CA ALA CA 54 60.93 -79.94 -4.61
C ALA CA 54 59.80 -80.68 -3.95
N VAL CA 55 59.37 -80.20 -2.79
CA VAL CA 55 58.35 -80.87 -1.99
C VAL CA 55 57.16 -79.93 -1.84
N THR CA 56 55.97 -80.45 -2.11
CA THR CA 56 54.71 -79.76 -1.92
C THR CA 56 53.89 -80.49 -0.87
N GLU CA 57 52.68 -80.00 -0.64
CA GLU CA 57 51.80 -80.60 0.37
C GLU CA 57 51.23 -81.94 -0.05
N SER CA 58 51.39 -82.34 -1.32
CA SER CA 58 50.71 -83.52 -1.83
C SER CA 58 51.64 -84.60 -2.36
N ASN CA 59 52.96 -84.44 -2.25
CA ASN CA 59 53.86 -85.46 -2.75
C ASN CA 59 55.03 -85.79 -1.85
N TYR CA 60 55.24 -85.08 -0.75
CA TYR CA 60 56.42 -85.31 0.07
C TYR CA 60 56.51 -86.75 0.55
N GLU CA 61 55.36 -87.36 0.85
CA GLU CA 61 55.34 -88.72 1.35
C GLU CA 61 56.00 -89.69 0.38
N ASP CA 62 55.84 -89.48 -0.92
CA ASP CA 62 56.41 -90.39 -1.89
C ASP CA 62 57.75 -89.93 -2.45
N VAL CA 63 57.96 -88.62 -2.61
CA VAL CA 63 59.26 -88.18 -3.12
C VAL CA 63 60.34 -88.40 -2.07
N LEU CA 64 60.04 -88.14 -0.80
CA LEU CA 64 61.03 -88.33 0.25
C LEU CA 64 60.88 -89.66 0.98
N GLY CA 65 59.94 -90.48 0.57
CA GLY CA 65 59.74 -91.78 1.19
C GLY CA 65 58.96 -91.69 2.48
N GLU CA 66 58.62 -92.87 3.01
CA GLU CA 66 57.85 -92.94 4.24
C GLU CA 66 58.69 -92.45 5.41
N PRO CA 67 58.05 -91.95 6.46
CA PRO CA 67 58.79 -91.46 7.63
C PRO CA 67 59.59 -92.57 8.29
N LEU CA 68 60.74 -92.18 8.85
CA LEU CA 68 61.64 -93.12 9.51
C LEU CA 68 61.09 -93.48 10.89
N LYS CA 69 61.88 -94.18 11.68
CA LYS CA 69 61.48 -94.63 13.01
C LYS CA 69 62.39 -94.01 14.06
N PRO CA 70 61.83 -93.46 15.15
CA PRO CA 70 62.70 -92.87 16.17
C PRO CA 70 63.65 -93.85 16.81
N SER CA 71 63.25 -95.12 16.96
CA SER CA 71 64.12 -96.11 17.57
C SER CA 71 65.34 -96.41 16.73
N SER CA 72 65.31 -96.09 15.43
CA SER CA 72 66.46 -96.34 14.57
C SER CA 72 67.65 -95.51 15.01
N GLY CA 73 67.43 -94.25 15.36
CA GLY CA 73 68.52 -93.38 15.75
C GLY CA 73 68.10 -91.92 15.79
N SER CA 74 68.98 -91.03 15.30
CA SER CA 74 68.72 -89.61 15.28
C SER CA 74 68.30 -89.11 13.91
N GLN CA 75 67.93 -90.00 13.00
CA GLN CA 75 67.56 -89.64 11.64
C GLN CA 75 66.09 -89.31 11.49
N PHE CA 76 65.32 -89.37 12.57
CA PHE CA 76 63.88 -89.15 12.51
C PHE CA 76 63.50 -87.68 12.59
N GLU CA 77 64.46 -86.78 12.73
CA GLU CA 77 64.16 -85.36 12.94
C GLU CA 77 63.74 -84.63 11.66
N PRO CA 78 64.53 -84.70 10.57
CA PRO CA 78 64.22 -83.84 9.42
C PRO CA 78 62.86 -84.12 8.79
N ILE CA 79 62.38 -85.36 8.80
CA ILE CA 79 61.07 -85.64 8.23
C ILE CA 79 59.99 -84.92 9.02
N ARG CA 80 60.08 -84.93 10.35
CA ARG CA 80 59.10 -84.23 11.16
C ARG CA 80 59.20 -82.72 10.97
N HIS CA 81 60.42 -82.20 10.85
CA HIS CA 81 60.58 -80.77 10.58
C HIS CA 81 59.93 -80.39 9.25
N VAL CA 82 60.14 -81.22 8.23
CA VAL CA 82 59.53 -80.98 6.92
C VAL CA 82 58.01 -81.03 7.03
N TYR CA 83 57.49 -82.01 7.77
CA TYR CA 83 56.04 -82.13 7.90
C TYR CA 83 55.44 -80.91 8.59
N GLU CA 84 56.13 -80.38 9.60
CA GLU CA 84 55.62 -79.21 10.29
C GLU CA 84 55.79 -77.94 9.48
N ALA CA 85 56.78 -77.87 8.57
CA ALA CA 85 56.99 -76.66 7.80
C ALA CA 85 56.19 -76.62 6.50
N ILE CA 86 55.85 -77.78 5.94
CA ILE CA 86 55.10 -77.83 4.68
C ILE CA 86 53.72 -77.24 4.83
N GLN CA 87 53.14 -77.29 6.02
CA GLN CA 87 51.77 -76.90 6.29
C GLN CA 87 51.38 -75.60 5.59
N GLN CA 88 52.35 -74.70 5.39
CA GLN CA 88 52.09 -73.40 4.79
C GLN CA 88 52.47 -73.36 3.31
N THR CA 89 53.71 -73.63 2.97
CA THR CA 89 54.20 -73.44 1.61
C THR CA 89 55.13 -74.58 1.21
N SER CA 90 55.30 -74.75 -0.09
CA SER CA 90 56.20 -75.77 -0.62
C SER CA 90 57.65 -75.31 -0.45
N GLY CA 91 58.58 -76.19 -0.79
CA GLY CA 91 59.98 -75.87 -0.57
C GLY CA 91 60.92 -76.80 -1.28
N TYR CA 92 62.22 -76.61 -0.98
CA TYR CA 92 63.29 -77.37 -1.60
C TYR CA 92 64.18 -78.00 -0.53
N VAL CA 93 64.51 -79.28 -0.73
CA VAL CA 93 65.32 -80.01 0.22
C VAL CA 93 66.50 -80.65 -0.51
N VAL CA 94 67.54 -80.94 0.25
CA VAL CA 94 68.73 -81.62 -0.25
C VAL CA 94 69.04 -82.78 0.67
N ARG CA 95 69.08 -83.99 0.13
CA ARG CA 95 69.35 -85.17 0.92
C ARG CA 95 70.84 -85.49 0.91
N ALA CA 96 71.41 -85.73 2.09
CA ALA CA 96 72.80 -86.11 2.23
C ALA CA 96 72.88 -87.53 2.76
N VAL CA 97 73.68 -88.37 2.10
CA VAL CA 97 73.76 -89.79 2.43
C VAL CA 97 75.14 -90.10 3.01
N PRO CA 98 75.27 -91.17 3.80
CA PRO CA 98 76.60 -91.55 4.29
C PRO CA 98 77.52 -92.05 3.19
N ASP CA 99 78.72 -92.48 3.55
CA ASP CA 99 79.71 -92.83 2.54
C ASP CA 99 79.38 -94.15 1.86
N ASP CA 100 78.94 -95.15 2.62
CA ASP CA 100 78.82 -96.51 2.11
C ASP CA 100 77.45 -96.82 1.52
N ALA CA 101 76.65 -95.81 1.23
CA ALA CA 101 75.35 -96.05 0.59
C ALA CA 101 75.55 -96.50 -0.85
N LYS CA 102 74.86 -97.57 -1.24
CA LYS CA 102 75.01 -98.16 -2.56
C LYS CA 102 73.65 -98.36 -3.21
N PHE CA 103 73.62 -98.19 -4.53
CA PHE CA 103 72.43 -98.39 -5.33
C PHE CA 103 72.62 -99.57 -6.27
N PRO CA 104 71.54 -100.26 -6.63
CA PRO CA 104 71.66 -101.46 -7.46
C PRO CA 104 71.92 -101.14 -8.92
N ILE CA 105 72.44 -102.14 -9.62
CA ILE CA 105 72.77 -102.03 -11.04
C ILE CA 105 72.55 -103.39 -11.68
N ILE CA 106 71.89 -103.41 -12.84
CA ILE CA 106 71.70 -104.63 -13.62
C ILE CA 106 72.41 -104.45 -14.95
N MET CA 107 73.37 -105.31 -15.23
CA MET CA 107 74.16 -105.25 -16.45
C MET CA 107 73.81 -106.43 -17.34
N PHE CA 108 73.59 -106.18 -18.63
CA PHE CA 108 73.23 -107.22 -19.57
C PHE CA 108 74.45 -107.62 -20.39
N ASP CA 109 74.22 -108.47 -21.39
CA ASP CA 109 75.27 -108.94 -22.26
C ASP CA 109 74.67 -109.17 -23.65
N GLU CA 110 75.51 -109.66 -24.58
CA GLU CA 110 75.03 -109.90 -25.94
C GLU CA 110 73.93 -110.95 -25.98
N SER CA 111 74.14 -112.07 -25.27
CA SER CA 111 73.12 -113.12 -25.26
C SER CA 111 71.85 -112.66 -24.57
N GLY CA 112 71.99 -111.89 -23.49
CA GLY CA 112 70.85 -111.41 -22.73
C GLY CA 112 70.77 -111.90 -21.30
N GLU CA 113 71.74 -112.67 -20.81
CA GLU CA 113 71.71 -113.14 -19.44
C GLU CA 113 72.10 -112.01 -18.49
N PRO CA 114 71.23 -111.59 -17.58
CA PRO CA 114 71.54 -110.44 -16.73
C PRO CA 114 72.50 -110.81 -15.62
N ALA CA 115 73.13 -109.76 -15.06
CA ALA CA 115 73.95 -109.87 -13.87
C ALA CA 115 73.66 -108.68 -12.99
N TYR CA 116 73.86 -108.85 -11.68
CA TYR CA 116 73.52 -107.82 -10.72
C TYR CA 116 74.77 -107.35 -9.98
N SER CA 117 74.72 -106.10 -9.51
CA SER CA 117 75.80 -105.56 -8.70
C SER CA 117 75.27 -104.34 -7.97
N ALA CA 118 76.12 -103.72 -7.16
CA ALA CA 118 75.78 -102.50 -6.45
C ALA CA 118 76.96 -101.54 -6.49
N LEU CA 119 76.67 -100.25 -6.60
CA LEU CA 119 77.72 -99.25 -6.67
C LEU CA 119 77.44 -98.11 -5.71
N PRO CA 120 78.47 -97.53 -5.10
CA PRO CA 120 78.25 -96.39 -4.19
C PRO CA 120 77.73 -95.18 -4.95
N TYR CA 121 76.99 -94.35 -4.22
CA TYR CA 121 76.34 -93.19 -4.81
C TYR CA 121 77.38 -92.19 -5.32
N GLY CA 122 77.02 -91.47 -6.38
CA GLY CA 122 77.89 -90.47 -6.94
C GLY CA 122 79.00 -90.99 -7.82
N SER CA 123 78.94 -92.26 -8.22
CA SER CA 123 79.98 -92.86 -9.04
C SER CA 123 79.38 -93.34 -10.35
N GLU CA 124 80.10 -93.10 -11.44
CA GLU CA 124 79.68 -93.59 -12.74
C GLU CA 124 80.03 -95.07 -12.88
N ILE CA 125 79.66 -95.65 -14.01
CA ILE CA 125 79.73 -97.09 -14.22
C ILE CA 125 80.71 -97.38 -15.34
N GLU CA 126 81.60 -98.34 -15.12
CA GLU CA 126 82.49 -98.84 -16.15
C GLU CA 126 81.97 -100.18 -16.63
N LEU CA 127 81.88 -100.34 -17.95
CA LEU CA 127 81.30 -101.54 -18.54
C LEU CA 127 82.40 -102.53 -18.88
N ASP CA 128 82.19 -103.79 -18.54
CA ASP CA 128 83.13 -104.84 -18.91
C ASP CA 128 83.03 -105.12 -20.40
N SER CA 129 83.93 -105.96 -20.91
CA SER CA 129 83.96 -106.27 -22.33
C SER CA 129 82.66 -106.92 -22.78
N GLY CA 130 82.15 -107.86 -21.99
CA GLY CA 130 80.94 -108.57 -22.37
C GLY CA 130 79.64 -107.86 -22.07
N GLU CA 131 79.69 -106.71 -21.42
CA GLU CA 131 78.48 -105.99 -21.02
C GLU CA 131 78.00 -105.11 -22.16
N ALA CA 132 76.71 -105.22 -22.48
CA ALA CA 132 76.12 -104.42 -23.54
C ALA CA 132 75.54 -103.12 -23.00
N PHE CA 133 74.71 -103.20 -21.97
CA PHE CA 133 74.13 -102.00 -21.39
C PHE CA 133 73.72 -102.28 -19.96
N ALA CA 134 73.70 -101.22 -19.16
CA ALA CA 134 73.40 -101.31 -17.74
C ALA CA 134 72.25 -100.37 -17.39
N ILE CA 135 71.39 -100.84 -16.49
CA ILE CA 135 70.25 -100.07 -15.99
C ILE CA 135 70.37 -99.97 -14.48
N TYR CA 136 70.15 -98.77 -13.94
CA TYR CA 136 70.19 -98.58 -12.50
C TYR CA 136 69.09 -97.60 -12.10
N VAL CA 137 68.88 -97.49 -10.79
CA VAL CA 137 67.79 -96.70 -10.22
C VAL CA 137 68.38 -95.43 -9.63
N ASP CA 138 67.80 -94.28 -10.00
CA ASP CA 138 68.25 -92.99 -9.47
C ASP CA 138 67.21 -92.34 -8.57
N ASP CA 139 66.19 -93.08 -8.14
CA ASP CA 139 65.27 -92.55 -7.15
C ASP CA 139 65.89 -92.46 -5.77
N GLY CA 140 67.00 -93.16 -5.55
CA GLY CA 140 67.65 -93.18 -4.27
C GLY CA 140 67.25 -94.32 -3.36
N ASP CA 141 66.11 -94.95 -3.63
CA ASP CA 141 65.66 -96.04 -2.78
C ASP CA 141 66.64 -97.21 -2.87
N PRO CA 142 66.99 -97.85 -1.75
CA PRO CA 142 67.91 -98.98 -1.79
C PRO CA 142 67.27 -100.29 -2.20
N CYS CA 143 66.00 -100.28 -2.61
CA CYS CA 143 65.34 -101.45 -3.20
C CYS CA 143 65.37 -102.65 -2.26
N ILE CA 144 65.11 -102.41 -0.98
CA ILE CA 144 65.06 -103.47 0.02
C ILE CA 144 63.64 -103.71 0.52
N SER CA 145 62.86 -102.64 0.69
CA SER CA 145 61.45 -102.76 1.04
C SER CA 145 60.72 -101.49 0.66
N PRO CA 146 59.79 -101.53 -0.30
CA PRO CA 146 59.38 -102.69 -1.10
C PRO CA 146 60.38 -103.02 -2.20
N THR CA 147 60.41 -104.27 -2.65
CA THR CA 147 61.31 -104.65 -3.73
C THR CA 147 60.81 -104.08 -5.05
N ARG CA 148 61.72 -103.95 -6.01
CA ARG CA 148 61.40 -103.44 -7.33
C ARG CA 148 61.88 -104.43 -8.38
N GLU CA 149 61.01 -104.73 -9.36
CA GLU CA 149 61.29 -105.72 -10.37
C GLU CA 149 61.18 -105.08 -11.76
N LEU CA 150 62.04 -105.51 -12.66
CA LEU CA 150 62.12 -104.99 -14.02
C LEU CA 150 61.85 -106.11 -15.00
N THR CA 151 61.02 -105.83 -16.00
CA THR CA 151 60.58 -106.83 -16.96
C THR CA 151 60.76 -106.31 -18.38
N ILE CA 152 61.22 -107.18 -19.26
CA ILE CA 152 61.47 -106.86 -20.67
C ILE CA 152 60.52 -107.71 -21.51
N GLU CA 153 59.80 -107.06 -22.42
CA GLU CA 153 58.83 -107.74 -23.26
C GLU CA 153 59.09 -107.39 -24.72
N THR CA 154 58.97 -108.37 -25.60
CA THR CA 154 59.13 -108.12 -27.03
C THR CA 154 57.92 -107.36 -27.58
N ALA CA 155 58.18 -106.47 -28.52
CA ALA CA 155 57.14 -105.66 -29.13
C ALA CA 155 57.36 -105.61 -30.64
N THR CA 156 56.41 -104.99 -31.34
CA THR CA 156 56.50 -104.88 -32.79
C THR CA 156 57.56 -103.87 -33.20
N ALA CA 157 58.29 -104.19 -34.25
CA ALA CA 157 59.33 -103.30 -34.75
C ALA CA 157 58.70 -102.06 -35.39
N ASP CA 158 59.51 -101.02 -35.52
CA ASP CA 158 59.04 -99.76 -36.08
C ASP CA 158 58.92 -99.87 -37.61
N SER CA 159 58.53 -98.77 -38.24
CA SER CA 159 58.42 -98.75 -39.70
C SER CA 159 59.77 -98.94 -40.36
N ALA CA 160 60.82 -98.31 -39.81
CA ALA CA 160 62.15 -98.45 -40.37
C ALA CA 160 62.64 -99.88 -40.28
N GLY CA 161 62.42 -100.54 -39.15
CA GLY CA 161 62.83 -101.92 -38.99
C GLY CA 161 63.51 -102.22 -37.67
N ASN CA 162 63.87 -101.18 -36.92
CA ASN CA 162 64.54 -101.38 -35.64
C ASN CA 162 63.62 -102.05 -34.65
N GLU CA 163 64.20 -102.87 -33.77
CA GLU CA 163 63.43 -103.64 -32.80
C GLU CA 163 63.28 -102.84 -31.51
N ARG CA 164 62.04 -102.56 -31.13
CA ARG CA 164 61.74 -101.84 -29.90
C ARG CA 164 61.11 -102.81 -28.90
N PHE CA 165 61.62 -102.80 -27.67
CA PHE CA 165 61.09 -103.65 -26.62
C PHE CA 165 60.48 -102.79 -25.52
N LEU CA 166 59.53 -103.39 -24.81
CA LEU CA 166 58.78 -102.72 -23.75
C LEU CA 166 59.43 -103.02 -22.41
N LEU CA 167 59.68 -101.96 -21.65
CA LEU CA 167 60.26 -102.05 -20.31
C LEU CA 167 59.17 -101.75 -19.29
N LYS CA 168 59.01 -102.62 -18.29
CA LYS CA 168 57.99 -102.46 -17.27
C LYS CA 168 58.63 -102.64 -15.91
N LEU CA 169 58.62 -101.60 -15.08
CA LEU CA 169 59.12 -101.69 -13.72
C LEU CA 169 57.94 -101.64 -12.76
N THR CA 170 57.89 -102.61 -11.84
CA THR CA 170 56.79 -102.74 -10.90
C THR CA 170 57.33 -102.99 -9.51
N GLN CA 171 56.64 -102.44 -8.51
CA GLN CA 171 57.05 -102.58 -7.12
C GLN CA 171 56.21 -103.67 -6.45
N THR CA 172 56.86 -104.43 -5.58
CA THR CA 172 56.20 -105.48 -4.81
C THR CA 172 56.50 -105.26 -3.34
N THR CA 173 55.45 -105.17 -2.53
CA THR CA 173 55.62 -104.99 -1.10
C THR CA 173 55.92 -106.33 -0.43
N SER CA 174 56.36 -106.26 0.83
CA SER CA 174 56.69 -107.48 1.56
C SER CA 174 55.47 -108.36 1.78
N LEU CA 175 54.29 -107.76 1.99
CA LEU CA 175 53.08 -108.55 2.23
C LEU CA 175 52.73 -109.37 0.99
N GLY CA 176 52.82 -108.78 -0.20
CA GLY CA 176 52.49 -109.49 -1.41
C GLY CA 176 51.77 -108.66 -2.45
N VAL CA 177 51.52 -107.40 -2.13
CA VAL CA 177 50.85 -106.50 -3.08
C VAL CA 177 51.83 -106.15 -4.18
N VAL CA 178 51.42 -106.37 -5.43
CA VAL CA 178 52.25 -106.10 -6.61
C VAL CA 178 51.50 -105.15 -7.51
N THR CA 179 52.01 -103.94 -7.66
CA THR CA 179 51.41 -102.93 -8.51
C THR CA 179 52.43 -102.46 -9.53
N THR CA 180 51.96 -102.22 -10.76
CA THR CA 180 52.84 -101.66 -11.78
C THR CA 180 53.22 -100.23 -11.42
N LEU CA 181 54.40 -99.83 -11.85
CA LEU CA 181 54.92 -98.52 -11.51
C LEU CA 181 55.21 -97.65 -12.72
N GLU CA 182 55.89 -98.19 -13.73
CA GLU CA 182 56.13 -97.42 -14.94
C GLU CA 182 56.38 -98.34 -16.11
N THR CA 183 56.10 -97.84 -17.31
CA THR CA 183 56.27 -98.59 -18.54
C THR CA 183 56.80 -97.67 -19.64
N HIS CA 184 57.54 -98.26 -20.57
CA HIS CA 184 58.15 -97.52 -21.67
C HIS CA 184 58.35 -98.44 -22.84
N THR CA 185 58.58 -97.85 -24.02
CA THR CA 185 58.92 -98.58 -25.23
C THR CA 185 60.23 -98.02 -25.77
N VAL CA 186 61.32 -98.75 -25.59
CA VAL CA 186 62.64 -98.24 -25.92
C VAL CA 186 63.37 -99.24 -26.80
N SER CA 187 64.39 -98.74 -27.51
CA SER CA 187 65.19 -99.57 -28.38
C SER CA 187 66.63 -99.09 -28.36
N LEU CA 188 67.53 -99.97 -28.79
CA LEU CA 188 68.95 -99.67 -28.79
C LEU CA 188 69.40 -98.95 -30.06
N ALA CA 189 68.53 -98.82 -31.06
CA ALA CA 189 68.90 -98.08 -32.26
C ALA CA 189 69.03 -96.59 -31.96
N GLU CA 190 70.02 -95.96 -32.58
CA GLU CA 190 70.32 -94.56 -32.29
C GLU CA 190 69.29 -93.60 -32.86
N GLU CA 191 68.37 -94.07 -33.71
CA GLU CA 191 67.43 -93.19 -34.37
C GLU CA 191 66.00 -93.70 -34.39
N ALA CA 192 65.74 -94.87 -33.81
CA ALA CA 192 64.39 -95.43 -33.86
C ALA CA 192 63.42 -94.57 -33.08
N LYS CA 193 62.17 -94.56 -33.53
CA LYS CA 193 61.11 -93.77 -32.90
C LYS CA 193 59.96 -94.68 -32.49
N ASP CA 194 59.29 -94.29 -31.42
CA ASP CA 194 58.14 -95.05 -30.94
C ASP CA 194 56.89 -94.70 -31.75
N ASP CA 195 55.74 -95.19 -31.30
CA ASP CA 195 54.49 -94.94 -32.02
C ASP CA 195 54.11 -93.46 -32.00
N MET CA 196 54.32 -92.78 -30.88
CA MET CA 196 53.92 -91.38 -30.77
C MET CA 196 54.90 -90.44 -31.46
N GLY CA 197 56.05 -90.93 -31.91
CA GLY CA 197 57.00 -90.12 -32.64
C GLY CA 197 58.19 -89.64 -31.83
N ARG CA 198 58.18 -89.84 -30.52
CA ARG CA 198 59.31 -89.40 -29.71
C ARG CA 198 60.50 -90.32 -29.91
N LEU CA 199 61.69 -89.82 -29.54
CA LEU CA 199 62.90 -90.61 -29.62
C LEU CA 199 62.83 -91.77 -28.65
N CYS CA 200 63.27 -92.95 -29.11
CA CYS CA 200 63.19 -94.16 -28.30
C CYS CA 200 64.54 -94.78 -28.02
N TYR CA 201 65.64 -94.08 -28.31
CA TYR CA 201 66.94 -94.55 -27.89
C TYR CA 201 66.98 -94.69 -26.37
N LEU CA 202 67.57 -95.79 -25.89
CA LEU CA 202 67.43 -96.15 -24.49
C LEU CA 202 67.99 -95.10 -23.53
N PRO CA 203 69.25 -94.65 -23.64
CA PRO CA 203 69.75 -93.70 -22.64
C PRO CA 203 68.97 -92.40 -22.58
N THR CA 204 68.81 -91.72 -23.71
CA THR CA 204 68.11 -90.44 -23.71
C THR CA 204 66.65 -90.61 -23.33
N ALA CA 205 66.00 -91.69 -23.80
CA ALA CA 205 64.60 -91.91 -23.45
C ALA CA 205 64.42 -92.07 -21.96
N LEU CA 206 65.24 -92.94 -21.33
CA LEU CA 206 65.13 -93.13 -19.90
C LEU CA 206 65.49 -91.87 -19.13
N GLU CA 207 66.50 -91.12 -19.59
CA GLU CA 207 66.90 -89.90 -18.89
C GLU CA 207 65.81 -88.84 -18.95
N ALA CA 208 65.10 -88.75 -20.08
CA ALA CA 208 64.14 -87.68 -20.26
C ALA CA 208 62.76 -88.02 -19.70
N ARG CA 209 62.18 -89.12 -20.16
CA ARG CA 209 60.78 -89.40 -19.87
C ARG CA 209 60.56 -90.22 -18.61
N SER CA 210 61.62 -90.66 -17.94
CA SER CA 210 61.51 -91.47 -16.74
C SER CA 210 62.29 -90.83 -15.60
N LYS CA 211 61.64 -90.72 -14.43
CA LYS CA 211 62.26 -90.14 -13.26
C LYS CA 211 62.69 -91.20 -12.24
N TYR CA 212 62.68 -92.47 -12.63
CA TYR CA 212 63.08 -93.56 -11.75
C TYR CA 212 64.39 -94.22 -12.18
N LEU CA 213 64.57 -94.45 -13.47
CA LEU CA 213 65.69 -95.24 -13.97
C LEU CA 213 66.65 -94.38 -14.78
N ARG CA 214 67.86 -94.91 -14.92
CA ARG CA 214 68.85 -94.38 -15.83
C ARG CA 214 69.59 -95.55 -16.45
N ALA CA 215 70.22 -95.33 -17.59
CA ALA CA 215 70.89 -96.41 -18.28
C ALA CA 215 72.14 -95.90 -18.96
N VAL CA 216 73.07 -96.82 -19.20
CA VAL CA 216 74.27 -96.54 -19.99
C VAL CA 216 74.47 -97.70 -20.95
N VAL CA 217 75.21 -97.43 -22.04
CA VAL CA 217 75.42 -98.39 -23.10
C VAL CA 217 76.90 -98.46 -23.44
N ASN CA 218 77.30 -99.58 -24.02
CA ASN CA 218 78.65 -99.78 -24.53
C ASN CA 218 78.64 -99.59 -26.04
N GLU CA 219 79.38 -98.59 -26.51
CA GLU CA 219 79.32 -98.23 -27.94
C GLU CA 219 79.80 -99.38 -28.82
N GLU CA 220 80.87 -100.06 -28.40
CA GLU CA 220 81.44 -101.10 -29.24
C GLU CA 220 80.46 -102.25 -29.46
N LEU CA 221 79.77 -102.67 -28.42
CA LEU CA 221 78.90 -103.85 -28.48
C LEU CA 221 77.44 -103.51 -28.75
N ILE CA 222 77.10 -102.23 -28.87
CA ILE CA 222 75.70 -101.87 -29.04
C ILE CA 222 75.18 -102.23 -30.42
N SER CA 223 76.06 -102.40 -31.41
CA SER CA 223 75.62 -102.69 -32.75
C SER CA 223 75.05 -104.10 -32.86
N THR CA 224 75.74 -105.09 -32.28
CA THR CA 224 75.34 -106.48 -32.35
C THR CA 224 74.51 -106.92 -31.15
N ALA CA 225 74.19 -106.00 -30.24
CA ALA CA 225 73.46 -106.37 -29.04
C ALA CA 225 72.05 -106.80 -29.38
N LYS CA 226 71.60 -107.87 -28.72
CA LYS CA 226 70.24 -108.37 -28.85
C LYS CA 226 69.68 -108.66 -27.47
N VAL CA 227 68.37 -108.46 -27.31
CA VAL CA 227 67.70 -108.63 -26.04
C VAL CA 227 66.68 -109.75 -26.15
N THR CA 228 66.66 -110.62 -25.16
CA THR CA 228 65.71 -111.71 -25.10
C THR CA 228 64.49 -111.27 -24.28
N ASN CA 229 63.64 -112.23 -23.91
CA ASN CA 229 62.46 -111.98 -23.09
C ASN CA 229 62.75 -112.41 -21.66
N LYS CA 230 63.05 -111.44 -20.80
CA LYS CA 230 63.32 -111.70 -19.39
C LYS CA 230 62.13 -111.24 -18.56
N LYS CA 231 61.64 -112.12 -17.70
CA LYS CA 231 60.45 -111.87 -16.91
C LYS CA 231 60.80 -111.89 -15.42
N SER CA 232 60.35 -110.86 -14.71
CA SER CA 232 60.46 -110.77 -13.25
C SER CA 232 61.92 -110.85 -12.80
N LEU CA 233 62.68 -109.83 -13.20
CA LEU CA 233 64.02 -109.65 -12.67
C LEU CA 233 63.95 -109.06 -11.27
N ALA CA 234 65.10 -108.83 -10.66
CA ALA CA 234 65.12 -108.35 -9.28
C ALA CA 234 66.36 -107.51 -9.05
N PHE CA 235 66.17 -106.26 -8.67
CA PHE CA 235 67.29 -105.45 -8.19
C PHE CA 235 67.75 -105.97 -6.83
N THR CA 236 69.06 -105.88 -6.59
CA THR CA 236 69.61 -106.36 -5.33
C THR CA 236 70.90 -105.62 -5.03
N GLY CA 237 71.29 -105.66 -3.75
CA GLY CA 237 72.51 -105.04 -3.30
C GLY CA 237 72.36 -103.62 -2.78
N GLY CA 238 71.21 -103.00 -3.00
CA GLY CA 238 71.02 -101.64 -2.53
C GLY CA 238 71.05 -101.56 -1.02
N THR CA 239 71.63 -100.48 -0.50
CA THR CA 239 71.82 -100.34 0.94
C THR CA 239 71.92 -98.86 1.28
N ASN CA 240 71.08 -98.39 2.20
CA ASN CA 240 71.14 -97.01 2.61
C ASN CA 240 72.24 -96.74 3.61
N GLY CA 241 72.87 -97.79 4.15
CA GLY CA 241 73.95 -97.64 5.08
C GLY CA 241 73.49 -97.17 6.45
N ASP CA 242 74.47 -96.76 7.25
CA ASP CA 242 74.20 -96.21 8.57
C ASP CA 242 74.02 -94.70 8.48
N GLN CA 243 72.81 -94.24 8.77
CA GLN CA 243 72.52 -92.81 8.72
C GLN CA 243 72.62 -92.15 10.09
N SER CA 244 72.99 -92.90 11.12
CA SER CA 244 73.16 -92.30 12.44
C SER CA 244 74.30 -91.31 12.47
N LYS CA 245 75.43 -91.67 11.88
CA LYS CA 245 76.61 -90.80 11.85
C LYS CA 245 76.93 -90.42 10.41
N ILE CA 246 77.25 -89.14 10.21
CA ILE CA 246 77.56 -88.60 8.91
C ILE CA 246 78.70 -87.61 9.06
N SER CA 247 79.75 -87.77 8.26
CA SER CA 247 80.89 -86.86 8.32
C SER CA 247 80.48 -85.45 7.92
N THR CA 248 81.19 -84.46 8.45
CA THR CA 248 80.90 -83.08 8.13
C THR CA 248 81.14 -82.77 6.65
N ALA CA 249 81.93 -83.60 5.96
CA ALA CA 249 82.17 -83.38 4.54
C ALA CA 249 80.87 -83.53 3.74
N ALA CA 250 80.06 -84.52 4.08
CA ALA CA 250 78.79 -84.70 3.38
C ALA CA 250 77.87 -83.51 3.58
N TYR CA 251 77.78 -83.00 4.81
CA TYR CA 251 76.95 -81.84 5.06
C TYR CA 251 77.46 -80.61 4.32
N LEU CA 252 78.78 -80.44 4.28
CA LEU CA 252 79.34 -79.31 3.54
C LEU CA 252 79.05 -79.41 2.05
N ARG CA 253 79.16 -80.61 1.48
CA ARG CA 253 78.83 -80.79 0.08
C ARG CA 253 77.36 -80.48 -0.18
N ALA CA 254 76.48 -80.95 0.71
CA ALA CA 254 75.05 -80.71 0.53
C ALA CA 254 74.74 -79.21 0.59
N VAL CA 255 75.34 -78.49 1.54
CA VAL CA 255 75.03 -77.06 1.63
C VAL CA 255 75.63 -76.31 0.45
N LYS CA 256 76.78 -76.76 -0.06
CA LYS CA 256 77.30 -76.13 -1.27
C LYS CA 256 76.35 -76.33 -2.46
N VAL CA 257 75.80 -77.54 -2.61
CA VAL CA 257 74.84 -77.79 -3.68
C VAL CA 257 73.62 -76.90 -3.50
N LEU CA 258 73.12 -76.77 -2.26
CA LEU CA 258 71.99 -75.91 -2.01
C LEU CA 258 72.29 -74.46 -2.35
N ASN CA 259 73.52 -74.00 -2.08
CA ASN CA 259 73.91 -72.65 -2.45
C ASN CA 259 73.88 -72.47 -3.96
N ASN CA 260 74.41 -73.44 -4.69
CA ASN CA 260 74.47 -73.33 -6.14
C ASN CA 260 73.16 -73.68 -6.83
N ALA CA 261 72.13 -74.05 -6.07
CA ALA CA 261 70.85 -74.38 -6.67
C ALA CA 261 70.28 -73.18 -7.42
N PRO CA 262 69.74 -73.37 -8.62
CA PRO CA 262 69.15 -72.26 -9.39
C PRO CA 262 67.65 -72.10 -9.13
N TYR CA 263 67.31 -71.78 -7.89
CA TYR CA 263 65.91 -71.58 -7.51
C TYR CA 263 65.80 -70.33 -6.64
N MET CA 264 64.57 -70.02 -6.24
CA MET CA 264 64.29 -68.85 -5.41
C MET CA 264 63.65 -69.30 -4.10
N TYR CA 265 64.23 -68.88 -2.98
CA TYR CA 265 63.64 -69.17 -1.69
C TYR CA 265 63.99 -68.05 -0.73
N THR CA 266 63.15 -67.87 0.30
CA THR CA 266 63.30 -66.79 1.26
C THR CA 266 63.42 -67.29 2.69
N ALA CA 267 63.89 -68.52 2.90
CA ALA CA 267 64.10 -69.05 4.23
C ALA CA 267 65.01 -70.25 4.12
N VAL CA 268 66.00 -70.34 5.01
CA VAL CA 268 67.05 -71.35 4.85
C VAL CA 268 67.00 -72.35 6.00
N LEU CA 269 65.78 -72.68 6.43
CA LEU CA 269 65.51 -73.52 7.59
C LEU CA 269 66.57 -74.61 7.80
N GLY CA 270 67.13 -74.65 9.01
CA GLY CA 270 68.08 -75.67 9.39
C GLY CA 270 67.41 -76.93 9.90
N LEU CA 271 66.90 -77.76 9.00
CA LEU CA 271 66.14 -78.96 9.38
C LEU CA 271 67.05 -79.91 10.16
N GLY CA 272 66.83 -79.98 11.46
CA GLY CA 272 67.43 -80.98 12.34
C GLY CA 272 68.88 -81.33 12.06
N CYS CA 273 69.71 -80.33 11.78
CA CYS CA 273 71.12 -80.55 11.51
C CYS CA 273 71.91 -79.76 12.54
N TYR CA 274 72.38 -80.46 13.58
CA TYR CA 274 73.10 -79.82 14.68
C TYR CA 274 74.61 -80.00 14.47
N ASP CA 275 75.12 -79.31 13.46
CA ASP CA 275 76.54 -79.29 13.16
C ASP CA 275 76.99 -77.85 12.99
N ASN CA 276 78.08 -77.49 13.67
CA ASN CA 276 78.53 -76.11 13.66
C ASN CA 276 78.94 -75.65 12.27
N ALA CA 277 79.66 -76.50 11.53
CA ALA CA 277 80.09 -76.11 10.19
C ALA CA 277 78.91 -75.91 9.26
N ALA CA 278 77.93 -76.82 9.31
CA ALA CA 278 76.76 -76.68 8.46
C ALA CA 278 75.95 -75.45 8.81
N ILE CA 279 75.80 -75.16 10.11
CA ILE CA 279 75.06 -73.98 10.52
C ILE CA 279 75.77 -72.71 10.05
N THR CA 280 77.11 -72.67 10.16
CA THR CA 280 77.84 -71.52 9.67
C THR CA 280 77.67 -71.36 8.16
N ALA CA 281 77.69 -72.47 7.41
CA ALA CA 281 77.50 -72.38 5.97
C ALA CA 281 76.11 -71.85 5.63
N LEU CA 282 75.09 -72.30 6.35
CA LEU CA 282 73.75 -71.80 6.08
C LEU CA 282 73.62 -70.32 6.44
N GLY CA 283 74.30 -69.89 7.50
CA GLY CA 283 74.36 -68.46 7.78
C GLY CA 283 75.03 -67.68 6.67
N LYS CA 284 76.06 -68.27 6.07
CA LYS CA 284 76.68 -67.64 4.90
C LYS CA 284 75.68 -67.53 3.76
N ILE CA 285 74.87 -68.56 3.57
CA ILE CA 285 73.85 -68.51 2.51
C ILE CA 285 72.88 -67.36 2.75
N CYS CA 286 72.44 -67.20 4.01
CA CYS CA 286 71.61 -66.05 4.35
C CYS CA 286 72.30 -64.74 4.01
N ALA CA 287 73.54 -64.57 4.48
CA ALA CA 287 74.23 -63.30 4.29
C ALA CA 287 74.48 -63.03 2.81
N ASP CA 288 74.52 -64.07 1.99
CA ASP CA 288 74.78 -63.88 0.57
C ASP CA 288 73.50 -63.54 -0.17
N ARG CA 289 72.45 -64.35 0.00
CA ARG CA 289 71.23 -64.17 -0.78
C ARG CA 289 70.28 -63.14 -0.20
N LEU CA 290 70.57 -62.59 0.98
CA LEU CA 290 69.67 -61.64 1.65
C LEU CA 290 68.31 -62.28 1.95
N ILE CA 291 68.35 -63.35 2.75
CA ILE CA 291 67.15 -64.06 3.16
C ILE CA 291 67.22 -64.29 4.67
N ASP CA 292 66.28 -65.07 5.18
CA ASP CA 292 66.12 -65.31 6.61
C ASP CA 292 66.47 -66.75 6.96
N GLY CA 293 67.02 -66.93 8.16
CA GLY CA 293 67.35 -68.26 8.63
C GLY CA 293 66.80 -68.53 10.02
N PHE CA 294 66.33 -69.75 10.26
CA PHE CA 294 65.75 -70.14 11.54
C PHE CA 294 66.44 -71.42 12.02
N PHE CA 295 67.59 -71.28 12.66
CA PHE CA 295 68.35 -72.41 13.15
C PHE CA 295 68.02 -72.67 14.61
N ASP CA 296 68.47 -73.80 15.12
CA ASP CA 296 68.04 -74.17 16.46
C ASP CA 296 69.09 -75.09 17.06
N VAL CA 297 69.39 -74.87 18.35
CA VAL CA 297 70.44 -75.62 19.04
C VAL CA 297 69.90 -76.97 19.48
N LYS CA 298 70.77 -77.85 19.94
CA LYS CA 298 70.33 -79.19 20.33
C LYS CA 298 69.26 -79.09 21.41
N PRO CA 299 68.06 -79.59 21.18
CA PRO CA 299 66.99 -79.43 22.18
C PRO CA 299 67.04 -80.49 23.24
N THR CA 300 68.23 -80.80 23.75
CA THR CA 300 68.41 -81.68 24.89
C THR CA 300 69.44 -81.11 25.86
N LEU CA 301 69.80 -79.85 25.71
CA LEU CA 301 70.75 -79.20 26.60
C LEU CA 301 70.01 -78.45 27.69
N THR CA 302 70.58 -78.46 28.90
CA THR CA 302 70.01 -77.71 30.00
C THR CA 302 70.15 -76.22 29.74
N TYR CA 303 69.36 -75.45 30.47
CA TYR CA 303 69.39 -73.99 30.31
C TYR CA 303 70.75 -73.41 30.62
N ALA CA 304 71.56 -74.09 31.42
CA ALA CA 304 72.90 -73.60 31.71
C ALA CA 304 73.82 -73.75 30.50
N GLU CA 305 73.75 -74.89 29.81
CA GLU CA 305 74.62 -75.13 28.66
C GLU CA 305 74.05 -74.56 27.37
N ALA CA 306 72.79 -74.12 27.36
CA ALA CA 306 72.24 -73.55 26.13
C ALA CA 306 72.97 -72.28 25.72
N LEU CA 307 73.31 -71.43 26.68
CA LEU CA 307 73.94 -70.16 26.34
C LEU CA 307 75.31 -70.31 25.68
N PRO CA 308 76.26 -71.11 26.20
CA PRO CA 308 77.53 -71.25 25.47
C PRO CA 308 77.37 -71.93 24.12
N ALA CA 309 76.35 -72.77 23.94
CA ALA CA 309 76.16 -73.42 22.65
C ALA CA 309 75.80 -72.43 21.57
N VAL CA 310 75.10 -71.35 21.91
CA VAL CA 310 74.75 -70.35 20.92
C VAL CA 310 75.99 -69.60 20.44
N GLU CA 311 76.92 -69.33 21.36
CA GLU CA 311 78.20 -68.77 20.93
C GLU CA 311 78.99 -69.78 20.10
N ASP CA 312 78.91 -71.06 20.48
CA ASP CA 312 79.64 -72.10 19.75
C ASP CA 312 79.16 -72.19 18.31
N THR CA 313 77.85 -72.14 18.09
CA THR CA 313 77.31 -72.42 16.77
C THR CA 313 77.77 -71.42 15.72
N GLY CA 314 78.29 -70.27 16.12
CA GLY CA 314 79.14 -69.46 15.28
C GLY CA 314 78.50 -68.24 14.64
N LEU CA 315 77.17 -68.12 14.65
CA LEU CA 315 76.57 -66.96 13.98
C LEU CA 315 76.62 -65.69 14.81
N LEU CA 316 77.05 -65.76 16.07
CA LEU CA 316 77.08 -64.57 16.91
C LEU CA 316 78.14 -63.60 16.39
N GLY CA 317 77.68 -62.50 15.81
CA GLY CA 317 78.58 -61.49 15.28
C GLY CA 317 77.81 -60.33 14.69
N THR CA 318 78.33 -59.76 13.61
CA THR CA 318 77.67 -58.66 12.92
C THR CA 318 77.38 -58.98 11.47
N ASP CA 319 77.91 -60.07 10.92
CA ASP CA 319 77.66 -60.40 9.53
C ASP CA 319 76.28 -61.02 9.33
N TYR CA 320 75.86 -61.87 10.25
CA TYR CA 320 74.57 -62.57 10.14
C TYR CA 320 73.56 -61.85 11.02
N VAL CA 321 72.85 -60.89 10.42
CA VAL CA 321 71.90 -60.07 11.16
C VAL CA 321 70.46 -60.52 10.96
N SER CA 322 70.23 -61.60 10.22
CA SER CA 322 68.87 -62.06 9.94
C SER CA 322 68.62 -63.49 10.37
N CYS CA 323 69.56 -64.14 11.05
CA CYS CA 323 69.44 -65.54 11.44
C CYS CA 323 69.07 -65.64 12.90
N SER CA 324 67.96 -66.31 13.18
CA SER CA 324 67.48 -66.53 14.54
C SER CA 324 67.87 -67.92 15.02
N VAL CA 325 68.08 -68.04 16.33
CA VAL CA 325 68.47 -69.30 16.96
C VAL CA 325 67.44 -69.64 18.03
N TYR CA 326 66.94 -70.85 18.00
CA TYR CA 326 65.89 -71.29 18.92
C TYR CA 326 66.39 -72.45 19.78
N HIS CA 327 65.56 -72.78 20.78
CA HIS CA 327 65.88 -73.82 21.74
C HIS CA 327 64.58 -74.27 22.39
N TYR CA 328 64.25 -75.56 22.25
CA TYR CA 328 62.98 -76.10 22.72
C TYR CA 328 63.21 -77.37 23.53
N PRO CA 329 63.60 -77.23 24.80
CA PRO CA 329 63.86 -78.42 25.63
C PRO CA 329 62.58 -79.00 26.23
N PHE CA 330 61.79 -79.65 25.38
CA PHE CA 330 60.54 -80.26 25.82
C PHE CA 330 60.35 -81.58 25.08
N SER CA 331 59.56 -82.45 25.68
CA SER CA 331 59.22 -83.73 25.06
C SER CA 331 57.83 -83.66 24.46
N CYS CA 332 57.53 -84.63 23.59
CA CYS CA 332 56.26 -84.64 22.89
C CYS CA 332 55.94 -86.06 22.45
N LYS CA 333 54.68 -86.28 22.11
CA LYS CA 333 54.21 -87.57 21.62
C LYS CA 333 54.11 -87.50 20.11
N ASP CA 334 54.80 -88.42 19.44
CA ASP CA 334 54.89 -88.36 17.98
C ASP CA 334 53.54 -88.64 17.33
N LYS CA 335 53.36 -88.05 16.14
CA LYS CA 335 52.08 -88.18 15.44
C LYS CA 335 51.94 -89.56 14.80
N TRP CA 336 53.01 -90.13 14.28
CA TRP CA 336 52.92 -91.37 13.51
C TRP CA 336 53.18 -92.61 14.36
N THR CA 337 54.35 -92.69 14.99
CA THR CA 337 54.74 -93.91 15.68
C THR CA 337 54.20 -93.99 17.10
N GLN CA 338 53.64 -92.90 17.65
CA GLN CA 338 53.08 -92.88 19.00
C GLN CA 338 54.14 -93.26 20.03
N SER CA 339 55.16 -92.42 20.14
CA SER CA 339 56.26 -92.64 21.08
C SER CA 339 56.70 -91.30 21.66
N ARG CA 340 57.69 -91.36 22.55
CA ARG CA 340 58.22 -90.17 23.20
C ARG CA 340 59.46 -89.71 22.43
N VAL CA 341 59.33 -88.58 21.73
CA VAL CA 341 60.40 -88.04 20.90
C VAL CA 341 60.61 -86.57 21.24
N VAL CA 342 61.79 -86.07 20.90
CA VAL CA 342 62.11 -84.65 21.05
C VAL CA 342 62.74 -84.16 19.76
N PHE CA 343 62.27 -83.01 19.28
CA PHE CA 343 62.89 -82.38 18.12
C PHE CA 343 62.77 -80.87 18.27
N GLY CA 344 63.17 -80.15 17.22
CA GLY CA 344 63.42 -78.73 17.32
C GLY CA 344 62.23 -77.87 17.01
N LEU CA 345 62.52 -76.59 16.74
CA LEU CA 345 61.49 -75.58 16.57
C LEU CA 345 61.62 -74.80 15.27
N SER CA 346 62.53 -75.19 14.37
CA SER CA 346 62.71 -74.46 13.12
C SER CA 346 61.45 -74.48 12.28
N GLY CA 347 60.80 -75.64 12.18
CA GLY CA 347 59.58 -75.72 11.40
C GLY CA 347 58.48 -74.81 11.90
N VAL CA 348 58.28 -74.80 13.22
CA VAL CA 348 57.23 -73.95 13.78
C VAL CA 348 57.59 -72.48 13.64
N ALA CA 349 58.87 -72.13 13.79
CA ALA CA 349 59.27 -70.76 13.57
C ALA CA 349 58.97 -70.32 12.15
N TYR CA 350 59.29 -71.16 11.17
CA TYR CA 350 58.98 -70.78 9.79
C TYR CA 350 57.48 -70.74 9.54
N ALA CA 351 56.72 -71.61 10.18
CA ALA CA 351 55.26 -71.55 10.03
C ALA CA 351 54.73 -70.23 10.57
N ALA CA 352 55.27 -69.77 11.68
CA ALA CA 352 54.88 -68.46 12.21
C ALA CA 352 55.24 -67.35 11.22
N LYS CA 353 56.44 -67.42 10.64
CA LYS CA 353 56.85 -66.39 9.69
C LYS CA 353 55.94 -66.38 8.46
N ALA CA 354 55.56 -67.57 7.98
CA ALA CA 354 54.68 -67.63 6.81
C ALA CA 354 53.29 -67.12 7.13
N ARG CA 355 52.76 -67.47 8.31
CA ARG CA 355 51.48 -66.92 8.73
C ARG CA 355 51.53 -65.40 8.77
N GLY CA 356 52.65 -64.85 9.23
CA GLY CA 356 52.80 -63.40 9.23
C GLY CA 356 52.87 -62.83 7.83
N VAL CA 357 53.60 -63.48 6.94
CA VAL CA 357 53.81 -62.93 5.60
C VAL CA 357 52.58 -63.08 4.72
N LYS CA 358 51.63 -63.94 5.10
CA LYS CA 358 50.41 -64.11 4.31
C LYS CA 358 49.29 -63.17 4.72
N LYS CA 359 49.52 -62.26 5.66
CA LYS CA 359 48.46 -61.36 6.10
C LYS CA 359 48.12 -60.34 5.03
N ASN CA 360 49.10 -59.52 4.65
CA ASN CA 360 48.90 -58.56 3.56
C ASN CA 360 48.97 -59.27 2.22
N SER CA 361 48.13 -58.82 1.29
CA SER CA 361 48.03 -59.46 -0.02
C SER CA 361 48.78 -58.71 -1.12
N ASP CA 362 48.87 -57.38 -1.02
CA ASP CA 362 49.52 -56.61 -2.08
C ASP CA 362 51.03 -56.85 -2.08
N VAL CA 363 51.70 -56.47 -1.00
CA VAL CA 363 53.14 -56.65 -0.88
C VAL CA 363 53.51 -57.71 0.14
N GLY CA 364 52.55 -58.24 0.88
CA GLY CA 364 52.85 -59.23 1.89
C GLY CA 364 53.37 -58.59 3.15
N GLY CA 365 52.90 -59.06 4.31
CA GLY CA 365 53.32 -58.45 5.55
C GLY CA 365 54.61 -59.03 6.08
N TRP CA 366 55.71 -58.33 5.82
CA TRP CA 366 57.00 -58.74 6.35
C TRP CA 366 57.31 -58.12 7.69
N HIS CA 367 56.47 -57.20 8.17
CA HIS CA 367 56.73 -56.49 9.41
C HIS CA 367 56.14 -57.18 10.62
N TYR CA 368 55.50 -58.34 10.46
CA TYR CA 368 54.94 -59.08 11.57
C TYR CA 368 56.02 -59.97 12.18
N SER CA 369 56.25 -59.82 13.47
CA SER CA 369 57.25 -60.64 14.13
C SER CA 369 56.77 -62.09 14.21
N PRO CA 370 57.67 -63.06 14.14
CA PRO CA 370 57.30 -64.48 14.25
C PRO CA 370 57.12 -64.95 15.69
N ALA CA 371 56.29 -64.23 16.44
CA ALA CA 371 56.02 -64.59 17.83
C ALA CA 371 54.68 -63.99 18.22
N GLY CA 372 54.13 -64.49 19.31
CA GLY CA 372 52.88 -64.01 19.84
C GLY CA 372 51.95 -65.14 20.16
N GLU CA 373 50.67 -64.80 20.37
CA GLU CA 373 49.66 -65.78 20.70
C GLU CA 373 48.70 -66.08 19.56
N GLU CA 374 48.75 -65.30 18.49
CA GLU CA 374 47.87 -65.51 17.35
C GLU CA 374 48.61 -65.97 16.09
N ARG CA 375 49.93 -66.06 16.14
CA ARG CA 375 50.69 -66.44 14.95
C ARG CA 375 51.80 -67.45 15.21
N ALA CA 376 52.03 -67.90 16.43
CA ALA CA 376 53.17 -68.76 16.70
C ALA CA 376 52.84 -69.87 17.68
N VAL CA 377 51.57 -70.30 17.72
CA VAL CA 377 51.19 -71.38 18.63
C VAL CA 377 51.88 -72.66 18.19
N ILE CA 378 52.21 -73.50 19.18
CA ILE CA 378 52.91 -74.76 18.94
C ILE CA 378 51.91 -75.89 19.15
N ALA CA 379 51.69 -76.69 18.11
CA ALA CA 379 50.74 -77.79 18.15
C ALA CA 379 51.51 -79.09 18.30
N ARG CA 380 51.43 -79.69 19.49
CA ARG CA 380 52.05 -80.98 19.75
C ARG CA 380 51.05 -81.83 20.53
N ALA CA 381 51.54 -82.95 21.07
CA ALA CA 381 50.69 -83.88 21.80
C ALA CA 381 51.36 -84.21 23.13
N SER CA 382 50.68 -83.88 24.23
CA SER CA 382 51.12 -84.25 25.57
C SER CA 382 52.53 -83.73 25.86
N ILE CA 383 52.67 -82.41 25.75
CA ILE CA 383 53.97 -81.79 26.00
C ILE CA 383 54.33 -81.98 27.47
N GLN CA 384 55.46 -82.62 27.71
CA GLN CA 384 55.93 -82.90 29.06
C GLN CA 384 57.34 -82.35 29.21
N PRO CA 385 57.57 -81.35 30.06
CA PRO CA 385 58.89 -80.71 30.11
C PRO CA 385 59.99 -81.69 30.45
N LEU CA 386 61.16 -81.49 29.84
CA LEU CA 386 62.29 -82.39 30.05
C LEU CA 386 62.93 -82.17 31.41
N TYR CA 387 63.06 -80.91 31.83
CA TYR CA 387 63.71 -80.55 33.09
C TYR CA 387 62.77 -79.67 33.89
N PRO CA 388 61.74 -80.27 34.52
CA PRO CA 388 60.82 -79.45 35.31
C PRO CA 388 61.46 -78.75 36.50
N GLU CA 389 62.59 -79.25 37.00
CA GLU CA 389 63.21 -78.65 38.18
C GLU CA 389 64.02 -77.41 37.87
N ASP CA 390 64.27 -77.11 36.59
CA ASP CA 390 65.08 -75.95 36.23
C ASP CA 390 64.19 -74.75 35.94
N THR CA 391 64.83 -73.63 35.62
CA THR CA 391 64.12 -72.37 35.38
C THR CA 391 64.90 -71.57 34.35
N PRO CA 392 64.21 -70.81 33.50
CA PRO CA 392 64.90 -70.00 32.50
C PRO CA 392 65.67 -68.85 33.14
N ASP CA 393 66.46 -68.19 32.31
CA ASP CA 393 67.41 -67.15 32.71
C ASP CA 393 67.17 -65.87 31.90
N GLU CA 394 65.91 -65.41 31.89
CA GLU CA 394 65.43 -64.41 30.95
C GLU CA 394 66.46 -63.34 30.58
N GLU CA 395 67.08 -62.72 31.58
CA GLU CA 395 68.05 -61.67 31.29
C GLU CA 395 69.26 -62.22 30.54
N ALA CA 396 69.78 -63.36 31.01
CA ALA CA 396 70.91 -63.98 30.33
C ALA CA 396 70.56 -64.39 28.91
N MET CA 397 69.36 -64.94 28.72
CA MET CA 397 68.94 -65.33 27.39
C MET CA 397 68.83 -64.14 26.46
N VAL CA 398 68.26 -63.03 26.94
CA VAL CA 398 68.13 -61.85 26.09
C VAL CA 398 69.50 -61.29 25.75
N LYS CA 399 70.42 -61.30 26.71
CA LYS CA 399 71.77 -60.82 26.41
C LYS CA 399 72.50 -61.75 25.44
N GLY CA 400 72.22 -63.04 25.51
CA GLY CA 400 72.85 -64.02 24.64
C GLY CA 400 72.12 -64.31 23.35
N ARG CA 401 71.03 -63.59 23.07
CA ARG CA 401 70.30 -63.72 21.81
C ARG CA 401 69.79 -65.14 21.61
N LEU CA 402 68.89 -65.55 22.49
CA LEU CA 402 68.29 -66.88 22.44
C LEU CA 402 66.79 -66.74 22.68
N ASN CA 403 65.99 -67.01 21.67
CA ASN CA 403 64.54 -66.94 21.82
C ASN CA 403 64.05 -68.06 22.72
N LYS CA 404 63.06 -67.74 23.56
CA LYS CA 404 62.58 -68.67 24.58
C LYS CA 404 61.10 -68.93 24.39
N VAL CA 405 60.69 -70.15 24.71
CA VAL CA 405 59.29 -70.52 24.69
C VAL CA 405 58.65 -70.15 26.02
N SER CA 406 57.32 -70.15 26.05
CA SER CA 406 56.58 -69.82 27.26
C SER CA 406 55.21 -70.46 27.16
N VAL CA 407 54.35 -70.14 28.12
CA VAL CA 407 52.97 -70.59 28.13
C VAL CA 407 52.08 -69.34 28.08
N GLY CA 408 51.44 -69.12 26.95
CA GLY CA 408 50.56 -67.98 26.78
C GLY CA 408 49.19 -68.25 27.36
N THR CA 409 48.23 -67.42 26.94
CA THR CA 409 46.86 -67.62 27.39
C THR CA 409 46.29 -68.90 26.81
N SER CA 410 45.31 -69.47 27.52
CA SER CA 410 44.60 -70.68 27.17
C SER CA 410 45.46 -71.92 27.38
N GLY CA 411 46.74 -71.73 27.70
CA GLY CA 411 47.61 -72.84 28.05
C GLY CA 411 48.37 -73.50 26.93
N GLN CA 412 48.34 -72.95 25.72
CA GLN CA 412 49.14 -73.48 24.62
C GLN CA 412 50.51 -72.82 24.61
N MET CA 413 51.55 -73.64 24.47
CA MET CA 413 52.91 -73.11 24.38
C MET CA 413 53.05 -72.23 23.16
N ILE CA 414 53.80 -71.13 23.30
CA ILE CA 414 54.03 -70.20 22.20
C ILE CA 414 55.49 -69.81 22.19
N ILE CA 415 55.89 -69.12 21.11
CA ILE CA 415 57.19 -68.50 21.02
C ILE CA 415 57.04 -67.04 21.45
N ASP CA 416 57.91 -66.59 22.34
CA ASP CA 416 57.75 -65.28 22.97
C ASP CA 416 59.00 -64.42 22.82
N ASP CA 417 59.65 -64.48 21.66
CA ASP CA 417 60.75 -63.56 21.39
C ASP CA 417 60.99 -63.50 19.89
N ALA CA 418 61.60 -62.41 19.46
CA ALA CA 418 61.91 -62.18 18.05
C ALA CA 418 63.31 -61.59 17.93
N LEU CA 419 64.26 -62.18 18.63
CA LEU CA 419 65.62 -61.67 18.66
C LEU CA 419 66.51 -62.44 17.69
N THR CA 420 67.30 -61.70 16.93
CA THR CA 420 68.21 -62.28 15.95
C THR CA 420 69.58 -62.53 16.59
N CYS CA 421 70.58 -62.82 15.78
CA CYS CA 421 71.92 -63.10 16.25
C CYS CA 421 72.82 -61.87 16.28
N CYS CA 422 72.29 -60.69 15.94
CA CYS CA 422 73.09 -59.48 16.00
C CYS CA 422 73.43 -59.14 17.44
N THR CA 423 74.69 -58.79 17.68
CA THR CA 423 75.12 -58.44 19.03
C THR CA 423 74.97 -56.95 19.34
N GLN CA 424 75.07 -56.10 18.32
CA GLN CA 424 74.93 -54.67 18.53
C GLN CA 424 73.53 -54.34 19.02
N ASP CA 425 73.44 -53.40 19.96
CA ASP CA 425 72.17 -53.01 20.55
C ASP CA 425 71.59 -51.82 19.79
N ASN CA 426 70.95 -52.13 18.67
CA ASN CA 426 70.28 -51.12 17.85
C ASN CA 426 69.00 -51.75 17.30
N TYR CA 427 68.41 -51.10 16.30
CA TYR CA 427 67.17 -51.62 15.73
C TYR CA 427 67.37 -52.93 14.99
N LEU CA 428 68.62 -53.34 14.74
CA LEU CA 428 68.85 -54.49 13.88
C LEU CA 428 68.70 -55.82 14.59
N HIS CA 429 68.67 -55.85 15.92
CA HIS CA 429 68.58 -57.14 16.59
C HIS CA 429 67.16 -57.66 16.71
N PHE CA 430 66.16 -56.84 16.41
CA PHE CA 430 64.80 -57.36 16.31
C PHE CA 430 64.66 -58.15 15.01
N GLN CA 431 63.61 -58.97 14.94
CA GLN CA 431 63.49 -59.88 13.82
C GLN CA 431 62.86 -59.25 12.59
N HIS CA 432 61.85 -58.40 12.77
CA HIS CA 432 61.09 -57.95 11.60
C HIS CA 432 61.86 -56.92 10.78
N VAL CA 433 62.71 -56.12 11.42
CA VAL CA 433 63.42 -55.07 10.69
C VAL CA 433 64.34 -55.63 9.61
N PRO CA 434 65.23 -56.59 9.89
CA PRO CA 434 66.06 -57.13 8.81
C PRO CA 434 65.25 -57.76 7.69
N SER CA 435 64.14 -58.43 8.02
CA SER CA 435 63.33 -59.07 6.98
C SER CA 435 62.73 -58.02 6.05
N LEU CA 436 62.19 -56.94 6.61
CA LEU CA 436 61.61 -55.89 5.79
C LEU CA 436 62.67 -55.21 4.93
N MET CA 437 63.82 -54.88 5.52
CA MET CA 437 64.88 -54.25 4.75
C MET CA 437 65.39 -55.17 3.65
N ASN CA 438 65.47 -56.47 3.91
CA ASN CA 438 65.93 -57.40 2.90
C ASN CA 438 64.91 -57.54 1.77
N ALA CA 439 63.62 -57.50 2.08
CA ALA CA 439 62.63 -57.51 1.02
C ALA CA 439 62.79 -56.29 0.11
N ILE CA 440 62.96 -55.12 0.71
CA ILE CA 440 63.15 -53.92 -0.09
C ILE CA 440 64.41 -54.04 -0.93
N SER CA 441 65.50 -54.55 -0.35
CA SER CA 441 66.75 -54.68 -1.08
C SER CA 441 66.63 -55.65 -2.26
N ARG CA 442 65.93 -56.77 -2.07
CA ARG CA 442 65.75 -57.72 -3.16
C ARG CA 442 64.95 -57.08 -4.30
N PHE CA 443 63.89 -56.34 -3.96
CA PHE CA 443 63.17 -55.64 -5.02
C PHE CA 443 64.06 -54.64 -5.74
N PHE CA 444 64.91 -53.93 -5.01
CA PHE CA 444 65.81 -52.98 -5.66
C PHE CA 444 66.77 -53.68 -6.59
N VAL CA 445 67.31 -54.82 -6.18
CA VAL CA 445 68.23 -55.54 -7.04
C VAL CA 445 67.54 -55.94 -8.33
N GLN CA 446 66.31 -56.44 -8.23
CA GLN CA 446 65.56 -56.79 -9.43
C GLN CA 446 65.39 -55.57 -10.35
N LEU CA 447 64.97 -54.44 -9.78
CA LEU CA 447 64.71 -53.26 -10.59
C LEU CA 447 65.98 -52.75 -11.27
N ALA CA 448 67.07 -52.67 -10.52
CA ALA CA 448 68.31 -52.15 -11.10
C ALA CA 448 68.88 -53.10 -12.14
N ARG CA 449 68.77 -54.41 -11.90
CA ARG CA 449 69.22 -55.36 -12.92
C ARG CA 449 68.43 -55.19 -14.20
N GLN CA 450 67.12 -54.96 -14.09
CA GLN CA 450 66.33 -54.72 -15.29
C GLN CA 450 66.71 -53.41 -15.97
N MET CA 451 67.08 -52.40 -15.18
CA MET CA 451 67.25 -51.04 -15.70
C MET CA 451 68.70 -50.70 -16.01
N LYS CA 452 69.62 -51.64 -15.88
CA LYS CA 452 71.01 -51.38 -16.17
C LYS CA 452 71.23 -51.08 -17.65
N HIS CA 453 72.29 -50.32 -17.93
CA HIS CA 453 72.78 -50.02 -19.28
C HIS CA 453 71.87 -49.10 -20.07
N SER CA 454 71.14 -48.22 -19.41
CA SER CA 454 70.29 -47.26 -20.10
C SER CA 454 70.86 -45.85 -19.95
N PRO CA 455 70.52 -44.94 -20.87
CA PRO CA 455 70.98 -43.56 -20.72
C PRO CA 455 70.39 -42.91 -19.48
N ASP CA 456 71.07 -41.85 -19.02
CA ASP CA 456 70.72 -41.26 -17.73
C ASP CA 456 69.31 -40.69 -17.73
N GLY CA 457 68.87 -40.14 -18.87
CA GLY CA 457 67.55 -39.54 -18.93
C GLY CA 457 66.46 -40.52 -18.60
N ILE CA 458 66.52 -41.72 -19.19
CA ILE CA 458 65.55 -42.76 -18.85
C ILE CA 458 65.83 -43.30 -17.45
N THR CA 459 67.10 -43.46 -17.10
CA THR CA 459 67.47 -44.18 -15.88
C THR CA 459 66.99 -43.44 -14.64
N ALA CA 460 67.24 -42.13 -14.56
CA ALA CA 460 66.87 -41.38 -13.36
C ALA CA 460 65.36 -41.43 -13.13
N ALA CA 461 64.59 -41.14 -14.17
CA ALA CA 461 63.13 -41.13 -14.03
C ALA CA 461 62.61 -42.52 -13.68
N GLY CA 462 63.14 -43.56 -14.33
CA GLY CA 462 62.67 -44.91 -14.05
C GLY CA 462 62.97 -45.34 -12.63
N LEU CA 463 64.20 -45.11 -12.17
CA LEU CA 463 64.56 -45.48 -10.80
C LEU CA 463 63.70 -44.74 -9.80
N THR CA 464 63.54 -43.43 -9.98
CA THR CA 464 62.75 -42.66 -9.04
C THR CA 464 61.31 -43.15 -9.01
N LYS CA 465 60.71 -43.39 -10.18
CA LYS CA 465 59.33 -43.82 -10.22
C LYS CA 465 59.15 -45.19 -9.56
N GLY CA 466 60.03 -46.14 -9.89
CA GLY CA 466 59.89 -47.46 -9.30
C GLY CA 466 60.05 -47.47 -7.79
N MET CA 467 61.10 -46.80 -7.30
CA MET CA 467 61.31 -46.77 -5.86
C MET CA 467 60.20 -46.02 -5.13
N THR CA 468 59.74 -44.89 -5.68
CA THR CA 468 58.66 -44.17 -5.05
C THR CA 468 57.41 -45.02 -4.98
N LYS CA 469 57.08 -45.72 -6.06
CA LYS CA 469 55.89 -46.57 -6.04
C LYS CA 469 56.02 -47.68 -5.01
N LEU CA 470 57.17 -48.35 -4.96
CA LEU CA 470 57.33 -49.45 -4.01
C LEU CA 470 57.23 -48.97 -2.58
N LEU CA 471 57.92 -47.87 -2.25
CA LEU CA 471 57.89 -47.40 -0.87
C LEU CA 471 56.51 -46.87 -0.50
N ASP CA 472 55.79 -46.27 -1.45
CA ASP CA 472 54.42 -45.86 -1.16
C ASP CA 472 53.55 -47.06 -0.89
N ARG CA 473 53.74 -48.16 -1.65
CA ARG CA 473 53.00 -49.37 -1.37
C ARG CA 473 53.28 -49.88 0.03
N PHE CA 474 54.55 -49.87 0.45
CA PHE CA 474 54.89 -50.34 1.79
C PHE CA 474 54.27 -49.45 2.86
N VAL CA 475 54.33 -48.13 2.69
CA VAL CA 475 53.75 -47.23 3.68
C VAL CA 475 52.25 -47.44 3.78
N ALA CA 476 51.57 -47.59 2.65
CA ALA CA 476 50.14 -47.87 2.69
C ALA CA 476 49.86 -49.21 3.36
N SER CA 477 50.75 -50.18 3.17
CA SER CA 477 50.61 -51.45 3.89
C SER CA 477 50.70 -51.24 5.39
N GLY CA 478 51.62 -50.38 5.83
CA GLY CA 478 51.76 -50.07 7.24
C GLY CA 478 53.06 -50.50 7.88
N ALA CA 479 54.07 -50.86 7.09
CA ALA CA 479 55.35 -51.28 7.65
C ALA CA 479 56.27 -50.12 7.97
N LEU CA 480 55.96 -48.91 7.53
CA LEU CA 480 56.74 -47.73 7.83
C LEU CA 480 55.83 -46.67 8.44
N VAL CA 481 56.32 -45.99 9.48
CA VAL CA 481 55.56 -44.98 10.19
C VAL CA 481 56.40 -43.70 10.27
N ALA CA 482 55.77 -42.64 10.75
CA ALA CA 482 56.45 -41.36 10.87
C ALA CA 482 57.61 -41.47 11.86
N PRO CA 483 58.65 -40.67 11.68
CA PRO CA 483 59.83 -40.79 12.56
C PRO CA 483 59.47 -40.47 14.00
N ARG CA 484 60.25 -41.05 14.93
CA ARG CA 484 59.97 -40.88 16.34
C ARG CA 484 60.08 -39.43 16.77
N ASP CA 485 61.11 -38.72 16.29
CA ASP CA 485 61.31 -37.32 16.65
C ASP CA 485 61.13 -36.45 15.42
N PRO CA 486 59.96 -35.87 15.20
CA PRO CA 486 59.69 -35.08 13.99
C PRO CA 486 60.19 -33.64 14.10
N ASP CA 487 61.42 -33.49 14.58
CA ASP CA 487 62.06 -32.18 14.69
C ASP CA 487 63.33 -32.08 13.87
N ALA CA 488 64.17 -33.12 13.88
CA ALA CA 488 65.42 -33.13 13.15
C ALA CA 488 65.31 -33.86 11.82
N ASP CA 489 64.90 -35.13 11.86
CA ASP CA 489 64.83 -35.95 10.66
C ASP CA 489 63.44 -35.91 10.01
N GLY CA 490 62.96 -34.70 9.73
CA GLY CA 490 61.74 -34.48 8.99
C GLY CA 490 60.53 -35.18 9.58
N THR CA 491 59.52 -35.36 8.73
CA THR CA 491 58.30 -36.04 9.14
C THR CA 491 57.78 -36.99 8.07
N GLU CA 492 58.64 -37.46 7.16
CA GLU CA 492 58.17 -38.41 6.17
C GLU CA 492 58.67 -39.81 6.50
N PRO CA 493 57.86 -40.85 6.25
CA PRO CA 493 58.30 -42.20 6.58
C PRO CA 493 59.58 -42.62 5.88
N TYR CA 494 59.75 -42.20 4.63
CA TYR CA 494 60.90 -42.57 3.83
C TYR CA 494 61.44 -41.35 3.10
N VAL CA 495 62.76 -41.32 2.93
CA VAL CA 495 63.46 -40.29 2.18
C VAL CA 495 64.28 -40.96 1.10
N LEU CA 496 64.09 -40.52 -0.14
CA LEU CA 496 64.72 -41.11 -1.30
C LEU CA 496 65.68 -40.12 -1.95
N LYS CA 497 66.81 -40.62 -2.45
CA LYS CA 497 67.77 -39.76 -3.11
C LYS CA 497 68.49 -40.57 -4.17
N VAL CA 498 68.24 -40.24 -5.44
CA VAL CA 498 68.91 -40.87 -6.57
C VAL CA 498 69.86 -39.84 -7.16
N THR CA 499 71.14 -40.21 -7.26
CA THR CA 499 72.16 -39.25 -7.66
C THR CA 499 73.15 -39.91 -8.59
N GLN CA 500 73.95 -39.07 -9.24
CA GLN CA 500 75.01 -39.51 -10.13
C GLN CA 500 76.35 -39.13 -9.52
N ALA CA 501 77.25 -40.10 -9.38
CA ALA CA 501 78.54 -39.86 -8.76
C ALA CA 501 79.63 -39.58 -9.79
N GLU CA 502 79.61 -40.26 -10.92
CA GLU CA 502 80.51 -40.00 -12.05
C GLU CA 502 79.76 -40.34 -13.32
N PHE CA 503 80.49 -40.59 -14.41
CA PHE CA 503 79.85 -40.92 -15.66
C PHE CA 503 78.85 -42.07 -15.49
N ASP CA 504 79.23 -43.11 -14.76
CA ASP CA 504 78.29 -44.21 -14.50
C ASP CA 504 78.52 -44.72 -13.07
N LYS CA 505 77.83 -44.11 -12.12
CA LYS CA 505 77.85 -44.61 -10.74
C LYS CA 505 76.52 -44.36 -10.06
N TRP CA 506 75.42 -44.48 -10.81
CA TRP CA 506 74.10 -44.14 -10.29
C TRP CA 506 73.87 -44.72 -8.89
N GLU CA 507 73.74 -43.85 -7.90
CA GLU CA 507 73.69 -44.23 -6.50
C GLU CA 507 72.32 -43.91 -5.94
N VAL CA 508 71.68 -44.90 -5.32
CA VAL CA 508 70.35 -44.76 -4.74
C VAL CA 508 70.48 -44.93 -3.24
N VAL CA 509 70.00 -43.94 -2.49
CA VAL CA 509 70.02 -43.99 -1.03
C VAL CA 509 68.59 -43.77 -0.54
N TRP CA 510 68.05 -44.76 0.18
CA TRP CA 510 66.72 -44.66 0.74
C TRP CA 510 66.80 -44.90 2.24
N ALA CA 511 66.15 -44.04 3.00
CA ALA CA 511 66.10 -44.13 4.45
C ALA CA 511 64.66 -44.30 4.87
N CYS CA 512 64.38 -45.34 5.67
CA CYS CA 512 63.03 -45.67 6.08
C CYS CA 512 62.92 -45.73 7.59
N CYS CA 513 61.74 -45.41 8.11
CA CYS CA 513 61.52 -45.56 9.55
C CYS CA 513 60.64 -46.78 9.79
N PRO CA 514 61.18 -47.87 10.31
CA PRO CA 514 60.38 -49.09 10.47
C PRO CA 514 59.43 -49.00 11.66
N THR CA 515 58.43 -49.87 11.64
CA THR CA 515 57.44 -49.90 12.70
C THR CA 515 58.06 -50.38 14.00
N GLY CA 516 57.37 -50.10 15.11
CA GLY CA 516 57.81 -50.50 16.41
C GLY CA 516 57.00 -51.67 16.93
N VAL CA 517 57.68 -52.79 17.16
CA VAL CA 517 57.03 -53.93 17.79
C VAL CA 517 56.63 -53.57 19.21
N ALA CA 518 55.69 -54.31 19.76
CA ALA CA 518 55.20 -54.10 21.12
C ALA CA 518 55.61 -55.30 21.96
N ARG CA 519 56.82 -55.26 22.51
CA ARG CA 519 57.36 -56.36 23.29
C ARG CA 519 57.15 -56.19 24.78
N ARG CA 520 57.33 -54.98 25.30
CA ARG CA 520 57.15 -54.70 26.72
C ARG CA 520 56.02 -53.69 26.88
N ILE CA 521 55.03 -54.03 27.68
CA ILE CA 521 53.89 -53.17 27.95
C ILE CA 521 53.80 -52.95 29.45
N GLN CA 522 53.74 -51.68 29.85
CA GLN CA 522 53.72 -51.31 31.26
C GLN CA 522 52.53 -50.41 31.54
N GLY CA 523 51.81 -50.69 32.62
CA GLY CA 523 50.68 -49.88 33.04
C GLY CA 523 50.96 -49.24 34.37
N VAL CA 524 50.64 -47.95 34.48
CA VAL CA 524 50.87 -47.17 35.69
C VAL CA 524 49.54 -46.57 36.13
N PRO CA 525 48.84 -47.22 37.05
CA PRO CA 525 47.58 -46.66 37.54
C PRO CA 525 47.84 -45.42 38.39
N LEU CA 526 46.85 -44.54 38.44
CA LEU CA 526 46.95 -43.30 39.18
C LEU CA 526 45.62 -43.03 39.89
N LEU CA 527 45.69 -42.15 40.89
CA LEU CA 527 44.50 -41.68 41.58
C LEU CA 527 44.46 -40.17 41.52
N ILE CA 528 43.26 -39.62 41.31
CA ILE CA 528 43.06 -38.19 41.14
C ILE CA 528 42.37 -37.65 42.38
N LYS CA 529 42.96 -36.61 42.97
CA LYS CA 529 42.38 -35.96 44.14
C LYS CA 529 41.07 -35.29 43.79
N SER DA 2 54.07 -68.45 39.63
CA SER DA 2 53.34 -69.32 38.71
C SER DA 2 52.58 -68.49 37.68
N GLN DA 3 51.50 -69.05 37.16
CA GLN DA 3 50.64 -68.31 36.26
C GLN DA 3 49.74 -67.37 37.05
N TYR DA 4 49.06 -66.49 36.32
CA TYR DA 4 48.18 -65.45 36.87
C TYR DA 4 48.91 -64.45 37.75
N SER DA 5 50.21 -64.63 37.97
CA SER DA 5 50.97 -63.68 38.75
C SER DA 5 51.25 -62.42 37.96
N ILE DA 6 51.42 -61.31 38.67
CA ILE DA 6 51.67 -60.01 38.04
C ILE DA 6 52.97 -59.47 38.58
N GLN DA 7 53.90 -59.14 37.69
CA GLN DA 7 55.15 -58.55 38.10
C GLN DA 7 55.04 -57.02 38.11
N GLN DA 8 56.12 -56.36 38.54
CA GLN DA 8 56.12 -54.91 38.67
C GLN DA 8 57.33 -54.23 38.05
N SER DA 9 58.43 -54.94 37.81
CA SER DA 9 59.65 -54.30 37.33
C SER DA 9 59.68 -54.22 35.81
N LEU DA 10 59.67 -55.38 35.14
CA LEU DA 10 59.68 -55.46 33.68
C LEU DA 10 60.92 -54.75 33.11
N GLY DA 11 62.07 -55.35 33.39
CA GLY DA 11 63.33 -54.82 32.90
C GLY DA 11 63.98 -55.63 31.81
N ASN DA 12 63.97 -55.10 30.58
CA ASN DA 12 64.73 -55.67 29.46
C ASN DA 12 64.33 -57.11 29.16
N ALA DA 13 63.04 -57.41 29.27
CA ALA DA 13 62.54 -58.74 28.95
C ALA DA 13 61.08 -58.63 28.55
N SER DA 14 60.66 -59.48 27.63
CA SER DA 14 59.28 -59.46 27.19
C SER DA 14 58.34 -59.80 28.34
N GLY DA 15 57.20 -59.11 28.39
CA GLY DA 15 56.22 -59.38 29.42
C GLY DA 15 55.31 -58.18 29.60
N VAL DA 16 54.46 -58.28 30.62
CA VAL DA 16 53.53 -57.22 30.99
C VAL DA 16 53.57 -57.05 32.50
N ALA DA 17 53.52 -55.81 32.95
CA ALA DA 17 53.60 -55.52 34.38
C ALA DA 17 52.84 -54.25 34.68
N VAL DA 18 52.26 -54.20 35.88
CA VAL DA 18 51.54 -53.01 36.36
C VAL DA 18 52.23 -52.49 37.61
N SER DA 19 52.46 -51.20 37.64
CA SER DA 19 53.13 -50.59 38.77
C SER DA 19 52.16 -50.48 39.96
N PRO DA 20 52.69 -50.49 41.19
CA PRO DA 20 51.81 -50.32 42.34
C PRO DA 20 51.16 -48.95 42.32
N ILE DA 21 49.96 -48.88 42.91
CA ILE DA 21 49.15 -47.67 42.83
C ILE DA 21 49.90 -46.51 43.46
N ASN DA 22 49.82 -45.34 42.82
CA ASN DA 22 50.60 -44.19 43.29
C ASN DA 22 49.97 -43.58 44.54
N ALA DA 23 48.77 -43.02 44.39
CA ALA DA 23 48.00 -42.47 45.51
C ALA DA 23 48.83 -41.53 46.37
N ASP DA 24 49.57 -40.63 45.71
CA ASP DA 24 50.36 -39.64 46.42
C ASP DA 24 49.85 -38.21 46.26
N ALA DA 25 49.02 -37.96 45.25
CA ALA DA 25 48.40 -36.65 45.07
C ALA DA 25 47.10 -36.52 45.85
N THR DA 26 46.71 -37.56 46.60
CA THR DA 26 45.47 -37.57 47.35
C THR DA 26 45.72 -37.79 48.83
N LEU DA 27 46.84 -37.28 49.34
CA LEU DA 27 47.19 -37.49 50.74
C LEU DA 27 46.45 -36.51 51.63
N SER DA 28 45.58 -37.04 52.48
CA SER DA 28 44.84 -36.26 53.46
C SER DA 28 45.55 -36.36 54.81
N THR DA 29 44.91 -35.82 55.84
CA THR DA 29 45.44 -35.90 57.19
C THR DA 29 44.27 -36.02 58.16
N GLY DA 30 44.27 -37.11 58.93
CA GLY DA 30 43.21 -37.32 59.90
C GLY DA 30 43.62 -36.95 61.31
N VAL DA 31 43.20 -35.76 61.77
CA VAL DA 31 43.53 -35.31 63.11
C VAL DA 31 42.29 -35.12 63.97
N ALA DA 32 41.12 -34.85 63.39
CA ALA DA 32 39.88 -34.64 64.12
C ALA DA 32 40.04 -33.52 65.15
N LEU DA 33 40.22 -32.32 64.61
CA LEU DA 33 40.48 -31.15 65.45
C LEU DA 33 39.31 -30.87 66.40
N ASN DA 34 38.09 -31.19 65.99
CA ASN DA 34 36.92 -30.88 66.81
C ASN DA 34 36.69 -31.90 67.93
N SER DA 35 37.75 -32.23 68.65
CA SER DA 35 37.66 -33.19 69.75
C SER DA 35 38.52 -32.69 70.90
N SER DA 36 37.97 -32.72 72.11
CA SER DA 36 38.65 -32.21 73.29
C SER DA 36 38.50 -33.18 74.44
N LEU DA 37 39.60 -33.45 75.15
CA LEU DA 37 39.59 -34.29 76.34
C LEU DA 37 40.38 -33.58 77.43
N TRP DA 38 40.02 -33.85 78.68
CA TRP DA 38 40.61 -33.19 79.83
C TRP DA 38 41.40 -34.18 80.67
N ALA DA 39 42.57 -33.77 81.12
CA ALA DA 39 43.44 -34.61 81.94
C ALA DA 39 43.74 -33.92 83.25
N GLY DA 40 43.69 -34.67 84.34
CA GLY DA 40 43.94 -34.08 85.64
C GLY DA 40 44.39 -35.08 86.67
N ILE DA 41 44.96 -34.57 87.74
CA ILE DA 41 45.36 -35.39 88.87
C ILE DA 41 44.42 -35.09 90.02
N GLY DA 42 44.39 -36.00 91.00
CA GLY DA 42 43.50 -35.79 92.12
C GLY DA 42 43.68 -36.86 93.17
N VAL DA 43 42.87 -36.74 94.22
CA VAL DA 43 42.84 -37.69 95.33
C VAL DA 43 41.42 -38.22 95.44
N PHE DA 44 41.28 -39.55 95.37
CA PHE DA 44 39.95 -40.15 95.34
C PHE DA 44 39.85 -41.29 96.33
N ALA DA 45 38.78 -42.07 96.25
CA ALA DA 45 38.55 -43.18 97.15
C ALA DA 45 38.94 -44.53 96.54
N ARG DA 46 38.67 -44.73 95.26
CA ARG DA 46 38.96 -46.00 94.59
C ARG DA 46 39.63 -45.74 93.26
N GLY DA 47 40.60 -46.56 92.92
CA GLY DA 47 41.34 -46.44 91.68
C GLY DA 47 42.77 -46.91 91.86
N LYS DA 48 43.40 -47.25 90.74
CA LYS DA 48 44.77 -47.72 90.77
C LYS DA 48 45.72 -46.53 90.90
N PRO DA 49 46.54 -46.46 91.94
CA PRO DA 49 47.38 -45.28 92.13
C PRO DA 49 48.48 -45.18 91.08
N PHE DA 50 48.80 -43.93 90.73
CA PHE DA 50 49.91 -43.61 89.82
C PHE DA 50 49.76 -44.31 88.47
N THR DA 51 48.52 -44.44 88.01
CA THR DA 51 48.26 -45.05 86.71
C THR DA 51 47.14 -44.28 86.03
N VAL DA 52 47.36 -43.92 84.77
CA VAL DA 52 46.38 -43.13 84.03
C VAL DA 52 45.08 -43.91 83.91
N LEU DA 53 43.96 -43.25 84.19
CA LEU DA 53 42.66 -43.87 84.11
C LEU DA 53 41.90 -43.27 82.93
N ALA DA 54 40.63 -43.68 82.80
CA ALA DA 54 39.75 -43.14 81.78
C ALA DA 54 38.35 -43.09 82.35
N VAL DA 55 37.77 -41.89 82.40
CA VAL DA 55 36.44 -41.68 82.98
C VAL DA 55 35.51 -41.15 81.90
N THR DA 56 34.36 -41.78 81.76
CA THR DA 56 33.30 -41.35 80.87
C THR DA 56 32.08 -40.96 81.71
N GLU DA 57 31.00 -40.60 81.04
CA GLU DA 57 29.79 -40.17 81.73
C GLU DA 57 29.05 -41.33 82.39
N SER DA 58 29.44 -42.58 82.12
CA SER DA 58 28.66 -43.71 82.58
C SER DA 58 29.41 -44.68 83.49
N ASN DA 59 30.67 -44.40 83.83
CA ASN DA 59 31.41 -45.31 84.69
C ASN DA 59 32.20 -44.65 85.81
N TYR DA 60 32.27 -43.32 85.87
CA TYR DA 60 33.12 -42.66 86.85
C TYR DA 60 32.73 -43.07 88.27
N GLU DA 61 31.44 -43.27 88.52
CA GLU DA 61 30.98 -43.62 89.86
C GLU DA 61 31.63 -44.89 90.37
N ASP DA 62 31.82 -45.88 89.49
CA ASP DA 62 32.40 -47.14 89.93
C ASP DA 62 33.90 -47.23 89.73
N VAL DA 63 34.45 -46.63 88.67
CA VAL DA 63 35.91 -46.70 88.49
C VAL DA 63 36.61 -45.85 89.54
N LEU DA 64 36.07 -44.67 89.85
CA LEU DA 64 36.68 -43.79 90.84
C LEU DA 64 36.02 -43.89 92.21
N GLY DA 65 35.06 -44.79 92.37
CA GLY DA 65 34.45 -45.01 93.67
C GLY DA 65 33.38 -43.98 94.01
N GLU DA 66 32.69 -44.25 95.10
CA GLU DA 66 31.62 -43.35 95.54
C GLU DA 66 32.20 -42.03 96.02
N PRO DA 67 31.44 -40.94 95.93
CA PRO DA 67 31.97 -39.64 96.37
C PRO DA 67 32.29 -39.64 97.85
N LEU DA 68 33.31 -38.87 98.20
CA LEU DA 68 33.77 -38.77 99.59
C LEU DA 68 32.82 -37.88 100.38
N LYS DA 69 33.20 -37.55 101.61
CA LYS DA 69 32.38 -36.74 102.49
C LYS DA 69 33.11 -35.46 102.84
N PRO DA 70 32.44 -34.30 102.75
CA PRO DA 70 33.12 -33.03 103.09
C PRO DA 70 33.63 -32.97 104.51
N SER DA 71 32.91 -33.59 105.46
CA SER DA 71 33.34 -33.57 106.85
C SER DA 71 34.64 -34.33 107.07
N SER DA 72 35.01 -35.22 106.15
CA SER DA 72 36.26 -35.97 106.30
C SER DA 72 37.47 -35.04 106.26
N GLY DA 73 37.46 -34.05 105.36
CA GLY DA 73 38.57 -33.14 105.24
C GLY DA 73 38.52 -32.34 103.95
N SER DA 74 39.66 -32.19 103.29
CA SER DA 74 39.76 -31.43 102.05
C SER DA 74 39.83 -32.34 100.83
N GLN DA 75 39.52 -33.61 100.97
CA GLN DA 75 39.60 -34.56 99.87
C GLN DA 75 38.32 -34.64 99.04
N PHE DA 76 37.32 -33.84 99.36
CA PHE DA 76 36.03 -33.90 98.67
C PHE DA 76 36.00 -33.04 97.41
N GLU DA 77 37.07 -32.34 97.09
CA GLU DA 77 37.08 -31.40 95.97
C GLU DA 77 37.17 -32.09 94.61
N PRO DA 78 38.17 -32.96 94.37
CA PRO DA 78 38.38 -33.46 93.02
C PRO DA 78 37.20 -34.24 92.46
N ILE DA 79 36.46 -34.96 93.30
CA ILE DA 79 35.31 -35.70 92.79
C ILE DA 79 34.26 -34.75 92.25
N ARG DA 80 34.00 -33.65 92.96
CA ARG DA 80 33.04 -32.67 92.48
C ARG DA 80 33.53 -31.98 91.22
N HIS DA 81 34.84 -31.68 91.15
CA HIS DA 81 35.37 -31.09 89.93
C HIS DA 81 35.19 -32.03 88.75
N VAL DA 82 35.46 -33.33 88.95
CA VAL DA 82 35.28 -34.32 87.91
C VAL DA 82 33.81 -34.38 87.49
N TYR DA 83 32.90 -34.36 88.46
CA TYR DA 83 31.49 -34.44 88.14
C TYR DA 83 31.03 -33.25 87.32
N GLU DA 84 31.54 -32.06 87.64
CA GLU DA 84 31.17 -30.88 86.88
C GLU DA 84 31.84 -30.82 85.51
N ALA DA 85 33.01 -31.45 85.34
CA ALA DA 85 33.69 -31.39 84.06
C ALA DA 85 33.30 -32.51 83.11
N ILE DA 86 32.85 -33.65 83.63
CA ILE DA 86 32.44 -34.78 82.79
C ILE DA 86 31.25 -34.43 81.92
N GLN DA 87 30.42 -33.48 82.36
CA GLN DA 87 29.15 -33.14 81.73
C GLN DA 87 29.24 -33.08 80.21
N GLN DA 88 30.43 -32.72 79.70
CA GLN DA 88 30.61 -32.53 78.27
C GLN DA 88 31.36 -33.69 77.62
N THR DA 89 32.56 -34.02 78.10
CA THR DA 89 33.42 -34.99 77.43
C THR DA 89 34.11 -35.86 78.47
N SER DA 90 34.56 -37.03 78.01
CA SER DA 90 35.30 -37.95 78.85
C SER DA 90 36.73 -37.43 79.05
N GLY DA 91 37.47 -38.10 79.94
CA GLY DA 91 38.79 -37.60 80.26
C GLY DA 91 39.66 -38.63 80.95
N TYR DA 92 40.83 -38.17 81.36
CA TYR DA 92 41.84 -39.01 82.00
C TYR DA 92 42.26 -38.42 83.33
N VAL DA 93 42.31 -39.25 84.36
CA VAL DA 93 42.66 -38.81 85.70
C VAL DA 93 43.80 -39.67 86.23
N VAL DA 94 44.52 -39.11 87.19
CA VAL DA 94 45.61 -39.81 87.87
C VAL DA 94 45.39 -39.67 89.37
N ARG DA 95 45.27 -40.79 90.08
CA ARG DA 95 45.04 -40.77 91.51
C ARG DA 95 46.37 -40.82 92.24
N ALA DA 96 46.55 -39.93 93.22
CA ALA DA 96 47.73 -39.90 94.06
C ALA DA 96 47.35 -40.25 95.49
N VAL DA 97 48.09 -41.18 96.08
CA VAL DA 97 47.75 -41.71 97.41
C VAL DA 97 48.81 -41.29 98.42
N PRO DA 98 48.49 -41.22 99.71
CA PRO DA 98 49.52 -40.91 100.71
C PRO DA 98 50.54 -42.02 100.85
N ASP DA 99 51.48 -41.86 101.78
CA ASP DA 99 52.58 -42.81 101.88
C ASP DA 99 52.13 -44.13 102.48
N ASP DA 100 51.31 -44.10 103.52
CA ASP DA 100 51.00 -45.29 104.30
C ASP DA 100 49.80 -46.06 103.79
N ALA DA 101 49.36 -45.82 102.56
CA ALA DA 101 48.25 -46.58 102.01
C ALA DA 101 48.69 -48.01 101.70
N LYS DA 102 47.89 -48.98 102.14
CA LYS DA 102 48.24 -50.38 101.99
C LYS DA 102 47.08 -51.15 101.37
N PHE DA 103 47.43 -52.15 100.56
CA PHE DA 103 46.47 -53.02 99.91
C PHE DA 103 46.61 -54.45 100.44
N PRO DA 104 45.53 -55.22 100.44
CA PRO DA 104 45.57 -56.56 101.03
C PRO DA 104 46.26 -57.56 100.12
N ILE DA 105 46.70 -58.66 100.74
CA ILE DA 105 47.41 -59.75 100.05
C ILE DA 105 47.04 -61.05 100.75
N ILE DA 106 46.72 -62.08 99.96
CA ILE DA 106 46.45 -63.42 100.47
C ILE DA 106 47.50 -64.35 99.89
N MET DA 107 48.28 -64.99 100.76
CA MET DA 107 49.34 -65.89 100.36
C MET DA 107 48.95 -67.32 100.74
N PHE DA 108 49.13 -68.25 99.80
CA PHE DA 108 48.81 -69.64 100.04
C PHE DA 108 50.06 -70.44 100.35
N ASP DA 109 49.90 -71.76 100.45
CA ASP DA 109 51.01 -72.65 100.74
C ASP DA 109 50.75 -73.98 100.03
N GLU DA 110 51.64 -74.94 100.24
CA GLU DA 110 51.50 -76.24 99.59
C GLU DA 110 50.24 -76.95 100.04
N SER DA 111 49.98 -76.97 101.35
CA SER DA 111 48.79 -77.64 101.86
C SER DA 111 47.53 -76.92 101.42
N GLY DA 112 47.56 -75.59 101.39
CA GLY DA 112 46.40 -74.80 101.00
C GLY DA 112 45.85 -73.89 102.08
N GLU DA 113 46.46 -73.84 103.27
CA GLU DA 113 45.97 -72.97 104.33
C GLU DA 113 46.36 -71.53 104.04
N PRO DA 114 45.41 -70.62 103.87
CA PRO DA 114 45.75 -69.25 103.49
C PRO DA 114 46.28 -68.43 104.65
N ALA DA 115 46.97 -67.36 104.31
CA ALA DA 115 47.42 -66.36 105.27
C ALA DA 115 47.20 -64.98 104.66
N TYR DA 116 47.01 -63.99 105.52
CA TYR DA 116 46.68 -62.65 105.09
C TYR DA 116 47.78 -61.67 105.49
N SER DA 117 47.90 -60.59 104.73
CA SER DA 117 48.82 -59.51 105.05
C SER DA 117 48.41 -58.27 104.27
N ALA DA 118 49.16 -57.19 104.48
CA ALA DA 118 48.93 -55.95 103.75
C ALA DA 118 50.27 -55.34 103.37
N LEU DA 119 50.34 -54.73 102.18
CA LEU DA 119 51.58 -54.15 101.70
C LEU DA 119 51.33 -52.74 101.19
N PRO DA 120 52.29 -51.83 101.38
CA PRO DA 120 52.12 -50.47 100.85
C PRO DA 120 52.10 -50.46 99.34
N TYR DA 121 51.41 -49.46 98.79
CA TYR DA 121 51.23 -49.36 97.35
C TYR DA 121 52.55 -49.13 96.64
N GLY DA 122 52.65 -49.64 95.41
CA GLY DA 122 53.84 -49.47 94.61
C GLY DA 122 54.98 -50.39 94.96
N SER DA 123 54.74 -51.43 95.75
CA SER DA 123 55.79 -52.35 96.16
C SER DA 123 55.44 -53.76 95.70
N GLU DA 124 56.45 -54.47 95.20
CA GLU DA 124 56.27 -55.86 94.79
C GLU DA 124 56.28 -56.76 96.02
N ILE DA 125 56.09 -58.06 95.79
CA ILE DA 125 55.89 -59.02 96.86
C ILE DA 125 57.04 -60.01 96.84
N GLU DA 126 57.60 -60.28 98.02
CA GLU DA 126 58.58 -61.34 98.19
C GLU DA 126 57.90 -62.54 98.84
N LEU DA 127 58.11 -63.71 98.28
CA LEU DA 127 57.44 -64.92 98.74
C LEU DA 127 58.33 -65.67 99.72
N ASP DA 128 57.75 -66.10 100.83
CA ASP DA 128 58.49 -66.91 101.79
C ASP DA 128 58.70 -68.32 101.23
N SER DA 129 59.49 -69.11 101.95
CA SER DA 129 59.81 -70.45 101.49
C SER DA 129 58.57 -71.31 101.34
N GLY DA 130 57.65 -71.24 102.31
CA GLY DA 130 56.45 -72.05 102.28
C GLY DA 130 55.32 -71.51 101.44
N GLU DA 131 55.48 -70.33 100.85
CA GLU DA 131 54.40 -69.71 100.08
C GLU DA 131 54.44 -70.19 98.64
N ALA DA 132 53.29 -70.63 98.15
CA ALA DA 132 53.18 -71.11 96.77
C ALA DA 132 52.80 -69.98 95.82
N PHE DA 133 51.75 -69.25 96.13
CA PHE DA 133 51.33 -68.15 95.27
C PHE DA 133 50.51 -67.15 96.09
N ALA DA 134 50.52 -65.91 95.64
CA ALA DA 134 49.86 -64.81 96.32
C ALA DA 134 48.92 -64.10 95.37
N ILE DA 135 47.77 -63.69 95.90
CA ILE DA 135 46.75 -62.94 95.16
C ILE DA 135 46.50 -61.63 95.88
N TYR DA 136 46.44 -60.54 95.12
CA TYR DA 136 46.15 -59.24 95.71
C TYR DA 136 45.25 -58.46 94.76
N VAL DA 137 44.72 -57.35 95.27
CA VAL DA 137 43.74 -56.54 94.56
C VAL DA 137 44.43 -55.27 94.04
N ASP DA 138 44.29 -55.01 92.75
CA ASP DA 138 44.88 -53.83 92.13
C ASP DA 138 43.83 -52.80 91.72
N ASP DA 139 42.59 -52.94 92.19
CA ASP DA 139 41.60 -51.91 91.95
C ASP DA 139 41.85 -50.66 92.78
N GLY DA 140 42.66 -50.77 93.83
CA GLY DA 140 42.94 -49.66 94.71
C GLY DA 140 42.06 -49.58 95.93
N ASP DA 141 40.92 -50.25 95.92
CA ASP DA 141 40.01 -50.22 97.06
C ASP DA 141 40.69 -50.84 98.27
N PRO DA 142 40.57 -50.25 99.46
CA PRO DA 142 41.18 -50.84 100.65
C PRO DA 142 40.38 -51.96 101.29
N CYS DA 143 39.30 -52.40 100.64
CA CYS DA 143 38.55 -53.60 101.05
C CYS DA 143 38.07 -53.49 102.49
N ILE DA 144 37.55 -52.32 102.86
CA ILE DA 144 37.01 -52.09 104.19
C ILE DA 144 35.49 -51.93 104.16
N SER DA 145 34.96 -51.26 103.14
CA SER DA 145 33.53 -51.16 102.93
C SER DA 145 33.24 -50.83 101.48
N PRO DA 146 32.60 -51.73 100.73
CA PRO DA 146 32.14 -53.07 101.11
C PRO DA 146 33.28 -54.08 101.16
N THR DA 147 33.14 -55.14 101.94
CA THR DA 147 34.18 -56.16 101.99
C THR DA 147 34.18 -56.98 100.71
N ARG DA 148 35.31 -57.62 100.43
CA ARG DA 148 35.46 -58.46 99.24
C ARG DA 148 35.95 -59.83 99.66
N GLU DA 149 35.31 -60.87 99.13
CA GLU DA 149 35.59 -62.25 99.49
C GLU DA 149 35.99 -63.04 98.25
N LEU DA 150 36.94 -63.95 98.44
CA LEU DA 150 37.49 -64.77 97.37
C LEU DA 150 37.22 -66.23 97.67
N THR DA 151 36.77 -66.97 96.66
CA THR DA 151 36.36 -68.36 96.82
C THR DA 151 37.02 -69.22 95.74
N ILE DA 152 37.48 -70.40 96.15
CA ILE DA 152 38.14 -71.36 95.27
C ILE DA 152 37.26 -72.61 95.20
N GLU DA 153 36.97 -73.07 94.00
CA GLU DA 153 36.12 -74.23 93.79
C GLU DA 153 36.80 -75.21 92.86
N THR DA 154 36.70 -76.50 93.17
CA THR DA 154 37.27 -77.52 92.30
C THR DA 154 36.45 -77.66 91.01
N ALA DA 155 37.15 -77.92 89.91
CA ALA DA 155 36.52 -78.07 88.61
C ALA DA 155 37.12 -79.26 87.89
N THR DA 156 36.55 -79.57 86.73
CA THR DA 156 37.03 -80.70 85.95
C THR DA 156 38.37 -80.38 85.29
N ALA DA 157 39.26 -81.37 85.26
CA ALA DA 157 40.55 -81.20 84.64
C ALA DA 157 40.41 -81.08 83.13
N ASP DA 158 41.45 -80.54 82.49
CA ASP DA 158 41.44 -80.34 81.05
C ASP DA 158 41.69 -81.67 80.33
N SER DA 159 41.74 -81.60 79.00
CA SER DA 159 42.01 -82.80 78.22
C SER DA 159 43.41 -83.34 78.49
N ALA DA 160 44.40 -82.45 78.62
CA ALA DA 160 45.77 -82.89 78.89
C ALA DA 160 45.87 -83.57 80.24
N GLY DA 161 45.21 -83.01 81.26
CA GLY DA 161 45.23 -83.62 82.58
C GLY DA 161 45.47 -82.63 83.71
N ASN DA 162 45.85 -81.41 83.37
CA ASN DA 162 46.12 -80.40 84.40
C ASN DA 162 44.84 -80.03 85.13
N GLU DA 163 44.97 -79.71 86.41
CA GLU DA 163 43.82 -79.41 87.26
C GLU DA 163 43.54 -77.92 87.21
N ARG DA 164 42.34 -77.55 86.77
CA ARG DA 164 41.91 -76.16 86.72
C ARG DA 164 40.83 -75.93 87.78
N PHE DA 165 41.00 -74.87 88.55
CA PHE DA 165 40.04 -74.52 89.60
C PHE DA 165 39.37 -73.19 89.26
N LEU DA 166 38.16 -73.02 89.77
CA LEU DA 166 37.35 -71.84 89.52
C LEU DA 166 37.55 -70.83 90.64
N LEU DA 167 37.84 -69.59 90.28
CA LEU DA 167 38.01 -68.49 91.22
C LEU DA 167 36.81 -67.57 91.13
N LYS DA 168 36.22 -67.25 92.27
CA LYS DA 168 35.03 -66.39 92.32
C LYS DA 168 35.24 -65.32 93.36
N LEU DA 169 35.26 -64.06 92.92
CA LEU DA 169 35.37 -62.93 93.84
C LEU DA 169 34.02 -62.22 93.90
N THR DA 170 33.53 -62.01 95.12
CA THR DA 170 32.21 -61.41 95.34
C THR DA 170 32.31 -60.36 96.42
N GLN DA 171 31.56 -59.27 96.24
CA GLN DA 171 31.54 -58.18 97.20
C GLN DA 171 30.33 -58.31 98.11
N THR DA 172 30.52 -57.96 99.39
CA THR DA 172 29.46 -57.96 100.39
C THR DA 172 29.43 -56.61 101.05
N THR DA 173 28.26 -55.97 101.04
CA THR DA 173 28.10 -54.68 101.68
C THR DA 173 27.90 -54.86 103.19
N SER DA 174 28.02 -53.76 103.92
CA SER DA 174 27.85 -53.81 105.37
C SER DA 174 26.44 -54.20 105.77
N LEU DA 175 25.43 -53.79 104.99
CA LEU DA 175 24.06 -54.11 105.31
C LEU DA 175 23.83 -55.63 105.24
N GLY DA 176 24.35 -56.28 104.21
CA GLY DA 176 24.17 -57.71 104.07
C GLY DA 176 23.95 -58.16 102.65
N VAL DA 177 23.94 -57.22 101.71
CA VAL DA 177 23.77 -57.56 100.30
C VAL DA 177 25.05 -58.20 99.79
N VAL DA 178 24.93 -59.41 99.23
CA VAL DA 178 26.07 -60.15 98.72
C VAL DA 178 25.81 -60.44 97.25
N THR DA 179 26.64 -59.85 96.37
CA THR DA 179 26.53 -60.04 94.94
C THR DA 179 27.86 -60.54 94.39
N THR DA 180 27.79 -61.42 93.41
CA THR DA 180 29.00 -61.88 92.74
C THR DA 180 29.60 -60.74 91.92
N LEU DA 181 30.92 -60.78 91.76
CA LEU DA 181 31.62 -59.71 91.07
C LEU DA 181 32.37 -60.20 89.85
N GLU DA 182 33.15 -61.28 89.98
CA GLU DA 182 33.87 -61.82 88.84
C GLU DA 182 34.18 -63.29 89.07
N THR DA 183 34.34 -64.02 87.97
CA THR DA 183 34.64 -65.44 88.01
C THR DA 183 35.62 -65.79 86.90
N HIS DA 184 36.42 -66.83 87.16
CA HIS DA 184 37.45 -67.26 86.22
C HIS DA 184 37.71 -68.75 86.42
N THR DA 185 38.37 -69.35 85.44
CA THR DA 185 38.83 -70.74 85.52
C THR DA 185 40.32 -70.75 85.24
N VAL DA 186 41.13 -70.93 86.28
CA VAL DA 186 42.58 -70.80 86.14
C VAL DA 186 43.25 -72.01 86.74
N SER DA 187 44.50 -72.24 86.33
CA SER DA 187 45.28 -73.36 86.82
C SER DA 187 46.74 -72.95 86.93
N LEU DA 188 47.49 -73.71 87.72
CA LEU DA 188 48.90 -73.43 87.96
C LEU DA 188 49.82 -74.01 86.89
N ALA DA 189 49.29 -74.85 85.99
CA ALA DA 189 50.11 -75.40 84.92
C ALA DA 189 50.51 -74.31 83.94
N GLU DA 190 51.74 -74.38 83.45
CA GLU DA 190 52.28 -73.34 82.58
C GLU DA 190 51.67 -73.36 81.18
N GLU DA 191 50.92 -74.40 80.83
CA GLU DA 191 50.42 -74.55 79.47
C GLU DA 191 48.96 -74.96 79.39
N ALA DA 192 48.29 -75.17 80.52
CA ALA DA 192 46.91 -75.63 80.50
C ALA DA 192 46.00 -74.57 79.88
N LYS DA 193 44.94 -75.04 79.22
CA LYS DA 193 43.98 -74.17 78.58
C LYS DA 193 42.58 -74.44 79.13
N ASP DA 194 41.74 -73.41 79.10
CA ASP DA 194 40.37 -73.52 79.58
C ASP DA 194 39.49 -74.13 78.49
N ASP DA 195 38.18 -74.10 78.71
CA ASP DA 195 37.26 -74.68 77.74
C ASP DA 195 37.24 -73.88 76.44
N MET DA 196 37.29 -72.55 76.54
CA MET DA 196 37.24 -71.71 75.35
C MET DA 196 38.54 -71.68 74.57
N GLY DA 197 39.61 -72.22 75.13
CA GLY DA 197 40.89 -72.29 74.43
C GLY DA 197 41.91 -71.25 74.84
N ARG DA 198 41.52 -70.27 75.66
CA ARG DA 198 42.47 -69.26 76.10
C ARG DA 198 43.44 -69.84 77.12
N LEU DA 199 44.56 -69.15 77.29
CA LEU DA 199 45.55 -69.56 78.29
C LEU DA 199 44.97 -69.42 79.69
N CYS DA 200 45.21 -70.41 80.54
CA CYS DA 200 44.64 -70.44 81.88
C CYS DA 200 45.70 -70.43 82.97
N TYR DA 201 46.97 -70.18 82.64
CA TYR DA 201 47.98 -69.98 83.66
C TYR DA 201 47.59 -68.81 84.54
N LEU DA 202 47.77 -68.98 85.86
CA LEU DA 202 47.20 -68.03 86.81
C LEU DA 202 47.72 -66.61 86.64
N PRO DA 203 49.04 -66.34 86.64
CA PRO DA 203 49.47 -64.94 86.56
C PRO DA 203 49.03 -64.22 85.29
N THR DA 204 49.32 -64.80 84.12
CA THR DA 204 48.96 -64.14 82.88
C THR DA 204 47.44 -64.05 82.71
N ALA DA 205 46.71 -65.08 83.12
CA ALA DA 205 45.26 -65.05 83.01
C ALA DA 205 44.67 -63.92 83.84
N LEU DA 206 45.08 -63.82 85.11
CA LEU DA 206 44.56 -62.75 85.95
C LEU DA 206 45.00 -61.38 85.45
N GLU DA 207 46.24 -61.26 84.96
CA GLU DA 207 46.71 -59.97 84.48
C GLU DA 207 45.95 -59.52 83.24
N ALA DA 208 45.60 -60.45 82.36
CA ALA DA 208 45.00 -60.09 81.08
C ALA DA 208 43.48 -59.94 81.19
N ARG DA 209 42.79 -60.98 81.64
CA ARG DA 209 41.34 -61.01 81.54
C ARG DA 209 40.62 -60.45 82.76
N SER DA 210 41.34 -60.05 83.80
CA SER DA 210 40.74 -59.52 85.01
C SER DA 210 41.33 -58.15 85.33
N LYS DA 211 40.46 -57.19 85.61
CA LYS DA 211 40.88 -55.84 85.96
C LYS DA 211 40.77 -55.56 87.45
N TYR DA 212 40.55 -56.58 88.27
CA TYR DA 212 40.46 -56.44 89.72
C TYR DA 212 41.64 -57.05 90.46
N LEU DA 213 42.08 -58.23 90.06
CA LEU DA 213 43.06 -59.00 90.81
C LEU DA 213 44.38 -59.10 90.04
N ARG DA 214 45.43 -59.39 90.79
CA ARG DA 214 46.72 -59.77 90.23
C ARG DA 214 47.29 -60.86 91.12
N ALA DA 215 48.23 -61.63 90.56
CA ALA DA 215 48.79 -62.74 91.31
C ALA DA 215 50.26 -62.91 90.97
N VAL DA 216 50.98 -63.54 91.90
CA VAL DA 216 52.37 -63.93 91.68
C VAL DA 216 52.53 -65.35 92.18
N VAL DA 217 53.56 -66.03 91.67
CA VAL DA 217 53.81 -67.44 91.98
C VAL DA 217 55.27 -67.63 92.36
N ASN DA 218 55.53 -68.71 93.07
CA ASN DA 218 56.89 -69.11 93.43
C ASN DA 218 57.31 -70.25 92.51
N GLU DA 219 58.36 -70.02 91.73
CA GLU DA 219 58.75 -71.00 90.71
C GLU DA 219 59.16 -72.33 91.34
N GLU DA 220 59.90 -72.28 92.45
CA GLU DA 220 60.41 -73.50 93.06
C GLU DA 220 59.28 -74.41 93.53
N LEU DA 221 58.26 -73.84 94.16
CA LEU DA 221 57.19 -74.63 94.77
C LEU DA 221 55.98 -74.78 93.86
N ILE DA 222 55.99 -74.19 92.67
CA ILE DA 222 54.80 -74.24 91.82
C ILE DA 222 54.58 -75.63 91.24
N SER DA 223 55.62 -76.47 91.19
CA SER DA 223 55.47 -77.80 90.60
C SER DA 223 54.63 -78.71 91.49
N THR DA 224 54.91 -78.73 92.79
CA THR DA 224 54.23 -79.61 93.73
C THR DA 224 53.04 -78.93 94.40
N ALA DA 225 52.73 -77.69 94.03
CA ALA DA 225 51.65 -76.97 94.69
C ALA DA 225 50.30 -77.62 94.38
N LYS DA 226 49.46 -77.68 95.40
CA LYS DA 226 48.10 -78.18 95.28
C LYS DA 226 47.15 -77.25 96.01
N VAL DA 227 45.94 -77.14 95.50
CA VAL DA 227 44.94 -76.23 96.05
C VAL DA 227 43.75 -77.05 96.55
N THR DA 228 43.27 -76.71 97.74
CA THR DA 228 42.11 -77.35 98.32
C THR DA 228 40.86 -76.54 97.98
N ASN DA 229 39.74 -76.85 98.64
CA ASN DA 229 38.49 -76.14 98.45
C ASN DA 229 38.31 -75.17 99.62
N LYS DA 230 38.59 -73.89 99.37
CA LYS DA 230 38.42 -72.85 100.37
C LYS DA 230 37.20 -72.01 100.04
N LYS DA 231 36.31 -71.84 101.01
CA LYS DA 231 35.05 -71.15 100.82
C LYS DA 231 35.00 -69.90 101.70
N SER DA 232 34.63 -68.77 101.10
CA SER DA 232 34.39 -67.51 101.81
C SER DA 232 35.63 -67.05 102.57
N LEU DA 233 36.67 -66.76 101.81
CA LEU DA 233 37.85 -66.10 102.37
C LEU DA 233 37.55 -64.62 102.59
N ALA DA 234 38.52 -63.88 103.09
CA ALA DA 234 38.31 -62.48 103.41
C ALA DA 234 39.61 -61.71 103.28
N PHE DA 235 39.61 -60.70 102.42
CA PHE DA 235 40.73 -59.75 102.39
C PHE DA 235 40.71 -58.89 103.65
N THR DA 236 41.89 -58.53 104.14
CA THR DA 236 41.97 -57.71 105.33
C THR DA 236 43.28 -56.94 105.33
N GLY DA 237 43.32 -55.88 106.13
CA GLY DA 237 44.49 -55.05 106.27
C GLY DA 237 44.54 -53.86 105.35
N GLY DA 238 43.66 -53.77 104.36
CA GLY DA 238 43.67 -52.65 103.44
C GLY DA 238 43.33 -51.36 104.16
N THR DA 239 44.00 -50.28 103.76
CA THR DA 239 43.85 -49.00 104.43
C THR DA 239 44.20 -47.88 103.47
N ASN DA 240 43.28 -46.95 103.25
CA ASN DA 240 43.55 -45.82 102.37
C ASN DA 240 44.41 -44.76 103.04
N GLY DA 241 44.59 -44.84 104.36
CA GLY DA 241 45.40 -43.89 105.07
C GLY DA 241 44.73 -42.54 105.23
N ASP DA 242 45.54 -41.57 105.63
CA ASP DA 242 45.07 -40.19 105.78
C ASP DA 242 45.29 -39.45 104.46
N GLN DA 243 44.19 -39.04 103.83
CA GLN DA 243 44.26 -38.31 102.57
C GLN DA 243 44.16 -36.80 102.78
N SER DA 244 44.08 -36.34 104.02
CA SER DA 244 44.03 -34.89 104.27
C SER DA 244 45.33 -34.22 103.86
N LYS DA 245 46.46 -34.81 104.23
CA LYS DA 245 47.77 -34.26 103.92
C LYS DA 245 48.52 -35.20 102.99
N ILE DA 246 49.13 -34.62 101.95
CA ILE DA 246 49.90 -35.38 100.97
C ILE DA 246 51.16 -34.60 100.66
N SER DA 247 52.31 -35.27 100.71
CA SER DA 247 53.58 -34.61 100.43
C SER DA 247 53.62 -34.17 98.96
N THR DA 248 54.39 -33.12 98.70
CA THR DA 248 54.53 -32.64 97.32
C THR DA 248 55.21 -33.67 96.43
N ALA DA 249 55.94 -34.62 97.00
CA ALA DA 249 56.57 -35.66 96.19
C ALA DA 249 55.53 -36.51 95.47
N ALA DA 250 54.44 -36.85 96.17
CA ALA DA 250 53.40 -37.65 95.54
C ALA DA 250 52.76 -36.90 94.37
N TYR DA 251 52.49 -35.61 94.56
CA TYR DA 251 51.91 -34.82 93.48
C TYR DA 251 52.87 -34.70 92.30
N LEU DA 252 54.16 -34.54 92.58
CA LEU DA 252 55.13 -34.46 91.50
C LEU DA 252 55.21 -35.79 90.73
N ARG DA 253 55.18 -36.91 91.45
CA ARG DA 253 55.18 -38.21 90.78
C ARG DA 253 53.94 -38.38 89.92
N ALA DA 254 52.78 -37.99 90.44
CA ALA DA 254 51.55 -38.12 89.66
C ALA DA 254 51.58 -37.26 88.41
N VAL DA 255 52.08 -36.03 88.52
CA VAL DA 255 52.12 -35.18 87.34
C VAL DA 255 53.15 -35.68 86.34
N LYS DA 256 54.24 -36.27 86.81
CA LYS DA 256 55.20 -36.88 85.88
C LYS DA 256 54.56 -38.05 85.13
N VAL DA 257 53.79 -38.88 85.83
CA VAL DA 257 53.10 -39.98 85.16
C VAL DA 257 52.12 -39.43 84.13
N LEU DA 258 51.38 -38.39 84.49
CA LEU DA 258 50.46 -37.78 83.53
C LEU DA 258 51.19 -37.21 82.33
N ASN DA 259 52.40 -36.67 82.54
CA ASN DA 259 53.20 -36.18 81.42
C ASN DA 259 53.58 -37.32 80.48
N ASN DA 260 53.99 -38.45 81.05
CA ASN DA 260 54.43 -39.57 80.23
C ASN DA 260 53.28 -40.42 79.72
N ALA DA 261 52.05 -40.09 80.07
CA ALA DA 261 50.90 -40.86 79.60
C ALA DA 261 50.84 -40.86 78.08
N PRO DA 262 50.60 -42.00 77.45
CA PRO DA 262 50.51 -42.07 75.97
C PRO DA 262 49.08 -41.91 75.48
N TYR DA 263 48.50 -40.74 75.71
CA TYR DA 263 47.15 -40.44 75.27
C TYR DA 263 47.11 -39.04 74.68
N MET DA 264 45.93 -38.63 74.23
CA MET DA 264 45.71 -37.32 73.63
C MET DA 264 44.68 -36.56 74.44
N TYR DA 265 45.03 -35.34 74.86
CA TYR DA 265 44.07 -34.48 75.52
C TYR DA 265 44.42 -33.02 75.24
N THR DA 266 43.41 -32.15 75.34
CA THR DA 266 43.56 -30.74 75.01
C THR DA 266 43.21 -29.83 76.16
N ALA DA 267 43.27 -30.31 77.41
CA ALA DA 267 43.03 -29.47 78.58
C ALA DA 267 43.62 -30.17 79.78
N VAL DA 268 44.29 -29.41 80.64
CA VAL DA 268 45.08 -30.00 81.71
C VAL DA 268 44.52 -29.62 83.07
N LEU DA 269 43.18 -29.55 83.16
CA LEU DA 269 42.46 -29.06 84.33
C LEU DA 269 43.15 -29.39 85.64
N GLY DA 270 43.37 -28.37 86.45
CA GLY DA 270 43.95 -28.54 87.77
C GLY DA 270 42.91 -28.89 88.80
N LEU DA 271 42.50 -30.15 88.84
CA LEU DA 271 41.41 -30.60 89.70
C LEU DA 271 41.80 -30.41 91.16
N GLY DA 272 41.22 -29.40 91.80
CA GLY DA 272 41.32 -29.18 93.23
C GLY DA 272 42.67 -29.47 93.87
N CYS DA 273 43.75 -29.07 93.21
CA CYS DA 273 45.10 -29.30 93.71
C CYS DA 273 45.75 -27.92 93.88
N TYR DA 274 45.76 -27.44 95.12
CA TYR DA 274 46.32 -26.12 95.42
C TYR DA 274 47.73 -26.26 95.97
N ASP DA 275 48.63 -26.66 95.08
CA ASP DA 275 50.05 -26.79 95.40
C ASP DA 275 50.86 -26.10 94.31
N ASN DA 276 51.79 -25.23 94.73
CA ASN DA 276 52.52 -24.42 93.76
C ASN DA 276 53.35 -25.28 92.82
N ALA DA 277 54.03 -26.29 93.36
CA ALA DA 277 54.88 -27.14 92.53
C ALA DA 277 54.05 -27.90 91.50
N ALA DA 278 52.92 -28.46 91.93
CA ALA DA 278 52.07 -29.20 91.00
C ALA DA 278 51.49 -28.28 89.93
N ILE DA 279 51.09 -27.07 90.31
CA ILE DA 279 50.55 -26.15 89.33
C ILE DA 279 51.61 -25.75 88.32
N THR DA 280 52.85 -25.53 88.78
CA THR DA 280 53.93 -25.23 87.84
C THR DA 280 54.17 -26.39 86.89
N ALA DA 281 54.15 -27.63 87.40
CA ALA DA 281 54.35 -28.78 86.53
C ALA DA 281 53.24 -28.88 85.49
N LEU DA 282 52.00 -28.61 85.88
CA LEU DA 282 50.91 -28.65 84.91
C LEU DA 282 51.05 -27.54 83.87
N GLY DA 283 51.54 -26.38 84.30
CA GLY DA 283 51.87 -25.35 83.33
C GLY DA 283 52.93 -25.81 82.35
N LYS DA 284 53.91 -26.57 82.83
CA LYS DA 284 54.89 -27.17 81.92
C LYS DA 284 54.23 -28.12 80.93
N ILE DA 285 53.26 -28.90 81.40
CA ILE DA 285 52.54 -29.79 80.49
C ILE DA 285 51.88 -28.99 79.39
N CYS DA 286 51.22 -27.88 79.75
CA CYS DA 286 50.65 -27.01 78.73
C CYS DA 286 51.70 -26.52 77.75
N ALA DA 287 52.79 -25.96 78.28
CA ALA DA 287 53.80 -25.34 77.42
C ALA DA 287 54.48 -26.37 76.53
N ASP DA 288 54.47 -27.64 76.94
CA ASP DA 288 55.14 -28.67 76.15
C ASP DA 288 54.21 -29.23 75.09
N ARG DA 289 53.00 -29.65 75.47
CA ARG DA 289 52.09 -30.29 74.54
C ARG DA 289 51.29 -29.32 73.69
N LEU DA 290 51.40 -28.01 73.95
CA LEU DA 290 50.62 -27.00 73.23
C LEU DA 290 49.12 -27.22 73.43
N ILE DA 291 48.69 -27.16 74.69
CA ILE DA 291 47.30 -27.31 75.08
C ILE DA 291 46.93 -26.18 76.03
N ASP DA 292 45.74 -26.30 76.61
CA ASP DA 292 45.17 -25.26 77.47
C ASP DA 292 45.07 -25.75 78.91
N GLY DA 293 45.26 -24.82 79.83
CA GLY DA 293 45.12 -25.14 81.24
C GLY DA 293 44.19 -24.19 81.97
N PHE DA 294 43.41 -24.71 82.91
CA PHE DA 294 42.45 -23.93 83.68
C PHE DA 294 42.68 -24.19 85.16
N PHE DA 295 43.62 -23.47 85.75
CA PHE DA 295 43.94 -23.63 87.16
C PHE DA 295 43.20 -22.60 87.99
N ASP DA 296 43.23 -22.78 89.31
CA ASP DA 296 42.39 -21.94 90.14
C ASP DA 296 43.03 -21.84 91.52
N VAL DA 297 43.04 -20.63 92.08
CA VAL DA 297 43.67 -20.38 93.38
C VAL DA 297 42.73 -20.81 94.49
N LYS DA 298 43.22 -20.86 95.72
CA LYS DA 298 42.40 -21.32 96.82
C LYS DA 298 41.14 -20.47 96.94
N PRO DA 299 39.95 -21.05 96.83
CA PRO DA 299 38.73 -20.23 96.84
C PRO DA 299 38.26 -19.94 98.24
N THR DA 300 39.19 -19.58 99.14
CA THR DA 300 38.86 -19.11 100.48
C THR DA 300 39.71 -17.91 100.85
N LEU DA 301 40.38 -17.30 99.90
CA LEU DA 301 41.20 -16.13 100.14
C LEU DA 301 40.39 -14.87 99.84
N THR DA 302 40.63 -13.84 100.66
CA THR DA 302 39.98 -12.55 100.42
C THR DA 302 40.53 -11.92 99.15
N TYR DA 303 39.77 -10.95 98.63
CA TYR DA 303 40.17 -10.27 97.40
C TYR DA 303 41.51 -9.56 97.55
N ALA DA 304 41.91 -9.22 98.77
CA ALA DA 304 43.21 -8.59 98.97
C ALA DA 304 44.35 -9.59 98.79
N GLU DA 305 44.19 -10.80 99.33
CA GLU DA 305 45.24 -11.81 99.23
C GLU DA 305 45.18 -12.61 97.93
N ALA DA 306 44.11 -12.48 97.16
CA ALA DA 306 44.03 -13.23 95.91
C ALA DA 306 45.11 -12.80 94.94
N LEU DA 307 45.38 -11.50 94.85
CA LEU DA 307 46.36 -11.00 93.88
C LEU DA 307 47.77 -11.52 94.13
N PRO DA 308 48.34 -11.45 95.34
CA PRO DA 308 49.69 -12.02 95.51
C PRO DA 308 49.73 -13.53 95.33
N ALA DA 309 48.63 -14.23 95.58
CA ALA DA 309 48.62 -15.67 95.40
C ALA DA 309 48.78 -16.06 93.93
N VAL DA 310 48.27 -15.23 93.02
CA VAL DA 310 48.43 -15.53 91.60
C VAL DA 310 49.90 -15.42 91.20
N GLU DA 311 50.61 -14.42 91.72
CA GLU DA 311 52.05 -14.34 91.48
C GLU DA 311 52.78 -15.51 92.13
N ASP DA 312 52.31 -15.92 93.30
CA ASP DA 312 52.94 -17.04 94.01
C ASP DA 312 52.82 -18.33 93.19
N THR DA 313 51.65 -18.57 92.61
CA THR DA 313 51.39 -19.85 91.95
C THR DA 313 52.33 -20.12 90.79
N GLY DA 314 53.00 -19.10 90.25
CA GLY DA 314 54.21 -19.28 89.48
C GLY DA 314 54.09 -19.16 87.98
N LEU DA 315 52.88 -19.21 87.43
CA LEU DA 315 52.79 -19.15 85.98
C LEU DA 315 52.89 -17.75 85.40
N LEU DA 316 52.94 -16.72 86.24
CA LEU DA 316 53.03 -15.35 85.73
C LEU DA 316 54.38 -15.16 85.04
N GLY DA 317 54.34 -15.06 83.71
CA GLY DA 317 55.55 -14.86 82.93
C GLY DA 317 55.24 -14.78 81.46
N THR DA 318 56.14 -15.29 80.63
CA THR DA 318 55.95 -15.32 79.19
C THR DA 318 55.99 -16.73 78.61
N ASP DA 319 56.31 -17.74 79.41
CA ASP DA 319 56.38 -19.09 78.90
C ASP DA 319 55.02 -19.76 78.84
N TYR DA 320 54.17 -19.51 79.83
CA TYR DA 320 52.84 -20.11 79.91
C TYR DA 320 51.83 -19.07 79.43
N VAL DA 321 51.56 -19.06 78.13
CA VAL DA 321 50.67 -18.07 77.54
C VAL DA 321 49.27 -18.62 77.28
N SER DA 322 48.99 -19.85 77.68
CA SER DA 322 47.70 -20.45 77.42
C SER DA 322 46.99 -20.93 78.69
N CYS DA 323 47.53 -20.63 79.86
CA CYS DA 323 46.98 -21.13 81.12
C CYS DA 323 46.25 -20.00 81.84
N SER DA 324 44.98 -20.25 82.18
CA SER DA 324 44.15 -19.28 82.87
C SER DA 324 44.07 -19.63 84.35
N VAL DA 325 43.90 -18.60 85.18
CA VAL DA 325 43.81 -18.75 86.62
C VAL DA 325 42.50 -18.15 87.09
N TYR DA 326 41.75 -18.89 87.88
CA TYR DA 326 40.44 -18.47 88.35
C TYR DA 326 40.40 -18.36 89.86
N HIS DA 327 39.30 -17.78 90.35
CA HIS DA 327 39.11 -17.55 91.79
C HIS DA 327 37.63 -17.37 92.03
N TYR DA 328 37.05 -18.23 92.88
CA TYR DA 328 35.61 -18.27 93.12
C TYR DA 328 35.33 -18.28 94.61
N PRO DA 329 35.40 -17.12 95.27
CA PRO DA 329 35.15 -17.07 96.73
C PRO DA 329 33.67 -17.01 97.07
N PHE DA 330 32.98 -18.14 96.91
CA PHE DA 330 31.57 -18.23 97.20
C PHE DA 330 31.27 -19.59 97.80
N SER DA 331 30.18 -19.66 98.54
CA SER DA 331 29.71 -20.91 99.13
C SER DA 331 28.59 -21.50 98.30
N CYS DA 332 28.30 -22.78 98.54
CA CYS DA 332 27.29 -23.47 97.77
C CYS DA 332 26.77 -24.65 98.57
N LYS DA 333 25.61 -25.16 98.15
CA LYS DA 333 25.00 -26.33 98.77
C LYS DA 333 25.30 -27.55 97.93
N ASP DA 334 25.91 -28.56 98.54
CA ASP DA 334 26.39 -29.71 97.79
C ASP DA 334 25.23 -30.52 97.24
N LYS DA 335 25.49 -31.19 96.12
CA LYS DA 335 24.44 -31.96 95.44
C LYS DA 335 24.13 -33.26 96.16
N TRP DA 336 25.15 -33.92 96.72
CA TRP DA 336 24.98 -35.25 97.29
C TRP DA 336 24.71 -35.21 98.78
N THR DA 337 25.65 -34.65 99.56
CA THR DA 337 25.55 -34.72 101.01
C THR DA 337 24.65 -33.65 101.61
N GLN DA 338 24.25 -32.64 100.83
CA GLN DA 338 23.38 -31.56 101.31
C GLN DA 338 24.02 -30.83 102.49
N SER DA 339 25.14 -30.17 102.22
CA SER DA 339 25.87 -29.42 103.24
C SER DA 339 26.46 -28.17 102.61
N ARG DA 340 27.15 -27.38 103.42
CA ARG DA 340 27.76 -26.14 102.99
C ARG DA 340 29.23 -26.41 102.64
N VAL DA 341 29.55 -26.36 101.35
CA VAL DA 341 30.89 -26.64 100.87
C VAL DA 341 31.33 -25.54 99.93
N VAL DA 342 32.65 -25.43 99.74
CA VAL DA 342 33.25 -24.50 98.80
C VAL DA 342 34.27 -25.24 97.96
N PHE DA 343 34.23 -25.01 96.65
CA PHE DA 343 35.25 -25.55 95.77
C PHE DA 343 35.43 -24.60 94.60
N GLY DA 344 36.28 -24.99 93.66
CA GLY DA 344 36.81 -24.08 92.65
C GLY DA 344 35.96 -23.98 91.40
N LEU DA 345 36.60 -23.50 90.34
CA LEU DA 345 35.91 -23.17 89.10
C LEU DA 345 36.55 -23.80 87.86
N SER DA 346 37.54 -24.69 88.04
CA SER DA 346 38.19 -25.29 86.89
C SER DA 346 37.21 -26.12 86.06
N GLY DA 347 36.35 -26.89 86.72
CA GLY DA 347 35.39 -27.69 85.99
C GLY DA 347 34.44 -26.86 85.16
N VAL DA 348 33.92 -25.77 85.73
CA VAL DA 348 33.00 -24.92 84.99
C VAL DA 348 33.71 -24.20 83.86
N ALA DA 349 34.96 -23.79 84.09
CA ALA DA 349 35.73 -23.16 83.02
C ALA DA 349 35.90 -24.11 81.84
N TYR DA 350 36.25 -25.36 82.12
CA TYR DA 350 36.38 -26.31 81.01
C TYR DA 350 35.03 -26.62 80.38
N ALA DA 351 33.96 -26.64 81.15
CA ALA DA 351 32.64 -26.85 80.54
C ALA DA 351 32.32 -25.72 79.58
N ALA DA 352 32.66 -24.48 79.94
CA ALA DA 352 32.48 -23.37 79.02
C ALA DA 352 33.31 -23.54 77.77
N LYS DA 353 34.58 -23.95 77.93
CA LYS DA 353 35.44 -24.13 76.77
C LYS DA 353 34.91 -25.21 75.85
N ALA DA 354 34.40 -26.30 76.41
CA ALA DA 354 33.85 -27.38 75.59
C ALA DA 354 32.57 -26.95 74.89
N ARG DA 355 31.70 -26.22 75.58
CA ARG DA 355 30.52 -25.69 74.92
C ARG DA 355 30.91 -24.80 73.75
N GLY DA 356 31.97 -24.01 73.92
CA GLY DA 356 32.45 -23.20 72.81
C GLY DA 356 33.00 -24.02 71.67
N VAL DA 357 33.78 -25.07 71.99
CA VAL DA 357 34.44 -25.84 70.95
C VAL DA 357 33.48 -26.75 70.21
N LYS DA 358 32.29 -27.01 70.77
CA LYS DA 358 31.31 -27.86 70.10
C LYS DA 358 30.37 -27.09 69.19
N LYS DA 359 30.57 -25.79 69.01
CA LYS DA 359 29.67 -25.01 68.16
C LYS DA 359 29.86 -25.35 66.69
N ASN DA 360 31.06 -25.14 66.17
CA ASN DA 360 31.37 -25.51 64.81
C ASN DA 360 31.62 -27.01 64.72
N SER DA 361 31.18 -27.60 63.61
CA SER DA 361 31.28 -29.05 63.44
C SER DA 361 32.42 -29.47 62.53
N ASP DA 362 32.79 -28.66 61.55
CA ASP DA 362 33.85 -29.05 60.62
C ASP DA 362 35.21 -29.04 61.32
N VAL DA 363 35.64 -27.87 61.77
CA VAL DA 363 36.92 -27.74 62.46
C VAL DA 363 36.76 -27.46 63.94
N GLY DA 364 35.55 -27.21 64.42
CA GLY DA 364 35.34 -26.91 65.81
C GLY DA 364 35.65 -25.47 66.11
N GLY DA 365 34.82 -24.81 66.91
CA GLY DA 365 35.02 -23.42 67.19
C GLY DA 365 35.97 -23.19 68.33
N TRP DA 366 37.23 -22.91 68.02
CA TRP DA 366 38.22 -22.60 69.04
C TRP DA 366 38.31 -21.12 69.33
N HIS DA 367 37.61 -20.28 68.57
CA HIS DA 367 37.71 -18.84 68.72
C HIS DA 367 36.69 -18.27 69.69
N TYR DA 368 35.85 -19.11 70.30
CA TYR DA 368 34.87 -18.65 71.26
C TYR DA 368 35.51 -18.56 72.63
N SER DA 369 35.45 -17.39 73.25
CA SER DA 369 36.01 -17.22 74.58
C SER DA 369 35.21 -17.99 75.61
N PRO DA 370 35.84 -18.53 76.63
CA PRO DA 370 35.15 -19.26 77.71
C PRO DA 370 34.50 -18.34 78.74
N ALA DA 371 33.69 -17.39 78.27
CA ALA DA 371 32.99 -16.48 79.16
C ALA DA 371 31.78 -15.93 78.43
N GLY DA 372 30.86 -15.37 79.20
CA GLY DA 372 29.66 -14.77 78.67
C GLY DA 372 28.45 -15.23 79.43
N GLU DA 373 27.27 -14.98 78.85
CA GLU DA 373 26.02 -15.37 79.46
C GLU DA 373 25.34 -16.53 78.76
N GLU DA 374 25.84 -16.96 77.62
CA GLU DA 374 25.27 -18.09 76.90
C GLU DA 374 26.17 -19.31 76.88
N ARG DA 375 27.38 -19.21 77.44
CA ARG DA 375 28.31 -20.34 77.40
C ARG DA 375 29.04 -20.60 78.70
N ALA DA 376 28.83 -19.81 79.76
CA ALA DA 376 29.64 -19.97 80.96
C ALA DA 376 28.81 -19.83 82.23
N VAL DA 377 27.52 -20.13 82.16
CA VAL DA 377 26.68 -20.03 83.35
C VAL DA 377 27.14 -21.04 84.39
N ILE DA 378 27.03 -20.67 85.66
CA ILE DA 378 27.44 -21.51 86.78
C ILE DA 378 26.19 -22.05 87.44
N ALA DA 379 26.09 -23.37 87.50
CA ALA DA 379 24.92 -24.04 88.08
C ALA DA 379 25.29 -24.57 89.46
N ARG DA 380 24.77 -23.93 90.50
CA ARG DA 380 24.97 -24.38 91.87
C ARG DA 380 23.64 -24.29 92.58
N ALA DA 381 23.67 -24.43 93.91
CA ALA DA 381 22.46 -24.39 94.72
C ALA DA 381 22.67 -23.45 95.89
N SER DA 382 21.85 -22.40 95.96
CA SER DA 382 21.84 -21.47 97.08
C SER DA 382 23.23 -20.83 97.29
N ILE DA 383 23.70 -20.17 96.24
CA ILE DA 383 24.99 -19.50 96.30
C ILE DA 383 24.91 -18.37 97.32
N GLN DA 384 25.76 -18.43 98.33
CA GLN DA 384 25.80 -17.44 99.40
C GLN DA 384 27.21 -16.90 99.50
N PRO DA 385 27.43 -15.61 99.22
CA PRO DA 385 28.81 -15.09 99.17
C PRO DA 385 29.53 -15.27 100.49
N LEU DA 386 30.83 -15.55 100.39
CA LEU DA 386 31.63 -15.78 101.60
C LEU DA 386 31.94 -14.48 102.32
N TYR DA 387 32.25 -13.43 101.57
CA TYR DA 387 32.62 -12.13 102.14
C TYR DA 387 31.73 -11.05 101.53
N PRO DA 388 30.48 -10.96 101.98
CA PRO DA 388 29.59 -9.93 101.41
C PRO DA 388 30.05 -8.52 101.67
N GLU DA 389 30.87 -8.27 102.69
CA GLU DA 389 31.27 -6.91 103.01
C GLU DA 389 32.41 -6.40 102.12
N ASP DA 390 33.05 -7.26 101.34
CA ASP DA 390 34.17 -6.85 100.51
C ASP DA 390 33.69 -6.51 99.11
N THR DA 391 34.63 -6.07 98.27
CA THR DA 391 34.33 -5.63 96.92
C THR DA 391 35.50 -5.98 96.01
N PRO DA 392 35.24 -6.31 94.75
CA PRO DA 392 36.33 -6.63 93.83
C PRO DA 392 37.16 -5.39 93.50
N ASP DA 393 38.27 -5.63 92.82
CA ASP DA 393 39.29 -4.63 92.51
C ASP DA 393 39.58 -4.60 91.02
N GLU DA 394 38.51 -4.46 90.22
CA GLU DA 394 38.53 -4.74 88.78
C GLU DA 394 39.83 -4.35 88.09
N GLU DA 395 40.32 -3.13 88.31
CA GLU DA 395 41.54 -2.69 87.66
C GLU DA 395 42.74 -3.52 88.12
N ALA DA 396 42.86 -3.72 89.43
CA ALA DA 396 43.96 -4.53 89.95
C ALA DA 396 43.87 -5.97 89.45
N MET DA 397 42.65 -6.50 89.39
CA MET DA 397 42.47 -7.87 88.90
C MET DA 397 42.91 -7.98 87.44
N VAL DA 398 42.52 -7.03 86.60
CA VAL DA 398 42.89 -7.09 85.20
C VAL DA 398 44.40 -6.94 85.04
N LYS DA 399 45.02 -6.08 85.84
CA LYS DA 399 46.47 -5.93 85.76
C LYS DA 399 47.18 -7.18 86.25
N GLY DA 400 46.62 -7.87 87.24
CA GLY DA 400 47.19 -9.09 87.77
C GLY DA 400 46.76 -10.38 87.11
N ARG DA 401 45.98 -10.29 86.03
CA ARG DA 401 45.58 -11.45 85.24
C ARG DA 401 44.83 -12.47 86.11
N LEU DA 402 43.67 -12.06 86.59
CA LEU DA 402 42.81 -12.89 87.42
C LEU DA 402 41.38 -12.74 86.93
N ASN DA 403 40.82 -13.81 86.36
CA ASN DA 403 39.44 -13.76 85.90
C ASN DA 403 38.48 -13.69 87.07
N LYS DA 404 37.42 -12.90 86.92
CA LYS DA 404 36.50 -12.62 88.00
C LYS DA 404 35.09 -13.05 87.63
N VAL DA 405 34.32 -13.47 88.63
CA VAL DA 405 32.93 -13.83 88.44
C VAL DA 405 32.07 -12.59 88.63
N SER DA 406 30.84 -12.66 88.15
CA SER DA 406 29.90 -11.55 88.28
C SER DA 406 28.49 -12.12 88.28
N VAL DA 407 27.50 -11.23 88.21
CA VAL DA 407 26.10 -11.61 88.10
C VAL DA 407 25.57 -11.02 86.80
N GLY DA 408 25.32 -11.88 85.82
CA GLY DA 408 24.80 -11.44 84.56
C GLY DA 408 23.30 -11.24 84.61
N THR DA 409 22.70 -11.20 83.42
CA THR DA 409 21.25 -11.07 83.33
C THR DA 409 20.58 -12.31 83.88
N SER DA 410 19.32 -12.15 84.32
CA SER DA 410 18.48 -13.21 84.85
C SER DA 410 18.94 -13.67 86.23
N GLY DA 411 20.06 -13.15 86.71
CA GLY DA 411 20.50 -13.41 88.07
C GLY DA 411 21.36 -14.64 88.26
N GLN DA 412 21.84 -15.27 87.20
CA GLN DA 412 22.73 -16.41 87.33
C GLN DA 412 24.18 -15.97 87.24
N MET DA 413 25.00 -16.46 88.18
CA MET DA 413 26.41 -16.12 88.17
C MET DA 413 27.08 -16.61 86.90
N ILE DA 414 27.98 -15.81 86.35
CA ILE DA 414 28.70 -16.16 85.14
C ILE DA 414 30.17 -15.82 85.32
N ILE DA 415 30.98 -16.32 84.40
CA ILE DA 415 32.38 -15.93 84.30
C ILE DA 415 32.46 -14.79 83.30
N ASP DA 416 33.15 -13.71 83.67
CA ASP DA 416 33.15 -12.49 82.88
C ASP DA 416 34.55 -12.01 82.55
N ASP DA 417 35.45 -12.94 82.22
CA ASP DA 417 36.76 -12.56 81.71
C ASP DA 417 37.39 -13.74 81.00
N ALA DA 418 38.33 -13.43 80.11
CA ALA DA 418 39.03 -14.42 79.32
C ALA DA 418 40.52 -14.09 79.25
N LEU DA 419 41.10 -13.76 80.40
CA LEU DA 419 42.48 -13.33 80.47
C LEU DA 419 43.38 -14.49 80.88
N THR DA 420 44.50 -14.63 80.17
CA THR DA 420 45.47 -15.69 80.45
C THR DA 420 46.52 -15.16 81.43
N CYS DA 421 47.61 -15.92 81.58
CA CYS DA 421 48.68 -15.56 82.49
C CYS DA 421 49.80 -14.78 81.83
N CYS DA 422 49.67 -14.46 80.54
CA CYS DA 422 50.69 -13.67 79.88
C CYS DA 422 50.71 -12.26 80.45
N THR DA 423 51.91 -11.74 80.72
CA THR DA 423 52.05 -10.40 81.25
C THR DA 423 52.17 -9.34 80.18
N GLN DA 424 52.72 -9.69 79.02
CA GLN DA 424 52.87 -8.72 77.94
C GLN DA 424 51.51 -8.25 77.46
N ASP DA 425 51.41 -6.96 77.14
CA ASP DA 425 50.15 -6.37 76.71
C ASP DA 425 50.10 -6.38 75.18
N ASN DA 426 49.70 -7.53 74.65
CA ASN DA 426 49.51 -7.70 73.21
C ASN DA 426 48.31 -8.62 73.01
N TYR DA 427 48.16 -9.14 71.79
CA TYR DA 427 47.03 -10.01 71.50
C TYR DA 427 47.10 -11.34 72.25
N LEU DA 428 48.23 -11.67 72.86
CA LEU DA 428 48.41 -12.99 73.43
C LEU DA 428 47.77 -13.17 74.79
N HIS DA 429 47.39 -12.08 75.48
CA HIS DA 429 46.84 -12.27 76.80
C HIS DA 429 45.35 -12.59 76.79
N PHE DA 430 44.67 -12.44 75.66
CA PHE DA 430 43.31 -12.92 75.56
C PHE DA 430 43.31 -14.45 75.48
N GLN DA 431 42.17 -15.05 75.77
CA GLN DA 431 42.14 -16.51 75.90
C GLN DA 431 42.01 -17.21 74.56
N HIS DA 432 41.21 -16.70 73.64
CA HIS DA 432 40.90 -17.46 72.45
C HIS DA 432 42.07 -17.51 71.47
N VAL DA 433 42.89 -16.45 71.43
CA VAL DA 433 43.99 -16.41 70.45
C VAL DA 433 45.00 -17.53 70.66
N PRO DA 434 45.54 -17.76 71.86
CA PRO DA 434 46.47 -18.89 72.02
C PRO DA 434 45.84 -20.23 71.70
N SER DA 435 44.56 -20.42 72.02
CA SER DA 435 43.92 -21.70 71.73
C SER DA 435 43.84 -21.95 70.24
N LEU DA 436 43.43 -20.94 69.48
CA LEU DA 436 43.35 -21.08 68.02
C LEU DA 436 44.73 -21.32 67.41
N MET DA 437 45.72 -20.55 67.84
CA MET DA 437 47.07 -20.74 67.31
C MET DA 437 47.61 -22.11 67.64
N ASN DA 438 47.32 -22.61 68.85
CA ASN DA 438 47.79 -23.93 69.23
C ASN DA 438 47.09 -25.02 68.43
N ALA DA 439 45.81 -24.85 68.13
CA ALA DA 439 45.15 -25.83 67.26
C ALA DA 439 45.82 -25.88 65.89
N ILE DA 440 46.10 -24.72 65.31
CA ILE DA 440 46.77 -24.70 64.01
C ILE DA 440 48.14 -25.35 64.11
N SER DA 441 48.88 -25.07 65.18
CA SER DA 441 50.22 -25.64 65.33
C SER DA 441 50.18 -27.15 65.47
N ARG DA 442 49.21 -27.67 66.23
CA ARG DA 442 49.10 -29.13 66.36
C ARG DA 442 48.79 -29.77 65.03
N PHE DA 443 47.89 -29.17 64.24
CA PHE DA 443 47.63 -29.73 62.91
C PHE DA 443 48.89 -29.69 62.06
N PHE DA 444 49.67 -28.61 62.14
CA PHE DA 444 50.90 -28.54 61.36
C PHE DA 444 51.87 -29.63 61.77
N VAL DA 445 52.01 -29.87 63.07
CA VAL DA 445 52.92 -30.91 63.52
C VAL DA 445 52.51 -32.26 62.95
N GLN DA 446 51.20 -32.55 62.99
CA GLN DA 446 50.74 -33.81 62.40
C GLN DA 446 51.10 -33.90 60.92
N LEU DA 447 50.82 -32.84 60.17
CA LEU DA 447 51.05 -32.86 58.72
C LEU DA 447 52.53 -33.03 58.41
N ALA DA 448 53.39 -32.28 59.09
CA ALA DA 448 54.82 -32.36 58.79
C ALA DA 448 55.40 -33.70 59.23
N ARG DA 449 54.92 -34.25 60.34
CA ARG DA 449 55.39 -35.57 60.75
C ARG DA 449 55.02 -36.61 59.70
N GLN DA 450 53.81 -36.51 59.13
CA GLN DA 450 53.45 -37.44 58.07
C GLN DA 450 54.28 -37.22 56.81
N MET DA 451 54.65 -35.97 56.52
CA MET DA 451 55.26 -35.63 55.24
C MET DA 451 56.78 -35.57 55.30
N LYS DA 452 57.38 -35.91 56.43
CA LYS DA 452 58.84 -35.88 56.55
C LYS DA 452 59.49 -36.91 55.62
N HIS DA 453 60.73 -36.62 55.23
CA HIS DA 453 61.61 -37.52 54.47
C HIS DA 453 61.17 -37.73 53.02
N SER DA 454 60.52 -36.76 52.43
CA SER DA 454 60.13 -36.86 51.03
C SER DA 454 60.95 -35.91 50.17
N PRO DA 455 61.07 -36.19 48.87
CA PRO DA 455 61.78 -35.26 47.99
C PRO DA 455 61.06 -33.93 47.90
N ASP DA 456 61.83 -32.89 47.53
CA ASP DA 456 61.31 -31.53 47.59
C ASP DA 456 60.13 -31.34 46.66
N GLY DA 457 60.13 -32.01 45.50
CA GLY DA 457 59.04 -31.84 44.55
C GLY DA 457 57.70 -32.20 45.13
N ILE DA 458 57.63 -33.35 45.81
CA ILE DA 458 56.40 -33.74 46.50
C ILE DA 458 56.18 -32.86 47.73
N THR DA 459 57.25 -32.55 48.46
CA THR DA 459 57.12 -31.91 49.76
C THR DA 459 56.51 -30.51 49.64
N ALA DA 460 57.03 -29.71 48.72
CA ALA DA 460 56.55 -28.33 48.60
C ALA DA 460 55.06 -28.30 48.25
N ALA DA 461 54.67 -29.05 47.23
CA ALA DA 461 53.27 -29.06 46.82
C ALA DA 461 52.37 -29.60 47.92
N GLY DA 462 52.80 -30.67 48.60
CA GLY DA 462 51.96 -31.23 49.66
C GLY DA 462 51.78 -30.27 50.82
N LEU DA 463 52.87 -29.66 51.28
CA LEU DA 463 52.77 -28.71 52.38
C LEU DA 463 51.88 -27.54 52.02
N THR DA 464 52.08 -26.97 50.83
CA THR DA 464 51.27 -25.83 50.41
C THR DA 464 49.80 -26.21 50.34
N LYS DA 465 49.50 -27.37 49.74
CA LYS DA 465 48.10 -27.77 49.60
C LYS DA 465 47.45 -27.99 50.97
N GLY DA 466 48.13 -28.71 51.85
CA GLY DA 466 47.55 -28.99 53.16
C GLY DA 466 47.30 -27.73 53.97
N MET DA 467 48.31 -26.86 54.03
CA MET DA 467 48.14 -25.63 54.81
C MET DA 467 47.09 -24.71 54.20
N THR DA 468 47.08 -24.57 52.88
CA THR DA 468 46.06 -23.73 52.26
C THR DA 468 44.67 -24.27 52.56
N LYS DA 469 44.48 -25.58 52.47
CA LYS DA 469 43.16 -26.14 52.75
C LYS DA 469 42.76 -25.90 54.20
N LEU DA 470 43.68 -26.12 55.14
CA LEU DA 470 43.33 -25.94 56.55
C LEU DA 470 42.99 -24.50 56.87
N LEU DA 471 43.81 -23.56 56.38
CA LEU DA 471 43.54 -22.16 56.69
C LEU DA 471 42.28 -21.67 55.99
N ASP DA 472 41.98 -22.18 54.79
CA ASP DA 472 40.71 -21.83 54.16
C ASP DA 472 39.54 -22.36 54.97
N ARG DA 473 39.67 -23.57 55.53
CA ARG DA 473 38.62 -24.09 56.39
C ARG DA 473 38.41 -23.19 57.60
N PHE DA 474 39.50 -22.72 58.21
CA PHE DA 474 39.36 -21.83 59.36
C PHE DA 474 38.71 -20.51 58.98
N VAL DA 475 39.11 -19.93 57.85
CA VAL DA 475 38.53 -18.65 57.43
C VAL DA 475 37.05 -18.81 57.16
N ALA DA 476 36.66 -19.90 56.49
CA ALA DA 476 35.24 -20.15 56.25
C ALA DA 476 34.49 -20.35 57.57
N SER DA 477 35.15 -20.98 58.54
CA SER DA 477 34.54 -21.11 59.87
C SER DA 477 34.29 -19.74 60.48
N GLY DA 478 35.24 -18.83 60.34
CA GLY DA 478 35.09 -17.47 60.84
C GLY DA 478 36.04 -17.07 61.93
N ALA DA 479 37.11 -17.83 62.16
CA ALA DA 479 38.06 -17.49 63.20
C ALA DA 479 39.12 -16.51 62.74
N LEU DA 480 39.22 -16.23 61.45
CA LEU DA 480 40.16 -15.24 60.93
C LEU DA 480 39.39 -14.24 60.09
N VAL DA 481 39.75 -12.96 60.23
CA VAL DA 481 39.08 -11.88 59.53
C VAL DA 481 40.15 -11.02 58.84
N ALA DA 482 39.68 -10.09 58.02
CA ALA DA 482 40.59 -9.21 57.29
C ALA DA 482 41.39 -8.36 58.27
N PRO DA 483 42.61 -7.97 57.89
CA PRO DA 483 43.45 -7.21 58.82
C PRO DA 483 42.84 -5.87 59.17
N ARG DA 484 43.19 -5.37 60.35
CA ARG DA 484 42.60 -4.13 60.85
C ARG DA 484 42.94 -2.95 59.94
N ASP DA 485 44.19 -2.87 59.47
CA ASP DA 485 44.60 -1.78 58.61
C ASP DA 485 44.95 -2.32 57.24
N PRO DA 486 44.05 -2.28 56.28
CA PRO DA 486 44.29 -2.86 54.94
C PRO DA 486 45.07 -1.93 54.02
N ASP DA 487 46.14 -1.35 54.54
CA ASP DA 487 47.01 -0.47 53.77
C ASP DA 487 48.45 -0.96 53.73
N ALA DA 488 48.98 -1.48 54.84
CA ALA DA 488 50.34 -1.97 54.90
C ALA DA 488 50.40 -3.49 54.78
N ASP DA 489 49.71 -4.20 55.66
CA ASP DA 489 49.76 -5.66 55.68
C ASP DA 489 48.64 -6.29 54.87
N GLY DA 490 48.54 -5.88 53.60
CA GLY DA 490 47.63 -6.47 52.64
C GLY DA 490 46.18 -6.47 53.09
N THR DA 491 45.40 -7.36 52.47
CA THR DA 491 43.99 -7.51 52.81
C THR DA 491 43.56 -8.97 52.87
N GLU DA 492 44.50 -9.90 53.06
CA GLU DA 492 44.08 -11.28 53.16
C GLU DA 492 44.15 -11.75 54.60
N PRO DA 493 43.20 -12.60 55.04
CA PRO DA 493 43.22 -13.06 56.44
C PRO DA 493 44.50 -13.76 56.84
N TYR DA 494 45.08 -14.55 55.93
CA TYR DA 494 46.28 -15.31 56.20
C TYR DA 494 47.26 -15.19 55.04
N VAL DA 495 48.54 -15.21 55.39
CA VAL DA 495 49.63 -15.18 54.42
C VAL DA 495 50.52 -16.39 54.68
N LEU DA 496 50.78 -17.18 53.64
CA LEU DA 496 51.53 -18.41 53.74
C LEU DA 496 52.81 -18.31 52.93
N LYS DA 497 53.88 -18.91 53.46
CA LYS DA 497 55.15 -18.89 52.76
C LYS DA 497 55.93 -20.16 53.11
N VAL DA 498 56.08 -21.05 52.14
CA VAL DA 498 56.86 -22.28 52.29
C VAL DA 498 58.14 -22.11 51.50
N THR DA 499 59.28 -22.26 52.16
CA THR DA 499 60.55 -21.97 51.54
C THR DA 499 61.58 -23.04 51.92
N GLN DA 500 62.69 -23.03 51.19
CA GLN DA 500 63.82 -23.92 51.47
C GLN DA 500 64.99 -23.07 51.93
N ALA DA 501 65.56 -23.42 53.08
CA ALA DA 501 66.68 -22.67 53.62
C ALA DA 501 68.04 -23.27 53.25
N GLU DA 502 68.13 -24.59 53.19
CA GLU DA 502 69.32 -25.29 52.71
C GLU DA 502 68.85 -26.58 52.07
N PHE DA 503 69.76 -27.55 51.96
CA PHE DA 503 69.41 -28.85 51.39
C PHE DA 503 68.17 -29.44 52.06
N ASP DA 504 68.07 -29.33 53.39
CA ASP DA 504 66.87 -29.81 54.08
C ASP DA 504 66.63 -28.92 55.29
N LYS DA 505 65.86 -27.85 55.09
CA LYS DA 505 65.41 -27.01 56.19
C LYS DA 505 64.03 -26.43 55.90
N TRP DA 506 63.18 -27.20 55.23
CA TRP DA 506 61.89 -26.70 54.77
C TRP DA 506 61.19 -25.89 55.85
N GLU DA 507 61.03 -24.59 55.61
CA GLU DA 507 60.53 -23.65 56.61
C GLU DA 507 59.18 -23.11 56.18
N VAL DA 508 58.19 -23.23 57.06
CA VAL DA 508 56.83 -22.78 56.78
C VAL DA 508 56.53 -21.62 57.72
N VAL DA 509 56.11 -20.49 57.15
CA VAL DA 509 55.75 -19.32 57.93
C VAL DA 509 54.33 -18.92 57.52
N TRP DA 510 53.43 -18.93 58.49
CA TRP DA 510 52.04 -18.53 58.26
C TRP DA 510 51.68 -17.43 59.23
N ALA DA 511 51.07 -16.37 58.71
CA ALA DA 511 50.63 -15.23 59.52
C ALA DA 511 49.13 -15.09 59.38
N CYS DA 512 48.43 -15.06 60.50
CA CYS DA 512 46.98 -15.02 60.51
C CYS DA 512 46.49 -13.81 61.29
N CYS DA 513 45.32 -13.30 60.90
CA CYS DA 513 44.71 -12.23 61.67
C CYS DA 513 43.55 -12.78 62.47
N PRO DA 514 43.66 -12.92 63.79
CA PRO DA 514 42.58 -13.52 64.57
C PRO DA 514 41.41 -12.57 64.76
N THR DA 515 40.27 -13.16 65.12
CA THR DA 515 39.07 -12.38 65.35
C THR DA 515 39.20 -11.53 66.60
N GLY DA 516 38.33 -10.52 66.70
CA GLY DA 516 38.32 -9.63 67.83
C GLY DA 516 37.16 -9.92 68.75
N VAL DA 517 37.48 -10.28 69.99
CA VAL DA 517 36.44 -10.46 71.00
C VAL DA 517 35.77 -9.11 71.27
N ALA DA 518 34.58 -9.16 71.84
CA ALA DA 518 33.82 -7.97 72.19
C ALA DA 518 33.71 -7.92 73.71
N ARG DA 519 34.72 -7.33 74.35
CA ARG DA 519 34.78 -7.26 75.80
C ARG DA 519 34.24 -5.95 76.35
N ARG DA 520 34.55 -4.84 75.71
CA ARG DA 520 34.09 -3.52 76.14
C ARG DA 520 33.23 -2.92 75.05
N ILE DA 521 32.00 -2.56 75.39
CA ILE DA 521 31.06 -1.96 74.44
C ILE DA 521 30.64 -0.61 74.99
N GLN DA 522 30.75 0.42 74.18
CA GLN DA 522 30.45 1.78 74.59
C GLN DA 522 29.50 2.43 73.59
N GLY DA 523 28.47 3.09 74.11
CA GLY DA 523 27.51 3.81 73.29
C GLY DA 523 27.59 5.30 73.55
N VAL DA 524 27.56 6.09 72.48
CA VAL DA 524 27.65 7.53 72.55
C VAL DA 524 26.43 8.12 71.86
N PRO DA 525 25.39 8.46 72.60
CA PRO DA 525 24.21 9.08 71.98
C PRO DA 525 24.52 10.48 71.51
N LEU DA 526 23.80 10.92 70.50
CA LEU DA 526 23.99 12.24 69.92
C LEU DA 526 22.63 12.86 69.62
N LEU DA 527 22.63 14.18 69.44
CA LEU DA 527 21.45 14.91 69.03
C LEU DA 527 21.77 15.71 67.77
N ILE DA 528 20.84 15.73 66.83
CA ILE DA 528 21.02 16.36 65.54
C ILE DA 528 20.19 17.63 65.50
N LYS DA 529 20.83 18.75 65.16
CA LYS DA 529 20.14 20.02 65.05
C LYS DA 529 19.15 20.00 63.89
#